data_2N1F
#
_entry.id   2N1F
#
_entity_poly.entity_id   1
_entity_poly.type   'polypeptide(L)'
_entity_poly.pdbx_seq_one_letter_code
;GRARDAILDALENLSGDELKKFKMKLLTVQLREGYGRIPRGALLQMDAIDLTDKLVSYYLESYGLELTMTVLRDMGLQEL
AEQLQTTKE
;
_entity_poly.pdbx_strand_id   A,B,C,D,E,F,G,H,I,J,K,L,M,N,O
#
# COMPACT_ATOMS: atom_id res chain seq x y z
N GLY A 1 -6.78 -15.56 -33.55
CA GLY A 1 -6.39 -16.82 -34.16
C GLY A 1 -7.09 -17.99 -33.49
N ARG A 2 -8.01 -18.62 -34.22
CA ARG A 2 -8.75 -19.75 -33.70
C ARG A 2 -7.80 -20.84 -33.19
N ALA A 3 -6.56 -20.79 -33.65
CA ALA A 3 -5.56 -21.78 -33.26
C ALA A 3 -5.48 -21.93 -31.74
N ARG A 4 -5.47 -20.81 -31.03
CA ARG A 4 -5.39 -20.85 -29.58
C ARG A 4 -6.56 -21.62 -29.00
N ASP A 5 -7.74 -21.35 -29.53
CA ASP A 5 -8.96 -22.01 -29.06
C ASP A 5 -9.00 -23.49 -29.43
N ALA A 6 -8.46 -23.83 -30.60
CA ALA A 6 -8.48 -25.22 -31.04
C ALA A 6 -7.69 -26.11 -30.09
N ILE A 7 -6.45 -25.71 -29.79
CA ILE A 7 -5.61 -26.48 -28.89
C ILE A 7 -6.31 -26.65 -27.55
N LEU A 8 -6.81 -25.55 -27.03
CA LEU A 8 -7.48 -25.55 -25.74
C LEU A 8 -8.55 -26.63 -25.66
N ASP A 9 -9.44 -26.64 -26.63
CA ASP A 9 -10.54 -27.60 -26.61
C ASP A 9 -10.06 -29.05 -26.52
N ALA A 10 -9.06 -29.40 -27.32
CA ALA A 10 -8.55 -30.77 -27.32
C ALA A 10 -7.73 -31.09 -26.08
N LEU A 11 -6.75 -30.26 -25.76
CA LEU A 11 -5.89 -30.52 -24.61
C LEU A 11 -6.68 -30.84 -23.34
N GLU A 12 -7.81 -30.18 -23.17
CA GLU A 12 -8.65 -30.39 -21.99
C GLU A 12 -9.28 -31.79 -21.94
N ASN A 13 -9.22 -32.54 -23.06
CA ASN A 13 -9.81 -33.88 -23.10
C ASN A 13 -8.87 -34.98 -22.57
N LEU A 14 -7.75 -34.59 -21.97
CA LEU A 14 -6.82 -35.57 -21.43
C LEU A 14 -7.05 -35.78 -19.94
N SER A 15 -6.83 -37.02 -19.48
CA SER A 15 -7.02 -37.32 -18.06
C SER A 15 -5.90 -36.69 -17.23
N GLY A 16 -6.17 -36.53 -15.93
CA GLY A 16 -5.21 -35.90 -15.04
C GLY A 16 -3.82 -36.51 -15.05
N ASP A 17 -3.73 -37.84 -15.05
CA ASP A 17 -2.43 -38.49 -15.03
C ASP A 17 -1.61 -38.23 -16.30
N GLU A 18 -2.23 -38.42 -17.45
CA GLU A 18 -1.53 -38.22 -18.71
C GLU A 18 -1.01 -36.80 -18.82
N LEU A 19 -1.76 -35.86 -18.26
CA LEU A 19 -1.38 -34.47 -18.30
C LEU A 19 0.04 -34.31 -17.76
N LYS A 20 0.31 -34.94 -16.64
CA LYS A 20 1.63 -34.79 -16.09
C LYS A 20 2.61 -35.31 -17.09
N LYS A 21 2.32 -36.46 -17.66
CA LYS A 21 3.24 -37.07 -18.60
C LYS A 21 3.51 -36.14 -19.77
N PHE A 22 2.49 -35.45 -20.22
CA PHE A 22 2.66 -34.54 -21.34
C PHE A 22 3.56 -33.38 -20.96
N LYS A 23 3.21 -32.67 -19.88
CA LYS A 23 3.99 -31.52 -19.45
C LYS A 23 5.44 -31.90 -19.21
N MET A 24 5.65 -32.99 -18.46
CA MET A 24 7.00 -33.44 -18.16
C MET A 24 7.78 -33.79 -19.42
N LYS A 25 7.14 -34.50 -20.35
CA LYS A 25 7.84 -34.87 -21.57
C LYS A 25 8.22 -33.66 -22.41
N LEU A 26 7.37 -32.63 -22.36
CA LEU A 26 7.61 -31.43 -23.13
C LEU A 26 8.95 -30.81 -22.77
N LEU A 27 9.32 -30.93 -21.51
CA LEU A 27 10.59 -30.38 -21.04
C LEU A 27 11.79 -31.03 -21.73
N THR A 28 11.67 -32.32 -22.07
CA THR A 28 12.78 -33.04 -22.69
C THR A 28 12.65 -33.17 -24.21
N VAL A 29 11.62 -32.56 -24.80
CA VAL A 29 11.43 -32.65 -26.24
C VAL A 29 12.37 -31.71 -26.97
N GLN A 30 12.81 -32.12 -28.16
CA GLN A 30 13.73 -31.29 -28.95
C GLN A 30 12.94 -30.23 -29.74
N LEU A 31 13.45 -29.01 -29.72
CA LEU A 31 12.80 -27.89 -30.40
C LEU A 31 13.70 -27.27 -31.46
N ARG A 32 13.09 -26.61 -32.42
CA ARG A 32 13.86 -25.96 -33.49
C ARG A 32 14.67 -24.81 -32.89
N GLU A 33 15.85 -24.56 -33.45
CA GLU A 33 16.72 -23.49 -32.96
C GLU A 33 16.12 -22.10 -33.20
N GLY A 34 16.45 -21.17 -32.30
CA GLY A 34 15.94 -19.81 -32.40
C GLY A 34 14.78 -19.57 -31.44
N TYR A 35 14.47 -20.58 -30.64
CA TYR A 35 13.39 -20.50 -29.67
C TYR A 35 13.89 -20.77 -28.27
N GLY A 36 13.13 -20.33 -27.27
CA GLY A 36 13.51 -20.53 -25.88
C GLY A 36 12.86 -21.78 -25.28
N ARG A 37 13.24 -22.06 -24.05
CA ARG A 37 12.72 -23.20 -23.30
C ARG A 37 11.92 -22.70 -22.10
N ILE A 38 10.85 -23.39 -21.76
CA ILE A 38 10.00 -22.91 -20.66
C ILE A 38 10.59 -23.32 -19.31
N PRO A 39 10.64 -22.40 -18.35
CA PRO A 39 11.22 -22.67 -16.99
C PRO A 39 10.49 -23.79 -16.27
N ARG A 40 11.27 -24.68 -15.67
CA ARG A 40 10.72 -25.83 -14.96
C ARG A 40 9.77 -25.42 -13.83
N GLY A 41 10.16 -24.42 -13.05
CA GLY A 41 9.35 -23.99 -11.90
C GLY A 41 7.90 -23.68 -12.26
N ALA A 42 7.68 -22.93 -13.33
CA ALA A 42 6.32 -22.57 -13.71
C ALA A 42 5.52 -23.76 -14.22
N LEU A 43 6.15 -24.57 -15.05
CA LEU A 43 5.48 -25.73 -15.63
C LEU A 43 4.89 -26.67 -14.58
N LEU A 44 5.64 -26.89 -13.50
CA LEU A 44 5.18 -27.82 -12.46
C LEU A 44 3.88 -27.40 -11.80
N GLN A 45 3.65 -26.09 -11.62
CA GLN A 45 2.42 -25.64 -10.95
C GLN A 45 1.37 -25.04 -11.89
N MET A 46 1.64 -25.03 -13.19
CA MET A 46 0.69 -24.44 -14.14
C MET A 46 -0.57 -25.29 -14.32
N ASP A 47 -1.63 -24.62 -14.83
CA ASP A 47 -2.91 -25.27 -15.07
C ASP A 47 -3.11 -25.55 -16.56
N ALA A 48 -4.08 -26.40 -16.89
CA ALA A 48 -4.33 -26.74 -18.29
C ALA A 48 -4.70 -25.52 -19.12
N ILE A 49 -5.59 -24.67 -18.62
CA ILE A 49 -5.98 -23.47 -19.37
C ILE A 49 -4.79 -22.53 -19.52
N ASP A 50 -4.12 -22.27 -18.40
CA ASP A 50 -2.97 -21.37 -18.40
C ASP A 50 -1.89 -21.86 -19.36
N LEU A 51 -1.66 -23.16 -19.34
CA LEU A 51 -0.66 -23.76 -20.20
C LEU A 51 -0.94 -23.43 -21.66
N THR A 52 -2.21 -23.33 -21.99
CA THR A 52 -2.61 -23.02 -23.35
C THR A 52 -2.10 -21.65 -23.78
N ASP A 53 -2.37 -20.64 -22.98
CA ASP A 53 -1.95 -19.28 -23.30
C ASP A 53 -0.43 -19.17 -23.42
N LYS A 54 0.27 -19.70 -22.44
CA LYS A 54 1.72 -19.62 -22.44
C LYS A 54 2.33 -20.41 -23.59
N LEU A 55 1.80 -21.60 -23.84
CA LEU A 55 2.33 -22.45 -24.91
C LEU A 55 2.41 -21.69 -26.22
N VAL A 56 1.34 -21.00 -26.57
CA VAL A 56 1.33 -20.24 -27.80
C VAL A 56 2.22 -19.01 -27.69
N SER A 57 2.30 -18.43 -26.51
CA SER A 57 3.10 -17.22 -26.29
C SER A 57 4.55 -17.39 -26.72
N TYR A 58 5.16 -18.53 -26.41
CA TYR A 58 6.56 -18.76 -26.77
C TYR A 58 6.73 -19.13 -28.24
N TYR A 59 5.82 -19.93 -28.78
CA TYR A 59 5.93 -20.37 -30.17
C TYR A 59 4.83 -19.76 -31.01
N LEU A 60 5.14 -19.47 -32.27
CA LEU A 60 4.17 -18.90 -33.17
C LEU A 60 3.00 -19.87 -33.35
N GLU A 61 1.86 -19.35 -33.75
CA GLU A 61 0.69 -20.19 -33.92
C GLU A 61 0.94 -21.32 -34.91
N SER A 62 1.44 -20.98 -36.09
CA SER A 62 1.70 -22.00 -37.11
C SER A 62 2.67 -23.06 -36.61
N TYR A 63 3.87 -22.64 -36.22
CA TYR A 63 4.87 -23.57 -35.74
C TYR A 63 4.46 -24.17 -34.40
N GLY A 64 3.86 -23.36 -33.55
CA GLY A 64 3.43 -23.81 -32.24
C GLY A 64 2.40 -24.92 -32.34
N LEU A 65 1.45 -24.77 -33.26
CA LEU A 65 0.40 -25.76 -33.44
C LEU A 65 0.97 -27.11 -33.87
N GLU A 66 1.92 -27.08 -34.80
CA GLU A 66 2.54 -28.32 -35.28
C GLU A 66 3.36 -29.01 -34.18
N LEU A 67 4.03 -28.22 -33.36
CA LEU A 67 4.87 -28.76 -32.29
C LEU A 67 4.05 -29.62 -31.33
N THR A 68 2.82 -29.22 -31.08
CA THR A 68 1.97 -29.96 -30.16
C THR A 68 1.76 -31.39 -30.63
N MET A 69 1.38 -31.54 -31.90
CA MET A 69 1.12 -32.87 -32.44
C MET A 69 2.31 -33.77 -32.31
N THR A 70 3.48 -33.22 -32.55
CA THR A 70 4.70 -34.01 -32.48
C THR A 70 4.81 -34.71 -31.13
N VAL A 71 4.44 -34.00 -30.06
CA VAL A 71 4.50 -34.56 -28.72
C VAL A 71 3.35 -35.54 -28.45
N LEU A 72 2.15 -35.23 -28.97
CA LEU A 72 1.01 -36.12 -28.77
C LEU A 72 1.28 -37.51 -29.33
N ARG A 73 1.78 -37.56 -30.54
CA ARG A 73 2.05 -38.87 -31.08
C ARG A 73 3.10 -39.56 -30.24
N ASP A 74 4.10 -38.81 -29.79
CA ASP A 74 5.19 -39.42 -29.03
C ASP A 74 4.67 -40.25 -27.84
N MET A 75 3.66 -39.73 -27.15
CA MET A 75 3.07 -40.45 -26.01
C MET A 75 2.23 -41.60 -26.52
N GLY A 76 2.28 -41.79 -27.84
CA GLY A 76 1.51 -42.82 -28.50
C GLY A 76 0.50 -42.18 -29.43
N LEU A 77 0.06 -42.91 -30.45
CA LEU A 77 -0.90 -42.35 -31.38
C LEU A 77 -2.25 -42.23 -30.72
N GLN A 78 -2.76 -41.00 -30.65
CA GLN A 78 -4.05 -40.75 -30.05
C GLN A 78 -5.02 -40.26 -31.11
N GLU A 79 -6.30 -40.49 -30.89
CA GLU A 79 -7.27 -40.02 -31.84
C GLU A 79 -7.18 -38.51 -31.90
N LEU A 80 -6.76 -37.92 -30.76
CA LEU A 80 -6.60 -36.48 -30.65
C LEU A 80 -5.62 -35.94 -31.68
N ALA A 81 -4.51 -36.64 -31.85
CA ALA A 81 -3.49 -36.19 -32.79
C ALA A 81 -4.12 -35.92 -34.15
N GLU A 82 -4.86 -36.88 -34.66
CA GLU A 82 -5.50 -36.71 -35.95
C GLU A 82 -6.64 -35.70 -35.86
N GLN A 83 -7.43 -35.79 -34.79
CA GLN A 83 -8.56 -34.87 -34.62
C GLN A 83 -8.07 -33.44 -34.69
N LEU A 84 -6.97 -33.17 -34.02
CA LEU A 84 -6.41 -31.83 -34.02
C LEU A 84 -5.85 -31.47 -35.39
N GLN A 85 -5.23 -32.46 -36.05
CA GLN A 85 -4.65 -32.21 -37.36
C GLN A 85 -5.70 -31.67 -38.33
N THR A 86 -6.92 -32.15 -38.22
CA THR A 86 -7.99 -31.68 -39.09
C THR A 86 -8.07 -30.16 -39.04
N THR A 87 -7.81 -29.60 -37.85
CA THR A 87 -7.83 -28.16 -37.68
C THR A 87 -6.76 -27.48 -38.55
N LYS A 88 -5.63 -28.17 -38.72
CA LYS A 88 -4.54 -27.62 -39.52
C LYS A 88 -5.05 -27.24 -40.90
N GLU A 89 -5.85 -28.12 -41.50
CA GLU A 89 -6.41 -27.85 -42.82
C GLU A 89 -7.37 -26.67 -42.73
N GLY B 1 -28.98 2.54 -16.67
CA GLY B 1 -29.28 1.41 -17.54
C GLY B 1 -29.24 0.11 -16.76
N ARG B 2 -30.40 -0.50 -16.58
CA ARG B 2 -30.49 -1.76 -15.84
C ARG B 2 -29.57 -2.81 -16.46
N ALA B 3 -29.17 -2.58 -17.70
CA ALA B 3 -28.30 -3.53 -18.41
C ALA B 3 -27.05 -3.86 -17.58
N ARG B 4 -26.44 -2.85 -17.00
CA ARG B 4 -25.24 -3.06 -16.20
C ARG B 4 -25.53 -4.02 -15.05
N ASP B 5 -26.66 -3.79 -14.39
CA ASP B 5 -27.07 -4.61 -13.26
C ASP B 5 -27.45 -6.02 -13.67
N ALA B 6 -28.06 -6.16 -14.84
CA ALA B 6 -28.49 -7.48 -15.31
C ALA B 6 -27.29 -8.40 -15.49
N ILE B 7 -26.29 -7.93 -16.23
CA ILE B 7 -25.10 -8.74 -16.46
C ILE B 7 -24.47 -9.14 -15.15
N LEU B 8 -24.31 -8.17 -14.27
CA LEU B 8 -23.70 -8.41 -12.98
C LEU B 8 -24.34 -9.58 -12.25
N ASP B 9 -25.65 -9.55 -12.12
CA ASP B 9 -26.36 -10.60 -11.40
C ASP B 9 -26.06 -11.99 -11.94
N ALA B 10 -26.10 -12.14 -13.26
CA ALA B 10 -25.85 -13.44 -13.87
C ALA B 10 -24.38 -13.86 -13.82
N LEU B 11 -23.49 -12.98 -14.28
CA LEU B 11 -22.07 -13.31 -14.31
C LEU B 11 -21.57 -13.87 -12.99
N GLU B 12 -22.09 -13.34 -11.88
CA GLU B 12 -21.68 -13.78 -10.55
C GLU B 12 -22.10 -15.23 -10.23
N ASN B 13 -22.97 -15.81 -11.06
CA ASN B 13 -23.44 -17.19 -10.83
C ASN B 13 -22.50 -18.25 -11.42
N LEU B 14 -21.32 -17.85 -11.88
CA LEU B 14 -20.37 -18.80 -12.44
C LEU B 14 -19.34 -19.23 -11.40
N SER B 15 -18.89 -20.48 -11.48
CA SER B 15 -17.91 -20.98 -10.55
C SER B 15 -16.55 -20.37 -10.83
N GLY B 16 -15.67 -20.41 -9.82
CA GLY B 16 -14.34 -19.80 -9.93
C GLY B 16 -13.54 -20.29 -11.15
N ASP B 17 -13.55 -21.58 -11.40
CA ASP B 17 -12.76 -22.12 -12.52
C ASP B 17 -13.26 -21.62 -13.88
N GLU B 18 -14.56 -21.71 -14.12
CA GLU B 18 -15.13 -21.29 -15.39
C GLU B 18 -14.83 -19.82 -15.64
N LEU B 19 -14.80 -19.04 -14.58
CA LEU B 19 -14.52 -17.62 -14.70
C LEU B 19 -13.21 -17.40 -15.46
N LYS B 20 -12.20 -18.14 -15.10
CA LYS B 20 -10.96 -17.95 -15.79
C LYS B 20 -11.17 -18.24 -17.24
N LYS B 21 -11.87 -19.33 -17.52
CA LYS B 21 -12.08 -19.72 -18.91
C LYS B 21 -12.79 -18.64 -19.67
N PHE B 22 -13.74 -17.99 -19.04
CA PHE B 22 -14.47 -16.92 -19.69
C PHE B 22 -13.57 -15.75 -20.00
N LYS B 23 -12.89 -15.22 -18.98
CA LYS B 23 -12.02 -14.07 -19.16
C LYS B 23 -10.96 -14.35 -20.23
N MET B 24 -10.30 -15.49 -20.10
CA MET B 24 -9.26 -15.85 -21.05
C MET B 24 -9.80 -15.96 -22.47
N LYS B 25 -10.95 -16.59 -22.64
CA LYS B 25 -11.52 -16.75 -23.97
C LYS B 25 -11.89 -15.41 -24.58
N LEU B 26 -12.32 -14.48 -23.73
CA LEU B 26 -12.72 -13.17 -24.20
C LEU B 26 -11.59 -12.49 -24.95
N LEU B 27 -10.37 -12.73 -24.51
CA LEU B 27 -9.21 -12.14 -25.14
C LEU B 27 -9.05 -12.57 -26.60
N THR B 28 -9.46 -13.81 -26.89
CA THR B 28 -9.31 -14.34 -28.25
C THR B 28 -10.59 -14.29 -29.08
N VAL B 29 -11.65 -13.70 -28.53
CA VAL B 29 -12.92 -13.63 -29.25
C VAL B 29 -12.87 -12.50 -30.29
N GLN B 30 -13.57 -12.71 -31.41
CA GLN B 30 -13.61 -11.71 -32.47
C GLN B 30 -14.64 -10.64 -32.16
N LEU B 31 -14.26 -9.38 -32.36
CA LEU B 31 -15.15 -8.26 -32.08
C LEU B 31 -15.40 -7.43 -33.34
N ARG B 32 -16.51 -6.70 -33.34
CA ARG B 32 -16.85 -5.85 -34.47
C ARG B 32 -15.83 -4.71 -34.58
N GLU B 33 -15.55 -4.29 -35.81
CA GLU B 33 -14.57 -3.22 -36.04
C GLU B 33 -15.05 -1.87 -35.50
N GLY B 34 -14.10 -1.04 -35.07
CA GLY B 34 -14.42 0.28 -34.53
C GLY B 34 -14.35 0.29 -33.01
N TYR B 35 -13.96 -0.86 -32.43
CA TYR B 35 -13.85 -0.99 -30.98
C TYR B 35 -12.44 -1.40 -30.59
N GLY B 36 -12.10 -1.16 -29.32
CA GLY B 36 -10.78 -1.51 -28.83
C GLY B 36 -10.76 -2.88 -28.15
N ARG B 37 -9.56 -3.28 -27.76
CA ARG B 37 -9.34 -4.56 -27.07
C ARG B 37 -8.86 -4.29 -25.66
N ILE B 38 -9.27 -5.10 -24.70
CA ILE B 38 -8.90 -4.86 -23.31
C ILE B 38 -7.49 -5.39 -23.02
N PRO B 39 -6.66 -4.60 -22.36
CA PRO B 39 -5.25 -4.99 -22.04
C PRO B 39 -5.17 -6.26 -21.22
N ARG B 40 -4.27 -7.14 -21.60
CA ARG B 40 -4.09 -8.42 -20.92
C ARG B 40 -3.76 -8.26 -19.44
N GLY B 41 -2.85 -7.34 -19.13
CA GLY B 41 -2.41 -7.14 -17.73
C GLY B 41 -3.57 -6.92 -16.76
N ALA B 42 -4.51 -6.06 -17.11
CA ALA B 42 -5.62 -5.77 -16.22
C ALA B 42 -6.57 -6.95 -16.07
N LEU B 43 -6.88 -7.59 -17.18
CA LEU B 43 -7.81 -8.71 -17.17
C LEU B 43 -7.38 -9.83 -16.23
N LEU B 44 -6.08 -10.13 -16.20
CA LEU B 44 -5.58 -11.21 -15.37
C LEU B 44 -5.83 -11.02 -13.87
N GLN B 45 -5.77 -9.77 -13.39
CA GLN B 45 -5.95 -9.52 -11.95
C GLN B 45 -7.32 -8.90 -11.60
N MET B 46 -8.18 -8.69 -12.60
CA MET B 46 -9.49 -8.07 -12.32
C MET B 46 -10.44 -9.00 -11.56
N ASP B 47 -11.45 -8.38 -10.94
CA ASP B 47 -12.46 -9.11 -10.16
C ASP B 47 -13.77 -9.20 -10.95
N ALA B 48 -14.67 -10.08 -10.50
CA ALA B 48 -15.94 -10.26 -11.18
C ALA B 48 -16.77 -8.98 -11.21
N ILE B 49 -16.87 -8.29 -10.07
CA ILE B 49 -17.64 -7.05 -10.04
C ILE B 49 -16.99 -5.99 -10.92
N ASP B 50 -15.69 -5.82 -10.75
CA ASP B 50 -14.94 -4.82 -11.51
C ASP B 50 -15.07 -5.08 -13.01
N LEU B 51 -14.97 -6.35 -13.38
CA LEU B 51 -15.07 -6.74 -14.77
C LEU B 51 -16.38 -6.25 -15.37
N THR B 52 -17.41 -6.21 -14.54
CA THR B 52 -18.72 -5.77 -15.00
C THR B 52 -18.69 -4.31 -15.45
N ASP B 53 -18.16 -3.44 -14.60
CA ASP B 53 -18.11 -2.02 -14.93
C ASP B 53 -17.26 -1.76 -16.17
N LYS B 54 -16.09 -2.34 -16.22
CA LYS B 54 -15.20 -2.14 -17.36
C LYS B 54 -15.77 -2.71 -18.64
N LEU B 55 -16.36 -3.91 -18.55
CA LEU B 55 -16.91 -4.55 -19.74
C LEU B 55 -17.87 -3.62 -20.47
N VAL B 56 -18.76 -2.99 -19.73
CA VAL B 56 -19.70 -2.08 -20.34
C VAL B 56 -19.02 -0.80 -20.79
N SER B 57 -18.00 -0.37 -20.05
CA SER B 57 -17.28 0.86 -20.38
C SER B 57 -16.75 0.88 -21.81
N TYR B 58 -16.19 -0.22 -22.27
CA TYR B 58 -15.63 -0.28 -23.62
C TYR B 58 -16.70 -0.44 -24.69
N TYR B 59 -17.73 -1.24 -24.42
CA TYR B 59 -18.78 -1.48 -25.39
C TYR B 59 -20.09 -0.87 -24.94
N LEU B 60 -20.88 -0.40 -25.89
CA LEU B 60 -22.17 0.20 -25.57
C LEU B 60 -23.06 -0.85 -24.92
N GLU B 61 -24.05 -0.39 -24.17
CA GLU B 61 -24.95 -1.30 -23.48
C GLU B 61 -25.63 -2.27 -24.44
N SER B 62 -26.24 -1.73 -25.49
CA SER B 62 -26.94 -2.57 -26.46
C SER B 62 -25.99 -3.60 -27.08
N TYR B 63 -24.95 -3.12 -27.73
CA TYR B 63 -24.00 -4.02 -28.37
C TYR B 63 -23.21 -4.81 -27.35
N GLY B 64 -22.87 -4.17 -26.24
CA GLY B 64 -22.11 -4.85 -25.19
C GLY B 64 -22.88 -6.02 -24.60
N LEU B 65 -24.17 -5.83 -24.39
CA LEU B 65 -25.00 -6.88 -23.81
C LEU B 65 -25.06 -8.11 -24.73
N GLU B 66 -25.20 -7.87 -26.02
CA GLU B 66 -25.28 -8.97 -26.99
C GLU B 66 -23.95 -9.73 -27.08
N LEU B 67 -22.85 -8.98 -27.00
CA LEU B 67 -21.53 -9.60 -27.11
C LEU B 67 -21.30 -10.63 -26.01
N THR B 68 -21.84 -10.38 -24.84
CA THR B 68 -21.65 -11.31 -23.72
C THR B 68 -22.22 -12.68 -24.06
N MET B 69 -23.46 -12.71 -24.54
CA MET B 69 -24.12 -13.96 -24.85
C MET B 69 -23.33 -14.77 -25.86
N THR B 70 -22.78 -14.08 -26.85
CA THR B 70 -22.02 -14.76 -27.88
C THR B 70 -20.92 -15.62 -27.27
N VAL B 71 -20.26 -15.09 -26.23
CA VAL B 71 -19.19 -15.82 -25.56
C VAL B 71 -19.74 -16.92 -24.65
N LEU B 72 -20.85 -16.66 -23.96
CA LEU B 72 -21.44 -17.67 -23.07
C LEU B 72 -21.79 -18.93 -23.84
N ARG B 73 -22.44 -18.80 -24.96
CA ARG B 73 -22.76 -19.98 -25.69
C ARG B 73 -21.49 -20.68 -26.13
N ASP B 74 -20.49 -19.91 -26.54
CA ASP B 74 -19.24 -20.50 -27.02
C ASP B 74 -18.67 -21.52 -26.03
N MET B 75 -18.71 -21.20 -24.74
CA MET B 75 -18.21 -22.11 -23.71
C MET B 75 -19.17 -23.26 -23.53
N GLY B 76 -20.20 -23.26 -24.38
CA GLY B 76 -21.23 -24.28 -24.33
C GLY B 76 -22.55 -23.61 -23.99
N LEU B 77 -23.67 -24.23 -24.36
CA LEU B 77 -24.96 -23.64 -24.08
C LEU B 77 -25.26 -23.74 -22.60
N GLN B 78 -25.45 -22.59 -21.98
CA GLN B 78 -25.75 -22.53 -20.56
C GLN B 78 -27.16 -22.00 -20.35
N GLU B 79 -27.78 -22.38 -19.26
CA GLU B 79 -29.10 -21.87 -18.97
C GLU B 79 -29.01 -20.37 -18.86
N LEU B 80 -27.83 -19.90 -18.42
CA LEU B 80 -27.58 -18.47 -18.26
C LEU B 80 -27.76 -17.72 -19.57
N ALA B 81 -27.25 -18.28 -20.65
CA ALA B 81 -27.36 -17.62 -21.95
C ALA B 81 -28.80 -17.24 -22.23
N GLU B 82 -29.72 -18.19 -22.08
CA GLU B 82 -31.11 -17.91 -22.32
C GLU B 82 -31.68 -17.03 -21.22
N GLN B 83 -31.33 -17.33 -19.97
CA GLN B 83 -31.84 -16.54 -18.85
C GLN B 83 -31.53 -15.07 -19.06
N LEU B 84 -30.31 -14.79 -19.48
CA LEU B 84 -29.90 -13.43 -19.72
C LEU B 84 -30.63 -12.84 -20.93
N GLN B 85 -30.82 -13.67 -21.95
CA GLN B 85 -31.49 -13.21 -23.16
C GLN B 85 -32.87 -12.64 -22.82
N THR B 86 -33.55 -13.24 -21.86
CA THR B 86 -34.87 -12.76 -21.47
C THR B 86 -34.80 -11.28 -21.16
N THR B 87 -33.68 -10.85 -20.57
CA THR B 87 -33.49 -9.45 -20.22
C THR B 87 -33.49 -8.59 -21.48
N LYS B 88 -32.97 -9.13 -22.58
CA LYS B 88 -32.92 -8.38 -23.83
C LYS B 88 -34.30 -7.87 -24.21
N GLU B 89 -35.30 -8.73 -24.06
CA GLU B 89 -36.67 -8.36 -24.37
C GLU B 89 -37.13 -7.28 -23.38
N GLY C 1 -28.13 16.15 13.68
CA GLY C 1 -29.06 15.12 13.23
C GLY C 1 -28.48 13.73 13.46
N ARG C 2 -29.06 13.01 14.39
CA ARG C 2 -28.60 11.66 14.71
C ARG C 2 -28.59 10.79 13.45
N ALA C 3 -29.32 11.22 12.44
CA ALA C 3 -29.39 10.46 11.19
C ALA C 3 -28.00 10.13 10.64
N ARG C 4 -27.12 11.11 10.65
CA ARG C 4 -25.77 10.90 10.14
C ARG C 4 -25.08 9.78 10.91
N ASP C 5 -25.24 9.82 12.24
CA ASP C 5 -24.62 8.82 13.10
C ASP C 5 -25.26 7.44 12.94
N ALA C 6 -26.56 7.41 12.71
CA ALA C 6 -27.26 6.13 12.57
C ALA C 6 -26.72 5.35 11.36
N ILE C 7 -26.68 6.00 10.21
CA ILE C 7 -26.18 5.34 9.01
C ILE C 7 -24.77 4.83 9.24
N LEU C 8 -23.94 5.68 9.78
CA LEU C 8 -22.55 5.34 10.03
C LEU C 8 -22.42 4.03 10.79
N ASP C 9 -23.12 3.91 11.90
CA ASP C 9 -23.01 2.73 12.73
C ASP C 9 -23.34 1.44 11.96
N ALA C 10 -24.41 1.47 11.18
CA ALA C 10 -24.82 0.29 10.43
C ALA C 10 -23.90 0.01 9.23
N LEU C 11 -23.68 1.02 8.40
CA LEU C 11 -22.86 0.83 7.20
C LEU C 11 -21.54 0.15 7.51
N GLU C 12 -20.95 0.47 8.66
CA GLU C 12 -19.66 -0.10 9.06
C GLU C 12 -19.75 -1.62 9.34
N ASN C 13 -20.96 -2.16 9.46
CA ASN C 13 -21.13 -3.59 9.75
C ASN C 13 -21.09 -4.47 8.50
N LEU C 14 -20.71 -3.90 7.36
CA LEU C 14 -20.63 -4.68 6.12
C LEU C 14 -19.21 -5.15 5.86
N SER C 15 -19.07 -6.33 5.27
CA SER C 15 -17.75 -6.87 4.97
C SER C 15 -17.11 -6.09 3.83
N GLY C 16 -15.78 -6.19 3.72
CA GLY C 16 -15.04 -5.45 2.70
C GLY C 16 -15.53 -5.70 1.28
N ASP C 17 -15.81 -6.95 0.93
CA ASP C 17 -16.24 -7.25 -0.44
C ASP C 17 -17.60 -6.63 -0.78
N GLU C 18 -18.58 -6.80 0.10
CA GLU C 18 -19.91 -6.26 -0.15
C GLU C 18 -19.86 -4.75 -0.31
N LEU C 19 -18.96 -4.13 0.42
CA LEU C 19 -18.80 -2.69 0.34
C LEU C 19 -18.61 -2.25 -1.10
N LYS C 20 -17.75 -2.93 -1.81
CA LYS C 20 -17.54 -2.54 -3.16
C LYS C 20 -18.82 -2.65 -3.90
N LYS C 21 -19.53 -3.76 -3.69
CA LYS C 21 -20.77 -3.98 -4.40
C LYS C 21 -21.76 -2.87 -4.14
N PHE C 22 -21.79 -2.39 -2.90
CA PHE C 22 -22.70 -1.32 -2.56
C PHE C 22 -22.34 -0.04 -3.27
N LYS C 23 -21.09 0.40 -3.11
CA LYS C 23 -20.65 1.64 -3.74
C LYS C 23 -20.87 1.61 -5.24
N MET C 24 -20.42 0.53 -5.87
CA MET C 24 -20.57 0.39 -7.31
C MET C 24 -22.02 0.42 -7.74
N LYS C 25 -22.88 -0.29 -7.03
CA LYS C 25 -24.30 -0.32 -7.40
C LYS C 25 -24.95 1.05 -7.26
N LEU C 26 -24.48 1.82 -6.27
CA LEU C 26 -25.02 3.15 -6.03
C LEU C 26 -24.90 4.02 -7.27
N LEU C 27 -23.82 3.83 -8.00
CA LEU C 27 -23.58 4.61 -9.21
C LEU C 27 -24.67 4.38 -10.26
N THR C 28 -25.21 3.17 -10.31
CA THR C 28 -26.22 2.84 -11.32
C THR C 28 -27.66 2.88 -10.78
N VAL C 29 -27.83 3.29 -9.53
CA VAL C 29 -29.18 3.34 -8.96
C VAL C 29 -29.91 4.59 -9.43
N GLN C 30 -31.24 4.47 -9.58
CA GLN C 30 -32.04 5.60 -10.03
C GLN C 30 -32.38 6.52 -8.86
N LEU C 31 -32.25 7.82 -9.09
CA LEU C 31 -32.49 8.82 -8.06
C LEU C 31 -33.60 9.78 -8.47
N ARG C 32 -34.24 10.40 -7.49
CA ARG C 32 -35.30 11.36 -7.77
C ARG C 32 -34.71 12.59 -8.46
N GLU C 33 -35.49 13.20 -9.35
CA GLU C 33 -35.03 14.37 -10.09
C GLU C 33 -34.83 15.58 -9.18
N GLY C 34 -33.87 16.43 -9.54
CA GLY C 34 -33.57 17.64 -8.77
C GLY C 34 -32.32 17.44 -7.92
N TYR C 35 -31.69 16.27 -8.07
CA TYR C 35 -30.47 15.96 -7.31
C TYR C 35 -29.33 15.63 -8.25
N GLY C 36 -28.11 15.72 -7.73
CA GLY C 36 -26.92 15.44 -8.54
C GLY C 36 -26.45 14.01 -8.35
N ARG C 37 -25.43 13.66 -9.12
CA ARG C 37 -24.81 12.33 -9.09
C ARG C 37 -23.39 12.45 -8.58
N ILE C 38 -22.92 11.48 -7.82
CA ILE C 38 -21.57 11.58 -7.25
C ILE C 38 -20.52 11.14 -8.27
N PRO C 39 -19.45 11.91 -8.42
CA PRO C 39 -18.37 11.61 -9.40
C PRO C 39 -17.73 10.25 -9.16
N ARG C 40 -17.52 9.52 -10.24
CA ARG C 40 -16.94 8.19 -10.17
C ARG C 40 -15.56 8.18 -9.52
N GLY C 41 -14.71 9.12 -9.92
CA GLY C 41 -13.34 9.17 -9.40
C GLY C 41 -13.24 9.16 -7.88
N ALA C 42 -14.06 9.97 -7.21
CA ALA C 42 -14.01 10.03 -5.75
C ALA C 42 -14.52 8.75 -5.10
N LEU C 43 -15.64 8.25 -5.61
CA LEU C 43 -16.25 7.05 -5.06
C LEU C 43 -15.29 5.86 -5.01
N LEU C 44 -14.49 5.69 -6.05
CA LEU C 44 -13.59 4.54 -6.12
C LEU C 44 -12.54 4.53 -5.01
N GLN C 45 -12.06 5.69 -4.58
CA GLN C 45 -11.03 5.73 -3.53
C GLN C 45 -11.54 6.17 -2.16
N MET C 46 -12.84 6.42 -2.03
CA MET C 46 -13.38 6.88 -0.74
C MET C 46 -13.41 5.78 0.32
N ASP C 47 -13.49 6.21 1.58
CA ASP C 47 -13.53 5.30 2.73
C ASP C 47 -14.95 5.20 3.28
N ALA C 48 -15.19 4.19 4.11
CA ALA C 48 -16.52 3.98 4.69
C ALA C 48 -16.97 5.18 5.53
N ILE C 49 -16.09 5.70 6.38
CA ILE C 49 -16.47 6.85 7.21
C ILE C 49 -16.72 8.06 6.33
N ASP C 50 -15.79 8.33 5.43
CA ASP C 50 -15.89 9.48 4.53
C ASP C 50 -17.17 9.41 3.71
N LEU C 51 -17.47 8.23 3.21
CA LEU C 51 -18.65 8.01 2.41
C LEU C 51 -19.89 8.46 3.16
N THR C 52 -19.86 8.29 4.48
CA THR C 52 -20.99 8.67 5.31
C THR C 52 -21.26 10.17 5.23
N ASP C 53 -20.22 10.96 5.45
CA ASP C 53 -20.37 12.41 5.44
C ASP C 53 -20.84 12.91 4.07
N LYS C 54 -20.19 12.45 3.02
CA LYS C 54 -20.54 12.88 1.68
C LYS C 54 -21.94 12.44 1.28
N LEU C 55 -22.28 11.20 1.62
CA LEU C 55 -23.60 10.66 1.25
C LEU C 55 -24.71 11.59 1.71
N VAL C 56 -24.63 12.03 2.95
CA VAL C 56 -25.64 12.93 3.47
C VAL C 56 -25.52 14.32 2.86
N SER C 57 -24.30 14.73 2.56
CA SER C 57 -24.06 16.06 1.99
C SER C 57 -24.86 16.32 0.72
N TYR C 58 -24.94 15.34 -0.16
CA TYR C 58 -25.67 15.51 -1.41
C TYR C 58 -27.19 15.41 -1.23
N TYR C 59 -27.63 14.48 -0.38
CA TYR C 59 -29.06 14.27 -0.17
C TYR C 59 -29.46 14.69 1.23
N LEU C 60 -30.68 15.23 1.35
CA LEU C 60 -31.17 15.65 2.65
C LEU C 60 -31.25 14.45 3.59
N GLU C 61 -31.23 14.71 4.89
CA GLU C 61 -31.27 13.64 5.86
C GLU C 61 -32.50 12.75 5.68
N SER C 62 -33.68 13.36 5.62
CA SER C 62 -34.90 12.60 5.47
C SER C 62 -34.89 11.75 4.20
N TYR C 63 -34.74 12.41 3.05
CA TYR C 63 -34.71 11.70 1.78
C TYR C 63 -33.46 10.84 1.65
N GLY C 64 -32.35 11.36 2.14
CA GLY C 64 -31.09 10.63 2.06
C GLY C 64 -31.15 9.32 2.84
N LEU C 65 -31.75 9.36 4.02
CA LEU C 65 -31.86 8.17 4.85
C LEU C 65 -32.68 7.08 4.16
N GLU C 66 -33.79 7.46 3.55
CA GLU C 66 -34.65 6.50 2.86
C GLU C 66 -33.95 5.89 1.64
N LEU C 67 -33.18 6.71 0.94
CA LEU C 67 -32.49 6.25 -0.27
C LEU C 67 -31.54 5.10 0.04
N THR C 68 -30.92 5.14 1.21
CA THR C 68 -29.98 4.10 1.58
C THR C 68 -30.65 2.73 1.62
N MET C 69 -31.80 2.66 2.30
CA MET C 69 -32.50 1.40 2.45
C MET C 69 -32.86 0.82 1.10
N THR C 70 -33.28 1.67 0.19
CA THR C 70 -33.68 1.20 -1.13
C THR C 70 -32.56 0.38 -1.77
N VAL C 71 -31.31 0.82 -1.58
CA VAL C 71 -30.16 0.11 -2.15
C VAL C 71 -29.83 -1.15 -1.34
N LEU C 72 -29.96 -1.08 -0.01
CA LEU C 72 -29.65 -2.25 0.82
C LEU C 72 -30.53 -3.43 0.45
N ARG C 73 -31.82 -3.20 0.31
CA ARG C 73 -32.65 -4.30 -0.05
C ARG C 73 -32.26 -4.82 -1.41
N ASP C 74 -31.94 -3.91 -2.33
CA ASP C 74 -31.60 -4.32 -3.69
C ASP C 74 -30.51 -5.41 -3.71
N MET C 75 -29.50 -5.27 -2.86
CA MET C 75 -28.43 -6.24 -2.79
C MET C 75 -28.93 -7.50 -2.10
N GLY C 76 -30.21 -7.48 -1.79
CA GLY C 76 -30.86 -8.58 -1.10
C GLY C 76 -31.36 -8.09 0.25
N LEU C 77 -32.36 -8.76 0.80
CA LEU C 77 -32.89 -8.33 2.09
C LEU C 77 -31.91 -8.65 3.20
N GLN C 78 -31.47 -7.62 3.89
CA GLN C 78 -30.53 -7.78 4.98
C GLN C 78 -31.18 -7.41 6.29
N GLU C 79 -30.71 -7.98 7.37
CA GLU C 79 -31.26 -7.65 8.66
C GLU C 79 -31.04 -6.16 8.89
N LEU C 80 -29.96 -5.66 8.30
CA LEU C 80 -29.60 -4.24 8.41
C LEU C 80 -30.72 -3.34 7.89
N ALA C 81 -31.29 -3.71 6.76
CA ALA C 81 -32.35 -2.89 6.17
C ALA C 81 -33.43 -2.62 7.21
N GLU C 82 -33.92 -3.65 7.86
CA GLU C 82 -34.94 -3.47 8.87
C GLU C 82 -34.37 -2.80 10.11
N GLN C 83 -33.17 -3.24 10.53
CA GLN C 83 -32.56 -2.65 11.71
C GLN C 83 -32.45 -1.15 11.57
N LEU C 84 -32.04 -0.70 10.40
CA LEU C 84 -31.92 0.71 10.15
C LEU C 84 -33.28 1.38 10.10
N GLN C 85 -34.25 0.68 9.51
CA GLN C 85 -35.60 1.24 9.40
C GLN C 85 -36.14 1.64 10.76
N THR C 86 -35.83 0.85 11.78
CA THR C 86 -36.29 1.15 13.13
C THR C 86 -35.92 2.58 13.49
N THR C 87 -34.75 3.02 13.02
CA THR C 87 -34.30 4.38 13.30
C THR C 87 -35.24 5.41 12.67
N LYS C 88 -35.83 5.05 11.54
CA LYS C 88 -36.75 5.97 10.85
C LYS C 88 -37.87 6.40 11.81
N GLU C 89 -38.40 5.43 12.55
CA GLU C 89 -39.45 5.72 13.51
C GLU C 89 -38.90 6.60 14.63
N GLY D 1 -2.96 25.70 33.17
CA GLY D 1 -3.93 24.66 33.48
C GLY D 1 -3.48 23.31 32.94
N ARG D 2 -3.13 22.41 33.86
CA ARG D 2 -2.67 21.09 33.48
C ARG D 2 -3.69 20.39 32.58
N ALA D 3 -4.93 20.88 32.61
CA ALA D 3 -5.99 20.29 31.82
C ALA D 3 -5.60 20.17 30.34
N ARG D 4 -5.00 21.22 29.80
CA ARG D 4 -4.59 21.19 28.40
C ARG D 4 -3.61 20.05 28.16
N ASP D 5 -2.66 19.89 29.07
CA ASP D 5 -1.65 18.85 28.96
C ASP D 5 -2.23 17.45 29.16
N ALA D 6 -3.21 17.33 30.04
CA ALA D 6 -3.81 16.03 30.30
C ALA D 6 -4.47 15.46 29.04
N ILE D 7 -5.32 16.26 28.42
CA ILE D 7 -6.01 15.83 27.21
C ILE D 7 -5.00 15.41 26.17
N LEU D 8 -4.01 16.26 25.95
CA LEU D 8 -2.99 16.00 24.95
C LEU D 8 -2.37 14.63 25.11
N ASP D 9 -1.92 14.31 26.31
CA ASP D 9 -1.26 13.03 26.54
C ASP D 9 -2.14 11.84 26.14
N ALA D 10 -3.40 11.88 26.53
CA ALA D 10 -4.30 10.77 26.22
C ALA D 10 -4.71 10.73 24.74
N LEU D 11 -5.19 11.85 24.22
CA LEU D 11 -5.64 11.90 22.83
C LEU D 11 -4.62 11.30 21.86
N GLU D 12 -3.34 11.53 22.14
CA GLU D 12 -2.27 11.03 21.28
C GLU D 12 -2.16 9.49 21.29
N ASN D 13 -2.84 8.83 22.23
CA ASN D 13 -2.78 7.35 22.32
C ASN D 13 -3.79 6.65 21.40
N LEU D 14 -4.44 7.40 20.51
CA LEU D 14 -5.40 6.80 19.59
C LEU D 14 -4.75 6.50 18.25
N SER D 15 -5.20 5.43 17.61
CA SER D 15 -4.66 5.05 16.31
C SER D 15 -5.13 6.03 15.23
N GLY D 16 -4.42 6.07 14.12
CA GLY D 16 -4.74 6.99 13.03
C GLY D 16 -6.18 6.89 12.53
N ASP D 17 -6.68 5.68 12.35
CA ASP D 17 -8.05 5.52 11.83
C ASP D 17 -9.11 6.07 12.79
N GLU D 18 -9.02 5.68 14.06
CA GLU D 18 -10.01 6.13 15.04
C GLU D 18 -10.02 7.64 15.13
N LEU D 19 -8.86 8.25 14.95
CA LEU D 19 -8.76 9.70 15.01
C LEU D 19 -9.77 10.33 14.05
N LYS D 20 -9.84 9.82 12.84
CA LYS D 20 -10.75 10.41 11.93
C LYS D 20 -12.13 10.29 12.49
N LYS D 21 -12.45 9.10 13.00
CA LYS D 21 -13.78 8.86 13.52
C LYS D 21 -14.11 9.84 14.63
N PHE D 22 -13.14 10.14 15.47
CA PHE D 22 -13.37 11.06 16.56
C PHE D 22 -13.64 12.46 16.03
N LYS D 23 -12.74 12.99 15.21
CA LYS D 23 -12.91 14.33 14.67
C LYS D 23 -14.23 14.48 13.94
N MET D 24 -14.51 13.54 13.06
CA MET D 24 -15.74 13.56 12.28
C MET D 24 -16.97 13.53 13.18
N LYS D 25 -16.96 12.66 14.18
CA LYS D 25 -18.12 12.55 15.06
C LYS D 25 -18.34 13.83 15.87
N LEU D 26 -17.24 14.49 16.20
CA LEU D 26 -17.31 15.73 16.97
C LEU D 26 -18.17 16.75 16.28
N LEU D 27 -18.10 16.77 14.96
CA LEU D 27 -18.87 17.72 14.16
C LEU D 27 -20.38 17.53 14.36
N THR D 28 -20.81 16.29 14.57
CA THR D 28 -22.24 16.00 14.72
C THR D 28 -22.69 15.85 16.18
N VAL D 29 -21.78 16.07 17.12
CA VAL D 29 -22.15 15.93 18.53
C VAL D 29 -22.91 17.15 19.02
N GLN D 30 -23.85 16.94 19.95
CA GLN D 30 -24.64 18.04 20.49
C GLN D 30 -23.87 18.76 21.60
N LEU D 31 -23.90 20.09 21.54
CA LEU D 31 -23.19 20.91 22.52
C LEU D 31 -24.15 21.81 23.28
N ARG D 32 -23.72 22.24 24.47
CA ARG D 32 -24.54 23.12 25.29
C ARG D 32 -24.68 24.48 24.60
N GLU D 33 -25.83 25.13 24.77
CA GLU D 33 -26.07 26.43 24.14
C GLU D 33 -25.17 27.52 24.70
N GLY D 34 -24.83 28.50 23.86
CA GLY D 34 -23.98 29.60 24.27
C GLY D 34 -22.55 29.42 23.76
N TYR D 35 -22.34 28.35 23.00
CA TYR D 35 -21.02 28.04 22.45
C TYR D 35 -21.08 27.95 20.94
N GLY D 36 -19.92 28.08 20.30
CA GLY D 36 -19.85 28.02 18.85
C GLY D 36 -19.48 26.61 18.36
N ARG D 37 -19.49 26.46 17.04
CA ARG D 37 -19.15 25.21 16.38
C ARG D 37 -17.88 25.39 15.58
N ILE D 38 -17.03 24.37 15.52
CA ILE D 38 -15.77 24.51 14.81
C ILE D 38 -15.95 24.32 13.31
N PRO D 39 -15.37 25.19 12.50
CA PRO D 39 -15.50 25.12 11.00
C PRO D 39 -14.99 23.80 10.44
N ARG D 40 -15.76 23.24 9.52
CA ARG D 40 -15.42 21.97 8.91
C ARG D 40 -14.05 22.01 8.20
N GLY D 41 -13.81 23.07 7.44
CA GLY D 41 -12.56 23.18 6.68
C GLY D 41 -11.30 22.96 7.52
N ALA D 42 -11.23 23.61 8.67
CA ALA D 42 -10.04 23.49 9.51
C ALA D 42 -9.90 22.08 10.12
N LEU D 43 -11.01 21.55 10.61
CA LEU D 43 -11.00 20.24 11.24
C LEU D 43 -10.43 19.15 10.34
N LEU D 44 -10.79 19.18 9.07
CA LEU D 44 -10.34 18.15 8.13
C LEU D 44 -8.82 18.08 7.97
N GLN D 45 -8.13 19.22 8.03
CA GLN D 45 -6.68 19.21 7.84
C GLN D 45 -5.88 19.42 9.13
N MET D 46 -6.56 19.54 10.27
CA MET D 46 -5.85 19.77 11.54
C MET D 46 -5.08 18.54 12.03
N ASP D 47 -4.11 18.80 12.92
CA ASP D 47 -3.27 17.75 13.49
C ASP D 47 -3.71 17.44 14.92
N ALA D 48 -3.24 16.31 15.45
CA ALA D 48 -3.60 15.91 16.81
C ALA D 48 -3.16 16.94 17.85
N ILE D 49 -1.93 17.43 17.75
CA ILE D 49 -1.44 18.42 18.71
C ILE D 49 -2.23 19.71 18.57
N ASP D 50 -2.36 20.17 17.33
CA ASP D 50 -3.07 21.42 17.05
C ASP D 50 -4.50 21.35 17.57
N LEU D 51 -5.13 20.21 17.32
CA LEU D 51 -6.50 20.00 17.74
C LEU D 51 -6.64 20.22 19.24
N THR D 52 -5.59 19.89 19.97
CA THR D 52 -5.61 20.05 21.42
C THR D 52 -5.77 21.52 21.80
N ASP D 53 -4.91 22.36 21.24
CA ASP D 53 -4.94 23.78 21.57
C ASP D 53 -6.28 24.42 21.20
N LYS D 54 -6.75 24.16 19.99
CA LYS D 54 -8.00 24.73 19.53
C LYS D 54 -9.18 24.22 20.32
N LEU D 55 -9.19 22.91 20.60
CA LEU D 55 -10.31 22.32 21.34
C LEU D 55 -10.58 23.08 22.64
N VAL D 56 -9.52 23.36 23.38
CA VAL D 56 -9.69 24.08 24.63
C VAL D 56 -10.04 25.54 24.37
N SER D 57 -9.50 26.10 23.29
CA SER D 57 -9.74 27.50 22.97
C SER D 57 -11.22 27.85 22.88
N TYR D 58 -12.02 27.00 22.27
CA TYR D 58 -13.45 27.27 22.13
C TYR D 58 -14.23 27.00 23.42
N TYR D 59 -13.88 25.94 24.12
CA TYR D 59 -14.58 25.58 25.35
C TYR D 59 -13.71 25.77 26.57
N LEU D 60 -14.32 26.16 27.67
CA LEU D 60 -13.58 26.37 28.91
C LEU D 60 -12.94 25.06 29.35
N GLU D 61 -11.89 25.15 30.14
CA GLU D 61 -11.19 23.96 30.59
C GLU D 61 -12.13 22.99 31.31
N SER D 62 -12.86 23.49 32.30
CA SER D 62 -13.78 22.65 33.07
C SER D 62 -14.81 21.99 32.16
N TYR D 63 -15.59 22.79 31.46
CA TYR D 63 -16.62 22.26 30.57
C TYR D 63 -16.00 21.55 29.38
N GLY D 64 -14.90 22.09 28.88
CA GLY D 64 -14.23 21.50 27.72
C GLY D 64 -13.73 20.10 28.04
N LEU D 65 -13.16 19.93 29.22
CA LEU D 65 -12.61 18.63 29.62
C LEU D 65 -13.72 17.57 29.70
N GLU D 66 -14.86 17.94 30.26
CA GLU D 66 -15.97 17.00 30.38
C GLU D 66 -16.54 16.62 29.02
N LEU D 67 -16.60 17.59 28.10
CA LEU D 67 -17.15 17.35 26.77
C LEU D 67 -16.38 16.26 26.04
N THR D 68 -15.08 16.21 26.24
CA THR D 68 -14.27 15.22 25.57
C THR D 68 -14.71 13.80 25.93
N MET D 69 -14.86 13.54 27.22
CA MET D 69 -15.25 12.20 27.67
C MET D 69 -16.56 11.77 27.06
N THR D 70 -17.50 12.70 26.97
CA THR D 70 -18.80 12.37 26.43
C THR D 70 -18.66 11.75 25.04
N VAL D 71 -17.74 12.27 24.23
CA VAL D 71 -17.52 11.75 22.90
C VAL D 71 -16.73 10.44 22.91
N LEU D 72 -15.76 10.31 23.82
CA LEU D 72 -14.97 9.08 23.89
C LEU D 72 -15.86 7.88 24.19
N ARG D 73 -16.73 8.01 25.16
CA ARG D 73 -17.58 6.89 25.43
C ARG D 73 -18.46 6.60 24.23
N ASP D 74 -18.94 7.65 23.56
CA ASP D 74 -19.83 7.45 22.42
C ASP D 74 -19.25 6.48 21.40
N MET D 75 -17.94 6.61 21.13
CA MET D 75 -17.28 5.72 20.17
C MET D 75 -17.10 4.35 20.79
N GLY D 76 -17.64 4.20 21.99
CA GLY D 76 -17.54 2.96 22.75
C GLY D 76 -16.76 3.23 24.02
N LEU D 77 -16.96 2.40 25.04
CA LEU D 77 -16.24 2.62 26.29
C LEU D 77 -14.79 2.24 26.12
N GLN D 78 -13.92 3.21 26.36
CA GLN D 78 -12.49 3.00 26.23
C GLN D 78 -11.84 3.13 27.59
N GLU D 79 -10.72 2.47 27.78
CA GLU D 79 -10.02 2.58 29.04
C GLU D 79 -9.63 4.04 29.22
N LEU D 80 -9.42 4.71 28.10
CA LEU D 80 -9.03 6.12 28.09
C LEU D 80 -10.08 6.97 28.79
N ALA D 81 -11.35 6.71 28.52
CA ALA D 81 -12.42 7.50 29.12
C ALA D 81 -12.24 7.55 30.64
N GLU D 82 -12.08 6.38 31.25
CA GLU D 82 -11.90 6.35 32.69
C GLU D 82 -10.52 6.89 33.08
N GLN D 83 -9.49 6.52 32.32
CA GLN D 83 -8.15 6.99 32.63
C GLN D 83 -8.12 8.51 32.70
N LEU D 84 -8.78 9.13 31.74
CA LEU D 84 -8.82 10.58 31.70
C LEU D 84 -9.67 11.12 32.85
N GLN D 85 -10.76 10.43 33.17
CA GLN D 85 -11.65 10.86 34.24
C GLN D 85 -10.87 11.03 35.54
N THR D 86 -9.91 10.15 35.78
CA THR D 86 -9.11 10.22 36.99
C THR D 86 -8.53 11.62 37.14
N THR D 87 -8.17 12.23 36.00
CA THR D 87 -7.62 13.57 36.01
C THR D 87 -8.62 14.58 36.55
N LYS D 88 -9.91 14.33 36.27
CA LYS D 88 -10.96 15.23 36.74
C LYS D 88 -10.87 15.43 38.23
N GLU D 89 -10.64 14.33 38.96
CA GLU D 89 -10.51 14.40 40.41
C GLU D 89 -9.26 15.17 40.77
N GLY E 1 28.27 34.83 26.34
CA GLY E 1 27.87 33.67 27.13
C GLY E 1 27.67 32.45 26.25
N ARG E 2 28.56 31.47 26.37
CA ARG E 2 28.47 30.26 25.58
C ARG E 2 27.10 29.59 25.75
N ALA E 3 26.41 29.96 26.83
CA ALA E 3 25.09 29.38 27.10
C ALA E 3 24.16 29.49 25.89
N ARG E 4 24.15 30.65 25.26
CA ARG E 4 23.28 30.85 24.10
C ARG E 4 23.62 29.85 23.00
N ASP E 5 24.92 29.66 22.78
CA ASP E 5 25.39 28.74 21.74
C ASP E 5 25.12 27.28 22.11
N ALA E 6 25.22 26.96 23.39
CA ALA E 6 25.00 25.58 23.82
C ALA E 6 23.58 25.12 23.52
N ILE E 7 22.61 25.92 23.94
CA ILE E 7 21.21 25.58 23.69
C ILE E 7 20.97 25.39 22.21
N LEU E 8 21.44 26.36 21.44
CA LEU E 8 21.25 26.33 20.00
C LEU E 8 21.69 25.01 19.40
N ASP E 9 22.90 24.58 19.70
CA ASP E 9 23.42 23.35 19.12
C ASP E 9 22.51 22.15 19.39
N ALA E 10 22.04 22.01 20.63
CA ALA E 10 21.20 20.88 20.99
C ALA E 10 19.78 21.00 20.42
N LEU E 11 19.13 22.13 20.66
CA LEU E 11 17.76 22.32 20.21
C LEU E 11 17.58 21.95 18.73
N GLU E 12 18.58 22.25 17.91
CA GLU E 12 18.53 21.98 16.48
C GLU E 12 18.52 20.46 16.17
N ASN E 13 18.83 19.62 17.17
CA ASN E 13 18.87 18.16 16.94
C ASN E 13 17.48 17.50 17.09
N LEU E 14 16.43 18.30 17.19
CA LEU E 14 15.08 17.74 17.31
C LEU E 14 14.39 17.68 15.96
N SER E 15 13.56 16.66 15.76
CA SER E 15 12.84 16.52 14.50
C SER E 15 11.74 17.57 14.39
N GLY E 16 11.29 17.83 13.17
CA GLY E 16 10.29 18.86 12.92
C GLY E 16 9.01 18.69 13.74
N ASP E 17 8.50 17.47 13.85
CA ASP E 17 7.26 17.25 14.60
C ASP E 17 7.39 17.57 16.08
N GLU E 18 8.44 17.03 16.71
CA GLU E 18 8.65 17.25 18.14
C GLU E 18 8.77 18.73 18.44
N LEU E 19 9.37 19.46 17.51
CA LEU E 19 9.56 20.89 17.69
C LEU E 19 8.21 21.55 18.01
N LYS E 20 7.19 21.20 17.27
CA LYS E 20 5.93 21.82 17.54
C LYS E 20 5.54 21.49 18.95
N LYS E 21 5.70 20.23 19.31
CA LYS E 21 5.28 19.80 20.64
C LYS E 21 6.01 20.59 21.70
N PHE E 22 7.28 20.85 21.48
CA PHE E 22 8.06 21.61 22.45
C PHE E 22 7.54 23.03 22.57
N LYS E 23 7.47 23.75 21.45
CA LYS E 23 7.00 25.13 21.48
C LYS E 23 5.63 25.24 22.11
N MET E 24 4.71 24.40 21.65
CA MET E 24 3.34 24.43 22.18
C MET E 24 3.31 24.15 23.67
N LYS E 25 4.07 23.16 24.13
CA LYS E 25 4.06 22.83 25.55
C LYS E 25 4.63 23.97 26.39
N LEU E 26 5.59 24.68 25.83
CA LEU E 26 6.23 25.79 26.53
C LEU E 26 5.20 26.83 26.95
N LEU E 27 4.20 27.01 26.12
CA LEU E 27 3.15 27.98 26.40
C LEU E 27 2.38 27.63 27.69
N THR E 28 2.22 26.34 27.96
CA THR E 28 1.46 25.91 29.14
C THR E 28 2.34 25.53 30.33
N VAL E 29 3.64 25.70 30.21
CA VAL E 29 4.54 25.34 31.31
C VAL E 29 4.53 26.41 32.39
N GLN E 30 4.69 25.99 33.64
CA GLN E 30 4.70 26.93 34.76
C GLN E 30 6.07 27.57 34.92
N LEU E 31 6.08 28.88 35.12
CA LEU E 31 7.32 29.63 35.27
C LEU E 31 7.40 30.34 36.62
N ARG E 32 8.61 30.64 37.05
CA ARG E 32 8.81 31.33 38.31
C ARG E 32 8.24 32.74 38.22
N GLU E 33 7.71 33.26 39.33
CA GLU E 33 7.13 34.60 39.34
C GLU E 33 8.19 35.69 39.13
N GLY E 34 7.77 36.80 38.52
CA GLY E 34 8.67 37.91 38.26
C GLY E 34 9.12 37.93 36.80
N TYR E 35 8.59 36.99 36.01
CA TYR E 35 8.94 36.88 34.60
C TYR E 35 7.69 36.98 33.73
N GLY E 36 7.90 37.31 32.47
CA GLY E 36 6.79 37.44 31.53
C GLY E 36 6.54 36.15 30.74
N ARG E 37 5.49 36.18 29.94
CA ARG E 37 5.11 35.06 29.08
C ARG E 37 5.26 35.47 27.63
N ILE E 38 5.67 34.54 26.78
CA ILE E 38 5.89 34.89 25.37
C ILE E 38 4.57 34.88 24.60
N PRO E 39 4.31 35.90 23.79
CA PRO E 39 3.05 36.02 23.00
C PRO E 39 2.85 34.85 22.05
N ARG E 40 1.63 34.34 22.03
CA ARG E 40 1.29 33.20 21.20
C ARG E 40 1.54 33.45 19.71
N GLY E 41 1.14 34.62 19.23
CA GLY E 41 1.30 34.94 17.81
C GLY E 41 2.72 34.74 17.27
N ALA E 42 3.72 35.22 18.00
CA ALA E 42 5.10 35.10 17.55
C ALA E 42 5.59 33.66 17.58
N LEU E 43 5.28 32.96 18.67
CA LEU E 43 5.73 31.59 18.83
C LEU E 43 5.30 30.68 17.68
N LEU E 44 4.07 30.85 17.21
CA LEU E 44 3.55 30.00 16.15
C LEU E 44 4.33 30.09 14.85
N GLN E 45 4.85 31.27 14.51
CA GLN E 45 5.59 31.42 13.24
C GLN E 45 7.11 31.53 13.41
N MET E 46 7.61 31.43 14.64
CA MET E 46 9.06 31.56 14.87
C MET E 46 9.85 30.35 14.36
N ASP E 47 11.16 30.58 14.16
CA ASP E 47 12.07 29.54 13.67
C ASP E 47 12.93 29.00 14.82
N ALA E 48 13.57 27.87 14.60
CA ALA E 48 14.41 27.26 15.63
C ALA E 48 15.56 28.18 16.06
N ILE E 49 16.24 28.79 15.09
CA ILE E 49 17.35 29.68 15.44
C ILE E 49 16.83 30.91 16.18
N ASP E 50 15.79 31.52 15.61
CA ASP E 50 15.21 32.71 16.20
C ASP E 50 14.74 32.45 17.63
N LEU E 51 14.11 31.30 17.81
CA LEU E 51 13.60 30.91 19.10
C LEU E 51 14.71 30.91 20.14
N THR E 52 15.91 30.59 19.70
CA THR E 52 17.06 30.56 20.59
C THR E 52 17.35 31.94 21.17
N ASP E 53 17.46 32.92 20.29
CA ASP E 53 17.77 34.28 20.72
C ASP E 53 16.70 34.83 21.66
N LYS E 54 15.44 34.70 21.26
CA LYS E 54 14.34 35.21 22.07
C LYS E 54 14.23 34.48 23.40
N LEU E 55 14.38 33.15 23.38
CA LEU E 55 14.27 32.37 24.60
C LEU E 55 15.17 32.92 25.70
N VAL E 56 16.41 33.20 25.35
CA VAL E 56 17.34 33.72 26.33
C VAL E 56 16.99 35.17 26.68
N SER E 57 16.49 35.92 25.70
CA SER E 57 16.16 37.32 25.91
C SER E 57 15.21 37.54 27.09
N TYR E 58 14.20 36.71 27.22
CA TYR E 58 13.22 36.86 28.31
C TYR E 58 13.76 36.35 29.65
N TYR E 59 14.49 35.24 29.63
CA TYR E 59 15.01 34.67 30.86
C TYR E 59 16.52 34.77 30.92
N LEU E 60 17.05 34.96 32.12
CA LEU E 60 18.48 35.06 32.29
C LEU E 60 19.16 33.77 31.85
N GLU E 61 20.43 33.86 31.50
CA GLU E 61 21.16 32.68 31.05
C GLU E 61 21.11 31.54 32.07
N SER E 62 21.47 31.85 33.31
CA SER E 62 21.49 30.83 34.36
C SER E 62 20.11 30.20 34.54
N TYR E 63 19.12 31.02 34.86
CA TYR E 63 17.77 30.51 35.05
C TYR E 63 17.16 30.02 33.76
N GLY E 64 17.45 30.72 32.67
CA GLY E 64 16.90 30.36 31.37
C GLY E 64 17.40 28.97 30.94
N LEU E 65 18.68 28.70 31.16
CA LEU E 65 19.26 27.43 30.77
C LEU E 65 18.59 26.27 31.52
N GLU E 66 18.37 26.45 32.81
CA GLU E 66 17.74 25.40 33.63
C GLU E 66 16.29 25.15 33.21
N LEU E 67 15.59 26.23 32.87
CA LEU E 67 14.18 26.12 32.47
C LEU E 67 14.00 25.21 31.26
N THR E 68 14.96 25.25 30.34
CA THR E 68 14.87 24.43 29.15
C THR E 68 14.81 22.95 29.49
N MET E 69 15.73 22.51 30.35
CA MET E 69 15.79 21.09 30.71
C MET E 69 14.49 20.63 31.32
N THR E 70 13.90 21.47 32.14
CA THR E 70 12.66 21.10 32.81
C THR E 70 11.61 20.68 31.78
N VAL E 71 11.56 21.39 30.65
CA VAL E 71 10.60 21.07 29.60
C VAL E 71 11.03 19.83 28.80
N LEU E 72 12.33 19.69 28.54
CA LEU E 72 12.81 18.53 27.77
C LEU E 72 12.45 17.23 28.47
N ARG E 73 12.69 17.15 29.75
CA ARG E 73 12.34 15.93 30.41
C ARG E 73 10.83 15.72 30.35
N ASP E 74 10.07 16.80 30.49
CA ASP E 74 8.61 16.68 30.49
C ASP E 74 8.11 15.91 29.26
N MET E 75 8.69 16.18 28.10
CA MET E 75 8.29 15.49 26.87
C MET E 75 8.82 14.07 26.88
N GLY E 76 9.43 13.73 28.01
CA GLY E 76 10.04 12.42 28.19
C GLY E 76 11.53 12.58 28.36
N LEU E 77 12.18 11.61 29.00
CA LEU E 77 13.62 11.71 29.21
C LEU E 77 14.35 11.52 27.90
N GLN E 78 15.11 12.52 27.51
CA GLN E 78 15.86 12.45 26.27
C GLN E 78 17.35 12.46 26.58
N GLU E 79 18.14 11.89 25.70
CA GLU E 79 19.56 11.90 25.92
C GLU E 79 20.03 13.35 25.94
N LEU E 80 19.30 14.18 25.20
CA LEU E 80 19.60 15.60 25.12
C LEU E 80 19.56 16.26 26.50
N ALA E 81 18.56 15.92 27.30
CA ALA E 81 18.44 16.51 28.62
C ALA E 81 19.74 16.38 29.39
N GLU E 82 20.27 15.17 29.44
CA GLU E 82 21.52 14.95 30.14
C GLU E 82 22.69 15.58 29.38
N GLN E 83 22.70 15.40 28.05
CA GLN E 83 23.78 15.95 27.25
C GLN E 83 23.92 17.44 27.50
N LEU E 84 22.80 18.13 27.55
CA LEU E 84 22.80 19.55 27.78
C LEU E 84 23.23 19.85 29.22
N GLN E 85 22.79 19.03 30.16
CA GLN E 85 23.12 19.23 31.56
C GLN E 85 24.63 19.30 31.74
N THR E 86 25.36 18.48 30.99
CA THR E 86 26.82 18.48 31.09
C THR E 86 27.35 19.89 30.93
N THR E 87 26.70 20.67 30.08
CA THR E 87 27.11 22.05 29.83
C THR E 87 26.97 22.87 31.11
N LYS E 88 25.96 22.54 31.92
CA LYS E 88 25.73 23.28 33.17
C LYS E 88 27.00 23.29 34.02
N GLU E 89 27.64 22.12 34.11
CA GLU E 89 28.88 22.01 34.87
C GLU E 89 29.97 22.85 34.21
N GLY F 1 27.03 -22.87 12.69
CA GLY F 1 27.01 -24.10 13.48
C GLY F 1 26.42 -25.25 12.67
N ARG F 2 27.28 -26.21 12.34
CA ARG F 2 26.85 -27.38 11.57
C ARG F 2 25.68 -28.08 12.26
N ALA F 3 25.52 -27.82 13.54
CA ALA F 3 24.46 -28.45 14.32
C ALA F 3 23.10 -28.27 13.65
N ARG F 4 22.81 -27.07 13.18
CA ARG F 4 21.53 -26.81 12.53
C ARG F 4 21.36 -27.72 11.32
N ASP F 5 22.42 -27.85 10.54
CA ASP F 5 22.39 -28.69 9.34
C ASP F 5 22.30 -30.18 9.67
N ALA F 6 22.94 -30.59 10.75
CA ALA F 6 22.92 -32.00 11.12
C ALA F 6 21.50 -32.47 11.43
N ILE F 7 20.82 -31.74 12.30
CA ILE F 7 19.45 -32.09 12.65
C ILE F 7 18.59 -32.17 11.41
N LEU F 8 18.68 -31.15 10.59
CA LEU F 8 17.90 -31.06 9.38
C LEU F 8 18.01 -32.33 8.55
N ASP F 9 19.22 -32.75 8.26
CA ASP F 9 19.44 -33.92 7.43
C ASP F 9 18.73 -35.16 7.97
N ALA F 10 18.85 -35.40 9.27
CA ALA F 10 18.23 -36.59 9.86
C ALA F 10 16.71 -36.46 9.98
N LEU F 11 16.24 -35.36 10.57
CA LEU F 11 14.80 -35.18 10.76
C LEU F 11 14.00 -35.45 9.49
N GLU F 12 14.55 -35.05 8.35
CA GLU F 12 13.87 -35.23 7.07
C GLU F 12 13.73 -36.71 6.67
N ASN F 13 14.42 -37.61 7.37
CA ASN F 13 14.35 -39.06 7.04
C ASN F 13 13.17 -39.76 7.71
N LEU F 14 12.26 -39.00 8.33
CA LEU F 14 11.10 -39.61 8.98
C LEU F 14 9.88 -39.58 8.06
N SER F 15 9.04 -40.61 8.17
CA SER F 15 7.85 -40.68 7.34
C SER F 15 6.82 -39.65 7.79
N GLY F 16 5.89 -39.32 6.91
CA GLY F 16 4.87 -38.30 7.20
C GLY F 16 4.08 -38.57 8.48
N ASP F 17 3.67 -39.80 8.71
CA ASP F 17 2.87 -40.10 9.90
C ASP F 17 3.64 -39.90 11.21
N GLU F 18 4.85 -40.45 11.28
CA GLU F 18 5.67 -40.33 12.48
C GLU F 18 5.92 -38.87 12.80
N LEU F 19 6.06 -38.06 11.77
CA LEU F 19 6.30 -36.65 11.96
C LEU F 19 5.25 -36.05 12.88
N LYS F 20 4.00 -36.36 12.63
CA LYS F 20 3.00 -35.81 13.47
C LYS F 20 3.25 -36.25 14.87
N LYS F 21 3.54 -37.52 15.05
CA LYS F 21 3.74 -38.06 16.38
C LYS F 21 4.86 -37.34 17.09
N PHE F 22 5.92 -37.02 16.34
CA PHE F 22 7.04 -36.31 16.94
C PHE F 22 6.63 -34.92 17.39
N LYS F 23 6.09 -34.14 16.47
CA LYS F 23 5.69 -32.76 16.79
C LYS F 23 4.73 -32.73 17.98
N MET F 24 3.70 -33.56 17.90
CA MET F 24 2.70 -33.61 18.95
C MET F 24 3.31 -34.00 20.29
N LYS F 25 4.18 -34.99 20.30
CA LYS F 25 4.80 -35.43 21.56
C LYS F 25 5.68 -34.34 22.15
N LEU F 26 6.31 -33.57 21.27
CA LEU F 26 7.19 -32.50 21.72
C LEU F 26 6.46 -31.52 22.63
N LEU F 27 5.20 -31.30 22.33
CA LEU F 27 4.39 -30.38 23.11
C LEU F 27 4.24 -30.84 24.56
N THR F 28 4.22 -32.16 24.79
CA THR F 28 4.03 -32.70 26.14
C THR F 28 5.34 -33.14 26.79
N VAL F 29 6.47 -32.92 26.13
CA VAL F 29 7.75 -33.34 26.70
C VAL F 29 8.21 -32.34 27.76
N GLN F 30 8.90 -32.86 28.79
CA GLN F 30 9.40 -32.00 29.86
C GLN F 30 10.71 -31.34 29.45
N LEU F 31 10.82 -30.05 29.73
CA LEU F 31 12.00 -29.27 29.39
C LEU F 31 12.66 -28.66 30.62
N ARG F 32 13.94 -28.37 30.51
CA ARG F 32 14.68 -27.76 31.61
C ARG F 32 14.14 -26.36 31.87
N GLU F 33 14.16 -25.95 33.14
CA GLU F 33 13.64 -24.63 33.51
C GLU F 33 14.51 -23.50 32.95
N GLY F 34 13.87 -22.36 32.67
CA GLY F 34 14.58 -21.19 32.13
C GLY F 34 14.35 -21.07 30.63
N TYR F 35 13.53 -21.96 30.08
CA TYR F 35 13.23 -21.95 28.65
C TYR F 35 11.73 -21.82 28.41
N GLY F 36 11.36 -21.40 27.21
CA GLY F 36 9.96 -21.23 26.87
C GLY F 36 9.39 -22.46 26.16
N ARG F 37 8.09 -22.40 25.90
CA ARG F 37 7.37 -23.47 25.22
C ARG F 37 6.86 -22.95 23.88
N ILE F 38 6.86 -23.80 22.87
CA ILE F 38 6.45 -23.35 21.54
C ILE F 38 4.93 -23.33 21.41
N PRO F 39 4.35 -22.27 20.87
CA PRO F 39 2.87 -22.12 20.72
C PRO F 39 2.28 -23.23 19.87
N ARG F 40 1.16 -23.76 20.35
CA ARG F 40 0.48 -24.86 19.65
C ARG F 40 0.07 -24.49 18.23
N GLY F 41 -0.49 -23.30 18.05
CA GLY F 41 -0.97 -22.86 16.74
C GLY F 41 0.07 -22.99 15.63
N ALA F 42 1.29 -22.53 15.89
CA ALA F 42 2.34 -22.59 14.87
C ALA F 42 2.79 -24.01 14.58
N LEU F 43 2.98 -24.79 15.62
CA LEU F 43 3.45 -26.16 15.47
C LEU F 43 2.54 -26.99 14.56
N LEU F 44 1.24 -26.82 14.68
CA LEU F 44 0.30 -27.62 13.89
C LEU F 44 0.45 -27.40 12.39
N GLN F 45 0.77 -26.19 11.94
CA GLN F 45 0.88 -25.93 10.50
C GLN F 45 2.33 -25.79 10.00
N MET F 46 3.32 -25.96 10.89
CA MET F 46 4.72 -25.81 10.48
C MET F 46 5.20 -26.96 9.57
N ASP F 47 6.29 -26.68 8.85
CA ASP F 47 6.90 -27.66 7.94
C ASP F 47 8.16 -28.24 8.56
N ALA F 48 8.64 -29.35 7.98
CA ALA F 48 9.84 -30.01 8.51
C ALA F 48 11.06 -29.09 8.45
N ILE F 49 11.27 -28.40 7.34
CA ILE F 49 12.42 -27.50 7.24
C ILE F 49 12.28 -26.35 8.22
N ASP F 50 11.11 -25.73 8.21
CA ASP F 50 10.84 -24.59 9.09
C ASP F 50 11.03 -24.98 10.55
N LEU F 51 10.53 -26.15 10.90
CA LEU F 51 10.64 -26.65 12.25
C LEU F 51 12.09 -26.68 12.70
N THR F 52 12.98 -26.95 11.76
CA THR F 52 14.40 -27.01 12.06
C THR F 52 14.92 -25.67 12.56
N ASP F 53 14.65 -24.62 11.80
CA ASP F 53 15.13 -23.29 12.16
C ASP F 53 14.57 -22.84 13.51
N LYS F 54 13.27 -22.99 13.68
CA LYS F 54 12.63 -22.57 14.92
C LYS F 54 13.11 -23.39 16.11
N LEU F 55 13.23 -24.70 15.92
CA LEU F 55 13.64 -25.58 17.02
C LEU F 55 14.93 -25.09 17.65
N VAL F 56 15.91 -24.75 16.82
CA VAL F 56 17.16 -24.26 17.34
C VAL F 56 17.02 -22.86 17.91
N SER F 57 16.15 -22.06 17.31
CA SER F 57 15.96 -20.68 17.75
C SER F 57 15.61 -20.57 19.23
N TYR F 58 14.75 -21.45 19.73
CA TYR F 58 14.35 -21.40 21.14
C TYR F 58 15.42 -21.98 22.06
N TYR F 59 16.05 -23.07 21.64
CA TYR F 59 17.05 -23.72 22.49
C TYR F 59 18.44 -23.58 21.89
N LEU F 60 19.44 -23.47 22.76
CA LEU F 60 20.80 -23.34 22.28
C LEU F 60 21.21 -24.58 21.51
N GLU F 61 22.20 -24.43 20.65
CA GLU F 61 22.65 -25.56 19.84
C GLU F 61 23.04 -26.76 20.68
N SER F 62 23.92 -26.53 21.66
CA SER F 62 24.37 -27.63 22.51
C SER F 62 23.20 -28.31 23.22
N TYR F 63 22.46 -27.54 24.01
CA TYR F 63 21.32 -28.10 24.73
C TYR F 63 20.21 -28.51 23.79
N GLY F 64 20.00 -27.72 22.74
CA GLY F 64 18.95 -28.01 21.78
C GLY F 64 19.19 -29.34 21.08
N LEU F 65 20.43 -29.59 20.71
CA LEU F 65 20.78 -30.82 20.01
C LEU F 65 20.50 -32.05 20.87
N GLU F 66 20.86 -31.97 22.15
CA GLU F 66 20.65 -33.08 23.07
C GLU F 66 19.16 -33.34 23.30
N LEU F 67 18.38 -32.27 23.38
CA LEU F 67 16.94 -32.38 23.62
C LEU F 67 16.25 -33.21 22.54
N THR F 68 16.72 -33.07 21.32
CA THR F 68 16.11 -33.80 20.22
C THR F 68 16.19 -35.30 20.44
N MET F 69 17.39 -35.79 20.76
CA MET F 69 17.59 -37.22 20.96
C MET F 69 16.68 -37.76 22.04
N THR F 70 16.51 -37.01 23.09
CA THR F 70 15.68 -37.45 24.20
C THR F 70 14.28 -37.83 23.70
N VAL F 71 13.75 -37.04 22.76
CA VAL F 71 12.43 -37.31 22.21
C VAL F 71 12.46 -38.46 21.21
N LEU F 72 13.52 -38.55 20.41
CA LEU F 72 13.61 -39.63 19.42
C LEU F 72 13.57 -40.99 20.10
N ARG F 73 14.35 -41.17 21.14
CA ARG F 73 14.32 -42.44 21.79
C ARG F 73 12.93 -42.69 22.37
N ASP F 74 12.32 -41.64 22.92
CA ASP F 74 10.99 -41.81 23.54
C ASP F 74 10.00 -42.50 22.60
N MET F 75 10.01 -42.12 21.31
CA MET F 75 9.12 -42.73 20.33
C MET F 75 9.60 -44.13 20.01
N GLY F 76 10.63 -44.55 20.72
CA GLY F 76 11.24 -45.85 20.51
C GLY F 76 12.67 -45.65 20.03
N LEU F 77 13.52 -46.64 20.25
CA LEU F 77 14.91 -46.51 19.83
C LEU F 77 15.00 -46.61 18.32
N GLN F 78 15.51 -45.56 17.72
CA GLN F 78 15.66 -45.51 16.26
C GLN F 78 17.14 -45.48 15.91
N GLU F 79 17.46 -45.98 14.73
CA GLU F 79 18.84 -45.94 14.31
C GLU F 79 19.27 -44.49 14.23
N LEU F 80 18.30 -43.62 13.96
CA LEU F 80 18.55 -42.18 13.87
C LEU F 80 19.11 -41.63 15.17
N ALA F 81 18.56 -42.06 16.29
CA ALA F 81 19.02 -41.56 17.58
C ALA F 81 20.53 -41.72 17.69
N GLU F 82 21.03 -42.92 17.41
CA GLU F 82 22.45 -43.14 17.49
C GLU F 82 23.17 -42.44 16.34
N GLN F 83 22.60 -42.52 15.14
CA GLN F 83 23.24 -41.88 13.99
C GLN F 83 23.49 -40.41 14.27
N LEU F 84 22.50 -39.76 14.85
CA LEU F 84 22.62 -38.36 15.17
C LEU F 84 23.63 -38.14 16.30
N GLN F 85 23.63 -39.05 17.27
CA GLN F 85 24.55 -38.94 18.40
C GLN F 85 25.99 -38.85 17.91
N THR F 86 26.31 -39.58 16.85
CA THR F 86 27.66 -39.56 16.32
C THR F 86 28.08 -38.12 16.05
N THR F 87 27.13 -37.31 15.62
CA THR F 87 27.41 -35.90 15.34
C THR F 87 27.84 -35.18 16.60
N LYS F 88 27.28 -35.58 17.75
CA LYS F 88 27.62 -34.95 19.01
C LYS F 88 29.14 -34.98 19.24
N GLU F 89 29.75 -36.12 18.94
CA GLU F 89 31.19 -36.25 19.09
C GLU F 89 31.89 -35.34 18.08
N GLY G 1 27.89 -7.69 -16.86
CA GLY G 1 28.44 -9.00 -16.56
C GLY G 1 27.39 -10.09 -16.75
N ARG G 2 27.60 -10.91 -17.78
CA ARG G 2 26.66 -11.98 -18.07
C ARG G 2 26.47 -12.89 -16.85
N ALA G 3 27.41 -12.82 -15.91
CA ALA G 3 27.34 -13.64 -14.71
C ALA G 3 25.99 -13.49 -14.01
N ARG G 4 25.50 -12.27 -13.88
CA ARG G 4 24.23 -12.05 -13.22
C ARG G 4 23.12 -12.81 -13.94
N ASP G 5 23.13 -12.73 -15.27
CA ASP G 5 22.12 -13.39 -16.08
C ASP G 5 22.25 -14.91 -16.04
N ALA G 6 23.48 -15.41 -15.97
CA ALA G 6 23.69 -16.85 -15.96
C ALA G 6 23.04 -17.49 -14.72
N ILE G 7 23.35 -16.94 -13.55
CA ILE G 7 22.79 -17.47 -12.32
C ILE G 7 21.27 -17.45 -12.39
N LEU G 8 20.73 -16.32 -12.79
CA LEU G 8 19.30 -16.16 -12.88
C LEU G 8 18.64 -17.28 -13.66
N ASP G 9 19.14 -17.55 -14.86
CA ASP G 9 18.54 -18.57 -15.71
C ASP G 9 18.48 -19.94 -15.01
N ALA G 10 19.56 -20.34 -14.37
CA ALA G 10 19.60 -21.63 -13.71
C ALA G 10 18.78 -21.67 -12.42
N LEU G 11 19.02 -20.71 -11.54
CA LEU G 11 18.31 -20.69 -10.25
C LEU G 11 16.80 -20.86 -10.42
N GLU G 12 16.25 -20.27 -11.47
CA GLU G 12 14.81 -20.32 -11.74
C GLU G 12 14.33 -21.75 -12.07
N ASN G 13 15.26 -22.68 -12.36
CA ASN G 13 14.88 -24.05 -12.71
C ASN G 13 14.66 -24.95 -11.48
N LEU G 14 14.63 -24.36 -10.29
CA LEU G 14 14.41 -25.16 -9.08
C LEU G 14 12.95 -25.12 -8.66
N SER G 15 12.46 -26.23 -8.10
CA SER G 15 11.08 -26.30 -7.66
C SER G 15 10.87 -25.44 -6.42
N GLY G 16 9.62 -25.07 -6.15
CA GLY G 16 9.28 -24.20 -5.03
C GLY G 16 9.81 -24.71 -3.68
N ASP G 17 9.67 -26.00 -3.41
CA ASP G 17 10.11 -26.53 -2.12
C ASP G 17 11.62 -26.43 -1.93
N GLU G 18 12.39 -26.87 -2.92
CA GLU G 18 13.84 -26.84 -2.82
C GLU G 18 14.33 -25.42 -2.60
N LEU G 19 13.63 -24.47 -3.20
CA LEU G 19 14.01 -23.08 -3.07
C LEU G 19 14.13 -22.70 -1.60
N LYS G 20 13.16 -23.10 -0.81
CA LYS G 20 13.24 -22.75 0.58
C LYS G 20 14.48 -23.36 1.15
N LYS G 21 14.72 -24.61 0.82
CA LYS G 21 15.88 -25.30 1.37
C LYS G 21 17.16 -24.58 1.02
N PHE G 22 17.22 -24.06 -0.20
CA PHE G 22 18.42 -23.35 -0.63
C PHE G 22 18.60 -22.07 0.17
N LYS G 23 17.57 -21.21 0.17
CA LYS G 23 17.67 -19.95 0.90
C LYS G 23 18.02 -20.16 2.36
N MET G 24 17.29 -21.06 3.00
CA MET G 24 17.51 -21.34 4.41
C MET G 24 18.93 -21.85 4.66
N LYS G 25 19.41 -22.76 3.82
CA LYS G 25 20.75 -23.30 4.03
C LYS G 25 21.82 -22.22 3.85
N LEU G 26 21.55 -21.28 2.95
CA LEU G 26 22.50 -20.20 2.67
C LEU G 26 22.82 -19.43 3.95
N LEU G 27 21.83 -19.29 4.81
CA LEU G 27 22.00 -18.56 6.06
C LEU G 27 23.04 -19.22 6.96
N THR G 28 23.13 -20.56 6.90
CA THR G 28 24.06 -21.29 7.77
C THR G 28 25.35 -21.69 7.06
N VAL G 29 25.53 -21.29 5.82
CA VAL G 29 26.74 -21.66 5.09
C VAL G 29 27.91 -20.77 5.50
N GLN G 30 29.12 -21.35 5.49
CA GLN G 30 30.31 -20.60 5.86
C GLN G 30 30.82 -19.78 4.69
N LEU G 31 31.17 -18.53 4.97
CA LEU G 31 31.66 -17.60 3.96
C LEU G 31 33.07 -17.11 4.25
N ARG G 32 33.77 -16.69 3.22
CA ARG G 32 35.12 -16.17 3.39
C ARG G 32 35.08 -14.87 4.20
N GLU G 33 36.11 -14.63 5.00
CA GLU G 33 36.17 -13.42 5.83
C GLU G 33 36.30 -12.16 4.99
N GLY G 34 35.75 -11.05 5.49
CA GLY G 34 35.81 -9.77 4.80
C GLY G 34 34.48 -9.47 4.10
N TYR G 35 33.50 -10.34 4.29
CA TYR G 35 32.19 -10.17 3.67
C TYR G 35 31.11 -10.15 4.74
N GLY G 36 29.95 -9.60 4.37
CA GLY G 36 28.83 -9.53 5.31
C GLY G 36 27.86 -10.69 5.14
N ARG G 37 26.87 -10.72 6.02
CA ARG G 37 25.84 -11.75 6.02
C ARG G 37 24.50 -11.11 5.70
N ILE G 38 23.64 -11.81 4.97
CA ILE G 38 22.36 -11.22 4.57
C ILE G 38 21.33 -11.33 5.70
N PRO G 39 20.62 -10.26 5.99
CA PRO G 39 19.60 -10.23 7.09
C PRO G 39 18.51 -11.27 6.89
N ARG G 40 18.18 -11.96 7.97
CA ARG G 40 17.17 -13.01 7.93
C ARG G 40 15.80 -12.49 7.46
N GLY G 41 15.38 -11.35 7.97
CA GLY G 41 14.07 -10.79 7.64
C GLY G 41 13.82 -10.66 6.13
N ALA G 42 14.79 -10.14 5.39
CA ALA G 42 14.62 -9.96 3.96
C ALA G 42 14.59 -11.28 3.21
N LEU G 43 15.50 -12.18 3.56
CA LEU G 43 15.59 -13.47 2.90
C LEU G 43 14.28 -14.25 2.94
N LEU G 44 13.58 -14.21 4.07
CA LEU G 44 12.34 -14.97 4.20
C LEU G 44 11.25 -14.55 3.23
N GLN G 45 11.17 -13.26 2.90
CA GLN G 45 10.10 -12.79 1.99
C GLN G 45 10.60 -12.47 0.58
N MET G 46 11.88 -12.66 0.30
CA MET G 46 12.42 -12.33 -1.03
C MET G 46 11.94 -13.29 -2.12
N ASP G 47 12.04 -12.83 -3.38
CA ASP G 47 11.64 -13.61 -4.54
C ASP G 47 12.87 -14.17 -5.26
N ALA G 48 12.65 -15.13 -6.15
CA ALA G 48 13.75 -15.74 -6.89
C ALA G 48 14.51 -14.71 -7.74
N ILE G 49 13.79 -13.86 -8.46
CA ILE G 49 14.46 -12.86 -9.29
C ILE G 49 15.20 -11.86 -8.42
N ASP G 50 14.52 -11.36 -7.40
CA ASP G 50 15.11 -10.38 -6.49
C ASP G 50 16.37 -10.94 -5.84
N LEU G 51 16.27 -12.19 -5.41
CA LEU G 51 17.39 -12.86 -4.77
C LEU G 51 18.62 -12.81 -5.65
N THR G 52 18.40 -12.87 -6.96
CA THR G 52 19.50 -12.84 -7.91
C THR G 52 20.29 -11.54 -7.82
N ASP G 53 19.57 -10.43 -7.89
CA ASP G 53 20.22 -9.12 -7.85
C ASP G 53 20.97 -8.90 -6.54
N LYS G 54 20.31 -9.19 -5.43
CA LYS G 54 20.92 -9.00 -4.13
C LYS G 54 22.12 -9.92 -3.92
N LEU G 55 21.97 -11.18 -4.33
CA LEU G 55 23.04 -12.15 -4.14
C LEU G 55 24.35 -11.63 -4.70
N VAL G 56 24.31 -11.11 -5.92
CA VAL G 56 25.50 -10.58 -6.52
C VAL G 56 25.95 -9.29 -5.86
N SER G 57 24.97 -8.50 -5.39
CA SER G 57 25.28 -7.21 -4.77
C SER G 57 26.25 -7.33 -3.60
N TYR G 58 26.08 -8.35 -2.76
CA TYR G 58 26.95 -8.52 -1.61
C TYR G 58 28.31 -9.13 -1.97
N TYR G 59 28.30 -10.08 -2.89
CA TYR G 59 29.54 -10.75 -3.29
C TYR G 59 29.93 -10.40 -4.72
N LEU G 60 31.22 -10.31 -4.97
CA LEU G 60 31.69 -10.00 -6.30
C LEU G 60 31.25 -11.08 -7.28
N GLU G 61 31.19 -10.73 -8.55
CA GLU G 61 30.75 -11.68 -9.56
C GLU G 61 31.60 -12.94 -9.56
N SER G 62 32.91 -12.78 -9.62
CA SER G 62 33.81 -13.94 -9.64
C SER G 62 33.63 -14.81 -8.41
N TYR G 63 33.84 -14.23 -7.24
CA TYR G 63 33.70 -14.97 -6.00
C TYR G 63 32.25 -15.35 -5.74
N GLY G 64 31.34 -14.45 -6.07
CA GLY G 64 29.92 -14.71 -5.86
C GLY G 64 29.44 -15.90 -6.68
N LEU G 65 29.89 -15.98 -7.92
CA LEU G 65 29.48 -17.07 -8.80
C LEU G 65 29.94 -18.43 -8.26
N GLU G 66 31.17 -18.49 -7.76
CA GLU G 66 31.71 -19.73 -7.22
C GLU G 66 30.97 -20.15 -5.94
N LEU G 67 30.62 -19.17 -5.11
CA LEU G 67 29.94 -19.45 -3.86
C LEU G 67 28.62 -20.18 -4.08
N THR G 68 27.93 -19.85 -5.16
CA THR G 68 26.66 -20.48 -5.44
C THR G 68 26.81 -21.98 -5.61
N MET G 69 27.76 -22.40 -6.44
CA MET G 69 27.97 -23.81 -6.69
C MET G 69 28.24 -24.57 -5.43
N THR G 70 29.02 -23.98 -4.54
CA THR G 70 29.37 -24.65 -3.30
C THR G 70 28.11 -25.08 -2.55
N VAL G 71 27.08 -24.22 -2.57
CA VAL G 71 25.82 -24.54 -1.90
C VAL G 71 24.98 -25.54 -2.69
N LEU G 72 24.99 -25.43 -4.03
CA LEU G 72 24.20 -26.35 -4.84
C LEU G 72 24.65 -27.79 -4.62
N ARG G 73 25.94 -28.03 -4.64
CA ARG G 73 26.38 -29.37 -4.42
C ARG G 73 25.97 -29.82 -3.03
N ASP G 74 26.08 -28.93 -2.05
CA ASP G 74 25.76 -29.28 -0.67
C ASP G 74 24.38 -29.94 -0.56
N MET G 75 23.40 -29.39 -1.27
CA MET G 75 22.04 -29.94 -1.24
C MET G 75 22.00 -31.23 -2.02
N GLY G 76 23.18 -31.64 -2.49
CA GLY G 76 23.32 -32.85 -3.28
C GLY G 76 23.83 -32.46 -4.67
N LEU G 77 24.46 -33.39 -5.36
CA LEU G 77 24.97 -33.08 -6.69
C LEU G 77 23.83 -32.96 -7.67
N GLN G 78 23.71 -31.79 -8.28
CA GLN G 78 22.66 -31.54 -9.25
C GLN G 78 23.27 -31.33 -10.62
N GLU G 79 22.51 -31.62 -11.65
CA GLU G 79 23.02 -31.41 -12.99
C GLU G 79 23.30 -29.93 -13.15
N LEU G 80 22.54 -29.12 -12.41
CA LEU G 80 22.69 -27.67 -12.43
C LEU G 80 24.09 -27.25 -12.03
N ALA G 81 24.62 -27.87 -10.98
CA ALA G 81 25.94 -27.51 -10.51
C ALA G 81 26.94 -27.54 -11.65
N GLU G 82 26.96 -28.64 -12.40
CA GLU G 82 27.88 -28.75 -13.52
C GLU G 82 27.44 -27.84 -14.66
N GLN G 83 26.15 -27.80 -14.93
CA GLN G 83 25.65 -26.96 -16.02
C GLN G 83 26.09 -25.52 -15.82
N LEU G 84 25.99 -25.06 -14.60
CA LEU G 84 26.38 -23.69 -14.29
C LEU G 84 27.90 -23.55 -14.38
N GLN G 85 28.62 -24.57 -13.94
CA GLN G 85 30.08 -24.53 -13.97
C GLN G 85 30.58 -24.24 -15.39
N THR G 86 29.90 -24.80 -16.38
CA THR G 86 30.30 -24.58 -17.76
C THR G 86 30.42 -23.08 -18.04
N THR G 87 29.53 -22.31 -17.41
CA THR G 87 29.56 -20.86 -17.59
C THR G 87 30.86 -20.27 -17.06
N LYS G 88 31.40 -20.88 -16.01
CA LYS G 88 32.66 -20.39 -15.42
C LYS G 88 33.74 -20.30 -16.48
N GLU G 89 33.82 -21.33 -17.32
CA GLU G 89 34.81 -21.36 -18.39
C GLU G 89 34.49 -20.26 -19.40
N GLY H 1 5.79 11.27 -32.86
CA GLY H 1 6.30 9.98 -33.32
C GLY H 1 5.45 8.84 -32.77
N ARG H 2 4.72 8.18 -33.67
CA ARG H 2 3.86 7.08 -33.27
C ARG H 2 4.66 6.01 -32.52
N ALA H 3 5.98 6.04 -32.70
CA ALA H 3 6.85 5.06 -32.05
C ALA H 3 6.60 4.99 -30.55
N ARG H 4 6.46 6.14 -29.90
CA ARG H 4 6.21 6.15 -28.47
C ARG H 4 4.93 5.40 -28.14
N ASP H 5 3.89 5.65 -28.93
CA ASP H 5 2.60 5.01 -28.73
C ASP H 5 2.64 3.52 -29.04
N ALA H 6 3.42 3.13 -30.03
CA ALA H 6 3.49 1.71 -30.41
C ALA H 6 4.04 0.87 -29.26
N ILE H 7 5.18 1.28 -28.72
CA ILE H 7 5.79 0.56 -27.63
C ILE H 7 4.81 0.44 -26.46
N LEU H 8 4.21 1.55 -26.12
CA LEU H 8 3.27 1.60 -25.01
C LEU H 8 2.20 0.53 -25.13
N ASP H 9 1.53 0.47 -26.28
CA ASP H 9 0.46 -0.49 -26.47
C ASP H 9 0.89 -1.92 -26.22
N ALA H 10 2.05 -2.30 -26.75
CA ALA H 10 2.53 -3.67 -26.58
C ALA H 10 3.05 -3.94 -25.17
N LEU H 11 3.94 -3.10 -24.67
CA LEU H 11 4.53 -3.30 -23.35
C LEU H 11 3.47 -3.59 -22.28
N GLU H 12 2.33 -2.91 -22.40
CA GLU H 12 1.23 -3.07 -21.43
C GLU H 12 0.60 -4.47 -21.47
N ASN H 13 0.91 -5.27 -22.51
CA ASN H 13 0.32 -6.61 -22.63
C ASN H 13 1.12 -7.68 -21.86
N LEU H 14 2.07 -7.26 -21.04
CA LEU H 14 2.86 -8.23 -20.26
C LEU H 14 2.29 -8.38 -18.85
N SER H 15 2.39 -9.58 -18.30
CA SER H 15 1.89 -9.84 -16.96
C SER H 15 2.79 -9.17 -15.92
N GLY H 16 2.25 -8.96 -14.73
CA GLY H 16 2.97 -8.29 -13.66
C GLY H 16 4.34 -8.91 -13.34
N ASP H 17 4.40 -10.23 -13.26
CA ASP H 17 5.67 -10.88 -12.92
C ASP H 17 6.75 -10.67 -13.98
N GLU H 18 6.41 -10.91 -15.25
CA GLU H 18 7.38 -10.76 -16.33
C GLU H 18 7.91 -9.34 -16.36
N LEU H 19 7.07 -8.38 -16.03
CA LEU H 19 7.46 -7.00 -16.03
C LEU H 19 8.73 -6.81 -15.19
N LYS H 20 8.74 -7.39 -14.02
CA LYS H 20 9.90 -7.23 -13.20
C LYS H 20 11.07 -7.77 -13.92
N LYS H 21 10.90 -8.95 -14.50
CA LYS H 21 12.01 -9.60 -15.19
C LYS H 21 12.54 -8.72 -16.30
N PHE H 22 11.65 -8.05 -17.00
CA PHE H 22 12.07 -7.19 -18.08
C PHE H 22 12.88 -6.00 -17.55
N LYS H 23 12.30 -5.26 -16.61
CA LYS H 23 12.98 -4.09 -16.07
C LYS H 23 14.34 -4.47 -15.49
N MET H 24 14.36 -5.51 -14.68
CA MET H 24 15.60 -5.95 -14.06
C MET H 24 16.64 -6.35 -15.09
N LYS H 25 16.23 -7.09 -16.11
CA LYS H 25 17.18 -7.53 -17.14
C LYS H 25 17.74 -6.35 -17.91
N LEU H 26 16.92 -5.32 -18.10
CA LEU H 26 17.33 -4.14 -18.84
C LEU H 26 18.57 -3.52 -18.21
N LEU H 27 18.64 -3.58 -16.90
CA LEU H 27 19.77 -3.01 -16.18
C LEU H 27 21.10 -3.68 -16.56
N THR H 28 21.04 -4.99 -16.86
CA THR H 28 22.26 -5.74 -17.19
C THR H 28 22.47 -5.92 -18.69
N VAL H 29 21.60 -5.35 -19.52
CA VAL H 29 21.75 -5.50 -20.95
C VAL H 29 22.84 -4.58 -21.50
N GLN H 30 23.54 -5.04 -22.54
CA GLN H 30 24.60 -4.24 -23.15
C GLN H 30 24.02 -3.22 -24.12
N LEU H 31 24.53 -1.99 -24.03
CA LEU H 31 24.05 -0.91 -24.89
C LEU H 31 25.17 -0.34 -25.74
N ARG H 32 24.81 0.29 -26.85
CA ARG H 32 25.80 0.89 -27.73
C ARG H 32 26.47 2.06 -27.02
N GLU H 33 27.75 2.30 -27.31
CA GLU H 33 28.49 3.38 -26.67
C GLU H 33 27.97 4.75 -27.10
N GLY H 34 28.09 5.73 -26.19
CA GLY H 34 27.64 7.09 -26.46
C GLY H 34 26.29 7.37 -25.79
N TYR H 35 25.80 6.38 -25.04
CA TYR H 35 24.53 6.51 -24.35
C TYR H 35 24.70 6.30 -22.85
N GLY H 36 23.73 6.78 -22.08
CA GLY H 36 23.79 6.64 -20.62
C GLY H 36 23.01 5.41 -20.14
N ARG H 37 23.10 5.18 -18.84
CA ARG H 37 22.42 4.07 -18.18
C ARG H 37 21.38 4.63 -17.22
N ILE H 38 20.25 3.95 -17.10
CA ILE H 38 19.18 4.47 -16.24
C ILE H 38 19.44 4.12 -14.77
N PRO H 39 19.29 5.08 -13.87
CA PRO H 39 19.54 4.86 -12.41
C PRO H 39 18.66 3.76 -11.83
N ARG H 40 19.28 2.91 -11.03
CA ARG H 40 18.58 1.79 -10.41
C ARG H 40 17.40 2.24 -9.55
N GLY H 41 17.62 3.26 -8.73
CA GLY H 41 16.57 3.74 -7.81
C GLY H 41 15.24 4.04 -8.50
N ALA H 42 15.27 4.74 -9.62
CA ALA H 42 14.04 5.10 -10.32
C ALA H 42 13.36 3.87 -10.94
N LEU H 43 14.15 3.04 -11.58
CA LEU H 43 13.62 1.86 -12.25
C LEU H 43 12.81 0.96 -11.32
N LEU H 44 13.28 0.79 -10.09
CA LEU H 44 12.60 -0.10 -9.15
C LEU H 44 11.18 0.35 -8.80
N GLN H 45 10.93 1.65 -8.74
CA GLN H 45 9.58 2.14 -8.37
C GLN H 45 8.78 2.69 -9.56
N MET H 46 9.34 2.65 -10.76
CA MET H 46 8.64 3.20 -11.93
C MET H 46 7.43 2.35 -12.35
N ASP H 47 6.52 2.98 -13.11
CA ASP H 47 5.31 2.33 -13.61
C ASP H 47 5.46 1.99 -15.09
N ALA H 48 4.59 1.13 -15.61
CA ALA H 48 4.65 0.73 -17.01
C ALA H 48 4.49 1.92 -17.95
N ILE H 49 3.52 2.79 -17.68
CA ILE H 49 3.31 3.95 -18.55
C ILE H 49 4.51 4.88 -18.47
N ASP H 50 4.92 5.19 -17.25
CA ASP H 50 6.05 6.09 -17.01
C ASP H 50 7.31 5.56 -17.70
N LEU H 51 7.52 4.26 -17.57
CA LEU H 51 8.68 3.62 -18.15
C LEU H 51 8.74 3.89 -19.65
N THR H 52 7.56 3.99 -20.26
CA THR H 52 7.49 4.24 -21.70
C THR H 52 8.11 5.58 -22.06
N ASP H 53 7.67 6.63 -21.37
CA ASP H 53 8.16 7.97 -21.65
C ASP H 53 9.66 8.08 -21.43
N LYS H 54 10.12 7.59 -20.29
CA LYS H 54 11.54 7.68 -19.97
C LYS H 54 12.38 6.84 -20.92
N LEU H 55 11.91 5.63 -21.24
CA LEU H 55 12.67 4.75 -22.12
C LEU H 55 13.04 5.45 -23.42
N VAL H 56 12.08 6.13 -24.01
CA VAL H 56 12.36 6.84 -25.25
C VAL H 56 13.22 8.07 -25.00
N SER H 57 13.03 8.70 -23.84
CA SER H 57 13.77 9.92 -23.51
C SER H 57 15.28 9.73 -23.59
N TYR H 58 15.79 8.61 -23.11
CA TYR H 58 17.23 8.36 -23.13
C TYR H 58 17.73 7.93 -24.50
N TYR H 59 16.96 7.11 -25.21
CA TYR H 59 17.37 6.62 -26.51
C TYR H 59 16.50 7.18 -27.61
N LEU H 60 17.09 7.42 -28.77
CA LEU H 60 16.34 7.96 -29.90
C LEU H 60 15.25 6.97 -30.30
N GLU H 61 14.21 7.47 -30.95
CA GLU H 61 13.10 6.63 -31.36
C GLU H 61 13.57 5.46 -32.21
N SER H 62 14.33 5.74 -33.26
CA SER H 62 14.80 4.70 -34.16
C SER H 62 15.63 3.65 -33.41
N TYR H 63 16.71 4.09 -32.79
CA TYR H 63 17.56 3.18 -32.05
C TYR H 63 16.87 2.64 -30.81
N GLY H 64 16.09 3.49 -30.16
CA GLY H 64 15.37 3.08 -28.95
C GLY H 64 14.38 1.96 -29.25
N LEU H 65 13.67 2.09 -30.36
CA LEU H 65 12.67 1.09 -30.72
C LEU H 65 13.31 -0.27 -30.96
N GLU H 66 14.45 -0.29 -31.65
CA GLU H 66 15.15 -1.55 -31.93
C GLU H 66 15.68 -2.19 -30.66
N LEU H 67 16.17 -1.37 -29.74
CA LEU H 67 16.74 -1.87 -28.49
C LEU H 67 15.72 -2.68 -27.69
N THR H 68 14.47 -2.26 -27.75
CA THR H 68 13.43 -2.97 -27.01
C THR H 68 13.32 -4.42 -27.46
N MET H 69 13.23 -4.63 -28.77
CA MET H 69 13.08 -5.98 -29.30
C MET H 69 14.22 -6.87 -28.87
N THR H 70 15.41 -6.33 -28.86
CA THR H 70 16.57 -7.11 -28.49
C THR H 70 16.38 -7.76 -27.12
N VAL H 71 15.78 -7.01 -26.20
CA VAL H 71 15.53 -7.52 -24.86
C VAL H 71 14.33 -8.48 -24.82
N LEU H 72 13.29 -8.19 -25.60
CA LEU H 72 12.12 -9.07 -25.62
C LEU H 72 12.50 -10.48 -26.06
N ARG H 73 13.26 -10.59 -27.12
CA ARG H 73 13.63 -11.92 -27.53
C ARG H 73 14.47 -12.57 -26.45
N ASP H 74 15.35 -11.80 -25.82
CA ASP H 74 16.24 -12.37 -24.80
C ASP H 74 15.45 -13.15 -23.74
N MET H 75 14.31 -12.61 -23.30
CA MET H 75 13.48 -13.27 -22.31
C MET H 75 12.77 -14.46 -22.94
N GLY H 76 13.10 -14.69 -24.21
CA GLY H 76 12.50 -15.76 -24.97
C GLY H 76 11.73 -15.16 -26.14
N LEU H 77 11.52 -15.93 -27.20
CA LEU H 77 10.80 -15.40 -28.35
C LEU H 77 9.33 -15.26 -28.02
N GLN H 78 8.84 -14.03 -28.11
CA GLN H 78 7.45 -13.75 -27.82
C GLN H 78 6.74 -13.31 -29.09
N GLU H 79 5.45 -13.53 -29.16
CA GLU H 79 4.71 -13.10 -30.32
C GLU H 79 4.83 -11.59 -30.41
N LEU H 80 4.98 -10.96 -29.25
CA LEU H 80 5.13 -9.51 -29.16
C LEU H 80 6.32 -9.02 -29.96
N ALA H 81 7.45 -9.72 -29.84
CA ALA H 81 8.64 -9.31 -30.55
C ALA H 81 8.35 -9.10 -32.02
N GLU H 82 7.73 -10.08 -32.65
CA GLU H 82 7.40 -9.96 -34.05
C GLU H 82 6.27 -8.95 -34.26
N GLN H 83 5.26 -9.00 -33.40
CA GLN H 83 4.14 -8.07 -33.53
C GLN H 83 4.63 -6.63 -33.55
N LEU H 84 5.57 -6.34 -32.66
CA LEU H 84 6.12 -5.01 -32.57
C LEU H 84 6.97 -4.71 -33.80
N GLN H 85 7.71 -5.71 -34.27
CA GLN H 85 8.58 -5.53 -35.43
C GLN H 85 7.78 -5.02 -36.62
N THR H 86 6.55 -5.50 -36.77
CA THR H 86 5.72 -5.06 -37.87
C THR H 86 5.64 -3.55 -37.90
N THR H 87 5.64 -2.94 -36.72
CA THR H 87 5.58 -1.49 -36.61
C THR H 87 6.82 -0.85 -37.24
N LYS H 88 7.96 -1.55 -37.13
CA LYS H 88 9.21 -1.03 -37.68
C LYS H 88 9.04 -0.70 -39.17
N GLU H 89 8.37 -1.60 -39.88
CA GLU H 89 8.13 -1.39 -41.30
C GLU H 89 7.19 -0.21 -41.49
N GLY I 1 -19.39 30.11 -22.05
CA GLY I 1 -19.51 28.94 -22.93
C GLY I 1 -19.65 27.67 -22.10
N ARG I 2 -20.83 27.08 -22.16
CA ARG I 2 -21.10 25.84 -21.42
C ARG I 2 -20.07 24.77 -21.77
N ALA I 3 -19.41 24.95 -22.90
CA ALA I 3 -18.42 23.97 -23.35
C ALA I 3 -17.39 23.67 -22.27
N ARG I 4 -16.90 24.71 -21.60
CA ARG I 4 -15.91 24.51 -20.55
C ARG I 4 -16.47 23.61 -19.45
N ASP I 5 -17.72 23.86 -19.07
CA ASP I 5 -18.37 23.09 -18.03
C ASP I 5 -18.67 21.66 -18.47
N ALA I 6 -19.01 21.48 -19.73
CA ALA I 6 -19.33 20.15 -20.23
C ALA I 6 -18.13 19.21 -20.12
N ILE I 7 -16.99 19.65 -20.62
CA ILE I 7 -15.79 18.83 -20.56
C ILE I 7 -15.48 18.47 -19.11
N LEU I 8 -15.49 19.48 -18.26
CA LEU I 8 -15.18 19.30 -16.86
C LEU I 8 -15.99 18.15 -16.26
N ASP I 9 -17.30 18.20 -16.42
CA ASP I 9 -18.16 17.18 -15.83
C ASP I 9 -17.77 15.76 -16.25
N ALA I 10 -17.50 15.56 -17.53
CA ALA I 10 -17.15 14.24 -18.02
C ALA I 10 -15.73 13.82 -17.63
N LEU I 11 -14.75 14.67 -17.90
CA LEU I 11 -13.36 14.34 -17.62
C LEU I 11 -13.18 13.83 -16.18
N GLU I 12 -13.92 14.41 -15.24
CA GLU I 12 -13.82 14.02 -13.83
C GLU I 12 -14.32 12.59 -13.57
N ASN I 13 -14.99 11.97 -14.55
CA ASN I 13 -15.52 10.61 -14.37
C ASN I 13 -14.47 9.53 -14.70
N LEU I 14 -13.22 9.91 -14.90
CA LEU I 14 -12.18 8.92 -15.21
C LEU I 14 -11.42 8.54 -13.94
N SER I 15 -10.98 7.28 -13.88
CA SER I 15 -10.23 6.81 -12.73
C SER I 15 -8.83 7.41 -12.71
N GLY I 16 -8.20 7.41 -11.54
CA GLY I 16 -6.88 8.01 -11.38
C GLY I 16 -5.83 7.47 -12.35
N ASP I 17 -5.80 6.16 -12.56
CA ASP I 17 -4.79 5.59 -13.46
C ASP I 17 -4.96 6.03 -14.92
N GLU I 18 -6.18 5.94 -15.43
CA GLU I 18 -6.45 6.32 -16.81
C GLU I 18 -6.07 7.77 -17.04
N LEU I 19 -6.28 8.59 -16.03
CA LEU I 19 -5.97 10.00 -16.13
C LEU I 19 -4.52 10.18 -16.59
N LYS I 20 -3.61 9.46 -16.00
CA LYS I 20 -2.26 9.62 -16.40
C LYS I 20 -2.15 9.27 -17.84
N LYS I 21 -2.77 8.16 -18.23
CA LYS I 21 -2.67 7.72 -19.61
C LYS I 21 -3.18 8.79 -20.56
N PHE I 22 -4.25 9.46 -20.17
CA PHE I 22 -4.80 10.50 -21.02
C PHE I 22 -3.84 11.66 -21.16
N LYS I 23 -3.40 12.22 -20.04
CA LYS I 23 -2.48 13.36 -20.07
C LYS I 23 -1.23 13.04 -20.86
N MET I 24 -0.62 11.90 -20.54
CA MET I 24 0.60 11.50 -21.22
C MET I 24 0.39 11.33 -22.72
N LYS I 25 -0.71 10.69 -23.11
CA LYS I 25 -0.96 10.49 -24.54
C LYS I 25 -1.18 11.81 -25.27
N LEU I 26 -1.78 12.76 -24.57
CA LEU I 26 -2.05 14.07 -25.16
C LEU I 26 -0.77 14.72 -25.66
N LEU I 27 0.31 14.49 -24.95
CA LEU I 27 1.60 15.05 -25.33
C LEU I 27 2.07 14.56 -26.69
N THR I 28 1.73 13.32 -27.04
CA THR I 28 2.18 12.73 -28.30
C THR I 28 1.10 12.76 -29.39
N VAL I 29 -0.04 13.36 -29.12
CA VAL I 29 -1.12 13.41 -30.11
C VAL I 29 -0.84 14.48 -31.16
N GLN I 30 -1.26 14.24 -32.39
CA GLN I 30 -1.05 15.20 -33.47
C GLN I 30 -2.12 16.28 -33.44
N LEU I 31 -1.69 17.53 -33.60
CA LEU I 31 -2.60 18.68 -33.57
C LEU I 31 -2.56 19.44 -34.88
N ARG I 32 -3.63 20.17 -35.15
CA ARG I 32 -3.69 20.98 -36.37
C ARG I 32 -2.66 22.11 -36.29
N GLU I 33 -2.11 22.49 -37.44
CA GLU I 33 -1.10 23.55 -37.49
C GLU I 33 -1.68 24.90 -37.12
N GLY I 34 -0.84 25.75 -36.52
CA GLY I 34 -1.25 27.10 -36.11
C GLY I 34 -1.52 27.16 -34.61
N TYR I 35 -1.28 26.04 -33.94
CA TYR I 35 -1.50 25.97 -32.49
C TYR I 35 -0.22 25.57 -31.78
N GLY I 36 -0.17 25.85 -30.48
CA GLY I 36 1.01 25.53 -29.69
C GLY I 36 0.86 24.18 -28.96
N ARG I 37 1.94 23.79 -28.29
CA ARG I 37 1.99 22.54 -27.54
C ARG I 37 2.14 22.87 -26.06
N ILE I 38 1.52 22.09 -25.19
CA ILE I 38 1.58 22.40 -23.76
C ILE I 38 2.88 21.87 -23.15
N PRO I 39 3.55 22.68 -22.34
CA PRO I 39 4.86 22.30 -21.70
C PRO I 39 4.73 21.07 -20.83
N ARG I 40 5.69 20.17 -20.97
CA ARG I 40 5.69 18.92 -20.22
C ARG I 40 5.69 19.15 -18.71
N GLY I 41 6.51 20.06 -18.24
CA GLY I 41 6.63 20.32 -16.80
C GLY I 41 5.29 20.58 -16.11
N ALA I 42 4.47 21.43 -16.70
CA ALA I 42 3.18 21.76 -16.08
C ALA I 42 2.20 20.58 -16.10
N LEU I 43 2.14 19.91 -17.24
CA LEU I 43 1.23 18.79 -17.40
C LEU I 43 1.43 17.70 -16.33
N LEU I 44 2.68 17.40 -16.01
CA LEU I 44 2.97 16.35 -15.04
C LEU I 44 2.40 16.61 -13.65
N GLN I 45 2.36 17.87 -13.22
CA GLN I 45 1.86 18.18 -11.86
C GLN I 45 0.47 18.82 -11.85
N MET I 46 -0.16 18.98 -13.01
CA MET I 46 -1.48 19.63 -13.07
C MET I 46 -2.59 18.73 -12.50
N ASP I 47 -3.71 19.37 -12.14
CA ASP I 47 -4.87 18.68 -11.58
C ASP I 47 -5.98 18.55 -12.63
N ALA I 48 -6.95 17.70 -12.38
CA ALA I 48 -8.05 17.49 -13.32
C ALA I 48 -8.84 18.78 -13.58
N ILE I 49 -9.17 19.52 -12.52
CA ILE I 49 -9.92 20.76 -12.70
C ILE I 49 -9.08 21.78 -13.44
N ASP I 50 -7.84 21.95 -13.00
CA ASP I 50 -6.94 22.91 -13.62
C ASP I 50 -6.74 22.60 -15.09
N LEU I 51 -6.57 21.31 -15.38
CA LEU I 51 -6.36 20.87 -16.74
C LEU I 51 -7.50 21.34 -17.63
N THR I 52 -8.69 21.41 -17.07
CA THR I 52 -9.86 21.85 -17.82
C THR I 52 -9.70 23.28 -18.31
N ASP I 53 -9.38 24.18 -17.40
CA ASP I 53 -9.23 25.59 -17.75
C ASP I 53 -8.14 25.79 -18.79
N LYS I 54 -6.97 25.21 -18.55
CA LYS I 54 -5.86 25.36 -19.47
C LYS I 54 -6.14 24.74 -20.82
N LEU I 55 -6.74 23.55 -20.82
CA LEU I 55 -7.03 22.86 -22.08
C LEU I 55 -7.78 23.77 -23.04
N VAL I 56 -8.81 24.43 -22.54
CA VAL I 56 -9.59 25.32 -23.38
C VAL I 56 -8.79 26.58 -23.72
N SER I 57 -7.97 27.02 -22.79
CA SER I 57 -7.19 28.25 -22.99
C SER I 57 -6.34 28.21 -24.27
N TYR I 58 -5.71 27.08 -24.54
CA TYR I 58 -4.87 26.97 -25.74
C TYR I 58 -5.68 26.77 -27.02
N TYR I 59 -6.74 25.99 -26.94
CA TYR I 59 -7.55 25.71 -28.12
C TYR I 59 -8.93 26.34 -28.00
N LEU I 60 -9.47 26.78 -29.12
CA LEU I 60 -10.79 27.39 -29.12
C LEU I 60 -11.82 26.38 -28.64
N GLU I 61 -12.94 26.87 -28.14
CA GLU I 61 -13.99 25.99 -27.63
C GLU I 61 -14.44 24.99 -28.69
N SER I 62 -14.80 25.48 -29.87
CA SER I 62 -15.27 24.60 -30.94
C SER I 62 -14.24 23.55 -31.30
N TYR I 63 -13.06 23.99 -31.71
CA TYR I 63 -12.00 23.07 -32.10
C TYR I 63 -11.48 22.32 -30.89
N GLY I 64 -11.38 22.99 -29.75
CA GLY I 64 -10.88 22.37 -28.54
C GLY I 64 -11.77 21.22 -28.10
N LEU I 65 -13.08 21.42 -28.18
CA LEU I 65 -14.03 20.40 -27.76
C LEU I 65 -13.89 19.14 -28.62
N GLU I 66 -13.75 19.32 -29.92
CA GLU I 66 -13.62 18.18 -30.83
C GLU I 66 -12.31 17.42 -30.60
N LEU I 67 -11.24 18.15 -30.30
CA LEU I 67 -9.94 17.55 -30.09
C LEU I 67 -9.97 16.55 -28.93
N THR I 68 -10.76 16.84 -27.91
CA THR I 68 -10.84 15.97 -26.77
C THR I 68 -11.34 14.58 -27.16
N MET I 69 -12.43 14.54 -27.91
CA MET I 69 -13.02 13.27 -28.31
C MET I 69 -12.04 12.43 -29.09
N THR I 70 -11.28 13.07 -29.95
CA THR I 70 -10.31 12.35 -30.76
C THR I 70 -9.37 11.51 -29.89
N VAL I 71 -8.97 12.08 -28.74
CA VAL I 71 -8.09 11.37 -27.83
C VAL I 71 -8.83 10.32 -27.01
N LEU I 72 -10.07 10.61 -26.61
CA LEU I 72 -10.84 9.64 -25.83
C LEU I 72 -11.03 8.34 -26.61
N ARG I 73 -11.42 8.43 -27.86
CA ARG I 73 -11.58 7.22 -28.59
C ARG I 73 -10.25 6.51 -28.71
N ASP I 74 -9.18 7.26 -28.91
CA ASP I 74 -7.86 6.64 -29.09
C ASP I 74 -7.54 5.66 -27.95
N MET I 75 -7.86 6.04 -26.72
CA MET I 75 -7.60 5.17 -25.57
C MET I 75 -8.60 4.03 -25.57
N GLY I 76 -9.41 3.99 -26.62
CA GLY I 76 -10.45 2.98 -26.76
C GLY I 76 -11.80 3.67 -26.75
N LEU I 77 -12.80 3.03 -27.34
CA LEU I 77 -14.12 3.63 -27.38
C LEU I 77 -14.75 3.60 -25.99
N GLN I 78 -15.07 4.78 -25.48
CA GLN I 78 -15.67 4.89 -24.16
C GLN I 78 -17.08 5.44 -24.30
N GLU I 79 -17.93 5.10 -23.35
CA GLU I 79 -19.27 5.62 -23.40
C GLU I 79 -19.20 7.13 -23.32
N LEU I 80 -18.14 7.61 -22.65
CA LEU I 80 -17.92 9.05 -22.48
C LEU I 80 -17.80 9.74 -23.83
N ALA I 81 -17.06 9.14 -24.75
CA ALA I 81 -16.87 9.74 -26.06
C ALA I 81 -18.21 10.12 -26.67
N GLU I 82 -19.14 9.17 -26.70
CA GLU I 82 -20.44 9.45 -27.26
C GLU I 82 -21.24 10.38 -26.34
N GLN I 83 -21.17 10.13 -25.03
CA GLN I 83 -21.91 10.96 -24.09
C GLN I 83 -21.54 12.42 -24.27
N LEU I 84 -20.25 12.68 -24.42
CA LEU I 84 -19.79 14.03 -24.61
C LEU I 84 -20.23 14.56 -25.98
N GLN I 85 -20.20 13.70 -26.99
CA GLN I 85 -20.59 14.11 -28.34
C GLN I 85 -21.99 14.71 -28.33
N THR I 86 -22.88 14.15 -27.53
CA THR I 86 -24.24 14.64 -27.46
C THR I 86 -24.23 16.14 -27.18
N THR I 87 -23.26 16.58 -26.39
CA THR I 87 -23.14 18.00 -26.06
C THR I 87 -22.85 18.81 -27.32
N LYS I 88 -22.10 18.22 -28.25
CA LYS I 88 -21.76 18.92 -29.49
C LYS I 88 -23.03 19.42 -30.18
N GLU I 89 -24.03 18.56 -30.23
CA GLU I 89 -25.30 18.94 -30.84
C GLU I 89 -25.97 20.04 -30.04
N GLY J 1 -25.25 44.96 7.08
CA GLY J 1 -26.06 43.91 6.48
C GLY J 1 -25.57 42.53 6.89
N ARG J 2 -26.35 41.84 7.69
CA ARG J 2 -25.99 40.51 8.16
C ARG J 2 -25.69 39.59 6.98
N ALA J 3 -26.18 39.96 5.80
CA ALA J 3 -25.98 39.16 4.61
C ALA J 3 -24.51 38.82 4.40
N ARG J 4 -23.63 39.79 4.57
CA ARG J 4 -22.21 39.55 4.39
C ARG J 4 -21.72 38.47 5.34
N ASP J 5 -22.17 38.56 6.59
CA ASP J 5 -21.77 37.60 7.62
C ASP J 5 -22.38 36.22 7.37
N ALA J 6 -23.59 36.18 6.85
CA ALA J 6 -24.25 34.89 6.61
C ALA J 6 -23.46 34.06 5.59
N ILE J 7 -23.16 34.66 4.46
CA ILE J 7 -22.42 33.96 3.42
C ILE J 7 -21.10 33.45 3.98
N LEU J 8 -20.39 34.33 4.66
CA LEU J 8 -19.10 33.99 5.23
C LEU J 8 -19.15 32.72 6.05
N ASP J 9 -20.09 32.66 6.99
CA ASP J 9 -20.18 31.49 7.86
C ASP J 9 -20.35 30.19 7.09
N ALA J 10 -21.22 30.18 6.09
CA ALA J 10 -21.45 28.96 5.32
C ALA J 10 -20.30 28.64 4.37
N LEU J 11 -19.89 29.60 3.57
CA LEU J 11 -18.82 29.36 2.59
C LEU J 11 -17.60 28.69 3.22
N GLU J 12 -17.29 29.07 4.45
CA GLU J 12 -16.13 28.52 5.16
C GLU J 12 -16.28 27.02 5.49
N ASN J 13 -17.50 26.48 5.34
CA ASN J 13 -17.75 25.05 5.65
C ASN J 13 -17.43 24.12 4.48
N LEU J 14 -16.80 24.65 3.43
CA LEU J 14 -16.45 23.81 2.27
C LEU J 14 -15.00 23.34 2.36
N SER J 15 -14.75 22.12 1.86
CA SER J 15 -13.40 21.58 1.90
C SER J 15 -12.51 22.31 0.90
N GLY J 16 -11.21 22.21 1.10
CA GLY J 16 -10.24 22.89 0.24
C GLY J 16 -10.41 22.58 -1.26
N ASP J 17 -10.61 21.32 -1.60
CA ASP J 17 -10.74 20.96 -3.01
C ASP J 17 -11.97 21.57 -3.68
N GLU J 18 -13.12 21.43 -3.04
CA GLU J 18 -14.37 21.96 -3.60
C GLU J 18 -14.25 23.46 -3.81
N LEU J 19 -13.53 24.12 -2.93
CA LEU J 19 -13.37 25.56 -3.03
C LEU J 19 -12.84 25.93 -4.41
N LYS J 20 -11.84 25.21 -4.87
CA LYS J 20 -11.33 25.55 -6.16
C LYS J 20 -12.43 25.41 -7.16
N LYS J 21 -13.17 24.32 -7.07
CA LYS J 21 -14.22 24.07 -8.04
C LYS J 21 -15.24 25.18 -8.04
N PHE J 22 -15.54 25.71 -6.87
CA PHE J 22 -16.50 26.79 -6.78
C PHE J 22 -15.97 28.04 -7.44
N LYS J 23 -14.78 28.49 -7.03
CA LYS J 23 -14.20 29.70 -7.59
C LYS J 23 -14.08 29.61 -9.11
N MET J 24 -13.51 28.50 -9.57
CA MET J 24 -13.33 28.29 -11.00
C MET J 24 -14.65 28.31 -11.75
N LYS J 25 -15.67 27.63 -11.22
CA LYS J 25 -16.95 27.59 -11.90
C LYS J 25 -17.60 28.96 -11.96
N LEU J 26 -17.36 29.77 -10.93
CA LEU J 26 -17.94 31.11 -10.87
C LEU J 26 -17.53 31.92 -12.09
N LEU J 27 -16.32 31.71 -12.55
CA LEU J 27 -15.81 32.44 -13.71
C LEU J 27 -16.63 32.16 -14.96
N THR J 28 -17.16 30.95 -15.08
CA THR J 28 -17.92 30.57 -16.28
C THR J 28 -19.44 30.64 -16.08
N VAL J 29 -19.89 31.10 -14.91
CA VAL J 29 -21.32 31.18 -14.66
C VAL J 29 -21.93 32.40 -15.34
N GLN J 30 -23.18 32.28 -15.78
CA GLN J 30 -23.86 33.39 -16.44
C GLN J 30 -24.44 34.35 -15.41
N LEU J 31 -24.24 35.64 -15.66
CA LEU J 31 -24.71 36.69 -14.76
C LEU J 31 -25.69 37.62 -15.46
N ARG J 32 -26.53 38.28 -14.66
CA ARG J 32 -27.48 39.23 -15.21
C ARG J 32 -26.74 40.43 -15.80
N GLU J 33 -27.30 41.00 -16.87
CA GLU J 33 -26.67 42.14 -17.54
C GLU J 33 -26.67 43.39 -16.65
N GLY J 34 -25.64 44.23 -16.84
CA GLY J 34 -25.51 45.46 -16.06
C GLY J 34 -24.49 45.30 -14.94
N TYR J 35 -23.84 44.14 -14.89
CA TYR J 35 -22.84 43.85 -13.88
C TYR J 35 -21.51 43.48 -14.52
N GLY J 36 -20.44 43.60 -13.75
CA GLY J 36 -19.12 43.28 -14.26
C GLY J 36 -18.70 41.85 -13.91
N ARG J 37 -17.53 41.47 -14.41
CA ARG J 37 -16.96 40.15 -14.19
C ARG J 37 -15.68 40.29 -13.38
N ILE J 38 -15.41 39.36 -12.49
CA ILE J 38 -14.22 39.48 -11.64
C ILE J 38 -12.97 39.00 -12.38
N PRO J 39 -11.89 39.76 -12.31
CA PRO J 39 -10.61 39.41 -13.01
C PRO J 39 -10.05 38.07 -12.58
N ARG J 40 -9.62 37.29 -13.56
CA ARG J 40 -9.09 35.96 -13.30
C ARG J 40 -7.88 35.99 -12.36
N GLY J 41 -6.95 36.91 -12.60
CA GLY J 41 -5.73 36.99 -11.79
C GLY J 41 -5.99 37.03 -10.28
N ALA J 42 -6.91 37.87 -9.85
CA ALA J 42 -7.20 38.00 -8.42
C ALA J 42 -7.86 36.75 -7.85
N LEU J 43 -8.83 36.22 -8.58
CA LEU J 43 -9.56 35.05 -8.11
C LEU J 43 -8.65 33.86 -7.81
N LEU J 44 -7.65 33.64 -8.64
CA LEU J 44 -6.75 32.50 -8.45
C LEU J 44 -5.99 32.53 -7.13
N GLN J 45 -5.61 33.71 -6.65
CA GLN J 45 -4.82 33.79 -5.40
C GLN J 45 -5.64 34.29 -4.20
N MET J 46 -6.93 34.56 -4.38
CA MET J 46 -7.75 35.07 -3.27
C MET J 46 -8.01 34.02 -2.19
N ASP J 47 -8.37 34.51 -1.00
CA ASP J 47 -8.67 33.64 0.14
C ASP J 47 -10.18 33.56 0.36
N ALA J 48 -10.61 32.59 1.17
CA ALA J 48 -12.03 32.40 1.44
C ALA J 48 -12.65 33.63 2.10
N ILE J 49 -11.99 34.20 3.11
CA ILE J 49 -12.53 35.38 3.77
C ILE J 49 -12.56 36.55 2.82
N ASP J 50 -11.45 36.78 2.14
CA ASP J 50 -11.33 37.89 1.20
C ASP J 50 -12.40 37.79 0.11
N LEU J 51 -12.59 36.58 -0.39
CA LEU J 51 -13.57 36.34 -1.42
C LEU J 51 -14.94 36.81 -0.99
N THR J 52 -15.21 36.70 0.30
CA THR J 52 -16.50 37.11 0.84
C THR J 52 -16.72 38.61 0.64
N ASP J 53 -15.76 39.41 1.06
CA ASP J 53 -15.88 40.86 0.95
C ASP J 53 -16.03 41.30 -0.51
N LYS J 54 -15.17 40.79 -1.36
CA LYS J 54 -15.20 41.17 -2.76
C LYS J 54 -16.48 40.71 -3.45
N LEU J 55 -16.90 39.47 -3.15
CA LEU J 55 -18.10 38.93 -3.78
C LEU J 55 -19.28 39.88 -3.62
N VAL J 56 -19.48 40.37 -2.41
CA VAL J 56 -20.57 41.29 -2.17
C VAL J 56 -20.29 42.65 -2.80
N SER J 57 -19.03 43.05 -2.83
CA SER J 57 -18.67 44.35 -3.39
C SER J 57 -19.16 44.56 -4.81
N TYR J 58 -19.05 43.54 -5.65
CA TYR J 58 -19.48 43.66 -7.04
C TYR J 58 -21.01 43.56 -7.20
N TYR J 59 -21.63 42.68 -6.43
CA TYR J 59 -23.08 42.48 -6.54
C TYR J 59 -23.78 42.96 -5.28
N LEU J 60 -24.98 43.49 -5.46
CA LEU J 60 -25.75 43.97 -4.32
C LEU J 60 -26.05 42.81 -3.38
N GLU J 61 -26.32 43.13 -2.12
CA GLU J 61 -26.58 42.10 -1.13
C GLU J 61 -27.75 41.21 -1.56
N SER J 62 -28.87 41.82 -1.89
CA SER J 62 -30.05 41.04 -2.29
C SER J 62 -29.76 40.15 -3.49
N TYR J 63 -29.35 40.75 -4.59
CA TYR J 63 -29.05 39.99 -5.80
C TYR J 63 -27.81 39.13 -5.60
N GLY J 64 -26.82 39.67 -4.90
CA GLY J 64 -25.58 38.93 -4.66
C GLY J 64 -25.83 37.65 -3.87
N LEU J 65 -26.69 37.75 -2.86
CA LEU J 65 -26.98 36.59 -2.01
C LEU J 65 -27.64 35.47 -2.82
N GLU J 66 -28.58 35.84 -3.69
CA GLU J 66 -29.27 34.84 -4.51
C GLU J 66 -28.33 34.18 -5.51
N LEU J 67 -27.41 34.97 -6.07
CA LEU J 67 -26.47 34.46 -7.06
C LEU J 67 -25.63 33.31 -6.50
N THR J 68 -25.29 33.41 -5.23
CA THR J 68 -24.46 32.38 -4.61
C THR J 68 -25.15 31.03 -4.67
N MET J 69 -26.40 30.98 -4.25
CA MET J 69 -27.14 29.73 -4.22
C MET J 69 -27.20 29.08 -5.59
N THR J 70 -27.39 29.89 -6.60
CA THR J 70 -27.48 29.38 -7.96
C THR J 70 -26.26 28.52 -8.29
N VAL J 71 -25.08 28.97 -7.85
CA VAL J 71 -23.85 28.24 -8.11
C VAL J 71 -23.71 27.02 -7.20
N LEU J 72 -24.13 27.14 -5.93
CA LEU J 72 -24.03 26.01 -5.00
C LEU J 72 -24.82 24.82 -5.52
N ARG J 73 -26.04 25.04 -5.95
CA ARG J 73 -26.78 23.93 -6.44
C ARG J 73 -26.10 23.35 -7.66
N ASP J 74 -25.57 24.22 -8.51
CA ASP J 74 -24.94 23.75 -9.76
C ASP J 74 -23.89 22.66 -9.49
N MET J 75 -23.09 22.84 -8.43
CA MET J 75 -22.06 21.86 -8.08
C MET J 75 -22.72 20.64 -7.46
N GLY J 76 -24.05 20.66 -7.46
CA GLY J 76 -24.84 19.59 -6.88
C GLY J 76 -25.63 20.15 -5.70
N LEU J 77 -26.74 19.51 -5.36
CA LEU J 77 -27.54 19.99 -4.25
C LEU J 77 -26.83 19.72 -2.94
N GLN J 78 -26.55 20.79 -2.20
CA GLN J 78 -25.87 20.67 -0.93
C GLN J 78 -26.80 21.09 0.19
N GLU J 79 -26.59 20.57 1.38
CA GLU J 79 -27.42 20.96 2.49
C GLU J 79 -27.23 22.46 2.70
N LEU J 80 -26.04 22.93 2.35
CA LEU J 80 -25.71 24.35 2.48
C LEU J 80 -26.67 25.23 1.68
N ALA J 81 -26.98 24.81 0.46
CA ALA J 81 -27.87 25.60 -0.38
C ALA J 81 -29.14 25.93 0.38
N GLU J 82 -29.78 24.91 0.95
CA GLU J 82 -31.01 25.15 1.69
C GLU J 82 -30.71 25.86 3.00
N GLN J 83 -29.65 25.45 3.69
CA GLN J 83 -29.31 26.09 4.96
C GLN J 83 -29.17 27.58 4.78
N LEU J 84 -28.50 27.97 3.72
CA LEU J 84 -28.30 29.38 3.44
C LEU J 84 -29.61 30.04 3.05
N GLN J 85 -30.44 29.33 2.29
CA GLN J 85 -31.72 29.87 1.86
C GLN J 85 -32.55 30.33 3.05
N THR J 86 -32.47 29.58 4.15
CA THR J 86 -33.23 29.94 5.34
C THR J 86 -32.92 31.39 5.72
N THR J 87 -31.68 31.80 5.50
CA THR J 87 -31.29 33.18 5.81
C THR J 87 -32.06 34.17 4.96
N LYS J 88 -32.38 33.77 3.73
CA LYS J 88 -33.12 34.65 2.82
C LYS J 88 -34.42 35.12 3.48
N GLU J 89 -35.11 34.19 4.13
CA GLU J 89 -36.35 34.53 4.81
C GLU J 89 -36.05 35.46 5.99
N GLY K 1 -29.44 -12.88 19.52
CA GLY K 1 -30.44 -13.89 19.24
C GLY K 1 -29.83 -15.29 19.28
N ARG K 2 -30.20 -16.06 20.29
CA ARG K 2 -29.67 -17.42 20.44
C ARG K 2 -29.93 -18.23 19.18
N ALA K 3 -30.88 -17.78 18.37
CA ALA K 3 -31.23 -18.48 17.14
C ALA K 3 -30.00 -18.77 16.28
N ARG K 4 -29.13 -17.79 16.13
CA ARG K 4 -27.93 -17.97 15.32
C ARG K 4 -27.09 -19.11 15.88
N ASP K 5 -26.94 -19.14 17.20
CA ASP K 5 -26.15 -20.16 17.86
C ASP K 5 -26.81 -21.53 17.80
N ALA K 6 -28.13 -21.57 17.86
CA ALA K 6 -28.83 -22.85 17.83
C ALA K 6 -28.59 -23.58 16.50
N ILE K 7 -28.80 -22.88 15.40
CA ILE K 7 -28.59 -23.48 14.09
C ILE K 7 -27.17 -23.99 13.98
N LEU K 8 -26.23 -23.14 14.35
CA LEU K 8 -24.82 -23.49 14.26
C LEU K 8 -24.53 -24.83 14.92
N ASP K 9 -24.95 -24.99 16.16
CA ASP K 9 -24.67 -26.21 16.89
C ASP K 9 -25.16 -27.46 16.17
N ALA K 10 -26.38 -27.41 15.65
CA ALA K 10 -26.94 -28.57 14.96
C ALA K 10 -26.32 -28.80 13.58
N LEU K 11 -26.30 -27.76 12.75
CA LEU K 11 -25.77 -27.88 11.40
C LEU K 11 -24.40 -28.57 11.38
N GLU K 12 -23.58 -28.27 12.37
CA GLU K 12 -22.23 -28.86 12.45
C GLU K 12 -22.25 -30.38 12.68
N ASN K 13 -23.41 -30.95 13.04
CA ASN K 13 -23.50 -32.39 13.32
C ASN K 13 -23.73 -33.22 12.04
N LEU K 14 -23.63 -32.60 10.87
CA LEU K 14 -23.83 -33.32 9.62
C LEU K 14 -22.50 -33.77 9.03
N SER K 15 -22.49 -34.92 8.37
CA SER K 15 -21.27 -35.44 7.76
C SER K 15 -20.91 -34.61 6.54
N GLY K 16 -19.64 -34.69 6.14
CA GLY K 16 -19.14 -33.91 5.01
C GLY K 16 -19.95 -34.10 3.72
N ASP K 17 -20.30 -35.34 3.39
CA ASP K 17 -21.02 -35.59 2.14
C ASP K 17 -22.42 -34.97 2.15
N GLU K 18 -23.18 -35.18 3.21
CA GLU K 18 -24.54 -34.65 3.29
C GLU K 18 -24.52 -33.13 3.18
N LEU K 19 -23.47 -32.53 3.71
CA LEU K 19 -23.35 -31.09 3.67
C LEU K 19 -23.48 -30.59 2.23
N LYS K 20 -22.80 -31.24 1.33
CA LYS K 20 -22.89 -30.79 -0.03
C LYS K 20 -24.32 -30.88 -0.46
N LYS K 21 -24.96 -32.00 -0.14
CA LYS K 21 -26.33 -32.20 -0.57
C LYS K 21 -27.23 -31.11 -0.04
N PHE K 22 -26.99 -30.69 1.19
CA PHE K 22 -27.80 -29.65 1.78
C PHE K 22 -27.60 -28.32 1.05
N LYS K 23 -26.35 -27.88 0.94
CA LYS K 23 -26.07 -26.62 0.28
C LYS K 23 -26.62 -26.59 -1.14
N MET K 24 -26.32 -27.64 -1.89
CA MET K 24 -26.78 -27.73 -3.27
C MET K 24 -28.30 -27.70 -3.35
N LYS K 25 -28.98 -28.43 -2.49
CA LYS K 25 -30.44 -28.46 -2.55
C LYS K 25 -31.03 -27.10 -2.21
N LEU K 26 -30.37 -26.38 -1.32
CA LEU K 26 -30.84 -25.07 -0.90
C LEU K 26 -31.01 -24.14 -2.10
N LEU K 27 -30.11 -24.29 -3.07
CA LEU K 27 -30.15 -23.46 -4.26
C LEU K 27 -31.44 -23.65 -5.05
N THR K 28 -31.99 -24.88 -5.03
CA THR K 28 -33.20 -25.18 -5.80
C THR K 28 -34.47 -25.15 -4.96
N VAL K 29 -34.36 -24.81 -3.68
CA VAL K 29 -35.54 -24.78 -2.81
C VAL K 29 -36.37 -23.53 -3.06
N GLN K 30 -37.69 -23.65 -2.91
CA GLN K 30 -38.58 -22.52 -3.12
C GLN K 30 -38.64 -21.65 -1.87
N LEU K 31 -38.57 -20.33 -2.08
CA LEU K 31 -38.58 -19.38 -0.96
C LEU K 31 -39.75 -18.42 -1.09
N ARG K 32 -40.15 -17.85 0.05
CA ARG K 32 -41.24 -16.89 0.05
C ARG K 32 -40.84 -15.63 -0.70
N GLU K 33 -41.79 -14.98 -1.37
CA GLU K 33 -41.51 -13.79 -2.15
C GLU K 33 -41.10 -12.61 -1.26
N GLY K 34 -40.25 -11.73 -1.80
CA GLY K 34 -39.79 -10.56 -1.05
C GLY K 34 -38.37 -10.77 -0.51
N TYR K 35 -37.79 -11.93 -0.85
CA TYR K 35 -36.44 -12.26 -0.40
C TYR K 35 -35.54 -12.54 -1.58
N GLY K 36 -34.23 -12.45 -1.35
CA GLY K 36 -33.26 -12.69 -2.41
C GLY K 36 -32.76 -14.13 -2.40
N ARG K 37 -31.93 -14.44 -3.40
CA ARG K 37 -31.32 -15.76 -3.55
C ARG K 37 -29.82 -15.64 -3.38
N ILE K 38 -29.19 -16.65 -2.78
CA ILE K 38 -27.76 -16.56 -2.52
C ILE K 38 -26.96 -16.94 -3.77
N PRO K 39 -25.95 -16.17 -4.12
CA PRO K 39 -25.10 -16.41 -5.33
C PRO K 39 -24.43 -17.77 -5.30
N ARG K 40 -24.48 -18.46 -6.43
CA ARG K 40 -23.90 -19.79 -6.55
C ARG K 40 -22.40 -19.80 -6.22
N GLY K 41 -21.66 -18.84 -6.77
CA GLY K 41 -20.21 -18.79 -6.57
C GLY K 41 -19.78 -18.87 -5.10
N ALA K 42 -20.42 -18.09 -4.24
CA ALA K 42 -20.05 -18.09 -2.82
C ALA K 42 -20.41 -19.40 -2.13
N LEU K 43 -21.60 -19.89 -2.39
CA LEU K 43 -22.07 -21.12 -1.76
C LEU K 43 -21.12 -22.30 -1.98
N LEU K 44 -20.60 -22.43 -3.18
CA LEU K 44 -19.71 -23.56 -3.51
C LEU K 44 -18.45 -23.61 -2.66
N GLN K 45 -17.88 -22.45 -2.30
CA GLN K 45 -16.64 -22.44 -1.51
C GLN K 45 -16.83 -22.07 -0.04
N MET K 46 -18.07 -21.83 0.39
CA MET K 46 -18.31 -21.43 1.78
C MET K 46 -18.10 -22.58 2.78
N ASP K 47 -17.89 -22.19 4.05
CA ASP K 47 -17.66 -23.14 5.13
C ASP K 47 -18.94 -23.29 5.98
N ALA K 48 -18.97 -24.33 6.81
CA ALA K 48 -20.14 -24.58 7.65
C ALA K 48 -20.39 -23.42 8.62
N ILE K 49 -19.35 -22.92 9.27
CA ILE K 49 -19.54 -21.81 10.21
C ILE K 49 -19.98 -20.56 9.46
N ASP K 50 -19.26 -20.25 8.39
CA ASP K 50 -19.57 -19.06 7.59
C ASP K 50 -21.00 -19.11 7.07
N LEU K 51 -21.39 -20.29 6.61
CA LEU K 51 -22.73 -20.48 6.08
C LEU K 51 -23.77 -20.07 7.11
N THR K 52 -23.45 -20.30 8.38
CA THR K 52 -24.36 -19.96 9.46
C THR K 52 -24.65 -18.46 9.49
N ASP K 53 -23.58 -17.67 9.52
CA ASP K 53 -23.73 -16.22 9.60
C ASP K 53 -24.50 -15.67 8.39
N LYS K 54 -24.10 -16.08 7.21
CA LYS K 54 -24.74 -15.60 6.00
C LYS K 54 -26.19 -16.04 5.91
N LEU K 55 -26.45 -17.30 6.26
CA LEU K 55 -27.81 -17.83 6.17
C LEU K 55 -28.80 -16.93 6.91
N VAL K 56 -28.44 -16.54 8.12
CA VAL K 56 -29.31 -15.67 8.89
C VAL K 56 -29.33 -14.27 8.31
N SER K 57 -28.20 -13.83 7.76
CA SER K 57 -28.10 -12.47 7.22
C SER K 57 -29.16 -12.17 6.17
N TYR K 58 -29.44 -13.12 5.29
CA TYR K 58 -30.44 -12.89 4.24
C TYR K 58 -31.88 -13.02 4.75
N TYR K 59 -32.11 -13.98 5.64
CA TYR K 59 -33.45 -14.21 6.17
C TYR K 59 -33.54 -13.86 7.64
N LEU K 60 -34.70 -13.35 8.04
CA LEU K 60 -34.88 -12.97 9.45
C LEU K 60 -34.75 -14.21 10.32
N GLU K 61 -34.44 -14.00 11.59
CA GLU K 61 -34.26 -15.12 12.51
C GLU K 61 -35.49 -16.00 12.57
N SER K 62 -36.65 -15.40 12.80
CA SER K 62 -37.89 -16.17 12.89
C SER K 62 -38.15 -16.96 11.62
N TYR K 63 -38.26 -16.26 10.50
CA TYR K 63 -38.53 -16.93 9.22
C TYR K 63 -37.34 -17.76 8.79
N GLY K 64 -36.14 -17.26 9.03
CA GLY K 64 -34.93 -17.97 8.64
C GLY K 64 -34.82 -19.31 9.36
N LEU K 65 -35.14 -19.32 10.64
CA LEU K 65 -35.05 -20.55 11.43
C LEU K 65 -36.00 -21.61 10.91
N GLU K 66 -37.23 -21.21 10.57
CA GLU K 66 -38.22 -22.15 10.05
C GLU K 66 -37.82 -22.71 8.69
N LEU K 67 -37.22 -21.86 7.85
CA LEU K 67 -36.83 -22.26 6.51
C LEU K 67 -35.82 -23.42 6.55
N THR K 68 -34.96 -23.42 7.55
CA THR K 68 -33.96 -24.47 7.66
C THR K 68 -34.61 -25.84 7.79
N MET K 69 -35.57 -25.94 8.71
CA MET K 69 -36.23 -27.22 8.95
C MET K 69 -36.88 -27.75 7.70
N THR K 70 -37.48 -26.86 6.94
CA THR K 70 -38.17 -27.28 5.73
C THR K 70 -37.22 -28.07 4.82
N VAL K 71 -35.97 -27.63 4.74
CA VAL K 71 -34.98 -28.30 3.91
C VAL K 71 -34.47 -29.59 4.57
N LEU K 72 -34.28 -29.57 5.89
CA LEU K 72 -33.80 -30.77 6.58
C LEU K 72 -34.74 -31.94 6.37
N ARG K 73 -36.03 -31.72 6.54
CA ARG K 73 -36.92 -32.82 6.33
C ARG K 73 -36.85 -33.27 4.88
N ASP K 74 -36.74 -32.32 3.96
CA ASP K 74 -36.72 -32.68 2.54
C ASP K 74 -35.67 -33.75 2.23
N MET K 75 -34.48 -33.64 2.84
CA MET K 75 -33.42 -34.62 2.62
C MET K 75 -33.76 -35.89 3.37
N GLY K 76 -34.95 -35.90 3.95
CA GLY K 76 -35.42 -37.03 4.73
C GLY K 76 -35.61 -36.60 6.17
N LEU K 77 -36.45 -37.30 6.91
CA LEU K 77 -36.68 -36.93 8.30
C LEU K 77 -35.47 -37.28 9.13
N GLN K 78 -34.89 -36.27 9.76
CA GLN K 78 -33.72 -36.47 10.60
C GLN K 78 -34.07 -36.16 12.04
N GLU K 79 -33.37 -36.76 12.96
CA GLU K 79 -33.62 -36.49 14.36
C GLU K 79 -33.35 -35.01 14.60
N LEU K 80 -32.42 -34.48 13.79
CA LEU K 80 -32.06 -33.06 13.89
C LEU K 80 -33.26 -32.16 13.67
N ALA K 81 -34.08 -32.48 12.67
CA ALA K 81 -35.23 -31.66 12.38
C ALA K 81 -36.05 -31.42 13.63
N GLU K 82 -36.38 -32.50 14.34
CA GLU K 82 -37.16 -32.36 15.56
C GLU K 82 -36.32 -31.74 16.66
N GLN K 83 -35.06 -32.17 16.78
CA GLN K 83 -34.20 -31.63 17.83
C GLN K 83 -34.13 -30.12 17.73
N LEU K 84 -33.99 -29.63 16.52
CA LEU K 84 -33.92 -28.19 16.30
C LEU K 84 -35.27 -27.54 16.58
N GLN K 85 -36.34 -28.22 16.20
CA GLN K 85 -37.68 -27.68 16.42
C GLN K 85 -37.90 -27.34 17.88
N THR K 86 -37.36 -28.17 18.76
CA THR K 86 -37.51 -27.92 20.20
C THR K 86 -37.06 -26.51 20.52
N THR K 87 -36.04 -26.03 19.82
CA THR K 87 -35.53 -24.69 20.04
C THR K 87 -36.60 -23.65 19.70
N LYS K 88 -37.42 -23.96 18.70
CA LYS K 88 -38.47 -23.03 18.28
C LYS K 88 -39.34 -22.65 19.48
N GLU K 89 -39.70 -23.65 20.28
CA GLU K 89 -40.51 -23.40 21.47
C GLU K 89 -39.72 -22.56 22.46
N GLY L 1 -0.54 -3.86 33.27
CA GLY L 1 -1.43 -4.93 33.75
C GLY L 1 -1.09 -6.25 33.07
N ARG L 2 -0.55 -7.18 33.84
CA ARG L 2 -0.18 -8.48 33.31
C ARG L 2 -1.38 -9.15 32.64
N ALA L 3 -2.58 -8.68 32.98
CA ALA L 3 -3.80 -9.25 32.41
C ALA L 3 -3.74 -9.30 30.88
N ARG L 4 -3.28 -8.23 30.26
CA ARG L 4 -3.19 -8.20 28.80
C ARG L 4 -2.30 -9.32 28.30
N ASP L 5 -1.17 -9.50 28.97
CA ASP L 5 -0.20 -10.53 28.58
C ASP L 5 -0.73 -11.94 28.85
N ALA L 6 -1.49 -12.10 29.92
CA ALA L 6 -2.01 -13.42 30.26
C ALA L 6 -2.93 -13.95 29.17
N ILE L 7 -3.91 -13.13 28.79
CA ILE L 7 -4.84 -13.53 27.75
C ILE L 7 -4.10 -13.89 26.47
N LEU L 8 -3.19 -13.02 26.08
CA LEU L 8 -2.41 -13.23 24.87
C LEU L 8 -1.78 -14.60 24.83
N ASP L 9 -1.06 -14.96 25.89
CA ASP L 9 -0.37 -16.25 25.91
C ASP L 9 -1.31 -17.42 25.68
N ALA L 10 -2.46 -17.43 26.34
CA ALA L 10 -3.40 -18.52 26.18
C ALA L 10 -4.14 -18.51 24.83
N LEU L 11 -4.71 -17.37 24.48
CA LEU L 11 -5.48 -17.27 23.24
C LEU L 11 -4.69 -17.82 22.05
N GLU L 12 -3.39 -17.58 22.03
CA GLU L 12 -2.54 -18.04 20.93
C GLU L 12 -2.43 -19.58 20.85
N ASN L 13 -2.88 -20.28 21.89
CA ASN L 13 -2.80 -21.76 21.91
C ASN L 13 -3.99 -22.43 21.21
N LEU L 14 -4.82 -21.66 20.52
CA LEU L 14 -5.97 -22.24 19.82
C LEU L 14 -5.64 -22.47 18.35
N SER L 15 -6.22 -23.52 17.78
CA SER L 15 -5.98 -23.84 16.38
C SER L 15 -6.69 -22.83 15.49
N GLY L 16 -6.24 -22.73 14.24
CA GLY L 16 -6.80 -21.77 13.28
C GLY L 16 -8.31 -21.86 13.13
N ASP L 17 -8.85 -23.08 13.01
CA ASP L 17 -10.29 -23.23 12.81
C ASP L 17 -11.12 -22.73 14.00
N GLU L 18 -10.74 -23.17 15.21
CA GLU L 18 -11.48 -22.77 16.40
C GLU L 18 -11.48 -21.26 16.55
N LEU L 19 -10.39 -20.63 16.14
CA LEU L 19 -10.27 -19.19 16.24
C LEU L 19 -11.47 -18.52 15.56
N LYS L 20 -11.81 -18.98 14.38
CA LYS L 20 -12.92 -18.37 13.72
C LYS L 20 -14.13 -18.54 14.57
N LYS L 21 -14.32 -19.74 15.09
CA LYS L 21 -15.50 -20.01 15.89
C LYS L 21 -15.58 -19.08 17.08
N PHE L 22 -14.44 -18.82 17.68
CA PHE L 22 -14.42 -17.94 18.83
C PHE L 22 -14.81 -16.51 18.45
N LYS L 23 -14.10 -15.95 17.46
CA LYS L 23 -14.39 -14.58 17.04
C LYS L 23 -15.85 -14.43 16.63
N MET L 24 -16.32 -15.34 15.79
CA MET L 24 -17.70 -15.28 15.31
C MET L 24 -18.69 -15.38 16.46
N LYS L 25 -18.46 -16.28 17.40
CA LYS L 25 -19.39 -16.43 18.52
C LYS L 25 -19.42 -15.19 19.39
N LEU L 26 -18.27 -14.54 19.50
CA LEU L 26 -18.16 -13.34 20.33
C LEU L 26 -19.17 -12.28 19.88
N LEU L 27 -19.39 -12.22 18.59
CA LEU L 27 -20.33 -11.25 18.02
C LEU L 27 -21.75 -11.45 18.54
N THR L 28 -22.12 -12.71 18.81
CA THR L 28 -23.48 -13.01 19.25
C THR L 28 -23.59 -13.23 20.77
N VAL L 29 -22.50 -13.03 21.49
CA VAL L 29 -22.53 -13.24 22.94
C VAL L 29 -23.17 -12.04 23.64
N GLN L 30 -23.86 -12.31 24.74
CA GLN L 30 -24.51 -11.24 25.50
C GLN L 30 -23.52 -10.55 26.43
N LEU L 31 -23.56 -9.22 26.44
CA LEU L 31 -22.66 -8.43 27.26
C LEU L 31 -23.41 -7.57 28.25
N ARG L 32 -22.74 -7.19 29.33
CA ARG L 32 -23.34 -6.34 30.35
C ARG L 32 -23.63 -4.97 29.76
N GLU L 33 -24.71 -4.34 30.21
CA GLU L 33 -25.10 -3.01 29.71
C GLU L 33 -24.08 -1.94 30.11
N GLY L 34 -23.95 -0.92 29.25
CA GLY L 34 -23.02 0.19 29.51
C GLY L 34 -21.75 0.03 28.67
N TYR L 35 -21.71 -1.01 27.85
CA TYR L 35 -20.55 -1.28 27.00
C TYR L 35 -20.95 -1.31 25.53
N GLY L 36 -19.97 -1.14 24.66
CA GLY L 36 -20.22 -1.15 23.23
C GLY L 36 -19.98 -2.53 22.62
N ARG L 37 -20.28 -2.63 21.32
CA ARG L 37 -20.10 -3.85 20.55
C ARG L 37 -19.04 -3.62 19.49
N ILE L 38 -18.23 -4.62 19.20
CA ILE L 38 -17.16 -4.45 18.24
C ILE L 38 -17.67 -4.59 16.80
N PRO L 39 -17.30 -3.68 15.92
CA PRO L 39 -17.75 -3.68 14.50
C PRO L 39 -17.39 -4.97 13.77
N ARG L 40 -18.34 -5.50 13.03
CA ARG L 40 -18.14 -6.75 12.30
C ARG L 40 -16.98 -6.67 11.31
N GLY L 41 -16.91 -5.58 10.56
CA GLY L 41 -15.87 -5.43 9.54
C GLY L 41 -14.45 -5.66 10.06
N ALA L 42 -14.11 -5.07 11.20
CA ALA L 42 -12.77 -5.21 11.74
C ALA L 42 -12.50 -6.62 12.25
N LEU L 43 -13.46 -7.19 12.95
CA LEU L 43 -13.30 -8.52 13.51
C LEU L 43 -12.97 -9.57 12.45
N LEU L 44 -13.60 -9.49 11.29
CA LEU L 44 -13.38 -10.48 10.25
C LEU L 44 -11.93 -10.53 9.75
N GLN L 45 -11.25 -9.38 9.68
CA GLN L 45 -9.87 -9.37 9.18
C GLN L 45 -8.80 -9.21 10.26
N MET L 46 -9.20 -9.14 11.53
CA MET L 46 -8.23 -8.95 12.62
C MET L 46 -7.37 -10.20 12.87
N ASP L 47 -6.22 -9.96 13.52
CA ASP L 47 -5.27 -11.03 13.85
C ASP L 47 -5.38 -11.40 15.33
N ALA L 48 -4.80 -12.54 15.69
CA ALA L 48 -4.85 -13.00 17.08
C ALA L 48 -4.18 -12.00 18.04
N ILE L 49 -3.00 -11.50 17.67
CA ILE L 49 -2.32 -10.55 18.55
C ILE L 49 -3.11 -9.26 18.64
N ASP L 50 -3.52 -8.74 17.49
CA ASP L 50 -4.28 -7.50 17.43
C ASP L 50 -5.56 -7.61 18.24
N LEU L 51 -6.23 -8.74 18.10
CA LEU L 51 -7.47 -8.98 18.81
C LEU L 51 -7.27 -8.82 20.31
N THR L 52 -6.08 -9.17 20.78
CA THR L 52 -5.77 -9.07 22.19
C THR L 52 -5.84 -7.62 22.67
N ASP L 53 -5.14 -6.74 21.96
CA ASP L 53 -5.09 -5.33 22.34
C ASP L 53 -6.48 -4.71 22.31
N LYS L 54 -7.20 -4.91 21.23
CA LYS L 54 -8.52 -4.34 21.09
C LYS L 54 -9.50 -4.90 22.11
N LEU L 55 -9.45 -6.22 22.33
CA LEU L 55 -10.37 -6.85 23.27
C LEU L 55 -10.34 -6.15 24.62
N VAL L 56 -9.14 -5.89 25.13
CA VAL L 56 -9.02 -5.21 26.40
C VAL L 56 -9.42 -3.74 26.29
N SER L 57 -9.15 -3.14 25.14
CA SER L 57 -9.45 -1.72 24.94
C SER L 57 -10.91 -1.38 25.21
N TYR L 58 -11.83 -2.23 24.75
CA TYR L 58 -13.25 -1.96 24.95
C TYR L 58 -13.72 -2.30 26.36
N TYR L 59 -13.21 -3.38 26.93
CA TYR L 59 -13.64 -3.80 28.27
C TYR L 59 -12.51 -3.64 29.26
N LEU L 60 -12.85 -3.30 30.50
CA LEU L 60 -11.85 -3.14 31.53
C LEU L 60 -11.13 -4.46 31.76
N GLU L 61 -9.92 -4.39 32.30
CA GLU L 61 -9.14 -5.59 32.54
C GLU L 61 -9.89 -6.59 33.41
N SER L 62 -10.38 -6.13 34.56
CA SER L 62 -11.10 -7.02 35.47
C SER L 62 -12.31 -7.66 34.81
N TYR L 63 -13.23 -6.83 34.33
CA TYR L 63 -14.43 -7.33 33.67
C TYR L 63 -14.10 -8.00 32.34
N GLY L 64 -13.15 -7.42 31.63
CA GLY L 64 -12.76 -7.96 30.33
C GLY L 64 -12.18 -9.37 30.46
N LEU L 65 -11.35 -9.58 31.48
CA LEU L 65 -10.74 -10.88 31.70
C LEU L 65 -11.79 -11.96 31.97
N GLU L 66 -12.79 -11.63 32.79
CA GLU L 66 -13.85 -12.58 33.12
C GLU L 66 -14.71 -12.91 31.90
N LEU L 67 -14.96 -11.91 31.08
CA LEU L 67 -15.80 -12.09 29.89
C LEU L 67 -15.22 -13.15 28.96
N THR L 68 -13.90 -13.20 28.87
CA THR L 68 -13.26 -14.15 27.99
C THR L 68 -13.62 -15.58 28.37
N MET L 69 -13.47 -15.90 29.65
CA MET L 69 -13.74 -17.25 30.13
C MET L 69 -15.16 -17.67 29.81
N THR L 70 -16.09 -16.76 29.97
CA THR L 70 -17.48 -17.07 29.72
C THR L 70 -17.67 -17.64 28.32
N VAL L 71 -16.95 -17.07 27.35
CA VAL L 71 -17.03 -17.54 25.97
C VAL L 71 -16.27 -18.85 25.76
N LEU L 72 -15.11 -18.99 26.41
CA LEU L 72 -14.32 -20.22 26.26
C LEU L 72 -15.12 -21.44 26.70
N ARG L 73 -15.76 -21.36 27.84
CA ARG L 73 -16.52 -22.50 28.26
C ARG L 73 -17.65 -22.75 27.26
N ASP L 74 -18.26 -21.68 26.77
CA ASP L 74 -19.39 -21.84 25.86
C ASP L 74 -19.04 -22.76 24.67
N MET L 75 -17.84 -22.62 24.13
CA MET L 75 -17.40 -23.46 23.01
C MET L 75 -17.10 -24.85 23.52
N GLY L 76 -17.35 -25.05 24.81
CA GLY L 76 -17.08 -26.32 25.47
C GLY L 76 -16.03 -26.09 26.55
N LEU L 77 -16.00 -26.95 27.55
CA LEU L 77 -15.02 -26.79 28.61
C LEU L 77 -13.63 -27.14 28.11
N GLN L 78 -12.74 -26.18 28.18
CA GLN L 78 -11.37 -26.37 27.73
C GLN L 78 -10.43 -26.28 28.91
N GLU L 79 -9.29 -26.94 28.81
CA GLU L 79 -8.34 -26.88 29.88
C GLU L 79 -7.91 -25.42 30.03
N LEU L 80 -7.96 -24.70 28.92
CA LEU L 80 -7.59 -23.29 28.89
C LEU L 80 -8.45 -22.48 29.85
N ALA L 81 -9.75 -22.74 29.84
CA ALA L 81 -10.65 -21.99 30.71
C ALA L 81 -10.14 -22.00 32.14
N GLU L 82 -9.84 -23.19 32.66
CA GLU L 82 -9.34 -23.28 34.01
C GLU L 82 -7.92 -22.73 34.11
N GLN L 83 -7.08 -23.06 33.12
CA GLN L 83 -5.70 -22.59 33.14
C GLN L 83 -5.66 -21.08 33.27
N LEU L 84 -6.51 -20.42 32.50
CA LEU L 84 -6.58 -18.97 32.54
C LEU L 84 -7.14 -18.49 33.87
N GLN L 85 -8.13 -19.21 34.39
CA GLN L 85 -8.75 -18.82 35.66
C GLN L 85 -7.70 -18.70 36.76
N THR L 86 -6.72 -19.58 36.73
CA THR L 86 -5.66 -19.55 37.73
C THR L 86 -5.06 -18.15 37.80
N THR L 87 -4.97 -17.50 36.64
CA THR L 87 -4.42 -16.15 36.58
C THR L 87 -5.29 -15.17 37.37
N LYS L 88 -6.60 -15.42 37.38
CA LYS L 88 -7.53 -14.54 38.10
C LYS L 88 -7.09 -14.42 39.56
N GLU L 89 -6.71 -15.54 40.16
CA GLU L 89 -6.26 -15.52 41.54
C GLU L 89 -4.95 -14.74 41.65
N GLY M 1 28.33 5.85 20.06
CA GLY M 1 28.13 4.66 20.87
C GLY M 1 27.72 3.47 20.01
N ARG M 2 28.62 2.50 19.90
CA ARG M 2 28.36 1.32 19.09
C ARG M 2 27.07 0.63 19.53
N ALA M 3 26.63 0.94 20.75
CA ALA M 3 25.41 0.35 21.29
C ALA M 3 24.23 0.49 20.32
N ARG M 4 24.07 1.67 19.75
CA ARG M 4 22.97 1.92 18.82
C ARG M 4 23.07 0.95 17.64
N ASP M 5 24.28 0.79 17.12
CA ASP M 5 24.50 -0.08 15.98
C ASP M 5 24.33 -1.56 16.34
N ALA M 6 24.71 -1.93 17.55
CA ALA M 6 24.60 -3.32 17.96
C ALA M 6 23.15 -3.78 17.97
N ILE M 7 22.28 -3.02 18.62
CA ILE M 7 20.88 -3.36 18.68
C ILE M 7 20.30 -3.49 17.28
N LEU M 8 20.59 -2.49 16.45
CA LEU M 8 20.10 -2.46 15.09
C LEU M 8 20.39 -3.75 14.36
N ASP M 9 21.63 -4.18 14.37
CA ASP M 9 22.02 -5.39 13.64
C ASP M 9 21.20 -6.61 14.06
N ALA M 10 21.02 -6.80 15.36
CA ALA M 10 20.27 -7.96 15.85
C ALA M 10 18.76 -7.82 15.62
N LEU M 11 18.18 -6.71 16.04
CA LEU M 11 16.75 -6.52 15.91
C LEU M 11 16.24 -6.83 14.50
N GLU M 12 17.04 -6.48 13.50
CA GLU M 12 16.67 -6.72 12.10
C GLU M 12 16.60 -8.21 11.73
N ASN M 13 17.11 -9.08 12.60
CA ASN M 13 17.10 -10.53 12.32
C ASN M 13 15.79 -11.21 12.74
N LEU M 14 14.78 -10.44 13.10
CA LEU M 14 13.49 -11.01 13.50
C LEU M 14 12.52 -11.02 12.33
N SER M 15 11.66 -12.05 12.29
CA SER M 15 10.68 -12.15 11.21
C SER M 15 9.59 -11.09 11.39
N GLY M 16 8.88 -10.80 10.30
CA GLY M 16 7.84 -9.78 10.32
C GLY M 16 6.78 -9.99 11.41
N ASP M 17 6.31 -11.22 11.58
CA ASP M 17 5.26 -11.47 12.57
C ASP M 17 5.74 -11.22 14.00
N GLU M 18 6.89 -11.76 14.36
CA GLU M 18 7.41 -11.60 15.72
C GLU M 18 7.60 -10.12 16.04
N LEU M 19 7.97 -9.36 15.02
CA LEU M 19 8.18 -7.94 15.21
C LEU M 19 6.95 -7.30 15.85
N LYS M 20 5.79 -7.63 15.35
CA LYS M 20 4.62 -7.03 15.92
C LYS M 20 4.54 -7.42 17.35
N LYS M 21 4.78 -8.69 17.63
CA LYS M 21 4.67 -9.18 18.99
C LYS M 21 5.62 -8.43 19.91
N PHE M 22 6.81 -8.14 19.41
CA PHE M 22 7.78 -7.41 20.22
C PHE M 22 7.30 -6.00 20.52
N LYS M 23 6.97 -5.25 19.46
CA LYS M 23 6.53 -3.87 19.64
C LYS M 23 5.33 -3.80 20.57
N MET M 24 4.33 -4.63 20.30
CA MET M 24 3.12 -4.63 21.11
C MET M 24 3.42 -4.97 22.56
N LYS M 25 4.26 -5.97 22.80
CA LYS M 25 4.57 -6.36 24.17
C LYS M 25 5.30 -5.25 24.91
N LEU M 26 6.12 -4.50 24.18
CA LEU M 26 6.89 -3.42 24.77
C LEU M 26 5.99 -2.41 25.45
N LEU M 27 4.82 -2.20 24.86
CA LEU M 27 3.86 -1.25 25.42
C LEU M 27 3.40 -1.66 26.81
N THR M 28 3.31 -2.96 27.07
CA THR M 28 2.82 -3.45 28.37
C THR M 28 3.95 -3.87 29.31
N VAL M 29 5.19 -3.68 28.92
CA VAL M 29 6.31 -4.07 29.78
C VAL M 29 6.53 -3.04 30.87
N GLN M 30 6.97 -3.51 32.05
CA GLN M 30 7.23 -2.61 33.17
C GLN M 30 8.60 -1.97 33.05
N LEU M 31 8.64 -0.66 33.29
CA LEU M 31 9.89 0.11 33.18
C LEU M 31 10.26 0.75 34.51
N ARG M 32 11.54 1.04 34.68
CA ARG M 32 12.01 1.69 35.90
C ARG M 32 11.44 3.11 35.98
N GLU M 33 11.18 3.57 37.20
CA GLU M 33 10.60 4.90 37.41
C GLU M 33 11.58 6.00 37.01
N GLY M 34 11.04 7.13 36.54
CA GLY M 34 11.86 8.27 36.13
C GLY M 34 11.97 8.34 34.61
N TYR M 35 11.28 7.43 33.93
CA TYR M 35 11.31 7.39 32.47
C TYR M 35 9.90 7.50 31.91
N GLY M 36 9.82 7.88 30.63
CA GLY M 36 8.53 8.04 29.98
C GLY M 36 8.12 6.78 29.21
N ARG M 37 6.92 6.83 28.67
CA ARG M 37 6.36 5.74 27.88
C ARG M 37 6.17 6.20 26.45
N ILE M 38 6.39 5.32 25.48
CA ILE M 38 6.29 5.72 24.08
C ILE M 38 4.83 5.73 23.61
N PRO M 39 4.41 6.78 22.92
CA PRO M 39 3.00 6.91 22.43
C PRO M 39 2.59 5.77 21.51
N ARG M 40 1.40 5.25 21.75
CA ARG M 40 0.88 4.14 20.97
C ARG M 40 0.80 4.45 19.47
N GLY M 41 0.31 5.64 19.13
CA GLY M 41 0.14 6.01 17.72
C GLY M 41 1.41 5.85 16.88
N ALA M 42 2.54 6.31 17.39
CA ALA M 42 3.78 6.23 16.64
C ALA M 42 4.27 4.78 16.51
N LEU M 43 4.22 4.05 17.60
CA LEU M 43 4.70 2.67 17.61
C LEU M 43 4.02 1.81 16.54
N LEU M 44 2.71 1.98 16.36
CA LEU M 44 1.97 1.16 15.41
C LEU M 44 2.45 1.31 13.97
N GLN M 45 2.88 2.51 13.57
CA GLN M 45 3.31 2.72 12.18
C GLN M 45 4.84 2.83 12.01
N MET M 46 5.60 2.70 13.10
CA MET M 46 7.06 2.84 13.01
C MET M 46 7.73 1.66 12.29
N ASP M 47 8.95 1.90 11.81
CA ASP M 47 9.74 0.89 11.09
C ASP M 47 10.82 0.33 12.01
N ALA M 48 11.41 -0.81 11.60
CA ALA M 48 12.46 -1.44 12.39
C ALA M 48 13.66 -0.53 12.59
N ILE M 49 14.12 0.13 11.52
CA ILE M 49 15.28 1.02 11.66
C ILE M 49 14.93 2.21 12.53
N ASP M 50 13.79 2.83 12.24
CA ASP M 50 13.35 3.99 12.99
C ASP M 50 13.21 3.66 14.48
N LEU M 51 12.64 2.51 14.75
CA LEU M 51 12.42 2.06 16.10
C LEU M 51 13.74 2.04 16.87
N THR M 52 14.81 1.75 16.15
CA THR M 52 16.13 1.69 16.77
C THR M 52 16.54 3.05 17.32
N ASP M 53 16.45 4.08 16.49
CA ASP M 53 16.84 5.41 16.89
C ASP M 53 16.00 5.91 18.07
N LYS M 54 14.70 5.77 17.96
CA LYS M 54 13.81 6.24 19.00
C LYS M 54 13.99 5.47 20.29
N LEU M 55 14.14 4.15 20.18
CA LEU M 55 14.29 3.32 21.38
C LEU M 55 15.41 3.84 22.26
N VAL M 56 16.55 4.14 21.66
CA VAL M 56 17.66 4.64 22.43
C VAL M 56 17.41 6.06 22.90
N SER M 57 16.70 6.84 22.09
CA SER M 57 16.42 8.24 22.42
C SER M 57 15.76 8.40 23.78
N TYR M 58 14.81 7.55 24.11
CA TYR M 58 14.10 7.65 25.39
C TYR M 58 14.91 7.10 26.56
N TYR M 59 15.63 6.00 26.33
CA TYR M 59 16.41 5.37 27.39
C TYR M 59 17.89 5.49 27.11
N LEU M 60 18.67 5.64 28.19
CA LEU M 60 20.12 5.76 28.03
C LEU M 60 20.66 4.49 27.41
N GLU M 61 21.84 4.60 26.79
CA GLU M 61 22.44 3.45 26.14
C GLU M 61 22.63 2.28 27.10
N SER M 62 23.26 2.54 28.23
CA SER M 62 23.49 1.47 29.21
C SER M 62 22.20 0.82 29.67
N TYR M 63 21.30 1.62 30.23
CA TYR M 63 20.03 1.09 30.70
C TYR M 63 19.15 0.65 29.55
N GLY M 64 19.19 1.39 28.46
CA GLY M 64 18.37 1.07 27.29
C GLY M 64 18.76 -0.29 26.71
N LEU M 65 20.05 -0.55 26.64
CA LEU M 65 20.54 -1.81 26.08
C LEU M 65 20.06 -3.00 26.91
N GLU M 66 20.12 -2.88 28.23
CA GLU M 66 19.69 -3.96 29.12
C GLU M 66 18.19 -4.21 29.02
N LEU M 67 17.42 -3.13 28.88
CA LEU M 67 15.97 -3.23 28.81
C LEU M 67 15.53 -4.10 27.63
N THR M 68 16.26 -4.01 26.53
CA THR M 68 15.91 -4.78 25.35
C THR M 68 15.93 -6.28 25.64
N MET M 69 17.01 -6.75 26.24
CA MET M 69 17.15 -8.16 26.54
C MET M 69 16.02 -8.67 27.40
N THR M 70 15.63 -7.88 28.37
CA THR M 70 14.57 -8.28 29.27
C THR M 70 13.31 -8.67 28.49
N VAL M 71 13.01 -7.92 27.42
CA VAL M 71 11.85 -8.21 26.60
C VAL M 71 12.09 -9.40 25.67
N LEU M 72 13.30 -9.53 25.12
CA LEU M 72 13.59 -10.64 24.23
C LEU M 72 13.40 -11.98 24.93
N ARG M 73 13.92 -12.10 26.12
CA ARG M 73 13.73 -13.36 26.80
C ARG M 73 12.25 -13.58 27.06
N ASP M 74 11.54 -12.51 27.41
CA ASP M 74 10.11 -12.65 27.73
C ASP M 74 9.35 -13.38 26.62
N MET M 75 9.65 -13.06 25.37
CA MET M 75 8.99 -13.70 24.22
C MET M 75 9.51 -15.11 24.07
N GLY M 76 10.37 -15.49 25.02
CA GLY M 76 11.00 -16.80 25.00
C GLY M 76 12.49 -16.63 24.84
N LEU M 77 13.27 -17.62 25.29
CA LEU M 77 14.72 -17.50 25.18
C LEU M 77 15.14 -17.65 23.73
N GLN M 78 15.79 -16.62 23.21
CA GLN M 78 16.26 -16.63 21.84
C GLN M 78 17.77 -16.62 21.81
N GLU M 79 18.35 -17.15 20.76
CA GLU M 79 19.79 -17.13 20.66
C GLU M 79 20.23 -15.68 20.64
N LEU M 80 19.36 -14.83 20.11
CA LEU M 80 19.63 -13.40 20.03
C LEU M 80 19.90 -12.79 21.40
N ALA M 81 19.10 -13.17 22.39
CA ALA M 81 19.27 -12.64 23.72
C ALA M 81 20.72 -12.79 24.18
N GLU M 82 21.25 -13.99 24.06
CA GLU M 82 22.62 -14.23 24.47
C GLU M 82 23.58 -13.56 23.49
N GLN M 83 23.31 -13.68 22.19
CA GLN M 83 24.18 -13.09 21.18
C GLN M 83 24.37 -11.62 21.46
N LEU M 84 23.29 -10.94 21.78
CA LEU M 84 23.35 -9.53 22.07
C LEU M 84 24.08 -9.27 23.38
N GLN M 85 23.85 -10.15 24.36
CA GLN M 85 24.49 -9.98 25.66
C GLN M 85 26.01 -9.91 25.51
N THR M 86 26.55 -10.69 24.59
CA THR M 86 27.99 -10.69 24.37
C THR M 86 28.47 -9.26 24.14
N THR M 87 27.65 -8.46 23.49
CA THR M 87 27.99 -7.07 23.22
C THR M 87 28.14 -6.30 24.52
N LYS M 88 27.34 -6.66 25.52
CA LYS M 88 27.39 -5.98 26.81
C LYS M 88 28.81 -5.99 27.36
N GLU M 89 29.47 -7.15 27.26
CA GLU M 89 30.83 -7.27 27.73
C GLU M 89 31.76 -6.41 26.88
N GLY N 1 35.98 19.78 -9.14
CA GLY N 1 36.44 18.47 -8.67
C GLY N 1 35.44 17.38 -9.06
N ARG N 2 35.86 16.53 -9.97
CA ARG N 2 35.00 15.43 -10.42
C ARG N 2 34.53 14.59 -9.25
N ALA N 3 35.24 14.70 -8.12
CA ALA N 3 34.89 13.93 -6.94
C ALA N 3 33.42 14.09 -6.56
N ARG N 4 32.93 15.33 -6.59
CA ARG N 4 31.54 15.58 -6.25
C ARG N 4 30.61 14.80 -7.17
N ASP N 5 30.93 14.81 -8.46
CA ASP N 5 30.11 14.12 -9.45
C ASP N 5 30.21 12.61 -9.32
N ALA N 6 31.39 12.11 -8.95
CA ALA N 6 31.57 10.66 -8.83
C ALA N 6 30.66 10.09 -7.76
N ILE N 7 30.71 10.68 -6.57
CA ILE N 7 29.88 10.21 -5.47
C ILE N 7 28.41 10.22 -5.88
N LEU N 8 27.99 11.34 -6.44
CA LEU N 8 26.61 11.51 -6.86
C LEU N 8 26.14 10.34 -7.72
N ASP N 9 26.88 10.03 -8.76
CA ASP N 9 26.48 8.97 -9.68
C ASP N 9 26.25 7.64 -8.97
N ALA N 10 27.16 7.27 -8.08
CA ALA N 10 27.03 6.00 -7.37
C ALA N 10 25.94 6.02 -6.30
N LEU N 11 25.98 7.01 -5.43
CA LEU N 11 25.01 7.09 -4.34
C LEU N 11 23.57 6.92 -4.83
N GLU N 12 23.28 7.47 -6.01
CA GLU N 12 21.94 7.40 -6.58
C GLU N 12 21.52 5.96 -6.97
N ASN N 13 22.48 5.03 -6.99
CA ASN N 13 22.18 3.64 -7.36
C ASN N 13 21.68 2.79 -6.19
N LEU N 14 21.39 3.42 -5.05
CA LEU N 14 20.90 2.68 -3.89
C LEU N 14 19.38 2.74 -3.82
N SER N 15 18.77 1.66 -3.33
CA SER N 15 17.31 1.61 -3.20
C SER N 15 16.84 2.53 -2.08
N GLY N 16 15.57 2.91 -2.12
CA GLY N 16 15.00 3.82 -1.13
C GLY N 16 15.21 3.37 0.32
N ASP N 17 14.99 2.10 0.60
CA ASP N 17 15.13 1.62 1.98
C ASP N 17 16.57 1.72 2.51
N GLU N 18 17.52 1.24 1.72
CA GLU N 18 18.91 1.27 2.15
C GLU N 18 19.36 2.70 2.41
N LEU N 19 18.83 3.62 1.63
CA LEU N 19 19.18 5.01 1.79
C LEU N 19 18.97 5.45 3.23
N LYS N 20 17.84 5.09 3.80
CA LYS N 20 17.62 5.49 5.15
C LYS N 20 18.69 4.92 6.01
N LYS N 21 18.98 3.64 5.80
CA LYS N 21 19.98 2.98 6.62
C LYS N 21 21.32 3.68 6.53
N PHE N 22 21.66 4.14 5.34
CA PHE N 22 22.93 4.83 5.17
C PHE N 22 22.94 6.15 5.93
N LYS N 23 21.95 7.01 5.68
CA LYS N 23 21.90 8.30 6.34
C LYS N 23 21.91 8.15 7.85
N MET N 24 21.04 7.27 8.35
CA MET N 24 20.94 7.04 9.79
C MET N 24 22.25 6.56 10.37
N LYS N 25 22.91 5.61 9.70
CA LYS N 25 24.16 5.08 10.22
C LYS N 25 25.25 6.14 10.24
N LEU N 26 25.20 7.04 9.27
CA LEU N 26 26.20 8.10 9.18
C LEU N 26 26.24 8.93 10.45
N LEU N 27 25.08 9.11 11.06
CA LEU N 27 24.97 9.89 12.28
C LEU N 27 25.78 9.26 13.43
N THR N 28 25.87 7.93 13.45
CA THR N 28 26.57 7.23 14.53
C THR N 28 27.98 6.80 14.15
N VAL N 29 28.44 7.14 12.95
CA VAL N 29 29.78 6.74 12.52
C VAL N 29 30.84 7.63 13.16
N GLN N 30 32.00 7.06 13.44
CA GLN N 30 33.10 7.81 14.04
C GLN N 30 33.86 8.60 12.99
N LEU N 31 34.16 9.86 13.29
CA LEU N 31 34.87 10.73 12.36
C LEU N 31 36.18 11.23 12.96
N ARG N 32 37.10 11.60 12.09
CA ARG N 32 38.39 12.12 12.54
C ARG N 32 38.18 13.46 13.26
N GLU N 33 39.00 13.74 14.27
CA GLU N 33 38.89 14.98 15.04
C GLU N 33 39.23 16.20 14.19
N GLY N 34 38.59 17.33 14.52
CA GLY N 34 38.82 18.58 13.80
C GLY N 34 37.69 18.86 12.81
N TYR N 35 36.68 17.99 12.81
CA TYR N 35 35.54 18.14 11.91
C TYR N 35 34.24 18.21 12.71
N GLY N 36 33.20 18.74 12.07
CA GLY N 36 31.91 18.86 12.72
C GLY N 36 30.99 17.70 12.39
N ARG N 37 29.82 17.71 13.03
CA ARG N 37 28.80 16.68 12.83
C ARG N 37 27.57 17.31 12.20
N ILE N 38 26.91 16.59 11.31
CA ILE N 38 25.75 17.16 10.63
C ILE N 38 24.50 17.10 11.50
N PRO N 39 23.75 18.19 11.58
CA PRO N 39 22.51 18.26 12.42
C PRO N 39 21.48 17.22 12.03
N ARG N 40 20.90 16.58 13.03
CA ARG N 40 19.91 15.53 12.80
C ARG N 40 18.70 16.04 12.02
N GLY N 41 18.18 17.20 12.38
CA GLY N 41 17.00 17.74 11.74
C GLY N 41 17.09 17.80 10.21
N ALA N 42 18.20 18.30 9.69
CA ALA N 42 18.36 18.42 8.25
C ALA N 42 18.48 17.07 7.56
N LEU N 43 19.27 16.19 8.14
CA LEU N 43 19.50 14.87 7.57
C LEU N 43 18.20 14.09 7.34
N LEU N 44 17.28 14.17 8.28
CA LEU N 44 16.03 13.42 8.18
C LEU N 44 15.19 13.80 6.97
N GLN N 45 15.19 15.08 6.57
CA GLN N 45 14.37 15.51 5.43
C GLN N 45 15.17 15.78 4.15
N MET N 46 16.48 15.57 4.18
CA MET N 46 17.30 15.85 2.99
C MET N 46 17.08 14.83 1.86
N ASP N 47 17.46 15.25 0.64
CA ASP N 47 17.31 14.42 -0.55
C ASP N 47 18.67 13.84 -0.96
N ALA N 48 18.64 12.83 -1.84
CA ALA N 48 19.88 12.19 -2.28
C ALA N 48 20.82 13.18 -2.98
N ILE N 49 20.29 14.00 -3.88
CA ILE N 49 21.14 14.96 -4.58
C ILE N 49 21.68 15.99 -3.60
N ASP N 50 20.79 16.54 -2.78
CA ASP N 50 21.17 17.56 -1.81
C ASP N 50 22.25 17.02 -0.87
N LEU N 51 22.05 15.79 -0.43
CA LEU N 51 22.98 15.15 0.48
C LEU N 51 24.38 15.15 -0.10
N THR N 52 24.46 15.04 -1.42
CA THR N 52 25.74 15.02 -2.10
C THR N 52 26.49 16.33 -1.89
N ASP N 53 25.84 17.44 -2.17
CA ASP N 53 26.46 18.74 -2.03
C ASP N 53 26.91 19.01 -0.60
N LYS N 54 26.01 18.77 0.35
CA LYS N 54 26.33 19.03 1.74
C LYS N 54 27.42 18.10 2.26
N LEU N 55 27.36 16.82 1.87
CA LEU N 55 28.35 15.86 2.34
C LEU N 55 29.77 16.36 2.06
N VAL N 56 30.00 16.82 0.85
CA VAL N 56 31.31 17.33 0.50
C VAL N 56 31.60 18.65 1.21
N SER N 57 30.56 19.45 1.40
CA SER N 57 30.74 20.77 2.02
C SER N 57 31.42 20.69 3.38
N TYR N 58 31.04 19.72 4.21
CA TYR N 58 31.63 19.59 5.53
C TYR N 58 33.03 18.96 5.50
N TYR N 59 33.23 17.96 4.64
CA TYR N 59 34.51 17.28 4.57
C TYR N 59 35.21 17.57 3.25
N LEU N 60 36.53 17.64 3.29
CA LEU N 60 37.30 17.91 2.08
C LEU N 60 37.07 16.79 1.08
N GLU N 61 37.29 17.07 -0.19
CA GLU N 61 37.08 16.08 -1.24
C GLU N 61 37.89 14.82 -0.99
N SER N 62 39.20 14.98 -0.76
CA SER N 62 40.06 13.82 -0.53
C SER N 62 39.60 13.00 0.67
N TYR N 63 39.54 13.64 1.83
CA TYR N 63 39.12 12.94 3.03
C TYR N 63 37.65 12.57 2.98
N GLY N 64 36.84 13.46 2.40
CA GLY N 64 35.41 13.22 2.30
C GLY N 64 35.11 12.00 1.44
N LEU N 65 35.83 11.85 0.34
CA LEU N 65 35.62 10.73 -0.56
C LEU N 65 35.92 9.40 0.13
N GLU N 66 37.02 9.36 0.88
CA GLU N 66 37.40 8.13 1.59
C GLU N 66 36.39 7.77 2.68
N LEU N 67 35.87 8.78 3.37
CA LEU N 67 34.93 8.56 4.46
C LEU N 67 33.68 7.83 3.97
N THR N 68 33.26 8.12 2.75
CA THR N 68 32.07 7.48 2.21
C THR N 68 32.23 5.97 2.14
N MET N 69 33.35 5.52 1.57
CA MET N 69 33.59 4.09 1.42
C MET N 69 33.56 3.38 2.75
N THR N 70 34.13 4.01 3.75
CA THR N 70 34.18 3.40 5.07
C THR N 70 32.78 3.00 5.53
N VAL N 71 31.79 3.86 5.25
CA VAL N 71 30.41 3.57 5.63
C VAL N 71 29.76 2.54 4.71
N LEU N 72 30.06 2.60 3.41
CA LEU N 72 29.47 1.64 2.47
C LEU N 72 29.84 0.21 2.86
N ARG N 73 31.10 -0.03 3.13
CA ARG N 73 31.46 -1.37 3.50
C ARG N 73 30.75 -1.75 4.78
N ASP N 74 30.65 -0.81 5.72
CA ASP N 74 30.02 -1.12 7.00
C ASP N 74 28.64 -1.76 6.84
N MET N 75 27.85 -1.24 5.90
CA MET N 75 26.52 -1.78 5.64
C MET N 75 26.64 -3.11 4.93
N GLY N 76 27.89 -3.54 4.76
CA GLY N 76 28.19 -4.78 4.06
C GLY N 76 28.99 -4.45 2.81
N LEU N 77 29.76 -5.41 2.31
CA LEU N 77 30.56 -5.16 1.12
C LEU N 77 29.66 -5.08 -0.10
N GLN N 78 29.70 -3.94 -0.75
CA GLN N 78 28.89 -3.72 -1.94
C GLN N 78 29.80 -3.57 -3.16
N GLU N 79 29.29 -3.90 -4.32
CA GLU N 79 30.08 -3.75 -5.52
C GLU N 79 30.41 -2.27 -5.66
N LEU N 80 29.51 -1.44 -5.15
CA LEU N 80 29.68 0.01 -5.20
C LEU N 80 30.96 0.45 -4.51
N ALA N 81 31.23 -0.13 -3.35
CA ALA N 81 32.42 0.25 -2.60
C ALA N 81 33.65 0.16 -3.50
N GLU N 82 33.82 -0.96 -4.16
CA GLU N 82 34.97 -1.12 -5.05
C GLU N 82 34.80 -0.26 -6.29
N GLN N 83 33.61 -0.23 -6.86
CA GLN N 83 33.38 0.56 -8.05
C GLN N 83 33.79 2.01 -7.82
N LEU N 84 33.41 2.53 -6.67
CA LEU N 84 33.74 3.90 -6.33
C LEU N 84 35.24 4.04 -6.09
N GLN N 85 35.84 3.03 -5.46
CA GLN N 85 37.27 3.07 -5.16
C GLN N 85 38.08 3.29 -6.45
N THR N 86 37.64 2.70 -7.54
CA THR N 86 38.33 2.86 -8.81
C THR N 86 38.53 4.34 -9.10
N THR N 87 37.54 5.15 -8.73
CA THR N 87 37.61 6.58 -8.94
C THR N 87 38.77 7.19 -8.17
N LYS N 88 39.06 6.63 -6.99
CA LYS N 88 40.15 7.13 -6.16
C LYS N 88 41.45 7.17 -6.96
N GLU N 89 41.70 6.11 -7.70
CA GLU N 89 42.90 6.04 -8.54
C GLU N 89 42.83 7.09 -9.63
N GLY O 1 18.19 38.12 -30.43
CA GLY O 1 18.78 36.81 -30.70
C GLY O 1 17.82 35.70 -30.32
N ARG O 2 17.29 35.01 -31.32
CA ARG O 2 16.36 33.92 -31.09
C ARG O 2 16.96 32.89 -30.14
N ALA O 3 18.29 32.91 -30.02
CA ALA O 3 18.98 31.95 -29.15
C ALA O 3 18.38 31.94 -27.74
N ARG O 4 18.12 33.11 -27.19
CA ARG O 4 17.57 33.19 -25.85
C ARG O 4 16.23 32.45 -25.78
N ASP O 5 15.41 32.67 -26.80
CA ASP O 5 14.09 32.05 -26.86
C ASP O 5 14.16 30.54 -27.10
N ALA O 6 15.15 30.11 -27.87
CA ALA O 6 15.28 28.69 -28.17
C ALA O 6 15.56 27.89 -26.89
N ILE O 7 16.55 28.32 -26.13
CA ILE O 7 16.88 27.63 -24.90
C ILE O 7 15.67 27.57 -23.98
N LEU O 8 15.03 28.71 -23.81
CA LEU O 8 13.87 28.80 -22.95
C LEU O 8 12.84 27.72 -23.27
N ASP O 9 12.45 27.62 -24.53
CA ASP O 9 11.42 26.67 -24.92
C ASP O 9 11.78 25.23 -24.52
N ALA O 10 13.02 24.83 -24.76
CA ALA O 10 13.43 23.47 -24.44
C ALA O 10 13.62 23.25 -22.93
N LEU O 11 14.39 24.12 -22.29
CA LEU O 11 14.66 23.96 -20.86
C LEU O 11 13.38 23.73 -20.05
N GLU O 12 12.31 24.40 -20.44
CA GLU O 12 11.02 24.29 -19.73
C GLU O 12 10.40 22.88 -19.86
N ASN O 13 10.91 22.05 -20.77
CA ASN O 13 10.37 20.70 -20.97
C ASN O 13 10.95 19.67 -20.00
N LEU O 14 11.70 20.11 -19.00
CA LEU O 14 12.28 19.18 -18.03
C LEU O 14 11.41 19.09 -16.78
N SER O 15 11.38 17.90 -16.18
CA SER O 15 10.59 17.71 -14.96
C SER O 15 11.24 18.42 -13.78
N GLY O 16 10.44 18.68 -12.75
CA GLY O 16 10.92 19.40 -11.57
C GLY O 16 12.17 18.78 -10.93
N ASP O 17 12.21 17.46 -10.79
CA ASP O 17 13.34 16.82 -10.15
C ASP O 17 14.65 16.99 -10.95
N GLU O 18 14.59 16.70 -12.25
CA GLU O 18 15.77 16.80 -13.09
C GLU O 18 16.33 18.21 -13.06
N LEU O 19 15.43 19.18 -12.97
CA LEU O 19 15.85 20.57 -12.93
C LEU O 19 16.89 20.78 -11.83
N LYS O 20 16.63 20.25 -10.67
CA LYS O 20 17.57 20.45 -9.62
C LYS O 20 18.88 19.86 -10.04
N LYS O 21 18.83 18.66 -10.60
CA LYS O 21 20.05 17.99 -10.99
C LYS O 21 20.83 18.82 -11.99
N PHE O 22 20.12 19.46 -12.90
CA PHE O 22 20.79 20.28 -13.89
C PHE O 22 21.47 21.48 -13.24
N LYS O 23 20.70 22.26 -12.49
CA LYS O 23 21.26 23.45 -11.85
C LYS O 23 22.46 23.09 -10.97
N MET O 24 22.28 22.09 -10.13
CA MET O 24 23.34 21.67 -9.23
C MET O 24 24.59 21.22 -9.99
N LYS O 25 24.40 20.44 -11.05
CA LYS O 25 25.55 19.96 -11.82
C LYS O 25 26.29 21.10 -12.50
N LEU O 26 25.54 22.11 -12.90
CA LEU O 26 26.12 23.26 -13.58
C LEU O 26 27.21 23.91 -12.72
N LEU O 27 26.98 23.91 -11.41
CA LEU O 27 27.93 24.49 -10.49
C LEU O 27 29.30 23.80 -10.54
N THR O 28 29.29 22.49 -10.79
CA THR O 28 30.54 21.73 -10.81
C THR O 28 31.07 21.47 -12.21
N VAL O 29 30.43 22.02 -13.23
CA VAL O 29 30.89 21.80 -14.61
C VAL O 29 32.08 22.69 -14.92
N GLN O 30 32.98 22.19 -15.76
CA GLN O 30 34.17 22.96 -16.15
C GLN O 30 33.84 23.93 -17.27
N LEU O 31 34.32 25.16 -17.12
CA LEU O 31 34.06 26.22 -18.10
C LEU O 31 35.36 26.75 -18.70
N ARG O 32 35.26 27.32 -19.88
CA ARG O 32 36.42 27.89 -20.55
C ARG O 32 36.93 29.09 -19.75
N GLU O 33 38.25 29.30 -19.76
CA GLU O 33 38.85 30.42 -19.02
C GLU O 33 38.46 31.77 -19.60
N GLY O 34 38.38 32.78 -18.74
CA GLY O 34 38.01 34.14 -19.15
C GLY O 34 36.56 34.44 -18.80
N TYR O 35 35.90 33.49 -18.15
CA TYR O 35 34.50 33.65 -17.77
C TYR O 35 34.33 33.50 -16.26
N GLY O 36 33.23 34.01 -15.74
CA GLY O 36 32.96 33.93 -14.31
C GLY O 36 32.07 32.73 -13.96
N ARG O 37 31.87 32.55 -12.66
CA ARG O 37 31.05 31.48 -12.13
C ARG O 37 29.82 32.08 -11.45
N ILE O 38 28.69 31.42 -11.55
CA ILE O 38 27.46 31.97 -10.97
C ILE O 38 27.38 31.67 -9.48
N PRO O 39 27.05 32.68 -8.67
CA PRO O 39 26.96 32.52 -7.18
C PRO O 39 25.97 31.46 -6.76
N ARG O 40 26.37 30.63 -5.81
CA ARG O 40 25.53 29.54 -5.33
C ARG O 40 24.20 30.03 -4.77
N GLY O 41 24.25 31.08 -3.96
CA GLY O 41 23.03 31.60 -3.32
C GLY O 41 21.89 31.87 -4.30
N ALA O 42 22.18 32.53 -5.41
CA ALA O 42 21.14 32.87 -6.38
C ALA O 42 20.60 31.62 -7.09
N LEU O 43 21.50 30.75 -7.51
CA LEU O 43 21.11 29.54 -8.23
C LEU O 43 20.10 28.69 -7.46
N LEU O 44 20.29 28.56 -6.15
CA LEU O 44 19.41 27.72 -5.35
C LEU O 44 17.95 28.19 -5.35
N GLN O 45 17.71 29.49 -5.40
CA GLN O 45 16.32 30.00 -5.36
C GLN O 45 15.81 30.51 -6.72
N MET O 46 16.62 30.42 -7.77
CA MET O 46 16.20 30.93 -9.09
C MET O 46 15.11 30.06 -9.74
N ASP O 47 14.41 30.66 -10.70
CA ASP O 47 13.33 29.99 -11.42
C ASP O 47 13.80 29.60 -12.82
N ALA O 48 13.05 28.71 -13.48
CA ALA O 48 13.41 28.26 -14.82
C ALA O 48 13.48 29.41 -15.82
N ILE O 49 12.49 30.29 -15.82
CA ILE O 49 12.51 31.42 -16.74
C ILE O 49 13.66 32.35 -16.44
N ASP O 50 13.80 32.70 -15.16
CA ASP O 50 14.85 33.60 -14.73
C ASP O 50 16.23 33.04 -15.09
N LEU O 51 16.39 31.76 -14.86
CA LEU O 51 17.65 31.09 -15.15
C LEU O 51 18.03 31.29 -16.61
N THR O 52 17.03 31.37 -17.47
CA THR O 52 17.28 31.56 -18.89
C THR O 52 17.98 32.89 -19.16
N ASP O 53 17.41 33.96 -18.63
CA ASP O 53 17.96 35.29 -18.85
C ASP O 53 19.39 35.40 -18.30
N LYS O 54 19.57 34.96 -17.06
CA LYS O 54 20.89 35.04 -16.44
C LYS O 54 21.91 34.17 -17.14
N LEU O 55 21.50 32.95 -17.52
CA LEU O 55 22.42 32.03 -18.17
C LEU O 55 23.09 32.68 -19.37
N VAL O 56 22.30 33.33 -20.20
CA VAL O 56 22.85 33.98 -21.37
C VAL O 56 23.65 35.22 -20.98
N SER O 57 23.21 35.90 -19.92
CA SER O 57 23.88 37.12 -19.48
C SER O 57 25.37 36.93 -19.22
N TYR O 58 25.74 35.83 -18.59
CA TYR O 58 27.15 35.58 -18.28
C TYR O 58 27.94 35.08 -19.49
N TYR O 59 27.33 34.24 -20.30
CA TYR O 59 28.02 33.69 -21.47
C TYR O 59 27.41 34.22 -22.76
N LEU O 60 28.25 34.40 -23.76
CA LEU O 60 27.77 34.89 -25.05
C LEU O 60 26.79 33.90 -25.65
N GLU O 61 25.94 34.38 -26.53
CA GLU O 61 24.93 33.52 -27.14
C GLU O 61 25.56 32.31 -27.83
N SER O 62 26.53 32.56 -28.69
CA SER O 62 27.18 31.46 -29.42
C SER O 62 27.81 30.45 -28.46
N TYR O 63 28.73 30.92 -27.63
CA TYR O 63 29.39 30.03 -26.68
C TYR O 63 28.42 29.55 -25.61
N GLY O 64 27.53 30.43 -25.18
CA GLY O 64 26.56 30.07 -24.16
C GLY O 64 25.64 28.94 -24.61
N LEU O 65 25.20 29.02 -25.86
CA LEU O 65 24.30 28.01 -26.40
C LEU O 65 24.96 26.63 -26.44
N GLU O 66 26.22 26.59 -26.85
CA GLU O 66 26.95 25.32 -26.92
C GLU O 66 27.18 24.73 -25.53
N LEU O 67 27.46 25.59 -24.56
CA LEU O 67 27.73 25.14 -23.20
C LEU O 67 26.55 24.37 -22.62
N THR O 68 25.34 24.78 -22.97
CA THR O 68 24.16 24.11 -22.46
C THR O 68 24.13 22.64 -22.86
N MET O 69 24.34 22.39 -24.14
CA MET O 69 24.29 21.02 -24.64
C MET O 69 25.29 20.13 -23.93
N THR O 70 26.47 20.67 -23.68
CA THR O 70 27.51 19.89 -23.03
C THR O 70 26.99 19.30 -21.72
N VAL O 71 26.21 20.11 -20.98
CA VAL O 71 25.66 19.65 -19.71
C VAL O 71 24.48 18.69 -19.90
N LEU O 72 23.64 18.95 -20.90
CA LEU O 72 22.49 18.08 -21.14
C LEU O 72 22.94 16.65 -21.43
N ARG O 73 23.92 16.49 -22.29
CA ARG O 73 24.36 15.15 -22.56
C ARG O 73 24.93 14.54 -21.29
N ASP O 74 25.65 15.33 -20.51
CA ASP O 74 26.28 14.80 -19.30
C ASP O 74 25.26 14.07 -18.41
N MET O 75 24.06 14.63 -18.26
CA MET O 75 23.03 14.01 -17.44
C MET O 75 22.46 12.80 -18.18
N GLY O 76 23.06 12.52 -19.33
CA GLY O 76 22.63 11.42 -20.17
C GLY O 76 22.15 11.98 -21.50
N LEU O 77 22.17 11.17 -22.55
CA LEU O 77 21.73 11.65 -23.84
C LEU O 77 20.23 11.80 -23.86
N GLN O 78 19.79 13.03 -24.10
CA GLN O 78 18.37 13.33 -24.15
C GLN O 78 17.97 13.72 -25.56
N GLU O 79 16.72 13.50 -25.90
CA GLU O 79 16.27 13.89 -27.22
C GLU O 79 16.42 15.39 -27.34
N LEU O 80 16.32 16.07 -26.19
CA LEU O 80 16.46 17.51 -26.14
C LEU O 80 17.81 17.96 -26.66
N ALA O 81 18.87 17.27 -26.28
CA ALA O 81 20.20 17.65 -26.71
C ALA O 81 20.24 17.79 -28.22
N GLU O 82 19.76 16.79 -28.94
CA GLU O 82 19.76 16.86 -30.39
C GLU O 82 18.72 17.86 -30.87
N GLN O 83 17.53 17.85 -30.26
CA GLN O 83 16.48 18.78 -30.68
C GLN O 83 16.99 20.21 -30.64
N LEU O 84 17.70 20.53 -29.57
CA LEU O 84 18.24 21.87 -29.42
C LEU O 84 19.36 22.11 -30.44
N GLN O 85 20.17 21.09 -30.69
CA GLN O 85 21.27 21.21 -31.63
C GLN O 85 20.76 21.68 -32.99
N THR O 86 19.59 21.20 -33.39
CA THR O 86 19.03 21.59 -34.67
C THR O 86 18.98 23.11 -34.78
N THR O 87 18.73 23.76 -33.65
CA THR O 87 18.67 25.22 -33.61
C THR O 87 20.02 25.82 -33.97
N LYS O 88 21.09 25.14 -33.58
CA LYS O 88 22.45 25.62 -33.87
C LYS O 88 22.61 25.88 -35.36
N GLU O 89 22.12 24.95 -36.17
CA GLU O 89 22.19 25.10 -37.62
C GLU O 89 21.33 26.29 -38.05
N GLY A 1 -6.92 -15.76 -33.67
CA GLY A 1 -6.62 -17.02 -34.34
C GLY A 1 -7.24 -18.19 -33.59
N ARG A 2 -8.06 -18.97 -34.30
CA ARG A 2 -8.71 -20.12 -33.69
C ARG A 2 -7.69 -21.08 -33.11
N ALA A 3 -6.42 -20.87 -33.46
CA ALA A 3 -5.35 -21.74 -32.98
C ALA A 3 -5.40 -21.91 -31.46
N ARG A 4 -5.52 -20.81 -30.74
CA ARG A 4 -5.59 -20.88 -29.29
C ARG A 4 -6.80 -21.70 -28.84
N ASP A 5 -7.94 -21.41 -29.46
CA ASP A 5 -9.18 -22.10 -29.12
C ASP A 5 -9.14 -23.57 -29.48
N ALA A 6 -8.53 -23.90 -30.62
CA ALA A 6 -8.48 -25.29 -31.05
C ALA A 6 -7.66 -26.15 -30.08
N ILE A 7 -6.45 -25.73 -29.78
CA ILE A 7 -5.61 -26.47 -28.87
C ILE A 7 -6.30 -26.64 -27.53
N LEU A 8 -6.82 -25.55 -27.01
CA LEU A 8 -7.48 -25.55 -25.73
C LEU A 8 -8.55 -26.65 -25.64
N ASP A 9 -9.45 -26.67 -26.61
CA ASP A 9 -10.55 -27.64 -26.59
C ASP A 9 -10.05 -29.09 -26.51
N ALA A 10 -9.03 -29.42 -27.31
CA ALA A 10 -8.52 -30.78 -27.32
C ALA A 10 -7.71 -31.14 -26.07
N LEU A 11 -6.74 -30.30 -25.74
CA LEU A 11 -5.87 -30.57 -24.60
C LEU A 11 -6.68 -30.88 -23.34
N GLU A 12 -7.79 -30.17 -23.15
CA GLU A 12 -8.64 -30.37 -21.98
C GLU A 12 -9.26 -31.78 -21.94
N ASN A 13 -9.20 -32.50 -23.06
CA ASN A 13 -9.78 -33.86 -23.13
C ASN A 13 -8.81 -34.94 -22.62
N LEU A 14 -7.73 -34.52 -21.98
CA LEU A 14 -6.76 -35.49 -21.45
C LEU A 14 -7.02 -35.75 -19.96
N SER A 15 -6.77 -36.96 -19.52
CA SER A 15 -6.97 -37.31 -18.12
C SER A 15 -5.92 -36.64 -17.25
N GLY A 16 -6.18 -36.55 -15.96
CA GLY A 16 -5.27 -35.90 -15.03
C GLY A 16 -3.85 -36.48 -15.04
N ASP A 17 -3.74 -37.80 -15.12
CA ASP A 17 -2.41 -38.43 -15.10
C ASP A 17 -1.60 -38.16 -16.36
N GLU A 18 -2.20 -38.36 -17.52
CA GLU A 18 -1.48 -38.14 -18.78
C GLU A 18 -0.99 -36.71 -18.85
N LEU A 19 -1.76 -35.80 -18.29
CA LEU A 19 -1.39 -34.41 -18.30
C LEU A 19 0.03 -34.26 -17.76
N LYS A 20 0.29 -34.91 -16.63
CA LYS A 20 1.62 -34.83 -16.06
C LYS A 20 2.60 -35.38 -17.05
N LYS A 21 2.25 -36.48 -17.68
CA LYS A 21 3.14 -37.09 -18.63
C LYS A 21 3.41 -36.15 -19.78
N PHE A 22 2.40 -35.42 -20.20
CA PHE A 22 2.57 -34.51 -21.31
C PHE A 22 3.50 -33.36 -20.95
N LYS A 23 3.18 -32.65 -19.87
CA LYS A 23 3.99 -31.50 -19.47
C LYS A 23 5.45 -31.89 -19.24
N MET A 24 5.67 -32.95 -18.48
CA MET A 24 7.01 -33.40 -18.17
C MET A 24 7.79 -33.75 -19.43
N LYS A 25 7.16 -34.47 -20.35
CA LYS A 25 7.86 -34.86 -21.58
C LYS A 25 8.23 -33.65 -22.42
N LEU A 26 7.39 -32.63 -22.38
CA LEU A 26 7.61 -31.42 -23.14
C LEU A 26 8.97 -30.81 -22.80
N LEU A 27 9.34 -30.92 -21.53
CA LEU A 27 10.60 -30.36 -21.07
C LEU A 27 11.80 -31.03 -21.75
N THR A 28 11.67 -32.32 -22.08
CA THR A 28 12.78 -33.06 -22.69
C THR A 28 12.66 -33.17 -24.22
N VAL A 29 11.64 -32.57 -24.81
CA VAL A 29 11.47 -32.66 -26.25
C VAL A 29 12.41 -31.70 -26.98
N GLN A 30 12.84 -32.10 -28.18
CA GLN A 30 13.75 -31.27 -28.96
C GLN A 30 12.96 -30.23 -29.76
N LEU A 31 13.46 -28.99 -29.73
CA LEU A 31 12.81 -27.88 -30.42
C LEU A 31 13.73 -27.26 -31.46
N ARG A 32 13.12 -26.60 -32.44
CA ARG A 32 13.90 -25.95 -33.49
C ARG A 32 14.70 -24.80 -32.89
N GLU A 33 15.87 -24.51 -33.47
CA GLU A 33 16.73 -23.44 -32.96
C GLU A 33 16.11 -22.06 -33.19
N GLY A 34 16.43 -21.13 -32.29
CA GLY A 34 15.91 -19.76 -32.38
C GLY A 34 14.76 -19.54 -31.40
N TYR A 35 14.46 -20.57 -30.61
CA TYR A 35 13.38 -20.49 -29.63
C TYR A 35 13.91 -20.79 -28.23
N GLY A 36 13.14 -20.39 -27.22
CA GLY A 36 13.54 -20.61 -25.84
C GLY A 36 12.87 -21.85 -25.24
N ARG A 37 13.25 -22.13 -24.00
CA ARG A 37 12.72 -23.27 -23.25
C ARG A 37 11.93 -22.74 -22.06
N ILE A 38 10.84 -23.41 -21.71
CA ILE A 38 10.00 -22.91 -20.62
C ILE A 38 10.55 -23.32 -19.24
N PRO A 39 10.63 -22.38 -18.31
CA PRO A 39 11.16 -22.64 -16.94
C PRO A 39 10.47 -23.83 -16.27
N ARG A 40 11.27 -24.68 -15.64
CA ARG A 40 10.74 -25.86 -14.97
C ARG A 40 9.75 -25.51 -13.87
N GLY A 41 10.09 -24.51 -13.06
CA GLY A 41 9.24 -24.12 -11.93
C GLY A 41 7.81 -23.74 -12.33
N ALA A 42 7.68 -22.91 -13.36
CA ALA A 42 6.35 -22.47 -13.79
C ALA A 42 5.51 -23.63 -14.31
N LEU A 43 6.10 -24.43 -15.18
CA LEU A 43 5.41 -25.56 -15.76
C LEU A 43 4.90 -26.53 -14.70
N LEU A 44 5.70 -26.75 -13.67
CA LEU A 44 5.36 -27.70 -12.62
C LEU A 44 4.02 -27.39 -11.94
N GLN A 45 3.73 -26.12 -11.69
CA GLN A 45 2.48 -25.75 -10.99
C GLN A 45 1.41 -25.16 -11.90
N MET A 46 1.68 -25.10 -13.21
CA MET A 46 0.71 -24.51 -14.15
C MET A 46 -0.56 -25.34 -14.31
N ASP A 47 -1.61 -24.67 -14.80
CA ASP A 47 -2.90 -25.31 -15.05
C ASP A 47 -3.09 -25.58 -16.54
N ALA A 48 -4.07 -26.41 -16.88
CA ALA A 48 -4.32 -26.75 -18.27
C ALA A 48 -4.67 -25.51 -19.11
N ILE A 49 -5.58 -24.67 -18.60
CA ILE A 49 -5.95 -23.48 -19.35
C ILE A 49 -4.77 -22.53 -19.48
N ASP A 50 -4.10 -22.28 -18.37
CA ASP A 50 -2.95 -21.38 -18.35
C ASP A 50 -1.87 -21.86 -19.32
N LEU A 51 -1.65 -23.16 -19.31
CA LEU A 51 -0.65 -23.77 -20.18
C LEU A 51 -0.94 -23.42 -21.63
N THR A 52 -2.21 -23.33 -21.97
CA THR A 52 -2.61 -23.01 -23.33
C THR A 52 -2.09 -21.64 -23.75
N ASP A 53 -2.32 -20.64 -22.91
CA ASP A 53 -1.90 -19.29 -23.23
C ASP A 53 -0.39 -19.18 -23.41
N LYS A 54 0.36 -19.71 -22.46
CA LYS A 54 1.81 -19.64 -22.52
C LYS A 54 2.38 -20.43 -23.69
N LEU A 55 1.83 -21.62 -23.92
CA LEU A 55 2.33 -22.46 -25.01
C LEU A 55 2.38 -21.69 -26.32
N VAL A 56 1.31 -20.99 -26.65
CA VAL A 56 1.29 -20.23 -27.87
C VAL A 56 2.19 -19.00 -27.75
N SER A 57 2.24 -18.42 -26.56
CA SER A 57 3.05 -17.22 -26.33
C SER A 57 4.50 -17.41 -26.77
N TYR A 58 5.08 -18.55 -26.46
CA TYR A 58 6.48 -18.80 -26.80
C TYR A 58 6.68 -19.17 -28.27
N TYR A 59 5.76 -19.95 -28.82
CA TYR A 59 5.89 -20.38 -30.22
C TYR A 59 4.79 -19.80 -31.08
N LEU A 60 5.13 -19.45 -32.31
CA LEU A 60 4.15 -18.89 -33.22
C LEU A 60 2.99 -19.87 -33.40
N GLU A 61 1.84 -19.36 -33.75
CA GLU A 61 0.66 -20.20 -33.92
C GLU A 61 0.91 -21.30 -34.94
N SER A 62 1.50 -20.96 -36.07
CA SER A 62 1.76 -21.94 -37.12
C SER A 62 2.72 -23.02 -36.64
N TYR A 63 3.92 -22.60 -36.25
CA TYR A 63 4.92 -23.55 -35.78
C TYR A 63 4.50 -24.16 -34.45
N GLY A 64 3.89 -23.35 -33.60
CA GLY A 64 3.47 -23.83 -32.29
C GLY A 64 2.43 -24.94 -32.40
N LEU A 65 1.47 -24.77 -33.30
CA LEU A 65 0.42 -25.77 -33.47
C LEU A 65 1.00 -27.12 -33.88
N GLU A 66 1.94 -27.10 -34.81
CA GLU A 66 2.56 -28.34 -35.28
C GLU A 66 3.40 -29.00 -34.18
N LEU A 67 4.05 -28.17 -33.37
CA LEU A 67 4.91 -28.68 -32.31
C LEU A 67 4.11 -29.55 -31.33
N THR A 68 2.87 -29.18 -31.07
CA THR A 68 2.06 -29.95 -30.14
C THR A 68 1.89 -31.38 -30.62
N MET A 69 1.51 -31.52 -31.89
CA MET A 69 1.28 -32.84 -32.46
C MET A 69 2.48 -33.74 -32.30
N THR A 70 3.65 -33.20 -32.55
CA THR A 70 4.86 -34.00 -32.46
C THR A 70 4.98 -34.69 -31.10
N VAL A 71 4.74 -33.92 -30.04
CA VAL A 71 4.81 -34.48 -28.68
C VAL A 71 3.57 -35.30 -28.36
N LEU A 72 2.43 -34.86 -28.84
CA LEU A 72 1.18 -35.55 -28.58
C LEU A 72 1.21 -36.98 -29.10
N ARG A 73 1.71 -37.18 -30.31
CA ARG A 73 1.78 -38.53 -30.87
C ARG A 73 2.84 -39.36 -30.17
N ASP A 74 3.93 -38.72 -29.77
CA ASP A 74 5.03 -39.44 -29.11
C ASP A 74 4.55 -40.22 -27.88
N MET A 75 3.66 -39.61 -27.10
CA MET A 75 3.13 -40.28 -25.90
C MET A 75 2.37 -41.52 -26.32
N GLY A 76 1.92 -41.50 -27.57
CA GLY A 76 1.17 -42.60 -28.14
C GLY A 76 0.20 -42.04 -29.16
N LEU A 77 -0.05 -42.77 -30.24
CA LEU A 77 -0.97 -42.29 -31.25
C LEU A 77 -2.36 -42.28 -30.70
N GLN A 78 -2.98 -41.12 -30.70
CA GLN A 78 -4.32 -40.97 -30.17
C GLN A 78 -5.21 -40.33 -31.22
N GLU A 79 -6.50 -40.50 -31.07
CA GLU A 79 -7.42 -39.92 -32.00
C GLU A 79 -7.23 -38.41 -31.99
N LEU A 80 -6.81 -37.89 -30.84
CA LEU A 80 -6.57 -36.46 -30.68
C LEU A 80 -5.56 -35.95 -31.70
N ALA A 81 -4.48 -36.69 -31.90
CA ALA A 81 -3.47 -36.26 -32.84
C ALA A 81 -4.10 -35.95 -34.19
N GLU A 82 -4.89 -36.89 -34.70
CA GLU A 82 -5.53 -36.69 -35.98
C GLU A 82 -6.66 -35.67 -35.86
N GLN A 83 -7.46 -35.77 -34.80
CA GLN A 83 -8.57 -34.83 -34.63
C GLN A 83 -8.07 -33.41 -34.70
N LEU A 84 -6.96 -33.15 -34.05
CA LEU A 84 -6.39 -31.82 -34.04
C LEU A 84 -5.85 -31.46 -35.43
N GLN A 85 -5.27 -32.43 -36.11
CA GLN A 85 -4.70 -32.19 -37.44
C GLN A 85 -5.76 -31.61 -38.37
N THR A 86 -6.99 -32.11 -38.26
CA THR A 86 -8.06 -31.63 -39.11
C THR A 86 -8.16 -30.11 -39.03
N THR A 87 -7.84 -29.56 -37.86
CA THR A 87 -7.88 -28.12 -37.68
C THR A 87 -6.86 -27.43 -38.57
N LYS A 88 -5.74 -28.10 -38.84
CA LYS A 88 -4.70 -27.51 -39.68
C LYS A 88 -5.28 -27.06 -41.02
N GLU A 89 -6.11 -27.90 -41.61
CA GLU A 89 -6.75 -27.55 -42.88
C GLU A 89 -7.76 -26.43 -42.67
N GLY B 1 -29.16 2.35 -16.67
CA GLY B 1 -29.57 1.23 -17.49
C GLY B 1 -29.42 -0.08 -16.73
N ARG B 2 -30.50 -0.82 -16.63
CA ARG B 2 -30.48 -2.11 -15.93
C ARG B 2 -29.45 -3.04 -16.53
N ALA B 3 -28.94 -2.67 -17.71
CA ALA B 3 -27.95 -3.50 -18.40
C ALA B 3 -26.79 -3.87 -17.48
N ARG B 4 -26.24 -2.89 -16.78
CA ARG B 4 -25.13 -3.16 -15.88
C ARG B 4 -25.56 -4.13 -14.78
N ASP B 5 -26.73 -3.87 -14.20
CA ASP B 5 -27.25 -4.70 -13.13
C ASP B 5 -27.58 -6.11 -13.60
N ALA B 6 -28.12 -6.23 -14.81
CA ALA B 6 -28.51 -7.54 -15.32
C ALA B 6 -27.29 -8.44 -15.51
N ILE B 7 -26.29 -7.94 -16.22
CA ILE B 7 -25.09 -8.73 -16.46
C ILE B 7 -24.46 -9.14 -15.14
N LEU B 8 -24.31 -8.17 -14.26
CA LEU B 8 -23.70 -8.41 -12.97
C LEU B 8 -24.34 -9.59 -12.24
N ASP B 9 -25.65 -9.57 -12.11
CA ASP B 9 -26.35 -10.63 -11.38
C ASP B 9 -26.06 -12.02 -11.95
N ALA B 10 -26.09 -12.15 -13.27
CA ALA B 10 -25.86 -13.46 -13.89
C ALA B 10 -24.39 -13.89 -13.84
N LEU B 11 -23.49 -13.02 -14.28
CA LEU B 11 -22.07 -13.36 -14.32
C LEU B 11 -21.58 -13.92 -12.98
N GLU B 12 -22.08 -13.33 -11.89
CA GLU B 12 -21.68 -13.76 -10.55
C GLU B 12 -22.10 -15.21 -10.24
N ASN B 13 -22.98 -15.78 -11.08
CA ASN B 13 -23.45 -17.15 -10.87
C ASN B 13 -22.52 -18.20 -11.49
N LEU B 14 -21.32 -17.77 -11.90
CA LEU B 14 -20.36 -18.71 -12.49
C LEU B 14 -19.36 -19.19 -11.44
N SER B 15 -18.91 -20.43 -11.56
CA SER B 15 -17.95 -20.97 -10.62
C SER B 15 -16.59 -20.32 -10.83
N GLY B 16 -15.72 -20.43 -9.83
CA GLY B 16 -14.39 -19.82 -9.89
C GLY B 16 -13.57 -20.28 -11.11
N ASP B 17 -13.63 -21.55 -11.45
CA ASP B 17 -12.83 -22.06 -12.57
C ASP B 17 -13.33 -21.55 -13.92
N GLU B 18 -14.62 -21.65 -14.18
CA GLU B 18 -15.17 -21.21 -15.45
C GLU B 18 -14.86 -19.73 -15.68
N LEU B 19 -14.83 -18.98 -14.59
CA LEU B 19 -14.54 -17.57 -14.69
C LEU B 19 -13.24 -17.38 -15.45
N LYS B 20 -12.23 -18.14 -15.09
CA LYS B 20 -10.96 -18.01 -15.77
C LYS B 20 -11.17 -18.34 -17.23
N LYS B 21 -11.95 -19.38 -17.48
CA LYS B 21 -12.19 -19.77 -18.85
C LYS B 21 -12.87 -18.67 -19.61
N PHE B 22 -13.79 -17.98 -18.95
CA PHE B 22 -14.52 -16.92 -19.62
C PHE B 22 -13.62 -15.75 -19.96
N LYS B 23 -12.93 -15.22 -18.95
CA LYS B 23 -12.04 -14.07 -19.17
C LYS B 23 -11.00 -14.34 -20.25
N MET B 24 -10.32 -15.47 -20.12
CA MET B 24 -9.28 -15.84 -21.07
C MET B 24 -9.82 -15.94 -22.49
N LYS B 25 -10.97 -16.59 -22.65
CA LYS B 25 -11.52 -16.75 -23.99
C LYS B 25 -11.91 -15.41 -24.61
N LEU B 26 -12.34 -14.49 -23.76
CA LEU B 26 -12.74 -13.16 -24.21
C LEU B 26 -11.61 -12.48 -24.98
N LEU B 27 -10.40 -12.73 -24.53
CA LEU B 27 -9.23 -12.13 -25.17
C LEU B 27 -9.08 -12.59 -26.62
N THR B 28 -9.48 -13.82 -26.91
CA THR B 28 -9.33 -14.38 -28.25
C THR B 28 -10.61 -14.30 -29.09
N VAL B 29 -11.67 -13.72 -28.55
CA VAL B 29 -12.93 -13.63 -29.29
C VAL B 29 -12.88 -12.51 -30.32
N GLN B 30 -13.57 -12.71 -31.44
CA GLN B 30 -13.61 -11.70 -32.49
C GLN B 30 -14.66 -10.64 -32.19
N LEU B 31 -14.28 -9.38 -32.38
CA LEU B 31 -15.16 -8.25 -32.11
C LEU B 31 -15.41 -7.41 -33.36
N ARG B 32 -16.51 -6.70 -33.37
CA ARG B 32 -16.84 -5.84 -34.50
C ARG B 32 -15.81 -4.71 -34.61
N GLU B 33 -15.55 -4.24 -35.83
CA GLU B 33 -14.57 -3.17 -36.05
C GLU B 33 -15.06 -1.84 -35.48
N GLY B 34 -14.10 -1.01 -35.05
CA GLY B 34 -14.43 0.30 -34.48
C GLY B 34 -14.34 0.29 -32.97
N TYR B 35 -13.96 -0.86 -32.41
CA TYR B 35 -13.82 -1.00 -30.97
C TYR B 35 -12.42 -1.44 -30.59
N GLY B 36 -12.07 -1.25 -29.32
CA GLY B 36 -10.74 -1.61 -28.85
C GLY B 36 -10.73 -2.97 -28.15
N ARG B 37 -9.53 -3.38 -27.75
CA ARG B 37 -9.32 -4.65 -27.05
C ARG B 37 -8.83 -4.36 -25.65
N ILE B 38 -9.25 -5.16 -24.68
CA ILE B 38 -8.87 -4.89 -23.29
C ILE B 38 -7.47 -5.42 -22.97
N PRO B 39 -6.64 -4.61 -22.34
CA PRO B 39 -5.24 -5.01 -21.96
C PRO B 39 -5.19 -6.32 -21.21
N ARG B 40 -4.25 -7.17 -21.59
CA ARG B 40 -4.10 -8.47 -20.96
C ARG B 40 -3.81 -8.37 -19.46
N GLY B 41 -2.92 -7.45 -19.09
CA GLY B 41 -2.52 -7.29 -17.69
C GLY B 41 -3.69 -6.99 -16.75
N ALA B 42 -4.55 -6.05 -17.13
CA ALA B 42 -5.67 -5.68 -16.27
C ALA B 42 -6.65 -6.83 -16.10
N LEU B 43 -7.01 -7.45 -17.20
CA LEU B 43 -7.96 -8.55 -17.17
C LEU B 43 -7.47 -9.70 -16.29
N LEU B 44 -6.19 -9.97 -16.34
CA LEU B 44 -5.62 -11.09 -15.58
C LEU B 44 -5.86 -10.99 -14.08
N GLN B 45 -5.78 -9.79 -13.50
CA GLN B 45 -5.97 -9.64 -12.06
C GLN B 45 -7.33 -9.03 -11.67
N MET B 46 -8.19 -8.77 -12.64
CA MET B 46 -9.48 -8.15 -12.35
C MET B 46 -10.43 -9.07 -11.57
N ASP B 47 -11.43 -8.44 -10.94
CA ASP B 47 -12.44 -9.15 -10.17
C ASP B 47 -13.75 -9.24 -10.95
N ALA B 48 -14.65 -10.11 -10.51
CA ALA B 48 -15.93 -10.28 -11.20
C ALA B 48 -16.74 -8.98 -11.22
N ILE B 49 -16.85 -8.30 -10.08
CA ILE B 49 -17.62 -7.05 -10.05
C ILE B 49 -16.96 -5.99 -10.92
N ASP B 50 -15.65 -5.83 -10.75
CA ASP B 50 -14.90 -4.84 -11.50
C ASP B 50 -15.03 -5.09 -13.00
N LEU B 51 -14.95 -6.36 -13.38
CA LEU B 51 -15.06 -6.76 -14.76
C LEU B 51 -16.36 -6.26 -15.36
N THR B 52 -17.40 -6.22 -14.54
CA THR B 52 -18.70 -5.76 -14.99
C THR B 52 -18.66 -4.32 -15.44
N ASP B 53 -18.08 -3.46 -14.61
CA ASP B 53 -18.01 -2.04 -14.93
C ASP B 53 -17.22 -1.78 -16.21
N LYS B 54 -16.05 -2.36 -16.30
CA LYS B 54 -15.21 -2.15 -17.48
C LYS B 54 -15.83 -2.73 -18.74
N LEU B 55 -16.41 -3.92 -18.63
CA LEU B 55 -17.00 -4.56 -19.80
C LEU B 55 -17.97 -3.63 -20.50
N VAL B 56 -18.84 -2.99 -19.75
CA VAL B 56 -19.78 -2.08 -20.35
C VAL B 56 -19.09 -0.80 -20.80
N SER B 57 -18.08 -0.38 -20.05
CA SER B 57 -17.36 0.85 -20.36
C SER B 57 -16.81 0.86 -21.79
N TYR B 58 -16.27 -0.26 -22.24
CA TYR B 58 -15.71 -0.34 -23.59
C TYR B 58 -16.77 -0.49 -24.67
N TYR B 59 -17.81 -1.27 -24.40
CA TYR B 59 -18.85 -1.50 -25.40
C TYR B 59 -20.17 -0.91 -24.95
N LEU B 60 -20.92 -0.37 -25.90
CA LEU B 60 -22.21 0.20 -25.59
C LEU B 60 -23.10 -0.84 -24.93
N GLU B 61 -24.06 -0.39 -24.15
CA GLU B 61 -24.95 -1.31 -23.46
C GLU B 61 -25.67 -2.24 -24.43
N SER B 62 -26.19 -1.69 -25.52
CA SER B 62 -26.90 -2.51 -26.50
C SER B 62 -25.99 -3.55 -27.14
N TYR B 63 -24.93 -3.08 -27.79
CA TYR B 63 -24.00 -3.98 -28.44
C TYR B 63 -23.23 -4.81 -27.41
N GLY B 64 -22.89 -4.17 -26.30
CA GLY B 64 -22.14 -4.85 -25.25
C GLY B 64 -22.92 -6.02 -24.66
N LEU B 65 -24.20 -5.83 -24.42
CA LEU B 65 -25.02 -6.89 -23.84
C LEU B 65 -25.06 -8.12 -24.75
N GLU B 66 -25.23 -7.89 -26.05
CA GLU B 66 -25.28 -8.99 -27.01
C GLU B 66 -23.93 -9.71 -27.11
N LEU B 67 -22.85 -8.94 -27.01
CA LEU B 67 -21.51 -9.51 -27.13
C LEU B 67 -21.26 -10.57 -26.06
N THR B 68 -21.79 -10.35 -24.87
CA THR B 68 -21.59 -11.31 -23.78
C THR B 68 -22.15 -12.67 -24.16
N MET B 69 -23.39 -12.68 -24.63
CA MET B 69 -24.05 -13.92 -24.99
C MET B 69 -23.25 -14.72 -25.97
N THR B 70 -22.70 -14.05 -26.97
CA THR B 70 -21.93 -14.74 -28.00
C THR B 70 -20.82 -15.58 -27.38
N VAL B 71 -20.07 -15.00 -26.44
CA VAL B 71 -18.99 -15.72 -25.78
C VAL B 71 -19.53 -16.68 -24.73
N LEU B 72 -20.59 -16.29 -24.05
CA LEU B 72 -21.17 -17.11 -23.01
C LEU B 72 -21.63 -18.46 -23.56
N ARG B 73 -22.30 -18.45 -24.70
CA ARG B 73 -22.77 -19.70 -25.30
C ARG B 73 -21.61 -20.52 -25.85
N ASP B 74 -20.60 -19.84 -26.37
CA ASP B 74 -19.44 -20.52 -26.95
C ASP B 74 -18.80 -21.51 -25.96
N MET B 75 -18.69 -21.09 -24.69
CA MET B 75 -18.11 -21.96 -23.67
C MET B 75 -18.96 -23.20 -23.51
N GLY B 76 -20.21 -23.06 -23.91
CA GLY B 76 -21.19 -24.13 -23.81
C GLY B 76 -22.56 -23.53 -23.57
N LEU B 77 -23.60 -24.14 -24.13
CA LEU B 77 -24.93 -23.60 -23.94
C LEU B 77 -25.34 -23.81 -22.50
N GLN B 78 -25.65 -22.71 -21.84
CA GLN B 78 -26.06 -22.76 -20.46
C GLN B 78 -27.40 -22.07 -20.29
N GLU B 79 -28.06 -22.38 -19.19
CA GLU B 79 -29.34 -21.76 -18.93
C GLU B 79 -29.14 -20.25 -18.86
N LEU B 80 -27.94 -19.86 -18.42
CA LEU B 80 -27.60 -18.44 -18.30
C LEU B 80 -27.78 -17.71 -19.62
N ALA B 81 -27.30 -18.32 -20.70
CA ALA B 81 -27.41 -17.67 -22.00
C ALA B 81 -28.85 -17.26 -22.26
N GLU B 82 -29.78 -18.18 -22.09
CA GLU B 82 -31.18 -17.87 -22.32
C GLU B 82 -31.72 -16.99 -21.20
N GLN B 83 -31.38 -17.30 -19.95
CA GLN B 83 -31.87 -16.50 -18.83
C GLN B 83 -31.55 -15.03 -19.05
N LEU B 84 -30.34 -14.76 -19.50
CA LEU B 84 -29.93 -13.40 -19.75
C LEU B 84 -30.68 -12.82 -20.93
N GLN B 85 -30.91 -13.63 -21.96
CA GLN B 85 -31.61 -13.17 -23.15
C GLN B 85 -32.96 -12.57 -22.79
N THR B 86 -33.64 -13.18 -21.83
CA THR B 86 -34.95 -12.70 -21.41
C THR B 86 -34.87 -11.22 -21.07
N THR B 87 -33.72 -10.80 -20.54
CA THR B 87 -33.52 -9.41 -20.18
C THR B 87 -33.59 -8.51 -21.41
N LYS B 88 -33.14 -9.04 -22.56
CA LYS B 88 -33.15 -8.25 -23.79
C LYS B 88 -34.54 -7.68 -24.06
N GLU B 89 -35.56 -8.51 -23.88
CA GLU B 89 -36.93 -8.06 -24.10
C GLU B 89 -37.31 -7.08 -22.99
N GLY C 1 -28.25 15.95 13.80
CA GLY C 1 -29.21 14.91 13.47
C GLY C 1 -28.57 13.53 13.59
N ARG C 2 -29.19 12.68 14.40
CA ARG C 2 -28.69 11.33 14.60
C ARG C 2 -28.58 10.58 13.27
N ALA C 3 -29.19 11.15 12.23
CA ALA C 3 -29.19 10.51 10.92
C ALA C 3 -27.76 10.13 10.50
N ARG C 4 -26.82 11.07 10.62
CA ARG C 4 -25.44 10.78 10.25
C ARG C 4 -24.89 9.63 11.08
N ASP C 5 -25.12 9.71 12.39
CA ASP C 5 -24.63 8.69 13.31
C ASP C 5 -25.28 7.33 13.07
N ALA C 6 -26.57 7.33 12.77
CA ALA C 6 -27.28 6.07 12.56
C ALA C 6 -26.73 5.32 11.34
N ILE C 7 -26.66 5.99 10.21
CA ILE C 7 -26.16 5.36 9.00
C ILE C 7 -24.75 4.85 9.24
N LEU C 8 -23.92 5.70 9.79
CA LEU C 8 -22.53 5.34 10.03
C LEU C 8 -22.40 4.02 10.78
N ASP C 9 -23.09 3.90 11.90
CA ASP C 9 -22.99 2.70 12.72
C ASP C 9 -23.34 1.42 11.94
N ALA C 10 -24.41 1.47 11.15
CA ALA C 10 -24.82 0.29 10.41
C ALA C 10 -23.91 -0.01 9.21
N LEU C 11 -23.67 0.99 8.37
CA LEU C 11 -22.86 0.79 7.18
C LEU C 11 -21.52 0.11 7.51
N GLU C 12 -20.93 0.50 8.63
CA GLU C 12 -19.64 -0.06 9.05
C GLU C 12 -19.74 -1.58 9.34
N ASN C 13 -20.96 -2.10 9.45
CA ASN C 13 -21.15 -3.54 9.74
C ASN C 13 -21.12 -4.40 8.47
N LEU C 14 -20.70 -3.82 7.35
CA LEU C 14 -20.62 -4.58 6.09
C LEU C 14 -19.21 -5.09 5.86
N SER C 15 -19.10 -6.25 5.23
CA SER C 15 -17.79 -6.82 4.96
C SER C 15 -17.10 -6.02 3.85
N GLY C 16 -15.79 -6.19 3.74
CA GLY C 16 -15.00 -5.46 2.75
C GLY C 16 -15.49 -5.66 1.32
N ASP C 17 -15.84 -6.89 0.96
CA ASP C 17 -16.29 -7.17 -0.41
C ASP C 17 -17.63 -6.52 -0.75
N GLU C 18 -18.63 -6.71 0.11
CA GLU C 18 -19.95 -6.16 -0.15
C GLU C 18 -19.86 -4.65 -0.30
N LEU C 19 -18.95 -4.05 0.45
CA LEU C 19 -18.78 -2.61 0.38
C LEU C 19 -18.59 -2.19 -1.08
N LYS C 20 -17.72 -2.90 -1.79
CA LYS C 20 -17.49 -2.57 -3.17
C LYS C 20 -18.79 -2.72 -3.91
N LYS C 21 -19.51 -3.78 -3.61
CA LYS C 21 -20.77 -4.01 -4.31
C LYS C 21 -21.72 -2.88 -4.05
N PHE C 22 -21.72 -2.39 -2.82
CA PHE C 22 -22.65 -1.32 -2.47
C PHE C 22 -22.31 -0.03 -3.22
N LYS C 23 -21.06 0.43 -3.09
CA LYS C 23 -20.66 1.67 -3.73
C LYS C 23 -20.88 1.64 -5.24
N MET C 24 -20.42 0.57 -5.87
CA MET C 24 -20.56 0.44 -7.31
C MET C 24 -22.01 0.47 -7.74
N LYS C 25 -22.88 -0.26 -7.04
CA LYS C 25 -24.29 -0.29 -7.41
C LYS C 25 -24.94 1.07 -7.27
N LEU C 26 -24.48 1.84 -6.29
CA LEU C 26 -25.03 3.16 -6.03
C LEU C 26 -24.91 4.04 -7.26
N LEU C 27 -23.83 3.86 -8.00
CA LEU C 27 -23.60 4.63 -9.21
C LEU C 27 -24.69 4.39 -10.26
N THR C 28 -25.22 3.17 -10.31
CA THR C 28 -26.23 2.81 -11.33
C THR C 28 -27.66 2.88 -10.79
N VAL C 29 -27.84 3.29 -9.55
CA VAL C 29 -29.19 3.36 -8.98
C VAL C 29 -29.92 4.61 -9.46
N GLN C 30 -31.24 4.49 -9.60
CA GLN C 30 -32.05 5.62 -10.05
C GLN C 30 -32.40 6.53 -8.88
N LEU C 31 -32.25 7.83 -9.09
CA LEU C 31 -32.51 8.83 -8.06
C LEU C 31 -33.62 9.80 -8.49
N ARG C 32 -34.26 10.41 -7.50
CA ARG C 32 -35.32 11.37 -7.79
C ARG C 32 -34.72 12.60 -8.49
N GLU C 33 -35.51 13.24 -9.35
CA GLU C 33 -35.03 14.42 -10.08
C GLU C 33 -34.82 15.61 -9.16
N GLY C 34 -33.86 16.47 -9.52
CA GLY C 34 -33.55 17.65 -8.73
C GLY C 34 -32.28 17.45 -7.91
N TYR C 35 -31.67 16.28 -8.05
CA TYR C 35 -30.44 15.96 -7.31
C TYR C 35 -29.32 15.61 -8.27
N GLY C 36 -28.08 15.67 -7.77
CA GLY C 36 -26.92 15.37 -8.59
C GLY C 36 -26.43 13.93 -8.39
N ARG C 37 -25.41 13.59 -9.16
CA ARG C 37 -24.79 12.26 -9.11
C ARG C 37 -23.36 12.41 -8.61
N ILE C 38 -22.88 11.45 -7.83
CA ILE C 38 -21.54 11.58 -7.26
C ILE C 38 -20.46 11.13 -8.26
N PRO C 39 -19.42 11.93 -8.42
CA PRO C 39 -18.29 11.62 -9.36
C PRO C 39 -17.72 10.23 -9.15
N ARG C 40 -17.50 9.53 -10.25
CA ARG C 40 -16.97 8.17 -10.19
C ARG C 40 -15.59 8.11 -9.51
N GLY C 41 -14.72 9.04 -9.86
CA GLY C 41 -13.36 9.04 -9.31
C GLY C 41 -13.31 9.12 -7.78
N ALA C 42 -14.09 10.01 -7.19
CA ALA C 42 -14.07 10.17 -5.74
C ALA C 42 -14.58 8.91 -5.04
N LEU C 43 -15.71 8.40 -5.51
CA LEU C 43 -16.31 7.22 -4.91
C LEU C 43 -15.38 6.02 -4.94
N LEU C 44 -14.64 5.89 -6.04
CA LEU C 44 -13.76 4.73 -6.21
C LEU C 44 -12.71 4.61 -5.11
N GLN C 45 -12.15 5.73 -4.63
CA GLN C 45 -11.10 5.66 -3.60
C GLN C 45 -11.58 6.09 -2.21
N MET C 46 -12.87 6.39 -2.07
CA MET C 46 -13.40 6.85 -0.78
C MET C 46 -13.41 5.75 0.29
N ASP C 47 -13.48 6.19 1.55
CA ASP C 47 -13.51 5.29 2.70
C ASP C 47 -14.93 5.19 3.25
N ALA C 48 -15.17 4.19 4.10
CA ALA C 48 -16.50 3.99 4.66
C ALA C 48 -16.95 5.20 5.49
N ILE C 49 -16.08 5.71 6.36
CA ILE C 49 -16.46 6.86 7.18
C ILE C 49 -16.69 8.09 6.30
N ASP C 50 -15.75 8.34 5.40
CA ASP C 50 -15.85 9.49 4.50
C ASP C 50 -17.13 9.42 3.68
N LEU C 51 -17.44 8.23 3.21
CA LEU C 51 -18.62 8.02 2.40
C LEU C 51 -19.87 8.48 3.16
N THR C 52 -19.85 8.30 4.46
CA THR C 52 -20.97 8.69 5.29
C THR C 52 -21.23 10.18 5.22
N ASP C 53 -20.18 10.98 5.38
CA ASP C 53 -20.32 12.42 5.36
C ASP C 53 -20.84 12.92 4.02
N LYS C 54 -20.24 12.47 2.94
CA LYS C 54 -20.64 12.92 1.62
C LYS C 54 -22.05 12.46 1.27
N LEU C 55 -22.37 11.20 1.61
CA LEU C 55 -23.69 10.67 1.28
C LEU C 55 -24.80 11.60 1.77
N VAL C 56 -24.70 12.04 3.01
CA VAL C 56 -25.70 12.94 3.53
C VAL C 56 -25.57 14.33 2.90
N SER C 57 -24.34 14.73 2.63
CA SER C 57 -24.10 16.06 2.05
C SER C 57 -24.89 16.30 0.79
N TYR C 58 -24.97 15.30 -0.08
CA TYR C 58 -25.70 15.46 -1.34
C TYR C 58 -27.22 15.35 -1.18
N TYR C 59 -27.67 14.45 -0.32
CA TYR C 59 -29.10 14.26 -0.12
C TYR C 59 -29.52 14.66 1.28
N LEU C 60 -30.71 15.24 1.38
CA LEU C 60 -31.22 15.65 2.69
C LEU C 60 -31.29 14.45 3.60
N GLU C 61 -31.24 14.71 4.90
CA GLU C 61 -31.27 13.63 5.87
C GLU C 61 -32.52 12.76 5.73
N SER C 62 -33.67 13.40 5.57
CA SER C 62 -34.91 12.66 5.43
C SER C 62 -34.92 11.81 4.17
N TYR C 63 -34.77 12.45 3.02
CA TYR C 63 -34.76 11.73 1.76
C TYR C 63 -33.53 10.86 1.64
N GLY C 64 -32.40 11.37 2.13
CA GLY C 64 -31.15 10.64 2.05
C GLY C 64 -31.22 9.32 2.82
N LEU C 65 -31.79 9.36 4.01
CA LEU C 65 -31.89 8.17 4.84
C LEU C 65 -32.68 7.07 4.15
N GLU C 66 -33.81 7.45 3.55
CA GLU C 66 -34.66 6.48 2.85
C GLU C 66 -33.95 5.92 1.61
N LEU C 67 -33.18 6.75 0.93
CA LEU C 67 -32.48 6.33 -0.28
C LEU C 67 -31.53 5.17 -0.01
N THR C 68 -30.90 5.19 1.15
CA THR C 68 -29.97 4.12 1.49
C THR C 68 -30.68 2.77 1.50
N MET C 69 -31.80 2.71 2.20
CA MET C 69 -32.55 1.46 2.32
C MET C 69 -32.88 0.87 0.96
N THR C 70 -33.31 1.73 0.05
CA THR C 70 -33.69 1.24 -1.27
C THR C 70 -32.56 0.43 -1.91
N VAL C 71 -31.33 0.96 -1.85
CA VAL C 71 -30.19 0.27 -2.42
C VAL C 71 -29.73 -0.88 -1.54
N LEU C 72 -29.82 -0.66 -0.23
CA LEU C 72 -29.39 -1.68 0.72
C LEU C 72 -30.17 -2.98 0.56
N ARG C 73 -31.48 -2.88 0.39
CA ARG C 73 -32.30 -4.08 0.22
C ARG C 73 -32.07 -4.71 -1.14
N ASP C 74 -31.84 -3.87 -2.15
CA ASP C 74 -31.63 -4.37 -3.51
C ASP C 74 -30.50 -5.40 -3.58
N MET C 75 -29.41 -5.15 -2.85
CA MET C 75 -28.28 -6.09 -2.83
C MET C 75 -28.74 -7.41 -2.26
N GLY C 76 -29.80 -7.34 -1.48
CA GLY C 76 -30.37 -8.50 -0.82
C GLY C 76 -30.99 -8.06 0.50
N LEU C 77 -32.09 -8.69 0.89
CA LEU C 77 -32.72 -8.31 2.14
C LEU C 77 -31.84 -8.73 3.29
N GLN C 78 -31.46 -7.77 4.09
CA GLN C 78 -30.61 -8.04 5.22
C GLN C 78 -31.24 -7.51 6.49
N GLU C 79 -30.80 -8.02 7.62
CA GLU C 79 -31.34 -7.56 8.87
C GLU C 79 -31.09 -6.06 8.99
N LEU C 80 -30.00 -5.62 8.37
CA LEU C 80 -29.62 -4.22 8.40
C LEU C 80 -30.74 -3.33 7.86
N ALA C 81 -31.34 -3.74 6.75
CA ALA C 81 -32.41 -2.94 6.16
C ALA C 81 -33.46 -2.63 7.21
N GLU C 82 -33.94 -3.66 7.89
CA GLU C 82 -34.95 -3.45 8.92
C GLU C 82 -34.35 -2.78 10.14
N GLN C 83 -33.17 -3.22 10.57
CA GLN C 83 -32.54 -2.62 11.74
C GLN C 83 -32.45 -1.12 11.59
N LEU C 84 -32.06 -0.68 10.41
CA LEU C 84 -31.93 0.74 10.15
C LEU C 84 -33.30 1.40 10.12
N GLN C 85 -34.30 0.71 9.57
CA GLN C 85 -35.64 1.26 9.47
C GLN C 85 -36.15 1.67 10.85
N THR C 86 -35.83 0.88 11.87
CA THR C 86 -36.27 1.19 13.22
C THR C 86 -35.87 2.61 13.59
N THR C 87 -34.74 3.06 13.07
CA THR C 87 -34.26 4.41 13.35
C THR C 87 -35.24 5.45 12.80
N LYS C 88 -35.90 5.11 11.69
CA LYS C 88 -36.84 6.05 11.07
C LYS C 88 -37.87 6.52 12.10
N GLU C 89 -38.40 5.59 12.88
CA GLU C 89 -39.36 5.93 13.91
C GLU C 89 -38.68 6.72 15.02
N GLY D 1 -2.96 25.49 33.29
CA GLY D 1 -3.87 24.42 33.70
C GLY D 1 -3.45 23.09 33.06
N ARG D 2 -3.23 22.09 33.90
CA ARG D 2 -2.82 20.78 33.42
C ARG D 2 -3.85 20.23 32.42
N ALA D 3 -5.01 20.86 32.37
CA ALA D 3 -6.08 20.41 31.48
C ALA D 3 -5.56 20.23 30.05
N ARG D 4 -4.85 21.21 29.53
CA ARG D 4 -4.33 21.10 28.19
C ARG D 4 -3.38 19.90 28.08
N ASP D 5 -2.49 19.79 29.05
CA ASP D 5 -1.51 18.71 29.05
C ASP D 5 -2.16 17.35 29.22
N ALA D 6 -3.18 17.27 30.05
CA ALA D 6 -3.84 15.99 30.29
C ALA D 6 -4.51 15.45 29.02
N ILE D 7 -5.33 16.26 28.40
CA ILE D 7 -6.01 15.84 27.18
C ILE D 7 -5.00 15.43 26.13
N LEU D 8 -4.01 16.27 25.93
CA LEU D 8 -2.98 16.02 24.94
C LEU D 8 -2.38 14.63 25.09
N ASP D 9 -1.92 14.30 26.28
CA ASP D 9 -1.28 13.01 26.51
C ASP D 9 -2.17 11.83 26.13
N ALA D 10 -3.43 11.87 26.51
CA ALA D 10 -4.34 10.77 26.21
C ALA D 10 -4.75 10.71 24.73
N LEU D 11 -5.21 11.83 24.19
CA LEU D 11 -5.67 11.86 22.81
C LEU D 11 -4.63 11.28 21.85
N GLU D 12 -3.36 11.56 22.12
CA GLU D 12 -2.27 11.07 21.26
C GLU D 12 -2.17 9.53 21.28
N ASN D 13 -2.86 8.88 22.23
CA ASN D 13 -2.81 7.41 22.34
C ASN D 13 -3.84 6.73 21.43
N LEU D 14 -4.45 7.49 20.51
CA LEU D 14 -5.43 6.91 19.59
C LEU D 14 -4.78 6.56 18.26
N SER D 15 -5.26 5.50 17.63
CA SER D 15 -4.71 5.09 16.35
C SER D 15 -5.13 6.09 15.25
N GLY D 16 -4.42 6.05 14.14
CA GLY D 16 -4.69 6.97 13.03
C GLY D 16 -6.13 6.92 12.53
N ASP D 17 -6.69 5.72 12.42
CA ASP D 17 -8.06 5.59 11.90
C ASP D 17 -9.12 6.15 12.85
N GLU D 18 -9.05 5.76 14.13
CA GLU D 18 -10.04 6.23 15.09
C GLU D 18 -10.03 7.74 15.16
N LEU D 19 -8.86 8.32 14.98
CA LEU D 19 -8.74 9.76 15.03
C LEU D 19 -9.75 10.38 14.06
N LYS D 20 -9.81 9.84 12.85
CA LYS D 20 -10.75 10.37 11.89
C LYS D 20 -12.14 10.21 12.45
N LYS D 21 -12.41 9.06 13.03
CA LYS D 21 -13.71 8.81 13.59
C LYS D 21 -14.04 9.80 14.67
N PHE D 22 -13.05 10.14 15.47
CA PHE D 22 -13.28 11.06 16.56
C PHE D 22 -13.60 12.46 16.05
N LYS D 23 -12.71 13.00 15.22
CA LYS D 23 -12.92 14.36 14.69
C LYS D 23 -14.25 14.49 13.97
N MET D 24 -14.52 13.57 13.07
CA MET D 24 -15.75 13.61 12.29
C MET D 24 -16.98 13.56 13.19
N LYS D 25 -16.99 12.68 14.18
CA LYS D 25 -18.15 12.57 15.06
C LYS D 25 -18.37 13.84 15.87
N LEU D 26 -17.26 14.51 16.21
CA LEU D 26 -17.33 15.73 16.99
C LEU D 26 -18.19 16.77 16.29
N LEU D 27 -18.13 16.78 14.98
CA LEU D 27 -18.90 17.73 14.19
C LEU D 27 -20.41 17.53 14.37
N THR D 28 -20.84 16.28 14.58
CA THR D 28 -22.27 15.98 14.72
C THR D 28 -22.71 15.85 16.18
N VAL D 29 -21.82 16.07 17.13
CA VAL D 29 -22.19 15.93 18.53
C VAL D 29 -22.96 17.17 19.01
N GLN D 30 -23.88 16.95 19.95
CA GLN D 30 -24.66 18.06 20.49
C GLN D 30 -23.90 18.77 21.60
N LEU D 31 -23.92 20.10 21.55
CA LEU D 31 -23.21 20.92 22.52
C LEU D 31 -24.18 21.84 23.28
N ARG D 32 -23.76 22.25 24.47
CA ARG D 32 -24.59 23.15 25.28
C ARG D 32 -24.72 24.50 24.58
N GLU D 33 -25.84 25.18 24.77
CA GLU D 33 -26.08 26.48 24.14
C GLU D 33 -25.16 27.56 24.71
N GLY D 34 -24.82 28.54 23.85
CA GLY D 34 -23.94 29.63 24.27
C GLY D 34 -22.53 29.44 23.73
N TYR D 35 -22.33 28.36 22.98
CA TYR D 35 -21.02 28.05 22.41
C TYR D 35 -21.11 27.94 20.90
N GLY D 36 -19.96 28.03 20.24
CA GLY D 36 -19.91 27.95 18.78
C GLY D 36 -19.52 26.55 18.31
N ARG D 37 -19.52 26.40 16.98
CA ARG D 37 -19.17 25.15 16.33
C ARG D 37 -17.90 25.35 15.52
N ILE D 38 -17.03 24.35 15.47
CA ILE D 38 -15.76 24.51 14.76
C ILE D 38 -15.92 24.30 13.26
N PRO D 39 -15.37 25.20 12.45
CA PRO D 39 -15.45 25.12 10.97
C PRO D 39 -15.00 23.78 10.43
N ARG D 40 -15.76 23.25 9.50
CA ARG D 40 -15.47 21.94 8.90
C ARG D 40 -14.10 21.91 8.22
N GLY D 41 -13.78 22.96 7.47
CA GLY D 41 -12.52 23.02 6.72
C GLY D 41 -11.29 22.90 7.61
N ALA D 42 -11.24 23.63 8.70
CA ALA D 42 -10.07 23.59 9.57
C ALA D 42 -9.90 22.21 10.22
N LEU D 43 -10.97 21.67 10.74
CA LEU D 43 -10.93 20.38 11.40
C LEU D 43 -10.45 19.28 10.47
N LEU D 44 -10.87 19.35 9.21
CA LEU D 44 -10.52 18.32 8.23
C LEU D 44 -9.03 18.14 8.05
N GLN D 45 -8.25 19.23 8.06
CA GLN D 45 -6.80 19.13 7.84
C GLN D 45 -5.97 19.34 9.12
N MET D 46 -6.63 19.49 10.27
CA MET D 46 -5.91 19.73 11.51
C MET D 46 -5.12 18.50 12.00
N ASP D 47 -4.14 18.77 12.87
CA ASP D 47 -3.29 17.73 13.44
C ASP D 47 -3.73 17.43 14.87
N ALA D 48 -3.25 16.31 15.43
CA ALA D 48 -3.63 15.92 16.78
C ALA D 48 -3.18 16.96 17.81
N ILE D 49 -1.95 17.45 17.72
CA ILE D 49 -1.47 18.44 18.68
C ILE D 49 -2.25 19.74 18.52
N ASP D 50 -2.38 20.19 17.28
CA ASP D 50 -3.08 21.43 17.00
C ASP D 50 -4.53 21.36 17.51
N LEU D 51 -5.14 20.22 17.29
CA LEU D 51 -6.52 20.01 17.71
C LEU D 51 -6.65 20.25 19.21
N THR D 52 -5.61 19.91 19.94
CA THR D 52 -5.62 20.07 21.38
C THR D 52 -5.76 21.54 21.77
N ASP D 53 -4.96 22.39 21.16
CA ASP D 53 -4.99 23.81 21.47
C ASP D 53 -6.34 24.44 21.16
N LYS D 54 -6.85 24.19 19.96
CA LYS D 54 -8.13 24.76 19.56
C LYS D 54 -9.28 24.23 20.40
N LEU D 55 -9.27 22.93 20.67
CA LEU D 55 -10.35 22.32 21.43
C LEU D 55 -10.60 23.07 22.72
N VAL D 56 -9.54 23.36 23.45
CA VAL D 56 -9.69 24.08 24.70
C VAL D 56 -10.04 25.55 24.43
N SER D 57 -9.49 26.10 23.36
CA SER D 57 -9.72 27.50 23.02
C SER D 57 -11.21 27.83 22.93
N TYR D 58 -11.99 26.95 22.32
CA TYR D 58 -13.42 27.21 22.17
C TYR D 58 -14.22 26.95 23.44
N TYR D 59 -13.86 25.90 24.18
CA TYR D 59 -14.59 25.56 25.39
C TYR D 59 -13.72 25.73 26.62
N LEU D 60 -14.32 26.18 27.71
CA LEU D 60 -13.58 26.38 28.95
C LEU D 60 -12.95 25.07 29.38
N GLU D 61 -11.88 25.15 30.14
CA GLU D 61 -11.19 23.95 30.58
C GLU D 61 -12.12 23.01 31.34
N SER D 62 -12.91 23.56 32.26
CA SER D 62 -13.81 22.73 33.05
C SER D 62 -14.86 22.06 32.18
N TYR D 63 -15.64 22.85 31.47
CA TYR D 63 -16.68 22.30 30.60
C TYR D 63 -16.06 21.57 29.41
N GLY D 64 -14.97 22.11 28.90
CA GLY D 64 -14.29 21.51 27.76
C GLY D 64 -13.79 20.11 28.07
N LEU D 65 -13.19 19.94 29.25
CA LEU D 65 -12.65 18.64 29.63
C LEU D 65 -13.75 17.58 29.69
N GLU D 66 -14.90 17.92 30.27
CA GLU D 66 -16.00 16.99 30.37
C GLU D 66 -16.58 16.65 29.00
N LEU D 67 -16.61 17.65 28.11
CA LEU D 67 -17.17 17.46 26.78
C LEU D 67 -16.43 16.35 26.01
N THR D 68 -15.12 16.27 26.21
CA THR D 68 -14.34 15.25 25.52
C THR D 68 -14.83 13.86 25.87
N MET D 69 -14.96 13.61 27.17
CA MET D 69 -15.38 12.30 27.64
C MET D 69 -16.69 11.86 27.01
N THR D 70 -17.64 12.77 26.92
CA THR D 70 -18.94 12.44 26.36
C THR D 70 -18.80 11.83 24.97
N VAL D 71 -17.97 12.46 24.12
CA VAL D 71 -17.76 11.95 22.77
C VAL D 71 -16.83 10.74 22.77
N LEU D 72 -15.85 10.77 23.65
CA LEU D 72 -14.87 9.69 23.73
C LEU D 72 -15.55 8.35 24.04
N ARG D 73 -16.47 8.34 25.00
CA ARG D 73 -17.17 7.12 25.36
C ARG D 73 -18.13 6.70 24.27
N ASP D 74 -18.75 7.67 23.61
CA ASP D 74 -19.72 7.38 22.56
C ASP D 74 -19.14 6.47 21.48
N MET D 75 -17.89 6.72 21.09
CA MET D 75 -17.23 5.90 20.07
C MET D 75 -17.12 4.47 20.57
N GLY D 76 -17.15 4.35 21.89
CA GLY D 76 -17.04 3.06 22.56
C GLY D 76 -16.35 3.26 23.89
N LEU D 77 -16.74 2.49 24.90
CA LEU D 77 -16.12 2.65 26.20
C LEU D 77 -14.69 2.16 26.13
N GLN D 78 -13.78 3.04 26.45
CA GLN D 78 -12.37 2.71 26.41
C GLN D 78 -11.72 3.01 27.76
N GLU D 79 -10.59 2.40 28.00
CA GLU D 79 -9.90 2.64 29.25
C GLU D 79 -9.58 4.13 29.34
N LEU D 80 -9.39 4.74 28.18
CA LEU D 80 -9.07 6.16 28.10
C LEU D 80 -10.13 6.99 28.80
N ALA D 81 -11.40 6.69 28.55
CA ALA D 81 -12.47 7.44 29.16
C ALA D 81 -12.27 7.53 30.67
N GLU D 82 -12.07 6.38 31.30
CA GLU D 82 -11.87 6.36 32.73
C GLU D 82 -10.50 6.93 33.10
N GLN D 83 -9.47 6.55 32.35
CA GLN D 83 -8.12 7.03 32.65
C GLN D 83 -8.11 8.55 32.71
N LEU D 84 -8.78 9.16 31.77
CA LEU D 84 -8.85 10.61 31.72
C LEU D 84 -9.67 11.15 32.89
N GLN D 85 -10.75 10.44 33.23
CA GLN D 85 -11.61 10.89 34.32
C GLN D 85 -10.82 11.06 35.61
N THR D 86 -9.86 10.17 35.84
CA THR D 86 -9.04 10.26 37.04
C THR D 86 -8.43 11.65 37.16
N THR D 87 -8.14 12.27 36.03
CA THR D 87 -7.56 13.61 36.02
C THR D 87 -8.54 14.62 36.61
N LYS D 88 -9.82 14.38 36.42
CA LYS D 88 -10.84 15.29 36.94
C LYS D 88 -10.64 15.54 38.43
N GLU D 89 -10.38 14.47 39.18
CA GLU D 89 -10.14 14.58 40.61
C GLU D 89 -8.81 15.27 40.86
N GLY E 1 28.38 34.57 26.36
CA GLY E 1 28.09 33.38 27.15
C GLY E 1 27.77 32.21 26.25
N ARG E 2 28.52 31.12 26.41
CA ARG E 2 28.33 29.93 25.61
C ARG E 2 26.89 29.42 25.74
N ALA E 3 26.17 29.95 26.73
CA ALA E 3 24.79 29.52 26.98
C ALA E 3 23.97 29.57 25.70
N ARG E 4 24.03 30.68 24.98
CA ARG E 4 23.27 30.79 23.74
C ARG E 4 23.70 29.73 22.74
N ASP E 5 25.00 29.56 22.60
CA ASP E 5 25.55 28.58 21.67
C ASP E 5 25.22 27.15 22.06
N ALA E 6 25.25 26.87 23.36
CA ALA E 6 24.98 25.51 23.82
C ALA E 6 23.55 25.09 23.52
N ILE E 7 22.59 25.91 23.92
CA ILE E 7 21.19 25.59 23.68
C ILE E 7 20.95 25.42 22.19
N LEU E 8 21.44 26.37 21.42
CA LEU E 8 21.25 26.34 19.97
C LEU E 8 21.66 25.00 19.38
N ASP E 9 22.88 24.56 19.67
CA ASP E 9 23.38 23.32 19.10
C ASP E 9 22.47 22.12 19.39
N ALA E 10 22.02 22.00 20.63
CA ALA E 10 21.17 20.86 21.00
C ALA E 10 19.75 20.97 20.44
N LEU E 11 19.10 22.10 20.66
CA LEU E 11 17.73 22.28 20.20
C LEU E 11 17.56 21.91 18.73
N GLU E 12 18.56 22.28 17.92
CA GLU E 12 18.52 22.00 16.49
C GLU E 12 18.51 20.48 16.17
N ASN E 13 18.82 19.66 17.18
CA ASN E 13 18.85 18.21 16.99
C ASN E 13 17.46 17.56 17.16
N LEU E 14 16.41 18.36 17.21
CA LEU E 14 15.07 17.83 17.35
C LEU E 14 14.38 17.73 16.00
N SER E 15 13.53 16.71 15.84
CA SER E 15 12.82 16.54 14.58
C SER E 15 11.76 17.62 14.41
N GLY E 16 11.29 17.80 13.19
CA GLY E 16 10.30 18.83 12.89
C GLY E 16 9.02 18.71 13.72
N ASP E 17 8.54 17.50 13.91
CA ASP E 17 7.29 17.31 14.68
C ASP E 17 7.44 17.63 16.16
N GLU E 18 8.46 17.09 16.81
CA GLU E 18 8.66 17.33 18.23
C GLU E 18 8.80 18.82 18.49
N LEU E 19 9.39 19.52 17.55
CA LEU E 19 9.58 20.94 17.69
C LEU E 19 8.23 21.59 18.02
N LYS E 20 7.20 21.22 17.27
CA LYS E 20 5.90 21.78 17.52
C LYS E 20 5.49 21.42 18.92
N LYS E 21 5.74 20.19 19.31
CA LYS E 21 5.36 19.75 20.63
C LYS E 21 6.07 20.55 21.68
N PHE E 22 7.34 20.87 21.43
CA PHE E 22 8.11 21.61 22.40
C PHE E 22 7.58 23.04 22.56
N LYS E 23 7.48 23.76 21.44
CA LYS E 23 7.01 25.15 21.50
C LYS E 23 5.64 25.27 22.14
N MET E 24 4.72 24.44 21.69
CA MET E 24 3.35 24.48 22.21
C MET E 24 3.31 24.20 23.70
N LYS E 25 4.06 23.20 24.16
CA LYS E 25 4.05 22.86 25.59
C LYS E 25 4.62 24.00 26.43
N LEU E 26 5.60 24.70 25.86
CA LEU E 26 6.24 25.81 26.57
C LEU E 26 5.22 26.84 26.99
N LEU E 27 4.21 27.03 26.16
CA LEU E 27 3.16 28.01 26.46
C LEU E 27 2.38 27.65 27.72
N THR E 28 2.23 26.35 27.98
CA THR E 28 1.45 25.90 29.16
C THR E 28 2.34 25.53 30.36
N VAL E 29 3.64 25.71 30.24
CA VAL E 29 4.53 25.36 31.35
C VAL E 29 4.51 26.44 32.43
N GLN E 30 4.69 26.02 33.68
CA GLN E 30 4.70 26.97 34.79
C GLN E 30 6.08 27.60 34.95
N LEU E 31 6.09 28.91 35.15
CA LEU E 31 7.34 29.66 35.29
C LEU E 31 7.41 30.37 36.64
N ARG E 32 8.61 30.66 37.09
CA ARG E 32 8.80 31.37 38.34
C ARG E 32 8.23 32.79 38.23
N GLU E 33 7.75 33.32 39.36
CA GLU E 33 7.17 34.67 39.36
C GLU E 33 8.22 35.74 39.13
N GLY E 34 7.80 36.85 38.51
CA GLY E 34 8.72 37.96 38.23
C GLY E 34 9.14 37.97 36.76
N TYR E 35 8.61 37.01 35.99
CA TYR E 35 8.94 36.91 34.58
C TYR E 35 7.67 36.99 33.73
N GLY E 36 7.85 37.27 32.44
CA GLY E 36 6.72 37.39 31.53
C GLY E 36 6.50 36.11 30.72
N ARG E 37 5.44 36.14 29.92
CA ARG E 37 5.08 35.02 29.06
C ARG E 37 5.22 35.45 27.61
N ILE E 38 5.65 34.54 26.74
CA ILE E 38 5.87 34.91 25.35
C ILE E 38 4.56 34.89 24.54
N PRO E 39 4.31 35.93 23.77
CA PRO E 39 3.07 36.04 22.93
C PRO E 39 2.85 34.82 22.05
N ARG E 40 1.61 34.35 22.03
CA ARG E 40 1.26 33.17 21.24
C ARG E 40 1.55 33.36 19.75
N GLY E 41 1.18 34.52 19.21
CA GLY E 41 1.36 34.79 17.79
C GLY E 41 2.81 34.66 17.31
N ALA E 42 3.74 35.25 18.04
CA ALA E 42 5.15 35.20 17.63
C ALA E 42 5.68 33.78 17.66
N LEU E 43 5.43 33.08 18.74
CA LEU E 43 5.91 31.71 18.90
C LEU E 43 5.40 30.80 17.79
N LEU E 44 4.15 30.99 17.40
CA LEU E 44 3.53 30.14 16.39
C LEU E 44 4.29 30.12 15.06
N GLN E 45 4.81 31.27 14.62
CA GLN E 45 5.53 31.33 13.33
C GLN E 45 7.05 31.44 13.46
N MET E 46 7.56 31.38 14.69
CA MET E 46 9.01 31.51 14.89
C MET E 46 9.80 30.31 14.37
N ASP E 47 11.10 30.55 14.15
CA ASP E 47 12.02 29.52 13.67
C ASP E 47 12.88 28.99 14.82
N ALA E 48 13.54 27.86 14.60
CA ALA E 48 14.38 27.27 15.63
C ALA E 48 15.52 28.19 16.05
N ILE E 49 16.21 28.79 15.09
CA ILE E 49 17.32 29.69 15.44
C ILE E 49 16.79 30.93 16.16
N ASP E 50 15.75 31.53 15.59
CA ASP E 50 15.16 32.72 16.17
C ASP E 50 14.68 32.46 17.60
N LEU E 51 14.08 31.30 17.79
CA LEU E 51 13.58 30.91 19.09
C LEU E 51 14.70 30.94 20.12
N THR E 52 15.89 30.59 19.68
CA THR E 52 17.04 30.57 20.58
C THR E 52 17.33 31.96 21.14
N ASP E 53 17.38 32.95 20.27
CA ASP E 53 17.68 34.31 20.70
C ASP E 53 16.64 34.84 21.68
N LYS E 54 15.37 34.71 21.33
CA LYS E 54 14.31 35.21 22.19
C LYS E 54 14.24 34.47 23.51
N LEU E 55 14.41 33.15 23.47
CA LEU E 55 14.31 32.35 24.69
C LEU E 55 15.24 32.90 25.77
N VAL E 56 16.48 33.18 25.40
CA VAL E 56 17.41 33.72 26.36
C VAL E 56 17.06 35.17 26.70
N SER E 57 16.56 35.90 25.72
CA SER E 57 16.23 37.31 25.91
C SER E 57 15.28 37.51 27.09
N TYR E 58 14.28 36.66 27.21
CA TYR E 58 13.30 36.80 28.29
C TYR E 58 13.81 36.29 29.64
N TYR E 59 14.57 35.20 29.63
CA TYR E 59 15.07 34.63 30.88
C TYR E 59 16.58 34.73 30.94
N LEU E 60 17.10 34.98 32.14
CA LEU E 60 18.54 35.07 32.32
C LEU E 60 19.20 33.77 31.87
N GLU E 61 20.46 33.85 31.49
CA GLU E 61 21.17 32.67 31.02
C GLU E 61 21.17 31.56 32.07
N SER E 62 21.44 31.91 33.32
CA SER E 62 21.48 30.91 34.37
C SER E 62 20.11 30.26 34.58
N TYR E 63 19.12 31.07 34.90
CA TYR E 63 17.77 30.55 35.12
C TYR E 63 17.17 30.03 33.81
N GLY E 64 17.45 30.74 32.73
CA GLY E 64 16.92 30.35 31.43
C GLY E 64 17.41 28.98 31.00
N LEU E 65 18.69 28.71 31.20
CA LEU E 65 19.26 27.43 30.81
C LEU E 65 18.58 26.27 31.54
N GLU E 66 18.38 26.44 32.85
CA GLU E 66 17.73 25.39 33.64
C GLU E 66 16.27 25.19 33.23
N LEU E 67 15.60 26.28 32.88
CA LEU E 67 14.19 26.22 32.50
C LEU E 67 13.98 25.31 31.30
N THR E 68 14.93 25.31 30.36
CA THR E 68 14.80 24.47 29.18
C THR E 68 14.71 23.00 29.57
N MET E 69 15.64 22.57 30.40
CA MET E 69 15.69 21.18 30.82
C MET E 69 14.39 20.72 31.41
N THR E 70 13.79 21.54 32.25
CA THR E 70 12.54 21.17 32.89
C THR E 70 11.49 20.77 31.86
N VAL E 71 11.34 21.56 30.80
CA VAL E 71 10.38 21.27 29.75
C VAL E 71 10.88 20.16 28.84
N LEU E 72 12.17 20.15 28.58
CA LEU E 72 12.77 19.16 27.70
C LEU E 72 12.55 17.75 28.22
N ARG E 73 12.75 17.53 29.51
CA ARG E 73 12.55 16.20 30.09
C ARG E 73 11.07 15.85 30.14
N ASP E 74 10.23 16.85 30.39
CA ASP E 74 8.79 16.61 30.49
C ASP E 74 8.23 15.89 29.24
N MET E 75 8.69 16.31 28.06
CA MET E 75 8.24 15.69 26.82
C MET E 75 8.64 14.23 26.81
N GLY E 76 9.66 13.93 27.59
CA GLY E 76 10.18 12.58 27.70
C GLY E 76 11.67 12.68 27.98
N LEU E 77 12.20 11.75 28.77
CA LEU E 77 13.62 11.78 29.08
C LEU E 77 14.40 11.44 27.83
N GLN E 78 15.26 12.35 27.43
CA GLN E 78 16.06 12.14 26.25
C GLN E 78 17.53 12.33 26.58
N GLU E 79 18.39 11.80 25.74
CA GLU E 79 19.80 11.94 25.97
C GLU E 79 20.15 13.41 25.99
N LEU E 80 19.37 14.19 25.24
CA LEU E 80 19.58 15.64 25.17
C LEU E 80 19.53 16.27 26.55
N ALA E 81 18.55 15.89 27.35
CA ALA E 81 18.43 16.46 28.68
C ALA E 81 19.75 16.36 29.43
N GLU E 82 20.31 15.16 29.47
CA GLU E 82 21.58 14.96 30.16
C GLU E 82 22.72 15.59 29.38
N GLN E 83 22.74 15.42 28.05
CA GLN E 83 23.81 15.98 27.25
C GLN E 83 23.94 17.46 27.51
N LEU E 84 22.82 18.14 27.57
CA LEU E 84 22.81 19.57 27.82
C LEU E 84 23.27 19.87 29.24
N GLN E 85 22.85 19.03 30.19
CA GLN E 85 23.22 19.23 31.58
C GLN E 85 24.73 19.32 31.74
N THR E 86 25.45 18.50 30.98
CA THR E 86 26.91 18.50 31.07
C THR E 86 27.44 19.92 30.88
N THR E 87 26.75 20.70 30.06
CA THR E 87 27.16 22.07 29.80
C THR E 87 27.09 22.90 31.07
N LYS E 88 26.15 22.57 31.95
CA LYS E 88 25.98 23.32 33.20
C LYS E 88 27.31 23.39 33.95
N GLU E 89 27.99 22.25 34.03
CA GLU E 89 29.28 22.20 34.71
C GLU E 89 30.33 22.97 33.91
N GLY F 1 27.13 -23.13 12.64
CA GLY F 1 27.21 -24.38 13.38
C GLY F 1 26.52 -25.50 12.61
N ARG F 2 27.26 -26.57 12.35
CA ARG F 2 26.72 -27.71 11.63
C ARG F 2 25.49 -28.26 12.34
N ALA F 3 25.27 -27.83 13.57
CA ALA F 3 24.14 -28.31 14.35
C ALA F 3 22.83 -28.19 13.57
N ARG F 4 22.59 -27.03 12.98
CA ARG F 4 21.37 -26.84 12.21
C ARG F 4 21.31 -27.83 11.04
N ASP F 5 22.42 -27.94 10.34
CA ASP F 5 22.50 -28.83 9.18
C ASP F 5 22.37 -30.30 9.58
N ALA F 6 22.96 -30.68 10.70
CA ALA F 6 22.91 -32.07 11.13
C ALA F 6 21.47 -32.50 11.44
N ILE F 7 20.79 -31.74 12.28
CA ILE F 7 19.43 -32.09 12.64
C ILE F 7 18.56 -32.15 11.40
N LEU F 8 18.67 -31.13 10.57
CA LEU F 8 17.88 -31.06 9.36
C LEU F 8 17.98 -32.34 8.53
N ASP F 9 19.20 -32.76 8.24
CA ASP F 9 19.40 -33.95 7.40
C ASP F 9 18.70 -35.19 7.96
N ALA F 10 18.82 -35.42 9.27
CA ALA F 10 18.21 -36.59 9.88
C ALA F 10 16.69 -36.48 9.99
N LEU F 11 16.20 -35.40 10.57
CA LEU F 11 14.77 -35.22 10.77
C LEU F 11 13.98 -35.49 9.48
N GLU F 12 14.53 -35.04 8.35
CA GLU F 12 13.87 -35.20 7.07
C GLU F 12 13.72 -36.69 6.68
N ASN F 13 14.43 -37.57 7.38
CA ASN F 13 14.36 -39.02 7.08
C ASN F 13 13.19 -39.71 7.77
N LEU F 14 12.26 -38.94 8.34
CA LEU F 14 11.10 -39.52 9.02
C LEU F 14 9.90 -39.54 8.08
N SER F 15 9.06 -40.55 8.22
CA SER F 15 7.87 -40.66 7.39
C SER F 15 6.86 -39.60 7.79
N GLY F 16 5.90 -39.34 6.91
CA GLY F 16 4.89 -38.31 7.14
C GLY F 16 4.10 -38.54 8.43
N ASP F 17 3.73 -39.77 8.72
CA ASP F 17 2.94 -40.06 9.93
C ASP F 17 3.72 -39.83 11.22
N GLU F 18 4.91 -40.40 11.31
CA GLU F 18 5.71 -40.26 12.53
C GLU F 18 5.97 -38.79 12.83
N LEU F 19 6.09 -38.00 11.77
CA LEU F 19 6.33 -36.58 11.94
C LEU F 19 5.27 -36.00 12.86
N LYS F 20 4.02 -36.35 12.61
CA LYS F 20 2.95 -35.84 13.45
C LYS F 20 3.20 -36.31 14.85
N LYS F 21 3.58 -37.57 14.99
CA LYS F 21 3.81 -38.11 16.31
C LYS F 21 4.91 -37.36 17.01
N PHE F 22 5.93 -37.00 16.25
CA PHE F 22 7.06 -36.31 16.85
C PHE F 22 6.66 -34.92 17.34
N LYS F 23 6.10 -34.12 16.44
CA LYS F 23 5.71 -32.75 16.80
C LYS F 23 4.75 -32.71 17.98
N MET F 24 3.71 -33.53 17.90
CA MET F 24 2.72 -33.57 18.96
C MET F 24 3.33 -33.96 20.30
N LYS F 25 4.19 -34.97 20.31
CA LYS F 25 4.80 -35.41 21.57
C LYS F 25 5.69 -34.33 22.16
N LEU F 26 6.32 -33.55 21.30
CA LEU F 26 7.21 -32.49 21.73
C LEU F 26 6.48 -31.51 22.64
N LEU F 27 5.22 -31.29 22.35
CA LEU F 27 4.40 -30.38 23.14
C LEU F 27 4.26 -30.85 24.59
N THR F 28 4.23 -32.17 24.79
CA THR F 28 4.03 -32.73 26.13
C THR F 28 5.34 -33.15 26.80
N VAL F 29 6.47 -32.93 26.15
CA VAL F 29 7.75 -33.34 26.73
C VAL F 29 8.20 -32.34 27.79
N GLN F 30 8.91 -32.84 28.81
CA GLN F 30 9.41 -31.98 29.88
C GLN F 30 10.73 -31.34 29.48
N LEU F 31 10.83 -30.04 29.75
CA LEU F 31 12.02 -29.27 29.39
C LEU F 31 12.67 -28.66 30.62
N ARG F 32 13.96 -28.37 30.53
CA ARG F 32 14.67 -27.75 31.63
C ARG F 32 14.13 -26.35 31.90
N GLU F 33 14.18 -25.90 33.15
CA GLU F 33 13.67 -24.58 33.51
C GLU F 33 14.53 -23.46 32.93
N GLY F 34 13.89 -22.32 32.64
CA GLY F 34 14.61 -21.17 32.08
C GLY F 34 14.34 -21.05 30.58
N TYR F 35 13.53 -21.95 30.05
CA TYR F 35 13.20 -21.94 28.63
C TYR F 35 11.70 -21.84 28.42
N GLY F 36 11.31 -21.45 27.21
CA GLY F 36 9.90 -21.30 26.89
C GLY F 36 9.33 -22.52 26.17
N ARG F 37 8.04 -22.46 25.90
CA ARG F 37 7.32 -23.53 25.20
C ARG F 37 6.82 -23.00 23.87
N ILE F 38 6.82 -23.82 22.84
CA ILE F 38 6.42 -23.34 21.52
C ILE F 38 4.89 -23.33 21.36
N PRO F 39 4.33 -22.25 20.85
CA PRO F 39 2.86 -22.11 20.64
C PRO F 39 2.27 -23.26 19.86
N ARG F 40 1.14 -23.76 20.33
CA ARG F 40 0.47 -24.88 19.68
C ARG F 40 0.08 -24.58 18.24
N GLY F 41 -0.47 -23.39 18.01
CA GLY F 41 -0.92 -23.01 16.67
C GLY F 41 0.17 -23.07 15.61
N ALA F 42 1.33 -22.51 15.90
CA ALA F 42 2.42 -22.49 14.92
C ALA F 42 2.91 -23.90 14.60
N LEU F 43 3.14 -24.69 15.63
CA LEU F 43 3.64 -26.05 15.46
C LEU F 43 2.69 -26.89 14.61
N LEU F 44 1.40 -26.70 14.81
CA LEU F 44 0.40 -27.49 14.10
C LEU F 44 0.49 -27.39 12.59
N GLN F 45 0.79 -26.20 12.06
CA GLN F 45 0.86 -26.02 10.60
C GLN F 45 2.30 -25.89 10.06
N MET F 46 3.30 -26.02 10.92
CA MET F 46 4.69 -25.86 10.50
C MET F 46 5.16 -27.00 9.58
N ASP F 47 6.25 -26.71 8.86
CA ASP F 47 6.85 -27.68 7.94
C ASP F 47 8.12 -28.26 8.56
N ALA F 48 8.62 -29.36 7.99
CA ALA F 48 9.81 -30.00 8.50
C ALA F 48 11.03 -29.07 8.46
N ILE F 49 11.24 -28.39 7.34
CA ILE F 49 12.39 -27.49 7.25
C ILE F 49 12.24 -26.33 8.22
N ASP F 50 11.07 -25.72 8.21
CA ASP F 50 10.79 -24.59 9.09
C ASP F 50 10.98 -24.96 10.55
N LEU F 51 10.51 -26.15 10.88
CA LEU F 51 10.62 -26.65 12.25
C LEU F 51 12.07 -26.67 12.69
N THR F 52 12.96 -26.94 11.75
CA THR F 52 14.38 -27.00 12.05
C THR F 52 14.90 -25.66 12.54
N ASP F 53 14.57 -24.59 11.81
CA ASP F 53 15.04 -23.28 12.18
C ASP F 53 14.54 -22.84 13.55
N LYS F 54 13.24 -22.98 13.77
CA LYS F 54 12.66 -22.58 15.05
C LYS F 54 13.17 -23.41 16.20
N LEU F 55 13.28 -24.73 15.99
CA LEU F 55 13.72 -25.62 17.06
C LEU F 55 15.03 -25.11 17.67
N VAL F 56 15.98 -24.78 16.83
CA VAL F 56 17.26 -24.29 17.33
C VAL F 56 17.09 -22.88 17.90
N SER F 57 16.23 -22.09 17.29
CA SER F 57 16.02 -20.70 17.73
C SER F 57 15.68 -20.61 19.21
N TYR F 58 14.82 -21.50 19.68
CA TYR F 58 14.41 -21.46 21.08
C TYR F 58 15.45 -22.06 22.03
N TYR F 59 16.12 -23.13 21.61
CA TYR F 59 17.11 -23.77 22.47
C TYR F 59 18.50 -23.64 21.88
N LEU F 60 19.49 -23.47 22.75
CA LEU F 60 20.86 -23.35 22.29
C LEU F 60 21.25 -24.59 21.51
N GLU F 61 22.23 -24.44 20.62
CA GLU F 61 22.66 -25.57 19.81
C GLU F 61 23.09 -26.75 20.65
N SER F 62 23.88 -26.50 21.69
CA SER F 62 24.37 -27.57 22.54
C SER F 62 23.23 -28.27 23.26
N TYR F 63 22.48 -27.51 24.05
CA TYR F 63 21.36 -28.08 24.78
C TYR F 63 20.24 -28.51 23.84
N GLY F 64 20.03 -27.72 22.79
CA GLY F 64 18.98 -28.03 21.83
C GLY F 64 19.22 -29.35 21.13
N LEU F 65 20.47 -29.60 20.73
CA LEU F 65 20.80 -30.84 20.02
C LEU F 65 20.49 -32.06 20.89
N GLU F 66 20.88 -32.00 22.17
CA GLU F 66 20.63 -33.11 23.08
C GLU F 66 19.14 -33.32 23.32
N LEU F 67 18.40 -32.23 23.38
CA LEU F 67 16.96 -32.30 23.65
C LEU F 67 16.24 -33.13 22.59
N THR F 68 16.69 -33.03 21.35
CA THR F 68 16.06 -33.78 20.27
C THR F 68 16.13 -35.28 20.53
N MET F 69 17.33 -35.74 20.85
CA MET F 69 17.54 -37.16 21.09
C MET F 69 16.61 -37.70 22.15
N THR F 70 16.44 -36.96 23.22
CA THR F 70 15.61 -37.40 24.31
C THR F 70 14.20 -37.76 23.81
N VAL F 71 13.62 -36.89 22.99
CA VAL F 71 12.28 -37.14 22.44
C VAL F 71 12.34 -38.17 21.32
N LEU F 72 13.39 -38.11 20.53
CA LEU F 72 13.53 -39.02 19.40
C LEU F 72 13.55 -40.48 19.84
N ARG F 73 14.30 -40.78 20.90
CA ARG F 73 14.35 -42.14 21.40
C ARG F 73 13.05 -42.55 22.06
N ASP F 74 12.39 -41.60 22.73
CA ASP F 74 11.14 -41.88 23.43
C ASP F 74 10.10 -42.52 22.50
N MET F 75 10.01 -42.00 21.27
CA MET F 75 9.05 -42.53 20.30
C MET F 75 9.39 -43.98 20.01
N GLY F 76 10.65 -44.31 20.24
CA GLY F 76 11.17 -45.64 20.00
C GLY F 76 12.63 -45.54 19.61
N LEU F 77 13.44 -46.51 20.03
CA LEU F 77 14.85 -46.46 19.68
C LEU F 77 15.01 -46.69 18.20
N GLN F 78 15.61 -45.73 17.54
CA GLN F 78 15.83 -45.82 16.12
C GLN F 78 17.30 -45.62 15.80
N GLU F 79 17.69 -46.07 14.62
CA GLU F 79 19.07 -45.91 14.22
C GLU F 79 19.40 -44.42 14.21
N LEU F 80 18.39 -43.61 13.94
CA LEU F 80 18.55 -42.17 13.90
C LEU F 80 19.11 -41.63 15.21
N ALA F 81 18.57 -42.11 16.32
CA ALA F 81 19.04 -41.63 17.62
C ALA F 81 20.55 -41.76 17.71
N GLU F 82 21.07 -42.93 17.40
CA GLU F 82 22.50 -43.14 17.46
C GLU F 82 23.20 -42.43 16.31
N GLN F 83 22.64 -42.51 15.10
CA GLN F 83 23.26 -41.86 13.95
C GLN F 83 23.51 -40.39 14.25
N LEU F 84 22.52 -39.75 14.85
CA LEU F 84 22.64 -38.35 15.18
C LEU F 84 23.67 -38.14 16.29
N GLN F 85 23.70 -39.05 17.25
CA GLN F 85 24.64 -38.95 18.36
C GLN F 85 26.07 -38.83 17.86
N THR F 86 26.39 -39.58 16.80
CA THR F 86 27.73 -39.54 16.24
C THR F 86 28.15 -38.10 15.95
N THR F 87 27.17 -37.28 15.57
CA THR F 87 27.44 -35.88 15.27
C THR F 87 27.94 -35.15 16.51
N LYS F 88 27.46 -35.56 17.69
CA LYS F 88 27.87 -34.93 18.94
C LYS F 88 29.38 -34.88 19.05
N GLU F 89 30.03 -36.00 18.73
CA GLU F 89 31.49 -36.06 18.78
C GLU F 89 32.08 -35.21 17.66
N GLY G 1 27.90 -7.92 -17.01
CA GLY G 1 28.46 -9.24 -16.82
C GLY G 1 27.38 -10.32 -16.90
N ARG G 2 27.57 -11.26 -17.82
CA ARG G 2 26.61 -12.33 -17.99
C ARG G 2 26.39 -13.09 -16.68
N ALA G 3 27.26 -12.85 -15.71
CA ALA G 3 27.17 -13.53 -14.42
C ALA G 3 25.75 -13.43 -13.84
N ARG G 4 25.20 -12.23 -13.83
CA ARG G 4 23.86 -12.05 -13.29
C ARG G 4 22.85 -12.88 -14.09
N ASP G 5 22.96 -12.79 -15.42
CA ASP G 5 22.05 -13.51 -16.29
C ASP G 5 22.20 -15.01 -16.19
N ALA G 6 23.43 -15.48 -16.03
CA ALA G 6 23.67 -16.92 -15.95
C ALA G 6 23.03 -17.53 -14.71
N ILE G 7 23.32 -16.95 -13.55
CA ILE G 7 22.76 -17.46 -12.32
C ILE G 7 21.24 -17.45 -12.39
N LEU G 8 20.70 -16.31 -12.80
CA LEU G 8 19.26 -16.16 -12.89
C LEU G 8 18.61 -17.30 -13.66
N ASP G 9 19.09 -17.57 -14.86
CA ASP G 9 18.49 -18.61 -15.69
C ASP G 9 18.46 -19.97 -15.00
N ALA G 10 19.55 -20.36 -14.35
CA ALA G 10 19.60 -21.65 -13.69
C ALA G 10 18.77 -21.70 -12.41
N LEU G 11 18.99 -20.76 -11.51
CA LEU G 11 18.28 -20.73 -10.24
C LEU G 11 16.77 -20.89 -10.43
N GLU G 12 16.23 -20.25 -11.45
CA GLU G 12 14.80 -20.30 -11.73
C GLU G 12 14.32 -21.73 -12.06
N ASN G 13 15.26 -22.64 -12.35
CA ASN G 13 14.91 -24.03 -12.70
C ASN G 13 14.72 -24.91 -11.46
N LEU G 14 14.64 -24.31 -10.28
CA LEU G 14 14.45 -25.08 -9.04
C LEU G 14 12.97 -25.08 -8.65
N SER G 15 12.53 -26.19 -8.07
CA SER G 15 11.13 -26.28 -7.64
C SER G 15 10.89 -25.39 -6.44
N GLY G 16 9.62 -25.09 -6.17
CA GLY G 16 9.25 -24.21 -5.08
C GLY G 16 9.78 -24.67 -3.72
N ASP G 17 9.72 -25.97 -3.45
CA ASP G 17 10.17 -26.48 -2.15
C ASP G 17 11.69 -26.36 -1.95
N GLU G 18 12.46 -26.82 -2.93
CA GLU G 18 13.91 -26.77 -2.82
C GLU G 18 14.38 -25.34 -2.61
N LEU G 19 13.66 -24.41 -3.22
CA LEU G 19 14.00 -23.01 -3.09
C LEU G 19 14.13 -22.66 -1.61
N LYS G 20 13.15 -23.07 -0.82
CA LYS G 20 13.18 -22.78 0.59
C LYS G 20 14.42 -23.42 1.16
N LYS G 21 14.70 -24.63 0.74
CA LYS G 21 15.86 -25.33 1.27
C LYS G 21 17.12 -24.59 0.92
N PHE G 22 17.16 -24.03 -0.28
CA PHE G 22 18.35 -23.32 -0.69
C PHE G 22 18.57 -22.06 0.11
N LYS G 23 17.56 -21.19 0.15
CA LYS G 23 17.68 -19.93 0.88
C LYS G 23 18.04 -20.14 2.34
N MET G 24 17.30 -21.03 2.99
CA MET G 24 17.52 -21.31 4.40
C MET G 24 18.95 -21.81 4.66
N LYS G 25 19.41 -22.74 3.83
CA LYS G 25 20.76 -23.28 4.03
C LYS G 25 21.83 -22.21 3.85
N LEU G 26 21.56 -21.27 2.95
CA LEU G 26 22.51 -20.19 2.68
C LEU G 26 22.83 -19.42 3.94
N LEU G 27 21.84 -19.28 4.80
CA LEU G 27 22.02 -18.55 6.05
C LEU G 27 23.06 -19.23 6.96
N THR G 28 23.13 -20.56 6.90
CA THR G 28 24.05 -21.31 7.77
C THR G 28 25.36 -21.70 7.07
N VAL G 29 25.54 -21.29 5.82
CA VAL G 29 26.76 -21.65 5.09
C VAL G 29 27.93 -20.77 5.52
N GLN G 30 29.13 -21.34 5.49
CA GLN G 30 30.33 -20.59 5.87
C GLN G 30 30.83 -19.76 4.70
N LEU G 31 31.18 -18.51 4.97
CA LEU G 31 31.67 -17.60 3.94
C LEU G 31 33.07 -17.09 4.25
N ARG G 32 33.79 -16.68 3.22
CA ARG G 32 35.13 -16.15 3.41
C ARG G 32 35.08 -14.85 4.22
N GLU G 33 36.12 -14.58 4.99
CA GLU G 33 36.17 -13.37 5.81
C GLU G 33 36.29 -12.11 4.95
N GLY G 34 35.74 -11.01 5.47
CA GLY G 34 35.78 -9.73 4.75
C GLY G 34 34.43 -9.43 4.08
N TYR G 35 33.47 -10.33 4.27
CA TYR G 35 32.15 -10.15 3.67
C TYR G 35 31.08 -10.16 4.75
N GLY G 36 29.90 -9.66 4.40
CA GLY G 36 28.79 -9.59 5.35
C GLY G 36 27.82 -10.76 5.17
N ARG G 37 26.82 -10.78 6.05
CA ARG G 37 25.77 -11.80 6.03
C ARG G 37 24.45 -11.14 5.71
N ILE G 38 23.58 -11.82 4.97
CA ILE G 38 22.32 -11.20 4.58
C ILE G 38 21.26 -11.33 5.68
N PRO G 39 20.58 -10.23 5.99
CA PRO G 39 19.52 -10.20 7.06
C PRO G 39 18.49 -11.30 6.87
N ARG G 40 18.15 -11.96 7.97
CA ARG G 40 17.18 -13.04 7.94
C ARG G 40 15.81 -12.58 7.43
N GLY G 41 15.35 -11.43 7.90
CA GLY G 41 14.03 -10.92 7.54
C GLY G 41 13.85 -10.72 6.03
N ALA G 42 14.82 -10.11 5.37
CA ALA G 42 14.71 -9.86 3.94
C ALA G 42 14.67 -11.16 3.14
N LEU G 43 15.60 -12.06 3.45
CA LEU G 43 15.69 -13.33 2.75
C LEU G 43 14.40 -14.14 2.86
N LEU G 44 13.78 -14.09 4.03
CA LEU G 44 12.57 -14.87 4.28
C LEU G 44 11.44 -14.56 3.30
N GLN G 45 11.26 -13.29 2.94
CA GLN G 45 10.15 -12.90 2.04
C GLN G 45 10.61 -12.57 0.62
N MET G 46 11.89 -12.72 0.32
CA MET G 46 12.41 -12.39 -1.00
C MET G 46 11.92 -13.35 -2.10
N ASP G 47 12.01 -12.86 -3.34
CA ASP G 47 11.61 -13.64 -4.52
C ASP G 47 12.84 -14.18 -5.24
N ALA G 48 12.62 -15.14 -6.13
CA ALA G 48 13.74 -15.74 -6.87
C ALA G 48 14.49 -14.70 -7.71
N ILE G 49 13.77 -13.86 -8.44
CA ILE G 49 14.44 -12.85 -9.27
C ILE G 49 15.18 -11.85 -8.40
N ASP G 50 14.48 -11.35 -7.37
CA ASP G 50 15.06 -10.37 -6.46
C ASP G 50 16.32 -10.93 -5.80
N LEU G 51 16.24 -12.19 -5.41
CA LEU G 51 17.36 -12.85 -4.77
C LEU G 51 18.59 -12.80 -5.65
N THR G 52 18.38 -12.87 -6.95
CA THR G 52 19.48 -12.83 -7.90
C THR G 52 20.25 -11.52 -7.81
N ASP G 53 19.52 -10.41 -7.82
CA ASP G 53 20.16 -9.10 -7.78
C ASP G 53 20.96 -8.91 -6.50
N LYS G 54 20.35 -9.20 -5.36
CA LYS G 54 21.02 -9.02 -4.08
C LYS G 54 22.21 -9.96 -3.93
N LEU G 55 22.04 -11.21 -4.34
CA LEU G 55 23.12 -12.19 -4.19
C LEU G 55 24.42 -11.66 -4.78
N VAL G 56 24.35 -11.12 -5.98
CA VAL G 56 25.54 -10.59 -6.60
C VAL G 56 25.96 -9.29 -5.92
N SER G 57 24.99 -8.51 -5.48
CA SER G 57 25.28 -7.22 -4.84
C SER G 57 26.25 -7.36 -3.68
N TYR G 58 26.06 -8.38 -2.86
CA TYR G 58 26.93 -8.57 -1.69
C TYR G 58 28.28 -9.18 -2.04
N TYR G 59 28.31 -10.11 -2.98
CA TYR G 59 29.55 -10.79 -3.35
C TYR G 59 29.94 -10.45 -4.78
N LEU G 60 31.23 -10.30 -5.02
CA LEU G 60 31.72 -10.00 -6.35
C LEU G 60 31.27 -11.08 -7.32
N GLU G 61 31.17 -10.74 -8.59
CA GLU G 61 30.72 -11.69 -9.59
C GLU G 61 31.61 -12.93 -9.61
N SER G 62 32.92 -12.74 -9.58
CA SER G 62 33.83 -13.87 -9.62
C SER G 62 33.68 -14.77 -8.40
N TYR G 63 33.88 -14.20 -7.22
CA TYR G 63 33.75 -14.96 -5.98
C TYR G 63 32.30 -15.35 -5.74
N GLY G 64 31.39 -14.46 -6.07
CA GLY G 64 29.97 -14.72 -5.86
C GLY G 64 29.49 -15.92 -6.68
N LEU G 65 29.92 -15.99 -7.93
CA LEU G 65 29.50 -17.09 -8.80
C LEU G 65 29.94 -18.44 -8.24
N GLU G 66 31.18 -18.51 -7.77
CA GLU G 66 31.70 -19.76 -7.21
C GLU G 66 30.98 -20.13 -5.91
N LEU G 67 30.63 -19.13 -5.12
CA LEU G 67 29.96 -19.36 -3.84
C LEU G 67 28.65 -20.12 -4.04
N THR G 68 27.94 -19.81 -5.11
CA THR G 68 26.66 -20.46 -5.37
C THR G 68 26.85 -21.96 -5.50
N MET G 69 27.80 -22.36 -6.33
CA MET G 69 28.05 -23.78 -6.58
C MET G 69 28.29 -24.53 -5.30
N THR G 70 29.08 -23.96 -4.41
CA THR G 70 29.41 -24.62 -3.16
C THR G 70 28.14 -25.04 -2.41
N VAL G 71 27.18 -24.12 -2.31
CA VAL G 71 25.93 -24.42 -1.62
C VAL G 71 25.01 -25.27 -2.49
N LEU G 72 25.02 -25.01 -3.79
CA LEU G 72 24.18 -25.75 -4.71
C LEU G 72 24.46 -27.25 -4.67
N ARG G 73 25.74 -27.62 -4.67
CA ARG G 73 26.10 -29.02 -4.64
C ARG G 73 25.81 -29.63 -3.28
N ASP G 74 25.99 -28.85 -2.22
CA ASP G 74 25.77 -29.33 -0.86
C ASP G 74 24.36 -29.92 -0.68
N MET G 75 23.36 -29.26 -1.26
CA MET G 75 21.98 -29.75 -1.18
C MET G 75 21.88 -31.10 -1.84
N GLY G 76 22.82 -31.35 -2.75
CA GLY G 76 22.88 -32.58 -3.50
C GLY G 76 23.47 -32.30 -4.87
N LEU G 77 24.23 -33.23 -5.40
CA LEU G 77 24.83 -33.00 -6.71
C LEU G 77 23.73 -33.02 -7.76
N GLN G 78 23.63 -31.93 -8.49
CA GLN G 78 22.62 -31.81 -9.52
C GLN G 78 23.27 -31.43 -10.83
N GLU G 79 22.57 -31.68 -11.91
CA GLU G 79 23.09 -31.35 -13.21
C GLU G 79 23.36 -29.85 -13.25
N LEU G 80 22.57 -29.11 -12.49
CA LEU G 80 22.71 -27.65 -12.42
C LEU G 80 24.11 -27.26 -12.00
N ALA G 81 24.64 -27.92 -10.98
CA ALA G 81 25.98 -27.58 -10.52
C ALA G 81 26.97 -27.58 -11.66
N GLU G 82 26.97 -28.65 -12.44
CA GLU G 82 27.88 -28.74 -13.57
C GLU G 82 27.44 -27.81 -14.70
N GLN G 83 26.13 -27.79 -14.98
CA GLN G 83 25.63 -26.93 -16.05
C GLN G 83 26.08 -25.50 -15.85
N LEU G 84 26.00 -25.04 -14.62
CA LEU G 84 26.41 -23.69 -14.29
C LEU G 84 27.92 -23.54 -14.42
N GLN G 85 28.65 -24.56 -14.01
CA GLN G 85 30.11 -24.52 -14.07
C GLN G 85 30.59 -24.20 -15.48
N THR G 86 29.91 -24.77 -16.47
CA THR G 86 30.28 -24.53 -17.86
C THR G 86 30.37 -23.04 -18.14
N THR G 87 29.52 -22.27 -17.46
CA THR G 87 29.52 -20.82 -17.64
C THR G 87 30.84 -20.22 -17.18
N LYS G 88 31.46 -20.84 -16.17
CA LYS G 88 32.73 -20.33 -15.65
C LYS G 88 33.74 -20.16 -16.78
N GLU G 89 33.83 -21.16 -17.65
CA GLU G 89 34.75 -21.10 -18.78
C GLU G 89 34.27 -20.05 -19.78
N GLY H 1 5.68 11.06 -33.01
CA GLY H 1 6.11 9.77 -33.55
C GLY H 1 5.33 8.63 -32.91
N ARG H 2 4.69 7.84 -33.75
CA ARG H 2 3.90 6.70 -33.25
C ARG H 2 4.77 5.76 -32.41
N ALA H 3 6.07 5.96 -32.48
CA ALA H 3 7.00 5.11 -31.74
C ALA H 3 6.61 5.01 -30.27
N ARG H 4 6.34 6.14 -29.64
CA ARG H 4 5.95 6.12 -28.23
C ARG H 4 4.67 5.33 -28.04
N ASP H 5 3.69 5.59 -28.90
CA ASP H 5 2.40 4.92 -28.82
C ASP H 5 2.51 3.42 -29.10
N ALA H 6 3.36 3.06 -30.05
CA ALA H 6 3.50 1.65 -30.41
C ALA H 6 4.06 0.83 -29.25
N ILE H 7 5.18 1.27 -28.70
CA ILE H 7 5.78 0.56 -27.60
C ILE H 7 4.81 0.45 -26.44
N LEU H 8 4.20 1.56 -26.10
CA LEU H 8 3.27 1.60 -25.00
C LEU H 8 2.20 0.52 -25.11
N ASP H 9 1.53 0.45 -26.25
CA ASP H 9 0.46 -0.52 -26.44
C ASP H 9 0.91 -1.96 -26.19
N ALA H 10 2.07 -2.31 -26.73
CA ALA H 10 2.56 -3.69 -26.57
C ALA H 10 3.07 -3.98 -25.15
N LEU H 11 3.96 -3.14 -24.65
CA LEU H 11 4.53 -3.35 -23.32
C LEU H 11 3.46 -3.62 -22.28
N GLU H 12 2.35 -2.89 -22.37
CA GLU H 12 1.25 -3.05 -21.41
C GLU H 12 0.63 -4.45 -21.46
N ASN H 13 0.94 -5.23 -22.51
CA ASN H 13 0.38 -6.58 -22.65
C ASN H 13 1.18 -7.64 -21.89
N LEU H 14 2.10 -7.20 -21.04
CA LEU H 14 2.92 -8.13 -20.25
C LEU H 14 2.32 -8.33 -18.86
N SER H 15 2.47 -9.54 -18.33
CA SER H 15 1.95 -9.81 -16.99
C SER H 15 2.79 -9.11 -15.94
N GLY H 16 2.24 -8.97 -14.74
CA GLY H 16 2.92 -8.27 -13.65
C GLY H 16 4.30 -8.86 -13.33
N ASP H 17 4.42 -10.18 -13.32
CA ASP H 17 5.70 -10.81 -12.97
C ASP H 17 6.78 -10.59 -14.04
N GLU H 18 6.46 -10.84 -15.30
CA GLU H 18 7.44 -10.68 -16.37
C GLU H 18 7.95 -9.24 -16.39
N LEU H 19 7.08 -8.31 -16.05
CA LEU H 19 7.46 -6.92 -16.04
C LEU H 19 8.72 -6.75 -15.18
N LYS H 20 8.72 -7.36 -14.01
CA LYS H 20 9.88 -7.25 -13.15
C LYS H 20 11.06 -7.83 -13.88
N LYS H 21 10.84 -8.97 -14.53
CA LYS H 21 11.92 -9.61 -15.24
C LYS H 21 12.45 -8.72 -16.31
N PHE H 22 11.57 -8.01 -16.98
CA PHE H 22 11.99 -7.15 -18.07
C PHE H 22 12.83 -5.98 -17.57
N LYS H 23 12.28 -5.23 -16.61
CA LYS H 23 12.99 -4.07 -16.08
C LYS H 23 14.35 -4.44 -15.51
N MET H 24 14.37 -5.47 -14.68
CA MET H 24 15.62 -5.91 -14.06
C MET H 24 16.66 -6.31 -15.10
N LYS H 25 16.25 -7.06 -16.11
CA LYS H 25 17.20 -7.50 -17.13
C LYS H 25 17.76 -6.33 -17.92
N LEU H 26 16.93 -5.31 -18.11
CA LEU H 26 17.34 -4.13 -18.85
C LEU H 26 18.59 -3.51 -18.23
N LEU H 27 18.67 -3.56 -16.91
CA LEU H 27 19.80 -2.99 -16.20
C LEU H 27 21.11 -3.69 -16.57
N THR H 28 21.05 -4.98 -16.87
CA THR H 28 22.26 -5.76 -17.18
C THR H 28 22.48 -5.93 -18.68
N VAL H 29 21.63 -5.35 -19.51
CA VAL H 29 21.78 -5.50 -20.97
C VAL H 29 22.87 -4.58 -21.50
N GLN H 30 23.56 -5.03 -22.55
CA GLN H 30 24.63 -4.23 -23.14
C GLN H 30 24.05 -3.22 -24.13
N LEU H 31 24.54 -1.99 -24.04
CA LEU H 31 24.07 -0.90 -24.90
C LEU H 31 25.20 -0.33 -25.74
N ARG H 32 24.84 0.29 -26.86
CA ARG H 32 25.84 0.90 -27.73
C ARG H 32 26.50 2.08 -27.01
N GLU H 33 27.77 2.34 -27.33
CA GLU H 33 28.51 3.43 -26.69
C GLU H 33 27.96 4.80 -27.11
N GLY H 34 28.08 5.77 -26.20
CA GLY H 34 27.60 7.12 -26.47
C GLY H 34 26.27 7.38 -25.77
N TYR H 35 25.78 6.40 -25.03
CA TYR H 35 24.52 6.51 -24.32
C TYR H 35 24.71 6.28 -22.84
N GLY H 36 23.74 6.72 -22.04
CA GLY H 36 23.82 6.55 -20.59
C GLY H 36 23.02 5.34 -20.11
N ARG H 37 23.10 5.11 -18.81
CA ARG H 37 22.41 4.01 -18.14
C ARG H 37 21.38 4.58 -17.18
N ILE H 38 20.23 3.93 -17.05
CA ILE H 38 19.18 4.48 -16.20
C ILE H 38 19.41 4.12 -14.73
N PRO H 39 19.29 5.10 -13.84
CA PRO H 39 19.48 4.89 -12.37
C PRO H 39 18.65 3.75 -11.83
N ARG H 40 19.28 2.92 -11.00
CA ARG H 40 18.61 1.77 -10.42
C ARG H 40 17.40 2.17 -9.58
N GLY H 41 17.55 3.19 -8.77
CA GLY H 41 16.47 3.63 -7.87
C GLY H 41 15.17 4.00 -8.60
N ALA H 42 15.29 4.78 -9.66
CA ALA H 42 14.09 5.21 -10.40
C ALA H 42 13.38 4.02 -11.05
N LEU H 43 14.15 3.18 -11.72
CA LEU H 43 13.58 2.03 -12.40
C LEU H 43 12.85 1.10 -11.44
N LEU H 44 13.39 0.93 -10.25
CA LEU H 44 12.81 0.02 -9.27
C LEU H 44 11.37 0.36 -8.90
N GLN H 45 11.03 1.64 -8.79
CA GLN H 45 9.67 2.04 -8.40
C GLN H 45 8.84 2.60 -9.56
N MET H 46 9.38 2.59 -10.77
CA MET H 46 8.66 3.15 -11.92
C MET H 46 7.45 2.31 -12.34
N ASP H 47 6.55 2.95 -13.08
CA ASP H 47 5.33 2.31 -13.58
C ASP H 47 5.49 1.98 -15.07
N ALA H 48 4.60 1.13 -15.58
CA ALA H 48 4.66 0.74 -16.98
C ALA H 48 4.51 1.93 -17.92
N ILE H 49 3.53 2.80 -17.67
CA ILE H 49 3.34 3.96 -18.54
C ILE H 49 4.53 4.89 -18.44
N ASP H 50 4.95 5.19 -17.21
CA ASP H 50 6.06 6.09 -16.97
C ASP H 50 7.32 5.57 -17.65
N LEU H 51 7.52 4.27 -17.55
CA LEU H 51 8.68 3.63 -18.13
C LEU H 51 8.75 3.91 -19.63
N THR H 52 7.58 4.00 -20.24
CA THR H 52 7.50 4.26 -21.67
C THR H 52 8.10 5.61 -22.03
N ASP H 53 7.71 6.64 -21.29
CA ASP H 53 8.21 7.98 -21.58
C ASP H 53 9.71 8.07 -21.41
N LYS H 54 10.22 7.59 -20.29
CA LYS H 54 11.66 7.66 -20.03
C LYS H 54 12.45 6.82 -21.02
N LEU H 55 11.96 5.62 -21.32
CA LEU H 55 12.69 4.73 -22.22
C LEU H 55 13.04 5.45 -23.52
N VAL H 56 12.08 6.13 -24.11
CA VAL H 56 12.35 6.85 -25.34
C VAL H 56 13.20 8.07 -25.07
N SER H 57 13.00 8.71 -23.92
CA SER H 57 13.74 9.92 -23.58
C SER H 57 15.25 9.72 -23.65
N TYR H 58 15.73 8.58 -23.17
CA TYR H 58 17.17 8.31 -23.18
C TYR H 58 17.69 7.88 -24.56
N TYR H 59 16.91 7.08 -25.27
CA TYR H 59 17.35 6.59 -26.57
C TYR H 59 16.47 7.14 -27.68
N LEU H 60 17.09 7.43 -28.82
CA LEU H 60 16.34 7.95 -29.95
C LEU H 60 15.25 6.96 -30.34
N GLU H 61 14.20 7.47 -30.97
CA GLU H 61 13.09 6.62 -31.36
C GLU H 61 13.54 5.46 -32.26
N SER H 62 14.38 5.77 -33.24
CA SER H 62 14.85 4.75 -34.16
C SER H 62 15.68 3.68 -33.43
N TYR H 63 16.76 4.11 -32.81
CA TYR H 63 17.63 3.19 -32.08
C TYR H 63 16.91 2.63 -30.85
N GLY H 64 16.14 3.48 -30.20
CA GLY H 64 15.42 3.07 -29.00
C GLY H 64 14.42 1.94 -29.30
N LEU H 65 13.70 2.07 -30.39
CA LEU H 65 12.70 1.07 -30.75
C LEU H 65 13.34 -0.30 -30.96
N GLU H 66 14.47 -0.32 -31.67
CA GLU H 66 15.17 -1.58 -31.93
C GLU H 66 15.74 -2.18 -30.65
N LEU H 67 16.19 -1.32 -29.74
CA LEU H 67 16.78 -1.78 -28.49
C LEU H 67 15.79 -2.61 -27.68
N THR H 68 14.52 -2.23 -27.72
CA THR H 68 13.52 -2.97 -26.97
C THR H 68 13.45 -4.42 -27.41
N MET H 69 13.35 -4.61 -28.73
CA MET H 69 13.24 -5.95 -29.29
C MET H 69 14.37 -6.85 -28.83
N THR H 70 15.57 -6.32 -28.82
CA THR H 70 16.73 -7.11 -28.44
C THR H 70 16.53 -7.73 -27.05
N VAL H 71 16.06 -6.93 -26.10
CA VAL H 71 15.82 -7.42 -24.74
C VAL H 71 14.55 -8.24 -24.68
N LEU H 72 13.55 -7.81 -25.42
CA LEU H 72 12.26 -8.49 -25.42
C LEU H 72 12.39 -9.95 -25.85
N ARG H 73 13.14 -10.20 -26.92
CA ARG H 73 13.32 -11.57 -27.39
C ARG H 73 14.19 -12.37 -26.43
N ASP H 74 15.17 -11.71 -25.83
CA ASP H 74 16.09 -12.40 -24.91
C ASP H 74 15.34 -13.12 -23.79
N MET H 75 14.31 -12.48 -23.24
CA MET H 75 13.51 -13.10 -22.18
C MET H 75 12.86 -14.37 -22.71
N GLY H 76 12.70 -14.40 -24.02
CA GLY H 76 12.08 -15.52 -24.70
C GLY H 76 11.37 -15.01 -25.94
N LEU H 77 11.36 -15.79 -27.01
CA LEU H 77 10.71 -15.34 -28.22
C LEU H 77 9.21 -15.31 -28.00
N GLN H 78 8.64 -14.15 -28.18
CA GLN H 78 7.21 -13.98 -27.98
C GLN H 78 6.57 -13.39 -29.22
N GLU H 79 5.29 -13.55 -29.35
CA GLU H 79 4.60 -13.01 -30.49
C GLU H 79 4.80 -11.50 -30.51
N LEU H 80 4.96 -10.94 -29.32
CA LEU H 80 5.17 -9.50 -29.17
C LEU H 80 6.37 -9.03 -29.96
N ALA H 81 7.47 -9.77 -29.87
CA ALA H 81 8.68 -9.38 -30.59
C ALA H 81 8.36 -9.13 -32.05
N GLU H 82 7.71 -10.10 -32.69
CA GLU H 82 7.36 -9.95 -34.08
C GLU H 82 6.25 -8.93 -34.27
N GLN H 83 5.23 -8.98 -33.41
CA GLN H 83 4.11 -8.04 -33.53
C GLN H 83 4.63 -6.62 -33.55
N LEU H 84 5.57 -6.33 -32.67
CA LEU H 84 6.14 -5.00 -32.60
C LEU H 84 6.97 -4.70 -33.83
N GLN H 85 7.70 -5.70 -34.32
CA GLN H 85 8.54 -5.52 -35.50
C GLN H 85 7.73 -4.99 -36.68
N THR H 86 6.50 -5.47 -36.81
CA THR H 86 5.64 -5.02 -37.91
C THR H 86 5.55 -3.50 -37.92
N THR H 87 5.61 -2.90 -36.73
CA THR H 87 5.53 -1.46 -36.61
C THR H 87 6.74 -0.80 -37.29
N LYS H 88 7.88 -1.48 -37.27
CA LYS H 88 9.09 -0.94 -37.88
C LYS H 88 8.83 -0.53 -39.33
N GLU H 89 8.14 -1.40 -40.06
CA GLU H 89 7.81 -1.11 -41.45
C GLU H 89 6.78 0.01 -41.51
N GLY I 1 -19.56 29.91 -22.07
CA GLY I 1 -19.80 28.75 -22.93
C GLY I 1 -19.82 27.47 -22.10
N ARG I 2 -20.92 26.74 -22.22
CA ARG I 2 -21.07 25.48 -21.47
C ARG I 2 -19.93 24.54 -21.80
N ALA I 3 -19.17 24.84 -22.84
CA ALA I 3 -18.06 23.99 -23.27
C ALA I 3 -17.14 23.66 -22.09
N ARG I 4 -16.75 24.66 -21.33
CA ARG I 4 -15.87 24.43 -20.19
C ARG I 4 -16.54 23.50 -19.19
N ASP I 5 -17.80 23.78 -18.89
CA ASP I 5 -18.55 22.99 -17.93
C ASP I 5 -18.80 21.57 -18.41
N ALA I 6 -19.05 21.41 -19.70
CA ALA I 6 -19.32 20.08 -20.24
C ALA I 6 -18.11 19.16 -20.12
N ILE I 7 -16.96 19.63 -20.61
CA ILE I 7 -15.75 18.83 -20.54
C ILE I 7 -15.45 18.48 -19.10
N LEU I 8 -15.49 19.49 -18.24
CA LEU I 8 -15.17 19.29 -16.84
C LEU I 8 -15.97 18.14 -16.24
N ASP I 9 -17.28 18.17 -16.40
CA ASP I 9 -18.13 17.13 -15.80
C ASP I 9 -17.74 15.72 -16.24
N ALA I 10 -17.47 15.55 -17.53
CA ALA I 10 -17.13 14.22 -18.03
C ALA I 10 -15.70 13.79 -17.64
N LEU I 11 -14.73 14.63 -17.91
CA LEU I 11 -13.34 14.29 -17.61
C LEU I 11 -13.17 13.79 -16.18
N GLU I 12 -13.89 14.42 -15.24
CA GLU I 12 -13.80 14.04 -13.83
C GLU I 12 -14.29 12.61 -13.57
N ASN I 13 -14.97 12.00 -14.57
CA ASN I 13 -15.49 10.64 -14.41
C ASN I 13 -14.45 9.56 -14.77
N LEU I 14 -13.19 9.97 -14.91
CA LEU I 14 -12.13 9.01 -15.24
C LEU I 14 -11.39 8.58 -13.98
N SER I 15 -10.94 7.33 -13.95
CA SER I 15 -10.22 6.83 -12.79
C SER I 15 -8.84 7.47 -12.72
N GLY I 16 -8.21 7.39 -11.55
CA GLY I 16 -6.90 8.00 -11.34
C GLY I 16 -5.84 7.49 -12.32
N ASP I 17 -5.83 6.20 -12.61
CA ASP I 17 -4.81 5.65 -13.51
C ASP I 17 -4.99 6.11 -14.97
N GLU I 18 -6.19 6.00 -15.50
CA GLU I 18 -6.43 6.40 -16.88
C GLU I 18 -6.07 7.85 -17.07
N LEU I 19 -6.28 8.65 -16.04
CA LEU I 19 -5.96 10.05 -16.13
C LEU I 19 -4.52 10.22 -16.60
N LYS I 20 -3.62 9.47 -15.98
CA LYS I 20 -2.22 9.56 -16.37
C LYS I 20 -2.12 9.18 -17.82
N LYS I 21 -2.82 8.14 -18.20
CA LYS I 21 -2.76 7.69 -19.58
C LYS I 21 -3.25 8.77 -20.51
N PHE I 22 -4.28 9.48 -20.09
CA PHE I 22 -4.84 10.51 -20.94
C PHE I 22 -3.87 11.67 -21.13
N LYS I 23 -3.40 12.24 -20.02
CA LYS I 23 -2.49 13.37 -20.08
C LYS I 23 -1.24 13.06 -20.88
N MET I 24 -0.61 11.93 -20.56
CA MET I 24 0.61 11.53 -21.23
C MET I 24 0.40 11.37 -22.73
N LYS I 25 -0.69 10.72 -23.13
CA LYS I 25 -0.94 10.50 -24.55
C LYS I 25 -1.16 11.82 -25.28
N LEU I 26 -1.76 12.77 -24.59
CA LEU I 26 -2.04 14.08 -25.18
C LEU I 26 -0.76 14.73 -25.69
N LEU I 27 0.32 14.50 -24.98
CA LEU I 27 1.60 15.07 -25.36
C LEU I 27 2.08 14.56 -26.72
N THR I 28 1.74 13.30 -27.04
CA THR I 28 2.17 12.70 -28.31
C THR I 28 1.11 12.75 -29.41
N VAL I 29 -0.03 13.35 -29.13
CA VAL I 29 -1.10 13.42 -30.15
C VAL I 29 -0.81 14.49 -31.18
N GLN I 30 -1.24 14.25 -32.42
CA GLN I 30 -1.03 15.22 -33.49
C GLN I 30 -2.11 16.30 -33.47
N LEU I 31 -1.68 17.55 -33.61
CA LEU I 31 -2.59 18.68 -33.59
C LEU I 31 -2.54 19.46 -34.89
N ARG I 32 -3.61 20.19 -35.18
CA ARG I 32 -3.66 21.00 -36.39
C ARG I 32 -2.63 22.13 -36.31
N GLU I 33 -2.10 22.54 -37.45
CA GLU I 33 -1.09 23.60 -37.49
C GLU I 33 -1.67 24.95 -37.10
N GLY I 34 -0.83 25.80 -36.50
CA GLY I 34 -1.26 27.14 -36.08
C GLY I 34 -1.51 27.19 -34.57
N TYR I 35 -1.28 26.06 -33.91
CA TYR I 35 -1.47 25.96 -32.46
C TYR I 35 -0.18 25.55 -31.77
N GLY I 36 -0.12 25.79 -30.46
CA GLY I 36 1.07 25.45 -29.69
C GLY I 36 0.90 24.12 -28.95
N ARG I 37 1.97 23.71 -28.28
CA ARG I 37 2.02 22.47 -27.51
C ARG I 37 2.19 22.82 -26.03
N ILE I 38 1.55 22.06 -25.15
CA ILE I 38 1.62 22.39 -23.73
C ILE I 38 2.90 21.86 -23.08
N PRO I 39 3.58 22.70 -22.31
CA PRO I 39 4.86 22.31 -21.63
C PRO I 39 4.72 21.03 -20.82
N ARG I 40 5.72 20.16 -20.95
CA ARG I 40 5.71 18.89 -20.26
C ARG I 40 5.66 19.05 -18.73
N GLY I 41 6.46 19.98 -18.21
CA GLY I 41 6.53 20.19 -16.76
C GLY I 41 5.19 20.54 -16.12
N ALA I 42 4.45 21.45 -16.72
CA ALA I 42 3.17 21.87 -16.15
C ALA I 42 2.16 20.72 -16.15
N LEU I 43 2.04 20.05 -17.28
CA LEU I 43 1.10 18.95 -17.42
C LEU I 43 1.37 17.84 -16.42
N LEU I 44 2.64 17.57 -16.17
CA LEU I 44 3.02 16.49 -15.27
C LEU I 44 2.43 16.64 -13.85
N GLN I 45 2.40 17.86 -13.33
CA GLN I 45 1.89 18.07 -11.96
C GLN I 45 0.49 18.70 -11.90
N MET I 46 -0.13 18.92 -13.05
CA MET I 46 -1.45 19.55 -13.08
C MET I 46 -2.56 18.67 -12.51
N ASP I 47 -3.66 19.31 -12.14
CA ASP I 47 -4.83 18.64 -11.58
C ASP I 47 -5.93 18.53 -12.63
N ALA I 48 -6.92 17.68 -12.37
CA ALA I 48 -8.01 17.49 -13.31
C ALA I 48 -8.79 18.78 -13.56
N ILE I 49 -9.13 19.51 -12.51
CA ILE I 49 -9.88 20.75 -12.70
C ILE I 49 -9.03 21.78 -13.44
N ASP I 50 -7.79 21.94 -12.99
CA ASP I 50 -6.87 22.90 -13.59
C ASP I 50 -6.68 22.59 -15.06
N LEU I 51 -6.53 21.31 -15.36
CA LEU I 51 -6.34 20.86 -16.73
C LEU I 51 -7.47 21.34 -17.62
N THR I 52 -8.66 21.41 -17.05
CA THR I 52 -9.82 21.85 -17.80
C THR I 52 -9.67 23.28 -18.28
N ASP I 53 -9.28 24.16 -17.38
CA ASP I 53 -9.13 25.57 -17.73
C ASP I 53 -8.07 25.78 -18.81
N LYS I 54 -6.91 25.19 -18.62
CA LYS I 54 -5.83 25.36 -19.58
C LYS I 54 -6.16 24.73 -20.93
N LEU I 55 -6.76 23.55 -20.91
CA LEU I 55 -7.09 22.85 -22.15
C LEU I 55 -7.86 23.77 -23.09
N VAL I 56 -8.88 24.43 -22.58
CA VAL I 56 -9.65 25.33 -23.41
C VAL I 56 -8.86 26.58 -23.74
N SER I 57 -8.04 27.03 -22.79
CA SER I 57 -7.25 28.24 -22.98
C SER I 57 -6.41 28.20 -24.25
N TYR I 58 -5.79 27.05 -24.53
CA TYR I 58 -4.94 26.93 -25.71
C TYR I 58 -5.73 26.73 -27.00
N TYR I 59 -6.81 25.97 -26.94
CA TYR I 59 -7.60 25.69 -28.13
C TYR I 59 -8.99 26.31 -28.01
N LEU I 60 -9.51 26.81 -29.13
CA LEU I 60 -10.82 27.40 -29.14
C LEU I 60 -11.85 26.38 -28.65
N GLU I 61 -12.96 26.86 -28.13
CA GLU I 61 -13.99 25.98 -27.61
C GLU I 61 -14.48 25.01 -28.68
N SER I 62 -14.73 25.51 -29.88
CA SER I 62 -15.23 24.66 -30.96
C SER I 62 -14.21 23.59 -31.34
N TYR I 63 -13.03 24.03 -31.75
CA TYR I 63 -11.98 23.10 -32.14
C TYR I 63 -11.47 22.33 -30.94
N GLY I 64 -11.38 23.00 -29.81
CA GLY I 64 -10.89 22.36 -28.59
C GLY I 64 -11.78 21.21 -28.15
N LEU I 65 -13.09 21.42 -28.21
CA LEU I 65 -14.03 20.39 -27.79
C LEU I 65 -13.87 19.12 -28.63
N GLU I 66 -13.75 19.30 -29.94
CA GLU I 66 -13.60 18.15 -30.85
C GLU I 66 -12.27 17.44 -30.62
N LEU I 67 -11.23 18.20 -30.31
CA LEU I 67 -9.91 17.63 -30.11
C LEU I 67 -9.91 16.62 -28.97
N THR I 68 -10.69 16.88 -27.94
CA THR I 68 -10.75 15.97 -26.80
C THR I 68 -11.22 14.59 -27.23
N MET I 69 -12.32 14.57 -27.97
CA MET I 69 -12.90 13.31 -28.42
C MET I 69 -11.90 12.47 -29.18
N THR I 70 -11.14 13.10 -30.05
CA THR I 70 -10.18 12.37 -30.84
C THR I 70 -9.23 11.55 -29.96
N VAL I 71 -8.71 12.17 -28.90
CA VAL I 71 -7.81 11.48 -27.99
C VAL I 71 -8.57 10.56 -27.05
N LEU I 72 -9.76 10.98 -26.65
CA LEU I 72 -10.57 10.20 -25.73
C LEU I 72 -10.91 8.83 -26.32
N ARG I 73 -11.30 8.79 -27.59
CA ARG I 73 -11.64 7.52 -28.22
C ARG I 73 -10.40 6.68 -28.47
N ASP I 74 -9.28 7.33 -28.78
CA ASP I 74 -8.04 6.63 -29.05
C ASP I 74 -7.65 5.68 -27.91
N MET I 75 -7.81 6.15 -26.67
CA MET I 75 -7.48 5.33 -25.51
C MET I 75 -8.36 4.09 -25.50
N GLY I 76 -9.50 4.22 -26.16
CA GLY I 76 -10.48 3.15 -26.25
C GLY I 76 -11.86 3.76 -26.35
N LEU I 77 -12.75 3.14 -27.09
CA LEU I 77 -14.09 3.68 -27.23
C LEU I 77 -14.82 3.54 -25.91
N GLN I 78 -15.25 4.66 -25.38
CA GLN I 78 -15.96 4.66 -24.12
C GLN I 78 -17.29 5.36 -24.27
N GLU I 79 -18.19 5.10 -23.35
CA GLU I 79 -19.48 5.73 -23.40
C GLU I 79 -19.29 7.24 -23.34
N LEU I 80 -18.21 7.65 -22.66
CA LEU I 80 -17.89 9.06 -22.52
C LEU I 80 -17.76 9.74 -23.87
N ALA I 81 -17.07 9.10 -24.80
CA ALA I 81 -16.88 9.69 -26.12
C ALA I 81 -18.22 10.10 -26.71
N GLU I 82 -19.17 9.18 -26.71
CA GLU I 82 -20.49 9.48 -27.25
C GLU I 82 -21.26 10.41 -26.32
N GLN I 83 -21.19 10.15 -25.02
CA GLN I 83 -21.92 10.99 -24.07
C GLN I 83 -21.55 12.45 -24.26
N LEU I 84 -20.27 12.69 -24.44
CA LEU I 84 -19.79 14.05 -24.64
C LEU I 84 -20.26 14.59 -25.99
N GLN I 85 -20.25 13.73 -27.01
CA GLN I 85 -20.66 14.15 -28.35
C GLN I 85 -22.06 14.75 -28.32
N THR I 86 -22.94 14.19 -27.51
CA THR I 86 -24.31 14.70 -27.41
C THR I 86 -24.29 16.19 -27.12
N THR I 87 -23.28 16.62 -26.36
CA THR I 87 -23.16 18.03 -26.01
C THR I 87 -22.94 18.88 -27.26
N LYS I 88 -22.25 18.30 -28.26
CA LYS I 88 -21.98 19.04 -29.50
C LYS I 88 -23.26 19.61 -30.08
N GLU I 89 -24.31 18.78 -30.11
CA GLU I 89 -25.59 19.23 -30.63
C GLU I 89 -26.21 20.25 -29.69
N GLY J 1 -25.40 44.75 7.18
CA GLY J 1 -26.27 43.70 6.67
C GLY J 1 -25.69 42.33 6.98
N ARG J 2 -26.49 41.51 7.67
CA ARG J 2 -26.05 40.17 8.04
C ARG J 2 -25.66 39.37 6.80
N ALA J 3 -26.02 39.89 5.63
CA ALA J 3 -25.71 39.20 4.38
C ALA J 3 -24.24 38.80 4.30
N ARG J 4 -23.34 39.74 4.59
CA ARG J 4 -21.93 39.42 4.55
C ARG J 4 -21.58 38.32 5.54
N ASP J 5 -22.10 38.45 6.76
CA ASP J 5 -21.83 37.47 7.80
C ASP J 5 -22.44 36.12 7.48
N ALA J 6 -23.62 36.09 6.90
CA ALA J 6 -24.28 34.83 6.58
C ALA J 6 -23.48 34.03 5.56
N ILE J 7 -23.15 34.65 4.44
CA ILE J 7 -22.39 33.96 3.40
C ILE J 7 -21.08 33.45 3.97
N LEU J 8 -20.38 34.34 4.66
CA LEU J 8 -19.09 33.99 5.23
C LEU J 8 -19.14 32.71 6.04
N ASP J 9 -20.07 32.63 6.98
CA ASP J 9 -20.17 31.46 7.85
C ASP J 9 -20.34 30.16 7.06
N ALA J 10 -21.21 30.17 6.06
CA ALA J 10 -21.46 28.95 5.29
C ALA J 10 -20.31 28.61 4.33
N LEU J 11 -19.88 29.57 3.54
CA LEU J 11 -18.81 29.32 2.57
C LEU J 11 -17.60 28.66 3.21
N GLU J 12 -17.27 29.09 4.43
CA GLU J 12 -16.12 28.55 5.14
C GLU J 12 -16.28 27.04 5.46
N ASN J 13 -17.51 26.52 5.32
CA ASN J 13 -17.77 25.10 5.62
C ASN J 13 -17.47 24.19 4.43
N LEU J 14 -16.80 24.72 3.40
CA LEU J 14 -16.45 23.91 2.23
C LEU J 14 -15.02 23.39 2.35
N SER J 15 -14.79 22.19 1.81
CA SER J 15 -13.46 21.62 1.86
C SER J 15 -12.53 22.36 0.91
N GLY J 16 -11.22 22.19 1.10
CA GLY J 16 -10.22 22.89 0.29
C GLY J 16 -10.38 22.62 -1.21
N ASP J 17 -10.66 21.38 -1.59
CA ASP J 17 -10.79 21.04 -3.01
C ASP J 17 -12.02 21.66 -3.67
N GLU J 18 -13.18 21.51 -3.06
CA GLU J 18 -14.41 22.06 -3.63
C GLU J 18 -14.27 23.56 -3.82
N LEU J 19 -13.55 24.20 -2.91
CA LEU J 19 -13.35 25.63 -3.00
C LEU J 19 -12.83 25.98 -4.38
N LYS J 20 -11.83 25.24 -4.85
CA LYS J 20 -11.29 25.51 -6.16
C LYS J 20 -12.39 25.34 -7.17
N LYS J 21 -13.18 24.29 -7.00
CA LYS J 21 -14.25 24.03 -7.94
C LYS J 21 -15.22 25.17 -7.95
N PHE J 22 -15.49 25.71 -6.78
CA PHE J 22 -16.46 26.80 -6.70
C PHE J 22 -15.95 28.05 -7.40
N LYS J 23 -14.76 28.52 -7.00
CA LYS J 23 -14.21 29.73 -7.59
C LYS J 23 -14.09 29.63 -9.10
N MET J 24 -13.50 28.54 -9.58
CA MET J 24 -13.32 28.34 -11.00
C MET J 24 -14.64 28.35 -11.75
N LYS J 25 -15.64 27.67 -11.24
CA LYS J 25 -16.94 27.61 -11.92
C LYS J 25 -17.59 28.99 -11.98
N LEU J 26 -17.36 29.79 -10.96
CA LEU J 26 -17.93 31.13 -10.89
C LEU J 26 -17.53 31.95 -12.09
N LEU J 27 -16.32 31.74 -12.56
CA LEU J 27 -15.81 32.46 -13.72
C LEU J 27 -16.63 32.17 -14.98
N THR J 28 -17.15 30.96 -15.09
CA THR J 28 -17.91 30.55 -16.29
C THR J 28 -19.43 30.65 -16.10
N VAL J 29 -19.88 31.11 -14.94
CA VAL J 29 -21.32 31.20 -14.70
C VAL J 29 -21.91 32.42 -15.38
N GLN J 30 -23.17 32.31 -15.81
CA GLN J 30 -23.84 33.41 -16.47
C GLN J 30 -24.43 34.38 -15.45
N LEU J 31 -24.23 35.67 -15.68
CA LEU J 31 -24.71 36.71 -14.78
C LEU J 31 -25.68 37.65 -15.48
N ARG J 32 -26.52 38.31 -14.70
CA ARG J 32 -27.47 39.26 -15.25
C ARG J 32 -26.72 40.45 -15.85
N GLU J 33 -27.28 41.06 -16.89
CA GLU J 33 -26.65 42.20 -17.55
C GLU J 33 -26.63 43.44 -16.64
N GLY J 34 -25.61 44.27 -16.83
CA GLY J 34 -25.47 45.50 -16.03
C GLY J 34 -24.42 45.32 -14.93
N TYR J 35 -23.80 44.15 -14.89
CA TYR J 35 -22.79 43.86 -13.89
C TYR J 35 -21.47 43.47 -14.55
N GLY J 36 -20.39 43.55 -13.78
CA GLY J 36 -19.07 43.21 -14.30
C GLY J 36 -18.66 41.79 -13.94
N ARG J 37 -17.49 41.41 -14.44
CA ARG J 37 -16.91 40.09 -14.20
C ARG J 37 -15.63 40.25 -13.40
N ILE J 38 -15.35 39.33 -12.49
CA ILE J 38 -14.17 39.48 -11.65
C ILE J 38 -12.90 38.99 -12.35
N PRO J 39 -11.84 39.78 -12.30
CA PRO J 39 -10.53 39.43 -12.96
C PRO J 39 -10.04 38.05 -12.56
N ARG J 40 -9.58 37.30 -13.55
CA ARG J 40 -9.08 35.94 -13.32
C ARG J 40 -7.91 35.91 -12.35
N GLY J 41 -6.97 36.82 -12.52
CA GLY J 41 -5.76 36.86 -11.68
C GLY J 41 -6.05 36.99 -10.19
N ALA J 42 -6.93 37.90 -9.83
CA ALA J 42 -7.25 38.13 -8.42
C ALA J 42 -7.92 36.90 -7.79
N LEU J 43 -8.91 36.38 -8.49
CA LEU J 43 -9.65 35.22 -7.99
C LEU J 43 -8.75 34.02 -7.76
N LEU J 44 -7.79 33.83 -8.65
CA LEU J 44 -6.90 32.68 -8.58
C LEU J 44 -6.12 32.60 -7.26
N GLN J 45 -5.67 33.73 -6.73
CA GLN J 45 -4.88 33.72 -5.48
C GLN J 45 -5.66 34.21 -4.26
N MET J 46 -6.95 34.50 -4.42
CA MET J 46 -7.75 35.02 -3.30
C MET J 46 -8.01 33.97 -2.21
N ASP J 47 -8.35 34.46 -1.02
CA ASP J 47 -8.65 33.61 0.13
C ASP J 47 -10.16 33.54 0.34
N ALA J 48 -10.60 32.58 1.16
CA ALA J 48 -12.02 32.40 1.42
C ALA J 48 -12.64 33.64 2.08
N ILE J 49 -11.97 34.20 3.09
CA ILE J 49 -12.51 35.38 3.75
C ILE J 49 -12.54 36.56 2.80
N ASP J 50 -11.42 36.78 2.12
CA ASP J 50 -11.30 37.89 1.18
C ASP J 50 -12.36 37.79 0.09
N LEU J 51 -12.57 36.58 -0.39
CA LEU J 51 -13.54 36.33 -1.43
C LEU J 51 -14.91 36.82 -0.99
N THR J 52 -15.19 36.70 0.29
CA THR J 52 -16.47 37.13 0.83
C THR J 52 -16.68 38.62 0.64
N ASP J 53 -15.70 39.41 1.00
CA ASP J 53 -15.82 40.86 0.89
C ASP J 53 -16.01 41.30 -0.56
N LYS J 54 -15.18 40.81 -1.46
CA LYS J 54 -15.29 41.19 -2.86
C LYS J 54 -16.57 40.71 -3.49
N LEU J 55 -16.98 39.49 -3.18
CA LEU J 55 -18.19 38.94 -3.78
C LEU J 55 -19.37 39.89 -3.59
N VAL J 56 -19.55 40.39 -2.38
CA VAL J 56 -20.64 41.31 -2.13
C VAL J 56 -20.36 42.66 -2.77
N SER J 57 -19.09 43.06 -2.78
CA SER J 57 -18.70 44.35 -3.33
C SER J 57 -19.20 44.54 -4.76
N TYR J 58 -19.09 43.51 -5.58
CA TYR J 58 -19.51 43.61 -6.97
C TYR J 58 -21.03 43.51 -7.15
N TYR J 59 -21.67 42.65 -6.37
CA TYR J 59 -23.12 42.47 -6.51
C TYR J 59 -23.84 42.93 -5.25
N LEU J 60 -25.01 43.51 -5.45
CA LEU J 60 -25.79 43.99 -4.30
C LEU J 60 -26.08 42.83 -3.38
N GLU J 61 -26.32 43.13 -2.11
CA GLU J 61 -26.58 42.09 -1.13
C GLU J 61 -27.77 41.22 -1.53
N SER J 62 -28.85 41.86 -1.96
CA SER J 62 -30.04 41.11 -2.34
C SER J 62 -29.78 40.20 -3.54
N TYR J 63 -29.37 40.80 -4.65
CA TYR J 63 -29.08 40.03 -5.85
C TYR J 63 -27.86 39.15 -5.65
N GLY J 64 -26.86 39.68 -4.94
CA GLY J 64 -25.63 38.94 -4.71
C GLY J 64 -25.89 37.66 -3.91
N LEU J 65 -26.72 37.76 -2.89
CA LEU J 65 -27.01 36.60 -2.05
C LEU J 65 -27.64 35.47 -2.86
N GLU J 66 -28.59 35.82 -3.72
CA GLU J 66 -29.27 34.82 -4.55
C GLU J 66 -28.32 34.21 -5.57
N LEU J 67 -27.41 35.03 -6.09
CA LEU J 67 -26.46 34.56 -7.09
C LEU J 67 -25.61 33.39 -6.57
N THR J 68 -25.25 33.46 -5.30
CA THR J 68 -24.44 32.40 -4.71
C THR J 68 -25.13 31.06 -4.81
N MET J 69 -26.39 31.03 -4.38
CA MET J 69 -27.16 29.79 -4.38
C MET J 69 -27.17 29.15 -5.75
N THR J 70 -27.37 29.96 -6.77
CA THR J 70 -27.46 29.42 -8.13
C THR J 70 -26.22 28.58 -8.46
N VAL J 71 -25.04 29.11 -8.15
CA VAL J 71 -23.80 28.40 -8.42
C VAL J 71 -23.57 27.29 -7.39
N LEU J 72 -23.95 27.56 -6.15
CA LEU J 72 -23.75 26.59 -5.09
C LEU J 72 -24.49 25.27 -5.38
N ARG J 73 -25.73 25.37 -5.83
CA ARG J 73 -26.50 24.16 -6.13
C ARG J 73 -25.97 23.48 -7.38
N ASP J 74 -25.51 24.27 -8.35
CA ASP J 74 -25.01 23.72 -9.61
C ASP J 74 -23.91 22.68 -9.37
N MET J 75 -23.00 22.96 -8.43
CA MET J 75 -21.92 22.03 -8.12
C MET J 75 -22.50 20.73 -7.60
N GLY J 76 -23.71 20.83 -7.09
CA GLY J 76 -24.43 19.70 -6.54
C GLY J 76 -25.32 20.19 -5.41
N LEU J 77 -26.49 19.58 -5.24
CA LEU J 77 -27.38 20.01 -4.19
C LEU J 77 -26.79 19.64 -2.85
N GLN J 78 -26.59 20.64 -2.03
CA GLN J 78 -26.01 20.42 -0.71
C GLN J 78 -26.92 21.00 0.35
N GLU J 79 -26.75 20.54 1.57
CA GLU J 79 -27.55 21.05 2.65
C GLU J 79 -27.31 22.55 2.76
N LEU J 80 -26.10 22.96 2.38
CA LEU J 80 -25.73 24.38 2.43
C LEU J 80 -26.69 25.23 1.61
N ALA J 81 -27.03 24.78 0.42
CA ALA J 81 -27.93 25.55 -0.42
C ALA J 81 -29.19 25.91 0.34
N GLU J 82 -29.81 24.91 0.95
CA GLU J 82 -31.03 25.16 1.71
C GLU J 82 -30.73 25.88 3.01
N GLN J 83 -29.66 25.47 3.70
CA GLN J 83 -29.31 26.11 4.97
C GLN J 83 -29.17 27.61 4.78
N LEU J 84 -28.52 28.00 3.70
CA LEU J 84 -28.33 29.40 3.41
C LEU J 84 -29.65 30.07 3.05
N GLN J 85 -30.50 29.35 2.32
CA GLN J 85 -31.79 29.89 1.91
C GLN J 85 -32.59 30.37 3.11
N THR J 86 -32.51 29.62 4.20
CA THR J 86 -33.24 29.98 5.41
C THR J 86 -32.93 31.42 5.79
N THR J 87 -31.69 31.85 5.53
CA THR J 87 -31.28 33.21 5.85
C THR J 87 -32.09 34.22 5.04
N LYS J 88 -32.49 33.84 3.83
CA LYS J 88 -33.26 34.75 2.99
C LYS J 88 -34.49 35.27 3.73
N GLU J 89 -35.18 34.37 4.42
CA GLU J 89 -36.36 34.76 5.19
C GLU J 89 -35.93 35.58 6.39
N GLY K 1 -29.52 -13.10 19.66
CA GLY K 1 -30.53 -14.13 19.49
C GLY K 1 -29.89 -15.50 19.42
N ARG K 2 -30.31 -16.39 20.31
CA ARG K 2 -29.77 -17.74 20.34
C ARG K 2 -29.96 -18.44 18.99
N ALA K 3 -30.79 -17.84 18.14
CA ALA K 3 -31.07 -18.41 16.84
C ALA K 3 -29.78 -18.77 16.09
N ARG K 4 -28.85 -17.83 16.03
CA ARG K 4 -27.59 -18.10 15.35
C ARG K 4 -26.86 -19.26 16.00
N ASP K 5 -26.80 -19.25 17.32
CA ASP K 5 -26.11 -20.29 18.07
C ASP K 5 -26.79 -21.64 17.92
N ALA K 6 -28.12 -21.65 17.92
CA ALA K 6 -28.85 -22.90 17.82
C ALA K 6 -28.60 -23.61 16.49
N ILE K 7 -28.78 -22.88 15.39
CA ILE K 7 -28.56 -23.47 14.09
C ILE K 7 -27.14 -23.98 13.96
N LEU K 8 -26.21 -23.14 14.35
CA LEU K 8 -24.80 -23.49 14.27
C LEU K 8 -24.51 -24.84 14.91
N ASP K 9 -24.93 -25.01 16.16
CA ASP K 9 -24.64 -26.24 16.88
C ASP K 9 -25.15 -27.48 16.15
N ALA K 10 -26.37 -27.42 15.63
CA ALA K 10 -26.95 -28.58 14.94
C ALA K 10 -26.33 -28.82 13.55
N LEU K 11 -26.29 -27.79 12.73
CA LEU K 11 -25.76 -27.93 11.38
C LEU K 11 -24.39 -28.60 11.37
N GLU K 12 -23.56 -28.26 12.35
CA GLU K 12 -22.21 -28.83 12.44
C GLU K 12 -22.23 -30.35 12.69
N ASN K 13 -23.40 -30.90 13.04
CA ASN K 13 -23.53 -32.33 13.31
C ASN K 13 -23.78 -33.15 12.03
N LEU K 14 -23.62 -32.52 10.87
CA LEU K 14 -23.83 -33.23 9.60
C LEU K 14 -22.51 -33.72 9.03
N SER K 15 -22.54 -34.85 8.36
CA SER K 15 -21.33 -35.40 7.77
C SER K 15 -20.89 -34.55 6.57
N GLY K 16 -19.65 -34.71 6.17
CA GLY K 16 -19.10 -33.93 5.05
C GLY K 16 -19.90 -34.08 3.75
N ASP K 17 -20.33 -35.29 3.43
CA ASP K 17 -21.07 -35.52 2.19
C ASP K 17 -22.46 -34.88 2.19
N GLU K 18 -23.24 -35.11 3.24
CA GLU K 18 -24.58 -34.56 3.30
C GLU K 18 -24.53 -33.04 3.21
N LEU K 19 -23.48 -32.46 3.75
CA LEU K 19 -23.32 -31.02 3.70
C LEU K 19 -23.46 -30.55 2.26
N LYS K 20 -22.77 -31.22 1.35
CA LYS K 20 -22.87 -30.83 -0.04
C LYS K 20 -24.30 -30.96 -0.48
N LYS K 21 -24.93 -32.04 -0.07
CA LYS K 21 -26.31 -32.26 -0.46
C LYS K 21 -27.19 -31.15 0.05
N PHE K 22 -26.91 -30.70 1.26
CA PHE K 22 -27.73 -29.65 1.84
C PHE K 22 -27.57 -28.33 1.10
N LYS K 23 -26.33 -27.87 0.97
CA LYS K 23 -26.07 -26.60 0.30
C LYS K 23 -26.63 -26.57 -1.11
N MET K 24 -26.33 -27.61 -1.88
CA MET K 24 -26.79 -27.69 -3.26
C MET K 24 -28.30 -27.66 -3.35
N LYS K 25 -28.98 -28.41 -2.50
CA LYS K 25 -30.45 -28.45 -2.55
C LYS K 25 -31.04 -27.09 -2.21
N LEU K 26 -30.38 -26.37 -1.32
CA LEU K 26 -30.86 -25.06 -0.90
C LEU K 26 -31.02 -24.13 -2.10
N LEU K 27 -30.13 -24.27 -3.06
CA LEU K 27 -30.17 -23.44 -4.26
C LEU K 27 -31.47 -23.66 -5.05
N THR K 28 -32.00 -24.88 -5.02
CA THR K 28 -33.21 -25.21 -5.79
C THR K 28 -34.49 -25.17 -4.96
N VAL K 29 -34.38 -24.82 -3.69
CA VAL K 29 -35.57 -24.79 -2.83
C VAL K 29 -36.38 -23.53 -3.07
N GLN K 30 -37.71 -23.64 -2.92
CA GLN K 30 -38.59 -22.50 -3.13
C GLN K 30 -38.67 -21.64 -1.87
N LEU K 31 -38.58 -20.32 -2.07
CA LEU K 31 -38.60 -19.38 -0.96
C LEU K 31 -39.76 -18.41 -1.09
N ARG K 32 -40.17 -17.83 0.03
CA ARG K 32 -41.27 -16.87 0.04
C ARG K 32 -40.84 -15.62 -0.73
N GLU K 33 -41.80 -14.95 -1.36
CA GLU K 33 -41.50 -13.75 -2.14
C GLU K 33 -41.08 -12.58 -1.24
N GLY K 34 -40.23 -11.71 -1.78
CA GLY K 34 -39.75 -10.54 -1.02
C GLY K 34 -38.33 -10.77 -0.51
N TYR K 35 -37.77 -11.93 -0.85
CA TYR K 35 -36.42 -12.27 -0.41
C TYR K 35 -35.53 -12.57 -1.61
N GLY K 36 -34.22 -12.53 -1.39
CA GLY K 36 -33.26 -12.78 -2.47
C GLY K 36 -32.74 -14.22 -2.45
N ARG K 37 -31.92 -14.52 -3.44
CA ARG K 37 -31.30 -15.84 -3.59
C ARG K 37 -29.80 -15.70 -3.41
N ILE K 38 -29.16 -16.68 -2.80
CA ILE K 38 -27.73 -16.57 -2.54
C ILE K 38 -26.90 -16.96 -3.77
N PRO K 39 -25.91 -16.15 -4.13
CA PRO K 39 -25.03 -16.41 -5.31
C PRO K 39 -24.43 -17.81 -5.29
N ARG K 40 -24.46 -18.46 -6.44
CA ARG K 40 -23.93 -19.82 -6.56
C ARG K 40 -22.44 -19.90 -6.21
N GLY K 41 -21.67 -18.94 -6.70
CA GLY K 41 -20.22 -18.95 -6.48
C GLY K 41 -19.83 -18.93 -5.00
N ALA K 42 -20.45 -18.07 -4.21
CA ALA K 42 -20.10 -17.98 -2.80
C ALA K 42 -20.45 -19.27 -2.04
N LEU K 43 -21.65 -19.76 -2.28
CA LEU K 43 -22.10 -20.97 -1.60
C LEU K 43 -21.21 -22.16 -1.89
N LEU K 44 -20.73 -22.24 -3.13
CA LEU K 44 -19.91 -23.38 -3.54
C LEU K 44 -18.64 -23.55 -2.71
N GLN K 45 -17.99 -22.44 -2.33
CA GLN K 45 -16.73 -22.53 -1.57
C GLN K 45 -16.89 -22.16 -0.09
N MET K 46 -18.11 -21.88 0.35
CA MET K 46 -18.34 -21.48 1.75
C MET K 46 -18.10 -22.62 2.75
N ASP K 47 -17.89 -22.23 4.01
CA ASP K 47 -17.66 -23.17 5.10
C ASP K 47 -18.92 -23.30 5.95
N ALA K 48 -18.97 -24.34 6.79
CA ALA K 48 -20.13 -24.57 7.63
C ALA K 48 -20.38 -23.41 8.59
N ILE K 49 -19.34 -22.92 9.25
CA ILE K 49 -19.53 -21.80 10.19
C ILE K 49 -19.96 -20.55 9.44
N ASP K 50 -19.23 -20.25 8.36
CA ASP K 50 -19.53 -19.07 7.55
C ASP K 50 -20.97 -19.11 7.03
N LEU K 51 -21.37 -20.29 6.59
CA LEU K 51 -22.72 -20.48 6.06
C LEU K 51 -23.75 -20.07 7.10
N THR K 52 -23.44 -20.29 8.36
CA THR K 52 -24.35 -19.95 9.44
C THR K 52 -24.61 -18.45 9.48
N ASP K 53 -23.55 -17.66 9.45
CA ASP K 53 -23.70 -16.22 9.51
C ASP K 53 -24.51 -15.66 8.35
N LYS K 54 -24.15 -16.07 7.13
CA LYS K 54 -24.86 -15.58 5.96
C LYS K 54 -26.30 -16.04 5.91
N LEU K 55 -26.54 -17.30 6.27
CA LEU K 55 -27.90 -17.83 6.22
C LEU K 55 -28.87 -16.93 6.98
N VAL K 56 -28.49 -16.54 8.18
CA VAL K 56 -29.35 -15.67 8.96
C VAL K 56 -29.36 -14.26 8.38
N SER K 57 -28.22 -13.83 7.84
CA SER K 57 -28.11 -12.48 7.29
C SER K 57 -29.18 -12.20 6.24
N TYR K 58 -29.45 -13.16 5.37
CA TYR K 58 -30.44 -12.96 4.31
C TYR K 58 -31.89 -13.09 4.82
N TYR K 59 -32.13 -14.02 5.72
CA TYR K 59 -33.48 -14.24 6.22
C TYR K 59 -33.58 -13.89 7.70
N LEU K 60 -34.72 -13.33 8.09
CA LEU K 60 -34.91 -12.97 9.48
C LEU K 60 -34.78 -14.20 10.35
N GLU K 61 -34.43 -14.00 11.61
CA GLU K 61 -34.24 -15.13 12.52
C GLU K 61 -35.49 -15.99 12.62
N SER K 62 -36.65 -15.36 12.74
CA SER K 62 -37.90 -16.11 12.87
C SER K 62 -38.19 -16.92 11.61
N TYR K 63 -38.30 -16.22 10.48
CA TYR K 63 -38.59 -16.89 9.22
C TYR K 63 -37.40 -17.75 8.78
N GLY K 64 -36.19 -17.25 9.03
CA GLY K 64 -34.99 -17.96 8.64
C GLY K 64 -34.88 -19.30 9.36
N LEU K 65 -35.17 -19.31 10.65
CA LEU K 65 -35.08 -20.54 11.44
C LEU K 65 -36.02 -21.62 10.89
N GLU K 66 -37.25 -21.23 10.57
CA GLU K 66 -38.23 -22.17 10.04
C GLU K 66 -37.82 -22.69 8.65
N LEU K 67 -37.23 -21.81 7.86
CA LEU K 67 -36.82 -22.17 6.51
C LEU K 67 -35.84 -23.34 6.51
N THR K 68 -34.96 -23.37 7.49
CA THR K 68 -33.97 -24.44 7.58
C THR K 68 -34.66 -25.79 7.69
N MET K 69 -35.59 -25.89 8.61
CA MET K 69 -36.30 -27.14 8.85
C MET K 69 -36.93 -27.68 7.59
N THR K 70 -37.55 -26.81 6.82
CA THR K 70 -38.22 -27.23 5.60
C THR K 70 -37.26 -28.00 4.69
N VAL K 71 -36.06 -27.47 4.50
CA VAL K 71 -35.06 -28.14 3.66
C VAL K 71 -34.42 -29.31 4.38
N LEU K 72 -34.21 -29.16 5.67
CA LEU K 72 -33.57 -30.20 6.46
C LEU K 72 -34.37 -31.49 6.42
N ARG K 73 -35.69 -31.40 6.57
CA ARG K 73 -36.53 -32.60 6.53
C ARG K 73 -36.61 -33.17 5.13
N ASP K 74 -36.61 -32.29 4.13
CA ASP K 74 -36.72 -32.73 2.73
C ASP K 74 -35.64 -33.76 2.38
N MET K 75 -34.40 -33.53 2.84
CA MET K 75 -33.30 -34.45 2.57
C MET K 75 -33.61 -35.80 3.18
N GLY K 76 -34.48 -35.77 4.18
CA GLY K 76 -34.89 -36.96 4.91
C GLY K 76 -35.19 -36.59 6.34
N LEU K 77 -36.18 -37.24 6.94
CA LEU K 77 -36.51 -36.91 8.32
C LEU K 77 -35.40 -37.37 9.23
N GLN K 78 -34.84 -36.43 9.95
CA GLN K 78 -33.75 -36.74 10.87
C GLN K 78 -34.09 -36.27 12.26
N GLU K 79 -33.41 -36.81 13.24
CA GLU K 79 -33.65 -36.41 14.60
C GLU K 79 -33.37 -34.92 14.72
N LEU K 80 -32.45 -34.44 13.88
CA LEU K 80 -32.08 -33.03 13.88
C LEU K 80 -33.28 -32.14 13.64
N ALA K 81 -34.13 -32.51 12.68
CA ALA K 81 -35.30 -31.71 12.38
C ALA K 81 -36.09 -31.44 13.66
N GLU K 82 -36.40 -32.50 14.38
CA GLU K 82 -37.15 -32.34 15.62
C GLU K 82 -36.30 -31.71 16.71
N GLN K 83 -35.05 -32.15 16.83
CA GLN K 83 -34.17 -31.60 17.86
C GLN K 83 -34.11 -30.10 17.75
N LEU K 84 -34.00 -29.61 16.53
CA LEU K 84 -33.94 -28.18 16.30
C LEU K 84 -35.27 -27.52 16.62
N GLN K 85 -36.36 -28.20 16.28
CA GLN K 85 -37.70 -27.66 16.50
C GLN K 85 -37.89 -27.31 17.98
N THR K 86 -37.34 -28.14 18.86
CA THR K 86 -37.47 -27.89 20.29
C THR K 86 -37.00 -26.48 20.62
N THR K 87 -36.02 -26.00 19.88
CA THR K 87 -35.48 -24.66 20.09
C THR K 87 -36.55 -23.60 19.82
N LYS K 88 -37.45 -23.90 18.88
CA LYS K 88 -38.51 -22.95 18.53
C LYS K 88 -39.27 -22.52 19.78
N GLU K 89 -39.61 -23.49 20.62
CA GLU K 89 -40.33 -23.20 21.85
C GLU K 89 -39.42 -22.46 22.82
N GLY L 1 -0.50 -4.12 33.38
CA GLY L 1 -1.30 -5.21 33.93
C GLY L 1 -1.03 -6.50 33.17
N ARG L 2 -0.63 -7.53 33.90
CA ARG L 2 -0.34 -8.82 33.29
C ARG L 2 -1.56 -9.34 32.53
N ALA L 3 -2.70 -8.72 32.77
CA ALA L 3 -3.95 -9.15 32.12
C ALA L 3 -3.77 -9.27 30.61
N ARG L 4 -3.19 -8.26 29.98
CA ARG L 4 -2.99 -8.31 28.54
C ARG L 4 -2.09 -9.48 28.17
N ASP L 5 -1.00 -9.64 28.91
CA ASP L 5 -0.04 -10.70 28.65
C ASP L 5 -0.63 -12.08 28.90
N ALA L 6 -1.44 -12.20 29.94
CA ALA L 6 -2.04 -13.50 30.27
C ALA L 6 -2.97 -13.99 29.17
N ILE L 7 -3.91 -13.15 28.77
CA ILE L 7 -4.85 -13.54 27.74
C ILE L 7 -4.10 -13.89 26.46
N LEU L 8 -3.18 -13.03 26.08
CA LEU L 8 -2.40 -13.24 24.87
C LEU L 8 -1.79 -14.63 24.82
N ASP L 9 -1.07 -15.00 25.86
CA ASP L 9 -0.39 -16.29 25.88
C ASP L 9 -1.34 -17.47 25.66
N ALA L 10 -2.49 -17.44 26.32
CA ALA L 10 -3.44 -18.55 26.19
C ALA L 10 -4.16 -18.54 24.84
N LEU L 11 -4.75 -17.41 24.47
CA LEU L 11 -5.51 -17.33 23.23
C LEU L 11 -4.71 -17.86 22.04
N GLU L 12 -3.41 -17.58 22.02
CA GLU L 12 -2.54 -18.03 20.93
C GLU L 12 -2.44 -19.56 20.85
N ASN L 13 -2.90 -20.26 21.91
CA ASN L 13 -2.83 -21.73 21.95
C ASN L 13 -4.04 -22.39 21.26
N LEU L 14 -4.83 -21.60 20.54
CA LEU L 14 -6.00 -22.15 19.84
C LEU L 14 -5.67 -22.44 18.38
N SER L 15 -6.28 -23.47 17.83
CA SER L 15 -6.04 -23.82 16.43
C SER L 15 -6.68 -22.79 15.52
N GLY L 16 -6.25 -22.77 14.27
CA GLY L 16 -6.76 -21.80 13.30
C GLY L 16 -8.28 -21.86 13.13
N ASP L 17 -8.85 -23.06 13.09
CA ASP L 17 -10.29 -23.18 12.89
C ASP L 17 -11.12 -22.67 14.08
N GLU L 18 -10.77 -23.10 15.29
CA GLU L 18 -11.51 -22.70 16.47
C GLU L 18 -11.49 -21.18 16.60
N LEU L 19 -10.38 -20.58 16.18
CA LEU L 19 -10.26 -19.15 16.25
C LEU L 19 -11.45 -18.50 15.57
N LYS L 20 -11.79 -18.98 14.39
CA LYS L 20 -12.93 -18.42 13.68
C LYS L 20 -14.15 -18.61 14.54
N LYS L 21 -14.27 -19.80 15.12
CA LYS L 21 -15.44 -20.09 15.94
C LYS L 21 -15.50 -19.14 17.10
N PHE L 22 -14.35 -18.82 17.67
CA PHE L 22 -14.34 -17.95 18.83
C PHE L 22 -14.76 -16.53 18.46
N LYS L 23 -14.09 -15.95 17.48
CA LYS L 23 -14.39 -14.58 17.07
C LYS L 23 -15.86 -14.42 16.67
N MET L 24 -16.32 -15.32 15.81
CA MET L 24 -17.70 -15.25 15.34
C MET L 24 -18.69 -15.34 16.49
N LYS L 25 -18.47 -16.26 17.42
CA LYS L 25 -19.41 -16.42 18.53
C LYS L 25 -19.43 -15.18 19.42
N LEU L 26 -18.29 -14.52 19.53
CA LEU L 26 -18.18 -13.33 20.35
C LEU L 26 -19.18 -12.27 19.91
N LEU L 27 -19.41 -12.20 18.62
CA LEU L 27 -20.34 -11.24 18.06
C LEU L 27 -21.76 -11.45 18.58
N THR L 28 -22.14 -12.71 18.82
CA THR L 28 -23.49 -13.04 19.27
C THR L 28 -23.61 -13.23 20.78
N VAL L 29 -22.51 -13.04 21.51
CA VAL L 29 -22.57 -13.23 22.96
C VAL L 29 -23.20 -12.03 23.65
N GLN L 30 -23.88 -12.29 24.77
CA GLN L 30 -24.53 -11.22 25.51
C GLN L 30 -23.53 -10.54 26.46
N LEU L 31 -23.57 -9.21 26.46
CA LEU L 31 -22.66 -8.42 27.29
C LEU L 31 -23.43 -7.56 28.28
N ARG L 32 -22.76 -7.17 29.36
CA ARG L 32 -23.37 -6.32 30.37
C ARG L 32 -23.66 -4.94 29.77
N GLU L 33 -24.71 -4.29 30.24
CA GLU L 33 -25.08 -2.97 29.73
C GLU L 33 -24.06 -1.90 30.12
N GLY L 34 -23.92 -0.89 29.26
CA GLY L 34 -22.98 0.20 29.51
C GLY L 34 -21.71 0.03 28.66
N TYR L 35 -21.69 -1.01 27.84
CA TYR L 35 -20.54 -1.28 26.97
C TYR L 35 -20.97 -1.33 25.52
N GLY L 36 -19.99 -1.20 24.62
CA GLY L 36 -20.28 -1.22 23.19
C GLY L 36 -20.01 -2.59 22.58
N ARG L 37 -20.31 -2.70 21.29
CA ARG L 37 -20.12 -3.92 20.51
C ARG L 37 -19.06 -3.67 19.45
N ILE L 38 -18.23 -4.66 19.17
CA ILE L 38 -17.15 -4.46 18.21
C ILE L 38 -17.64 -4.61 16.76
N PRO L 39 -17.28 -3.67 15.89
CA PRO L 39 -17.70 -3.69 14.45
C PRO L 39 -17.38 -5.01 13.79
N ARG L 40 -18.34 -5.51 13.02
CA ARG L 40 -18.18 -6.78 12.32
C ARG L 40 -17.01 -6.78 11.35
N GLY L 41 -16.87 -5.69 10.58
CA GLY L 41 -15.81 -5.59 9.58
C GLY L 41 -14.40 -5.74 10.16
N ALA L 42 -14.11 -5.05 11.24
CA ALA L 42 -12.78 -5.12 11.83
C ALA L 42 -12.46 -6.51 12.36
N LEU L 43 -13.40 -7.08 13.09
CA LEU L 43 -13.20 -8.41 13.67
C LEU L 43 -12.94 -9.46 12.60
N LEU L 44 -13.64 -9.35 11.48
CA LEU L 44 -13.52 -10.34 10.41
C LEU L 44 -12.09 -10.49 9.88
N GLN L 45 -11.35 -9.39 9.76
CA GLN L 45 -9.98 -9.47 9.21
C GLN L 45 -8.89 -9.32 10.28
N MET L 46 -9.27 -9.21 11.54
CA MET L 46 -8.28 -9.02 12.62
C MET L 46 -7.41 -10.25 12.85
N ASP L 47 -6.26 -10.01 13.50
CA ASP L 47 -5.30 -11.07 13.82
C ASP L 47 -5.41 -11.43 15.30
N ALA L 48 -4.83 -12.57 15.69
CA ALA L 48 -4.87 -13.01 17.07
C ALA L 48 -4.21 -12.01 18.02
N ILE L 49 -3.02 -11.52 17.67
CA ILE L 49 -2.35 -10.55 18.54
C ILE L 49 -3.14 -9.26 18.61
N ASP L 50 -3.54 -8.76 17.45
CA ASP L 50 -4.29 -7.51 17.38
C ASP L 50 -5.58 -7.62 18.21
N LEU L 51 -6.24 -8.76 18.08
CA LEU L 51 -7.48 -9.00 18.79
C LEU L 51 -7.28 -8.82 20.29
N THR L 52 -6.09 -9.18 20.76
CA THR L 52 -5.78 -9.07 22.18
C THR L 52 -5.83 -7.62 22.64
N ASP L 53 -5.18 -6.74 21.90
CA ASP L 53 -5.14 -5.33 22.28
C ASP L 53 -6.53 -4.71 22.30
N LYS L 54 -7.29 -4.91 21.24
CA LYS L 54 -8.63 -4.33 21.16
C LYS L 54 -9.56 -4.91 22.20
N LEU L 55 -9.49 -6.23 22.41
CA LEU L 55 -10.38 -6.87 23.37
C LEU L 55 -10.32 -6.17 24.73
N VAL L 56 -9.13 -5.91 25.20
CA VAL L 56 -8.99 -5.24 26.48
C VAL L 56 -9.39 -3.77 26.36
N SER L 57 -9.10 -3.17 25.21
CA SER L 57 -9.40 -1.75 24.99
C SER L 57 -10.87 -1.43 25.25
N TYR L 58 -11.77 -2.28 24.80
CA TYR L 58 -13.19 -2.04 24.99
C TYR L 58 -13.69 -2.37 26.40
N TYR L 59 -13.16 -3.43 26.99
CA TYR L 59 -13.61 -3.83 28.33
C TYR L 59 -12.48 -3.70 29.33
N LEU L 60 -12.83 -3.30 30.55
CA LEU L 60 -11.83 -3.14 31.59
C LEU L 60 -11.12 -4.46 31.81
N GLU L 61 -9.90 -4.40 32.32
CA GLU L 61 -9.12 -5.62 32.55
C GLU L 61 -9.85 -6.60 33.45
N SER L 62 -10.43 -6.09 34.54
CA SER L 62 -11.12 -6.96 35.49
C SER L 62 -12.35 -7.62 34.84
N TYR L 63 -13.26 -6.79 34.36
CA TYR L 63 -14.46 -7.31 33.73
C TYR L 63 -14.13 -7.99 32.40
N GLY L 64 -13.18 -7.42 31.68
CA GLY L 64 -12.79 -7.97 30.39
C GLY L 64 -12.22 -9.38 30.52
N LEU L 65 -11.38 -9.58 31.52
CA LEU L 65 -10.77 -10.90 31.73
C LEU L 65 -11.82 -11.97 31.98
N GLU L 66 -12.80 -11.66 32.82
CA GLU L 66 -13.86 -12.60 33.13
C GLU L 66 -14.74 -12.89 31.91
N LEU L 67 -14.97 -11.86 31.10
CA LEU L 67 -15.81 -12.01 29.92
C LEU L 67 -15.26 -13.07 28.96
N THR L 68 -13.94 -13.15 28.86
CA THR L 68 -13.34 -14.13 27.96
C THR L 68 -13.73 -15.54 28.37
N MET L 69 -13.57 -15.85 29.64
CA MET L 69 -13.88 -17.18 30.14
C MET L 69 -15.30 -17.60 29.80
N THR L 70 -16.24 -16.69 29.97
CA THR L 70 -17.62 -17.01 29.70
C THR L 70 -17.80 -17.56 28.29
N VAL L 71 -17.20 -16.90 27.30
CA VAL L 71 -17.29 -17.35 25.92
C VAL L 71 -16.39 -18.55 25.66
N LEU L 72 -15.23 -18.55 26.30
CA LEU L 72 -14.26 -19.63 26.11
C LEU L 72 -14.85 -20.97 26.51
N ARG L 73 -15.54 -21.02 27.66
CA ARG L 73 -16.12 -22.28 28.11
C ARG L 73 -17.32 -22.66 27.25
N ASP L 74 -18.07 -21.66 26.79
CA ASP L 74 -19.26 -21.93 25.96
C ASP L 74 -18.94 -22.78 24.74
N MET L 75 -17.81 -22.51 24.09
CA MET L 75 -17.39 -23.29 22.93
C MET L 75 -17.17 -24.73 23.33
N GLY L 76 -16.90 -24.91 24.61
CA GLY L 76 -16.65 -26.22 25.18
C GLY L 76 -15.66 -26.07 26.33
N LEU L 77 -15.83 -26.87 27.37
CA LEU L 77 -14.92 -26.77 28.51
C LEU L 77 -13.54 -27.24 28.09
N GLN L 78 -12.58 -26.36 28.23
CA GLN L 78 -11.22 -26.69 27.88
C GLN L 78 -10.29 -26.43 29.04
N GLU L 79 -9.13 -27.04 29.01
CA GLU L 79 -8.18 -26.84 30.07
C GLU L 79 -7.84 -25.36 30.15
N LEU L 80 -7.91 -24.70 29.00
CA LEU L 80 -7.63 -23.27 28.92
C LEU L 80 -8.51 -22.47 29.87
N ALA L 81 -9.79 -22.79 29.89
CA ALA L 81 -10.70 -22.06 30.77
C ALA L 81 -10.17 -22.04 32.19
N GLU L 82 -9.82 -23.21 32.71
CA GLU L 82 -9.30 -23.28 34.06
C GLU L 82 -7.89 -22.73 34.13
N GLN L 83 -7.05 -23.06 33.15
CA GLN L 83 -5.67 -22.58 33.16
C GLN L 83 -5.65 -21.07 33.28
N LEU L 84 -6.52 -20.41 32.54
CA LEU L 84 -6.59 -18.97 32.56
C LEU L 84 -7.13 -18.48 33.91
N GLN L 85 -8.10 -19.21 34.46
CA GLN L 85 -8.69 -18.83 35.73
C GLN L 85 -7.63 -18.69 36.81
N THR L 86 -6.65 -19.58 36.79
CA THR L 86 -5.57 -19.53 37.78
C THR L 86 -4.96 -18.14 37.82
N THR L 87 -4.92 -17.49 36.67
CA THR L 87 -4.36 -16.14 36.59
C THR L 87 -5.18 -15.16 37.42
N LYS L 88 -6.48 -15.40 37.52
CA LYS L 88 -7.36 -14.52 38.30
C LYS L 88 -6.81 -14.33 39.71
N GLU L 89 -6.41 -15.43 40.34
CA GLU L 89 -5.85 -15.37 41.68
C GLU L 89 -4.49 -14.68 41.64
N GLY M 1 28.44 5.60 20.07
CA GLY M 1 28.33 4.38 20.85
C GLY M 1 27.83 3.23 19.99
N ARG M 2 28.60 2.16 19.94
CA ARG M 2 28.23 0.98 19.16
C ARG M 2 26.86 0.45 19.59
N ALA M 3 26.37 0.94 20.73
CA ALA M 3 25.09 0.50 21.25
C ALA M 3 23.99 0.58 20.18
N ARG M 4 23.90 1.71 19.52
CA ARG M 4 22.89 1.87 18.48
C ARG M 4 23.09 0.85 17.38
N ASP M 5 24.33 0.69 16.94
CA ASP M 5 24.65 -0.23 15.87
C ASP M 5 24.42 -1.68 16.27
N ALA M 6 24.74 -2.02 17.51
CA ALA M 6 24.59 -3.39 17.97
C ALA M 6 23.12 -3.82 17.98
N ILE M 7 22.28 -3.02 18.61
CA ILE M 7 20.86 -3.35 18.67
C ILE M 7 20.29 -3.47 17.26
N LEU M 8 20.60 -2.48 16.44
CA LEU M 8 20.09 -2.46 15.08
C LEU M 8 20.37 -3.77 14.35
N ASP M 9 21.61 -4.21 14.36
CA ASP M 9 21.99 -5.41 13.63
C ASP M 9 21.17 -6.64 14.06
N ALA M 10 20.99 -6.80 15.38
CA ALA M 10 20.25 -7.97 15.87
C ALA M 10 18.75 -7.85 15.65
N LEU M 11 18.15 -6.75 16.05
CA LEU M 11 16.71 -6.57 15.91
C LEU M 11 16.23 -6.87 14.50
N GLU M 12 17.02 -6.47 13.51
CA GLU M 12 16.67 -6.68 12.10
C GLU M 12 16.60 -8.19 11.75
N ASN M 13 17.12 -9.05 12.63
CA ASN M 13 17.11 -10.50 12.37
C ASN M 13 15.80 -11.16 12.81
N LEU M 14 14.78 -10.37 13.13
CA LEU M 14 13.49 -10.92 13.55
C LEU M 14 12.54 -10.98 12.37
N SER M 15 11.68 -11.99 12.36
CA SER M 15 10.71 -12.14 11.28
C SER M 15 9.63 -11.05 11.40
N GLY M 16 8.90 -10.83 10.32
CA GLY M 16 7.86 -9.80 10.28
C GLY M 16 6.81 -9.96 11.37
N ASP M 17 6.38 -11.19 11.62
CA ASP M 17 5.33 -11.43 12.62
C ASP M 17 5.80 -11.15 14.05
N GLU M 18 6.94 -11.71 14.43
CA GLU M 18 7.44 -11.52 15.79
C GLU M 18 7.64 -10.05 16.07
N LEU M 19 8.00 -9.30 15.04
CA LEU M 19 8.21 -7.88 15.21
C LEU M 19 6.97 -7.26 15.85
N LYS M 20 5.81 -7.61 15.33
CA LYS M 20 4.59 -7.08 15.89
C LYS M 20 4.50 -7.50 17.33
N LYS M 21 4.83 -8.74 17.60
CA LYS M 21 4.76 -9.24 18.95
C LYS M 21 5.68 -8.47 19.84
N PHE M 22 6.85 -8.12 19.34
CA PHE M 22 7.82 -7.42 20.14
C PHE M 22 7.33 -6.01 20.47
N LYS M 23 6.99 -5.24 19.45
CA LYS M 23 6.55 -3.86 19.65
C LYS M 23 5.35 -3.78 20.59
N MET M 24 4.35 -4.60 20.31
CA MET M 24 3.13 -4.61 21.12
C MET M 24 3.43 -4.93 22.58
N LYS M 25 4.25 -5.94 22.82
CA LYS M 25 4.57 -6.34 24.19
C LYS M 25 5.30 -5.23 24.93
N LEU M 26 6.13 -4.49 24.20
CA LEU M 26 6.90 -3.41 24.78
C LEU M 26 5.99 -2.40 25.47
N LEU M 27 4.83 -2.18 24.89
CA LEU M 27 3.87 -1.24 25.44
C LEU M 27 3.40 -1.65 26.84
N THR M 28 3.31 -2.96 27.08
CA THR M 28 2.81 -3.47 28.37
C THR M 28 3.93 -3.87 29.33
N VAL M 29 5.19 -3.67 28.94
CA VAL M 29 6.29 -4.06 29.81
C VAL M 29 6.51 -3.02 30.91
N GLN M 30 6.97 -3.49 32.07
CA GLN M 30 7.21 -2.58 33.19
C GLN M 30 8.60 -1.95 33.08
N LEU M 31 8.65 -0.64 33.31
CA LEU M 31 9.89 0.11 33.21
C LEU M 31 10.25 0.77 34.53
N ARG M 32 11.53 1.06 34.71
CA ARG M 32 11.99 1.72 35.93
C ARG M 32 11.41 3.13 36.00
N GLU M 33 11.18 3.62 37.21
CA GLU M 33 10.61 4.96 37.41
C GLU M 33 11.59 6.05 36.99
N GLY M 34 11.05 7.18 36.53
CA GLY M 34 11.87 8.30 36.10
C GLY M 34 11.97 8.38 34.57
N TYR M 35 11.28 7.45 33.90
CA TYR M 35 11.28 7.41 32.44
C TYR M 35 9.86 7.50 31.90
N GLY M 36 9.75 7.84 30.62
CA GLY M 36 8.45 7.98 29.98
C GLY M 36 8.06 6.73 29.20
N ARG M 37 6.86 6.77 28.65
CA ARG M 37 6.30 5.69 27.85
C ARG M 37 6.12 6.16 26.42
N ILE M 38 6.34 5.29 25.44
CA ILE M 38 6.26 5.73 24.05
C ILE M 38 4.80 5.72 23.55
N PRO M 39 4.39 6.80 22.89
CA PRO M 39 2.99 6.93 22.35
C PRO M 39 2.59 5.74 21.50
N ARG M 40 1.38 5.26 21.72
CA ARG M 40 0.86 4.11 20.99
C ARG M 40 0.81 4.35 19.49
N GLY M 41 0.34 5.53 19.09
CA GLY M 41 0.19 5.86 17.67
C GLY M 41 1.50 5.77 16.87
N ALA M 42 2.58 6.33 17.41
CA ALA M 42 3.85 6.32 16.70
C ALA M 42 4.39 4.89 16.54
N LEU M 43 4.37 4.15 17.64
CA LEU M 43 4.88 2.78 17.63
C LEU M 43 4.15 1.91 16.63
N LEU M 44 2.85 2.11 16.52
CA LEU M 44 2.02 1.29 15.64
C LEU M 44 2.46 1.33 14.17
N GLN M 45 2.87 2.50 13.68
CA GLN M 45 3.27 2.62 12.27
C GLN M 45 4.79 2.74 12.06
N MET M 46 5.57 2.63 13.14
CA MET M 46 7.02 2.77 13.03
C MET M 46 7.68 1.61 12.29
N ASP M 47 8.91 1.86 11.82
CA ASP M 47 9.69 0.87 11.09
C ASP M 47 10.79 0.31 12.00
N ALA M 48 11.39 -0.81 11.59
CA ALA M 48 12.43 -1.44 12.40
C ALA M 48 13.63 -0.51 12.59
N ILE M 49 14.10 0.14 11.53
CA ILE M 49 15.25 1.03 11.66
C ILE M 49 14.90 2.22 12.53
N ASP M 50 13.75 2.83 12.23
CA ASP M 50 13.30 4.00 12.98
C ASP M 50 13.16 3.67 14.46
N LEU M 51 12.61 2.51 14.73
CA LEU M 51 12.40 2.06 16.09
C LEU M 51 13.73 2.06 16.85
N THR M 52 14.79 1.75 16.14
CA THR M 52 16.11 1.71 16.76
C THR M 52 16.52 3.07 17.30
N ASP M 53 16.37 4.09 16.48
CA ASP M 53 16.76 5.43 16.89
C ASP M 53 15.96 5.92 18.10
N LYS M 54 14.64 5.78 18.03
CA LYS M 54 13.81 6.24 19.13
C LYS M 54 14.03 5.45 20.39
N LEU M 55 14.17 4.13 20.26
CA LEU M 55 14.36 3.29 21.44
C LEU M 55 15.50 3.80 22.31
N VAL M 56 16.63 4.11 21.69
CA VAL M 56 17.74 4.62 22.45
C VAL M 56 17.47 6.05 22.92
N SER M 57 16.77 6.82 22.09
CA SER M 57 16.49 8.21 22.42
C SER M 57 15.82 8.37 23.78
N TYR M 58 14.87 7.50 24.09
CA TYR M 58 14.15 7.58 25.36
C TYR M 58 14.96 7.03 26.54
N TYR M 59 15.69 5.95 26.32
CA TYR M 59 16.45 5.34 27.40
C TYR M 59 17.95 5.44 27.13
N LEU M 60 18.72 5.65 28.20
CA LEU M 60 20.15 5.76 28.05
C LEU M 60 20.70 4.49 27.43
N GLU M 61 21.85 4.59 26.79
CA GLU M 61 22.44 3.44 26.12
C GLU M 61 22.67 2.28 27.09
N SER M 62 23.21 2.59 28.26
CA SER M 62 23.48 1.54 29.24
C SER M 62 22.19 0.87 29.72
N TYR M 63 21.29 1.67 30.29
CA TYR M 63 20.03 1.12 30.77
C TYR M 63 19.16 0.65 29.62
N GLY M 64 19.19 1.40 28.52
CA GLY M 64 18.39 1.07 27.36
C GLY M 64 18.77 -0.29 26.78
N LEU M 65 20.07 -0.55 26.68
CA LEU M 65 20.54 -1.81 26.12
C LEU M 65 20.04 -3.00 26.94
N GLU M 66 20.12 -2.90 28.26
CA GLU M 66 19.67 -3.98 29.14
C GLU M 66 18.16 -4.17 29.05
N LEU M 67 17.43 -3.07 28.90
CA LEU M 67 15.98 -3.14 28.83
C LEU M 67 15.50 -4.01 27.67
N THR M 68 16.22 -3.96 26.57
CA THR M 68 15.84 -4.75 25.40
C THR M 68 15.83 -6.24 25.74
N MET M 69 16.93 -6.68 26.32
CA MET M 69 17.08 -8.10 26.66
C MET M 69 15.93 -8.60 27.51
N THR M 70 15.53 -7.81 28.48
CA THR M 70 14.46 -8.22 29.37
C THR M 70 13.20 -8.59 28.58
N VAL M 71 12.83 -7.76 27.62
CA VAL M 71 11.65 -8.02 26.80
C VAL M 71 11.94 -9.10 25.75
N LEU M 72 13.15 -9.07 25.22
CA LEU M 72 13.54 -10.01 24.18
C LEU M 72 13.44 -11.46 24.68
N ARG M 73 13.92 -11.72 25.89
CA ARG M 73 13.86 -13.07 26.44
C ARG M 73 12.43 -13.45 26.81
N ASP M 74 11.65 -12.47 27.28
CA ASP M 74 10.27 -12.73 27.67
C ASP M 74 9.46 -13.39 26.57
N MET M 75 9.65 -12.93 25.32
CA MET M 75 8.93 -13.49 24.18
C MET M 75 9.32 -14.96 24.03
N GLY M 76 10.49 -15.28 24.56
CA GLY M 76 11.03 -16.61 24.49
C GLY M 76 12.55 -16.53 24.43
N LEU M 77 13.23 -17.48 25.06
CA LEU M 77 14.68 -17.44 25.04
C LEU M 77 15.17 -17.72 23.65
N GLN M 78 15.92 -16.79 23.10
CA GLN M 78 16.45 -16.94 21.76
C GLN M 78 17.94 -16.76 21.77
N GLU M 79 18.60 -17.25 20.74
CA GLU M 79 20.04 -17.11 20.66
C GLU M 79 20.37 -15.62 20.66
N LEU M 80 19.45 -14.82 20.13
CA LEU M 80 19.64 -13.37 20.08
C LEU M 80 19.88 -12.79 21.46
N ALA M 81 19.11 -13.23 22.44
CA ALA M 81 19.28 -12.70 23.79
C ALA M 81 20.73 -12.81 24.22
N GLU M 82 21.29 -14.01 24.09
CA GLU M 82 22.67 -14.22 24.47
C GLU M 82 23.62 -13.55 23.48
N GLN M 83 23.34 -13.67 22.19
CA GLN M 83 24.21 -13.06 21.18
C GLN M 83 24.39 -11.59 21.47
N LEU M 84 23.31 -10.93 21.80
CA LEU M 84 23.36 -9.51 22.10
C LEU M 84 24.12 -9.25 23.40
N GLN M 85 23.92 -10.14 24.38
CA GLN M 85 24.58 -9.99 25.67
C GLN M 85 26.10 -9.89 25.50
N THR M 86 26.63 -10.67 24.57
CA THR M 86 28.07 -10.66 24.32
C THR M 86 28.55 -9.23 24.08
N THR M 87 27.69 -8.42 23.47
CA THR M 87 28.04 -7.05 23.18
C THR M 87 28.25 -6.25 24.48
N LYS M 88 27.51 -6.64 25.52
CA LYS M 88 27.64 -5.94 26.81
C LYS M 88 29.09 -5.89 27.25
N GLU M 89 29.79 -7.02 27.14
CA GLU M 89 31.19 -7.09 27.51
C GLU M 89 32.02 -6.28 26.52
N GLY N 1 36.03 19.54 -9.26
CA GLY N 1 36.51 18.22 -8.90
C GLY N 1 35.46 17.16 -9.18
N ARG N 2 35.85 16.17 -9.98
CA ARG N 2 34.94 15.09 -10.33
C ARG N 2 34.41 14.39 -9.08
N ALA N 3 35.05 14.67 -7.95
CA ALA N 3 34.66 14.05 -6.69
C ALA N 3 33.16 14.18 -6.44
N ARG N 4 32.63 15.38 -6.60
CA ARG N 4 31.20 15.58 -6.39
C ARG N 4 30.39 14.73 -7.36
N ASP N 5 30.80 14.75 -8.63
CA ASP N 5 30.09 14.00 -9.66
C ASP N 5 30.21 12.50 -9.46
N ALA N 6 31.36 12.04 -9.02
CA ALA N 6 31.56 10.60 -8.83
C ALA N 6 30.65 10.05 -7.73
N ILE N 7 30.68 10.67 -6.57
CA ILE N 7 29.84 10.22 -5.46
C ILE N 7 28.38 10.24 -5.88
N LEU N 8 27.96 11.34 -6.46
CA LEU N 8 26.59 11.50 -6.87
C LEU N 8 26.10 10.34 -7.72
N ASP N 9 26.85 10.01 -8.77
CA ASP N 9 26.44 8.95 -9.67
C ASP N 9 26.23 7.61 -8.95
N ALA N 10 27.14 7.25 -8.06
CA ALA N 10 27.02 5.98 -7.35
C ALA N 10 25.93 5.98 -6.29
N LEU N 11 25.95 6.97 -5.40
CA LEU N 11 24.97 7.04 -4.33
C LEU N 11 23.55 6.88 -4.84
N GLU N 12 23.26 7.48 -5.99
CA GLU N 12 21.92 7.42 -6.58
C GLU N 12 21.52 5.98 -6.96
N ASN N 13 22.49 5.06 -6.98
CA ASN N 13 22.21 3.66 -7.35
C ASN N 13 21.73 2.83 -6.15
N LEU N 14 21.40 3.48 -5.04
CA LEU N 14 20.92 2.77 -3.86
C LEU N 14 19.39 2.77 -3.81
N SER N 15 18.81 1.71 -3.29
CA SER N 15 17.37 1.62 -3.19
C SER N 15 16.86 2.58 -2.11
N GLY N 16 15.57 2.88 -2.15
CA GLY N 16 14.97 3.81 -1.19
C GLY N 16 15.17 3.41 0.26
N ASP N 17 15.04 2.12 0.57
CA ASP N 17 15.19 1.66 1.95
C ASP N 17 16.63 1.79 2.48
N GLU N 18 17.59 1.29 1.72
CA GLU N 18 18.98 1.33 2.16
C GLU N 18 19.40 2.77 2.40
N LEU N 19 18.85 3.68 1.61
CA LEU N 19 19.18 5.08 1.76
C LEU N 19 18.97 5.49 3.21
N LYS N 20 17.82 5.12 3.77
CA LYS N 20 17.55 5.46 5.15
C LYS N 20 18.62 4.85 6.01
N LYS N 21 18.97 3.61 5.71
CA LYS N 21 19.97 2.93 6.50
C LYS N 21 21.28 3.66 6.43
N PHE N 22 21.60 4.17 5.25
CA PHE N 22 22.87 4.85 5.09
C PHE N 22 22.91 6.16 5.88
N LYS N 23 21.93 7.02 5.64
CA LYS N 23 21.89 8.31 6.33
C LYS N 23 21.91 8.16 7.85
N MET N 24 21.04 7.29 8.35
CA MET N 24 20.93 7.08 9.77
C MET N 24 22.25 6.59 10.37
N LYS N 25 22.90 5.63 9.71
CA LYS N 25 24.15 5.09 10.23
C LYS N 25 25.25 6.15 10.25
N LEU N 26 25.20 7.05 9.27
CA LEU N 26 26.19 8.10 9.18
C LEU N 26 26.24 8.94 10.45
N LEU N 27 25.08 9.12 11.06
CA LEU N 27 24.99 9.90 12.29
C LEU N 27 25.78 9.26 13.43
N THR N 28 25.84 7.92 13.44
CA THR N 28 26.54 7.21 14.52
C THR N 28 27.96 6.78 14.16
N VAL N 29 28.42 7.14 12.97
CA VAL N 29 29.77 6.74 12.55
C VAL N 29 30.82 7.64 13.18
N GLN N 30 31.99 7.07 13.46
CA GLN N 30 33.08 7.83 14.07
C GLN N 30 33.86 8.61 13.00
N LEU N 31 34.15 9.87 13.29
CA LEU N 31 34.86 10.74 12.37
C LEU N 31 36.17 11.24 12.98
N ARG N 32 37.10 11.61 12.12
CA ARG N 32 38.38 12.14 12.58
C ARG N 32 38.15 13.48 13.30
N GLU N 33 39.01 13.78 14.27
CA GLU N 33 38.88 15.02 15.04
C GLU N 33 39.20 16.24 14.18
N GLY N 34 38.56 17.37 14.50
CA GLY N 34 38.78 18.62 13.76
C GLY N 34 37.63 18.89 12.80
N TYR N 35 36.64 18.01 12.80
CA TYR N 35 35.48 18.15 11.92
C TYR N 35 34.19 18.20 12.73
N GLY N 36 33.12 18.69 12.10
CA GLY N 36 31.84 18.79 12.78
C GLY N 36 30.91 17.63 12.43
N ARG N 37 29.75 17.64 13.05
CA ARG N 37 28.72 16.62 12.84
C ARG N 37 27.50 17.27 12.21
N ILE N 38 26.83 16.56 11.31
CA ILE N 38 25.69 17.17 10.63
C ILE N 38 24.42 17.10 11.47
N PRO N 39 23.69 18.21 11.57
CA PRO N 39 22.42 18.28 12.37
C PRO N 39 21.44 17.19 12.00
N ARG N 40 20.85 16.58 13.03
CA ARG N 40 19.90 15.49 12.82
C ARG N 40 18.68 15.93 11.99
N GLY N 41 18.15 17.10 12.30
CA GLY N 41 16.95 17.60 11.62
C GLY N 41 17.11 17.73 10.11
N ALA N 42 18.22 18.32 9.66
CA ALA N 42 18.43 18.51 8.23
C ALA N 42 18.57 17.17 7.50
N LEU N 43 19.38 16.29 8.04
CA LEU N 43 19.61 14.99 7.44
C LEU N 43 18.33 14.19 7.29
N LEU N 44 17.46 14.28 8.29
CA LEU N 44 16.22 13.52 8.29
C LEU N 44 15.34 13.79 7.07
N GLN N 45 15.26 15.05 6.63
CA GLN N 45 14.39 15.40 5.48
C GLN N 45 15.15 15.67 4.19
N MET N 46 16.47 15.50 4.20
CA MET N 46 17.27 15.78 3.00
C MET N 46 17.03 14.78 1.87
N ASP N 47 17.41 15.21 0.66
CA ASP N 47 17.27 14.39 -0.54
C ASP N 47 18.63 13.81 -0.94
N ALA N 48 18.61 12.81 -1.82
CA ALA N 48 19.85 12.19 -2.27
C ALA N 48 20.79 13.18 -2.97
N ILE N 49 20.25 14.00 -3.87
CA ILE N 49 21.10 14.97 -4.57
C ILE N 49 21.65 16.00 -3.59
N ASP N 50 20.74 16.54 -2.77
CA ASP N 50 21.11 17.56 -1.79
C ASP N 50 22.19 17.02 -0.84
N LEU N 51 22.00 15.78 -0.43
CA LEU N 51 22.94 15.15 0.48
C LEU N 51 24.35 15.16 -0.10
N THR N 52 24.42 15.04 -1.41
CA THR N 52 25.70 15.04 -2.09
C THR N 52 26.45 16.34 -1.89
N ASP N 53 25.76 17.46 -2.11
CA ASP N 53 26.40 18.76 -1.97
C ASP N 53 26.89 19.01 -0.55
N LYS N 54 26.03 18.77 0.43
CA LYS N 54 26.40 19.00 1.81
C LYS N 54 27.50 18.07 2.28
N LEU N 55 27.43 16.80 1.88
CA LEU N 55 28.42 15.83 2.32
C LEU N 55 29.84 16.32 2.02
N VAL N 56 30.05 16.81 0.80
CA VAL N 56 31.35 17.31 0.45
C VAL N 56 31.63 18.64 1.16
N SER N 57 30.59 19.44 1.33
CA SER N 57 30.75 20.75 1.97
C SER N 57 31.42 20.66 3.32
N TYR N 58 31.05 19.67 4.12
CA TYR N 58 31.62 19.53 5.46
C TYR N 58 33.02 18.89 5.44
N TYR N 59 33.23 17.92 4.57
CA TYR N 59 34.53 17.25 4.52
C TYR N 59 35.23 17.52 3.21
N LEU N 60 36.54 17.65 3.26
CA LEU N 60 37.32 17.90 2.06
C LEU N 60 37.08 16.78 1.06
N GLU N 61 37.28 17.08 -0.21
CA GLU N 61 37.06 16.08 -1.24
C GLU N 61 37.91 14.83 -1.03
N SER N 62 39.18 15.02 -0.71
CA SER N 62 40.07 13.89 -0.49
C SER N 62 39.62 13.04 0.70
N TYR N 63 39.57 13.66 1.86
CA TYR N 63 39.16 12.95 3.07
C TYR N 63 37.69 12.57 3.00
N GLY N 64 36.87 13.45 2.43
CA GLY N 64 35.45 13.20 2.32
C GLY N 64 35.15 11.98 1.48
N LEU N 65 35.86 11.85 0.35
CA LEU N 65 35.63 10.71 -0.54
C LEU N 65 35.91 9.39 0.16
N GLU N 66 37.02 9.33 0.89
CA GLU N 66 37.38 8.11 1.60
C GLU N 66 36.38 7.79 2.72
N LEU N 67 35.88 8.83 3.38
CA LEU N 67 34.94 8.64 4.48
C LEU N 67 33.68 7.90 4.02
N THR N 68 33.24 8.16 2.80
CA THR N 68 32.04 7.49 2.30
C THR N 68 32.23 5.99 2.26
N MET N 69 33.35 5.56 1.69
CA MET N 69 33.63 4.14 1.56
C MET N 69 33.58 3.43 2.90
N THR N 70 34.14 4.05 3.91
CA THR N 70 34.17 3.43 5.23
C THR N 70 32.77 3.05 5.69
N VAL N 71 31.82 3.96 5.54
CA VAL N 71 30.44 3.70 5.93
C VAL N 71 29.73 2.81 4.92
N LEU N 72 30.05 3.02 3.65
CA LEU N 72 29.42 2.25 2.59
C LEU N 72 29.68 0.75 2.75
N ARG N 73 30.91 0.38 3.04
CA ARG N 73 31.24 -1.02 3.22
C ARG N 73 30.64 -1.58 4.51
N ASP N 74 30.59 -0.74 5.54
CA ASP N 74 30.06 -1.18 6.84
C ASP N 74 28.65 -1.76 6.71
N MET N 75 27.80 -1.12 5.90
CA MET N 75 26.43 -1.60 5.69
C MET N 75 26.47 -2.98 5.08
N GLY N 76 27.59 -3.25 4.42
CA GLY N 76 27.79 -4.52 3.74
C GLY N 76 28.67 -4.30 2.53
N LEU N 77 29.54 -5.26 2.22
CA LEU N 77 30.41 -5.09 1.07
C LEU N 77 29.59 -5.14 -0.20
N GLN N 78 29.66 -4.08 -0.97
CA GLN N 78 28.91 -4.00 -2.20
C GLN N 78 29.84 -3.69 -3.35
N GLU N 79 29.39 -3.98 -4.56
CA GLU N 79 30.21 -3.70 -5.71
C GLU N 79 30.50 -2.20 -5.75
N LEU N 80 29.56 -1.43 -5.21
CA LEU N 80 29.70 0.03 -5.17
C LEU N 80 30.98 0.44 -4.46
N ALA N 81 31.26 -0.19 -3.33
CA ALA N 81 32.46 0.17 -2.58
C ALA N 81 33.68 0.12 -3.49
N GLU N 82 33.85 -0.99 -4.19
CA GLU N 82 34.99 -1.12 -5.08
C GLU N 82 34.82 -0.24 -6.32
N GLN N 83 33.61 -0.21 -6.89
CA GLN N 83 33.38 0.59 -8.08
C GLN N 83 33.78 2.03 -7.83
N LEU N 84 33.42 2.54 -6.68
CA LEU N 84 33.76 3.90 -6.33
C LEU N 84 35.27 4.05 -6.11
N GLN N 85 35.88 3.03 -5.50
CA GLN N 85 37.31 3.07 -5.23
C GLN N 85 38.10 3.33 -6.52
N THR N 86 37.66 2.73 -7.62
CA THR N 86 38.34 2.89 -8.89
C THR N 86 38.51 4.37 -9.20
N THR N 87 37.54 5.18 -8.77
CA THR N 87 37.59 6.62 -9.00
C THR N 87 38.79 7.24 -8.28
N LYS N 88 39.15 6.66 -7.12
CA LYS N 88 40.28 7.18 -6.35
C LYS N 88 41.52 7.31 -7.23
N GLU N 89 41.78 6.26 -8.02
CA GLU N 89 42.94 6.28 -8.91
C GLU N 89 42.71 7.29 -10.03
N GLY O 1 18.12 37.92 -30.57
CA GLY O 1 18.64 36.62 -30.94
C GLY O 1 17.72 35.51 -30.46
N ARG O 2 17.27 34.67 -31.37
CA ARG O 2 16.39 33.57 -31.03
C ARG O 2 17.02 32.67 -29.99
N ALA O 3 18.32 32.85 -29.77
CA ALA O 3 19.05 32.03 -28.80
C ALA O 3 18.33 31.99 -27.45
N ARG O 4 17.94 33.14 -26.95
CA ARG O 4 17.25 33.18 -25.66
C ARG O 4 15.95 32.40 -25.74
N ASP O 5 15.19 32.64 -26.81
CA ASP O 5 13.91 31.97 -26.99
C ASP O 5 14.06 30.46 -27.19
N ALA O 6 15.09 30.05 -27.91
CA ALA O 6 15.29 28.63 -28.17
C ALA O 6 15.57 27.86 -26.88
N ILE O 7 16.55 28.32 -26.11
CA ILE O 7 16.88 27.65 -24.87
C ILE O 7 15.67 27.59 -23.96
N LEU O 8 15.01 28.72 -23.81
CA LEU O 8 13.85 28.82 -22.94
C LEU O 8 12.83 27.73 -23.25
N ASP O 9 12.43 27.62 -24.50
CA ASP O 9 11.41 26.64 -24.88
C ASP O 9 11.78 25.21 -24.50
N ALA O 10 13.03 24.82 -24.74
CA ALA O 10 13.46 23.47 -24.42
C ALA O 10 13.63 23.22 -22.93
N LEU O 11 14.40 24.08 -22.27
CA LEU O 11 14.66 23.92 -20.84
C LEU O 11 13.37 23.70 -20.05
N GLU O 12 12.31 24.42 -20.41
CA GLU O 12 11.04 24.32 -19.72
C GLU O 12 10.41 22.92 -19.85
N ASN O 13 10.94 22.10 -20.77
CA ASN O 13 10.41 20.74 -20.98
C ASN O 13 11.02 19.71 -20.02
N LEU O 14 11.73 20.18 -19.00
CA LEU O 14 12.33 19.27 -18.02
C LEU O 14 11.45 19.14 -16.79
N SER O 15 11.45 17.95 -16.19
CA SER O 15 10.64 17.73 -15.00
C SER O 15 11.24 18.48 -13.81
N GLY O 16 10.43 18.67 -12.77
CA GLY O 16 10.87 19.40 -11.59
C GLY O 16 12.13 18.83 -10.94
N ASP O 17 12.23 17.51 -10.86
CA ASP O 17 13.38 16.89 -10.21
C ASP O 17 14.68 17.06 -11.01
N GLU O 18 14.64 16.76 -12.30
CA GLU O 18 15.84 16.88 -13.12
C GLU O 18 16.36 18.30 -13.09
N LEU O 19 15.45 19.25 -13.00
CA LEU O 19 15.84 20.64 -12.94
C LEU O 19 16.88 20.84 -11.85
N LYS O 20 16.60 20.29 -10.68
CA LYS O 20 17.55 20.42 -9.59
C LYS O 20 18.85 19.79 -10.01
N LYS O 21 18.77 18.64 -10.64
CA LYS O 21 19.97 17.96 -11.06
C LYS O 21 20.75 18.81 -12.03
N PHE O 22 20.04 19.49 -12.90
CA PHE O 22 20.71 20.31 -13.90
C PHE O 22 21.42 21.49 -13.27
N LYS O 23 20.69 22.29 -12.49
CA LYS O 23 21.27 23.47 -11.86
C LYS O 23 22.47 23.11 -11.00
N MET O 24 22.29 22.12 -10.14
CA MET O 24 23.36 21.71 -9.24
C MET O 24 24.61 21.26 -10.00
N LYS O 25 24.42 20.46 -11.04
CA LYS O 25 25.57 19.97 -11.82
C LYS O 25 26.31 21.12 -12.49
N LEU O 26 25.55 22.13 -12.90
CA LEU O 26 26.14 23.28 -13.59
C LEU O 26 27.22 23.93 -12.73
N LEU O 27 27.00 23.92 -11.43
CA LEU O 27 27.95 24.51 -10.50
C LEU O 27 29.31 23.80 -10.54
N THR O 28 29.30 22.49 -10.79
CA THR O 28 30.53 21.71 -10.81
C THR O 28 31.09 21.47 -12.21
N VAL O 29 30.45 22.02 -13.23
CA VAL O 29 30.92 21.81 -14.60
C VAL O 29 32.11 22.71 -14.91
N GLN O 30 33.01 22.21 -15.75
CA GLN O 30 34.19 22.99 -16.13
C GLN O 30 33.86 23.95 -17.26
N LEU O 31 34.34 25.19 -17.12
CA LEU O 31 34.08 26.24 -18.10
C LEU O 31 35.38 26.77 -18.69
N ARG O 32 35.29 27.35 -19.89
CA ARG O 32 36.46 27.92 -20.53
C ARG O 32 36.96 29.12 -19.72
N GLU O 33 38.27 29.36 -19.77
CA GLU O 33 38.86 30.47 -19.02
C GLU O 33 38.44 31.82 -19.60
N GLY O 34 38.36 32.83 -18.72
CA GLY O 34 37.97 34.18 -19.14
C GLY O 34 36.52 34.48 -18.77
N TYR O 35 35.87 33.51 -18.13
CA TYR O 35 34.48 33.67 -17.72
C TYR O 35 34.33 33.49 -16.21
N GLY O 36 33.22 33.96 -15.68
CA GLY O 36 32.97 33.86 -14.24
C GLY O 36 32.07 32.67 -13.90
N ARG O 37 31.86 32.49 -12.61
CA ARG O 37 31.02 31.42 -12.07
C ARG O 37 29.81 32.04 -11.39
N ILE O 38 28.65 31.39 -11.51
CA ILE O 38 27.44 31.98 -10.93
C ILE O 38 27.33 31.69 -9.43
N PRO O 39 27.02 32.70 -8.63
CA PRO O 39 26.88 32.55 -7.15
C PRO O 39 25.94 31.43 -6.76
N ARG O 40 26.36 30.64 -5.78
CA ARG O 40 25.55 29.50 -5.32
C ARG O 40 24.19 29.94 -4.79
N GLY O 41 24.17 31.01 -4.00
CA GLY O 41 22.93 31.48 -3.38
C GLY O 41 21.84 31.82 -4.40
N ALA O 42 22.18 32.56 -5.44
CA ALA O 42 21.20 32.96 -6.43
C ALA O 42 20.64 31.76 -7.19
N LEU O 43 21.52 30.88 -7.64
CA LEU O 43 21.11 29.71 -8.38
C LEU O 43 20.16 28.82 -7.58
N LEU O 44 20.43 28.70 -6.29
CA LEU O 44 19.63 27.83 -5.42
C LEU O 44 18.14 28.19 -5.41
N GLN O 45 17.80 29.48 -5.42
CA GLN O 45 16.40 29.89 -5.36
C GLN O 45 15.85 30.40 -6.71
N MET O 46 16.66 30.35 -7.75
CA MET O 46 16.22 30.86 -9.06
C MET O 46 15.11 30.01 -9.70
N ASP O 47 14.41 30.63 -10.66
CA ASP O 47 13.33 29.97 -11.39
C ASP O 47 13.81 29.57 -12.79
N ALA O 48 13.05 28.71 -13.45
CA ALA O 48 13.43 28.26 -14.79
C ALA O 48 13.50 29.41 -15.78
N ILE O 49 12.49 30.30 -15.78
CA ILE O 49 12.51 31.42 -16.72
C ILE O 49 13.67 32.37 -16.40
N ASP O 50 13.80 32.71 -15.12
CA ASP O 50 14.85 33.60 -14.68
C ASP O 50 16.23 33.06 -15.04
N LEU O 51 16.38 31.76 -14.83
CA LEU O 51 17.64 31.09 -15.12
C LEU O 51 18.03 31.31 -16.58
N THR O 52 17.03 31.38 -17.44
CA THR O 52 17.27 31.58 -18.86
C THR O 52 17.96 32.92 -19.12
N ASP O 53 17.43 33.97 -18.54
CA ASP O 53 17.98 35.30 -18.75
C ASP O 53 19.43 35.39 -18.26
N LYS O 54 19.66 34.95 -17.03
CA LYS O 54 21.01 35.03 -16.46
C LYS O 54 21.98 34.14 -17.21
N LEU O 55 21.56 32.94 -17.57
CA LEU O 55 22.46 32.01 -18.25
C LEU O 55 23.11 32.67 -19.46
N VAL O 56 22.30 33.33 -20.28
CA VAL O 56 22.84 34.00 -21.44
C VAL O 56 23.64 35.24 -21.04
N SER O 57 23.19 35.91 -19.99
CA SER O 57 23.85 37.13 -19.54
C SER O 57 25.33 36.93 -19.27
N TYR O 58 25.69 35.81 -18.64
CA TYR O 58 27.08 35.54 -18.32
C TYR O 58 27.90 35.05 -19.53
N TYR O 59 27.29 34.23 -20.36
CA TYR O 59 28.00 33.68 -21.52
C TYR O 59 27.40 34.19 -22.82
N LEU O 60 28.25 34.43 -23.81
CA LEU O 60 27.79 34.91 -25.08
C LEU O 60 26.79 33.91 -25.68
N GLU O 61 25.92 34.39 -26.54
CA GLU O 61 24.91 33.52 -27.13
C GLU O 61 25.54 32.34 -27.86
N SER O 62 26.58 32.60 -28.65
CA SER O 62 27.23 31.54 -29.40
C SER O 62 27.87 30.50 -28.47
N TYR O 63 28.79 30.96 -27.62
CA TYR O 63 29.46 30.06 -26.70
C TYR O 63 28.48 29.56 -25.64
N GLY O 64 27.59 30.43 -25.20
CA GLY O 64 26.62 30.07 -24.18
C GLY O 64 25.71 28.94 -24.65
N LEU O 65 25.23 29.03 -25.88
CA LEU O 65 24.33 28.02 -26.41
C LEU O 65 24.99 26.64 -26.42
N GLU O 66 26.24 26.58 -26.86
CA GLU O 66 26.96 25.31 -26.91
C GLU O 66 27.22 24.76 -25.50
N LEU O 67 27.48 25.64 -24.56
CA LEU O 67 27.77 25.23 -23.19
C LEU O 67 26.61 24.44 -22.59
N THR O 68 25.39 24.82 -22.93
CA THR O 68 24.23 24.13 -22.39
C THR O 68 24.25 22.66 -22.79
N MET O 69 24.44 22.42 -24.08
CA MET O 69 24.45 21.06 -24.59
C MET O 69 25.42 20.17 -23.86
N THR O 70 26.61 20.69 -23.61
CA THR O 70 27.63 19.91 -22.95
C THR O 70 27.12 19.35 -21.62
N VAL O 71 26.47 20.20 -20.82
CA VAL O 71 25.93 19.75 -19.54
C VAL O 71 24.66 18.95 -19.72
N LEU O 72 23.85 19.35 -20.69
CA LEU O 72 22.59 18.67 -20.94
C LEU O 72 22.80 17.20 -21.28
N ARG O 73 23.77 16.90 -22.14
CA ARG O 73 24.03 15.52 -22.51
C ARG O 73 24.66 14.74 -21.35
N ASP O 74 25.48 15.43 -20.57
CA ASP O 74 26.17 14.78 -19.45
C ASP O 74 25.17 14.10 -18.50
N MET O 75 24.05 14.76 -18.23
CA MET O 75 23.03 14.19 -17.33
C MET O 75 22.49 12.91 -17.94
N GLY O 76 22.64 12.83 -19.26
CA GLY O 76 22.18 11.68 -20.03
C GLY O 76 21.76 12.15 -21.41
N LEU O 77 21.99 11.32 -22.42
CA LEU O 77 21.61 11.73 -23.76
C LEU O 77 20.11 11.77 -23.88
N GLN O 78 19.60 12.92 -24.23
CA GLN O 78 18.17 13.10 -24.36
C GLN O 78 17.85 13.64 -25.73
N GLU O 79 16.60 13.48 -26.15
CA GLU O 79 16.20 13.99 -27.43
C GLU O 79 16.42 15.49 -27.46
N LEU O 80 16.32 16.10 -26.28
CA LEU O 80 16.51 17.53 -26.15
C LEU O 80 17.86 17.98 -26.67
N ALA O 81 18.90 17.23 -26.31
CA ALA O 81 20.24 17.58 -26.75
C ALA O 81 20.27 17.78 -28.26
N GLU O 82 19.76 16.79 -28.98
CA GLU O 82 19.73 16.88 -30.43
C GLU O 82 18.70 17.89 -30.89
N GLN O 83 17.52 17.89 -30.28
CA GLN O 83 16.47 18.82 -30.69
C GLN O 83 16.99 20.25 -30.65
N LEU O 84 17.72 20.56 -29.59
CA LEU O 84 18.27 21.90 -29.44
C LEU O 84 19.36 22.14 -30.48
N GLN O 85 20.17 21.11 -30.75
CA GLN O 85 21.25 21.25 -31.71
C GLN O 85 20.73 21.74 -33.06
N THR O 86 19.56 21.25 -33.46
CA THR O 86 18.97 21.65 -34.73
C THR O 86 18.91 23.17 -34.82
N THR O 87 18.70 23.82 -33.68
CA THR O 87 18.62 25.28 -33.63
C THR O 87 19.95 25.90 -34.04
N LYS O 88 21.06 25.21 -33.74
CA LYS O 88 22.38 25.73 -34.08
C LYS O 88 22.45 26.07 -35.57
N GLU O 89 21.94 25.18 -36.40
CA GLU O 89 21.93 25.41 -37.85
C GLU O 89 20.95 26.54 -38.18
N GLY A 1 -6.96 -15.43 -33.19
CA GLY A 1 -6.14 -16.62 -32.96
C GLY A 1 -7.00 -17.86 -32.81
N ARG A 2 -7.77 -18.18 -33.84
CA ARG A 2 -8.64 -19.35 -33.80
C ARG A 2 -7.84 -20.59 -33.44
N ALA A 3 -6.57 -20.63 -33.85
CA ALA A 3 -5.72 -21.76 -33.57
C ALA A 3 -5.54 -21.97 -32.07
N ARG A 4 -5.33 -20.87 -31.36
CA ARG A 4 -5.15 -20.94 -29.91
C ARG A 4 -6.34 -21.61 -29.26
N ASP A 5 -7.53 -21.22 -29.69
CA ASP A 5 -8.76 -21.78 -29.14
C ASP A 5 -8.90 -23.27 -29.44
N ALA A 6 -8.46 -23.69 -30.62
CA ALA A 6 -8.59 -25.09 -31.01
C ALA A 6 -7.78 -26.00 -30.08
N ILE A 7 -6.53 -25.64 -29.83
CA ILE A 7 -5.68 -26.43 -28.95
C ILE A 7 -6.35 -26.63 -27.60
N LEU A 8 -6.86 -25.54 -27.05
CA LEU A 8 -7.50 -25.58 -25.75
C LEU A 8 -8.56 -26.67 -25.65
N ASP A 9 -9.48 -26.70 -26.61
CA ASP A 9 -10.56 -27.67 -26.56
C ASP A 9 -10.06 -29.12 -26.49
N ALA A 10 -9.05 -29.44 -27.30
CA ALA A 10 -8.53 -30.80 -27.30
C ALA A 10 -7.70 -31.14 -26.06
N LEU A 11 -6.74 -30.30 -25.74
CA LEU A 11 -5.87 -30.56 -24.60
C LEU A 11 -6.66 -30.89 -23.34
N GLU A 12 -7.78 -30.20 -23.15
CA GLU A 12 -8.64 -30.40 -21.98
C GLU A 12 -9.26 -31.81 -21.92
N ASN A 13 -9.23 -32.55 -23.04
CA ASN A 13 -9.82 -33.89 -23.08
C ASN A 13 -8.87 -34.96 -22.55
N LEU A 14 -7.73 -34.55 -21.97
CA LEU A 14 -6.78 -35.52 -21.42
C LEU A 14 -7.05 -35.76 -19.95
N SER A 15 -6.83 -36.99 -19.50
CA SER A 15 -7.04 -37.32 -18.09
C SER A 15 -5.95 -36.68 -17.23
N GLY A 16 -6.22 -36.57 -15.94
CA GLY A 16 -5.28 -35.93 -15.01
C GLY A 16 -3.87 -36.52 -15.06
N ASP A 17 -3.76 -37.84 -15.07
CA ASP A 17 -2.44 -38.48 -15.06
C ASP A 17 -1.64 -38.20 -16.34
N GLU A 18 -2.27 -38.41 -17.49
CA GLU A 18 -1.58 -38.20 -18.76
C GLU A 18 -1.05 -36.78 -18.85
N LEU A 19 -1.81 -35.85 -18.28
CA LEU A 19 -1.40 -34.45 -18.31
C LEU A 19 0.01 -34.31 -17.74
N LYS A 20 0.27 -34.94 -16.62
CA LYS A 20 1.58 -34.83 -16.01
C LYS A 20 2.61 -35.37 -16.98
N LYS A 21 2.27 -36.46 -17.64
CA LYS A 21 3.19 -37.07 -18.59
C LYS A 21 3.49 -36.14 -19.74
N PHE A 22 2.46 -35.47 -20.22
CA PHE A 22 2.64 -34.53 -21.33
C PHE A 22 3.54 -33.37 -20.94
N LYS A 23 3.18 -32.68 -19.86
CA LYS A 23 3.96 -31.52 -19.42
C LYS A 23 5.42 -31.90 -19.20
N MET A 24 5.63 -32.98 -18.47
CA MET A 24 6.98 -33.43 -18.17
C MET A 24 7.77 -33.78 -19.42
N LYS A 25 7.13 -34.48 -20.35
CA LYS A 25 7.82 -34.88 -21.58
C LYS A 25 8.21 -33.66 -22.41
N LEU A 26 7.36 -32.63 -22.35
CA LEU A 26 7.61 -31.41 -23.11
C LEU A 26 8.96 -30.82 -22.78
N LEU A 27 9.35 -30.92 -21.52
CA LEU A 27 10.63 -30.39 -21.07
C LEU A 27 11.80 -31.10 -21.75
N THR A 28 11.61 -32.37 -22.11
CA THR A 28 12.68 -33.15 -22.72
C THR A 28 12.57 -33.24 -24.24
N VAL A 29 11.62 -32.53 -24.83
CA VAL A 29 11.45 -32.58 -26.28
C VAL A 29 12.42 -31.64 -26.98
N GLN A 30 12.86 -32.04 -28.17
CA GLN A 30 13.79 -31.22 -28.96
C GLN A 30 13.02 -30.24 -29.83
N LEU A 31 13.48 -28.99 -29.84
CA LEU A 31 12.82 -27.95 -30.63
C LEU A 31 13.80 -27.27 -31.58
N ARG A 32 13.26 -26.67 -32.63
CA ARG A 32 14.11 -25.97 -33.60
C ARG A 32 14.84 -24.81 -32.93
N GLU A 33 16.03 -24.49 -33.42
CA GLU A 33 16.84 -23.41 -32.86
C GLU A 33 16.20 -22.04 -33.11
N GLY A 34 16.45 -21.11 -32.19
CA GLY A 34 15.91 -19.75 -32.30
C GLY A 34 14.74 -19.55 -31.34
N TYR A 35 14.45 -20.57 -30.54
CA TYR A 35 13.36 -20.50 -29.58
C TYR A 35 13.88 -20.81 -28.17
N GLY A 36 13.14 -20.33 -27.18
CA GLY A 36 13.54 -20.56 -25.79
C GLY A 36 12.88 -21.80 -25.20
N ARG A 37 13.24 -22.09 -23.96
CA ARG A 37 12.72 -23.23 -23.22
C ARG A 37 11.91 -22.72 -22.03
N ILE A 38 10.82 -23.39 -21.69
CA ILE A 38 9.98 -22.91 -20.61
C ILE A 38 10.56 -23.33 -19.25
N PRO A 39 10.61 -22.41 -18.30
CA PRO A 39 11.19 -22.68 -16.94
C PRO A 39 10.48 -23.83 -16.24
N ARG A 40 11.29 -24.71 -15.65
CA ARG A 40 10.75 -25.88 -14.96
C ARG A 40 9.81 -25.51 -13.82
N GLY A 41 10.22 -24.57 -12.97
CA GLY A 41 9.42 -24.17 -11.82
C GLY A 41 7.98 -23.80 -12.16
N ALA A 42 7.79 -23.00 -13.20
CA ALA A 42 6.46 -22.56 -13.57
C ALA A 42 5.59 -23.71 -14.09
N LEU A 43 6.16 -24.51 -14.97
CA LEU A 43 5.42 -25.62 -15.58
C LEU A 43 4.85 -26.59 -14.55
N LEU A 44 5.60 -26.87 -13.50
CA LEU A 44 5.15 -27.84 -12.49
C LEU A 44 3.84 -27.45 -11.80
N GLN A 45 3.59 -26.15 -11.61
CA GLN A 45 2.37 -25.71 -10.90
C GLN A 45 1.30 -25.13 -11.84
N MET A 46 1.54 -25.14 -13.14
CA MET A 46 0.57 -24.56 -14.09
C MET A 46 -0.69 -25.40 -14.27
N ASP A 47 -1.73 -24.73 -14.77
CA ASP A 47 -3.01 -25.37 -15.04
C ASP A 47 -3.17 -25.62 -16.54
N ALA A 48 -4.13 -26.46 -16.91
CA ALA A 48 -4.36 -26.78 -18.31
C ALA A 48 -4.72 -25.53 -19.13
N ILE A 49 -5.61 -24.69 -18.63
CA ILE A 49 -6.00 -23.49 -19.37
C ILE A 49 -4.81 -22.55 -19.50
N ASP A 50 -4.13 -22.29 -18.40
CA ASP A 50 -2.99 -21.39 -18.40
C ASP A 50 -1.92 -21.86 -19.38
N LEU A 51 -1.67 -23.16 -19.36
CA LEU A 51 -0.68 -23.76 -20.24
C LEU A 51 -0.99 -23.43 -21.69
N THR A 52 -2.27 -23.35 -22.00
CA THR A 52 -2.69 -23.04 -23.36
C THR A 52 -2.18 -21.69 -23.82
N ASP A 53 -2.43 -20.67 -23.02
CA ASP A 53 -2.01 -19.32 -23.37
C ASP A 53 -0.50 -19.21 -23.47
N LYS A 54 0.20 -19.68 -22.46
CA LYS A 54 1.66 -19.60 -22.46
C LYS A 54 2.28 -20.41 -23.58
N LEU A 55 1.74 -21.60 -23.85
CA LEU A 55 2.29 -22.45 -24.89
C LEU A 55 2.38 -21.69 -26.21
N VAL A 56 1.33 -20.99 -26.57
CA VAL A 56 1.33 -20.23 -27.80
C VAL A 56 2.23 -19.00 -27.68
N SER A 57 2.29 -18.42 -26.50
CA SER A 57 3.09 -17.22 -26.27
C SER A 57 4.55 -17.39 -26.71
N TYR A 58 5.14 -18.53 -26.40
CA TYR A 58 6.54 -18.77 -26.76
C TYR A 58 6.72 -19.14 -28.24
N TYR A 59 5.80 -19.92 -28.78
CA TYR A 59 5.91 -20.35 -30.17
C TYR A 59 4.80 -19.76 -31.02
N LEU A 60 5.12 -19.42 -32.26
CA LEU A 60 4.12 -18.86 -33.15
C LEU A 60 2.99 -19.86 -33.36
N GLU A 61 1.83 -19.36 -33.74
CA GLU A 61 0.67 -20.22 -33.94
C GLU A 61 0.96 -21.35 -34.93
N SER A 62 1.46 -21.00 -36.10
CA SER A 62 1.74 -22.00 -37.12
C SER A 62 2.70 -23.07 -36.61
N TYR A 63 3.90 -22.64 -36.22
CA TYR A 63 4.89 -23.58 -35.72
C TYR A 63 4.48 -24.17 -34.37
N GLY A 64 3.86 -23.35 -33.55
CA GLY A 64 3.42 -23.79 -32.23
C GLY A 64 2.39 -24.90 -32.33
N LEU A 65 1.48 -24.77 -33.28
CA LEU A 65 0.43 -25.77 -33.46
C LEU A 65 1.01 -27.12 -33.88
N GLU A 66 1.97 -27.10 -34.81
CA GLU A 66 2.59 -28.34 -35.28
C GLU A 66 3.39 -29.03 -34.17
N LEU A 67 4.07 -28.23 -33.36
CA LEU A 67 4.91 -28.77 -32.29
C LEU A 67 4.07 -29.62 -31.34
N THR A 68 2.84 -29.21 -31.09
CA THR A 68 1.99 -29.95 -30.17
C THR A 68 1.78 -31.38 -30.65
N MET A 69 1.41 -31.54 -31.91
CA MET A 69 1.14 -32.86 -32.45
C MET A 69 2.34 -33.77 -32.31
N THR A 70 3.51 -33.22 -32.53
CA THR A 70 4.72 -34.01 -32.45
C THR A 70 4.81 -34.71 -31.10
N VAL A 71 4.45 -34.00 -30.03
CA VAL A 71 4.49 -34.56 -28.69
C VAL A 71 3.32 -35.52 -28.42
N LEU A 72 2.13 -35.19 -28.95
CA LEU A 72 0.97 -36.05 -28.74
C LEU A 72 1.21 -37.45 -29.31
N ARG A 73 1.69 -37.52 -30.52
CA ARG A 73 1.94 -38.82 -31.07
C ARG A 73 3.01 -39.52 -30.25
N ASP A 74 4.02 -38.78 -29.83
CA ASP A 74 5.13 -39.39 -29.09
C ASP A 74 4.63 -40.23 -27.91
N MET A 75 3.63 -39.72 -27.19
CA MET A 75 3.06 -40.44 -26.05
C MET A 75 2.22 -41.60 -26.55
N GLY A 76 2.26 -41.77 -27.87
CA GLY A 76 1.48 -42.82 -28.53
C GLY A 76 0.48 -42.17 -29.46
N LEU A 77 0.03 -42.90 -30.47
CA LEU A 77 -0.94 -42.34 -31.40
C LEU A 77 -2.30 -42.20 -30.73
N GLN A 78 -2.79 -40.99 -30.70
CA GLN A 78 -4.09 -40.72 -30.09
C GLN A 78 -5.06 -40.22 -31.15
N GLU A 79 -6.34 -40.45 -30.93
CA GLU A 79 -7.31 -39.99 -31.87
C GLU A 79 -7.23 -38.47 -31.92
N LEU A 80 -6.81 -37.89 -30.80
CA LEU A 80 -6.66 -36.45 -30.68
C LEU A 80 -5.70 -35.90 -31.72
N ALA A 81 -4.55 -36.54 -31.86
CA ALA A 81 -3.57 -36.09 -32.82
C ALA A 81 -4.21 -35.91 -34.19
N GLU A 82 -4.98 -36.91 -34.59
CA GLU A 82 -5.65 -36.85 -35.87
C GLU A 82 -6.74 -35.79 -35.86
N GLN A 83 -7.54 -35.77 -34.79
CA GLN A 83 -8.62 -34.79 -34.69
C GLN A 83 -8.08 -33.38 -34.77
N LEU A 84 -6.99 -33.13 -34.07
CA LEU A 84 -6.39 -31.81 -34.06
C LEU A 84 -5.84 -31.45 -35.44
N GLN A 85 -5.24 -32.43 -36.11
CA GLN A 85 -4.66 -32.18 -37.43
C GLN A 85 -5.71 -31.63 -38.39
N THR A 86 -6.93 -32.14 -38.26
CA THR A 86 -8.01 -31.68 -39.13
C THR A 86 -8.14 -30.16 -39.06
N THR A 87 -7.84 -29.60 -37.88
CA THR A 87 -7.91 -28.15 -37.69
C THR A 87 -6.89 -27.44 -38.58
N LYS A 88 -5.75 -28.09 -38.82
CA LYS A 88 -4.71 -27.48 -39.64
C LYS A 88 -5.26 -27.05 -40.99
N GLU A 89 -6.05 -27.94 -41.62
CA GLU A 89 -6.66 -27.62 -42.90
C GLU A 89 -7.72 -26.55 -42.74
N GLY B 1 -28.81 2.60 -16.30
CA GLY B 1 -28.17 1.48 -16.99
C GLY B 1 -28.64 0.15 -16.41
N ARG B 2 -29.95 -0.09 -16.46
CA ARG B 2 -30.49 -1.34 -15.92
C ARG B 2 -29.78 -2.54 -16.53
N ALA B 3 -29.34 -2.40 -17.78
CA ALA B 3 -28.65 -3.48 -18.47
C ALA B 3 -27.37 -3.85 -17.73
N ARG B 4 -26.61 -2.85 -17.32
CA ARG B 4 -25.36 -3.08 -16.61
C ARG B 4 -25.60 -3.95 -15.37
N ASP B 5 -26.65 -3.61 -14.63
CA ASP B 5 -26.99 -4.35 -13.42
C ASP B 5 -27.40 -5.79 -13.71
N ALA B 6 -28.08 -6.00 -14.83
CA ALA B 6 -28.52 -7.36 -15.18
C ALA B 6 -27.34 -8.31 -15.39
N ILE B 7 -26.36 -7.86 -16.17
CA ILE B 7 -25.19 -8.69 -16.44
C ILE B 7 -24.54 -9.12 -15.13
N LEU B 8 -24.37 -8.16 -14.24
CA LEU B 8 -23.72 -8.42 -12.96
C LEU B 8 -24.35 -9.61 -12.25
N ASP B 9 -25.66 -9.60 -12.09
CA ASP B 9 -26.33 -10.67 -11.36
C ASP B 9 -26.04 -12.06 -11.93
N ALA B 10 -26.08 -12.19 -13.25
CA ALA B 10 -25.84 -13.47 -13.88
C ALA B 10 -24.36 -13.89 -13.83
N LEU B 11 -23.48 -13.02 -14.28
CA LEU B 11 -22.05 -13.34 -14.32
C LEU B 11 -21.56 -13.91 -12.99
N GLU B 12 -22.06 -13.35 -11.90
CA GLU B 12 -21.66 -13.78 -10.55
C GLU B 12 -22.06 -15.23 -10.24
N ASN B 13 -22.96 -15.81 -11.05
CA ASN B 13 -23.42 -17.19 -10.82
C ASN B 13 -22.47 -18.23 -11.41
N LEU B 14 -21.30 -17.80 -11.89
CA LEU B 14 -20.34 -18.74 -12.47
C LEU B 14 -19.34 -19.19 -11.41
N SER B 15 -18.91 -20.44 -11.50
CA SER B 15 -17.94 -20.97 -10.54
C SER B 15 -16.56 -20.36 -10.79
N GLY B 16 -15.70 -20.43 -9.80
CA GLY B 16 -14.36 -19.84 -9.89
C GLY B 16 -13.57 -20.29 -11.12
N ASP B 17 -13.57 -21.58 -11.40
CA ASP B 17 -12.79 -22.09 -12.54
C ASP B 17 -13.31 -21.58 -13.89
N GLU B 18 -14.62 -21.69 -14.11
CA GLU B 18 -15.19 -21.26 -15.38
C GLU B 18 -14.87 -19.79 -15.64
N LEU B 19 -14.84 -19.01 -14.57
CA LEU B 19 -14.54 -17.60 -14.68
C LEU B 19 -13.23 -17.40 -15.44
N LYS B 20 -12.21 -18.14 -15.06
CA LYS B 20 -10.93 -17.99 -15.72
C LYS B 20 -11.08 -18.32 -17.20
N LYS B 21 -11.88 -19.34 -17.49
CA LYS B 21 -12.10 -19.73 -18.87
C LYS B 21 -12.78 -18.63 -19.65
N PHE B 22 -13.75 -17.98 -19.03
CA PHE B 22 -14.48 -16.91 -19.69
C PHE B 22 -13.57 -15.74 -19.98
N LYS B 23 -12.91 -15.22 -18.95
CA LYS B 23 -12.02 -14.06 -19.13
C LYS B 23 -10.98 -14.33 -20.20
N MET B 24 -10.31 -15.47 -20.10
CA MET B 24 -9.28 -15.84 -21.05
C MET B 24 -9.81 -15.95 -22.48
N LYS B 25 -10.97 -16.58 -22.63
CA LYS B 25 -11.53 -16.74 -23.96
C LYS B 25 -11.91 -15.40 -24.58
N LEU B 26 -12.32 -14.47 -23.73
CA LEU B 26 -12.72 -13.15 -24.19
C LEU B 26 -11.60 -12.47 -24.97
N LEU B 27 -10.37 -12.71 -24.53
CA LEU B 27 -9.22 -12.12 -25.19
C LEU B 27 -9.07 -12.63 -26.63
N THR B 28 -9.53 -13.85 -26.88
CA THR B 28 -9.40 -14.45 -28.22
C THR B 28 -10.68 -14.34 -29.06
N VAL B 29 -11.69 -13.66 -28.55
CA VAL B 29 -12.94 -13.53 -29.28
C VAL B 29 -12.87 -12.42 -30.32
N GLN B 30 -13.56 -12.62 -31.45
CA GLN B 30 -13.58 -11.63 -32.52
C GLN B 30 -14.69 -10.62 -32.28
N LEU B 31 -14.36 -9.34 -32.46
CA LEU B 31 -15.33 -8.27 -32.25
C LEU B 31 -15.45 -7.38 -33.48
N ARG B 32 -16.58 -6.70 -33.61
CA ARG B 32 -16.81 -5.80 -34.73
C ARG B 32 -15.78 -4.68 -34.73
N GLU B 33 -15.43 -4.20 -35.92
CA GLU B 33 -14.44 -3.13 -36.06
C GLU B 33 -14.96 -1.81 -35.51
N GLY B 34 -14.04 -0.98 -35.01
CA GLY B 34 -14.39 0.33 -34.44
C GLY B 34 -14.31 0.30 -32.91
N TYR B 35 -13.92 -0.85 -32.37
CA TYR B 35 -13.81 -1.00 -30.92
C TYR B 35 -12.41 -1.44 -30.54
N GLY B 36 -12.03 -1.17 -29.29
CA GLY B 36 -10.71 -1.54 -28.82
C GLY B 36 -10.71 -2.91 -28.13
N ARG B 37 -9.52 -3.31 -27.72
CA ARG B 37 -9.30 -4.58 -27.03
C ARG B 37 -8.83 -4.31 -25.62
N ILE B 38 -9.26 -5.12 -24.66
CA ILE B 38 -8.88 -4.86 -23.27
C ILE B 38 -7.47 -5.39 -22.98
N PRO B 39 -6.64 -4.60 -22.32
CA PRO B 39 -5.23 -5.00 -22.00
C PRO B 39 -5.16 -6.29 -21.21
N ARG B 40 -4.25 -7.17 -21.62
CA ARG B 40 -4.08 -8.45 -20.97
C ARG B 40 -3.74 -8.33 -19.48
N GLY B 41 -2.78 -7.46 -19.17
CA GLY B 41 -2.33 -7.31 -17.79
C GLY B 41 -3.46 -7.02 -16.80
N ALA B 42 -4.35 -6.10 -17.15
CA ALA B 42 -5.44 -5.75 -16.24
C ALA B 42 -6.43 -6.90 -16.05
N LEU B 43 -6.83 -7.52 -17.15
CA LEU B 43 -7.80 -8.61 -17.10
C LEU B 43 -7.39 -9.75 -16.17
N LEU B 44 -6.11 -10.10 -16.18
CA LEU B 44 -5.63 -11.23 -15.37
C LEU B 44 -5.86 -11.04 -13.87
N GLN B 45 -5.79 -9.82 -13.36
CA GLN B 45 -5.97 -9.59 -11.92
C GLN B 45 -7.32 -8.99 -11.54
N MET B 46 -8.21 -8.80 -12.51
CA MET B 46 -9.52 -8.20 -12.22
C MET B 46 -10.48 -9.11 -11.47
N ASP B 47 -11.47 -8.49 -10.85
CA ASP B 47 -12.50 -9.20 -10.09
C ASP B 47 -13.79 -9.26 -10.89
N ALA B 48 -14.72 -10.14 -10.48
CA ALA B 48 -15.97 -10.29 -11.19
C ALA B 48 -16.79 -8.99 -11.21
N ILE B 49 -16.89 -8.30 -10.07
CA ILE B 49 -17.66 -7.06 -10.03
C ILE B 49 -17.00 -5.99 -10.90
N ASP B 50 -15.69 -5.83 -10.74
CA ASP B 50 -14.95 -4.83 -11.50
C ASP B 50 -15.10 -5.07 -13.01
N LEU B 51 -15.00 -6.34 -13.39
CA LEU B 51 -15.12 -6.72 -14.78
C LEU B 51 -16.44 -6.23 -15.35
N THR B 52 -17.46 -6.23 -14.52
CA THR B 52 -18.78 -5.79 -14.96
C THR B 52 -18.77 -4.35 -15.42
N ASP B 53 -18.24 -3.47 -14.59
CA ASP B 53 -18.20 -2.05 -14.92
C ASP B 53 -17.34 -1.78 -16.16
N LYS B 54 -16.15 -2.33 -16.18
CA LYS B 54 -15.26 -2.12 -17.32
C LYS B 54 -15.81 -2.72 -18.60
N LEU B 55 -16.40 -3.90 -18.50
CA LEU B 55 -16.94 -4.56 -19.70
C LEU B 55 -17.88 -3.62 -20.44
N VAL B 56 -18.78 -2.99 -19.71
CA VAL B 56 -19.71 -2.07 -20.34
C VAL B 56 -19.02 -0.79 -20.79
N SER B 57 -18.01 -0.36 -20.04
CA SER B 57 -17.29 0.87 -20.37
C SER B 57 -16.75 0.89 -21.79
N TYR B 58 -16.21 -0.22 -22.25
CA TYR B 58 -15.65 -0.29 -23.60
C TYR B 58 -16.73 -0.44 -24.68
N TYR B 59 -17.76 -1.23 -24.40
CA TYR B 59 -18.81 -1.46 -25.38
C TYR B 59 -20.13 -0.87 -24.92
N LEU B 60 -20.91 -0.34 -25.86
CA LEU B 60 -22.19 0.24 -25.53
C LEU B 60 -23.09 -0.82 -24.91
N GLU B 61 -24.07 -0.39 -24.15
CA GLU B 61 -24.97 -1.33 -23.48
C GLU B 61 -25.65 -2.28 -24.47
N SER B 62 -26.25 -1.73 -25.50
CA SER B 62 -26.94 -2.57 -26.49
C SER B 62 -26.00 -3.60 -27.11
N TYR B 63 -24.94 -3.12 -27.75
CA TYR B 63 -23.98 -4.02 -28.39
C TYR B 63 -23.20 -4.81 -27.35
N GLY B 64 -22.88 -4.16 -26.23
CA GLY B 64 -22.12 -4.81 -25.17
C GLY B 64 -22.88 -6.00 -24.59
N LEU B 65 -24.19 -5.83 -24.41
CA LEU B 65 -25.01 -6.89 -23.84
C LEU B 65 -25.06 -8.12 -24.76
N GLU B 66 -25.21 -7.88 -26.06
CA GLU B 66 -25.26 -8.98 -27.03
C GLU B 66 -23.93 -9.73 -27.11
N LEU B 67 -22.84 -8.99 -27.04
CA LEU B 67 -21.51 -9.59 -27.13
C LEU B 67 -21.29 -10.63 -26.03
N THR B 68 -21.83 -10.37 -24.86
CA THR B 68 -21.66 -11.29 -23.75
C THR B 68 -22.23 -12.67 -24.09
N MET B 69 -23.46 -12.69 -24.56
CA MET B 69 -24.12 -13.94 -24.88
C MET B 69 -23.32 -14.75 -25.88
N THR B 70 -22.77 -14.07 -26.85
CA THR B 70 -22.00 -14.76 -27.88
C THR B 70 -20.90 -15.62 -27.25
N VAL B 71 -20.24 -15.08 -26.22
CA VAL B 71 -19.18 -15.82 -25.54
C VAL B 71 -19.73 -16.90 -24.60
N LEU B 72 -20.85 -16.62 -23.93
CA LEU B 72 -21.44 -17.60 -23.02
C LEU B 72 -21.81 -18.88 -23.75
N ARG B 73 -22.49 -18.75 -24.87
CA ARG B 73 -22.82 -19.94 -25.59
C ARG B 73 -21.57 -20.64 -26.05
N ASP B 74 -20.58 -19.87 -26.49
CA ASP B 74 -19.35 -20.47 -27.01
C ASP B 74 -18.75 -21.50 -26.04
N MET B 75 -18.77 -21.18 -24.74
CA MET B 75 -18.24 -22.10 -23.73
C MET B 75 -19.21 -23.25 -23.54
N GLY B 76 -20.24 -23.25 -24.38
CA GLY B 76 -21.28 -24.26 -24.33
C GLY B 76 -22.60 -23.58 -23.99
N LEU B 77 -23.71 -24.23 -24.34
CA LEU B 77 -25.01 -23.63 -24.06
C LEU B 77 -25.31 -23.71 -22.57
N GLN B 78 -25.52 -22.56 -21.97
CA GLN B 78 -25.81 -22.49 -20.55
C GLN B 78 -27.21 -21.95 -20.34
N GLU B 79 -27.83 -22.34 -19.24
CA GLU B 79 -29.15 -21.83 -18.95
C GLU B 79 -29.06 -20.33 -18.82
N LEU B 80 -27.89 -19.86 -18.40
CA LEU B 80 -27.64 -18.43 -18.22
C LEU B 80 -27.85 -17.67 -19.52
N ALA B 81 -27.29 -18.18 -20.60
CA ALA B 81 -27.43 -17.51 -21.88
C ALA B 81 -28.91 -17.23 -22.16
N GLU B 82 -29.74 -18.23 -21.96
CA GLU B 82 -31.16 -18.07 -22.18
C GLU B 82 -31.75 -17.12 -21.15
N GLN B 83 -31.40 -17.32 -19.89
CA GLN B 83 -31.92 -16.47 -18.82
C GLN B 83 -31.59 -15.01 -19.08
N LEU B 84 -30.35 -14.75 -19.48
CA LEU B 84 -29.94 -13.40 -19.74
C LEU B 84 -30.67 -12.82 -20.95
N GLN B 85 -30.88 -13.64 -21.98
CA GLN B 85 -31.55 -13.16 -23.18
C GLN B 85 -32.93 -12.59 -22.83
N THR B 86 -33.61 -13.22 -21.88
CA THR B 86 -34.92 -12.75 -21.47
C THR B 86 -34.87 -11.27 -21.10
N THR B 87 -33.74 -10.85 -20.55
CA THR B 87 -33.56 -9.45 -20.16
C THR B 87 -33.60 -8.54 -21.38
N LYS B 88 -33.13 -9.04 -22.52
CA LYS B 88 -33.11 -8.24 -23.74
C LYS B 88 -34.51 -7.70 -24.05
N GLU B 89 -35.52 -8.55 -23.93
CA GLU B 89 -36.89 -8.14 -24.18
C GLU B 89 -37.36 -7.20 -23.07
N GLY C 1 -27.72 16.16 13.77
CA GLY C 1 -27.94 15.20 12.69
C GLY C 1 -27.82 13.77 13.19
N ARG C 2 -28.66 13.41 14.16
CA ARG C 2 -28.63 12.06 14.71
C ARG C 2 -28.74 11.02 13.61
N ALA C 3 -29.47 11.37 12.54
CA ALA C 3 -29.64 10.46 11.42
C ALA C 3 -28.30 10.11 10.79
N ARG C 4 -27.46 11.11 10.59
CA ARG C 4 -26.16 10.90 9.99
C ARG C 4 -25.37 9.87 10.78
N ASP C 5 -25.40 10.00 12.09
CA ASP C 5 -24.67 9.08 12.97
C ASP C 5 -25.23 7.66 12.90
N ALA C 6 -26.53 7.54 12.73
CA ALA C 6 -27.14 6.20 12.67
C ALA C 6 -26.64 5.41 11.47
N ILE C 7 -26.65 6.03 10.30
CA ILE C 7 -26.19 5.36 9.09
C ILE C 7 -24.79 4.83 9.29
N LEU C 8 -23.92 5.67 9.82
CA LEU C 8 -22.54 5.31 10.03
C LEU C 8 -22.40 3.98 10.77
N ASP C 9 -23.07 3.85 11.90
CA ASP C 9 -22.95 2.63 12.70
C ASP C 9 -23.30 1.38 11.91
N ALA C 10 -24.37 1.42 11.14
CA ALA C 10 -24.79 0.24 10.39
C ALA C 10 -23.88 -0.03 9.18
N LEU C 11 -23.66 0.96 8.35
CA LEU C 11 -22.85 0.79 7.15
C LEU C 11 -21.51 0.10 7.46
N GLU C 12 -20.92 0.45 8.60
CA GLU C 12 -19.63 -0.11 9.01
C GLU C 12 -19.70 -1.62 9.29
N ASN C 13 -20.91 -2.17 9.43
CA ASN C 13 -21.07 -3.60 9.72
C ASN C 13 -21.02 -4.46 8.45
N LEU C 14 -20.68 -3.86 7.32
CA LEU C 14 -20.59 -4.62 6.07
C LEU C 14 -19.17 -5.11 5.83
N SER C 15 -19.05 -6.30 5.25
CA SER C 15 -17.73 -6.85 4.97
C SER C 15 -17.07 -6.09 3.83
N GLY C 16 -15.75 -6.21 3.72
CA GLY C 16 -14.98 -5.49 2.71
C GLY C 16 -15.50 -5.71 1.29
N ASP C 17 -15.80 -6.94 0.91
CA ASP C 17 -16.25 -7.21 -0.45
C ASP C 17 -17.62 -6.58 -0.77
N GLU C 18 -18.58 -6.79 0.12
CA GLU C 18 -19.92 -6.25 -0.11
C GLU C 18 -19.86 -4.74 -0.29
N LEU C 19 -18.95 -4.11 0.43
CA LEU C 19 -18.79 -2.67 0.35
C LEU C 19 -18.59 -2.24 -1.11
N LYS C 20 -17.71 -2.94 -1.81
CA LYS C 20 -17.45 -2.59 -3.19
C LYS C 20 -18.73 -2.72 -3.98
N LYS C 21 -19.49 -3.76 -3.69
CA LYS C 21 -20.74 -4.00 -4.40
C LYS C 21 -21.72 -2.87 -4.15
N PHE C 22 -21.78 -2.40 -2.92
CA PHE C 22 -22.70 -1.32 -2.57
C PHE C 22 -22.32 -0.03 -3.27
N LYS C 23 -21.07 0.39 -3.12
CA LYS C 23 -20.62 1.64 -3.74
C LYS C 23 -20.84 1.61 -5.25
N MET C 24 -20.43 0.53 -5.88
CA MET C 24 -20.57 0.40 -7.32
C MET C 24 -22.03 0.43 -7.75
N LYS C 25 -22.89 -0.29 -7.03
CA LYS C 25 -24.30 -0.32 -7.40
C LYS C 25 -24.94 1.05 -7.27
N LEU C 26 -24.48 1.83 -6.30
CA LEU C 26 -25.01 3.16 -6.04
C LEU C 26 -24.93 4.02 -7.29
N LEU C 27 -23.85 3.84 -8.04
CA LEU C 27 -23.64 4.62 -9.26
C LEU C 27 -24.72 4.32 -10.30
N THR C 28 -25.26 3.11 -10.27
CA THR C 28 -26.28 2.70 -11.26
C THR C 28 -27.70 2.80 -10.73
N VAL C 29 -27.88 3.32 -9.53
CA VAL C 29 -29.22 3.42 -8.95
C VAL C 29 -29.94 4.66 -9.45
N GLN C 30 -31.26 4.55 -9.61
CA GLN C 30 -32.07 5.67 -10.07
C GLN C 30 -32.52 6.53 -8.90
N LEU C 31 -32.40 7.85 -9.07
CA LEU C 31 -32.76 8.79 -8.02
C LEU C 31 -33.77 9.82 -8.52
N ARG C 32 -34.51 10.40 -7.59
CA ARG C 32 -35.50 11.41 -7.94
C ARG C 32 -34.82 12.61 -8.59
N GLU C 33 -35.54 13.28 -9.49
CA GLU C 33 -35.00 14.44 -10.19
C GLU C 33 -34.80 15.63 -9.24
N GLY C 34 -33.80 16.47 -9.56
CA GLY C 34 -33.50 17.64 -8.74
C GLY C 34 -32.25 17.43 -7.90
N TYR C 35 -31.64 16.25 -8.06
CA TYR C 35 -30.43 15.91 -7.31
C TYR C 35 -29.29 15.57 -8.26
N GLY C 36 -28.06 15.70 -7.78
CA GLY C 36 -26.90 15.40 -8.59
C GLY C 36 -26.41 13.97 -8.40
N ARG C 37 -25.39 13.61 -9.16
CA ARG C 37 -24.78 12.29 -9.12
C ARG C 37 -23.36 12.43 -8.60
N ILE C 38 -22.89 11.46 -7.83
CA ILE C 38 -21.55 11.56 -7.25
C ILE C 38 -20.50 11.12 -8.28
N PRO C 39 -19.43 11.90 -8.42
CA PRO C 39 -18.34 11.60 -9.41
C PRO C 39 -17.73 10.22 -9.20
N ARG C 40 -17.54 9.50 -10.30
CA ARG C 40 -16.99 8.16 -10.24
C ARG C 40 -15.60 8.11 -9.61
N GLY C 41 -14.72 9.01 -10.05
CA GLY C 41 -13.34 9.04 -9.57
C GLY C 41 -13.24 9.08 -8.04
N ALA C 42 -14.00 9.94 -7.40
CA ALA C 42 -13.93 10.08 -5.95
C ALA C 42 -14.43 8.83 -5.23
N LEU C 43 -15.58 8.32 -5.66
CA LEU C 43 -16.18 7.15 -5.03
C LEU C 43 -15.25 5.94 -4.99
N LEU C 44 -14.50 5.71 -6.06
CA LEU C 44 -13.62 4.54 -6.12
C LEU C 44 -12.56 4.50 -5.03
N GLN C 45 -12.06 5.66 -4.59
CA GLN C 45 -11.00 5.67 -3.56
C GLN C 45 -11.49 6.08 -2.16
N MET C 46 -12.79 6.31 -2.01
CA MET C 46 -13.33 6.75 -0.72
C MET C 46 -13.36 5.65 0.35
N ASP C 47 -13.44 6.10 1.60
CA ASP C 47 -13.49 5.21 2.76
C ASP C 47 -14.92 5.12 3.29
N ALA C 48 -15.19 4.12 4.12
CA ALA C 48 -16.53 3.95 4.68
C ALA C 48 -16.97 5.16 5.51
N ILE C 49 -16.09 5.68 6.37
CA ILE C 49 -16.46 6.83 7.19
C ILE C 49 -16.70 8.06 6.31
N ASP C 50 -15.77 8.31 5.40
CA ASP C 50 -15.89 9.47 4.51
C ASP C 50 -17.17 9.42 3.71
N LEU C 51 -17.48 8.23 3.21
CA LEU C 51 -18.68 8.03 2.41
C LEU C 51 -19.91 8.45 3.20
N THR C 52 -19.87 8.26 4.51
CA THR C 52 -21.00 8.62 5.35
C THR C 52 -21.28 10.12 5.29
N ASP C 53 -20.25 10.92 5.50
CA ASP C 53 -20.42 12.37 5.49
C ASP C 53 -20.88 12.87 4.12
N LYS C 54 -20.20 12.44 3.07
CA LYS C 54 -20.55 12.90 1.73
C LYS C 54 -21.94 12.42 1.31
N LEU C 55 -22.28 11.19 1.65
CA LEU C 55 -23.57 10.65 1.27
C LEU C 55 -24.70 11.58 1.72
N VAL C 56 -24.64 12.03 2.96
CA VAL C 56 -25.65 12.92 3.47
C VAL C 56 -25.53 14.31 2.84
N SER C 57 -24.30 14.73 2.56
CA SER C 57 -24.06 16.05 1.99
C SER C 57 -24.86 16.31 0.72
N TYR C 58 -24.95 15.32 -0.15
CA TYR C 58 -25.69 15.49 -1.40
C TYR C 58 -27.21 15.38 -1.22
N TYR C 59 -27.65 14.48 -0.35
CA TYR C 59 -29.08 14.28 -0.15
C TYR C 59 -29.48 14.68 1.26
N LEU C 60 -30.67 15.24 1.39
CA LEU C 60 -31.16 15.66 2.70
C LEU C 60 -31.26 14.44 3.61
N GLU C 61 -31.23 14.68 4.92
CA GLU C 61 -31.30 13.58 5.88
C GLU C 61 -32.53 12.71 5.67
N SER C 62 -33.69 13.33 5.61
CA SER C 62 -34.93 12.58 5.45
C SER C 62 -34.90 11.72 4.18
N TYR C 63 -34.75 12.38 3.04
CA TYR C 63 -34.71 11.66 1.76
C TYR C 63 -33.45 10.82 1.65
N GLY C 64 -32.35 11.35 2.15
CA GLY C 64 -31.08 10.63 2.08
C GLY C 64 -31.14 9.31 2.84
N LEU C 65 -31.78 9.34 4.01
CA LEU C 65 -31.88 8.13 4.83
C LEU C 65 -32.70 7.05 4.14
N GLU C 66 -33.80 7.44 3.52
CA GLU C 66 -34.66 6.47 2.83
C GLU C 66 -33.95 5.87 1.61
N LEU C 67 -33.20 6.69 0.90
CA LEU C 67 -32.50 6.23 -0.30
C LEU C 67 -31.55 5.08 0.02
N THR C 68 -30.92 5.13 1.19
CA THR C 68 -29.99 4.09 1.57
C THR C 68 -30.67 2.73 1.60
N MET C 69 -31.80 2.66 2.29
CA MET C 69 -32.51 1.39 2.43
C MET C 69 -32.86 0.81 1.08
N THR C 70 -33.27 1.65 0.16
CA THR C 70 -33.65 1.19 -1.15
C THR C 70 -32.53 0.35 -1.78
N VAL C 71 -31.28 0.81 -1.61
CA VAL C 71 -30.13 0.09 -2.15
C VAL C 71 -29.78 -1.15 -1.33
N LEU C 72 -29.91 -1.07 0.00
CA LEU C 72 -29.59 -2.22 0.85
C LEU C 72 -30.46 -3.41 0.51
N ARG C 73 -31.74 -3.20 0.40
CA ARG C 73 -32.59 -4.31 0.06
C ARG C 73 -32.22 -4.83 -1.31
N ASP C 74 -31.93 -3.91 -2.24
CA ASP C 74 -31.63 -4.32 -3.61
C ASP C 74 -30.55 -5.41 -3.66
N MET C 75 -29.51 -5.26 -2.82
CA MET C 75 -28.44 -6.25 -2.78
C MET C 75 -28.93 -7.51 -2.09
N GLY C 76 -30.22 -7.49 -1.77
CA GLY C 76 -30.86 -8.60 -1.07
C GLY C 76 -31.36 -8.09 0.28
N LEU C 77 -32.34 -8.78 0.85
CA LEU C 77 -32.87 -8.36 2.13
C LEU C 77 -31.88 -8.66 3.24
N GLN C 78 -31.47 -7.62 3.94
CA GLN C 78 -30.52 -7.77 5.02
C GLN C 78 -31.16 -7.40 6.33
N GLU C 79 -30.69 -7.97 7.42
CA GLU C 79 -31.24 -7.64 8.71
C GLU C 79 -31.01 -6.16 8.94
N LEU C 80 -29.93 -5.65 8.35
CA LEU C 80 -29.57 -4.25 8.47
C LEU C 80 -30.69 -3.34 7.98
N ALA C 81 -31.24 -3.65 6.82
CA ALA C 81 -32.31 -2.83 6.28
C ALA C 81 -33.41 -2.65 7.32
N GLU C 82 -33.79 -3.75 7.94
CA GLU C 82 -34.83 -3.69 8.96
C GLU C 82 -34.33 -2.94 10.18
N GLN C 83 -33.11 -3.27 10.63
CA GLN C 83 -32.55 -2.62 11.80
C GLN C 83 -32.48 -1.11 11.61
N LEU C 84 -32.03 -0.69 10.44
CA LEU C 84 -31.92 0.72 10.15
C LEU C 84 -33.30 1.38 10.10
N GLN C 85 -34.28 0.69 9.54
CA GLN C 85 -35.62 1.26 9.44
C GLN C 85 -36.15 1.64 10.81
N THR C 86 -35.83 0.84 11.82
CA THR C 86 -36.28 1.13 13.18
C THR C 86 -35.88 2.54 13.57
N THR C 87 -34.74 2.99 13.08
CA THR C 87 -34.25 4.32 13.37
C THR C 87 -35.20 5.38 12.83
N LYS C 88 -35.85 5.09 11.70
CA LYS C 88 -36.77 6.05 11.09
C LYS C 88 -37.83 6.50 12.10
N GLU C 89 -38.39 5.53 12.83
CA GLU C 89 -39.40 5.85 13.84
C GLU C 89 -38.76 6.59 15.01
N GLY D 1 -2.66 25.77 32.89
CA GLY D 1 -3.70 24.94 32.27
C GLY D 1 -3.29 23.48 32.26
N ARG D 2 -3.07 22.92 33.45
CA ARG D 2 -2.68 21.53 33.56
C ARG D 2 -3.67 20.63 32.82
N ALA D 3 -4.94 21.05 32.81
CA ALA D 3 -5.98 20.28 32.14
C ALA D 3 -5.68 20.14 30.65
N ARG D 4 -5.27 21.23 30.04
CA ARG D 4 -4.96 21.21 28.61
C ARG D 4 -3.91 20.16 28.30
N ASP D 5 -2.87 20.12 29.14
CA ASP D 5 -1.79 19.17 28.94
C ASP D 5 -2.25 17.72 29.12
N ALA D 6 -3.19 17.49 30.04
CA ALA D 6 -3.67 16.14 30.29
C ALA D 6 -4.35 15.55 29.05
N ILE D 7 -5.25 16.32 28.46
CA ILE D 7 -5.96 15.87 27.27
C ILE D 7 -4.98 15.43 26.19
N LEU D 8 -3.99 16.27 25.97
CA LEU D 8 -2.99 16.00 24.94
C LEU D 8 -2.39 14.61 25.08
N ASP D 9 -1.91 14.28 26.26
CA ASP D 9 -1.26 12.98 26.47
C ASP D 9 -2.16 11.81 26.09
N ALA D 10 -3.43 11.85 26.47
CA ALA D 10 -4.34 10.76 26.17
C ALA D 10 -4.75 10.71 24.69
N LEU D 11 -5.22 11.84 24.17
CA LEU D 11 -5.68 11.89 22.78
C LEU D 11 -4.65 11.29 21.82
N GLU D 12 -3.38 11.54 22.09
CA GLU D 12 -2.29 11.04 21.23
C GLU D 12 -2.19 9.51 21.23
N ASN D 13 -2.84 8.84 22.19
CA ASN D 13 -2.78 7.38 22.27
C ASN D 13 -3.80 6.70 21.34
N LEU D 14 -4.45 7.47 20.48
CA LEU D 14 -5.43 6.90 19.55
C LEU D 14 -4.77 6.56 18.22
N SER D 15 -5.21 5.47 17.59
CA SER D 15 -4.66 5.08 16.31
C SER D 15 -5.12 6.05 15.22
N GLY D 16 -4.40 6.05 14.10
CA GLY D 16 -4.70 6.97 13.00
C GLY D 16 -6.15 6.89 12.52
N ASP D 17 -6.69 5.69 12.35
CA ASP D 17 -8.06 5.57 11.85
C ASP D 17 -9.11 6.11 12.82
N GLU D 18 -9.01 5.71 14.09
CA GLU D 18 -9.98 6.15 15.08
C GLU D 18 -10.01 7.67 15.15
N LEU D 19 -8.85 8.28 14.97
CA LEU D 19 -8.76 9.73 15.00
C LEU D 19 -9.76 10.35 14.04
N LYS D 20 -9.81 9.83 12.82
CA LYS D 20 -10.72 10.40 11.84
C LYS D 20 -12.14 10.24 12.35
N LYS D 21 -12.42 9.11 12.98
CA LYS D 21 -13.75 8.87 13.50
C LYS D 21 -14.10 9.86 14.59
N PHE D 22 -13.14 10.15 15.45
CA PHE D 22 -13.37 11.09 16.53
C PHE D 22 -13.64 12.48 16.01
N LYS D 23 -12.73 13.00 15.18
CA LYS D 23 -12.89 14.35 14.65
C LYS D 23 -14.21 14.50 13.92
N MET D 24 -14.51 13.56 13.05
CA MET D 24 -15.75 13.60 12.28
C MET D 24 -16.99 13.55 13.17
N LYS D 25 -16.97 12.68 14.17
CA LYS D 25 -18.13 12.56 15.06
C LYS D 25 -18.35 13.85 15.85
N LEU D 26 -17.25 14.52 16.18
CA LEU D 26 -17.32 15.75 16.95
C LEU D 26 -18.21 16.78 16.26
N LEU D 27 -18.15 16.80 14.95
CA LEU D 27 -18.95 17.74 14.16
C LEU D 27 -20.45 17.49 14.36
N THR D 28 -20.81 16.24 14.61
CA THR D 28 -22.23 15.88 14.75
C THR D 28 -22.68 15.78 16.22
N VAL D 29 -21.81 16.11 17.15
CA VAL D 29 -22.17 16.02 18.56
C VAL D 29 -22.95 17.25 19.02
N GLN D 30 -23.88 17.04 19.95
CA GLN D 30 -24.69 18.13 20.47
C GLN D 30 -24.00 18.79 21.65
N LEU D 31 -23.99 20.12 21.65
CA LEU D 31 -23.33 20.89 22.71
C LEU D 31 -24.29 21.88 23.36
N ARG D 32 -23.98 22.26 24.59
CA ARG D 32 -24.82 23.21 25.31
C ARG D 32 -24.85 24.56 24.57
N GLU D 33 -25.97 25.27 24.69
CA GLU D 33 -26.13 26.55 24.02
C GLU D 33 -25.21 27.62 24.61
N GLY D 34 -24.80 28.57 23.76
CA GLY D 34 -23.91 29.66 24.19
C GLY D 34 -22.49 29.44 23.68
N TYR D 35 -22.31 28.36 22.92
CA TYR D 35 -21.00 28.04 22.36
C TYR D 35 -21.07 27.92 20.86
N GLY D 36 -19.93 28.10 20.19
CA GLY D 36 -19.88 28.01 18.75
C GLY D 36 -19.51 26.61 18.27
N ARG D 37 -19.50 26.46 16.95
CA ARG D 37 -19.15 25.20 16.30
C ARG D 37 -17.88 25.39 15.50
N ILE D 38 -17.02 24.37 15.46
CA ILE D 38 -15.75 24.53 14.77
C ILE D 38 -15.93 24.32 13.25
N PRO D 39 -15.37 25.19 12.44
CA PRO D 39 -15.50 25.12 10.95
C PRO D 39 -15.02 23.79 10.39
N ARG D 40 -15.80 23.24 9.49
CA ARG D 40 -15.49 21.95 8.88
C ARG D 40 -14.15 21.96 8.15
N GLY D 41 -13.92 22.98 7.33
CA GLY D 41 -12.69 23.06 6.54
C GLY D 41 -11.41 22.91 7.38
N ALA D 42 -11.34 23.61 8.49
CA ALA D 42 -10.14 23.56 9.32
C ALA D 42 -9.93 22.19 9.96
N LEU D 43 -11.00 21.64 10.53
CA LEU D 43 -10.92 20.36 11.21
C LEU D 43 -10.38 19.24 10.32
N LEU D 44 -10.78 19.22 9.06
CA LEU D 44 -10.36 18.15 8.15
C LEU D 44 -8.85 18.06 7.96
N GLN D 45 -8.13 19.19 8.01
CA GLN D 45 -6.67 19.16 7.79
C GLN D 45 -5.85 19.35 9.08
N MET D 46 -6.51 19.43 10.22
CA MET D 46 -5.80 19.65 11.48
C MET D 46 -5.02 18.42 11.97
N ASP D 47 -4.06 18.69 12.86
CA ASP D 47 -3.22 17.65 13.45
C ASP D 47 -3.69 17.39 14.89
N ALA D 48 -3.24 16.26 15.45
CA ALA D 48 -3.62 15.90 16.81
C ALA D 48 -3.18 16.95 17.83
N ILE D 49 -1.94 17.42 17.73
CA ILE D 49 -1.46 18.42 18.69
C ILE D 49 -2.23 19.72 18.55
N ASP D 50 -2.38 20.19 17.30
CA ASP D 50 -3.08 21.43 17.03
C ASP D 50 -4.52 21.37 17.56
N LEU D 51 -5.15 20.24 17.33
CA LEU D 51 -6.51 20.03 17.76
C LEU D 51 -6.63 20.24 19.26
N THR D 52 -5.59 19.88 19.98
CA THR D 52 -5.59 20.03 21.43
C THR D 52 -5.74 21.49 21.84
N ASP D 53 -4.90 22.35 21.28
CA ASP D 53 -4.95 23.76 21.62
C ASP D 53 -6.28 24.39 21.24
N LYS D 54 -6.72 24.17 20.02
CA LYS D 54 -7.97 24.75 19.55
C LYS D 54 -9.17 24.22 20.32
N LEU D 55 -9.16 22.93 20.61
CA LEU D 55 -10.28 22.33 21.32
C LEU D 55 -10.57 23.09 22.62
N VAL D 56 -9.53 23.38 23.37
CA VAL D 56 -9.71 24.11 24.61
C VAL D 56 -10.06 25.57 24.34
N SER D 57 -9.51 26.12 23.27
CA SER D 57 -9.74 27.52 22.94
C SER D 57 -11.23 27.88 22.86
N TYR D 58 -12.02 27.01 22.26
CA TYR D 58 -13.46 27.27 22.11
C TYR D 58 -14.24 27.00 23.40
N TYR D 59 -13.87 25.96 24.12
CA TYR D 59 -14.59 25.60 25.35
C TYR D 59 -13.70 25.78 26.57
N LEU D 60 -14.30 26.22 27.68
CA LEU D 60 -13.53 26.42 28.90
C LEU D 60 -12.94 25.09 29.34
N GLU D 61 -11.88 25.15 30.13
CA GLU D 61 -11.22 23.94 30.59
C GLU D 61 -12.17 23.00 31.31
N SER D 62 -12.90 23.51 32.29
CA SER D 62 -13.82 22.68 33.05
C SER D 62 -14.85 22.00 32.14
N TYR D 63 -15.63 22.81 31.43
CA TYR D 63 -16.65 22.28 30.53
C TYR D 63 -16.02 21.58 29.35
N GLY D 64 -14.91 22.12 28.85
CA GLY D 64 -14.23 21.53 27.71
C GLY D 64 -13.73 20.13 28.02
N LEU D 65 -13.20 19.94 29.21
CA LEU D 65 -12.66 18.65 29.62
C LEU D 65 -13.77 17.58 29.67
N GLU D 66 -14.91 17.95 30.23
CA GLU D 66 -16.03 17.01 30.34
C GLU D 66 -16.59 16.64 28.97
N LEU D 67 -16.65 17.61 28.08
CA LEU D 67 -17.19 17.38 26.74
C LEU D 67 -16.42 16.29 26.01
N THR D 68 -15.12 16.24 26.22
CA THR D 68 -14.29 15.24 25.56
C THR D 68 -14.75 13.83 25.92
N MET D 69 -14.89 13.57 27.21
CA MET D 69 -15.28 12.24 27.66
C MET D 69 -16.59 11.81 27.04
N THR D 70 -17.52 12.73 26.93
CA THR D 70 -18.82 12.40 26.38
C THR D 70 -18.67 11.76 24.99
N VAL D 71 -17.75 12.29 24.19
CA VAL D 71 -17.52 11.77 22.84
C VAL D 71 -16.71 10.46 22.88
N LEU D 72 -15.74 10.36 23.79
CA LEU D 72 -14.93 9.15 23.87
C LEU D 72 -15.78 7.93 24.17
N ARG D 73 -16.64 8.04 25.15
CA ARG D 73 -17.48 6.91 25.44
C ARG D 73 -18.37 6.62 24.26
N ASP D 74 -18.88 7.66 23.61
CA ASP D 74 -19.80 7.46 22.49
C ASP D 74 -19.24 6.49 21.45
N MET D 75 -17.94 6.61 21.16
CA MET D 75 -17.30 5.73 20.19
C MET D 75 -17.11 4.36 20.80
N GLY D 76 -17.64 4.22 22.01
CA GLY D 76 -17.53 2.98 22.77
C GLY D 76 -16.76 3.26 24.04
N LEU D 77 -16.93 2.42 25.05
CA LEU D 77 -16.22 2.62 26.31
C LEU D 77 -14.75 2.27 26.13
N GLN D 78 -13.89 3.24 26.39
CA GLN D 78 -12.47 3.03 26.26
C GLN D 78 -11.80 3.17 27.62
N GLU D 79 -10.68 2.50 27.80
CA GLU D 79 -9.99 2.62 29.06
C GLU D 79 -9.59 4.07 29.24
N LEU D 80 -9.38 4.74 28.11
CA LEU D 80 -8.99 6.15 28.11
C LEU D 80 -10.01 7.01 28.84
N ALA D 81 -11.28 6.81 28.53
CA ALA D 81 -12.33 7.59 29.17
C ALA D 81 -12.17 7.53 30.69
N GLU D 82 -11.96 6.33 31.20
CA GLU D 82 -11.79 6.16 32.63
C GLU D 82 -10.48 6.79 33.08
N GLN D 83 -9.39 6.52 32.34
CA GLN D 83 -8.10 7.06 32.70
C GLN D 83 -8.13 8.57 32.76
N LEU D 84 -8.77 9.18 31.77
CA LEU D 84 -8.85 10.62 31.72
C LEU D 84 -9.70 11.16 32.87
N GLN D 85 -10.78 10.46 33.20
CA GLN D 85 -11.65 10.91 34.28
C GLN D 85 -10.87 11.07 35.57
N THR D 86 -9.91 10.18 35.81
CA THR D 86 -9.10 10.24 37.02
C THR D 86 -8.48 11.62 37.15
N THR D 87 -8.15 12.23 36.01
CA THR D 87 -7.56 13.56 36.02
C THR D 87 -8.51 14.59 36.61
N LYS D 88 -9.81 14.39 36.39
CA LYS D 88 -10.81 15.33 36.90
C LYS D 88 -10.64 15.54 38.39
N GLU D 89 -10.45 14.45 39.13
CA GLU D 89 -10.26 14.54 40.57
C GLU D 89 -8.90 15.18 40.87
N GLY E 1 28.28 34.94 25.95
CA GLY E 1 27.11 34.10 26.27
C GLY E 1 27.27 32.69 25.73
N ARG E 2 28.33 32.00 26.17
CA ARG E 2 28.58 30.65 25.71
C ARG E 2 27.35 29.78 25.92
N ALA E 3 26.59 30.07 26.97
CA ALA E 3 25.40 29.30 27.28
C ALA E 3 24.38 29.39 26.14
N ARG E 4 24.20 30.59 25.61
CA ARG E 4 23.26 30.80 24.52
C ARG E 4 23.60 29.89 23.35
N ASP E 5 24.88 29.83 23.01
CA ASP E 5 25.35 29.01 21.90
C ASP E 5 25.13 27.52 22.16
N ALA E 6 25.28 27.10 23.41
CA ALA E 6 25.11 25.68 23.72
C ALA E 6 23.69 25.20 23.44
N ILE E 7 22.71 25.96 23.91
CA ILE E 7 21.32 25.60 23.70
C ILE E 7 21.03 25.40 22.22
N LEU E 8 21.49 26.36 21.43
CA LEU E 8 21.27 26.32 19.99
C LEU E 8 21.68 24.98 19.39
N ASP E 9 22.89 24.53 19.66
CA ASP E 9 23.37 23.29 19.08
C ASP E 9 22.47 22.10 19.37
N ALA E 10 22.01 21.98 20.61
CA ALA E 10 21.17 20.86 20.98
C ALA E 10 19.74 20.98 20.43
N LEU E 11 19.10 22.11 20.67
CA LEU E 11 17.72 22.30 20.21
C LEU E 11 17.55 21.93 18.74
N GLU E 12 18.54 22.26 17.92
CA GLU E 12 18.49 21.98 16.48
C GLU E 12 18.48 20.48 16.17
N ASN E 13 18.81 19.63 17.15
CA ASN E 13 18.83 18.18 16.92
C ASN E 13 17.45 17.54 17.07
N LEU E 14 16.41 18.35 17.20
CA LEU E 14 15.05 17.82 17.33
C LEU E 14 14.38 17.73 15.97
N SER E 15 13.55 16.70 15.78
CA SER E 15 12.85 16.54 14.51
C SER E 15 11.75 17.59 14.38
N GLY E 16 11.30 17.81 13.15
CA GLY E 16 10.29 18.83 12.88
C GLY E 16 9.03 18.70 13.73
N ASP E 17 8.51 17.49 13.86
CA ASP E 17 7.27 17.29 14.63
C ASP E 17 7.44 17.60 16.13
N GLU E 18 8.48 17.05 16.74
CA GLU E 18 8.70 17.27 18.16
C GLU E 18 8.82 18.75 18.46
N LEU E 19 9.40 19.49 17.52
CA LEU E 19 9.57 20.91 17.69
C LEU E 19 8.23 21.56 18.01
N LYS E 20 7.21 21.22 17.25
CA LYS E 20 5.90 21.81 17.47
C LYS E 20 5.45 21.47 18.88
N LYS E 21 5.70 20.24 19.29
CA LYS E 21 5.30 19.81 20.63
C LYS E 21 6.00 20.61 21.70
N PHE E 22 7.29 20.87 21.49
CA PHE E 22 8.06 21.63 22.46
C PHE E 22 7.54 23.05 22.57
N LYS E 23 7.47 23.76 21.44
CA LYS E 23 7.02 25.15 21.46
C LYS E 23 5.65 25.28 22.10
N MET E 24 4.72 24.43 21.68
CA MET E 24 3.36 24.46 22.20
C MET E 24 3.32 24.18 23.70
N LYS E 25 4.08 23.19 24.14
CA LYS E 25 4.07 22.86 25.56
C LYS E 25 4.64 23.99 26.41
N LEU E 26 5.60 24.71 25.84
CA LEU E 26 6.24 25.83 26.54
C LEU E 26 5.20 26.84 27.00
N LEU E 27 4.20 27.05 26.17
CA LEU E 27 3.14 28.00 26.48
C LEU E 27 2.37 27.59 27.74
N THR E 28 2.28 26.29 27.99
CA THR E 28 1.52 25.78 29.13
C THR E 28 2.40 25.45 30.34
N VAL E 29 3.69 25.74 30.26
CA VAL E 29 4.59 25.43 31.37
C VAL E 29 4.54 26.51 32.44
N GLN E 30 4.71 26.09 33.71
CA GLN E 30 4.68 27.03 34.82
C GLN E 30 6.08 27.58 35.07
N LEU E 31 6.15 28.90 35.27
CA LEU E 31 7.42 29.57 35.49
C LEU E 31 7.41 30.37 36.79
N ARG E 32 8.59 30.62 37.34
CA ARG E 32 8.71 31.39 38.57
C ARG E 32 8.17 32.80 38.36
N GLU E 33 7.62 33.38 39.42
CA GLU E 33 7.06 34.74 39.35
C GLU E 33 8.13 35.79 39.14
N GLY E 34 7.76 36.88 38.46
CA GLY E 34 8.69 37.97 38.18
C GLY E 34 9.13 37.96 36.72
N TYR E 35 8.60 37.02 35.96
CA TYR E 35 8.93 36.89 34.54
C TYR E 35 7.68 36.97 33.69
N GLY E 36 7.85 37.34 32.42
CA GLY E 36 6.73 37.45 31.51
C GLY E 36 6.51 36.17 30.72
N ARG E 37 5.46 36.19 29.91
CA ARG E 37 5.09 35.06 29.06
C ARG E 37 5.25 35.48 27.60
N ILE E 38 5.67 34.56 26.75
CA ILE E 38 5.90 34.91 25.35
C ILE E 38 4.58 34.90 24.57
N PRO E 39 4.32 35.92 23.77
CA PRO E 39 3.05 36.04 22.98
C PRO E 39 2.83 34.84 22.07
N ARG E 40 1.60 34.34 22.07
CA ARG E 40 1.25 33.18 21.26
C ARG E 40 1.48 33.41 19.77
N GLY E 41 1.03 34.55 19.25
CA GLY E 41 1.15 34.85 17.83
C GLY E 41 2.57 34.71 17.29
N ALA E 42 3.54 35.25 18.01
CA ALA E 42 4.93 35.20 17.53
C ALA E 42 5.49 33.78 17.55
N LEU E 43 5.26 33.07 18.64
CA LEU E 43 5.78 31.72 18.79
C LEU E 43 5.35 30.78 17.66
N LEU E 44 4.10 30.89 17.22
CA LEU E 44 3.58 30.00 16.18
C LEU E 44 4.35 30.07 14.86
N GLN E 45 4.87 31.24 14.50
CA GLN E 45 5.58 31.38 13.21
C GLN E 45 7.10 31.46 13.35
N MET E 46 7.63 31.34 14.57
CA MET E 46 9.07 31.46 14.79
C MET E 46 9.87 30.25 14.28
N ASP E 47 11.16 30.48 14.09
CA ASP E 47 12.09 29.45 13.62
C ASP E 47 12.94 28.95 14.79
N ALA E 48 13.60 27.81 14.60
CA ALA E 48 14.43 27.24 15.65
C ALA E 48 15.57 28.18 16.07
N ILE E 49 16.26 28.77 15.10
CA ILE E 49 17.36 29.67 15.44
C ILE E 49 16.84 30.91 16.17
N ASP E 50 15.79 31.52 15.62
CA ASP E 50 15.21 32.71 16.21
C ASP E 50 14.76 32.45 17.64
N LEU E 51 14.14 31.31 17.83
CA LEU E 51 13.64 30.92 19.14
C LEU E 51 14.77 30.92 20.15
N THR E 52 15.96 30.56 19.70
CA THR E 52 17.11 30.52 20.58
C THR E 52 17.41 31.89 21.17
N ASP E 53 17.52 32.88 20.31
CA ASP E 53 17.85 34.24 20.76
C ASP E 53 16.77 34.79 21.68
N LYS E 54 15.51 34.69 21.27
CA LYS E 54 14.42 35.21 22.08
C LYS E 54 14.28 34.47 23.39
N LEU E 55 14.44 33.15 23.37
CA LEU E 55 14.30 32.36 24.59
C LEU E 55 15.19 32.92 25.69
N VAL E 56 16.44 33.21 25.36
CA VAL E 56 17.35 33.74 26.34
C VAL E 56 17.00 35.19 26.69
N SER E 57 16.51 35.93 25.71
CA SER E 57 16.18 37.34 25.91
C SER E 57 15.23 37.56 27.09
N TYR E 58 14.23 36.71 27.23
CA TYR E 58 13.25 36.86 28.32
C TYR E 58 13.79 36.35 29.66
N TYR E 59 14.54 35.25 29.64
CA TYR E 59 15.06 34.68 30.87
C TYR E 59 16.57 34.77 30.93
N LEU E 60 17.11 35.01 32.12
CA LEU E 60 18.55 35.10 32.27
C LEU E 60 19.20 33.78 31.85
N GLU E 61 20.47 33.84 31.50
CA GLU E 61 21.18 32.65 31.06
C GLU E 61 21.12 31.53 32.11
N SER E 62 21.49 31.84 33.33
CA SER E 62 21.49 30.84 34.39
C SER E 62 20.11 30.20 34.56
N TYR E 63 19.11 31.02 34.88
CA TYR E 63 17.76 30.51 35.07
C TYR E 63 17.16 30.04 33.75
N GLY E 64 17.47 30.74 32.67
CA GLY E 64 16.94 30.38 31.37
C GLY E 64 17.42 29.00 30.93
N LEU E 65 18.68 28.70 31.20
CA LEU E 65 19.26 27.42 30.81
C LEU E 65 18.58 26.26 31.56
N GLU E 66 18.35 26.44 32.86
CA GLU E 66 17.71 25.40 33.67
C GLU E 66 16.27 25.16 33.23
N LEU E 67 15.57 26.24 32.90
CA LEU E 67 14.16 26.14 32.49
C LEU E 67 14.00 25.22 31.29
N THR E 68 14.96 25.27 30.37
CA THR E 68 14.88 24.45 29.18
C THR E 68 14.81 22.97 29.53
N MET E 69 15.74 22.52 30.38
CA MET E 69 15.79 21.12 30.74
C MET E 69 14.49 20.65 31.34
N THR E 70 13.88 21.49 32.16
CA THR E 70 12.64 21.13 32.80
C THR E 70 11.61 20.69 31.76
N VAL E 71 11.54 21.41 30.65
CA VAL E 71 10.60 21.08 29.59
C VAL E 71 11.04 19.87 28.77
N LEU E 72 12.34 19.74 28.52
CA LEU E 72 12.85 18.60 27.74
C LEU E 72 12.49 17.28 28.41
N ARG E 73 12.76 17.18 29.69
CA ARG E 73 12.44 15.95 30.34
C ARG E 73 10.93 15.74 30.31
N ASP E 74 10.17 16.80 30.49
CA ASP E 74 8.72 16.68 30.52
C ASP E 74 8.18 15.91 29.31
N MET E 75 8.74 16.19 28.13
CA MET E 75 8.30 15.50 26.90
C MET E 75 8.84 14.09 26.92
N GLY E 76 9.47 13.74 28.03
CA GLY E 76 10.07 12.43 28.21
C GLY E 76 11.57 12.60 28.38
N LEU E 77 12.23 11.61 28.99
CA LEU E 77 13.66 11.72 29.20
C LEU E 77 14.40 11.53 27.89
N GLN E 78 15.17 12.53 27.51
CA GLN E 78 15.92 12.47 26.27
C GLN E 78 17.41 12.49 26.58
N GLU E 79 18.19 11.91 25.70
CA GLU E 79 19.62 11.92 25.91
C GLU E 79 20.09 13.36 25.92
N LEU E 80 19.35 14.20 25.19
CA LEU E 80 19.66 15.62 25.11
C LEU E 80 19.66 16.28 26.48
N ALA E 81 18.63 16.01 27.27
CA ALA E 81 18.54 16.60 28.59
C ALA E 81 19.84 16.35 29.36
N GLU E 82 20.31 15.12 29.31
CA GLU E 82 21.55 14.78 30.00
C GLU E 82 22.73 15.46 29.32
N GLN E 83 22.78 15.39 27.99
CA GLN E 83 23.89 16.00 27.26
C GLN E 83 23.99 17.47 27.55
N LEU E 84 22.85 18.15 27.56
CA LEU E 84 22.83 19.57 27.82
C LEU E 84 23.26 19.87 29.25
N GLN E 85 22.83 19.04 30.20
CA GLN E 85 23.18 19.26 31.59
C GLN E 85 24.70 19.31 31.77
N THR E 86 25.41 18.49 31.01
CA THR E 86 26.86 18.46 31.11
C THR E 86 27.42 19.87 30.90
N THR E 87 26.75 20.64 30.07
CA THR E 87 27.18 22.01 29.79
C THR E 87 27.11 22.87 31.06
N LYS E 88 26.14 22.57 31.93
CA LYS E 88 25.99 23.34 33.16
C LYS E 88 27.30 23.37 33.95
N GLU E 89 27.94 22.21 34.07
CA GLU E 89 29.21 22.13 34.78
C GLU E 89 30.30 22.84 33.99
N GLY F 1 26.87 -22.76 12.34
CA GLY F 1 25.97 -23.64 13.07
C GLY F 1 25.87 -25.01 12.40
N ARG F 2 26.99 -25.68 12.28
CA ARG F 2 27.01 -27.00 11.65
C ARG F 2 25.99 -27.92 12.30
N ALA F 3 25.77 -27.72 13.61
CA ALA F 3 24.82 -28.55 14.34
C ALA F 3 23.41 -28.40 13.76
N ARG F 4 23.02 -27.17 13.47
CA ARG F 4 21.71 -26.91 12.91
C ARG F 4 21.49 -27.73 11.64
N ASP F 5 22.50 -27.72 10.78
CA ASP F 5 22.43 -28.44 9.51
C ASP F 5 22.34 -29.95 9.71
N ALA F 6 23.01 -30.47 10.74
CA ALA F 6 22.99 -31.90 10.99
C ALA F 6 21.58 -32.40 11.32
N ILE F 7 20.91 -31.70 12.22
CA ILE F 7 19.56 -32.09 12.61
C ILE F 7 18.66 -32.18 11.38
N LEU F 8 18.74 -31.15 10.54
CA LEU F 8 17.92 -31.09 9.36
C LEU F 8 18.00 -32.37 8.53
N ASP F 9 19.21 -32.80 8.21
CA ASP F 9 19.39 -33.98 7.37
C ASP F 9 18.69 -35.23 7.95
N ALA F 10 18.82 -35.44 9.25
CA ALA F 10 18.20 -36.62 9.86
C ALA F 10 16.68 -36.49 9.98
N LEU F 11 16.21 -35.41 10.56
CA LEU F 11 14.77 -35.21 10.77
C LEU F 11 13.98 -35.48 9.49
N GLU F 12 14.53 -35.06 8.35
CA GLU F 12 13.86 -35.23 7.05
C GLU F 12 13.69 -36.71 6.66
N ASN F 13 14.41 -37.61 7.34
CA ASN F 13 14.33 -39.04 7.01
C ASN F 13 13.14 -39.73 7.69
N LEU F 14 12.26 -38.96 8.33
CA LEU F 14 11.09 -39.54 8.98
C LEU F 14 9.89 -39.55 8.05
N SER F 15 9.06 -40.58 8.15
CA SER F 15 7.88 -40.67 7.32
C SER F 15 6.84 -39.63 7.75
N GLY F 16 5.91 -39.34 6.86
CA GLY F 16 4.88 -38.33 7.12
C GLY F 16 4.11 -38.56 8.43
N ASP F 17 3.69 -39.79 8.68
CA ASP F 17 2.90 -40.07 9.89
C ASP F 17 3.71 -39.87 11.18
N GLU F 18 4.90 -40.43 11.24
CA GLU F 18 5.72 -40.32 12.44
C GLU F 18 5.97 -38.86 12.77
N LEU F 19 6.10 -38.05 11.74
CA LEU F 19 6.33 -36.63 11.92
C LEU F 19 5.27 -36.04 12.84
N LYS F 20 4.01 -36.35 12.57
CA LYS F 20 2.93 -35.82 13.38
C LYS F 20 3.13 -36.27 14.82
N LYS F 21 3.54 -37.52 14.98
CA LYS F 21 3.75 -38.06 16.31
C LYS F 21 4.85 -37.32 17.04
N PHE F 22 5.91 -37.02 16.32
CA PHE F 22 7.04 -36.31 16.91
C PHE F 22 6.64 -34.91 17.36
N LYS F 23 6.09 -34.12 16.43
CA LYS F 23 5.70 -32.75 16.74
C LYS F 23 4.74 -32.71 17.93
N MET F 24 3.72 -33.55 17.87
CA MET F 24 2.72 -33.59 18.94
C MET F 24 3.34 -33.98 20.27
N LYS F 25 4.20 -34.98 20.27
CA LYS F 25 4.81 -35.42 21.53
C LYS F 25 5.69 -34.33 22.13
N LEU F 26 6.32 -33.55 21.26
CA LEU F 26 7.20 -32.48 21.70
C LEU F 26 6.48 -31.52 22.63
N LEU F 27 5.21 -31.29 22.34
CA LEU F 27 4.41 -30.38 23.16
C LEU F 27 4.25 -30.91 24.58
N THR F 28 4.27 -32.23 24.74
CA THR F 28 4.08 -32.84 26.07
C THR F 28 5.39 -33.23 26.74
N VAL F 29 6.52 -32.90 26.13
CA VAL F 29 7.81 -33.27 26.72
C VAL F 29 8.24 -32.28 27.79
N GLN F 30 8.93 -32.78 28.82
CA GLN F 30 9.40 -31.93 29.90
C GLN F 30 10.78 -31.36 29.56
N LEU F 31 10.93 -30.06 29.81
CA LEU F 31 12.19 -29.37 29.52
C LEU F 31 12.74 -28.67 30.75
N ARG F 32 14.05 -28.43 30.74
CA ARG F 32 14.70 -27.75 31.86
C ARG F 32 14.13 -26.33 32.02
N GLU F 33 14.09 -25.85 33.25
CA GLU F 33 13.57 -24.51 33.54
C GLU F 33 14.45 -23.42 32.97
N GLY F 34 13.84 -22.29 32.61
CA GLY F 34 14.56 -21.15 32.04
C GLY F 34 14.32 -21.05 30.54
N TYR F 35 13.50 -21.95 30.01
CA TYR F 35 13.19 -21.96 28.58
C TYR F 35 11.69 -21.85 28.36
N GLY F 36 11.30 -21.39 27.19
CA GLY F 36 9.89 -21.24 26.86
C GLY F 36 9.33 -22.47 26.13
N ARG F 37 8.05 -22.41 25.87
CA ARG F 37 7.33 -23.48 25.17
C ARG F 37 6.84 -22.96 23.84
N ILE F 38 6.85 -23.80 22.81
CA ILE F 38 6.45 -23.33 21.49
C ILE F 38 4.92 -23.33 21.36
N PRO F 39 4.35 -22.26 20.82
CA PRO F 39 2.87 -22.12 20.68
C PRO F 39 2.26 -23.25 19.86
N ARG F 40 1.15 -23.77 20.36
CA ARG F 40 0.47 -24.88 19.69
C ARG F 40 0.04 -24.55 18.27
N GLY F 41 -0.58 -23.38 18.09
CA GLY F 41 -1.09 -22.98 16.78
C GLY F 41 -0.04 -23.04 15.67
N ALA F 42 1.14 -22.52 15.93
CA ALA F 42 2.19 -22.50 14.91
C ALA F 42 2.69 -23.90 14.57
N LEU F 43 2.95 -24.70 15.59
CA LEU F 43 3.48 -26.05 15.39
C LEU F 43 2.59 -26.91 14.49
N LEU F 44 1.27 -26.80 14.65
CA LEU F 44 0.35 -27.63 13.88
C LEU F 44 0.47 -27.44 12.36
N GLN F 45 0.79 -26.22 11.90
CA GLN F 45 0.88 -25.97 10.45
C GLN F 45 2.31 -25.86 9.93
N MET F 46 3.31 -26.06 10.78
CA MET F 46 4.70 -25.92 10.36
C MET F 46 5.19 -27.06 9.47
N ASP F 47 6.28 -26.78 8.74
CA ASP F 47 6.91 -27.75 7.84
C ASP F 47 8.16 -28.31 8.49
N ALA F 48 8.67 -29.41 7.94
CA ALA F 48 9.87 -30.04 8.48
C ALA F 48 11.08 -29.10 8.44
N ILE F 49 11.30 -28.42 7.31
CA ILE F 49 12.45 -27.52 7.21
C ILE F 49 12.30 -26.36 8.19
N ASP F 50 11.12 -25.74 8.19
CA ASP F 50 10.86 -24.60 9.07
C ASP F 50 11.08 -24.98 10.53
N LEU F 51 10.58 -26.15 10.89
CA LEU F 51 10.70 -26.65 12.25
C LEU F 51 12.16 -26.69 12.67
N THR F 52 13.03 -26.99 11.72
CA THR F 52 14.46 -27.06 12.00
C THR F 52 15.00 -25.74 12.51
N ASP F 53 14.72 -24.67 11.76
CA ASP F 53 15.21 -23.36 12.14
C ASP F 53 14.65 -22.89 13.48
N LYS F 54 13.35 -23.00 13.64
CA LYS F 54 12.71 -22.56 14.88
C LYS F 54 13.15 -23.40 16.07
N LEU F 55 13.27 -24.71 15.87
CA LEU F 55 13.67 -25.59 16.97
C LEU F 55 14.96 -25.10 17.61
N VAL F 56 15.94 -24.76 16.80
CA VAL F 56 17.20 -24.27 17.33
C VAL F 56 17.04 -22.86 17.91
N SER F 57 16.18 -22.06 17.30
CA SER F 57 15.97 -20.68 17.73
C SER F 57 15.64 -20.58 19.22
N TYR F 58 14.79 -21.46 19.70
CA TYR F 58 14.39 -21.42 21.12
C TYR F 58 15.45 -22.01 22.05
N TYR F 59 16.10 -23.08 21.62
CA TYR F 59 17.10 -23.73 22.47
C TYR F 59 18.49 -23.60 21.86
N LEU F 60 19.49 -23.45 22.72
CA LEU F 60 20.85 -23.32 22.23
C LEU F 60 21.25 -24.58 21.49
N GLU F 61 22.25 -24.47 20.62
CA GLU F 61 22.68 -25.61 19.82
C GLU F 61 23.06 -26.79 20.70
N SER F 62 23.94 -26.57 21.68
CA SER F 62 24.39 -27.65 22.54
C SER F 62 23.21 -28.34 23.24
N TYR F 63 22.46 -27.57 24.02
CA TYR F 63 21.32 -28.12 24.73
C TYR F 63 20.21 -28.52 23.78
N GLY F 64 20.02 -27.72 22.73
CA GLY F 64 18.98 -28.00 21.76
C GLY F 64 19.21 -29.34 21.05
N LEU F 65 20.46 -29.62 20.72
CA LEU F 65 20.80 -30.85 20.02
C LEU F 65 20.51 -32.08 20.90
N GLU F 66 20.87 -31.99 22.17
CA GLU F 66 20.63 -33.11 23.10
C GLU F 66 19.14 -33.36 23.31
N LEU F 67 18.37 -32.28 23.41
CA LEU F 67 16.93 -32.39 23.64
C LEU F 67 16.25 -33.22 22.55
N THR F 68 16.72 -33.07 21.32
CA THR F 68 16.13 -33.80 20.22
C THR F 68 16.21 -35.31 20.45
N MET F 69 17.40 -35.78 20.78
CA MET F 69 17.59 -37.22 20.97
C MET F 69 16.68 -37.76 22.04
N THR F 70 16.50 -37.00 23.09
CA THR F 70 15.65 -37.45 24.18
C THR F 70 14.27 -37.84 23.67
N VAL F 71 13.73 -37.04 22.73
CA VAL F 71 12.42 -37.30 22.18
C VAL F 71 12.45 -38.44 21.15
N LEU F 72 13.52 -38.52 20.35
CA LEU F 72 13.62 -39.58 19.35
C LEU F 72 13.59 -40.96 20.00
N ARG F 73 14.38 -41.15 21.03
CA ARG F 73 14.36 -42.43 21.66
C ARG F 73 12.99 -42.68 22.26
N ASP F 74 12.39 -41.65 22.83
CA ASP F 74 11.09 -41.81 23.49
C ASP F 74 10.08 -42.51 22.57
N MET F 75 10.06 -42.13 21.29
CA MET F 75 9.14 -42.73 20.32
C MET F 75 9.62 -44.13 19.99
N GLY F 76 10.67 -44.54 20.70
CA GLY F 76 11.27 -45.85 20.49
C GLY F 76 12.71 -45.65 20.01
N LEU F 77 13.55 -46.65 20.20
CA LEU F 77 14.94 -46.53 19.78
C LEU F 77 15.03 -46.60 18.26
N GLN F 78 15.57 -45.56 17.67
CA GLN F 78 15.71 -45.51 16.23
C GLN F 78 17.18 -45.47 15.86
N GLU F 79 17.51 -45.96 14.69
CA GLU F 79 18.89 -45.94 14.26
C GLU F 79 19.32 -44.48 14.18
N LEU F 80 18.34 -43.61 13.91
CA LEU F 80 18.59 -42.18 13.81
C LEU F 80 19.20 -41.63 15.09
N ALA F 81 18.61 -41.98 16.22
CA ALA F 81 19.12 -41.50 17.50
C ALA F 81 20.61 -41.76 17.60
N GLU F 82 21.01 -42.97 17.26
CA GLU F 82 22.41 -43.32 17.32
C GLU F 82 23.19 -42.56 16.24
N GLN F 83 22.66 -42.54 15.03
CA GLN F 83 23.33 -41.86 13.93
C GLN F 83 23.57 -40.39 14.27
N LEU F 84 22.55 -39.76 14.83
CA LEU F 84 22.66 -38.35 15.18
C LEU F 84 23.68 -38.15 16.30
N GLN F 85 23.69 -39.06 17.27
CA GLN F 85 24.61 -38.94 18.39
C GLN F 85 26.06 -38.85 17.90
N THR F 86 26.36 -39.60 16.85
CA THR F 86 27.71 -39.60 16.30
C THR F 86 28.13 -38.17 15.98
N THR F 87 27.17 -37.35 15.59
CA THR F 87 27.46 -35.96 15.26
C THR F 87 27.96 -35.19 16.49
N LYS F 88 27.46 -35.57 17.66
CA LYS F 88 27.85 -34.90 18.90
C LYS F 88 29.38 -34.90 19.05
N GLU F 89 29.99 -36.05 18.78
CA GLU F 89 31.45 -36.15 18.86
C GLU F 89 32.10 -35.35 17.73
N GLY G 1 27.51 -7.53 -16.90
CA GLY G 1 27.50 -8.58 -15.89
C GLY G 1 26.84 -9.84 -16.42
N ARG G 2 27.39 -10.40 -17.49
CA ARG G 2 26.84 -11.62 -18.07
C ARG G 2 26.69 -12.71 -17.01
N ALA G 3 27.59 -12.70 -16.04
CA ALA G 3 27.55 -13.70 -14.98
C ALA G 3 26.25 -13.61 -14.20
N ARG G 4 25.84 -12.39 -13.87
CA ARG G 4 24.62 -12.18 -13.12
C ARG G 4 23.43 -12.83 -13.83
N ASP G 5 23.37 -12.62 -15.15
CA ASP G 5 22.28 -13.16 -15.95
C ASP G 5 22.31 -14.69 -15.99
N ALA G 6 23.51 -15.28 -15.99
CA ALA G 6 23.62 -16.74 -16.05
C ALA G 6 23.00 -17.40 -14.81
N ILE G 7 23.34 -16.89 -13.64
CA ILE G 7 22.81 -17.45 -12.41
C ILE G 7 21.28 -17.46 -12.44
N LEU G 8 20.73 -16.33 -12.83
CA LEU G 8 19.29 -16.18 -12.89
C LEU G 8 18.61 -17.32 -13.65
N ASP G 9 19.08 -17.60 -14.85
CA ASP G 9 18.47 -18.63 -15.67
C ASP G 9 18.42 -20.00 -14.97
N ALA G 10 19.52 -20.37 -14.34
CA ALA G 10 19.57 -21.67 -13.67
C ALA G 10 18.76 -21.71 -12.37
N LEU G 11 18.98 -20.76 -11.49
CA LEU G 11 18.29 -20.73 -10.21
C LEU G 11 16.78 -20.90 -10.38
N GLU G 12 16.23 -20.27 -11.42
CA GLU G 12 14.79 -20.33 -11.69
C GLU G 12 14.30 -21.75 -12.03
N ASN G 13 15.22 -22.67 -12.32
CA ASN G 13 14.85 -24.05 -12.67
C ASN G 13 14.62 -24.92 -11.44
N LEU G 14 14.63 -24.33 -10.25
CA LEU G 14 14.42 -25.09 -9.03
C LEU G 14 12.95 -25.09 -8.64
N SER G 15 12.47 -26.20 -8.08
CA SER G 15 11.08 -26.29 -7.66
C SER G 15 10.85 -25.42 -6.42
N GLY G 16 9.59 -25.09 -6.16
CA GLY G 16 9.24 -24.23 -5.04
C GLY G 16 9.79 -24.70 -3.70
N ASP G 17 9.67 -25.99 -3.40
CA ASP G 17 10.13 -26.50 -2.11
C ASP G 17 11.66 -26.39 -1.94
N GLU G 18 12.41 -26.85 -2.94
CA GLU G 18 13.86 -26.82 -2.86
C GLU G 18 14.35 -25.40 -2.63
N LEU G 19 13.64 -24.45 -3.22
CA LEU G 19 14.01 -23.06 -3.07
C LEU G 19 14.12 -22.69 -1.59
N LYS G 20 13.13 -23.09 -0.81
CA LYS G 20 13.15 -22.77 0.60
C LYS G 20 14.38 -23.39 1.23
N LYS G 21 14.70 -24.60 0.81
CA LYS G 21 15.85 -25.29 1.35
C LYS G 21 17.14 -24.56 1.03
N PHE G 22 17.22 -24.07 -0.20
CA PHE G 22 18.41 -23.35 -0.62
C PHE G 22 18.59 -22.06 0.17
N LYS G 23 17.56 -21.21 0.18
CA LYS G 23 17.65 -19.93 0.89
C LYS G 23 18.00 -20.14 2.35
N MET G 24 17.30 -21.05 3.00
CA MET G 24 17.53 -21.34 4.42
C MET G 24 18.94 -21.84 4.66
N LYS G 25 19.42 -22.75 3.82
CA LYS G 25 20.76 -23.29 4.02
C LYS G 25 21.83 -22.22 3.84
N LEU G 26 21.56 -21.27 2.96
CA LEU G 26 22.50 -20.19 2.68
C LEU G 26 22.85 -19.43 3.96
N LEU G 27 21.87 -19.28 4.83
CA LEU G 27 22.06 -18.58 6.08
C LEU G 27 23.08 -19.29 6.98
N THR G 28 23.15 -20.62 6.86
CA THR G 28 24.05 -21.42 7.70
C THR G 28 25.37 -21.78 7.00
N VAL G 29 25.58 -21.27 5.80
CA VAL G 29 26.81 -21.59 5.07
C VAL G 29 27.97 -20.71 5.52
N GLN G 30 29.18 -21.28 5.51
CA GLN G 30 30.36 -20.54 5.91
C GLN G 30 30.97 -19.81 4.72
N LEU G 31 31.32 -18.55 4.93
CA LEU G 31 31.89 -17.71 3.88
C LEU G 31 33.23 -17.13 4.29
N ARG G 32 34.04 -16.78 3.29
CA ARG G 32 35.35 -16.20 3.55
C ARG G 32 35.20 -14.88 4.31
N GLU G 33 36.19 -14.56 5.14
CA GLU G 33 36.16 -13.33 5.94
C GLU G 33 36.30 -12.09 5.06
N GLY G 34 35.69 -10.98 5.52
CA GLY G 34 35.74 -9.72 4.78
C GLY G 34 34.41 -9.43 4.08
N TYR G 35 33.45 -10.33 4.28
CA TYR G 35 32.13 -10.18 3.67
C TYR G 35 31.05 -10.19 4.75
N GLY G 36 29.90 -9.61 4.42
CA GLY G 36 28.80 -9.55 5.37
C GLY G 36 27.83 -10.71 5.19
N ARG G 37 26.83 -10.74 6.06
CA ARG G 37 25.79 -11.76 6.05
C ARG G 37 24.46 -11.11 5.72
N ILE G 38 23.61 -11.80 4.97
CA ILE G 38 22.34 -11.21 4.57
C ILE G 38 21.31 -11.33 5.70
N PRO G 39 20.59 -10.25 6.00
CA PRO G 39 19.58 -10.23 7.11
C PRO G 39 18.51 -11.29 6.92
N ARG G 40 18.20 -11.99 8.01
CA ARG G 40 17.21 -13.05 7.98
C ARG G 40 15.83 -12.56 7.53
N GLY G 41 15.38 -11.45 8.10
CA GLY G 41 14.05 -10.92 7.78
C GLY G 41 13.80 -10.73 6.28
N ALA G 42 14.76 -10.15 5.58
CA ALA G 42 14.59 -9.89 4.16
C ALA G 42 14.54 -11.19 3.33
N LEU G 43 15.47 -12.08 3.62
CA LEU G 43 15.57 -13.34 2.87
C LEU G 43 14.27 -14.15 2.91
N LEU G 44 13.60 -14.19 4.05
CA LEU G 44 12.39 -14.99 4.19
C LEU G 44 11.26 -14.58 3.24
N GLN G 45 11.15 -13.30 2.89
CA GLN G 45 10.07 -12.85 2.00
C GLN G 45 10.53 -12.53 0.57
N MET G 46 11.81 -12.76 0.27
CA MET G 46 12.33 -12.43 -1.07
C MET G 46 11.85 -13.39 -2.15
N ASP G 47 11.95 -12.91 -3.40
CA ASP G 47 11.58 -13.69 -4.58
C ASP G 47 12.82 -14.22 -5.28
N ALA G 48 12.64 -15.19 -6.17
CA ALA G 48 13.76 -15.77 -6.90
C ALA G 48 14.51 -14.72 -7.74
N ILE G 49 13.78 -13.88 -8.46
CA ILE G 49 14.45 -12.87 -9.29
C ILE G 49 15.20 -11.87 -8.41
N ASP G 50 14.51 -11.37 -7.38
CA ASP G 50 15.11 -10.39 -6.48
C ASP G 50 16.38 -10.94 -5.85
N LEU G 51 16.30 -12.19 -5.43
CA LEU G 51 17.43 -12.85 -4.79
C LEU G 51 18.64 -12.82 -5.70
N THR G 52 18.40 -12.89 -6.99
CA THR G 52 19.48 -12.88 -7.96
C THR G 52 20.28 -11.58 -7.88
N ASP G 53 19.58 -10.47 -7.94
CA ASP G 53 20.25 -9.17 -7.91
C ASP G 53 20.99 -8.95 -6.59
N LYS G 54 20.32 -9.19 -5.48
CA LYS G 54 20.94 -8.98 -4.19
C LYS G 54 22.10 -9.93 -3.95
N LEU G 55 21.96 -11.18 -4.38
CA LEU G 55 23.03 -12.16 -4.17
C LEU G 55 24.34 -11.64 -4.73
N VAL G 56 24.31 -11.11 -5.92
CA VAL G 56 25.53 -10.58 -6.53
C VAL G 56 25.96 -9.28 -5.85
N SER G 57 24.99 -8.50 -5.40
CA SER G 57 25.28 -7.20 -4.77
C SER G 57 26.26 -7.34 -3.60
N TYR G 58 26.08 -8.36 -2.78
CA TYR G 58 26.96 -8.53 -1.61
C TYR G 58 28.31 -9.14 -1.99
N TYR G 59 28.32 -10.09 -2.93
CA TYR G 59 29.56 -10.75 -3.31
C TYR G 59 29.93 -10.41 -4.75
N LEU G 60 31.22 -10.28 -5.01
CA LEU G 60 31.68 -9.96 -6.35
C LEU G 60 31.26 -11.08 -7.31
N GLU G 61 31.19 -10.75 -8.59
CA GLU G 61 30.76 -11.73 -9.58
C GLU G 61 31.62 -12.99 -9.55
N SER G 62 32.94 -12.81 -9.62
CA SER G 62 33.84 -13.95 -9.63
C SER G 62 33.65 -14.83 -8.39
N TYR G 63 33.85 -14.25 -7.22
CA TYR G 63 33.70 -14.99 -5.97
C TYR G 63 32.24 -15.36 -5.73
N GLY G 64 31.34 -14.45 -6.08
CA GLY G 64 29.92 -14.70 -5.88
C GLY G 64 29.43 -15.89 -6.68
N LEU G 65 29.92 -16.01 -7.92
CA LEU G 65 29.52 -17.10 -8.79
C LEU G 65 29.97 -18.46 -8.23
N GLU G 66 31.20 -18.52 -7.74
CA GLU G 66 31.72 -19.77 -7.18
C GLU G 66 30.98 -20.17 -5.91
N LEU G 67 30.64 -19.20 -5.09
CA LEU G 67 29.95 -19.46 -3.82
C LEU G 67 28.64 -20.20 -4.06
N THR G 68 27.95 -19.85 -5.14
CA THR G 68 26.68 -20.48 -5.44
C THR G 68 26.83 -21.99 -5.59
N MET G 69 27.78 -22.39 -6.42
CA MET G 69 28.00 -23.81 -6.69
C MET G 69 28.25 -24.57 -5.40
N THR G 70 29.02 -23.98 -4.52
CA THR G 70 29.34 -24.64 -3.28
C THR G 70 28.08 -25.08 -2.54
N VAL G 71 27.06 -24.22 -2.55
CA VAL G 71 25.80 -24.54 -1.89
C VAL G 71 24.95 -25.51 -2.70
N LEU G 72 24.96 -25.39 -4.02
CA LEU G 72 24.17 -26.29 -4.87
C LEU G 72 24.60 -27.74 -4.67
N ARG G 73 25.88 -28.00 -4.72
CA ARG G 73 26.31 -29.35 -4.52
C ARG G 73 25.94 -29.80 -3.13
N ASP G 74 26.08 -28.91 -2.15
CA ASP G 74 25.81 -29.29 -0.75
C ASP G 74 24.42 -29.94 -0.61
N MET G 75 23.42 -29.39 -1.31
CA MET G 75 22.07 -29.94 -1.24
C MET G 75 22.02 -31.23 -2.04
N GLY G 76 23.19 -31.65 -2.51
CA GLY G 76 23.33 -32.85 -3.31
C GLY G 76 23.83 -32.46 -4.69
N LEU G 77 24.45 -33.39 -5.41
CA LEU G 77 24.96 -33.09 -6.73
C LEU G 77 23.81 -32.95 -7.71
N GLN G 78 23.72 -31.78 -8.33
CA GLN G 78 22.66 -31.53 -9.29
C GLN G 78 23.27 -31.31 -10.66
N GLU G 79 22.51 -31.60 -11.69
CA GLU G 79 23.00 -31.39 -13.03
C GLU G 79 23.28 -29.90 -13.19
N LEU G 80 22.52 -29.10 -12.45
CA LEU G 80 22.66 -27.65 -12.49
C LEU G 80 24.07 -27.23 -12.12
N ALA G 81 24.60 -27.78 -11.04
CA ALA G 81 25.94 -27.43 -10.60
C ALA G 81 26.91 -27.56 -11.76
N GLU G 82 26.83 -28.68 -12.47
CA GLU G 82 27.71 -28.90 -13.60
C GLU G 82 27.37 -27.94 -14.73
N GLN G 83 26.08 -27.79 -15.03
CA GLN G 83 25.66 -26.91 -16.11
C GLN G 83 26.14 -25.50 -15.86
N LEU G 84 26.00 -25.04 -14.64
CA LEU G 84 26.42 -23.69 -14.29
C LEU G 84 27.93 -23.54 -14.39
N GLN G 85 28.66 -24.57 -13.97
CA GLN G 85 30.12 -24.51 -14.01
C GLN G 85 30.60 -24.24 -15.43
N THR G 86 29.92 -24.80 -16.42
CA THR G 86 30.31 -24.60 -17.81
C THR G 86 30.38 -23.10 -18.11
N THR G 87 29.52 -22.33 -17.46
CA THR G 87 29.51 -20.88 -17.66
C THR G 87 30.82 -20.26 -17.21
N LYS G 88 31.44 -20.83 -16.18
CA LYS G 88 32.70 -20.30 -15.65
C LYS G 88 33.74 -20.18 -16.77
N GLU G 89 33.84 -21.22 -17.58
CA GLU G 89 34.79 -21.20 -18.70
C GLU G 89 34.33 -20.20 -19.75
N GLY H 1 5.53 11.42 -32.57
CA GLY H 1 6.27 10.25 -32.11
C GLY H 1 5.38 9.01 -32.10
N ARG H 2 4.86 8.66 -33.26
CA ARG H 2 3.99 7.48 -33.36
C ARG H 2 4.68 6.26 -32.78
N ALA H 3 6.00 6.22 -32.91
CA ALA H 3 6.77 5.09 -32.40
C ALA H 3 6.60 4.96 -30.88
N ARG H 4 6.67 6.07 -30.18
CA ARG H 4 6.52 6.07 -28.74
C ARG H 4 5.20 5.42 -28.34
N ASP H 5 4.14 5.80 -29.04
CA ASP H 5 2.81 5.26 -28.75
C ASP H 5 2.72 3.76 -29.03
N ALA H 6 3.42 3.29 -30.05
CA ALA H 6 3.38 1.88 -30.40
C ALA H 6 3.94 1.00 -29.27
N ILE H 7 5.11 1.38 -28.76
CA ILE H 7 5.72 0.62 -27.69
C ILE H 7 4.77 0.48 -26.51
N LEU H 8 4.17 1.59 -26.14
CA LEU H 8 3.25 1.62 -25.01
C LEU H 8 2.19 0.52 -25.11
N ASP H 9 1.51 0.46 -26.24
CA ASP H 9 0.43 -0.52 -26.40
C ASP H 9 0.89 -1.96 -26.17
N ALA H 10 2.05 -2.32 -26.70
CA ALA H 10 2.55 -3.69 -26.54
C ALA H 10 3.07 -3.96 -25.13
N LEU H 11 3.96 -3.12 -24.64
CA LEU H 11 4.55 -3.32 -23.32
C LEU H 11 3.48 -3.60 -22.26
N GLU H 12 2.35 -2.90 -22.35
CA GLU H 12 1.26 -3.05 -21.40
C GLU H 12 0.62 -4.46 -21.42
N ASN H 13 0.91 -5.23 -22.48
CA ASN H 13 0.33 -6.58 -22.59
C ASN H 13 1.12 -7.64 -21.81
N LEU H 14 2.10 -7.19 -21.02
CA LEU H 14 2.90 -8.13 -20.23
C LEU H 14 2.31 -8.32 -18.84
N SER H 15 2.41 -9.53 -18.30
CA SER H 15 1.89 -9.79 -16.97
C SER H 15 2.77 -9.12 -15.92
N GLY H 16 2.22 -8.95 -14.72
CA GLY H 16 2.93 -8.28 -13.64
C GLY H 16 4.30 -8.87 -13.34
N ASP H 17 4.41 -10.19 -13.26
CA ASP H 17 5.68 -10.82 -12.94
C ASP H 17 6.75 -10.60 -14.02
N GLU H 18 6.39 -10.85 -15.27
CA GLU H 18 7.35 -10.70 -16.36
C GLU H 18 7.90 -9.28 -16.39
N LEU H 19 7.05 -8.33 -16.04
CA LEU H 19 7.45 -6.94 -16.03
C LEU H 19 8.71 -6.77 -15.18
N LYS H 20 8.71 -7.35 -14.00
CA LYS H 20 9.85 -7.21 -13.12
C LYS H 20 11.06 -7.80 -13.80
N LYS H 21 10.88 -8.91 -14.48
CA LYS H 21 11.97 -9.56 -15.18
C LYS H 21 12.53 -8.68 -16.27
N PHE H 22 11.65 -8.02 -16.99
CA PHE H 22 12.07 -7.14 -18.07
C PHE H 22 12.87 -5.96 -17.55
N LYS H 23 12.28 -5.22 -16.60
CA LYS H 23 12.96 -4.05 -16.05
C LYS H 23 14.32 -4.41 -15.48
N MET H 24 14.36 -5.46 -14.68
CA MET H 24 15.61 -5.89 -14.06
C MET H 24 16.64 -6.31 -15.10
N LYS H 25 16.23 -7.05 -16.11
CA LYS H 25 17.17 -7.49 -17.14
C LYS H 25 17.75 -6.31 -17.91
N LEU H 26 16.92 -5.27 -18.09
CA LEU H 26 17.33 -4.09 -18.83
C LEU H 26 18.59 -3.48 -18.23
N LEU H 27 18.68 -3.53 -16.91
CA LEU H 27 19.83 -2.98 -16.21
C LEU H 27 21.12 -3.72 -16.58
N THR H 28 21.00 -5.00 -16.91
CA THR H 28 22.18 -5.81 -17.24
C THR H 28 22.42 -5.96 -18.74
N VAL H 29 21.63 -5.28 -19.55
CA VAL H 29 21.78 -5.39 -21.01
C VAL H 29 22.89 -4.48 -21.52
N GLN H 30 23.58 -4.93 -22.55
CA GLN H 30 24.67 -4.15 -23.14
C GLN H 30 24.13 -3.21 -24.22
N LEU H 31 24.58 -1.95 -24.17
CA LEU H 31 24.13 -0.94 -25.12
C LEU H 31 25.30 -0.30 -25.85
N ARG H 32 25.02 0.25 -27.02
CA ARG H 32 26.05 0.91 -27.81
C ARG H 32 26.63 2.11 -27.04
N GLU H 33 27.91 2.39 -27.27
CA GLU H 33 28.58 3.50 -26.58
C GLU H 33 28.03 4.86 -27.03
N GLY H 34 28.07 5.83 -26.11
CA GLY H 34 27.57 7.18 -26.41
C GLY H 34 26.23 7.43 -25.73
N TYR H 35 25.75 6.43 -24.99
CA TYR H 35 24.48 6.54 -24.29
C TYR H 35 24.67 6.29 -22.79
N GLY H 36 23.74 6.81 -22.01
CA GLY H 36 23.81 6.64 -20.56
C GLY H 36 23.02 5.43 -20.08
N ARG H 37 23.10 5.19 -18.78
CA ARG H 37 22.41 4.09 -18.12
C ARG H 37 21.35 4.65 -17.18
N ILE H 38 20.22 3.99 -17.06
CA ILE H 38 19.16 4.51 -16.21
C ILE H 38 19.41 4.15 -14.74
N PRO H 39 19.27 5.11 -13.84
CA PRO H 39 19.52 4.89 -12.38
C PRO H 39 18.68 3.77 -11.80
N ARG H 40 19.31 2.93 -11.01
CA ARG H 40 18.63 1.78 -10.42
C ARG H 40 17.45 2.20 -9.53
N GLY H 41 17.69 3.18 -8.66
CA GLY H 41 16.65 3.62 -7.72
C GLY H 41 15.32 3.98 -8.40
N ALA H 42 15.38 4.74 -9.48
CA ALA H 42 14.16 5.16 -10.16
C ALA H 42 13.43 3.99 -10.81
N LEU H 43 14.16 3.15 -11.51
CA LEU H 43 13.58 2.02 -12.22
C LEU H 43 12.78 1.09 -11.31
N LEU H 44 13.27 0.85 -10.10
CA LEU H 44 12.60 -0.07 -9.18
C LEU H 44 11.17 0.35 -8.82
N GLN H 45 10.90 1.65 -8.74
CA GLN H 45 9.56 2.12 -8.35
C GLN H 45 8.72 2.66 -9.52
N MET H 46 9.24 2.59 -10.73
CA MET H 46 8.53 3.13 -11.90
C MET H 46 7.33 2.28 -12.32
N ASP H 47 6.44 2.93 -13.07
CA ASP H 47 5.23 2.27 -13.59
C ASP H 47 5.41 1.96 -15.08
N ALA H 48 4.55 1.11 -15.62
CA ALA H 48 4.64 0.73 -17.02
C ALA H 48 4.48 1.93 -17.95
N ILE H 49 3.50 2.80 -17.68
CA ILE H 49 3.31 3.97 -18.56
C ILE H 49 4.50 4.91 -18.46
N ASP H 50 4.92 5.21 -17.24
CA ASP H 50 6.04 6.11 -17.02
C ASP H 50 7.30 5.60 -17.71
N LEU H 51 7.52 4.30 -17.59
CA LEU H 51 8.68 3.67 -18.20
C LEU H 51 8.70 3.93 -19.69
N THR H 52 7.53 4.01 -20.29
CA THR H 52 7.43 4.24 -21.72
C THR H 52 8.05 5.59 -22.10
N ASP H 53 7.62 6.64 -21.42
CA ASP H 53 8.12 7.97 -21.72
C ASP H 53 9.62 8.08 -21.50
N LYS H 54 10.07 7.65 -20.33
CA LYS H 54 11.50 7.73 -20.01
C LYS H 54 12.35 6.87 -20.93
N LEU H 55 11.86 5.68 -21.26
CA LEU H 55 12.62 4.78 -22.13
C LEU H 55 13.02 5.49 -23.41
N VAL H 56 12.07 6.17 -24.03
CA VAL H 56 12.36 6.89 -25.26
C VAL H 56 13.22 8.12 -25.00
N SER H 57 13.02 8.74 -23.84
CA SER H 57 13.77 9.95 -23.51
C SER H 57 15.28 9.76 -23.59
N TYR H 58 15.77 8.63 -23.12
CA TYR H 58 17.21 8.39 -23.14
C TYR H 58 17.72 7.95 -24.52
N TYR H 59 16.94 7.15 -25.22
CA TYR H 59 17.36 6.66 -26.54
C TYR H 59 16.47 7.21 -27.63
N LEU H 60 17.06 7.49 -28.79
CA LEU H 60 16.29 8.03 -29.91
C LEU H 60 15.23 7.01 -30.31
N GLU H 61 14.18 7.50 -30.97
CA GLU H 61 13.09 6.62 -31.38
C GLU H 61 13.58 5.45 -32.23
N SER H 62 14.33 5.76 -33.28
CA SER H 62 14.83 4.71 -34.17
C SER H 62 15.65 3.67 -33.41
N TYR H 63 16.72 4.11 -32.78
CA TYR H 63 17.58 3.19 -32.03
C TYR H 63 16.87 2.67 -30.79
N GLY H 64 16.08 3.53 -30.16
CA GLY H 64 15.36 3.14 -28.95
C GLY H 64 14.37 2.01 -29.24
N LEU H 65 13.69 2.10 -30.37
CA LEU H 65 12.70 1.09 -30.75
C LEU H 65 13.35 -0.27 -30.97
N GLU H 66 14.49 -0.28 -31.66
CA GLU H 66 15.19 -1.54 -31.92
C GLU H 66 15.72 -2.18 -30.64
N LEU H 67 16.22 -1.35 -29.73
CA LEU H 67 16.78 -1.85 -28.48
C LEU H 67 15.74 -2.66 -27.70
N THR H 68 14.50 -2.24 -27.74
CA THR H 68 13.45 -2.93 -27.02
C THR H 68 13.34 -4.38 -27.46
N MET H 69 13.26 -4.59 -28.77
CA MET H 69 13.11 -5.94 -29.30
C MET H 69 14.24 -6.84 -28.86
N THR H 70 15.44 -6.30 -28.84
CA THR H 70 16.59 -7.09 -28.46
C THR H 70 16.37 -7.73 -27.09
N VAL H 71 15.78 -6.97 -26.16
CA VAL H 71 15.52 -7.48 -24.82
C VAL H 71 14.31 -8.42 -24.79
N LEU H 72 13.28 -8.12 -25.58
CA LEU H 72 12.09 -8.97 -25.60
C LEU H 72 12.44 -10.40 -26.03
N ARG H 73 13.17 -10.51 -27.11
CA ARG H 73 13.52 -11.84 -27.54
C ARG H 73 14.38 -12.50 -26.47
N ASP H 74 15.29 -11.74 -25.87
CA ASP H 74 16.19 -12.32 -24.87
C ASP H 74 15.43 -13.11 -23.79
N MET H 75 14.30 -12.57 -23.34
CA MET H 75 13.49 -13.25 -22.33
C MET H 75 12.78 -14.42 -22.95
N GLY H 76 13.10 -14.66 -24.22
CA GLY H 76 12.49 -15.72 -25.00
C GLY H 76 11.72 -15.11 -26.15
N LEU H 77 11.49 -15.89 -27.21
CA LEU H 77 10.77 -15.36 -28.36
C LEU H 77 9.30 -15.21 -28.02
N GLN H 78 8.81 -13.98 -28.14
CA GLN H 78 7.42 -13.70 -27.85
C GLN H 78 6.72 -13.24 -29.12
N GLU H 79 5.42 -13.48 -29.18
CA GLU H 79 4.68 -13.05 -30.34
C GLU H 79 4.79 -11.53 -30.42
N LEU H 80 4.95 -10.91 -29.26
CA LEU H 80 5.08 -9.46 -29.17
C LEU H 80 6.25 -8.96 -29.99
N ALA H 81 7.41 -9.60 -29.85
CA ALA H 81 8.59 -9.18 -30.58
C ALA H 81 8.25 -9.07 -32.07
N GLU H 82 7.59 -10.09 -32.59
CA GLU H 82 7.22 -10.09 -33.99
C GLU H 82 6.17 -9.01 -34.26
N GLN H 83 5.15 -8.96 -33.40
CA GLN H 83 4.09 -7.98 -33.58
C GLN H 83 4.64 -6.57 -33.60
N LEU H 84 5.54 -6.29 -32.68
CA LEU H 84 6.13 -4.97 -32.60
C LEU H 84 6.99 -4.67 -33.84
N GLN H 85 7.72 -5.67 -34.31
CA GLN H 85 8.58 -5.47 -35.47
C GLN H 85 7.76 -4.97 -36.67
N THR H 86 6.55 -5.47 -36.80
CA THR H 86 5.69 -5.04 -37.90
C THR H 86 5.57 -3.53 -37.93
N THR H 87 5.60 -2.92 -36.74
CA THR H 87 5.50 -1.48 -36.63
C THR H 87 6.69 -0.80 -37.30
N LYS H 88 7.86 -1.45 -37.25
CA LYS H 88 9.06 -0.87 -37.84
C LYS H 88 8.82 -0.51 -39.30
N GLU H 89 8.19 -1.41 -40.04
CA GLU H 89 7.88 -1.17 -41.44
C GLU H 89 6.82 -0.08 -41.56
N GLY I 1 -19.30 30.15 -21.67
CA GLY I 1 -18.54 29.01 -22.15
C GLY I 1 -19.14 27.70 -21.64
N ARG I 2 -20.40 27.45 -21.96
CA ARG I 2 -21.06 26.24 -21.52
C ARG I 2 -20.24 25.01 -21.91
N ALA I 3 -19.55 25.10 -23.03
CA ALA I 3 -18.72 23.99 -23.51
C ALA I 3 -17.64 23.64 -22.49
N ARG I 4 -16.99 24.66 -21.96
CA ARG I 4 -15.93 24.46 -20.98
C ARG I 4 -16.45 23.64 -19.80
N ASP I 5 -17.63 24.01 -19.32
CA ASP I 5 -18.23 23.32 -18.18
C ASP I 5 -18.58 21.87 -18.50
N ALA I 6 -18.99 21.61 -19.74
CA ALA I 6 -19.36 20.25 -20.12
C ALA I 6 -18.18 19.30 -20.03
N ILE I 7 -17.05 19.70 -20.59
CA ILE I 7 -15.85 18.87 -20.55
C ILE I 7 -15.51 18.49 -19.12
N LEU I 8 -15.53 19.47 -18.26
CA LEU I 8 -15.19 19.27 -16.86
C LEU I 8 -15.97 18.11 -16.25
N ASP I 9 -17.27 18.12 -16.39
CA ASP I 9 -18.10 17.09 -15.78
C ASP I 9 -17.71 15.68 -16.23
N ALA I 10 -17.45 15.50 -17.51
CA ALA I 10 -17.09 14.18 -18.02
C ALA I 10 -15.67 13.76 -17.64
N LEU I 11 -14.69 14.62 -17.92
CA LEU I 11 -13.31 14.29 -17.63
C LEU I 11 -13.12 13.78 -16.20
N GLU I 12 -13.85 14.38 -15.26
CA GLU I 12 -13.76 14.01 -13.84
C GLU I 12 -14.24 12.56 -13.58
N ASN I 13 -14.93 11.96 -14.53
CA ASN I 13 -15.45 10.60 -14.36
C ASN I 13 -14.40 9.52 -14.68
N LEU I 14 -13.15 9.94 -14.91
CA LEU I 14 -12.09 8.98 -15.22
C LEU I 14 -11.36 8.57 -13.96
N SER I 15 -10.92 7.31 -13.90
CA SER I 15 -10.20 6.83 -12.74
C SER I 15 -8.81 7.43 -12.70
N GLY I 16 -8.18 7.40 -11.53
CA GLY I 16 -6.85 7.98 -11.35
C GLY I 16 -5.81 7.48 -12.35
N ASP I 17 -5.76 6.18 -12.58
CA ASP I 17 -4.75 5.62 -13.50
C ASP I 17 -4.96 6.08 -14.95
N GLU I 18 -6.17 5.96 -15.45
CA GLU I 18 -6.46 6.35 -16.82
C GLU I 18 -6.07 7.79 -17.06
N LEU I 19 -6.26 8.61 -16.04
CA LEU I 19 -5.94 10.02 -16.15
C LEU I 19 -4.49 10.20 -16.60
N LYS I 20 -3.59 9.46 -15.98
CA LYS I 20 -2.18 9.58 -16.34
C LYS I 20 -2.02 9.21 -17.80
N LYS I 21 -2.74 8.18 -18.22
CA LYS I 21 -2.65 7.73 -19.60
C LYS I 21 -3.14 8.79 -20.55
N PHE I 22 -4.21 9.46 -20.19
CA PHE I 22 -4.76 10.51 -21.03
C PHE I 22 -3.80 11.68 -21.16
N LYS I 23 -3.38 12.23 -20.04
CA LYS I 23 -2.46 13.37 -20.06
C LYS I 23 -1.21 13.06 -20.85
N MET I 24 -0.60 11.93 -20.57
CA MET I 24 0.62 11.52 -21.25
C MET I 24 0.41 11.36 -22.75
N LYS I 25 -0.69 10.72 -23.14
CA LYS I 25 -0.94 10.51 -24.55
C LYS I 25 -1.16 11.83 -25.29
N LEU I 26 -1.75 12.79 -24.59
CA LEU I 26 -2.02 14.09 -25.17
C LEU I 26 -0.74 14.73 -25.72
N LEU I 27 0.35 14.52 -25.01
CA LEU I 27 1.64 15.07 -25.42
C LEU I 27 2.08 14.51 -26.77
N THR I 28 1.68 13.28 -27.07
CA THR I 28 2.10 12.62 -28.32
C THR I 28 1.04 12.70 -29.42
N VAL I 29 -0.05 13.41 -29.17
CA VAL I 29 -1.11 13.50 -30.17
C VAL I 29 -0.80 14.57 -31.21
N GLN I 30 -1.23 14.32 -32.46
CA GLN I 30 -0.99 15.28 -33.54
C GLN I 30 -2.13 16.29 -33.60
N LEU I 31 -1.76 17.56 -33.75
CA LEU I 31 -2.73 18.64 -33.80
C LEU I 31 -2.56 19.48 -35.07
N ARG I 32 -3.64 20.16 -35.45
CA ARG I 32 -3.60 21.01 -36.64
C ARG I 32 -2.58 22.13 -36.46
N GLU I 33 -1.97 22.57 -37.56
CA GLU I 33 -0.97 23.63 -37.52
C GLU I 33 -1.58 24.98 -37.14
N GLY I 34 -0.78 25.81 -36.48
CA GLY I 34 -1.25 27.15 -36.06
C GLY I 34 -1.51 27.18 -34.56
N TYR I 35 -1.27 26.06 -33.89
CA TYR I 35 -1.48 25.96 -32.46
C TYR I 35 -0.19 25.53 -31.75
N GLY I 36 -0.11 25.85 -30.47
CA GLY I 36 1.08 25.50 -29.69
C GLY I 36 0.92 24.17 -28.97
N ARG I 37 1.98 23.77 -28.29
CA ARG I 37 2.02 22.53 -27.53
C ARG I 37 2.17 22.88 -26.05
N ILE I 38 1.54 22.10 -25.18
CA ILE I 38 1.60 22.41 -23.76
C ILE I 38 2.90 21.89 -23.14
N PRO I 39 3.58 22.70 -22.34
CA PRO I 39 4.88 22.32 -21.71
C PRO I 39 4.76 21.06 -20.86
N ARG I 40 5.73 20.17 -21.02
CA ARG I 40 5.73 18.90 -20.30
C ARG I 40 5.75 19.10 -18.78
N GLY I 41 6.63 19.96 -18.30
CA GLY I 41 6.76 20.19 -16.87
C GLY I 41 5.44 20.51 -16.17
N ALA I 42 4.65 21.40 -16.73
CA ALA I 42 3.39 21.80 -16.11
C ALA I 42 2.37 20.66 -16.09
N LEU I 43 2.22 19.99 -17.22
CA LEU I 43 1.25 18.91 -17.35
C LEU I 43 1.44 17.80 -16.32
N LEU I 44 2.68 17.45 -16.03
CA LEU I 44 2.96 16.36 -15.08
C LEU I 44 2.41 16.60 -13.68
N GLN I 45 2.37 17.85 -13.22
CA GLN I 45 1.89 18.14 -11.86
C GLN I 45 0.48 18.75 -11.81
N MET I 46 -0.17 18.89 -12.97
CA MET I 46 -1.50 19.52 -13.00
C MET I 46 -2.61 18.62 -12.43
N ASP I 47 -3.72 19.28 -12.08
CA ASP I 47 -4.89 18.60 -11.54
C ASP I 47 -5.97 18.50 -12.61
N ALA I 48 -6.97 17.65 -12.38
CA ALA I 48 -8.04 17.47 -13.34
C ALA I 48 -8.81 18.77 -13.59
N ILE I 49 -9.16 19.50 -12.53
CA ILE I 49 -9.91 20.75 -12.71
C ILE I 49 -9.07 21.77 -13.46
N ASP I 50 -7.82 21.95 -13.01
CA ASP I 50 -6.91 22.91 -13.63
C ASP I 50 -6.73 22.61 -15.12
N LEU I 51 -6.57 21.34 -15.41
CA LEU I 51 -6.38 20.89 -16.79
C LEU I 51 -7.53 21.35 -17.66
N THR I 52 -8.72 21.39 -17.07
CA THR I 52 -9.90 21.81 -17.82
C THR I 52 -9.77 23.24 -18.32
N ASP I 53 -9.43 24.15 -17.42
CA ASP I 53 -9.30 25.55 -17.79
C ASP I 53 -8.20 25.77 -18.82
N LYS I 54 -7.03 25.22 -18.56
CA LYS I 54 -5.91 25.39 -19.47
C LYS I 54 -6.16 24.74 -20.83
N LEU I 55 -6.78 23.57 -20.82
CA LEU I 55 -7.04 22.87 -22.06
C LEU I 55 -7.79 23.77 -23.04
N VAL I 56 -8.82 24.44 -22.55
CA VAL I 56 -9.58 25.33 -23.40
C VAL I 56 -8.80 26.58 -23.74
N SER I 57 -7.97 27.04 -22.81
CA SER I 57 -7.19 28.25 -23.00
C SER I 57 -6.35 28.21 -24.28
N TYR I 58 -5.73 27.08 -24.56
CA TYR I 58 -4.89 26.96 -25.75
C TYR I 58 -5.70 26.77 -27.04
N TYR I 59 -6.77 26.00 -26.96
CA TYR I 59 -7.58 25.72 -28.15
C TYR I 59 -8.97 26.33 -28.01
N LEU I 60 -9.50 26.83 -29.12
CA LEU I 60 -10.83 27.42 -29.10
C LEU I 60 -11.86 26.38 -28.65
N GLU I 61 -12.99 26.85 -28.14
CA GLU I 61 -14.01 25.94 -27.66
C GLU I 61 -14.45 24.95 -28.73
N SER I 62 -14.81 25.45 -29.90
CA SER I 62 -15.27 24.59 -30.98
C SER I 62 -14.22 23.52 -31.33
N TYR I 63 -13.04 23.97 -31.75
CA TYR I 63 -11.98 23.05 -32.11
C TYR I 63 -11.46 22.30 -30.89
N GLY I 64 -11.38 22.99 -29.77
CA GLY I 64 -10.89 22.38 -28.54
C GLY I 64 -11.77 21.22 -28.10
N LEU I 65 -13.08 21.41 -28.22
CA LEU I 65 -14.03 20.37 -27.81
C LEU I 65 -13.88 19.10 -28.67
N GLU I 66 -13.73 19.28 -29.98
CA GLU I 66 -13.58 18.15 -30.88
C GLU I 66 -12.27 17.39 -30.63
N LEU I 67 -11.21 18.14 -30.36
CA LEU I 67 -9.90 17.53 -30.12
C LEU I 67 -9.94 16.53 -28.98
N THR I 68 -10.72 16.85 -27.95
CA THR I 68 -10.82 15.97 -26.79
C THR I 68 -11.30 14.59 -27.20
N MET I 69 -12.41 14.54 -27.94
CA MET I 69 -12.99 13.27 -28.34
C MET I 69 -12.00 12.42 -29.11
N THR I 70 -11.23 13.07 -29.96
CA THR I 70 -10.26 12.34 -30.76
C THR I 70 -9.35 11.50 -29.87
N VAL I 71 -8.92 12.07 -28.75
CA VAL I 71 -8.05 11.37 -27.82
C VAL I 71 -8.80 10.33 -26.98
N LEU I 72 -10.04 10.63 -26.59
CA LEU I 72 -10.82 9.70 -25.79
C LEU I 72 -11.03 8.38 -26.55
N ARG I 73 -11.44 8.47 -27.78
CA ARG I 73 -11.63 7.25 -28.51
C ARG I 73 -10.31 6.54 -28.65
N ASP I 74 -9.23 7.29 -28.89
CA ASP I 74 -7.92 6.67 -29.11
C ASP I 74 -7.57 5.67 -27.99
N MET I 75 -7.87 6.05 -26.74
CA MET I 75 -7.59 5.18 -25.61
C MET I 75 -8.58 4.02 -25.59
N GLY I 76 -9.41 4.00 -26.64
CA GLY I 76 -10.44 2.99 -26.77
C GLY I 76 -11.80 3.68 -26.77
N LEU I 77 -12.81 3.03 -27.33
CA LEU I 77 -14.13 3.63 -27.36
C LEU I 77 -14.74 3.61 -25.97
N GLN I 78 -15.08 4.78 -25.48
CA GLN I 78 -15.68 4.91 -24.16
C GLN I 78 -17.09 5.45 -24.29
N GLU I 79 -17.93 5.12 -23.34
CA GLU I 79 -19.27 5.63 -23.38
C GLU I 79 -19.20 7.15 -23.29
N LEU I 80 -18.15 7.62 -22.63
CA LEU I 80 -17.93 9.06 -22.46
C LEU I 80 -17.84 9.77 -23.80
N ALA I 81 -17.07 9.22 -24.71
CA ALA I 81 -16.91 9.83 -26.02
C ALA I 81 -18.28 10.10 -26.63
N GLU I 82 -19.15 9.11 -26.57
CA GLU I 82 -20.49 9.27 -27.11
C GLU I 82 -21.29 10.26 -26.28
N GLN I 83 -21.22 10.11 -24.95
CA GLN I 83 -21.96 11.00 -24.07
C GLN I 83 -21.57 12.45 -24.31
N LEU I 84 -20.28 12.68 -24.43
CA LEU I 84 -19.78 14.03 -24.65
C LEU I 84 -20.23 14.57 -26.01
N GLN I 85 -20.21 13.71 -27.02
CA GLN I 85 -20.61 14.13 -28.36
C GLN I 85 -22.02 14.72 -28.35
N THR I 86 -22.90 14.13 -27.55
CA THR I 86 -24.27 14.62 -27.46
C THR I 86 -24.27 16.11 -27.15
N THR I 87 -23.29 16.55 -26.38
CA THR I 87 -23.19 17.95 -26.01
C THR I 87 -22.96 18.82 -27.25
N LYS I 88 -22.24 18.28 -28.24
CA LYS I 88 -21.96 19.03 -29.45
C LYS I 88 -23.25 19.57 -30.08
N GLU I 89 -24.26 18.70 -30.15
CA GLU I 89 -25.55 19.11 -30.71
C GLU I 89 -26.23 20.09 -29.78
N GLY J 1 -24.90 45.00 7.25
CA GLY J 1 -24.88 44.00 6.19
C GLY J 1 -24.90 42.58 6.77
N ARG J 2 -25.93 42.27 7.53
CA ARG J 2 -26.04 40.95 8.14
C ARG J 2 -25.91 39.86 7.07
N ALA J 3 -26.37 40.16 5.87
CA ALA J 3 -26.30 39.20 4.77
C ALA J 3 -24.85 38.82 4.47
N ARG J 4 -23.98 39.83 4.44
CA ARG J 4 -22.58 39.58 4.15
C ARG J 4 -22.00 38.58 5.14
N ASP J 5 -22.31 38.77 6.41
CA ASP J 5 -21.82 37.90 7.46
C ASP J 5 -22.36 36.47 7.32
N ALA J 6 -23.60 36.34 6.88
CA ALA J 6 -24.19 35.01 6.74
C ALA J 6 -23.44 34.16 5.71
N ILE J 7 -23.17 34.74 4.55
CA ILE J 7 -22.46 34.02 3.50
C ILE J 7 -21.15 33.48 4.03
N LEU J 8 -20.42 34.35 4.71
CA LEU J 8 -19.11 33.99 5.25
C LEU J 8 -19.16 32.70 6.05
N ASP J 9 -20.07 32.62 7.00
CA ASP J 9 -20.15 31.44 7.85
C ASP J 9 -20.32 30.15 7.07
N ALA J 10 -21.20 30.16 6.07
CA ALA J 10 -21.43 28.95 5.28
C ALA J 10 -20.28 28.62 4.33
N LEU J 11 -19.87 29.59 3.53
CA LEU J 11 -18.81 29.35 2.56
C LEU J 11 -17.59 28.68 3.18
N GLU J 12 -17.26 29.09 4.42
CA GLU J 12 -16.11 28.53 5.13
C GLU J 12 -16.26 27.04 5.45
N ASN J 13 -17.48 26.50 5.34
CA ASN J 13 -17.71 25.08 5.64
C ASN J 13 -17.38 24.17 4.46
N LEU J 14 -16.79 24.72 3.40
CA LEU J 14 -16.42 23.90 2.24
C LEU J 14 -14.99 23.39 2.35
N SER J 15 -14.75 22.19 1.86
CA SER J 15 -13.42 21.62 1.90
C SER J 15 -12.50 22.33 0.92
N GLY J 16 -11.19 22.21 1.12
CA GLY J 16 -10.22 22.89 0.28
C GLY J 16 -10.40 22.61 -1.22
N ASP J 17 -10.62 21.36 -1.60
CA ASP J 17 -10.75 21.02 -3.02
C ASP J 17 -12.00 21.64 -3.66
N GLU J 18 -13.15 21.49 -3.02
CA GLU J 18 -14.39 22.02 -3.56
C GLU J 18 -14.27 23.52 -3.78
N LEU J 19 -13.54 24.18 -2.90
CA LEU J 19 -13.36 25.61 -3.00
C LEU J 19 -12.83 25.97 -4.39
N LYS J 20 -11.83 25.24 -4.85
CA LYS J 20 -11.25 25.54 -6.14
C LYS J 20 -12.32 25.37 -7.20
N LYS J 21 -13.14 24.34 -7.05
CA LYS J 21 -14.21 24.08 -8.00
C LYS J 21 -15.20 25.22 -8.03
N PHE J 22 -15.54 25.74 -6.87
CA PHE J 22 -16.49 26.82 -6.78
C PHE J 22 -15.96 28.08 -7.44
N LYS J 23 -14.77 28.52 -7.01
CA LYS J 23 -14.18 29.74 -7.58
C LYS J 23 -14.06 29.64 -9.08
N MET J 24 -13.52 28.54 -9.57
CA MET J 24 -13.33 28.34 -11.00
C MET J 24 -14.65 28.36 -11.75
N LYS J 25 -15.66 27.67 -11.21
CA LYS J 25 -16.96 27.63 -11.89
C LYS J 25 -17.60 29.00 -11.96
N LEU J 26 -17.35 29.81 -10.93
CA LEU J 26 -17.93 31.15 -10.88
C LEU J 26 -17.54 31.97 -12.10
N LEU J 27 -16.33 31.76 -12.58
CA LEU J 27 -15.84 32.47 -13.75
C LEU J 27 -16.67 32.14 -15.00
N THR J 28 -17.22 30.93 -15.05
CA THR J 28 -17.98 30.47 -16.21
C THR J 28 -19.49 30.60 -16.02
N VAL J 29 -19.93 31.17 -14.92
CA VAL J 29 -21.36 31.29 -14.66
C VAL J 29 -21.95 32.51 -15.37
N GLN J 30 -23.20 32.39 -15.81
CA GLN J 30 -23.87 33.49 -16.50
C GLN J 30 -24.56 34.40 -15.49
N LEU J 31 -24.39 35.71 -15.68
CA LEU J 31 -24.97 36.69 -14.78
C LEU J 31 -25.83 37.70 -15.54
N ARG J 32 -26.76 38.33 -14.82
CA ARG J 32 -27.64 39.32 -15.44
C ARG J 32 -26.82 40.50 -15.96
N GLU J 33 -27.29 41.12 -17.03
CA GLU J 33 -26.60 42.26 -17.63
C GLU J 33 -26.61 43.48 -16.72
N GLY J 34 -25.56 44.30 -16.83
CA GLY J 34 -25.44 45.51 -16.02
C GLY J 34 -24.41 45.33 -14.91
N TYR J 35 -23.79 44.16 -14.88
CA TYR J 35 -22.78 43.85 -13.86
C TYR J 35 -21.47 43.47 -14.52
N GLY J 36 -20.38 43.62 -13.78
CA GLY J 36 -19.06 43.28 -14.29
C GLY J 36 -18.65 41.86 -13.94
N ARG J 37 -17.48 41.47 -14.43
CA ARG J 37 -16.91 40.15 -14.19
C ARG J 37 -15.65 40.31 -13.38
N ILE J 38 -15.38 39.37 -12.48
CA ILE J 38 -14.19 39.50 -11.62
C ILE J 38 -12.94 39.02 -12.36
N PRO J 39 -11.86 39.78 -12.30
CA PRO J 39 -10.58 39.44 -13.00
C PRO J 39 -10.05 38.08 -12.59
N ARG J 40 -9.63 37.31 -13.60
CA ARG J 40 -9.11 35.97 -13.36
C ARG J 40 -7.90 35.96 -12.43
N GLY J 41 -6.94 36.83 -12.70
CA GLY J 41 -5.70 36.87 -11.91
C GLY J 41 -5.93 36.98 -10.41
N ALA J 42 -6.82 37.87 -10.00
CA ALA J 42 -7.08 38.07 -8.57
C ALA J 42 -7.75 36.85 -7.93
N LEU J 43 -8.77 36.32 -8.59
CA LEU J 43 -9.51 35.19 -8.06
C LEU J 43 -8.62 33.98 -7.75
N LEU J 44 -7.65 33.70 -8.62
CA LEU J 44 -6.79 32.53 -8.44
C LEU J 44 -6.01 32.53 -7.13
N GLN J 45 -5.60 33.71 -6.63
CA GLN J 45 -4.81 33.77 -5.39
C GLN J 45 -5.60 34.24 -4.17
N MET J 46 -6.90 34.47 -4.32
CA MET J 46 -7.71 34.98 -3.20
C MET J 46 -7.98 33.92 -2.13
N ASP J 47 -8.34 34.42 -0.94
CA ASP J 47 -8.66 33.57 0.21
C ASP J 47 -10.17 33.52 0.40
N ALA J 48 -10.64 32.56 1.20
CA ALA J 48 -12.07 32.41 1.44
C ALA J 48 -12.67 33.66 2.10
N ILE J 49 -12.00 34.20 3.12
CA ILE J 49 -12.54 35.40 3.79
C ILE J 49 -12.57 36.58 2.82
N ASP J 50 -11.45 36.80 2.14
CA ASP J 50 -11.34 37.91 1.20
C ASP J 50 -12.43 37.83 0.13
N LEU J 51 -12.62 36.62 -0.38
CA LEU J 51 -13.62 36.38 -1.41
C LEU J 51 -14.99 36.85 -0.95
N THR J 52 -15.24 36.70 0.34
CA THR J 52 -16.52 37.10 0.90
C THR J 52 -16.77 38.60 0.71
N ASP J 53 -15.81 39.41 1.11
CA ASP J 53 -15.95 40.85 1.00
C ASP J 53 -16.09 41.30 -0.45
N LYS J 54 -15.20 40.83 -1.31
CA LYS J 54 -15.24 41.21 -2.71
C LYS J 54 -16.49 40.73 -3.41
N LEU J 55 -16.91 39.50 -3.09
CA LEU J 55 -18.11 38.95 -3.74
C LEU J 55 -19.28 39.89 -3.60
N VAL J 56 -19.50 40.41 -2.39
CA VAL J 56 -20.60 41.32 -2.16
C VAL J 56 -20.31 42.68 -2.81
N SER J 57 -19.05 43.08 -2.83
CA SER J 57 -18.67 44.38 -3.38
C SER J 57 -19.18 44.59 -4.81
N TYR J 58 -19.07 43.56 -5.64
CA TYR J 58 -19.50 43.68 -7.02
C TYR J 58 -21.03 43.57 -7.18
N TYR J 59 -21.66 42.71 -6.40
CA TYR J 59 -23.11 42.52 -6.52
C TYR J 59 -23.81 42.98 -5.25
N LEU J 60 -24.99 43.56 -5.41
CA LEU J 60 -25.76 44.02 -4.27
C LEU J 60 -26.07 42.85 -3.35
N GLU J 61 -26.33 43.13 -2.09
CA GLU J 61 -26.62 42.08 -1.12
C GLU J 61 -27.79 41.21 -1.57
N SER J 62 -28.91 41.82 -1.91
CA SER J 62 -30.09 41.06 -2.32
C SER J 62 -29.78 40.16 -3.51
N TYR J 63 -29.37 40.76 -4.62
CA TYR J 63 -29.05 39.99 -5.82
C TYR J 63 -27.80 39.14 -5.62
N GLY J 64 -26.83 39.69 -4.89
CA GLY J 64 -25.59 38.97 -4.65
C GLY J 64 -25.83 37.69 -3.86
N LEU J 65 -26.72 37.77 -2.88
CA LEU J 65 -27.02 36.60 -2.04
C LEU J 65 -27.66 35.49 -2.86
N GLU J 66 -28.60 35.84 -3.73
CA GLU J 66 -29.29 34.85 -4.55
C GLU J 66 -28.34 34.19 -5.55
N LEU J 67 -27.43 34.99 -6.12
CA LEU J 67 -26.48 34.48 -7.10
C LEU J 67 -25.64 33.34 -6.53
N THR J 68 -25.29 33.45 -5.26
CA THR J 68 -24.48 32.42 -4.63
C THR J 68 -25.16 31.06 -4.70
N MET J 69 -26.42 31.02 -4.27
CA MET J 69 -27.16 29.76 -4.25
C MET J 69 -27.20 29.11 -5.61
N THR J 70 -27.38 29.92 -6.63
CA THR J 70 -27.45 29.39 -7.98
C THR J 70 -26.23 28.54 -8.29
N VAL J 71 -25.05 29.00 -7.87
CA VAL J 71 -23.82 28.26 -8.11
C VAL J 71 -23.67 27.06 -7.18
N LEU J 72 -24.10 27.20 -5.93
CA LEU J 72 -23.98 26.09 -4.97
C LEU J 72 -24.77 24.87 -5.45
N ARG J 73 -26.00 25.08 -5.85
CA ARG J 73 -26.75 23.96 -6.33
C ARG J 73 -26.10 23.38 -7.56
N ASP J 74 -25.59 24.26 -8.43
CA ASP J 74 -24.99 23.79 -9.69
C ASP J 74 -23.95 22.70 -9.44
N MET J 75 -23.12 22.88 -8.41
CA MET J 75 -22.09 21.89 -8.08
C MET J 75 -22.74 20.67 -7.46
N GLY J 76 -24.06 20.70 -7.44
CA GLY J 76 -24.86 19.63 -6.87
C GLY J 76 -25.64 20.18 -5.69
N LEU J 77 -26.73 19.53 -5.32
CA LEU J 77 -27.54 20.01 -4.21
C LEU J 77 -26.82 19.75 -2.89
N GLN J 78 -26.57 20.82 -2.16
CA GLN J 78 -25.88 20.71 -0.89
C GLN J 78 -26.81 21.15 0.23
N GLU J 79 -26.60 20.62 1.42
CA GLU J 79 -27.42 21.00 2.53
C GLU J 79 -27.23 22.50 2.76
N LEU J 80 -26.05 22.97 2.39
CA LEU J 80 -25.71 24.38 2.53
C LEU J 80 -26.68 25.27 1.77
N ALA J 81 -26.97 24.92 0.53
CA ALA J 81 -27.88 25.71 -0.28
C ALA J 81 -29.17 25.92 0.47
N GLU J 82 -29.70 24.87 1.05
CA GLU J 82 -30.94 24.97 1.80
C GLU J 82 -30.71 25.77 3.08
N GLN J 83 -29.64 25.45 3.79
CA GLN J 83 -29.34 26.16 5.04
C GLN J 83 -29.22 27.65 4.81
N LEU J 84 -28.52 28.02 3.74
CA LEU J 84 -28.33 29.42 3.43
C LEU J 84 -29.66 30.08 3.05
N GLN J 85 -30.49 29.37 2.31
CA GLN J 85 -31.76 29.92 1.88
C GLN J 85 -32.59 30.36 3.08
N THR J 86 -32.52 29.61 4.17
CA THR J 86 -33.26 29.96 5.38
C THR J 86 -32.94 31.38 5.79
N THR J 87 -31.71 31.81 5.54
CA THR J 87 -31.29 33.16 5.89
C THR J 87 -32.09 34.19 5.11
N LYS J 88 -32.46 33.86 3.87
CA LYS J 88 -33.22 34.78 3.03
C LYS J 88 -34.47 35.27 3.75
N GLU J 89 -35.19 34.34 4.37
CA GLU J 89 -36.39 34.70 5.12
C GLU J 89 -36.03 35.49 6.36
N GLY K 1 -29.01 -12.86 19.53
CA GLY K 1 -29.46 -13.78 18.49
C GLY K 1 -29.24 -15.23 18.89
N ARG K 2 -29.84 -15.63 20.01
CA ARG K 2 -29.69 -17.00 20.49
C ARG K 2 -30.04 -17.99 19.38
N ALA K 3 -30.99 -17.61 18.53
CA ALA K 3 -31.41 -18.49 17.44
C ALA K 3 -30.25 -18.80 16.50
N ARG K 4 -29.48 -17.77 16.18
CA ARG K 4 -28.34 -17.95 15.29
C ARG K 4 -27.39 -19.01 15.83
N ASP K 5 -27.12 -18.93 17.13
CA ASP K 5 -26.22 -19.87 17.78
C ASP K 5 -26.77 -21.30 17.78
N ALA K 6 -28.08 -21.43 17.90
CA ALA K 6 -28.70 -22.76 17.93
C ALA K 6 -28.49 -23.51 16.62
N ILE K 7 -28.75 -22.83 15.50
CA ILE K 7 -28.58 -23.45 14.20
C ILE K 7 -27.16 -23.99 14.04
N LEU K 8 -26.20 -23.15 14.41
CA LEU K 8 -24.80 -23.51 14.29
C LEU K 8 -24.51 -24.87 14.92
N ASP K 9 -24.90 -25.05 16.17
CA ASP K 9 -24.60 -26.29 16.87
C ASP K 9 -25.13 -27.53 16.14
N ALA K 10 -26.34 -27.46 15.62
CA ALA K 10 -26.92 -28.60 14.93
C ALA K 10 -26.30 -28.83 13.54
N LEU K 11 -26.28 -27.80 12.73
CA LEU K 11 -25.75 -27.92 11.37
C LEU K 11 -24.39 -28.61 11.35
N GLU K 12 -23.55 -28.29 12.34
CA GLU K 12 -22.20 -28.86 12.43
C GLU K 12 -22.21 -30.39 12.65
N ASN K 13 -23.36 -30.94 13.04
CA ASN K 13 -23.45 -32.39 13.30
C ASN K 13 -23.68 -33.21 12.02
N LEU K 14 -23.60 -32.56 10.86
CA LEU K 14 -23.80 -33.26 9.60
C LEU K 14 -22.47 -33.74 9.02
N SER K 15 -22.48 -34.89 8.38
CA SER K 15 -21.26 -35.43 7.80
C SER K 15 -20.86 -34.62 6.57
N GLY K 16 -19.61 -34.72 6.17
CA GLY K 16 -19.09 -33.95 5.03
C GLY K 16 -19.91 -34.12 3.75
N ASP K 17 -20.28 -35.34 3.41
CA ASP K 17 -21.04 -35.56 2.17
C ASP K 17 -22.43 -34.94 2.19
N GLU K 18 -23.18 -35.17 3.25
CA GLU K 18 -24.53 -34.64 3.35
C GLU K 18 -24.51 -33.12 3.23
N LEU K 19 -23.46 -32.51 3.76
CA LEU K 19 -23.33 -31.07 3.70
C LEU K 19 -23.46 -30.60 2.26
N LYS K 20 -22.76 -31.26 1.35
CA LYS K 20 -22.80 -30.84 -0.04
C LYS K 20 -24.24 -30.96 -0.54
N LYS K 21 -24.92 -32.02 -0.12
CA LYS K 21 -26.29 -32.23 -0.53
C LYS K 21 -27.19 -31.12 -0.02
N PHE K 22 -26.97 -30.71 1.20
CA PHE K 22 -27.78 -29.65 1.80
C PHE K 22 -27.58 -28.34 1.07
N LYS K 23 -26.33 -27.90 0.96
CA LYS K 23 -26.03 -26.63 0.31
C LYS K 23 -26.58 -26.59 -1.11
N MET K 24 -26.32 -27.65 -1.86
CA MET K 24 -26.78 -27.72 -3.25
C MET K 24 -28.30 -27.69 -3.33
N LYS K 25 -28.97 -28.43 -2.47
CA LYS K 25 -30.44 -28.47 -2.52
C LYS K 25 -31.03 -27.11 -2.18
N LEU K 26 -30.36 -26.37 -1.31
CA LEU K 26 -30.83 -25.06 -0.89
C LEU K 26 -31.02 -24.14 -2.10
N LEU K 27 -30.14 -24.28 -3.07
CA LEU K 27 -30.21 -23.46 -4.27
C LEU K 27 -31.50 -23.72 -5.05
N THR K 28 -32.01 -24.94 -4.96
CA THR K 28 -33.22 -25.32 -5.71
C THR K 28 -34.49 -25.25 -4.87
N VAL K 29 -34.40 -24.78 -3.63
CA VAL K 29 -35.57 -24.72 -2.77
C VAL K 29 -36.40 -23.46 -3.06
N GLN K 30 -37.72 -23.58 -2.90
CA GLN K 30 -38.61 -22.45 -3.14
C GLN K 30 -38.78 -21.64 -1.86
N LEU K 31 -38.70 -20.32 -2.00
CA LEU K 31 -38.81 -19.42 -0.86
C LEU K 31 -39.91 -18.38 -1.07
N ARG K 32 -40.43 -17.85 0.02
CA ARG K 32 -41.47 -16.84 -0.06
C ARG K 32 -40.95 -15.59 -0.79
N GLU K 33 -41.85 -14.90 -1.49
CA GLU K 33 -41.48 -13.70 -2.25
C GLU K 33 -41.08 -12.55 -1.32
N GLY K 34 -40.17 -11.70 -1.81
CA GLY K 34 -39.70 -10.55 -1.04
C GLY K 34 -38.28 -10.79 -0.51
N TYR K 35 -37.73 -11.95 -0.85
CA TYR K 35 -36.39 -12.30 -0.40
C TYR K 35 -35.49 -12.61 -1.60
N GLY K 36 -34.19 -12.48 -1.39
CA GLY K 36 -33.23 -12.74 -2.47
C GLY K 36 -32.72 -14.18 -2.44
N ARG K 37 -31.90 -14.49 -3.43
CA ARG K 37 -31.28 -15.80 -3.57
C ARG K 37 -29.79 -15.68 -3.39
N ILE K 38 -29.16 -16.67 -2.78
CA ILE K 38 -27.73 -16.58 -2.52
C ILE K 38 -26.93 -16.97 -3.77
N PRO K 39 -25.91 -16.18 -4.12
CA PRO K 39 -25.08 -16.44 -5.33
C PRO K 39 -24.43 -17.81 -5.32
N ARG K 40 -24.50 -18.49 -6.46
CA ARG K 40 -23.95 -19.83 -6.58
C ARG K 40 -22.45 -19.88 -6.29
N GLY K 41 -21.70 -18.95 -6.88
CA GLY K 41 -20.24 -18.95 -6.71
C GLY K 41 -19.79 -18.95 -5.25
N ALA K 42 -20.40 -18.12 -4.41
CA ALA K 42 -20.00 -18.05 -3.02
C ALA K 42 -20.33 -19.33 -2.25
N LEU K 43 -21.54 -19.83 -2.43
CA LEU K 43 -21.98 -21.03 -1.73
C LEU K 43 -21.07 -22.23 -1.94
N LEU K 44 -20.58 -22.41 -3.16
CA LEU K 44 -19.74 -23.57 -3.47
C LEU K 44 -18.47 -23.65 -2.64
N GLN K 45 -17.88 -22.51 -2.28
CA GLN K 45 -16.61 -22.52 -1.52
C GLN K 45 -16.78 -22.16 -0.04
N MET K 46 -18.01 -21.96 0.42
CA MET K 46 -18.24 -21.57 1.81
C MET K 46 -18.03 -22.71 2.81
N ASP K 47 -17.83 -22.31 4.07
CA ASP K 47 -17.62 -23.25 5.17
C ASP K 47 -18.90 -23.37 6.00
N ALA K 48 -18.96 -24.40 6.84
CA ALA K 48 -20.15 -24.61 7.67
C ALA K 48 -20.39 -23.44 8.63
N ILE K 49 -19.33 -22.95 9.29
CA ILE K 49 -19.52 -21.82 10.22
C ILE K 49 -19.95 -20.58 9.47
N ASP K 50 -19.25 -20.27 8.39
CA ASP K 50 -19.56 -19.08 7.59
C ASP K 50 -21.00 -19.11 7.10
N LEU K 51 -21.40 -20.28 6.63
CA LEU K 51 -22.75 -20.47 6.12
C LEU K 51 -23.78 -20.07 7.17
N THR K 52 -23.44 -20.33 8.42
CA THR K 52 -24.35 -20.00 9.51
C THR K 52 -24.64 -18.52 9.57
N ASP K 53 -23.59 -17.71 9.58
CA ASP K 53 -23.76 -16.27 9.67
C ASP K 53 -24.51 -15.71 8.46
N LYS K 54 -24.09 -16.09 7.28
CA LYS K 54 -24.73 -15.60 6.06
C LYS K 54 -26.17 -16.06 5.94
N LEU K 55 -26.43 -17.32 6.31
CA LEU K 55 -27.78 -17.84 6.21
C LEU K 55 -28.77 -16.94 6.93
N VAL K 56 -28.43 -16.54 8.14
CA VAL K 56 -29.30 -15.67 8.90
C VAL K 56 -29.32 -14.26 8.31
N SER K 57 -28.19 -13.83 7.77
CA SER K 57 -28.08 -12.47 7.23
C SER K 57 -29.16 -12.18 6.18
N TYR K 58 -29.44 -13.13 5.31
CA TYR K 58 -30.44 -12.93 4.27
C TYR K 58 -31.88 -13.05 4.79
N TYR K 59 -32.11 -13.99 5.69
CA TYR K 59 -33.45 -14.21 6.21
C TYR K 59 -33.53 -13.87 7.69
N LEU K 60 -34.66 -13.31 8.10
CA LEU K 60 -34.84 -12.96 9.50
C LEU K 60 -34.74 -14.21 10.36
N GLU K 61 -34.42 -14.03 11.64
CA GLU K 61 -34.26 -15.16 12.54
C GLU K 61 -35.51 -16.03 12.58
N SER K 62 -36.67 -15.42 12.81
CA SER K 62 -37.91 -16.18 12.90
C SER K 62 -38.17 -16.98 11.62
N TYR K 63 -38.27 -16.28 10.50
CA TYR K 63 -38.52 -16.95 9.23
C TYR K 63 -37.32 -17.77 8.79
N GLY K 64 -36.13 -17.26 9.05
CA GLY K 64 -34.92 -17.96 8.67
C GLY K 64 -34.80 -19.31 9.37
N LEU K 65 -35.15 -19.34 10.66
CA LEU K 65 -35.08 -20.56 11.44
C LEU K 65 -36.03 -21.63 10.90
N GLU K 66 -37.25 -21.24 10.56
CA GLU K 66 -38.23 -22.17 10.03
C GLU K 66 -37.82 -22.73 8.68
N LEU K 67 -37.24 -21.87 7.84
CA LEU K 67 -36.83 -22.27 6.51
C LEU K 67 -35.84 -23.43 6.55
N THR K 68 -34.96 -23.42 7.55
CA THR K 68 -33.96 -24.47 7.67
C THR K 68 -34.62 -25.83 7.80
N MET K 69 -35.57 -25.94 8.72
CA MET K 69 -36.23 -27.21 8.97
C MET K 69 -36.87 -27.75 7.72
N THR K 70 -37.47 -26.87 6.94
CA THR K 70 -38.13 -27.29 5.72
C THR K 70 -37.19 -28.09 4.84
N VAL K 71 -35.94 -27.63 4.74
CA VAL K 71 -34.95 -28.32 3.92
C VAL K 71 -34.40 -29.58 4.60
N LEU K 72 -34.25 -29.55 5.92
CA LEU K 72 -33.73 -30.73 6.63
C LEU K 72 -34.66 -31.92 6.44
N ARG K 73 -35.95 -31.71 6.64
CA ARG K 73 -36.83 -32.82 6.46
C ARG K 73 -36.79 -33.28 5.01
N ASP K 74 -36.71 -32.32 4.08
CA ASP K 74 -36.73 -32.68 2.66
C ASP K 74 -35.69 -33.75 2.33
N MET K 75 -34.49 -33.64 2.91
CA MET K 75 -33.43 -34.61 2.67
C MET K 75 -33.76 -35.90 3.41
N GLY K 76 -34.95 -35.91 4.01
CA GLY K 76 -35.41 -37.04 4.79
C GLY K 76 -35.59 -36.61 6.23
N LEU K 77 -36.42 -37.32 6.98
CA LEU K 77 -36.65 -36.95 8.37
C LEU K 77 -35.43 -37.28 9.21
N GLN K 78 -34.87 -36.27 9.85
CA GLN K 78 -33.70 -36.45 10.68
C GLN K 78 -34.05 -36.14 12.12
N GLU K 79 -33.34 -36.75 13.04
CA GLU K 79 -33.58 -36.48 14.43
C GLU K 79 -33.30 -35.00 14.67
N LEU K 80 -32.39 -34.46 13.86
CA LEU K 80 -32.01 -33.06 13.96
C LEU K 80 -33.21 -32.15 13.77
N ALA K 81 -34.01 -32.41 12.75
CA ALA K 81 -35.18 -31.58 12.50
C ALA K 81 -36.01 -31.45 13.76
N GLU K 82 -36.24 -32.58 14.43
CA GLU K 82 -37.03 -32.57 15.65
C GLU K 82 -36.26 -31.86 16.75
N GLN K 83 -34.98 -32.20 16.90
CA GLN K 83 -34.16 -31.59 17.94
C GLN K 83 -34.13 -30.08 17.80
N LEU K 84 -33.97 -29.61 16.58
CA LEU K 84 -33.92 -28.18 16.33
C LEU K 84 -35.28 -27.53 16.62
N GLN K 85 -36.36 -28.21 16.26
CA GLN K 85 -37.69 -27.65 16.49
C GLN K 85 -37.90 -27.33 17.95
N THR K 86 -37.36 -28.16 18.84
CA THR K 86 -37.50 -27.94 20.26
C THR K 86 -37.02 -26.54 20.62
N THR K 87 -36.02 -26.06 19.89
CA THR K 87 -35.47 -24.72 20.13
C THR K 87 -36.52 -23.65 19.86
N LYS K 88 -37.40 -23.90 18.89
CA LYS K 88 -38.44 -22.95 18.55
C LYS K 88 -39.24 -22.54 19.78
N GLU K 89 -39.62 -23.54 20.58
CA GLU K 89 -40.38 -23.27 21.80
C GLU K 89 -39.49 -22.56 22.81
N GLY L 1 -0.31 -3.80 32.96
CA GLY L 1 -1.45 -4.61 32.56
C GLY L 1 -1.06 -6.08 32.40
N ARG L 2 -0.57 -6.67 33.48
CA ARG L 2 -0.17 -8.07 33.44
C ARG L 2 -1.30 -8.94 32.90
N ALA L 3 -2.53 -8.54 33.19
CA ALA L 3 -3.69 -9.30 32.75
C ALA L 3 -3.74 -9.37 31.22
N ARG L 4 -3.48 -8.25 30.57
CA ARG L 4 -3.50 -8.20 29.12
C ARG L 4 -2.54 -9.24 28.54
N ASP L 5 -1.35 -9.29 29.11
CA ASP L 5 -0.32 -10.23 28.65
C ASP L 5 -0.74 -11.68 28.87
N ALA L 6 -1.45 -11.96 29.95
CA ALA L 6 -1.86 -13.33 30.25
C ALA L 6 -2.81 -13.87 29.18
N ILE L 7 -3.82 -13.09 28.83
CA ILE L 7 -4.77 -13.50 27.82
C ILE L 7 -4.05 -13.88 26.53
N LEU L 8 -3.14 -13.02 26.12
CA LEU L 8 -2.40 -13.23 24.89
C LEU L 8 -1.78 -14.62 24.82
N ASP L 9 -1.05 -15.00 25.86
CA ASP L 9 -0.38 -16.29 25.86
C ASP L 9 -1.33 -17.47 25.63
N ALA L 10 -2.48 -17.44 26.30
CA ALA L 10 -3.43 -18.54 26.16
C ALA L 10 -4.17 -18.52 24.82
N LEU L 11 -4.74 -17.39 24.45
CA LEU L 11 -5.51 -17.28 23.22
C LEU L 11 -4.72 -17.83 22.03
N GLU L 12 -3.42 -17.58 22.00
CA GLU L 12 -2.55 -18.03 20.91
C GLU L 12 -2.44 -19.56 20.82
N ASN L 13 -2.87 -20.28 21.87
CA ASN L 13 -2.79 -21.74 21.87
C ASN L 13 -3.98 -22.39 21.17
N LEU L 14 -4.82 -21.60 20.51
CA LEU L 14 -5.98 -22.14 19.81
C LEU L 14 -5.64 -22.42 18.34
N SER L 15 -6.21 -23.48 17.79
CA SER L 15 -5.95 -23.82 16.39
C SER L 15 -6.65 -22.81 15.48
N GLY L 16 -6.21 -22.75 14.23
CA GLY L 16 -6.75 -21.79 13.27
C GLY L 16 -8.27 -21.86 13.12
N ASP L 17 -8.82 -23.06 13.02
CA ASP L 17 -10.27 -23.19 12.84
C ASP L 17 -11.08 -22.69 14.04
N GLU L 18 -10.70 -23.15 15.24
CA GLU L 18 -11.42 -22.74 16.44
C GLU L 18 -11.43 -21.24 16.58
N LEU L 19 -10.35 -20.61 16.16
CA LEU L 19 -10.25 -19.17 16.23
C LEU L 19 -11.44 -18.51 15.56
N LYS L 20 -11.76 -18.98 14.35
CA LYS L 20 -12.88 -18.39 13.64
C LYS L 20 -14.14 -18.57 14.45
N LYS L 21 -14.28 -19.73 15.07
CA LYS L 21 -15.46 -20.02 15.87
C LYS L 21 -15.56 -19.08 17.05
N PHE L 22 -14.42 -18.81 17.68
CA PHE L 22 -14.40 -17.92 18.82
C PHE L 22 -14.78 -16.51 18.43
N LYS L 23 -14.08 -15.95 17.45
CA LYS L 23 -14.36 -14.57 17.02
C LYS L 23 -15.82 -14.40 16.62
N MET L 24 -16.31 -15.32 15.79
CA MET L 24 -17.68 -15.25 15.32
C MET L 24 -18.68 -15.36 16.46
N LYS L 25 -18.45 -16.27 17.40
CA LYS L 25 -19.37 -16.43 18.52
C LYS L 25 -19.41 -15.18 19.39
N LEU L 26 -18.27 -14.52 19.50
CA LEU L 26 -18.16 -13.32 20.32
C LEU L 26 -19.18 -12.27 19.89
N LEU L 27 -19.42 -12.19 18.59
CA LEU L 27 -20.38 -11.23 18.06
C LEU L 27 -21.79 -11.51 18.57
N THR L 28 -22.09 -12.77 18.85
CA THR L 28 -23.44 -13.15 19.29
C THR L 28 -23.54 -13.32 20.80
N VAL L 29 -22.49 -13.01 21.54
CA VAL L 29 -22.52 -13.17 22.99
C VAL L 29 -23.18 -11.96 23.66
N GLN L 30 -23.88 -12.22 24.77
CA GLN L 30 -24.56 -11.15 25.50
C GLN L 30 -23.61 -10.54 26.53
N LEU L 31 -23.60 -9.21 26.57
CA LEU L 31 -22.73 -8.48 27.49
C LEU L 31 -23.51 -7.53 28.38
N ARG L 32 -22.95 -7.20 29.53
CA ARG L 32 -23.59 -6.28 30.45
C ARG L 32 -23.79 -4.91 29.79
N GLU L 33 -24.86 -4.22 30.19
CA GLU L 33 -25.17 -2.91 29.63
C GLU L 33 -24.14 -1.85 30.04
N GLY L 34 -23.93 -0.86 29.18
CA GLY L 34 -22.98 0.21 29.43
C GLY L 34 -21.71 0.03 28.60
N TYR L 35 -21.68 -1.02 27.78
CA TYR L 35 -20.54 -1.30 26.94
C TYR L 35 -20.95 -1.35 25.48
N GLY L 36 -19.99 -1.13 24.59
CA GLY L 36 -20.27 -1.16 23.16
C GLY L 36 -20.01 -2.54 22.55
N ARG L 37 -20.29 -2.64 21.26
CA ARG L 37 -20.11 -3.86 20.49
C ARG L 37 -19.04 -3.63 19.44
N ILE L 38 -18.22 -4.64 19.16
CA ILE L 38 -17.14 -4.44 18.21
C ILE L 38 -17.65 -4.58 16.78
N PRO L 39 -17.28 -3.67 15.88
CA PRO L 39 -17.74 -3.69 14.46
C PRO L 39 -17.41 -4.99 13.76
N ARG L 40 -18.37 -5.51 13.02
CA ARG L 40 -18.20 -6.77 12.31
C ARG L 40 -17.06 -6.71 11.30
N GLY L 41 -17.02 -5.66 10.49
CA GLY L 41 -16.00 -5.54 9.45
C GLY L 41 -14.57 -5.70 9.97
N ALA L 42 -14.25 -5.05 11.07
CA ALA L 42 -12.89 -5.12 11.60
C ALA L 42 -12.54 -6.52 12.13
N LEU L 43 -13.45 -7.10 12.89
CA LEU L 43 -13.22 -8.41 13.49
C LEU L 43 -12.90 -9.48 12.45
N LEU L 44 -13.57 -9.46 11.31
CA LEU L 44 -13.36 -10.48 10.28
C LEU L 44 -11.93 -10.55 9.76
N GLN L 45 -11.22 -9.42 9.69
CA GLN L 45 -9.85 -9.42 9.15
C GLN L 45 -8.76 -9.28 10.22
N MET L 46 -9.15 -9.25 11.49
CA MET L 46 -8.17 -9.07 12.57
C MET L 46 -7.30 -10.31 12.82
N ASP L 47 -6.17 -10.06 13.47
CA ASP L 47 -5.22 -11.12 13.83
C ASP L 47 -5.34 -11.46 15.31
N ALA L 48 -4.77 -12.59 15.71
CA ALA L 48 -4.85 -13.02 17.11
C ALA L 48 -4.17 -12.00 18.05
N ILE L 49 -3.00 -11.51 17.68
CA ILE L 49 -2.31 -10.55 18.56
C ILE L 49 -3.10 -9.25 18.64
N ASP L 50 -3.52 -8.74 17.49
CA ASP L 50 -4.28 -7.50 17.44
C ASP L 50 -5.55 -7.59 18.27
N LEU L 51 -6.22 -8.72 18.13
CA LEU L 51 -7.46 -8.96 18.86
C LEU L 51 -7.24 -8.81 20.35
N THR L 52 -6.05 -9.19 20.80
CA THR L 52 -5.73 -9.10 22.22
C THR L 52 -5.78 -7.66 22.71
N ASP L 53 -5.10 -6.78 22.02
CA ASP L 53 -5.07 -5.37 22.42
C ASP L 53 -6.45 -4.73 22.37
N LYS L 54 -7.15 -4.92 21.27
CA LYS L 54 -8.47 -4.33 21.13
C LYS L 54 -9.47 -4.90 22.12
N LEU L 55 -9.40 -6.21 22.35
CA LEU L 55 -10.33 -6.85 23.27
C LEU L 55 -10.32 -6.15 24.63
N VAL L 56 -9.13 -5.88 25.14
CA VAL L 56 -9.03 -5.20 26.41
C VAL L 56 -9.43 -3.73 26.30
N SER L 57 -9.14 -3.12 25.15
CA SER L 57 -9.45 -1.71 24.94
C SER L 57 -10.91 -1.37 25.21
N TYR L 58 -11.82 -2.23 24.77
CA TYR L 58 -13.25 -1.97 24.96
C TYR L 58 -13.72 -2.31 26.38
N TYR L 59 -13.20 -3.37 26.96
CA TYR L 59 -13.62 -3.78 28.29
C TYR L 59 -12.48 -3.65 29.29
N LEU L 60 -12.81 -3.26 30.52
CA LEU L 60 -11.80 -3.12 31.55
C LEU L 60 -11.11 -4.45 31.79
N GLU L 61 -9.91 -4.40 32.33
CA GLU L 61 -9.15 -5.63 32.57
C GLU L 61 -9.93 -6.61 33.45
N SER L 62 -10.41 -6.14 34.58
CA SER L 62 -11.15 -7.02 35.49
C SER L 62 -12.35 -7.67 34.81
N TYR L 63 -13.26 -6.84 34.33
CA TYR L 63 -14.46 -7.35 33.67
C TYR L 63 -14.11 -8.00 32.34
N GLY L 64 -13.15 -7.42 31.63
CA GLY L 64 -12.74 -7.95 30.34
C GLY L 64 -12.17 -9.35 30.46
N LEU L 65 -11.39 -9.58 31.51
CA LEU L 65 -10.78 -10.89 31.72
C LEU L 65 -11.84 -11.96 31.98
N GLU L 66 -12.83 -11.63 32.80
CA GLU L 66 -13.89 -12.59 33.12
C GLU L 66 -14.74 -12.91 31.89
N LEU L 67 -15.02 -11.91 31.07
CA LEU L 67 -15.84 -12.08 29.89
C LEU L 67 -15.24 -13.14 28.96
N THR L 68 -13.93 -13.18 28.87
CA THR L 68 -13.28 -14.14 28.00
C THR L 68 -13.64 -15.57 28.38
N MET L 69 -13.48 -15.89 29.67
CA MET L 69 -13.76 -17.24 30.13
C MET L 69 -15.18 -17.66 29.81
N THR L 70 -16.10 -16.74 29.95
CA THR L 70 -17.49 -17.07 29.69
C THR L 70 -17.66 -17.65 28.28
N VAL L 71 -16.95 -17.06 27.32
CA VAL L 71 -17.02 -17.54 25.93
C VAL L 71 -16.22 -18.83 25.72
N LEU L 72 -15.08 -18.96 26.39
CA LEU L 72 -14.26 -20.17 26.24
C LEU L 72 -15.03 -21.40 26.67
N ARG L 73 -15.65 -21.34 27.82
CA ARG L 73 -16.39 -22.49 28.25
C ARG L 73 -17.53 -22.75 27.28
N ASP L 74 -18.17 -21.69 26.81
CA ASP L 74 -19.32 -21.84 25.93
C ASP L 74 -19.01 -22.76 24.74
N MET L 75 -17.81 -22.62 24.17
CA MET L 75 -17.40 -23.45 23.03
C MET L 75 -17.08 -24.85 23.54
N GLY L 76 -17.32 -25.05 24.82
CA GLY L 76 -17.05 -26.31 25.49
C GLY L 76 -16.00 -26.08 26.56
N LEU L 77 -15.94 -26.96 27.55
CA LEU L 77 -14.97 -26.80 28.62
C LEU L 77 -13.58 -27.13 28.10
N GLN L 78 -12.69 -26.16 28.20
CA GLN L 78 -11.32 -26.35 27.75
C GLN L 78 -10.38 -26.26 28.93
N GLU L 79 -9.24 -26.92 28.83
CA GLU L 79 -8.27 -26.85 29.90
C GLU L 79 -7.84 -25.41 30.05
N LEU L 80 -7.90 -24.69 28.93
CA LEU L 80 -7.52 -23.27 28.91
C LEU L 80 -8.35 -22.46 29.88
N ALA L 81 -9.67 -22.67 29.85
CA ALA L 81 -10.54 -21.91 30.74
C ALA L 81 -10.04 -22.04 32.18
N GLU L 82 -9.73 -23.25 32.59
CA GLU L 82 -9.23 -23.47 33.93
C GLU L 82 -7.85 -22.85 34.11
N GLN L 83 -6.97 -23.08 33.12
CA GLN L 83 -5.61 -22.55 33.20
C GLN L 83 -5.64 -21.03 33.33
N LEU L 84 -6.49 -20.40 32.54
CA LEU L 84 -6.58 -18.95 32.57
C LEU L 84 -7.14 -18.47 33.91
N GLN L 85 -8.12 -19.19 34.44
CA GLN L 85 -8.73 -18.80 35.71
C GLN L 85 -7.67 -18.69 36.80
N THR L 86 -6.69 -19.58 36.77
CA THR L 86 -5.64 -19.55 37.77
C THR L 86 -5.00 -18.17 37.83
N THR L 87 -4.93 -17.51 36.67
CA THR L 87 -4.35 -16.18 36.59
C THR L 87 -5.15 -15.19 37.42
N LYS L 88 -6.47 -15.39 37.49
CA LYS L 88 -7.33 -14.48 38.25
C LYS L 88 -6.82 -14.33 39.69
N GLU L 89 -6.47 -15.45 40.31
CA GLU L 89 -5.96 -15.42 41.67
C GLU L 89 -4.57 -14.78 41.69
N GLY M 1 28.22 5.97 19.68
CA GLY M 1 27.16 5.12 20.22
C GLY M 1 27.20 3.73 19.59
N ARG M 2 28.33 3.04 19.76
CA ARG M 2 28.47 1.71 19.21
C ARG M 2 27.32 0.81 19.65
N ALA M 3 26.82 1.06 20.85
CA ALA M 3 25.72 0.27 21.39
C ALA M 3 24.47 0.39 20.50
N ARG M 4 24.17 1.61 20.08
CA ARG M 4 23.02 1.84 19.24
C ARG M 4 23.09 0.98 17.97
N ASP M 5 24.26 0.96 17.37
CA ASP M 5 24.47 0.19 16.15
C ASP M 5 24.32 -1.31 16.38
N ALA M 6 24.74 -1.79 17.55
CA ALA M 6 24.66 -3.22 17.85
C ALA M 6 23.21 -3.70 17.87
N ILE M 7 22.35 -2.98 18.57
CA ILE M 7 20.94 -3.33 18.66
C ILE M 7 20.35 -3.48 17.27
N LEU M 8 20.62 -2.50 16.44
CA LEU M 8 20.09 -2.48 15.09
C LEU M 8 20.35 -3.79 14.35
N ASP M 9 21.58 -4.22 14.33
CA ASP M 9 21.94 -5.45 13.60
C ASP M 9 21.12 -6.65 14.04
N ALA M 10 20.95 -6.83 15.35
CA ALA M 10 20.20 -7.98 15.85
C ALA M 10 18.69 -7.85 15.63
N LEU M 11 18.11 -6.73 16.05
CA LEU M 11 16.68 -6.54 15.92
C LEU M 11 16.18 -6.85 14.51
N GLU M 12 16.97 -6.48 13.51
CA GLU M 12 16.60 -6.70 12.10
C GLU M 12 16.53 -8.19 11.73
N ASN M 13 17.06 -9.07 12.59
CA ASN M 13 17.04 -10.51 12.31
C ASN M 13 15.73 -11.18 12.72
N LEU M 14 14.74 -10.38 13.12
CA LEU M 14 13.44 -10.94 13.53
C LEU M 14 12.48 -10.98 12.34
N SER M 15 11.65 -12.01 12.30
CA SER M 15 10.67 -12.13 11.22
C SER M 15 9.57 -11.08 11.38
N GLY M 16 8.86 -10.82 10.28
CA GLY M 16 7.81 -9.80 10.29
C GLY M 16 6.77 -9.99 11.39
N ASP M 17 6.30 -11.21 11.58
CA ASP M 17 5.26 -11.43 12.60
C ASP M 17 5.76 -11.18 14.03
N GLU M 18 6.91 -11.75 14.37
CA GLU M 18 7.44 -11.58 15.72
C GLU M 18 7.62 -10.11 16.04
N LEU M 19 7.97 -9.33 15.02
CA LEU M 19 8.18 -7.91 15.21
C LEU M 19 6.94 -7.29 15.85
N LYS M 20 5.76 -7.62 15.32
CA LYS M 20 4.55 -7.05 15.86
C LYS M 20 4.41 -7.45 17.31
N LYS M 21 4.76 -8.69 17.61
CA LYS M 21 4.67 -9.18 18.97
C LYS M 21 5.58 -8.41 19.90
N PHE M 22 6.78 -8.13 19.42
CA PHE M 22 7.75 -7.39 20.22
C PHE M 22 7.28 -5.99 20.51
N LYS M 23 6.95 -5.24 19.45
CA LYS M 23 6.51 -3.85 19.62
C LYS M 23 5.32 -3.76 20.56
N MET M 24 4.32 -4.61 20.32
CA MET M 24 3.11 -4.61 21.12
C MET M 24 3.41 -4.95 22.57
N LYS M 25 4.25 -5.95 22.82
CA LYS M 25 4.56 -6.33 24.19
C LYS M 25 5.29 -5.23 24.93
N LEU M 26 6.11 -4.47 24.18
CA LEU M 26 6.88 -3.38 24.78
C LEU M 26 5.97 -2.39 25.49
N LEU M 27 4.80 -2.17 24.92
CA LEU M 27 3.84 -1.24 25.48
C LEU M 27 3.36 -1.71 26.87
N THR M 28 3.34 -3.02 27.08
CA THR M 28 2.85 -3.57 28.35
C THR M 28 3.99 -3.95 29.31
N VAL M 29 5.22 -3.64 28.96
CA VAL M 29 6.34 -3.99 29.83
C VAL M 29 6.53 -2.95 30.93
N GLN M 30 6.97 -3.41 32.10
CA GLN M 30 7.19 -2.52 33.24
C GLN M 30 8.61 -1.95 33.19
N LEU M 31 8.73 -0.65 33.41
CA LEU M 31 10.02 0.03 33.39
C LEU M 31 10.29 0.78 34.68
N ARG M 32 11.56 1.02 34.96
CA ARG M 32 11.95 1.74 36.17
C ARG M 32 11.37 3.16 36.14
N GLU M 33 11.07 3.69 37.32
CA GLU M 33 10.51 5.04 37.43
C GLU M 33 11.51 6.12 37.02
N GLY M 34 10.99 7.22 36.49
CA GLY M 34 11.84 8.33 36.06
C GLY M 34 11.93 8.38 34.54
N TYR M 35 11.24 7.46 33.87
CA TYR M 35 11.26 7.40 32.42
C TYR M 35 9.85 7.49 31.86
N GLY M 36 9.73 7.90 30.61
CA GLY M 36 8.44 8.04 29.97
C GLY M 36 8.04 6.79 29.20
N ARG M 37 6.84 6.83 28.64
CA ARG M 37 6.29 5.74 27.84
C ARG M 37 6.12 6.21 26.41
N ILE M 38 6.35 5.33 25.45
CA ILE M 38 6.26 5.74 24.05
C ILE M 38 4.80 5.74 23.58
N PRO M 39 4.38 6.79 22.90
CA PRO M 39 2.96 6.92 22.41
C PRO M 39 2.54 5.77 21.53
N ARG M 40 1.35 5.25 21.78
CA ARG M 40 0.82 4.12 21.02
C ARG M 40 0.72 4.41 19.53
N GLY M 41 0.16 5.55 19.18
CA GLY M 41 -0.04 5.91 17.77
C GLY M 41 1.23 5.81 16.93
N ALA M 42 2.34 6.34 17.42
CA ALA M 42 3.58 6.32 16.66
C ALA M 42 4.14 4.90 16.50
N LEU M 43 4.16 4.14 17.59
CA LEU M 43 4.70 2.80 17.56
C LEU M 43 4.03 1.90 16.51
N LEU M 44 2.72 2.02 16.37
CA LEU M 44 1.99 1.16 15.44
C LEU M 44 2.43 1.29 13.99
N GLN M 45 2.86 2.48 13.56
CA GLN M 45 3.27 2.68 12.16
C GLN M 45 4.79 2.77 11.96
N MET M 46 5.56 2.60 13.02
CA MET M 46 7.02 2.72 12.92
C MET M 46 7.68 1.55 12.21
N ASP M 47 8.91 1.81 11.74
CA ASP M 47 9.71 0.81 11.03
C ASP M 47 10.80 0.26 11.96
N ALA M 48 11.40 -0.85 11.59
CA ALA M 48 12.44 -1.46 12.40
C ALA M 48 13.64 -0.53 12.59
N ILE M 49 14.11 0.11 11.52
CA ILE M 49 15.25 1.01 11.65
C ILE M 49 14.91 2.21 12.52
N ASP M 50 13.76 2.82 12.24
CA ASP M 50 13.32 4.00 12.99
C ASP M 50 13.20 3.68 14.48
N LEU M 51 12.63 2.51 14.76
CA LEU M 51 12.44 2.07 16.13
C LEU M 51 13.77 2.05 16.86
N THR M 52 14.83 1.72 16.14
CA THR M 52 16.15 1.65 16.74
C THR M 52 16.58 3.00 17.30
N ASP M 53 16.49 4.04 16.48
CA ASP M 53 16.89 5.37 16.91
C ASP M 53 16.05 5.88 18.07
N LYS M 54 14.74 5.78 17.94
CA LYS M 54 13.85 6.26 18.99
C LYS M 54 14.00 5.47 20.27
N LEU M 55 14.16 4.16 20.16
CA LEU M 55 14.30 3.32 21.35
C LEU M 55 15.41 3.84 22.25
N VAL M 56 16.55 4.15 21.66
CA VAL M 56 17.66 4.66 22.44
C VAL M 56 17.39 6.09 22.91
N SER M 57 16.69 6.85 22.09
CA SER M 57 16.41 8.26 22.42
C SER M 57 15.75 8.41 23.78
N TYR M 58 14.80 7.55 24.11
CA TYR M 58 14.09 7.64 25.39
C TYR M 58 14.91 7.09 26.56
N TYR M 59 15.64 6.01 26.33
CA TYR M 59 16.42 5.39 27.39
C TYR M 59 17.91 5.50 27.11
N LEU M 60 18.70 5.69 28.16
CA LEU M 60 20.14 5.79 28.00
C LEU M 60 20.68 4.50 27.40
N GLU M 61 21.84 4.59 26.77
CA GLU M 61 22.43 3.42 26.14
C GLU M 61 22.61 2.26 27.12
N SER M 62 23.24 2.53 28.25
CA SER M 62 23.47 1.48 29.24
C SER M 62 22.17 0.82 29.69
N TYR M 63 21.28 1.62 30.25
CA TYR M 63 19.99 1.10 30.72
C TYR M 63 19.12 0.66 29.54
N GLY M 64 19.18 1.41 28.46
CA GLY M 64 18.37 1.10 27.29
C GLY M 64 18.74 -0.26 26.71
N LEU M 65 20.04 -0.56 26.67
CA LEU M 65 20.51 -1.82 26.12
C LEU M 65 20.03 -3.00 26.95
N GLU M 66 20.09 -2.88 28.27
CA GLU M 66 19.65 -3.96 29.15
C GLU M 66 18.14 -4.20 29.04
N LEU M 67 17.38 -3.11 28.92
CA LEU M 67 15.93 -3.22 28.83
C LEU M 67 15.50 -4.08 27.65
N THR M 68 16.23 -3.99 26.56
CA THR M 68 15.89 -4.77 25.37
C THR M 68 15.90 -6.26 25.67
N MET M 69 16.99 -6.72 26.27
CA MET M 69 17.13 -8.15 26.56
C MET M 69 16.00 -8.65 27.41
N THR M 70 15.59 -7.85 28.38
CA THR M 70 14.52 -8.25 29.26
C THR M 70 13.28 -8.66 28.47
N VAL M 71 12.97 -7.89 27.42
CA VAL M 71 11.82 -8.19 26.59
C VAL M 71 12.06 -9.36 25.63
N LEU M 72 13.28 -9.47 25.11
CA LEU M 72 13.60 -10.57 24.19
C LEU M 72 13.41 -11.93 24.87
N ARG M 73 13.96 -12.07 26.05
CA ARG M 73 13.79 -13.33 26.72
C ARG M 73 12.31 -13.56 27.00
N ASP M 74 11.61 -12.50 27.38
CA ASP M 74 10.19 -12.64 27.73
C ASP M 74 9.40 -13.38 26.64
N MET M 75 9.68 -13.04 25.39
CA MET M 75 8.99 -13.69 24.26
C MET M 75 9.52 -15.10 24.09
N GLY M 76 10.38 -15.48 25.03
CA GLY M 76 11.01 -16.80 25.01
C GLY M 76 12.51 -16.62 24.86
N LEU M 77 13.29 -17.61 25.27
CA LEU M 77 14.74 -17.50 25.16
C LEU M 77 15.15 -17.63 23.71
N GLN M 78 15.82 -16.61 23.21
CA GLN M 78 16.28 -16.61 21.83
C GLN M 78 17.80 -16.59 21.81
N GLU M 79 18.38 -17.13 20.75
CA GLU M 79 19.82 -17.11 20.64
C GLU M 79 20.27 -15.66 20.61
N LEU M 80 19.38 -14.81 20.10
CA LEU M 80 19.66 -13.37 19.99
C LEU M 80 19.97 -12.77 21.35
N ALA M 81 19.14 -13.09 22.34
CA ALA M 81 19.35 -12.55 23.68
C ALA M 81 20.78 -12.81 24.12
N GLU M 82 21.24 -14.04 23.93
CA GLU M 82 22.60 -14.38 24.31
C GLU M 82 23.60 -13.67 23.41
N GLN M 83 23.35 -13.69 22.11
CA GLN M 83 24.26 -13.04 21.16
C GLN M 83 24.42 -11.58 21.49
N LEU M 84 23.31 -10.92 21.78
CA LEU M 84 23.35 -9.50 22.09
C LEU M 84 24.09 -9.25 23.41
N GLN M 85 23.88 -10.12 24.38
CA GLN M 85 24.54 -9.96 25.68
C GLN M 85 26.05 -9.90 25.52
N THR M 86 26.58 -10.68 24.60
CA THR M 86 28.02 -10.69 24.35
C THR M 86 28.51 -9.28 24.09
N THR M 87 27.67 -8.47 23.46
CA THR M 87 28.03 -7.09 23.15
C THR M 87 28.24 -6.29 24.43
N LYS M 88 27.49 -6.62 25.48
CA LYS M 88 27.62 -5.90 26.75
C LYS M 88 29.06 -5.89 27.22
N GLU M 89 29.71 -7.04 27.15
CA GLU M 89 31.11 -7.14 27.56
C GLU M 89 32.00 -6.39 26.58
N GLY N 1 35.61 19.95 -9.27
CA GLY N 1 35.35 18.94 -8.26
C GLY N 1 34.81 17.65 -8.87
N ARG N 2 35.59 17.06 -9.77
CA ARG N 2 35.17 15.82 -10.41
C ARG N 2 34.78 14.78 -9.37
N ALA N 3 35.43 14.82 -8.22
CA ALA N 3 35.15 13.87 -7.16
C ALA N 3 33.70 13.99 -6.68
N ARG N 4 33.25 15.22 -6.52
CA ARG N 4 31.89 15.46 -6.07
C ARG N 4 30.89 14.79 -7.00
N ASP N 5 31.13 14.95 -8.30
CA ASP N 5 30.24 14.37 -9.30
C ASP N 5 30.26 12.84 -9.28
N ALA N 6 31.42 12.25 -8.99
CA ALA N 6 31.53 10.80 -8.96
C ALA N 6 30.64 10.19 -7.87
N ILE N 7 30.72 10.74 -6.67
CA ILE N 7 29.91 10.24 -5.57
C ILE N 7 28.43 10.23 -5.94
N LEU N 8 27.99 11.34 -6.50
CA LEU N 8 26.60 11.49 -6.88
C LEU N 8 26.10 10.32 -7.73
N ASP N 9 26.82 9.99 -8.78
CA ASP N 9 26.39 8.91 -9.68
C ASP N 9 26.18 7.59 -8.95
N ALA N 10 27.11 7.23 -8.07
CA ALA N 10 27.00 5.97 -7.35
C ALA N 10 25.90 5.99 -6.27
N LEU N 11 25.94 6.98 -5.40
CA LEU N 11 24.97 7.06 -4.32
C LEU N 11 23.54 6.89 -4.81
N GLU N 12 23.25 7.46 -5.98
CA GLU N 12 21.90 7.39 -6.56
C GLU N 12 21.48 5.97 -6.93
N ASN N 13 22.44 5.03 -6.98
CA ASN N 13 22.14 3.64 -7.36
C ASN N 13 21.64 2.82 -6.17
N LEU N 14 21.38 3.46 -5.04
CA LEU N 14 20.89 2.75 -3.86
C LEU N 14 19.37 2.78 -3.81
N SER N 15 18.78 1.69 -3.33
CA SER N 15 17.32 1.63 -3.22
C SER N 15 16.82 2.54 -2.11
N GLY N 16 15.54 2.87 -2.16
CA GLY N 16 14.96 3.79 -1.18
C GLY N 16 15.19 3.37 0.28
N ASP N 17 14.99 2.10 0.59
CA ASP N 17 15.16 1.64 1.97
C ASP N 17 16.60 1.75 2.47
N GLU N 18 17.54 1.25 1.68
CA GLU N 18 18.94 1.28 2.09
C GLU N 18 19.38 2.71 2.36
N LEU N 19 18.84 3.64 1.59
CA LEU N 19 19.17 5.04 1.76
C LEU N 19 18.96 5.46 3.22
N LYS N 20 17.81 5.10 3.77
CA LYS N 20 17.51 5.48 5.14
C LYS N 20 18.57 4.88 6.05
N LYS N 21 18.96 3.65 5.77
CA LYS N 21 19.95 2.98 6.58
C LYS N 21 21.28 3.69 6.51
N PHE N 22 21.65 4.14 5.33
CA PHE N 22 22.91 4.84 5.16
C PHE N 22 22.92 6.16 5.92
N LYS N 23 21.93 7.01 5.66
CA LYS N 23 21.86 8.31 6.31
C LYS N 23 21.88 8.16 7.83
N MET N 24 21.04 7.28 8.34
CA MET N 24 20.95 7.06 9.78
C MET N 24 22.26 6.56 10.36
N LYS N 25 22.90 5.62 9.69
CA LYS N 25 24.16 5.08 10.20
C LYS N 25 25.25 6.14 10.23
N LEU N 26 25.20 7.06 9.27
CA LEU N 26 26.19 8.12 9.17
C LEU N 26 26.25 8.93 10.46
N LEU N 27 25.10 9.12 11.07
CA LEU N 27 25.02 9.88 12.32
C LEU N 27 25.80 9.19 13.44
N THR N 28 25.88 7.87 13.39
CA THR N 28 26.56 7.11 14.44
C THR N 28 28.00 6.72 14.07
N VAL N 29 28.48 7.18 12.93
CA VAL N 29 29.84 6.81 12.52
C VAL N 29 30.87 7.72 13.17
N GLN N 30 32.05 7.14 13.46
CA GLN N 30 33.13 7.90 14.09
C GLN N 30 33.99 8.58 13.03
N LEU N 31 34.30 9.85 13.27
CA LEU N 31 35.09 10.64 12.34
C LEU N 31 36.32 11.23 13.02
N ARG N 32 37.33 11.54 12.21
CA ARG N 32 38.55 12.13 12.74
C ARG N 32 38.26 13.49 13.38
N GLU N 33 39.04 13.83 14.41
CA GLU N 33 38.85 15.09 15.13
C GLU N 33 39.19 16.29 14.25
N GLY N 34 38.51 17.42 14.52
CA GLY N 34 38.73 18.65 13.76
C GLY N 34 37.60 18.91 12.78
N TYR N 35 36.61 18.02 12.79
CA TYR N 35 35.45 18.15 11.90
C TYR N 35 34.17 18.19 12.70
N GLY N 36 33.13 18.76 12.10
CA GLY N 36 31.83 18.87 12.77
C GLY N 36 30.92 17.69 12.43
N ARG N 37 29.75 17.70 13.05
CA ARG N 37 28.74 16.68 12.84
C ARG N 37 27.52 17.31 12.19
N ILE N 38 26.85 16.59 11.30
CA ILE N 38 25.71 17.18 10.61
C ILE N 38 24.45 17.11 11.48
N PRO N 39 23.70 18.20 11.57
CA PRO N 39 22.46 18.27 12.41
C PRO N 39 21.44 17.20 12.03
N ARG N 40 20.89 16.56 13.06
CA ARG N 40 19.92 15.49 12.85
C ARG N 40 18.69 15.96 12.08
N GLY N 41 18.13 17.09 12.49
CA GLY N 41 16.91 17.61 11.86
C GLY N 41 17.01 17.73 10.33
N ALA N 42 18.11 18.29 9.84
CA ALA N 42 18.25 18.49 8.41
C ALA N 42 18.39 17.16 7.65
N LEU N 43 19.22 16.28 8.17
CA LEU N 43 19.47 14.99 7.52
C LEU N 43 18.19 14.18 7.29
N LEU N 44 17.28 14.19 8.26
CA LEU N 44 16.05 13.41 8.15
C LEU N 44 15.18 13.77 6.96
N GLN N 45 15.16 15.04 6.54
CA GLN N 45 14.31 15.45 5.41
C GLN N 45 15.08 15.71 4.12
N MET N 46 16.38 15.47 4.11
CA MET N 46 17.20 15.74 2.91
C MET N 46 16.97 14.73 1.78
N ASP N 47 17.36 15.16 0.58
CA ASP N 47 17.24 14.33 -0.62
C ASP N 47 18.62 13.78 -1.01
N ALA N 48 18.62 12.77 -1.87
CA ALA N 48 19.88 12.16 -2.30
C ALA N 48 20.80 13.16 -3.00
N ILE N 49 20.27 13.98 -3.90
CA ILE N 49 21.12 14.95 -4.59
C ILE N 49 21.65 15.99 -3.62
N ASP N 50 20.76 16.53 -2.79
CA ASP N 50 21.16 17.55 -1.82
C ASP N 50 22.24 17.02 -0.89
N LEU N 51 22.05 15.80 -0.45
CA LEU N 51 23.01 15.15 0.46
C LEU N 51 24.39 15.15 -0.16
N THR N 52 24.45 15.02 -1.47
CA THR N 52 25.73 14.99 -2.17
C THR N 52 26.49 16.29 -1.97
N ASP N 53 25.84 17.41 -2.23
CA ASP N 53 26.49 18.70 -2.09
C ASP N 53 26.93 18.97 -0.66
N LYS N 54 26.02 18.78 0.28
CA LYS N 54 26.34 19.04 1.67
C LYS N 54 27.41 18.10 2.20
N LEU N 55 27.35 16.83 1.81
CA LEU N 55 28.33 15.86 2.29
C LEU N 55 29.74 16.35 2.02
N VAL N 56 29.99 16.84 0.83
CA VAL N 56 31.30 17.34 0.49
C VAL N 56 31.58 18.66 1.20
N SER N 57 30.55 19.47 1.38
CA SER N 57 30.71 20.78 2.01
C SER N 57 31.40 20.70 3.37
N TYR N 58 31.04 19.72 4.18
CA TYR N 58 31.63 19.58 5.51
C TYR N 58 33.02 18.95 5.48
N TYR N 59 33.23 17.97 4.60
CA TYR N 59 34.52 17.30 4.53
C TYR N 59 35.20 17.57 3.20
N LEU N 60 36.53 17.69 3.24
CA LEU N 60 37.28 17.94 2.02
C LEU N 60 37.07 16.80 1.04
N GLU N 61 37.28 17.08 -0.23
CA GLU N 61 37.08 16.05 -1.26
C GLU N 61 37.91 14.80 -0.98
N SER N 62 39.20 14.97 -0.77
CA SER N 62 40.08 13.83 -0.52
C SER N 62 39.59 13.00 0.68
N TYR N 63 39.54 13.63 1.84
CA TYR N 63 39.11 12.93 3.04
C TYR N 63 37.62 12.58 2.97
N GLY N 64 36.84 13.48 2.39
CA GLY N 64 35.40 13.24 2.28
C GLY N 64 35.10 12.02 1.43
N LEU N 65 35.85 11.85 0.35
CA LEU N 65 35.63 10.71 -0.55
C LEU N 65 35.93 9.39 0.15
N GLU N 66 37.02 9.35 0.91
CA GLU N 66 37.40 8.12 1.62
C GLU N 66 36.38 7.77 2.70
N LEU N 67 35.87 8.78 3.40
CA LEU N 67 34.92 8.57 4.48
C LEU N 67 33.68 7.83 3.98
N THR N 68 33.26 8.13 2.77
CA THR N 68 32.08 7.49 2.21
C THR N 68 32.24 5.98 2.15
N MET N 69 33.36 5.54 1.58
CA MET N 69 33.60 4.11 1.43
C MET N 69 33.56 3.40 2.76
N THR N 70 34.12 4.02 3.77
CA THR N 70 34.15 3.41 5.08
C THR N 70 32.74 3.01 5.52
N VAL N 71 31.76 3.87 5.26
CA VAL N 71 30.38 3.59 5.64
C VAL N 71 29.72 2.57 4.69
N LEU N 72 30.04 2.64 3.39
CA LEU N 72 29.44 1.71 2.43
C LEU N 72 29.80 0.27 2.78
N ARG N 73 31.06 0.02 3.03
CA ARG N 73 31.42 -1.33 3.37
C ARG N 73 30.74 -1.72 4.67
N ASP N 74 30.66 -0.79 5.62
CA ASP N 74 30.08 -1.12 6.92
C ASP N 74 28.69 -1.76 6.78
N MET N 75 27.88 -1.24 5.86
CA MET N 75 26.54 -1.79 5.63
C MET N 75 26.66 -3.11 4.90
N GLY N 76 27.90 -3.53 4.73
CA GLY N 76 28.20 -4.77 4.02
C GLY N 76 29.00 -4.44 2.78
N LEU N 77 29.76 -5.41 2.26
CA LEU N 77 30.55 -5.15 1.07
C LEU N 77 29.65 -5.06 -0.14
N GLN N 78 29.72 -3.92 -0.81
CA GLN N 78 28.91 -3.70 -2.00
C GLN N 78 29.81 -3.54 -3.21
N GLU N 79 29.30 -3.88 -4.38
CA GLU N 79 30.09 -3.72 -5.57
C GLU N 79 30.41 -2.25 -5.73
N LEU N 80 29.51 -1.41 -5.21
CA LEU N 80 29.67 0.04 -5.27
C LEU N 80 30.96 0.48 -4.61
N ALA N 81 31.23 -0.04 -3.41
CA ALA N 81 32.44 0.34 -2.71
C ALA N 81 33.65 0.15 -3.61
N GLU N 82 33.71 -0.99 -4.27
CA GLU N 82 34.82 -1.27 -5.17
C GLU N 82 34.76 -0.35 -6.38
N GLN N 83 33.57 -0.22 -6.97
CA GLN N 83 33.41 0.62 -8.15
C GLN N 83 33.85 2.05 -7.86
N LEU N 84 33.44 2.56 -6.72
CA LEU N 84 33.78 3.91 -6.34
C LEU N 84 35.28 4.05 -6.11
N GLN N 85 35.88 3.04 -5.50
CA GLN N 85 37.31 3.10 -5.21
C GLN N 85 38.11 3.32 -6.49
N THR N 86 37.66 2.71 -7.58
CA THR N 86 38.34 2.86 -8.86
C THR N 86 38.51 4.33 -9.20
N THR N 87 37.54 5.14 -8.78
CA THR N 87 37.58 6.57 -9.04
C THR N 87 38.76 7.22 -8.32
N LYS N 88 39.13 6.68 -7.15
CA LYS N 88 40.24 7.23 -6.39
C LYS N 88 41.50 7.31 -7.25
N GLU N 89 41.78 6.23 -7.98
CA GLU N 89 42.95 6.21 -8.85
C GLU N 89 42.75 7.16 -10.03
N GLY O 1 17.86 38.25 -30.16
CA GLY O 1 18.47 37.10 -29.50
C GLY O 1 17.59 35.87 -29.64
N ARG O 2 17.32 35.46 -30.88
CA ARG O 2 16.49 34.29 -31.13
C ARG O 2 17.02 33.09 -30.35
N ALA O 3 18.33 33.04 -30.18
CA ALA O 3 18.96 31.93 -29.47
C ALA O 3 18.45 31.85 -28.03
N ARG O 4 18.38 33.00 -27.38
CA ARG O 4 17.92 33.05 -26.00
C ARG O 4 16.53 32.42 -25.87
N ASP O 5 15.65 32.78 -26.81
CA ASP O 5 14.29 32.26 -26.80
C ASP O 5 14.25 30.75 -27.04
N ALA O 6 15.15 30.23 -27.87
CA ALA O 6 15.16 28.81 -28.15
C ALA O 6 15.45 27.98 -26.90
N ILE O 7 16.49 28.37 -26.16
CA ILE O 7 16.84 27.66 -24.95
C ILE O 7 15.65 27.56 -24.01
N LEU O 8 14.99 28.68 -23.82
CA LEU O 8 13.84 28.75 -22.92
C LEU O 8 12.83 27.66 -23.22
N ASP O 9 12.40 27.56 -24.47
CA ASP O 9 11.38 26.58 -24.83
C ASP O 9 11.77 25.15 -24.44
N ALA O 10 13.00 24.76 -24.69
CA ALA O 10 13.44 23.41 -24.37
C ALA O 10 13.63 23.18 -22.87
N LEU O 11 14.39 24.05 -22.23
CA LEU O 11 14.67 23.89 -20.80
C LEU O 11 13.40 23.67 -20.00
N GLU O 12 12.32 24.36 -20.37
CA GLU O 12 11.04 24.24 -19.67
C GLU O 12 10.41 22.85 -19.78
N ASN O 13 10.91 22.03 -20.71
CA ASN O 13 10.36 20.68 -20.91
C ASN O 13 10.95 19.65 -19.92
N LEU O 14 11.73 20.12 -18.95
CA LEU O 14 12.33 19.21 -17.97
C LEU O 14 11.44 19.09 -16.74
N SER O 15 11.41 17.90 -16.15
CA SER O 15 10.60 17.69 -14.96
C SER O 15 11.23 18.40 -13.76
N GLY O 16 10.42 18.62 -12.73
CA GLY O 16 10.89 19.33 -11.54
C GLY O 16 12.16 18.74 -10.92
N ASP O 17 12.23 17.43 -10.77
CA ASP O 17 13.40 16.80 -10.15
C ASP O 17 14.68 16.98 -10.97
N GLU O 18 14.61 16.68 -12.26
CA GLU O 18 15.78 16.79 -13.12
C GLU O 18 16.33 18.20 -13.08
N LEU O 19 15.44 19.17 -12.97
CA LEU O 19 15.85 20.55 -12.92
C LEU O 19 16.89 20.76 -11.81
N LYS O 20 16.61 20.22 -10.64
CA LYS O 20 17.53 20.39 -9.54
C LYS O 20 18.87 19.78 -9.91
N LYS O 21 18.81 18.64 -10.58
CA LYS O 21 20.03 17.95 -10.98
C LYS O 21 20.83 18.79 -11.96
N PHE O 22 20.14 19.42 -12.89
CA PHE O 22 20.80 20.25 -13.88
C PHE O 22 21.48 21.46 -13.23
N LYS O 23 20.71 22.24 -12.47
CA LYS O 23 21.26 23.42 -11.82
C LYS O 23 22.46 23.08 -10.96
N MET O 24 22.31 22.06 -10.12
CA MET O 24 23.38 21.64 -9.23
C MET O 24 24.62 21.19 -9.99
N LYS O 25 24.42 20.41 -11.05
CA LYS O 25 25.57 19.93 -11.81
C LYS O 25 26.31 21.08 -12.49
N LEU O 26 25.56 22.11 -12.89
CA LEU O 26 26.14 23.26 -13.56
C LEU O 26 27.24 23.88 -12.71
N LEU O 27 27.03 23.89 -11.41
CA LEU O 27 28.01 24.46 -10.49
C LEU O 27 29.34 23.70 -10.54
N THR O 28 29.28 22.41 -10.84
CA THR O 28 30.49 21.58 -10.87
C THR O 28 31.05 21.38 -12.28
N VAL O 29 30.47 22.03 -13.27
CA VAL O 29 30.94 21.86 -14.64
C VAL O 29 32.15 22.74 -14.93
N GLN O 30 33.05 22.25 -15.77
CA GLN O 30 34.25 23.01 -16.14
C GLN O 30 33.96 23.90 -17.34
N LEU O 31 34.41 25.15 -17.24
CA LEU O 31 34.20 26.13 -18.31
C LEU O 31 35.51 26.73 -18.78
N ARG O 32 35.51 27.24 -20.00
CA ARG O 32 36.69 27.87 -20.56
C ARG O 32 37.10 29.08 -19.74
N GLU O 33 38.40 29.37 -19.68
CA GLU O 33 38.92 30.49 -18.92
C GLU O 33 38.50 31.83 -19.52
N GLY O 34 38.34 32.84 -18.65
CA GLY O 34 37.94 34.18 -19.10
C GLY O 34 36.48 34.46 -18.74
N TYR O 35 35.84 33.49 -18.09
CA TYR O 35 34.45 33.63 -17.70
C TYR O 35 34.30 33.45 -16.19
N GLY O 36 33.22 33.99 -15.65
CA GLY O 36 32.97 33.89 -14.21
C GLY O 36 32.08 32.70 -13.88
N ARG O 37 31.86 32.51 -12.59
CA ARG O 37 31.03 31.44 -12.06
C ARG O 37 29.81 32.05 -11.39
N ILE O 38 28.67 31.39 -11.50
CA ILE O 38 27.44 31.95 -10.94
C ILE O 38 27.37 31.65 -9.43
N PRO O 39 27.03 32.65 -8.62
CA PRO O 39 26.95 32.49 -7.13
C PRO O 39 25.98 31.39 -6.72
N ARG O 40 26.42 30.57 -5.78
CA ARG O 40 25.61 29.45 -5.29
C ARG O 40 24.27 29.91 -4.71
N GLY O 41 24.31 30.92 -3.85
CA GLY O 41 23.10 31.40 -3.18
C GLY O 41 21.96 31.75 -4.15
N ALA O 42 22.27 32.46 -5.22
CA ALA O 42 21.23 32.85 -6.17
C ALA O 42 20.65 31.66 -6.93
N LEU O 43 21.51 30.79 -7.41
CA LEU O 43 21.09 29.64 -8.19
C LEU O 43 20.09 28.74 -7.44
N LEU O 44 20.30 28.56 -6.15
CA LEU O 44 19.43 27.68 -5.37
C LEU O 44 17.97 28.11 -5.34
N GLN O 45 17.70 29.42 -5.37
CA GLN O 45 16.31 29.91 -5.30
C GLN O 45 15.76 30.40 -6.66
N MET O 46 16.54 30.28 -7.72
CA MET O 46 16.10 30.78 -9.04
C MET O 46 15.02 29.92 -9.68
N ASP O 47 14.32 30.53 -10.63
CA ASP O 47 13.25 29.87 -11.39
C ASP O 47 13.76 29.50 -12.78
N ALA O 48 13.02 28.63 -13.46
CA ALA O 48 13.42 28.19 -14.80
C ALA O 48 13.49 29.36 -15.78
N ILE O 49 12.48 30.24 -15.78
CA ILE O 49 12.50 31.37 -16.70
C ILE O 49 13.65 32.31 -16.39
N ASP O 50 13.80 32.66 -15.12
CA ASP O 50 14.85 33.56 -14.69
C ASP O 50 16.23 33.02 -15.07
N LEU O 51 16.40 31.72 -14.85
CA LEU O 51 17.66 31.07 -15.16
C LEU O 51 18.02 31.27 -16.62
N THR O 52 17.00 31.32 -17.47
CA THR O 52 17.23 31.51 -18.89
C THR O 52 17.92 32.83 -19.18
N ASP O 53 17.37 33.90 -18.64
CA ASP O 53 17.94 35.23 -18.88
C ASP O 53 19.35 35.35 -18.33
N LYS O 54 19.54 34.95 -17.09
CA LYS O 54 20.85 35.04 -16.46
C LYS O 54 21.87 34.14 -17.14
N LEU O 55 21.46 32.94 -17.52
CA LEU O 55 22.38 32.00 -18.15
C LEU O 55 23.06 32.65 -19.35
N VAL O 56 22.29 33.31 -20.19
CA VAL O 56 22.84 33.98 -21.35
C VAL O 56 23.65 35.21 -20.94
N SER O 57 23.21 35.90 -19.90
CA SER O 57 23.87 37.12 -19.44
C SER O 57 25.35 36.92 -19.19
N TYR O 58 25.73 35.80 -18.57
CA TYR O 58 27.13 35.54 -18.26
C TYR O 58 27.92 35.07 -19.48
N TYR O 59 27.31 34.23 -20.32
CA TYR O 59 28.00 33.69 -21.48
C TYR O 59 27.39 34.20 -22.77
N LEU O 60 28.21 34.44 -23.77
CA LEU O 60 27.72 34.92 -25.05
C LEU O 60 26.76 33.90 -25.64
N GLU O 61 25.89 34.35 -26.53
CA GLU O 61 24.91 33.47 -27.14
C GLU O 61 25.56 32.27 -27.82
N SER O 62 26.54 32.54 -28.68
CA SER O 62 27.21 31.45 -29.40
C SER O 62 27.81 30.43 -28.44
N TYR O 63 28.74 30.89 -27.60
CA TYR O 63 29.39 30.01 -26.65
C TYR O 63 28.42 29.54 -25.58
N GLY O 64 27.52 30.42 -25.17
CA GLY O 64 26.55 30.08 -24.14
C GLY O 64 25.63 28.94 -24.59
N LEU O 65 25.22 29.00 -25.85
CA LEU O 65 24.32 27.98 -26.40
C LEU O 65 24.99 26.61 -26.42
N GLU O 66 26.25 26.56 -26.83
CA GLU O 66 26.98 25.30 -26.89
C GLU O 66 27.20 24.70 -25.50
N LEU O 67 27.50 25.57 -24.54
CA LEU O 67 27.76 25.12 -23.17
C LEU O 67 26.57 24.34 -22.61
N THR O 68 25.37 24.76 -22.95
CA THR O 68 24.18 24.10 -22.44
C THR O 68 24.15 22.64 -22.85
N MET O 69 24.36 22.37 -24.14
CA MET O 69 24.31 21.01 -24.64
C MET O 69 25.31 20.12 -23.92
N THR O 70 26.48 20.66 -23.66
CA THR O 70 27.50 19.89 -22.99
C THR O 70 26.98 19.29 -21.69
N VAL O 71 26.22 20.09 -20.94
CA VAL O 71 25.66 19.63 -19.67
C VAL O 71 24.46 18.71 -19.88
N LEU O 72 23.63 18.97 -20.89
CA LEU O 72 22.46 18.12 -21.13
C LEU O 72 22.88 16.69 -21.43
N ARG O 73 23.84 16.52 -22.31
CA ARG O 73 24.26 15.18 -22.59
C ARG O 73 24.84 14.56 -21.34
N ASP O 74 25.59 15.34 -20.58
CA ASP O 74 26.26 14.80 -19.39
C ASP O 74 25.27 14.05 -18.48
N MET O 75 24.08 14.62 -18.31
CA MET O 75 23.05 13.99 -17.47
C MET O 75 22.48 12.79 -18.20
N GLY O 76 23.07 12.50 -19.35
CA GLY O 76 22.63 11.40 -20.20
C GLY O 76 22.16 11.98 -21.53
N LEU O 77 22.16 11.15 -22.57
CA LEU O 77 21.71 11.64 -23.87
C LEU O 77 20.21 11.81 -23.88
N GLN O 78 19.77 13.02 -24.15
CA GLN O 78 18.35 13.33 -24.19
C GLN O 78 17.95 13.73 -25.59
N GLU O 79 16.70 13.51 -25.94
CA GLU O 79 16.24 13.90 -27.25
C GLU O 79 16.38 15.40 -27.36
N LEU O 80 16.29 16.07 -26.21
CA LEU O 80 16.41 17.53 -26.15
C LEU O 80 17.74 17.99 -26.71
N ALA O 81 18.82 17.35 -26.29
CA ALA O 81 20.15 17.73 -26.77
C ALA O 81 20.16 17.78 -28.28
N GLU O 82 19.61 16.75 -28.90
CA GLU O 82 19.56 16.70 -30.35
C GLU O 82 18.61 17.76 -30.89
N GLN O 83 17.43 17.85 -30.29
CA GLN O 83 16.43 18.83 -30.73
C GLN O 83 17.00 20.24 -30.68
N LEU O 84 17.68 20.55 -29.59
CA LEU O 84 18.25 21.87 -29.43
C LEU O 84 19.37 22.11 -30.45
N GLN O 85 20.18 21.09 -30.72
CA GLN O 85 21.27 21.23 -31.68
C GLN O 85 20.75 21.70 -33.03
N THR O 86 19.58 21.20 -33.42
CA THR O 86 19.00 21.58 -34.70
C THR O 86 18.90 23.10 -34.80
N THR O 87 18.68 23.74 -33.66
CA THR O 87 18.58 25.20 -33.63
C THR O 87 19.89 25.85 -34.04
N LYS O 88 21.00 25.20 -33.71
CA LYS O 88 22.33 25.74 -34.05
C LYS O 88 22.42 26.06 -35.54
N GLU O 89 21.96 25.11 -36.35
CA GLU O 89 21.98 25.31 -37.80
C GLU O 89 20.97 26.40 -38.20
N GLY A 1 -6.89 -15.71 -33.70
CA GLY A 1 -6.61 -16.97 -34.38
C GLY A 1 -7.23 -18.13 -33.60
N ARG A 2 -8.09 -18.88 -34.27
CA ARG A 2 -8.75 -20.02 -33.64
C ARG A 2 -7.71 -21.01 -33.10
N ALA A 3 -6.46 -20.81 -33.47
CA ALA A 3 -5.39 -21.71 -33.02
C ALA A 3 -5.42 -21.89 -31.51
N ARG A 4 -5.54 -20.79 -30.76
CA ARG A 4 -5.58 -20.89 -29.32
C ARG A 4 -6.78 -21.71 -28.86
N ASP A 5 -7.93 -21.42 -29.47
CA ASP A 5 -9.16 -22.10 -29.11
C ASP A 5 -9.13 -23.58 -29.49
N ALA A 6 -8.50 -23.91 -30.60
CA ALA A 6 -8.44 -25.30 -31.04
C ALA A 6 -7.65 -26.17 -30.06
N ILE A 7 -6.44 -25.76 -29.74
CA ILE A 7 -5.62 -26.51 -28.81
C ILE A 7 -6.33 -26.68 -27.49
N LEU A 8 -6.85 -25.58 -26.98
CA LEU A 8 -7.53 -25.59 -25.70
C LEU A 8 -8.59 -26.68 -25.64
N ASP A 9 -9.47 -26.71 -26.61
CA ASP A 9 -10.56 -27.69 -26.61
C ASP A 9 -10.04 -29.13 -26.54
N ALA A 10 -9.02 -29.44 -27.33
CA ALA A 10 -8.49 -30.81 -27.35
C ALA A 10 -7.67 -31.14 -26.10
N LEU A 11 -6.72 -30.29 -25.76
CA LEU A 11 -5.86 -30.54 -24.62
C LEU A 11 -6.66 -30.88 -23.36
N GLU A 12 -7.77 -30.16 -23.16
CA GLU A 12 -8.63 -30.36 -21.98
C GLU A 12 -9.25 -31.77 -21.92
N ASN A 13 -9.20 -32.51 -23.04
CA ASN A 13 -9.78 -33.87 -23.07
C ASN A 13 -8.83 -34.93 -22.54
N LEU A 14 -7.71 -34.51 -21.95
CA LEU A 14 -6.74 -35.48 -21.40
C LEU A 14 -7.02 -35.74 -19.93
N SER A 15 -6.80 -36.98 -19.49
CA SER A 15 -7.01 -37.32 -18.09
C SER A 15 -5.94 -36.69 -17.23
N GLY A 16 -6.21 -36.60 -15.92
CA GLY A 16 -5.28 -35.97 -14.98
C GLY A 16 -3.87 -36.56 -15.02
N ASP A 17 -3.75 -37.88 -15.08
CA ASP A 17 -2.43 -38.50 -15.06
C ASP A 17 -1.61 -38.22 -16.33
N GLU A 18 -2.22 -38.41 -17.49
CA GLU A 18 -1.52 -38.20 -18.75
C GLU A 18 -1.01 -36.77 -18.83
N LEU A 19 -1.77 -35.85 -18.25
CA LEU A 19 -1.39 -34.46 -18.26
C LEU A 19 0.03 -34.30 -17.72
N LYS A 20 0.30 -34.95 -16.59
CA LYS A 20 1.61 -34.83 -16.00
C LYS A 20 2.63 -35.38 -16.97
N LYS A 21 2.29 -36.46 -17.65
CA LYS A 21 3.19 -37.06 -18.60
C LYS A 21 3.49 -36.10 -19.73
N PHE A 22 2.47 -35.37 -20.16
CA PHE A 22 2.64 -34.42 -21.24
C PHE A 22 3.60 -33.31 -20.86
N LYS A 23 3.33 -32.63 -19.75
CA LYS A 23 4.19 -31.52 -19.32
C LYS A 23 5.64 -31.97 -19.19
N MET A 24 5.83 -33.06 -18.47
CA MET A 24 7.17 -33.58 -18.22
C MET A 24 7.89 -33.91 -19.51
N LYS A 25 7.20 -34.55 -20.44
CA LYS A 25 7.85 -34.92 -21.70
C LYS A 25 8.24 -33.69 -22.51
N LEU A 26 7.40 -32.66 -22.44
CA LEU A 26 7.64 -31.42 -23.17
C LEU A 26 8.99 -30.82 -22.79
N LEU A 27 9.36 -30.94 -21.54
CA LEU A 27 10.62 -30.40 -21.06
C LEU A 27 11.82 -31.04 -21.75
N THR A 28 11.69 -32.32 -22.11
CA THR A 28 12.80 -33.05 -22.73
C THR A 28 12.68 -33.16 -24.25
N VAL A 29 11.66 -32.55 -24.83
CA VAL A 29 11.47 -32.63 -26.27
C VAL A 29 12.41 -31.67 -27.00
N GLN A 30 12.84 -32.07 -28.20
CA GLN A 30 13.75 -31.24 -28.99
C GLN A 30 12.96 -30.18 -29.77
N LEU A 31 13.47 -28.95 -29.75
CA LEU A 31 12.82 -27.84 -30.42
C LEU A 31 13.73 -27.21 -31.46
N ARG A 32 13.12 -26.55 -32.44
CA ARG A 32 13.89 -25.86 -33.48
C ARG A 32 14.73 -24.74 -32.87
N GLU A 33 15.87 -24.44 -33.49
CA GLU A 33 16.75 -23.38 -32.99
C GLU A 33 16.14 -22.00 -33.18
N GLY A 34 16.47 -21.09 -32.28
CA GLY A 34 15.97 -19.71 -32.32
C GLY A 34 14.80 -19.53 -31.36
N TYR A 35 14.51 -20.57 -30.60
CA TYR A 35 13.41 -20.53 -29.64
C TYR A 35 13.91 -20.82 -28.23
N GLY A 36 13.14 -20.39 -27.23
CA GLY A 36 13.53 -20.60 -25.84
C GLY A 36 12.86 -21.84 -25.24
N ARG A 37 13.24 -22.13 -24.00
CA ARG A 37 12.71 -23.26 -23.25
C ARG A 37 11.92 -22.74 -22.06
N ILE A 38 10.83 -23.40 -21.70
CA ILE A 38 10.00 -22.90 -20.61
C ILE A 38 10.56 -23.31 -19.24
N PRO A 39 10.67 -22.37 -18.32
CA PRO A 39 11.20 -22.63 -16.95
C PRO A 39 10.51 -23.80 -16.28
N ARG A 40 11.30 -24.66 -15.65
CA ARG A 40 10.74 -25.84 -14.98
C ARG A 40 9.78 -25.46 -13.85
N GLY A 41 10.17 -24.49 -13.04
CA GLY A 41 9.35 -24.08 -11.89
C GLY A 41 7.91 -23.72 -12.26
N ALA A 42 7.74 -22.92 -13.30
CA ALA A 42 6.40 -22.50 -13.70
C ALA A 42 5.55 -23.67 -14.22
N LEU A 43 6.15 -24.50 -15.05
CA LEU A 43 5.44 -25.63 -15.63
C LEU A 43 4.87 -26.57 -14.58
N LEU A 44 5.63 -26.80 -13.51
CA LEU A 44 5.20 -27.73 -12.47
C LEU A 44 3.87 -27.34 -11.81
N GLN A 45 3.63 -26.05 -11.60
CA GLN A 45 2.39 -25.62 -10.93
C GLN A 45 1.36 -25.02 -11.90
N MET A 46 1.66 -25.01 -13.19
CA MET A 46 0.73 -24.44 -14.16
C MET A 46 -0.56 -25.25 -14.31
N ASP A 47 -1.58 -24.58 -14.85
CA ASP A 47 -2.89 -25.20 -15.08
C ASP A 47 -3.07 -25.50 -16.57
N ALA A 48 -4.02 -26.38 -16.89
CA ALA A 48 -4.26 -26.73 -18.28
C ALA A 48 -4.64 -25.51 -19.11
N ILE A 49 -5.56 -24.68 -18.61
CA ILE A 49 -5.96 -23.50 -19.38
C ILE A 49 -4.77 -22.56 -19.56
N ASP A 50 -4.11 -22.27 -18.45
CA ASP A 50 -2.96 -21.37 -18.46
C ASP A 50 -1.87 -21.89 -19.40
N LEU A 51 -1.66 -23.20 -19.36
CA LEU A 51 -0.65 -23.83 -20.17
C LEU A 51 -0.86 -23.51 -21.64
N THR A 52 -2.11 -23.34 -22.04
CA THR A 52 -2.42 -23.04 -23.43
C THR A 52 -1.92 -21.65 -23.82
N ASP A 53 -2.27 -20.65 -23.01
CA ASP A 53 -1.85 -19.29 -23.32
C ASP A 53 -0.34 -19.19 -23.37
N LYS A 54 0.32 -19.81 -22.40
CA LYS A 54 1.77 -19.79 -22.34
C LYS A 54 2.39 -20.50 -23.53
N LEU A 55 1.84 -21.67 -23.85
CA LEU A 55 2.36 -22.47 -24.96
C LEU A 55 2.43 -21.67 -26.25
N VAL A 56 1.36 -20.96 -26.56
CA VAL A 56 1.34 -20.20 -27.80
C VAL A 56 2.22 -18.96 -27.69
N SER A 57 2.23 -18.31 -26.55
CA SER A 57 3.03 -17.08 -26.38
C SER A 57 4.49 -17.32 -26.72
N TYR A 58 5.01 -18.50 -26.45
CA TYR A 58 6.41 -18.80 -26.72
C TYR A 58 6.66 -19.11 -28.20
N TYR A 59 5.76 -19.85 -28.84
CA TYR A 59 5.94 -20.21 -30.24
C TYR A 59 4.82 -19.65 -31.10
N LEU A 60 5.15 -19.35 -32.35
CA LEU A 60 4.15 -18.81 -33.26
C LEU A 60 3.01 -19.80 -33.40
N GLU A 61 1.84 -19.30 -33.74
CA GLU A 61 0.66 -20.15 -33.87
C GLU A 61 0.88 -21.26 -34.88
N SER A 62 1.39 -20.92 -36.06
CA SER A 62 1.61 -21.92 -37.10
C SER A 62 2.56 -23.01 -36.64
N TYR A 63 3.75 -22.62 -36.21
CA TYR A 63 4.75 -23.57 -35.75
C TYR A 63 4.37 -24.17 -34.41
N GLY A 64 3.81 -23.35 -33.53
CA GLY A 64 3.42 -23.82 -32.21
C GLY A 64 2.36 -24.91 -32.31
N LEU A 65 1.39 -24.72 -33.19
CA LEU A 65 0.32 -25.69 -33.34
C LEU A 65 0.87 -27.05 -33.79
N GLU A 66 1.78 -27.04 -34.75
CA GLU A 66 2.38 -28.27 -35.25
C GLU A 66 3.24 -28.96 -34.19
N LEU A 67 3.93 -28.17 -33.38
CA LEU A 67 4.80 -28.72 -32.34
C LEU A 67 4.04 -29.60 -31.37
N THR A 68 2.81 -29.22 -31.05
CA THR A 68 2.01 -29.99 -30.12
C THR A 68 1.82 -31.42 -30.63
N MET A 69 1.46 -31.53 -31.90
CA MET A 69 1.20 -32.85 -32.50
C MET A 69 2.38 -33.77 -32.33
N THR A 70 3.57 -33.25 -32.55
CA THR A 70 4.77 -34.07 -32.45
C THR A 70 4.85 -34.75 -31.07
N VAL A 71 4.54 -34.00 -30.01
CA VAL A 71 4.60 -34.55 -28.66
C VAL A 71 3.41 -35.46 -28.39
N LEU A 72 2.22 -35.08 -28.88
CA LEU A 72 1.03 -35.90 -28.65
C LEU A 72 1.22 -37.32 -29.17
N ARG A 73 1.65 -37.45 -30.41
CA ARG A 73 1.84 -38.77 -30.93
C ARG A 73 2.91 -39.50 -30.15
N ASP A 74 3.98 -38.79 -29.80
CA ASP A 74 5.09 -39.42 -29.09
C ASP A 74 4.62 -40.22 -27.88
N MET A 75 3.67 -39.65 -27.12
CA MET A 75 3.13 -40.33 -25.94
C MET A 75 2.34 -41.55 -26.39
N GLY A 76 1.87 -41.50 -27.62
CA GLY A 76 1.09 -42.57 -28.20
C GLY A 76 0.14 -42.00 -29.24
N LEU A 77 -0.12 -42.75 -30.30
CA LEU A 77 -1.02 -42.25 -31.33
C LEU A 77 -2.43 -42.22 -30.78
N GLN A 78 -3.04 -41.05 -30.83
CA GLN A 78 -4.37 -40.89 -30.31
C GLN A 78 -5.25 -40.19 -31.34
N GLU A 79 -6.55 -40.35 -31.19
CA GLU A 79 -7.47 -39.71 -32.09
C GLU A 79 -7.24 -38.21 -32.02
N LEU A 80 -6.81 -37.76 -30.85
CA LEU A 80 -6.54 -36.34 -30.65
C LEU A 80 -5.53 -35.83 -31.67
N ALA A 81 -4.44 -36.58 -31.85
CA ALA A 81 -3.42 -36.17 -32.80
C ALA A 81 -4.05 -35.89 -34.16
N GLU A 82 -4.84 -36.84 -34.66
CA GLU A 82 -5.48 -36.66 -35.95
C GLU A 82 -6.61 -35.64 -35.85
N GLN A 83 -7.43 -35.74 -34.80
CA GLN A 83 -8.55 -34.83 -34.65
C GLN A 83 -8.06 -33.40 -34.72
N LEU A 84 -6.95 -33.14 -34.04
CA LEU A 84 -6.38 -31.81 -34.03
C LEU A 84 -5.84 -31.45 -35.42
N GLN A 85 -5.25 -32.44 -36.09
CA GLN A 85 -4.69 -32.21 -37.42
C GLN A 85 -5.74 -31.64 -38.36
N THR A 86 -6.96 -32.11 -38.24
CA THR A 86 -8.05 -31.63 -39.09
C THR A 86 -8.14 -30.11 -39.02
N THR A 87 -7.81 -29.56 -37.86
CA THR A 87 -7.85 -28.11 -37.67
C THR A 87 -6.84 -27.43 -38.58
N LYS A 88 -5.71 -28.08 -38.82
CA LYS A 88 -4.67 -27.51 -39.68
C LYS A 88 -5.24 -27.11 -41.04
N GLU A 89 -6.03 -28.01 -41.62
CA GLU A 89 -6.66 -27.73 -42.91
C GLU A 89 -7.72 -26.64 -42.75
N GLY B 1 -29.18 2.41 -16.70
CA GLY B 1 -29.61 1.27 -17.52
C GLY B 1 -29.42 -0.03 -16.76
N ARG B 2 -30.51 -0.76 -16.58
CA ARG B 2 -30.47 -2.03 -15.86
C ARG B 2 -29.45 -2.98 -16.51
N ALA B 3 -28.98 -2.63 -17.69
CA ALA B 3 -28.02 -3.46 -18.39
C ALA B 3 -26.84 -3.85 -17.50
N ARG B 4 -26.28 -2.88 -16.79
CA ARG B 4 -25.16 -3.17 -15.90
C ARG B 4 -25.58 -4.14 -14.81
N ASP B 5 -26.74 -3.88 -14.22
CA ASP B 5 -27.24 -4.72 -13.15
C ASP B 5 -27.59 -6.12 -13.61
N ALA B 6 -28.09 -6.24 -14.83
CA ALA B 6 -28.48 -7.55 -15.35
C ALA B 6 -27.26 -8.47 -15.51
N ILE B 7 -26.26 -7.99 -16.22
CA ILE B 7 -25.05 -8.78 -16.44
C ILE B 7 -24.45 -9.19 -15.10
N LEU B 8 -24.31 -8.21 -14.23
CA LEU B 8 -23.71 -8.45 -12.93
C LEU B 8 -24.36 -9.63 -12.22
N ASP B 9 -25.67 -9.62 -12.11
CA ASP B 9 -26.37 -10.68 -11.40
C ASP B 9 -26.08 -12.07 -11.98
N ALA B 10 -26.09 -12.18 -13.30
CA ALA B 10 -25.85 -13.48 -13.94
C ALA B 10 -24.37 -13.89 -13.89
N LEU B 11 -23.49 -13.01 -14.31
CA LEU B 11 -22.07 -13.34 -14.34
C LEU B 11 -21.58 -13.90 -13.01
N GLU B 12 -22.07 -13.32 -11.91
CA GLU B 12 -21.67 -13.75 -10.57
C GLU B 12 -22.06 -15.20 -10.26
N ASN B 13 -22.96 -15.78 -11.07
CA ASN B 13 -23.41 -17.17 -10.82
C ASN B 13 -22.45 -18.20 -11.43
N LEU B 14 -21.28 -17.77 -11.89
CA LEU B 14 -20.31 -18.70 -12.47
C LEU B 14 -19.31 -19.17 -11.41
N SER B 15 -18.90 -20.43 -11.52
CA SER B 15 -17.94 -20.98 -10.57
C SER B 15 -16.56 -20.37 -10.80
N GLY B 16 -15.70 -20.48 -9.80
CA GLY B 16 -14.37 -19.89 -9.87
C GLY B 16 -13.56 -20.34 -11.09
N ASP B 17 -13.59 -21.62 -11.41
CA ASP B 17 -12.80 -22.12 -12.54
C ASP B 17 -13.30 -21.59 -13.89
N GLU B 18 -14.60 -21.70 -14.14
CA GLU B 18 -15.16 -21.26 -15.41
C GLU B 18 -14.84 -19.80 -15.65
N LEU B 19 -14.81 -19.03 -14.57
CA LEU B 19 -14.52 -17.61 -14.67
C LEU B 19 -13.21 -17.40 -15.43
N LYS B 20 -12.19 -18.17 -15.07
CA LYS B 20 -10.91 -18.01 -15.73
C LYS B 20 -11.08 -18.33 -17.21
N LYS B 21 -11.89 -19.34 -17.50
CA LYS B 21 -12.11 -19.73 -18.87
C LYS B 21 -12.77 -18.60 -19.63
N PHE B 22 -13.70 -17.92 -18.98
CA PHE B 22 -14.41 -16.83 -19.62
C PHE B 22 -13.48 -15.69 -19.98
N LYS B 23 -12.73 -15.19 -19.00
CA LYS B 23 -11.82 -14.08 -19.25
C LYS B 23 -10.85 -14.40 -20.38
N MET B 24 -10.20 -15.55 -20.26
CA MET B 24 -9.22 -15.98 -21.24
C MET B 24 -9.82 -16.08 -22.64
N LYS B 25 -11.01 -16.64 -22.76
CA LYS B 25 -11.63 -16.79 -24.06
C LYS B 25 -11.97 -15.43 -24.67
N LEU B 26 -12.37 -14.50 -23.81
CA LEU B 26 -12.74 -13.16 -24.24
C LEU B 26 -11.60 -12.49 -25.00
N LEU B 27 -10.38 -12.74 -24.55
CA LEU B 27 -9.21 -12.15 -25.18
C LEU B 27 -9.06 -12.59 -26.64
N THR B 28 -9.48 -13.82 -26.94
CA THR B 28 -9.33 -14.35 -28.30
C THR B 28 -10.62 -14.28 -29.12
N VAL B 29 -11.67 -13.69 -28.57
CA VAL B 29 -12.93 -13.61 -29.30
C VAL B 29 -12.89 -12.48 -30.33
N GLN B 30 -13.59 -12.67 -31.45
CA GLN B 30 -13.63 -11.67 -32.50
C GLN B 30 -14.68 -10.59 -32.20
N LEU B 31 -14.29 -9.34 -32.39
CA LEU B 31 -15.17 -8.21 -32.12
C LEU B 31 -15.41 -7.36 -33.36
N ARG B 32 -16.51 -6.64 -33.37
CA ARG B 32 -16.84 -5.77 -34.49
C ARG B 32 -15.78 -4.66 -34.62
N GLU B 33 -15.57 -4.17 -35.84
CA GLU B 33 -14.58 -3.12 -36.08
C GLU B 33 -15.04 -1.78 -35.50
N GLY B 34 -14.07 -0.96 -35.08
CA GLY B 34 -14.37 0.35 -34.50
C GLY B 34 -14.31 0.30 -32.97
N TYR B 35 -13.93 -0.86 -32.45
CA TYR B 35 -13.83 -1.05 -31.00
C TYR B 35 -12.42 -1.47 -30.60
N GLY B 36 -12.08 -1.25 -29.34
CA GLY B 36 -10.76 -1.60 -28.85
C GLY B 36 -10.75 -2.96 -28.14
N ARG B 37 -9.55 -3.37 -27.75
CA ARG B 37 -9.33 -4.64 -27.05
C ARG B 37 -8.84 -4.34 -25.65
N ILE B 38 -9.26 -5.15 -24.68
CA ILE B 38 -8.87 -4.87 -23.29
C ILE B 38 -7.47 -5.40 -22.98
N PRO B 39 -6.62 -4.57 -22.38
CA PRO B 39 -5.22 -4.97 -22.01
C PRO B 39 -5.18 -6.28 -21.24
N ARG B 40 -4.24 -7.14 -21.61
CA ARG B 40 -4.11 -8.44 -20.96
C ARG B 40 -3.78 -8.30 -19.47
N GLY B 41 -2.86 -7.41 -19.15
CA GLY B 41 -2.43 -7.23 -17.75
C GLY B 41 -3.57 -6.96 -16.78
N ALA B 42 -4.47 -6.05 -17.15
CA ALA B 42 -5.58 -5.70 -16.26
C ALA B 42 -6.57 -6.86 -16.09
N LEU B 43 -6.89 -7.53 -17.18
CA LEU B 43 -7.84 -8.62 -17.14
C LEU B 43 -7.40 -9.75 -16.20
N LEU B 44 -6.11 -10.04 -16.19
CA LEU B 44 -5.59 -11.13 -15.38
C LEU B 44 -5.85 -10.96 -13.88
N GLN B 45 -5.77 -9.73 -13.37
CA GLN B 45 -5.98 -9.51 -11.93
C GLN B 45 -7.34 -8.89 -11.60
N MET B 46 -8.19 -8.68 -12.61
CA MET B 46 -9.49 -8.07 -12.37
C MET B 46 -10.43 -8.96 -11.57
N ASP B 47 -11.46 -8.33 -10.98
CA ASP B 47 -12.45 -9.03 -10.18
C ASP B 47 -13.76 -9.15 -10.97
N ALA B 48 -14.63 -10.06 -10.56
CA ALA B 48 -15.89 -10.25 -11.24
C ALA B 48 -16.73 -8.97 -11.25
N ILE B 49 -16.86 -8.30 -10.11
CA ILE B 49 -17.65 -7.07 -10.08
C ILE B 49 -17.02 -6.02 -10.98
N ASP B 50 -15.72 -5.81 -10.79
CA ASP B 50 -14.99 -4.81 -11.57
C ASP B 50 -15.09 -5.11 -13.07
N LEU B 51 -14.99 -6.38 -13.40
CA LEU B 51 -15.06 -6.81 -14.79
C LEU B 51 -16.34 -6.31 -15.45
N THR B 52 -17.40 -6.22 -14.67
CA THR B 52 -18.68 -5.76 -15.21
C THR B 52 -18.62 -4.30 -15.62
N ASP B 53 -18.14 -3.45 -14.73
CA ASP B 53 -18.06 -2.03 -15.02
C ASP B 53 -17.17 -1.78 -16.24
N LYS B 54 -16.04 -2.46 -16.27
CA LYS B 54 -15.10 -2.31 -17.37
C LYS B 54 -15.71 -2.80 -18.67
N LEU B 55 -16.35 -3.97 -18.61
CA LEU B 55 -16.95 -4.57 -19.80
C LEU B 55 -17.90 -3.61 -20.50
N VAL B 56 -18.75 -2.97 -19.75
CA VAL B 56 -19.71 -2.05 -20.35
C VAL B 56 -19.03 -0.76 -20.80
N SER B 57 -18.08 -0.26 -20.01
CA SER B 57 -17.41 0.99 -20.36
C SER B 57 -16.79 0.95 -21.76
N TYR B 58 -16.32 -0.22 -22.17
CA TYR B 58 -15.70 -0.35 -23.49
C TYR B 58 -16.73 -0.44 -24.62
N TYR B 59 -17.82 -1.16 -24.39
CA TYR B 59 -18.84 -1.33 -25.43
C TYR B 59 -20.18 -0.77 -24.99
N LEU B 60 -20.95 -0.28 -25.93
CA LEU B 60 -22.25 0.28 -25.63
C LEU B 60 -23.11 -0.78 -24.94
N GLU B 61 -24.07 -0.34 -24.16
CA GLU B 61 -24.92 -1.27 -23.43
C GLU B 61 -25.65 -2.22 -24.38
N SER B 62 -26.25 -1.69 -25.43
CA SER B 62 -26.99 -2.51 -26.38
C SER B 62 -26.09 -3.56 -27.02
N TYR B 63 -25.01 -3.12 -27.64
CA TYR B 63 -24.09 -4.03 -28.30
C TYR B 63 -23.29 -4.83 -27.29
N GLY B 64 -22.90 -4.19 -26.20
CA GLY B 64 -22.11 -4.86 -25.17
C GLY B 64 -22.88 -6.02 -24.56
N LEU B 65 -24.16 -5.81 -24.29
CA LEU B 65 -24.98 -6.85 -23.69
C LEU B 65 -25.07 -8.08 -24.59
N GLU B 66 -25.27 -7.86 -25.88
CA GLU B 66 -25.37 -8.95 -26.84
C GLU B 66 -24.04 -9.70 -26.99
N LEU B 67 -22.94 -8.96 -26.93
CA LEU B 67 -21.61 -9.56 -27.09
C LEU B 67 -21.34 -10.63 -26.03
N THR B 68 -21.83 -10.40 -24.82
CA THR B 68 -21.61 -11.35 -23.74
C THR B 68 -22.20 -12.71 -24.12
N MET B 69 -23.43 -12.70 -24.61
CA MET B 69 -24.11 -13.93 -24.97
C MET B 69 -23.31 -14.76 -25.93
N THR B 70 -22.74 -14.12 -26.92
CA THR B 70 -21.96 -14.82 -27.92
C THR B 70 -20.87 -15.67 -27.27
N VAL B 71 -20.17 -15.09 -26.29
CA VAL B 71 -19.11 -15.81 -25.60
C VAL B 71 -19.66 -16.86 -24.64
N LEU B 72 -20.75 -16.53 -23.95
CA LEU B 72 -21.34 -17.47 -22.99
C LEU B 72 -21.70 -18.78 -23.66
N ARG B 73 -22.42 -18.71 -24.76
CA ARG B 73 -22.78 -19.93 -25.43
C ARG B 73 -21.54 -20.65 -25.92
N ASP B 74 -20.58 -19.91 -26.44
CA ASP B 74 -19.38 -20.51 -27.00
C ASP B 74 -18.75 -21.51 -26.00
N MET B 75 -18.69 -21.13 -24.72
CA MET B 75 -18.13 -22.00 -23.70
C MET B 75 -19.01 -23.22 -23.53
N GLY B 76 -20.27 -23.05 -23.89
CA GLY B 76 -21.26 -24.11 -23.77
C GLY B 76 -22.63 -23.50 -23.57
N LEU B 77 -23.67 -24.12 -24.11
CA LEU B 77 -25.00 -23.58 -23.93
C LEU B 77 -25.43 -23.74 -22.50
N GLN B 78 -25.78 -22.64 -21.87
CA GLN B 78 -26.18 -22.67 -20.48
C GLN B 78 -27.48 -21.93 -20.29
N GLU B 79 -28.17 -22.23 -19.20
CA GLU B 79 -29.42 -21.55 -18.93
C GLU B 79 -29.15 -20.07 -18.85
N LEU B 80 -27.94 -19.73 -18.41
CA LEU B 80 -27.54 -18.33 -18.28
C LEU B 80 -27.71 -17.61 -19.62
N ALA B 81 -27.23 -18.22 -20.69
CA ALA B 81 -27.33 -17.60 -22.00
C ALA B 81 -28.78 -17.21 -22.27
N GLU B 82 -29.69 -18.15 -22.10
CA GLU B 82 -31.10 -17.86 -22.33
C GLU B 82 -31.67 -16.97 -21.23
N GLN B 83 -31.35 -17.29 -19.98
CA GLN B 83 -31.85 -16.50 -18.87
C GLN B 83 -31.55 -15.04 -19.07
N LEU B 84 -30.32 -14.77 -19.50
CA LEU B 84 -29.91 -13.40 -19.74
C LEU B 84 -30.66 -12.82 -20.95
N GLN B 85 -30.88 -13.66 -21.96
CA GLN B 85 -31.57 -13.21 -23.15
C GLN B 85 -32.93 -12.61 -22.81
N THR B 86 -33.61 -13.21 -21.84
CA THR B 86 -34.91 -12.72 -21.43
C THR B 86 -34.84 -11.24 -21.08
N THR B 87 -33.70 -10.82 -20.56
CA THR B 87 -33.51 -9.42 -20.20
C THR B 87 -33.58 -8.52 -21.43
N LYS B 88 -33.11 -9.04 -22.58
CA LYS B 88 -33.13 -8.26 -23.81
C LYS B 88 -34.53 -7.75 -24.11
N GLU B 89 -35.52 -8.63 -23.98
CA GLU B 89 -36.90 -8.26 -24.21
C GLU B 89 -37.37 -7.30 -23.12
N GLY C 1 -28.26 16.04 13.79
CA GLY C 1 -29.23 14.99 13.47
C GLY C 1 -28.58 13.61 13.59
N ARG C 2 -29.13 12.78 14.44
CA ARG C 2 -28.61 11.43 14.64
C ARG C 2 -28.54 10.67 13.32
N ALA C 3 -29.17 11.22 12.28
CA ALA C 3 -29.20 10.57 10.99
C ALA C 3 -27.79 10.18 10.53
N ARG C 4 -26.85 11.09 10.64
CA ARG C 4 -25.48 10.80 10.24
C ARG C 4 -24.92 9.66 11.07
N ASP C 5 -25.14 9.72 12.38
CA ASP C 5 -24.63 8.71 13.30
C ASP C 5 -25.28 7.35 13.08
N ALA C 6 -26.56 7.35 12.74
CA ALA C 6 -27.26 6.09 12.53
C ALA C 6 -26.71 5.32 11.34
N ILE C 7 -26.63 5.97 10.20
CA ILE C 7 -26.12 5.33 9.00
C ILE C 7 -24.71 4.81 9.24
N LEU C 8 -23.88 5.67 9.80
CA LEU C 8 -22.50 5.32 10.06
C LEU C 8 -22.39 4.01 10.82
N ASP C 9 -23.10 3.88 11.93
CA ASP C 9 -23.01 2.67 12.73
C ASP C 9 -23.37 1.42 11.94
N ALA C 10 -24.43 1.47 11.16
CA ALA C 10 -24.85 0.29 10.39
C ALA C 10 -23.95 0.02 9.20
N LEU C 11 -23.70 1.02 8.38
CA LEU C 11 -22.88 0.83 7.18
C LEU C 11 -21.55 0.15 7.51
N GLU C 12 -20.95 0.53 8.64
CA GLU C 12 -19.65 -0.04 9.05
C GLU C 12 -19.72 -1.55 9.33
N ASN C 13 -20.93 -2.10 9.46
CA ASN C 13 -21.09 -3.54 9.75
C ASN C 13 -21.04 -4.39 8.48
N LEU C 14 -20.67 -3.80 7.34
CA LEU C 14 -20.60 -4.55 6.10
C LEU C 14 -19.18 -5.07 5.86
N SER C 15 -19.07 -6.26 5.28
CA SER C 15 -17.76 -6.84 5.01
C SER C 15 -17.09 -6.08 3.88
N GLY C 16 -15.76 -6.24 3.77
CA GLY C 16 -14.98 -5.53 2.76
C GLY C 16 -15.48 -5.73 1.33
N ASP C 17 -15.83 -6.96 0.98
CA ASP C 17 -16.27 -7.23 -0.39
C ASP C 17 -17.63 -6.58 -0.73
N GLU C 18 -18.61 -6.77 0.13
CA GLU C 18 -19.93 -6.23 -0.11
C GLU C 18 -19.86 -4.71 -0.28
N LEU C 19 -18.94 -4.10 0.45
CA LEU C 19 -18.77 -2.67 0.37
C LEU C 19 -18.57 -2.24 -1.07
N LYS C 20 -17.71 -2.94 -1.78
CA LYS C 20 -17.45 -2.59 -3.16
C LYS C 20 -18.74 -2.72 -3.95
N LYS C 21 -19.51 -3.75 -3.64
CA LYS C 21 -20.76 -3.97 -4.34
C LYS C 21 -21.71 -2.82 -4.10
N PHE C 22 -21.71 -2.33 -2.88
CA PHE C 22 -22.60 -1.23 -2.52
C PHE C 22 -22.27 0.03 -3.31
N LYS C 23 -21.01 0.46 -3.24
CA LYS C 23 -20.59 1.68 -3.94
C LYS C 23 -20.91 1.60 -5.43
N MET C 24 -20.49 0.50 -6.04
CA MET C 24 -20.71 0.31 -7.47
C MET C 24 -22.18 0.34 -7.83
N LYS C 25 -23.01 -0.33 -7.04
CA LYS C 25 -24.45 -0.36 -7.36
C LYS C 25 -25.06 1.04 -7.24
N LEU C 26 -24.57 1.80 -6.27
CA LEU C 26 -25.08 3.16 -6.04
C LEU C 26 -24.95 4.02 -7.28
N LEU C 27 -23.87 3.83 -8.01
CA LEU C 27 -23.62 4.60 -9.22
C LEU C 27 -24.71 4.36 -10.28
N THR C 28 -25.28 3.15 -10.31
CA THR C 28 -26.29 2.82 -11.32
C THR C 28 -27.72 2.88 -10.78
N VAL C 29 -27.88 3.30 -9.54
CA VAL C 29 -29.23 3.37 -8.95
C VAL C 29 -29.96 4.61 -9.43
N GLN C 30 -31.28 4.51 -9.56
CA GLN C 30 -32.10 5.63 -10.01
C GLN C 30 -32.43 6.56 -8.83
N LEU C 31 -32.29 7.86 -9.07
CA LEU C 31 -32.54 8.86 -8.04
C LEU C 31 -33.64 9.83 -8.46
N ARG C 32 -34.28 10.45 -7.49
CA ARG C 32 -35.32 11.44 -7.76
C ARG C 32 -34.72 12.64 -8.50
N GLU C 33 -35.54 13.30 -9.32
CA GLU C 33 -35.09 14.47 -10.08
C GLU C 33 -34.83 15.67 -9.17
N GLY C 34 -33.87 16.50 -9.57
CA GLY C 34 -33.52 17.70 -8.80
C GLY C 34 -32.28 17.45 -7.94
N TYR C 35 -31.69 16.27 -8.10
CA TYR C 35 -30.49 15.91 -7.34
C TYR C 35 -29.34 15.57 -8.29
N GLY C 36 -28.12 15.64 -7.77
CA GLY C 36 -26.95 15.36 -8.57
C GLY C 36 -26.45 13.93 -8.38
N ARG C 37 -25.44 13.57 -9.15
CA ARG C 37 -24.81 12.25 -9.11
C ARG C 37 -23.38 12.39 -8.61
N ILE C 38 -22.91 11.44 -7.82
CA ILE C 38 -21.56 11.56 -7.27
C ILE C 38 -20.49 11.13 -8.27
N PRO C 39 -19.45 11.94 -8.46
CA PRO C 39 -18.34 11.63 -9.41
C PRO C 39 -17.75 10.25 -9.19
N ARG C 40 -17.53 9.52 -10.27
CA ARG C 40 -17.00 8.18 -10.19
C ARG C 40 -15.61 8.14 -9.54
N GLY C 41 -14.74 9.06 -9.94
CA GLY C 41 -13.37 9.09 -9.44
C GLY C 41 -13.28 9.13 -7.91
N ALA C 42 -14.07 9.99 -7.28
CA ALA C 42 -14.02 10.12 -5.82
C ALA C 42 -14.54 8.86 -5.12
N LEU C 43 -15.64 8.32 -5.60
CA LEU C 43 -16.24 7.14 -5.00
C LEU C 43 -15.28 5.95 -4.96
N LEU C 44 -14.51 5.78 -6.03
CA LEU C 44 -13.59 4.63 -6.12
C LEU C 44 -12.56 4.59 -5.00
N GLN C 45 -12.05 5.75 -4.57
CA GLN C 45 -11.02 5.76 -3.51
C GLN C 45 -11.55 6.19 -2.15
N MET C 46 -12.85 6.46 -2.04
CA MET C 46 -13.43 6.92 -0.78
C MET C 46 -13.39 5.84 0.31
N ASP C 47 -13.53 6.29 1.56
CA ASP C 47 -13.54 5.41 2.71
C ASP C 47 -14.95 5.28 3.27
N ALA C 48 -15.20 4.25 4.06
CA ALA C 48 -16.52 4.03 4.62
C ALA C 48 -16.98 5.22 5.46
N ILE C 49 -16.11 5.72 6.34
CA ILE C 49 -16.49 6.86 7.18
C ILE C 49 -16.77 8.07 6.32
N ASP C 50 -15.83 8.37 5.43
CA ASP C 50 -15.96 9.52 4.53
C ASP C 50 -17.22 9.42 3.68
N LEU C 51 -17.49 8.21 3.22
CA LEU C 51 -18.65 7.97 2.37
C LEU C 51 -19.92 8.43 3.07
N THR C 52 -19.95 8.33 4.38
CA THR C 52 -21.13 8.73 5.14
C THR C 52 -21.35 10.24 5.07
N ASP C 53 -20.31 11.00 5.36
CA ASP C 53 -20.42 12.45 5.34
C ASP C 53 -20.83 12.94 3.95
N LYS C 54 -20.20 12.36 2.94
CA LYS C 54 -20.50 12.75 1.56
C LYS C 54 -21.94 12.38 1.19
N LEU C 55 -22.33 11.16 1.56
CA LEU C 55 -23.66 10.67 1.23
C LEU C 55 -24.75 11.63 1.71
N VAL C 56 -24.64 12.08 2.94
CA VAL C 56 -25.64 12.98 3.47
C VAL C 56 -25.53 14.37 2.86
N SER C 57 -24.30 14.85 2.66
CA SER C 57 -24.11 16.19 2.11
C SER C 57 -24.84 16.39 0.79
N TYR C 58 -24.96 15.33 -0.01
CA TYR C 58 -25.62 15.43 -1.30
C TYR C 58 -27.16 15.40 -1.17
N TYR C 59 -27.67 14.55 -0.29
CA TYR C 59 -29.12 14.44 -0.13
C TYR C 59 -29.55 14.82 1.28
N LEU C 60 -30.74 15.36 1.40
CA LEU C 60 -31.26 15.74 2.71
C LEU C 60 -31.28 14.53 3.61
N GLU C 61 -31.23 14.77 4.92
CA GLU C 61 -31.21 13.68 5.87
C GLU C 61 -32.45 12.80 5.74
N SER C 62 -33.63 13.42 5.68
CA SER C 62 -34.86 12.66 5.58
C SER C 62 -34.89 11.78 4.32
N TYR C 63 -34.71 12.41 3.16
CA TYR C 63 -34.72 11.67 1.91
C TYR C 63 -33.46 10.82 1.76
N GLY C 64 -32.33 11.35 2.19
CA GLY C 64 -31.07 10.62 2.08
C GLY C 64 -31.11 9.33 2.87
N LEU C 65 -31.66 9.39 4.08
CA LEU C 65 -31.74 8.21 4.93
C LEU C 65 -32.57 7.11 4.27
N GLU C 66 -33.71 7.48 3.70
CA GLU C 66 -34.58 6.50 3.04
C GLU C 66 -33.92 5.91 1.79
N LEU C 67 -33.17 6.74 1.06
CA LEU C 67 -32.52 6.28 -0.17
C LEU C 67 -31.58 5.10 0.09
N THR C 68 -30.90 5.13 1.22
CA THR C 68 -29.97 4.06 1.54
C THR C 68 -30.68 2.72 1.58
N MET C 69 -31.82 2.68 2.27
CA MET C 69 -32.58 1.45 2.41
C MET C 69 -32.90 0.83 1.07
N THR C 70 -33.31 1.66 0.13
CA THR C 70 -33.66 1.16 -1.18
C THR C 70 -32.53 0.34 -1.79
N VAL C 71 -31.30 0.84 -1.66
CA VAL C 71 -30.14 0.14 -2.21
C VAL C 71 -29.76 -1.07 -1.36
N LEU C 72 -29.86 -0.93 -0.04
CA LEU C 72 -29.50 -2.04 0.84
C LEU C 72 -30.32 -3.29 0.53
N ARG C 73 -31.63 -3.14 0.46
CA ARG C 73 -32.44 -4.29 0.16
C ARG C 73 -32.11 -4.82 -1.21
N ASP C 74 -31.91 -3.93 -2.17
CA ASP C 74 -31.65 -4.35 -3.54
C ASP C 74 -30.53 -5.40 -3.60
N MET C 75 -29.47 -5.18 -2.83
CA MET C 75 -28.35 -6.14 -2.80
C MET C 75 -28.81 -7.44 -2.19
N GLY C 76 -29.85 -7.34 -1.38
CA GLY C 76 -30.41 -8.49 -0.69
C GLY C 76 -31.05 -8.03 0.62
N LEU C 77 -32.13 -8.67 1.02
CA LEU C 77 -32.79 -8.28 2.26
C LEU C 77 -31.91 -8.68 3.42
N GLN C 78 -31.57 -7.70 4.24
CA GLN C 78 -30.71 -7.95 5.38
C GLN C 78 -31.31 -7.36 6.63
N GLU C 79 -30.87 -7.86 7.77
CA GLU C 79 -31.38 -7.34 9.03
C GLU C 79 -31.08 -5.86 9.08
N LEU C 80 -29.99 -5.47 8.44
CA LEU C 80 -29.57 -4.07 8.41
C LEU C 80 -30.69 -3.21 7.87
N ALA C 81 -31.29 -3.62 6.76
CA ALA C 81 -32.36 -2.85 6.16
C ALA C 81 -33.43 -2.55 7.20
N GLU C 82 -33.90 -3.58 7.88
CA GLU C 82 -34.92 -3.40 8.89
C GLU C 82 -34.34 -2.72 10.14
N GLN C 83 -33.17 -3.17 10.58
CA GLN C 83 -32.56 -2.59 11.76
C GLN C 83 -32.46 -1.08 11.61
N LEU C 84 -32.05 -0.65 10.44
CA LEU C 84 -31.92 0.77 10.16
C LEU C 84 -33.30 1.43 10.13
N GLN C 85 -34.28 0.72 9.58
CA GLN C 85 -35.63 1.26 9.49
C GLN C 85 -36.15 1.68 10.85
N THR C 86 -35.82 0.89 11.87
CA THR C 86 -36.26 1.20 13.23
C THR C 86 -35.86 2.63 13.60
N THR C 87 -34.73 3.09 13.07
CA THR C 87 -34.25 4.44 13.34
C THR C 87 -35.24 5.47 12.80
N LYS C 88 -35.89 5.15 11.68
CA LYS C 88 -36.85 6.08 11.07
C LYS C 88 -37.90 6.50 12.09
N GLU C 89 -38.44 5.52 12.81
CA GLU C 89 -39.45 5.81 13.83
C GLU C 89 -38.82 6.57 14.99
N GLY D 1 -2.98 25.55 33.34
CA GLY D 1 -3.87 24.47 33.74
C GLY D 1 -3.46 23.16 33.09
N ARG D 2 -3.17 22.16 33.91
CA ARG D 2 -2.75 20.86 33.40
C ARG D 2 -3.80 20.29 32.45
N ALA D 3 -4.97 20.91 32.42
CA ALA D 3 -6.05 20.44 31.55
C ALA D 3 -5.57 20.23 30.11
N ARG D 4 -4.85 21.22 29.58
CA ARG D 4 -4.34 21.10 28.21
C ARG D 4 -3.40 19.91 28.10
N ASP D 5 -2.50 19.79 29.06
CA ASP D 5 -1.52 18.72 29.06
C ASP D 5 -2.16 17.35 29.24
N ALA D 6 -3.21 17.27 30.04
CA ALA D 6 -3.86 15.99 30.28
C ALA D 6 -4.51 15.44 29.01
N ILE D 7 -5.33 16.24 28.37
CA ILE D 7 -6.00 15.80 27.15
C ILE D 7 -4.97 15.39 26.11
N LEU D 8 -3.98 16.25 25.92
CA LEU D 8 -2.95 15.98 24.94
C LEU D 8 -2.34 14.59 25.10
N ASP D 9 -1.92 14.27 26.31
CA ASP D 9 -1.28 12.97 26.54
C ASP D 9 -2.18 11.80 26.15
N ALA D 10 -3.44 11.87 26.52
CA ALA D 10 -4.37 10.77 26.22
C ALA D 10 -4.78 10.73 24.75
N LEU D 11 -5.22 11.86 24.22
CA LEU D 11 -5.67 11.90 22.84
C LEU D 11 -4.64 11.31 21.88
N GLU D 12 -3.37 11.58 22.13
CA GLU D 12 -2.27 11.09 21.27
C GLU D 12 -2.17 9.55 21.27
N ASN D 13 -2.83 8.88 22.22
CA ASN D 13 -2.78 7.41 22.29
C ASN D 13 -3.79 6.74 21.36
N LEU D 14 -4.44 7.51 20.49
CA LEU D 14 -5.41 6.93 19.57
C LEU D 14 -4.76 6.59 18.24
N SER D 15 -5.21 5.49 17.62
CA SER D 15 -4.66 5.08 16.34
C SER D 15 -5.10 6.04 15.24
N GLY D 16 -4.39 6.02 14.12
CA GLY D 16 -4.67 6.92 13.01
C GLY D 16 -6.12 6.86 12.52
N ASP D 17 -6.67 5.66 12.39
CA ASP D 17 -8.04 5.53 11.87
C ASP D 17 -9.09 6.09 12.84
N GLU D 18 -9.02 5.70 14.10
CA GLU D 18 -10.00 6.17 15.08
C GLU D 18 -10.01 7.68 15.14
N LEU D 19 -8.83 8.28 14.95
CA LEU D 19 -8.72 9.72 14.99
C LEU D 19 -9.73 10.35 14.03
N LYS D 20 -9.80 9.83 12.82
CA LYS D 20 -10.71 10.38 11.85
C LYS D 20 -12.13 10.24 12.38
N LYS D 21 -12.41 9.10 13.00
CA LYS D 21 -13.73 8.87 13.54
C LYS D 21 -14.06 9.89 14.60
N PHE D 22 -13.06 10.22 15.41
CA PHE D 22 -13.28 11.17 16.48
C PHE D 22 -13.63 12.55 15.95
N LYS D 23 -12.78 13.08 15.06
CA LYS D 23 -13.03 14.41 14.51
C LYS D 23 -14.41 14.50 13.86
N MET D 24 -14.70 13.53 13.00
CA MET D 24 -15.95 13.51 12.28
C MET D 24 -17.14 13.46 13.22
N LYS D 25 -17.06 12.62 14.25
CA LYS D 25 -18.18 12.50 15.18
C LYS D 25 -18.39 13.81 15.94
N LEU D 26 -17.29 14.48 16.26
CA LEU D 26 -17.35 15.74 17.01
C LEU D 26 -18.21 16.77 16.29
N LEU D 27 -18.15 16.77 14.97
CA LEU D 27 -18.92 17.71 14.17
C LEU D 27 -20.42 17.52 14.36
N THR D 28 -20.85 16.28 14.61
CA THR D 28 -22.28 16.00 14.74
C THR D 28 -22.72 15.87 16.20
N VAL D 29 -21.82 16.09 17.15
CA VAL D 29 -22.18 15.96 18.56
C VAL D 29 -22.94 17.19 19.04
N GLN D 30 -23.86 16.98 19.99
CA GLN D 30 -24.65 18.08 20.53
C GLN D 30 -23.88 18.81 21.63
N LEU D 31 -23.92 20.13 21.58
CA LEU D 31 -23.21 20.96 22.54
C LEU D 31 -24.16 21.89 23.30
N ARG D 32 -23.75 22.31 24.48
CA ARG D 32 -24.56 23.22 25.29
C ARG D 32 -24.71 24.56 24.56
N GLU D 33 -25.82 25.25 24.82
CA GLU D 33 -26.09 26.53 24.17
C GLU D 33 -25.16 27.62 24.70
N GLY D 34 -24.84 28.59 23.84
CA GLY D 34 -23.96 29.69 24.21
C GLY D 34 -22.54 29.45 23.71
N TYR D 35 -22.37 28.36 22.96
CA TYR D 35 -21.06 28.01 22.42
C TYR D 35 -21.11 27.91 20.90
N GLY D 36 -19.95 28.03 20.26
CA GLY D 36 -19.89 27.95 18.81
C GLY D 36 -19.50 26.56 18.32
N ARG D 37 -19.51 26.40 17.01
CA ARG D 37 -19.15 25.15 16.34
C ARG D 37 -17.89 25.35 15.53
N ILE D 38 -17.02 24.35 15.48
CA ILE D 38 -15.76 24.52 14.77
C ILE D 38 -15.92 24.31 13.27
N PRO D 39 -15.39 25.24 12.47
CA PRO D 39 -15.47 25.16 10.97
C PRO D 39 -15.01 23.82 10.44
N ARG D 40 -15.78 23.27 9.50
CA ARG D 40 -15.45 21.97 8.93
C ARG D 40 -14.09 21.97 8.21
N GLY D 41 -13.84 23.01 7.43
CA GLY D 41 -12.60 23.11 6.66
C GLY D 41 -11.34 22.95 7.51
N ALA D 42 -11.27 23.64 8.64
CA ALA D 42 -10.09 23.58 9.49
C ALA D 42 -9.90 22.21 10.13
N LEU D 43 -10.99 21.64 10.62
CA LEU D 43 -10.94 20.34 11.28
C LEU D 43 -10.38 19.25 10.37
N LEU D 44 -10.76 19.28 9.09
CA LEU D 44 -10.34 18.25 8.15
C LEU D 44 -8.82 18.15 7.99
N GLN D 45 -8.10 19.27 8.03
CA GLN D 45 -6.64 19.24 7.85
C GLN D 45 -5.87 19.45 9.15
N MET D 46 -6.57 19.58 10.27
CA MET D 46 -5.90 19.81 11.56
C MET D 46 -5.07 18.60 12.02
N ASP D 47 -4.14 18.88 12.94
CA ASP D 47 -3.27 17.85 13.50
C ASP D 47 -3.71 17.52 14.92
N ALA D 48 -3.28 16.37 15.43
CA ALA D 48 -3.66 15.97 16.78
C ALA D 48 -3.21 16.99 17.82
N ILE D 49 -1.96 17.45 17.75
CA ILE D 49 -1.48 18.42 18.72
C ILE D 49 -2.28 19.71 18.61
N ASP D 50 -2.38 20.22 17.38
CA ASP D 50 -3.11 21.45 17.11
C ASP D 50 -4.56 21.34 17.58
N LEU D 51 -5.15 20.20 17.34
CA LEU D 51 -6.54 19.96 17.71
C LEU D 51 -6.75 20.21 19.19
N THR D 52 -5.73 19.93 19.99
CA THR D 52 -5.83 20.12 21.43
C THR D 52 -5.94 21.60 21.79
N ASP D 53 -5.03 22.41 21.25
CA ASP D 53 -5.06 23.83 21.55
C ASP D 53 -6.37 24.46 21.12
N LYS D 54 -6.83 24.09 19.94
CA LYS D 54 -8.07 24.61 19.40
C LYS D 54 -9.25 24.17 20.25
N LEU D 55 -9.27 22.89 20.60
CA LEU D 55 -10.37 22.32 21.37
C LEU D 55 -10.61 23.11 22.66
N VAL D 56 -9.55 23.40 23.39
CA VAL D 56 -9.69 24.14 24.63
C VAL D 56 -10.03 25.60 24.38
N SER D 57 -9.43 26.21 23.37
CA SER D 57 -9.67 27.62 23.10
C SER D 57 -11.15 27.92 22.91
N TYR D 58 -11.90 26.97 22.36
CA TYR D 58 -13.33 27.19 22.13
C TYR D 58 -14.16 27.00 23.40
N TYR D 59 -13.83 26.00 24.22
CA TYR D 59 -14.59 25.74 25.43
C TYR D 59 -13.71 25.88 26.67
N LEU D 60 -14.33 26.29 27.77
CA LEU D 60 -13.59 26.45 29.00
C LEU D 60 -12.95 25.14 29.40
N GLU D 61 -11.86 25.21 30.15
CA GLU D 61 -11.16 24.00 30.56
C GLU D 61 -12.05 23.04 31.32
N SER D 62 -12.80 23.55 32.29
CA SER D 62 -13.67 22.70 33.09
C SER D 62 -14.72 22.00 32.22
N TYR D 63 -15.49 22.79 31.49
CA TYR D 63 -16.54 22.22 30.64
C TYR D 63 -15.92 21.52 29.43
N GLY D 64 -14.86 22.09 28.88
CA GLY D 64 -14.22 21.50 27.71
C GLY D 64 -13.69 20.11 28.02
N LEU D 65 -13.07 19.96 29.18
CA LEU D 65 -12.50 18.68 29.57
C LEU D 65 -13.58 17.60 29.66
N GLU D 66 -14.72 17.94 30.27
CA GLU D 66 -15.81 16.99 30.42
C GLU D 66 -16.43 16.63 29.07
N LEU D 67 -16.50 17.61 28.16
CA LEU D 67 -17.10 17.38 26.85
C LEU D 67 -16.38 16.27 26.08
N THR D 68 -15.07 16.20 26.23
CA THR D 68 -14.30 15.20 25.53
C THR D 68 -14.77 13.80 25.91
N MET D 69 -14.92 13.58 27.21
CA MET D 69 -15.34 12.27 27.71
C MET D 69 -16.63 11.80 27.06
N THR D 70 -17.57 12.71 26.94
CA THR D 70 -18.86 12.36 26.36
C THR D 70 -18.69 11.73 24.98
N VAL D 71 -17.81 12.32 24.16
CA VAL D 71 -17.57 11.80 22.82
C VAL D 71 -16.73 10.53 22.84
N LEU D 72 -15.73 10.48 23.73
CA LEU D 72 -14.87 9.31 23.82
C LEU D 72 -15.69 8.04 24.09
N ARG D 73 -16.53 8.08 25.10
CA ARG D 73 -17.31 6.91 25.38
C ARG D 73 -18.23 6.60 24.22
N ASP D 74 -18.81 7.62 23.62
CA ASP D 74 -19.76 7.41 22.52
C ASP D 74 -19.19 6.49 21.45
N MET D 75 -17.91 6.69 21.10
CA MET D 75 -17.25 5.85 20.10
C MET D 75 -17.11 4.44 20.64
N GLY D 76 -17.10 4.34 21.95
CA GLY D 76 -16.97 3.06 22.64
C GLY D 76 -16.29 3.28 23.98
N LEU D 77 -16.68 2.50 24.98
CA LEU D 77 -16.07 2.66 26.29
C LEU D 77 -14.64 2.20 26.23
N GLN D 78 -13.74 3.08 26.61
CA GLN D 78 -12.32 2.77 26.58
C GLN D 78 -11.67 3.12 27.89
N GLU D 79 -10.52 2.53 28.15
CA GLU D 79 -9.82 2.81 29.38
C GLU D 79 -9.51 4.30 29.40
N LEU D 80 -9.33 4.87 28.21
CA LEU D 80 -9.04 6.29 28.09
C LEU D 80 -10.11 7.12 28.77
N ALA D 81 -11.37 6.80 28.51
CA ALA D 81 -12.46 7.55 29.12
C ALA D 81 -12.28 7.61 30.62
N GLU D 82 -12.07 6.45 31.24
CA GLU D 82 -11.89 6.41 32.69
C GLU D 82 -10.52 6.97 33.08
N GLN D 83 -9.48 6.58 32.34
CA GLN D 83 -8.13 7.05 32.67
C GLN D 83 -8.12 8.56 32.73
N LEU D 84 -8.78 9.18 31.77
CA LEU D 84 -8.84 10.63 31.72
C LEU D 84 -9.68 11.17 32.88
N GLN D 85 -10.75 10.44 33.22
CA GLN D 85 -11.62 10.87 34.31
C GLN D 85 -10.83 11.06 35.59
N THR D 86 -9.86 10.18 35.83
CA THR D 86 -9.05 10.26 37.03
C THR D 86 -8.45 11.66 37.16
N THR D 87 -8.15 12.27 36.01
CA THR D 87 -7.58 13.61 36.01
C THR D 87 -8.55 14.63 36.62
N LYS D 88 -9.85 14.40 36.41
CA LYS D 88 -10.86 15.31 36.94
C LYS D 88 -10.69 15.49 38.44
N GLU D 89 -10.50 14.38 39.15
CA GLU D 89 -10.29 14.44 40.60
C GLU D 89 -8.95 15.09 40.90
N GLY E 1 28.41 34.64 26.39
CA GLY E 1 28.13 33.44 27.17
C GLY E 1 27.79 32.26 26.26
N ARG E 2 28.58 31.19 26.37
CA ARG E 2 28.36 30.01 25.55
C ARG E 2 26.94 29.48 25.71
N ALA E 3 26.24 30.00 26.72
CA ALA E 3 24.88 29.55 26.99
C ALA E 3 24.02 29.58 25.72
N ARG E 4 24.07 30.68 24.99
CA ARG E 4 23.29 30.78 23.77
C ARG E 4 23.70 29.71 22.77
N ASP E 5 25.00 29.55 22.61
CA ASP E 5 25.55 28.58 21.67
C ASP E 5 25.24 27.14 22.07
N ALA E 6 25.23 26.86 23.37
CA ALA E 6 24.97 25.51 23.83
C ALA E 6 23.54 25.07 23.51
N ILE E 7 22.57 25.88 23.90
CA ILE E 7 21.18 25.55 23.63
C ILE E 7 20.95 25.37 22.14
N LEU E 8 21.44 26.33 21.38
CA LEU E 8 21.28 26.29 19.94
C LEU E 8 21.70 24.95 19.35
N ASP E 9 22.90 24.51 19.67
CA ASP E 9 23.40 23.26 19.12
C ASP E 9 22.49 22.07 19.42
N ALA E 10 22.03 21.96 20.65
CA ALA E 10 21.17 20.84 21.04
C ALA E 10 19.75 20.96 20.48
N LEU E 11 19.12 22.11 20.69
CA LEU E 11 17.75 22.29 20.23
C LEU E 11 17.58 21.92 18.76
N GLU E 12 18.57 22.27 17.94
CA GLU E 12 18.52 22.00 16.50
C GLU E 12 18.51 20.48 16.17
N ASN E 13 18.83 19.64 17.17
CA ASN E 13 18.85 18.19 16.94
C ASN E 13 17.46 17.55 17.09
N LEU E 14 16.42 18.36 17.20
CA LEU E 14 15.06 17.83 17.34
C LEU E 14 14.38 17.72 15.98
N SER E 15 13.56 16.69 15.81
CA SER E 15 12.86 16.49 14.55
C SER E 15 11.77 17.55 14.39
N GLY E 16 11.31 17.73 13.16
CA GLY E 16 10.29 18.75 12.86
C GLY E 16 9.02 18.62 13.71
N ASP E 17 8.53 17.40 13.88
CA ASP E 17 7.28 17.23 14.64
C ASP E 17 7.44 17.56 16.14
N GLU E 18 8.47 17.01 16.77
CA GLU E 18 8.68 17.25 18.19
C GLU E 18 8.81 18.73 18.47
N LEU E 19 9.39 19.46 17.52
CA LEU E 19 9.56 20.89 17.67
C LEU E 19 8.23 21.54 17.99
N LYS E 20 7.19 21.18 17.25
CA LYS E 20 5.90 21.76 17.47
C LYS E 20 5.45 21.43 18.88
N LYS E 21 5.72 20.20 19.31
CA LYS E 21 5.33 19.78 20.63
C LYS E 21 6.03 20.61 21.68
N PHE E 22 7.29 20.92 21.42
CA PHE E 22 8.06 21.70 22.37
C PHE E 22 7.49 23.10 22.55
N LYS E 23 7.33 23.82 21.43
CA LYS E 23 6.80 25.19 21.49
C LYS E 23 5.46 25.24 22.21
N MET E 24 4.55 24.37 21.78
CA MET E 24 3.22 24.32 22.35
C MET E 24 3.25 24.05 23.84
N LYS E 25 4.07 23.09 24.27
CA LYS E 25 4.13 22.76 25.68
C LYS E 25 4.67 23.92 26.51
N LEU E 26 5.63 24.65 25.92
CA LEU E 26 6.25 25.78 26.60
C LEU E 26 5.21 26.82 27.01
N LEU E 27 4.20 27.00 26.17
CA LEU E 27 3.15 27.96 26.45
C LEU E 27 2.38 27.62 27.73
N THR E 28 2.25 26.32 28.02
CA THR E 28 1.48 25.89 29.19
C THR E 28 2.36 25.53 30.39
N VAL E 29 3.67 25.71 30.27
CA VAL E 29 4.56 25.37 31.37
C VAL E 29 4.55 26.44 32.44
N GLN E 30 4.73 26.03 33.69
CA GLN E 30 4.75 26.98 34.81
C GLN E 30 6.12 27.61 34.96
N LEU E 31 6.12 28.93 35.17
CA LEU E 31 7.36 29.69 35.31
C LEU E 31 7.42 30.41 36.64
N ARG E 32 8.65 30.71 37.08
CA ARG E 32 8.84 31.43 38.34
C ARG E 32 8.23 32.84 38.23
N GLU E 33 7.80 33.38 39.37
CA GLU E 33 7.19 34.71 39.39
C GLU E 33 8.23 35.80 39.13
N GLY E 34 7.78 36.90 38.51
CA GLY E 34 8.66 38.03 38.20
C GLY E 34 9.11 37.98 36.74
N TYR E 35 8.58 37.02 36.00
CA TYR E 35 8.91 36.85 34.58
C TYR E 35 7.67 36.95 33.72
N GLY E 36 7.87 37.25 32.44
CA GLY E 36 6.75 37.38 31.51
C GLY E 36 6.52 36.10 30.71
N ARG E 37 5.47 36.11 29.91
CA ARG E 37 5.10 35.00 29.05
C ARG E 37 5.23 35.42 27.60
N ILE E 38 5.65 34.51 26.74
CA ILE E 38 5.88 34.90 25.34
C ILE E 38 4.56 34.87 24.54
N PRO E 39 4.30 35.93 23.78
CA PRO E 39 3.06 36.05 22.95
C PRO E 39 2.84 34.83 22.07
N ARG E 40 1.61 34.34 22.04
CA ARG E 40 1.28 33.17 21.24
C ARG E 40 1.53 33.39 19.75
N GLY E 41 1.12 34.54 19.24
CA GLY E 41 1.27 34.84 17.81
C GLY E 41 2.70 34.69 17.29
N ALA E 42 3.67 35.23 18.02
CA ALA E 42 5.06 35.17 17.58
C ALA E 42 5.61 33.73 17.60
N LEU E 43 5.31 33.02 18.66
CA LEU E 43 5.81 31.65 18.82
C LEU E 43 5.35 30.74 17.68
N LEU E 44 4.12 30.91 17.23
CA LEU E 44 3.57 30.05 16.17
C LEU E 44 4.36 30.12 14.87
N GLN E 45 4.88 31.28 14.49
CA GLN E 45 5.62 31.41 13.23
C GLN E 45 7.14 31.52 13.41
N MET E 46 7.61 31.43 14.65
CA MET E 46 9.05 31.55 14.92
C MET E 46 9.85 30.37 14.36
N ASP E 47 11.15 30.61 14.21
CA ASP E 47 12.08 29.59 13.70
C ASP E 47 12.93 29.05 14.84
N ALA E 48 13.54 27.89 14.63
CA ALA E 48 14.36 27.28 15.67
C ALA E 48 15.51 28.19 16.07
N ILE E 49 16.22 28.77 15.11
CA ILE E 49 17.34 29.65 15.46
C ILE E 49 16.83 30.86 16.22
N ASP E 50 15.81 31.50 15.65
CA ASP E 50 15.23 32.69 16.26
C ASP E 50 14.72 32.40 17.67
N LEU E 51 14.11 31.24 17.81
CA LEU E 51 13.55 30.83 19.09
C LEU E 51 14.63 30.87 20.18
N THR E 52 15.86 30.58 19.81
CA THR E 52 16.95 30.57 20.76
C THR E 52 17.24 31.97 21.29
N ASP E 53 17.41 32.92 20.38
CA ASP E 53 17.70 34.29 20.79
C ASP E 53 16.59 34.84 21.67
N LYS E 54 15.36 34.60 21.27
CA LYS E 54 14.20 35.07 22.03
C LYS E 54 14.14 34.42 23.39
N LEU E 55 14.34 33.10 23.42
CA LEU E 55 14.27 32.35 24.67
C LEU E 55 15.18 32.93 25.73
N VAL E 56 16.41 33.23 25.35
CA VAL E 56 17.35 33.77 26.32
C VAL E 56 17.02 35.22 26.67
N SER E 57 16.62 36.00 25.68
CA SER E 57 16.32 37.41 25.92
C SER E 57 15.29 37.60 27.04
N TYR E 58 14.36 36.67 27.15
CA TYR E 58 13.33 36.78 28.18
C TYR E 58 13.81 36.35 29.56
N TYR E 59 14.62 35.30 29.63
CA TYR E 59 15.11 34.80 30.91
C TYR E 59 16.63 34.86 30.97
N LEU E 60 17.15 35.07 32.17
CA LEU E 60 18.59 35.13 32.35
C LEU E 60 19.22 33.84 31.87
N GLU E 61 20.48 33.91 31.48
CA GLU E 61 21.17 32.73 30.98
C GLU E 61 21.18 31.59 32.00
N SER E 62 21.53 31.91 33.24
CA SER E 62 21.60 30.88 34.27
C SER E 62 20.24 30.21 34.49
N TYR E 63 19.23 31.01 34.78
CA TYR E 63 17.89 30.48 35.00
C TYR E 63 17.27 29.99 33.70
N GLY E 64 17.50 30.73 32.63
CA GLY E 64 16.93 30.35 31.34
C GLY E 64 17.43 28.99 30.88
N LEU E 65 18.71 28.75 31.07
CA LEU E 65 19.31 27.47 30.65
C LEU E 65 18.67 26.31 31.40
N GLU E 66 18.49 26.46 32.70
CA GLU E 66 17.90 25.41 33.52
C GLU E 66 16.43 25.16 33.15
N LEU E 67 15.72 26.24 32.82
CA LEU E 67 14.30 26.13 32.48
C LEU E 67 14.07 25.21 31.29
N THR E 68 14.97 25.24 30.33
CA THR E 68 14.83 24.41 29.15
C THR E 68 14.77 22.93 29.54
N MET E 69 15.71 22.53 30.39
CA MET E 69 15.79 21.14 30.82
C MET E 69 14.48 20.65 31.39
N THR E 70 13.85 21.47 32.20
CA THR E 70 12.60 21.08 32.82
C THR E 70 11.57 20.67 31.77
N VAL E 71 11.48 21.43 30.69
CA VAL E 71 10.53 21.12 29.62
C VAL E 71 11.00 19.94 28.78
N LEU E 72 12.30 19.86 28.51
CA LEU E 72 12.83 18.77 27.70
C LEU E 72 12.49 17.41 28.31
N ARG E 73 12.78 17.24 29.58
CA ARG E 73 12.48 15.98 30.20
C ARG E 73 10.98 15.73 30.18
N ASP E 74 10.20 16.78 30.45
CA ASP E 74 8.75 16.62 30.52
C ASP E 74 8.20 15.90 29.28
N MET E 75 8.71 16.27 28.10
CA MET E 75 8.26 15.63 26.86
C MET E 75 8.70 14.17 26.85
N GLY E 76 9.75 13.90 27.61
CA GLY E 76 10.31 12.56 27.72
C GLY E 76 11.80 12.66 28.01
N LEU E 77 12.33 11.72 28.79
CA LEU E 77 13.75 11.76 29.11
C LEU E 77 14.54 11.45 27.88
N GLN E 78 15.43 12.37 27.51
CA GLN E 78 16.24 12.17 26.33
C GLN E 78 17.70 12.42 26.65
N GLU E 79 18.57 11.90 25.81
CA GLU E 79 19.98 12.10 26.02
C GLU E 79 20.26 13.58 26.01
N LEU E 80 19.46 14.31 25.26
CA LEU E 80 19.60 15.75 25.16
C LEU E 80 19.54 16.39 26.54
N ALA E 81 18.56 16.00 27.34
CA ALA E 81 18.42 16.56 28.67
C ALA E 81 19.73 16.43 29.43
N GLU E 82 20.29 15.23 29.46
CA GLU E 82 21.54 15.02 30.16
C GLU E 82 22.70 15.64 29.39
N GLN E 83 22.74 15.44 28.08
CA GLN E 83 23.83 16.00 27.28
C GLN E 83 23.95 17.48 27.53
N LEU E 84 22.83 18.15 27.57
CA LEU E 84 22.82 19.59 27.82
C LEU E 84 23.27 19.88 29.25
N GLN E 85 22.86 19.03 30.18
CA GLN E 85 23.21 19.23 31.58
C GLN E 85 24.72 19.32 31.75
N THR E 86 25.45 18.50 30.99
CA THR E 86 26.90 18.51 31.07
C THR E 86 27.44 19.92 30.88
N THR E 87 26.74 20.70 30.07
CA THR E 87 27.16 22.08 29.82
C THR E 87 27.10 22.91 31.10
N LYS E 88 26.14 22.60 31.97
CA LYS E 88 25.99 23.34 33.21
C LYS E 88 27.29 23.34 34.00
N GLU E 89 27.92 22.17 34.10
CA GLU E 89 29.19 22.05 34.81
C GLU E 89 30.28 22.78 34.02
N GLY F 1 27.17 -23.08 12.67
CA GLY F 1 27.24 -24.34 13.39
C GLY F 1 26.53 -25.46 12.62
N ARG F 2 27.28 -26.51 12.30
CA ARG F 2 26.72 -27.63 11.56
C ARG F 2 25.51 -28.21 12.29
N ALA F 3 25.31 -27.79 13.54
CA ALA F 3 24.20 -28.29 14.34
C ALA F 3 22.87 -28.19 13.57
N ARG F 4 22.61 -27.04 12.97
CA ARG F 4 21.37 -26.87 12.22
C ARG F 4 21.31 -27.84 11.07
N ASP F 5 22.41 -27.97 10.34
CA ASP F 5 22.48 -28.85 9.19
C ASP F 5 22.36 -30.32 9.58
N ALA F 6 22.92 -30.68 10.72
CA ALA F 6 22.87 -32.08 11.15
C ALA F 6 21.44 -32.53 11.45
N ILE F 7 20.75 -31.78 12.27
CA ILE F 7 19.37 -32.13 12.61
C ILE F 7 18.53 -32.20 11.36
N LEU F 8 18.64 -31.18 10.54
CA LEU F 8 17.86 -31.11 9.31
C LEU F 8 17.98 -32.39 8.50
N ASP F 9 19.20 -32.82 8.23
CA ASP F 9 19.40 -34.02 7.42
C ASP F 9 18.69 -35.25 7.99
N ALA F 10 18.81 -35.46 9.29
CA ALA F 10 18.20 -36.62 9.93
C ALA F 10 16.68 -36.50 10.04
N LEU F 11 16.22 -35.40 10.59
CA LEU F 11 14.78 -35.21 10.79
C LEU F 11 13.99 -35.48 9.51
N GLU F 12 14.53 -35.04 8.38
CA GLU F 12 13.85 -35.21 7.08
C GLU F 12 13.69 -36.69 6.69
N ASN F 13 14.39 -37.60 7.37
CA ASN F 13 14.31 -39.03 7.05
C ASN F 13 13.11 -39.71 7.73
N LEU F 14 12.23 -38.93 8.35
CA LEU F 14 11.06 -39.51 9.02
C LEU F 14 9.86 -39.53 8.08
N SER F 15 9.04 -40.58 8.20
CA SER F 15 7.85 -40.70 7.35
C SER F 15 6.81 -39.66 7.77
N GLY F 16 5.87 -39.40 6.88
CA GLY F 16 4.83 -38.39 7.13
C GLY F 16 4.06 -38.61 8.42
N ASP F 17 3.68 -39.85 8.71
CA ASP F 17 2.89 -40.12 9.92
C ASP F 17 3.67 -39.90 11.21
N GLU F 18 4.87 -40.46 11.29
CA GLU F 18 5.68 -40.32 12.49
C GLU F 18 5.93 -38.85 12.81
N LEU F 19 6.05 -38.05 11.76
CA LEU F 19 6.28 -36.63 11.93
C LEU F 19 5.22 -36.04 12.85
N LYS F 20 3.96 -36.38 12.60
CA LYS F 20 2.90 -35.83 13.42
C LYS F 20 3.11 -36.29 14.85
N LYS F 21 3.53 -37.53 15.01
CA LYS F 21 3.76 -38.06 16.35
C LYS F 21 4.84 -37.29 17.04
N PHE F 22 5.87 -36.93 16.30
CA PHE F 22 6.98 -36.20 16.87
C PHE F 22 6.55 -34.83 17.38
N LYS F 23 5.93 -34.04 16.51
CA LYS F 23 5.49 -32.70 16.90
C LYS F 23 4.60 -32.74 18.13
N MET F 24 3.59 -33.60 18.07
CA MET F 24 2.63 -33.72 19.14
C MET F 24 3.31 -34.11 20.46
N LYS F 25 4.21 -35.06 20.40
CA LYS F 25 4.89 -35.50 21.63
C LYS F 25 5.74 -34.39 22.22
N LEU F 26 6.35 -33.59 21.34
CA LEU F 26 7.21 -32.49 21.77
C LEU F 26 6.46 -31.52 22.67
N LEU F 27 5.19 -31.31 22.37
CA LEU F 27 4.38 -30.39 23.15
C LEU F 27 4.23 -30.85 24.60
N THR F 28 4.23 -32.17 24.82
CA THR F 28 4.04 -32.71 26.17
C THR F 28 5.35 -33.14 26.84
N VAL F 29 6.49 -32.91 26.18
CA VAL F 29 7.76 -33.30 26.75
C VAL F 29 8.23 -32.32 27.80
N GLN F 30 8.94 -32.81 28.81
CA GLN F 30 9.43 -31.96 29.89
C GLN F 30 10.75 -31.29 29.48
N LEU F 31 10.85 -29.99 29.76
CA LEU F 31 12.04 -29.22 29.41
C LEU F 31 12.68 -28.60 30.63
N ARG F 32 13.97 -28.30 30.52
CA ARG F 32 14.69 -27.66 31.62
C ARG F 32 14.12 -26.28 31.91
N GLU F 33 14.22 -25.83 33.15
CA GLU F 33 13.70 -24.52 33.54
C GLU F 33 14.52 -23.38 32.93
N GLY F 34 13.87 -22.26 32.66
CA GLY F 34 14.53 -21.09 32.09
C GLY F 34 14.30 -21.01 30.58
N TYR F 35 13.49 -21.94 30.07
CA TYR F 35 13.18 -21.98 28.64
C TYR F 35 11.69 -21.86 28.41
N GLY F 36 11.31 -21.45 27.20
CA GLY F 36 9.90 -21.29 26.87
C GLY F 36 9.34 -22.51 26.15
N ARG F 37 8.04 -22.46 25.89
CA ARG F 37 7.32 -23.53 25.19
C ARG F 37 6.82 -22.99 23.86
N ILE F 38 6.82 -23.81 22.82
CA ILE F 38 6.41 -23.33 21.51
C ILE F 38 4.88 -23.32 21.35
N PRO F 39 4.32 -22.22 20.87
CA PRO F 39 2.84 -22.08 20.68
C PRO F 39 2.26 -23.23 19.88
N ARG F 40 1.14 -23.75 20.35
CA ARG F 40 0.48 -24.87 19.69
C ARG F 40 0.07 -24.53 18.26
N GLY F 41 -0.52 -23.35 18.07
CA GLY F 41 -1.00 -22.95 16.74
C GLY F 41 0.06 -23.03 15.65
N ALA F 42 1.25 -22.51 15.92
CA ALA F 42 2.31 -22.51 14.91
C ALA F 42 2.80 -23.92 14.59
N LEU F 43 2.99 -24.72 15.62
CA LEU F 43 3.49 -26.08 15.43
C LEU F 43 2.59 -26.92 14.53
N LEU F 44 1.28 -26.75 14.67
CA LEU F 44 0.32 -27.54 13.90
C LEU F 44 0.47 -27.37 12.38
N GLN F 45 0.78 -26.15 11.92
CA GLN F 45 0.89 -25.92 10.47
C GLN F 45 2.34 -25.78 9.99
N MET F 46 3.31 -25.95 10.89
CA MET F 46 4.72 -25.81 10.52
C MET F 46 5.19 -26.92 9.58
N ASP F 47 6.30 -26.64 8.89
CA ASP F 47 6.90 -27.59 7.95
C ASP F 47 8.15 -28.19 8.57
N ALA F 48 8.60 -29.33 8.03
CA ALA F 48 9.78 -29.99 8.55
C ALA F 48 11.01 -29.08 8.49
N ILE F 49 11.24 -28.41 7.36
CA ILE F 49 12.40 -27.53 7.25
C ILE F 49 12.29 -26.40 8.25
N ASP F 50 11.13 -25.74 8.24
CA ASP F 50 10.87 -24.61 9.13
C ASP F 50 11.03 -25.02 10.59
N LEU F 51 10.53 -26.20 10.90
CA LEU F 51 10.58 -26.71 12.26
C LEU F 51 12.02 -26.73 12.77
N THR F 52 12.96 -26.96 11.88
CA THR F 52 14.36 -27.01 12.27
C THR F 52 14.86 -25.65 12.72
N ASP F 53 14.63 -24.63 11.90
CA ASP F 53 15.09 -23.29 12.24
C ASP F 53 14.47 -22.82 13.56
N LYS F 54 13.18 -23.08 13.72
CA LYS F 54 12.48 -22.69 14.93
C LYS F 54 13.01 -23.45 16.14
N LEU F 55 13.19 -24.76 15.97
CA LEU F 55 13.65 -25.60 17.06
C LEU F 55 14.95 -25.08 17.66
N VAL F 56 15.90 -24.73 16.82
CA VAL F 56 17.16 -24.23 17.33
C VAL F 56 17.03 -22.82 17.89
N SER F 57 16.25 -21.98 17.24
CA SER F 57 16.10 -20.59 17.70
C SER F 57 15.65 -20.52 19.16
N TYR F 58 14.85 -21.47 19.60
CA TYR F 58 14.37 -21.47 20.98
C TYR F 58 15.42 -21.98 21.97
N TYR F 59 16.16 -23.02 21.60
CA TYR F 59 17.14 -23.60 22.50
C TYR F 59 18.54 -23.50 21.90
N LEU F 60 19.54 -23.37 22.77
CA LEU F 60 20.91 -23.27 22.31
C LEU F 60 21.27 -24.52 21.50
N GLU F 61 22.23 -24.39 20.61
CA GLU F 61 22.63 -25.51 19.77
C GLU F 61 23.06 -26.72 20.59
N SER F 62 23.93 -26.48 21.58
CA SER F 62 24.42 -27.58 22.40
C SER F 62 23.28 -28.30 23.12
N TYR F 63 22.51 -27.55 23.88
CA TYR F 63 21.40 -28.14 24.63
C TYR F 63 20.27 -28.54 23.70
N GLY F 64 20.01 -27.73 22.69
CA GLY F 64 18.94 -28.02 21.75
C GLY F 64 19.17 -29.33 21.01
N LEU F 65 20.42 -29.55 20.60
CA LEU F 65 20.75 -30.76 19.87
C LEU F 65 20.49 -32.01 20.73
N GLU F 66 20.90 -31.95 22.00
CA GLU F 66 20.70 -33.08 22.90
C GLU F 66 19.22 -33.33 23.19
N LEU F 67 18.44 -32.26 23.28
CA LEU F 67 17.02 -32.37 23.59
C LEU F 67 16.28 -33.21 22.54
N THR F 68 16.69 -33.08 21.29
CA THR F 68 16.05 -33.83 20.23
C THR F 68 16.15 -35.33 20.49
N MET F 69 17.35 -35.78 20.83
CA MET F 69 17.60 -37.19 21.07
C MET F 69 16.67 -37.75 22.10
N THR F 70 16.46 -37.01 23.17
CA THR F 70 15.59 -37.47 24.24
C THR F 70 14.21 -37.85 23.71
N VAL F 71 13.67 -37.01 22.83
CA VAL F 71 12.35 -37.26 22.26
C VAL F 71 12.38 -38.36 21.21
N LEU F 72 13.45 -38.39 20.39
CA LEU F 72 13.56 -39.41 19.36
C LEU F 72 13.52 -40.81 19.95
N ARG F 73 14.32 -41.07 20.95
CA ARG F 73 14.30 -42.37 21.53
C ARG F 73 12.95 -42.65 22.15
N ASP F 74 12.37 -41.65 22.81
CA ASP F 74 11.09 -41.86 23.49
C ASP F 74 10.05 -42.50 22.56
N MET F 75 10.00 -42.04 21.31
CA MET F 75 9.06 -42.59 20.34
C MET F 75 9.43 -44.03 20.03
N GLY F 76 10.71 -44.32 20.24
CA GLY F 76 11.24 -45.65 19.98
C GLY F 76 12.72 -45.53 19.61
N LEU F 77 13.52 -46.51 20.00
CA LEU F 77 14.94 -46.45 19.68
C LEU F 77 15.11 -46.66 18.20
N GLN F 78 15.77 -45.70 17.57
CA GLN F 78 15.99 -45.79 16.14
C GLN F 78 17.43 -45.53 15.81
N GLU F 79 17.86 -45.96 14.64
CA GLU F 79 19.22 -45.75 14.23
C GLU F 79 19.48 -44.25 14.22
N LEU F 80 18.43 -43.50 13.94
CA LEU F 80 18.53 -42.04 13.90
C LEU F 80 19.09 -41.51 15.22
N ALA F 81 18.54 -41.99 16.32
CA ALA F 81 19.00 -41.54 17.64
C ALA F 81 20.51 -41.68 17.75
N GLU F 82 21.02 -42.86 17.43
CA GLU F 82 22.45 -43.09 17.50
C GLU F 82 23.17 -42.39 16.36
N GLN F 83 22.62 -42.49 15.14
CA GLN F 83 23.26 -41.86 13.99
C GLN F 83 23.50 -40.38 14.28
N LEU F 84 22.50 -39.74 14.87
CA LEU F 84 22.62 -38.34 15.19
C LEU F 84 23.65 -38.13 16.30
N GLN F 85 23.67 -39.07 17.26
CA GLN F 85 24.60 -38.96 18.38
C GLN F 85 26.04 -38.85 17.87
N THR F 86 26.35 -39.58 16.82
CA THR F 86 27.70 -39.54 16.27
C THR F 86 28.11 -38.10 15.96
N THR F 87 27.14 -37.28 15.61
CA THR F 87 27.41 -35.88 15.31
C THR F 87 27.93 -35.15 16.54
N LYS F 88 27.44 -35.55 17.72
CA LYS F 88 27.85 -34.91 18.96
C LYS F 88 29.37 -34.94 19.10
N GLU F 89 29.96 -36.09 18.82
CA GLU F 89 31.41 -36.23 18.90
C GLU F 89 32.06 -35.42 17.78
N GLY G 1 27.97 -7.87 -17.00
CA GLY G 1 28.53 -9.20 -16.82
C GLY G 1 27.43 -10.25 -16.89
N ARG G 2 27.57 -11.18 -17.84
CA ARG G 2 26.59 -12.25 -18.00
C ARG G 2 26.40 -13.03 -16.71
N ALA G 3 27.28 -12.80 -15.75
CA ALA G 3 27.22 -13.50 -14.47
C ALA G 3 25.82 -13.42 -13.87
N ARG G 4 25.24 -12.23 -13.84
CA ARG G 4 23.90 -12.07 -13.29
C ARG G 4 22.89 -12.88 -14.08
N ASP G 5 22.99 -12.81 -15.40
CA ASP G 5 22.07 -13.51 -16.27
C ASP G 5 22.23 -15.03 -16.17
N ALA G 6 23.46 -15.50 -15.99
CA ALA G 6 23.69 -16.94 -15.91
C ALA G 6 23.03 -17.55 -14.68
N ILE G 7 23.31 -16.98 -13.52
CA ILE G 7 22.72 -17.49 -12.29
C ILE G 7 21.21 -17.47 -12.37
N LEU G 8 20.67 -16.35 -12.81
CA LEU G 8 19.24 -16.19 -12.92
C LEU G 8 18.60 -17.34 -13.68
N ASP G 9 19.11 -17.61 -14.88
CA ASP G 9 18.53 -18.66 -15.70
C ASP G 9 18.49 -20.02 -15.00
N ALA G 10 19.58 -20.38 -14.34
CA ALA G 10 19.64 -21.68 -13.67
C ALA G 10 18.83 -21.72 -12.37
N LEU G 11 19.03 -20.74 -11.51
CA LEU G 11 18.32 -20.72 -10.23
C LEU G 11 16.81 -20.88 -10.41
N GLU G 12 16.27 -20.25 -11.45
CA GLU G 12 14.83 -20.31 -11.71
C GLU G 12 14.34 -21.73 -12.05
N ASN G 13 15.26 -22.65 -12.35
CA ASN G 13 14.87 -24.03 -12.69
C ASN G 13 14.65 -24.90 -11.44
N LEU G 14 14.64 -24.30 -10.26
CA LEU G 14 14.43 -25.06 -9.03
C LEU G 14 12.96 -25.07 -8.64
N SER G 15 12.50 -26.19 -8.09
CA SER G 15 11.11 -26.31 -7.68
C SER G 15 10.86 -25.44 -6.44
N GLY G 16 9.58 -25.15 -6.19
CA GLY G 16 9.20 -24.29 -5.08
C GLY G 16 9.75 -24.74 -3.73
N ASP G 17 9.68 -26.04 -3.44
CA ASP G 17 10.14 -26.53 -2.14
C ASP G 17 11.66 -26.41 -1.96
N GLU G 18 12.42 -26.87 -2.94
CA GLU G 18 13.88 -26.82 -2.84
C GLU G 18 14.34 -25.40 -2.62
N LEU G 19 13.63 -24.46 -3.21
CA LEU G 19 13.98 -23.06 -3.08
C LEU G 19 14.09 -22.69 -1.61
N LYS G 20 13.11 -23.11 -0.82
CA LYS G 20 13.14 -22.78 0.59
C LYS G 20 14.37 -23.40 1.21
N LYS G 21 14.70 -24.61 0.79
CA LYS G 21 15.86 -25.30 1.32
C LYS G 21 17.11 -24.53 1.00
N PHE G 22 17.17 -23.98 -0.21
CA PHE G 22 18.34 -23.23 -0.62
C PHE G 22 18.54 -21.99 0.24
N LYS G 23 17.52 -21.15 0.33
CA LYS G 23 17.63 -19.92 1.11
C LYS G 23 18.05 -20.20 2.54
N MET G 24 17.35 -21.13 3.17
CA MET G 24 17.62 -21.49 4.54
C MET G 24 19.04 -21.99 4.74
N LYS G 25 19.51 -22.84 3.84
CA LYS G 25 20.87 -23.37 3.98
C LYS G 25 21.91 -22.27 3.83
N LEU G 26 21.62 -21.31 2.94
CA LEU G 26 22.55 -20.21 2.69
C LEU G 26 22.85 -19.45 3.97
N LEU G 27 21.85 -19.31 4.82
CA LEU G 27 22.01 -18.59 6.07
C LEU G 27 23.06 -19.25 6.98
N THR G 28 23.16 -20.57 6.91
CA THR G 28 24.09 -21.30 7.78
C THR G 28 25.39 -21.69 7.07
N VAL G 29 25.57 -21.28 5.83
CA VAL G 29 26.78 -21.64 5.10
C VAL G 29 27.95 -20.75 5.51
N GLN G 30 29.16 -21.31 5.49
CA GLN G 30 30.35 -20.56 5.87
C GLN G 30 30.86 -19.74 4.69
N LEU G 31 31.21 -18.49 4.97
CA LEU G 31 31.69 -17.56 3.95
C LEU G 31 33.09 -17.05 4.27
N ARG G 32 33.80 -16.62 3.24
CA ARG G 32 35.14 -16.08 3.41
C ARG G 32 35.09 -14.80 4.25
N GLU G 33 36.17 -14.52 4.98
CA GLU G 33 36.21 -13.33 5.83
C GLU G 33 36.31 -12.05 5.00
N GLY G 34 35.74 -10.96 5.53
CA GLY G 34 35.75 -9.67 4.83
C GLY G 34 34.42 -9.42 4.14
N TYR G 35 33.47 -10.33 4.33
CA TYR G 35 32.16 -10.21 3.71
C TYR G 35 31.07 -10.20 4.77
N GLY G 36 29.90 -9.67 4.41
CA GLY G 36 28.79 -9.59 5.34
C GLY G 36 27.81 -10.75 5.16
N ARG G 37 26.82 -10.79 6.04
CA ARG G 37 25.78 -11.81 6.04
C ARG G 37 24.44 -11.15 5.72
N ILE G 38 23.58 -11.83 4.97
CA ILE G 38 22.31 -11.21 4.59
C ILE G 38 21.27 -11.32 5.70
N PRO G 39 20.60 -10.22 6.03
CA PRO G 39 19.55 -10.19 7.10
C PRO G 39 18.51 -11.28 6.90
N ARG G 40 18.17 -11.95 7.99
CA ARG G 40 17.18 -13.03 7.93
C ARG G 40 15.81 -12.54 7.46
N GLY G 41 15.37 -11.40 7.99
CA GLY G 41 14.05 -10.87 7.65
C GLY G 41 13.82 -10.70 6.14
N ALA G 42 14.79 -10.13 5.44
CA ALA G 42 14.64 -9.89 4.01
C ALA G 42 14.61 -11.18 3.21
N LEU G 43 15.50 -12.11 3.55
CA LEU G 43 15.59 -13.37 2.84
C LEU G 43 14.28 -14.16 2.88
N LEU G 44 13.60 -14.13 4.03
CA LEU G 44 12.36 -14.89 4.19
C LEU G 44 11.27 -14.51 3.21
N GLN G 45 11.15 -13.22 2.87
CA GLN G 45 10.08 -12.79 1.95
C GLN G 45 10.60 -12.46 0.55
N MET G 46 11.88 -12.65 0.30
CA MET G 46 12.46 -12.33 -1.01
C MET G 46 11.94 -13.26 -2.12
N ASP G 47 12.09 -12.79 -3.35
CA ASP G 47 11.67 -13.54 -4.54
C ASP G 47 12.89 -14.11 -5.26
N ALA G 48 12.67 -15.11 -6.10
CA ALA G 48 13.77 -15.72 -6.82
C ALA G 48 14.53 -14.71 -7.69
N ILE G 49 13.80 -13.88 -8.45
CA ILE G 49 14.47 -12.89 -9.28
C ILE G 49 15.25 -11.91 -8.42
N ASP G 50 14.57 -11.37 -7.42
CA ASP G 50 15.17 -10.39 -6.52
C ASP G 50 16.40 -10.98 -5.82
N LEU G 51 16.28 -12.24 -5.43
CA LEU G 51 17.37 -12.92 -4.74
C LEU G 51 18.64 -12.88 -5.57
N THR G 52 18.49 -12.89 -6.89
CA THR G 52 19.66 -12.86 -7.76
C THR G 52 20.39 -11.53 -7.68
N ASP G 53 19.65 -10.44 -7.81
CA ASP G 53 20.27 -9.12 -7.76
C ASP G 53 20.96 -8.91 -6.43
N LYS G 54 20.29 -9.29 -5.35
CA LYS G 54 20.84 -9.13 -4.01
C LYS G 54 22.08 -10.00 -3.83
N LEU G 55 21.98 -11.25 -4.28
CA LEU G 55 23.09 -12.18 -4.12
C LEU G 55 24.39 -11.63 -4.70
N VAL G 56 24.32 -11.08 -5.90
CA VAL G 56 25.51 -10.54 -6.52
C VAL G 56 25.96 -9.24 -5.86
N SER G 57 25.00 -8.40 -5.50
CA SER G 57 25.34 -7.10 -4.89
C SER G 57 26.23 -7.26 -3.66
N TYR G 58 26.05 -8.35 -2.92
CA TYR G 58 26.84 -8.57 -1.72
C TYR G 58 28.24 -9.12 -2.02
N TYR G 59 28.34 -10.02 -2.99
CA TYR G 59 29.62 -10.62 -3.33
C TYR G 59 30.01 -10.31 -4.77
N LEU G 60 31.31 -10.21 -5.01
CA LEU G 60 31.79 -9.93 -6.36
C LEU G 60 31.30 -11.02 -7.30
N GLU G 61 31.19 -10.68 -8.58
CA GLU G 61 30.70 -11.63 -9.56
C GLU G 61 31.56 -12.88 -9.61
N SER G 62 32.87 -12.72 -9.66
CA SER G 62 33.77 -13.87 -9.74
C SER G 62 33.62 -14.78 -8.51
N TYR G 63 33.79 -14.21 -7.32
CA TYR G 63 33.68 -14.99 -6.11
C TYR G 63 32.22 -15.37 -5.83
N GLY G 64 31.31 -14.45 -6.11
CA GLY G 64 29.89 -14.70 -5.86
C GLY G 64 29.40 -15.88 -6.69
N LEU G 65 29.81 -15.93 -7.95
CA LEU G 65 29.38 -17.00 -8.84
C LEU G 65 29.84 -18.37 -8.31
N GLU G 66 31.08 -18.44 -7.87
CA GLU G 66 31.63 -19.70 -7.36
C GLU G 66 30.94 -20.12 -6.05
N LEU G 67 30.59 -19.15 -5.22
CA LEU G 67 29.97 -19.43 -3.94
C LEU G 67 28.65 -20.19 -4.11
N THR G 68 27.91 -19.85 -5.15
CA THR G 68 26.64 -20.51 -5.39
C THR G 68 26.83 -22.02 -5.55
N MET G 69 27.80 -22.38 -6.37
CA MET G 69 28.07 -23.80 -6.65
C MET G 69 28.29 -24.57 -5.37
N THR G 70 29.05 -24.00 -4.46
CA THR G 70 29.35 -24.69 -3.21
C THR G 70 28.07 -25.11 -2.49
N VAL G 71 27.08 -24.21 -2.46
CA VAL G 71 25.82 -24.51 -1.80
C VAL G 71 24.95 -25.45 -2.63
N LEU G 72 24.96 -25.27 -3.95
CA LEU G 72 24.15 -26.13 -4.82
C LEU G 72 24.51 -27.59 -4.65
N ARG G 73 25.79 -27.91 -4.73
CA ARG G 73 26.17 -29.27 -4.57
C ARG G 73 25.81 -29.75 -3.17
N ASP G 74 26.04 -28.92 -2.18
CA ASP G 74 25.79 -29.32 -0.79
C ASP G 74 24.39 -29.92 -0.63
N MET G 75 23.39 -29.31 -1.25
CA MET G 75 22.01 -29.81 -1.18
C MET G 75 21.93 -31.15 -1.89
N GLY G 76 22.85 -31.35 -2.81
CA GLY G 76 22.91 -32.58 -3.60
C GLY G 76 23.52 -32.28 -4.95
N LEU G 77 24.27 -33.23 -5.50
CA LEU G 77 24.88 -33.00 -6.80
C LEU G 77 23.81 -32.98 -7.86
N GLN G 78 23.75 -31.89 -8.60
CA GLN G 78 22.74 -31.76 -9.63
C GLN G 78 23.38 -31.33 -10.93
N GLU G 79 22.69 -31.56 -12.03
CA GLU G 79 23.20 -31.16 -13.32
C GLU G 79 23.44 -29.67 -13.30
N LEU G 80 22.62 -28.98 -12.52
CA LEU G 80 22.73 -27.54 -12.39
C LEU G 80 24.13 -27.14 -11.96
N ALA G 81 24.65 -27.81 -10.94
CA ALA G 81 25.98 -27.49 -10.47
C ALA G 81 26.99 -27.51 -11.61
N GLU G 82 26.98 -28.59 -12.37
CA GLU G 82 27.90 -28.69 -13.49
C GLU G 82 27.47 -27.78 -14.64
N GLN G 83 26.18 -27.76 -14.95
CA GLN G 83 25.68 -26.92 -16.04
C GLN G 83 26.13 -25.49 -15.83
N LEU G 84 26.02 -25.03 -14.59
CA LEU G 84 26.42 -23.68 -14.27
C LEU G 84 27.93 -23.53 -14.39
N GLN G 85 28.66 -24.57 -13.98
CA GLN G 85 30.11 -24.53 -14.04
C GLN G 85 30.61 -24.22 -15.44
N THR G 86 29.92 -24.77 -16.44
CA THR G 86 30.30 -24.54 -17.82
C THR G 86 30.39 -23.04 -18.10
N THR G 87 29.56 -22.27 -17.42
CA THR G 87 29.55 -20.82 -17.60
C THR G 87 30.88 -20.22 -17.15
N LYS G 88 31.49 -20.82 -16.13
CA LYS G 88 32.76 -20.32 -15.61
C LYS G 88 33.79 -20.22 -16.73
N GLU G 89 33.88 -21.27 -17.54
CA GLU G 89 34.81 -21.28 -18.66
C GLU G 89 34.37 -20.27 -19.72
N GLY H 1 5.71 11.12 -33.04
CA GLY H 1 6.12 9.83 -33.58
C GLY H 1 5.35 8.69 -32.92
N ARG H 2 4.65 7.92 -33.74
CA ARG H 2 3.86 6.80 -33.23
C ARG H 2 4.73 5.84 -32.42
N ALA H 3 6.05 6.02 -32.51
CA ALA H 3 6.97 5.15 -31.81
C ALA H 3 6.60 5.02 -30.32
N ARG H 4 6.34 6.15 -29.67
CA ARG H 4 5.97 6.11 -28.27
C ARG H 4 4.68 5.31 -28.07
N ASP H 5 3.71 5.58 -28.92
CA ASP H 5 2.41 4.91 -28.83
C ASP H 5 2.52 3.42 -29.12
N ALA H 6 3.39 3.04 -30.05
CA ALA H 6 3.53 1.64 -30.41
C ALA H 6 4.06 0.81 -29.24
N ILE H 7 5.18 1.24 -28.68
CA ILE H 7 5.77 0.52 -27.57
C ILE H 7 4.78 0.40 -26.42
N LEU H 8 4.16 1.53 -26.09
CA LEU H 8 3.22 1.57 -25.00
C LEU H 8 2.16 0.48 -25.13
N ASP H 9 1.51 0.41 -26.28
CA ASP H 9 0.45 -0.57 -26.48
C ASP H 9 0.92 -2.00 -26.23
N ALA H 10 2.08 -2.36 -26.77
CA ALA H 10 2.60 -3.71 -26.60
C ALA H 10 3.11 -4.00 -25.19
N LEU H 11 3.97 -3.13 -24.68
CA LEU H 11 4.55 -3.34 -23.37
C LEU H 11 3.49 -3.62 -22.31
N GLU H 12 2.36 -2.90 -22.40
CA GLU H 12 1.27 -3.05 -21.43
C GLU H 12 0.63 -4.46 -21.46
N ASN H 13 0.91 -5.25 -22.51
CA ASN H 13 0.34 -6.59 -22.62
C ASN H 13 1.15 -7.64 -21.83
N LEU H 14 2.11 -7.20 -21.03
CA LEU H 14 2.92 -8.13 -20.24
C LEU H 14 2.33 -8.33 -18.85
N SER H 15 2.43 -9.55 -18.34
CA SER H 15 1.90 -9.85 -17.01
C SER H 15 2.76 -9.17 -15.94
N GLY H 16 2.21 -9.03 -14.74
CA GLY H 16 2.89 -8.36 -13.65
C GLY H 16 4.28 -8.95 -13.33
N ASP H 17 4.39 -10.27 -13.32
CA ASP H 17 5.67 -10.89 -12.98
C ASP H 17 6.75 -10.66 -14.04
N GLU H 18 6.42 -10.91 -15.29
CA GLU H 18 7.39 -10.75 -16.38
C GLU H 18 7.92 -9.32 -16.39
N LEU H 19 7.05 -8.38 -16.04
CA LEU H 19 7.44 -6.99 -16.03
C LEU H 19 8.70 -6.81 -15.18
N LYS H 20 8.71 -7.41 -13.99
CA LYS H 20 9.86 -7.27 -13.13
C LYS H 20 11.07 -7.85 -13.83
N LYS H 21 10.87 -8.96 -14.52
CA LYS H 21 11.97 -9.60 -15.22
C LYS H 21 12.52 -8.68 -16.29
N PHE H 22 11.63 -7.98 -16.96
CA PHE H 22 12.05 -7.08 -18.02
C PHE H 22 12.90 -5.95 -17.48
N LYS H 23 12.40 -5.22 -16.48
CA LYS H 23 13.14 -4.10 -15.92
C LYS H 23 14.52 -4.53 -15.45
N MET H 24 14.54 -5.59 -14.65
CA MET H 24 15.78 -6.11 -14.10
C MET H 24 16.77 -6.50 -15.18
N LYS H 25 16.30 -7.17 -16.22
CA LYS H 25 17.21 -7.59 -17.28
C LYS H 25 17.78 -6.39 -18.03
N LEU H 26 16.96 -5.36 -18.18
CA LEU H 26 17.37 -4.15 -18.89
C LEU H 26 18.61 -3.54 -18.25
N LEU H 27 18.69 -3.61 -16.94
CA LEU H 27 19.81 -3.04 -16.21
C LEU H 27 21.13 -3.72 -16.58
N THR H 28 21.08 -5.01 -16.91
CA THR H 28 22.30 -5.76 -17.24
C THR H 28 22.51 -5.94 -18.74
N VAL H 29 21.65 -5.34 -19.56
CA VAL H 29 21.78 -5.49 -21.01
C VAL H 29 22.88 -4.57 -21.55
N GLN H 30 23.56 -5.01 -22.60
CA GLN H 30 24.63 -4.21 -23.20
C GLN H 30 24.04 -3.19 -24.18
N LEU H 31 24.55 -1.97 -24.09
CA LEU H 31 24.08 -0.87 -24.94
C LEU H 31 25.21 -0.28 -25.77
N ARG H 32 24.85 0.34 -26.88
CA ARG H 32 25.83 0.97 -27.76
C ARG H 32 26.53 2.12 -27.01
N GLU H 33 27.77 2.40 -27.38
CA GLU H 33 28.54 3.47 -26.74
C GLU H 33 27.99 4.85 -27.11
N GLY H 34 28.12 5.80 -26.18
CA GLY H 34 27.65 7.16 -26.41
C GLY H 34 26.29 7.39 -25.74
N TYR H 35 25.83 6.38 -25.02
CA TYR H 35 24.54 6.46 -24.33
C TYR H 35 24.71 6.24 -22.83
N GLY H 36 23.74 6.70 -22.05
CA GLY H 36 23.81 6.54 -20.61
C GLY H 36 23.01 5.33 -20.13
N ARG H 37 23.09 5.09 -18.82
CA ARG H 37 22.41 4.00 -18.16
C ARG H 37 21.38 4.56 -17.20
N ILE H 38 20.22 3.92 -17.08
CA ILE H 38 19.18 4.46 -16.21
C ILE H 38 19.42 4.11 -14.74
N PRO H 39 19.32 5.09 -13.85
CA PRO H 39 19.53 4.88 -12.39
C PRO H 39 18.69 3.74 -11.84
N ARG H 40 19.31 2.91 -11.02
CA ARG H 40 18.60 1.76 -10.45
C ARG H 40 17.43 2.18 -9.57
N GLY H 41 17.63 3.19 -8.75
CA GLY H 41 16.58 3.64 -7.82
C GLY H 41 15.25 3.99 -8.52
N ALA H 42 15.33 4.73 -9.61
CA ALA H 42 14.11 5.14 -10.31
C ALA H 42 13.40 3.96 -10.96
N LEU H 43 14.16 3.09 -11.60
CA LEU H 43 13.60 1.94 -12.29
C LEU H 43 12.79 1.04 -11.34
N LEU H 44 13.28 0.86 -10.13
CA LEU H 44 12.63 -0.04 -9.17
C LEU H 44 11.20 0.38 -8.83
N GLN H 45 10.92 1.68 -8.75
CA GLN H 45 9.57 2.14 -8.39
C GLN H 45 8.78 2.70 -9.59
N MET H 46 9.36 2.66 -10.78
CA MET H 46 8.68 3.19 -11.96
C MET H 46 7.45 2.38 -12.36
N ASP H 47 6.58 3.01 -13.15
CA ASP H 47 5.36 2.39 -13.63
C ASP H 47 5.51 2.04 -15.10
N ALA H 48 4.65 1.15 -15.59
CA ALA H 48 4.73 0.73 -16.99
C ALA H 48 4.55 1.92 -17.94
N ILE H 49 3.55 2.76 -17.69
CA ILE H 49 3.35 3.92 -18.58
C ILE H 49 4.54 4.84 -18.52
N ASP H 50 4.95 5.19 -17.30
CA ASP H 50 6.09 6.07 -17.09
C ASP H 50 7.35 5.52 -17.73
N LEU H 51 7.53 4.22 -17.60
CA LEU H 51 8.69 3.55 -18.15
C LEU H 51 8.83 3.82 -19.64
N THR H 52 7.70 3.97 -20.31
CA THR H 52 7.71 4.21 -21.74
C THR H 52 8.29 5.58 -22.06
N ASP H 53 7.79 6.61 -21.40
CA ASP H 53 8.26 7.96 -21.65
C ASP H 53 9.75 8.07 -21.37
N LYS H 54 10.18 7.48 -20.26
CA LYS H 54 11.58 7.51 -19.87
C LYS H 54 12.43 6.75 -20.86
N LEU H 55 11.97 5.56 -21.25
CA LEU H 55 12.72 4.72 -22.17
C LEU H 55 13.07 5.46 -23.45
N VAL H 56 12.11 6.15 -24.03
CA VAL H 56 12.37 6.87 -25.26
C VAL H 56 13.23 8.11 -25.02
N SER H 57 12.98 8.81 -23.92
CA SER H 57 13.73 10.04 -23.63
C SER H 57 15.23 9.80 -23.62
N TYR H 58 15.65 8.62 -23.19
CA TYR H 58 17.08 8.31 -23.13
C TYR H 58 17.66 7.93 -24.50
N TYR H 59 16.91 7.18 -25.29
CA TYR H 59 17.40 6.75 -26.60
C TYR H 59 16.51 7.28 -27.72
N LEU H 60 17.12 7.53 -28.88
CA LEU H 60 16.36 8.03 -30.01
C LEU H 60 15.26 7.03 -30.36
N GLU H 61 14.20 7.53 -30.98
CA GLU H 61 13.08 6.67 -31.32
C GLU H 61 13.50 5.51 -32.22
N SER H 62 14.28 5.81 -33.27
CA SER H 62 14.70 4.76 -34.19
C SER H 62 15.53 3.69 -33.48
N TYR H 63 16.60 4.11 -32.82
CA TYR H 63 17.46 3.17 -32.11
C TYR H 63 16.77 2.63 -30.86
N GLY H 64 16.04 3.48 -30.17
CA GLY H 64 15.36 3.08 -28.95
C GLY H 64 14.34 1.98 -29.23
N LEU H 65 13.59 2.13 -30.32
CA LEU H 65 12.58 1.15 -30.68
C LEU H 65 13.20 -0.22 -30.93
N GLU H 66 14.31 -0.24 -31.66
CA GLU H 66 14.98 -1.50 -31.96
C GLU H 66 15.58 -2.15 -30.71
N LEU H 67 16.08 -1.33 -29.80
CA LEU H 67 16.70 -1.84 -28.57
C LEU H 67 15.71 -2.68 -27.76
N THR H 68 14.46 -2.28 -27.74
CA THR H 68 13.46 -3.02 -26.99
C THR H 68 13.37 -4.46 -27.47
N MET H 69 13.31 -4.63 -28.78
CA MET H 69 13.18 -5.96 -29.36
C MET H 69 14.29 -6.88 -28.90
N THR H 70 15.50 -6.37 -28.86
CA THR H 70 16.63 -7.18 -28.46
C THR H 70 16.40 -7.80 -27.09
N VAL H 71 15.88 -7.01 -26.15
CA VAL H 71 15.61 -7.50 -24.81
C VAL H 71 14.37 -8.40 -24.76
N LEU H 72 13.34 -8.05 -25.53
CA LEU H 72 12.12 -8.86 -25.54
C LEU H 72 12.40 -10.29 -25.95
N ARG H 73 13.10 -10.47 -27.05
CA ARG H 73 13.40 -11.82 -27.46
C ARG H 73 14.26 -12.51 -26.43
N ASP H 74 15.23 -11.79 -25.88
CA ASP H 74 16.15 -12.40 -24.91
C ASP H 74 15.40 -13.13 -23.80
N MET H 75 14.33 -12.54 -23.30
CA MET H 75 13.52 -13.17 -22.26
C MET H 75 12.84 -14.41 -22.80
N GLY H 76 12.66 -14.40 -24.12
CA GLY H 76 12.02 -15.51 -24.81
C GLY H 76 11.33 -14.98 -26.06
N LEU H 77 11.30 -15.77 -27.13
CA LEU H 77 10.66 -15.31 -28.35
C LEU H 77 9.17 -15.25 -28.13
N GLN H 78 8.60 -14.09 -28.37
CA GLN H 78 7.17 -13.91 -28.17
C GLN H 78 6.56 -13.26 -29.39
N GLU H 79 5.25 -13.41 -29.53
CA GLU H 79 4.58 -12.80 -30.64
C GLU H 79 4.80 -11.30 -30.59
N LEU H 80 4.96 -10.80 -29.36
CA LEU H 80 5.19 -9.38 -29.16
C LEU H 80 6.41 -8.92 -29.95
N ALA H 81 7.50 -9.66 -29.85
CA ALA H 81 8.70 -9.29 -30.56
C ALA H 81 8.40 -9.07 -32.04
N GLU H 82 7.75 -10.03 -32.66
CA GLU H 82 7.41 -9.90 -34.07
C GLU H 82 6.30 -8.90 -34.27
N GLN H 83 5.26 -8.96 -33.44
CA GLN H 83 4.15 -8.03 -33.57
C GLN H 83 4.65 -6.60 -33.58
N LEU H 84 5.58 -6.32 -32.68
CA LEU H 84 6.15 -4.99 -32.60
C LEU H 84 6.99 -4.69 -33.84
N GLN H 85 7.70 -5.70 -34.32
CA GLN H 85 8.55 -5.53 -35.50
C GLN H 85 7.74 -4.99 -36.68
N THR H 86 6.51 -5.46 -36.82
CA THR H 86 5.67 -5.02 -37.91
C THR H 86 5.56 -3.50 -37.92
N THR H 87 5.63 -2.90 -36.73
CA THR H 87 5.56 -1.45 -36.63
C THR H 87 6.76 -0.80 -37.31
N LYS H 88 7.91 -1.46 -37.27
CA LYS H 88 9.12 -0.92 -37.89
C LYS H 88 8.87 -0.59 -39.36
N GLU H 89 8.22 -1.50 -40.07
CA GLU H 89 7.90 -1.28 -41.48
C GLU H 89 6.86 -0.19 -41.60
N GLY I 1 -19.57 30.00 -22.10
CA GLY I 1 -19.82 28.82 -22.94
C GLY I 1 -19.82 27.55 -22.11
N ARG I 2 -20.94 26.83 -22.15
CA ARG I 2 -21.07 25.59 -21.39
C ARG I 2 -19.96 24.61 -21.75
N ALA I 3 -19.21 24.92 -22.82
CA ALA I 3 -18.14 24.05 -23.26
C ALA I 3 -17.19 23.70 -22.11
N ARG I 4 -16.78 24.69 -21.34
CA ARG I 4 -15.89 24.44 -20.22
C ARG I 4 -16.55 23.50 -19.20
N ASP I 5 -17.81 23.79 -18.90
CA ASP I 5 -18.56 23.01 -17.93
C ASP I 5 -18.80 21.58 -18.41
N ALA I 6 -19.03 21.41 -19.71
CA ALA I 6 -19.31 20.08 -20.24
C ALA I 6 -18.10 19.16 -20.10
N ILE I 7 -16.95 19.61 -20.58
CA ILE I 7 -15.75 18.80 -20.50
C ILE I 7 -15.45 18.46 -19.05
N LEU I 8 -15.49 19.46 -18.20
CA LEU I 8 -15.21 19.28 -16.80
C LEU I 8 -16.01 18.13 -16.20
N ASP I 9 -17.31 18.15 -16.38
CA ASP I 9 -18.17 17.11 -15.81
C ASP I 9 -17.76 15.71 -16.25
N ALA I 10 -17.49 15.53 -17.55
CA ALA I 10 -17.13 14.22 -18.06
C ALA I 10 -15.71 13.80 -17.67
N LEU I 11 -14.74 14.66 -17.92
CA LEU I 11 -13.35 14.33 -17.62
C LEU I 11 -13.18 13.82 -16.19
N GLU I 12 -13.89 14.44 -15.25
CA GLU I 12 -13.80 14.06 -13.84
C GLU I 12 -14.28 12.62 -13.56
N ASN I 13 -14.98 12.01 -14.53
CA ASN I 13 -15.48 10.64 -14.35
C ASN I 13 -14.43 9.58 -14.68
N LEU I 14 -13.18 9.99 -14.89
CA LEU I 14 -12.12 9.03 -15.20
C LEU I 14 -11.39 8.60 -13.94
N SER I 15 -10.98 7.33 -13.89
CA SER I 15 -10.26 6.83 -12.73
C SER I 15 -8.86 7.42 -12.68
N GLY I 16 -8.24 7.35 -11.51
CA GLY I 16 -6.92 7.93 -11.30
C GLY I 16 -5.86 7.43 -12.30
N ASP I 17 -5.84 6.14 -12.57
CA ASP I 17 -4.83 5.59 -13.48
C ASP I 17 -5.01 6.06 -14.93
N GLU I 18 -6.21 5.95 -15.45
CA GLU I 18 -6.48 6.34 -16.83
C GLU I 18 -6.10 7.80 -17.04
N LEU I 19 -6.29 8.60 -16.01
CA LEU I 19 -5.97 10.00 -16.10
C LEU I 19 -4.53 10.18 -16.55
N LYS I 20 -3.62 9.44 -15.95
CA LYS I 20 -2.23 9.56 -16.32
C LYS I 20 -2.08 9.19 -17.78
N LYS I 21 -2.79 8.17 -18.21
CA LYS I 21 -2.72 7.72 -19.59
C LYS I 21 -3.19 8.82 -20.51
N PHE I 22 -4.22 9.53 -20.10
CA PHE I 22 -4.76 10.59 -20.93
C PHE I 22 -3.75 11.72 -21.12
N LYS I 23 -3.23 12.25 -20.01
CA LYS I 23 -2.28 13.36 -20.10
C LYS I 23 -1.09 12.98 -20.96
N MET I 24 -0.51 11.83 -20.67
CA MET I 24 0.66 11.37 -21.40
C MET I 24 0.39 11.21 -22.89
N LYS I 25 -0.75 10.64 -23.24
CA LYS I 25 -1.06 10.44 -24.65
C LYS I 25 -1.26 11.79 -25.36
N LEU I 26 -1.82 12.75 -24.65
CA LEU I 26 -2.06 14.07 -25.21
C LEU I 26 -0.78 14.71 -25.72
N LEU I 27 0.31 14.46 -25.00
CA LEU I 27 1.60 15.03 -25.37
C LEU I 27 2.07 14.53 -26.75
N THR I 28 1.70 13.29 -27.08
CA THR I 28 2.14 12.71 -28.35
C THR I 28 1.08 12.75 -29.45
N VAL I 29 -0.06 13.37 -29.16
CA VAL I 29 -1.13 13.43 -30.16
C VAL I 29 -0.85 14.52 -31.19
N GLN I 30 -1.29 14.27 -32.43
CA GLN I 30 -1.09 15.24 -33.51
C GLN I 30 -2.16 16.33 -33.48
N LEU I 31 -1.72 17.57 -33.64
CA LEU I 31 -2.62 18.72 -33.61
C LEU I 31 -2.57 19.51 -34.90
N ARG I 32 -3.63 20.24 -35.18
CA ARG I 32 -3.70 21.07 -36.38
C ARG I 32 -2.62 22.17 -36.32
N GLU I 33 -2.15 22.60 -37.47
CA GLU I 33 -1.12 23.65 -37.53
C GLU I 33 -1.67 25.00 -37.11
N GLY I 34 -0.81 25.83 -36.52
CA GLY I 34 -1.20 27.17 -36.08
C GLY I 34 -1.49 27.18 -34.57
N TYR I 35 -1.25 26.04 -33.93
CA TYR I 35 -1.48 25.91 -32.50
C TYR I 35 -0.20 25.51 -31.78
N GLY I 36 -0.15 25.78 -30.48
CA GLY I 36 1.03 25.43 -29.69
C GLY I 36 0.87 24.10 -28.96
N ARG I 37 1.94 23.71 -28.29
CA ARG I 37 1.99 22.47 -27.51
C ARG I 37 2.16 22.82 -26.05
N ILE I 38 1.52 22.05 -25.16
CA ILE I 38 1.60 22.38 -23.74
C ILE I 38 2.89 21.86 -23.10
N PRO I 39 3.59 22.70 -22.35
CA PRO I 39 4.87 22.32 -21.68
C PRO I 39 4.74 21.05 -20.86
N ARG I 40 5.71 20.17 -20.99
CA ARG I 40 5.68 18.89 -20.28
C ARG I 40 5.68 19.09 -18.75
N GLY I 41 6.52 19.99 -18.27
CA GLY I 41 6.64 20.22 -16.83
C GLY I 41 5.30 20.54 -16.14
N ALA I 42 4.52 21.43 -16.73
CA ALA I 42 3.24 21.82 -16.13
C ALA I 42 2.23 20.68 -16.12
N LEU I 43 2.15 19.97 -17.23
CA LEU I 43 1.19 18.87 -17.38
C LEU I 43 1.40 17.79 -16.32
N LEU I 44 2.66 17.48 -16.01
CA LEU I 44 2.98 16.42 -15.05
C LEU I 44 2.39 16.66 -13.67
N GLN I 45 2.36 17.91 -13.19
CA GLN I 45 1.85 18.19 -11.85
C GLN I 45 0.45 18.83 -11.85
N MET I 46 -0.14 19.00 -13.03
CA MET I 46 -1.46 19.63 -13.12
C MET I 46 -2.57 18.76 -12.50
N ASP I 47 -3.68 19.42 -12.19
CA ASP I 47 -4.85 18.76 -11.60
C ASP I 47 -5.95 18.62 -12.65
N ALA I 48 -6.90 17.73 -12.40
CA ALA I 48 -7.98 17.51 -13.34
C ALA I 48 -8.78 18.80 -13.59
N ILE I 49 -9.15 19.51 -12.53
CA ILE I 49 -9.91 20.75 -12.72
C ILE I 49 -9.09 21.76 -13.50
N ASP I 50 -7.86 21.97 -13.03
CA ASP I 50 -6.95 22.92 -13.68
C ASP I 50 -6.72 22.58 -15.14
N LEU I 51 -6.58 21.29 -15.39
CA LEU I 51 -6.34 20.80 -16.75
C LEU I 51 -7.43 21.28 -17.70
N THR I 52 -8.65 21.41 -17.18
CA THR I 52 -9.76 21.84 -18.01
C THR I 52 -9.59 23.30 -18.45
N ASP I 53 -9.32 24.18 -17.50
CA ASP I 53 -9.16 25.58 -17.83
C ASP I 53 -8.02 25.78 -18.81
N LYS I 54 -6.92 25.10 -18.57
CA LYS I 54 -5.76 25.20 -19.45
C LYS I 54 -6.06 24.65 -20.83
N LEU I 55 -6.72 23.50 -20.87
CA LEU I 55 -7.04 22.85 -22.13
C LEU I 55 -7.79 23.79 -23.07
N VAL I 56 -8.81 24.45 -22.55
CA VAL I 56 -9.58 25.36 -23.37
C VAL I 56 -8.80 26.63 -23.72
N SER I 57 -8.05 27.15 -22.76
CA SER I 57 -7.30 28.39 -23.00
C SER I 57 -6.38 28.28 -24.22
N TYR I 58 -5.85 27.09 -24.48
CA TYR I 58 -4.95 26.91 -25.61
C TYR I 58 -5.71 26.78 -26.94
N TYR I 59 -6.83 26.07 -26.94
CA TYR I 59 -7.59 25.87 -28.16
C TYR I 59 -9.00 26.45 -28.05
N LEU I 60 -9.53 26.91 -29.17
CA LEU I 60 -10.86 27.49 -29.17
C LEU I 60 -11.85 26.45 -28.65
N GLU I 61 -12.97 26.93 -28.12
CA GLU I 61 -13.97 26.03 -27.57
C GLU I 61 -14.48 25.04 -28.61
N SER I 62 -14.83 25.54 -29.80
CA SER I 62 -15.36 24.68 -30.85
C SER I 62 -14.35 23.60 -31.23
N TYR I 63 -13.15 24.02 -31.62
CA TYR I 63 -12.12 23.07 -32.02
C TYR I 63 -11.57 22.31 -30.83
N GLY I 64 -11.42 23.00 -29.71
CA GLY I 64 -10.89 22.36 -28.50
C GLY I 64 -11.79 21.23 -28.03
N LEU I 65 -13.09 21.46 -28.07
CA LEU I 65 -14.05 20.45 -27.62
C LEU I 65 -13.94 19.18 -28.48
N GLU I 66 -13.86 19.36 -29.78
CA GLU I 66 -13.75 18.22 -30.69
C GLU I 66 -12.43 17.47 -30.52
N LEU I 67 -11.35 18.20 -30.24
CA LEU I 67 -10.04 17.60 -30.08
C LEU I 67 -10.03 16.56 -28.95
N THR I 68 -10.76 16.84 -27.89
CA THR I 68 -10.80 15.93 -26.76
C THR I 68 -11.31 14.56 -27.19
N MET I 69 -12.40 14.56 -27.95
CA MET I 69 -13.01 13.31 -28.40
C MET I 69 -12.02 12.44 -29.14
N THR I 70 -11.23 13.05 -29.99
CA THR I 70 -10.27 12.30 -30.77
C THR I 70 -9.35 11.48 -29.86
N VAL I 71 -8.89 12.09 -28.77
CA VAL I 71 -8.01 11.40 -27.84
C VAL I 71 -8.77 10.40 -26.98
N LEU I 72 -9.98 10.75 -26.56
CA LEU I 72 -10.77 9.85 -25.72
C LEU I 72 -11.00 8.50 -26.42
N ARG I 73 -11.45 8.54 -27.64
CA ARG I 73 -11.67 7.29 -28.33
C ARG I 73 -10.37 6.56 -28.49
N ASP I 74 -9.31 7.28 -28.82
CA ASP I 74 -8.02 6.64 -29.08
C ASP I 74 -7.63 5.68 -27.93
N MET I 75 -7.86 6.12 -26.69
CA MET I 75 -7.55 5.28 -25.53
C MET I 75 -8.46 4.07 -25.51
N GLY I 76 -9.60 4.23 -26.16
CA GLY I 76 -10.61 3.19 -26.22
C GLY I 76 -11.99 3.81 -26.35
N LEU I 77 -12.89 3.17 -27.08
CA LEU I 77 -14.22 3.72 -27.22
C LEU I 77 -14.95 3.61 -25.91
N GLN I 78 -15.43 4.74 -25.42
CA GLN I 78 -16.12 4.77 -24.16
C GLN I 78 -17.43 5.52 -24.29
N GLU I 79 -18.33 5.27 -23.37
CA GLU I 79 -19.60 5.96 -23.41
C GLU I 79 -19.35 7.46 -23.32
N LEU I 80 -18.26 7.80 -22.64
CA LEU I 80 -17.88 9.20 -22.49
C LEU I 80 -17.74 9.86 -23.85
N ALA I 81 -17.05 9.21 -24.76
CA ALA I 81 -16.85 9.78 -26.09
C ALA I 81 -18.18 10.17 -26.69
N GLU I 82 -19.14 9.24 -26.68
CA GLU I 82 -20.45 9.53 -27.24
C GLU I 82 -21.24 10.46 -26.32
N GLN I 83 -21.20 10.18 -25.02
CA GLN I 83 -21.94 11.02 -24.08
C GLN I 83 -21.57 12.47 -24.27
N LEU I 84 -20.28 12.72 -24.42
CA LEU I 84 -19.80 14.08 -24.62
C LEU I 84 -20.26 14.61 -25.98
N GLN I 85 -20.26 13.73 -26.98
CA GLN I 85 -20.67 14.14 -28.33
C GLN I 85 -22.06 14.75 -28.31
N THR I 86 -22.95 14.20 -27.49
CA THR I 86 -24.31 14.71 -27.40
C THR I 86 -24.29 16.20 -27.10
N THR I 87 -23.28 16.64 -26.36
CA THR I 87 -23.16 18.05 -26.01
C THR I 87 -22.94 18.90 -27.27
N LYS I 88 -22.25 18.33 -28.25
CA LYS I 88 -21.97 19.06 -29.50
C LYS I 88 -23.28 19.56 -30.12
N GLU I 89 -24.28 18.70 -30.18
CA GLU I 89 -25.58 19.07 -30.72
C GLU I 89 -26.25 20.07 -29.80
N GLY J 1 -25.40 44.84 7.18
CA GLY J 1 -26.28 43.78 6.70
C GLY J 1 -25.68 42.40 7.00
N ARG J 2 -26.43 41.61 7.74
CA ARG J 2 -25.98 40.26 8.10
C ARG J 2 -25.63 39.45 6.87
N ALA J 3 -26.00 39.97 5.69
CA ALA J 3 -25.74 39.26 4.44
C ALA J 3 -24.27 38.85 4.34
N ARG J 4 -23.37 39.76 4.63
CA ARG J 4 -21.95 39.45 4.55
C ARG J 4 -21.60 38.33 5.54
N ASP J 5 -22.11 38.46 6.76
CA ASP J 5 -21.83 37.49 7.80
C ASP J 5 -22.44 36.13 7.49
N ALA J 6 -23.60 36.11 6.88
CA ALA J 6 -24.26 34.84 6.57
C ALA J 6 -23.46 34.02 5.56
N ILE J 7 -23.12 34.63 4.44
CA ILE J 7 -22.35 33.93 3.42
C ILE J 7 -21.04 33.43 4.00
N LEU J 8 -20.36 34.30 4.69
CA LEU J 8 -19.07 33.96 5.27
C LEU J 8 -19.15 32.67 6.08
N ASP J 9 -20.09 32.61 7.00
CA ASP J 9 -20.20 31.43 7.86
C ASP J 9 -20.38 30.14 7.06
N ALA J 10 -21.25 30.16 6.06
CA ALA J 10 -21.49 28.96 5.27
C ALA J 10 -20.34 28.63 4.31
N LEU J 11 -19.91 29.60 3.54
CA LEU J 11 -18.84 29.36 2.56
C LEU J 11 -17.63 28.68 3.21
N GLU J 12 -17.29 29.11 4.42
CA GLU J 12 -16.13 28.56 5.14
C GLU J 12 -16.28 27.06 5.45
N ASN J 13 -17.49 26.52 5.33
CA ASN J 13 -17.72 25.09 5.63
C ASN J 13 -17.40 24.18 4.45
N LEU J 14 -16.78 24.74 3.40
CA LEU J 14 -16.44 23.93 2.23
C LEU J 14 -15.01 23.40 2.34
N SER J 15 -14.79 22.18 1.84
CA SER J 15 -13.45 21.59 1.90
C SER J 15 -12.52 22.31 0.92
N GLY J 16 -11.23 22.14 1.12
CA GLY J 16 -10.23 22.80 0.29
C GLY J 16 -10.40 22.54 -1.21
N ASP J 17 -10.66 21.30 -1.59
CA ASP J 17 -10.79 20.97 -3.01
C ASP J 17 -12.03 21.61 -3.67
N GLU J 18 -13.18 21.45 -3.04
CA GLU J 18 -14.41 22.00 -3.60
C GLU J 18 -14.28 23.50 -3.80
N LEU J 19 -13.55 24.15 -2.91
CA LEU J 19 -13.35 25.57 -3.00
C LEU J 19 -12.83 25.94 -4.39
N LYS J 20 -11.83 25.20 -4.86
CA LYS J 20 -11.26 25.50 -6.15
C LYS J 20 -12.35 25.33 -7.20
N LYS J 21 -13.18 24.32 -7.04
CA LYS J 21 -14.24 24.07 -7.99
C LYS J 21 -15.20 25.23 -8.01
N PHE J 22 -15.48 25.78 -6.84
CA PHE J 22 -16.41 26.88 -6.75
C PHE J 22 -15.90 28.11 -7.49
N LYS J 23 -14.68 28.55 -7.14
CA LYS J 23 -14.11 29.73 -7.78
C LYS J 23 -14.10 29.59 -9.30
N MET J 24 -13.56 28.47 -9.77
CA MET J 24 -13.44 28.21 -11.19
C MET J 24 -14.79 28.23 -11.88
N LYS J 25 -15.79 27.60 -11.27
CA LYS J 25 -17.11 27.57 -11.90
C LYS J 25 -17.73 28.97 -11.98
N LEU J 26 -17.46 29.78 -10.95
CA LEU J 26 -17.99 31.13 -10.89
C LEU J 26 -17.58 31.94 -12.11
N LEU J 27 -16.36 31.71 -12.58
CA LEU J 27 -15.84 32.43 -13.74
C LEU J 27 -16.66 32.17 -14.99
N THR J 28 -17.22 30.96 -15.10
CA THR J 28 -17.99 30.58 -16.30
C THR J 28 -19.50 30.67 -16.10
N VAL J 29 -19.94 31.14 -14.94
CA VAL J 29 -21.37 31.24 -14.67
C VAL J 29 -21.97 32.46 -15.35
N GLN J 30 -23.23 32.35 -15.78
CA GLN J 30 -23.91 33.46 -16.44
C GLN J 30 -24.49 34.43 -15.42
N LEU J 31 -24.29 35.72 -15.66
CA LEU J 31 -24.75 36.77 -14.76
C LEU J 31 -25.70 37.73 -15.45
N ARG J 32 -26.55 38.39 -14.66
CA ARG J 32 -27.49 39.35 -15.21
C ARG J 32 -26.73 40.52 -15.84
N GLU J 33 -27.33 41.15 -16.85
CA GLU J 33 -26.70 42.28 -17.54
C GLU J 33 -26.65 43.52 -16.64
N GLY J 34 -25.61 44.33 -16.84
CA GLY J 34 -25.43 45.56 -16.06
C GLY J 34 -24.41 45.35 -14.94
N TYR J 35 -23.82 44.17 -14.92
CA TYR J 35 -22.82 43.83 -13.89
C TYR J 35 -21.50 43.44 -14.54
N GLY J 36 -20.43 43.54 -13.77
CA GLY J 36 -19.10 43.22 -14.28
C GLY J 36 -18.69 41.79 -13.91
N ARG J 37 -17.52 41.41 -14.43
CA ARG J 37 -16.94 40.09 -14.19
C ARG J 37 -15.65 40.26 -13.39
N ILE J 38 -15.37 39.33 -12.49
CA ILE J 38 -14.18 39.48 -11.64
C ILE J 38 -12.92 39.00 -12.36
N PRO J 39 -11.86 39.79 -12.34
CA PRO J 39 -10.57 39.44 -13.00
C PRO J 39 -10.07 38.07 -12.60
N ARG J 40 -9.62 37.31 -13.58
CA ARG J 40 -9.13 35.96 -13.32
C ARG J 40 -7.91 35.94 -12.38
N GLY J 41 -6.98 36.85 -12.62
CA GLY J 41 -5.75 36.90 -11.82
C GLY J 41 -6.01 37.00 -10.30
N ALA J 42 -6.91 37.88 -9.91
CA ALA J 42 -7.19 38.08 -8.48
C ALA J 42 -7.86 36.85 -7.86
N LEU J 43 -8.82 36.29 -8.56
CA LEU J 43 -9.57 35.14 -8.05
C LEU J 43 -8.66 33.95 -7.76
N LEU J 44 -7.66 33.73 -8.61
CA LEU J 44 -6.77 32.58 -8.45
C LEU J 44 -6.01 32.59 -7.13
N GLN J 45 -5.60 33.75 -6.63
CA GLN J 45 -4.83 33.80 -5.38
C GLN J 45 -5.65 34.30 -4.19
N MET J 46 -6.93 34.57 -4.39
CA MET J 46 -7.78 35.08 -3.31
C MET J 46 -8.00 34.06 -2.20
N ASP J 47 -8.40 34.56 -1.03
CA ASP J 47 -8.68 33.72 0.13
C ASP J 47 -10.18 33.62 0.35
N ALA J 48 -10.61 32.62 1.10
CA ALA J 48 -12.03 32.43 1.37
C ALA J 48 -12.66 33.65 2.05
N ILE J 49 -12.00 34.19 3.08
CA ILE J 49 -12.55 35.36 3.75
C ILE J 49 -12.62 36.55 2.79
N ASP J 50 -11.49 36.81 2.13
CA ASP J 50 -11.40 37.91 1.19
C ASP J 50 -12.44 37.77 0.08
N LEU J 51 -12.61 36.56 -0.38
CA LEU J 51 -13.56 36.28 -1.45
C LEU J 51 -14.95 36.77 -1.08
N THR J 52 -15.28 36.73 0.20
CA THR J 52 -16.59 37.16 0.65
C THR J 52 -16.77 38.66 0.47
N ASP J 53 -15.81 39.43 0.95
CA ASP J 53 -15.90 40.89 0.85
C ASP J 53 -15.98 41.31 -0.61
N LYS J 54 -15.16 40.70 -1.44
CA LYS J 54 -15.13 41.03 -2.85
C LYS J 54 -16.44 40.64 -3.52
N LEU J 55 -16.93 39.44 -3.21
CA LEU J 55 -18.16 38.93 -3.81
C LEU J 55 -19.31 39.92 -3.63
N VAL J 56 -19.48 40.42 -2.42
CA VAL J 56 -20.56 41.35 -2.16
C VAL J 56 -20.30 42.71 -2.79
N SER J 57 -19.06 43.17 -2.73
CA SER J 57 -18.72 44.49 -3.27
C SER J 57 -19.15 44.63 -4.74
N TYR J 58 -19.08 43.54 -5.48
CA TYR J 58 -19.45 43.60 -6.90
C TYR J 58 -20.96 43.57 -7.12
N TYR J 59 -21.67 42.77 -6.34
CA TYR J 59 -23.12 42.66 -6.50
C TYR J 59 -23.85 43.10 -5.25
N LEU J 60 -25.04 43.65 -5.41
CA LEU J 60 -25.83 44.09 -4.29
C LEU J 60 -26.07 42.92 -3.34
N GLU J 61 -26.30 43.21 -2.08
CA GLU J 61 -26.53 42.16 -1.10
C GLU J 61 -27.71 41.27 -1.47
N SER J 62 -28.84 41.89 -1.82
CA SER J 62 -30.02 41.13 -2.17
C SER J 62 -29.77 40.20 -3.36
N TYR J 63 -29.34 40.78 -4.47
CA TYR J 63 -29.07 39.99 -5.67
C TYR J 63 -27.83 39.13 -5.50
N GLY J 64 -26.82 39.67 -4.85
CA GLY J 64 -25.56 38.95 -4.65
C GLY J 64 -25.80 37.68 -3.82
N LEU J 65 -26.60 37.79 -2.78
CA LEU J 65 -26.89 36.64 -1.93
C LEU J 65 -27.56 35.52 -2.71
N GLU J 66 -28.53 35.87 -3.53
CA GLU J 66 -29.25 34.87 -4.33
C GLU J 66 -28.33 34.23 -5.38
N LEU J 67 -27.42 35.02 -5.95
CA LEU J 67 -26.53 34.52 -6.99
C LEU J 67 -25.67 33.35 -6.47
N THR J 68 -25.27 33.42 -5.22
CA THR J 68 -24.45 32.36 -4.65
C THR J 68 -25.17 31.02 -4.72
N MET J 69 -26.43 31.02 -4.30
CA MET J 69 -27.22 29.80 -4.29
C MET J 69 -27.23 29.13 -5.64
N THR J 70 -27.40 29.91 -6.69
CA THR J 70 -27.47 29.35 -8.02
C THR J 70 -26.24 28.51 -8.33
N VAL J 71 -25.06 29.01 -7.94
CA VAL J 71 -23.81 28.30 -8.19
C VAL J 71 -23.65 27.12 -7.23
N LEU J 72 -24.04 27.30 -5.97
CA LEU J 72 -23.91 26.24 -4.99
C LEU J 72 -24.64 24.98 -5.42
N ARG J 73 -25.91 25.13 -5.79
CA ARG J 73 -26.64 23.98 -6.21
C ARG J 73 -26.01 23.38 -7.45
N ASP J 74 -25.59 24.24 -8.38
CA ASP J 74 -25.03 23.76 -9.65
C ASP J 74 -23.95 22.70 -9.41
N MET J 75 -23.08 22.95 -8.43
CA MET J 75 -22.01 21.99 -8.11
C MET J 75 -22.61 20.71 -7.56
N GLY J 76 -23.81 20.85 -7.01
CA GLY J 76 -24.53 19.74 -6.43
C GLY J 76 -25.43 20.25 -5.32
N LEU J 77 -26.58 19.62 -5.14
CA LEU J 77 -27.49 20.07 -4.09
C LEU J 77 -26.90 19.72 -2.75
N GLN J 78 -26.74 20.73 -1.92
CA GLN J 78 -26.16 20.52 -0.61
C GLN J 78 -27.03 21.17 0.45
N GLU J 79 -26.86 20.72 1.69
CA GLU J 79 -27.63 21.28 2.77
C GLU J 79 -27.33 22.77 2.84
N LEU J 80 -26.12 23.13 2.44
CA LEU J 80 -25.70 24.52 2.45
C LEU J 80 -26.66 25.37 1.63
N ALA J 81 -26.99 24.90 0.44
CA ALA J 81 -27.89 25.66 -0.42
C ALA J 81 -29.17 26.00 0.34
N GLU J 82 -29.79 25.00 0.94
CA GLU J 82 -31.00 25.23 1.69
C GLU J 82 -30.72 25.95 2.99
N GLN J 83 -29.68 25.52 3.71
CA GLN J 83 -29.34 26.15 4.97
C GLN J 83 -29.19 27.65 4.80
N LEU J 84 -28.52 28.03 3.72
CA LEU J 84 -28.33 29.43 3.43
C LEU J 84 -29.65 30.10 3.06
N GLN J 85 -30.49 29.36 2.34
CA GLN J 85 -31.78 29.90 1.92
C GLN J 85 -32.59 30.38 3.12
N THR J 86 -32.50 29.65 4.22
CA THR J 86 -33.24 30.01 5.42
C THR J 86 -32.92 31.45 5.82
N THR J 87 -31.69 31.88 5.53
CA THR J 87 -31.28 33.24 5.86
C THR J 87 -32.10 34.25 5.06
N LYS J 88 -32.48 33.89 3.84
CA LYS J 88 -33.26 34.80 3.00
C LYS J 88 -34.52 35.26 3.73
N GLU J 89 -35.22 34.31 4.36
CA GLU J 89 -36.42 34.64 5.10
C GLU J 89 -36.05 35.44 6.35
N GLY K 1 -29.55 -13.02 19.67
CA GLY K 1 -30.56 -14.06 19.52
C GLY K 1 -29.90 -15.44 19.42
N ARG K 2 -30.26 -16.32 20.34
CA ARG K 2 -29.70 -17.67 20.37
C ARG K 2 -29.94 -18.37 19.03
N ALA K 3 -30.78 -17.78 18.19
CA ALA K 3 -31.10 -18.38 16.90
C ALA K 3 -29.82 -18.74 16.13
N ARG K 4 -28.88 -17.82 16.07
CA ARG K 4 -27.64 -18.10 15.36
C ARG K 4 -26.90 -19.26 16.00
N ASP K 5 -26.83 -19.25 17.32
CA ASP K 5 -26.14 -20.30 18.06
C ASP K 5 -26.82 -21.65 17.93
N ALA K 6 -28.14 -21.65 17.88
CA ALA K 6 -28.88 -22.91 17.80
C ALA K 6 -28.61 -23.63 16.47
N ILE K 7 -28.78 -22.91 15.37
CA ILE K 7 -28.54 -23.51 14.06
C ILE K 7 -27.12 -24.03 13.97
N LEU K 8 -26.19 -23.19 14.36
CA LEU K 8 -24.79 -23.53 14.30
C LEU K 8 -24.51 -24.88 14.95
N ASP K 9 -24.96 -25.06 16.18
CA ASP K 9 -24.70 -26.29 16.91
C ASP K 9 -25.22 -27.53 16.16
N ALA K 10 -26.43 -27.45 15.63
CA ALA K 10 -27.01 -28.59 14.93
C ALA K 10 -26.39 -28.82 13.55
N LEU K 11 -26.33 -27.77 12.75
CA LEU K 11 -25.79 -27.90 11.39
C LEU K 11 -24.44 -28.59 11.38
N GLU K 12 -23.59 -28.26 12.36
CA GLU K 12 -22.24 -28.83 12.44
C GLU K 12 -22.25 -30.35 12.68
N ASN K 13 -23.40 -30.92 13.05
CA ASN K 13 -23.49 -32.36 13.31
C ASN K 13 -23.73 -33.17 12.02
N LEU K 14 -23.63 -32.53 10.87
CA LEU K 14 -23.83 -33.23 9.60
C LEU K 14 -22.50 -33.72 9.04
N SER K 15 -22.53 -34.89 8.39
CA SER K 15 -21.31 -35.45 7.81
C SER K 15 -20.89 -34.63 6.58
N GLY K 16 -19.65 -34.78 6.19
CA GLY K 16 -19.10 -34.02 5.05
C GLY K 16 -19.91 -34.18 3.77
N ASP K 17 -20.33 -35.40 3.45
CA ASP K 17 -21.06 -35.61 2.20
C ASP K 17 -22.46 -34.96 2.20
N GLU K 18 -23.22 -35.19 3.25
CA GLU K 18 -24.57 -34.63 3.33
C GLU K 18 -24.53 -33.12 3.22
N LEU K 19 -23.47 -32.53 3.75
CA LEU K 19 -23.32 -31.09 3.70
C LEU K 19 -23.45 -30.61 2.26
N LYS K 20 -22.76 -31.28 1.35
CA LYS K 20 -22.82 -30.86 -0.04
C LYS K 20 -24.26 -30.97 -0.53
N LYS K 21 -24.94 -32.03 -0.10
CA LYS K 21 -26.31 -32.23 -0.50
C LYS K 21 -27.17 -31.10 -0.01
N PHE K 22 -26.91 -30.65 1.20
CA PHE K 22 -27.69 -29.58 1.79
C PHE K 22 -27.53 -28.28 0.99
N LYS K 23 -26.30 -27.84 0.80
CA LYS K 23 -26.05 -26.60 0.08
C LYS K 23 -26.70 -26.62 -1.29
N MET K 24 -26.43 -27.68 -2.04
CA MET K 24 -26.95 -27.83 -3.38
C MET K 24 -28.47 -27.79 -3.42
N LYS K 25 -29.11 -28.49 -2.48
CA LYS K 25 -30.57 -28.51 -2.47
C LYS K 25 -31.14 -27.13 -2.17
N LEU K 26 -30.44 -26.40 -1.30
CA LEU K 26 -30.89 -25.07 -0.90
C LEU K 26 -31.04 -24.15 -2.11
N LEU K 27 -30.15 -24.31 -3.07
CA LEU K 27 -30.18 -23.48 -4.27
C LEU K 27 -31.47 -23.68 -5.07
N THR K 28 -32.03 -24.89 -5.02
CA THR K 28 -33.25 -25.19 -5.79
C THR K 28 -34.52 -25.15 -4.95
N VAL K 29 -34.40 -24.80 -3.67
CA VAL K 29 -35.58 -24.77 -2.81
C VAL K 29 -36.40 -23.50 -3.05
N GLN K 30 -37.72 -23.62 -2.89
CA GLN K 30 -38.61 -22.47 -3.11
C GLN K 30 -38.66 -21.60 -1.85
N LEU K 31 -38.59 -20.29 -2.05
CA LEU K 31 -38.60 -19.33 -0.96
C LEU K 31 -39.75 -18.36 -1.09
N ARG K 32 -40.15 -17.78 0.04
CA ARG K 32 -41.24 -16.80 0.04
C ARG K 32 -40.82 -15.56 -0.76
N GLU K 33 -41.80 -14.87 -1.34
CA GLU K 33 -41.52 -13.67 -2.14
C GLU K 33 -41.06 -12.51 -1.26
N GLY K 34 -40.22 -11.65 -1.83
CA GLY K 34 -39.71 -10.49 -1.11
C GLY K 34 -38.30 -10.75 -0.57
N TYR K 35 -37.76 -11.92 -0.90
CA TYR K 35 -36.43 -12.31 -0.45
C TYR K 35 -35.52 -12.60 -1.63
N GLY K 36 -34.22 -12.53 -1.39
CA GLY K 36 -33.25 -12.78 -2.46
C GLY K 36 -32.73 -14.22 -2.43
N ARG K 37 -31.91 -14.53 -3.42
CA ARG K 37 -31.29 -15.85 -3.57
C ARG K 37 -29.79 -15.71 -3.40
N ILE K 38 -29.15 -16.69 -2.79
CA ILE K 38 -27.71 -16.58 -2.54
C ILE K 38 -26.90 -16.97 -3.77
N PRO K 39 -25.93 -16.15 -4.15
CA PRO K 39 -25.04 -16.41 -5.33
C PRO K 39 -24.44 -17.80 -5.30
N ARG K 40 -24.47 -18.47 -6.44
CA ARG K 40 -23.93 -19.82 -6.54
C ARG K 40 -22.43 -19.87 -6.22
N GLY K 41 -21.67 -18.93 -6.77
CA GLY K 41 -20.23 -18.91 -6.57
C GLY K 41 -19.79 -18.94 -5.10
N ALA K 42 -20.42 -18.10 -4.28
CA ALA K 42 -20.05 -18.03 -2.86
C ALA K 42 -20.39 -19.32 -2.12
N LEU K 43 -21.57 -19.85 -2.37
CA LEU K 43 -22.03 -21.05 -1.70
C LEU K 43 -21.10 -22.24 -1.92
N LEU K 44 -20.58 -22.36 -3.14
CA LEU K 44 -19.71 -23.50 -3.48
C LEU K 44 -18.45 -23.58 -2.62
N GLN K 45 -17.85 -22.44 -2.26
CA GLN K 45 -16.61 -22.47 -1.47
C GLN K 45 -16.83 -22.08 0.00
N MET K 46 -18.07 -21.84 0.39
CA MET K 46 -18.35 -21.43 1.78
C MET K 46 -18.08 -22.55 2.79
N ASP K 47 -17.93 -22.15 4.05
CA ASP K 47 -17.68 -23.09 5.14
C ASP K 47 -18.94 -23.24 5.99
N ALA K 48 -18.99 -24.31 6.77
CA ALA K 48 -20.16 -24.56 7.60
C ALA K 48 -20.41 -23.41 8.58
N ILE K 49 -19.37 -22.94 9.27
CA ILE K 49 -19.56 -21.84 10.21
C ILE K 49 -20.03 -20.60 9.48
N ASP K 50 -19.30 -20.25 8.42
CA ASP K 50 -19.63 -19.06 7.62
C ASP K 50 -21.04 -19.15 7.07
N LEU K 51 -21.42 -20.33 6.63
CA LEU K 51 -22.74 -20.55 6.06
C LEU K 51 -23.82 -20.12 7.04
N THR K 52 -23.55 -20.29 8.32
CA THR K 52 -24.53 -19.92 9.34
C THR K 52 -24.76 -18.41 9.38
N ASP K 53 -23.67 -17.66 9.46
CA ASP K 53 -23.79 -16.21 9.52
C ASP K 53 -24.50 -15.66 8.29
N LYS K 54 -24.12 -16.19 7.13
CA LYS K 54 -24.72 -15.76 5.87
C LYS K 54 -26.19 -16.13 5.82
N LEU K 55 -26.50 -17.35 6.20
CA LEU K 55 -27.88 -17.85 6.16
C LEU K 55 -28.83 -16.91 6.91
N VAL K 56 -28.44 -16.52 8.11
CA VAL K 56 -29.29 -15.64 8.89
C VAL K 56 -29.32 -14.22 8.33
N SER K 57 -28.17 -13.73 7.87
CA SER K 57 -28.10 -12.36 7.35
C SER K 57 -29.11 -12.12 6.24
N TYR K 58 -29.39 -13.14 5.45
CA TYR K 58 -30.34 -13.00 4.34
C TYR K 58 -31.80 -13.04 4.81
N TYR K 59 -32.11 -13.92 5.75
CA TYR K 59 -33.48 -14.07 6.22
C TYR K 59 -33.59 -13.75 7.70
N LEU K 60 -34.73 -13.22 8.11
CA LEU K 60 -34.94 -12.89 9.51
C LEU K 60 -34.77 -14.14 10.36
N GLU K 61 -34.41 -13.95 11.62
CA GLU K 61 -34.19 -15.08 12.51
C GLU K 61 -35.44 -15.96 12.62
N SER K 62 -36.59 -15.36 12.83
CA SER K 62 -37.82 -16.12 12.98
C SER K 62 -38.12 -16.94 11.73
N TYR K 63 -38.20 -16.27 10.59
CA TYR K 63 -38.49 -16.96 9.34
C TYR K 63 -37.30 -17.79 8.87
N GLY K 64 -36.11 -17.26 9.07
CA GLY K 64 -34.90 -17.98 8.65
C GLY K 64 -34.77 -19.31 9.37
N LEU K 65 -35.05 -19.30 10.67
CA LEU K 65 -34.93 -20.52 11.47
C LEU K 65 -35.88 -21.59 10.97
N GLU K 66 -37.12 -21.21 10.68
CA GLU K 66 -38.12 -22.16 10.20
C GLU K 66 -37.76 -22.69 8.80
N LEU K 67 -37.19 -21.84 7.96
CA LEU K 67 -36.82 -22.24 6.60
C LEU K 67 -35.85 -23.42 6.59
N THR K 68 -34.94 -23.43 7.54
CA THR K 68 -33.96 -24.50 7.60
C THR K 68 -34.65 -25.86 7.75
N MET K 69 -35.60 -25.92 8.67
CA MET K 69 -36.31 -27.16 8.93
C MET K 69 -36.93 -27.73 7.67
N THR K 70 -37.53 -26.87 6.87
CA THR K 70 -38.18 -27.31 5.66
C THR K 70 -37.21 -28.10 4.77
N VAL K 71 -35.98 -27.60 4.65
CA VAL K 71 -34.97 -28.27 3.83
C VAL K 71 -34.41 -29.51 4.52
N LEU K 72 -34.22 -29.43 5.83
CA LEU K 72 -33.67 -30.57 6.58
C LEU K 72 -34.54 -31.81 6.40
N ARG K 73 -35.84 -31.66 6.62
CA ARG K 73 -36.69 -32.81 6.47
C ARG K 73 -36.68 -33.28 5.04
N ASP K 74 -36.69 -32.35 4.10
CA ASP K 74 -36.75 -32.71 2.68
C ASP K 74 -35.67 -33.75 2.33
N MET K 75 -34.46 -33.56 2.85
CA MET K 75 -33.37 -34.50 2.59
C MET K 75 -33.69 -35.83 3.24
N GLY K 76 -34.52 -35.77 4.26
CA GLY K 76 -34.92 -36.95 5.01
C GLY K 76 -35.24 -36.55 6.44
N LEU K 77 -36.21 -37.23 7.06
CA LEU K 77 -36.57 -36.89 8.42
C LEU K 77 -35.45 -37.32 9.35
N GLN K 78 -34.94 -36.38 10.10
CA GLN K 78 -33.85 -36.67 11.01
C GLN K 78 -34.16 -36.14 12.39
N GLU K 79 -33.48 -36.67 13.38
CA GLU K 79 -33.69 -36.21 14.74
C GLU K 79 -33.38 -34.74 14.79
N LEU K 80 -32.45 -34.31 13.94
CA LEU K 80 -32.07 -32.92 13.87
C LEU K 80 -33.27 -32.02 13.63
N ALA K 81 -34.10 -32.41 12.66
CA ALA K 81 -35.28 -31.61 12.35
C ALA K 81 -36.10 -31.37 13.61
N GLU K 82 -36.40 -32.43 14.34
CA GLU K 82 -37.17 -32.29 15.56
C GLU K 82 -36.32 -31.66 16.67
N GLN K 83 -35.08 -32.12 16.82
CA GLN K 83 -34.22 -31.58 17.86
C GLN K 83 -34.16 -30.07 17.75
N LEU K 84 -34.02 -29.58 16.54
CA LEU K 84 -33.95 -28.16 16.30
C LEU K 84 -35.30 -27.51 16.60
N GLN K 85 -36.38 -28.21 16.26
CA GLN K 85 -37.72 -27.67 16.49
C GLN K 85 -37.91 -27.31 17.95
N THR K 86 -37.37 -28.13 18.84
CA THR K 86 -37.49 -27.88 20.28
C THR K 86 -37.02 -26.47 20.61
N THR K 87 -36.05 -25.98 19.85
CA THR K 87 -35.52 -24.64 20.07
C THR K 87 -36.59 -23.59 19.80
N LYS K 88 -37.48 -23.87 18.84
CA LYS K 88 -38.53 -22.93 18.50
C LYS K 88 -39.34 -22.56 19.74
N GLU K 89 -39.71 -23.56 20.53
CA GLU K 89 -40.47 -23.34 21.76
C GLU K 89 -39.58 -22.62 22.78
N GLY L 1 -0.52 -4.05 33.44
CA GLY L 1 -1.29 -5.15 33.99
C GLY L 1 -1.04 -6.43 33.21
N ARG L 2 -0.57 -7.45 33.90
CA ARG L 2 -0.28 -8.73 33.26
C ARG L 2 -1.51 -9.28 32.54
N ALA L 3 -2.66 -8.66 32.80
CA ALA L 3 -3.90 -9.11 32.18
C ALA L 3 -3.76 -9.25 30.67
N ARG L 4 -3.19 -8.24 30.02
CA ARG L 4 -2.99 -8.30 28.58
C ARG L 4 -2.11 -9.48 28.21
N ASP L 5 -1.01 -9.62 28.94
CA ASP L 5 -0.06 -10.69 28.67
C ASP L 5 -0.64 -12.08 28.92
N ALA L 6 -1.49 -12.19 29.94
CA ALA L 6 -2.06 -13.49 30.27
C ALA L 6 -2.98 -14.00 29.16
N ILE L 7 -3.93 -13.17 28.75
CA ILE L 7 -4.84 -13.57 27.69
C ILE L 7 -4.07 -13.93 26.44
N LEU L 8 -3.16 -13.05 26.06
CA LEU L 8 -2.37 -13.27 24.87
C LEU L 8 -1.74 -14.66 24.83
N ASP L 9 -1.05 -15.03 25.89
CA ASP L 9 -0.38 -16.33 25.93
C ASP L 9 -1.35 -17.49 25.70
N ALA L 10 -2.50 -17.46 26.36
CA ALA L 10 -3.47 -18.54 26.22
C ALA L 10 -4.20 -18.53 24.88
N LEU L 11 -4.74 -17.38 24.51
CA LEU L 11 -5.50 -17.29 23.26
C LEU L 11 -4.72 -17.83 22.07
N GLU L 12 -3.41 -17.56 22.05
CA GLU L 12 -2.55 -18.01 20.95
C GLU L 12 -2.44 -19.54 20.85
N ASN L 13 -2.87 -20.26 21.90
CA ASN L 13 -2.80 -21.73 21.90
C ASN L 13 -3.99 -22.37 21.19
N LEU L 14 -4.82 -21.58 20.52
CA LEU L 14 -5.98 -22.12 19.82
C LEU L 14 -5.64 -22.41 18.36
N SER L 15 -6.22 -23.48 17.81
CA SER L 15 -5.97 -23.85 16.43
C SER L 15 -6.65 -22.84 15.50
N GLY L 16 -6.20 -22.81 14.25
CA GLY L 16 -6.73 -21.87 13.26
C GLY L 16 -8.25 -21.92 13.10
N ASP L 17 -8.82 -23.12 13.05
CA ASP L 17 -10.27 -23.24 12.86
C ASP L 17 -11.08 -22.73 14.05
N GLU L 18 -10.72 -23.16 15.25
CA GLU L 18 -11.46 -22.76 16.45
C GLU L 18 -11.45 -21.24 16.57
N LEU L 19 -10.36 -20.63 16.15
CA LEU L 19 -10.24 -19.19 16.23
C LEU L 19 -11.42 -18.53 15.54
N LYS L 20 -11.77 -19.01 14.35
CA LYS L 20 -12.88 -18.42 13.63
C LYS L 20 -14.14 -18.60 14.46
N LYS L 21 -14.27 -19.76 15.09
CA LYS L 21 -15.44 -20.03 15.89
C LYS L 21 -15.52 -19.06 17.05
N PHE L 22 -14.38 -18.75 17.63
CA PHE L 22 -14.34 -17.85 18.76
C PHE L 22 -14.81 -16.45 18.37
N LYS L 23 -14.18 -15.88 17.34
CA LYS L 23 -14.54 -14.52 16.91
C LYS L 23 -16.03 -14.43 16.59
N MET L 24 -16.50 -15.36 15.78
CA MET L 24 -17.89 -15.37 15.36
C MET L 24 -18.84 -15.46 16.54
N LYS L 25 -18.53 -16.34 17.50
CA LYS L 25 -19.41 -16.49 18.64
C LYS L 25 -19.44 -15.23 19.50
N LEU L 26 -18.30 -14.55 19.58
CA LEU L 26 -18.20 -13.33 20.37
C LEU L 26 -19.19 -12.29 19.91
N LEU L 27 -19.43 -12.23 18.61
CA LEU L 27 -20.36 -11.27 18.05
C LEU L 27 -21.78 -11.47 18.56
N THR L 28 -22.14 -12.72 18.84
CA THR L 28 -23.50 -13.04 19.29
C THR L 28 -23.61 -13.23 20.80
N VAL L 29 -22.52 -13.03 21.52
CA VAL L 29 -22.55 -13.22 22.97
C VAL L 29 -23.18 -12.02 23.66
N GLN L 30 -23.86 -12.27 24.78
CA GLN L 30 -24.52 -11.20 25.54
C GLN L 30 -23.52 -10.52 26.47
N LEU L 31 -23.56 -9.19 26.48
CA LEU L 31 -22.65 -8.39 27.30
C LEU L 31 -23.41 -7.51 28.28
N ARG L 32 -22.74 -7.13 29.36
CA ARG L 32 -23.35 -6.26 30.36
C ARG L 32 -23.67 -4.90 29.74
N GLU L 33 -24.69 -4.23 30.28
CA GLU L 33 -25.09 -2.92 29.76
C GLU L 33 -24.07 -1.85 30.10
N GLY L 34 -23.96 -0.84 29.23
CA GLY L 34 -23.01 0.26 29.44
C GLY L 34 -21.75 0.05 28.62
N TYR L 35 -21.74 -1.01 27.81
CA TYR L 35 -20.59 -1.32 26.97
C TYR L 35 -20.99 -1.37 25.50
N GLY L 36 -20.00 -1.22 24.63
CA GLY L 36 -20.26 -1.23 23.20
C GLY L 36 -20.00 -2.61 22.58
N ARG L 37 -20.30 -2.70 21.29
CA ARG L 37 -20.10 -3.93 20.51
C ARG L 37 -19.05 -3.67 19.45
N ILE L 38 -18.22 -4.67 19.16
CA ILE L 38 -17.15 -4.46 18.20
C ILE L 38 -17.64 -4.60 16.76
N PRO L 39 -17.31 -3.65 15.89
CA PRO L 39 -17.73 -3.67 14.46
C PRO L 39 -17.39 -4.98 13.78
N ARG L 40 -18.35 -5.50 13.02
CA ARG L 40 -18.16 -6.77 12.33
C ARG L 40 -17.01 -6.72 11.33
N GLY L 41 -16.92 -5.65 10.56
CA GLY L 41 -15.89 -5.52 9.53
C GLY L 41 -14.47 -5.69 10.07
N ALA L 42 -14.15 -5.05 11.18
CA ALA L 42 -12.81 -5.13 11.74
C ALA L 42 -12.49 -6.54 12.27
N LEU L 43 -13.43 -7.12 12.96
CA LEU L 43 -13.23 -8.45 13.54
C LEU L 43 -12.90 -9.51 12.48
N LEU L 44 -13.55 -9.42 11.32
CA LEU L 44 -13.34 -10.42 10.27
C LEU L 44 -11.90 -10.49 9.78
N GLN L 45 -11.20 -9.35 9.70
CA GLN L 45 -9.82 -9.36 9.19
C GLN L 45 -8.77 -9.21 10.29
N MET L 46 -9.20 -9.13 11.55
CA MET L 46 -8.25 -8.94 12.65
C MET L 46 -7.35 -10.16 12.87
N ASP L 47 -6.24 -9.91 13.56
CA ASP L 47 -5.26 -10.96 13.87
C ASP L 47 -5.37 -11.34 15.35
N ALA L 48 -4.84 -12.50 15.70
CA ALA L 48 -4.91 -12.96 17.08
C ALA L 48 -4.22 -11.98 18.04
N ILE L 49 -3.03 -11.51 17.70
CA ILE L 49 -2.34 -10.57 18.58
C ILE L 49 -3.15 -9.29 18.70
N ASP L 50 -3.53 -8.74 17.55
CA ASP L 50 -4.29 -7.50 17.51
C ASP L 50 -5.60 -7.64 18.29
N LEU L 51 -6.23 -8.78 18.13
CA LEU L 51 -7.50 -9.05 18.80
C LEU L 51 -7.37 -8.85 20.31
N THR L 52 -6.19 -9.15 20.84
CA THR L 52 -5.97 -9.02 22.27
C THR L 52 -6.00 -7.56 22.70
N ASP L 53 -5.24 -6.72 22.01
CA ASP L 53 -5.19 -5.31 22.37
C ASP L 53 -6.57 -4.68 22.27
N LYS L 54 -7.28 -5.01 21.20
CA LYS L 54 -8.62 -4.47 20.98
C LYS L 54 -9.58 -4.96 22.05
N LEU L 55 -9.51 -6.26 22.35
CA LEU L 55 -10.41 -6.86 23.32
C LEU L 55 -10.35 -6.13 24.66
N VAL L 56 -9.15 -5.85 25.14
CA VAL L 56 -9.02 -5.18 26.42
C VAL L 56 -9.41 -3.70 26.31
N SER L 57 -9.05 -3.06 25.21
CA SER L 57 -9.35 -1.63 25.05
C SER L 57 -10.83 -1.34 25.23
N TYR L 58 -11.68 -2.27 24.82
CA TYR L 58 -13.13 -2.06 24.93
C TYR L 58 -13.65 -2.31 26.34
N TYR L 59 -13.13 -3.34 27.01
CA TYR L 59 -13.60 -3.65 28.36
C TYR L 59 -12.48 -3.56 29.37
N LEU L 60 -12.83 -3.19 30.60
CA LEU L 60 -11.82 -3.07 31.64
C LEU L 60 -11.11 -4.40 31.83
N GLU L 61 -9.89 -4.34 32.33
CA GLU L 61 -9.11 -5.56 32.51
C GLU L 61 -9.82 -6.56 33.42
N SER L 62 -10.32 -6.09 34.55
CA SER L 62 -10.99 -6.98 35.49
C SER L 62 -12.20 -7.66 34.86
N TYR L 63 -13.12 -6.85 34.34
CA TYR L 63 -14.33 -7.39 33.72
C TYR L 63 -14.01 -8.04 32.38
N GLY L 64 -13.10 -7.44 31.63
CA GLY L 64 -12.74 -7.98 30.33
C GLY L 64 -12.15 -9.38 30.44
N LEU L 65 -11.28 -9.56 31.44
CA LEU L 65 -10.64 -10.86 31.63
C LEU L 65 -11.67 -11.95 31.92
N GLU L 66 -12.63 -11.64 32.78
CA GLU L 66 -13.67 -12.61 33.13
C GLU L 66 -14.59 -12.92 31.94
N LEU L 67 -14.85 -11.91 31.12
CA LEU L 67 -15.73 -12.08 29.96
C LEU L 67 -15.20 -13.16 29.00
N THR L 68 -13.89 -13.22 28.85
CA THR L 68 -13.30 -14.20 27.95
C THR L 68 -13.67 -15.60 28.37
N MET L 69 -13.53 -15.89 29.67
CA MET L 69 -13.82 -17.21 30.19
C MET L 69 -15.21 -17.66 29.83
N THR L 70 -16.17 -16.76 29.96
CA THR L 70 -17.55 -17.11 29.68
C THR L 70 -17.70 -17.67 28.27
N VAL L 71 -17.03 -17.05 27.30
CA VAL L 71 -17.10 -17.51 25.92
C VAL L 71 -16.27 -18.77 25.70
N LEU L 72 -15.10 -18.84 26.34
CA LEU L 72 -14.24 -20.02 26.18
C LEU L 72 -14.97 -21.29 26.57
N ARG L 73 -15.57 -21.30 27.74
CA ARG L 73 -16.27 -22.49 28.15
C ARG L 73 -17.42 -22.77 27.21
N ASP L 74 -18.13 -21.72 26.80
CA ASP L 74 -19.30 -21.90 25.94
C ASP L 74 -18.98 -22.78 24.73
N MET L 75 -17.81 -22.54 24.11
CA MET L 75 -17.40 -23.34 22.96
C MET L 75 -17.14 -24.77 23.39
N GLY L 76 -16.84 -24.93 24.67
CA GLY L 76 -16.55 -26.23 25.25
C GLY L 76 -15.59 -26.05 26.42
N LEU L 77 -15.73 -26.88 27.44
CA LEU L 77 -14.85 -26.76 28.59
C LEU L 77 -13.46 -27.20 28.19
N GLN L 78 -12.50 -26.32 28.39
CA GLN L 78 -11.13 -26.63 28.03
C GLN L 78 -10.20 -26.32 29.18
N GLU L 79 -9.02 -26.92 29.15
CA GLU L 79 -8.06 -26.66 30.19
C GLU L 79 -7.76 -25.18 30.21
N LEU L 80 -7.86 -24.56 29.03
CA LEU L 80 -7.60 -23.14 28.90
C LEU L 80 -8.49 -22.35 29.84
N ALA L 81 -9.77 -22.67 29.86
CA ALA L 81 -10.69 -21.95 30.73
C ALA L 81 -10.19 -21.95 32.16
N GLU L 82 -9.84 -23.13 32.67
CA GLU L 82 -9.33 -23.22 34.02
C GLU L 82 -7.92 -22.67 34.11
N GLN L 83 -7.06 -23.03 33.16
CA GLN L 83 -5.69 -22.55 33.19
C GLN L 83 -5.67 -21.05 33.31
N LEU L 84 -6.52 -20.39 32.54
CA LEU L 84 -6.59 -18.95 32.56
C LEU L 84 -7.14 -18.47 33.91
N GLN L 85 -8.11 -19.21 34.45
CA GLN L 85 -8.71 -18.83 35.72
C GLN L 85 -7.65 -18.70 36.81
N THR L 86 -6.66 -19.57 36.78
CA THR L 86 -5.59 -19.53 37.77
C THR L 86 -4.98 -18.14 37.82
N THR L 87 -4.95 -17.47 36.67
CA THR L 87 -4.39 -16.13 36.59
C THR L 87 -5.20 -15.15 37.44
N LYS L 88 -6.52 -15.37 37.52
CA LYS L 88 -7.38 -14.49 38.30
C LYS L 88 -6.88 -14.37 39.73
N GLU L 89 -6.52 -15.50 40.34
CA GLU L 89 -6.01 -15.51 41.69
C GLU L 89 -4.63 -14.86 41.73
N GLY M 1 28.44 5.70 20.09
CA GLY M 1 28.36 4.46 20.85
C GLY M 1 27.83 3.32 19.99
N ARG M 2 28.62 2.26 19.89
CA ARG M 2 28.23 1.11 19.07
C ARG M 2 26.88 0.55 19.54
N ALA M 3 26.42 1.02 20.69
CA ALA M 3 25.16 0.55 21.24
C ALA M 3 24.04 0.61 20.20
N ARG M 4 23.93 1.75 19.51
CA ARG M 4 22.89 1.89 18.50
C ARG M 4 23.07 0.86 17.39
N ASP M 5 24.31 0.72 16.95
CA ASP M 5 24.64 -0.21 15.87
C ASP M 5 24.42 -1.66 16.27
N ALA M 6 24.71 -1.98 17.52
CA ALA M 6 24.55 -3.36 17.97
C ALA M 6 23.09 -3.80 17.96
N ILE M 7 22.23 -3.03 18.59
CA ILE M 7 20.81 -3.36 18.63
C ILE M 7 20.27 -3.48 17.22
N LEU M 8 20.58 -2.50 16.40
CA LEU M 8 20.09 -2.48 15.03
C LEU M 8 20.38 -3.78 14.31
N ASP M 9 21.62 -4.22 14.34
CA ASP M 9 21.99 -5.45 13.63
C ASP M 9 21.17 -6.65 14.09
N ALA M 10 21.00 -6.82 15.39
CA ALA M 10 20.25 -7.96 15.90
C ALA M 10 18.74 -7.83 15.69
N LEU M 11 18.16 -6.71 16.07
CA LEU M 11 16.73 -6.52 15.93
C LEU M 11 16.24 -6.84 14.52
N GLU M 12 17.02 -6.44 13.52
CA GLU M 12 16.66 -6.66 12.12
C GLU M 12 16.57 -8.15 11.74
N ASN M 13 17.11 -9.03 12.60
CA ASN M 13 17.08 -10.48 12.32
C ASN M 13 15.76 -11.13 12.74
N LEU M 14 14.77 -10.33 13.12
CA LEU M 14 13.47 -10.89 13.52
C LEU M 14 12.52 -10.95 12.34
N SER M 15 11.69 -11.99 12.32
CA SER M 15 10.72 -12.15 11.23
C SER M 15 9.61 -11.11 11.37
N GLY M 16 8.89 -10.88 10.27
CA GLY M 16 7.84 -9.87 10.25
C GLY M 16 6.79 -10.04 11.35
N ASP M 17 6.35 -11.27 11.59
CA ASP M 17 5.30 -11.49 12.59
C ASP M 17 5.78 -11.22 14.02
N GLU M 18 6.93 -11.77 14.39
CA GLU M 18 7.44 -11.58 15.74
C GLU M 18 7.63 -10.11 16.05
N LEU M 19 7.98 -9.35 15.02
CA LEU M 19 8.18 -7.93 15.18
C LEU M 19 6.95 -7.30 15.82
N LYS M 20 5.78 -7.64 15.31
CA LYS M 20 4.56 -7.08 15.85
C LYS M 20 4.44 -7.48 17.31
N LYS M 21 4.80 -8.72 17.61
CA LYS M 21 4.72 -9.20 18.97
C LYS M 21 5.63 -8.40 19.87
N PHE M 22 6.80 -8.07 19.35
CA PHE M 22 7.77 -7.30 20.14
C PHE M 22 7.24 -5.93 20.49
N LYS M 23 6.83 -5.17 19.48
CA LYS M 23 6.33 -3.81 19.71
C LYS M 23 5.18 -3.80 20.70
N MET M 24 4.20 -4.67 20.45
CA MET M 24 3.03 -4.75 21.29
C MET M 24 3.38 -5.09 22.73
N LYS M 25 4.29 -6.05 22.92
CA LYS M 25 4.65 -6.43 24.28
C LYS M 25 5.37 -5.29 25.00
N LEU M 26 6.16 -4.54 24.26
CA LEU M 26 6.91 -3.42 24.83
C LEU M 26 5.98 -2.42 25.50
N LEU M 27 4.82 -2.22 24.91
CA LEU M 27 3.85 -1.28 25.46
C LEU M 27 3.38 -1.68 26.86
N THR M 28 3.32 -2.99 27.12
CA THR M 28 2.84 -3.48 28.41
C THR M 28 3.96 -3.88 29.37
N VAL M 29 5.21 -3.68 28.97
CA VAL M 29 6.33 -4.06 29.83
C VAL M 29 6.55 -3.02 30.92
N GLN M 30 7.00 -3.47 32.09
CA GLN M 30 7.26 -2.57 33.21
C GLN M 30 8.64 -1.92 33.09
N LEU M 31 8.68 -0.62 33.33
CA LEU M 31 9.92 0.15 33.22
C LEU M 31 10.28 0.81 34.54
N ARG M 32 11.56 1.12 34.71
CA ARG M 32 12.03 1.78 35.92
C ARG M 32 11.41 3.18 36.01
N GLU M 33 11.23 3.68 37.24
CA GLU M 33 10.64 5.00 37.45
C GLU M 33 11.59 6.11 37.01
N GLY M 34 11.01 7.22 36.56
CA GLY M 34 11.81 8.37 36.10
C GLY M 34 11.92 8.39 34.58
N TYR M 35 11.23 7.46 33.93
CA TYR M 35 11.25 7.36 32.48
C TYR M 35 9.84 7.46 31.91
N GLY M 36 9.76 7.83 30.64
CA GLY M 36 8.45 7.97 29.98
C GLY M 36 8.07 6.72 29.20
N ARG M 37 6.86 6.76 28.65
CA ARG M 37 6.31 5.67 27.86
C ARG M 37 6.11 6.15 26.43
N ILE M 38 6.34 5.29 25.44
CA ILE M 38 6.25 5.72 24.06
C ILE M 38 4.79 5.72 23.57
N PRO M 39 4.36 6.80 22.94
CA PRO M 39 2.96 6.94 22.40
C PRO M 39 2.56 5.75 21.55
N ARG M 40 1.35 5.25 21.77
CA ARG M 40 0.86 4.10 21.01
C ARG M 40 0.78 4.39 19.51
N GLY M 41 0.26 5.56 19.15
CA GLY M 41 0.09 5.91 17.74
C GLY M 41 1.37 5.80 16.91
N ALA M 42 2.47 6.32 17.43
CA ALA M 42 3.73 6.29 16.68
C ALA M 42 4.27 4.87 16.53
N LEU M 43 4.22 4.10 17.60
CA LEU M 43 4.74 2.75 17.59
C LEU M 43 4.06 1.87 16.54
N LEU M 44 2.75 2.04 16.37
CA LEU M 44 1.98 1.23 15.43
C LEU M 44 2.47 1.34 13.99
N GLN M 45 2.88 2.54 13.56
CA GLN M 45 3.32 2.72 12.16
C GLN M 45 4.84 2.84 12.02
N MET M 46 5.58 2.70 13.12
CA MET M 46 7.04 2.84 13.06
C MET M 46 7.70 1.69 12.29
N ASP M 47 8.93 1.95 11.86
CA ASP M 47 9.73 0.96 11.12
C ASP M 47 10.82 0.39 12.03
N ALA M 48 11.36 -0.76 11.64
CA ALA M 48 12.39 -1.40 12.44
C ALA M 48 13.61 -0.49 12.62
N ILE M 49 14.09 0.13 11.55
CA ILE M 49 15.25 1.01 11.68
C ILE M 49 14.92 2.19 12.58
N ASP M 50 13.80 2.84 12.28
CA ASP M 50 13.36 4.00 13.04
C ASP M 50 13.17 3.65 14.52
N LEU M 51 12.62 2.47 14.75
CA LEU M 51 12.36 2.02 16.11
C LEU M 51 13.64 2.02 16.93
N THR M 52 14.77 1.75 16.27
CA THR M 52 16.04 1.73 16.97
C THR M 52 16.44 3.11 17.48
N ASP M 53 16.39 4.09 16.60
CA ASP M 53 16.77 5.45 16.98
C ASP M 53 15.88 5.96 18.11
N LYS M 54 14.59 5.70 17.98
CA LYS M 54 13.63 6.13 18.99
C LYS M 54 13.87 5.43 20.31
N LEU M 55 14.08 4.11 20.24
CA LEU M 55 14.28 3.31 21.44
C LEU M 55 15.41 3.86 22.29
N VAL M 56 16.53 4.18 21.68
CA VAL M 56 17.66 4.70 22.43
C VAL M 56 17.41 6.12 22.90
N SER M 57 16.80 6.95 22.06
CA SER M 57 16.55 8.34 22.42
C SER M 57 15.79 8.48 23.74
N TYR M 58 14.91 7.53 24.03
CA TYR M 58 14.13 7.58 25.26
C TYR M 58 14.92 7.11 26.48
N TYR M 59 15.72 6.06 26.32
CA TYR M 59 16.49 5.52 27.44
C TYR M 59 17.98 5.60 27.17
N LEU M 60 18.75 5.76 28.22
CA LEU M 60 20.19 5.83 28.08
C LEU M 60 20.71 4.57 27.42
N GLU M 61 21.86 4.66 26.77
CA GLU M 61 22.42 3.52 26.08
C GLU M 61 22.66 2.35 27.03
N SER M 62 23.28 2.61 28.16
CA SER M 62 23.57 1.55 29.12
C SER M 62 22.29 0.85 29.60
N TYR M 63 21.37 1.64 30.14
CA TYR M 63 20.12 1.07 30.64
C TYR M 63 19.21 0.63 29.49
N GLY M 64 19.20 1.41 28.41
CA GLY M 64 18.36 1.08 27.27
C GLY M 64 18.76 -0.25 26.66
N LEU M 65 20.05 -0.49 26.54
CA LEU M 65 20.54 -1.73 25.96
C LEU M 65 20.10 -2.95 26.78
N GLU M 66 20.21 -2.84 28.09
CA GLU M 66 19.81 -3.94 28.98
C GLU M 66 18.29 -4.17 28.93
N LEU M 67 17.52 -3.09 28.81
CA LEU M 67 16.06 -3.21 28.79
C LEU M 67 15.58 -4.09 27.64
N THR M 68 16.25 -4.01 26.50
CA THR M 68 15.86 -4.80 25.36
C THR M 68 15.89 -6.28 25.68
N MET M 69 16.98 -6.71 26.30
CA MET M 69 17.17 -8.12 26.63
C MET M 69 16.01 -8.64 27.46
N THR M 70 15.58 -7.86 28.43
CA THR M 70 14.50 -8.29 29.29
C THR M 70 13.26 -8.68 28.48
N VAL M 71 12.93 -7.88 27.47
CA VAL M 71 11.78 -8.15 26.64
C VAL M 71 12.05 -9.30 25.66
N LEU M 72 13.26 -9.35 25.11
CA LEU M 72 13.60 -10.40 24.15
C LEU M 72 13.41 -11.78 24.76
N ARG M 73 13.97 -12.00 25.93
CA ARG M 73 13.82 -13.29 26.55
C ARG M 73 12.35 -13.55 26.85
N ASP M 74 11.66 -12.53 27.33
CA ASP M 74 10.25 -12.71 27.72
C ASP M 74 9.44 -13.38 26.60
N MET M 75 9.68 -12.97 25.35
CA MET M 75 8.97 -13.56 24.21
C MET M 75 9.40 -15.01 24.05
N GLY M 76 10.59 -15.30 24.54
CA GLY M 76 11.17 -16.63 24.47
C GLY M 76 12.68 -16.52 24.44
N LEU M 77 13.37 -17.49 25.03
CA LEU M 77 14.82 -17.43 25.04
C LEU M 77 15.34 -17.69 23.64
N GLN M 78 16.11 -16.76 23.14
CA GLN M 78 16.64 -16.89 21.79
C GLN M 78 18.13 -16.64 21.79
N GLU M 79 18.80 -17.12 20.76
CA GLU M 79 20.22 -16.92 20.65
C GLU M 79 20.49 -15.42 20.65
N LEU M 80 19.53 -14.67 20.12
CA LEU M 80 19.65 -13.22 20.05
C LEU M 80 19.89 -12.65 21.44
N ALA M 81 19.11 -13.08 22.41
CA ALA M 81 19.27 -12.58 23.76
C ALA M 81 20.72 -12.72 24.22
N GLU M 82 21.27 -13.91 24.07
CA GLU M 82 22.65 -14.13 24.47
C GLU M 82 23.61 -13.47 23.49
N GLN M 83 23.35 -13.62 22.19
CA GLN M 83 24.23 -13.02 21.19
C GLN M 83 24.41 -11.54 21.47
N LEU M 84 23.32 -10.89 21.79
CA LEU M 84 23.36 -9.47 22.08
C LEU M 84 24.11 -9.22 23.39
N GLN M 85 23.92 -10.12 24.36
CA GLN M 85 24.58 -9.97 25.65
C GLN M 85 26.10 -9.87 25.49
N THR M 86 26.63 -10.64 24.56
CA THR M 86 28.07 -10.62 24.31
C THR M 86 28.55 -9.19 24.07
N THR M 87 27.68 -8.38 23.46
CA THR M 87 28.03 -6.99 23.18
C THR M 87 28.25 -6.22 24.47
N LYS M 88 27.50 -6.57 25.52
CA LYS M 88 27.63 -5.89 26.81
C LYS M 88 29.08 -5.91 27.27
N GLU M 89 29.72 -7.07 27.18
CA GLU M 89 31.11 -7.21 27.58
C GLU M 89 32.01 -6.44 26.61
N GLY N 1 36.09 19.63 -9.27
CA GLY N 1 36.57 18.29 -8.91
C GLY N 1 35.51 17.24 -9.19
N ARG N 2 35.84 16.28 -10.04
CA ARG N 2 34.92 15.21 -10.38
C ARG N 2 34.44 14.49 -9.14
N ALA N 3 35.08 14.75 -8.00
CA ALA N 3 34.72 14.10 -6.76
C ALA N 3 33.23 14.21 -6.48
N ARG N 4 32.67 15.40 -6.63
CA ARG N 4 31.24 15.59 -6.40
C ARG N 4 30.43 14.73 -7.36
N ASP N 5 30.82 14.77 -8.62
CA ASP N 5 30.12 14.03 -9.66
C ASP N 5 30.22 12.52 -9.46
N ALA N 6 31.37 12.06 -9.00
CA ALA N 6 31.57 10.62 -8.81
C ALA N 6 30.64 10.06 -7.73
N ILE N 7 30.65 10.67 -6.56
CA ILE N 7 29.80 10.21 -5.47
C ILE N 7 28.35 10.22 -5.91
N LEU N 8 27.94 11.34 -6.48
CA LEU N 8 26.57 11.49 -6.92
C LEU N 8 26.10 10.33 -7.77
N ASP N 9 26.86 10.00 -8.80
CA ASP N 9 26.47 8.92 -9.70
C ASP N 9 26.26 7.59 -8.96
N ALA N 10 27.18 7.25 -8.07
CA ALA N 10 27.07 5.98 -7.35
C ALA N 10 25.98 6.00 -6.27
N LEU N 11 25.99 7.00 -5.42
CA LEU N 11 25.02 7.08 -4.33
C LEU N 11 23.59 6.91 -4.84
N GLU N 12 23.30 7.51 -6.00
CA GLU N 12 21.95 7.45 -6.59
C GLU N 12 21.53 6.02 -6.95
N ASN N 13 22.48 5.08 -7.01
CA ASN N 13 22.17 3.69 -7.37
C ASN N 13 21.67 2.87 -6.18
N LEU N 14 21.39 3.52 -5.04
CA LEU N 14 20.91 2.81 -3.86
C LEU N 14 19.39 2.82 -3.82
N SER N 15 18.81 1.72 -3.34
CA SER N 15 17.35 1.62 -3.24
C SER N 15 16.84 2.54 -2.13
N GLY N 16 15.56 2.85 -2.19
CA GLY N 16 14.94 3.76 -1.22
C GLY N 16 15.16 3.35 0.24
N ASP N 17 15.02 2.07 0.54
CA ASP N 17 15.16 1.62 1.93
C ASP N 17 16.60 1.74 2.45
N GLU N 18 17.56 1.24 1.68
CA GLU N 18 18.96 1.30 2.11
C GLU N 18 19.39 2.73 2.37
N LEU N 19 18.83 3.65 1.59
CA LEU N 19 19.16 5.05 1.75
C LEU N 19 18.95 5.48 3.20
N LYS N 20 17.81 5.10 3.76
CA LYS N 20 17.52 5.48 5.13
C LYS N 20 18.58 4.88 6.03
N LYS N 21 18.98 3.65 5.73
CA LYS N 21 19.98 2.99 6.54
C LYS N 21 21.29 3.74 6.48
N PHE N 22 21.62 4.24 5.30
CA PHE N 22 22.86 4.97 5.12
C PHE N 22 22.88 6.24 5.96
N LYS N 23 21.87 7.09 5.79
CA LYS N 23 21.82 8.35 6.53
C LYS N 23 21.92 8.12 8.02
N MET N 24 21.07 7.22 8.51
CA MET N 24 21.02 6.92 9.93
C MET N 24 22.36 6.42 10.45
N LYS N 25 23.00 5.53 9.72
CA LYS N 25 24.29 5.01 10.17
C LYS N 25 25.35 6.09 10.22
N LEU N 26 25.28 7.00 9.26
CA LEU N 26 26.25 8.10 9.17
C LEU N 26 26.28 8.92 10.46
N LEU N 27 25.11 9.09 11.05
CA LEU N 27 25.00 9.86 12.29
C LEU N 27 25.81 9.24 13.44
N THR N 28 25.91 7.91 13.44
CA THR N 28 26.61 7.21 14.52
C THR N 28 28.03 6.79 14.14
N VAL N 29 28.48 7.16 12.95
CA VAL N 29 29.83 6.76 12.52
C VAL N 29 30.88 7.66 13.15
N GLN N 30 32.06 7.09 13.41
CA GLN N 30 33.15 7.85 14.03
C GLN N 30 33.92 8.64 12.96
N LEU N 31 34.21 9.89 13.27
CA LEU N 31 34.91 10.77 12.35
C LEU N 31 36.22 11.29 12.95
N ARG N 32 37.15 11.68 12.09
CA ARG N 32 38.42 12.22 12.54
C ARG N 32 38.19 13.53 13.29
N GLU N 33 39.08 13.85 14.23
CA GLU N 33 38.96 15.07 15.02
C GLU N 33 39.24 16.31 14.18
N GLY N 34 38.59 17.42 14.54
CA GLY N 34 38.78 18.68 13.81
C GLY N 34 37.64 18.91 12.82
N TYR N 35 36.66 18.01 12.84
CA TYR N 35 35.51 18.10 11.94
C TYR N 35 34.22 18.16 12.72
N GLY N 36 33.17 18.68 12.09
CA GLY N 36 31.87 18.80 12.74
C GLY N 36 30.95 17.63 12.39
N ARG N 37 29.78 17.64 13.03
CA ARG N 37 28.76 16.62 12.82
C ARG N 37 27.53 17.28 12.20
N ILE N 38 26.85 16.57 11.30
CA ILE N 38 25.72 17.18 10.62
C ILE N 38 24.44 17.11 11.47
N PRO N 39 23.74 18.22 11.60
CA PRO N 39 22.48 18.30 12.40
C PRO N 39 21.48 17.21 12.03
N ARG N 40 20.90 16.58 13.04
CA ARG N 40 19.95 15.51 12.80
C ARG N 40 18.72 15.98 12.01
N GLY N 41 18.18 17.13 12.39
CA GLY N 41 16.98 17.65 11.74
C GLY N 41 17.09 17.76 10.21
N ALA N 42 18.20 18.32 9.73
CA ALA N 42 18.38 18.50 8.29
C ALA N 42 18.51 17.16 7.56
N LEU N 43 19.29 16.25 8.12
CA LEU N 43 19.52 14.96 7.50
C LEU N 43 18.22 14.18 7.28
N LEU N 44 17.31 14.26 8.24
CA LEU N 44 16.06 13.50 8.15
C LEU N 44 15.22 13.86 6.93
N GLN N 45 15.19 15.12 6.53
CA GLN N 45 14.37 15.53 5.38
C GLN N 45 15.18 15.80 4.11
N MET N 46 16.49 15.59 4.17
CA MET N 46 17.34 15.85 3.00
C MET N 46 17.08 14.88 1.84
N ASP N 47 17.50 15.31 0.66
CA ASP N 47 17.35 14.50 -0.56
C ASP N 47 18.69 13.90 -0.96
N ALA N 48 18.66 12.87 -1.80
CA ALA N 48 19.89 12.23 -2.23
C ALA N 48 20.82 13.21 -2.94
N ILE N 49 20.30 14.01 -3.87
CA ILE N 49 21.15 14.96 -4.58
C ILE N 49 21.73 15.97 -3.60
N ASP N 50 20.84 16.55 -2.80
CA ASP N 50 21.24 17.56 -1.81
C ASP N 50 22.28 17.00 -0.85
N LEU N 51 22.07 15.75 -0.44
CA LEU N 51 22.96 15.10 0.50
C LEU N 51 24.38 15.10 -0.03
N THR N 52 24.54 15.04 -1.34
CA THR N 52 25.86 15.03 -1.94
C THR N 52 26.57 16.36 -1.74
N ASP N 53 25.90 17.44 -2.08
CA ASP N 53 26.50 18.77 -1.95
C ASP N 53 26.88 19.04 -0.49
N LYS N 54 25.99 18.70 0.41
CA LYS N 54 26.22 18.90 1.83
C LYS N 54 27.37 18.04 2.32
N LEU N 55 27.37 16.78 1.92
CA LEU N 55 28.41 15.84 2.34
C LEU N 55 29.80 16.37 2.06
N VAL N 56 30.01 16.87 0.85
CA VAL N 56 31.32 17.38 0.49
C VAL N 56 31.62 18.71 1.18
N SER N 57 30.61 19.58 1.29
CA SER N 57 30.83 20.88 1.91
C SER N 57 31.42 20.77 3.31
N TYR N 58 31.06 19.72 4.03
CA TYR N 58 31.57 19.54 5.40
C TYR N 58 32.99 18.98 5.42
N TYR N 59 33.29 18.04 4.54
CA TYR N 59 34.61 17.42 4.53
C TYR N 59 35.31 17.67 3.20
N LEU N 60 36.63 17.75 3.24
CA LEU N 60 37.41 17.98 2.03
C LEU N 60 37.12 16.86 1.04
N GLU N 61 37.31 17.14 -0.23
CA GLU N 61 37.05 16.15 -1.26
C GLU N 61 37.88 14.90 -1.07
N SER N 62 39.17 15.05 -0.83
CA SER N 62 40.05 13.91 -0.65
C SER N 62 39.62 13.05 0.54
N TYR N 63 39.52 13.65 1.71
CA TYR N 63 39.12 12.93 2.90
C TYR N 63 37.65 12.57 2.86
N GLY N 64 36.83 13.47 2.35
CA GLY N 64 35.39 13.23 2.28
C GLY N 64 35.07 12.02 1.40
N LEU N 65 35.76 11.92 0.27
CA LEU N 65 35.53 10.82 -0.64
C LEU N 65 35.84 9.47 0.01
N GLU N 66 36.95 9.42 0.73
CA GLU N 66 37.35 8.18 1.40
C GLU N 66 36.39 7.81 2.53
N LEU N 67 35.88 8.82 3.23
CA LEU N 67 34.97 8.59 4.35
C LEU N 67 33.73 7.83 3.92
N THR N 68 33.24 8.12 2.72
CA THR N 68 32.04 7.46 2.23
C THR N 68 32.25 5.96 2.18
N MET N 69 33.38 5.54 1.61
CA MET N 69 33.69 4.13 1.46
C MET N 69 33.60 3.40 2.78
N THR N 70 34.15 4.00 3.81
CA THR N 70 34.15 3.37 5.12
C THR N 70 32.73 2.99 5.55
N VAL N 71 31.78 3.88 5.33
CA VAL N 71 30.39 3.62 5.70
C VAL N 71 29.73 2.64 4.74
N LEU N 72 30.03 2.78 3.44
CA LEU N 72 29.42 1.88 2.45
C LEU N 72 29.72 0.42 2.76
N ARG N 73 30.98 0.11 2.98
CA ARG N 73 31.30 -1.26 3.27
C ARG N 73 30.64 -1.68 4.56
N ASP N 74 30.64 -0.81 5.56
CA ASP N 74 30.08 -1.16 6.87
C ASP N 74 28.67 -1.74 6.74
N MET N 75 27.85 -1.14 5.88
CA MET N 75 26.49 -1.65 5.65
C MET N 75 26.54 -3.01 5.01
N GLY N 76 27.65 -3.26 4.32
CA GLY N 76 27.87 -4.51 3.62
C GLY N 76 28.77 -4.27 2.42
N LEU N 77 29.61 -5.24 2.09
CA LEU N 77 30.51 -5.06 0.96
C LEU N 77 29.70 -5.09 -0.32
N GLN N 78 29.82 -4.03 -1.09
CA GLN N 78 29.07 -3.94 -2.34
C GLN N 78 29.99 -3.56 -3.48
N GLU N 79 29.55 -3.84 -4.69
CA GLU N 79 30.35 -3.49 -5.84
C GLU N 79 30.58 -2.00 -5.83
N LEU N 80 29.61 -1.27 -5.27
CA LEU N 80 29.72 0.18 -5.19
C LEU N 80 30.99 0.58 -4.47
N ALA N 81 31.26 -0.04 -3.34
CA ALA N 81 32.46 0.29 -2.58
C ALA N 81 33.68 0.21 -3.47
N GLU N 82 33.84 -0.89 -4.18
CA GLU N 82 34.98 -1.05 -5.07
C GLU N 82 34.84 -0.17 -6.30
N GLN N 83 33.64 -0.17 -6.90
CA GLN N 83 33.42 0.63 -8.10
C GLN N 83 33.82 2.06 -7.84
N LEU N 84 33.44 2.58 -6.69
CA LEU N 84 33.79 3.94 -6.34
C LEU N 84 35.29 4.08 -6.12
N GLN N 85 35.89 3.05 -5.52
CA GLN N 85 37.32 3.08 -5.24
C GLN N 85 38.11 3.34 -6.52
N THR N 86 37.67 2.75 -7.63
CA THR N 86 38.35 2.92 -8.90
C THR N 86 38.51 4.40 -9.21
N THR N 87 37.56 5.20 -8.76
CA THR N 87 37.61 6.64 -8.99
C THR N 87 38.81 7.26 -8.28
N LYS N 88 39.17 6.70 -7.12
CA LYS N 88 40.30 7.22 -6.36
C LYS N 88 41.56 7.27 -7.22
N GLU N 89 41.82 6.19 -7.96
CA GLU N 89 42.98 6.13 -8.84
C GLU N 89 42.79 7.10 -9.99
N GLY O 1 18.14 38.00 -30.59
CA GLY O 1 18.65 36.69 -30.97
C GLY O 1 17.73 35.58 -30.46
N ARG O 2 17.21 34.78 -31.38
CA ARG O 2 16.32 33.68 -31.01
C ARG O 2 16.98 32.76 -30.00
N ALA O 3 18.28 32.93 -29.80
CA ALA O 3 19.03 32.08 -28.87
C ALA O 3 18.33 32.02 -27.50
N ARG O 4 17.94 33.17 -26.98
CA ARG O 4 17.26 33.19 -25.69
C ARG O 4 15.96 32.40 -25.75
N ASP O 5 15.19 32.64 -26.81
CA ASP O 5 13.91 31.98 -26.99
C ASP O 5 14.06 30.47 -27.19
N ALA O 6 15.10 30.06 -27.88
CA ALA O 6 15.30 28.64 -28.15
C ALA O 6 15.56 27.86 -26.86
N ILE O 7 16.52 28.30 -26.08
CA ILE O 7 16.84 27.62 -24.83
C ILE O 7 15.62 27.57 -23.93
N LEU O 8 14.97 28.70 -23.80
CA LEU O 8 13.79 28.79 -22.95
C LEU O 8 12.78 27.70 -23.26
N ASP O 9 12.41 27.59 -24.53
CA ASP O 9 11.41 26.60 -24.91
C ASP O 9 11.79 25.18 -24.52
N ALA O 10 13.04 24.80 -24.76
CA ALA O 10 13.49 23.45 -24.44
C ALA O 10 13.68 23.23 -22.94
N LEU O 11 14.41 24.11 -22.29
CA LEU O 11 14.67 23.95 -20.87
C LEU O 11 13.39 23.72 -20.06
N GLU O 12 12.33 24.43 -20.43
CA GLU O 12 11.04 24.33 -19.73
C GLU O 12 10.42 22.93 -19.84
N ASN O 13 10.92 22.10 -20.76
CA ASN O 13 10.37 20.74 -20.95
C ASN O 13 10.97 19.73 -19.96
N LEU O 14 11.73 20.20 -18.98
CA LEU O 14 12.33 19.28 -18.00
C LEU O 14 11.43 19.15 -16.78
N SER O 15 11.41 17.95 -16.20
CA SER O 15 10.59 17.71 -15.01
C SER O 15 11.20 18.42 -13.80
N GLY O 16 10.39 18.61 -12.77
CA GLY O 16 10.84 19.32 -11.57
C GLY O 16 12.10 18.76 -10.94
N ASP O 17 12.19 17.43 -10.84
CA ASP O 17 13.36 16.82 -10.19
C ASP O 17 14.65 17.01 -11.01
N GLU O 18 14.60 16.70 -12.30
CA GLU O 18 15.79 16.83 -13.13
C GLU O 18 16.33 18.24 -13.10
N LEU O 19 15.42 19.20 -12.98
CA LEU O 19 15.81 20.60 -12.93
C LEU O 19 16.85 20.80 -11.83
N LYS O 20 16.58 20.25 -10.66
CA LYS O 20 17.51 20.42 -9.55
C LYS O 20 18.84 19.80 -9.95
N LYS O 21 18.79 18.67 -10.62
CA LYS O 21 20.00 18.00 -11.03
C LYS O 21 20.79 18.87 -11.98
N PHE O 22 20.09 19.55 -12.86
CA PHE O 22 20.74 20.41 -13.84
C PHE O 22 21.48 21.55 -13.17
N LYS O 23 20.76 22.32 -12.34
CA LYS O 23 21.38 23.47 -11.66
C LYS O 23 22.61 23.04 -10.88
N MET O 24 22.44 22.01 -10.06
CA MET O 24 23.52 21.52 -9.22
C MET O 24 24.72 21.09 -10.04
N LYS O 25 24.49 20.37 -11.12
CA LYS O 25 25.61 19.90 -11.95
C LYS O 25 26.35 21.07 -12.60
N LEU O 26 25.59 22.09 -12.97
CA LEU O 26 26.17 23.27 -13.61
C LEU O 26 27.24 23.91 -12.74
N LEU O 27 27.02 23.89 -11.44
CA LEU O 27 27.95 24.48 -10.50
C LEU O 27 29.32 23.79 -10.55
N THR O 28 29.32 22.48 -10.83
CA THR O 28 30.57 21.71 -10.84
C THR O 28 31.12 21.48 -12.25
N VAL O 29 30.47 22.04 -13.26
CA VAL O 29 30.92 21.84 -14.64
C VAL O 29 32.11 22.74 -14.96
N GLN O 30 33.01 22.24 -15.80
CA GLN O 30 34.20 23.02 -16.19
C GLN O 30 33.86 24.00 -17.32
N LEU O 31 34.34 25.23 -17.16
CA LEU O 31 34.08 26.28 -18.13
C LEU O 31 35.38 26.83 -18.71
N ARG O 32 35.28 27.41 -19.91
CA ARG O 32 36.45 28.01 -20.56
C ARG O 32 36.97 29.18 -19.73
N GLU O 33 38.27 29.44 -19.82
CA GLU O 33 38.88 30.53 -19.06
C GLU O 33 38.46 31.90 -19.60
N GLY O 34 38.39 32.89 -18.70
CA GLY O 34 37.99 34.24 -19.09
C GLY O 34 36.53 34.49 -18.74
N TYR O 35 35.90 33.51 -18.11
CA TYR O 35 34.50 33.62 -17.72
C TYR O 35 34.33 33.46 -16.22
N GLY O 36 33.22 33.96 -15.70
CA GLY O 36 32.95 33.87 -14.27
C GLY O 36 32.06 32.68 -13.93
N ARG O 37 31.84 32.49 -12.63
CA ARG O 37 31.01 31.42 -12.10
C ARG O 37 29.80 32.04 -11.42
N ILE O 38 28.64 31.40 -11.52
CA ILE O 38 27.44 31.98 -10.94
C ILE O 38 27.33 31.69 -9.43
N PRO O 39 27.06 32.70 -8.63
CA PRO O 39 26.93 32.56 -7.14
C PRO O 39 25.98 31.45 -6.76
N ARG O 40 26.39 30.64 -5.79
CA ARG O 40 25.57 29.52 -5.35
C ARG O 40 24.22 29.98 -4.77
N GLY O 41 24.24 31.01 -3.95
CA GLY O 41 23.02 31.51 -3.31
C GLY O 41 21.89 31.83 -4.29
N ALA O 42 22.21 32.53 -5.37
CA ALA O 42 21.19 32.93 -6.34
C ALA O 42 20.63 31.72 -7.09
N LEU O 43 21.50 30.82 -7.51
CA LEU O 43 21.09 29.65 -8.26
C LEU O 43 20.08 28.79 -7.49
N LEU O 44 20.29 28.65 -6.19
CA LEU O 44 19.42 27.80 -5.36
C LEU O 44 17.96 28.24 -5.37
N GLN O 45 17.69 29.54 -5.40
CA GLN O 45 16.29 30.01 -5.37
C GLN O 45 15.79 30.52 -6.73
N MET O 46 16.63 30.43 -7.76
CA MET O 46 16.24 30.92 -9.08
C MET O 46 15.11 30.10 -9.72
N ASP O 47 14.46 30.71 -10.70
CA ASP O 47 13.36 30.07 -11.42
C ASP O 47 13.83 29.65 -12.81
N ALA O 48 13.09 28.74 -13.44
CA ALA O 48 13.47 28.27 -14.77
C ALA O 48 13.53 29.42 -15.78
N ILE O 49 12.51 30.28 -15.80
CA ILE O 49 12.52 31.39 -16.75
C ILE O 49 13.69 32.32 -16.46
N ASP O 50 13.82 32.70 -15.20
CA ASP O 50 14.88 33.61 -14.77
C ASP O 50 16.26 33.02 -15.09
N LEU O 51 16.39 31.73 -14.87
CA LEU O 51 17.64 31.03 -15.12
C LEU O 51 18.09 31.24 -16.56
N THR O 52 17.15 31.36 -17.47
CA THR O 52 17.48 31.55 -18.87
C THR O 52 18.14 32.90 -19.11
N ASP O 53 17.51 33.96 -18.62
CA ASP O 53 18.05 35.30 -18.81
C ASP O 53 19.44 35.41 -18.19
N LYS O 54 19.59 34.86 -17.01
CA LYS O 54 20.88 34.91 -16.32
C LYS O 54 21.93 34.10 -17.06
N LEU O 55 21.54 32.90 -17.50
CA LEU O 55 22.47 32.02 -18.20
C LEU O 55 23.11 32.71 -19.39
N VAL O 56 22.31 33.37 -20.19
CA VAL O 56 22.85 34.05 -21.36
C VAL O 56 23.63 35.30 -20.98
N SER O 57 23.16 36.04 -19.99
CA SER O 57 23.85 37.28 -19.59
C SER O 57 25.30 37.03 -19.24
N TYR O 58 25.61 35.87 -18.68
CA TYR O 58 26.98 35.55 -18.30
C TYR O 58 27.85 35.12 -19.48
N TYR O 59 27.29 34.34 -20.40
CA TYR O 59 28.05 33.86 -21.54
C TYR O 59 27.43 34.34 -22.85
N LEU O 60 28.28 34.55 -23.84
CA LEU O 60 27.81 34.99 -25.13
C LEU O 60 26.80 34.00 -25.69
N GLU O 61 25.91 34.46 -26.55
CA GLU O 61 24.88 33.60 -27.10
C GLU O 61 25.49 32.40 -27.84
N SER O 62 26.47 32.65 -28.69
CA SER O 62 27.09 31.57 -29.46
C SER O 62 27.71 30.52 -28.54
N TYR O 63 28.61 30.97 -27.67
CA TYR O 63 29.28 30.05 -26.75
C TYR O 63 28.33 29.56 -25.67
N GLY O 64 27.48 30.46 -25.20
CA GLY O 64 26.53 30.09 -24.14
C GLY O 64 25.58 28.98 -24.60
N LEU O 65 25.10 29.10 -25.83
CA LEU O 65 24.18 28.10 -26.36
C LEU O 65 24.83 26.73 -26.42
N GLU O 66 26.07 26.67 -26.89
CA GLU O 66 26.78 25.39 -26.99
C GLU O 66 27.08 24.80 -25.61
N LEU O 67 27.37 25.66 -24.64
CA LEU O 67 27.69 25.20 -23.28
C LEU O 67 26.55 24.39 -22.67
N THR O 68 25.32 24.79 -22.96
CA THR O 68 24.16 24.09 -22.42
C THR O 68 24.17 22.64 -22.85
N MET O 69 24.39 22.41 -24.14
CA MET O 69 24.39 21.06 -24.68
C MET O 69 25.35 20.16 -23.94
N THR O 70 26.53 20.66 -23.66
CA THR O 70 27.54 19.87 -22.98
C THR O 70 26.99 19.30 -21.67
N VAL O 71 26.28 20.13 -20.91
CA VAL O 71 25.71 19.69 -19.64
C VAL O 71 24.50 18.80 -19.84
N LEU O 72 23.66 19.12 -20.83
CA LEU O 72 22.47 18.32 -21.08
C LEU O 72 22.81 16.86 -21.35
N ARG O 73 23.74 16.64 -22.27
CA ARG O 73 24.11 15.28 -22.55
C ARG O 73 24.70 14.62 -21.33
N ASP O 74 25.53 15.37 -20.60
CA ASP O 74 26.22 14.80 -19.44
C ASP O 74 25.23 14.10 -18.49
N MET O 75 24.06 14.73 -18.26
CA MET O 75 23.04 14.14 -17.40
C MET O 75 22.49 12.88 -18.05
N GLY O 76 22.61 12.83 -19.36
CA GLY O 76 22.13 11.71 -20.14
C GLY O 76 21.74 12.19 -21.53
N LEU O 77 21.94 11.36 -22.54
CA LEU O 77 21.59 11.76 -23.89
C LEU O 77 20.09 11.83 -24.01
N GLN O 78 19.60 12.99 -24.41
CA GLN O 78 18.17 13.18 -24.55
C GLN O 78 17.84 13.79 -25.89
N GLU O 79 16.61 13.64 -26.31
CA GLU O 79 16.20 14.19 -27.58
C GLU O 79 16.43 15.69 -27.53
N LEU O 80 16.31 16.25 -26.32
CA LEU O 80 16.52 17.67 -26.13
C LEU O 80 17.88 18.10 -26.65
N ALA O 81 18.91 17.35 -26.28
CA ALA O 81 20.25 17.69 -26.72
C ALA O 81 20.30 17.85 -28.23
N GLU O 82 19.78 16.87 -28.94
CA GLU O 82 19.77 16.95 -30.40
C GLU O 82 18.73 17.95 -30.89
N GLN O 83 17.54 17.93 -30.30
CA GLN O 83 16.49 18.86 -30.72
C GLN O 83 17.00 20.28 -30.66
N LEU O 84 17.71 20.59 -29.60
CA LEU O 84 18.27 21.92 -29.44
C LEU O 84 19.37 22.16 -30.48
N GLN O 85 20.15 21.13 -30.75
CA GLN O 85 21.25 21.26 -31.70
C GLN O 85 20.73 21.74 -33.06
N THR O 86 19.56 21.27 -33.45
CA THR O 86 18.97 21.67 -34.72
C THR O 86 18.90 23.19 -34.81
N THR O 87 18.71 23.84 -33.66
CA THR O 87 18.63 25.30 -33.62
C THR O 87 19.96 25.92 -34.05
N LYS O 88 21.07 25.25 -33.73
CA LYS O 88 22.39 25.76 -34.08
C LYS O 88 22.48 26.04 -35.59
N GLU O 89 21.99 25.09 -36.39
CA GLU O 89 22.01 25.26 -37.83
C GLU O 89 21.01 26.35 -38.23
N GLY A 1 -6.62 -15.36 -32.92
CA GLY A 1 -6.29 -16.56 -33.69
C GLY A 1 -7.07 -17.76 -33.19
N ARG A 2 -7.82 -18.37 -34.09
CA ARG A 2 -8.62 -19.55 -33.75
C ARG A 2 -7.73 -20.67 -33.22
N ALA A 3 -6.44 -20.60 -33.55
CA ALA A 3 -5.49 -21.62 -33.13
C ALA A 3 -5.53 -21.86 -31.63
N ARG A 4 -5.58 -20.79 -30.85
CA ARG A 4 -5.61 -20.94 -29.40
C ARG A 4 -6.82 -21.76 -28.96
N ASP A 5 -7.97 -21.43 -29.53
CA ASP A 5 -9.21 -22.12 -29.19
C ASP A 5 -9.16 -23.61 -29.52
N ALA A 6 -8.55 -23.94 -30.65
CA ALA A 6 -8.49 -25.35 -31.06
C ALA A 6 -7.67 -26.18 -30.08
N ILE A 7 -6.46 -25.73 -29.78
CA ILE A 7 -5.61 -26.46 -28.86
C ILE A 7 -6.30 -26.62 -27.52
N LEU A 8 -6.83 -25.52 -27.01
CA LEU A 8 -7.49 -25.53 -25.73
C LEU A 8 -8.53 -26.64 -25.65
N ASP A 9 -9.41 -26.70 -26.62
CA ASP A 9 -10.48 -27.70 -26.61
C ASP A 9 -9.93 -29.13 -26.57
N ALA A 10 -8.95 -29.42 -27.41
CA ALA A 10 -8.40 -30.77 -27.48
C ALA A 10 -7.52 -31.11 -26.27
N LEU A 11 -6.75 -30.16 -25.79
CA LEU A 11 -5.87 -30.42 -24.66
C LEU A 11 -6.64 -30.77 -23.40
N GLU A 12 -7.78 -30.11 -23.19
CA GLU A 12 -8.61 -30.32 -22.01
C GLU A 12 -9.23 -31.73 -21.95
N ASN A 13 -9.22 -32.47 -23.06
CA ASN A 13 -9.80 -33.81 -23.08
C ASN A 13 -8.85 -34.89 -22.57
N LEU A 14 -7.73 -34.48 -21.98
CA LEU A 14 -6.76 -35.45 -21.44
C LEU A 14 -7.04 -35.69 -19.97
N SER A 15 -6.78 -36.92 -19.51
CA SER A 15 -7.00 -37.25 -18.11
C SER A 15 -5.95 -36.57 -17.24
N GLY A 16 -6.20 -36.53 -15.94
CA GLY A 16 -5.27 -35.89 -15.01
C GLY A 16 -3.86 -36.46 -15.04
N ASP A 17 -3.73 -37.78 -15.09
CA ASP A 17 -2.41 -38.39 -15.09
C ASP A 17 -1.61 -38.15 -16.38
N GLU A 18 -2.23 -38.39 -17.53
CA GLU A 18 -1.52 -38.21 -18.80
C GLU A 18 -1.03 -36.78 -18.90
N LEU A 19 -1.79 -35.86 -18.36
CA LEU A 19 -1.40 -34.46 -18.40
C LEU A 19 0.00 -34.30 -17.84
N LYS A 20 0.27 -34.96 -16.72
CA LYS A 20 1.58 -34.85 -16.11
C LYS A 20 2.62 -35.36 -17.07
N LYS A 21 2.32 -36.47 -17.71
CA LYS A 21 3.25 -37.07 -18.64
C LYS A 21 3.52 -36.13 -19.78
N PHE A 22 2.49 -35.45 -20.24
CA PHE A 22 2.63 -34.53 -21.35
C PHE A 22 3.52 -33.36 -20.99
N LYS A 23 3.17 -32.66 -19.91
CA LYS A 23 3.95 -31.50 -19.48
C LYS A 23 5.42 -31.87 -19.24
N MET A 24 5.64 -32.94 -18.49
CA MET A 24 6.99 -33.37 -18.18
C MET A 24 7.77 -33.74 -19.43
N LYS A 25 7.14 -34.45 -20.36
CA LYS A 25 7.85 -34.85 -21.57
C LYS A 25 8.22 -33.65 -22.43
N LEU A 26 7.38 -32.63 -22.38
CA LEU A 26 7.61 -31.42 -23.15
C LEU A 26 8.97 -30.82 -22.81
N LEU A 27 9.33 -30.90 -21.54
CA LEU A 27 10.60 -30.37 -21.08
C LEU A 27 11.79 -31.07 -21.75
N THR A 28 11.64 -32.34 -22.07
CA THR A 28 12.73 -33.11 -22.67
C THR A 28 12.62 -33.24 -24.19
N VAL A 29 11.64 -32.56 -24.79
CA VAL A 29 11.47 -32.65 -26.24
C VAL A 29 12.42 -31.69 -26.96
N GLN A 30 12.86 -32.10 -28.15
CA GLN A 30 13.76 -31.26 -28.95
C GLN A 30 12.97 -30.22 -29.71
N LEU A 31 13.47 -28.99 -29.68
CA LEU A 31 12.80 -27.87 -30.36
C LEU A 31 13.69 -27.26 -31.43
N ARG A 32 13.06 -26.61 -32.39
CA ARG A 32 13.80 -25.95 -33.46
C ARG A 32 14.65 -24.83 -32.88
N GLU A 33 15.75 -24.50 -33.56
CA GLU A 33 16.66 -23.45 -33.09
C GLU A 33 16.04 -22.06 -33.24
N GLY A 34 16.39 -21.16 -32.31
CA GLY A 34 15.88 -19.79 -32.34
C GLY A 34 14.73 -19.58 -31.37
N TYR A 35 14.42 -20.63 -30.60
CA TYR A 35 13.33 -20.56 -29.63
C TYR A 35 13.84 -20.86 -28.23
N GLY A 36 13.15 -20.33 -27.23
CA GLY A 36 13.54 -20.54 -25.84
C GLY A 36 12.88 -21.79 -25.24
N ARG A 37 13.25 -22.06 -23.99
CA ARG A 37 12.72 -23.20 -23.25
C ARG A 37 11.91 -22.68 -22.06
N ILE A 38 10.83 -23.36 -21.72
CA ILE A 38 9.98 -22.87 -20.64
C ILE A 38 10.54 -23.28 -19.27
N PRO A 39 10.63 -22.34 -18.34
CA PRO A 39 11.16 -22.60 -16.97
C PRO A 39 10.50 -23.80 -16.32
N ARG A 40 11.32 -24.65 -15.72
CA ARG A 40 10.79 -25.86 -15.07
C ARG A 40 9.84 -25.52 -13.91
N GLY A 41 10.26 -24.60 -13.05
CA GLY A 41 9.46 -24.25 -11.88
C GLY A 41 8.01 -23.85 -12.22
N ALA A 42 7.84 -23.01 -13.23
CA ALA A 42 6.50 -22.55 -13.59
C ALA A 42 5.63 -23.69 -14.11
N LEU A 43 6.20 -24.52 -14.98
CA LEU A 43 5.46 -25.62 -15.59
C LEU A 43 4.88 -26.59 -14.55
N LEU A 44 5.63 -26.87 -13.50
CA LEU A 44 5.18 -27.83 -12.49
C LEU A 44 3.88 -27.44 -11.81
N GLN A 45 3.63 -26.14 -11.61
CA GLN A 45 2.40 -25.70 -10.92
C GLN A 45 1.33 -25.12 -11.86
N MET A 46 1.57 -25.14 -13.16
CA MET A 46 0.61 -24.56 -14.11
C MET A 46 -0.65 -25.39 -14.30
N ASP A 47 -1.69 -24.73 -14.80
CA ASP A 47 -2.98 -25.35 -15.07
C ASP A 47 -3.14 -25.59 -16.57
N ALA A 48 -4.09 -26.44 -16.95
CA ALA A 48 -4.32 -26.75 -18.35
C ALA A 48 -4.70 -25.49 -19.15
N ILE A 49 -5.61 -24.67 -18.63
CA ILE A 49 -6.00 -23.48 -19.37
C ILE A 49 -4.82 -22.52 -19.50
N ASP A 50 -4.15 -22.28 -18.37
CA ASP A 50 -3.00 -21.38 -18.36
C ASP A 50 -1.93 -21.86 -19.32
N LEU A 51 -1.72 -23.16 -19.31
CA LEU A 51 -0.72 -23.77 -20.17
C LEU A 51 -1.00 -23.43 -21.63
N THR A 52 -2.28 -23.30 -21.97
CA THR A 52 -2.65 -22.98 -23.33
C THR A 52 -2.15 -21.61 -23.76
N ASP A 53 -2.45 -20.60 -22.97
CA ASP A 53 -2.04 -19.24 -23.30
C ASP A 53 -0.52 -19.11 -23.41
N LYS A 54 0.19 -19.70 -22.46
CA LYS A 54 1.64 -19.61 -22.48
C LYS A 54 2.26 -20.42 -23.60
N LEU A 55 1.71 -21.60 -23.86
CA LEU A 55 2.26 -22.45 -24.91
C LEU A 55 2.40 -21.69 -26.23
N VAL A 56 1.33 -21.05 -26.65
CA VAL A 56 1.37 -20.29 -27.89
C VAL A 56 2.27 -19.06 -27.74
N SER A 57 2.32 -18.49 -26.54
CA SER A 57 3.11 -17.28 -26.31
C SER A 57 4.57 -17.43 -26.73
N TYR A 58 5.18 -18.56 -26.42
CA TYR A 58 6.59 -18.78 -26.78
C TYR A 58 6.77 -19.16 -28.24
N TYR A 59 5.83 -19.91 -28.79
CA TYR A 59 5.94 -20.35 -30.18
C TYR A 59 4.82 -19.77 -31.04
N LEU A 60 5.15 -19.40 -32.26
CA LEU A 60 4.17 -18.84 -33.16
C LEU A 60 3.02 -19.84 -33.36
N GLU A 61 1.86 -19.32 -33.74
CA GLU A 61 0.70 -20.18 -33.92
C GLU A 61 0.95 -21.28 -34.94
N SER A 62 1.52 -20.93 -36.09
CA SER A 62 1.77 -21.92 -37.13
C SER A 62 2.74 -23.00 -36.64
N TYR A 63 3.92 -22.60 -36.21
CA TYR A 63 4.91 -23.54 -35.73
C TYR A 63 4.49 -24.16 -34.40
N GLY A 64 3.88 -23.35 -33.56
CA GLY A 64 3.44 -23.81 -32.24
C GLY A 64 2.39 -24.92 -32.36
N LEU A 65 1.46 -24.76 -33.29
CA LEU A 65 0.41 -25.76 -33.46
C LEU A 65 0.98 -27.12 -33.87
N GLU A 66 1.93 -27.11 -34.79
CA GLU A 66 2.54 -28.36 -35.25
C GLU A 66 3.35 -29.03 -34.13
N LEU A 67 4.01 -28.22 -33.32
CA LEU A 67 4.84 -28.74 -32.24
C LEU A 67 4.03 -29.59 -31.28
N THR A 68 2.79 -29.21 -31.02
CA THR A 68 1.96 -29.96 -30.11
C THR A 68 1.75 -31.39 -30.62
N MET A 69 1.40 -31.49 -31.89
CA MET A 69 1.15 -32.80 -32.49
C MET A 69 2.32 -33.72 -32.34
N THR A 70 3.51 -33.20 -32.57
CA THR A 70 4.70 -34.01 -32.47
C THR A 70 4.79 -34.71 -31.11
N VAL A 71 4.43 -33.98 -30.05
CA VAL A 71 4.46 -34.55 -28.71
C VAL A 71 3.29 -35.49 -28.46
N LEU A 72 2.11 -35.16 -28.96
CA LEU A 72 0.94 -36.03 -28.76
C LEU A 72 1.19 -37.42 -29.32
N ARG A 73 1.68 -37.49 -30.55
CA ARG A 73 1.93 -38.80 -31.08
C ARG A 73 3.00 -39.50 -30.27
N ASP A 74 4.01 -38.75 -29.85
CA ASP A 74 5.13 -39.35 -29.11
C ASP A 74 4.65 -40.21 -27.93
N MET A 75 3.64 -39.70 -27.20
CA MET A 75 3.09 -40.45 -26.06
C MET A 75 2.27 -41.61 -26.57
N GLY A 76 2.28 -41.77 -27.89
CA GLY A 76 1.52 -42.81 -28.55
C GLY A 76 0.50 -42.16 -29.47
N LEU A 77 0.04 -42.89 -30.48
CA LEU A 77 -0.93 -42.33 -31.41
C LEU A 77 -2.28 -42.20 -30.73
N GLN A 78 -2.78 -40.98 -30.68
CA GLN A 78 -4.06 -40.71 -30.06
C GLN A 78 -5.05 -40.23 -31.10
N GLU A 79 -6.33 -40.49 -30.88
CA GLU A 79 -7.33 -40.04 -31.80
C GLU A 79 -7.25 -38.52 -31.87
N LEU A 80 -6.80 -37.93 -30.77
CA LEU A 80 -6.66 -36.48 -30.67
C LEU A 80 -5.71 -35.93 -31.72
N ALA A 81 -4.56 -36.56 -31.87
CA ALA A 81 -3.58 -36.09 -32.84
C ALA A 81 -4.24 -35.93 -34.20
N GLU A 82 -5.03 -36.93 -34.59
CA GLU A 82 -5.71 -36.87 -35.88
C GLU A 82 -6.78 -35.79 -35.85
N GLN A 83 -7.58 -35.76 -34.78
CA GLN A 83 -8.64 -34.78 -34.68
C GLN A 83 -8.09 -33.37 -34.77
N LEU A 84 -6.99 -33.13 -34.06
CA LEU A 84 -6.38 -31.82 -34.05
C LEU A 84 -5.83 -31.47 -35.43
N GLN A 85 -5.24 -32.47 -36.11
CA GLN A 85 -4.67 -32.23 -37.43
C GLN A 85 -5.72 -31.66 -38.38
N THR A 86 -6.94 -32.13 -38.26
CA THR A 86 -8.01 -31.65 -39.12
C THR A 86 -8.10 -30.13 -39.04
N THR A 87 -7.78 -29.59 -37.86
CA THR A 87 -7.83 -28.14 -37.66
C THR A 87 -6.81 -27.44 -38.57
N LYS A 88 -5.70 -28.12 -38.84
CA LYS A 88 -4.66 -27.53 -39.69
C LYS A 88 -5.25 -27.06 -41.01
N GLU A 89 -6.12 -27.89 -41.59
CA GLU A 89 -6.77 -27.53 -42.85
C GLU A 89 -7.76 -26.39 -42.62
N GLY B 1 -28.37 2.67 -16.38
CA GLY B 1 -28.83 1.63 -17.29
C GLY B 1 -28.98 0.29 -16.55
N ARG B 2 -30.17 -0.26 -16.60
CA ARG B 2 -30.45 -1.53 -15.94
C ARG B 2 -29.55 -2.64 -16.51
N ALA B 3 -29.02 -2.40 -17.70
CA ALA B 3 -28.16 -3.39 -18.36
C ALA B 3 -27.00 -3.82 -17.46
N ARG B 4 -26.36 -2.87 -16.79
CA ARG B 4 -25.23 -3.21 -15.92
C ARG B 4 -25.67 -4.19 -14.84
N ASP B 5 -26.80 -3.90 -14.22
CA ASP B 5 -27.32 -4.74 -13.15
C ASP B 5 -27.64 -6.15 -13.62
N ALA B 6 -28.17 -6.28 -14.82
CA ALA B 6 -28.53 -7.60 -15.33
C ALA B 6 -27.29 -8.49 -15.51
N ILE B 7 -26.30 -7.96 -16.21
CA ILE B 7 -25.08 -8.73 -16.45
C ILE B 7 -24.45 -9.13 -15.13
N LEU B 8 -24.32 -8.16 -14.24
CA LEU B 8 -23.70 -8.39 -12.95
C LEU B 8 -24.32 -9.60 -12.26
N ASP B 9 -25.63 -9.60 -12.15
CA ASP B 9 -26.33 -10.69 -11.46
C ASP B 9 -26.04 -12.06 -12.08
N ALA B 10 -26.12 -12.14 -13.40
CA ALA B 10 -25.90 -13.42 -14.08
C ALA B 10 -24.42 -13.83 -14.10
N LEU B 11 -23.53 -12.88 -14.28
CA LEU B 11 -22.11 -13.21 -14.34
C LEU B 11 -21.60 -13.79 -13.03
N GLU B 12 -22.10 -13.27 -11.92
CA GLU B 12 -21.68 -13.72 -10.58
C GLU B 12 -22.08 -15.17 -10.26
N ASN B 13 -22.98 -15.75 -11.05
CA ASN B 13 -23.43 -17.13 -10.81
C ASN B 13 -22.49 -18.18 -11.42
N LEU B 14 -21.32 -17.74 -11.90
CA LEU B 14 -20.36 -18.68 -12.47
C LEU B 14 -19.37 -19.14 -11.42
N SER B 15 -18.91 -20.39 -11.53
CA SER B 15 -17.96 -20.91 -10.58
C SER B 15 -16.59 -20.27 -10.78
N GLY B 16 -15.71 -20.42 -9.81
CA GLY B 16 -14.38 -19.82 -9.87
C GLY B 16 -13.57 -20.25 -11.10
N ASP B 17 -13.60 -21.53 -11.43
CA ASP B 17 -12.82 -22.03 -12.57
C ASP B 17 -13.33 -21.55 -13.92
N GLU B 18 -14.64 -21.69 -14.16
CA GLU B 18 -15.20 -21.27 -15.44
C GLU B 18 -14.92 -19.81 -15.69
N LEU B 19 -14.91 -19.04 -14.62
CA LEU B 19 -14.64 -17.62 -14.73
C LEU B 19 -13.33 -17.41 -15.48
N LYS B 20 -12.31 -18.16 -15.10
CA LYS B 20 -11.02 -18.03 -15.75
C LYS B 20 -11.17 -18.32 -17.24
N LYS B 21 -11.92 -19.36 -17.56
CA LYS B 21 -12.11 -19.73 -18.94
C LYS B 21 -12.81 -18.62 -19.70
N PHE B 22 -13.77 -17.99 -19.04
CA PHE B 22 -14.51 -16.94 -19.69
C PHE B 22 -13.62 -15.74 -19.99
N LYS B 23 -12.95 -15.23 -18.96
CA LYS B 23 -12.07 -14.07 -19.14
C LYS B 23 -11.02 -14.32 -20.21
N MET B 24 -10.34 -15.46 -20.10
CA MET B 24 -9.30 -15.81 -21.04
C MET B 24 -9.82 -15.93 -22.47
N LYS B 25 -10.97 -16.57 -22.63
CA LYS B 25 -11.53 -16.74 -23.97
C LYS B 25 -11.91 -15.41 -24.59
N LEU B 26 -12.34 -14.48 -23.75
CA LEU B 26 -12.75 -13.16 -24.21
C LEU B 26 -11.62 -12.49 -24.98
N LEU B 27 -10.41 -12.71 -24.53
CA LEU B 27 -9.23 -12.13 -25.17
C LEU B 27 -9.09 -12.62 -26.62
N THR B 28 -9.49 -13.85 -26.88
CA THR B 28 -9.34 -14.43 -28.21
C THR B 28 -10.62 -14.37 -29.05
N VAL B 29 -11.65 -13.70 -28.54
CA VAL B 29 -12.91 -13.62 -29.27
C VAL B 29 -12.86 -12.51 -30.31
N GLN B 30 -13.54 -12.71 -31.43
CA GLN B 30 -13.58 -11.70 -32.49
C GLN B 30 -14.62 -10.64 -32.16
N LEU B 31 -14.23 -9.37 -32.35
CA LEU B 31 -15.11 -8.24 -32.05
C LEU B 31 -15.39 -7.42 -33.30
N ARG B 32 -16.50 -6.70 -33.28
CA ARG B 32 -16.87 -5.85 -34.41
C ARG B 32 -15.84 -4.73 -34.56
N GLU B 33 -15.69 -4.22 -35.77
CA GLU B 33 -14.72 -3.17 -36.05
C GLU B 33 -15.14 -1.83 -35.44
N GLY B 34 -14.15 -1.04 -35.02
CA GLY B 34 -14.42 0.28 -34.44
C GLY B 34 -14.34 0.24 -32.92
N TYR B 35 -13.97 -0.92 -32.37
CA TYR B 35 -13.86 -1.08 -30.92
C TYR B 35 -12.45 -1.50 -30.53
N GLY B 36 -12.06 -1.19 -29.30
CA GLY B 36 -10.74 -1.53 -28.82
C GLY B 36 -10.73 -2.90 -28.13
N ARG B 37 -9.53 -3.30 -27.73
CA ARG B 37 -9.31 -4.57 -27.04
C ARG B 37 -8.85 -4.29 -25.61
N ILE B 38 -9.27 -5.11 -24.66
CA ILE B 38 -8.91 -4.85 -23.27
C ILE B 38 -7.50 -5.38 -22.96
N PRO B 39 -6.66 -4.56 -22.33
CA PRO B 39 -5.26 -4.95 -21.97
C PRO B 39 -5.21 -6.28 -21.25
N ARG B 40 -4.28 -7.13 -21.65
CA ARG B 40 -4.15 -8.44 -21.03
C ARG B 40 -3.79 -8.36 -19.56
N GLY B 41 -2.82 -7.53 -19.22
CA GLY B 41 -2.36 -7.40 -17.84
C GLY B 41 -3.48 -7.09 -16.85
N ALA B 42 -4.34 -6.15 -17.17
CA ALA B 42 -5.43 -5.77 -16.28
C ALA B 42 -6.43 -6.91 -16.08
N LEU B 43 -6.81 -7.55 -17.17
CA LEU B 43 -7.79 -8.63 -17.12
C LEU B 43 -7.38 -9.77 -16.19
N LEU B 44 -6.10 -10.13 -16.20
CA LEU B 44 -5.62 -11.25 -15.37
C LEU B 44 -5.86 -11.07 -13.88
N GLN B 45 -5.79 -9.84 -13.37
CA GLN B 45 -5.97 -9.61 -11.92
C GLN B 45 -7.33 -9.02 -11.56
N MET B 46 -8.22 -8.83 -12.53
CA MET B 46 -9.53 -8.22 -12.26
C MET B 46 -10.49 -9.14 -11.49
N ASP B 47 -11.49 -8.50 -10.88
CA ASP B 47 -12.52 -9.21 -10.11
C ASP B 47 -13.81 -9.25 -10.92
N ALA B 48 -14.73 -10.14 -10.53
CA ALA B 48 -15.99 -10.27 -11.23
C ALA B 48 -16.80 -8.97 -11.22
N ILE B 49 -16.90 -8.31 -10.07
CA ILE B 49 -17.66 -7.07 -10.02
C ILE B 49 -17.00 -5.99 -10.88
N ASP B 50 -15.70 -5.85 -10.70
CA ASP B 50 -14.93 -4.85 -11.46
C ASP B 50 -15.06 -5.10 -12.95
N LEU B 51 -14.99 -6.37 -13.31
CA LEU B 51 -15.10 -6.78 -14.70
C LEU B 51 -16.40 -6.27 -15.30
N THR B 52 -17.44 -6.21 -14.48
CA THR B 52 -18.74 -5.75 -14.94
C THR B 52 -18.69 -4.29 -15.39
N ASP B 53 -18.21 -3.43 -14.52
CA ASP B 53 -18.16 -2.00 -14.84
C ASP B 53 -17.30 -1.73 -16.08
N LYS B 54 -16.16 -2.37 -16.16
CA LYS B 54 -15.28 -2.14 -17.30
C LYS B 54 -15.84 -2.74 -18.59
N LEU B 55 -16.44 -3.92 -18.49
CA LEU B 55 -16.96 -4.56 -19.68
C LEU B 55 -17.88 -3.63 -20.45
N VAL B 56 -18.85 -3.04 -19.76
CA VAL B 56 -19.75 -2.13 -20.43
C VAL B 56 -19.03 -0.86 -20.86
N SER B 57 -18.02 -0.45 -20.10
CA SER B 57 -17.29 0.79 -20.39
C SER B 57 -16.76 0.83 -21.82
N TYR B 58 -16.20 -0.27 -22.29
CA TYR B 58 -15.62 -0.31 -23.64
C TYR B 58 -16.69 -0.48 -24.71
N TYR B 59 -17.74 -1.23 -24.42
CA TYR B 59 -18.79 -1.47 -25.40
C TYR B 59 -20.12 -0.89 -24.95
N LEU B 60 -20.87 -0.33 -25.88
CA LEU B 60 -22.16 0.26 -25.55
C LEU B 60 -23.05 -0.81 -24.92
N GLU B 61 -24.03 -0.36 -24.16
CA GLU B 61 -24.93 -1.28 -23.48
C GLU B 61 -25.65 -2.22 -24.46
N SER B 62 -26.19 -1.67 -25.53
CA SER B 62 -26.90 -2.49 -26.51
C SER B 62 -25.99 -3.54 -27.14
N TYR B 63 -24.91 -3.08 -27.75
CA TYR B 63 -23.97 -3.98 -28.40
C TYR B 63 -23.20 -4.81 -27.36
N GLY B 64 -22.87 -4.17 -26.24
CA GLY B 64 -22.11 -4.84 -25.19
C GLY B 64 -22.89 -6.02 -24.61
N LEU B 65 -24.19 -5.83 -24.40
CA LEU B 65 -25.03 -6.88 -23.82
C LEU B 65 -25.06 -8.12 -24.72
N GLU B 66 -25.21 -7.90 -26.02
CA GLU B 66 -25.26 -9.02 -26.97
C GLU B 66 -23.93 -9.76 -27.05
N LEU B 67 -22.83 -9.00 -26.95
CA LEU B 67 -21.50 -9.58 -27.04
C LEU B 67 -21.27 -10.63 -25.95
N THR B 68 -21.80 -10.39 -24.78
CA THR B 68 -21.63 -11.33 -23.68
C THR B 68 -22.22 -12.69 -24.05
N MET B 69 -23.45 -12.66 -24.54
CA MET B 69 -24.15 -13.89 -24.91
C MET B 69 -23.36 -14.72 -25.88
N THR B 70 -22.79 -14.06 -26.87
CA THR B 70 -22.03 -14.77 -27.88
C THR B 70 -20.93 -15.62 -27.24
N VAL B 71 -20.28 -15.08 -26.21
CA VAL B 71 -19.23 -15.80 -25.53
C VAL B 71 -19.78 -16.89 -24.59
N LEU B 72 -20.89 -16.60 -23.91
CA LEU B 72 -21.48 -17.59 -23.01
C LEU B 72 -21.85 -18.86 -23.75
N ARG B 73 -22.51 -18.74 -24.87
CA ARG B 73 -22.85 -19.93 -25.59
C ARG B 73 -21.59 -20.63 -26.05
N ASP B 74 -20.60 -19.85 -26.48
CA ASP B 74 -19.37 -20.44 -27.02
C ASP B 74 -18.78 -21.48 -26.06
N MET B 75 -18.78 -21.18 -24.76
CA MET B 75 -18.24 -22.10 -23.76
C MET B 75 -19.21 -23.27 -23.59
N GLY B 76 -20.25 -23.25 -24.41
CA GLY B 76 -21.29 -24.25 -24.37
C GLY B 76 -22.62 -23.59 -24.02
N LEU B 77 -23.73 -24.22 -24.37
CA LEU B 77 -25.03 -23.63 -24.07
C LEU B 77 -25.30 -23.71 -22.58
N GLN B 78 -25.51 -22.56 -21.98
CA GLN B 78 -25.79 -22.50 -20.55
C GLN B 78 -27.19 -21.99 -20.32
N GLU B 79 -27.80 -22.37 -19.22
CA GLU B 79 -29.12 -21.90 -18.91
C GLU B 79 -29.06 -20.39 -18.79
N LEU B 80 -27.88 -19.91 -18.39
CA LEU B 80 -27.64 -18.47 -18.22
C LEU B 80 -27.87 -17.71 -19.51
N ALA B 81 -27.31 -18.21 -20.61
CA ALA B 81 -27.47 -17.53 -21.88
C ALA B 81 -28.94 -17.25 -22.16
N GLU B 82 -29.77 -18.26 -21.92
CA GLU B 82 -31.20 -18.10 -22.14
C GLU B 82 -31.79 -17.13 -21.12
N GLN B 83 -31.42 -17.31 -19.85
CA GLN B 83 -31.94 -16.45 -18.80
C GLN B 83 -31.60 -14.99 -19.07
N LEU B 84 -30.37 -14.76 -19.47
CA LEU B 84 -29.92 -13.41 -19.76
C LEU B 84 -30.66 -12.84 -20.97
N GLN B 85 -30.89 -13.68 -21.98
CA GLN B 85 -31.57 -13.22 -23.18
C GLN B 85 -32.93 -12.62 -22.84
N THR B 86 -33.62 -13.22 -21.87
CA THR B 86 -34.92 -12.72 -21.47
C THR B 86 -34.83 -11.24 -21.11
N THR B 87 -33.68 -10.84 -20.58
CA THR B 87 -33.48 -9.44 -20.21
C THR B 87 -33.55 -8.54 -21.44
N LYS B 88 -33.11 -9.06 -22.59
CA LYS B 88 -33.13 -8.27 -23.82
C LYS B 88 -34.51 -7.69 -24.07
N GLU B 89 -35.54 -8.51 -23.86
CA GLU B 89 -36.91 -8.06 -24.04
C GLU B 89 -37.28 -7.04 -22.96
N GLY C 1 -27.54 16.30 13.38
CA GLY C 1 -28.59 15.34 13.04
C GLY C 1 -28.16 13.92 13.39
N ARG C 2 -28.95 13.26 14.23
CA ARG C 2 -28.65 11.89 14.64
C ARG C 2 -28.62 10.97 13.42
N ALA C 3 -29.22 11.41 12.33
CA ALA C 3 -29.28 10.60 11.11
C ALA C 3 -27.88 10.16 10.66
N ARG C 4 -26.92 11.07 10.70
CA ARG C 4 -25.57 10.73 10.28
C ARG C 4 -25.01 9.58 11.11
N ASP C 5 -25.20 9.67 12.43
CA ASP C 5 -24.69 8.66 13.34
C ASP C 5 -25.33 7.30 13.09
N ALA C 6 -26.61 7.28 12.78
CA ALA C 6 -27.30 6.01 12.55
C ALA C 6 -26.74 5.28 11.33
N ILE C 7 -26.67 5.97 10.21
CA ILE C 7 -26.15 5.36 8.99
C ILE C 7 -24.74 4.86 9.22
N LEU C 8 -23.91 5.71 9.79
CA LEU C 8 -22.53 5.36 10.03
C LEU C 8 -22.41 4.02 10.75
N ASP C 9 -23.12 3.88 11.85
CA ASP C 9 -23.05 2.65 12.64
C ASP C 9 -23.43 1.41 11.83
N ALA C 10 -24.54 1.49 11.10
CA ALA C 10 -25.01 0.34 10.33
C ALA C 10 -24.14 0.08 9.09
N LEU C 11 -23.69 1.12 8.42
CA LEU C 11 -22.90 0.94 7.21
C LEU C 11 -21.57 0.23 7.50
N GLU C 12 -20.97 0.56 8.64
CA GLU C 12 -19.67 -0.02 9.04
C GLU C 12 -19.74 -1.53 9.31
N ASN C 13 -20.95 -2.08 9.47
CA ASN C 13 -21.09 -3.52 9.75
C ASN C 13 -21.05 -4.38 8.48
N LEU C 14 -20.69 -3.78 7.35
CA LEU C 14 -20.62 -4.55 6.10
C LEU C 14 -19.20 -5.05 5.87
N SER C 15 -19.08 -6.21 5.25
CA SER C 15 -17.76 -6.78 4.98
C SER C 15 -17.07 -5.98 3.89
N GLY C 16 -15.77 -6.18 3.75
CA GLY C 16 -14.98 -5.45 2.75
C GLY C 16 -15.48 -5.64 1.32
N ASP C 17 -15.82 -6.87 0.95
CA ASP C 17 -16.28 -7.13 -0.42
C ASP C 17 -17.65 -6.53 -0.74
N GLU C 18 -18.63 -6.76 0.12
CA GLU C 18 -19.97 -6.23 -0.13
C GLU C 18 -19.92 -4.73 -0.28
N LEU C 19 -19.03 -4.11 0.47
CA LEU C 19 -18.88 -2.67 0.41
C LEU C 19 -18.67 -2.24 -1.04
N LYS C 20 -17.78 -2.94 -1.73
CA LYS C 20 -17.52 -2.61 -3.12
C LYS C 20 -18.79 -2.70 -3.93
N LYS C 21 -19.56 -3.75 -3.69
CA LYS C 21 -20.79 -3.97 -4.41
C LYS C 21 -21.76 -2.83 -4.14
N PHE C 22 -21.80 -2.39 -2.90
CA PHE C 22 -22.71 -1.32 -2.53
C PHE C 22 -22.35 -0.03 -3.24
N LYS C 23 -21.09 0.40 -3.08
CA LYS C 23 -20.65 1.66 -3.70
C LYS C 23 -20.87 1.65 -5.20
N MET C 24 -20.43 0.57 -5.85
CA MET C 24 -20.56 0.46 -7.29
C MET C 24 -22.02 0.47 -7.73
N LYS C 25 -22.87 -0.25 -7.03
CA LYS C 25 -24.28 -0.29 -7.41
C LYS C 25 -24.94 1.07 -7.27
N LEU C 26 -24.49 1.83 -6.29
CA LEU C 26 -25.04 3.15 -6.04
C LEU C 26 -24.93 4.03 -7.28
N LEU C 27 -23.84 3.86 -8.00
CA LEU C 27 -23.62 4.63 -9.22
C LEU C 27 -24.69 4.35 -10.27
N THR C 28 -25.21 3.13 -10.30
CA THR C 28 -26.20 2.75 -11.31
C THR C 28 -27.64 2.80 -10.77
N VAL C 29 -27.83 3.29 -9.56
CA VAL C 29 -29.17 3.35 -9.00
C VAL C 29 -29.91 4.60 -9.47
N GLN C 30 -31.22 4.49 -9.63
CA GLN C 30 -32.04 5.61 -10.08
C GLN C 30 -32.36 6.53 -8.90
N LEU C 31 -32.21 7.83 -9.12
CA LEU C 31 -32.46 8.82 -8.08
C LEU C 31 -33.57 9.77 -8.47
N ARG C 32 -34.20 10.38 -7.47
CA ARG C 32 -35.27 11.34 -7.71
C ARG C 32 -34.71 12.55 -8.45
N GLU C 33 -35.56 13.23 -9.22
CA GLU C 33 -35.13 14.39 -9.99
C GLU C 33 -34.85 15.60 -9.09
N GLY C 34 -33.88 16.42 -9.49
CA GLY C 34 -33.51 17.61 -8.73
C GLY C 34 -32.26 17.38 -7.90
N TYR C 35 -31.66 16.21 -8.04
CA TYR C 35 -30.45 15.87 -7.30
C TYR C 35 -29.31 15.52 -8.25
N GLY C 36 -28.09 15.71 -7.76
CA GLY C 36 -26.91 15.43 -8.58
C GLY C 36 -26.42 13.99 -8.39
N ARG C 37 -25.39 13.65 -9.15
CA ARG C 37 -24.78 12.33 -9.11
C ARG C 37 -23.36 12.46 -8.58
N ILE C 38 -22.89 11.49 -7.81
CA ILE C 38 -21.55 11.59 -7.23
C ILE C 38 -20.48 11.16 -8.24
N PRO C 39 -19.44 11.96 -8.39
CA PRO C 39 -18.32 11.66 -9.34
C PRO C 39 -17.78 10.26 -9.16
N ARG C 40 -17.57 9.56 -10.26
CA ARG C 40 -17.07 8.20 -10.22
C ARG C 40 -15.67 8.12 -9.60
N GLY C 41 -14.77 8.99 -10.04
CA GLY C 41 -13.39 8.97 -9.56
C GLY C 41 -13.28 9.04 -8.04
N ALA C 42 -14.02 9.94 -7.41
CA ALA C 42 -13.94 10.09 -5.96
C ALA C 42 -14.45 8.84 -5.23
N LEU C 43 -15.58 8.32 -5.67
CA LEU C 43 -16.18 7.15 -5.04
C LEU C 43 -15.25 5.95 -4.99
N LEU C 44 -14.49 5.72 -6.05
CA LEU C 44 -13.61 4.54 -6.12
C LEU C 44 -12.56 4.50 -5.02
N GLN C 45 -12.06 5.66 -4.57
CA GLN C 45 -11.01 5.68 -3.54
C GLN C 45 -11.52 6.09 -2.15
N MET C 46 -12.82 6.32 -2.00
CA MET C 46 -13.36 6.76 -0.70
C MET C 46 -13.39 5.67 0.36
N ASP C 47 -13.47 6.12 1.61
CA ASP C 47 -13.52 5.22 2.77
C ASP C 47 -14.95 5.17 3.31
N ALA C 48 -15.24 4.15 4.12
CA ALA C 48 -16.58 3.99 4.69
C ALA C 48 -16.99 5.20 5.52
N ILE C 49 -16.11 5.69 6.39
CA ILE C 49 -16.46 6.85 7.22
C ILE C 49 -16.70 8.08 6.35
N ASP C 50 -15.75 8.33 5.45
CA ASP C 50 -15.84 9.47 4.55
C ASP C 50 -17.13 9.41 3.72
N LEU C 51 -17.43 8.22 3.27
CA LEU C 51 -18.61 7.98 2.45
C LEU C 51 -19.85 8.44 3.20
N THR C 52 -19.83 8.30 4.52
CA THR C 52 -20.96 8.69 5.34
C THR C 52 -21.22 10.19 5.27
N ASP C 53 -20.20 10.98 5.53
CA ASP C 53 -20.34 12.43 5.51
C ASP C 53 -20.79 12.95 4.16
N LYS C 54 -20.20 12.43 3.09
CA LYS C 54 -20.55 12.88 1.77
C LYS C 54 -21.94 12.41 1.34
N LEU C 55 -22.29 11.19 1.70
CA LEU C 55 -23.58 10.65 1.30
C LEU C 55 -24.71 11.59 1.72
N VAL C 56 -24.72 12.00 2.98
CA VAL C 56 -25.76 12.89 3.43
C VAL C 56 -25.59 14.28 2.81
N SER C 57 -24.37 14.67 2.53
CA SER C 57 -24.10 16.00 1.97
C SER C 57 -24.89 16.28 0.70
N TYR C 58 -24.97 15.31 -0.19
CA TYR C 58 -25.71 15.50 -1.45
C TYR C 58 -27.22 15.38 -1.27
N TYR C 59 -27.66 14.49 -0.39
CA TYR C 59 -29.09 14.29 -0.18
C TYR C 59 -29.50 14.68 1.23
N LEU C 60 -30.68 15.29 1.35
CA LEU C 60 -31.17 15.70 2.65
C LEU C 60 -31.26 14.49 3.57
N GLU C 61 -31.23 14.74 4.87
CA GLU C 61 -31.29 13.65 5.85
C GLU C 61 -32.53 12.79 5.68
N SER C 62 -33.69 13.42 5.54
CA SER C 62 -34.93 12.67 5.41
C SER C 62 -34.93 11.81 4.15
N TYR C 63 -34.74 12.45 3.00
CA TYR C 63 -34.72 11.72 1.74
C TYR C 63 -33.48 10.85 1.62
N GLY C 64 -32.36 11.36 2.12
CA GLY C 64 -31.10 10.62 2.05
C GLY C 64 -31.17 9.32 2.83
N LEU C 65 -31.79 9.36 4.01
CA LEU C 65 -31.88 8.16 4.84
C LEU C 65 -32.67 7.05 4.15
N GLU C 66 -33.79 7.42 3.53
CA GLU C 66 -34.63 6.44 2.84
C GLU C 66 -33.91 5.86 1.62
N LEU C 67 -33.13 6.69 0.94
CA LEU C 67 -32.42 6.25 -0.26
C LEU C 67 -31.48 5.10 0.04
N THR C 68 -30.84 5.13 1.21
CA THR C 68 -29.92 4.07 1.57
C THR C 68 -30.64 2.72 1.61
N MET C 69 -31.78 2.70 2.30
CA MET C 69 -32.55 1.47 2.44
C MET C 69 -32.88 0.86 1.11
N THR C 70 -33.28 1.68 0.17
CA THR C 70 -33.66 1.19 -1.14
C THR C 70 -32.53 0.36 -1.75
N VAL C 71 -31.29 0.83 -1.58
CA VAL C 71 -30.14 0.12 -2.11
C VAL C 71 -29.79 -1.13 -1.29
N LEU C 72 -29.92 -1.04 0.04
CA LEU C 72 -29.60 -2.18 0.89
C LEU C 72 -30.47 -3.38 0.55
N ARG C 73 -31.76 -3.17 0.42
CA ARG C 73 -32.60 -4.28 0.08
C ARG C 73 -32.23 -4.78 -1.30
N ASP C 74 -31.94 -3.88 -2.23
CA ASP C 74 -31.65 -4.27 -3.60
C ASP C 74 -30.57 -5.38 -3.66
N MET C 75 -29.53 -5.24 -2.84
CA MET C 75 -28.45 -6.24 -2.80
C MET C 75 -28.96 -7.50 -2.13
N GLY C 76 -30.25 -7.47 -1.78
CA GLY C 76 -30.89 -8.57 -1.09
C GLY C 76 -31.39 -8.08 0.26
N LEU C 77 -32.37 -8.76 0.83
CA LEU C 77 -32.89 -8.33 2.13
C LEU C 77 -31.89 -8.64 3.22
N GLN C 78 -31.47 -7.60 3.92
CA GLN C 78 -30.50 -7.75 4.99
C GLN C 78 -31.16 -7.40 6.32
N GLU C 79 -30.66 -8.00 7.39
CA GLU C 79 -31.20 -7.69 8.69
C GLU C 79 -30.99 -6.20 8.95
N LEU C 80 -29.94 -5.67 8.32
CA LEU C 80 -29.59 -4.26 8.47
C LEU C 80 -30.71 -3.36 7.99
N ALA C 81 -31.27 -3.65 6.83
CA ALA C 81 -32.35 -2.83 6.30
C ALA C 81 -33.44 -2.66 7.33
N GLU C 82 -33.81 -3.76 7.98
CA GLU C 82 -34.84 -3.70 9.00
C GLU C 82 -34.34 -2.94 10.21
N GLN C 83 -33.12 -3.25 10.65
CA GLN C 83 -32.56 -2.59 11.82
C GLN C 83 -32.50 -1.09 11.62
N LEU C 84 -32.05 -0.68 10.44
CA LEU C 84 -31.95 0.73 10.13
C LEU C 84 -33.33 1.38 10.08
N GLN C 85 -34.30 0.67 9.53
CA GLN C 85 -35.65 1.21 9.42
C GLN C 85 -36.17 1.64 10.79
N THR C 86 -35.85 0.85 11.81
CA THR C 86 -36.30 1.17 13.16
C THR C 86 -35.90 2.58 13.52
N THR C 87 -34.76 3.03 13.01
CA THR C 87 -34.27 4.38 13.27
C THR C 87 -35.25 5.42 12.74
N LYS C 88 -35.92 5.10 11.64
CA LYS C 88 -36.86 6.03 11.03
C LYS C 88 -37.88 6.51 12.06
N GLU C 89 -38.37 5.59 12.88
CA GLU C 89 -39.33 5.92 13.92
C GLU C 89 -38.64 6.75 15.01
N GLY D 1 -2.82 25.92 32.51
CA GLY D 1 -3.77 24.93 33.00
C GLY D 1 -3.31 23.51 32.64
N ARG D 2 -3.16 22.69 33.67
CA ARG D 2 -2.73 21.31 33.47
C ARG D 2 -3.71 20.56 32.58
N ALA D 3 -4.93 21.07 32.48
CA ALA D 3 -5.96 20.45 31.66
C ALA D 3 -5.49 20.19 30.23
N ARG D 4 -4.83 21.17 29.62
CA ARG D 4 -4.35 21.01 28.26
C ARG D 4 -3.41 19.81 28.15
N ASP D 5 -2.49 19.72 29.10
CA ASP D 5 -1.51 18.64 29.10
C ASP D 5 -2.16 17.27 29.24
N ALA D 6 -3.19 17.18 30.06
CA ALA D 6 -3.85 15.90 30.27
C ALA D 6 -4.50 15.39 28.99
N ILE D 7 -5.32 16.22 28.38
CA ILE D 7 -5.99 15.82 27.16
C ILE D 7 -4.99 15.43 26.10
N LEU D 8 -3.99 16.27 25.91
CA LEU D 8 -2.97 16.01 24.92
C LEU D 8 -2.40 14.60 25.05
N ASP D 9 -1.97 14.26 26.25
CA ASP D 9 -1.35 12.94 26.47
C ASP D 9 -2.30 11.79 26.11
N ALA D 10 -3.54 11.87 26.55
CA ALA D 10 -4.50 10.80 26.28
C ALA D 10 -4.97 10.77 24.82
N LEU D 11 -5.17 11.93 24.23
CA LEU D 11 -5.65 11.98 22.85
C LEU D 11 -4.65 11.37 21.87
N GLU D 12 -3.36 11.59 22.12
CA GLU D 12 -2.29 11.09 21.26
C GLU D 12 -2.19 9.55 21.25
N ASN D 13 -2.83 8.88 22.21
CA ASN D 13 -2.76 7.41 22.27
C ASN D 13 -3.80 6.73 21.36
N LEU D 14 -4.44 7.50 20.49
CA LEU D 14 -5.43 6.92 19.56
C LEU D 14 -4.76 6.58 18.24
N SER D 15 -5.24 5.52 17.59
CA SER D 15 -4.68 5.12 16.31
C SER D 15 -5.09 6.11 15.23
N GLY D 16 -4.41 6.04 14.09
CA GLY D 16 -4.68 6.96 13.00
C GLY D 16 -6.13 6.92 12.50
N ASP D 17 -6.70 5.73 12.37
CA ASP D 17 -8.07 5.61 11.86
C ASP D 17 -9.13 6.13 12.84
N GLU D 18 -9.05 5.70 14.10
CA GLU D 18 -10.04 6.13 15.08
C GLU D 18 -10.06 7.64 15.18
N LEU D 19 -8.88 8.23 15.02
CA LEU D 19 -8.78 9.68 15.08
C LEU D 19 -9.77 10.31 14.11
N LYS D 20 -9.82 9.79 12.90
CA LYS D 20 -10.73 10.32 11.92
C LYS D 20 -12.15 10.22 12.41
N LYS D 21 -12.48 9.09 13.00
CA LYS D 21 -13.81 8.87 13.52
C LYS D 21 -14.14 9.85 14.61
N PHE D 22 -13.15 10.13 15.44
CA PHE D 22 -13.36 11.05 16.55
C PHE D 22 -13.63 12.46 16.04
N LYS D 23 -12.73 12.98 15.21
CA LYS D 23 -12.88 14.33 14.68
C LYS D 23 -14.20 14.49 13.95
N MET D 24 -14.49 13.56 13.05
CA MET D 24 -15.73 13.62 12.27
C MET D 24 -16.96 13.57 13.16
N LYS D 25 -16.96 12.69 14.16
CA LYS D 25 -18.13 12.57 15.04
C LYS D 25 -18.35 13.84 15.84
N LEU D 26 -17.26 14.50 16.19
CA LEU D 26 -17.32 15.73 16.97
C LEU D 26 -18.20 16.76 16.27
N LEU D 27 -18.12 16.79 14.96
CA LEU D 27 -18.90 17.72 14.17
C LEU D 27 -20.41 17.50 14.34
N THR D 28 -20.80 16.25 14.55
CA THR D 28 -22.23 15.91 14.68
C THR D 28 -22.68 15.77 16.13
N VAL D 29 -21.81 16.08 17.08
CA VAL D 29 -22.17 15.94 18.49
C VAL D 29 -22.93 17.17 18.97
N GLN D 30 -23.87 16.96 19.90
CA GLN D 30 -24.66 18.07 20.44
C GLN D 30 -23.88 18.78 21.53
N LEU D 31 -23.89 20.11 21.48
CA LEU D 31 -23.18 20.93 22.45
C LEU D 31 -24.12 21.82 23.24
N ARG D 32 -23.68 22.23 24.42
CA ARG D 32 -24.48 23.11 25.26
C ARG D 32 -24.66 24.46 24.56
N GLU D 33 -25.75 25.15 24.88
CA GLU D 33 -26.04 26.45 24.26
C GLU D 33 -25.08 27.53 24.76
N GLY D 34 -24.77 28.49 23.87
CA GLY D 34 -23.89 29.60 24.22
C GLY D 34 -22.48 29.38 23.69
N TYR D 35 -22.28 28.29 22.95
CA TYR D 35 -20.98 27.96 22.39
C TYR D 35 -21.05 27.85 20.88
N GLY D 36 -19.91 28.08 20.23
CA GLY D 36 -19.86 28.01 18.78
C GLY D 36 -19.48 26.61 18.28
N ARG D 37 -19.47 26.46 16.96
CA ARG D 37 -19.13 25.21 16.31
C ARG D 37 -17.85 25.40 15.52
N ILE D 38 -17.00 24.38 15.46
CA ILE D 38 -15.72 24.52 14.77
C ILE D 38 -15.88 24.33 13.27
N PRO D 39 -15.33 25.24 12.47
CA PRO D 39 -15.42 25.16 10.97
C PRO D 39 -15.01 23.80 10.45
N ARG D 40 -15.80 23.27 9.53
CA ARG D 40 -15.52 21.97 8.96
C ARG D 40 -14.19 21.93 8.21
N GLY D 41 -13.94 22.92 7.36
CA GLY D 41 -12.72 22.97 6.57
C GLY D 41 -11.44 22.85 7.39
N ALA D 42 -11.35 23.58 8.48
CA ALA D 42 -10.15 23.54 9.32
C ALA D 42 -9.95 22.18 9.96
N LEU D 43 -11.02 21.62 10.51
CA LEU D 43 -10.93 20.33 11.19
C LEU D 43 -10.39 19.21 10.30
N LEU D 44 -10.78 19.20 9.04
CA LEU D 44 -10.36 18.13 8.13
C LEU D 44 -8.85 18.03 7.95
N GLN D 45 -8.14 19.16 7.99
CA GLN D 45 -6.68 19.13 7.79
C GLN D 45 -5.86 19.31 9.07
N MET D 46 -6.53 19.40 10.22
CA MET D 46 -5.81 19.63 11.49
C MET D 46 -5.04 18.40 11.98
N ASP D 47 -4.08 18.67 12.86
CA ASP D 47 -3.24 17.64 13.46
C ASP D 47 -3.68 17.37 14.90
N ALA D 48 -3.26 16.25 15.46
CA ALA D 48 -3.64 15.89 16.82
C ALA D 48 -3.17 16.94 17.84
N ILE D 49 -1.92 17.39 17.74
CA ILE D 49 -1.43 18.40 18.68
C ILE D 49 -2.20 19.70 18.53
N ASP D 50 -2.32 20.15 17.29
CA ASP D 50 -3.03 21.39 16.99
C ASP D 50 -4.46 21.32 17.51
N LEU D 51 -5.07 20.18 17.28
CA LEU D 51 -6.44 19.95 17.70
C LEU D 51 -6.58 20.19 19.20
N THR D 52 -5.53 19.87 19.93
CA THR D 52 -5.56 20.05 21.38
C THR D 52 -5.70 21.52 21.77
N ASP D 53 -4.83 22.36 21.23
CA ASP D 53 -4.85 23.78 21.56
C ASP D 53 -6.18 24.43 21.18
N LYS D 54 -6.69 24.11 20.01
CA LYS D 54 -7.93 24.70 19.55
C LYS D 54 -9.12 24.18 20.33
N LEU D 55 -9.12 22.88 20.62
CA LEU D 55 -10.25 22.29 21.33
C LEU D 55 -10.56 23.07 22.61
N VAL D 56 -9.55 23.29 23.43
CA VAL D 56 -9.77 24.03 24.66
C VAL D 56 -10.10 25.49 24.37
N SER D 57 -9.54 26.03 23.28
CA SER D 57 -9.76 27.44 22.94
C SER D 57 -11.24 27.81 22.85
N TYR D 58 -12.05 26.96 22.23
CA TYR D 58 -13.47 27.25 22.09
C TYR D 58 -14.26 26.97 23.38
N TYR D 59 -13.87 25.95 24.11
CA TYR D 59 -14.59 25.58 25.33
C TYR D 59 -13.71 25.76 26.56
N LEU D 60 -14.30 26.23 27.64
CA LEU D 60 -13.55 26.42 28.87
C LEU D 60 -12.94 25.09 29.32
N GLU D 61 -11.88 25.17 30.10
CA GLU D 61 -11.19 23.97 30.55
C GLU D 61 -12.13 23.03 31.31
N SER D 62 -12.90 23.57 32.24
CA SER D 62 -13.81 22.74 33.03
C SER D 62 -14.85 22.05 32.15
N TYR D 63 -15.60 22.84 31.41
CA TYR D 63 -16.63 22.30 30.53
C TYR D 63 -16.01 21.56 29.35
N GLY D 64 -14.91 22.10 28.84
CA GLY D 64 -14.24 21.49 27.70
C GLY D 64 -13.72 20.09 28.02
N LEU D 65 -13.17 19.93 29.21
CA LEU D 65 -12.63 18.63 29.61
C LEU D 65 -13.72 17.56 29.65
N GLU D 66 -14.86 17.90 30.22
CA GLU D 66 -15.98 16.95 30.30
C GLU D 66 -16.53 16.60 28.93
N LEU D 67 -16.56 17.58 28.04
CA LEU D 67 -17.10 17.37 26.69
C LEU D 67 -16.34 16.26 25.95
N THR D 68 -15.03 16.20 26.16
CA THR D 68 -14.24 15.19 25.49
C THR D 68 -14.70 13.80 25.89
N MET D 69 -14.86 13.58 27.19
CA MET D 69 -15.28 12.28 27.69
C MET D 69 -16.56 11.81 27.07
N THR D 70 -17.52 12.72 26.95
CA THR D 70 -18.80 12.38 26.39
C THR D 70 -18.64 11.74 25.01
N VAL D 71 -17.72 12.28 24.21
CA VAL D 71 -17.49 11.75 22.87
C VAL D 71 -16.68 10.45 22.91
N LEU D 72 -15.70 10.35 23.81
CA LEU D 72 -14.89 9.14 23.89
C LEU D 72 -15.76 7.92 24.19
N ARG D 73 -16.64 8.03 25.17
CA ARG D 73 -17.47 6.92 25.45
C ARG D 73 -18.36 6.62 24.26
N ASP D 74 -18.87 7.67 23.62
CA ASP D 74 -19.80 7.48 22.50
C ASP D 74 -19.25 6.51 21.46
N MET D 75 -17.95 6.62 21.14
CA MET D 75 -17.33 5.72 20.17
C MET D 75 -17.16 4.35 20.79
N GLY D 76 -17.67 4.22 22.00
CA GLY D 76 -17.57 2.98 22.77
C GLY D 76 -16.78 3.24 24.04
N LEU D 77 -16.95 2.40 25.05
CA LEU D 77 -16.23 2.60 26.29
C LEU D 77 -14.77 2.26 26.11
N GLN D 78 -13.91 3.22 26.36
CA GLN D 78 -12.48 3.02 26.21
C GLN D 78 -11.81 3.13 27.57
N GLU D 79 -10.70 2.45 27.74
CA GLU D 79 -9.98 2.53 28.98
C GLU D 79 -9.57 3.98 29.19
N LEU D 80 -9.39 4.68 28.07
CA LEU D 80 -9.00 6.09 28.08
C LEU D 80 -10.01 6.95 28.83
N ALA D 81 -11.29 6.76 28.53
CA ALA D 81 -12.32 7.55 29.19
C ALA D 81 -12.15 7.48 30.69
N GLU D 82 -11.93 6.28 31.20
CA GLU D 82 -11.75 6.11 32.64
C GLU D 82 -10.44 6.74 33.08
N GLN D 83 -9.36 6.49 32.33
CA GLN D 83 -8.06 7.04 32.69
C GLN D 83 -8.11 8.55 32.74
N LEU D 84 -8.75 9.15 31.76
CA LEU D 84 -8.86 10.59 31.70
C LEU D 84 -9.71 11.11 32.85
N GLN D 85 -10.78 10.40 33.18
CA GLN D 85 -11.66 10.83 34.27
C GLN D 85 -10.86 11.01 35.56
N THR D 86 -9.90 10.14 35.80
CA THR D 86 -9.09 10.23 37.00
C THR D 86 -8.49 11.62 37.12
N THR D 87 -8.18 12.23 35.98
CA THR D 87 -7.60 13.57 35.95
C THR D 87 -8.57 14.58 36.56
N LYS D 88 -9.87 14.35 36.38
CA LYS D 88 -10.88 15.26 36.91
C LYS D 88 -10.65 15.51 38.39
N GLU D 89 -10.35 14.45 39.13
CA GLU D 89 -10.09 14.57 40.55
C GLU D 89 -8.78 15.29 40.79
N GLY E 1 27.89 35.14 25.92
CA GLY E 1 27.65 34.01 26.81
C GLY E 1 27.58 32.70 26.02
N ARG E 2 28.44 31.77 26.38
CA ARG E 2 28.47 30.48 25.71
C ARG E 2 27.13 29.76 25.83
N ALA E 3 26.34 30.18 26.81
CA ALA E 3 25.03 29.56 27.05
C ALA E 3 24.17 29.55 25.78
N ARG E 4 24.15 30.65 25.06
CA ARG E 4 23.34 30.72 23.84
C ARG E 4 23.77 29.64 22.85
N ASP E 5 25.08 29.51 22.67
CA ASP E 5 25.62 28.53 21.74
C ASP E 5 25.26 27.10 22.12
N ALA E 6 25.29 26.81 23.40
CA ALA E 6 24.99 25.45 23.85
C ALA E 6 23.55 25.06 23.53
N ILE E 7 22.61 25.89 23.94
CA ILE E 7 21.21 25.61 23.68
C ILE E 7 20.96 25.44 22.19
N LEU E 8 21.46 26.39 21.43
CA LEU E 8 21.28 26.36 19.99
C LEU E 8 21.67 25.02 19.41
N ASP E 9 22.86 24.55 19.72
CA ASP E 9 23.34 23.28 19.17
C ASP E 9 22.43 22.10 19.52
N ALA E 10 22.02 22.01 20.78
CA ALA E 10 21.18 20.90 21.21
C ALA E 10 19.73 21.02 20.70
N LEU E 11 19.19 22.22 20.69
CA LEU E 11 17.81 22.41 20.26
C LEU E 11 17.61 22.03 18.79
N GLU E 12 18.61 22.34 17.97
CA GLU E 12 18.55 22.05 16.52
C GLU E 12 18.52 20.55 16.20
N ASN E 13 18.86 19.69 17.17
CA ASN E 13 18.87 18.24 16.93
C ASN E 13 17.49 17.60 17.09
N LEU E 14 16.45 18.42 17.21
CA LEU E 14 15.10 17.88 17.35
C LEU E 14 14.42 17.78 15.98
N SER E 15 13.58 16.78 15.81
CA SER E 15 12.88 16.60 14.54
C SER E 15 11.83 17.69 14.38
N GLY E 16 11.33 17.84 13.16
CA GLY E 16 10.33 18.87 12.85
C GLY E 16 9.06 18.75 13.70
N ASP E 17 8.55 17.55 13.88
CA ASP E 17 7.31 17.37 14.65
C ASP E 17 7.48 17.65 16.14
N GLU E 18 8.49 17.07 16.77
CA GLU E 18 8.70 17.27 18.20
C GLU E 18 8.84 18.75 18.51
N LEU E 19 9.46 19.46 17.58
CA LEU E 19 9.64 20.89 17.75
C LEU E 19 8.31 21.55 18.06
N LYS E 20 7.29 21.19 17.29
CA LYS E 20 5.97 21.76 17.51
C LYS E 20 5.51 21.46 18.92
N LYS E 21 5.72 20.23 19.35
CA LYS E 21 5.30 19.83 20.68
C LYS E 21 6.02 20.62 21.73
N PHE E 22 7.30 20.88 21.49
CA PHE E 22 8.09 21.62 22.45
C PHE E 22 7.59 23.04 22.58
N LYS E 23 7.51 23.76 21.45
CA LYS E 23 7.06 25.15 21.47
C LYS E 23 5.69 25.29 22.11
N MET E 24 4.76 24.46 21.67
CA MET E 24 3.40 24.51 22.18
C MET E 24 3.35 24.23 23.68
N LYS E 25 4.09 23.23 24.13
CA LYS E 25 4.07 22.88 25.55
C LYS E 25 4.64 24.00 26.40
N LEU E 26 5.61 24.72 25.84
CA LEU E 26 6.25 25.81 26.55
C LEU E 26 5.22 26.84 26.99
N LEU E 27 4.23 27.05 26.15
CA LEU E 27 3.17 28.01 26.45
C LEU E 27 2.39 27.63 27.70
N THR E 28 2.24 26.33 27.95
CA THR E 28 1.46 25.85 29.10
C THR E 28 2.33 25.47 30.29
N VAL E 29 3.63 25.72 30.22
CA VAL E 29 4.52 25.37 31.32
C VAL E 29 4.50 26.45 32.39
N GLN E 30 4.66 26.04 33.65
CA GLN E 30 4.66 26.97 34.77
C GLN E 30 6.04 27.60 34.92
N LEU E 31 6.05 28.93 35.10
CA LEU E 31 7.30 29.68 35.23
C LEU E 31 7.40 30.36 36.59
N ARG E 32 8.62 30.64 37.00
CA ARG E 32 8.86 31.33 38.26
C ARG E 32 8.25 32.74 38.21
N GLU E 33 7.88 33.28 39.36
CA GLU E 33 7.28 34.60 39.41
C GLU E 33 8.30 35.71 39.13
N GLY E 34 7.84 36.79 38.51
CA GLY E 34 8.70 37.93 38.19
C GLY E 34 9.14 37.91 36.72
N TYR E 35 8.61 36.94 35.97
CA TYR E 35 8.95 36.82 34.55
C TYR E 35 7.70 36.90 33.68
N GLY E 36 7.88 37.32 32.44
CA GLY E 36 6.76 37.45 31.52
C GLY E 36 6.52 36.18 30.72
N ARG E 37 5.48 36.21 29.91
CA ARG E 37 5.10 35.09 29.05
C ARG E 37 5.26 35.50 27.59
N ILE E 38 5.69 34.58 26.74
CA ILE E 38 5.92 34.94 25.35
C ILE E 38 4.62 34.92 24.54
N PRO E 39 4.37 35.97 23.78
CA PRO E 39 3.13 36.09 22.95
C PRO E 39 2.88 34.86 22.10
N ARG E 40 1.65 34.39 22.09
CA ARG E 40 1.30 33.20 21.33
C ARG E 40 1.52 33.39 19.83
N GLY E 41 1.05 34.50 19.29
CA GLY E 41 1.16 34.77 17.86
C GLY E 41 2.58 34.65 17.32
N ALA E 42 3.54 35.24 18.02
CA ALA E 42 4.92 35.21 17.55
C ALA E 42 5.49 33.80 17.56
N LEU E 43 5.25 33.07 18.64
CA LEU E 43 5.77 31.72 18.79
C LEU E 43 5.34 30.78 17.65
N LEU E 44 4.10 30.90 17.21
CA LEU E 44 3.59 30.01 16.18
C LEU E 44 4.36 30.07 14.86
N GLN E 45 4.88 31.24 14.49
CA GLN E 45 5.60 31.38 13.21
C GLN E 45 7.13 31.47 13.37
N MET E 46 7.64 31.33 14.58
CA MET E 46 9.09 31.45 14.82
C MET E 46 9.88 30.25 14.31
N ASP E 47 11.19 30.49 14.12
CA ASP E 47 12.12 29.46 13.65
C ASP E 47 12.98 28.97 14.81
N ALA E 48 13.62 27.83 14.64
CA ALA E 48 14.45 27.26 15.70
C ALA E 48 15.59 28.21 16.10
N ILE E 49 16.29 28.78 15.12
CA ILE E 49 17.39 29.69 15.44
C ILE E 49 16.86 30.92 16.15
N ASP E 50 15.83 31.52 15.58
CA ASP E 50 15.23 32.72 16.16
C ASP E 50 14.76 32.45 17.59
N LEU E 51 14.15 31.29 17.76
CA LEU E 51 13.65 30.89 19.05
C LEU E 51 14.75 30.92 20.09
N THR E 52 15.97 30.61 19.66
CA THR E 52 17.11 30.58 20.56
C THR E 52 17.40 31.97 21.13
N ASP E 53 17.55 32.95 20.25
CA ASP E 53 17.87 34.30 20.69
C ASP E 53 16.79 34.87 21.60
N LYS E 54 15.53 34.67 21.26
CA LYS E 54 14.45 35.20 22.07
C LYS E 54 14.32 34.46 23.38
N LEU E 55 14.49 33.15 23.36
CA LEU E 55 14.33 32.36 24.58
C LEU E 55 15.20 32.93 25.71
N VAL E 56 16.47 33.13 25.43
CA VAL E 56 17.34 33.68 26.45
C VAL E 56 16.98 35.13 26.76
N SER E 57 16.49 35.85 25.76
CA SER E 57 16.16 37.27 25.94
C SER E 57 15.21 37.51 27.11
N TYR E 58 14.20 36.67 27.25
CA TYR E 58 13.22 36.85 28.34
C TYR E 58 13.75 36.34 29.68
N TYR E 59 14.52 35.26 29.66
CA TYR E 59 15.03 34.68 30.89
C TYR E 59 16.55 34.76 30.95
N LEU E 60 17.08 35.02 32.13
CA LEU E 60 18.52 35.13 32.30
C LEU E 60 19.17 33.82 31.88
N GLU E 61 20.45 33.88 31.52
CA GLU E 61 21.16 32.70 31.07
C GLU E 61 21.14 31.59 32.11
N SER E 62 21.43 31.92 33.36
CA SER E 62 21.47 30.91 34.41
C SER E 62 20.11 30.26 34.60
N TYR E 63 19.10 31.07 34.88
CA TYR E 63 17.75 30.55 35.09
C TYR E 63 17.15 30.04 33.78
N GLY E 64 17.44 30.73 32.69
CA GLY E 64 16.92 30.35 31.39
C GLY E 64 17.42 28.99 30.96
N LEU E 65 18.69 28.71 31.20
CA LEU E 65 19.27 27.43 30.81
C LEU E 65 18.59 26.26 31.53
N GLU E 66 18.36 26.42 32.82
CA GLU E 66 17.71 25.37 33.61
C GLU E 66 16.26 25.14 33.17
N LEU E 67 15.58 26.23 32.81
CA LEU E 67 14.18 26.16 32.42
C LEU E 67 14.00 25.23 31.20
N THR E 68 14.96 25.27 30.29
CA THR E 68 14.85 24.43 29.10
C THR E 68 14.81 22.96 29.49
N MET E 69 15.74 22.55 30.35
CA MET E 69 15.82 21.17 30.78
C MET E 69 14.52 20.67 31.35
N THR E 70 13.90 21.50 32.17
CA THR E 70 12.65 21.11 32.80
C THR E 70 11.63 20.68 31.76
N VAL E 71 11.58 21.41 30.64
CA VAL E 71 10.63 21.09 29.58
C VAL E 71 11.09 19.88 28.76
N LEU E 72 12.38 19.75 28.50
CA LEU E 72 12.89 18.61 27.73
C LEU E 72 12.54 17.30 28.41
N ARG E 73 12.79 17.20 29.70
CA ARG E 73 12.45 15.97 30.35
C ARG E 73 10.95 15.75 30.31
N ASP E 74 10.19 16.83 30.48
CA ASP E 74 8.72 16.71 30.52
C ASP E 74 8.18 15.93 29.32
N MET E 75 8.73 16.20 28.13
CA MET E 75 8.29 15.51 26.92
C MET E 75 8.81 14.08 26.94
N GLY E 76 9.46 13.75 28.04
CA GLY E 76 10.06 12.44 28.22
C GLY E 76 11.56 12.60 28.40
N LEU E 77 12.21 11.63 29.01
CA LEU E 77 13.65 11.73 29.21
C LEU E 77 14.37 11.53 27.90
N GLN E 78 15.14 12.54 27.51
CA GLN E 78 15.89 12.49 26.27
C GLN E 78 17.38 12.48 26.56
N GLU E 79 18.15 11.90 25.67
CA GLU E 79 19.57 11.87 25.86
C GLU E 79 20.06 13.32 25.88
N LEU E 80 19.32 14.17 25.19
CA LEU E 80 19.64 15.60 25.11
C LEU E 80 19.66 16.25 26.48
N ALA E 81 18.63 15.98 27.27
CA ALA E 81 18.57 16.57 28.61
C ALA E 81 19.85 16.32 29.36
N GLU E 82 20.33 15.09 29.30
CA GLU E 82 21.57 14.75 29.97
C GLU E 82 22.76 15.43 29.31
N GLN E 83 22.80 15.38 27.98
CA GLN E 83 23.90 16.00 27.24
C GLN E 83 23.99 17.48 27.55
N LEU E 84 22.85 18.14 27.56
CA LEU E 84 22.81 19.56 27.84
C LEU E 84 23.24 19.85 29.28
N GLN E 85 22.82 19.00 30.20
CA GLN E 85 23.17 19.20 31.61
C GLN E 85 24.67 19.28 31.78
N THR E 86 25.41 18.48 31.02
CA THR E 86 26.86 18.48 31.11
C THR E 86 27.38 19.90 30.92
N THR E 87 26.70 20.67 30.10
CA THR E 87 27.10 22.05 29.83
C THR E 87 27.04 22.88 31.11
N LYS E 88 26.10 22.56 32.00
CA LYS E 88 25.95 23.30 33.25
C LYS E 88 27.27 23.36 34.00
N GLU E 89 27.99 22.24 34.03
CA GLU E 89 29.29 22.19 34.69
C GLU E 89 30.31 23.00 33.90
N GLY F 1 26.48 -22.54 12.50
CA GLY F 1 26.63 -23.73 13.31
C GLY F 1 26.23 -24.98 12.52
N ARG F 2 27.15 -25.92 12.40
CA ARG F 2 26.89 -27.16 11.69
C ARG F 2 25.73 -27.92 12.32
N ALA F 3 25.44 -27.60 13.58
CA ALA F 3 24.36 -28.26 14.31
C ALA F 3 23.03 -28.20 13.54
N ARG F 4 22.70 -27.05 12.99
CA ARG F 4 21.45 -26.92 12.26
C ARG F 4 21.39 -27.91 11.10
N ASP F 5 22.49 -27.99 10.35
CA ASP F 5 22.56 -28.88 9.20
C ASP F 5 22.40 -30.35 9.58
N ALA F 6 22.98 -30.73 10.71
CA ALA F 6 22.90 -32.12 11.13
C ALA F 6 21.46 -32.53 11.44
N ILE F 7 20.80 -31.76 12.29
CA ILE F 7 19.42 -32.06 12.64
C ILE F 7 18.55 -32.13 11.39
N LEU F 8 18.67 -31.11 10.57
CA LEU F 8 17.89 -31.03 9.36
C LEU F 8 17.96 -32.33 8.56
N ASP F 9 19.18 -32.78 8.28
CA ASP F 9 19.36 -33.99 7.49
C ASP F 9 18.68 -35.21 8.09
N ALA F 10 18.87 -35.42 9.40
CA ALA F 10 18.28 -36.58 10.06
C ALA F 10 16.76 -36.45 10.24
N LEU F 11 16.28 -35.27 10.56
CA LEU F 11 14.86 -35.09 10.79
C LEU F 11 14.03 -35.36 9.53
N GLU F 12 14.57 -34.97 8.38
CA GLU F 12 13.88 -35.14 7.09
C GLU F 12 13.70 -36.62 6.69
N ASN F 13 14.43 -37.53 7.36
CA ASN F 13 14.33 -38.96 7.02
C ASN F 13 13.15 -39.65 7.71
N LEU F 14 12.27 -38.88 8.33
CA LEU F 14 11.11 -39.47 9.00
C LEU F 14 9.91 -39.48 8.06
N SER F 15 9.06 -40.49 8.19
CA SER F 15 7.88 -40.59 7.35
C SER F 15 6.87 -39.53 7.74
N GLY F 16 5.89 -39.30 6.88
CA GLY F 16 4.87 -38.28 7.12
C GLY F 16 4.10 -38.49 8.42
N ASP F 17 3.71 -39.73 8.71
CA ASP F 17 2.92 -39.99 9.92
C ASP F 17 3.72 -39.81 11.21
N GLU F 18 4.90 -40.41 11.29
CA GLU F 18 5.71 -40.32 12.50
C GLU F 18 5.99 -38.86 12.82
N LEU F 19 6.14 -38.06 11.78
CA LEU F 19 6.39 -36.66 11.96
C LEU F 19 5.33 -36.05 12.88
N LYS F 20 4.08 -36.38 12.60
CA LYS F 20 2.99 -35.86 13.41
C LYS F 20 3.18 -36.27 14.86
N LYS F 21 3.55 -37.52 15.06
CA LYS F 21 3.75 -38.04 16.39
C LYS F 21 4.87 -37.31 17.09
N PHE F 22 5.91 -37.00 16.34
CA PHE F 22 7.04 -36.31 16.91
C PHE F 22 6.66 -34.91 17.36
N LYS F 23 6.11 -34.13 16.44
CA LYS F 23 5.72 -32.75 16.76
C LYS F 23 4.76 -32.70 17.94
N MET F 24 3.72 -33.51 17.89
CA MET F 24 2.72 -33.54 18.94
C MET F 24 3.33 -33.94 20.28
N LYS F 25 4.18 -34.95 20.29
CA LYS F 25 4.78 -35.40 21.54
C LYS F 25 5.68 -34.32 22.15
N LEU F 26 6.31 -33.55 21.28
CA LEU F 26 7.21 -32.48 21.72
C LEU F 26 6.48 -31.52 22.65
N LEU F 27 5.21 -31.28 22.34
CA LEU F 27 4.40 -30.38 23.14
C LEU F 27 4.24 -30.87 24.58
N THR F 28 4.20 -32.19 24.76
CA THR F 28 4.00 -32.77 26.09
C THR F 28 5.31 -33.22 26.75
N VAL F 29 6.44 -32.92 26.14
CA VAL F 29 7.72 -33.33 26.73
C VAL F 29 8.18 -32.33 27.78
N GLN F 30 8.87 -32.83 28.81
CA GLN F 30 9.37 -31.97 29.88
C GLN F 30 10.67 -31.32 29.46
N LEU F 31 10.77 -30.02 29.72
CA LEU F 31 11.96 -29.25 29.36
C LEU F 31 12.65 -28.66 30.59
N ARG F 32 13.92 -28.38 30.45
CA ARG F 32 14.69 -27.78 31.54
C ARG F 32 14.13 -26.39 31.86
N GLU F 33 14.30 -25.95 33.09
CA GLU F 33 13.80 -24.64 33.51
C GLU F 33 14.60 -23.49 32.90
N GLY F 34 13.92 -22.38 32.63
CA GLY F 34 14.57 -21.21 32.05
C GLY F 34 14.32 -21.10 30.55
N TYR F 35 13.51 -22.02 30.02
CA TYR F 35 13.20 -22.03 28.60
C TYR F 35 11.70 -21.92 28.38
N GLY F 36 11.32 -21.40 27.21
CA GLY F 36 9.91 -21.23 26.88
C GLY F 36 9.35 -22.46 26.17
N ARG F 37 8.05 -22.40 25.89
CA ARG F 37 7.32 -23.46 25.20
C ARG F 37 6.84 -22.94 23.86
N ILE F 38 6.85 -23.78 22.83
CA ILE F 38 6.45 -23.31 21.51
C ILE F 38 4.93 -23.30 21.36
N PRO F 39 4.37 -22.20 20.86
CA PRO F 39 2.90 -22.05 20.66
C PRO F 39 2.31 -23.24 19.91
N ARG F 40 1.18 -23.73 20.40
CA ARG F 40 0.53 -24.88 19.78
C ARG F 40 0.07 -24.58 18.35
N GLY F 41 -0.57 -23.43 18.16
CA GLY F 41 -1.10 -23.05 16.84
C GLY F 41 -0.06 -23.09 15.73
N ALA F 42 1.12 -22.53 15.99
CA ALA F 42 2.16 -22.48 14.97
C ALA F 42 2.67 -23.89 14.61
N LEU F 43 2.92 -24.69 15.64
CA LEU F 43 3.44 -26.04 15.43
C LEU F 43 2.55 -26.89 14.53
N LEU F 44 1.24 -26.78 14.68
CA LEU F 44 0.31 -27.61 13.90
C LEU F 44 0.45 -27.42 12.39
N GLN F 45 0.76 -26.22 11.93
CA GLN F 45 0.86 -25.96 10.48
C GLN F 45 2.30 -25.85 9.97
N MET F 46 3.29 -26.06 10.82
CA MET F 46 4.69 -25.92 10.41
C MET F 46 5.18 -27.05 9.51
N ASP F 47 6.27 -26.76 8.79
CA ASP F 47 6.90 -27.73 7.89
C ASP F 47 8.17 -28.28 8.52
N ALA F 48 8.67 -29.39 8.00
CA ALA F 48 9.87 -30.01 8.55
C ALA F 48 11.08 -29.06 8.47
N ILE F 49 11.29 -28.40 7.33
CA ILE F 49 12.43 -27.49 7.22
C ILE F 49 12.27 -26.32 8.19
N ASP F 50 11.10 -25.71 8.18
CA ASP F 50 10.82 -24.58 9.04
C ASP F 50 11.02 -24.97 10.51
N LEU F 51 10.54 -26.15 10.83
CA LEU F 51 10.64 -26.66 12.18
C LEU F 51 12.10 -26.68 12.64
N THR F 52 12.99 -26.93 11.70
CA THR F 52 14.41 -26.98 12.01
C THR F 52 14.93 -25.63 12.50
N ASP F 53 14.69 -24.59 11.72
CA ASP F 53 15.17 -23.27 12.09
C ASP F 53 14.61 -22.79 13.42
N LYS F 54 13.33 -23.01 13.64
CA LYS F 54 12.71 -22.57 14.88
C LYS F 54 13.15 -23.40 16.06
N LEU F 55 13.29 -24.71 15.86
CA LEU F 55 13.67 -25.58 16.97
C LEU F 55 14.94 -25.09 17.64
N VAL F 56 15.97 -24.81 16.86
CA VAL F 56 17.21 -24.33 17.43
C VAL F 56 17.03 -22.91 17.99
N SER F 57 16.16 -22.13 17.36
CA SER F 57 15.94 -20.74 17.77
C SER F 57 15.60 -20.61 19.26
N TYR F 58 14.74 -21.49 19.77
CA TYR F 58 14.34 -21.42 21.17
C TYR F 58 15.40 -22.01 22.11
N TYR F 59 16.07 -23.07 21.66
CA TYR F 59 17.07 -23.73 22.50
C TYR F 59 18.46 -23.60 21.90
N LEU F 60 19.46 -23.41 22.76
CA LEU F 60 20.81 -23.29 22.29
C LEU F 60 21.21 -24.55 21.53
N GLU F 61 22.20 -24.41 20.66
CA GLU F 61 22.64 -25.54 19.84
C GLU F 61 23.07 -26.73 20.70
N SER F 62 23.88 -26.48 21.72
CA SER F 62 24.37 -27.56 22.57
C SER F 62 23.22 -28.27 23.28
N TYR F 63 22.44 -27.51 24.03
CA TYR F 63 21.31 -28.08 24.76
C TYR F 63 20.20 -28.50 23.81
N GLY F 64 20.00 -27.72 22.76
CA GLY F 64 18.95 -28.02 21.79
C GLY F 64 19.19 -29.35 21.08
N LEU F 65 20.45 -29.60 20.72
CA LEU F 65 20.79 -30.84 20.02
C LEU F 65 20.49 -32.06 20.87
N GLU F 66 20.84 -32.01 22.15
CA GLU F 66 20.59 -33.14 23.05
C GLU F 66 19.10 -33.36 23.27
N LEU F 67 18.34 -32.27 23.33
CA LEU F 67 16.91 -32.36 23.56
C LEU F 67 16.21 -33.19 22.49
N THR F 68 16.67 -33.06 21.25
CA THR F 68 16.06 -33.81 20.16
C THR F 68 16.17 -35.31 20.42
N MET F 69 17.38 -35.75 20.76
CA MET F 69 17.63 -37.16 20.99
C MET F 69 16.70 -37.72 22.04
N THR F 70 16.51 -36.99 23.11
CA THR F 70 15.65 -37.46 24.18
C THR F 70 14.27 -37.84 23.66
N VAL F 71 13.75 -37.03 22.74
CA VAL F 71 12.43 -37.30 22.16
C VAL F 71 12.47 -38.44 21.14
N LEU F 72 13.54 -38.50 20.34
CA LEU F 72 13.65 -39.56 19.33
C LEU F 72 13.62 -40.94 19.99
N ARG F 73 14.40 -41.13 21.02
CA ARG F 73 14.37 -42.41 21.67
C ARG F 73 13.00 -42.65 22.26
N ASP F 74 12.39 -41.63 22.83
CA ASP F 74 11.09 -41.79 23.50
C ASP F 74 10.08 -42.48 22.59
N MET F 75 10.05 -42.11 21.31
CA MET F 75 9.12 -42.73 20.35
C MET F 75 9.59 -44.13 20.03
N GLY F 76 10.66 -44.53 20.72
CA GLY F 76 11.27 -45.83 20.52
C GLY F 76 12.69 -45.64 20.03
N LEU F 77 13.54 -46.64 20.22
CA LEU F 77 14.93 -46.52 19.79
C LEU F 77 14.99 -46.59 18.27
N GLN F 78 15.54 -45.54 17.68
CA GLN F 78 15.66 -45.48 16.23
C GLN F 78 17.13 -45.47 15.85
N GLU F 79 17.44 -45.97 14.67
CA GLU F 79 18.80 -45.96 14.22
C GLU F 79 19.26 -44.51 14.15
N LEU F 80 18.29 -43.63 13.90
CA LEU F 80 18.56 -42.20 13.80
C LEU F 80 19.17 -41.65 15.09
N ALA F 81 18.59 -42.00 16.23
CA ALA F 81 19.12 -41.51 17.49
C ALA F 81 20.61 -41.78 17.59
N GLU F 82 21.00 -42.99 17.22
CA GLU F 82 22.42 -43.35 17.27
C GLU F 82 23.19 -42.57 16.21
N GLN F 83 22.65 -42.53 14.99
CA GLN F 83 23.32 -41.83 13.91
C GLN F 83 23.56 -40.37 14.26
N LEU F 84 22.54 -39.75 14.81
CA LEU F 84 22.63 -38.35 15.19
C LEU F 84 23.64 -38.16 16.32
N GLN F 85 23.67 -39.09 17.27
CA GLN F 85 24.58 -38.99 18.39
C GLN F 85 26.02 -38.87 17.90
N THR F 86 26.34 -39.60 16.84
CA THR F 86 27.69 -39.56 16.29
C THR F 86 28.10 -38.12 16.00
N THR F 87 27.11 -37.31 15.62
CA THR F 87 27.38 -35.90 15.32
C THR F 87 27.89 -35.16 16.55
N LYS F 88 27.42 -35.59 17.73
CA LYS F 88 27.84 -34.94 18.98
C LYS F 88 29.36 -34.89 19.08
N GLU F 89 30.01 -36.00 18.71
CA GLU F 89 31.46 -36.06 18.74
C GLU F 89 32.05 -35.17 17.65
N GLY G 1 27.43 -7.39 -16.49
CA GLY G 1 28.10 -8.67 -16.32
C GLY G 1 27.17 -9.83 -16.65
N ARG G 2 27.60 -10.65 -17.59
CA ARG G 2 26.80 -11.81 -18.01
C ARG G 2 26.56 -12.74 -16.83
N ALA G 3 27.40 -12.63 -15.80
CA ALA G 3 27.29 -13.48 -14.63
C ALA G 3 25.88 -13.44 -14.03
N ARG G 4 25.30 -12.25 -13.91
CA ARG G 4 23.96 -12.15 -13.35
C ARG G 4 22.96 -12.98 -14.15
N ASP G 5 23.03 -12.85 -15.46
CA ASP G 5 22.12 -13.57 -16.34
C ASP G 5 22.25 -15.08 -16.22
N ALA G 6 23.47 -15.56 -16.06
CA ALA G 6 23.69 -17.01 -15.96
C ALA G 6 23.04 -17.58 -14.70
N ILE G 7 23.34 -16.98 -13.56
CA ILE G 7 22.77 -17.46 -12.31
C ILE G 7 21.25 -17.43 -12.37
N LEU G 8 20.73 -16.31 -12.81
CA LEU G 8 19.28 -16.15 -12.90
C LEU G 8 18.64 -17.30 -13.64
N ASP G 9 19.14 -17.61 -14.83
CA ASP G 9 18.55 -18.68 -15.63
C ASP G 9 18.56 -20.03 -14.92
N ALA G 10 19.69 -20.38 -14.32
CA ALA G 10 19.81 -21.67 -13.65
C ALA G 10 19.03 -21.72 -12.32
N LEU G 11 19.05 -20.63 -11.57
CA LEU G 11 18.37 -20.61 -10.28
C LEU G 11 16.86 -20.80 -10.42
N GLU G 12 16.30 -20.20 -11.47
CA GLU G 12 14.85 -20.27 -11.73
C GLU G 12 14.35 -21.69 -12.05
N ASN G 13 15.27 -22.62 -12.38
CA ASN G 13 14.87 -23.99 -12.71
C ASN G 13 14.67 -24.87 -11.47
N LEU G 14 14.65 -24.27 -10.29
CA LEU G 14 14.46 -25.05 -9.06
C LEU G 14 12.98 -25.04 -8.69
N SER G 15 12.52 -26.14 -8.09
CA SER G 15 11.12 -26.23 -7.68
C SER G 15 10.87 -25.32 -6.48
N GLY G 16 9.61 -25.07 -6.19
CA GLY G 16 9.22 -24.19 -5.09
C GLY G 16 9.78 -24.65 -3.73
N ASP G 17 9.71 -25.93 -3.44
CA ASP G 17 10.18 -26.44 -2.14
C ASP G 17 11.69 -26.36 -1.98
N GLU G 18 12.44 -26.86 -2.97
CA GLU G 18 13.90 -26.85 -2.86
C GLU G 18 14.39 -25.43 -2.66
N LEU G 19 13.70 -24.48 -3.27
CA LEU G 19 14.08 -23.09 -3.14
C LEU G 19 14.18 -22.72 -1.68
N LYS G 20 13.18 -23.12 -0.90
CA LYS G 20 13.20 -22.81 0.52
C LYS G 20 14.43 -23.41 1.16
N LYS G 21 14.75 -24.63 0.80
CA LYS G 21 15.90 -25.30 1.35
C LYS G 21 17.16 -24.57 1.01
N PHE G 22 17.22 -24.07 -0.21
CA PHE G 22 18.41 -23.35 -0.66
C PHE G 22 18.60 -22.07 0.12
N LYS G 23 17.57 -21.22 0.13
CA LYS G 23 17.66 -19.95 0.83
C LYS G 23 18.01 -20.14 2.30
N MET G 24 17.29 -21.03 2.96
CA MET G 24 17.52 -21.29 4.38
C MET G 24 18.93 -21.81 4.64
N LYS G 25 19.41 -22.73 3.81
CA LYS G 25 20.74 -23.29 4.03
C LYS G 25 21.82 -22.22 3.84
N LEU G 26 21.56 -21.28 2.95
CA LEU G 26 22.51 -20.21 2.67
C LEU G 26 22.85 -19.45 3.95
N LEU G 27 21.84 -19.29 4.79
CA LEU G 27 22.03 -18.57 6.04
C LEU G 27 23.05 -19.27 6.96
N THR G 28 23.10 -20.60 6.88
CA THR G 28 24.00 -21.37 7.75
C THR G 28 25.30 -21.78 7.05
N VAL G 29 25.52 -21.30 5.84
CA VAL G 29 26.73 -21.66 5.11
C VAL G 29 27.91 -20.77 5.53
N GLN G 30 29.11 -21.34 5.53
CA GLN G 30 30.30 -20.59 5.91
C GLN G 30 30.80 -19.77 4.73
N LEU G 31 31.14 -18.52 5.00
CA LEU G 31 31.61 -17.60 3.96
C LEU G 31 33.02 -17.12 4.25
N ARG G 32 33.72 -16.71 3.21
CA ARG G 32 35.07 -16.19 3.34
C ARG G 32 35.05 -14.91 4.19
N GLU G 33 36.16 -14.63 4.86
CA GLU G 33 36.25 -13.43 5.71
C GLU G 33 36.31 -12.15 4.88
N GLY G 34 35.73 -11.08 5.43
CA GLY G 34 35.73 -9.78 4.76
C GLY G 34 34.40 -9.50 4.07
N TYR G 35 33.44 -10.41 4.26
CA TYR G 35 32.12 -10.26 3.65
C TYR G 35 31.04 -10.26 4.72
N GLY G 36 29.92 -9.63 4.40
CA GLY G 36 28.81 -9.55 5.34
C GLY G 36 27.83 -10.71 5.16
N ARG G 37 26.83 -10.72 6.04
CA ARG G 37 25.79 -11.76 6.04
C ARG G 37 24.46 -11.10 5.69
N ILE G 38 23.61 -11.80 4.95
CA ILE G 38 22.34 -11.20 4.54
C ILE G 38 21.29 -11.30 5.65
N PRO G 39 20.62 -10.20 5.96
CA PRO G 39 19.57 -10.17 7.03
C PRO G 39 18.56 -11.29 6.87
N ARG G 40 18.23 -11.95 7.98
CA ARG G 40 17.28 -13.05 7.94
C ARG G 40 15.90 -12.60 7.49
N GLY G 41 15.40 -11.50 8.06
CA GLY G 41 14.06 -11.01 7.75
C GLY G 41 13.82 -10.81 6.26
N ALA G 42 14.76 -10.18 5.58
CA ALA G 42 14.59 -9.90 4.16
C ALA G 42 14.56 -11.19 3.33
N LEU G 43 15.47 -12.10 3.62
CA LEU G 43 15.55 -13.35 2.88
C LEU G 43 14.26 -14.16 2.90
N LEU G 44 13.58 -14.19 4.05
CA LEU G 44 12.37 -14.98 4.19
C LEU G 44 11.26 -14.60 3.22
N GLN G 45 11.15 -13.31 2.87
CA GLN G 45 10.07 -12.86 1.97
C GLN G 45 10.54 -12.55 0.55
N MET G 46 11.82 -12.77 0.25
CA MET G 46 12.34 -12.44 -1.08
C MET G 46 11.87 -13.41 -2.18
N ASP G 47 11.98 -12.93 -3.42
CA ASP G 47 11.60 -13.69 -4.60
C ASP G 47 12.86 -14.20 -5.32
N ALA G 48 12.68 -15.19 -6.19
CA ALA G 48 13.82 -15.76 -6.91
C ALA G 48 14.55 -14.71 -7.76
N ILE G 49 13.80 -13.89 -8.50
CA ILE G 49 14.46 -12.86 -9.32
C ILE G 49 15.18 -11.86 -8.45
N ASP G 50 14.49 -11.36 -7.43
CA ASP G 50 15.07 -10.38 -6.52
C ASP G 50 16.32 -10.94 -5.86
N LEU G 51 16.23 -12.19 -5.48
CA LEU G 51 17.34 -12.88 -4.82
C LEU G 51 18.58 -12.83 -5.71
N THR G 52 18.36 -12.85 -7.01
CA THR G 52 19.47 -12.83 -7.95
C THR G 52 20.25 -11.51 -7.86
N ASP G 53 19.54 -10.40 -7.98
CA ASP G 53 20.19 -9.09 -7.94
C ASP G 53 20.93 -8.86 -6.62
N LYS G 54 20.31 -9.22 -5.52
CA LYS G 54 20.93 -9.01 -4.22
C LYS G 54 22.10 -9.95 -4.00
N LEU G 55 21.96 -11.20 -4.42
CA LEU G 55 23.02 -12.17 -4.20
C LEU G 55 24.35 -11.65 -4.72
N VAL G 56 24.37 -11.19 -5.96
CA VAL G 56 25.60 -10.66 -6.52
C VAL G 56 26.01 -9.36 -5.83
N SER G 57 25.02 -8.58 -5.39
CA SER G 57 25.29 -7.29 -4.77
C SER G 57 26.27 -7.39 -3.59
N TYR G 58 26.10 -8.40 -2.75
CA TYR G 58 26.98 -8.56 -1.59
C TYR G 58 28.32 -9.18 -1.95
N TYR G 59 28.33 -10.09 -2.91
CA TYR G 59 29.56 -10.76 -3.29
C TYR G 59 29.94 -10.43 -4.73
N LEU G 60 31.24 -10.27 -4.97
CA LEU G 60 31.70 -9.96 -6.31
C LEU G 60 31.27 -11.06 -7.27
N GLU G 61 31.20 -10.72 -8.55
CA GLU G 61 30.76 -11.68 -9.55
C GLU G 61 31.64 -12.93 -9.57
N SER G 62 32.95 -12.75 -9.56
CA SER G 62 33.86 -13.89 -9.60
C SER G 62 33.70 -14.78 -8.37
N TYR G 63 33.85 -14.20 -7.19
CA TYR G 63 33.72 -14.96 -5.96
C TYR G 63 32.26 -15.37 -5.72
N GLY G 64 31.36 -14.46 -6.06
CA GLY G 64 29.94 -14.73 -5.86
C GLY G 64 29.45 -15.92 -6.69
N LEU G 65 29.92 -16.01 -7.92
CA LEU G 65 29.51 -17.10 -8.80
C LEU G 65 29.93 -18.46 -8.25
N GLU G 66 31.16 -18.54 -7.76
CA GLU G 66 31.67 -19.80 -7.19
C GLU G 66 30.92 -20.19 -5.92
N LEU G 67 30.57 -19.19 -5.12
CA LEU G 67 29.87 -19.44 -3.86
C LEU G 67 28.55 -20.18 -4.08
N THR G 68 27.86 -19.85 -5.16
CA THR G 68 26.59 -20.50 -5.44
C THR G 68 26.79 -22.00 -5.61
N MET G 69 27.77 -22.37 -6.43
CA MET G 69 28.04 -23.77 -6.71
C MET G 69 28.26 -24.56 -5.44
N THR G 70 29.03 -23.99 -4.53
CA THR G 70 29.35 -24.66 -3.29
C THR G 70 28.07 -25.10 -2.58
N VAL G 71 27.06 -24.23 -2.59
CA VAL G 71 25.79 -24.54 -1.93
C VAL G 71 24.95 -25.51 -2.75
N LEU G 72 24.96 -25.38 -4.08
CA LEU G 72 24.17 -26.28 -4.92
C LEU G 72 24.61 -27.74 -4.72
N ARG G 73 25.89 -27.98 -4.75
CA ARG G 73 26.32 -29.33 -4.54
C ARG G 73 25.94 -29.79 -3.14
N ASP G 74 26.09 -28.89 -2.17
CA ASP G 74 25.81 -29.27 -0.77
C ASP G 74 24.43 -29.93 -0.62
N MET G 75 23.42 -29.39 -1.31
CA MET G 75 22.07 -29.95 -1.23
C MET G 75 22.04 -31.26 -2.01
N GLY G 76 23.20 -31.65 -2.50
CA GLY G 76 23.35 -32.85 -3.31
C GLY G 76 23.84 -32.46 -4.70
N LEU G 77 24.45 -33.40 -5.41
CA LEU G 77 24.96 -33.09 -6.74
C LEU G 77 23.81 -32.95 -7.71
N GLN G 78 23.71 -31.78 -8.31
CA GLN G 78 22.65 -31.53 -9.27
C GLN G 78 23.24 -31.32 -10.65
N GLU G 79 22.47 -31.63 -11.67
CA GLU G 79 22.95 -31.44 -13.02
C GLU G 79 23.24 -29.96 -13.20
N LEU G 80 22.51 -29.15 -12.45
CA LEU G 80 22.66 -27.69 -12.49
C LEU G 80 24.07 -27.27 -12.14
N ALA G 81 24.61 -27.82 -11.06
CA ALA G 81 25.95 -27.45 -10.63
C ALA G 81 26.91 -27.59 -11.79
N GLU G 82 26.81 -28.70 -12.51
CA GLU G 82 27.69 -28.93 -13.65
C GLU G 82 27.36 -27.96 -14.77
N GLN G 83 26.08 -27.80 -15.07
CA GLN G 83 25.65 -26.91 -16.14
C GLN G 83 26.15 -25.50 -15.88
N LEU G 84 26.01 -25.05 -14.65
CA LEU G 84 26.43 -23.71 -14.28
C LEU G 84 27.95 -23.57 -14.39
N GLN G 85 28.66 -24.62 -13.97
CA GLN G 85 30.12 -24.58 -14.01
C GLN G 85 30.61 -24.27 -15.42
N THR G 86 29.93 -24.81 -16.43
CA THR G 86 30.32 -24.58 -17.81
C THR G 86 30.41 -23.09 -18.07
N THR G 87 29.55 -22.32 -17.40
CA THR G 87 29.54 -20.87 -17.57
C THR G 87 30.87 -20.27 -17.12
N LYS G 88 31.50 -20.87 -16.12
CA LYS G 88 32.77 -20.38 -15.61
C LYS G 88 33.77 -20.20 -16.75
N GLU G 89 33.82 -21.18 -17.64
CA GLU G 89 34.73 -21.11 -18.78
C GLU G 89 34.26 -20.03 -19.75
N GLY H 1 5.81 11.48 -32.20
CA GLY H 1 6.29 10.25 -32.83
C GLY H 1 5.41 9.05 -32.48
N ARG H 2 4.88 8.40 -33.50
CA ARG H 2 4.02 7.25 -33.29
C ARG H 2 4.76 6.15 -32.54
N ALA H 3 6.08 6.21 -32.57
CA ALA H 3 6.90 5.20 -31.91
C ALA H 3 6.52 5.03 -30.43
N ARG H 4 6.32 6.13 -29.73
CA ARG H 4 5.95 6.04 -28.32
C ARG H 4 4.67 5.24 -28.14
N ASP H 5 3.68 5.53 -28.97
CA ASP H 5 2.39 4.87 -28.88
C ASP H 5 2.50 3.37 -29.14
N ALA H 6 3.34 2.98 -30.09
CA ALA H 6 3.48 1.57 -30.41
C ALA H 6 4.05 0.78 -29.23
N ILE H 7 5.17 1.23 -28.70
CA ILE H 7 5.79 0.56 -27.57
C ILE H 7 4.80 0.45 -26.41
N LEU H 8 4.19 1.57 -26.09
CA LEU H 8 3.25 1.61 -24.98
C LEU H 8 2.21 0.50 -25.10
N ASP H 9 1.57 0.41 -26.25
CA ASP H 9 0.52 -0.59 -26.43
C ASP H 9 1.03 -2.02 -26.21
N ALA H 10 2.18 -2.35 -26.81
CA ALA H 10 2.71 -3.70 -26.69
C ALA H 10 3.29 -3.99 -25.30
N LEU H 11 3.95 -3.01 -24.69
CA LEU H 11 4.55 -3.22 -23.38
C LEU H 11 3.51 -3.53 -22.30
N GLU H 12 2.36 -2.86 -22.40
CA GLU H 12 1.28 -3.02 -21.42
C GLU H 12 0.65 -4.42 -21.44
N ASN H 13 0.91 -5.21 -22.50
CA ASN H 13 0.32 -6.56 -22.60
C ASN H 13 1.13 -7.61 -21.83
N LEU H 14 2.10 -7.18 -21.02
CA LEU H 14 2.91 -8.12 -20.25
C LEU H 14 2.30 -8.30 -18.86
N SER H 15 2.44 -9.51 -18.31
CA SER H 15 1.91 -9.78 -16.99
C SER H 15 2.75 -9.06 -15.93
N GLY H 16 2.21 -8.98 -14.72
CA GLY H 16 2.91 -8.28 -13.64
C GLY H 16 4.29 -8.86 -13.32
N ASP H 17 4.42 -10.18 -13.29
CA ASP H 17 5.70 -10.80 -12.96
C ASP H 17 6.77 -10.60 -14.04
N GLU H 18 6.41 -10.89 -15.30
CA GLU H 18 7.39 -10.77 -16.38
C GLU H 18 7.92 -9.35 -16.43
N LEU H 19 7.06 -8.40 -16.11
CA LEU H 19 7.45 -7.01 -16.12
C LEU H 19 8.70 -6.82 -15.26
N LYS H 20 8.67 -7.41 -14.07
CA LYS H 20 9.83 -7.29 -13.19
C LYS H 20 11.06 -7.84 -13.86
N LYS H 21 10.91 -8.99 -14.52
CA LYS H 21 12.02 -9.62 -15.20
C LYS H 21 12.55 -8.72 -16.30
N PHE H 22 11.64 -8.07 -16.99
CA PHE H 22 12.04 -7.20 -18.09
C PHE H 22 12.84 -6.02 -17.57
N LYS H 23 12.26 -5.28 -16.62
CA LYS H 23 12.94 -4.09 -16.08
C LYS H 23 14.31 -4.44 -15.50
N MET H 24 14.35 -5.49 -14.68
CA MET H 24 15.59 -5.90 -14.06
C MET H 24 16.64 -6.32 -15.09
N LYS H 25 16.23 -7.08 -16.10
CA LYS H 25 17.18 -7.53 -17.12
C LYS H 25 17.74 -6.36 -17.90
N LEU H 26 16.92 -5.33 -18.09
CA LEU H 26 17.33 -4.16 -18.84
C LEU H 26 18.59 -3.55 -18.23
N LEU H 27 18.65 -3.58 -16.92
CA LEU H 27 19.80 -3.02 -16.19
C LEU H 27 21.09 -3.75 -16.56
N THR H 28 21.01 -5.04 -16.85
CA THR H 28 22.21 -5.83 -17.16
C THR H 28 22.42 -6.02 -18.66
N VAL H 29 21.62 -5.37 -19.48
CA VAL H 29 21.78 -5.51 -20.93
C VAL H 29 22.86 -4.60 -21.47
N GLN H 30 23.57 -5.05 -22.50
CA GLN H 30 24.63 -4.25 -23.10
C GLN H 30 24.05 -3.24 -24.07
N LEU H 31 24.53 -2.00 -23.98
CA LEU H 31 24.04 -0.92 -24.82
C LEU H 31 25.16 -0.36 -25.70
N ARG H 32 24.76 0.26 -26.81
CA ARG H 32 25.72 0.87 -27.71
C ARG H 32 26.44 2.03 -27.00
N GLU H 33 27.66 2.32 -27.43
CA GLU H 33 28.45 3.39 -26.80
C GLU H 33 27.90 4.77 -27.15
N GLY H 34 28.03 5.71 -26.20
CA GLY H 34 27.57 7.08 -26.41
C GLY H 34 26.22 7.32 -25.72
N TYR H 35 25.74 6.31 -25.00
CA TYR H 35 24.46 6.42 -24.30
C TYR H 35 24.64 6.18 -22.81
N GLY H 36 23.74 6.75 -22.01
CA GLY H 36 23.81 6.59 -20.57
C GLY H 36 23.02 5.38 -20.09
N ARG H 37 23.10 5.16 -18.78
CA ARG H 37 22.41 4.05 -18.12
C ARG H 37 21.36 4.62 -17.18
N ILE H 38 20.22 3.95 -17.06
CA ILE H 38 19.15 4.48 -16.21
C ILE H 38 19.39 4.13 -14.74
N PRO H 39 19.27 5.11 -13.86
CA PRO H 39 19.49 4.91 -12.39
C PRO H 39 18.68 3.73 -11.85
N ARG H 40 19.32 2.91 -11.05
CA ARG H 40 18.67 1.74 -10.48
C ARG H 40 17.49 2.11 -9.59
N GLY H 41 17.70 3.07 -8.69
CA GLY H 41 16.66 3.48 -7.74
C GLY H 41 15.34 3.86 -8.42
N ALA H 42 15.40 4.66 -9.47
CA ALA H 42 14.18 5.10 -10.14
C ALA H 42 13.45 3.93 -10.81
N LEU H 43 14.18 3.08 -11.49
CA LEU H 43 13.59 1.95 -12.20
C LEU H 43 12.79 1.03 -11.28
N LEU H 44 13.27 0.79 -10.07
CA LEU H 44 12.60 -0.13 -9.15
C LEU H 44 11.18 0.29 -8.80
N GLN H 45 10.90 1.59 -8.73
CA GLN H 45 9.56 2.05 -8.35
C GLN H 45 8.73 2.59 -9.52
N MET H 46 9.27 2.53 -10.74
CA MET H 46 8.55 3.07 -11.90
C MET H 46 7.35 2.22 -12.33
N ASP H 47 6.45 2.87 -13.09
CA ASP H 47 5.25 2.23 -13.60
C ASP H 47 5.42 1.94 -15.09
N ALA H 48 4.59 1.07 -15.64
CA ALA H 48 4.67 0.71 -17.04
C ALA H 48 4.50 1.92 -17.96
N ILE H 49 3.50 2.76 -17.69
CA ILE H 49 3.30 3.93 -18.55
C ILE H 49 4.48 4.88 -18.44
N ASP H 50 4.89 5.17 -17.22
CA ASP H 50 6.00 6.07 -16.97
C ASP H 50 7.26 5.55 -17.66
N LEU H 51 7.45 4.24 -17.55
CA LEU H 51 8.61 3.59 -18.13
C LEU H 51 8.67 3.88 -19.62
N THR H 52 7.51 4.00 -20.24
CA THR H 52 7.45 4.26 -21.67
C THR H 52 8.05 5.61 -22.03
N ASP H 53 7.59 6.66 -21.37
CA ASP H 53 8.07 8.00 -21.65
C ASP H 53 9.58 8.13 -21.41
N LYS H 54 10.05 7.57 -20.32
CA LYS H 54 11.47 7.66 -20.01
C LYS H 54 12.32 6.81 -20.94
N LEU H 55 11.83 5.61 -21.27
CA LEU H 55 12.60 4.73 -22.12
C LEU H 55 13.03 5.43 -23.40
N VAL H 56 12.09 6.06 -24.08
CA VAL H 56 12.43 6.75 -25.31
C VAL H 56 13.28 7.99 -25.01
N SER H 57 13.06 8.61 -23.86
CA SER H 57 13.78 9.82 -23.50
C SER H 57 15.30 9.67 -23.58
N TYR H 58 15.81 8.54 -23.10
CA TYR H 58 17.26 8.32 -23.12
C TYR H 58 17.77 7.87 -24.49
N TYR H 59 16.97 7.10 -25.21
CA TYR H 59 17.39 6.60 -26.51
C TYR H 59 16.50 7.15 -27.62
N LEU H 60 17.11 7.46 -28.75
CA LEU H 60 16.34 7.99 -29.88
C LEU H 60 15.27 6.99 -30.28
N GLU H 61 14.23 7.48 -30.93
CA GLU H 61 13.13 6.62 -31.34
C GLU H 61 13.59 5.47 -32.23
N SER H 62 14.41 5.78 -33.23
CA SER H 62 14.88 4.74 -34.14
C SER H 62 15.69 3.67 -33.41
N TYR H 63 16.75 4.10 -32.75
CA TYR H 63 17.61 3.18 -32.02
C TYR H 63 16.89 2.63 -30.80
N GLY H 64 16.11 3.47 -30.14
CA GLY H 64 15.39 3.05 -28.95
C GLY H 64 14.38 1.94 -29.24
N LEU H 65 13.69 2.06 -30.36
CA LEU H 65 12.68 1.06 -30.73
C LEU H 65 13.31 -0.31 -30.94
N GLU H 66 14.45 -0.35 -31.62
CA GLU H 66 15.14 -1.61 -31.88
C GLU H 66 15.68 -2.23 -30.59
N LEU H 67 16.14 -1.38 -29.68
CA LEU H 67 16.71 -1.86 -28.42
C LEU H 67 15.69 -2.69 -27.63
N THR H 68 14.43 -2.28 -27.68
CA THR H 68 13.40 -3.01 -26.94
C THR H 68 13.31 -4.44 -27.43
N MET H 69 13.24 -4.61 -28.75
CA MET H 69 13.12 -5.93 -29.34
C MET H 69 14.22 -6.85 -28.88
N THR H 70 15.44 -6.34 -28.86
CA THR H 70 16.57 -7.15 -28.47
C THR H 70 16.34 -7.78 -27.10
N VAL H 71 15.76 -7.02 -26.17
CA VAL H 71 15.48 -7.52 -24.84
C VAL H 71 14.28 -8.45 -24.81
N LEU H 72 13.24 -8.15 -25.59
CA LEU H 72 12.06 -9.00 -25.61
C LEU H 72 12.40 -10.42 -26.05
N ARG H 73 13.16 -10.54 -27.12
CA ARG H 73 13.51 -11.86 -27.54
C ARG H 73 14.36 -12.53 -26.48
N ASP H 74 15.27 -11.77 -25.87
CA ASP H 74 16.18 -12.34 -24.88
C ASP H 74 15.43 -13.14 -23.80
N MET H 75 14.30 -12.61 -23.34
CA MET H 75 13.51 -13.30 -22.32
C MET H 75 12.81 -14.49 -22.95
N GLY H 76 13.11 -14.70 -24.23
CA GLY H 76 12.50 -15.77 -25.00
C GLY H 76 11.73 -15.16 -26.16
N LEU H 77 11.50 -15.93 -27.22
CA LEU H 77 10.77 -15.40 -28.36
C LEU H 77 9.30 -15.25 -28.00
N GLN H 78 8.81 -14.03 -28.13
CA GLN H 78 7.43 -13.74 -27.81
C GLN H 78 6.71 -13.31 -29.08
N GLU H 79 5.41 -13.55 -29.12
CA GLU H 79 4.65 -13.14 -30.27
C GLU H 79 4.75 -11.63 -30.39
N LEU H 80 4.94 -10.99 -29.23
CA LEU H 80 5.07 -9.53 -29.16
C LEU H 80 6.24 -9.03 -29.99
N ALA H 81 7.40 -9.67 -29.85
CA ALA H 81 8.56 -9.24 -30.60
C ALA H 81 8.22 -9.14 -32.08
N GLU H 82 7.54 -10.15 -32.60
CA GLU H 82 7.17 -10.15 -34.00
C GLU H 82 6.13 -9.07 -34.26
N GLN H 83 5.11 -8.99 -33.40
CA GLN H 83 4.06 -8.00 -33.57
C GLN H 83 4.63 -6.60 -33.60
N LEU H 84 5.53 -6.33 -32.68
CA LEU H 84 6.15 -5.02 -32.59
C LEU H 84 7.01 -4.74 -33.82
N GLN H 85 7.71 -5.75 -34.30
CA GLN H 85 8.57 -5.57 -35.47
C GLN H 85 7.76 -5.04 -36.65
N THR H 86 6.54 -5.51 -36.79
CA THR H 86 5.69 -5.06 -37.88
C THR H 86 5.61 -3.55 -37.89
N THR H 87 5.65 -2.95 -36.70
CA THR H 87 5.59 -1.50 -36.57
C THR H 87 6.78 -0.84 -37.25
N LYS H 88 7.93 -1.52 -37.25
CA LYS H 88 9.13 -0.98 -37.86
C LYS H 88 8.86 -0.57 -39.30
N GLU H 89 8.13 -1.40 -40.03
CA GLU H 89 7.78 -1.10 -41.41
C GLU H 89 6.78 0.05 -41.46
N GLY I 1 -18.85 30.23 -21.67
CA GLY I 1 -19.11 29.15 -22.60
C GLY I 1 -19.43 27.85 -21.87
N ARG I 2 -20.60 27.30 -22.16
CA ARG I 2 -21.02 26.05 -21.54
C ARG I 2 -20.03 24.92 -21.84
N ALA I 3 -19.24 25.11 -22.89
CA ALA I 3 -18.27 24.10 -23.31
C ALA I 3 -17.35 23.70 -22.16
N ARG I 4 -16.86 24.68 -21.40
CA ARG I 4 -15.97 24.36 -20.29
C ARG I 4 -16.64 23.43 -19.30
N ASP I 5 -17.88 23.75 -18.96
CA ASP I 5 -18.64 22.95 -17.99
C ASP I 5 -18.84 21.52 -18.46
N ALA I 6 -19.10 21.35 -19.74
CA ALA I 6 -19.35 20.01 -20.28
C ALA I 6 -18.11 19.12 -20.14
N ILE I 7 -16.98 19.61 -20.63
CA ILE I 7 -15.76 18.83 -20.55
C ILE I 7 -15.43 18.48 -19.11
N LEU I 8 -15.49 19.49 -18.26
CA LEU I 8 -15.19 19.31 -16.85
C LEU I 8 -15.96 18.13 -16.28
N ASP I 9 -17.27 18.12 -16.45
CA ASP I 9 -18.10 17.07 -15.90
C ASP I 9 -17.70 15.68 -16.39
N ALA I 10 -17.49 15.54 -17.69
CA ALA I 10 -17.13 14.24 -18.25
C ALA I 10 -15.69 13.81 -17.93
N LEU I 11 -14.77 14.77 -17.94
CA LEU I 11 -13.37 14.44 -17.67
C LEU I 11 -13.17 13.90 -16.25
N GLU I 12 -13.90 14.47 -15.30
CA GLU I 12 -13.80 14.08 -13.89
C GLU I 12 -14.27 12.63 -13.62
N ASN I 13 -14.99 12.02 -14.57
CA ASN I 13 -15.49 10.66 -14.37
C ASN I 13 -14.45 9.59 -14.72
N LEU I 14 -13.20 10.00 -14.94
CA LEU I 14 -12.14 9.04 -15.25
C LEU I 14 -11.42 8.61 -13.99
N SER I 15 -10.96 7.37 -13.94
CA SER I 15 -10.24 6.88 -12.78
C SER I 15 -8.86 7.52 -12.70
N GLY I 16 -8.22 7.39 -11.55
CA GLY I 16 -6.90 8.00 -11.34
C GLY I 16 -5.85 7.51 -12.34
N ASP I 17 -5.81 6.22 -12.62
CA ASP I 17 -4.80 5.68 -13.52
C ASP I 17 -5.01 6.10 -14.98
N GLU I 18 -6.22 5.96 -15.50
CA GLU I 18 -6.49 6.32 -16.89
C GLU I 18 -6.13 7.77 -17.12
N LEU I 19 -6.35 8.59 -16.11
CA LEU I 19 -6.04 10.00 -16.20
C LEU I 19 -4.60 10.18 -16.66
N LYS I 20 -3.70 9.44 -16.02
CA LYS I 20 -2.30 9.53 -16.38
C LYS I 20 -2.11 9.19 -17.84
N LYS I 21 -2.79 8.15 -18.29
CA LYS I 21 -2.68 7.72 -19.67
C LYS I 21 -3.18 8.80 -20.60
N PHE I 22 -4.25 9.45 -20.21
CA PHE I 22 -4.83 10.49 -21.03
C PHE I 22 -3.87 11.66 -21.18
N LYS I 23 -3.43 12.21 -20.04
CA LYS I 23 -2.53 13.37 -20.07
C LYS I 23 -1.26 13.07 -20.87
N MET I 24 -0.64 11.94 -20.57
CA MET I 24 0.59 11.55 -21.24
C MET I 24 0.39 11.37 -22.74
N LYS I 25 -0.70 10.72 -23.13
CA LYS I 25 -0.95 10.50 -24.56
C LYS I 25 -1.17 11.81 -25.29
N LEU I 26 -1.77 12.77 -24.60
CA LEU I 26 -2.05 14.07 -25.19
C LEU I 26 -0.77 14.71 -25.72
N LEU I 27 0.31 14.50 -24.99
CA LEU I 27 1.59 15.06 -25.38
C LEU I 27 2.06 14.52 -26.74
N THR I 28 1.72 13.27 -27.04
CA THR I 28 2.16 12.64 -28.29
C THR I 28 1.10 12.67 -29.38
N VAL I 29 -0.02 13.36 -29.14
CA VAL I 29 -1.08 13.41 -30.14
C VAL I 29 -0.79 14.50 -31.18
N GLN I 30 -1.22 14.25 -32.42
CA GLN I 30 -1.00 15.22 -33.50
C GLN I 30 -2.07 16.29 -33.46
N LEU I 31 -1.65 17.54 -33.60
CA LEU I 31 -2.55 18.68 -33.55
C LEU I 31 -2.54 19.45 -34.86
N ARG I 32 -3.62 20.17 -35.11
CA ARG I 32 -3.73 20.98 -36.32
C ARG I 32 -2.67 22.09 -36.29
N GLU I 33 -2.25 22.55 -37.46
CA GLU I 33 -1.22 23.59 -37.54
C GLU I 33 -1.76 24.96 -37.10
N GLY I 34 -0.88 25.76 -36.51
CA GLY I 34 -1.26 27.10 -36.04
C GLY I 34 -1.52 27.13 -34.54
N TYR I 35 -1.29 25.99 -33.89
CA TYR I 35 -1.51 25.89 -32.44
C TYR I 35 -0.23 25.47 -31.74
N GLY I 36 -0.12 25.83 -30.46
CA GLY I 36 1.06 25.51 -29.68
C GLY I 36 0.90 24.17 -28.96
N ARG I 37 1.97 23.78 -28.27
CA ARG I 37 2.02 22.54 -27.51
C ARG I 37 2.16 22.88 -26.03
N ILE I 38 1.52 22.10 -25.17
CA ILE I 38 1.58 22.41 -23.74
C ILE I 38 2.87 21.89 -23.09
N PRO I 39 3.55 22.73 -22.33
CA PRO I 39 4.83 22.35 -21.66
C PRO I 39 4.71 21.05 -20.89
N ARG I 40 5.70 20.19 -21.04
CA ARG I 40 5.68 18.89 -20.37
C ARG I 40 5.69 19.04 -18.84
N GLY I 41 6.58 19.89 -18.33
CA GLY I 41 6.72 20.07 -16.88
C GLY I 41 5.40 20.41 -16.18
N ALA I 42 4.65 21.34 -16.74
CA ALA I 42 3.40 21.76 -16.12
C ALA I 42 2.36 20.63 -16.11
N LEU I 43 2.23 19.94 -17.22
CA LEU I 43 1.25 18.87 -17.35
C LEU I 43 1.44 17.76 -16.31
N LEU I 44 2.68 17.41 -16.02
CA LEU I 44 2.95 16.32 -15.07
C LEU I 44 2.38 16.56 -13.68
N GLN I 45 2.35 17.81 -13.22
CA GLN I 45 1.86 18.09 -11.85
C GLN I 45 0.45 18.71 -11.82
N MET I 46 -0.19 18.85 -12.97
CA MET I 46 -1.53 19.48 -13.02
C MET I 46 -2.64 18.60 -12.45
N ASP I 47 -3.74 19.26 -12.11
CA ASP I 47 -4.92 18.58 -11.56
C ASP I 47 -6.02 18.51 -12.63
N ALA I 48 -6.99 17.63 -12.42
CA ALA I 48 -8.08 17.48 -13.39
C ALA I 48 -8.85 18.78 -13.61
N ILE I 49 -9.20 19.49 -12.54
CA ILE I 49 -9.94 20.74 -12.70
C ILE I 49 -9.09 21.77 -13.42
N ASP I 50 -7.85 21.93 -12.97
CA ASP I 50 -6.93 22.89 -13.58
C ASP I 50 -6.74 22.58 -15.05
N LEU I 51 -6.59 21.30 -15.34
CA LEU I 51 -6.39 20.84 -16.70
C LEU I 51 -7.52 21.32 -17.60
N THR I 52 -8.72 21.42 -17.02
CA THR I 52 -9.88 21.86 -17.78
C THR I 52 -9.72 23.29 -18.27
N ASP I 53 -9.43 24.20 -17.35
CA ASP I 53 -9.29 25.61 -17.70
C ASP I 53 -8.18 25.83 -18.72
N LYS I 54 -7.05 25.18 -18.54
CA LYS I 54 -5.94 25.36 -19.45
C LYS I 54 -6.20 24.72 -20.80
N LEU I 55 -6.82 23.54 -20.80
CA LEU I 55 -7.08 22.85 -22.05
C LEU I 55 -7.79 23.76 -23.04
N VAL I 56 -8.88 24.38 -22.61
CA VAL I 56 -9.60 25.26 -23.50
C VAL I 56 -8.79 26.52 -23.81
N SER I 57 -7.97 26.96 -22.85
CA SER I 57 -7.19 28.17 -23.02
C SER I 57 -6.34 28.15 -24.29
N TYR I 58 -5.70 27.04 -24.58
CA TYR I 58 -4.85 26.95 -25.77
C TYR I 58 -5.65 26.74 -27.05
N TYR I 59 -6.75 26.00 -26.97
CA TYR I 59 -7.55 25.72 -28.15
C TYR I 59 -8.95 26.32 -28.02
N LEU I 60 -9.46 26.84 -29.13
CA LEU I 60 -10.78 27.44 -29.12
C LEU I 60 -11.81 26.40 -28.66
N GLU I 61 -12.93 26.89 -28.15
CA GLU I 61 -13.97 26.00 -27.66
C GLU I 61 -14.45 25.02 -28.72
N SER I 62 -14.73 25.53 -29.92
CA SER I 62 -15.21 24.67 -31.00
C SER I 62 -14.20 23.60 -31.37
N TYR I 63 -13.01 24.03 -31.74
CA TYR I 63 -11.96 23.10 -32.13
C TYR I 63 -11.44 22.32 -30.92
N GLY I 64 -11.36 22.99 -29.77
CA GLY I 64 -10.88 22.36 -28.56
C GLY I 64 -11.78 21.21 -28.12
N LEU I 65 -13.08 21.42 -28.22
CA LEU I 65 -14.04 20.39 -27.79
C LEU I 65 -13.88 19.11 -28.63
N GLU I 66 -13.74 19.27 -29.94
CA GLU I 66 -13.59 18.12 -30.83
C GLU I 66 -12.28 17.39 -30.58
N LEU I 67 -11.23 18.14 -30.27
CA LEU I 67 -9.91 17.56 -30.04
C LEU I 67 -9.94 16.55 -28.89
N THR I 68 -10.73 16.84 -27.87
CA THR I 68 -10.81 15.94 -26.73
C THR I 68 -11.33 14.57 -27.17
N MET I 69 -12.41 14.58 -27.93
CA MET I 69 -13.02 13.34 -28.38
C MET I 69 -12.04 12.47 -29.13
N THR I 70 -11.25 13.09 -29.99
CA THR I 70 -10.30 12.33 -30.78
C THR I 70 -9.39 11.51 -29.87
N VAL I 71 -8.97 12.09 -28.75
CA VAL I 71 -8.10 11.38 -27.82
C VAL I 71 -8.86 10.35 -26.99
N LEU I 72 -10.09 10.66 -26.58
CA LEU I 72 -10.88 9.72 -25.80
C LEU I 72 -11.08 8.41 -26.55
N ARG I 73 -11.48 8.50 -27.80
CA ARG I 73 -11.66 7.28 -28.53
C ARG I 73 -10.34 6.56 -28.67
N ASP I 74 -9.27 7.31 -28.90
CA ASP I 74 -7.95 6.70 -29.13
C ASP I 74 -7.59 5.70 -28.02
N MET I 75 -7.89 6.05 -26.77
CA MET I 75 -7.60 5.16 -25.64
C MET I 75 -8.59 4.02 -25.65
N GLY I 76 -9.43 4.00 -26.67
CA GLY I 76 -10.47 2.99 -26.83
C GLY I 76 -11.82 3.68 -26.81
N LEU I 77 -12.84 3.04 -27.37
CA LEU I 77 -14.16 3.64 -27.40
C LEU I 77 -14.77 3.61 -26.01
N GLN I 78 -15.09 4.80 -25.51
CA GLN I 78 -15.67 4.92 -24.18
C GLN I 78 -17.09 5.44 -24.29
N GLU I 79 -17.92 5.09 -23.34
CA GLU I 79 -19.28 5.58 -23.36
C GLU I 79 -19.23 7.10 -23.28
N LEU I 80 -18.17 7.59 -22.64
CA LEU I 80 -17.96 9.03 -22.48
C LEU I 80 -17.88 9.75 -23.82
N ALA I 81 -17.11 9.20 -24.74
CA ALA I 81 -16.97 9.83 -26.05
C ALA I 81 -18.34 10.10 -26.65
N GLU I 82 -19.20 9.10 -26.57
CA GLU I 82 -20.55 9.26 -27.11
C GLU I 82 -21.34 10.26 -26.28
N GLN I 83 -21.26 10.13 -24.95
CA GLN I 83 -22.00 11.03 -24.07
C GLN I 83 -21.59 12.47 -24.33
N LEU I 84 -20.30 12.70 -24.45
CA LEU I 84 -19.79 14.04 -24.68
C LEU I 84 -20.24 14.56 -26.04
N GLN I 85 -20.23 13.68 -27.04
CA GLN I 85 -20.63 14.09 -28.39
C GLN I 85 -22.03 14.71 -28.38
N THR I 86 -22.91 14.14 -27.57
CA THR I 86 -24.27 14.66 -27.48
C THR I 86 -24.25 16.15 -27.18
N THR I 87 -23.24 16.58 -26.42
CA THR I 87 -23.10 17.99 -26.07
C THR I 87 -22.90 18.84 -27.31
N LYS I 88 -22.22 18.27 -28.31
CA LYS I 88 -21.95 19.00 -29.55
C LYS I 88 -23.24 19.58 -30.13
N GLU I 89 -24.30 18.78 -30.11
CA GLU I 89 -25.60 19.23 -30.62
C GLU I 89 -26.18 20.28 -29.69
N GLY J 1 -24.61 45.06 6.93
CA GLY J 1 -25.57 44.09 6.41
C GLY J 1 -25.25 42.68 6.90
N ARG J 2 -26.21 42.07 7.57
CA ARG J 2 -26.03 40.71 8.08
C ARG J 2 -25.73 39.74 6.95
N ALA J 3 -26.08 40.13 5.73
CA ALA J 3 -25.85 39.28 4.57
C ALA J 3 -24.40 38.81 4.46
N ARG J 4 -23.45 39.73 4.67
CA ARG J 4 -22.05 39.35 4.59
C ARG J 4 -21.72 38.24 5.57
N ASP J 5 -22.19 38.40 6.80
CA ASP J 5 -21.92 37.42 7.84
C ASP J 5 -22.49 36.04 7.51
N ALA J 6 -23.67 36.02 6.92
CA ALA J 6 -24.31 34.74 6.60
C ALA J 6 -23.49 33.96 5.57
N ILE J 7 -23.16 34.61 4.46
CA ILE J 7 -22.39 33.95 3.43
C ILE J 7 -21.07 33.45 3.98
N LEU J 8 -20.38 34.33 4.69
CA LEU J 8 -19.10 33.98 5.25
C LEU J 8 -19.17 32.68 6.03
N ASP J 9 -20.10 32.58 6.95
CA ASP J 9 -20.22 31.38 7.78
C ASP J 9 -20.43 30.11 6.96
N ALA J 10 -21.34 30.16 5.99
CA ALA J 10 -21.63 28.99 5.18
C ALA J 10 -20.52 28.66 4.17
N LEU J 11 -19.92 29.68 3.59
CA LEU J 11 -18.87 29.44 2.59
C LEU J 11 -17.65 28.75 3.20
N GLU J 12 -17.31 29.12 4.44
CA GLU J 12 -16.15 28.56 5.13
C GLU J 12 -16.30 27.06 5.45
N ASN J 13 -17.51 26.51 5.35
CA ASN J 13 -17.73 25.09 5.65
C ASN J 13 -17.41 24.18 4.46
N LEU J 14 -16.81 24.73 3.41
CA LEU J 14 -16.46 23.92 2.25
C LEU J 14 -15.04 23.40 2.37
N SER J 15 -14.79 22.20 1.84
CA SER J 15 -13.45 21.64 1.90
C SER J 15 -12.53 22.39 0.95
N GLY J 16 -11.22 22.17 1.12
CA GLY J 16 -10.23 22.86 0.30
C GLY J 16 -10.40 22.61 -1.20
N ASP J 17 -10.66 21.37 -1.59
CA ASP J 17 -10.79 21.05 -3.02
C ASP J 17 -12.04 21.65 -3.66
N GLU J 18 -13.21 21.46 -3.03
CA GLU J 18 -14.44 21.97 -3.60
C GLU J 18 -14.35 23.47 -3.80
N LEU J 19 -13.64 24.12 -2.89
CA LEU J 19 -13.46 25.56 -2.98
C LEU J 19 -12.92 25.92 -4.35
N LYS J 20 -11.91 25.19 -4.80
CA LYS J 20 -11.34 25.47 -6.10
C LYS J 20 -12.40 25.33 -7.18
N LYS J 21 -13.22 24.30 -7.08
CA LYS J 21 -14.25 24.06 -8.05
C LYS J 21 -15.25 25.20 -8.05
N PHE J 22 -15.56 25.70 -6.86
CA PHE J 22 -16.52 26.78 -6.75
C PHE J 22 -15.99 28.05 -7.41
N LYS J 23 -14.80 28.48 -6.99
CA LYS J 23 -14.22 29.70 -7.54
C LYS J 23 -14.08 29.63 -9.06
N MET J 24 -13.53 28.53 -9.54
CA MET J 24 -13.33 28.35 -10.96
C MET J 24 -14.65 28.35 -11.73
N LYS J 25 -15.65 27.67 -11.21
CA LYS J 25 -16.94 27.60 -11.90
C LYS J 25 -17.60 28.98 -11.96
N LEU J 26 -17.37 29.78 -10.94
CA LEU J 26 -17.95 31.11 -10.87
C LEU J 26 -17.55 31.94 -12.10
N LEU J 27 -16.33 31.73 -12.55
CA LEU J 27 -15.83 32.45 -13.70
C LEU J 27 -16.64 32.13 -14.96
N THR J 28 -17.14 30.90 -15.06
CA THR J 28 -17.89 30.49 -16.25
C THR J 28 -19.41 30.56 -16.06
N VAL J 29 -19.86 31.10 -14.94
CA VAL J 29 -21.30 31.19 -14.69
C VAL J 29 -21.90 32.43 -15.37
N GLN J 30 -23.15 32.31 -15.82
CA GLN J 30 -23.82 33.42 -16.48
C GLN J 30 -24.39 34.38 -15.45
N LEU J 31 -24.18 35.67 -15.68
CA LEU J 31 -24.65 36.71 -14.76
C LEU J 31 -25.64 37.64 -15.43
N ARG J 32 -26.47 38.29 -14.62
CA ARG J 32 -27.44 39.23 -15.14
C ARG J 32 -26.71 40.42 -15.78
N GLU J 33 -27.36 41.06 -16.74
CA GLU J 33 -26.76 42.20 -17.45
C GLU J 33 -26.68 43.44 -16.55
N GLY J 34 -25.63 44.23 -16.76
CA GLY J 34 -25.43 45.46 -15.99
C GLY J 34 -24.40 45.26 -14.88
N TYR J 35 -23.80 44.08 -14.84
CA TYR J 35 -22.79 43.77 -13.83
C TYR J 35 -21.47 43.38 -14.47
N GLY J 36 -20.38 43.59 -13.75
CA GLY J 36 -19.05 43.27 -14.26
C GLY J 36 -18.64 41.84 -13.90
N ARG J 37 -17.47 41.47 -14.40
CA ARG J 37 -16.89 40.15 -14.18
C ARG J 37 -15.62 40.30 -13.35
N ILE J 38 -15.36 39.36 -12.45
CA ILE J 38 -14.18 39.49 -11.59
C ILE J 38 -12.91 39.01 -12.30
N PRO J 39 -11.85 39.81 -12.26
CA PRO J 39 -10.55 39.46 -12.91
C PRO J 39 -10.08 38.06 -12.55
N ARG J 40 -9.65 37.32 -13.56
CA ARG J 40 -9.18 35.96 -13.34
C ARG J 40 -7.97 35.90 -12.42
N GLY J 41 -6.98 36.76 -12.68
CA GLY J 41 -5.73 36.76 -11.90
C GLY J 41 -5.97 36.88 -10.39
N ALA J 42 -6.83 37.81 -9.99
CA ALA J 42 -7.07 38.02 -8.57
C ALA J 42 -7.74 36.81 -7.92
N LEU J 43 -8.75 36.27 -8.59
CA LEU J 43 -9.50 35.14 -8.06
C LEU J 43 -8.61 33.92 -7.75
N LEU J 44 -7.63 33.65 -8.61
CA LEU J 44 -6.78 32.47 -8.42
C LEU J 44 -6.01 32.47 -7.11
N GLN J 45 -5.60 33.65 -6.61
CA GLN J 45 -4.81 33.71 -5.37
C GLN J 45 -5.61 34.17 -4.14
N MET J 46 -6.91 34.41 -4.31
CA MET J 46 -7.73 34.91 -3.19
C MET J 46 -8.01 33.86 -2.12
N ASP J 47 -8.37 34.36 -0.93
CA ASP J 47 -8.69 33.53 0.21
C ASP J 47 -10.21 33.49 0.43
N ALA J 48 -10.68 32.52 1.19
CA ALA J 48 -12.11 32.38 1.44
C ALA J 48 -12.69 33.63 2.12
N ILE J 49 -12.02 34.15 3.14
CA ILE J 49 -12.54 35.34 3.82
C ILE J 49 -12.55 36.53 2.87
N ASP J 50 -11.43 36.74 2.20
CA ASP J 50 -11.30 37.85 1.26
C ASP J 50 -12.37 37.76 0.17
N LEU J 51 -12.56 36.54 -0.31
CA LEU J 51 -13.54 36.28 -1.34
C LEU J 51 -14.91 36.77 -0.92
N THR J 52 -15.19 36.68 0.38
CA THR J 52 -16.48 37.12 0.91
C THR J 52 -16.70 38.60 0.71
N ASP J 53 -15.74 39.41 1.17
CA ASP J 53 -15.87 40.86 1.06
C ASP J 53 -15.99 41.31 -0.39
N LYS J 54 -15.18 40.75 -1.26
CA LYS J 54 -15.23 41.15 -2.65
C LYS J 54 -16.49 40.67 -3.36
N LEU J 55 -16.92 39.45 -3.04
CA LEU J 55 -18.09 38.91 -3.70
C LEU J 55 -19.28 39.86 -3.59
N VAL J 56 -19.57 40.32 -2.38
CA VAL J 56 -20.67 41.24 -2.20
C VAL J 56 -20.36 42.60 -2.83
N SER J 57 -19.09 42.98 -2.84
CA SER J 57 -18.68 44.28 -3.38
C SER J 57 -19.17 44.51 -4.80
N TYR J 58 -19.06 43.49 -5.65
CA TYR J 58 -19.48 43.64 -7.05
C TYR J 58 -21.01 43.53 -7.21
N TYR J 59 -21.64 42.69 -6.42
CA TYR J 59 -23.09 42.49 -6.53
C TYR J 59 -23.80 42.94 -5.27
N LEU J 60 -24.97 43.56 -5.43
CA LEU J 60 -25.73 44.02 -4.30
C LEU J 60 -26.05 42.84 -3.38
N GLU J 61 -26.30 43.15 -2.12
CA GLU J 61 -26.58 42.11 -1.13
C GLU J 61 -27.77 41.24 -1.54
N SER J 62 -28.87 41.87 -1.97
CA SER J 62 -30.05 41.13 -2.34
C SER J 62 -29.78 40.20 -3.53
N TYR J 63 -29.33 40.79 -4.63
CA TYR J 63 -29.04 40.02 -5.83
C TYR J 63 -27.80 39.14 -5.63
N GLY J 64 -26.82 39.67 -4.91
CA GLY J 64 -25.59 38.92 -4.66
C GLY J 64 -25.85 37.66 -3.87
N LEU J 65 -26.71 37.74 -2.86
CA LEU J 65 -27.01 36.59 -2.03
C LEU J 65 -27.64 35.45 -2.83
N GLU J 66 -28.57 35.79 -3.70
CA GLU J 66 -29.24 34.79 -4.53
C GLU J 66 -28.28 34.14 -5.53
N LEU J 67 -27.36 34.95 -6.06
CA LEU J 67 -26.41 34.46 -7.04
C LEU J 67 -25.56 33.31 -6.48
N THR J 68 -25.21 33.39 -5.21
CA THR J 68 -24.41 32.35 -4.61
C THR J 68 -25.13 31.01 -4.66
N MET J 69 -26.39 31.02 -4.26
CA MET J 69 -27.19 29.80 -4.25
C MET J 69 -27.22 29.13 -5.60
N THR J 70 -27.40 29.92 -6.63
CA THR J 70 -27.47 29.37 -7.97
C THR J 70 -26.24 28.51 -8.27
N VAL J 71 -25.07 28.98 -7.84
CA VAL J 71 -23.83 28.25 -8.08
C VAL J 71 -23.69 27.05 -7.15
N LEU J 72 -24.11 27.19 -5.89
CA LEU J 72 -24.01 26.08 -4.94
C LEU J 72 -24.80 24.86 -5.43
N ARG J 73 -26.02 25.07 -5.85
CA ARG J 73 -26.77 23.96 -6.33
C ARG J 73 -26.11 23.39 -7.56
N ASP J 74 -25.61 24.26 -8.43
CA ASP J 74 -25.01 23.80 -9.69
C ASP J 74 -23.96 22.70 -9.47
N MET J 75 -23.13 22.86 -8.44
CA MET J 75 -22.11 21.87 -8.13
C MET J 75 -22.77 20.64 -7.52
N GLY J 76 -24.09 20.68 -7.47
CA GLY J 76 -24.89 19.61 -6.91
C GLY J 76 -25.67 20.17 -5.73
N LEU J 77 -26.77 19.51 -5.36
CA LEU J 77 -27.56 19.99 -4.23
C LEU J 77 -26.84 19.73 -2.93
N GLN J 78 -26.58 20.79 -2.20
CA GLN J 78 -25.89 20.68 -0.93
C GLN J 78 -26.81 21.09 0.20
N GLU J 79 -26.58 20.54 1.37
CA GLU J 79 -27.40 20.91 2.50
C GLU J 79 -27.23 22.39 2.74
N LEU J 80 -26.05 22.90 2.36
CA LEU J 80 -25.73 24.32 2.52
C LEU J 80 -26.72 25.20 1.76
N ALA J 81 -27.00 24.86 0.52
CA ALA J 81 -27.92 25.67 -0.28
C ALA J 81 -29.20 25.88 0.49
N GLU J 82 -29.73 24.81 1.07
CA GLU J 82 -30.96 24.91 1.82
C GLU J 82 -30.74 25.72 3.10
N GLN J 83 -29.65 25.42 3.81
CA GLN J 83 -29.36 26.13 5.05
C GLN J 83 -29.24 27.62 4.80
N LEU J 84 -28.54 27.98 3.74
CA LEU J 84 -28.35 29.38 3.41
C LEU J 84 -29.67 30.03 3.02
N GLN J 85 -30.51 29.30 2.30
CA GLN J 85 -31.80 29.85 1.86
C GLN J 85 -32.60 30.32 3.06
N THR J 86 -32.53 29.57 4.16
CA THR J 86 -33.26 29.95 5.35
C THR J 86 -32.94 31.38 5.74
N THR J 87 -31.71 31.80 5.47
CA THR J 87 -31.28 33.16 5.80
C THR J 87 -32.10 34.18 5.01
N LYS J 88 -32.51 33.81 3.80
CA LYS J 88 -33.28 34.72 2.95
C LYS J 88 -34.50 35.24 3.72
N GLU J 89 -35.17 34.35 4.43
CA GLU J 89 -36.34 34.74 5.22
C GLU J 89 -35.90 35.61 6.40
N GLY K 1 -28.91 -12.73 19.09
CA GLY K 1 -30.01 -13.69 18.97
C GLY K 1 -29.52 -15.12 19.15
N ARG K 2 -30.11 -15.82 20.12
CA ARG K 2 -29.72 -17.19 20.39
C ARG K 2 -29.96 -18.08 19.16
N ALA K 3 -30.79 -17.60 18.25
CA ALA K 3 -31.12 -18.35 17.04
C ALA K 3 -29.86 -18.76 16.27
N ARG K 4 -28.92 -17.85 16.13
CA ARG K 4 -27.69 -18.16 15.40
C ARG K 4 -26.97 -19.34 16.05
N ASP K 5 -26.86 -19.30 17.36
CA ASP K 5 -26.16 -20.35 18.10
C ASP K 5 -26.83 -21.71 17.95
N ALA K 6 -28.16 -21.72 17.93
CA ALA K 6 -28.88 -22.98 17.82
C ALA K 6 -28.60 -23.66 16.47
N ILE K 7 -28.79 -22.92 15.39
CA ILE K 7 -28.56 -23.48 14.07
C ILE K 7 -27.13 -23.98 13.95
N LEU K 8 -26.20 -23.14 14.35
CA LEU K 8 -24.79 -23.49 14.27
C LEU K 8 -24.52 -24.86 14.88
N ASP K 9 -24.97 -25.05 16.12
CA ASP K 9 -24.72 -26.31 16.81
C ASP K 9 -25.27 -27.52 16.07
N ALA K 10 -26.52 -27.41 15.60
CA ALA K 10 -27.14 -28.53 14.90
C ALA K 10 -26.59 -28.75 13.50
N LEU K 11 -26.30 -27.67 12.78
CA LEU K 11 -25.79 -27.80 11.42
C LEU K 11 -24.44 -28.50 11.37
N GLU K 12 -23.60 -28.22 12.36
CA GLU K 12 -22.24 -28.80 12.43
C GLU K 12 -22.25 -30.32 12.65
N ASN K 13 -23.39 -30.90 13.06
CA ASN K 13 -23.46 -32.35 13.31
C ASN K 13 -23.71 -33.15 12.03
N LEU K 14 -23.62 -32.51 10.87
CA LEU K 14 -23.83 -33.21 9.60
C LEU K 14 -22.50 -33.70 9.05
N SER K 15 -22.52 -34.85 8.36
CA SER K 15 -21.30 -35.38 7.78
C SER K 15 -20.86 -34.53 6.59
N GLY K 16 -19.63 -34.72 6.15
CA GLY K 16 -19.09 -33.94 5.04
C GLY K 16 -19.90 -34.08 3.75
N ASP K 17 -20.32 -35.30 3.42
CA ASP K 17 -21.06 -35.51 2.17
C ASP K 17 -22.47 -34.90 2.19
N GLU K 18 -23.24 -35.17 3.24
CA GLU K 18 -24.59 -34.65 3.33
C GLU K 18 -24.58 -33.14 3.23
N LEU K 19 -23.54 -32.54 3.79
CA LEU K 19 -23.41 -31.10 3.75
C LEU K 19 -23.52 -30.61 2.30
N LYS K 20 -22.82 -31.28 1.41
CA LYS K 20 -22.87 -30.89 0.01
C LYS K 20 -24.30 -30.96 -0.50
N LYS K 21 -24.99 -32.03 -0.13
CA LYS K 21 -26.36 -32.21 -0.57
C LYS K 21 -27.24 -31.10 -0.05
N PHE K 22 -26.99 -30.71 1.19
CA PHE K 22 -27.80 -29.67 1.80
C PHE K 22 -27.60 -28.34 1.09
N LYS K 23 -26.35 -27.91 0.98
CA LYS K 23 -26.05 -26.63 0.33
C LYS K 23 -26.60 -26.58 -1.09
N MET K 24 -26.31 -27.63 -1.86
CA MET K 24 -26.77 -27.68 -3.24
C MET K 24 -28.29 -27.66 -3.35
N LYS K 25 -28.97 -28.41 -2.49
CA LYS K 25 -30.43 -28.46 -2.55
C LYS K 25 -31.03 -27.10 -2.21
N LEU K 26 -30.37 -26.38 -1.33
CA LEU K 26 -30.85 -25.08 -0.90
C LEU K 26 -31.03 -24.15 -2.11
N LEU K 27 -30.13 -24.29 -3.06
CA LEU K 27 -30.18 -23.46 -4.26
C LEU K 27 -31.46 -23.70 -5.06
N THR K 28 -31.97 -24.93 -5.03
CA THR K 28 -33.17 -25.28 -5.79
C THR K 28 -34.45 -25.26 -4.96
N VAL K 29 -34.36 -24.82 -3.71
CA VAL K 29 -35.54 -24.79 -2.85
C VAL K 29 -36.37 -23.53 -3.10
N GLN K 30 -37.69 -23.65 -2.97
CA GLN K 30 -38.58 -22.51 -3.17
C GLN K 30 -38.62 -21.64 -1.92
N LEU K 31 -38.53 -20.33 -2.11
CA LEU K 31 -38.53 -19.39 -1.00
C LEU K 31 -39.71 -18.43 -1.09
N ARG K 32 -40.09 -17.87 0.05
CA ARG K 32 -41.18 -16.91 0.09
C ARG K 32 -40.81 -15.67 -0.71
N GLU K 33 -41.80 -14.97 -1.23
CA GLU K 33 -41.57 -13.76 -2.03
C GLU K 33 -41.09 -12.60 -1.16
N GLY K 34 -40.23 -11.75 -1.74
CA GLY K 34 -39.70 -10.58 -1.04
C GLY K 34 -38.28 -10.84 -0.52
N TYR K 35 -37.74 -12.01 -0.85
CA TYR K 35 -36.39 -12.36 -0.40
C TYR K 35 -35.49 -12.66 -1.59
N GLY K 36 -34.19 -12.48 -1.39
CA GLY K 36 -33.22 -12.73 -2.46
C GLY K 36 -32.72 -14.16 -2.44
N ARG K 37 -31.88 -14.47 -3.43
CA ARG K 37 -31.27 -15.78 -3.59
C ARG K 37 -29.77 -15.66 -3.40
N ILE K 38 -29.14 -16.66 -2.78
CA ILE K 38 -27.71 -16.56 -2.52
C ILE K 38 -26.89 -16.95 -3.74
N PRO K 39 -25.92 -16.13 -4.10
CA PRO K 39 -25.04 -16.38 -5.29
C PRO K 39 -24.47 -17.80 -5.29
N ARG K 40 -24.51 -18.44 -6.45
CA ARG K 40 -24.01 -19.81 -6.55
C ARG K 40 -22.52 -19.90 -6.27
N GLY K 41 -21.74 -19.01 -6.87
CA GLY K 41 -20.28 -19.03 -6.71
C GLY K 41 -19.83 -19.02 -5.26
N ALA K 42 -20.41 -18.16 -4.43
CA ALA K 42 -20.01 -18.07 -3.04
C ALA K 42 -20.34 -19.34 -2.26
N LEU K 43 -21.54 -19.85 -2.47
CA LEU K 43 -21.99 -21.05 -1.76
C LEU K 43 -21.07 -22.26 -1.97
N LEU K 44 -20.57 -22.42 -3.19
CA LEU K 44 -19.73 -23.58 -3.49
C LEU K 44 -18.46 -23.67 -2.65
N GLN K 45 -17.87 -22.53 -2.29
CA GLN K 45 -16.61 -22.55 -1.52
C GLN K 45 -16.80 -22.19 -0.03
N MET K 46 -18.03 -21.98 0.41
CA MET K 46 -18.27 -21.60 1.80
C MET K 46 -18.05 -22.73 2.81
N ASP K 47 -17.86 -22.33 4.07
CA ASP K 47 -17.65 -23.27 5.16
C ASP K 47 -18.92 -23.36 6.01
N ALA K 48 -19.01 -24.40 6.83
CA ALA K 48 -20.20 -24.59 7.67
C ALA K 48 -20.42 -23.42 8.63
N ILE K 49 -19.36 -22.96 9.29
CA ILE K 49 -19.53 -21.84 10.23
C ILE K 49 -19.93 -20.58 9.47
N ASP K 50 -19.22 -20.30 8.40
CA ASP K 50 -19.50 -19.11 7.59
C ASP K 50 -20.94 -19.15 7.08
N LEU K 51 -21.34 -20.33 6.65
CA LEU K 51 -22.68 -20.53 6.12
C LEU K 51 -23.71 -20.12 7.15
N THR K 52 -23.40 -20.32 8.42
CA THR K 52 -24.32 -19.97 9.48
C THR K 52 -24.58 -18.47 9.52
N ASP K 53 -23.52 -17.67 9.59
CA ASP K 53 -23.67 -16.23 9.66
C ASP K 53 -24.41 -15.66 8.46
N LYS K 54 -24.08 -16.13 7.28
CA LYS K 54 -24.71 -15.63 6.08
C LYS K 54 -26.16 -16.09 5.97
N LEU K 55 -26.43 -17.34 6.33
CA LEU K 55 -27.78 -17.87 6.22
C LEU K 55 -28.78 -16.95 6.91
N VAL K 56 -28.50 -16.60 8.16
CA VAL K 56 -29.41 -15.72 8.88
C VAL K 56 -29.40 -14.31 8.29
N SER K 57 -28.24 -13.90 7.75
CA SER K 57 -28.11 -12.56 7.20
C SER K 57 -29.18 -12.23 6.16
N TYR K 58 -29.46 -13.17 5.27
CA TYR K 58 -30.46 -12.93 4.22
C TYR K 58 -31.89 -13.06 4.72
N TYR K 59 -32.12 -13.99 5.64
CA TYR K 59 -33.46 -14.22 6.15
C TYR K 59 -33.55 -13.89 7.64
N LEU K 60 -34.67 -13.30 8.04
CA LEU K 60 -34.86 -12.94 9.44
C LEU K 60 -34.74 -14.19 10.30
N GLU K 61 -34.42 -13.99 11.57
CA GLU K 61 -34.25 -15.11 12.49
C GLU K 61 -35.51 -15.97 12.57
N SER K 62 -36.67 -15.35 12.73
CA SER K 62 -37.91 -16.09 12.84
C SER K 62 -38.19 -16.92 11.59
N TYR K 63 -38.26 -16.23 10.45
CA TYR K 63 -38.53 -16.90 9.19
C TYR K 63 -37.34 -17.76 8.76
N GLY K 64 -36.14 -17.26 9.01
CA GLY K 64 -34.93 -17.98 8.63
C GLY K 64 -34.82 -19.32 9.36
N LEU K 65 -35.16 -19.34 10.63
CA LEU K 65 -35.06 -20.55 11.43
C LEU K 65 -35.99 -21.64 10.89
N GLU K 66 -37.22 -21.26 10.55
CA GLU K 66 -38.19 -22.22 10.01
C GLU K 66 -37.77 -22.75 8.65
N LEU K 67 -37.17 -21.88 7.83
CA LEU K 67 -36.74 -22.27 6.50
C LEU K 67 -35.76 -23.43 6.53
N THR K 68 -34.88 -23.44 7.53
CA THR K 68 -33.90 -24.51 7.63
C THR K 68 -34.59 -25.86 7.78
N MET K 69 -35.55 -25.91 8.70
CA MET K 69 -36.26 -27.15 8.97
C MET K 69 -36.88 -27.72 7.71
N THR K 70 -37.49 -26.86 6.93
CA THR K 70 -38.16 -27.30 5.72
C THR K 70 -37.20 -28.09 4.84
N VAL K 71 -35.95 -27.63 4.74
CA VAL K 71 -34.95 -28.31 3.93
C VAL K 71 -34.42 -29.58 4.61
N LEU K 72 -34.25 -29.54 5.93
CA LEU K 72 -33.74 -30.72 6.65
C LEU K 72 -34.67 -31.91 6.46
N ARG K 73 -35.96 -31.70 6.63
CA ARG K 73 -36.85 -32.81 6.43
C ARG K 73 -36.81 -33.26 5.00
N ASP K 74 -36.73 -32.30 4.07
CA ASP K 74 -36.75 -32.65 2.64
C ASP K 74 -35.72 -33.74 2.30
N MET K 75 -34.51 -33.63 2.88
CA MET K 75 -33.46 -34.62 2.62
C MET K 75 -33.80 -35.91 3.35
N GLY K 76 -34.98 -35.90 3.97
CA GLY K 76 -35.46 -37.03 4.75
C GLY K 76 -35.63 -36.60 6.19
N LEU K 77 -36.46 -37.31 6.94
CA LEU K 77 -36.68 -36.94 8.33
C LEU K 77 -35.46 -37.29 9.16
N GLN K 78 -34.90 -36.26 9.79
CA GLN K 78 -33.71 -36.46 10.61
C GLN K 78 -34.05 -36.16 12.07
N GLU K 79 -33.33 -36.79 12.97
CA GLU K 79 -33.56 -36.54 14.37
C GLU K 79 -33.30 -35.07 14.63
N LEU K 80 -32.41 -34.51 13.82
CA LEU K 80 -32.03 -33.10 13.93
C LEU K 80 -33.24 -32.18 13.76
N ALA K 81 -34.04 -32.44 12.73
CA ALA K 81 -35.21 -31.60 12.49
C ALA K 81 -36.04 -31.49 13.76
N GLU K 82 -36.26 -32.60 14.42
CA GLU K 82 -37.03 -32.60 15.65
C GLU K 82 -36.27 -31.89 16.75
N GLN K 83 -34.98 -32.21 16.90
CA GLN K 83 -34.17 -31.59 17.94
C GLN K 83 -34.16 -30.08 17.78
N LEU K 84 -33.99 -29.62 16.56
CA LEU K 84 -33.96 -28.20 16.29
C LEU K 84 -35.31 -27.55 16.57
N GLN K 85 -36.39 -28.26 16.23
CA GLN K 85 -37.73 -27.72 16.45
C GLN K 85 -37.92 -27.35 17.92
N THR K 86 -37.38 -28.18 18.80
CA THR K 86 -37.51 -27.91 20.23
C THR K 86 -37.04 -26.50 20.55
N THR K 87 -36.05 -26.04 19.81
CA THR K 87 -35.50 -24.70 20.02
C THR K 87 -36.57 -23.64 19.75
N LYS K 88 -37.48 -23.93 18.82
CA LYS K 88 -38.54 -22.98 18.48
C LYS K 88 -39.30 -22.55 19.73
N GLU K 89 -39.59 -23.50 20.60
CA GLU K 89 -40.29 -23.22 21.84
C GLU K 89 -39.37 -22.43 22.79
N GLY L 1 -0.57 -3.60 32.66
CA GLY L 1 -1.39 -4.63 33.30
C GLY L 1 -1.02 -6.02 32.80
N ARG L 2 -0.64 -6.89 33.73
CA ARG L 2 -0.26 -8.25 33.38
C ARG L 2 -1.42 -8.98 32.70
N ALA L 3 -2.63 -8.46 32.90
CA ALA L 3 -3.82 -9.07 32.31
C ALA L 3 -3.68 -9.26 30.80
N ARG L 4 -3.17 -8.26 30.10
CA ARG L 4 -3.02 -8.36 28.66
C ARG L 4 -2.12 -9.54 28.30
N ASP L 5 -1.01 -9.66 29.00
CA ASP L 5 -0.05 -10.73 28.73
C ASP L 5 -0.65 -12.11 28.96
N ALA L 6 -1.47 -12.25 29.99
CA ALA L 6 -2.06 -13.55 30.29
C ALA L 6 -2.99 -14.01 29.18
N ILE L 7 -3.93 -13.16 28.79
CA ILE L 7 -4.87 -13.50 27.73
C ILE L 7 -4.11 -13.86 26.46
N LEU L 8 -3.18 -13.00 26.10
CA LEU L 8 -2.41 -13.20 24.88
C LEU L 8 -1.83 -14.60 24.83
N ASP L 9 -1.13 -15.00 25.88
CA ASP L 9 -0.49 -16.31 25.91
C ASP L 9 -1.48 -17.45 25.71
N ALA L 10 -2.60 -17.41 26.42
CA ALA L 10 -3.58 -18.48 26.33
C ALA L 10 -4.37 -18.45 25.02
N LEU L 11 -4.71 -17.27 24.53
CA LEU L 11 -5.49 -17.17 23.31
C LEU L 11 -4.74 -17.73 22.11
N GLU L 12 -3.42 -17.51 22.07
CA GLU L 12 -2.57 -17.96 20.96
C GLU L 12 -2.47 -19.50 20.86
N ASN L 13 -2.88 -20.21 21.91
CA ASN L 13 -2.80 -21.68 21.90
C ASN L 13 -4.00 -22.34 21.21
N LEU L 14 -4.83 -21.54 20.55
CA LEU L 14 -6.00 -22.09 19.85
C LEU L 14 -5.65 -22.38 18.39
N SER L 15 -6.26 -23.41 17.83
CA SER L 15 -5.99 -23.76 16.43
C SER L 15 -6.64 -22.72 15.52
N GLY L 16 -6.24 -22.73 14.25
CA GLY L 16 -6.76 -21.77 13.28
C GLY L 16 -8.28 -21.81 13.13
N ASP L 17 -8.86 -23.00 13.07
CA ASP L 17 -10.30 -23.12 12.89
C ASP L 17 -11.12 -22.65 14.10
N GLU L 18 -10.77 -23.13 15.29
CA GLU L 18 -11.50 -22.75 16.49
C GLU L 18 -11.49 -21.25 16.65
N LEU L 19 -10.40 -20.63 16.26
CA LEU L 19 -10.27 -19.20 16.35
C LEU L 19 -11.47 -18.53 15.66
N LYS L 20 -11.77 -19.01 14.47
CA LYS L 20 -12.89 -18.44 13.74
C LYS L 20 -14.17 -18.58 14.54
N LYS L 21 -14.35 -19.74 15.14
CA LYS L 21 -15.53 -20.00 15.93
C LYS L 21 -15.61 -19.06 17.10
N PHE L 22 -14.46 -18.80 17.71
CA PHE L 22 -14.42 -17.94 18.87
C PHE L 22 -14.80 -16.51 18.49
N LYS L 23 -14.10 -15.95 17.50
CA LYS L 23 -14.38 -14.57 17.08
C LYS L 23 -15.83 -14.39 16.67
N MET L 24 -16.31 -15.29 15.83
CA MET L 24 -17.68 -15.21 15.35
C MET L 24 -18.69 -15.32 16.49
N LYS L 25 -18.47 -16.24 17.42
CA LYS L 25 -19.41 -16.41 18.53
C LYS L 25 -19.44 -15.18 19.42
N LEU L 26 -18.30 -14.51 19.54
CA LEU L 26 -18.19 -13.32 20.37
C LEU L 26 -19.21 -12.27 19.93
N LEU L 27 -19.42 -12.19 18.63
CA LEU L 27 -20.37 -11.22 18.08
C LEU L 27 -21.79 -11.48 18.58
N THR L 28 -22.13 -12.75 18.81
CA THR L 28 -23.49 -13.09 19.25
C THR L 28 -23.60 -13.30 20.76
N VAL L 29 -22.54 -13.03 21.49
CA VAL L 29 -22.57 -13.22 22.95
C VAL L 29 -23.22 -12.02 23.64
N GLN L 30 -23.92 -12.27 24.75
CA GLN L 30 -24.56 -11.20 25.50
C GLN L 30 -23.56 -10.52 26.42
N LEU L 31 -23.59 -9.20 26.42
CA LEU L 31 -22.67 -8.41 27.24
C LEU L 31 -23.41 -7.56 28.25
N ARG L 32 -22.71 -7.19 29.32
CA ARG L 32 -23.30 -6.36 30.36
C ARG L 32 -23.64 -4.98 29.77
N GLU L 33 -24.63 -4.31 30.36
CA GLU L 33 -25.05 -3.01 29.87
C GLU L 33 -24.02 -1.92 30.19
N GLY L 34 -23.91 -0.93 29.30
CA GLY L 34 -22.98 0.17 29.49
C GLY L 34 -21.72 -0.02 28.64
N TYR L 35 -21.70 -1.08 27.83
CA TYR L 35 -20.55 -1.36 26.98
C TYR L 35 -20.96 -1.41 25.52
N GLY L 36 -20.00 -1.15 24.64
CA GLY L 36 -20.27 -1.15 23.21
C GLY L 36 -20.02 -2.52 22.60
N ARG L 37 -20.30 -2.61 21.30
CA ARG L 37 -20.12 -3.84 20.53
C ARG L 37 -19.04 -3.60 19.48
N ILE L 38 -18.23 -4.61 19.20
CA ILE L 38 -17.14 -4.42 18.24
C ILE L 38 -17.64 -4.56 16.80
N PRO L 39 -17.28 -3.62 15.94
CA PRO L 39 -17.70 -3.63 14.50
C PRO L 39 -17.43 -4.97 13.83
N ARG L 40 -18.40 -5.46 13.09
CA ARG L 40 -18.25 -6.75 12.41
C ARG L 40 -17.12 -6.74 11.40
N GLY L 41 -17.08 -5.70 10.56
CA GLY L 41 -16.07 -5.62 9.51
C GLY L 41 -14.63 -5.76 10.01
N ALA L 42 -14.30 -5.07 11.10
CA ALA L 42 -12.95 -5.12 11.63
C ALA L 42 -12.59 -6.51 12.16
N LEU L 43 -13.51 -7.10 12.90
CA LEU L 43 -13.28 -8.42 13.49
C LEU L 43 -12.94 -9.50 12.46
N LEU L 44 -13.61 -9.46 11.31
CA LEU L 44 -13.40 -10.49 10.29
C LEU L 44 -11.97 -10.56 9.78
N GLN L 45 -11.26 -9.43 9.70
CA GLN L 45 -9.89 -9.43 9.17
C GLN L 45 -8.80 -9.29 10.25
N MET L 46 -9.20 -9.26 11.52
CA MET L 46 -8.21 -9.08 12.60
C MET L 46 -7.35 -10.31 12.86
N ASP L 47 -6.21 -10.06 13.51
CA ASP L 47 -5.26 -11.12 13.87
C ASP L 47 -5.37 -11.44 15.35
N ALA L 48 -4.83 -12.59 15.76
CA ALA L 48 -4.90 -13.00 17.15
C ALA L 48 -4.21 -11.99 18.08
N ILE L 49 -3.02 -11.52 17.71
CA ILE L 49 -2.32 -10.55 18.58
C ILE L 49 -3.10 -9.25 18.64
N ASP L 50 -3.51 -8.75 17.48
CA ASP L 50 -4.27 -7.51 17.41
C ASP L 50 -5.55 -7.61 18.23
N LEU L 51 -6.20 -8.75 18.10
CA LEU L 51 -7.43 -9.01 18.80
C LEU L 51 -7.23 -8.83 20.30
N THR L 52 -6.04 -9.17 20.78
CA THR L 52 -5.74 -9.04 22.20
C THR L 52 -5.80 -7.59 22.67
N ASP L 53 -5.07 -6.73 21.98
CA ASP L 53 -5.02 -5.33 22.37
C ASP L 53 -6.40 -4.67 22.32
N LYS L 54 -7.15 -4.95 21.27
CA LYS L 54 -8.47 -4.35 21.14
C LYS L 54 -9.46 -4.93 22.15
N LEU L 55 -9.39 -6.23 22.38
CA LEU L 55 -10.33 -6.86 23.29
C LEU L 55 -10.34 -6.15 24.64
N VAL L 56 -9.18 -5.93 25.22
CA VAL L 56 -9.12 -5.26 26.49
C VAL L 56 -9.51 -3.78 26.35
N SER L 57 -9.22 -3.20 25.19
CA SER L 57 -9.50 -1.78 24.97
C SER L 57 -10.95 -1.42 25.23
N TYR L 58 -11.88 -2.25 24.77
CA TYR L 58 -13.30 -1.97 24.97
C TYR L 58 -13.78 -2.31 26.39
N TYR L 59 -13.23 -3.36 26.98
CA TYR L 59 -13.66 -3.78 28.30
C TYR L 59 -12.53 -3.66 29.31
N LEU L 60 -12.86 -3.23 30.52
CA LEU L 60 -11.84 -3.08 31.55
C LEU L 60 -11.16 -4.42 31.78
N GLU L 61 -9.94 -4.35 32.32
CA GLU L 61 -9.17 -5.58 32.56
C GLU L 61 -9.91 -6.54 33.47
N SER L 62 -10.46 -6.06 34.57
CA SER L 62 -11.16 -6.93 35.51
C SER L 62 -12.38 -7.59 34.85
N TYR L 63 -13.27 -6.78 34.33
CA TYR L 63 -14.47 -7.29 33.69
C TYR L 63 -14.13 -7.98 32.37
N GLY L 64 -13.18 -7.41 31.65
CA GLY L 64 -12.78 -7.96 30.36
C GLY L 64 -12.20 -9.37 30.50
N LEU L 65 -11.39 -9.58 31.52
CA LEU L 65 -10.77 -10.88 31.73
C LEU L 65 -11.82 -11.97 31.98
N GLU L 66 -12.82 -11.65 32.79
CA GLU L 66 -13.87 -12.62 33.11
C GLU L 66 -14.72 -12.93 31.87
N LEU L 67 -14.96 -11.92 31.05
CA LEU L 67 -15.78 -12.07 29.85
C LEU L 67 -15.21 -13.14 28.92
N THR L 68 -13.89 -13.20 28.82
CA THR L 68 -13.26 -14.17 27.94
C THR L 68 -13.63 -15.58 28.37
N MET L 69 -13.49 -15.85 29.67
CA MET L 69 -13.77 -17.18 30.20
C MET L 69 -15.17 -17.63 29.85
N THR L 70 -16.12 -16.73 30.00
CA THR L 70 -17.50 -17.06 29.73
C THR L 70 -17.66 -17.65 28.32
N VAL L 71 -16.95 -17.06 27.36
CA VAL L 71 -17.00 -17.53 25.98
C VAL L 71 -16.21 -18.83 25.78
N LEU L 72 -15.06 -18.94 26.43
CA LEU L 72 -14.25 -20.15 26.28
C LEU L 72 -15.03 -21.40 26.71
N ARG L 73 -15.66 -21.33 27.87
CA ARG L 73 -16.41 -22.48 28.29
C ARG L 73 -17.54 -22.73 27.32
N ASP L 74 -18.17 -21.66 26.85
CA ASP L 74 -19.33 -21.81 25.96
C ASP L 74 -19.03 -22.74 24.78
N MET L 75 -17.84 -22.60 24.20
CA MET L 75 -17.46 -23.44 23.07
C MET L 75 -17.15 -24.84 23.57
N GLY L 76 -17.37 -25.03 24.86
CA GLY L 76 -17.10 -26.30 25.53
C GLY L 76 -16.04 -26.08 26.60
N LEU L 77 -15.99 -26.96 27.59
CA LEU L 77 -15.01 -26.80 28.65
C LEU L 77 -13.62 -27.12 28.12
N GLN L 78 -12.73 -26.16 28.21
CA GLN L 78 -11.37 -26.34 27.75
C GLN L 78 -10.41 -26.28 28.92
N GLU L 79 -9.28 -26.95 28.79
CA GLU L 79 -8.30 -26.90 29.85
C GLU L 79 -7.86 -25.46 30.03
N LEU L 80 -7.94 -24.72 28.92
CA LEU L 80 -7.56 -23.30 28.91
C LEU L 80 -8.37 -22.49 29.90
N ALA L 81 -9.69 -22.68 29.89
CA ALA L 81 -10.54 -21.93 30.78
C ALA L 81 -10.04 -22.06 32.21
N GLU L 82 -9.71 -23.28 32.61
CA GLU L 82 -9.21 -23.50 33.95
C GLU L 82 -7.83 -22.87 34.12
N GLN L 83 -6.96 -23.09 33.14
CA GLN L 83 -5.60 -22.54 33.21
C GLN L 83 -5.65 -21.03 33.34
N LEU L 84 -6.50 -20.41 32.55
CA LEU L 84 -6.62 -18.95 32.58
C LEU L 84 -7.18 -18.49 33.92
N GLN L 85 -8.15 -19.23 34.46
CA GLN L 85 -8.76 -18.85 35.73
C GLN L 85 -7.70 -18.71 36.81
N THR L 86 -6.71 -19.59 36.79
CA THR L 86 -5.65 -19.53 37.78
C THR L 86 -5.03 -18.14 37.82
N THR L 87 -5.00 -17.48 36.65
CA THR L 87 -4.44 -16.14 36.56
C THR L 87 -5.25 -15.16 37.42
N LYS L 88 -6.56 -15.41 37.52
CA LYS L 88 -7.42 -14.52 38.30
C LYS L 88 -6.86 -14.33 39.72
N GLU L 89 -6.41 -15.42 40.31
CA GLU L 89 -5.83 -15.36 41.65
C GLU L 89 -4.49 -14.63 41.62
N GLY M 1 27.84 6.20 19.74
CA GLY M 1 27.80 5.03 20.61
C GLY M 1 27.57 3.76 19.80
N ARG M 2 28.49 2.82 19.93
CA ARG M 2 28.37 1.54 19.21
C ARG M 2 27.10 0.82 19.61
N ALA M 3 26.54 1.18 20.76
CA ALA M 3 25.32 0.55 21.25
C ALA M 3 24.20 0.57 20.21
N ARG M 4 24.01 1.70 19.56
CA ARG M 4 22.96 1.80 18.54
C ARG M 4 23.16 0.77 17.45
N ASP M 5 24.39 0.66 16.98
CA ASP M 5 24.71 -0.27 15.90
C ASP M 5 24.45 -1.72 16.29
N ALA M 6 24.77 -2.06 17.53
CA ALA M 6 24.59 -3.44 17.97
C ALA M 6 23.11 -3.84 17.97
N ILE M 7 22.27 -3.03 18.61
CA ILE M 7 20.85 -3.33 18.66
C ILE M 7 20.29 -3.43 17.26
N LEU M 8 20.61 -2.45 16.43
CA LEU M 8 20.10 -2.42 15.08
C LEU M 8 20.35 -3.75 14.37
N ASP M 9 21.59 -4.20 14.39
CA ASP M 9 21.94 -5.45 13.70
C ASP M 9 21.13 -6.65 14.19
N ALA M 10 21.01 -6.80 15.50
CA ALA M 10 20.29 -7.94 16.06
C ALA M 10 18.77 -7.81 15.90
N LEU M 11 18.24 -6.61 16.06
CA LEU M 11 16.80 -6.42 15.95
C LEU M 11 16.28 -6.75 14.55
N GLU M 12 17.06 -6.39 13.54
CA GLU M 12 16.68 -6.63 12.13
C GLU M 12 16.59 -8.11 11.77
N ASN M 13 17.13 -9.01 12.60
CA ASN M 13 17.10 -10.45 12.30
C ASN M 13 15.80 -11.11 12.74
N LEU M 14 14.79 -10.31 13.12
CA LEU M 14 13.51 -10.87 13.53
C LEU M 14 12.55 -10.93 12.35
N SER M 15 11.69 -11.93 12.33
CA SER M 15 10.73 -12.07 11.24
C SER M 15 9.66 -10.98 11.36
N GLY M 16 8.90 -10.80 10.28
CA GLY M 16 7.87 -9.77 10.26
C GLY M 16 6.82 -9.92 11.36
N ASP M 17 6.37 -11.15 11.60
CA ASP M 17 5.33 -11.38 12.62
C ASP M 17 5.82 -11.15 14.05
N GLU M 18 6.95 -11.74 14.40
CA GLU M 18 7.47 -11.59 15.77
C GLU M 18 7.67 -10.13 16.09
N LEU M 19 8.06 -9.37 15.08
CA LEU M 19 8.27 -7.95 15.26
C LEU M 19 7.04 -7.32 15.88
N LYS M 20 5.88 -7.65 15.35
CA LYS M 20 4.64 -7.11 15.87
C LYS M 20 4.50 -7.47 17.34
N LYS M 21 4.81 -8.71 17.67
CA LYS M 21 4.69 -9.18 19.03
C LYS M 21 5.63 -8.41 19.93
N PHE M 22 6.83 -8.13 19.42
CA PHE M 22 7.81 -7.42 20.21
C PHE M 22 7.35 -6.00 20.51
N LYS M 23 7.01 -5.25 19.45
CA LYS M 23 6.58 -3.87 19.63
C LYS M 23 5.37 -3.76 20.56
N MET M 24 4.37 -4.59 20.30
CA MET M 24 3.16 -4.58 21.11
C MET M 24 3.44 -4.92 22.56
N LYS M 25 4.27 -5.93 22.80
CA LYS M 25 4.57 -6.33 24.18
C LYS M 25 5.31 -5.23 24.92
N LEU M 26 6.13 -4.48 24.19
CA LEU M 26 6.91 -3.41 24.79
C LEU M 26 6.00 -2.41 25.49
N LEU M 27 4.84 -2.18 24.90
CA LEU M 27 3.88 -1.24 25.45
C LEU M 27 3.39 -1.69 26.84
N THR M 28 3.31 -3.00 27.06
CA THR M 28 2.81 -3.54 28.32
C THR M 28 3.93 -3.95 29.29
N VAL M 29 5.17 -3.67 28.94
CA VAL M 29 6.29 -4.05 29.80
C VAL M 29 6.50 -3.02 30.90
N GLN M 30 6.95 -3.48 32.07
CA GLN M 30 7.19 -2.58 33.20
C GLN M 30 8.57 -1.94 33.06
N LEU M 31 8.62 -0.63 33.28
CA LEU M 31 9.85 0.12 33.16
C LEU M 31 10.25 0.76 34.49
N ARG M 32 11.54 1.04 34.63
CA ARG M 32 12.04 1.68 35.85
C ARG M 32 11.43 3.08 35.97
N GLU M 33 11.33 3.57 37.20
CA GLU M 33 10.75 4.89 37.45
C GLU M 33 11.68 6.02 36.98
N GLY M 34 11.08 7.12 36.52
CA GLY M 34 11.86 8.28 36.06
C GLY M 34 11.95 8.31 34.54
N TYR M 35 11.27 7.38 33.88
CA TYR M 35 11.29 7.31 32.43
C TYR M 35 9.88 7.41 31.87
N GLY M 36 9.78 7.89 30.63
CA GLY M 36 8.47 8.04 29.99
C GLY M 36 8.08 6.79 29.21
N ARG M 37 6.87 6.84 28.64
CA ARG M 37 6.32 5.74 27.86
C ARG M 37 6.15 6.22 26.42
N ILE M 38 6.38 5.33 25.45
CA ILE M 38 6.29 5.75 24.06
C ILE M 38 4.85 5.76 23.56
N PRO M 39 4.42 6.82 22.91
CA PRO M 39 3.03 6.97 22.39
C PRO M 39 2.62 5.76 21.56
N ARG M 40 1.41 5.28 21.81
CA ARG M 40 0.89 4.11 21.10
C ARG M 40 0.77 4.37 19.60
N GLY M 41 0.19 5.50 19.23
CA GLY M 41 -0.02 5.82 17.81
C GLY M 41 1.25 5.74 16.96
N ALA M 42 2.34 6.31 17.46
CA ALA M 42 3.58 6.31 16.70
C ALA M 42 4.15 4.91 16.52
N LEU M 43 4.16 4.13 17.60
CA LEU M 43 4.70 2.79 17.57
C LEU M 43 4.03 1.89 16.52
N LEU M 44 2.72 2.01 16.37
CA LEU M 44 1.99 1.16 15.44
C LEU M 44 2.45 1.28 13.99
N GLN M 45 2.88 2.47 13.56
CA GLN M 45 3.30 2.66 12.17
C GLN M 45 4.82 2.76 11.98
N MET M 46 5.58 2.59 13.05
CA MET M 46 7.05 2.72 12.95
C MET M 46 7.72 1.54 12.23
N ASP M 47 8.93 1.81 11.76
CA ASP M 47 9.74 0.81 11.07
C ASP M 47 10.84 0.29 11.99
N ALA M 48 11.44 -0.84 11.63
CA ALA M 48 12.49 -1.44 12.45
C ALA M 48 13.68 -0.50 12.61
N ILE M 49 14.15 0.12 11.53
CA ILE M 49 15.29 1.03 11.65
C ILE M 49 14.94 2.23 12.50
N ASP M 50 13.79 2.84 12.21
CA ASP M 50 13.34 4.01 12.94
C ASP M 50 13.19 3.68 14.42
N LEU M 51 12.65 2.50 14.69
CA LEU M 51 12.44 2.04 16.05
C LEU M 51 13.76 2.04 16.81
N THR M 52 14.84 1.76 16.10
CA THR M 52 16.15 1.73 16.73
C THR M 52 16.56 3.09 17.27
N ASP M 53 16.50 4.10 16.43
CA ASP M 53 16.91 5.44 16.84
C ASP M 53 16.06 5.96 17.99
N LYS M 54 14.76 5.75 17.92
CA LYS M 54 13.88 6.24 18.97
C LYS M 54 14.04 5.45 20.26
N LEU M 55 14.20 4.14 20.15
CA LEU M 55 14.33 3.30 21.34
C LEU M 55 15.42 3.84 22.26
N VAL M 56 16.60 4.07 21.72
CA VAL M 56 17.68 4.59 22.54
C VAL M 56 17.40 6.02 22.98
N SER M 57 16.69 6.78 22.15
CA SER M 57 16.40 8.19 22.46
C SER M 57 15.73 8.36 23.81
N TYR M 58 14.78 7.52 24.15
CA TYR M 58 14.07 7.63 25.43
C TYR M 58 14.89 7.08 26.59
N TYR M 59 15.63 6.01 26.36
CA TYR M 59 16.41 5.38 27.42
C TYR M 59 17.91 5.49 27.14
N LEU M 60 18.67 5.71 28.19
CA LEU M 60 20.13 5.82 28.04
C LEU M 60 20.67 4.54 27.43
N GLU M 61 21.83 4.63 26.80
CA GLU M 61 22.43 3.48 26.16
C GLU M 61 22.65 2.32 27.13
N SER M 62 23.21 2.61 28.29
CA SER M 62 23.48 1.56 29.27
C SER M 62 22.19 0.89 29.73
N TYR M 63 21.27 1.67 30.25
CA TYR M 63 20.01 1.13 30.74
C TYR M 63 19.14 0.67 29.58
N GLY M 64 19.18 1.41 28.48
CA GLY M 64 18.37 1.07 27.31
C GLY M 64 18.77 -0.28 26.72
N LEU M 65 20.07 -0.55 26.68
CA LEU M 65 20.55 -1.80 26.11
C LEU M 65 20.05 -3.00 26.91
N GLU M 66 20.10 -2.90 28.23
CA GLU M 66 19.65 -3.99 29.10
C GLU M 66 18.15 -4.21 28.99
N LEU M 67 17.40 -3.13 28.83
CA LEU M 67 15.95 -3.20 28.74
C LEU M 67 15.51 -4.07 27.57
N THR M 68 16.23 -3.99 26.47
CA THR M 68 15.87 -4.79 25.30
C THR M 68 15.92 -6.27 25.63
N MET M 69 17.01 -6.70 26.24
CA MET M 69 17.20 -8.10 26.59
C MET M 69 16.06 -8.63 27.42
N THR M 70 15.63 -7.85 28.39
CA THR M 70 14.56 -8.28 29.26
C THR M 70 13.32 -8.67 28.45
N VAL M 71 13.03 -7.90 27.41
CA VAL M 71 11.88 -8.19 26.56
C VAL M 71 12.14 -9.37 25.62
N LEU M 72 13.34 -9.47 25.08
CA LEU M 72 13.67 -10.56 24.17
C LEU M 72 13.48 -11.92 24.85
N ARG M 73 14.01 -12.07 26.04
CA ARG M 73 13.82 -13.32 26.70
C ARG M 73 12.36 -13.54 27.00
N ASP M 74 11.64 -12.49 27.38
CA ASP M 74 10.24 -12.63 27.73
C ASP M 74 9.43 -13.36 26.65
N MET M 75 9.71 -13.04 25.38
CA MET M 75 9.01 -13.69 24.27
C MET M 75 9.53 -15.11 24.12
N GLY M 76 10.40 -15.48 25.04
CA GLY M 76 11.04 -16.79 25.02
C GLY M 76 12.54 -16.62 24.87
N LEU M 77 13.32 -17.60 25.28
CA LEU M 77 14.77 -17.50 25.16
C LEU M 77 15.17 -17.63 23.71
N GLN M 78 15.83 -16.60 23.21
CA GLN M 78 16.29 -16.60 21.83
C GLN M 78 17.80 -16.60 21.78
N GLU M 79 18.36 -17.14 20.73
CA GLU M 79 19.79 -17.15 20.59
C GLU M 79 20.27 -15.70 20.57
N LEU M 80 19.39 -14.83 20.08
CA LEU M 80 19.67 -13.41 19.99
C LEU M 80 19.99 -12.81 21.35
N ALA M 81 19.18 -13.11 22.34
CA ALA M 81 19.40 -12.57 23.67
C ALA M 81 20.83 -12.84 24.12
N GLU M 82 21.29 -14.06 23.90
CA GLU M 82 22.65 -14.41 24.26
C GLU M 82 23.65 -13.68 23.38
N GLN M 83 23.40 -13.68 22.08
CA GLN M 83 24.30 -13.03 21.14
C GLN M 83 24.46 -11.56 21.48
N LEU M 84 23.33 -10.92 21.78
CA LEU M 84 23.36 -9.51 22.10
C LEU M 84 24.10 -9.27 23.42
N GLN M 85 23.89 -10.16 24.39
CA GLN M 85 24.55 -10.01 25.68
C GLN M 85 26.06 -9.91 25.52
N THR M 86 26.60 -10.69 24.59
CA THR M 86 28.04 -10.66 24.36
C THR M 86 28.51 -9.24 24.11
N THR M 87 27.64 -8.44 23.49
CA THR M 87 27.98 -7.05 23.20
C THR M 87 28.20 -6.27 24.49
N LYS M 88 27.48 -6.64 25.55
CA LYS M 88 27.62 -5.95 26.84
C LYS M 88 29.08 -5.90 27.26
N GLU M 89 29.78 -7.01 27.09
CA GLU M 89 31.18 -7.07 27.45
C GLU M 89 32.01 -6.22 26.49
N GLY N 1 35.40 20.12 -8.87
CA GLY N 1 36.01 18.84 -8.50
C GLY N 1 35.16 17.68 -8.99
N ARG N 2 35.78 16.81 -9.78
CA ARG N 2 35.08 15.64 -10.31
C ARG N 2 34.58 14.75 -9.18
N ALA N 3 35.17 14.91 -8.00
CA ALA N 3 34.79 14.11 -6.84
C ALA N 3 33.29 14.17 -6.58
N ARG N 4 32.70 15.35 -6.64
CA ARG N 4 31.27 15.49 -6.40
C ARG N 4 30.47 14.64 -7.37
N ASP N 5 30.83 14.69 -8.64
CA ASP N 5 30.14 13.95 -9.66
C ASP N 5 30.22 12.45 -9.45
N ALA N 6 31.38 11.96 -9.02
CA ALA N 6 31.55 10.53 -8.81
C ALA N 6 30.62 10.01 -7.70
N ILE N 7 30.67 10.65 -6.55
CA ILE N 7 29.83 10.22 -5.45
C ILE N 7 28.37 10.25 -5.85
N LEU N 8 27.96 11.35 -6.44
CA LEU N 8 26.58 11.51 -6.85
C LEU N 8 26.10 10.33 -7.67
N ASP N 9 26.85 9.98 -8.70
CA ASP N 9 26.45 8.88 -9.57
C ASP N 9 26.29 7.55 -8.82
N ALA N 10 27.25 7.22 -7.97
CA ALA N 10 27.20 5.96 -7.24
C ALA N 10 26.15 5.97 -6.11
N LEU N 11 26.01 7.08 -5.43
CA LEU N 11 25.06 7.16 -4.32
C LEU N 11 23.62 6.97 -4.79
N GLU N 12 23.31 7.52 -5.97
CA GLU N 12 21.96 7.45 -6.53
C GLU N 12 21.53 6.01 -6.90
N ASN N 13 22.48 5.08 -6.97
CA ASN N 13 22.16 3.69 -7.34
C ASN N 13 21.68 2.86 -6.15
N LEU N 14 21.41 3.51 -5.02
CA LEU N 14 20.93 2.78 -3.84
C LEU N 14 19.40 2.79 -3.80
N SER N 15 18.81 1.73 -3.28
CA SER N 15 17.37 1.65 -3.20
C SER N 15 16.86 2.61 -2.12
N GLY N 16 15.55 2.87 -2.13
CA GLY N 16 14.96 3.80 -1.18
C GLY N 16 15.19 3.39 0.29
N ASP N 17 15.04 2.12 0.60
CA ASP N 17 15.20 1.67 1.99
C ASP N 17 16.65 1.75 2.50
N GLU N 18 17.59 1.22 1.72
CA GLU N 18 18.98 1.24 2.15
C GLU N 18 19.43 2.66 2.40
N LEU N 19 18.91 3.57 1.60
CA LEU N 19 19.26 4.97 1.76
C LEU N 19 19.03 5.40 3.20
N LYS N 20 17.88 5.04 3.74
CA LYS N 20 17.58 5.40 5.11
C LYS N 20 18.63 4.84 6.05
N LYS N 21 19.01 3.60 5.82
CA LYS N 21 20.01 2.95 6.64
C LYS N 21 21.32 3.67 6.56
N PHE N 22 21.66 4.12 5.36
CA PHE N 22 22.92 4.81 5.16
C PHE N 22 22.95 6.13 5.92
N LYS N 23 21.95 6.98 5.66
CA LYS N 23 21.89 8.28 6.32
C LYS N 23 21.90 8.15 7.83
N MET N 24 21.04 7.28 8.35
CA MET N 24 20.94 7.08 9.79
C MET N 24 22.25 6.57 10.38
N LYS N 25 22.90 5.62 9.71
CA LYS N 25 24.15 5.08 10.23
C LYS N 25 25.25 6.13 10.26
N LEU N 26 25.20 7.03 9.29
CA LEU N 26 26.20 8.09 9.20
C LEU N 26 26.25 8.90 10.48
N LEU N 27 25.09 9.11 11.08
CA LEU N 27 24.99 9.86 12.31
C LEU N 27 25.77 9.21 13.45
N THR N 28 25.82 7.88 13.45
CA THR N 28 26.50 7.14 14.52
C THR N 28 27.92 6.71 14.15
N VAL N 29 28.41 7.14 13.00
CA VAL N 29 29.76 6.74 12.57
C VAL N 29 30.82 7.64 13.21
N GLN N 30 31.98 7.07 13.50
CA GLN N 30 33.06 7.84 14.11
C GLN N 30 33.83 8.61 13.04
N LEU N 31 34.10 9.88 13.33
CA LEU N 31 34.80 10.75 12.39
C LEU N 31 36.13 11.24 12.97
N ARG N 32 37.03 11.62 12.08
CA ARG N 32 38.33 12.13 12.50
C ARG N 32 38.13 13.45 13.27
N GLU N 33 39.07 13.76 14.16
CA GLU N 33 38.97 14.98 14.97
C GLU N 33 39.23 16.23 14.12
N GLY N 34 38.55 17.33 14.49
CA GLY N 34 38.72 18.60 13.77
C GLY N 34 37.57 18.84 12.80
N TYR N 35 36.59 17.95 12.80
CA TYR N 35 35.44 18.07 11.91
C TYR N 35 34.14 18.12 12.70
N GLY N 36 33.13 18.73 12.11
CA GLY N 36 31.84 18.85 12.78
C GLY N 36 30.91 17.68 12.44
N ARG N 37 29.74 17.70 13.07
CA ARG N 37 28.72 16.68 12.87
C ARG N 37 27.51 17.31 12.21
N ILE N 38 26.84 16.58 11.33
CA ILE N 38 25.69 17.17 10.62
C ILE N 38 24.43 17.11 11.47
N PRO N 39 23.71 18.21 11.58
CA PRO N 39 22.45 18.30 12.38
C PRO N 39 21.49 17.18 12.04
N ARG N 40 20.92 16.56 13.07
CA ARG N 40 19.99 15.46 12.87
C ARG N 40 18.74 15.88 12.11
N GLY N 41 18.15 17.01 12.51
CA GLY N 41 16.92 17.49 11.89
C GLY N 41 17.01 17.63 10.37
N ALA N 42 18.09 18.23 9.90
CA ALA N 42 18.24 18.45 8.46
C ALA N 42 18.38 17.13 7.70
N LEU N 43 19.20 16.23 8.22
CA LEU N 43 19.45 14.95 7.57
C LEU N 43 18.16 14.14 7.33
N LEU N 44 17.25 14.16 8.30
CA LEU N 44 16.02 13.37 8.19
C LEU N 44 15.17 13.72 6.98
N GLN N 45 15.15 15.00 6.57
CA GLN N 45 14.30 15.41 5.44
C GLN N 45 15.08 15.66 4.14
N MET N 46 16.39 15.43 4.14
CA MET N 46 17.21 15.70 2.96
C MET N 46 16.98 14.69 1.82
N ASP N 47 17.37 15.12 0.62
CA ASP N 47 17.26 14.30 -0.59
C ASP N 47 18.63 13.76 -0.98
N ALA N 48 18.66 12.74 -1.83
CA ALA N 48 19.91 12.14 -2.26
C ALA N 48 20.82 13.16 -2.96
N ILE N 49 20.27 13.95 -3.89
CA ILE N 49 21.10 14.94 -4.58
C ILE N 49 21.62 15.98 -3.60
N ASP N 50 20.72 16.51 -2.79
CA ASP N 50 21.09 17.53 -1.81
C ASP N 50 22.16 17.00 -0.87
N LEU N 51 21.98 15.76 -0.46
CA LEU N 51 22.91 15.11 0.45
C LEU N 51 24.31 15.13 -0.13
N THR N 52 24.40 15.04 -1.45
CA THR N 52 25.68 15.04 -2.13
C THR N 52 26.44 16.35 -1.91
N ASP N 53 25.78 17.46 -2.22
CA ASP N 53 26.41 18.77 -2.10
C ASP N 53 26.84 19.05 -0.66
N LYS N 54 25.98 18.74 0.29
CA LYS N 54 26.31 19.00 1.69
C LYS N 54 27.39 18.07 2.21
N LEU N 55 27.33 16.80 1.80
CA LEU N 55 28.30 15.84 2.30
C LEU N 55 29.73 16.34 2.06
N VAL N 56 30.03 16.76 0.85
CA VAL N 56 31.36 17.25 0.57
C VAL N 56 31.61 18.59 1.27
N SER N 57 30.56 19.37 1.44
CA SER N 57 30.69 20.69 2.07
C SER N 57 31.38 20.63 3.43
N TYR N 58 31.01 19.67 4.25
CA TYR N 58 31.60 19.56 5.59
C TYR N 58 33.00 18.92 5.56
N TYR N 59 33.21 17.98 4.67
CA TYR N 59 34.49 17.29 4.59
C TYR N 59 35.19 17.55 3.27
N LEU N 60 36.50 17.71 3.31
CA LEU N 60 37.26 17.96 2.10
C LEU N 60 37.05 16.83 1.12
N GLU N 61 37.26 17.11 -0.16
CA GLU N 61 37.05 16.11 -1.19
C GLU N 61 37.91 14.86 -0.96
N SER N 62 39.19 15.05 -0.66
CA SER N 62 40.07 13.91 -0.45
C SER N 62 39.62 13.06 0.73
N TYR N 63 39.52 13.68 1.89
CA TYR N 63 39.10 12.97 3.09
C TYR N 63 37.63 12.59 3.02
N GLY N 64 36.82 13.47 2.44
CA GLY N 64 35.40 13.21 2.33
C GLY N 64 35.10 12.00 1.47
N LEU N 65 35.83 11.85 0.37
CA LEU N 65 35.61 10.73 -0.54
C LEU N 65 35.89 9.39 0.16
N GLU N 66 36.98 9.33 0.92
CA GLU N 66 37.34 8.09 1.63
C GLU N 66 36.31 7.76 2.72
N LEU N 67 35.80 8.79 3.38
CA LEU N 67 34.84 8.59 4.45
C LEU N 67 33.60 7.84 3.98
N THR N 68 33.17 8.13 2.75
CA THR N 68 31.99 7.47 2.22
C THR N 68 32.21 5.96 2.15
N MET N 69 33.34 5.56 1.60
CA MET N 69 33.65 4.15 1.45
C MET N 69 33.59 3.41 2.77
N THR N 70 34.14 4.02 3.80
CA THR N 70 34.16 3.39 5.10
C THR N 70 32.75 2.99 5.52
N VAL N 71 31.77 3.86 5.26
CA VAL N 71 30.39 3.58 5.62
C VAL N 71 29.74 2.56 4.67
N LEU N 72 30.05 2.65 3.39
CA LEU N 72 29.47 1.70 2.43
C LEU N 72 29.83 0.27 2.77
N ARG N 73 31.09 0.02 3.04
CA ARG N 73 31.44 -1.32 3.39
C ARG N 73 30.76 -1.72 4.69
N ASP N 74 30.68 -0.78 5.63
CA ASP N 74 30.11 -1.10 6.94
C ASP N 74 28.72 -1.75 6.81
N MET N 75 27.90 -1.25 5.89
CA MET N 75 26.56 -1.81 5.69
C MET N 75 26.68 -3.14 4.97
N GLY N 76 27.93 -3.55 4.77
CA GLY N 76 28.24 -4.79 4.07
C GLY N 76 29.03 -4.46 2.81
N LEU N 77 29.79 -5.42 2.30
CA LEU N 77 30.58 -5.16 1.10
C LEU N 77 29.66 -5.07 -0.11
N GLN N 78 29.73 -3.93 -0.77
CA GLN N 78 28.91 -3.70 -1.95
C GLN N 78 29.79 -3.57 -3.17
N GLU N 79 29.26 -3.91 -4.32
CA GLU N 79 30.03 -3.77 -5.54
C GLU N 79 30.37 -2.30 -5.71
N LEU N 80 29.49 -1.46 -5.16
CA LEU N 80 29.66 0.00 -5.24
C LEU N 80 30.97 0.44 -4.59
N ALA N 81 31.24 -0.07 -3.40
CA ALA N 81 32.46 0.31 -2.69
C ALA N 81 33.67 0.12 -3.61
N GLU N 82 33.72 -1.02 -4.28
CA GLU N 82 34.82 -1.29 -5.19
C GLU N 82 34.76 -0.37 -6.39
N GLN N 83 33.56 -0.22 -6.98
CA GLN N 83 33.41 0.63 -8.14
C GLN N 83 33.85 2.05 -7.84
N LEU N 84 33.43 2.55 -6.69
CA LEU N 84 33.77 3.90 -6.29
C LEU N 84 35.28 4.03 -6.06
N GLN N 85 35.88 3.00 -5.45
CA GLN N 85 37.31 3.04 -5.17
C GLN N 85 38.11 3.30 -6.45
N THR N 86 37.66 2.70 -7.55
CA THR N 86 38.35 2.89 -8.82
C THR N 86 38.51 4.37 -9.13
N THR N 87 37.53 5.16 -8.69
CA THR N 87 37.57 6.60 -8.91
C THR N 87 38.78 7.23 -8.21
N LYS N 88 39.15 6.65 -7.06
CA LYS N 88 40.29 7.18 -6.30
C LYS N 88 41.52 7.31 -7.19
N GLU N 89 41.75 6.29 -8.01
CA GLU N 89 42.89 6.31 -8.92
C GLU N 89 42.68 7.36 -10.01
N GLY O 1 18.08 38.40 -29.81
CA GLY O 1 18.68 37.14 -30.27
C GLY O 1 17.72 35.98 -30.07
N ARG O 2 17.41 35.28 -31.16
CA ARG O 2 16.51 34.14 -31.11
C ARG O 2 17.06 33.06 -30.17
N ALA O 3 18.36 33.12 -29.90
CA ALA O 3 18.99 32.13 -29.04
C ALA O 3 18.30 32.03 -27.68
N ARG O 4 17.95 33.16 -27.08
CA ARG O 4 17.28 33.13 -25.79
C ARG O 4 15.98 32.34 -25.86
N ASP O 5 15.20 32.61 -26.90
CA ASP O 5 13.92 31.95 -27.08
C ASP O 5 14.07 30.44 -27.24
N ALA O 6 15.09 30.01 -27.96
CA ALA O 6 15.28 28.58 -28.19
C ALA O 6 15.56 27.84 -26.89
N ILE O 7 16.54 28.31 -26.14
CA ILE O 7 16.89 27.68 -24.88
C ILE O 7 15.67 27.63 -23.96
N LEU O 8 15.01 28.76 -23.83
CA LEU O 8 13.85 28.86 -22.96
C LEU O 8 12.86 27.74 -23.25
N ASP O 9 12.47 27.60 -24.51
CA ASP O 9 11.48 26.60 -24.88
C ASP O 9 11.90 25.18 -24.51
N ALA O 10 13.15 24.82 -24.81
CA ALA O 10 13.63 23.48 -24.52
C ALA O 10 13.88 23.24 -23.03
N LEU O 11 14.40 24.24 -22.33
CA LEU O 11 14.71 24.08 -20.91
C LEU O 11 13.44 23.83 -20.09
N GLU O 12 12.35 24.50 -20.46
CA GLU O 12 11.08 24.38 -19.74
C GLU O 12 10.44 22.98 -19.85
N ASN O 13 10.92 22.15 -20.78
CA ASN O 13 10.36 20.80 -20.96
C ASN O 13 10.97 19.78 -19.99
N LEU O 14 11.73 20.24 -19.01
CA LEU O 14 12.33 19.34 -18.04
C LEU O 14 11.43 19.20 -16.81
N SER O 15 11.43 18.03 -16.20
CA SER O 15 10.61 17.82 -15.01
C SER O 15 11.20 18.57 -13.83
N GLY O 16 10.42 18.71 -12.77
CA GLY O 16 10.85 19.44 -11.58
C GLY O 16 12.14 18.88 -10.95
N ASP O 17 12.23 17.56 -10.84
CA ASP O 17 13.40 16.95 -10.21
C ASP O 17 14.68 17.09 -11.03
N GLU O 18 14.61 16.75 -12.31
CA GLU O 18 15.80 16.84 -13.16
C GLU O 18 16.35 18.24 -13.15
N LEU O 19 15.45 19.21 -13.07
CA LEU O 19 15.86 20.59 -13.04
C LEU O 19 16.88 20.82 -11.94
N LYS O 20 16.59 20.27 -10.76
CA LYS O 20 17.51 20.42 -9.66
C LYS O 20 18.87 19.83 -10.01
N LYS O 21 18.85 18.67 -10.64
CA LYS O 21 20.08 18.01 -11.02
C LYS O 21 20.84 18.86 -12.01
N PHE O 22 20.13 19.49 -12.92
CA PHE O 22 20.77 20.30 -13.93
C PHE O 22 21.45 21.50 -13.30
N LYS O 23 20.69 22.29 -12.53
CA LYS O 23 21.24 23.49 -11.90
C LYS O 23 22.44 23.16 -11.02
N MET O 24 22.28 22.15 -10.17
CA MET O 24 23.35 21.75 -9.27
C MET O 24 24.59 21.29 -10.02
N LYS O 25 24.40 20.50 -11.07
CA LYS O 25 25.55 20.00 -11.82
C LYS O 25 26.30 21.13 -12.52
N LEU O 26 25.55 22.15 -12.92
CA LEU O 26 26.14 23.29 -13.61
C LEU O 26 27.23 23.93 -12.76
N LEU O 27 27.00 23.94 -11.45
CA LEU O 27 27.97 24.52 -10.53
C LEU O 27 29.30 23.78 -10.56
N THR O 28 29.27 22.47 -10.81
CA THR O 28 30.48 21.66 -10.81
C THR O 28 31.03 21.42 -12.22
N VAL O 29 30.45 22.04 -13.23
CA VAL O 29 30.91 21.83 -14.59
C VAL O 29 32.11 22.72 -14.90
N GLN O 30 33.02 22.22 -15.74
CA GLN O 30 34.19 22.99 -16.12
C GLN O 30 33.86 23.97 -17.24
N LEU O 31 34.32 25.20 -17.10
CA LEU O 31 34.05 26.25 -18.07
C LEU O 31 35.34 26.78 -18.69
N ARG O 32 35.21 27.34 -19.89
CA ARG O 32 36.36 27.91 -20.57
C ARG O 32 36.92 29.10 -19.77
N GLU O 33 38.21 29.37 -19.92
CA GLU O 33 38.84 30.45 -19.19
C GLU O 33 38.41 31.82 -19.70
N GLY O 34 38.34 32.80 -18.79
CA GLY O 34 37.94 34.16 -19.15
C GLY O 34 36.48 34.43 -18.78
N TYR O 35 35.84 33.45 -18.14
CA TYR O 35 34.45 33.60 -17.76
C TYR O 35 34.29 33.43 -16.26
N GLY O 36 33.23 34.02 -15.71
CA GLY O 36 32.97 33.94 -14.27
C GLY O 36 32.08 32.75 -13.92
N ARG O 37 31.86 32.57 -12.63
CA ARG O 37 31.03 31.50 -12.09
C ARG O 37 29.80 32.11 -11.44
N ILE O 38 28.66 31.45 -11.55
CA ILE O 38 27.44 32.03 -10.98
C ILE O 38 27.33 31.73 -9.48
N PRO O 39 27.04 32.75 -8.68
CA PRO O 39 26.92 32.61 -7.20
C PRO O 39 26.00 31.46 -6.82
N ARG O 40 26.44 30.67 -5.85
CA ARG O 40 25.66 29.53 -5.41
C ARG O 40 24.31 29.95 -4.81
N GLY O 41 24.33 30.94 -3.93
CA GLY O 41 23.11 31.38 -3.25
C GLY O 41 21.98 31.74 -4.22
N ALA O 42 22.28 32.50 -5.26
CA ALA O 42 21.25 32.91 -6.21
C ALA O 42 20.67 31.73 -6.97
N LEU O 43 21.53 30.84 -7.44
CA LEU O 43 21.09 29.69 -8.21
C LEU O 43 20.08 28.80 -7.46
N LEU O 44 20.30 28.62 -6.17
CA LEU O 44 19.42 27.74 -5.38
C LEU O 44 17.96 28.18 -5.38
N GLN O 45 17.69 29.49 -5.42
CA GLN O 45 16.29 29.97 -5.36
C GLN O 45 15.77 30.47 -6.71
N MET O 46 16.55 30.34 -7.77
CA MET O 46 16.12 30.84 -9.10
C MET O 46 15.03 29.99 -9.74
N ASP O 47 14.34 30.60 -10.70
CA ASP O 47 13.27 29.94 -11.46
C ASP O 47 13.77 29.59 -12.86
N ALA O 48 13.06 28.69 -13.53
CA ALA O 48 13.46 28.27 -14.87
C ALA O 48 13.51 29.44 -15.85
N ILE O 49 12.49 30.31 -15.85
CA ILE O 49 12.49 31.44 -16.77
C ILE O 49 13.64 32.38 -16.45
N ASP O 50 13.76 32.72 -15.16
CA ASP O 50 14.81 33.63 -14.72
C ASP O 50 16.18 33.08 -15.08
N LEU O 51 16.33 31.78 -14.88
CA LEU O 51 17.58 31.10 -15.17
C LEU O 51 17.98 31.32 -16.62
N THR O 52 16.98 31.42 -17.49
CA THR O 52 17.24 31.62 -18.90
C THR O 52 17.93 32.95 -19.17
N ASP O 53 17.34 34.03 -18.67
CA ASP O 53 17.90 35.36 -18.90
C ASP O 53 19.31 35.49 -18.34
N LYS O 54 19.52 34.97 -17.13
CA LYS O 54 20.84 35.07 -16.52
C LYS O 54 21.86 34.18 -17.20
N LEU O 55 21.44 32.98 -17.59
CA LEU O 55 22.37 32.05 -18.21
C LEU O 55 23.09 32.70 -19.40
N VAL O 56 22.32 33.30 -20.29
CA VAL O 56 22.93 33.94 -21.44
C VAL O 56 23.72 35.18 -21.01
N SER O 57 23.25 35.85 -19.95
CA SER O 57 23.90 37.08 -19.49
C SER O 57 25.38 36.91 -19.22
N TYR O 58 25.77 35.81 -18.59
CA TYR O 58 27.18 35.57 -18.28
C TYR O 58 27.97 35.08 -19.50
N TYR O 59 27.35 34.28 -20.34
CA TYR O 59 28.04 33.72 -21.50
C TYR O 59 27.43 34.22 -22.79
N LEU O 60 28.27 34.49 -23.78
CA LEU O 60 27.78 34.96 -25.06
C LEU O 60 26.81 33.95 -25.65
N GLU O 61 25.95 34.43 -26.54
CA GLU O 61 24.95 33.55 -27.14
C GLU O 61 25.59 32.37 -27.86
N SER O 62 26.61 32.62 -28.66
CA SER O 62 27.26 31.55 -29.41
C SER O 62 27.88 30.52 -28.48
N TYR O 63 28.77 30.97 -27.61
CA TYR O 63 29.43 30.07 -26.67
C TYR O 63 28.46 29.57 -25.61
N GLY O 64 27.55 30.44 -25.19
CA GLY O 64 26.58 30.08 -24.16
C GLY O 64 25.65 28.96 -24.64
N LEU O 65 25.22 29.04 -25.89
CA LEU O 65 24.32 28.03 -26.43
C LEU O 65 24.96 26.64 -26.44
N GLU O 66 26.22 26.57 -26.85
CA GLU O 66 26.94 25.29 -26.89
C GLU O 66 27.16 24.73 -25.50
N LEU O 67 27.42 25.61 -24.54
CA LEU O 67 27.68 25.18 -23.17
C LEU O 67 26.51 24.40 -22.59
N THR O 68 25.29 24.80 -22.93
CA THR O 68 24.12 24.13 -22.42
C THR O 68 24.12 22.67 -22.85
N MET O 69 24.35 22.45 -24.14
CA MET O 69 24.34 21.10 -24.69
C MET O 69 25.30 20.20 -23.97
N THR O 70 26.49 20.71 -23.70
CA THR O 70 27.50 19.91 -23.03
C THR O 70 26.96 19.33 -21.73
N VAL O 71 26.20 20.14 -20.98
CA VAL O 71 25.62 19.69 -19.73
C VAL O 71 24.43 18.75 -19.93
N LEU O 72 23.60 19.04 -20.93
CA LEU O 72 22.43 18.19 -21.18
C LEU O 72 22.86 16.75 -21.48
N ARG O 73 23.82 16.58 -22.35
CA ARG O 73 24.25 15.24 -22.62
C ARG O 73 24.83 14.62 -21.37
N ASP O 74 25.58 15.40 -20.61
CA ASP O 74 26.25 14.87 -19.42
C ASP O 74 25.27 14.11 -18.50
N MET O 75 24.07 14.67 -18.32
CA MET O 75 23.06 14.03 -17.48
C MET O 75 22.50 12.81 -18.21
N GLY O 76 23.08 12.55 -19.37
CA GLY O 76 22.65 11.45 -20.22
C GLY O 76 22.16 12.02 -21.55
N LEU O 77 22.16 11.19 -22.59
CA LEU O 77 21.71 11.68 -23.88
C LEU O 77 20.19 11.85 -23.88
N GLN O 78 19.77 13.07 -24.15
CA GLN O 78 18.35 13.38 -24.17
C GLN O 78 17.93 13.76 -25.58
N GLU O 79 16.68 13.52 -25.90
CA GLU O 79 16.19 13.89 -27.21
C GLU O 79 16.34 15.40 -27.35
N LEU O 80 16.28 16.08 -26.22
CA LEU O 80 16.40 17.53 -26.17
C LEU O 80 17.73 18.00 -26.75
N ALA O 81 18.82 17.37 -26.33
CA ALA O 81 20.13 17.75 -26.81
C ALA O 81 20.13 17.79 -28.33
N GLU O 82 19.57 16.77 -28.95
CA GLU O 82 19.51 16.72 -30.40
C GLU O 82 18.57 17.79 -30.93
N GLN O 83 17.40 17.90 -30.31
CA GLN O 83 16.42 18.89 -30.77
C GLN O 83 17.00 20.29 -30.71
N LEU O 84 17.69 20.58 -29.62
CA LEU O 84 18.28 21.90 -29.45
C LEU O 84 19.39 22.12 -30.48
N GLN O 85 20.17 21.08 -30.75
CA GLN O 85 21.27 21.21 -31.70
C GLN O 85 20.76 21.71 -33.05
N THR O 86 19.59 21.23 -33.44
CA THR O 86 19.02 21.64 -34.71
C THR O 86 18.95 23.16 -34.80
N THR O 87 18.74 23.79 -33.65
CA THR O 87 18.66 25.25 -33.60
C THR O 87 19.98 25.88 -34.02
N LYS O 88 21.09 25.19 -33.73
CA LYS O 88 22.41 25.71 -34.09
C LYS O 88 22.47 26.07 -35.57
N GLU O 89 21.91 25.20 -36.40
CA GLU O 89 21.88 25.44 -37.84
C GLU O 89 20.93 26.59 -38.16
N GLY A 1 -6.93 -15.74 -33.65
CA GLY A 1 -6.66 -17.00 -34.34
C GLY A 1 -7.28 -18.17 -33.58
N ARG A 2 -8.09 -18.95 -34.30
CA ARG A 2 -8.75 -20.11 -33.70
C ARG A 2 -7.71 -21.06 -33.12
N ALA A 3 -6.44 -20.84 -33.47
CA ALA A 3 -5.37 -21.71 -33.00
C ALA A 3 -5.41 -21.89 -31.48
N ARG A 4 -5.52 -20.80 -30.74
CA ARG A 4 -5.57 -20.90 -29.29
C ARG A 4 -6.78 -21.72 -28.86
N ASP A 5 -7.92 -21.42 -29.47
CA ASP A 5 -9.16 -22.11 -29.13
C ASP A 5 -9.12 -23.60 -29.47
N ALA A 6 -8.51 -23.93 -30.60
CA ALA A 6 -8.46 -25.32 -31.02
C ALA A 6 -7.65 -26.17 -30.05
N ILE A 7 -6.44 -25.74 -29.75
CA ILE A 7 -5.58 -26.48 -28.84
C ILE A 7 -6.28 -26.65 -27.50
N LEU A 8 -6.79 -25.54 -26.98
CA LEU A 8 -7.46 -25.56 -25.69
C LEU A 8 -8.52 -26.66 -25.62
N ASP A 9 -9.41 -26.69 -26.58
CA ASP A 9 -10.49 -27.67 -26.57
C ASP A 9 -9.98 -29.11 -26.53
N ALA A 10 -8.99 -29.43 -27.35
CA ALA A 10 -8.47 -30.79 -27.40
C ALA A 10 -7.61 -31.14 -26.18
N LEU A 11 -6.75 -30.24 -25.75
CA LEU A 11 -5.88 -30.52 -24.62
C LEU A 11 -6.66 -30.87 -23.36
N GLU A 12 -7.80 -30.19 -23.17
CA GLU A 12 -8.64 -30.39 -21.99
C GLU A 12 -9.28 -31.79 -21.92
N ASN A 13 -9.24 -32.56 -23.02
CA ASN A 13 -9.84 -33.90 -23.03
C ASN A 13 -8.89 -34.97 -22.48
N LEU A 14 -7.72 -34.56 -21.98
CA LEU A 14 -6.77 -35.53 -21.43
C LEU A 14 -7.04 -35.78 -19.95
N SER A 15 -6.80 -37.00 -19.50
CA SER A 15 -7.01 -37.33 -18.09
C SER A 15 -5.93 -36.70 -17.23
N GLY A 16 -6.20 -36.58 -15.94
CA GLY A 16 -5.26 -35.94 -15.02
C GLY A 16 -3.85 -36.54 -15.06
N ASP A 17 -3.74 -37.86 -15.06
CA ASP A 17 -2.41 -38.49 -15.06
C ASP A 17 -1.62 -38.22 -16.34
N GLU A 18 -2.24 -38.43 -17.49
CA GLU A 18 -1.55 -38.22 -18.75
C GLU A 18 -1.03 -36.79 -18.84
N LEU A 19 -1.78 -35.87 -18.27
CA LEU A 19 -1.38 -34.48 -18.29
C LEU A 19 0.03 -34.33 -17.74
N LYS A 20 0.30 -34.97 -16.62
CA LYS A 20 1.63 -34.85 -16.04
C LYS A 20 2.65 -35.39 -17.03
N LYS A 21 2.30 -36.49 -17.68
CA LYS A 21 3.21 -37.11 -18.62
C LYS A 21 3.51 -36.16 -19.76
N PHE A 22 2.49 -35.47 -20.23
CA PHE A 22 2.67 -34.54 -21.33
C PHE A 22 3.54 -33.37 -20.92
N LYS A 23 3.18 -32.71 -19.82
CA LYS A 23 3.94 -31.55 -19.36
C LYS A 23 5.41 -31.88 -19.15
N MET A 24 5.67 -32.97 -18.44
CA MET A 24 7.05 -33.39 -18.17
C MET A 24 7.77 -33.75 -19.46
N LYS A 25 7.09 -34.45 -20.35
CA LYS A 25 7.72 -34.86 -21.60
C LYS A 25 8.15 -33.66 -22.43
N LEU A 26 7.34 -32.61 -22.39
CA LEU A 26 7.61 -31.40 -23.15
C LEU A 26 8.97 -30.81 -22.79
N LEU A 27 9.32 -30.91 -21.53
CA LEU A 27 10.59 -30.38 -21.06
C LEU A 27 11.78 -31.04 -21.76
N THR A 28 11.65 -32.33 -22.07
CA THR A 28 12.74 -33.08 -22.69
C THR A 28 12.63 -33.19 -24.22
N VAL A 29 11.61 -32.57 -24.80
CA VAL A 29 11.44 -32.64 -26.25
C VAL A 29 12.38 -31.70 -26.96
N GLN A 30 12.82 -32.09 -28.16
CA GLN A 30 13.73 -31.25 -28.94
C GLN A 30 12.95 -30.21 -29.74
N LEU A 31 13.45 -28.98 -29.71
CA LEU A 31 12.81 -27.87 -30.41
C LEU A 31 13.73 -27.25 -31.45
N ARG A 32 13.12 -26.60 -32.44
CA ARG A 32 13.90 -25.95 -33.48
C ARG A 32 14.70 -24.79 -32.88
N GLU A 33 15.87 -24.51 -33.44
CA GLU A 33 16.74 -23.44 -32.94
C GLU A 33 16.12 -22.07 -33.18
N GLY A 34 16.43 -21.13 -32.28
CA GLY A 34 15.92 -19.76 -32.38
C GLY A 34 14.75 -19.54 -31.42
N TYR A 35 14.46 -20.53 -30.59
CA TYR A 35 13.37 -20.44 -29.63
C TYR A 35 13.88 -20.69 -28.22
N GLY A 36 13.10 -20.25 -27.23
CA GLY A 36 13.49 -20.43 -25.85
C GLY A 36 12.86 -21.69 -25.24
N ARG A 37 13.24 -21.96 -24.00
CA ARG A 37 12.75 -23.11 -23.25
C ARG A 37 11.92 -22.63 -22.07
N ILE A 38 10.86 -23.34 -21.73
CA ILE A 38 10.01 -22.89 -20.64
C ILE A 38 10.59 -23.31 -19.28
N PRO A 39 10.63 -22.41 -18.31
CA PRO A 39 11.19 -22.69 -16.96
C PRO A 39 10.50 -23.84 -16.26
N ARG A 40 11.29 -24.72 -15.67
CA ARG A 40 10.75 -25.89 -14.98
C ARG A 40 9.80 -25.53 -13.84
N GLY A 41 10.19 -24.54 -13.04
CA GLY A 41 9.39 -24.13 -11.89
C GLY A 41 7.95 -23.74 -12.26
N ALA A 42 7.79 -22.94 -13.29
CA ALA A 42 6.46 -22.49 -13.68
C ALA A 42 5.60 -23.64 -14.21
N LEU A 43 6.15 -24.40 -15.14
CA LEU A 43 5.43 -25.51 -15.74
C LEU A 43 4.91 -26.48 -14.69
N LEU A 44 5.71 -26.75 -13.68
CA LEU A 44 5.34 -27.70 -12.64
C LEU A 44 4.02 -27.37 -11.94
N GLN A 45 3.74 -26.09 -11.72
CA GLN A 45 2.50 -25.70 -11.00
C GLN A 45 1.41 -25.13 -11.91
N MET A 46 1.66 -25.10 -13.21
CA MET A 46 0.67 -24.52 -14.15
C MET A 46 -0.59 -25.36 -14.32
N ASP A 47 -1.64 -24.69 -14.81
CA ASP A 47 -2.93 -25.33 -15.05
C ASP A 47 -3.12 -25.57 -16.54
N ALA A 48 -4.08 -26.43 -16.89
CA ALA A 48 -4.33 -26.74 -18.30
C ALA A 48 -4.70 -25.51 -19.10
N ILE A 49 -5.61 -24.67 -18.59
CA ILE A 49 -6.00 -23.48 -19.34
C ILE A 49 -4.82 -22.53 -19.47
N ASP A 50 -4.12 -22.31 -18.37
CA ASP A 50 -2.97 -21.41 -18.35
C ASP A 50 -1.90 -21.89 -19.34
N LEU A 51 -1.67 -23.19 -19.33
CA LEU A 51 -0.67 -23.79 -20.20
C LEU A 51 -0.98 -23.46 -21.66
N THR A 52 -2.26 -23.38 -21.98
CA THR A 52 -2.66 -23.08 -23.34
C THR A 52 -2.16 -21.71 -23.79
N ASP A 53 -2.43 -20.70 -22.99
CA ASP A 53 -2.01 -19.35 -23.35
C ASP A 53 -0.51 -19.23 -23.47
N LYS A 54 0.21 -19.73 -22.48
CA LYS A 54 1.66 -19.64 -22.50
C LYS A 54 2.28 -20.46 -23.61
N LEU A 55 1.71 -21.65 -23.88
CA LEU A 55 2.26 -22.50 -24.93
C LEU A 55 2.37 -21.72 -26.24
N VAL A 56 1.33 -21.00 -26.60
CA VAL A 56 1.36 -20.22 -27.82
C VAL A 56 2.27 -19.01 -27.69
N SER A 57 2.33 -18.45 -26.50
CA SER A 57 3.14 -17.25 -26.26
C SER A 57 4.59 -17.43 -26.70
N TYR A 58 5.17 -18.58 -26.42
CA TYR A 58 6.57 -18.84 -26.78
C TYR A 58 6.75 -19.20 -28.26
N TYR A 59 5.83 -19.99 -28.80
CA TYR A 59 5.95 -20.41 -30.20
C TYR A 59 4.85 -19.81 -31.05
N LEU A 60 5.19 -19.47 -32.29
CA LEU A 60 4.21 -18.90 -33.19
C LEU A 60 3.06 -19.87 -33.37
N GLU A 61 1.91 -19.35 -33.73
CA GLU A 61 0.74 -20.19 -33.91
C GLU A 61 0.98 -21.32 -34.92
N SER A 62 1.48 -20.96 -36.09
CA SER A 62 1.73 -21.95 -37.13
C SER A 62 2.72 -23.02 -36.66
N TYR A 63 3.83 -22.58 -36.10
CA TYR A 63 4.84 -23.51 -35.61
C TYR A 63 4.39 -24.12 -34.28
N GLY A 64 3.55 -23.41 -33.57
CA GLY A 64 3.06 -23.89 -32.28
C GLY A 64 2.19 -25.13 -32.43
N LEU A 65 1.27 -25.10 -33.40
CA LEU A 65 0.38 -26.23 -33.62
C LEU A 65 1.14 -27.49 -34.03
N GLU A 66 2.08 -27.34 -34.95
CA GLU A 66 2.87 -28.49 -35.41
C GLU A 66 3.64 -29.12 -34.25
N LEU A 67 4.20 -28.28 -33.39
CA LEU A 67 4.99 -28.76 -32.26
C LEU A 67 4.13 -29.59 -31.31
N THR A 68 2.88 -29.21 -31.13
CA THR A 68 2.01 -29.94 -30.22
C THR A 68 1.81 -31.38 -30.68
N MET A 69 1.42 -31.53 -31.94
CA MET A 69 1.14 -32.86 -32.48
C MET A 69 2.35 -33.76 -32.34
N THR A 70 3.51 -33.20 -32.58
CA THR A 70 4.73 -33.99 -32.50
C THR A 70 4.84 -34.69 -31.14
N VAL A 71 4.50 -33.98 -30.08
CA VAL A 71 4.55 -34.55 -28.74
C VAL A 71 3.38 -35.50 -28.47
N LEU A 72 2.19 -35.15 -28.96
CA LEU A 72 1.02 -35.99 -28.75
C LEU A 72 1.26 -37.41 -29.24
N ARG A 73 1.74 -37.54 -30.46
CA ARG A 73 1.97 -38.87 -30.96
C ARG A 73 3.03 -39.58 -30.15
N ASP A 74 4.07 -38.85 -29.75
CA ASP A 74 5.16 -39.47 -28.98
C ASP A 74 4.64 -40.25 -27.78
N MET A 75 3.67 -39.69 -27.06
CA MET A 75 3.09 -40.37 -25.91
C MET A 75 2.33 -41.59 -26.38
N GLY A 76 1.89 -41.53 -27.62
CA GLY A 76 1.14 -42.60 -28.24
C GLY A 76 0.19 -42.02 -29.27
N LEU A 77 -0.09 -42.77 -30.33
CA LEU A 77 -1.00 -42.28 -31.35
C LEU A 77 -2.40 -42.22 -30.79
N GLN A 78 -3.00 -41.06 -30.84
CA GLN A 78 -4.34 -40.89 -30.32
C GLN A 78 -5.22 -40.21 -31.34
N GLU A 79 -6.53 -40.36 -31.18
CA GLU A 79 -7.45 -39.74 -32.09
C GLU A 79 -7.21 -38.24 -32.05
N LEU A 80 -6.81 -37.77 -30.87
CA LEU A 80 -6.53 -36.35 -30.68
C LEU A 80 -5.51 -35.85 -31.69
N ALA A 81 -4.43 -36.59 -31.86
CA ALA A 81 -3.40 -36.18 -32.80
C ALA A 81 -4.01 -35.90 -34.16
N GLU A 82 -4.80 -36.84 -34.66
CA GLU A 82 -5.43 -36.67 -35.95
C GLU A 82 -6.56 -35.66 -35.87
N GLN A 83 -7.39 -35.76 -34.82
CA GLN A 83 -8.51 -34.83 -34.67
C GLN A 83 -8.02 -33.40 -34.74
N LEU A 84 -6.92 -33.14 -34.05
CA LEU A 84 -6.36 -31.80 -34.04
C LEU A 84 -5.81 -31.45 -35.42
N GLN A 85 -5.20 -32.41 -36.09
CA GLN A 85 -4.63 -32.17 -37.40
C GLN A 85 -5.68 -31.62 -38.36
N THR A 86 -6.90 -32.13 -38.25
CA THR A 86 -7.99 -31.67 -39.10
C THR A 86 -8.09 -30.15 -39.03
N THR A 87 -7.78 -29.60 -37.86
CA THR A 87 -7.85 -28.16 -37.67
C THR A 87 -6.83 -27.44 -38.57
N LYS A 88 -5.72 -28.10 -38.85
CA LYS A 88 -4.68 -27.51 -39.68
C LYS A 88 -5.27 -27.04 -41.01
N GLU A 89 -6.15 -27.85 -41.58
CA GLU A 89 -6.80 -27.50 -42.84
C GLU A 89 -7.77 -26.35 -42.61
N GLY B 1 -29.14 2.36 -16.64
CA GLY B 1 -29.59 1.23 -17.46
C GLY B 1 -29.44 -0.08 -16.70
N ARG B 2 -30.53 -0.83 -16.60
CA ARG B 2 -30.51 -2.10 -15.90
C ARG B 2 -29.47 -3.03 -16.51
N ALA B 3 -28.97 -2.66 -17.69
CA ALA B 3 -27.98 -3.48 -18.38
C ALA B 3 -26.82 -3.86 -17.47
N ARG B 4 -26.24 -2.89 -16.78
CA ARG B 4 -25.13 -3.18 -15.89
C ARG B 4 -25.56 -4.15 -14.80
N ASP B 5 -26.73 -3.89 -14.22
CA ASP B 5 -27.25 -4.72 -13.15
C ASP B 5 -27.57 -6.14 -13.61
N ALA B 6 -28.12 -6.27 -14.81
CA ALA B 6 -28.48 -7.58 -15.32
C ALA B 6 -27.27 -8.48 -15.51
N ILE B 7 -26.27 -7.98 -16.22
CA ILE B 7 -25.06 -8.75 -16.44
C ILE B 7 -24.44 -9.16 -15.12
N LEU B 8 -24.28 -8.19 -14.24
CA LEU B 8 -23.67 -8.43 -12.95
C LEU B 8 -24.31 -9.61 -12.24
N ASP B 9 -25.62 -9.59 -12.11
CA ASP B 9 -26.32 -10.67 -11.42
C ASP B 9 -26.05 -12.05 -12.01
N ALA B 10 -26.11 -12.16 -13.33
CA ALA B 10 -25.89 -13.45 -13.97
C ALA B 10 -24.43 -13.89 -13.97
N LEU B 11 -23.53 -12.98 -14.26
CA LEU B 11 -22.11 -13.32 -14.31
C LEU B 11 -21.61 -13.90 -12.99
N GLU B 12 -22.12 -13.35 -11.88
CA GLU B 12 -21.70 -13.79 -10.53
C GLU B 12 -22.11 -15.24 -10.21
N ASN B 13 -22.99 -15.84 -11.01
CA ASN B 13 -23.43 -17.22 -10.75
C ASN B 13 -22.48 -18.27 -11.33
N LEU B 14 -21.34 -17.83 -11.88
CA LEU B 14 -20.38 -18.77 -12.46
C LEU B 14 -19.38 -19.23 -11.40
N SER B 15 -18.94 -20.48 -11.51
CA SER B 15 -17.98 -21.01 -10.55
C SER B 15 -16.60 -20.40 -10.79
N GLY B 16 -15.74 -20.48 -9.79
CA GLY B 16 -14.40 -19.89 -9.87
C GLY B 16 -13.61 -20.34 -11.10
N ASP B 17 -13.61 -21.63 -11.40
CA ASP B 17 -12.83 -22.14 -12.53
C ASP B 17 -13.34 -21.64 -13.88
N GLU B 18 -14.65 -21.74 -14.11
CA GLU B 18 -15.22 -21.31 -15.38
C GLU B 18 -14.90 -19.85 -15.63
N LEU B 19 -14.85 -19.07 -14.55
CA LEU B 19 -14.56 -17.67 -14.67
C LEU B 19 -13.26 -17.47 -15.43
N LYS B 20 -12.23 -18.21 -15.07
CA LYS B 20 -10.96 -18.05 -15.75
C LYS B 20 -11.15 -18.37 -17.22
N LYS B 21 -11.93 -19.40 -17.50
CA LYS B 21 -12.15 -19.80 -18.88
C LYS B 21 -12.82 -18.69 -19.66
N PHE B 22 -13.78 -18.04 -19.03
CA PHE B 22 -14.49 -16.96 -19.68
C PHE B 22 -13.58 -15.78 -19.95
N LYS B 23 -12.89 -15.31 -18.90
CA LYS B 23 -12.01 -14.15 -19.05
C LYS B 23 -10.97 -14.37 -20.13
N MET B 24 -10.30 -15.52 -20.08
CA MET B 24 -9.27 -15.84 -21.06
C MET B 24 -9.86 -15.97 -22.47
N LYS B 25 -11.01 -16.61 -22.57
CA LYS B 25 -11.66 -16.79 -23.87
C LYS B 25 -11.97 -15.45 -24.52
N LEU B 26 -12.40 -14.50 -23.70
CA LEU B 26 -12.77 -13.17 -24.19
C LEU B 26 -11.62 -12.52 -24.96
N LEU B 27 -10.41 -12.75 -24.49
CA LEU B 27 -9.24 -12.18 -25.13
C LEU B 27 -9.10 -12.64 -26.59
N THR B 28 -9.50 -13.88 -26.86
CA THR B 28 -9.36 -14.44 -28.21
C THR B 28 -10.64 -14.36 -29.04
N VAL B 29 -11.69 -13.76 -28.50
CA VAL B 29 -12.95 -13.66 -29.24
C VAL B 29 -12.88 -12.54 -30.27
N GLN B 30 -13.59 -12.73 -31.38
CA GLN B 30 -13.60 -11.73 -32.44
C GLN B 30 -14.66 -10.66 -32.15
N LEU B 31 -14.27 -9.40 -32.33
CA LEU B 31 -15.16 -8.27 -32.07
C LEU B 31 -15.40 -7.44 -33.33
N ARG B 32 -16.51 -6.73 -33.35
CA ARG B 32 -16.82 -5.87 -34.49
C ARG B 32 -15.81 -4.73 -34.58
N GLU B 33 -15.53 -4.29 -35.80
CA GLU B 33 -14.54 -3.22 -36.02
C GLU B 33 -15.04 -1.89 -35.47
N GLY B 34 -14.10 -1.05 -35.03
CA GLY B 34 -14.42 0.26 -34.48
C GLY B 34 -14.35 0.26 -32.95
N TYR B 35 -13.94 -0.86 -32.39
CA TYR B 35 -13.83 -0.99 -30.94
C TYR B 35 -12.41 -1.38 -30.53
N GLY B 36 -12.09 -1.14 -29.27
CA GLY B 36 -10.77 -1.47 -28.76
C GLY B 36 -10.73 -2.84 -28.10
N ARG B 37 -9.53 -3.24 -27.70
CA ARG B 37 -9.30 -4.52 -27.04
C ARG B 37 -8.83 -4.26 -25.61
N ILE B 38 -9.25 -5.11 -24.68
CA ILE B 38 -8.89 -4.89 -23.28
C ILE B 38 -7.48 -5.44 -23.00
N PRO B 39 -6.65 -4.67 -22.31
CA PRO B 39 -5.24 -5.08 -21.99
C PRO B 39 -5.18 -6.37 -21.19
N ARG B 40 -4.28 -7.24 -21.60
CA ARG B 40 -4.11 -8.54 -20.95
C ARG B 40 -3.77 -8.41 -19.47
N GLY B 41 -2.85 -7.50 -19.14
CA GLY B 41 -2.41 -7.33 -17.76
C GLY B 41 -3.55 -7.03 -16.78
N ALA B 42 -4.44 -6.11 -17.16
CA ALA B 42 -5.53 -5.73 -16.27
C ALA B 42 -6.52 -6.88 -16.10
N LEU B 43 -6.96 -7.45 -17.19
CA LEU B 43 -7.94 -8.54 -17.16
C LEU B 43 -7.48 -9.68 -16.27
N LEU B 44 -6.19 -10.00 -16.33
CA LEU B 44 -5.65 -11.12 -15.56
C LEU B 44 -5.88 -11.00 -14.05
N GLN B 45 -5.81 -9.79 -13.50
CA GLN B 45 -5.98 -9.61 -12.05
C GLN B 45 -7.34 -9.02 -11.64
N MET B 46 -8.22 -8.79 -12.61
CA MET B 46 -9.52 -8.19 -12.31
C MET B 46 -10.47 -9.11 -11.54
N ASP B 47 -11.47 -8.48 -10.91
CA ASP B 47 -12.48 -9.20 -10.13
C ASP B 47 -13.79 -9.26 -10.91
N ALA B 48 -14.69 -10.14 -10.50
CA ALA B 48 -15.97 -10.29 -11.18
C ALA B 48 -16.78 -8.99 -11.18
N ILE B 49 -16.88 -8.31 -10.04
CA ILE B 49 -17.65 -7.07 -9.99
C ILE B 49 -16.99 -6.02 -10.86
N ASP B 50 -15.68 -5.88 -10.72
CA ASP B 50 -14.92 -4.89 -11.49
C ASP B 50 -15.06 -5.14 -12.98
N LEU B 51 -14.98 -6.41 -13.35
CA LEU B 51 -15.10 -6.79 -14.75
C LEU B 51 -16.42 -6.31 -15.33
N THR B 52 -17.45 -6.30 -14.51
CA THR B 52 -18.76 -5.86 -14.95
C THR B 52 -18.74 -4.42 -15.41
N ASP B 53 -18.22 -3.53 -14.57
CA ASP B 53 -18.18 -2.12 -14.90
C ASP B 53 -17.36 -1.85 -16.15
N LYS B 54 -16.16 -2.41 -16.19
CA LYS B 54 -15.29 -2.19 -17.34
C LYS B 54 -15.84 -2.80 -18.61
N LEU B 55 -16.46 -3.97 -18.50
CA LEU B 55 -16.99 -4.63 -19.70
C LEU B 55 -17.93 -3.69 -20.45
N VAL B 56 -18.80 -3.01 -19.73
CA VAL B 56 -19.72 -2.09 -20.37
C VAL B 56 -18.99 -0.82 -20.82
N SER B 57 -17.98 -0.43 -20.07
CA SER B 57 -17.24 0.80 -20.38
C SER B 57 -16.72 0.82 -21.82
N TYR B 58 -16.20 -0.31 -22.28
CA TYR B 58 -15.64 -0.39 -23.64
C TYR B 58 -16.72 -0.54 -24.72
N TYR B 59 -17.75 -1.33 -24.44
CA TYR B 59 -18.80 -1.56 -25.43
C TYR B 59 -20.11 -0.94 -24.99
N LEU B 60 -20.87 -0.42 -25.94
CA LEU B 60 -22.16 0.19 -25.62
C LEU B 60 -23.05 -0.86 -24.97
N GLU B 61 -24.02 -0.40 -24.20
CA GLU B 61 -24.91 -1.32 -23.51
C GLU B 61 -25.60 -2.27 -24.47
N SER B 62 -26.22 -1.72 -25.51
CA SER B 62 -26.94 -2.55 -26.47
C SER B 62 -26.02 -3.56 -27.13
N TYR B 63 -24.87 -3.11 -27.61
CA TYR B 63 -23.92 -4.00 -28.25
C TYR B 63 -23.17 -4.81 -27.21
N GLY B 64 -23.08 -4.28 -25.99
CA GLY B 64 -22.38 -4.97 -24.92
C GLY B 64 -23.10 -6.25 -24.51
N LEU B 65 -24.42 -6.18 -24.37
CA LEU B 65 -25.20 -7.35 -23.96
C LEU B 65 -25.13 -8.46 -25.00
N GLU B 66 -25.26 -8.11 -26.27
CA GLU B 66 -25.21 -9.12 -27.33
C GLU B 66 -23.86 -9.82 -27.35
N LEU B 67 -22.79 -9.05 -27.14
CA LEU B 67 -21.44 -9.61 -27.16
C LEU B 67 -21.24 -10.64 -26.05
N THR B 68 -21.84 -10.39 -24.90
CA THR B 68 -21.70 -11.31 -23.78
C THR B 68 -22.26 -12.68 -24.11
N MET B 69 -23.51 -12.70 -24.57
CA MET B 69 -24.15 -13.97 -24.88
C MET B 69 -23.36 -14.77 -25.89
N THR B 70 -22.81 -14.09 -26.86
CA THR B 70 -22.05 -14.77 -27.89
C THR B 70 -20.94 -15.62 -27.28
N VAL B 71 -20.27 -15.09 -26.26
CA VAL B 71 -19.20 -15.83 -25.59
C VAL B 71 -19.76 -16.90 -24.65
N LEU B 72 -20.86 -16.60 -23.95
CA LEU B 72 -21.44 -17.56 -23.03
C LEU B 72 -21.75 -18.88 -23.73
N ARG B 73 -22.44 -18.81 -24.85
CA ARG B 73 -22.76 -20.03 -25.54
C ARG B 73 -21.50 -20.74 -26.00
N ASP B 74 -20.51 -19.99 -26.47
CA ASP B 74 -19.28 -20.59 -26.96
C ASP B 74 -18.68 -21.57 -25.94
N MET B 75 -18.67 -21.20 -24.67
CA MET B 75 -18.15 -22.07 -23.62
C MET B 75 -19.05 -23.29 -23.49
N GLY B 76 -20.30 -23.10 -23.89
CA GLY B 76 -21.30 -24.14 -23.82
C GLY B 76 -22.67 -23.53 -23.60
N LEU B 77 -23.71 -24.15 -24.13
CA LEU B 77 -25.05 -23.60 -23.95
C LEU B 77 -25.46 -23.76 -22.51
N GLN B 78 -25.81 -22.65 -21.89
CA GLN B 78 -26.19 -22.68 -20.49
C GLN B 78 -27.51 -21.94 -20.30
N GLU B 79 -28.19 -22.24 -19.21
CA GLU B 79 -29.43 -21.58 -18.93
C GLU B 79 -29.18 -20.09 -18.86
N LEU B 80 -27.98 -19.74 -18.41
CA LEU B 80 -27.59 -18.34 -18.29
C LEU B 80 -27.75 -17.62 -19.63
N ALA B 81 -27.24 -18.23 -20.69
CA ALA B 81 -27.35 -17.61 -21.99
C ALA B 81 -28.79 -17.22 -22.29
N GLU B 82 -29.70 -18.15 -22.11
CA GLU B 82 -31.11 -17.86 -22.36
C GLU B 82 -31.68 -16.98 -21.26
N GLN B 83 -31.36 -17.29 -20.01
CA GLN B 83 -31.88 -16.49 -18.89
C GLN B 83 -31.56 -15.03 -19.10
N LEU B 84 -30.34 -14.76 -19.52
CA LEU B 84 -29.92 -13.40 -19.75
C LEU B 84 -30.66 -12.81 -20.95
N GLN B 85 -30.85 -13.62 -21.98
CA GLN B 85 -31.54 -13.16 -23.18
C GLN B 85 -32.91 -12.59 -22.83
N THR B 86 -33.59 -13.21 -21.88
CA THR B 86 -34.91 -12.74 -21.47
C THR B 86 -34.84 -11.27 -21.11
N THR B 87 -33.70 -10.85 -20.58
CA THR B 87 -33.52 -9.45 -20.20
C THR B 87 -33.58 -8.54 -21.42
N LYS B 88 -33.14 -9.06 -22.57
CA LYS B 88 -33.15 -8.27 -23.80
C LYS B 88 -34.53 -7.68 -24.05
N GLU B 89 -35.56 -8.49 -23.83
CA GLU B 89 -36.92 -8.02 -24.01
C GLU B 89 -37.29 -7.01 -22.93
N GLY C 1 -28.22 15.97 13.80
CA GLY C 1 -29.18 14.92 13.49
C GLY C 1 -28.55 13.55 13.62
N ARG C 2 -29.17 12.69 14.42
CA ARG C 2 -28.67 11.35 14.63
C ARG C 2 -28.57 10.60 13.30
N ALA C 3 -29.19 11.18 12.27
CA ALA C 3 -29.19 10.55 10.95
C ALA C 3 -27.77 10.15 10.51
N ARG C 4 -26.83 11.08 10.61
CA ARG C 4 -25.46 10.77 10.22
C ARG C 4 -24.91 9.63 11.06
N ASP C 5 -25.14 9.70 12.36
CA ASP C 5 -24.64 8.70 13.28
C ASP C 5 -25.28 7.33 13.05
N ALA C 6 -26.56 7.32 12.74
CA ALA C 6 -27.26 6.05 12.53
C ALA C 6 -26.71 5.31 11.32
N ILE C 7 -26.64 5.98 10.18
CA ILE C 7 -26.14 5.36 8.97
C ILE C 7 -24.73 4.84 9.20
N LEU C 8 -23.89 5.69 9.75
CA LEU C 8 -22.50 5.35 10.00
C LEU C 8 -22.39 4.02 10.74
N ASP C 9 -23.08 3.90 11.85
CA ASP C 9 -22.99 2.68 12.66
C ASP C 9 -23.37 1.43 11.88
N ALA C 10 -24.46 1.48 11.13
CA ALA C 10 -24.91 0.31 10.37
C ALA C 10 -24.04 0.03 9.15
N LEU C 11 -23.68 1.05 8.41
CA LEU C 11 -22.88 0.84 7.20
C LEU C 11 -21.55 0.14 7.51
N GLU C 12 -20.95 0.49 8.65
CA GLU C 12 -19.66 -0.08 9.05
C GLU C 12 -19.71 -1.59 9.35
N ASN C 13 -20.91 -2.16 9.47
CA ASN C 13 -21.05 -3.60 9.76
C ASN C 13 -20.98 -4.46 8.50
N LEU C 14 -20.72 -3.86 7.34
CA LEU C 14 -20.62 -4.62 6.10
C LEU C 14 -19.21 -5.12 5.87
N SER C 15 -19.08 -6.29 5.26
CA SER C 15 -17.77 -6.86 4.98
C SER C 15 -17.10 -6.10 3.85
N GLY C 16 -15.79 -6.23 3.74
CA GLY C 16 -15.01 -5.51 2.73
C GLY C 16 -15.54 -5.72 1.31
N ASP C 17 -15.83 -6.96 0.94
CA ASP C 17 -16.28 -7.24 -0.43
C ASP C 17 -17.65 -6.61 -0.75
N GLU C 18 -18.61 -6.80 0.13
CA GLU C 18 -19.95 -6.26 -0.11
C GLU C 18 -19.89 -4.76 -0.28
N LEU C 19 -18.96 -4.13 0.44
CA LEU C 19 -18.81 -2.69 0.35
C LEU C 19 -18.61 -2.27 -1.09
N LYS C 20 -17.74 -2.97 -1.81
CA LYS C 20 -17.51 -2.60 -3.19
C LYS C 20 -18.80 -2.74 -3.96
N LYS C 21 -19.55 -3.79 -3.67
CA LYS C 21 -20.79 -4.02 -4.37
C LYS C 21 -21.77 -2.89 -4.13
N PHE C 22 -21.81 -2.42 -2.90
CA PHE C 22 -22.71 -1.33 -2.56
C PHE C 22 -22.31 -0.03 -3.26
N LYS C 23 -21.05 0.36 -3.11
CA LYS C 23 -20.56 1.59 -3.71
C LYS C 23 -20.81 1.61 -5.23
N MET C 24 -20.42 0.54 -5.90
CA MET C 24 -20.59 0.44 -7.34
C MET C 24 -22.07 0.44 -7.72
N LYS C 25 -22.88 -0.27 -6.97
CA LYS C 25 -24.31 -0.34 -7.26
C LYS C 25 -24.96 1.03 -7.19
N LEU C 26 -24.52 1.83 -6.22
CA LEU C 26 -25.06 3.17 -6.01
C LEU C 26 -24.95 4.02 -7.27
N LEU C 27 -23.85 3.83 -7.98
CA LEU C 27 -23.62 4.59 -9.20
C LEU C 27 -24.71 4.35 -10.25
N THR C 28 -25.24 3.13 -10.29
CA THR C 28 -26.26 2.77 -11.29
C THR C 28 -27.69 2.84 -10.76
N VAL C 29 -27.85 3.26 -9.52
CA VAL C 29 -29.20 3.34 -8.94
C VAL C 29 -29.92 4.59 -9.43
N GLN C 30 -31.25 4.47 -9.57
CA GLN C 30 -32.06 5.62 -10.02
C GLN C 30 -32.41 6.52 -8.86
N LEU C 31 -32.26 7.83 -9.07
CA LEU C 31 -32.53 8.82 -8.05
C LEU C 31 -33.62 9.79 -8.47
N ARG C 32 -34.28 10.40 -7.50
CA ARG C 32 -35.34 11.36 -7.79
C ARG C 32 -34.74 12.59 -8.48
N GLU C 33 -35.51 13.21 -9.36
CA GLU C 33 -35.05 14.39 -10.09
C GLU C 33 -34.83 15.60 -9.17
N GLY C 34 -33.87 16.45 -9.53
CA GLY C 34 -33.56 17.64 -8.74
C GLY C 34 -32.32 17.44 -7.89
N TYR C 35 -31.66 16.30 -8.06
CA TYR C 35 -30.46 15.98 -7.31
C TYR C 35 -29.30 15.68 -8.24
N GLY C 36 -28.09 15.77 -7.71
CA GLY C 36 -26.90 15.50 -8.50
C GLY C 36 -26.42 14.06 -8.35
N ARG C 37 -25.39 13.73 -9.12
CA ARG C 37 -24.79 12.41 -9.11
C ARG C 37 -23.37 12.50 -8.60
N ILE C 38 -22.92 11.51 -7.84
CA ILE C 38 -21.58 11.58 -7.27
C ILE C 38 -20.53 11.13 -8.29
N PRO C 39 -19.45 11.87 -8.43
CA PRO C 39 -18.36 11.56 -9.42
C PRO C 39 -17.75 10.20 -9.19
N ARG C 40 -17.57 9.46 -10.28
CA ARG C 40 -17.01 8.12 -10.22
C ARG C 40 -15.62 8.08 -9.59
N GLY C 41 -14.76 9.01 -9.98
CA GLY C 41 -13.39 9.04 -9.49
C GLY C 41 -13.29 9.11 -7.96
N ALA C 42 -14.08 9.98 -7.34
CA ALA C 42 -14.02 10.13 -5.89
C ALA C 42 -14.54 8.88 -5.17
N LEU C 43 -15.71 8.42 -5.57
CA LEU C 43 -16.32 7.26 -4.94
C LEU C 43 -15.39 6.05 -4.95
N LEU C 44 -14.68 5.87 -6.06
CA LEU C 44 -13.80 4.71 -6.20
C LEU C 44 -12.73 4.60 -5.11
N GLN C 45 -12.20 5.74 -4.65
CA GLN C 45 -11.13 5.70 -3.63
C GLN C 45 -11.61 6.10 -2.23
N MET C 46 -12.89 6.38 -2.06
CA MET C 46 -13.41 6.82 -0.76
C MET C 46 -13.42 5.71 0.30
N ASP C 47 -13.49 6.15 1.55
CA ASP C 47 -13.52 5.25 2.71
C ASP C 47 -14.94 5.18 3.27
N ALA C 48 -15.20 4.17 4.09
CA ALA C 48 -16.52 3.99 4.67
C ALA C 48 -16.95 5.20 5.51
N ILE C 49 -16.07 5.70 6.38
CA ILE C 49 -16.44 6.85 7.20
C ILE C 49 -16.67 8.07 6.33
N ASP C 50 -15.76 8.31 5.40
CA ASP C 50 -15.86 9.45 4.50
C ASP C 50 -17.15 9.40 3.69
N LEU C 51 -17.46 8.20 3.21
CA LEU C 51 -18.66 7.99 2.41
C LEU C 51 -19.89 8.43 3.18
N THR C 52 -19.87 8.23 4.49
CA THR C 52 -21.00 8.60 5.33
C THR C 52 -21.28 10.10 5.26
N ASP C 53 -20.24 10.89 5.49
CA ASP C 53 -20.41 12.34 5.48
C ASP C 53 -20.89 12.84 4.12
N LYS C 54 -20.23 12.41 3.06
CA LYS C 54 -20.60 12.86 1.73
C LYS C 54 -21.98 12.37 1.32
N LEU C 55 -22.32 11.14 1.68
CA LEU C 55 -23.62 10.60 1.31
C LEU C 55 -24.74 11.54 1.73
N VAL C 56 -24.67 12.04 2.96
CA VAL C 56 -25.68 12.95 3.45
C VAL C 56 -25.55 14.32 2.81
N SER C 57 -24.31 14.72 2.51
CA SER C 57 -24.06 16.03 1.93
C SER C 57 -24.87 16.28 0.67
N TYR C 58 -24.98 15.29 -0.19
CA TYR C 58 -25.73 15.44 -1.44
C TYR C 58 -27.24 15.34 -1.26
N TYR C 59 -27.69 14.43 -0.40
CA TYR C 59 -29.12 14.23 -0.20
C TYR C 59 -29.54 14.66 1.21
N LEU C 60 -30.72 15.22 1.32
CA LEU C 60 -31.22 15.66 2.61
C LEU C 60 -31.29 14.46 3.54
N GLU C 61 -31.25 14.73 4.84
CA GLU C 61 -31.28 13.64 5.82
C GLU C 61 -32.52 12.77 5.64
N SER C 62 -33.69 13.39 5.60
CA SER C 62 -34.93 12.64 5.47
C SER C 62 -34.94 11.80 4.19
N TYR C 63 -34.60 12.43 3.08
CA TYR C 63 -34.59 11.72 1.80
C TYR C 63 -33.35 10.85 1.70
N GLY C 64 -32.30 11.22 2.43
CA GLY C 64 -31.06 10.47 2.41
C GLY C 64 -31.23 9.08 3.03
N LEU C 65 -31.92 9.01 4.17
CA LEU C 65 -32.12 7.73 4.84
C LEU C 65 -32.95 6.77 4.00
N GLU C 66 -34.02 7.28 3.40
CA GLU C 66 -34.89 6.43 2.58
C GLU C 66 -34.12 5.86 1.39
N LEU C 67 -33.27 6.69 0.80
CA LEU C 67 -32.49 6.28 -0.36
C LEU C 67 -31.54 5.13 -0.03
N THR C 68 -30.99 5.16 1.17
CA THR C 68 -30.05 4.12 1.57
C THR C 68 -30.72 2.76 1.60
N MET C 69 -31.85 2.69 2.31
CA MET C 69 -32.55 1.42 2.45
C MET C 69 -32.90 0.83 1.11
N THR C 70 -33.31 1.68 0.19
CA THR C 70 -33.70 1.23 -1.12
C THR C 70 -32.59 0.39 -1.76
N VAL C 71 -31.35 0.85 -1.60
CA VAL C 71 -30.21 0.13 -2.17
C VAL C 71 -29.84 -1.10 -1.33
N LEU C 72 -29.94 -0.99 -0.01
CA LEU C 72 -29.60 -2.13 0.85
C LEU C 72 -30.42 -3.36 0.49
N ARG C 73 -31.72 -3.20 0.37
CA ARG C 73 -32.52 -4.35 0.03
C ARG C 73 -32.16 -4.88 -1.35
N ASP C 74 -31.90 -3.97 -2.29
CA ASP C 74 -31.57 -4.39 -3.66
C ASP C 74 -30.46 -5.45 -3.68
N MET C 75 -29.42 -5.24 -2.86
CA MET C 75 -28.32 -6.19 -2.79
C MET C 75 -28.82 -7.50 -2.19
N GLY C 76 -29.88 -7.37 -1.41
CA GLY C 76 -30.48 -8.51 -0.74
C GLY C 76 -31.10 -8.05 0.57
N LEU C 77 -32.18 -8.70 0.99
CA LEU C 77 -32.82 -8.30 2.22
C LEU C 77 -31.93 -8.68 3.39
N GLN C 78 -31.59 -7.71 4.20
CA GLN C 78 -30.73 -7.95 5.33
C GLN C 78 -31.33 -7.38 6.60
N GLU C 79 -30.89 -7.87 7.73
CA GLU C 79 -31.39 -7.38 8.99
C GLU C 79 -31.10 -5.89 9.06
N LEU C 80 -30.01 -5.49 8.43
CA LEU C 80 -29.61 -4.10 8.40
C LEU C 80 -30.72 -3.22 7.85
N ALA C 81 -31.30 -3.64 6.72
CA ALA C 81 -32.37 -2.86 6.13
C ALA C 81 -33.45 -2.56 7.15
N GLU C 82 -33.91 -3.59 7.84
CA GLU C 82 -34.95 -3.41 8.84
C GLU C 82 -34.38 -2.73 10.08
N GLN C 83 -33.21 -3.18 10.53
CA GLN C 83 -32.59 -2.59 11.72
C GLN C 83 -32.49 -1.09 11.57
N LEU C 84 -32.07 -0.66 10.40
CA LEU C 84 -31.93 0.77 10.15
C LEU C 84 -33.30 1.43 10.10
N GLN C 85 -34.28 0.75 9.52
CA GLN C 85 -35.63 1.30 9.42
C GLN C 85 -36.15 1.69 10.80
N THR C 86 -35.83 0.89 11.80
CA THR C 86 -36.29 1.17 13.15
C THR C 86 -35.89 2.59 13.55
N THR C 87 -34.75 3.04 13.03
CA THR C 87 -34.27 4.39 13.32
C THR C 87 -35.24 5.44 12.79
N LYS C 88 -35.90 5.12 11.68
CA LYS C 88 -36.85 6.06 11.07
C LYS C 88 -37.86 6.55 12.11
N GLU C 89 -38.34 5.63 12.93
CA GLU C 89 -39.29 5.98 13.98
C GLU C 89 -38.60 6.80 15.06
N GLY D 1 -2.91 25.51 33.27
CA GLY D 1 -3.80 24.44 33.69
C GLY D 1 -3.39 23.11 33.06
N ARG D 2 -3.17 22.11 33.91
CA ARG D 2 -2.77 20.79 33.44
C ARG D 2 -3.80 20.24 32.45
N ALA D 3 -4.96 20.89 32.40
CA ALA D 3 -6.03 20.44 31.52
C ALA D 3 -5.54 20.24 30.08
N ARG D 4 -4.84 21.23 29.54
CA ARG D 4 -4.34 21.10 28.18
C ARG D 4 -3.38 19.90 28.08
N ASP D 5 -2.50 19.79 29.05
CA ASP D 5 -1.51 18.71 29.06
C ASP D 5 -2.16 17.34 29.21
N ALA D 6 -3.18 17.25 30.04
CA ALA D 6 -3.83 15.96 30.27
C ALA D 6 -4.50 15.44 29.00
N ILE D 7 -5.32 16.26 28.37
CA ILE D 7 -6.00 15.86 27.16
C ILE D 7 -4.99 15.44 26.10
N LEU D 8 -4.00 16.28 25.89
CA LEU D 8 -2.98 16.02 24.90
C LEU D 8 -2.39 14.63 25.06
N ASP D 9 -1.93 14.30 26.25
CA ASP D 9 -1.30 13.02 26.48
C ASP D 9 -2.20 11.84 26.12
N ALA D 10 -3.46 11.89 26.54
CA ALA D 10 -4.39 10.79 26.27
C ALA D 10 -4.85 10.74 24.80
N LEU D 11 -5.16 11.89 24.23
CA LEU D 11 -5.64 11.92 22.84
C LEU D 11 -4.63 11.29 21.88
N GLU D 12 -3.35 11.55 22.14
CA GLU D 12 -2.26 11.05 21.28
C GLU D 12 -2.14 9.51 21.27
N ASN D 13 -2.80 8.82 22.21
CA ASN D 13 -2.72 7.35 22.27
C ASN D 13 -3.73 6.67 21.34
N LEU D 14 -4.45 7.46 20.52
CA LEU D 14 -5.41 6.87 19.60
C LEU D 14 -4.75 6.53 18.27
N SER D 15 -5.22 5.45 17.63
CA SER D 15 -4.66 5.05 16.34
C SER D 15 -5.12 6.03 15.25
N GLY D 16 -4.40 6.02 14.13
CA GLY D 16 -4.70 6.93 13.03
C GLY D 16 -6.16 6.86 12.55
N ASP D 17 -6.69 5.66 12.38
CA ASP D 17 -8.06 5.53 11.88
C ASP D 17 -9.11 6.07 12.86
N GLU D 18 -9.01 5.68 14.12
CA GLU D 18 -9.99 6.12 15.10
C GLU D 18 -10.01 7.64 15.17
N LEU D 19 -8.85 8.24 14.98
CA LEU D 19 -8.75 9.68 15.01
C LEU D 19 -9.76 10.31 14.06
N LYS D 20 -9.83 9.79 12.85
CA LYS D 20 -10.76 10.36 11.90
C LYS D 20 -12.16 10.21 12.43
N LYS D 21 -12.45 9.07 13.03
CA LYS D 21 -13.77 8.82 13.57
C LYS D 21 -14.12 9.82 14.64
N PHE D 22 -13.14 10.12 15.49
CA PHE D 22 -13.37 11.06 16.56
C PHE D 22 -13.61 12.46 16.02
N LYS D 23 -12.70 12.94 15.18
CA LYS D 23 -12.83 14.29 14.62
C LYS D 23 -14.17 14.49 13.91
N MET D 24 -14.51 13.55 13.04
CA MET D 24 -15.76 13.63 12.31
C MET D 24 -16.97 13.56 13.24
N LYS D 25 -16.91 12.67 14.22
CA LYS D 25 -18.01 12.52 15.16
C LYS D 25 -18.28 13.80 15.92
N LEU D 26 -17.21 14.51 16.27
CA LEU D 26 -17.31 15.75 17.03
C LEU D 26 -18.19 16.76 16.31
N LEU D 27 -18.10 16.77 15.00
CA LEU D 27 -18.88 17.71 14.20
C LEU D 27 -20.39 17.51 14.39
N THR D 28 -20.80 16.25 14.60
CA THR D 28 -22.23 15.94 14.75
C THR D 28 -22.67 15.82 16.21
N VAL D 29 -21.78 16.05 17.15
CA VAL D 29 -22.14 15.93 18.56
C VAL D 29 -22.91 17.17 19.03
N GLN D 30 -23.83 16.96 19.97
CA GLN D 30 -24.63 18.07 20.51
C GLN D 30 -23.86 18.78 21.61
N LEU D 31 -23.88 20.11 21.57
CA LEU D 31 -23.18 20.94 22.54
C LEU D 31 -24.15 21.84 23.29
N ARG D 32 -23.75 22.26 24.49
CA ARG D 32 -24.57 23.16 25.28
C ARG D 32 -24.69 24.51 24.58
N GLU D 33 -25.82 25.18 24.77
CA GLU D 33 -26.06 26.48 24.14
C GLU D 33 -25.14 27.56 24.70
N GLY D 34 -24.79 28.53 23.86
CA GLY D 34 -23.93 29.64 24.27
C GLY D 34 -22.51 29.44 23.77
N TYR D 35 -22.29 28.39 22.98
CA TYR D 35 -20.97 28.09 22.43
C TYR D 35 -21.03 28.01 20.92
N GLY D 36 -19.87 28.14 20.29
CA GLY D 36 -19.78 28.10 18.83
C GLY D 36 -19.44 26.70 18.33
N ARG D 37 -19.45 26.56 17.02
CA ARG D 37 -19.13 25.30 16.36
C ARG D 37 -17.86 25.46 15.55
N ILE D 38 -17.03 24.42 15.51
CA ILE D 38 -15.76 24.53 14.80
C ILE D 38 -15.95 24.32 13.29
N PRO D 39 -15.35 25.17 12.47
CA PRO D 39 -15.49 25.08 10.98
C PRO D 39 -15.01 23.76 10.43
N ARG D 40 -15.80 23.19 9.52
CA ARG D 40 -15.48 21.90 8.92
C ARG D 40 -14.14 21.91 8.19
N GLY D 41 -13.88 22.96 7.42
CA GLY D 41 -12.64 23.04 6.64
C GLY D 41 -11.38 22.92 7.49
N ALA D 42 -11.32 23.63 8.61
CA ALA D 42 -10.13 23.60 9.45
C ALA D 42 -9.94 22.22 10.09
N LEU D 43 -11.00 21.72 10.72
CA LEU D 43 -10.93 20.43 11.39
C LEU D 43 -10.43 19.32 10.47
N LEU D 44 -10.88 19.35 9.23
CA LEU D 44 -10.51 18.31 8.27
C LEU D 44 -9.01 18.15 8.07
N GLN D 45 -8.26 19.26 8.09
CA GLN D 45 -6.80 19.18 7.86
C GLN D 45 -5.96 19.35 9.13
N MET D 46 -6.61 19.49 10.28
CA MET D 46 -5.88 19.70 11.53
C MET D 46 -5.09 18.48 12.00
N ASP D 47 -4.12 18.74 12.88
CA ASP D 47 -3.27 17.69 13.46
C ASP D 47 -3.70 17.42 14.90
N ALA D 48 -3.25 16.29 15.44
CA ALA D 48 -3.61 15.92 16.81
C ALA D 48 -3.14 16.97 17.83
N ILE D 49 -1.90 17.43 17.73
CA ILE D 49 -1.41 18.42 18.69
C ILE D 49 -2.19 19.73 18.53
N ASP D 50 -2.36 20.15 17.29
CA ASP D 50 -3.07 21.40 17.00
C ASP D 50 -4.50 21.32 17.53
N LEU D 51 -5.13 20.18 17.30
CA LEU D 51 -6.50 19.97 17.74
C LEU D 51 -6.62 20.20 19.24
N THR D 52 -5.58 19.83 19.96
CA THR D 52 -5.58 19.99 21.42
C THR D 52 -5.73 21.45 21.82
N ASP D 53 -4.89 22.30 21.27
CA ASP D 53 -4.93 23.71 21.61
C ASP D 53 -6.26 24.35 21.25
N LYS D 54 -6.72 24.12 20.03
CA LYS D 54 -7.98 24.70 19.59
C LYS D 54 -9.17 24.16 20.36
N LEU D 55 -9.15 22.86 20.67
CA LEU D 55 -10.27 22.26 21.38
C LEU D 55 -10.56 23.03 22.66
N VAL D 56 -9.52 23.37 23.42
CA VAL D 56 -9.71 24.11 24.64
C VAL D 56 -10.06 25.56 24.35
N SER D 57 -9.53 26.11 23.27
CA SER D 57 -9.77 27.50 22.91
C SER D 57 -11.26 27.84 22.84
N TYR D 58 -12.05 26.95 22.26
CA TYR D 58 -13.49 27.20 22.13
C TYR D 58 -14.27 26.94 23.42
N TYR D 59 -13.91 25.90 24.14
CA TYR D 59 -14.63 25.55 25.36
C TYR D 59 -13.76 25.75 26.59
N LEU D 60 -14.37 26.19 27.68
CA LEU D 60 -13.62 26.40 28.90
C LEU D 60 -12.98 25.10 29.34
N GLU D 61 -11.92 25.19 30.12
CA GLU D 61 -11.22 23.98 30.57
C GLU D 61 -12.16 23.04 31.30
N SER D 62 -12.87 23.55 32.29
CA SER D 62 -13.77 22.71 33.08
C SER D 62 -14.83 22.06 32.21
N TYR D 63 -15.48 22.85 31.37
CA TYR D 63 -16.51 22.32 30.49
C TYR D 63 -15.87 21.58 29.31
N GLY D 64 -14.63 21.95 28.99
CA GLY D 64 -13.93 21.32 27.88
C GLY D 64 -13.62 19.85 28.17
N LEU D 65 -13.14 19.57 29.38
CA LEU D 65 -12.79 18.20 29.76
C LEU D 65 -14.02 17.29 29.76
N GLU D 66 -15.12 17.77 30.33
CA GLU D 66 -16.34 16.96 30.39
C GLU D 66 -16.84 16.63 28.99
N LEU D 67 -16.75 17.60 28.09
CA LEU D 67 -17.22 17.41 26.72
C LEU D 67 -16.43 16.32 26.00
N THR D 68 -15.14 16.25 26.28
CA THR D 68 -14.30 15.25 25.63
C THR D 68 -14.76 13.84 25.98
N MET D 69 -14.88 13.57 27.27
CA MET D 69 -15.27 12.24 27.72
C MET D 69 -16.57 11.81 27.10
N THR D 70 -17.50 12.74 27.01
CA THR D 70 -18.80 12.41 26.46
C THR D 70 -18.68 11.79 25.07
N VAL D 71 -17.77 12.32 24.26
CA VAL D 71 -17.56 11.78 22.92
C VAL D 71 -16.73 10.50 22.94
N LEU D 72 -15.74 10.42 23.83
CA LEU D 72 -14.91 9.21 23.90
C LEU D 72 -15.76 7.97 24.14
N ARG D 73 -16.64 8.02 25.12
CA ARG D 73 -17.46 6.87 25.37
C ARG D 73 -18.34 6.57 24.19
N ASP D 74 -18.89 7.60 23.56
CA ASP D 74 -19.79 7.39 22.42
C ASP D 74 -19.18 6.46 21.37
N MET D 75 -17.90 6.65 21.07
CA MET D 75 -17.22 5.79 20.10
C MET D 75 -17.11 4.38 20.66
N GLY D 76 -17.13 4.31 21.98
CA GLY D 76 -17.02 3.05 22.68
C GLY D 76 -16.35 3.28 24.02
N LEU D 77 -16.71 2.49 25.03
CA LEU D 77 -16.09 2.65 26.34
C LEU D 77 -14.66 2.20 26.27
N GLN D 78 -13.75 3.10 26.63
CA GLN D 78 -12.35 2.77 26.59
C GLN D 78 -11.68 3.13 27.91
N GLU D 79 -10.54 2.53 28.16
CA GLU D 79 -9.83 2.81 29.38
C GLU D 79 -9.52 4.29 29.42
N LEU D 80 -9.34 4.86 28.24
CA LEU D 80 -9.05 6.29 28.13
C LEU D 80 -10.12 7.12 28.80
N ALA D 81 -11.38 6.81 28.53
CA ALA D 81 -12.46 7.56 29.13
C ALA D 81 -12.29 7.62 30.63
N GLU D 82 -12.09 6.47 31.26
CA GLU D 82 -11.92 6.43 32.70
C GLU D 82 -10.55 6.99 33.09
N GLN D 83 -9.51 6.58 32.37
CA GLN D 83 -8.17 7.07 32.69
C GLN D 83 -8.14 8.57 32.74
N LEU D 84 -8.79 9.20 31.78
CA LEU D 84 -8.84 10.65 31.72
C LEU D 84 -9.67 11.18 32.89
N GLN D 85 -10.77 10.50 33.20
CA GLN D 85 -11.63 10.94 34.29
C GLN D 85 -10.84 11.10 35.58
N THR D 86 -9.90 10.19 35.82
CA THR D 86 -9.09 10.27 37.02
C THR D 86 -8.47 11.65 37.15
N THR D 87 -8.16 12.26 36.01
CA THR D 87 -7.56 13.59 36.02
C THR D 87 -8.53 14.62 36.61
N LYS D 88 -9.82 14.39 36.43
CA LYS D 88 -10.83 15.31 36.95
C LYS D 88 -10.60 15.57 38.43
N GLU D 89 -10.29 14.51 39.18
CA GLU D 89 -10.03 14.63 40.60
C GLU D 89 -8.71 15.36 40.83
N GLY E 1 28.38 34.59 26.34
CA GLY E 1 28.13 33.39 27.13
C GLY E 1 27.81 32.21 26.22
N ARG E 2 28.56 31.12 26.40
CA ARG E 2 28.36 29.93 25.60
C ARG E 2 26.92 29.42 25.74
N ALA E 3 26.21 29.96 26.73
CA ALA E 3 24.84 29.54 26.98
C ALA E 3 23.99 29.58 25.71
N ARG E 4 24.04 30.68 24.99
CA ARG E 4 23.26 30.78 23.76
C ARG E 4 23.69 29.72 22.77
N ASP E 5 25.00 29.55 22.63
CA ASP E 5 25.54 28.58 21.68
C ASP E 5 25.20 27.15 22.08
N ALA E 6 25.23 26.84 23.37
CA ALA E 6 24.95 25.49 23.82
C ALA E 6 23.52 25.07 23.50
N ILE E 7 22.57 25.90 23.91
CA ILE E 7 21.17 25.59 23.66
C ILE E 7 20.92 25.42 22.17
N LEU E 8 21.41 26.37 21.40
CA LEU E 8 21.22 26.34 19.96
C LEU E 8 21.63 25.00 19.37
N ASP E 9 22.85 24.56 19.68
CA ASP E 9 23.34 23.31 19.12
C ASP E 9 22.44 22.11 19.44
N ALA E 10 22.01 22.00 20.69
CA ALA E 10 21.18 20.87 21.10
C ALA E 10 19.74 20.97 20.57
N LEU E 11 19.15 22.15 20.66
CA LEU E 11 17.77 22.32 20.22
C LEU E 11 17.58 21.92 18.75
N GLU E 12 18.58 22.25 17.92
CA GLU E 12 18.53 21.98 16.48
C GLU E 12 18.52 20.47 16.15
N ASN E 13 18.82 19.61 17.12
CA ASN E 13 18.85 18.16 16.87
C ASN E 13 17.46 17.52 17.01
N LEU E 14 16.43 18.33 17.22
CA LEU E 14 15.06 17.79 17.33
C LEU E 14 14.40 17.69 15.97
N SER E 15 13.55 16.68 15.79
CA SER E 15 12.85 16.50 14.53
C SER E 15 11.76 17.56 14.38
N GLY E 16 11.30 17.77 13.15
CA GLY E 16 10.30 18.79 12.88
C GLY E 16 9.03 18.65 13.73
N ASP E 17 8.51 17.44 13.86
CA ASP E 17 7.27 17.25 14.64
C ASP E 17 7.43 17.56 16.12
N GLU E 18 8.47 17.01 16.74
CA GLU E 18 8.69 17.24 18.17
C GLU E 18 8.81 18.71 18.46
N LEU E 19 9.38 19.45 17.52
CA LEU E 19 9.56 20.88 17.68
C LEU E 19 8.21 21.53 18.00
N LYS E 20 7.19 21.17 17.26
CA LYS E 20 5.90 21.77 17.51
C LYS E 20 5.46 21.43 18.92
N LYS E 21 5.71 20.19 19.32
CA LYS E 21 5.32 19.75 20.65
C LYS E 21 6.00 20.57 21.71
N PHE E 22 7.28 20.84 21.49
CA PHE E 22 8.04 21.61 22.45
C PHE E 22 7.54 23.04 22.54
N LYS E 23 7.44 23.71 21.39
CA LYS E 23 7.00 25.10 21.36
C LYS E 23 5.64 25.27 22.04
N MET E 24 4.69 24.42 21.65
CA MET E 24 3.34 24.49 22.22
C MET E 24 3.35 24.18 23.70
N LYS E 25 4.12 23.19 24.10
CA LYS E 25 4.19 22.81 25.51
C LYS E 25 4.69 23.95 26.38
N LEU E 26 5.66 24.70 25.84
CA LEU E 26 6.26 25.81 26.55
C LEU E 26 5.22 26.83 26.98
N LEU E 27 4.22 27.02 26.14
CA LEU E 27 3.17 27.98 26.43
C LEU E 27 2.40 27.62 27.69
N THR E 28 2.25 26.31 27.95
CA THR E 28 1.49 25.85 29.12
C THR E 28 2.36 25.50 30.32
N VAL E 29 3.66 25.69 30.20
CA VAL E 29 4.55 25.35 31.31
C VAL E 29 4.53 26.43 32.38
N GLN E 30 4.71 26.02 33.65
CA GLN E 30 4.71 26.97 34.75
C GLN E 30 6.08 27.60 34.92
N LEU E 31 6.09 28.91 35.12
CA LEU E 31 7.34 29.66 35.27
C LEU E 31 7.40 30.37 36.62
N ARG E 32 8.61 30.66 37.06
CA ARG E 32 8.79 31.36 38.33
C ARG E 32 8.24 32.79 38.21
N GLU E 33 7.72 33.32 39.33
CA GLU E 33 7.14 34.66 39.33
C GLU E 33 8.20 35.74 39.11
N GLY E 34 7.80 36.84 38.49
CA GLY E 34 8.71 37.96 38.22
C GLY E 34 9.16 37.95 36.76
N TYR E 35 8.60 37.04 35.96
CA TYR E 35 8.96 36.94 34.56
C TYR E 35 7.72 37.06 33.68
N GLY E 36 7.94 37.38 32.41
CA GLY E 36 6.83 37.53 31.48
C GLY E 36 6.57 36.25 30.70
N ARG E 37 5.52 36.29 29.90
CA ARG E 37 5.11 35.16 29.06
C ARG E 37 5.27 35.54 27.60
N ILE E 38 5.67 34.60 26.77
CA ILE E 38 5.89 34.92 25.35
C ILE E 38 4.56 34.89 24.58
N PRO E 39 4.32 35.89 23.75
CA PRO E 39 3.05 36.00 22.96
C PRO E 39 2.83 34.80 22.05
N ARG E 40 1.60 34.30 22.05
CA ARG E 40 1.25 33.13 21.24
C ARG E 40 1.50 33.36 19.74
N GLY E 41 1.10 34.52 19.25
CA GLY E 41 1.23 34.82 17.82
C GLY E 41 2.67 34.70 17.30
N ALA E 42 3.62 35.26 18.04
CA ALA E 42 5.01 35.21 17.60
C ALA E 42 5.57 33.80 17.62
N LEU E 43 5.39 33.11 18.73
CA LEU E 43 5.91 31.77 18.89
C LEU E 43 5.42 30.84 17.78
N LEU E 44 4.17 30.99 17.39
CA LEU E 44 3.57 30.12 16.39
C LEU E 44 4.32 30.13 15.05
N GLN E 45 4.85 31.28 14.64
CA GLN E 45 5.54 31.38 13.34
C GLN E 45 7.07 31.45 13.46
N MET E 46 7.61 31.38 14.68
CA MET E 46 9.06 31.49 14.87
C MET E 46 9.83 30.28 14.34
N ASP E 47 11.13 30.51 14.13
CA ASP E 47 12.06 29.49 13.65
C ASP E 47 12.93 28.98 14.80
N ALA E 48 13.57 27.84 14.60
CA ALA E 48 14.41 27.26 15.64
C ALA E 48 15.57 28.19 16.04
N ILE E 49 16.26 28.77 15.07
CA ILE E 49 17.36 29.68 15.40
C ILE E 49 16.84 30.91 16.12
N ASP E 50 15.78 31.49 15.58
CA ASP E 50 15.17 32.68 16.16
C ASP E 50 14.72 32.42 17.60
N LEU E 51 14.10 31.27 17.79
CA LEU E 51 13.60 30.88 19.09
C LEU E 51 14.74 30.88 20.12
N THR E 52 15.93 30.52 19.67
CA THR E 52 17.07 30.48 20.56
C THR E 52 17.38 31.85 21.14
N ASP E 53 17.50 32.85 20.27
CA ASP E 53 17.83 34.19 20.72
C ASP E 53 16.76 34.74 21.66
N LYS E 54 15.50 34.63 21.26
CA LYS E 54 14.43 35.15 22.08
C LYS E 54 14.28 34.40 23.40
N LEU E 55 14.47 33.09 23.37
CA LEU E 55 14.33 32.30 24.59
C LEU E 55 15.20 32.87 25.70
N VAL E 56 16.44 33.19 25.37
CA VAL E 56 17.34 33.74 26.36
C VAL E 56 16.98 35.18 26.69
N SER E 57 16.47 35.91 25.71
CA SER E 57 16.11 37.31 25.90
C SER E 57 15.17 37.53 27.08
N TYR E 58 14.19 36.66 27.23
CA TYR E 58 13.22 36.79 28.33
C TYR E 58 13.75 36.28 29.67
N TYR E 59 14.49 35.19 29.65
CA TYR E 59 15.01 34.61 30.89
C TYR E 59 16.52 34.74 30.96
N LEU E 60 17.03 34.97 32.16
CA LEU E 60 18.48 35.08 32.33
C LEU E 60 19.13 33.79 31.89
N GLU E 61 20.40 33.87 31.53
CA GLU E 61 21.12 32.70 31.06
C GLU E 61 21.09 31.58 32.09
N SER E 62 21.47 31.88 33.32
CA SER E 62 21.50 30.88 34.37
C SER E 62 20.13 30.24 34.58
N TYR E 63 19.11 31.08 34.72
CA TYR E 63 17.76 30.58 34.93
C TYR E 63 17.19 30.06 33.62
N GLY E 64 17.69 30.58 32.51
CA GLY E 64 17.21 30.17 31.19
C GLY E 64 17.55 28.71 30.90
N LEU E 65 18.79 28.32 31.19
CA LEU E 65 19.22 26.94 30.94
C LEU E 65 18.44 25.93 31.77
N GLU E 66 18.25 26.23 33.05
CA GLU E 66 17.51 25.32 33.92
C GLU E 66 16.08 25.13 33.43
N LEU E 67 15.47 26.21 32.98
CA LEU E 67 14.09 26.17 32.51
C LEU E 67 13.94 25.26 31.29
N THR E 68 14.94 25.27 30.42
CA THR E 68 14.89 24.45 29.22
C THR E 68 14.82 22.97 29.57
N MET E 69 15.75 22.52 30.39
CA MET E 69 15.80 21.11 30.77
C MET E 69 14.51 20.64 31.37
N THR E 70 13.91 21.49 32.18
CA THR E 70 12.67 21.13 32.84
C THR E 70 11.62 20.70 31.81
N VAL E 71 11.55 21.43 30.70
CA VAL E 71 10.58 21.09 29.65
C VAL E 71 11.04 19.89 28.82
N LEU E 72 12.34 19.79 28.55
CA LEU E 72 12.84 18.66 27.76
C LEU E 72 12.45 17.33 28.37
N ARG E 73 12.70 17.17 29.66
CA ARG E 73 12.34 15.93 30.28
C ARG E 73 10.85 15.70 30.22
N ASP E 74 10.07 16.75 30.44
CA ASP E 74 8.61 16.62 30.44
C ASP E 74 8.10 15.90 29.20
N MET E 75 8.66 16.24 28.03
CA MET E 75 8.25 15.59 26.79
C MET E 75 8.68 14.13 26.82
N GLY E 76 9.72 13.88 27.61
CA GLY E 76 10.28 12.55 27.75
C GLY E 76 11.77 12.66 28.05
N LEU E 77 12.31 11.72 28.81
CA LEU E 77 13.72 11.76 29.13
C LEU E 77 14.51 11.46 27.88
N GLN E 78 15.40 12.37 27.53
CA GLN E 78 16.21 12.19 26.33
C GLN E 78 17.67 12.41 26.65
N GLU E 79 18.53 11.89 25.81
CA GLU E 79 19.95 12.07 26.02
C GLU E 79 20.24 13.56 26.03
N LEU E 80 19.44 14.31 25.27
CA LEU E 80 19.61 15.74 25.18
C LEU E 80 19.54 16.38 26.56
N ALA E 81 18.53 15.99 27.34
CA ALA E 81 18.39 16.56 28.67
C ALA E 81 19.68 16.43 29.44
N GLU E 82 20.24 15.23 29.47
CA GLU E 82 21.49 15.02 30.18
C GLU E 82 22.66 15.63 29.42
N GLN E 83 22.69 15.45 28.11
CA GLN E 83 23.80 15.99 27.31
C GLN E 83 23.92 17.48 27.56
N LEU E 84 22.80 18.15 27.60
CA LEU E 84 22.81 19.59 27.83
C LEU E 84 23.24 19.90 29.26
N GLN E 85 22.80 19.07 30.20
CA GLN E 85 23.16 19.29 31.60
C GLN E 85 24.67 19.35 31.77
N THR E 86 25.38 18.51 31.03
CA THR E 86 26.83 18.49 31.11
C THR E 86 27.38 19.90 30.91
N THR E 87 26.70 20.68 30.09
CA THR E 87 27.13 22.04 29.82
C THR E 87 27.08 22.88 31.09
N LYS E 88 26.13 22.56 31.97
CA LYS E 88 25.98 23.32 33.22
C LYS E 88 27.31 23.40 33.96
N GLU E 89 28.03 22.27 33.99
CA GLU E 89 29.33 22.23 34.65
C GLU E 89 30.34 23.05 33.85
N GLY F 1 27.11 -23.12 12.60
CA GLY F 1 27.21 -24.38 13.33
C GLY F 1 26.53 -25.50 12.57
N ARG F 2 27.27 -26.57 12.31
CA ARG F 2 26.73 -27.71 11.60
C ARG F 2 25.51 -28.26 12.31
N ALA F 3 25.29 -27.82 13.54
CA ALA F 3 24.16 -28.29 14.34
C ALA F 3 22.85 -28.18 13.56
N ARG F 4 22.58 -27.03 12.97
CA ARG F 4 21.35 -26.86 12.22
C ARG F 4 21.30 -27.85 11.06
N ASP F 5 22.41 -27.97 10.35
CA ASP F 5 22.49 -28.86 9.20
C ASP F 5 22.33 -30.31 9.59
N ALA F 6 22.92 -30.70 10.70
CA ALA F 6 22.86 -32.10 11.13
C ALA F 6 21.43 -32.53 11.44
N ILE F 7 20.75 -31.76 12.28
CA ILE F 7 19.38 -32.08 12.64
C ILE F 7 18.51 -32.15 11.39
N LEU F 8 18.62 -31.13 10.57
CA LEU F 8 17.83 -31.06 9.36
C LEU F 8 17.93 -32.35 8.55
N ASP F 9 19.15 -32.78 8.26
CA ASP F 9 19.34 -33.97 7.44
C ASP F 9 18.67 -35.21 8.04
N ALA F 10 18.83 -35.43 9.33
CA ALA F 10 18.24 -36.61 9.97
C ALA F 10 16.72 -36.50 10.14
N LEU F 11 16.24 -35.35 10.55
CA LEU F 11 14.80 -35.19 10.77
C LEU F 11 13.99 -35.48 9.50
N GLU F 12 14.54 -35.07 8.37
CA GLU F 12 13.86 -35.24 7.07
C GLU F 12 13.69 -36.71 6.66
N ASN F 13 14.38 -37.64 7.34
CA ASN F 13 14.29 -39.06 6.98
C ASN F 13 13.08 -39.75 7.65
N LEU F 14 12.25 -38.99 8.35
CA LEU F 14 11.07 -39.56 9.01
C LEU F 14 9.88 -39.58 8.07
N SER F 15 9.04 -40.60 8.20
CA SER F 15 7.85 -40.70 7.36
C SER F 15 6.82 -39.67 7.79
N GLY F 16 5.88 -39.38 6.90
CA GLY F 16 4.85 -38.38 7.17
C GLY F 16 4.08 -38.61 8.47
N ASP F 17 3.66 -39.84 8.73
CA ASP F 17 2.88 -40.12 9.93
C ASP F 17 3.68 -39.91 11.23
N GLU F 18 4.88 -40.47 11.28
CA GLU F 18 5.70 -40.36 12.49
C GLU F 18 5.94 -38.89 12.81
N LEU F 19 6.05 -38.08 11.77
CA LEU F 19 6.29 -36.67 11.96
C LEU F 19 5.23 -36.07 12.87
N LYS F 20 3.97 -36.40 12.62
CA LYS F 20 2.94 -35.86 13.47
C LYS F 20 3.14 -36.32 14.89
N LYS F 21 3.54 -37.57 15.05
CA LYS F 21 3.76 -38.12 16.38
C LYS F 21 4.85 -37.37 17.09
N PHE F 22 5.91 -37.05 16.37
CA PHE F 22 7.02 -36.32 16.96
C PHE F 22 6.61 -34.91 17.37
N LYS F 23 6.03 -34.16 16.43
CA LYS F 23 5.62 -32.79 16.70
C LYS F 23 4.70 -32.71 17.91
N MET F 24 3.67 -33.54 17.91
CA MET F 24 2.70 -33.56 19.00
C MET F 24 3.36 -33.98 20.32
N LYS F 25 4.22 -34.98 20.26
CA LYS F 25 4.89 -35.46 21.47
C LYS F 25 5.73 -34.36 22.11
N LEU F 26 6.37 -33.56 21.27
CA LEU F 26 7.22 -32.49 21.73
C LEU F 26 6.47 -31.53 22.65
N LEU F 27 5.22 -31.30 22.34
CA LEU F 27 4.40 -30.40 23.14
C LEU F 27 4.26 -30.88 24.58
N THR F 28 4.23 -32.19 24.77
CA THR F 28 4.05 -32.76 26.12
C THR F 28 5.36 -33.18 26.79
N VAL F 29 6.48 -32.94 26.13
CA VAL F 29 7.77 -33.34 26.71
C VAL F 29 8.22 -32.34 27.77
N GLN F 30 8.92 -32.83 28.79
CA GLN F 30 9.40 -31.97 29.86
C GLN F 30 10.72 -31.31 29.47
N LEU F 31 10.83 -30.02 29.73
CA LEU F 31 12.03 -29.26 29.38
C LEU F 31 12.67 -28.65 30.62
N ARG F 32 13.96 -28.36 30.52
CA ARG F 32 14.68 -27.74 31.63
C ARG F 32 14.14 -26.33 31.88
N GLU F 33 14.17 -25.90 33.14
CA GLU F 33 13.65 -24.58 33.51
C GLU F 33 14.52 -23.46 32.92
N GLY F 34 13.89 -22.32 32.63
CA GLY F 34 14.60 -21.16 32.08
C GLY F 34 14.37 -21.04 30.58
N TYR F 35 13.53 -21.91 30.03
CA TYR F 35 13.23 -21.90 28.61
C TYR F 35 11.73 -21.75 28.37
N GLY F 36 11.37 -21.33 27.16
CA GLY F 36 9.98 -21.14 26.81
C GLY F 36 9.39 -22.38 26.13
N ARG F 37 8.09 -22.31 25.87
CA ARG F 37 7.36 -23.38 25.21
C ARG F 37 6.86 -22.89 23.86
N ILE F 38 6.85 -23.76 22.86
CA ILE F 38 6.43 -23.33 21.52
C ILE F 38 4.91 -23.33 21.40
N PRO F 39 4.33 -22.29 20.85
CA PRO F 39 2.84 -22.16 20.70
C PRO F 39 2.24 -23.29 19.88
N ARG F 40 1.14 -23.82 20.37
CA ARG F 40 0.46 -24.94 19.71
C ARG F 40 0.03 -24.60 18.29
N GLY F 41 -0.55 -23.41 18.10
CA GLY F 41 -1.04 -23.00 16.79
C GLY F 41 0.03 -23.04 15.69
N ALA F 42 1.21 -22.51 15.97
CA ALA F 42 2.27 -22.48 14.97
C ALA F 42 2.77 -23.89 14.64
N LEU F 43 3.10 -24.65 15.66
CA LEU F 43 3.61 -26.00 15.47
C LEU F 43 2.68 -26.85 14.62
N LEU F 44 1.39 -26.71 14.83
CA LEU F 44 0.41 -27.51 14.11
C LEU F 44 0.50 -27.39 12.59
N GLN F 45 0.81 -26.19 12.09
CA GLN F 45 0.87 -25.99 10.63
C GLN F 45 2.30 -25.88 10.07
N MET F 46 3.30 -26.03 10.93
CA MET F 46 4.69 -25.89 10.48
C MET F 46 5.16 -27.04 9.57
N ASP F 47 6.25 -26.76 8.84
CA ASP F 47 6.85 -27.72 7.92
C ASP F 47 8.13 -28.28 8.54
N ALA F 48 8.61 -29.39 7.98
CA ALA F 48 9.81 -30.03 8.51
C ALA F 48 11.04 -29.09 8.44
N ILE F 49 11.24 -28.42 7.31
CA ILE F 49 12.39 -27.52 7.20
C ILE F 49 12.24 -26.35 8.17
N ASP F 50 11.05 -25.77 8.20
CA ASP F 50 10.78 -24.62 9.07
C ASP F 50 10.99 -25.01 10.53
N LEU F 51 10.51 -26.19 10.89
CA LEU F 51 10.63 -26.69 12.24
C LEU F 51 12.09 -26.73 12.67
N THR F 52 12.96 -27.03 11.72
CA THR F 52 14.39 -27.10 12.02
C THR F 52 14.92 -25.76 12.51
N ASP F 53 14.66 -24.71 11.76
CA ASP F 53 15.16 -23.39 12.13
C ASP F 53 14.61 -22.94 13.48
N LYS F 54 13.31 -23.05 13.65
CA LYS F 54 12.69 -22.62 14.90
C LYS F 54 13.13 -23.47 16.09
N LEU F 55 13.28 -24.77 15.87
CA LEU F 55 13.68 -25.66 16.97
C LEU F 55 14.96 -25.14 17.62
N VAL F 56 15.94 -24.77 16.82
CA VAL F 56 17.18 -24.26 17.36
C VAL F 56 17.01 -22.86 17.93
N SER F 57 16.12 -22.08 17.33
CA SER F 57 15.90 -20.70 17.76
C SER F 57 15.56 -20.61 19.25
N TYR F 58 14.74 -21.51 19.74
CA TYR F 58 14.33 -21.48 21.15
C TYR F 58 15.40 -22.06 22.09
N TYR F 59 16.05 -23.14 21.66
CA TYR F 59 17.05 -23.78 22.51
C TYR F 59 18.45 -23.63 21.92
N LEU F 60 19.43 -23.47 22.80
CA LEU F 60 20.81 -23.33 22.33
C LEU F 60 21.20 -24.58 21.55
N GLU F 61 22.19 -24.43 20.67
CA GLU F 61 22.62 -25.55 19.85
C GLU F 61 23.03 -26.74 20.70
N SER F 62 23.91 -26.51 21.67
CA SER F 62 24.39 -27.59 22.51
C SER F 62 23.24 -28.28 23.25
N TYR F 63 22.39 -27.48 23.88
CA TYR F 63 21.26 -28.03 24.61
C TYR F 63 20.17 -28.47 23.65
N GLY F 64 20.14 -27.86 22.47
CA GLY F 64 19.14 -28.18 21.47
C GLY F 64 19.31 -29.61 20.95
N LEU F 65 20.55 -29.99 20.64
CA LEU F 65 20.81 -31.32 20.12
C LEU F 65 20.46 -32.41 21.12
N GLU F 66 20.84 -32.22 22.38
CA GLU F 66 20.56 -33.21 23.41
C GLU F 66 19.05 -33.40 23.58
N LEU F 67 18.32 -32.30 23.53
CA LEU F 67 16.87 -32.35 23.70
C LEU F 67 16.20 -33.17 22.60
N THR F 68 16.72 -33.07 21.39
CA THR F 68 16.15 -33.80 20.27
C THR F 68 16.22 -35.30 20.50
N MET F 69 17.41 -35.79 20.80
CA MET F 69 17.62 -37.21 21.00
C MET F 69 16.71 -37.76 22.07
N THR F 70 16.53 -36.99 23.12
CA THR F 70 15.70 -37.43 24.22
C THR F 70 14.30 -37.81 23.73
N VAL F 71 13.75 -37.02 22.81
CA VAL F 71 12.43 -37.30 22.25
C VAL F 71 12.46 -38.43 21.23
N LEU F 72 13.52 -38.47 20.41
CA LEU F 72 13.62 -39.52 19.40
C LEU F 72 13.53 -40.90 20.02
N ARG F 73 14.30 -41.15 21.05
CA ARG F 73 14.25 -42.45 21.66
C ARG F 73 12.88 -42.71 22.25
N ASP F 74 12.28 -41.70 22.86
CA ASP F 74 10.97 -41.88 23.49
C ASP F 74 9.96 -42.51 22.53
N MET F 75 9.96 -42.07 21.28
CA MET F 75 9.04 -42.64 20.29
C MET F 75 9.44 -44.08 20.01
N GLY F 76 10.71 -44.37 20.25
CA GLY F 76 11.27 -45.68 20.04
C GLY F 76 12.73 -45.56 19.67
N LEU F 77 13.53 -46.54 20.04
CA LEU F 77 14.96 -46.48 19.71
C LEU F 77 15.13 -46.66 18.23
N GLN F 78 15.77 -45.71 17.59
CA GLN F 78 15.98 -45.78 16.16
C GLN F 78 17.43 -45.53 15.82
N GLU F 79 17.84 -45.97 14.65
CA GLU F 79 19.21 -45.77 14.23
C GLU F 79 19.49 -44.28 14.23
N LEU F 80 18.44 -43.51 13.95
CA LEU F 80 18.56 -42.06 13.91
C LEU F 80 19.10 -41.53 15.23
N ALA F 81 18.54 -41.99 16.35
CA ALA F 81 18.99 -41.54 17.64
C ALA F 81 20.50 -41.68 17.76
N GLU F 82 21.01 -42.87 17.46
CA GLU F 82 22.44 -43.10 17.53
C GLU F 82 23.17 -42.40 16.39
N GLN F 83 22.62 -42.49 15.18
CA GLN F 83 23.26 -41.86 14.03
C GLN F 83 23.51 -40.38 14.31
N LEU F 84 22.51 -39.74 14.88
CA LEU F 84 22.62 -38.33 15.20
C LEU F 84 23.65 -38.12 16.31
N GLN F 85 23.65 -39.02 17.29
CA GLN F 85 24.58 -38.91 18.41
C GLN F 85 26.02 -38.82 17.91
N THR F 86 26.33 -39.58 16.87
CA THR F 86 27.67 -39.56 16.31
C THR F 86 28.09 -38.13 16.00
N THR F 87 27.13 -37.31 15.61
CA THR F 87 27.40 -35.91 15.30
C THR F 87 27.91 -35.17 16.53
N LYS F 88 27.45 -35.57 17.71
CA LYS F 88 27.86 -34.93 18.95
C LYS F 88 29.38 -34.87 19.04
N GLU F 89 30.03 -35.96 18.67
CA GLU F 89 31.48 -36.02 18.69
C GLU F 89 32.06 -35.13 17.60
N GLY G 1 27.87 -7.88 -16.99
CA GLY G 1 28.44 -9.22 -16.84
C GLY G 1 27.36 -10.28 -16.93
N ARG G 2 27.56 -11.24 -17.83
CA ARG G 2 26.61 -12.32 -18.01
C ARG G 2 26.39 -13.07 -16.70
N ALA G 3 27.27 -12.82 -15.73
CA ALA G 3 27.18 -13.50 -14.44
C ALA G 3 25.78 -13.41 -13.85
N ARG G 4 25.21 -12.21 -13.80
CA ARG G 4 23.87 -12.06 -13.26
C ARG G 4 22.87 -12.87 -14.06
N ASP G 5 22.98 -12.80 -15.38
CA ASP G 5 22.07 -13.51 -16.25
C ASP G 5 22.21 -15.03 -16.13
N ALA G 6 23.44 -15.50 -16.00
CA ALA G 6 23.66 -16.94 -15.91
C ALA G 6 23.01 -17.54 -14.65
N ILE G 7 23.30 -16.95 -13.51
CA ILE G 7 22.74 -17.45 -12.26
C ILE G 7 21.23 -17.44 -12.33
N LEU G 8 20.69 -16.30 -12.75
CA LEU G 8 19.25 -16.14 -12.83
C LEU G 8 18.60 -17.30 -13.60
N ASP G 9 19.09 -17.57 -14.79
CA ASP G 9 18.51 -18.62 -15.62
C ASP G 9 18.50 -19.98 -14.92
N ALA G 10 19.61 -20.36 -14.31
CA ALA G 10 19.71 -21.66 -13.65
C ALA G 10 18.91 -21.72 -12.34
N LEU G 11 19.01 -20.69 -11.53
CA LEU G 11 18.32 -20.69 -10.24
C LEU G 11 16.81 -20.87 -10.39
N GLU G 12 16.25 -20.27 -11.45
CA GLU G 12 14.80 -20.32 -11.72
C GLU G 12 14.30 -21.74 -12.05
N ASN G 13 15.21 -22.68 -12.34
CA ASN G 13 14.81 -24.05 -12.68
C ASN G 13 14.58 -24.92 -11.45
N LEU G 14 14.65 -24.34 -10.26
CA LEU G 14 14.43 -25.11 -9.03
C LEU G 14 12.96 -25.11 -8.65
N SER G 15 12.50 -26.21 -8.06
CA SER G 15 11.11 -26.31 -7.65
C SER G 15 10.87 -25.44 -6.42
N GLY G 16 9.61 -25.12 -6.16
CA GLY G 16 9.25 -24.26 -5.04
C GLY G 16 9.80 -24.74 -3.68
N ASP G 17 9.68 -26.02 -3.40
CA ASP G 17 10.16 -26.53 -2.10
C ASP G 17 11.67 -26.43 -1.94
N GLU G 18 12.42 -26.88 -2.93
CA GLU G 18 13.87 -26.84 -2.84
C GLU G 18 14.35 -25.42 -2.62
N LEU G 19 13.64 -24.47 -3.20
CA LEU G 19 14.00 -23.08 -3.05
C LEU G 19 14.12 -22.72 -1.58
N LYS G 20 13.14 -23.12 -0.78
CA LYS G 20 13.20 -22.80 0.62
C LYS G 20 14.43 -23.42 1.23
N LYS G 21 14.73 -24.64 0.81
CA LYS G 21 15.89 -25.33 1.35
C LYS G 21 17.16 -24.59 1.04
N PHE G 22 17.25 -24.08 -0.18
CA PHE G 22 18.42 -23.34 -0.59
C PHE G 22 18.57 -22.04 0.18
N LYS G 23 17.52 -21.23 0.20
CA LYS G 23 17.55 -19.95 0.90
C LYS G 23 17.95 -20.12 2.36
N MET G 24 17.28 -21.04 3.04
CA MET G 24 17.56 -21.28 4.45
C MET G 24 18.98 -21.82 4.66
N LYS G 25 19.40 -22.71 3.79
CA LYS G 25 20.74 -23.29 3.90
C LYS G 25 21.82 -22.21 3.79
N LEU G 26 21.58 -21.25 2.91
CA LEU G 26 22.53 -20.17 2.67
C LEU G 26 22.85 -19.43 3.96
N LEU G 27 21.85 -19.27 4.80
CA LEU G 27 22.02 -18.56 6.06
C LEU G 27 23.06 -19.24 6.96
N THR G 28 23.13 -20.57 6.89
CA THR G 28 24.05 -21.32 7.76
C THR G 28 25.35 -21.70 7.05
N VAL G 29 25.53 -21.28 5.81
CA VAL G 29 26.75 -21.63 5.08
C VAL G 29 27.92 -20.74 5.51
N GLN G 30 29.13 -21.31 5.49
CA GLN G 30 30.32 -20.55 5.88
C GLN G 30 30.84 -19.73 4.70
N LEU G 31 31.18 -18.48 4.98
CA LEU G 31 31.67 -17.57 3.95
C LEU G 31 33.07 -17.07 4.27
N ARG G 32 33.79 -16.66 3.23
CA ARG G 32 35.14 -16.13 3.43
C ARG G 32 35.08 -14.82 4.22
N GLU G 33 36.12 -14.56 5.02
CA GLU G 33 36.16 -13.35 5.83
C GLU G 33 36.29 -12.09 4.98
N GLY G 34 35.72 -10.99 5.48
CA GLY G 34 35.78 -9.71 4.77
C GLY G 34 34.46 -9.41 4.07
N TYR G 35 33.47 -10.28 4.29
CA TYR G 35 32.16 -10.09 3.67
C TYR G 35 31.06 -10.06 4.73
N GLY G 36 29.92 -9.52 4.35
CA GLY G 36 28.79 -9.41 5.29
C GLY G 36 27.83 -10.59 5.14
N ARG G 37 26.85 -10.60 6.02
CA ARG G 37 25.82 -11.64 6.05
C ARG G 37 24.48 -11.02 5.71
N ILE G 38 23.63 -11.75 4.98
CA ILE G 38 22.35 -11.19 4.59
C ILE G 38 21.32 -11.32 5.71
N PRO G 39 20.58 -10.25 6.00
CA PRO G 39 19.56 -10.25 7.10
C PRO G 39 18.49 -11.31 6.92
N ARG G 40 18.19 -12.00 8.00
CA ARG G 40 17.20 -13.07 7.97
C ARG G 40 15.82 -12.58 7.50
N GLY G 41 15.38 -11.44 8.04
CA GLY G 41 14.06 -10.91 7.70
C GLY G 41 13.84 -10.71 6.20
N ALA G 42 14.81 -10.12 5.52
CA ALA G 42 14.66 -9.86 4.09
C ALA G 42 14.64 -11.15 3.29
N LEU G 43 15.60 -12.01 3.53
CA LEU G 43 15.70 -13.27 2.79
C LEU G 43 14.42 -14.09 2.89
N LEU G 44 13.80 -14.09 4.05
CA LEU G 44 12.59 -14.87 4.28
C LEU G 44 11.45 -14.54 3.32
N GLN G 45 11.30 -13.27 2.95
CA GLN G 45 10.18 -12.86 2.07
C GLN G 45 10.62 -12.55 0.63
N MET G 46 11.90 -12.73 0.33
CA MET G 46 12.40 -12.41 -1.02
C MET G 46 11.91 -13.37 -2.10
N ASP G 47 12.01 -12.88 -3.34
CA ASP G 47 11.60 -13.66 -4.52
C ASP G 47 12.84 -14.18 -5.25
N ALA G 48 12.64 -15.16 -6.13
CA ALA G 48 13.76 -15.74 -6.87
C ALA G 48 14.49 -14.70 -7.72
N ILE G 49 13.75 -13.87 -8.46
CA ILE G 49 14.41 -12.86 -9.29
C ILE G 49 15.15 -11.85 -8.42
N ASP G 50 14.48 -11.38 -7.37
CA ASP G 50 15.06 -10.40 -6.45
C ASP G 50 16.33 -10.96 -5.81
N LEU G 51 16.25 -12.21 -5.40
CA LEU G 51 17.37 -12.88 -4.77
C LEU G 51 18.60 -12.84 -5.67
N THR G 52 18.36 -12.92 -6.97
CA THR G 52 19.46 -12.91 -7.92
C THR G 52 20.24 -11.60 -7.85
N ASP G 53 19.55 -10.49 -7.93
CA ASP G 53 20.20 -9.19 -7.90
C ASP G 53 20.97 -8.97 -6.60
N LYS G 54 20.31 -9.23 -5.48
CA LYS G 54 20.95 -9.02 -4.18
C LYS G 54 22.11 -9.98 -3.96
N LEU G 55 21.96 -11.22 -4.40
CA LEU G 55 23.03 -12.20 -4.20
C LEU G 55 24.35 -11.67 -4.73
N VAL G 56 24.33 -11.10 -5.93
CA VAL G 56 25.54 -10.56 -6.50
C VAL G 56 25.95 -9.27 -5.81
N SER G 57 24.97 -8.50 -5.36
CA SER G 57 25.25 -7.22 -4.72
C SER G 57 26.23 -7.36 -3.55
N TYR G 58 26.07 -8.39 -2.74
CA TYR G 58 26.95 -8.58 -1.58
C TYR G 58 28.31 -9.19 -1.95
N TYR G 59 28.32 -10.13 -2.89
CA TYR G 59 29.56 -10.79 -3.27
C TYR G 59 29.96 -10.44 -4.70
N LEU G 60 31.25 -10.30 -4.93
CA LEU G 60 31.72 -9.97 -6.26
C LEU G 60 31.28 -11.06 -7.23
N GLU G 61 31.19 -10.71 -8.50
CA GLU G 61 30.75 -11.66 -9.51
C GLU G 61 31.62 -12.92 -9.51
N SER G 62 32.92 -12.74 -9.60
CA SER G 62 33.83 -13.88 -9.64
C SER G 62 33.69 -14.75 -8.39
N TYR G 63 33.71 -14.13 -7.23
CA TYR G 63 33.57 -14.87 -5.99
C TYR G 63 32.12 -15.28 -5.76
N GLY G 64 31.21 -14.52 -6.35
CA GLY G 64 29.78 -14.80 -6.20
C GLY G 64 29.40 -16.11 -6.87
N LEU G 65 29.89 -16.34 -8.08
CA LEU G 65 29.57 -17.57 -8.82
C LEU G 65 30.10 -18.80 -8.11
N GLU G 66 31.34 -18.74 -7.64
CA GLU G 66 31.93 -19.89 -6.95
C GLU G 66 31.14 -20.24 -5.69
N LEU G 67 30.70 -19.21 -4.98
CA LEU G 67 29.96 -19.42 -3.74
C LEU G 67 28.64 -20.14 -3.99
N THR G 68 28.01 -19.83 -5.11
CA THR G 68 26.72 -20.46 -5.44
C THR G 68 26.88 -21.97 -5.58
N MET G 69 27.82 -22.38 -6.42
CA MET G 69 28.02 -23.79 -6.68
C MET G 69 28.30 -24.55 -5.41
N THR G 70 29.06 -23.95 -4.52
CA THR G 70 29.40 -24.61 -3.28
C THR G 70 28.14 -25.06 -2.54
N VAL G 71 27.12 -24.19 -2.52
CA VAL G 71 25.86 -24.51 -1.85
C VAL G 71 25.02 -25.49 -2.67
N LEU G 72 25.01 -25.33 -3.99
CA LEU G 72 24.21 -26.21 -4.84
C LEU G 72 24.58 -27.67 -4.62
N ARG G 73 25.85 -27.98 -4.65
CA ARG G 73 26.25 -29.35 -4.44
C ARG G 73 25.85 -29.81 -3.05
N ASP G 74 26.03 -28.95 -2.06
CA ASP G 74 25.72 -29.32 -0.67
C ASP G 74 24.31 -29.93 -0.54
N MET G 75 23.34 -29.32 -1.22
CA MET G 75 21.97 -29.84 -1.18
C MET G 75 21.92 -31.18 -1.88
N GLY G 76 22.87 -31.38 -2.78
CA GLY G 76 22.97 -32.60 -3.56
C GLY G 76 23.57 -32.29 -4.92
N LEU G 77 24.32 -33.24 -5.48
CA LEU G 77 24.92 -33.00 -6.78
C LEU G 77 23.83 -32.98 -7.83
N GLN G 78 23.78 -31.89 -8.56
CA GLN G 78 22.77 -31.74 -9.60
C GLN G 78 23.39 -31.32 -10.90
N GLU G 79 22.69 -31.56 -11.99
CA GLU G 79 23.20 -31.19 -13.28
C GLU G 79 23.45 -29.69 -13.28
N LEU G 80 22.63 -28.98 -12.50
CA LEU G 80 22.75 -27.53 -12.39
C LEU G 80 24.15 -27.14 -11.95
N ALA G 81 24.66 -27.80 -10.92
CA ALA G 81 25.99 -27.47 -10.43
C ALA G 81 26.99 -27.50 -11.57
N GLU G 82 26.99 -28.58 -12.34
CA GLU G 82 27.92 -28.69 -13.45
C GLU G 82 27.49 -27.78 -14.59
N GLN G 83 26.20 -27.76 -14.90
CA GLN G 83 25.71 -26.92 -16.00
C GLN G 83 26.15 -25.49 -15.80
N LEU G 84 26.03 -25.01 -14.57
CA LEU G 84 26.42 -23.66 -14.26
C LEU G 84 27.94 -23.50 -14.37
N GLN G 85 28.67 -24.52 -13.93
CA GLN G 85 30.13 -24.47 -13.97
C GLN G 85 30.61 -24.19 -15.39
N THR G 86 29.94 -24.76 -16.37
CA THR G 86 30.31 -24.55 -17.76
C THR G 86 30.40 -23.07 -18.06
N THR G 87 29.54 -22.29 -17.40
CA THR G 87 29.53 -20.85 -17.60
C THR G 87 30.85 -20.22 -17.15
N LYS G 88 31.48 -20.83 -16.14
CA LYS G 88 32.76 -20.31 -15.62
C LYS G 88 33.76 -20.13 -16.76
N GLU G 89 33.80 -21.11 -17.66
CA GLU G 89 34.70 -21.03 -18.80
C GLU G 89 34.23 -19.95 -19.76
N GLY H 1 5.67 11.09 -32.98
CA GLY H 1 6.07 9.81 -33.54
C GLY H 1 5.29 8.67 -32.90
N ARG H 2 4.65 7.86 -33.75
CA ARG H 2 3.87 6.74 -33.26
C ARG H 2 4.73 5.80 -32.43
N ALA H 3 6.05 6.00 -32.49
CA ALA H 3 6.98 5.16 -31.76
C ALA H 3 6.60 5.03 -30.29
N ARG H 4 6.34 6.16 -29.64
CA ARG H 4 5.97 6.12 -28.22
C ARG H 4 4.68 5.33 -28.04
N ASP H 5 3.72 5.59 -28.91
CA ASP H 5 2.42 4.91 -28.83
C ASP H 5 2.52 3.43 -29.09
N ALA H 6 3.36 3.04 -30.04
CA ALA H 6 3.49 1.63 -30.38
C ALA H 6 4.05 0.82 -29.22
N ILE H 7 5.18 1.27 -28.67
CA ILE H 7 5.79 0.56 -27.55
C ILE H 7 4.81 0.46 -26.40
N LEU H 8 4.20 1.57 -26.06
CA LEU H 8 3.27 1.61 -24.96
C LEU H 8 2.21 0.52 -25.08
N ASP H 9 1.55 0.46 -26.22
CA ASP H 9 0.49 -0.52 -26.41
C ASP H 9 0.96 -1.97 -26.19
N ALA H 10 2.11 -2.31 -26.76
CA ALA H 10 2.62 -3.68 -26.64
C ALA H 10 3.17 -3.98 -25.24
N LEU H 11 3.93 -3.06 -24.67
CA LEU H 11 4.52 -3.29 -23.36
C LEU H 11 3.46 -3.58 -22.30
N GLU H 12 2.32 -2.90 -22.39
CA GLU H 12 1.23 -3.05 -21.42
C GLU H 12 0.58 -4.45 -21.44
N ASN H 13 0.86 -5.26 -22.48
CA ASN H 13 0.26 -6.60 -22.56
C ASN H 13 1.06 -7.65 -21.78
N LEU H 14 2.09 -7.22 -21.04
CA LEU H 14 2.88 -8.17 -20.25
C LEU H 14 2.28 -8.35 -18.85
N SER H 15 2.41 -9.56 -18.31
CA SER H 15 1.88 -9.82 -16.98
C SER H 15 2.75 -9.15 -15.92
N GLY H 16 2.20 -8.98 -14.74
CA GLY H 16 2.91 -8.32 -13.64
C GLY H 16 4.29 -8.91 -13.35
N ASP H 17 4.38 -10.24 -13.28
CA ASP H 17 5.67 -10.86 -12.95
C ASP H 17 6.73 -10.65 -14.03
N GLU H 18 6.38 -10.90 -15.28
CA GLU H 18 7.34 -10.75 -16.37
C GLU H 18 7.88 -9.33 -16.39
N LEU H 19 7.04 -8.39 -16.03
CA LEU H 19 7.44 -7.00 -16.02
C LEU H 19 8.70 -6.82 -15.18
N LYS H 20 8.71 -7.41 -13.99
CA LYS H 20 9.87 -7.26 -13.16
C LYS H 20 11.07 -7.86 -13.85
N LYS H 21 10.87 -8.98 -14.52
CA LYS H 21 11.96 -9.64 -15.21
C LYS H 21 12.53 -8.75 -16.29
N PHE H 22 11.64 -8.07 -17.00
CA PHE H 22 12.06 -7.18 -18.07
C PHE H 22 12.84 -5.99 -17.52
N LYS H 23 12.25 -5.28 -16.56
CA LYS H 23 12.89 -4.10 -15.99
C LYS H 23 14.27 -4.44 -15.44
N MET H 24 14.37 -5.49 -14.65
CA MET H 24 15.63 -5.90 -14.06
C MET H 24 16.64 -6.32 -15.13
N LYS H 25 16.16 -7.06 -16.13
CA LYS H 25 17.05 -7.52 -17.20
C LYS H 25 17.66 -6.35 -17.94
N LEU H 26 16.87 -5.30 -18.14
CA LEU H 26 17.33 -4.13 -18.87
C LEU H 26 18.57 -3.52 -18.23
N LEU H 27 18.63 -3.57 -16.92
CA LEU H 27 19.77 -3.02 -16.20
C LEU H 27 21.07 -3.72 -16.58
N THR H 28 21.00 -5.02 -16.87
CA THR H 28 22.21 -5.79 -17.20
C THR H 28 22.43 -5.96 -18.70
N VAL H 29 21.58 -5.36 -19.52
CA VAL H 29 21.73 -5.50 -20.97
C VAL H 29 22.83 -4.59 -21.50
N GLN H 30 23.52 -5.03 -22.55
CA GLN H 30 24.58 -4.23 -23.13
C GLN H 30 24.02 -3.22 -24.13
N LEU H 31 24.51 -1.99 -24.04
CA LEU H 31 24.05 -0.91 -24.91
C LEU H 31 25.18 -0.34 -25.74
N ARG H 32 24.83 0.27 -26.87
CA ARG H 32 25.83 0.89 -27.73
C ARG H 32 26.49 2.07 -27.01
N GLU H 33 27.76 2.31 -27.31
CA GLU H 33 28.50 3.41 -26.67
C GLU H 33 27.96 4.78 -27.09
N GLY H 34 28.07 5.75 -26.18
CA GLY H 34 27.61 7.11 -26.46
C GLY H 34 26.26 7.38 -25.79
N TYR H 35 25.79 6.40 -25.01
CA TYR H 35 24.50 6.55 -24.32
C TYR H 35 24.68 6.35 -22.82
N GLY H 36 23.70 6.83 -22.06
CA GLY H 36 23.76 6.71 -20.61
C GLY H 36 23.01 5.49 -20.11
N ARG H 37 23.09 5.26 -18.81
CA ARG H 37 22.43 4.15 -18.15
C ARG H 37 21.38 4.69 -17.19
N ILE H 38 20.26 3.99 -17.08
CA ILE H 38 19.19 4.48 -16.22
C ILE H 38 19.44 4.11 -14.75
N PRO H 39 19.27 5.06 -13.84
CA PRO H 39 19.52 4.82 -12.38
C PRO H 39 18.67 3.70 -11.81
N ARG H 40 19.29 2.85 -11.02
CA ARG H 40 18.61 1.71 -10.43
C ARG H 40 17.43 2.13 -9.55
N GLY H 41 17.64 3.15 -8.72
CA GLY H 41 16.60 3.60 -7.79
C GLY H 41 15.29 3.98 -8.49
N ALA H 42 15.37 4.74 -9.57
CA ALA H 42 14.16 5.17 -10.26
C ALA H 42 13.44 4.00 -10.93
N LEU H 43 14.18 3.20 -11.68
CA LEU H 43 13.60 2.07 -12.37
C LEU H 43 12.84 1.14 -11.44
N LEU H 44 13.39 0.92 -10.25
CA LEU H 44 12.79 0.01 -9.29
C LEU H 44 11.35 0.37 -8.91
N GLN H 45 11.04 1.66 -8.82
CA GLN H 45 9.68 2.08 -8.41
C GLN H 45 8.83 2.62 -9.57
N MET H 46 9.36 2.59 -10.79
CA MET H 46 8.62 3.13 -11.93
C MET H 46 7.42 2.28 -12.34
N ASP H 47 6.51 2.93 -13.08
CA ASP H 47 5.30 2.29 -13.59
C ASP H 47 5.45 1.98 -15.08
N ALA H 48 4.58 1.11 -15.60
CA ALA H 48 4.66 0.74 -17.01
C ALA H 48 4.48 1.94 -17.93
N ILE H 49 3.49 2.79 -17.67
CA ILE H 49 3.29 3.97 -18.53
C ILE H 49 4.48 4.90 -18.43
N ASP H 50 4.92 5.17 -17.21
CA ASP H 50 6.04 6.07 -16.97
C ASP H 50 7.30 5.54 -17.67
N LEU H 51 7.51 4.24 -17.55
CA LEU H 51 8.66 3.60 -18.16
C LEU H 51 8.71 3.88 -19.66
N THR H 52 7.53 3.94 -20.26
CA THR H 52 7.44 4.19 -21.69
C THR H 52 8.05 5.53 -22.07
N ASP H 53 7.61 6.58 -21.40
CA ASP H 53 8.11 7.91 -21.70
C ASP H 53 9.61 8.02 -21.49
N LYS H 54 10.08 7.56 -20.34
CA LYS H 54 11.50 7.66 -20.04
C LYS H 54 12.34 6.78 -20.96
N LEU H 55 11.84 5.59 -21.30
CA LEU H 55 12.61 4.70 -22.16
C LEU H 55 13.02 5.42 -23.44
N VAL H 56 12.08 6.13 -24.06
CA VAL H 56 12.39 6.85 -25.27
C VAL H 56 13.26 8.07 -24.99
N SER H 57 13.06 8.68 -23.83
CA SER H 57 13.81 9.89 -23.47
C SER H 57 15.32 9.69 -23.56
N TYR H 58 15.81 8.55 -23.11
CA TYR H 58 17.25 8.28 -23.14
C TYR H 58 17.76 7.85 -24.53
N TYR H 59 16.98 7.04 -25.23
CA TYR H 59 17.40 6.55 -26.54
C TYR H 59 16.53 7.13 -27.65
N LEU H 60 17.15 7.41 -28.78
CA LEU H 60 16.40 7.95 -29.91
C LEU H 60 15.30 6.96 -30.30
N GLU H 61 14.26 7.47 -30.95
CA GLU H 61 13.15 6.63 -31.34
C GLU H 61 13.61 5.46 -32.21
N SER H 62 14.35 5.77 -33.27
CA SER H 62 14.82 4.72 -34.18
C SER H 62 15.67 3.69 -33.46
N TYR H 63 16.63 4.15 -32.68
CA TYR H 63 17.49 3.24 -31.94
C TYR H 63 16.77 2.68 -30.73
N GLY H 64 15.78 3.43 -30.25
CA GLY H 64 15.01 3.00 -29.07
C GLY H 64 14.18 1.75 -29.37
N LEU H 65 13.51 1.74 -30.52
CA LEU H 65 12.67 0.60 -30.89
C LEU H 65 13.49 -0.67 -31.07
N GLU H 66 14.63 -0.56 -31.76
CA GLU H 66 15.48 -1.73 -31.97
C GLU H 66 15.97 -2.31 -30.66
N LEU H 67 16.32 -1.44 -29.73
CA LEU H 67 16.83 -1.87 -28.43
C LEU H 67 15.78 -2.66 -27.66
N THR H 68 14.53 -2.27 -27.77
CA THR H 68 13.47 -2.95 -27.06
C THR H 68 13.37 -4.41 -27.50
N MET H 69 13.25 -4.62 -28.81
CA MET H 69 13.10 -5.97 -29.33
C MET H 69 14.23 -6.86 -28.91
N THR H 70 15.43 -6.32 -28.88
CA THR H 70 16.59 -7.11 -28.51
C THR H 70 16.38 -7.75 -27.13
N VAL H 71 15.81 -6.99 -26.20
CA VAL H 71 15.56 -7.52 -24.86
C VAL H 71 14.34 -8.43 -24.83
N LEU H 72 13.30 -8.11 -25.59
CA LEU H 72 12.11 -8.95 -25.60
C LEU H 72 12.43 -10.38 -25.97
N ARG H 73 13.17 -10.56 -27.05
CA ARG H 73 13.51 -11.91 -27.44
C ARG H 73 14.34 -12.58 -26.37
N ASP H 74 15.27 -11.85 -25.78
CA ASP H 74 16.16 -12.43 -24.77
C ASP H 74 15.37 -13.16 -23.67
N MET H 75 14.28 -12.57 -23.22
CA MET H 75 13.44 -13.20 -22.20
C MET H 75 12.79 -14.44 -22.78
N GLY H 76 12.65 -14.43 -24.09
CA GLY H 76 12.04 -15.53 -24.82
C GLY H 76 11.34 -14.99 -26.06
N LEU H 77 11.31 -15.78 -27.12
CA LEU H 77 10.66 -15.32 -28.35
C LEU H 77 9.17 -15.25 -28.11
N GLN H 78 8.61 -14.09 -28.35
CA GLN H 78 7.19 -13.90 -28.14
C GLN H 78 6.56 -13.26 -29.35
N GLU H 79 5.25 -13.41 -29.49
CA GLU H 79 4.57 -12.82 -30.61
C GLU H 79 4.80 -11.31 -30.57
N LEU H 80 4.95 -10.79 -29.35
CA LEU H 80 5.17 -9.38 -29.17
C LEU H 80 6.40 -8.92 -29.94
N ALA H 81 7.48 -9.66 -29.83
CA ALA H 81 8.71 -9.28 -30.53
C ALA H 81 8.42 -9.07 -32.01
N GLU H 82 7.76 -10.04 -32.63
CA GLU H 82 7.44 -9.91 -34.05
C GLU H 82 6.31 -8.90 -34.26
N GLN H 83 5.28 -8.96 -33.42
CA GLN H 83 4.17 -8.02 -33.56
C GLN H 83 4.67 -6.60 -33.57
N LEU H 84 5.59 -6.31 -32.67
CA LEU H 84 6.14 -4.97 -32.59
C LEU H 84 6.99 -4.67 -33.82
N GLN H 85 7.74 -5.67 -34.29
CA GLN H 85 8.59 -5.48 -35.46
C GLN H 85 7.78 -4.97 -36.65
N THR H 86 6.56 -5.47 -36.79
CA THR H 86 5.71 -5.05 -37.88
C THR H 86 5.59 -3.53 -37.90
N THR H 87 5.64 -2.93 -36.72
CA THR H 87 5.55 -1.47 -36.60
C THR H 87 6.74 -0.81 -37.28
N LYS H 88 7.89 -1.48 -37.27
CA LYS H 88 9.11 -0.92 -37.88
C LYS H 88 8.82 -0.51 -39.32
N GLU H 89 8.09 -1.34 -40.04
CA GLU H 89 7.74 -1.03 -41.42
C GLU H 89 6.74 0.12 -41.47
N GLY I 1 -19.55 29.94 -22.04
CA GLY I 1 -19.81 28.78 -22.89
C GLY I 1 -19.84 27.50 -22.06
N ARG I 2 -20.93 26.76 -22.19
CA ARG I 2 -21.08 25.52 -21.46
C ARG I 2 -19.95 24.56 -21.79
N ALA I 3 -19.20 24.89 -22.83
CA ALA I 3 -18.08 24.04 -23.27
C ALA I 3 -17.16 23.69 -22.10
N ARG I 4 -16.74 24.69 -21.35
CA ARG I 4 -15.85 24.43 -20.22
C ARG I 4 -16.53 23.50 -19.21
N ASP I 5 -17.78 23.78 -18.92
CA ASP I 5 -18.54 23.00 -17.96
C ASP I 5 -18.76 21.56 -18.42
N ALA I 6 -19.03 21.39 -19.71
CA ALA I 6 -19.30 20.06 -20.23
C ALA I 6 -18.07 19.16 -20.11
N ILE I 7 -16.94 19.63 -20.60
CA ILE I 7 -15.71 18.85 -20.53
C ILE I 7 -15.40 18.49 -19.08
N LEU I 8 -15.43 19.49 -18.24
CA LEU I 8 -15.13 19.29 -16.83
C LEU I 8 -15.92 18.14 -16.24
N ASP I 9 -17.23 18.17 -16.40
CA ASP I 9 -18.08 17.13 -15.84
C ASP I 9 -17.70 15.72 -16.30
N ALA I 10 -17.46 15.56 -17.60
CA ALA I 10 -17.13 14.24 -18.13
C ALA I 10 -15.69 13.80 -17.79
N LEU I 11 -14.73 14.71 -17.90
CA LEU I 11 -13.35 14.35 -17.62
C LEU I 11 -13.17 13.82 -16.20
N GLU I 12 -13.90 14.42 -15.25
CA GLU I 12 -13.80 14.03 -13.84
C GLU I 12 -14.29 12.59 -13.55
N ASN I 13 -14.97 11.97 -14.51
CA ASN I 13 -15.47 10.60 -14.30
C ASN I 13 -14.42 9.52 -14.63
N LEU I 14 -13.19 9.94 -14.92
CA LEU I 14 -12.13 8.98 -15.23
C LEU I 14 -11.40 8.56 -13.96
N SER I 15 -10.95 7.31 -13.92
CA SER I 15 -10.24 6.81 -12.76
C SER I 15 -8.83 7.41 -12.71
N GLY I 16 -8.21 7.37 -11.54
CA GLY I 16 -6.89 7.95 -11.35
C GLY I 16 -5.84 7.45 -12.35
N ASP I 17 -5.80 6.15 -12.58
CA ASP I 17 -4.79 5.60 -13.51
C ASP I 17 -4.99 6.05 -14.95
N GLU I 18 -6.20 5.93 -15.46
CA GLU I 18 -6.48 6.32 -16.84
C GLU I 18 -6.09 7.78 -17.07
N LEU I 19 -6.28 8.59 -16.04
CA LEU I 19 -5.96 9.99 -16.14
C LEU I 19 -4.51 10.16 -16.60
N LYS I 20 -3.60 9.42 -16.00
CA LYS I 20 -2.22 9.56 -16.39
C LYS I 20 -2.07 9.19 -17.83
N LYS I 21 -2.79 8.14 -18.25
CA LYS I 21 -2.69 7.69 -19.63
C LYS I 21 -3.17 8.76 -20.57
N PHE I 22 -4.23 9.44 -20.19
CA PHE I 22 -4.77 10.50 -21.03
C PHE I 22 -3.81 11.67 -21.13
N LYS I 23 -3.38 12.18 -19.99
CA LYS I 23 -2.47 13.33 -19.97
C LYS I 23 -1.21 13.06 -20.79
N MET I 24 -0.58 11.91 -20.55
CA MET I 24 0.63 11.55 -21.27
C MET I 24 0.37 11.37 -22.76
N LYS I 25 -0.74 10.74 -23.09
CA LYS I 25 -1.08 10.50 -24.50
C LYS I 25 -1.24 11.82 -25.25
N LEU I 26 -1.82 12.80 -24.59
CA LEU I 26 -2.06 14.11 -25.18
C LEU I 26 -0.77 14.73 -25.71
N LEU I 27 0.31 14.51 -24.97
CA LEU I 27 1.60 15.06 -25.36
C LEU I 27 2.05 14.54 -26.73
N THR I 28 1.71 13.29 -27.04
CA THR I 28 2.15 12.68 -28.30
C THR I 28 1.08 12.73 -29.40
N VAL I 29 -0.05 13.36 -29.13
CA VAL I 29 -1.11 13.42 -30.12
C VAL I 29 -0.82 14.50 -31.16
N GLN I 30 -1.26 14.27 -32.40
CA GLN I 30 -1.04 15.24 -33.47
C GLN I 30 -2.11 16.31 -33.45
N LEU I 31 -1.68 17.57 -33.60
CA LEU I 31 -2.60 18.71 -33.58
C LEU I 31 -2.54 19.48 -34.88
N ARG I 32 -3.61 20.20 -35.18
CA ARG I 32 -3.66 21.01 -36.39
C ARG I 32 -2.63 22.14 -36.30
N GLU I 33 -2.09 22.54 -37.45
CA GLU I 33 -1.08 23.61 -37.48
C GLU I 33 -1.66 24.96 -37.10
N GLY I 34 -0.82 25.80 -36.50
CA GLY I 34 -1.25 27.14 -36.08
C GLY I 34 -1.53 27.20 -34.59
N TYR I 35 -1.25 26.09 -33.90
CA TYR I 35 -1.48 26.02 -32.46
C TYR I 35 -0.20 25.65 -31.73
N GLY I 36 -0.15 25.93 -30.43
CA GLY I 36 1.03 25.62 -29.63
C GLY I 36 0.90 24.28 -28.93
N ARG I 37 1.97 23.89 -28.26
CA ARG I 37 2.04 22.64 -27.51
C ARG I 37 2.18 22.95 -26.04
N ILE I 38 1.56 22.14 -25.19
CA ILE I 38 1.61 22.41 -23.76
C ILE I 38 2.91 21.87 -23.14
N PRO I 39 3.58 22.67 -22.32
CA PRO I 39 4.88 22.28 -21.68
C PRO I 39 4.75 21.02 -20.85
N ARG I 40 5.71 20.12 -21.01
CA ARG I 40 5.72 18.86 -20.29
C ARG I 40 5.72 19.04 -18.77
N GLY I 41 6.56 19.95 -18.28
CA GLY I 41 6.68 20.18 -16.85
C GLY I 41 5.35 20.52 -16.16
N ALA I 42 4.59 21.43 -16.75
CA ALA I 42 3.32 21.83 -16.15
C ALA I 42 2.29 20.71 -16.15
N LEU I 43 2.11 20.09 -17.30
CA LEU I 43 1.14 19.01 -17.44
C LEU I 43 1.38 17.90 -16.42
N LEU I 44 2.64 17.57 -16.19
CA LEU I 44 3.00 16.48 -15.28
C LEU I 44 2.43 16.66 -13.86
N GLN I 45 2.39 17.89 -13.36
CA GLN I 45 1.91 18.13 -11.98
C GLN I 45 0.50 18.73 -11.92
N MET I 46 -0.14 18.93 -13.07
CA MET I 46 -1.48 19.55 -13.08
C MET I 46 -2.58 18.65 -12.50
N ASP I 47 -3.68 19.31 -12.13
CA ASP I 47 -4.84 18.63 -11.57
C ASP I 47 -5.95 18.54 -12.62
N ALA I 48 -6.93 17.67 -12.38
CA ALA I 48 -8.03 17.50 -13.33
C ALA I 48 -8.81 18.79 -13.56
N ILE I 49 -9.16 19.51 -12.50
CA ILE I 49 -9.90 20.76 -12.66
C ILE I 49 -9.06 21.78 -13.41
N ASP I 50 -7.80 21.92 -12.98
CA ASP I 50 -6.89 22.88 -13.59
C ASP I 50 -6.70 22.57 -15.07
N LEU I 51 -6.54 21.29 -15.37
CA LEU I 51 -6.36 20.84 -16.74
C LEU I 51 -7.51 21.32 -17.62
N THR I 52 -8.70 21.36 -17.05
CA THR I 52 -9.88 21.78 -17.79
C THR I 52 -9.74 23.21 -18.29
N ASP I 53 -9.41 24.11 -17.39
CA ASP I 53 -9.29 25.52 -17.74
C ASP I 53 -8.20 25.74 -18.79
N LYS I 54 -7.03 25.18 -18.55
CA LYS I 54 -5.92 25.35 -19.47
C LYS I 54 -6.18 24.69 -20.82
N LEU I 55 -6.82 23.52 -20.81
CA LEU I 55 -7.08 22.82 -22.06
C LEU I 55 -7.81 23.74 -23.04
N VAL I 56 -8.83 24.44 -22.55
CA VAL I 56 -9.57 25.34 -23.42
C VAL I 56 -8.75 26.58 -23.75
N SER I 57 -7.92 27.02 -22.81
CA SER I 57 -7.12 28.22 -22.99
C SER I 57 -6.29 28.17 -24.27
N TYR I 58 -5.69 27.04 -24.57
CA TYR I 58 -4.85 26.91 -25.76
C TYR I 58 -5.67 26.71 -27.05
N TYR I 59 -6.74 25.94 -26.98
CA TYR I 59 -7.54 25.68 -28.17
C TYR I 59 -8.92 26.32 -28.05
N LEU I 60 -9.45 26.80 -29.17
CA LEU I 60 -10.75 27.41 -29.16
C LEU I 60 -11.78 26.39 -28.69
N GLU I 61 -12.89 26.88 -28.17
CA GLU I 61 -13.93 26.00 -27.66
C GLU I 61 -14.40 25.01 -28.71
N SER I 62 -14.77 25.52 -29.89
CA SER I 62 -15.26 24.66 -30.95
C SER I 62 -14.23 23.61 -31.35
N TYR I 63 -13.01 24.05 -31.58
CA TYR I 63 -11.94 23.13 -31.96
C TYR I 63 -11.45 22.35 -30.75
N GLY I 64 -11.62 22.94 -29.57
CA GLY I 64 -11.19 22.29 -28.34
C GLY I 64 -11.99 21.02 -28.05
N LEU I 65 -13.31 21.10 -28.21
CA LEU I 65 -14.17 19.95 -27.95
C LEU I 65 -13.88 18.80 -28.89
N GLU I 66 -13.73 19.10 -30.17
CA GLU I 66 -13.45 18.05 -31.16
C GLU I 66 -12.13 17.34 -30.85
N LEU I 67 -11.14 18.12 -30.44
CA LEU I 67 -9.82 17.57 -30.13
C LEU I 67 -9.88 16.58 -28.97
N THR I 68 -10.73 16.87 -27.99
CA THR I 68 -10.83 16.00 -26.84
C THR I 68 -11.32 14.61 -27.23
N MET I 69 -12.43 14.58 -27.95
CA MET I 69 -13.01 13.30 -28.36
C MET I 69 -12.03 12.46 -29.13
N THR I 70 -11.26 13.11 -29.98
CA THR I 70 -10.30 12.39 -30.79
C THR I 70 -9.37 11.55 -29.92
N VAL I 71 -8.93 12.12 -28.79
CA VAL I 71 -8.05 11.41 -27.88
C VAL I 71 -8.81 10.37 -27.04
N LEU I 72 -10.03 10.70 -26.62
CA LEU I 72 -10.81 9.78 -25.81
C LEU I 72 -10.99 8.43 -26.51
N ARG I 73 -11.39 8.47 -27.76
CA ARG I 73 -11.57 7.23 -28.46
C ARG I 73 -10.25 6.49 -28.60
N ASP I 74 -9.18 7.22 -28.87
CA ASP I 74 -7.87 6.59 -29.05
C ASP I 74 -7.52 5.65 -27.89
N MET I 75 -7.79 6.07 -26.66
CA MET I 75 -7.52 5.24 -25.50
C MET I 75 -8.43 4.03 -25.52
N GLY I 76 -9.57 4.21 -26.19
CA GLY I 76 -10.57 3.17 -26.31
C GLY I 76 -11.94 3.81 -26.42
N LEU I 77 -12.86 3.16 -27.14
CA LEU I 77 -14.19 3.70 -27.29
C LEU I 77 -14.91 3.62 -25.96
N GLN I 78 -15.37 4.74 -25.48
CA GLN I 78 -16.07 4.78 -24.20
C GLN I 78 -17.38 5.51 -24.33
N GLU I 79 -18.28 5.26 -23.41
CA GLU I 79 -19.56 5.93 -23.44
C GLU I 79 -19.31 7.43 -23.36
N LEU I 80 -18.23 7.79 -22.68
CA LEU I 80 -17.87 9.19 -22.53
C LEU I 80 -17.72 9.86 -23.88
N ALA I 81 -17.01 9.21 -24.80
CA ALA I 81 -16.80 9.78 -26.11
C ALA I 81 -18.13 10.16 -26.73
N GLU I 82 -19.08 9.23 -26.73
CA GLU I 82 -20.39 9.52 -27.30
C GLU I 82 -21.18 10.45 -26.39
N GLN I 83 -21.15 10.19 -25.08
CA GLN I 83 -21.89 11.02 -24.14
C GLN I 83 -21.53 12.47 -24.32
N LEU I 84 -20.24 12.73 -24.47
CA LEU I 84 -19.76 14.08 -24.65
C LEU I 84 -20.22 14.62 -26.01
N GLN I 85 -20.19 13.76 -27.02
CA GLN I 85 -20.58 14.18 -28.37
C GLN I 85 -21.99 14.77 -28.36
N THR I 86 -22.87 14.19 -27.55
CA THR I 86 -24.24 14.67 -27.46
C THR I 86 -24.24 16.16 -27.16
N THR I 87 -23.24 16.60 -26.40
CA THR I 87 -23.13 18.02 -26.03
C THR I 87 -22.91 18.87 -27.28
N LYS I 88 -22.24 18.31 -28.28
CA LYS I 88 -21.96 19.05 -29.50
C LYS I 88 -23.25 19.64 -30.08
N GLU I 89 -24.31 18.83 -30.06
CA GLU I 89 -25.60 19.29 -30.56
C GLU I 89 -26.18 20.34 -29.62
N GLY J 1 -25.34 44.79 7.20
CA GLY J 1 -26.23 43.73 6.72
C GLY J 1 -25.66 42.35 7.04
N ARG J 2 -26.46 41.54 7.72
CA ARG J 2 -26.04 40.19 8.09
C ARG J 2 -25.65 39.40 6.85
N ALA J 3 -26.01 39.93 5.68
CA ALA J 3 -25.72 39.25 4.43
C ALA J 3 -24.24 38.84 4.34
N ARG J 4 -23.33 39.77 4.61
CA ARG J 4 -21.91 39.44 4.54
C ARG J 4 -21.58 38.33 5.53
N ASP J 5 -22.10 38.46 6.75
CA ASP J 5 -21.83 37.48 7.79
C ASP J 5 -22.41 36.11 7.48
N ALA J 6 -23.60 36.09 6.89
CA ALA J 6 -24.24 34.82 6.58
C ALA J 6 -23.44 34.02 5.56
N ILE J 7 -23.12 34.65 4.44
CA ILE J 7 -22.35 33.97 3.41
C ILE J 7 -21.03 33.47 3.96
N LEU J 8 -20.33 34.34 4.65
CA LEU J 8 -19.04 34.00 5.21
C LEU J 8 -19.11 32.70 6.02
N ASP J 9 -20.04 32.63 6.96
CA ASP J 9 -20.15 31.46 7.81
C ASP J 9 -20.36 30.17 7.02
N ALA J 10 -21.25 30.19 6.04
CA ALA J 10 -21.53 28.99 5.25
C ALA J 10 -20.42 28.64 4.26
N LEU J 11 -19.88 29.64 3.58
CA LEU J 11 -18.84 29.39 2.59
C LEU J 11 -17.62 28.69 3.22
N GLU J 12 -17.29 29.08 4.45
CA GLU J 12 -16.13 28.53 5.16
C GLU J 12 -16.26 27.03 5.50
N ASN J 13 -17.47 26.48 5.37
CA ASN J 13 -17.68 25.05 5.69
C ASN J 13 -17.34 24.13 4.50
N LEU J 14 -16.81 24.69 3.42
CA LEU J 14 -16.45 23.87 2.25
C LEU J 14 -15.03 23.36 2.38
N SER J 15 -14.77 22.16 1.86
CA SER J 15 -13.44 21.58 1.91
C SER J 15 -12.52 22.30 0.93
N GLY J 16 -11.22 22.16 1.12
CA GLY J 16 -10.24 22.83 0.28
C GLY J 16 -10.42 22.56 -1.22
N ASP J 17 -10.64 21.30 -1.59
CA ASP J 17 -10.78 20.97 -3.01
C ASP J 17 -12.02 21.59 -3.65
N GLU J 18 -13.17 21.44 -3.01
CA GLU J 18 -14.41 21.97 -3.56
C GLU J 18 -14.29 23.47 -3.78
N LEU J 19 -13.55 24.12 -2.90
CA LEU J 19 -13.36 25.55 -3.00
C LEU J 19 -12.84 25.91 -4.39
N LYS J 20 -11.84 25.18 -4.86
CA LYS J 20 -11.30 25.49 -6.16
C LYS J 20 -12.39 25.32 -7.20
N LYS J 21 -13.20 24.28 -7.04
CA LYS J 21 -14.25 24.02 -8.00
C LYS J 21 -15.24 25.16 -8.03
N PHE J 22 -15.56 25.69 -6.86
CA PHE J 22 -16.50 26.80 -6.78
C PHE J 22 -15.93 28.06 -7.42
N LYS J 23 -14.73 28.45 -7.00
CA LYS J 23 -14.11 29.65 -7.54
C LYS J 23 -14.02 29.62 -9.06
N MET J 24 -13.49 28.51 -9.58
CA MET J 24 -13.34 28.36 -11.02
C MET J 24 -14.69 28.35 -11.73
N LYS J 25 -15.66 27.66 -11.15
CA LYS J 25 -16.99 27.58 -11.75
C LYS J 25 -17.62 28.96 -11.88
N LEU J 26 -17.39 29.79 -10.88
CA LEU J 26 -17.96 31.14 -10.85
C LEU J 26 -17.55 31.94 -12.09
N LEU J 27 -16.33 31.73 -12.53
CA LEU J 27 -15.82 32.44 -13.69
C LEU J 27 -16.65 32.14 -14.94
N THR J 28 -17.17 30.92 -15.06
CA THR J 28 -17.93 30.52 -16.24
C THR J 28 -19.45 30.61 -16.05
N VAL J 29 -19.89 31.09 -14.89
CA VAL J 29 -21.33 31.20 -14.64
C VAL J 29 -21.92 32.42 -15.33
N GLN J 30 -23.17 32.31 -15.76
CA GLN J 30 -23.85 33.43 -16.44
C GLN J 30 -24.43 34.39 -15.41
N LEU J 31 -24.22 35.68 -15.65
CA LEU J 31 -24.71 36.72 -14.75
C LEU J 31 -25.67 37.66 -15.45
N ARG J 32 -26.52 38.31 -14.68
CA ARG J 32 -27.47 39.27 -15.23
C ARG J 32 -26.72 40.46 -15.82
N GLU J 33 -27.28 41.06 -16.88
CA GLU J 33 -26.64 42.20 -17.54
C GLU J 33 -26.62 43.43 -16.64
N GLY J 34 -25.60 44.27 -16.81
CA GLY J 34 -25.47 45.50 -16.02
C GLY J 34 -24.45 45.33 -14.90
N TYR J 35 -23.79 44.18 -14.88
CA TYR J 35 -22.78 43.90 -13.85
C TYR J 35 -21.44 43.55 -14.49
N GLY J 36 -20.38 43.67 -13.71
CA GLY J 36 -19.05 43.37 -14.20
C GLY J 36 -18.64 41.93 -13.88
N ARG J 37 -17.47 41.56 -14.39
CA ARG J 37 -16.89 40.24 -14.19
C ARG J 37 -15.63 40.36 -13.37
N ILE J 38 -15.37 39.40 -12.50
CA ILE J 38 -14.19 39.49 -11.63
C ILE J 38 -12.94 39.00 -12.38
N PRO J 39 -11.85 39.74 -12.29
CA PRO J 39 -10.57 39.37 -13.00
C PRO J 39 -10.04 38.02 -12.59
N ARG J 40 -9.62 37.24 -13.58
CA ARG J 40 -9.12 35.89 -13.34
C ARG J 40 -7.91 35.88 -12.41
N GLY J 41 -6.96 36.79 -12.64
CA GLY J 41 -5.73 36.85 -11.84
C GLY J 41 -5.98 36.97 -10.34
N ALA J 42 -6.89 37.88 -9.95
CA ALA J 42 -7.15 38.08 -8.54
C ALA J 42 -7.83 36.88 -7.90
N LEU J 43 -8.89 36.39 -8.53
CA LEU J 43 -9.64 35.26 -8.01
C LEU J 43 -8.74 34.05 -7.76
N LEU J 44 -7.81 33.82 -8.67
CA LEU J 44 -6.92 32.67 -8.57
C LEU J 44 -6.14 32.60 -7.26
N GLN J 45 -5.71 33.75 -6.73
CA GLN J 45 -4.89 33.75 -5.49
C GLN J 45 -5.67 34.22 -4.25
N MET J 46 -6.95 34.50 -4.40
CA MET J 46 -7.75 34.99 -3.26
C MET J 46 -8.01 33.93 -2.19
N ASP J 47 -8.36 34.43 -1.00
CA ASP J 47 -8.65 33.58 0.15
C ASP J 47 -10.16 33.53 0.39
N ALA J 48 -10.61 32.56 1.17
CA ALA J 48 -12.03 32.41 1.44
C ALA J 48 -12.63 33.65 2.11
N ILE J 49 -11.96 34.18 3.13
CA ILE J 49 -12.50 35.37 3.80
C ILE J 49 -12.52 36.56 2.85
N ASP J 50 -11.41 36.75 2.14
CA ASP J 50 -11.29 37.85 1.19
C ASP J 50 -12.36 37.77 0.11
N LEU J 51 -12.57 36.56 -0.37
CA LEU J 51 -13.56 36.31 -1.41
C LEU J 51 -14.93 36.78 -0.95
N THR J 52 -15.21 36.65 0.33
CA THR J 52 -16.49 37.05 0.88
C THR J 52 -16.72 38.54 0.69
N ASP J 53 -15.77 39.34 1.11
CA ASP J 53 -15.91 40.79 1.00
C ASP J 53 -16.07 41.23 -0.45
N LYS J 54 -15.19 40.75 -1.31
CA LYS J 54 -15.25 41.15 -2.71
C LYS J 54 -16.50 40.65 -3.40
N LEU J 55 -16.93 39.44 -3.07
CA LEU J 55 -18.13 38.89 -3.71
C LEU J 55 -19.30 39.84 -3.58
N VAL J 56 -19.49 40.39 -2.39
CA VAL J 56 -20.58 41.32 -2.18
C VAL J 56 -20.28 42.67 -2.83
N SER J 57 -19.02 43.05 -2.86
CA SER J 57 -18.63 44.33 -3.43
C SER J 57 -19.14 44.53 -4.85
N TYR J 58 -19.06 43.49 -5.67
CA TYR J 58 -19.50 43.60 -7.06
C TYR J 58 -21.02 43.50 -7.22
N TYR J 59 -21.65 42.63 -6.45
CA TYR J 59 -23.09 42.45 -6.56
C TYR J 59 -23.81 42.95 -5.31
N LEU J 60 -24.99 43.52 -5.50
CA LEU J 60 -25.76 44.00 -4.36
C LEU J 60 -26.06 42.84 -3.42
N GLU J 61 -26.30 43.16 -2.17
CA GLU J 61 -26.57 42.13 -1.18
C GLU J 61 -27.74 41.25 -1.58
N SER J 62 -28.86 41.87 -1.91
CA SER J 62 -30.06 41.12 -2.29
C SER J 62 -29.78 40.22 -3.50
N TYR J 63 -29.20 40.80 -4.54
CA TYR J 63 -28.91 40.03 -5.74
C TYR J 63 -27.68 39.16 -5.53
N GLY J 64 -26.83 39.56 -4.60
CA GLY J 64 -25.62 38.80 -4.31
C GLY J 64 -25.93 37.44 -3.69
N LEU J 65 -26.86 37.42 -2.73
CA LEU J 65 -27.23 36.17 -2.07
C LEU J 65 -27.86 35.18 -3.04
N GLU J 66 -28.77 35.66 -3.88
CA GLU J 66 -29.43 34.78 -4.84
C GLU J 66 -28.42 34.16 -5.80
N LEU J 67 -27.45 34.97 -6.23
CA LEU J 67 -26.44 34.50 -7.16
C LEU J 67 -25.60 33.37 -6.57
N THR J 68 -25.32 33.45 -5.28
CA THR J 68 -24.51 32.43 -4.64
C THR J 68 -25.19 31.07 -4.69
N MET J 69 -26.44 31.02 -4.25
CA MET J 69 -27.18 29.76 -4.23
C MET J 69 -27.23 29.13 -5.59
N THR J 70 -27.41 29.94 -6.61
CA THR J 70 -27.50 29.42 -7.96
C THR J 70 -26.28 28.57 -8.30
N VAL J 71 -25.10 29.03 -7.88
CA VAL J 71 -23.87 28.28 -8.14
C VAL J 71 -23.72 27.08 -7.20
N LEU J 72 -24.11 27.24 -5.94
CA LEU J 72 -23.99 26.15 -4.98
C LEU J 72 -24.72 24.90 -5.47
N ARG J 73 -25.95 25.06 -5.88
CA ARG J 73 -26.67 23.90 -6.35
C ARG J 73 -26.01 23.32 -7.58
N ASP J 74 -25.54 24.17 -8.47
CA ASP J 74 -24.92 23.70 -9.72
C ASP J 74 -23.83 22.65 -9.44
N MET J 75 -23.01 22.88 -8.42
CA MET J 75 -21.96 21.93 -8.07
C MET J 75 -22.59 20.66 -7.54
N GLY J 76 -23.80 20.82 -7.03
CA GLY J 76 -24.55 19.71 -6.46
C GLY J 76 -25.45 20.23 -5.35
N LEU J 77 -26.60 19.60 -5.16
CA LEU J 77 -27.50 20.05 -4.10
C LEU J 77 -26.90 19.72 -2.76
N GLN J 78 -26.74 20.73 -1.94
CA GLN J 78 -26.15 20.52 -0.63
C GLN J 78 -27.02 21.16 0.43
N GLU J 79 -26.86 20.71 1.67
CA GLU J 79 -27.62 21.26 2.76
C GLU J 79 -27.34 22.75 2.83
N LEU J 80 -26.13 23.12 2.44
CA LEU J 80 -25.71 24.51 2.45
C LEU J 80 -26.67 25.36 1.63
N ALA J 81 -26.98 24.90 0.43
CA ALA J 81 -27.87 25.65 -0.44
C ALA J 81 -29.16 26.00 0.31
N GLU J 82 -29.78 24.99 0.91
CA GLU J 82 -31.01 25.23 1.65
C GLU J 82 -30.72 25.95 2.96
N GLN J 83 -29.69 25.53 3.67
CA GLN J 83 -29.35 26.15 4.94
C GLN J 83 -29.20 27.66 4.76
N LEU J 84 -28.52 28.04 3.70
CA LEU J 84 -28.32 29.44 3.42
C LEU J 84 -29.64 30.12 3.04
N GLN J 85 -30.47 29.40 2.28
CA GLN J 85 -31.74 29.95 1.86
C GLN J 85 -32.57 30.41 3.07
N THR J 86 -32.50 29.64 4.16
CA THR J 86 -33.24 29.98 5.36
C THR J 86 -32.92 31.42 5.77
N THR J 87 -31.69 31.85 5.51
CA THR J 87 -31.27 33.20 5.84
C THR J 87 -32.08 34.23 5.06
N LYS J 88 -32.49 33.86 3.84
CA LYS J 88 -33.26 34.78 3.00
C LYS J 88 -34.47 35.32 3.77
N GLU J 89 -35.14 34.43 4.49
CA GLU J 89 -36.30 34.83 5.28
C GLU J 89 -35.86 35.69 6.45
N GLY K 1 -29.50 -13.09 19.64
CA GLY K 1 -30.52 -14.13 19.52
C GLY K 1 -29.87 -15.51 19.44
N ARG K 2 -30.30 -16.40 20.33
CA ARG K 2 -29.77 -17.75 20.36
C ARG K 2 -29.96 -18.44 19.01
N ALA K 3 -30.79 -17.83 18.17
CA ALA K 3 -31.09 -18.40 16.85
C ALA K 3 -29.81 -18.76 16.10
N ARG K 4 -28.87 -17.83 16.03
CA ARG K 4 -27.62 -18.11 15.33
C ARG K 4 -26.89 -19.28 15.97
N ASP K 5 -26.83 -19.26 17.29
CA ASP K 5 -26.14 -20.31 18.04
C ASP K 5 -26.81 -21.67 17.89
N ALA K 6 -28.14 -21.68 17.88
CA ALA K 6 -28.85 -22.94 17.78
C ALA K 6 -28.59 -23.64 16.44
N ILE K 7 -28.78 -22.91 15.35
CA ILE K 7 -28.55 -23.48 14.04
C ILE K 7 -27.14 -24.00 13.92
N LEU K 8 -26.19 -23.15 14.31
CA LEU K 8 -24.79 -23.50 14.22
C LEU K 8 -24.51 -24.85 14.87
N ASP K 9 -24.93 -25.03 16.10
CA ASP K 9 -24.67 -26.27 16.82
C ASP K 9 -25.21 -27.50 16.08
N ALA K 10 -26.45 -27.43 15.60
CA ALA K 10 -27.06 -28.56 14.92
C ALA K 10 -26.48 -28.80 13.53
N LEU K 11 -26.29 -27.75 12.76
CA LEU K 11 -25.78 -27.88 11.39
C LEU K 11 -24.42 -28.59 11.37
N GLU K 12 -23.58 -28.28 12.36
CA GLU K 12 -22.22 -28.86 12.44
C GLU K 12 -22.21 -30.38 12.68
N ASN K 13 -23.36 -30.96 13.05
CA ASN K 13 -23.42 -32.41 13.30
C ASN K 13 -23.64 -33.22 12.02
N LEU K 14 -23.64 -32.56 10.86
CA LEU K 14 -23.83 -33.28 9.59
C LEU K 14 -22.50 -33.76 9.04
N SER K 15 -22.51 -34.91 8.37
CA SER K 15 -21.29 -35.45 7.78
C SER K 15 -20.89 -34.63 6.55
N GLY K 16 -19.63 -34.75 6.16
CA GLY K 16 -19.12 -33.98 5.03
C GLY K 16 -19.94 -34.14 3.74
N ASP K 17 -20.31 -35.37 3.40
CA ASP K 17 -21.06 -35.60 2.15
C ASP K 17 -22.45 -34.96 2.18
N GLU K 18 -23.20 -35.20 3.24
CA GLU K 18 -24.56 -34.66 3.34
C GLU K 18 -24.53 -33.15 3.21
N LEU K 19 -23.48 -32.55 3.73
CA LEU K 19 -23.34 -31.11 3.67
C LEU K 19 -23.48 -30.63 2.23
N LYS K 20 -22.79 -31.28 1.32
CA LYS K 20 -22.87 -30.85 -0.07
C LYS K 20 -24.30 -30.98 -0.53
N LYS K 21 -24.96 -32.05 -0.12
CA LYS K 21 -26.33 -32.26 -0.54
C LYS K 21 -27.23 -31.16 -0.04
N PHE K 22 -27.00 -30.73 1.19
CA PHE K 22 -27.80 -29.66 1.76
C PHE K 22 -27.57 -28.34 1.04
N LYS K 23 -26.30 -27.95 0.93
CA LYS K 23 -25.96 -26.68 0.28
C LYS K 23 -26.54 -26.60 -1.13
N MET K 24 -26.31 -27.65 -1.91
CA MET K 24 -26.80 -27.68 -3.28
C MET K 24 -28.32 -27.67 -3.33
N LYS K 25 -28.95 -28.43 -2.44
CA LYS K 25 -30.41 -28.50 -2.41
C LYS K 25 -31.03 -27.14 -2.15
N LEU K 26 -30.37 -26.38 -1.27
CA LEU K 26 -30.86 -25.05 -0.89
C LEU K 26 -31.03 -24.15 -2.11
N LEU K 27 -30.13 -24.30 -3.05
CA LEU K 27 -30.17 -23.48 -4.26
C LEU K 27 -31.46 -23.70 -5.04
N THR K 28 -31.99 -24.93 -5.01
CA THR K 28 -33.20 -25.26 -5.78
C THR K 28 -34.48 -25.21 -4.93
N VAL K 29 -34.37 -24.85 -3.67
CA VAL K 29 -35.54 -24.80 -2.81
C VAL K 29 -36.37 -23.54 -3.07
N GLN K 30 -37.69 -23.65 -2.91
CA GLN K 30 -38.57 -22.51 -3.13
C GLN K 30 -38.66 -21.65 -1.88
N LEU K 31 -38.56 -20.34 -2.07
CA LEU K 31 -38.59 -19.39 -0.97
C LEU K 31 -39.76 -18.42 -1.10
N ARG K 32 -40.18 -17.85 0.02
CA ARG K 32 -41.27 -16.89 0.02
C ARG K 32 -40.84 -15.63 -0.74
N GLU K 33 -41.79 -14.97 -1.39
CA GLU K 33 -41.50 -13.77 -2.17
C GLU K 33 -41.09 -12.60 -1.27
N GLY K 34 -40.23 -11.73 -1.80
CA GLY K 34 -39.76 -10.56 -1.05
C GLY K 34 -38.34 -10.78 -0.50
N TYR K 35 -37.76 -11.91 -0.86
CA TYR K 35 -36.41 -12.25 -0.41
C TYR K 35 -35.49 -12.51 -1.59
N GLY K 36 -34.19 -12.42 -1.35
CA GLY K 36 -33.21 -12.64 -2.40
C GLY K 36 -32.70 -14.08 -2.41
N ARG K 37 -31.88 -14.38 -3.41
CA ARG K 37 -31.29 -15.70 -3.59
C ARG K 37 -29.79 -15.61 -3.39
N ILE K 38 -29.18 -16.62 -2.80
CA ILE K 38 -27.75 -16.57 -2.54
C ILE K 38 -26.95 -16.96 -3.79
N PRO K 39 -25.92 -16.20 -4.13
CA PRO K 39 -25.09 -16.46 -5.35
C PRO K 39 -24.44 -17.84 -5.32
N ARG K 40 -24.51 -18.52 -6.46
CA ARG K 40 -23.96 -19.87 -6.58
C ARG K 40 -22.46 -19.91 -6.27
N GLY K 41 -21.71 -18.96 -6.81
CA GLY K 41 -20.26 -18.94 -6.63
C GLY K 41 -19.83 -18.93 -5.16
N ALA K 42 -20.45 -18.10 -4.35
CA ALA K 42 -20.07 -18.00 -2.95
C ALA K 42 -20.41 -19.28 -2.18
N LEU K 43 -21.65 -19.73 -2.33
CA LEU K 43 -22.10 -20.93 -1.63
C LEU K 43 -21.20 -22.12 -1.90
N LEU K 44 -20.75 -22.26 -3.13
CA LEU K 44 -19.92 -23.40 -3.52
C LEU K 44 -18.64 -23.54 -2.70
N GLN K 45 -18.02 -22.42 -2.32
CA GLN K 45 -16.75 -22.48 -1.57
C GLN K 45 -16.90 -22.15 -0.08
N MET K 46 -18.12 -21.89 0.37
CA MET K 46 -18.33 -21.51 1.78
C MET K 46 -18.10 -22.66 2.76
N ASP K 47 -17.89 -22.27 4.02
CA ASP K 47 -17.66 -23.21 5.11
C ASP K 47 -18.91 -23.33 5.97
N ALA K 48 -18.99 -24.37 6.79
CA ALA K 48 -20.15 -24.58 7.65
C ALA K 48 -20.38 -23.42 8.61
N ILE K 49 -19.33 -22.94 9.28
CA ILE K 49 -19.51 -21.83 10.21
C ILE K 49 -19.93 -20.57 9.47
N ASP K 50 -19.24 -20.29 8.36
CA ASP K 50 -19.54 -19.11 7.55
C ASP K 50 -20.98 -19.15 7.05
N LEU K 51 -21.39 -20.33 6.60
CA LEU K 51 -22.74 -20.52 6.09
C LEU K 51 -23.77 -20.11 7.13
N THR K 52 -23.45 -20.37 8.39
CA THR K 52 -24.36 -20.04 9.47
C THR K 52 -24.65 -18.56 9.53
N ASP K 53 -23.60 -17.75 9.56
CA ASP K 53 -23.76 -16.31 9.65
C ASP K 53 -24.53 -15.75 8.46
N LYS K 54 -24.13 -16.14 7.26
CA LYS K 54 -24.78 -15.64 6.06
C LYS K 54 -26.21 -16.12 5.94
N LEU K 55 -26.46 -17.36 6.33
CA LEU K 55 -27.82 -17.90 6.23
C LEU K 55 -28.81 -16.99 6.93
N VAL K 56 -28.46 -16.55 8.13
CA VAL K 56 -29.35 -15.66 8.88
C VAL K 56 -29.36 -14.27 8.28
N SER K 57 -28.23 -13.85 7.72
CA SER K 57 -28.10 -12.51 7.16
C SER K 57 -29.19 -12.21 6.12
N TYR K 58 -29.48 -13.19 5.26
CA TYR K 58 -30.49 -12.99 4.22
C TYR K 58 -31.92 -13.11 4.73
N TYR K 59 -32.17 -14.05 5.63
CA TYR K 59 -33.51 -14.27 6.14
C TYR K 59 -33.60 -13.90 7.62
N LEU K 60 -34.74 -13.35 8.01
CA LEU K 60 -34.94 -12.97 9.40
C LEU K 60 -34.80 -14.21 10.28
N GLU K 61 -34.47 -14.00 11.54
CA GLU K 61 -34.28 -15.12 12.45
C GLU K 61 -35.52 -16.00 12.53
N SER K 62 -36.67 -15.39 12.77
CA SER K 62 -37.91 -16.15 12.89
C SER K 62 -38.21 -16.92 11.61
N TYR K 63 -38.14 -16.26 10.48
CA TYR K 63 -38.40 -16.91 9.21
C TYR K 63 -37.21 -17.77 8.79
N GLY K 64 -36.03 -17.42 9.29
CA GLY K 64 -34.82 -18.15 8.96
C GLY K 64 -34.85 -19.57 9.54
N LEU K 65 -35.26 -19.69 10.80
CA LEU K 65 -35.31 -21.00 11.45
C LEU K 65 -36.31 -21.93 10.77
N GLU K 66 -37.50 -21.41 10.46
CA GLU K 66 -38.52 -22.24 9.80
C GLU K 66 -38.03 -22.75 8.45
N LEU K 67 -37.34 -21.89 7.72
CA LEU K 67 -36.85 -22.25 6.40
C LEU K 67 -35.84 -23.39 6.47
N THR K 68 -35.02 -23.41 7.51
CA THR K 68 -34.03 -24.45 7.66
C THR K 68 -34.67 -25.82 7.78
N MET K 69 -35.61 -25.93 8.71
CA MET K 69 -36.27 -27.21 8.96
C MET K 69 -36.92 -27.75 7.70
N THR K 70 -37.52 -26.86 6.94
CA THR K 70 -38.19 -27.27 5.73
C THR K 70 -37.25 -28.07 4.82
N VAL K 71 -36.00 -27.61 4.71
CA VAL K 71 -35.01 -28.29 3.88
C VAL K 71 -34.47 -29.55 4.56
N LEU K 72 -34.27 -29.51 5.88
CA LEU K 72 -33.75 -30.67 6.59
C LEU K 72 -34.63 -31.88 6.36
N ARG K 73 -35.93 -31.74 6.55
CA ARG K 73 -36.78 -32.87 6.35
C ARG K 73 -36.73 -33.35 4.90
N ASP K 74 -36.69 -32.41 3.96
CA ASP K 74 -36.68 -32.77 2.55
C ASP K 74 -35.59 -33.80 2.23
N MET K 75 -34.41 -33.62 2.80
CA MET K 75 -33.32 -34.56 2.59
C MET K 75 -33.66 -35.90 3.23
N GLY K 76 -34.51 -35.81 4.23
CA GLY K 76 -34.96 -36.98 4.98
C GLY K 76 -35.28 -36.58 6.41
N LEU K 77 -36.24 -37.25 7.03
CA LEU K 77 -36.59 -36.92 8.40
C LEU K 77 -35.46 -37.33 9.31
N GLN K 78 -34.94 -36.38 10.07
CA GLN K 78 -33.85 -36.68 10.96
C GLN K 78 -34.15 -36.15 12.35
N GLU K 79 -33.47 -36.70 13.34
CA GLU K 79 -33.68 -36.25 14.70
C GLU K 79 -33.38 -34.77 14.77
N LEU K 80 -32.45 -34.33 13.92
CA LEU K 80 -32.07 -32.93 13.86
C LEU K 80 -33.28 -32.05 13.61
N ALA K 81 -34.10 -32.42 12.64
CA ALA K 81 -35.26 -31.63 12.31
C ALA K 81 -36.09 -31.38 13.57
N GLU K 82 -36.40 -32.45 14.30
CA GLU K 82 -37.18 -32.31 15.51
C GLU K 82 -36.35 -31.68 16.62
N GLN K 83 -35.09 -32.13 16.78
CA GLN K 83 -34.24 -31.59 17.82
C GLN K 83 -34.17 -30.09 17.72
N LEU K 84 -34.02 -29.59 16.51
CA LEU K 84 -33.95 -28.17 16.28
C LEU K 84 -35.29 -27.51 16.57
N GLN K 85 -36.38 -28.19 16.20
CA GLN K 85 -37.71 -27.64 16.43
C GLN K 85 -37.91 -27.30 17.90
N THR K 86 -37.39 -28.15 18.78
CA THR K 86 -37.51 -27.92 20.21
C THR K 86 -37.05 -26.52 20.56
N THR K 87 -36.05 -26.03 19.82
CA THR K 87 -35.51 -24.70 20.05
C THR K 87 -36.57 -23.64 19.79
N LYS K 88 -37.47 -23.91 18.84
CA LYS K 88 -38.53 -22.96 18.50
C LYS K 88 -39.28 -22.52 19.76
N GLU K 89 -39.57 -23.49 20.63
CA GLU K 89 -40.27 -23.18 21.88
C GLU K 89 -39.34 -22.40 22.81
N GLY L 1 -0.47 -4.11 33.35
CA GLY L 1 -1.24 -5.21 33.92
C GLY L 1 -0.98 -6.51 33.16
N ARG L 2 -0.57 -7.53 33.89
CA ARG L 2 -0.30 -8.83 33.29
C ARG L 2 -1.52 -9.35 32.53
N ALA L 3 -2.66 -8.70 32.77
CA ALA L 3 -3.91 -9.12 32.14
C ALA L 3 -3.75 -9.27 30.62
N ARG L 4 -3.19 -8.25 29.97
CA ARG L 4 -3.00 -8.32 28.54
C ARG L 4 -2.10 -9.50 28.17
N ASP L 5 -1.02 -9.65 28.91
CA ASP L 5 -0.06 -10.71 28.65
C ASP L 5 -0.65 -12.10 28.89
N ALA L 6 -1.47 -12.23 29.92
CA ALA L 6 -2.05 -13.54 30.24
C ALA L 6 -2.98 -14.01 29.13
N ILE L 7 -3.92 -13.17 28.74
CA ILE L 7 -4.86 -13.53 27.68
C ILE L 7 -4.11 -13.90 26.42
N LEU L 8 -3.19 -13.04 26.03
CA LEU L 8 -2.42 -13.25 24.82
C LEU L 8 -1.81 -14.64 24.78
N ASP L 9 -1.10 -15.01 25.84
CA ASP L 9 -0.43 -16.30 25.86
C ASP L 9 -1.40 -17.48 25.66
N ALA L 10 -2.53 -17.44 26.36
CA ALA L 10 -3.50 -18.54 26.26
C ALA L 10 -4.27 -18.54 24.93
N LEU L 11 -4.71 -17.37 24.49
CA LEU L 11 -5.49 -17.29 23.25
C LEU L 11 -4.71 -17.86 22.06
N GLU L 12 -3.40 -17.61 22.03
CA GLU L 12 -2.54 -18.06 20.93
C GLU L 12 -2.42 -19.60 20.83
N ASN L 13 -2.86 -20.33 21.87
CA ASN L 13 -2.77 -21.80 21.85
C ASN L 13 -3.96 -22.45 21.13
N LEU L 14 -4.84 -21.64 20.54
CA LEU L 14 -5.99 -22.20 19.82
C LEU L 14 -5.65 -22.48 18.37
N SER L 15 -6.25 -23.52 17.81
CA SER L 15 -6.00 -23.87 16.41
C SER L 15 -6.68 -22.87 15.49
N GLY L 16 -6.23 -22.82 14.25
CA GLY L 16 -6.78 -21.87 13.28
C GLY L 16 -8.30 -21.93 13.13
N ASP L 17 -8.86 -23.12 13.04
CA ASP L 17 -10.31 -23.26 12.86
C ASP L 17 -11.12 -22.76 14.07
N GLU L 18 -10.74 -23.20 15.25
CA GLU L 18 -11.47 -22.81 16.46
C GLU L 18 -11.47 -21.29 16.59
N LEU L 19 -10.38 -20.67 16.16
CA LEU L 19 -10.27 -19.22 16.24
C LEU L 19 -11.47 -18.57 15.56
N LYS L 20 -11.81 -19.04 14.36
CA LYS L 20 -12.93 -18.44 13.68
C LYS L 20 -14.18 -18.63 14.51
N LYS L 21 -14.31 -19.80 15.11
CA LYS L 21 -15.49 -20.08 15.91
C LYS L 21 -15.59 -19.13 17.09
N PHE L 22 -14.46 -18.85 17.70
CA PHE L 22 -14.42 -17.95 18.84
C PHE L 22 -14.79 -16.53 18.42
N LYS L 23 -14.09 -16.01 17.41
CA LYS L 23 -14.33 -14.65 16.95
C LYS L 23 -15.79 -14.43 16.58
N MET L 24 -16.33 -15.34 15.77
CA MET L 24 -17.72 -15.24 15.34
C MET L 24 -18.68 -15.36 16.51
N LYS L 25 -18.40 -16.29 17.42
CA LYS L 25 -19.27 -16.49 18.58
C LYS L 25 -19.36 -15.23 19.43
N LEU L 26 -18.23 -14.53 19.55
CA LEU L 26 -18.15 -13.33 20.37
C LEU L 26 -19.17 -12.29 19.91
N LEU L 27 -19.38 -12.22 18.61
CA LEU L 27 -20.32 -11.26 18.05
C LEU L 27 -21.75 -11.50 18.57
N THR L 28 -22.10 -12.75 18.81
CA THR L 28 -23.46 -13.09 19.27
C THR L 28 -23.57 -13.27 20.77
N VAL L 29 -22.48 -13.07 21.50
CA VAL L 29 -22.52 -13.25 22.95
C VAL L 29 -23.16 -12.05 23.64
N GLN L 30 -23.85 -12.29 24.75
CA GLN L 30 -24.49 -11.21 25.49
C GLN L 30 -23.52 -10.54 26.44
N LEU L 31 -23.54 -9.20 26.44
CA LEU L 31 -22.64 -8.42 27.27
C LEU L 31 -23.40 -7.55 28.26
N ARG L 32 -22.75 -7.18 29.35
CA ARG L 32 -23.36 -6.32 30.35
C ARG L 32 -23.64 -4.94 29.75
N GLU L 33 -24.70 -4.30 30.21
CA GLU L 33 -25.07 -2.97 29.71
C GLU L 33 -24.05 -1.90 30.10
N GLY L 34 -23.91 -0.89 29.23
CA GLY L 34 -22.97 0.20 29.49
C GLY L 34 -21.69 0.04 28.67
N TYR L 35 -21.67 -0.98 27.81
CA TYR L 35 -20.50 -1.25 26.97
C TYR L 35 -20.89 -1.26 25.50
N GLY L 36 -19.90 -1.09 24.63
CA GLY L 36 -20.15 -1.08 23.20
C GLY L 36 -19.93 -2.46 22.58
N ARG L 37 -20.23 -2.54 21.29
CA ARG L 37 -20.08 -3.77 20.52
C ARG L 37 -19.01 -3.57 19.46
N ILE L 38 -18.22 -4.60 19.18
CA ILE L 38 -17.14 -4.45 18.21
C ILE L 38 -17.67 -4.60 16.78
N PRO L 39 -17.28 -3.71 15.88
CA PRO L 39 -17.74 -3.74 14.46
C PRO L 39 -17.40 -5.04 13.75
N ARG L 40 -18.38 -5.57 13.03
CA ARG L 40 -18.20 -6.83 12.32
C ARG L 40 -17.05 -6.79 11.31
N GLY L 41 -16.97 -5.70 10.55
CA GLY L 41 -15.95 -5.58 9.51
C GLY L 41 -14.52 -5.73 10.04
N ALA L 42 -14.22 -5.06 11.15
CA ALA L 42 -12.87 -5.12 11.70
C ALA L 42 -12.53 -6.51 12.23
N LEU L 43 -13.42 -7.06 13.05
CA LEU L 43 -13.20 -8.36 13.64
C LEU L 43 -12.92 -9.43 12.59
N LEU L 44 -13.64 -9.36 11.48
CA LEU L 44 -13.51 -10.36 10.42
C LEU L 44 -12.09 -10.49 9.88
N GLN L 45 -11.35 -9.38 9.78
CA GLN L 45 -9.98 -9.44 9.22
C GLN L 45 -8.88 -9.31 10.28
N MET L 46 -9.24 -9.22 11.55
CA MET L 46 -8.24 -9.06 12.62
C MET L 46 -7.38 -10.29 12.85
N ASP L 47 -6.24 -10.06 13.49
CA ASP L 47 -5.28 -11.11 13.82
C ASP L 47 -5.37 -11.45 15.30
N ALA L 48 -4.81 -12.60 15.69
CA ALA L 48 -4.85 -13.02 17.08
C ALA L 48 -4.17 -12.02 18.02
N ILE L 49 -2.99 -11.55 17.66
CA ILE L 49 -2.29 -10.59 18.52
C ILE L 49 -3.08 -9.29 18.60
N ASP L 50 -3.52 -8.80 17.45
CA ASP L 50 -4.28 -7.56 17.38
C ASP L 50 -5.56 -7.66 18.20
N LEU L 51 -6.22 -8.80 18.08
CA LEU L 51 -7.46 -9.04 18.81
C LEU L 51 -7.24 -8.88 20.31
N THR L 52 -6.07 -9.26 20.76
CA THR L 52 -5.74 -9.17 22.18
C THR L 52 -5.79 -7.73 22.67
N ASP L 53 -5.10 -6.85 21.98
CA ASP L 53 -5.05 -5.45 22.37
C ASP L 53 -6.44 -4.81 22.36
N LYS L 54 -7.16 -4.99 21.26
CA LYS L 54 -8.48 -4.41 21.14
C LYS L 54 -9.46 -5.00 22.13
N LEU L 55 -9.38 -6.30 22.37
CA LEU L 55 -10.31 -6.94 23.30
C LEU L 55 -10.30 -6.21 24.64
N VAL L 56 -9.13 -5.91 25.15
CA VAL L 56 -9.04 -5.22 26.42
C VAL L 56 -9.44 -3.76 26.28
N SER L 57 -9.16 -3.17 25.13
CA SER L 57 -9.47 -1.75 24.89
C SER L 57 -10.94 -1.43 25.17
N TYR L 58 -11.84 -2.30 24.75
CA TYR L 58 -13.28 -2.05 24.95
C TYR L 58 -13.75 -2.38 26.37
N TYR L 59 -13.23 -3.45 26.95
CA TYR L 59 -13.66 -3.85 28.29
C TYR L 59 -12.53 -3.69 29.29
N LEU L 60 -12.88 -3.30 30.51
CA LEU L 60 -11.88 -3.13 31.55
C LEU L 60 -11.17 -4.44 31.77
N GLU L 61 -9.95 -4.38 32.30
CA GLU L 61 -9.17 -5.59 32.52
C GLU L 61 -9.91 -6.58 33.42
N SER L 62 -10.39 -6.11 34.55
CA SER L 62 -11.09 -6.99 35.50
C SER L 62 -12.33 -7.62 34.84
N TYR L 63 -13.14 -6.80 34.21
CA TYR L 63 -14.35 -7.30 33.56
C TYR L 63 -13.98 -7.99 32.24
N GLY L 64 -12.86 -7.59 31.67
CA GLY L 64 -12.43 -8.18 30.40
C GLY L 64 -12.05 -9.65 30.56
N LEU L 65 -11.32 -9.97 31.61
CA LEU L 65 -10.89 -11.36 31.84
C LEU L 65 -12.08 -12.28 32.09
N GLU L 66 -13.03 -11.83 32.91
CA GLU L 66 -14.21 -12.65 33.21
C GLU L 66 -15.01 -12.93 31.95
N LEU L 67 -15.13 -11.92 31.09
CA LEU L 67 -15.89 -12.05 29.86
C LEU L 67 -15.28 -13.11 28.93
N THR L 68 -13.96 -13.19 28.91
CA THR L 68 -13.29 -14.15 28.05
C THR L 68 -13.66 -15.58 28.43
N MET L 69 -13.49 -15.89 29.70
CA MET L 69 -13.77 -17.25 30.17
C MET L 69 -15.18 -17.67 29.85
N THR L 70 -16.11 -16.74 30.00
CA THR L 70 -17.49 -17.05 29.75
C THR L 70 -17.68 -17.63 28.35
N VAL L 71 -16.98 -17.05 27.37
CA VAL L 71 -17.07 -17.52 25.99
C VAL L 71 -16.27 -18.81 25.78
N LEU L 72 -15.11 -18.91 26.41
CA LEU L 72 -14.28 -20.12 26.26
C LEU L 72 -15.05 -21.37 26.62
N ARG L 73 -15.69 -21.36 27.78
CA ARG L 73 -16.43 -22.53 28.17
C ARG L 73 -17.56 -22.80 27.19
N ASP L 74 -18.24 -21.75 26.74
CA ASP L 74 -19.37 -21.92 25.83
C ASP L 74 -19.02 -22.80 24.63
N MET L 75 -17.83 -22.59 24.06
CA MET L 75 -17.38 -23.39 22.93
C MET L 75 -17.16 -24.82 23.38
N GLY L 76 -16.87 -24.95 24.67
CA GLY L 76 -16.62 -26.25 25.28
C GLY L 76 -15.65 -26.06 26.45
N LEU L 77 -15.78 -26.90 27.47
CA LEU L 77 -14.89 -26.78 28.62
C LEU L 77 -13.50 -27.21 28.21
N GLN L 78 -12.55 -26.33 28.40
CA GLN L 78 -11.18 -26.63 28.02
C GLN L 78 -10.24 -26.32 29.17
N GLU L 79 -9.06 -26.93 29.14
CA GLU L 79 -8.10 -26.70 30.18
C GLU L 79 -7.79 -25.21 30.21
N LEU L 80 -7.87 -24.58 29.04
CA LEU L 80 -7.61 -23.16 28.92
C LEU L 80 -8.51 -22.37 29.86
N ALA L 81 -9.80 -22.67 29.86
CA ALA L 81 -10.72 -21.96 30.72
C ALA L 81 -10.22 -21.95 32.15
N GLU L 82 -9.88 -23.14 32.66
CA GLU L 82 -9.38 -23.23 34.02
C GLU L 82 -7.97 -22.68 34.12
N GLN L 83 -7.11 -23.03 33.17
CA GLN L 83 -5.73 -22.56 33.20
C GLN L 83 -5.70 -21.05 33.31
N LEU L 84 -6.54 -20.40 32.54
CA LEU L 84 -6.60 -18.95 32.56
C LEU L 84 -7.15 -18.46 33.90
N GLN L 85 -8.15 -19.17 34.43
CA GLN L 85 -8.75 -18.78 35.70
C GLN L 85 -7.69 -18.67 36.79
N THR L 86 -6.72 -19.57 36.76
CA THR L 86 -5.66 -19.55 37.75
C THR L 86 -5.02 -18.16 37.80
N THR L 87 -4.97 -17.50 36.65
CA THR L 87 -4.39 -16.17 36.57
C THR L 87 -5.19 -15.17 37.41
N LYS L 88 -6.50 -15.40 37.52
CA LYS L 88 -7.36 -14.52 38.30
C LYS L 88 -6.81 -14.32 39.70
N GLU L 89 -6.34 -15.40 40.30
CA GLU L 89 -5.77 -15.34 41.64
C GLU L 89 -4.43 -14.60 41.59
N GLY M 1 28.41 5.66 20.03
CA GLY M 1 28.34 4.43 20.81
C GLY M 1 27.84 3.28 19.95
N ARG M 2 28.62 2.20 19.91
CA ARG M 2 28.25 1.03 19.13
C ARG M 2 26.88 0.50 19.56
N ALA M 3 26.40 1.00 20.70
CA ALA M 3 25.12 0.55 21.23
C ALA M 3 24.01 0.63 20.18
N ARG M 4 23.89 1.76 19.51
CA ARG M 4 22.86 1.89 18.49
C ARG M 4 23.07 0.87 17.38
N ASP M 5 24.30 0.73 16.95
CA ASP M 5 24.63 -0.21 15.88
C ASP M 5 24.39 -1.66 16.27
N ALA M 6 24.72 -2.00 17.51
CA ALA M 6 24.54 -3.37 17.95
C ALA M 6 23.07 -3.79 17.96
N ILE M 7 22.23 -3.00 18.59
CA ILE M 7 20.81 -3.31 18.65
C ILE M 7 20.25 -3.43 17.24
N LEU M 8 20.55 -2.44 16.42
CA LEU M 8 20.04 -2.42 15.06
C LEU M 8 20.32 -3.73 14.34
N ASP M 9 21.57 -4.17 14.34
CA ASP M 9 21.94 -5.39 13.65
C ASP M 9 21.13 -6.60 14.11
N ALA M 10 20.99 -6.78 15.42
CA ALA M 10 20.28 -7.93 15.95
C ALA M 10 18.76 -7.83 15.76
N LEU M 11 18.19 -6.66 16.03
CA LEU M 11 16.75 -6.49 15.91
C LEU M 11 16.25 -6.82 14.50
N GLU M 12 17.04 -6.45 13.49
CA GLU M 12 16.66 -6.67 12.09
C GLU M 12 16.58 -8.16 11.70
N ASN M 13 17.11 -9.06 12.54
CA ASN M 13 17.08 -10.50 12.24
C ASN M 13 15.75 -11.17 12.65
N LEU M 14 14.78 -10.38 13.11
CA LEU M 14 13.49 -10.94 13.51
C LEU M 14 12.53 -10.99 12.33
N SER M 15 11.68 -12.00 12.30
CA SER M 15 10.71 -12.14 11.21
C SER M 15 9.62 -11.09 11.37
N GLY M 16 8.90 -10.84 10.27
CA GLY M 16 7.85 -9.82 10.27
C GLY M 16 6.81 -10.00 11.37
N ASP M 17 6.34 -11.24 11.57
CA ASP M 17 5.30 -11.47 12.58
C ASP M 17 5.79 -11.21 14.02
N GLU M 18 6.94 -11.77 14.36
CA GLU M 18 7.46 -11.61 15.70
C GLU M 18 7.64 -10.13 16.03
N LEU M 19 7.99 -9.36 15.01
CA LEU M 19 8.19 -7.94 15.20
C LEU M 19 6.95 -7.32 15.83
N LYS M 20 5.78 -7.65 15.31
CA LYS M 20 4.58 -7.08 15.89
C LYS M 20 4.47 -7.49 17.32
N LYS M 21 4.81 -8.74 17.61
CA LYS M 21 4.71 -9.23 18.97
C LYS M 21 5.62 -8.46 19.90
N PHE M 22 6.81 -8.15 19.41
CA PHE M 22 7.77 -7.41 20.21
C PHE M 22 7.28 -5.99 20.47
N LYS M 23 6.95 -5.28 19.39
CA LYS M 23 6.50 -3.89 19.53
C LYS M 23 5.32 -3.77 20.49
N MET M 24 4.30 -4.61 20.28
CA MET M 24 3.12 -4.58 21.13
C MET M 24 3.46 -4.95 22.58
N LYS M 25 4.31 -5.96 22.75
CA LYS M 25 4.69 -6.39 24.09
C LYS M 25 5.36 -5.27 24.87
N LEU M 26 6.18 -4.49 24.16
CA LEU M 26 6.92 -3.40 24.78
C LEU M 26 5.99 -2.42 25.46
N LEU M 27 4.83 -2.19 24.87
CA LEU M 27 3.86 -1.26 25.42
C LEU M 27 3.40 -1.69 26.82
N THR M 28 3.31 -3.00 27.05
CA THR M 28 2.83 -3.52 28.33
C THR M 28 3.96 -3.91 29.29
N VAL M 29 5.20 -3.70 28.90
CA VAL M 29 6.31 -4.07 29.77
C VAL M 29 6.52 -3.03 30.86
N GLN M 30 6.98 -3.49 32.03
CA GLN M 30 7.21 -2.58 33.15
C GLN M 30 8.59 -1.94 33.04
N LEU M 31 8.65 -0.64 33.28
CA LEU M 31 9.89 0.12 33.18
C LEU M 31 10.24 0.77 34.52
N ARG M 32 11.52 1.06 34.70
CA ARG M 32 11.98 1.71 35.92
C ARG M 32 11.41 3.13 35.99
N GLU M 33 11.15 3.61 37.21
CA GLU M 33 10.58 4.94 37.39
C GLU M 33 11.56 6.05 36.98
N GLY M 34 11.02 7.16 36.52
CA GLY M 34 11.84 8.30 36.10
C GLY M 34 11.96 8.37 34.58
N TYR M 35 11.25 7.47 33.89
CA TYR M 35 11.29 7.44 32.43
C TYR M 35 9.89 7.58 31.86
N GLY M 36 9.81 7.95 30.59
CA GLY M 36 8.53 8.13 29.93
C GLY M 36 8.10 6.86 29.17
N ARG M 37 6.89 6.92 28.63
CA ARG M 37 6.32 5.82 27.86
C ARG M 37 6.15 6.27 26.42
N ILE M 38 6.36 5.36 25.47
CA ILE M 38 6.26 5.74 24.06
C ILE M 38 4.80 5.73 23.60
N PRO M 39 4.36 6.76 22.89
CA PRO M 39 2.95 6.88 22.40
C PRO M 39 2.55 5.71 21.51
N ARG M 40 1.35 5.20 21.77
CA ARG M 40 0.83 4.07 21.01
C ARG M 40 0.74 4.35 19.51
N GLY M 41 0.23 5.52 19.15
CA GLY M 41 0.05 5.89 17.75
C GLY M 41 1.33 5.80 16.92
N ALA M 42 2.42 6.34 17.45
CA ALA M 42 3.68 6.34 16.71
C ALA M 42 4.24 4.93 16.55
N LEU M 43 4.31 4.20 17.65
CA LEU M 43 4.85 2.85 17.63
C LEU M 43 4.14 1.96 16.61
N LEU M 44 2.83 2.10 16.53
CA LEU M 44 2.03 1.27 15.64
C LEU M 44 2.47 1.35 14.17
N GLN M 45 2.88 2.52 13.70
CA GLN M 45 3.27 2.67 12.29
C GLN M 45 4.79 2.76 12.07
N MET M 46 5.57 2.64 13.13
CA MET M 46 7.03 2.76 13.00
C MET M 46 7.69 1.59 12.27
N ASP M 47 8.90 1.86 11.80
CA ASP M 47 9.70 0.86 11.07
C ASP M 47 10.81 0.32 11.98
N ALA M 48 11.39 -0.81 11.59
CA ALA M 48 12.44 -1.42 12.39
C ALA M 48 13.65 -0.48 12.56
N ILE M 49 14.11 0.14 11.49
CA ILE M 49 15.26 1.04 11.61
C ILE M 49 14.90 2.24 12.48
N ASP M 50 13.74 2.83 12.21
CA ASP M 50 13.28 4.00 12.96
C ASP M 50 13.16 3.66 14.45
N LEU M 51 12.61 2.50 14.73
CA LEU M 51 12.41 2.05 16.09
C LEU M 51 13.74 2.03 16.83
N THR M 52 14.80 1.70 16.12
CA THR M 52 16.12 1.64 16.73
C THR M 52 16.54 2.99 17.29
N ASP M 53 16.47 4.01 16.45
CA ASP M 53 16.87 5.35 16.88
C ASP M 53 16.04 5.85 18.05
N LYS M 54 14.73 5.74 17.94
CA LYS M 54 13.86 6.21 19.00
C LYS M 54 14.01 5.41 20.28
N LEU M 55 14.19 4.10 20.16
CA LEU M 55 14.32 3.26 21.34
C LEU M 55 15.42 3.81 22.25
N VAL M 56 16.57 4.14 21.67
CA VAL M 56 17.65 4.68 22.46
C VAL M 56 17.36 6.09 22.92
N SER M 57 16.65 6.85 22.11
CA SER M 57 16.34 8.25 22.43
C SER M 57 15.69 8.39 23.80
N TYR M 58 14.75 7.51 24.13
CA TYR M 58 14.06 7.59 25.41
C TYR M 58 14.87 7.04 26.58
N TYR M 59 15.60 5.95 26.36
CA TYR M 59 16.38 5.34 27.43
C TYR M 59 17.86 5.47 27.17
N LEU M 60 18.64 5.66 28.23
CA LEU M 60 20.08 5.79 28.08
C LEU M 60 20.63 4.52 27.45
N GLU M 61 21.78 4.64 26.82
CA GLU M 61 22.38 3.49 26.16
C GLU M 61 22.59 2.33 27.12
N SER M 62 23.23 2.59 28.25
CA SER M 62 23.50 1.54 29.23
C SER M 62 22.21 0.89 29.71
N TYR M 63 21.25 1.70 30.10
CA TYR M 63 19.98 1.17 30.58
C TYR M 63 19.12 0.71 29.41
N GLY M 64 19.37 1.27 28.24
CA GLY M 64 18.61 0.91 27.05
C GLY M 64 18.88 -0.53 26.62
N LEU M 65 20.16 -0.92 26.62
CA LEU M 65 20.53 -2.28 26.22
C LEU M 65 19.95 -3.33 27.16
N GLU M 66 20.05 -3.08 28.46
CA GLU M 66 19.53 -4.04 29.44
C GLU M 66 18.03 -4.22 29.27
N LEU M 67 17.32 -3.14 29.01
CA LEU M 67 15.87 -3.18 28.86
C LEU M 67 15.47 -4.04 27.66
N THR M 68 16.25 -3.98 26.60
CA THR M 68 15.93 -4.75 25.40
C THR M 68 15.94 -6.25 25.69
N MET M 69 17.04 -6.72 26.28
CA MET M 69 17.17 -8.14 26.56
C MET M 69 16.04 -8.65 27.42
N THR M 70 15.64 -7.84 28.38
CA THR M 70 14.58 -8.24 29.29
C THR M 70 13.32 -8.64 28.50
N VAL M 71 13.01 -7.88 27.45
CA VAL M 71 11.84 -8.18 26.63
C VAL M 71 12.11 -9.35 25.67
N LEU M 72 13.31 -9.42 25.12
CA LEU M 72 13.63 -10.51 24.19
C LEU M 72 13.39 -11.86 24.83
N ARG M 73 13.91 -12.07 26.02
CA ARG M 73 13.72 -13.34 26.65
C ARG M 73 12.24 -13.59 26.92
N ASP M 74 11.53 -12.56 27.34
CA ASP M 74 10.11 -12.71 27.66
C ASP M 74 9.34 -13.38 26.53
N MET M 75 9.61 -12.99 25.28
CA MET M 75 8.95 -13.60 24.14
C MET M 75 9.38 -15.04 24.01
N GLY M 76 10.57 -15.31 24.54
CA GLY M 76 11.15 -16.65 24.50
C GLY M 76 12.66 -16.53 24.46
N LEU M 77 13.36 -17.49 25.05
CA LEU M 77 14.82 -17.45 25.05
C LEU M 77 15.32 -17.69 23.64
N GLN M 78 16.09 -16.76 23.14
CA GLN M 78 16.62 -16.88 21.79
C GLN M 78 18.11 -16.64 21.79
N GLU M 79 18.77 -17.12 20.76
CA GLU M 79 20.20 -16.93 20.66
C GLU M 79 20.48 -15.44 20.66
N LEU M 80 19.53 -14.67 20.12
CA LEU M 80 19.67 -13.23 20.07
C LEU M 80 19.90 -12.65 21.45
N ALA M 81 19.10 -13.08 22.42
CA ALA M 81 19.25 -12.57 23.77
C ALA M 81 20.68 -12.71 24.23
N GLU M 82 21.24 -13.91 24.08
CA GLU M 82 22.62 -14.14 24.49
C GLU M 82 23.58 -13.47 23.52
N GLN M 83 23.33 -13.61 22.22
CA GLN M 83 24.21 -13.02 21.22
C GLN M 83 24.41 -11.54 21.50
N LEU M 84 23.30 -10.87 21.81
CA LEU M 84 23.35 -9.46 22.09
C LEU M 84 24.11 -9.20 23.40
N GLN M 85 23.88 -10.07 24.38
CA GLN M 85 24.54 -9.91 25.68
C GLN M 85 26.05 -9.84 25.52
N THR M 86 26.58 -10.63 24.60
CA THR M 86 28.01 -10.64 24.35
C THR M 86 28.51 -9.22 24.10
N THR M 87 27.66 -8.41 23.48
CA THR M 87 28.01 -7.03 23.18
C THR M 87 28.23 -6.23 24.46
N LYS M 88 27.51 -6.61 25.52
CA LYS M 88 27.64 -5.90 26.80
C LYS M 88 29.10 -5.84 27.23
N GLU M 89 29.81 -6.95 27.06
CA GLU M 89 31.22 -7.01 27.41
C GLU M 89 32.03 -6.15 26.44
N GLY N 1 36.00 19.59 -9.28
CA GLY N 1 36.50 18.26 -8.94
C GLY N 1 35.45 17.19 -9.24
N ARG N 2 35.85 16.21 -10.02
CA ARG N 2 34.94 15.12 -10.38
C ARG N 2 34.43 14.42 -9.13
N ALA N 3 35.07 14.71 -7.99
CA ALA N 3 34.69 14.08 -6.73
C ALA N 3 33.18 14.20 -6.47
N ARG N 4 32.64 15.39 -6.61
CA ARG N 4 31.21 15.57 -6.37
C ARG N 4 30.40 14.73 -7.36
N ASP N 5 30.80 14.75 -8.62
CA ASP N 5 30.11 14.01 -9.65
C ASP N 5 30.21 12.50 -9.45
N ALA N 6 31.36 12.03 -9.01
CA ALA N 6 31.54 10.59 -8.82
C ALA N 6 30.62 10.04 -7.73
N ILE N 7 30.66 10.68 -6.56
CA ILE N 7 29.82 10.23 -5.46
C ILE N 7 28.36 10.25 -5.86
N LEU N 8 27.94 11.36 -6.44
CA LEU N 8 26.57 11.51 -6.86
C LEU N 8 26.09 10.34 -7.70
N ASP N 9 26.83 10.02 -8.74
CA ASP N 9 26.44 8.94 -9.64
C ASP N 9 26.26 7.61 -8.91
N ALA N 10 27.20 7.25 -8.05
CA ALA N 10 27.12 5.98 -7.34
C ALA N 10 26.06 5.97 -6.23
N LEU N 11 25.99 7.04 -5.46
CA LEU N 11 25.02 7.08 -4.37
C LEU N 11 23.58 6.90 -4.85
N GLU N 12 23.28 7.47 -6.02
CA GLU N 12 21.94 7.40 -6.61
C GLU N 12 21.50 5.97 -6.99
N ASN N 13 22.45 5.02 -7.03
CA ASN N 13 22.11 3.64 -7.41
C ASN N 13 21.60 2.82 -6.23
N LEU N 14 21.41 3.45 -5.07
CA LEU N 14 20.92 2.73 -3.89
C LEU N 14 19.39 2.74 -3.85
N SER N 15 18.80 1.67 -3.34
CA SER N 15 17.35 1.59 -3.25
C SER N 15 16.84 2.51 -2.13
N GLY N 16 15.56 2.84 -2.19
CA GLY N 16 14.97 3.76 -1.20
C GLY N 16 15.20 3.33 0.25
N ASP N 17 15.01 2.06 0.56
CA ASP N 17 15.17 1.60 1.95
C ASP N 17 16.61 1.70 2.45
N GLU N 18 17.56 1.20 1.66
CA GLU N 18 18.96 1.24 2.08
C GLU N 18 19.38 2.67 2.35
N LEU N 19 18.83 3.60 1.58
CA LEU N 19 19.17 5.00 1.74
C LEU N 19 18.95 5.41 3.20
N LYS N 20 17.82 5.04 3.77
CA LYS N 20 17.57 5.43 5.14
C LYS N 20 18.63 4.82 6.02
N LYS N 21 19.00 3.58 5.74
CA LYS N 21 19.99 2.90 6.55
C LYS N 21 21.31 3.63 6.50
N PHE N 22 21.67 4.10 5.31
CA PHE N 22 22.92 4.82 5.15
C PHE N 22 22.91 6.15 5.89
N LYS N 23 21.88 6.96 5.64
CA LYS N 23 21.78 8.27 6.28
C LYS N 23 21.83 8.15 7.79
N MET N 24 21.01 7.27 8.34
CA MET N 24 20.97 7.08 9.79
C MET N 24 22.29 6.55 10.33
N LYS N 25 22.90 5.61 9.61
CA LYS N 25 24.17 5.04 10.04
C LYS N 25 25.26 6.11 10.14
N LEU N 26 25.23 7.04 9.20
CA LEU N 26 26.22 8.10 9.14
C LEU N 26 26.25 8.90 10.44
N LEU N 27 25.09 9.10 11.02
CA LEU N 27 24.99 9.86 12.26
C LEU N 27 25.78 9.21 13.39
N THR N 28 25.85 7.87 13.39
CA THR N 28 26.55 7.15 14.47
C THR N 28 27.97 6.74 14.10
N VAL N 29 28.43 7.11 12.92
CA VAL N 29 29.78 6.73 12.49
C VAL N 29 30.82 7.62 13.14
N GLN N 30 32.00 7.06 13.40
CA GLN N 30 33.09 7.82 14.02
C GLN N 30 33.87 8.60 12.97
N LEU N 31 34.15 9.86 13.26
CA LEU N 31 34.88 10.73 12.34
C LEU N 31 36.18 11.24 12.95
N ARG N 32 37.11 11.61 12.09
CA ARG N 32 38.39 12.13 12.56
C ARG N 32 38.17 13.48 13.27
N GLU N 33 39.00 13.76 14.27
CA GLU N 33 38.87 15.01 15.03
C GLU N 33 39.20 16.23 14.17
N GLY N 34 38.56 17.36 14.50
CA GLY N 34 38.79 18.61 13.77
C GLY N 34 37.66 18.88 12.77
N TYR N 35 36.63 18.03 12.79
CA TYR N 35 35.49 18.18 11.89
C TYR N 35 34.20 18.27 12.67
N GLY N 36 33.16 18.80 12.03
CA GLY N 36 31.87 18.94 12.68
C GLY N 36 30.95 17.77 12.37
N ARG N 37 29.78 17.79 13.00
CA ARG N 37 28.77 16.75 12.84
C ARG N 37 27.54 17.37 12.19
N ILE N 38 26.88 16.61 11.32
CA ILE N 38 25.71 17.16 10.62
C ILE N 38 24.47 17.07 11.49
N PRO N 39 23.69 18.16 11.57
CA PRO N 39 22.45 18.21 12.41
C PRO N 39 21.44 17.14 12.02
N ARG N 40 20.89 16.49 13.04
CA ARG N 40 19.91 15.42 12.82
C ARG N 40 18.68 15.89 12.05
N GLY N 41 18.16 17.06 12.41
CA GLY N 41 16.95 17.58 11.77
C GLY N 41 17.07 17.72 10.25
N ALA N 42 18.17 18.28 9.79
CA ALA N 42 18.35 18.49 8.36
C ALA N 42 18.49 17.16 7.61
N LEU N 43 19.38 16.31 8.10
CA LEU N 43 19.62 15.02 7.45
C LEU N 43 18.34 14.22 7.28
N LEU N 44 17.48 14.26 8.28
CA LEU N 44 16.24 13.48 8.26
C LEU N 44 15.35 13.79 7.05
N GLN N 45 15.30 15.05 6.62
CA GLN N 45 14.42 15.42 5.49
C GLN N 45 15.17 15.67 4.18
N MET N 46 16.48 15.48 4.18
CA MET N 46 17.28 15.74 2.96
C MET N 46 17.03 14.75 1.84
N ASP N 47 17.41 15.17 0.63
CA ASP N 47 17.28 14.35 -0.57
C ASP N 47 18.64 13.80 -0.99
N ALA N 48 18.63 12.79 -1.85
CA ALA N 48 19.87 12.18 -2.30
C ALA N 48 20.80 13.18 -3.01
N ILE N 49 20.25 13.99 -3.91
CA ILE N 49 21.09 14.96 -4.61
C ILE N 49 21.63 16.00 -3.63
N ASP N 50 20.73 16.51 -2.79
CA ASP N 50 21.11 17.53 -1.81
C ASP N 50 22.19 16.99 -0.87
N LEU N 51 22.01 15.75 -0.45
CA LEU N 51 22.96 15.11 0.46
C LEU N 51 24.35 15.11 -0.15
N THR N 52 24.42 14.98 -1.46
CA THR N 52 25.70 14.95 -2.15
C THR N 52 26.46 16.25 -1.95
N ASP N 53 25.81 17.36 -2.23
CA ASP N 53 26.47 18.66 -2.10
C ASP N 53 26.91 18.93 -0.67
N LYS N 54 26.02 18.72 0.28
CA LYS N 54 26.35 18.97 1.68
C LYS N 54 27.41 18.03 2.19
N LEU N 55 27.36 16.77 1.78
CA LEU N 55 28.35 15.79 2.26
C LEU N 55 29.76 16.30 2.01
N VAL N 56 30.01 16.82 0.82
CA VAL N 56 31.33 17.33 0.51
C VAL N 56 31.59 18.65 1.23
N SER N 57 30.54 19.44 1.42
CA SER N 57 30.69 20.74 2.06
C SER N 57 31.37 20.66 3.42
N TYR N 58 31.03 19.65 4.21
CA TYR N 58 31.62 19.50 5.55
C TYR N 58 33.02 18.88 5.52
N TYR N 59 33.23 17.90 4.64
CA TYR N 59 34.53 17.22 4.58
C TYR N 59 35.22 17.52 3.27
N LEU N 60 36.55 17.64 3.33
CA LEU N 60 37.31 17.91 2.12
C LEU N 60 37.08 16.79 1.12
N GLU N 61 37.29 17.09 -0.15
CA GLU N 61 37.07 16.10 -1.20
C GLU N 61 37.90 14.84 -0.96
N SER N 62 39.20 15.02 -0.75
CA SER N 62 40.08 13.87 -0.54
C SER N 62 39.65 13.05 0.67
N TYR N 63 39.41 13.71 1.78
CA TYR N 63 38.99 13.02 2.99
C TYR N 63 37.52 12.63 2.90
N GLY N 64 36.77 13.37 2.09
CA GLY N 64 35.35 13.10 1.93
C GLY N 64 35.11 11.76 1.24
N LEU N 65 35.87 11.49 0.17
CA LEU N 65 35.70 10.23 -0.57
C LEU N 65 36.04 9.02 0.29
N GLU N 66 37.14 9.10 1.02
CA GLU N 66 37.56 7.98 1.88
C GLU N 66 36.49 7.68 2.94
N LEU N 67 35.92 8.74 3.50
CA LEU N 67 34.91 8.59 4.54
C LEU N 67 33.67 7.86 4.02
N THR N 68 33.30 8.12 2.78
CA THR N 68 32.13 7.48 2.21
C THR N 68 32.29 5.97 2.15
N MET N 69 33.40 5.53 1.56
CA MET N 69 33.64 4.10 1.40
C MET N 69 33.61 3.39 2.73
N THR N 70 34.17 4.03 3.74
CA THR N 70 34.21 3.41 5.06
C THR N 70 32.81 3.00 5.52
N VAL N 71 31.82 3.87 5.26
CA VAL N 71 30.44 3.58 5.65
C VAL N 71 29.78 2.57 4.69
N LEU N 72 30.07 2.68 3.40
CA LEU N 72 29.49 1.76 2.43
C LEU N 72 29.77 0.31 2.79
N ARG N 73 31.02 0.00 3.06
CA ARG N 73 31.34 -1.36 3.40
C ARG N 73 30.64 -1.77 4.69
N ASP N 74 30.60 -0.86 5.66
CA ASP N 74 29.98 -1.19 6.95
C ASP N 74 28.58 -1.78 6.78
N MET N 75 27.79 -1.19 5.87
CA MET N 75 26.43 -1.71 5.62
C MET N 75 26.53 -3.08 4.99
N GLY N 76 27.65 -3.31 4.33
CA GLY N 76 27.91 -4.56 3.65
C GLY N 76 28.81 -4.31 2.45
N LEU N 77 29.65 -5.28 2.10
CA LEU N 77 30.53 -5.11 0.97
C LEU N 77 29.71 -5.11 -0.30
N GLN N 78 29.83 -4.05 -1.08
CA GLN N 78 29.08 -3.95 -2.30
C GLN N 78 29.99 -3.58 -3.46
N GLU N 79 29.55 -3.86 -4.66
CA GLU N 79 30.35 -3.54 -5.83
C GLU N 79 30.60 -2.04 -5.82
N LEU N 80 29.63 -1.30 -5.28
CA LEU N 80 29.74 0.15 -5.19
C LEU N 80 31.01 0.56 -4.47
N ALA N 81 31.27 -0.07 -3.33
CA ALA N 81 32.45 0.27 -2.56
C ALA N 81 33.68 0.20 -3.45
N GLU N 82 33.85 -0.91 -4.15
CA GLU N 82 35.00 -1.06 -5.02
C GLU N 82 34.85 -0.20 -6.27
N GLN N 83 33.67 -0.18 -6.87
CA GLN N 83 33.44 0.61 -8.07
C GLN N 83 33.85 2.05 -7.83
N LEU N 84 33.46 2.56 -6.68
CA LEU N 84 33.78 3.94 -6.33
C LEU N 84 35.28 4.08 -6.11
N GLN N 85 35.90 3.08 -5.47
CA GLN N 85 37.32 3.13 -5.19
C GLN N 85 38.12 3.35 -6.48
N THR N 86 37.67 2.73 -7.56
CA THR N 86 38.35 2.89 -8.84
C THR N 86 38.52 4.37 -9.16
N THR N 87 37.55 5.18 -8.74
CA THR N 87 37.60 6.61 -8.99
C THR N 87 38.79 7.24 -8.29
N LYS N 88 39.17 6.67 -7.13
CA LYS N 88 40.30 7.21 -6.37
C LYS N 88 41.53 7.35 -7.26
N GLU N 89 41.76 6.33 -8.09
CA GLU N 89 42.90 6.36 -9.00
C GLU N 89 42.67 7.41 -10.08
N GLY O 1 18.09 37.96 -30.55
CA GLY O 1 18.59 36.66 -30.95
C GLY O 1 17.67 35.54 -30.46
N ARG O 2 17.23 34.71 -31.39
CA ARG O 2 16.35 33.60 -31.06
C ARG O 2 16.99 32.70 -30.01
N ALA O 3 18.28 32.89 -29.79
CA ALA O 3 19.03 32.08 -28.83
C ALA O 3 18.33 32.02 -27.47
N ARG O 4 17.95 33.17 -26.95
CA ARG O 4 17.26 33.18 -25.66
C ARG O 4 15.96 32.40 -25.74
N ASP O 5 15.21 32.63 -26.80
CA ASP O 5 13.93 31.97 -26.98
C ASP O 5 14.07 30.46 -27.16
N ALA O 6 15.09 30.04 -27.89
CA ALA O 6 15.28 28.62 -28.14
C ALA O 6 15.56 27.86 -26.85
N ILE O 7 16.54 28.32 -26.09
CA ILE O 7 16.88 27.67 -24.83
C ILE O 7 15.67 27.60 -23.92
N LEU O 8 15.01 28.73 -23.77
CA LEU O 8 13.85 28.81 -22.90
C LEU O 8 12.83 27.72 -23.21
N ASP O 9 12.44 27.61 -24.47
CA ASP O 9 11.45 26.63 -24.85
C ASP O 9 11.84 25.20 -24.48
N ALA O 10 13.08 24.82 -24.77
CA ALA O 10 13.54 23.46 -24.47
C ALA O 10 13.76 23.21 -22.98
N LEU O 11 14.38 24.16 -22.29
CA LEU O 11 14.66 23.97 -20.87
C LEU O 11 13.38 23.72 -20.06
N GLU O 12 12.31 24.41 -20.44
CA GLU O 12 11.03 24.30 -19.73
C GLU O 12 10.38 22.91 -19.85
N ASN O 13 10.88 22.06 -20.76
CA ASN O 13 10.31 20.71 -20.93
C ASN O 13 10.88 19.70 -19.94
N LEU O 14 11.72 20.15 -19.01
CA LEU O 14 12.32 19.24 -18.03
C LEU O 14 11.42 19.11 -16.80
N SER O 15 11.41 17.92 -16.20
CA SER O 15 10.59 17.71 -15.00
C SER O 15 11.21 18.42 -13.81
N GLY O 16 10.41 18.64 -12.77
CA GLY O 16 10.87 19.35 -11.58
C GLY O 16 12.14 18.76 -10.96
N ASP O 17 12.20 17.44 -10.82
CA ASP O 17 13.37 16.82 -10.19
C ASP O 17 14.66 17.00 -11.02
N GLU O 18 14.59 16.69 -12.30
CA GLU O 18 15.77 16.80 -13.15
C GLU O 18 16.32 18.21 -13.11
N LEU O 19 15.42 19.18 -12.99
CA LEU O 19 15.83 20.57 -12.94
C LEU O 19 16.87 20.77 -11.84
N LYS O 20 16.60 20.23 -10.67
CA LYS O 20 17.55 20.40 -9.58
C LYS O 20 18.87 19.78 -9.98
N LYS O 21 18.81 18.63 -10.63
CA LYS O 21 20.03 17.94 -11.03
C LYS O 21 20.82 18.79 -12.00
N PHE O 22 20.13 19.43 -12.92
CA PHE O 22 20.79 20.29 -13.89
C PHE O 22 21.44 21.49 -13.23
N LYS O 23 20.66 22.23 -12.46
CA LYS O 23 21.16 23.44 -11.79
C LYS O 23 22.40 23.12 -10.94
N MET O 24 22.28 22.11 -10.11
CA MET O 24 23.39 21.71 -9.24
C MET O 24 24.60 21.25 -10.05
N LYS O 25 24.35 20.48 -11.09
CA LYS O 25 25.45 19.97 -11.92
C LYS O 25 26.24 21.10 -12.55
N LEU O 26 25.52 22.15 -12.96
CA LEU O 26 26.13 23.29 -13.61
C LEU O 26 27.21 23.92 -12.74
N LEU O 27 26.97 23.92 -11.45
CA LEU O 27 27.93 24.49 -10.50
C LEU O 27 29.29 23.78 -10.56
N THR O 28 29.26 22.47 -10.81
CA THR O 28 30.50 21.68 -10.83
C THR O 28 31.04 21.45 -12.24
N VAL O 29 30.41 22.02 -13.25
CA VAL O 29 30.87 21.82 -14.62
C VAL O 29 32.07 22.72 -14.93
N GLN O 30 32.97 22.23 -15.77
CA GLN O 30 34.16 23.00 -16.14
C GLN O 30 33.84 23.97 -17.27
N LEU O 31 34.31 25.21 -17.12
CA LEU O 31 34.06 26.25 -18.11
C LEU O 31 35.36 26.80 -18.70
N ARG O 32 35.28 27.36 -19.89
CA ARG O 32 36.45 27.93 -20.54
C ARG O 32 36.95 29.14 -19.73
N GLU O 33 38.26 29.36 -19.75
CA GLU O 33 38.84 30.48 -19.00
C GLU O 33 38.43 31.84 -19.58
N GLY O 34 38.35 32.85 -18.71
CA GLY O 34 37.97 34.19 -19.13
C GLY O 34 36.51 34.49 -18.80
N TYR O 35 35.86 33.56 -18.11
CA TYR O 35 34.46 33.72 -17.73
C TYR O 35 34.30 33.59 -16.22
N GLY O 36 33.19 34.10 -15.71
CA GLY O 36 32.91 34.04 -14.28
C GLY O 36 32.05 32.84 -13.92
N ARG O 37 31.85 32.67 -12.63
CA ARG O 37 31.04 31.58 -12.08
C ARG O 37 29.81 32.15 -11.42
N ILE O 38 28.68 31.46 -11.52
CA ILE O 38 27.44 31.99 -10.95
C ILE O 38 27.37 31.68 -9.45
N PRO O 39 27.01 32.66 -8.64
CA PRO O 39 26.93 32.50 -7.14
C PRO O 39 25.95 31.40 -6.74
N ARG O 40 26.38 30.57 -5.80
CA ARG O 40 25.57 29.46 -5.33
C ARG O 40 24.23 29.91 -4.75
N GLY O 41 24.26 30.96 -3.93
CA GLY O 41 23.04 31.46 -3.28
C GLY O 41 21.92 31.81 -4.26
N ALA O 42 22.25 32.53 -5.33
CA ALA O 42 21.24 32.93 -6.30
C ALA O 42 20.66 31.74 -7.05
N LEU O 43 21.54 30.90 -7.59
CA LEU O 43 21.12 29.75 -8.36
C LEU O 43 20.16 28.86 -7.58
N LEU O 44 20.44 28.69 -6.29
CA LEU O 44 19.62 27.81 -5.46
C LEU O 44 18.15 28.20 -5.43
N GLN O 45 17.83 29.49 -5.45
CA GLN O 45 16.41 29.93 -5.37
C GLN O 45 15.85 30.41 -6.72
N MET O 46 16.64 30.35 -7.78
CA MET O 46 16.17 30.84 -9.08
C MET O 46 15.09 29.99 -9.72
N ASP O 47 14.38 30.59 -10.66
CA ASP O 47 13.30 29.93 -11.40
C ASP O 47 13.77 29.57 -12.81
N ALA O 48 13.04 28.69 -13.47
CA ALA O 48 13.41 28.26 -14.82
C ALA O 48 13.46 29.43 -15.80
N ILE O 49 12.45 30.29 -15.79
CA ILE O 49 12.46 31.42 -16.73
C ILE O 49 13.61 32.37 -16.40
N ASP O 50 13.76 32.67 -15.12
CA ASP O 50 14.82 33.58 -14.67
C ASP O 50 16.20 33.03 -15.06
N LEU O 51 16.36 31.73 -14.84
CA LEU O 51 17.62 31.06 -15.15
C LEU O 51 17.99 31.28 -16.62
N THR O 52 16.98 31.32 -17.47
CA THR O 52 17.22 31.51 -18.89
C THR O 52 17.91 32.83 -19.17
N ASP O 53 17.35 33.91 -18.65
CA ASP O 53 17.91 35.24 -18.89
C ASP O 53 19.34 35.34 -18.36
N LYS O 54 19.53 34.93 -17.12
CA LYS O 54 20.85 35.03 -16.51
C LYS O 54 21.86 34.12 -17.18
N LEU O 55 21.43 32.92 -17.58
CA LEU O 55 22.35 31.99 -18.22
C LEU O 55 23.05 32.66 -19.39
N VAL O 56 22.29 33.34 -20.23
CA VAL O 56 22.88 34.02 -21.37
C VAL O 56 23.67 35.24 -20.95
N SER O 57 23.23 35.90 -19.89
CA SER O 57 23.88 37.12 -19.41
C SER O 57 25.38 36.91 -19.16
N TYR O 58 25.74 35.79 -18.57
CA TYR O 58 27.15 35.51 -18.27
C TYR O 58 27.95 35.03 -19.48
N TYR O 59 27.33 34.20 -20.31
CA TYR O 59 28.03 33.65 -21.48
C TYR O 59 27.45 34.19 -22.76
N LEU O 60 28.30 34.42 -23.75
CA LEU O 60 27.82 34.91 -25.04
C LEU O 60 26.83 33.93 -25.62
N GLU O 61 25.97 34.41 -26.50
CA GLU O 61 24.97 33.55 -27.10
C GLU O 61 25.60 32.35 -27.81
N SER O 62 26.56 32.61 -28.68
CA SER O 62 27.20 31.53 -29.42
C SER O 62 27.85 30.53 -28.49
N TYR O 63 28.63 31.01 -27.53
CA TYR O 63 29.29 30.13 -26.58
C TYR O 63 28.31 29.63 -25.54
N GLY O 64 27.25 30.39 -25.32
CA GLY O 64 26.24 30.02 -24.34
C GLY O 64 25.47 28.76 -24.77
N LEU O 65 25.08 28.70 -26.03
CA LEU O 65 24.33 27.55 -26.54
C LEU O 65 25.16 26.27 -26.48
N GLU O 66 26.42 26.35 -26.90
CA GLU O 66 27.28 25.17 -26.88
C GLU O 66 27.46 24.63 -25.47
N LEU O 67 27.60 25.55 -24.52
CA LEU O 67 27.81 25.17 -23.12
C LEU O 67 26.61 24.41 -22.57
N THR O 68 25.41 24.79 -22.99
CA THR O 68 24.21 24.14 -22.50
C THR O 68 24.19 22.67 -22.89
N MET O 69 24.37 22.41 -24.19
CA MET O 69 24.33 21.05 -24.69
C MET O 69 25.33 20.17 -23.97
N THR O 70 26.49 20.71 -23.71
CA THR O 70 27.53 19.93 -23.05
C THR O 70 27.02 19.34 -21.73
N VAL O 71 26.26 20.14 -20.99
CA VAL O 71 25.71 19.68 -19.71
C VAL O 71 24.51 18.76 -19.92
N LEU O 72 23.67 19.06 -20.90
CA LEU O 72 22.49 18.23 -21.15
C LEU O 72 22.88 16.77 -21.39
N ARG O 73 23.84 16.54 -22.26
CA ARG O 73 24.23 15.19 -22.51
C ARG O 73 24.81 14.55 -21.26
N ASP O 74 25.59 15.31 -20.50
CA ASP O 74 26.22 14.76 -19.30
C ASP O 74 25.20 14.07 -18.38
N MET O 75 24.03 14.69 -18.21
CA MET O 75 22.98 14.11 -17.37
C MET O 75 22.47 12.84 -18.04
N GLY O 76 22.63 12.80 -19.35
CA GLY O 76 22.18 11.67 -20.15
C GLY O 76 21.78 12.17 -21.54
N LEU O 77 21.97 11.34 -22.55
CA LEU O 77 21.62 11.74 -23.91
C LEU O 77 20.12 11.83 -24.01
N GLN O 78 19.64 12.98 -24.41
CA GLN O 78 18.21 13.18 -24.53
C GLN O 78 17.87 13.78 -25.88
N GLU O 79 16.64 13.62 -26.30
CA GLU O 79 16.21 14.17 -27.57
C GLU O 79 16.45 15.67 -27.54
N LEU O 80 16.33 16.24 -26.34
CA LEU O 80 16.53 17.67 -26.15
C LEU O 80 17.90 18.09 -26.66
N ALA O 81 18.93 17.35 -26.27
CA ALA O 81 20.28 17.68 -26.70
C ALA O 81 20.32 17.85 -28.21
N GLU O 82 19.81 16.86 -28.92
CA GLU O 82 19.81 16.93 -30.37
C GLU O 82 18.79 17.94 -30.87
N GLN O 83 17.59 17.92 -30.29
CA GLN O 83 16.54 18.84 -30.72
C GLN O 83 17.04 20.27 -30.66
N LEU O 84 17.74 20.59 -29.60
CA LEU O 84 18.29 21.92 -29.44
C LEU O 84 19.39 22.18 -30.46
N GLN O 85 20.21 21.16 -30.71
CA GLN O 85 21.30 21.30 -31.67
C GLN O 85 20.78 21.76 -33.02
N THR O 86 19.62 21.26 -33.42
CA THR O 86 19.03 21.64 -34.69
C THR O 86 18.95 23.16 -34.80
N THR O 87 18.73 23.80 -33.66
CA THR O 87 18.65 25.26 -33.62
C THR O 87 19.96 25.90 -34.04
N LYS O 88 21.07 25.23 -33.75
CA LYS O 88 22.38 25.75 -34.08
C LYS O 88 22.45 26.11 -35.56
N GLU O 89 21.89 25.25 -36.41
CA GLU O 89 21.86 25.51 -37.84
C GLU O 89 20.91 26.65 -38.15
N GLY A 1 -7.19 -15.77 -34.22
CA GLY A 1 -6.43 -16.99 -34.45
C GLY A 1 -7.04 -18.16 -33.71
N ARG A 2 -8.07 -18.74 -34.30
CA ARG A 2 -8.76 -19.87 -33.69
C ARG A 2 -7.76 -20.91 -33.16
N ALA A 3 -6.49 -20.75 -33.53
CA ALA A 3 -5.45 -21.68 -33.11
C ALA A 3 -5.47 -21.89 -31.59
N ARG A 4 -5.58 -20.81 -30.84
CA ARG A 4 -5.60 -20.93 -29.38
C ARG A 4 -6.80 -21.76 -28.92
N ASP A 5 -7.96 -21.46 -29.47
CA ASP A 5 -9.18 -22.16 -29.11
C ASP A 5 -9.13 -23.64 -29.48
N ALA A 6 -8.54 -23.95 -30.62
CA ALA A 6 -8.47 -25.33 -31.07
C ALA A 6 -7.67 -26.19 -30.08
N ILE A 7 -6.46 -25.75 -29.77
CA ILE A 7 -5.63 -26.50 -28.85
C ILE A 7 -6.33 -26.67 -27.51
N LEU A 8 -6.86 -25.57 -27.01
CA LEU A 8 -7.53 -25.58 -25.72
C LEU A 8 -8.59 -26.67 -25.64
N ASP A 9 -9.47 -26.72 -26.62
CA ASP A 9 -10.56 -27.70 -26.59
C ASP A 9 -10.04 -29.14 -26.49
N ALA A 10 -9.05 -29.48 -27.27
CA ALA A 10 -8.51 -30.85 -27.26
C ALA A 10 -7.67 -31.16 -26.02
N LEU A 11 -6.70 -30.32 -25.72
CA LEU A 11 -5.83 -30.56 -24.58
C LEU A 11 -6.63 -30.86 -23.31
N GLU A 12 -7.75 -30.16 -23.13
CA GLU A 12 -8.62 -30.34 -21.97
C GLU A 12 -9.24 -31.74 -21.91
N ASN A 13 -9.20 -32.47 -23.03
CA ASN A 13 -9.79 -33.82 -23.09
C ASN A 13 -8.84 -34.91 -22.56
N LEU A 14 -7.73 -34.50 -21.96
CA LEU A 14 -6.77 -35.48 -21.42
C LEU A 14 -7.02 -35.72 -19.93
N SER A 15 -6.80 -36.95 -19.48
CA SER A 15 -7.01 -37.28 -18.08
C SER A 15 -5.92 -36.66 -17.23
N GLY A 16 -6.20 -36.52 -15.93
CA GLY A 16 -5.26 -35.89 -15.01
C GLY A 16 -3.85 -36.49 -15.05
N ASP A 17 -3.74 -37.81 -15.07
CA ASP A 17 -2.42 -38.44 -15.06
C ASP A 17 -1.62 -38.18 -16.33
N GLU A 18 -2.24 -38.39 -17.49
CA GLU A 18 -1.54 -38.19 -18.75
C GLU A 18 -1.03 -36.76 -18.85
N LEU A 19 -1.77 -35.83 -18.28
CA LEU A 19 -1.38 -34.44 -18.30
C LEU A 19 0.02 -34.29 -17.75
N LYS A 20 0.30 -34.91 -16.61
CA LYS A 20 1.62 -34.78 -16.04
C LYS A 20 2.64 -35.35 -17.00
N LYS A 21 2.29 -36.46 -17.63
CA LYS A 21 3.20 -37.08 -18.56
C LYS A 21 3.50 -36.15 -19.71
N PHE A 22 2.50 -35.44 -20.18
CA PHE A 22 2.68 -34.53 -21.29
C PHE A 22 3.57 -33.36 -20.90
N LYS A 23 3.20 -32.66 -19.85
CA LYS A 23 3.98 -31.49 -19.42
C LYS A 23 5.43 -31.85 -19.17
N MET A 24 5.66 -32.93 -18.43
CA MET A 24 7.02 -33.36 -18.12
C MET A 24 7.80 -33.71 -19.37
N LYS A 25 7.17 -34.44 -20.30
CA LYS A 25 7.89 -34.84 -21.52
C LYS A 25 8.26 -33.63 -22.37
N LEU A 26 7.41 -32.61 -22.33
CA LEU A 26 7.64 -31.40 -23.11
C LEU A 26 8.98 -30.79 -22.75
N LEU A 27 9.32 -30.86 -21.49
CA LEU A 27 10.58 -30.31 -21.01
C LEU A 27 11.77 -30.99 -21.69
N THR A 28 11.62 -32.27 -22.02
CA THR A 28 12.72 -33.03 -22.62
C THR A 28 12.61 -33.15 -24.14
N VAL A 29 11.58 -32.58 -24.73
CA VAL A 29 11.42 -32.67 -26.19
C VAL A 29 12.35 -31.71 -26.91
N GLN A 30 12.81 -32.12 -28.09
CA GLN A 30 13.72 -31.29 -28.88
C GLN A 30 12.93 -30.23 -29.65
N LEU A 31 13.44 -29.00 -29.62
CA LEU A 31 12.77 -27.88 -30.28
C LEU A 31 13.65 -27.29 -31.38
N ARG A 32 13.01 -26.63 -32.33
CA ARG A 32 13.74 -25.99 -33.42
C ARG A 32 14.58 -24.83 -32.87
N GLU A 33 15.70 -24.55 -33.53
CA GLU A 33 16.60 -23.49 -33.09
C GLU A 33 15.98 -22.10 -33.26
N GLY A 34 16.34 -21.18 -32.36
CA GLY A 34 15.82 -19.82 -32.41
C GLY A 34 14.67 -19.62 -31.43
N TYR A 35 14.43 -20.63 -30.60
CA TYR A 35 13.35 -20.57 -29.62
C TYR A 35 13.87 -20.86 -28.22
N GLY A 36 13.13 -20.39 -27.22
CA GLY A 36 13.53 -20.59 -25.84
C GLY A 36 12.87 -21.82 -25.22
N ARG A 37 13.22 -22.11 -23.98
CA ARG A 37 12.67 -23.25 -23.26
C ARG A 37 11.91 -22.69 -22.06
N ILE A 38 10.83 -23.35 -21.68
CA ILE A 38 10.00 -22.86 -20.60
C ILE A 38 10.54 -23.26 -19.23
N PRO A 39 10.64 -22.32 -18.30
CA PRO A 39 11.17 -22.58 -16.92
C PRO A 39 10.48 -23.77 -16.27
N ARG A 40 11.28 -24.63 -15.65
CA ARG A 40 10.74 -25.82 -15.00
C ARG A 40 9.77 -25.47 -13.87
N GLY A 41 10.15 -24.51 -13.04
CA GLY A 41 9.33 -24.13 -11.88
C GLY A 41 7.89 -23.75 -12.25
N ALA A 42 7.73 -22.93 -13.28
CA ALA A 42 6.39 -22.50 -13.67
C ALA A 42 5.54 -23.65 -14.20
N LEU A 43 6.14 -24.50 -15.02
CA LEU A 43 5.44 -25.62 -15.61
C LEU A 43 4.86 -26.58 -14.57
N LEU A 44 5.61 -26.83 -13.51
CA LEU A 44 5.17 -27.78 -12.47
C LEU A 44 3.86 -27.38 -11.80
N GLN A 45 3.62 -26.08 -11.61
CA GLN A 45 2.39 -25.63 -10.94
C GLN A 45 1.35 -25.03 -11.90
N MET A 46 1.63 -25.05 -13.19
CA MET A 46 0.71 -24.46 -14.17
C MET A 46 -0.59 -25.27 -14.33
N ASP A 47 -1.62 -24.61 -14.86
CA ASP A 47 -2.92 -25.22 -15.09
C ASP A 47 -3.10 -25.50 -16.58
N ALA A 48 -4.06 -26.36 -16.91
CA ALA A 48 -4.31 -26.71 -18.30
C ALA A 48 -4.69 -25.49 -19.14
N ILE A 49 -5.57 -24.63 -18.64
CA ILE A 49 -5.95 -23.43 -19.40
C ILE A 49 -4.76 -22.49 -19.53
N ASP A 50 -4.10 -22.24 -18.41
CA ASP A 50 -2.95 -21.34 -18.39
C ASP A 50 -1.88 -21.83 -19.35
N LEU A 51 -1.66 -23.13 -19.34
CA LEU A 51 -0.67 -23.75 -20.19
C LEU A 51 -0.94 -23.41 -21.65
N THR A 52 -2.22 -23.26 -21.99
CA THR A 52 -2.60 -22.95 -23.35
C THR A 52 -2.06 -21.59 -23.78
N ASP A 53 -2.35 -20.57 -22.98
CA ASP A 53 -1.90 -19.22 -23.30
C ASP A 53 -0.38 -19.15 -23.36
N LYS A 54 0.27 -19.76 -22.38
CA LYS A 54 1.73 -19.75 -22.31
C LYS A 54 2.33 -20.47 -23.50
N LEU A 55 1.77 -21.63 -23.84
CA LEU A 55 2.30 -22.43 -24.93
C LEU A 55 2.38 -21.63 -26.24
N VAL A 56 1.33 -20.91 -26.56
CA VAL A 56 1.34 -20.14 -27.80
C VAL A 56 2.23 -18.92 -27.72
N SER A 57 2.23 -18.23 -26.59
CA SER A 57 3.03 -17.01 -26.45
C SER A 57 4.51 -17.22 -26.79
N TYR A 58 5.04 -18.40 -26.48
CA TYR A 58 6.44 -18.68 -26.77
C TYR A 58 6.68 -19.02 -28.24
N TYR A 59 5.77 -19.79 -28.84
CA TYR A 59 5.94 -20.19 -30.25
C TYR A 59 4.83 -19.64 -31.11
N LEU A 60 5.16 -19.31 -32.36
CA LEU A 60 4.16 -18.78 -33.27
C LEU A 60 3.02 -19.77 -33.41
N GLU A 61 1.84 -19.27 -33.75
CA GLU A 61 0.67 -20.12 -33.89
C GLU A 61 0.90 -21.24 -34.90
N SER A 62 1.48 -20.91 -36.05
CA SER A 62 1.71 -21.92 -37.07
C SER A 62 2.60 -23.04 -36.56
N TYR A 63 3.82 -22.67 -36.17
CA TYR A 63 4.78 -23.65 -35.67
C TYR A 63 4.29 -24.26 -34.36
N GLY A 64 3.58 -23.46 -33.57
CA GLY A 64 3.08 -23.93 -32.29
C GLY A 64 2.16 -25.15 -32.45
N LEU A 65 1.26 -25.11 -33.42
CA LEU A 65 0.35 -26.22 -33.65
C LEU A 65 1.08 -27.48 -34.07
N GLU A 66 2.06 -27.34 -34.94
CA GLU A 66 2.83 -28.49 -35.42
C GLU A 66 3.60 -29.14 -34.27
N LEU A 67 4.19 -28.32 -33.41
CA LEU A 67 4.97 -28.82 -32.30
C LEU A 67 4.12 -29.65 -31.33
N THR A 68 2.89 -29.21 -31.09
CA THR A 68 2.03 -29.92 -30.16
C THR A 68 1.81 -31.36 -30.62
N MET A 69 1.42 -31.52 -31.89
CA MET A 69 1.15 -32.85 -32.42
C MET A 69 2.35 -33.75 -32.28
N THR A 70 3.52 -33.19 -32.49
CA THR A 70 4.73 -33.98 -32.41
C THR A 70 4.82 -34.70 -31.06
N VAL A 71 4.44 -33.99 -30.00
CA VAL A 71 4.46 -34.57 -28.66
C VAL A 71 3.31 -35.53 -28.41
N LEU A 72 2.11 -35.22 -28.93
CA LEU A 72 0.96 -36.09 -28.73
C LEU A 72 1.22 -37.48 -29.29
N ARG A 73 1.69 -37.55 -30.52
CA ARG A 73 1.95 -38.84 -31.06
C ARG A 73 3.02 -39.52 -30.24
N ASP A 74 4.02 -38.77 -29.81
CA ASP A 74 5.13 -39.37 -29.06
C ASP A 74 4.62 -40.21 -27.89
N MET A 75 3.62 -39.70 -27.17
CA MET A 75 3.06 -40.43 -26.04
C MET A 75 2.23 -41.59 -26.55
N GLY A 76 2.26 -41.76 -27.87
CA GLY A 76 1.51 -42.80 -28.54
C GLY A 76 0.50 -42.15 -29.48
N LEU A 77 0.08 -42.88 -30.51
CA LEU A 77 -0.88 -42.32 -31.46
C LEU A 77 -2.24 -42.23 -30.81
N GLN A 78 -2.77 -41.03 -30.74
CA GLN A 78 -4.08 -40.82 -30.15
C GLN A 78 -5.05 -40.36 -31.22
N GLU A 79 -6.28 -40.81 -31.15
CA GLU A 79 -7.26 -40.36 -32.11
C GLU A 79 -7.30 -38.86 -32.00
N LEU A 80 -7.02 -38.41 -30.78
CA LEU A 80 -6.99 -37.01 -30.44
C LEU A 80 -5.92 -36.28 -31.25
N ALA A 81 -4.77 -36.90 -31.40
CA ALA A 81 -3.68 -36.27 -32.15
C ALA A 81 -4.13 -35.94 -33.56
N GLU A 82 -4.74 -36.91 -34.23
CA GLU A 82 -5.22 -36.70 -35.59
C GLU A 82 -6.37 -35.72 -35.60
N GLN A 83 -7.29 -35.86 -34.65
CA GLN A 83 -8.45 -34.97 -34.59
C GLN A 83 -8.02 -33.52 -34.68
N LEU A 84 -6.94 -33.19 -33.98
CA LEU A 84 -6.43 -31.84 -33.99
C LEU A 84 -5.88 -31.48 -35.36
N GLN A 85 -5.22 -32.44 -36.02
CA GLN A 85 -4.64 -32.20 -37.33
C GLN A 85 -5.71 -31.69 -38.31
N THR A 86 -6.91 -32.22 -38.19
CA THR A 86 -8.00 -31.82 -39.08
C THR A 86 -8.15 -30.30 -39.06
N THR A 87 -7.87 -29.69 -37.92
CA THR A 87 -7.99 -28.24 -37.79
C THR A 87 -6.89 -27.54 -38.59
N LYS A 88 -5.81 -28.26 -38.88
CA LYS A 88 -4.70 -27.67 -39.63
C LYS A 88 -5.20 -27.14 -40.98
N GLU A 89 -6.05 -27.93 -41.64
CA GLU A 89 -6.62 -27.52 -42.91
C GLU A 89 -7.59 -26.36 -42.69
N GLY B 1 -29.73 2.40 -16.78
CA GLY B 1 -29.51 1.29 -17.71
C GLY B 1 -29.36 -0.03 -16.96
N ARG B 2 -30.48 -0.61 -16.58
CA ARG B 2 -30.47 -1.88 -15.85
C ARG B 2 -29.51 -2.88 -16.49
N ALA B 3 -29.02 -2.55 -17.68
CA ALA B 3 -28.10 -3.44 -18.39
C ALA B 3 -26.92 -3.84 -17.50
N ARG B 4 -26.33 -2.88 -16.79
CA ARG B 4 -25.20 -3.20 -15.93
C ARG B 4 -25.61 -4.19 -14.85
N ASP B 5 -26.74 -3.92 -14.21
CA ASP B 5 -27.22 -4.77 -13.13
C ASP B 5 -27.57 -6.17 -13.62
N ALA B 6 -28.12 -6.27 -14.81
CA ALA B 6 -28.51 -7.58 -15.34
C ALA B 6 -27.28 -8.49 -15.52
N ILE B 7 -26.28 -7.99 -16.22
CA ILE B 7 -25.07 -8.77 -16.43
C ILE B 7 -24.45 -9.18 -15.10
N LEU B 8 -24.31 -8.20 -14.23
CA LEU B 8 -23.72 -8.44 -12.93
C LEU B 8 -24.35 -9.63 -12.22
N ASP B 9 -25.66 -9.63 -12.11
CA ASP B 9 -26.35 -10.69 -11.39
C ASP B 9 -26.03 -12.09 -11.95
N ALA B 10 -26.06 -12.23 -13.26
CA ALA B 10 -25.80 -13.53 -13.88
C ALA B 10 -24.32 -13.92 -13.84
N LEU B 11 -23.44 -13.05 -14.30
CA LEU B 11 -22.02 -13.36 -14.35
C LEU B 11 -21.52 -13.90 -13.00
N GLU B 12 -22.03 -13.33 -11.92
CA GLU B 12 -21.65 -13.74 -10.56
C GLU B 12 -22.05 -15.18 -10.24
N ASN B 13 -22.95 -15.75 -11.06
CA ASN B 13 -23.43 -17.13 -10.83
C ASN B 13 -22.49 -18.19 -11.43
N LEU B 14 -21.31 -17.77 -11.90
CA LEU B 14 -20.35 -18.72 -12.46
C LEU B 14 -19.34 -19.17 -11.41
N SER B 15 -18.92 -20.43 -11.51
CA SER B 15 -17.95 -20.97 -10.56
C SER B 15 -16.57 -20.35 -10.82
N GLY B 16 -15.71 -20.41 -9.81
CA GLY B 16 -14.38 -19.83 -9.90
C GLY B 16 -13.57 -20.30 -11.12
N ASP B 17 -13.60 -21.58 -11.42
CA ASP B 17 -12.81 -22.09 -12.55
C ASP B 17 -13.33 -21.59 -13.91
N GLU B 18 -14.62 -21.71 -14.13
CA GLU B 18 -15.19 -21.28 -15.41
C GLU B 18 -14.88 -19.81 -15.66
N LEU B 19 -14.85 -19.04 -14.59
CA LEU B 19 -14.55 -17.62 -14.70
C LEU B 19 -13.25 -17.42 -15.47
N LYS B 20 -12.21 -18.15 -15.09
CA LYS B 20 -10.94 -17.99 -15.77
C LYS B 20 -11.12 -18.33 -17.23
N LYS B 21 -11.88 -19.37 -17.50
CA LYS B 21 -12.10 -19.78 -18.87
C LYS B 21 -12.78 -18.69 -19.66
N PHE B 22 -13.73 -18.02 -19.02
CA PHE B 22 -14.44 -16.95 -19.70
C PHE B 22 -13.54 -15.77 -19.99
N LYS B 23 -12.89 -15.24 -18.96
CA LYS B 23 -12.01 -14.09 -19.14
C LYS B 23 -10.96 -14.34 -20.20
N MET B 24 -10.28 -15.48 -20.10
CA MET B 24 -9.23 -15.83 -21.04
C MET B 24 -9.77 -15.94 -22.46
N LYS B 25 -10.92 -16.59 -22.64
CA LYS B 25 -11.47 -16.76 -23.98
C LYS B 25 -11.85 -15.43 -24.59
N LEU B 26 -12.30 -14.50 -23.76
CA LEU B 26 -12.71 -13.18 -24.21
C LEU B 26 -11.59 -12.50 -24.97
N LEU B 27 -10.37 -12.71 -24.50
CA LEU B 27 -9.20 -12.12 -25.12
C LEU B 27 -9.04 -12.59 -26.56
N THR B 28 -9.46 -13.83 -26.83
CA THR B 28 -9.31 -14.40 -28.18
C THR B 28 -10.58 -14.32 -29.02
N VAL B 29 -11.66 -13.77 -28.48
CA VAL B 29 -12.90 -13.68 -29.23
C VAL B 29 -12.86 -12.56 -30.24
N GLN B 30 -13.53 -12.76 -31.38
CA GLN B 30 -13.57 -11.75 -32.43
C GLN B 30 -14.60 -10.68 -32.11
N LEU B 31 -14.21 -9.43 -32.30
CA LEU B 31 -15.08 -8.29 -32.01
C LEU B 31 -15.38 -7.49 -33.27
N ARG B 32 -16.49 -6.77 -33.23
CA ARG B 32 -16.88 -5.92 -34.35
C ARG B 32 -15.88 -4.78 -34.52
N GLU B 33 -15.70 -4.31 -35.75
CA GLU B 33 -14.75 -3.23 -36.03
C GLU B 33 -15.20 -1.91 -35.44
N GLY B 34 -14.22 -1.08 -35.04
CA GLY B 34 -14.50 0.23 -34.46
C GLY B 34 -14.41 0.18 -32.94
N TYR B 35 -13.96 -0.95 -32.41
CA TYR B 35 -13.84 -1.11 -30.96
C TYR B 35 -12.43 -1.54 -30.58
N GLY B 36 -12.06 -1.27 -29.33
CA GLY B 36 -10.73 -1.61 -28.85
C GLY B 36 -10.71 -2.98 -28.14
N ARG B 37 -9.52 -3.40 -27.73
CA ARG B 37 -9.34 -4.66 -27.04
C ARG B 37 -8.84 -4.33 -25.64
N ILE B 38 -9.23 -5.13 -24.66
CA ILE B 38 -8.85 -4.86 -23.28
C ILE B 38 -7.45 -5.40 -22.96
N PRO B 39 -6.61 -4.58 -22.34
CA PRO B 39 -5.21 -4.98 -21.98
C PRO B 39 -5.17 -6.29 -21.22
N ARG B 40 -4.24 -7.16 -21.61
CA ARG B 40 -4.12 -8.46 -20.98
C ARG B 40 -3.79 -8.35 -19.50
N GLY B 41 -2.85 -7.48 -19.15
CA GLY B 41 -2.41 -7.33 -17.76
C GLY B 41 -3.56 -7.04 -16.79
N ALA B 42 -4.44 -6.12 -17.14
CA ALA B 42 -5.55 -5.76 -16.25
C ALA B 42 -6.53 -6.91 -16.08
N LEU B 43 -6.85 -7.58 -17.17
CA LEU B 43 -7.82 -8.66 -17.13
C LEU B 43 -7.39 -9.80 -16.20
N LEU B 44 -6.10 -10.12 -16.20
CA LEU B 44 -5.60 -11.23 -15.38
C LEU B 44 -5.86 -11.04 -13.89
N GLN B 45 -5.78 -9.81 -13.39
CA GLN B 45 -5.98 -9.57 -11.95
C GLN B 45 -7.34 -8.94 -11.61
N MET B 46 -8.19 -8.76 -12.61
CA MET B 46 -9.50 -8.14 -12.37
C MET B 46 -10.45 -9.04 -11.57
N ASP B 47 -11.46 -8.39 -10.97
CA ASP B 47 -12.47 -9.08 -10.17
C ASP B 47 -13.78 -9.18 -10.96
N ALA B 48 -14.67 -10.07 -10.53
CA ALA B 48 -15.94 -10.25 -11.22
C ALA B 48 -16.77 -8.96 -11.24
N ILE B 49 -16.86 -8.27 -10.11
CA ILE B 49 -17.64 -7.03 -10.08
C ILE B 49 -16.98 -5.97 -10.96
N ASP B 50 -15.67 -5.81 -10.77
CA ASP B 50 -14.91 -4.82 -11.52
C ASP B 50 -15.04 -5.07 -13.02
N LEU B 51 -14.96 -6.35 -13.38
CA LEU B 51 -15.07 -6.75 -14.77
C LEU B 51 -16.37 -6.25 -15.36
N THR B 52 -17.41 -6.18 -14.54
CA THR B 52 -18.70 -5.71 -15.01
C THR B 52 -18.64 -4.27 -15.48
N ASP B 53 -18.14 -3.40 -14.63
CA ASP B 53 -18.04 -1.98 -14.97
C ASP B 53 -17.15 -1.77 -16.19
N LYS B 54 -16.02 -2.45 -16.20
CA LYS B 54 -15.09 -2.32 -17.31
C LYS B 54 -15.69 -2.81 -18.61
N LEU B 55 -16.36 -3.96 -18.54
CA LEU B 55 -16.94 -4.55 -19.74
C LEU B 55 -17.88 -3.59 -20.46
N VAL B 56 -18.75 -2.93 -19.72
CA VAL B 56 -19.69 -2.01 -20.34
C VAL B 56 -19.02 -0.72 -20.81
N SER B 57 -18.08 -0.21 -20.03
CA SER B 57 -17.42 1.06 -20.39
C SER B 57 -16.81 1.02 -21.80
N TYR B 58 -16.31 -0.13 -22.21
CA TYR B 58 -15.68 -0.24 -23.53
C TYR B 58 -16.72 -0.37 -24.65
N TYR B 59 -17.80 -1.12 -24.41
CA TYR B 59 -18.81 -1.32 -25.44
C TYR B 59 -20.15 -0.76 -24.99
N LEU B 60 -20.92 -0.24 -25.94
CA LEU B 60 -22.22 0.31 -25.63
C LEU B 60 -23.09 -0.75 -24.95
N GLU B 61 -24.04 -0.31 -24.16
CA GLU B 61 -24.91 -1.24 -23.45
C GLU B 61 -25.63 -2.19 -24.39
N SER B 62 -26.17 -1.67 -25.47
CA SER B 62 -26.89 -2.50 -26.43
C SER B 62 -25.98 -3.59 -27.00
N TYR B 63 -24.93 -3.18 -27.67
CA TYR B 63 -24.00 -4.12 -28.28
C TYR B 63 -23.29 -4.94 -27.20
N GLY B 64 -23.06 -4.32 -26.05
CA GLY B 64 -22.37 -5.00 -24.96
C GLY B 64 -23.11 -6.26 -24.52
N LEU B 65 -24.43 -6.17 -24.39
CA LEU B 65 -25.22 -7.33 -23.96
C LEU B 65 -25.18 -8.45 -24.99
N GLU B 66 -25.27 -8.10 -26.27
CA GLU B 66 -25.24 -9.11 -27.32
C GLU B 66 -23.89 -9.83 -27.35
N LEU B 67 -22.81 -9.08 -27.17
CA LEU B 67 -21.47 -9.65 -27.20
C LEU B 67 -21.27 -10.68 -26.08
N THR B 68 -21.80 -10.39 -24.91
CA THR B 68 -21.63 -11.29 -23.78
C THR B 68 -22.20 -12.66 -24.10
N MET B 69 -23.44 -12.69 -24.57
CA MET B 69 -24.10 -13.95 -24.88
C MET B 69 -23.30 -14.76 -25.87
N THR B 70 -22.73 -14.07 -26.84
CA THR B 70 -21.97 -14.76 -27.87
C THR B 70 -20.88 -15.63 -27.24
N VAL B 71 -20.24 -15.11 -26.19
CA VAL B 71 -19.19 -15.85 -25.51
C VAL B 71 -19.75 -16.94 -24.59
N LEU B 72 -20.87 -16.67 -23.91
CA LEU B 72 -21.46 -17.66 -23.01
C LEU B 72 -21.81 -18.93 -23.77
N ARG B 73 -22.50 -18.80 -24.88
CA ARG B 73 -22.85 -19.98 -25.60
C ARG B 73 -21.58 -20.67 -26.06
N ASP B 74 -20.59 -19.88 -26.48
CA ASP B 74 -19.36 -20.48 -27.00
C ASP B 74 -18.77 -21.51 -26.03
N MET B 75 -18.79 -21.20 -24.73
CA MET B 75 -18.27 -22.12 -23.72
C MET B 75 -19.24 -23.27 -23.55
N GLY B 76 -20.27 -23.26 -24.38
CA GLY B 76 -21.32 -24.26 -24.35
C GLY B 76 -22.64 -23.58 -24.01
N LEU B 77 -23.75 -24.21 -24.42
CA LEU B 77 -25.05 -23.61 -24.14
C LEU B 77 -25.37 -23.74 -22.67
N GLN B 78 -25.57 -22.61 -22.02
CA GLN B 78 -25.89 -22.59 -20.61
C GLN B 78 -27.30 -22.09 -20.41
N GLU B 79 -28.02 -22.65 -19.46
CA GLU B 79 -29.36 -22.17 -19.20
C GLU B 79 -29.22 -20.69 -18.88
N LEU B 80 -28.07 -20.40 -18.30
CA LEU B 80 -27.71 -19.05 -17.91
C LEU B 80 -27.66 -18.12 -19.12
N ALA B 81 -27.11 -18.62 -20.22
CA ALA B 81 -27.00 -17.80 -21.42
C ALA B 81 -28.38 -17.33 -21.87
N GLU B 82 -29.33 -18.26 -21.93
CA GLU B 82 -30.68 -17.91 -22.33
C GLU B 82 -31.35 -17.04 -21.28
N GLN B 83 -31.16 -17.38 -20.01
CA GLN B 83 -31.78 -16.61 -18.93
C GLN B 83 -31.51 -15.13 -19.10
N LEU B 84 -30.28 -14.82 -19.48
CA LEU B 84 -29.90 -13.44 -19.68
C LEU B 84 -30.65 -12.84 -20.88
N GLN B 85 -30.81 -13.65 -21.93
CA GLN B 85 -31.49 -13.17 -23.13
C GLN B 85 -32.88 -12.65 -22.81
N THR B 86 -33.55 -13.30 -21.86
CA THR B 86 -34.89 -12.88 -21.48
C THR B 86 -34.90 -11.40 -21.12
N THR B 87 -33.79 -10.92 -20.57
CA THR B 87 -33.68 -9.52 -20.18
C THR B 87 -33.61 -8.62 -21.41
N LYS B 88 -33.22 -9.20 -22.54
CA LYS B 88 -33.12 -8.42 -23.78
C LYS B 88 -34.45 -7.75 -24.10
N GLU B 89 -35.53 -8.52 -23.95
CA GLU B 89 -36.87 -8.00 -24.21
C GLU B 89 -37.23 -6.98 -23.13
N GLY C 1 -28.70 15.96 14.21
CA GLY C 1 -29.35 15.02 13.31
C GLY C 1 -28.72 13.63 13.43
N ARG C 2 -29.13 12.89 14.45
CA ARG C 2 -28.61 11.56 14.69
C ARG C 2 -28.58 10.74 13.39
N ALA C 3 -29.21 11.27 12.34
CA ALA C 3 -29.26 10.57 11.06
C ALA C 3 -27.86 10.16 10.59
N ARG C 4 -26.90 11.07 10.69
CA ARG C 4 -25.55 10.76 10.27
C ARG C 4 -24.98 9.60 11.08
N ASP C 5 -25.14 9.67 12.39
CA ASP C 5 -24.62 8.64 13.27
C ASP C 5 -25.28 7.29 13.04
N ALA C 6 -26.58 7.30 12.76
CA ALA C 6 -27.30 6.04 12.54
C ALA C 6 -26.74 5.28 11.34
N ILE C 7 -26.66 5.97 10.20
CA ILE C 7 -26.14 5.34 9.00
C ILE C 7 -24.73 4.81 9.24
N LEU C 8 -23.90 5.68 9.80
CA LEU C 8 -22.52 5.32 10.06
C LEU C 8 -22.39 4.00 10.80
N ASP C 9 -23.10 3.86 11.90
CA ASP C 9 -23.00 2.64 12.71
C ASP C 9 -23.32 1.38 11.91
N ALA C 10 -24.39 1.41 11.13
CA ALA C 10 -24.77 0.23 10.36
C ALA C 10 -23.88 -0.02 9.14
N LEU C 11 -23.67 0.99 8.32
CA LEU C 11 -22.85 0.82 7.12
C LEU C 11 -21.52 0.16 7.44
N GLU C 12 -20.93 0.52 8.58
CA GLU C 12 -19.64 -0.02 9.01
C GLU C 12 -19.71 -1.54 9.30
N ASN C 13 -20.92 -2.08 9.43
CA ASN C 13 -21.11 -3.51 9.73
C ASN C 13 -21.06 -4.38 8.47
N LEU C 14 -20.69 -3.79 7.33
CA LEU C 14 -20.61 -4.57 6.08
C LEU C 14 -19.19 -5.06 5.85
N SER C 15 -19.07 -6.25 5.26
CA SER C 15 -17.76 -6.81 4.97
C SER C 15 -17.10 -6.04 3.82
N GLY C 16 -15.77 -6.16 3.74
CA GLY C 16 -15.01 -5.44 2.72
C GLY C 16 -15.51 -5.66 1.29
N ASP C 17 -15.83 -6.90 0.93
CA ASP C 17 -16.27 -7.17 -0.44
C ASP C 17 -17.63 -6.55 -0.76
N GLU C 18 -18.61 -6.75 0.11
CA GLU C 18 -19.95 -6.21 -0.13
C GLU C 18 -19.88 -4.70 -0.30
N LEU C 19 -18.97 -4.08 0.43
CA LEU C 19 -18.82 -2.65 0.35
C LEU C 19 -18.62 -2.22 -1.10
N LYS C 20 -17.72 -2.90 -1.81
CA LYS C 20 -17.49 -2.52 -3.18
C LYS C 20 -18.77 -2.68 -3.97
N LYS C 21 -19.51 -3.75 -3.69
CA LYS C 21 -20.74 -4.00 -4.40
C LYS C 21 -21.72 -2.87 -4.16
N PHE C 22 -21.77 -2.39 -2.93
CA PHE C 22 -22.68 -1.31 -2.60
C PHE C 22 -22.31 -0.02 -3.30
N LYS C 23 -21.07 0.42 -3.13
CA LYS C 23 -20.62 1.68 -3.74
C LYS C 23 -20.85 1.67 -5.25
N MET C 24 -20.40 0.59 -5.88
CA MET C 24 -20.54 0.46 -7.33
C MET C 24 -22.00 0.50 -7.77
N LYS C 25 -22.86 -0.23 -7.07
CA LYS C 25 -24.27 -0.27 -7.46
C LYS C 25 -24.92 1.09 -7.32
N LEU C 26 -24.48 1.85 -6.32
CA LEU C 26 -25.04 3.17 -6.06
C LEU C 26 -24.91 4.06 -7.29
N LEU C 27 -23.82 3.90 -8.01
CA LEU C 27 -23.57 4.68 -9.20
C LEU C 27 -24.64 4.41 -10.26
N THR C 28 -25.17 3.19 -10.28
CA THR C 28 -26.17 2.82 -11.29
C THR C 28 -27.61 2.88 -10.77
N VAL C 29 -27.80 3.26 -9.51
CA VAL C 29 -29.15 3.32 -8.96
C VAL C 29 -29.88 4.58 -9.41
N GLN C 30 -31.19 4.45 -9.60
CA GLN C 30 -32.00 5.60 -10.03
C GLN C 30 -32.32 6.51 -8.87
N LEU C 31 -32.18 7.81 -9.09
CA LEU C 31 -32.42 8.81 -8.06
C LEU C 31 -33.55 9.75 -8.44
N ARG C 32 -34.16 10.35 -7.43
CA ARG C 32 -35.25 11.29 -7.66
C ARG C 32 -34.71 12.54 -8.37
N GLU C 33 -35.57 13.18 -9.18
CA GLU C 33 -35.16 14.36 -9.93
C GLU C 33 -34.89 15.55 -9.01
N GLY C 34 -33.95 16.41 -9.43
CA GLY C 34 -33.59 17.59 -8.65
C GLY C 34 -32.34 17.36 -7.83
N TYR C 35 -31.69 16.22 -8.05
CA TYR C 35 -30.48 15.87 -7.31
C TYR C 35 -29.34 15.53 -8.25
N GLY C 36 -28.11 15.67 -7.77
CA GLY C 36 -26.94 15.39 -8.58
C GLY C 36 -26.44 13.95 -8.39
N ARG C 37 -25.41 13.61 -9.15
CA ARG C 37 -24.81 12.28 -9.07
C ARG C 37 -23.39 12.45 -8.59
N ILE C 38 -22.88 11.50 -7.84
CA ILE C 38 -21.54 11.63 -7.26
C ILE C 38 -20.46 11.19 -8.26
N PRO C 39 -19.42 11.99 -8.43
CA PRO C 39 -18.30 11.68 -9.38
C PRO C 39 -17.75 10.29 -9.18
N ARG C 40 -17.54 9.58 -10.26
CA ARG C 40 -17.02 8.21 -10.19
C ARG C 40 -15.64 8.15 -9.55
N GLY C 41 -14.75 9.05 -9.96
CA GLY C 41 -13.38 9.06 -9.45
C GLY C 41 -13.29 9.11 -7.92
N ALA C 42 -14.06 9.98 -7.29
CA ALA C 42 -14.00 10.11 -5.84
C ALA C 42 -14.53 8.87 -5.13
N LEU C 43 -15.62 8.33 -5.63
CA LEU C 43 -16.23 7.16 -5.02
C LEU C 43 -15.28 5.95 -4.97
N LEU C 44 -14.52 5.75 -6.04
CA LEU C 44 -13.62 4.60 -6.12
C LEU C 44 -12.57 4.56 -5.01
N GLN C 45 -12.07 5.72 -4.58
CA GLN C 45 -11.03 5.75 -3.53
C GLN C 45 -11.56 6.19 -2.16
N MET C 46 -12.87 6.43 -2.06
CA MET C 46 -13.43 6.88 -0.79
C MET C 46 -13.42 5.81 0.30
N ASP C 47 -13.52 6.26 1.56
CA ASP C 47 -13.54 5.38 2.72
C ASP C 47 -14.96 5.26 3.27
N ALA C 48 -15.20 4.25 4.09
CA ALA C 48 -16.53 4.04 4.66
C ALA C 48 -16.99 5.24 5.50
N ILE C 49 -16.12 5.77 6.35
CA ILE C 49 -16.51 6.92 7.17
C ILE C 49 -16.74 8.14 6.30
N ASP C 50 -15.80 8.39 5.40
CA ASP C 50 -15.88 9.53 4.50
C ASP C 50 -17.17 9.47 3.67
N LEU C 51 -17.47 8.27 3.20
CA LEU C 51 -18.65 8.04 2.40
C LEU C 51 -19.89 8.50 3.15
N THR C 52 -19.86 8.36 4.48
CA THR C 52 -20.99 8.76 5.29
C THR C 52 -21.26 10.25 5.19
N ASP C 53 -20.23 11.04 5.43
CA ASP C 53 -20.38 12.49 5.37
C ASP C 53 -20.79 12.95 3.98
N LYS C 54 -20.15 12.40 2.97
CA LYS C 54 -20.46 12.76 1.60
C LYS C 54 -21.88 12.39 1.23
N LEU C 55 -22.29 11.19 1.62
CA LEU C 55 -23.62 10.69 1.28
C LEU C 55 -24.72 11.65 1.75
N VAL C 56 -24.62 12.13 2.97
CA VAL C 56 -25.64 13.02 3.48
C VAL C 56 -25.55 14.42 2.88
N SER C 57 -24.33 14.92 2.67
CA SER C 57 -24.16 16.28 2.14
C SER C 57 -24.91 16.49 0.82
N TYR C 58 -24.98 15.44 0.00
CA TYR C 58 -25.66 15.57 -1.30
C TYR C 58 -27.18 15.50 -1.16
N TYR C 59 -27.68 14.63 -0.29
CA TYR C 59 -29.12 14.48 -0.13
C TYR C 59 -29.56 14.83 1.28
N LEU C 60 -30.74 15.40 1.40
CA LEU C 60 -31.26 15.78 2.70
C LEU C 60 -31.31 14.57 3.62
N GLU C 61 -31.23 14.81 4.91
CA GLU C 61 -31.23 13.71 5.88
C GLU C 61 -32.47 12.83 5.74
N SER C 62 -33.63 13.44 5.60
CA SER C 62 -34.86 12.67 5.48
C SER C 62 -34.82 11.76 4.25
N TYR C 63 -34.69 12.36 3.09
CA TYR C 63 -34.66 11.59 1.85
C TYR C 63 -33.42 10.72 1.80
N GLY C 64 -32.33 11.19 2.40
CA GLY C 64 -31.08 10.44 2.40
C GLY C 64 -31.25 9.06 3.04
N LEU C 65 -31.93 9.01 4.17
CA LEU C 65 -32.13 7.75 4.88
C LEU C 65 -32.98 6.78 4.06
N GLU C 66 -34.03 7.29 3.42
CA GLU C 66 -34.89 6.43 2.61
C GLU C 66 -34.13 5.84 1.42
N LEU C 67 -33.30 6.67 0.80
CA LEU C 67 -32.53 6.23 -0.36
C LEU C 67 -31.57 5.10 -0.03
N THR C 68 -30.95 5.18 1.14
CA THR C 68 -30.00 4.14 1.53
C THR C 68 -30.67 2.78 1.58
N MET C 69 -31.80 2.70 2.27
CA MET C 69 -32.50 1.44 2.41
C MET C 69 -32.85 0.84 1.07
N THR C 70 -33.23 1.70 0.16
CA THR C 70 -33.62 1.24 -1.16
C THR C 70 -32.51 0.39 -1.78
N VAL C 71 -31.26 0.82 -1.59
CA VAL C 71 -30.12 0.10 -2.12
C VAL C 71 -29.78 -1.15 -1.31
N LEU C 72 -29.91 -1.07 0.02
CA LEU C 72 -29.60 -2.22 0.86
C LEU C 72 -30.49 -3.42 0.50
N ARG C 73 -31.77 -3.19 0.41
CA ARG C 73 -32.61 -4.31 0.07
C ARG C 73 -32.25 -4.80 -1.32
N ASP C 74 -31.93 -3.88 -2.23
CA ASP C 74 -31.63 -4.28 -3.60
C ASP C 74 -30.56 -5.37 -3.64
N MET C 75 -29.52 -5.23 -2.82
CA MET C 75 -28.45 -6.23 -2.76
C MET C 75 -28.96 -7.49 -2.07
N GLY C 76 -30.25 -7.46 -1.75
CA GLY C 76 -30.90 -8.55 -1.06
C GLY C 76 -31.41 -8.05 0.28
N LEU C 77 -32.42 -8.71 0.83
CA LEU C 77 -32.96 -8.28 2.12
C LEU C 77 -31.99 -8.63 3.21
N GLN C 78 -31.56 -7.62 3.94
CA GLN C 78 -30.62 -7.83 5.03
C GLN C 78 -31.30 -7.48 6.34
N GLU C 79 -31.01 -8.24 7.38
CA GLU C 79 -31.59 -7.92 8.66
C GLU C 79 -31.17 -6.50 8.98
N LEU C 80 -29.99 -6.17 8.45
CA LEU C 80 -29.40 -4.86 8.61
C LEU C 80 -30.30 -3.79 7.99
N ALA C 81 -30.85 -4.08 6.83
CA ALA C 81 -31.71 -3.10 6.16
C ALA C 81 -32.88 -2.71 7.06
N GLU C 82 -33.54 -3.70 7.64
CA GLU C 82 -34.66 -3.42 8.52
C GLU C 82 -34.19 -2.77 9.81
N GLN C 83 -33.08 -3.26 10.35
CA GLN C 83 -32.56 -2.71 11.60
C GLN C 83 -32.47 -1.20 11.51
N LEU C 84 -32.01 -0.72 10.36
CA LEU C 84 -31.88 0.71 10.16
C LEU C 84 -33.25 1.38 10.13
N GLN C 85 -34.22 0.71 9.51
CA GLN C 85 -35.57 1.27 9.41
C GLN C 85 -36.12 1.62 10.79
N THR C 86 -35.81 0.78 11.77
CA THR C 86 -36.30 1.03 13.12
C THR C 86 -35.93 2.44 13.58
N THR C 87 -34.81 2.94 13.10
CA THR C 87 -34.36 4.28 13.47
C THR C 87 -35.25 5.34 12.82
N LYS C 88 -35.95 4.96 11.74
CA LYS C 88 -36.82 5.89 11.05
C LYS C 88 -37.86 6.46 12.02
N GLU C 89 -38.43 5.59 12.84
CA GLU C 89 -39.42 6.01 13.82
C GLU C 89 -38.73 6.85 14.90
N GLY D 1 -2.92 25.39 33.89
CA GLY D 1 -4.08 24.52 33.73
C GLY D 1 -3.67 23.19 33.10
N ARG D 2 -3.15 22.29 33.93
CA ARG D 2 -2.71 20.99 33.44
C ARG D 2 -3.76 20.36 32.52
N ALA D 3 -4.94 20.95 32.48
CA ALA D 3 -6.01 20.43 31.65
C ALA D 3 -5.57 20.21 30.21
N ARG D 4 -4.84 21.18 29.64
CA ARG D 4 -4.37 21.05 28.27
C ARG D 4 -3.44 19.85 28.13
N ASP D 5 -2.50 19.74 29.06
CA ASP D 5 -1.54 18.65 29.02
C ASP D 5 -2.19 17.29 29.21
N ALA D 6 -3.20 17.22 30.05
CA ALA D 6 -3.86 15.94 30.30
C ALA D 6 -4.52 15.41 29.03
N ILE D 7 -5.33 16.23 28.39
CA ILE D 7 -6.00 15.82 27.17
C ILE D 7 -4.98 15.39 26.12
N LEU D 8 -3.98 16.24 25.94
CA LEU D 8 -2.96 15.99 24.94
C LEU D 8 -2.36 14.59 25.09
N ASP D 9 -1.92 14.25 26.28
CA ASP D 9 -1.29 12.95 26.51
C ASP D 9 -2.17 11.78 26.08
N ALA D 10 -3.44 11.81 26.46
CA ALA D 10 -4.34 10.72 26.14
C ALA D 10 -4.76 10.71 24.66
N LEU D 11 -5.25 11.83 24.16
CA LEU D 11 -5.70 11.89 22.77
C LEU D 11 -4.67 11.31 21.81
N GLU D 12 -3.40 11.59 22.09
CA GLU D 12 -2.30 11.11 21.25
C GLU D 12 -2.17 9.57 21.25
N ASN D 13 -2.83 8.91 22.21
CA ASN D 13 -2.78 7.44 22.30
C ASN D 13 -3.80 6.76 21.38
N LEU D 14 -4.44 7.51 20.50
CA LEU D 14 -5.42 6.91 19.58
C LEU D 14 -4.77 6.59 18.23
N SER D 15 -5.21 5.50 17.61
CA SER D 15 -4.67 5.11 16.32
C SER D 15 -5.14 6.07 15.23
N GLY D 16 -4.41 6.09 14.12
CA GLY D 16 -4.71 7.00 13.02
C GLY D 16 -6.15 6.92 12.54
N ASP D 17 -6.69 5.72 12.38
CA ASP D 17 -8.06 5.59 11.87
C ASP D 17 -9.12 6.12 12.84
N GLU D 18 -9.03 5.72 14.10
CA GLU D 18 -10.00 6.16 15.09
C GLU D 18 -10.03 7.68 15.16
N LEU D 19 -8.87 8.28 14.98
CA LEU D 19 -8.76 9.73 15.03
C LEU D 19 -9.77 10.35 14.06
N LYS D 20 -9.82 9.85 12.84
CA LYS D 20 -10.75 10.42 11.89
C LYS D 20 -12.16 10.25 12.40
N LYS D 21 -12.43 9.10 12.99
CA LYS D 21 -13.76 8.84 13.51
C LYS D 21 -14.12 9.82 14.59
N PHE D 22 -13.15 10.14 15.43
CA PHE D 22 -13.39 11.07 16.52
C PHE D 22 -13.66 12.47 15.99
N LYS D 23 -12.75 13.00 15.19
CA LYS D 23 -12.90 14.35 14.66
C LYS D 23 -14.22 14.52 13.93
N MET D 24 -14.52 13.58 13.04
CA MET D 24 -15.75 13.64 12.27
C MET D 24 -16.99 13.59 13.15
N LYS D 25 -16.98 12.70 14.15
CA LYS D 25 -18.15 12.59 15.02
C LYS D 25 -18.37 13.85 15.82
N LEU D 26 -17.28 14.52 16.19
CA LEU D 26 -17.35 15.74 16.97
C LEU D 26 -18.22 16.78 16.27
N LEU D 27 -18.11 16.82 14.96
CA LEU D 27 -18.87 17.77 14.17
C LEU D 27 -20.38 17.55 14.34
N THR D 28 -20.78 16.29 14.56
CA THR D 28 -22.20 15.96 14.69
C THR D 28 -22.66 15.84 16.15
N VAL D 29 -21.77 16.03 17.10
CA VAL D 29 -22.15 15.89 18.50
C VAL D 29 -22.90 17.13 18.99
N GLN D 30 -23.84 16.91 19.91
CA GLN D 30 -24.63 18.01 20.44
C GLN D 30 -23.85 18.74 21.54
N LEU D 31 -23.88 20.06 21.49
CA LEU D 31 -23.16 20.90 22.44
C LEU D 31 -24.11 21.77 23.25
N ARG D 32 -23.65 22.17 24.42
CA ARG D 32 -24.45 23.04 25.29
C ARG D 32 -24.63 24.41 24.63
N GLU D 33 -25.75 25.07 24.91
CA GLU D 33 -26.05 26.38 24.33
C GLU D 33 -25.10 27.46 24.84
N GLY D 34 -24.80 28.44 23.98
CA GLY D 34 -23.92 29.54 24.34
C GLY D 34 -22.51 29.31 23.81
N TYR D 35 -22.34 28.28 23.00
CA TYR D 35 -21.04 27.94 22.43
C TYR D 35 -21.11 27.84 20.91
N GLY D 36 -19.97 28.02 20.27
CA GLY D 36 -19.92 27.96 18.81
C GLY D 36 -19.53 26.56 18.31
N ARG D 37 -19.52 26.40 17.00
CA ARG D 37 -19.15 25.14 16.37
C ARG D 37 -17.90 25.38 15.56
N ILE D 38 -17.04 24.39 15.47
CA ILE D 38 -15.77 24.56 14.77
C ILE D 38 -15.92 24.34 13.27
N PRO D 39 -15.38 25.25 12.47
CA PRO D 39 -15.47 25.18 10.97
C PRO D 39 -15.03 23.82 10.44
N ARG D 40 -15.79 23.28 9.52
CA ARG D 40 -15.50 21.97 8.95
C ARG D 40 -14.15 21.96 8.24
N GLY D 41 -13.89 22.98 7.43
CA GLY D 41 -12.64 23.04 6.66
C GLY D 41 -11.37 22.90 7.50
N ALA D 42 -11.31 23.62 8.62
CA ALA D 42 -10.11 23.56 9.46
C ALA D 42 -9.93 22.19 10.11
N LEU D 43 -11.02 21.62 10.59
CA LEU D 43 -10.96 20.33 11.26
C LEU D 43 -10.41 19.22 10.35
N LEU D 44 -10.80 19.23 9.08
CA LEU D 44 -10.37 18.18 8.15
C LEU D 44 -8.86 18.10 7.99
N GLN D 45 -8.15 19.23 8.03
CA GLN D 45 -6.70 19.22 7.84
C GLN D 45 -5.91 19.43 9.14
N MET D 46 -6.60 19.52 10.27
CA MET D 46 -5.92 19.76 11.55
C MET D 46 -5.10 18.56 12.02
N ASP D 47 -4.15 18.84 12.92
CA ASP D 47 -3.29 17.81 13.50
C ASP D 47 -3.73 17.49 14.92
N ALA D 48 -3.27 16.36 15.45
CA ALA D 48 -3.64 15.97 16.81
C ALA D 48 -3.20 16.99 17.86
N ILE D 49 -1.97 17.49 17.75
CA ILE D 49 -1.50 18.48 18.73
C ILE D 49 -2.27 19.78 18.57
N ASP D 50 -2.40 20.23 17.33
CA ASP D 50 -3.11 21.47 17.04
C ASP D 50 -4.55 21.39 17.53
N LEU D 51 -5.16 20.25 17.32
CA LEU D 51 -6.52 20.02 17.74
C LEU D 51 -6.66 20.26 19.24
N THR D 52 -5.61 19.96 19.97
CA THR D 52 -5.64 20.14 21.41
C THR D 52 -5.81 21.60 21.78
N ASP D 53 -4.95 22.45 21.24
CA ASP D 53 -5.02 23.87 21.55
C ASP D 53 -6.35 24.47 21.11
N LYS D 54 -6.78 24.11 19.92
CA LYS D 54 -8.03 24.62 19.38
C LYS D 54 -9.22 24.17 20.24
N LEU D 55 -9.22 22.90 20.60
CA LEU D 55 -10.32 22.33 21.38
C LEU D 55 -10.58 23.12 22.67
N VAL D 56 -9.52 23.44 23.39
CA VAL D 56 -9.69 24.17 24.63
C VAL D 56 -10.04 25.64 24.41
N SER D 57 -9.45 26.26 23.40
CA SER D 57 -9.70 27.68 23.15
C SER D 57 -11.18 28.00 22.99
N TYR D 58 -11.93 27.08 22.39
CA TYR D 58 -13.36 27.30 22.18
C TYR D 58 -14.19 27.07 23.45
N TYR D 59 -13.84 26.05 24.23
CA TYR D 59 -14.60 25.75 25.45
C TYR D 59 -13.73 25.88 26.67
N LEU D 60 -14.33 26.32 27.78
CA LEU D 60 -13.60 26.49 29.01
C LEU D 60 -12.96 25.16 29.41
N GLU D 61 -11.88 25.23 30.17
CA GLU D 61 -11.17 24.02 30.58
C GLU D 61 -12.08 23.06 31.33
N SER D 62 -12.87 23.59 32.26
CA SER D 62 -13.75 22.72 33.04
C SER D 62 -14.74 21.98 32.14
N TYR D 63 -15.56 22.74 31.43
CA TYR D 63 -16.55 22.15 30.54
C TYR D 63 -15.88 21.40 29.40
N GLY D 64 -14.72 21.89 28.98
CA GLY D 64 -13.99 21.27 27.88
C GLY D 64 -13.65 19.81 28.19
N LEU D 65 -13.17 19.55 29.40
CA LEU D 65 -12.80 18.19 29.79
C LEU D 65 -14.01 17.26 29.81
N GLU D 66 -15.12 17.75 30.34
CA GLU D 66 -16.34 16.93 30.41
C GLU D 66 -16.84 16.57 29.01
N LEU D 67 -16.79 17.54 28.11
CA LEU D 67 -17.27 17.34 26.74
C LEU D 67 -16.47 16.25 26.03
N THR D 68 -15.17 16.24 26.23
CA THR D 68 -14.32 15.26 25.56
C THR D 68 -14.75 13.84 25.92
N MET D 69 -14.90 13.57 27.20
CA MET D 69 -15.27 12.24 27.65
C MET D 69 -16.58 11.81 27.04
N THR D 70 -17.50 12.74 26.92
CA THR D 70 -18.80 12.41 26.37
C THR D 70 -18.65 11.75 25.00
N VAL D 71 -17.72 12.28 24.20
CA VAL D 71 -17.49 11.73 22.86
C VAL D 71 -16.69 10.43 22.90
N LEU D 72 -15.71 10.31 23.80
CA LEU D 72 -14.91 9.09 23.90
C LEU D 72 -15.79 7.89 24.19
N ARG D 73 -16.65 7.99 25.18
CA ARG D 73 -17.48 6.88 25.47
C ARG D 73 -18.37 6.59 24.28
N ASP D 74 -18.86 7.65 23.64
CA ASP D 74 -19.78 7.46 22.51
C ASP D 74 -19.21 6.48 21.47
N MET D 75 -17.92 6.61 21.17
CA MET D 75 -17.28 5.72 20.21
C MET D 75 -17.11 4.35 20.83
N GLY D 76 -17.63 4.22 22.04
CA GLY D 76 -17.54 2.98 22.81
C GLY D 76 -16.76 3.25 24.08
N LEU D 77 -16.99 2.44 25.12
CA LEU D 77 -16.27 2.64 26.37
C LEU D 77 -14.82 2.24 26.21
N GLN D 78 -13.94 3.19 26.45
CA GLN D 78 -12.52 2.93 26.34
C GLN D 78 -11.86 3.03 27.71
N GLU D 79 -10.91 2.18 27.99
CA GLU D 79 -10.22 2.27 29.25
C GLU D 79 -9.66 3.67 29.33
N LEU D 80 -9.34 4.16 28.14
CA LEU D 80 -8.79 5.49 27.97
C LEU D 80 -9.77 6.56 28.46
N ALA D 81 -11.04 6.38 28.16
CA ALA D 81 -12.05 7.34 28.58
C ALA D 81 -12.03 7.51 30.09
N GLU D 82 -12.03 6.40 30.82
CA GLU D 82 -12.01 6.45 32.27
C GLU D 82 -10.67 6.98 32.77
N GLN D 83 -9.58 6.52 32.14
CA GLN D 83 -8.25 6.95 32.56
C GLN D 83 -8.18 8.46 32.66
N LEU D 84 -8.79 9.13 31.69
CA LEU D 84 -8.80 10.57 31.68
C LEU D 84 -9.63 11.12 32.84
N GLN D 85 -10.75 10.45 33.14
CA GLN D 85 -11.62 10.89 34.21
C GLN D 85 -10.86 11.00 35.53
N THR D 86 -9.92 10.09 35.75
CA THR D 86 -9.14 10.11 36.98
C THR D 86 -8.50 11.47 37.18
N THR D 87 -8.16 12.13 36.08
CA THR D 87 -7.53 13.45 36.15
C THR D 87 -8.53 14.49 36.62
N LYS D 88 -9.83 14.20 36.47
CA LYS D 88 -10.87 15.14 36.89
C LYS D 88 -10.71 15.48 38.37
N GLU D 89 -10.45 14.45 39.17
CA GLU D 89 -10.25 14.65 40.61
C GLU D 89 -8.94 15.40 40.84
N GLY E 1 28.88 34.42 26.68
CA GLY E 1 28.01 33.48 27.37
C GLY E 1 27.69 32.29 26.46
N ARG E 2 28.61 31.35 26.40
CA ARG E 2 28.43 30.16 25.57
C ARG E 2 27.03 29.57 25.76
N ALA E 3 26.31 30.04 26.77
CA ALA E 3 24.97 29.55 27.05
C ALA E 3 24.09 29.57 25.78
N ARG E 4 24.12 30.66 25.04
CA ARG E 4 23.32 30.75 23.83
C ARG E 4 23.71 29.67 22.83
N ASP E 5 25.01 29.52 22.62
CA ASP E 5 25.51 28.54 21.67
C ASP E 5 25.20 27.12 22.08
N ALA E 6 25.25 26.84 23.38
CA ALA E 6 24.98 25.49 23.86
C ALA E 6 23.54 25.07 23.53
N ILE E 7 22.58 25.89 23.92
CA ILE E 7 21.19 25.58 23.67
C ILE E 7 20.96 25.40 22.17
N LEU E 8 21.46 26.34 21.40
CA LEU E 8 21.28 26.32 19.96
C LEU E 8 21.68 24.98 19.36
N ASP E 9 22.88 24.53 19.68
CA ASP E 9 23.38 23.28 19.11
C ASP E 9 22.44 22.09 19.38
N ALA E 10 21.98 21.96 20.61
CA ALA E 10 21.12 20.83 20.97
C ALA E 10 19.70 20.98 20.42
N LEU E 11 19.06 22.12 20.67
CA LEU E 11 17.69 22.32 20.22
C LEU E 11 17.52 21.97 18.74
N GLU E 12 18.52 22.32 17.94
CA GLU E 12 18.50 22.05 16.50
C GLU E 12 18.49 20.55 16.17
N ASN E 13 18.81 19.71 17.16
CA ASN E 13 18.86 18.26 16.95
C ASN E 13 17.48 17.61 17.10
N LEU E 14 16.42 18.40 17.20
CA LEU E 14 15.07 17.85 17.34
C LEU E 14 14.38 17.77 15.98
N SER E 15 13.56 16.74 15.80
CA SER E 15 12.85 16.56 14.53
C SER E 15 11.75 17.62 14.41
N GLY E 16 11.31 17.85 13.18
CA GLY E 16 10.29 18.87 12.90
C GLY E 16 9.03 18.73 13.75
N ASP E 17 8.52 17.50 13.90
CA ASP E 17 7.28 17.31 14.65
C ASP E 17 7.44 17.62 16.15
N GLU E 18 8.47 17.06 16.77
CA GLU E 18 8.68 17.28 18.19
C GLU E 18 8.81 18.76 18.49
N LEU E 19 9.39 19.50 17.55
CA LEU E 19 9.56 20.92 17.72
C LEU E 19 8.22 21.57 18.04
N LYS E 20 7.20 21.24 17.28
CA LYS E 20 5.91 21.84 17.53
C LYS E 20 5.46 21.48 18.92
N LYS E 21 5.70 20.24 19.31
CA LYS E 21 5.30 19.79 20.62
C LYS E 21 5.99 20.59 21.70
N PHE E 22 7.26 20.88 21.48
CA PHE E 22 8.02 21.64 22.46
C PHE E 22 7.51 23.06 22.58
N LYS E 23 7.45 23.77 21.46
CA LYS E 23 7.01 25.16 21.48
C LYS E 23 5.64 25.30 22.11
N MET E 24 4.70 24.46 21.67
CA MET E 24 3.34 24.51 22.19
C MET E 24 3.30 24.23 23.69
N LYS E 25 4.04 23.23 24.14
CA LYS E 25 4.01 22.89 25.57
C LYS E 25 4.59 24.02 26.42
N LEU E 26 5.57 24.72 25.87
CA LEU E 26 6.22 25.82 26.58
C LEU E 26 5.19 26.86 26.99
N LEU E 27 4.21 27.08 26.14
CA LEU E 27 3.17 28.05 26.42
C LEU E 27 2.39 27.67 27.68
N THR E 28 2.26 26.36 27.93
CA THR E 28 1.47 25.90 29.08
C THR E 28 2.34 25.53 30.30
N VAL E 29 3.66 25.68 30.17
CA VAL E 29 4.53 25.33 31.30
C VAL E 29 4.53 26.41 32.36
N GLN E 30 4.67 26.00 33.63
CA GLN E 30 4.68 26.94 34.74
C GLN E 30 6.06 27.57 34.88
N LEU E 31 6.06 28.89 35.07
CA LEU E 31 7.30 29.65 35.19
C LEU E 31 7.42 30.31 36.56
N ARG E 32 8.64 30.61 36.96
CA ARG E 32 8.89 31.27 38.23
C ARG E 32 8.32 32.70 38.20
N GLU E 33 7.91 33.20 39.35
CA GLU E 33 7.33 34.54 39.44
C GLU E 33 8.36 35.64 39.15
N GLY E 34 7.91 36.74 38.56
CA GLY E 34 8.78 37.87 38.24
C GLY E 34 9.21 37.84 36.78
N TYR E 35 8.60 36.93 36.01
CA TYR E 35 8.93 36.80 34.59
C TYR E 35 7.68 36.90 33.73
N GLY E 36 7.86 37.26 32.48
CA GLY E 36 6.74 37.40 31.56
C GLY E 36 6.51 36.13 30.74
N ARG E 37 5.46 36.14 29.93
CA ARG E 37 5.11 35.01 29.07
C ARG E 37 5.25 35.48 27.64
N ILE E 38 5.65 34.58 26.75
CA ILE E 38 5.87 34.96 25.36
C ILE E 38 4.57 34.94 24.55
N PRO E 39 4.30 35.98 23.80
CA PRO E 39 3.06 36.10 22.96
C PRO E 39 2.85 34.87 22.10
N ARG E 40 1.61 34.39 22.08
CA ARG E 40 1.28 33.20 21.29
C ARG E 40 1.54 33.40 19.81
N GLY E 41 1.10 34.54 19.28
CA GLY E 41 1.24 34.82 17.85
C GLY E 41 2.68 34.69 17.33
N ALA E 42 3.64 35.25 18.04
CA ALA E 42 5.03 35.19 17.59
C ALA E 42 5.59 33.77 17.62
N LEU E 43 5.28 33.04 18.67
CA LEU E 43 5.78 31.69 18.83
C LEU E 43 5.34 30.76 17.69
N LEU E 44 4.10 30.91 17.24
CA LEU E 44 3.57 30.03 16.20
C LEU E 44 4.35 30.11 14.90
N GLN E 45 4.86 31.29 14.53
CA GLN E 45 5.59 31.43 13.26
C GLN E 45 7.11 31.54 13.45
N MET E 46 7.59 31.42 14.68
CA MET E 46 9.04 31.55 14.94
C MET E 46 9.85 30.37 14.39
N ASP E 47 11.15 30.61 14.22
CA ASP E 47 12.08 29.60 13.72
C ASP E 47 12.93 29.06 14.86
N ALA E 48 13.57 27.92 14.64
CA ALA E 48 14.40 27.31 15.68
C ALA E 48 15.55 28.22 16.10
N ILE E 49 16.24 28.85 15.14
CA ILE E 49 17.35 29.74 15.51
C ILE E 49 16.82 30.97 16.22
N ASP E 50 15.78 31.57 15.65
CA ASP E 50 15.18 32.77 16.23
C ASP E 50 14.71 32.49 17.65
N LEU E 51 14.11 31.34 17.82
CA LEU E 51 13.59 30.93 19.12
C LEU E 51 14.71 30.95 20.16
N THR E 52 15.92 30.66 19.72
CA THR E 52 17.06 30.64 20.62
C THR E 52 17.32 32.02 21.20
N ASP E 53 17.46 33.01 20.33
CA ASP E 53 17.73 34.37 20.77
C ASP E 53 16.60 34.89 21.66
N LYS E 54 15.38 34.66 21.24
CA LYS E 54 14.22 35.11 22.00
C LYS E 54 14.16 34.44 23.36
N LEU E 55 14.39 33.14 23.39
CA LEU E 55 14.31 32.38 24.64
C LEU E 55 15.21 32.96 25.72
N VAL E 56 16.44 33.28 25.37
CA VAL E 56 17.36 33.82 26.35
C VAL E 56 17.04 35.27 26.72
N SER E 57 16.64 36.08 25.75
CA SER E 57 16.36 37.50 26.02
C SER E 57 15.34 37.68 27.13
N TYR E 58 14.38 36.78 27.24
CA TYR E 58 13.35 36.90 28.27
C TYR E 58 13.84 36.44 29.65
N TYR E 59 14.62 35.36 29.68
CA TYR E 59 15.11 34.83 30.95
C TYR E 59 16.62 34.88 31.02
N LEU E 60 17.15 35.11 32.21
CA LEU E 60 18.59 35.17 32.39
C LEU E 60 19.22 33.87 31.92
N GLU E 61 20.49 33.95 31.53
CA GLU E 61 21.18 32.77 31.02
C GLU E 61 21.18 31.63 32.05
N SER E 62 21.46 31.95 33.29
CA SER E 62 21.50 30.92 34.33
C SER E 62 20.16 30.21 34.46
N TYR E 63 19.14 30.98 34.80
CA TYR E 63 17.81 30.42 34.97
C TYR E 63 17.26 29.90 33.64
N GLY E 64 17.65 30.55 32.56
CA GLY E 64 17.19 30.14 31.24
C GLY E 64 17.57 28.68 30.93
N LEU E 65 18.81 28.31 31.23
CA LEU E 65 19.27 26.95 30.95
C LEU E 65 18.52 25.93 31.79
N GLU E 66 18.27 26.24 33.05
CA GLU E 66 17.56 25.31 33.93
C GLU E 66 16.13 25.10 33.44
N LEU E 67 15.49 26.18 33.02
CA LEU E 67 14.10 26.10 32.55
C LEU E 67 13.97 25.21 31.32
N THR E 68 14.93 25.28 30.42
CA THR E 68 14.85 24.48 29.20
C THR E 68 14.80 23.00 29.54
N MET E 69 15.72 22.55 30.38
CA MET E 69 15.78 21.13 30.74
C MET E 69 14.48 20.67 31.34
N THR E 70 13.87 21.52 32.13
CA THR E 70 12.63 21.16 32.79
C THR E 70 11.60 20.70 31.75
N VAL E 71 11.55 21.41 30.62
CA VAL E 71 10.61 21.07 29.56
C VAL E 71 11.06 19.85 28.75
N LEU E 72 12.36 19.71 28.51
CA LEU E 72 12.85 18.57 27.74
C LEU E 72 12.49 17.25 28.43
N ARG E 73 12.78 17.15 29.70
CA ARG E 73 12.44 15.93 30.36
C ARG E 73 10.94 15.73 30.33
N ASP E 74 10.18 16.81 30.48
CA ASP E 74 8.73 16.69 30.52
C ASP E 74 8.19 15.92 29.30
N MET E 75 8.75 16.20 28.13
CA MET E 75 8.33 15.50 26.91
C MET E 75 8.86 14.08 26.93
N GLY E 76 9.50 13.75 28.05
CA GLY E 76 10.10 12.43 28.23
C GLY E 76 11.60 12.61 28.42
N LEU E 77 12.24 11.65 29.08
CA LEU E 77 13.67 11.75 29.30
C LEU E 77 14.41 11.50 28.00
N GLN E 78 15.18 12.49 27.58
CA GLN E 78 15.94 12.38 26.35
C GLN E 78 17.42 12.36 26.67
N GLU E 79 18.18 11.57 25.95
CA GLU E 79 19.61 11.55 26.18
C GLU E 79 20.07 12.97 25.99
N LEU E 80 19.36 13.64 25.10
CA LEU E 80 19.61 15.03 24.77
C LEU E 80 19.48 15.93 26.00
N ALA E 81 18.46 15.67 26.81
CA ALA E 81 18.23 16.48 27.99
C ALA E 81 19.45 16.45 28.90
N GLU E 82 19.96 15.25 29.16
CA GLU E 82 21.13 15.12 30.00
C GLU E 82 22.36 15.69 29.32
N GLN E 83 22.50 15.42 28.02
CA GLN E 83 23.67 15.91 27.29
C GLN E 83 23.86 17.40 27.53
N LEU E 84 22.76 18.12 27.53
CA LEU E 84 22.81 19.56 27.76
C LEU E 84 23.26 19.86 29.18
N GLN E 85 22.79 19.07 30.14
CA GLN E 85 23.14 19.28 31.54
C GLN E 85 24.65 19.28 31.73
N THR E 86 25.35 18.43 30.98
CA THR E 86 26.80 18.36 31.09
C THR E 86 27.41 19.74 30.91
N THR E 87 26.77 20.58 30.09
CA THR E 87 27.28 21.91 29.84
C THR E 87 27.10 22.80 31.08
N LYS E 88 26.18 22.40 31.96
CA LYS E 88 25.93 23.18 33.17
C LYS E 88 27.22 23.33 33.97
N GLU E 89 27.97 22.25 34.10
CA GLU E 89 29.23 22.28 34.81
C GLU E 89 30.25 23.10 34.03
N GLY F 1 27.72 -23.30 12.70
CA GLY F 1 27.22 -24.32 13.62
C GLY F 1 26.53 -25.45 12.86
N ARG F 2 27.33 -26.36 12.32
CA ARG F 2 26.79 -27.49 11.57
C ARG F 2 25.61 -28.14 12.29
N ALA F 3 25.40 -27.75 13.54
CA ALA F 3 24.31 -28.30 14.33
C ALA F 3 22.98 -28.22 13.59
N ARG F 4 22.69 -27.07 12.99
CA ARG F 4 21.44 -26.91 12.26
C ARG F 4 21.35 -27.90 11.12
N ASP F 5 22.42 -27.99 10.35
CA ASP F 5 22.46 -28.89 9.20
C ASP F 5 22.33 -30.35 9.60
N ALA F 6 22.95 -30.72 10.72
CA ALA F 6 22.89 -32.11 11.16
C ALA F 6 21.46 -32.55 11.45
N ILE F 7 20.78 -31.78 12.28
CA ILE F 7 19.41 -32.11 12.63
C ILE F 7 18.55 -32.19 11.38
N LEU F 8 18.67 -31.17 10.55
CA LEU F 8 17.88 -31.09 9.34
C LEU F 8 17.97 -32.38 8.52
N ASP F 9 19.19 -32.82 8.25
CA ASP F 9 19.38 -34.01 7.42
C ASP F 9 18.65 -35.24 7.97
N ALA F 10 18.77 -35.48 9.27
CA ALA F 10 18.13 -36.64 9.87
C ALA F 10 16.62 -36.49 10.01
N LEU F 11 16.16 -35.40 10.60
CA LEU F 11 14.73 -35.21 10.81
C LEU F 11 13.93 -35.45 9.53
N GLU F 12 14.49 -35.01 8.41
CA GLU F 12 13.85 -35.17 7.09
C GLU F 12 13.68 -36.65 6.69
N ASN F 13 14.40 -37.55 7.37
CA ASN F 13 14.33 -38.98 7.05
C ASN F 13 13.15 -39.68 7.73
N LEU F 14 12.26 -38.92 8.35
CA LEU F 14 11.09 -39.51 9.01
C LEU F 14 9.88 -39.52 8.08
N SER F 15 9.06 -40.55 8.19
CA SER F 15 7.86 -40.65 7.36
C SER F 15 6.82 -39.62 7.80
N GLY F 16 5.90 -39.31 6.90
CA GLY F 16 4.87 -38.31 7.17
C GLY F 16 4.09 -38.54 8.47
N ASP F 17 3.68 -39.78 8.73
CA ASP F 17 2.90 -40.06 9.93
C ASP F 17 3.70 -39.86 11.23
N GLU F 18 4.89 -40.43 11.30
CA GLU F 18 5.70 -40.32 12.50
C GLU F 18 5.95 -38.85 12.82
N LEU F 19 6.08 -38.05 11.78
CA LEU F 19 6.31 -36.63 11.97
C LEU F 19 5.25 -36.04 12.89
N LYS F 20 3.99 -36.34 12.63
CA LYS F 20 2.95 -35.79 13.46
C LYS F 20 3.15 -36.27 14.88
N LYS F 21 3.52 -37.53 15.02
CA LYS F 21 3.72 -38.09 16.35
C LYS F 21 4.82 -37.35 17.08
N PHE F 22 5.87 -37.01 16.35
CA PHE F 22 6.99 -36.30 16.96
C PHE F 22 6.59 -34.90 17.39
N LYS F 23 6.06 -34.12 16.46
CA LYS F 23 5.68 -32.74 16.78
C LYS F 23 4.72 -32.69 17.96
N MET F 24 3.68 -33.52 17.91
CA MET F 24 2.68 -33.54 18.97
C MET F 24 3.30 -33.93 20.30
N LYS F 25 4.14 -34.94 20.32
CA LYS F 25 4.75 -35.39 21.57
C LYS F 25 5.64 -34.31 22.18
N LEU F 26 6.29 -33.54 21.31
CA LEU F 26 7.19 -32.48 21.76
C LEU F 26 6.45 -31.51 22.66
N LEU F 27 5.20 -31.24 22.33
CA LEU F 27 4.40 -30.33 23.11
C LEU F 27 4.23 -30.82 24.56
N THR F 28 4.22 -32.13 24.74
CA THR F 28 4.01 -32.71 26.07
C THR F 28 5.31 -33.14 26.75
N VAL F 29 6.45 -32.96 26.09
CA VAL F 29 7.72 -33.36 26.68
C VAL F 29 8.19 -32.36 27.73
N GLN F 30 8.85 -32.87 28.77
CA GLN F 30 9.36 -32.00 29.84
C GLN F 30 10.66 -31.34 29.42
N LEU F 31 10.76 -30.04 29.69
CA LEU F 31 11.93 -29.26 29.33
C LEU F 31 12.63 -28.70 30.55
N ARG F 32 13.91 -28.41 30.40
CA ARG F 32 14.70 -27.83 31.49
C ARG F 32 14.18 -26.42 31.81
N GLU F 33 14.31 -26.02 33.07
CA GLU F 33 13.83 -24.69 33.49
C GLU F 33 14.66 -23.56 32.88
N GLY F 34 13.99 -22.42 32.63
CA GLY F 34 14.66 -21.25 32.05
C GLY F 34 14.40 -21.17 30.55
N TYR F 35 13.53 -22.02 30.05
CA TYR F 35 13.20 -22.04 28.63
C TYR F 35 11.70 -21.93 28.41
N GLY F 36 11.31 -21.46 27.22
CA GLY F 36 9.91 -21.29 26.90
C GLY F 36 9.34 -22.50 26.17
N ARG F 37 8.04 -22.45 25.90
CA ARG F 37 7.35 -23.53 25.19
C ARG F 37 6.85 -22.96 23.88
N ILE F 38 6.82 -23.78 22.84
CA ILE F 38 6.42 -23.29 21.52
C ILE F 38 4.90 -23.29 21.37
N PRO F 39 4.34 -22.20 20.88
CA PRO F 39 2.86 -22.06 20.67
C PRO F 39 2.28 -23.22 19.90
N ARG F 40 1.15 -23.73 20.38
CA ARG F 40 0.51 -24.86 19.74
C ARG F 40 0.09 -24.56 18.29
N GLY F 41 -0.52 -23.38 18.10
CA GLY F 41 -1.01 -23.01 16.77
C GLY F 41 0.05 -23.06 15.68
N ALA F 42 1.23 -22.53 15.95
CA ALA F 42 2.29 -22.51 14.93
C ALA F 42 2.79 -23.91 14.61
N LEU F 43 2.97 -24.73 15.63
CA LEU F 43 3.48 -26.08 15.45
C LEU F 43 2.58 -26.93 14.55
N LEU F 44 1.27 -26.78 14.70
CA LEU F 44 0.33 -27.60 13.91
C LEU F 44 0.47 -27.40 12.40
N GLN F 45 0.78 -26.18 11.95
CA GLN F 45 0.89 -25.93 10.51
C GLN F 45 2.34 -25.79 10.03
N MET F 46 3.30 -25.99 10.92
CA MET F 46 4.72 -25.85 10.53
C MET F 46 5.20 -26.96 9.59
N ASP F 47 6.30 -26.67 8.89
CA ASP F 47 6.91 -27.61 7.97
C ASP F 47 8.18 -28.21 8.58
N ALA F 48 8.65 -29.31 8.02
CA ALA F 48 9.83 -29.98 8.55
C ALA F 48 11.07 -29.06 8.50
N ILE F 49 11.28 -28.36 7.38
CA ILE F 49 12.43 -27.47 7.30
C ILE F 49 12.29 -26.31 8.26
N ASP F 50 11.10 -25.70 8.25
CA ASP F 50 10.82 -24.55 9.12
C ASP F 50 11.01 -24.95 10.58
N LEU F 51 10.53 -26.13 10.91
CA LEU F 51 10.64 -26.64 12.26
C LEU F 51 12.09 -26.66 12.72
N THR F 52 12.99 -26.90 11.77
CA THR F 52 14.41 -26.95 12.08
C THR F 52 14.90 -25.61 12.60
N ASP F 53 14.65 -24.56 11.83
CA ASP F 53 15.10 -23.23 12.22
C ASP F 53 14.48 -22.80 13.55
N LYS F 54 13.19 -23.03 13.68
CA LYS F 54 12.48 -22.67 14.90
C LYS F 54 13.01 -23.43 16.10
N LEU F 55 13.23 -24.73 15.92
CA LEU F 55 13.68 -25.58 17.02
C LEU F 55 14.98 -25.05 17.65
N VAL F 56 15.93 -24.67 16.82
CA VAL F 56 17.20 -24.18 17.34
C VAL F 56 17.07 -22.78 17.92
N SER F 57 16.30 -21.92 17.29
CA SER F 57 16.17 -20.53 17.76
C SER F 57 15.74 -20.45 19.22
N TYR F 58 14.91 -21.38 19.66
CA TYR F 58 14.44 -21.36 21.05
C TYR F 58 15.47 -21.91 22.03
N TYR F 59 16.17 -22.97 21.64
CA TYR F 59 17.17 -23.58 22.54
C TYR F 59 18.56 -23.50 21.94
N LEU F 60 19.55 -23.34 22.79
CA LEU F 60 20.93 -23.26 22.34
C LEU F 60 21.29 -24.50 21.55
N GLU F 61 22.25 -24.37 20.65
CA GLU F 61 22.65 -25.48 19.80
C GLU F 61 23.09 -26.69 20.63
N SER F 62 23.89 -26.46 21.66
CA SER F 62 24.37 -27.56 22.49
C SER F 62 23.20 -28.31 23.13
N TYR F 63 22.44 -27.60 23.95
CA TYR F 63 21.30 -28.20 24.63
C TYR F 63 20.24 -28.65 23.63
N GLY F 64 20.13 -27.91 22.53
CA GLY F 64 19.13 -28.23 21.52
C GLY F 64 19.33 -29.63 20.96
N LEU F 65 20.57 -30.00 20.67
CA LEU F 65 20.86 -31.32 20.12
C LEU F 65 20.52 -32.43 21.11
N GLU F 66 20.87 -32.21 22.38
CA GLU F 66 20.59 -33.23 23.40
C GLU F 66 19.09 -33.44 23.58
N LEU F 67 18.33 -32.35 23.54
CA LEU F 67 16.88 -32.43 23.72
C LEU F 67 16.22 -33.23 22.61
N THR F 68 16.69 -33.06 21.39
CA THR F 68 16.10 -33.78 20.28
C THR F 68 16.18 -35.28 20.49
N MET F 69 17.37 -35.77 20.80
CA MET F 69 17.56 -37.19 20.98
C MET F 69 16.65 -37.74 22.05
N THR F 70 16.46 -36.97 23.10
CA THR F 70 15.63 -37.41 24.19
C THR F 70 14.25 -37.81 23.68
N VAL F 71 13.72 -37.03 22.74
CA VAL F 71 12.40 -37.31 22.16
C VAL F 71 12.44 -38.46 21.16
N LEU F 72 13.51 -38.55 20.35
CA LEU F 72 13.61 -39.62 19.37
C LEU F 72 13.57 -40.99 20.04
N ARG F 73 14.38 -41.17 21.05
CA ARG F 73 14.36 -42.45 21.70
C ARG F 73 12.99 -42.68 22.30
N ASP F 74 12.39 -41.65 22.85
CA ASP F 74 11.09 -41.80 23.51
C ASP F 74 10.08 -42.50 22.59
N MET F 75 10.07 -42.12 21.30
CA MET F 75 9.15 -42.74 20.34
C MET F 75 9.63 -44.14 20.02
N GLY F 76 10.69 -44.54 20.72
CA GLY F 76 11.30 -45.84 20.52
C GLY F 76 12.73 -45.65 20.06
N LEU F 77 13.58 -46.63 20.30
CA LEU F 77 14.98 -46.51 19.88
C LEU F 77 15.07 -46.65 18.38
N GLN F 78 15.59 -45.61 17.75
CA GLN F 78 15.75 -45.61 16.30
C GLN F 78 17.22 -45.61 15.94
N GLU F 79 17.58 -46.33 14.90
CA GLU F 79 18.96 -46.32 14.49
C GLU F 79 19.32 -44.87 14.22
N LEU F 80 18.29 -44.16 13.79
CA LEU F 80 18.39 -42.75 13.50
C LEU F 80 18.80 -41.95 14.73
N ALA F 81 18.22 -42.29 15.88
CA ALA F 81 18.54 -41.58 17.10
C ALA F 81 20.04 -41.64 17.38
N GLU F 82 20.60 -42.84 17.30
CA GLU F 82 22.03 -43.01 17.55
C GLU F 82 22.85 -42.35 16.44
N GLN F 83 22.41 -42.52 15.19
CA GLN F 83 23.13 -41.95 14.06
C GLN F 83 23.42 -40.48 14.32
N LEU F 84 22.44 -39.78 14.85
CA LEU F 84 22.60 -38.37 15.13
C LEU F 84 23.63 -38.16 16.25
N GLN F 85 23.61 -39.04 17.25
CA GLN F 85 24.53 -38.92 18.37
C GLN F 85 25.98 -38.89 17.89
N THR F 86 26.27 -39.66 16.85
CA THR F 86 27.62 -39.70 16.31
C THR F 86 28.11 -38.30 15.99
N THR F 87 27.19 -37.42 15.59
CA THR F 87 27.54 -36.05 15.26
C THR F 87 27.92 -35.27 16.51
N LYS F 88 27.48 -35.75 17.68
CA LYS F 88 27.79 -35.08 18.94
C LYS F 88 29.29 -34.94 19.11
N GLU F 89 30.01 -36.02 18.80
CA GLU F 89 31.46 -36.01 18.90
C GLU F 89 32.05 -35.10 17.82
N GLY G 1 28.28 -8.03 -17.46
CA GLY G 1 28.67 -9.20 -16.68
C GLY G 1 27.58 -10.27 -16.77
N ARG G 2 27.61 -11.03 -17.85
CA ARG G 2 26.63 -12.09 -18.06
C ARG G 2 26.45 -12.94 -16.78
N ALA G 3 27.33 -12.73 -15.81
CA ALA G 3 27.27 -13.49 -14.57
C ALA G 3 25.87 -13.44 -13.94
N ARG G 4 25.28 -12.24 -13.90
CA ARG G 4 23.95 -12.11 -13.32
C ARG G 4 22.93 -12.94 -14.09
N ASP G 5 22.98 -12.84 -15.41
CA ASP G 5 22.04 -13.56 -16.26
C ASP G 5 22.21 -15.07 -16.15
N ALA G 6 23.45 -15.53 -16.03
CA ALA G 6 23.71 -16.96 -15.94
C ALA G 6 23.05 -17.56 -14.69
N ILE G 7 23.32 -16.98 -13.54
CA ILE G 7 22.75 -17.48 -12.30
C ILE G 7 21.24 -17.46 -12.38
N LEU G 8 20.70 -16.33 -12.81
CA LEU G 8 19.26 -16.18 -12.91
C LEU G 8 18.61 -17.32 -13.67
N ASP G 9 19.10 -17.61 -14.86
CA ASP G 9 18.50 -18.66 -15.67
C ASP G 9 18.44 -20.01 -14.96
N ALA G 10 19.53 -20.40 -14.31
CA ALA G 10 19.56 -21.70 -13.64
C ALA G 10 18.76 -21.71 -12.33
N LEU G 11 19.00 -20.75 -11.46
CA LEU G 11 18.31 -20.71 -10.17
C LEU G 11 16.80 -20.86 -10.35
N GLU G 12 16.26 -20.23 -11.39
CA GLU G 12 14.83 -20.27 -11.68
C GLU G 12 14.34 -21.69 -12.02
N ASN G 13 15.26 -22.60 -12.32
CA ASN G 13 14.90 -23.98 -12.67
C ASN G 13 14.68 -24.87 -11.45
N LEU G 14 14.66 -24.28 -10.26
CA LEU G 14 14.46 -25.06 -9.03
C LEU G 14 12.98 -25.05 -8.63
N SER G 15 12.52 -26.17 -8.07
CA SER G 15 11.13 -26.26 -7.65
C SER G 15 10.89 -25.40 -6.40
N GLY G 16 9.63 -25.06 -6.16
CA GLY G 16 9.27 -24.20 -5.03
C GLY G 16 9.81 -24.68 -3.69
N ASP G 17 9.72 -25.97 -3.40
CA ASP G 17 10.18 -26.47 -2.11
C ASP G 17 11.70 -26.37 -1.93
N GLU G 18 12.44 -26.84 -2.92
CA GLU G 18 13.90 -26.81 -2.83
C GLU G 18 14.39 -25.39 -2.61
N LEU G 19 13.68 -24.44 -3.20
CA LEU G 19 14.04 -23.04 -3.06
C LEU G 19 14.15 -22.68 -1.59
N LYS G 20 13.16 -23.06 -0.80
CA LYS G 20 13.22 -22.73 0.61
C LYS G 20 14.44 -23.37 1.23
N LYS G 21 14.72 -24.60 0.82
CA LYS G 21 15.86 -25.30 1.36
C LYS G 21 17.14 -24.57 1.04
N PHE G 22 17.23 -24.04 -0.16
CA PHE G 22 18.42 -23.33 -0.57
C PHE G 22 18.60 -22.04 0.21
N LYS G 23 17.57 -21.18 0.20
CA LYS G 23 17.66 -19.91 0.90
C LYS G 23 18.02 -20.10 2.37
N MET G 24 17.29 -21.00 3.02
CA MET G 24 17.53 -21.26 4.44
C MET G 24 18.94 -21.76 4.70
N LYS G 25 19.42 -22.69 3.88
CA LYS G 25 20.76 -23.24 4.08
C LYS G 25 21.84 -22.17 3.91
N LEU G 26 21.58 -21.24 2.99
CA LEU G 26 22.54 -20.17 2.71
C LEU G 26 22.85 -19.40 3.98
N LEU G 27 21.84 -19.22 4.81
CA LEU G 27 22.01 -18.49 6.06
C LEU G 27 23.03 -19.17 6.97
N THR G 28 23.10 -20.50 6.88
CA THR G 28 24.01 -21.26 7.76
C THR G 28 25.32 -21.66 7.06
N VAL G 29 25.49 -21.28 5.81
CA VAL G 29 26.72 -21.65 5.09
C VAL G 29 27.88 -20.76 5.50
N GLN G 30 29.08 -21.33 5.51
CA GLN G 30 30.28 -20.58 5.89
C GLN G 30 30.77 -19.74 4.71
N LEU G 31 31.11 -18.49 4.99
CA LEU G 31 31.58 -17.56 3.97
C LEU G 31 33.00 -17.10 4.24
N ARG G 32 33.67 -16.68 3.18
CA ARG G 32 35.04 -16.18 3.30
C ARG G 32 35.05 -14.87 4.11
N GLU G 33 36.14 -14.63 4.82
CA GLU G 33 36.27 -13.43 5.65
C GLU G 33 36.34 -12.16 4.81
N GLY G 34 35.79 -11.07 5.36
CA GLY G 34 35.80 -9.78 4.67
C GLY G 34 34.45 -9.51 3.99
N TYR G 35 33.47 -10.37 4.26
CA TYR G 35 32.15 -10.24 3.66
C TYR G 35 31.07 -10.22 4.73
N GLY G 36 29.92 -9.64 4.40
CA GLY G 36 28.82 -9.56 5.35
C GLY G 36 27.83 -10.72 5.18
N ARG G 37 26.83 -10.75 6.04
CA ARG G 37 25.81 -11.78 6.00
C ARG G 37 24.49 -11.09 5.70
N ILE G 38 23.60 -11.76 4.98
CA ILE G 38 22.34 -11.15 4.58
C ILE G 38 21.28 -11.26 5.69
N PRO G 39 20.62 -10.16 6.01
CA PRO G 39 19.57 -10.13 7.08
C PRO G 39 18.54 -11.24 6.90
N ARG G 40 18.21 -11.91 7.99
CA ARG G 40 17.25 -13.00 7.94
C ARG G 40 15.87 -12.54 7.46
N GLY G 41 15.40 -11.42 8.01
CA GLY G 41 14.07 -10.91 7.67
C GLY G 41 13.85 -10.73 6.16
N ALA G 42 14.80 -10.12 5.48
CA ALA G 42 14.64 -9.87 4.05
C ALA G 42 14.63 -11.17 3.23
N LEU G 43 15.51 -12.10 3.58
CA LEU G 43 15.60 -13.36 2.87
C LEU G 43 14.29 -14.16 2.91
N LEU G 44 13.62 -14.15 4.05
CA LEU G 44 12.39 -14.94 4.20
C LEU G 44 11.30 -14.53 3.23
N GLN G 45 11.18 -13.24 2.90
CA GLN G 45 10.11 -12.78 1.99
C GLN G 45 10.62 -12.46 0.58
N MET G 46 11.90 -12.69 0.32
CA MET G 46 12.47 -12.36 -1.00
C MET G 46 11.96 -13.28 -2.11
N ASP G 47 12.09 -12.81 -3.36
CA ASP G 47 11.67 -13.56 -4.53
C ASP G 47 12.91 -14.11 -5.25
N ALA G 48 12.69 -15.09 -6.13
CA ALA G 48 13.79 -15.71 -6.86
C ALA G 48 14.55 -14.68 -7.72
N ILE G 49 13.83 -13.82 -8.44
CA ILE G 49 14.51 -12.82 -9.27
C ILE G 49 15.24 -11.82 -8.39
N ASP G 50 14.55 -11.32 -7.37
CA ASP G 50 15.13 -10.33 -6.47
C ASP G 50 16.38 -10.90 -5.80
N LEU G 51 16.29 -12.16 -5.41
CA LEU G 51 17.39 -12.83 -4.77
C LEU G 51 18.64 -12.78 -5.65
N THR G 52 18.42 -12.80 -6.96
CA THR G 52 19.53 -12.77 -7.89
C THR G 52 20.31 -11.47 -7.77
N ASP G 53 19.61 -10.35 -7.87
CA ASP G 53 20.25 -9.05 -7.79
C ASP G 53 20.95 -8.86 -6.44
N LYS G 54 20.26 -9.23 -5.38
CA LYS G 54 20.81 -9.09 -4.04
C LYS G 54 22.04 -9.95 -3.87
N LEU G 55 21.97 -11.19 -4.33
CA LEU G 55 23.07 -12.13 -4.17
C LEU G 55 24.38 -11.59 -4.74
N VAL G 56 24.33 -11.01 -5.93
CA VAL G 56 25.54 -10.49 -6.54
C VAL G 56 25.99 -9.18 -5.88
N SER G 57 25.06 -8.31 -5.52
CA SER G 57 25.43 -7.02 -4.92
C SER G 57 26.33 -7.18 -3.70
N TYR G 58 26.12 -8.23 -2.93
CA TYR G 58 26.93 -8.43 -1.72
C TYR G 58 28.31 -9.02 -2.03
N TYR G 59 28.38 -9.95 -2.99
CA TYR G 59 29.65 -10.57 -3.34
C TYR G 59 30.04 -10.29 -4.77
N LEU G 60 31.34 -10.16 -5.02
CA LEU G 60 31.81 -9.88 -6.36
C LEU G 60 31.33 -10.97 -7.31
N GLU G 61 31.22 -10.63 -8.58
CA GLU G 61 30.73 -11.59 -9.58
C GLU G 61 31.59 -12.85 -9.60
N SER G 62 32.90 -12.68 -9.59
CA SER G 62 33.79 -13.83 -9.65
C SER G 62 33.57 -14.77 -8.46
N TYR G 63 33.78 -14.24 -7.26
CA TYR G 63 33.60 -15.03 -6.05
C TYR G 63 32.14 -15.43 -5.88
N GLY G 64 31.25 -14.57 -6.32
CA GLY G 64 29.81 -14.84 -6.19
C GLY G 64 29.42 -16.15 -6.90
N LEU G 65 29.93 -16.35 -8.11
CA LEU G 65 29.60 -17.55 -8.87
C LEU G 65 30.13 -18.81 -8.19
N GLU G 66 31.35 -18.74 -7.66
CA GLU G 66 31.95 -19.89 -6.99
C GLU G 66 31.16 -20.27 -5.73
N LEU G 67 30.73 -19.26 -4.99
CA LEU G 67 29.99 -19.48 -3.76
C LEU G 67 28.67 -20.19 -4.01
N THR G 68 27.99 -19.82 -5.10
CA THR G 68 26.71 -20.43 -5.40
C THR G 68 26.85 -21.94 -5.57
N MET G 69 27.80 -22.35 -6.39
CA MET G 69 28.00 -23.77 -6.66
C MET G 69 28.26 -24.52 -5.39
N THR G 70 29.01 -23.92 -4.49
CA THR G 70 29.34 -24.59 -3.24
C THR G 70 28.08 -25.05 -2.52
N VAL G 71 27.05 -24.20 -2.55
CA VAL G 71 25.78 -24.52 -1.91
C VAL G 71 24.95 -25.51 -2.71
N LEU G 72 24.96 -25.39 -4.04
CA LEU G 72 24.19 -26.32 -4.87
C LEU G 72 24.63 -27.75 -4.65
N ARG G 73 25.91 -27.99 -4.71
CA ARG G 73 26.34 -29.35 -4.51
C ARG G 73 25.97 -29.78 -3.11
N ASP G 74 26.10 -28.88 -2.14
CA ASP G 74 25.82 -29.25 -0.75
C ASP G 74 24.44 -29.91 -0.61
N MET G 75 23.44 -29.37 -1.30
CA MET G 75 22.08 -29.93 -1.25
C MET G 75 22.06 -31.22 -2.04
N GLY G 76 23.24 -31.61 -2.51
CA GLY G 76 23.39 -32.82 -3.31
C GLY G 76 23.90 -32.43 -4.69
N LEU G 77 24.56 -33.35 -5.37
CA LEU G 77 25.07 -33.06 -6.70
C LEU G 77 23.93 -32.98 -7.69
N GLN G 78 23.80 -31.82 -8.32
CA GLN G 78 22.75 -31.62 -9.29
C GLN G 78 23.36 -31.43 -10.67
N GLU G 79 22.73 -31.97 -11.69
CA GLU G 79 23.24 -31.79 -13.03
C GLU G 79 23.31 -30.29 -13.24
N LEU G 80 22.39 -29.62 -12.57
CA LEU G 80 22.28 -28.18 -12.61
C LEU G 80 23.55 -27.52 -12.09
N ALA G 81 24.09 -28.06 -11.00
CA ALA G 81 25.29 -27.49 -10.41
C ALA G 81 26.43 -27.45 -11.44
N GLU G 82 26.64 -28.57 -12.11
CA GLU G 82 27.69 -28.63 -13.12
C GLU G 82 27.34 -27.78 -14.31
N GLN G 83 26.08 -27.81 -14.73
CA GLN G 83 25.66 -27.03 -15.89
C GLN G 83 26.10 -25.59 -15.75
N LEU G 84 25.97 -25.06 -14.55
CA LEU G 84 26.36 -23.69 -14.28
C LEU G 84 27.87 -23.53 -14.40
N GLN G 85 28.61 -24.54 -13.92
CA GLN G 85 30.06 -24.48 -13.97
C GLN G 85 30.57 -24.25 -15.39
N THR G 86 29.89 -24.85 -16.36
CA THR G 86 30.28 -24.70 -17.75
C THR G 86 30.39 -23.23 -18.12
N THR G 87 29.56 -22.40 -17.49
CA THR G 87 29.58 -20.97 -17.76
C THR G 87 30.85 -20.32 -17.19
N LYS G 88 31.47 -20.99 -16.23
CA LYS G 88 32.69 -20.46 -15.61
C LYS G 88 33.75 -20.22 -16.68
N GLU G 89 33.90 -21.18 -17.59
CA GLU G 89 34.85 -21.05 -18.68
C GLU G 89 34.40 -19.95 -19.64
N GLY H 1 5.57 11.05 -33.60
CA GLY H 1 6.34 9.82 -33.60
C GLY H 1 5.57 8.67 -32.96
N ARG H 2 4.69 8.07 -33.75
CA ARG H 2 3.87 6.96 -33.26
C ARG H 2 4.72 5.96 -32.49
N ALA H 3 6.04 6.10 -32.57
CA ALA H 3 6.95 5.19 -31.89
C ALA H 3 6.59 5.04 -30.41
N ARG H 4 6.32 6.15 -29.73
CA ARG H 4 5.98 6.09 -28.32
C ARG H 4 4.71 5.29 -28.10
N ASP H 5 3.69 5.57 -28.91
CA ASP H 5 2.42 4.88 -28.80
C ASP H 5 2.53 3.40 -29.09
N ALA H 6 3.37 3.04 -30.06
CA ALA H 6 3.51 1.63 -30.42
C ALA H 6 4.06 0.81 -29.25
N ILE H 7 5.17 1.25 -28.69
CA ILE H 7 5.77 0.56 -27.57
C ILE H 7 4.78 0.44 -26.42
N LEU H 8 4.17 1.56 -26.10
CA LEU H 8 3.22 1.61 -24.99
C LEU H 8 2.18 0.52 -25.10
N ASP H 9 1.53 0.43 -26.25
CA ASP H 9 0.46 -0.55 -26.43
C ASP H 9 0.91 -1.98 -26.15
N ALA H 10 2.06 -2.35 -26.68
CA ALA H 10 2.55 -3.72 -26.49
C ALA H 10 3.09 -3.97 -25.08
N LEU H 11 3.98 -3.12 -24.61
CA LEU H 11 4.58 -3.31 -23.29
C LEU H 11 3.52 -3.57 -22.22
N GLU H 12 2.40 -2.85 -22.33
CA GLU H 12 1.28 -2.98 -21.38
C GLU H 12 0.63 -4.38 -21.41
N ASN H 13 0.93 -5.16 -22.46
CA ASN H 13 0.35 -6.50 -22.59
C ASN H 13 1.15 -7.57 -21.83
N LEU H 14 2.10 -7.15 -21.00
CA LEU H 14 2.90 -8.10 -20.22
C LEU H 14 2.32 -8.28 -18.82
N SER H 15 2.42 -9.49 -18.29
CA SER H 15 1.91 -9.76 -16.96
C SER H 15 2.79 -9.10 -15.90
N GLY H 16 2.23 -8.90 -14.71
CA GLY H 16 2.94 -8.23 -13.63
C GLY H 16 4.32 -8.83 -13.33
N ASP H 17 4.41 -10.15 -13.26
CA ASP H 17 5.69 -10.79 -12.94
C ASP H 17 6.76 -10.58 -14.01
N GLU H 18 6.41 -10.84 -15.26
CA GLU H 18 7.37 -10.69 -16.34
C GLU H 18 7.92 -9.28 -16.38
N LEU H 19 7.07 -8.32 -16.04
CA LEU H 19 7.47 -6.93 -16.02
C LEU H 19 8.72 -6.76 -15.18
N LYS H 20 8.72 -7.33 -13.98
CA LYS H 20 9.89 -7.18 -13.13
C LYS H 20 11.08 -7.79 -13.82
N LYS H 21 10.87 -8.92 -14.47
CA LYS H 21 11.97 -9.59 -15.15
C LYS H 21 12.53 -8.71 -16.24
N PHE H 22 11.66 -8.02 -16.95
CA PHE H 22 12.10 -7.16 -18.02
C PHE H 22 12.89 -5.98 -17.50
N LYS H 23 12.30 -5.22 -16.57
CA LYS H 23 12.98 -4.05 -16.04
C LYS H 23 14.34 -4.40 -15.47
N MET H 24 14.38 -5.43 -14.64
CA MET H 24 15.63 -5.86 -14.02
C MET H 24 16.67 -6.26 -15.05
N LYS H 25 16.25 -7.04 -16.06
CA LYS H 25 17.21 -7.49 -17.07
C LYS H 25 17.78 -6.32 -17.86
N LEU H 26 16.96 -5.30 -18.07
CA LEU H 26 17.37 -4.11 -18.82
C LEU H 26 18.60 -3.49 -18.20
N LEU H 27 18.66 -3.51 -16.88
CA LEU H 27 19.78 -2.94 -16.17
C LEU H 27 21.09 -3.65 -16.52
N THR H 28 21.00 -4.94 -16.83
CA THR H 28 22.19 -5.73 -17.13
C THR H 28 22.43 -5.91 -18.64
N VAL H 29 21.56 -5.36 -19.48
CA VAL H 29 21.72 -5.52 -20.92
C VAL H 29 22.80 -4.60 -21.45
N GLN H 30 23.52 -5.05 -22.48
CA GLN H 30 24.59 -4.25 -23.08
C GLN H 30 23.99 -3.24 -24.05
N LEU H 31 24.49 -2.01 -23.96
CA LEU H 31 24.02 -0.92 -24.80
C LEU H 31 25.12 -0.37 -25.70
N ARG H 32 24.72 0.25 -26.79
CA ARG H 32 25.67 0.84 -27.72
C ARG H 32 26.39 2.02 -27.05
N GLU H 33 27.63 2.27 -27.46
CA GLU H 33 28.42 3.36 -26.87
C GLU H 33 27.86 4.73 -27.23
N GLY H 34 28.03 5.69 -26.31
CA GLY H 34 27.55 7.05 -26.53
C GLY H 34 26.21 7.28 -25.83
N TYR H 35 25.78 6.31 -25.05
CA TYR H 35 24.50 6.41 -24.33
C TYR H 35 24.69 6.19 -22.84
N GLY H 36 23.76 6.70 -22.05
CA GLY H 36 23.83 6.56 -20.61
C GLY H 36 23.04 5.36 -20.10
N ARG H 37 23.11 5.12 -18.81
CA ARG H 37 22.40 4.02 -18.17
C ARG H 37 21.40 4.62 -17.21
N ILE H 38 20.25 3.98 -17.05
CA ILE H 38 19.20 4.53 -16.20
C ILE H 38 19.43 4.18 -14.73
N PRO H 39 19.32 5.16 -13.84
CA PRO H 39 19.53 4.95 -12.37
C PRO H 39 18.70 3.80 -11.84
N ARG H 40 19.33 2.96 -11.02
CA ARG H 40 18.65 1.80 -10.47
C ARG H 40 17.46 2.21 -9.59
N GLY H 41 17.66 3.19 -8.73
CA GLY H 41 16.60 3.63 -7.80
C GLY H 41 15.28 3.99 -8.50
N ALA H 42 15.34 4.76 -9.57
CA ALA H 42 14.14 5.18 -10.27
C ALA H 42 13.42 4.00 -10.93
N LEU H 43 14.18 3.13 -11.56
CA LEU H 43 13.61 1.98 -12.25
C LEU H 43 12.81 1.07 -11.32
N LEU H 44 13.30 0.86 -10.11
CA LEU H 44 12.62 -0.04 -9.16
C LEU H 44 11.20 0.39 -8.82
N GLN H 45 10.94 1.70 -8.74
CA GLN H 45 9.60 2.17 -8.38
C GLN H 45 8.81 2.73 -9.57
N MET H 46 9.37 2.66 -10.77
CA MET H 46 8.70 3.20 -11.96
C MET H 46 7.46 2.39 -12.36
N ASP H 47 6.58 3.04 -13.13
CA ASP H 47 5.35 2.41 -13.62
C ASP H 47 5.50 2.07 -15.11
N ALA H 48 4.63 1.20 -15.61
CA ALA H 48 4.70 0.79 -17.01
C ALA H 48 4.53 1.98 -17.95
N ILE H 49 3.58 2.86 -17.70
CA ILE H 49 3.39 4.02 -18.58
C ILE H 49 4.58 4.96 -18.48
N ASP H 50 4.98 5.26 -17.25
CA ASP H 50 6.10 6.16 -17.01
C ASP H 50 7.36 5.63 -17.68
N LEU H 51 7.55 4.32 -17.57
CA LEU H 51 8.71 3.67 -18.15
C LEU H 51 8.77 3.95 -19.65
N THR H 52 7.60 4.07 -20.27
CA THR H 52 7.53 4.34 -21.69
C THR H 52 8.18 5.67 -22.04
N ASP H 53 7.73 6.72 -21.37
CA ASP H 53 8.26 8.06 -21.64
C ASP H 53 9.75 8.13 -21.35
N LYS H 54 10.14 7.56 -20.23
CA LYS H 54 11.55 7.56 -19.84
C LYS H 54 12.41 6.80 -20.84
N LEU H 55 11.92 5.63 -21.25
CA LEU H 55 12.67 4.78 -22.16
C LEU H 55 13.05 5.51 -23.45
N VAL H 56 12.11 6.23 -24.03
CA VAL H 56 12.39 6.94 -25.26
C VAL H 56 13.26 8.17 -25.04
N SER H 57 13.02 8.90 -23.95
CA SER H 57 13.79 10.12 -23.69
C SER H 57 15.29 9.89 -23.70
N TYR H 58 15.73 8.74 -23.23
CA TYR H 58 17.16 8.44 -23.18
C TYR H 58 17.72 8.03 -24.54
N TYR H 59 16.96 7.25 -25.30
CA TYR H 59 17.44 6.78 -26.60
C TYR H 59 16.54 7.29 -27.73
N LEU H 60 17.15 7.57 -28.87
CA LEU H 60 16.39 8.06 -30.01
C LEU H 60 15.30 7.07 -30.37
N GLU H 61 14.23 7.56 -30.99
CA GLU H 61 13.11 6.70 -31.34
C GLU H 61 13.54 5.54 -32.22
N SER H 62 14.35 5.82 -33.24
CA SER H 62 14.81 4.76 -34.13
C SER H 62 15.56 3.67 -33.38
N TYR H 63 16.66 4.05 -32.76
CA TYR H 63 17.46 3.09 -32.01
C TYR H 63 16.69 2.54 -30.82
N GLY H 64 15.83 3.37 -30.24
CA GLY H 64 15.05 2.96 -29.08
C GLY H 64 14.19 1.73 -29.39
N LEU H 65 13.53 1.74 -30.54
CA LEU H 65 12.66 0.63 -30.92
C LEU H 65 13.46 -0.66 -31.12
N GLU H 66 14.62 -0.55 -31.76
CA GLU H 66 15.45 -1.73 -32.00
C GLU H 66 15.95 -2.34 -30.69
N LEU H 67 16.33 -1.47 -29.75
CA LEU H 67 16.84 -1.93 -28.47
C LEU H 67 15.79 -2.72 -27.68
N THR H 68 14.55 -2.26 -27.74
CA THR H 68 13.50 -2.94 -27.00
C THR H 68 13.36 -4.39 -27.44
N MET H 69 13.27 -4.60 -28.75
CA MET H 69 13.11 -5.95 -29.27
C MET H 69 14.23 -6.85 -28.83
N THR H 70 15.43 -6.30 -28.80
CA THR H 70 16.59 -7.09 -28.42
C THR H 70 16.36 -7.74 -27.06
N VAL H 71 15.76 -7.00 -26.13
CA VAL H 71 15.48 -7.51 -24.80
C VAL H 71 14.28 -8.47 -24.77
N LEU H 72 13.24 -8.17 -25.56
CA LEU H 72 12.06 -9.03 -25.58
C LEU H 72 12.43 -10.45 -26.02
N ARG H 73 13.16 -10.56 -27.11
CA ARG H 73 13.51 -11.88 -27.53
C ARG H 73 14.37 -12.53 -26.46
N ASP H 74 15.25 -11.76 -25.84
CA ASP H 74 16.17 -12.33 -24.85
C ASP H 74 15.41 -13.12 -23.78
N MET H 75 14.27 -12.58 -23.32
CA MET H 75 13.46 -13.26 -22.31
C MET H 75 12.75 -14.44 -22.96
N GLY H 76 13.08 -14.66 -24.22
CA GLY H 76 12.48 -15.73 -25.00
C GLY H 76 11.72 -15.12 -26.17
N LEU H 77 11.53 -15.89 -27.24
CA LEU H 77 10.82 -15.36 -28.39
C LEU H 77 9.34 -15.26 -28.08
N GLN H 78 8.82 -14.04 -28.18
CA GLN H 78 7.42 -13.81 -27.90
C GLN H 78 6.72 -13.39 -29.18
N GLU H 79 5.49 -13.84 -29.37
CA GLU H 79 4.76 -13.43 -30.54
C GLU H 79 4.72 -11.92 -30.51
N LEU H 80 4.71 -11.43 -29.28
CA LEU H 80 4.68 -10.01 -28.99
C LEU H 80 5.91 -9.32 -29.58
N ALA H 81 7.07 -9.94 -29.43
CA ALA H 81 8.30 -9.36 -29.95
C ALA H 81 8.19 -9.09 -31.45
N GLU H 82 7.73 -10.08 -32.19
CA GLU H 82 7.57 -9.92 -33.63
C GLU H 82 6.45 -8.94 -33.94
N GLN H 83 5.35 -9.04 -33.21
CA GLN H 83 4.22 -8.15 -33.45
C GLN H 83 4.67 -6.70 -33.49
N LEU H 84 5.57 -6.36 -32.59
CA LEU H 84 6.09 -5.00 -32.54
C LEU H 84 6.93 -4.70 -33.77
N GLN H 85 7.70 -5.68 -34.22
CA GLN H 85 8.56 -5.50 -35.38
C GLN H 85 7.75 -5.04 -36.59
N THR H 86 6.54 -5.56 -36.73
CA THR H 86 5.69 -5.20 -37.85
C THR H 86 5.54 -3.68 -37.93
N THR H 87 5.58 -3.02 -36.78
CA THR H 87 5.45 -1.56 -36.74
C THR H 87 6.70 -0.90 -37.30
N LYS H 88 7.81 -1.63 -37.32
CA LYS H 88 9.07 -1.09 -37.83
C LYS H 88 8.89 -0.61 -39.26
N GLU H 89 8.20 -1.42 -40.06
CA GLU H 89 7.94 -1.07 -41.45
C GLU H 89 6.96 0.10 -41.51
N GLY I 1 -20.12 29.94 -22.33
CA GLY I 1 -19.71 28.80 -23.14
C GLY I 1 -19.74 27.51 -22.33
N ARG I 2 -20.93 26.94 -22.19
CA ARG I 2 -21.09 25.71 -21.42
C ARG I 2 -20.02 24.68 -21.79
N ALA I 3 -19.27 24.96 -22.85
CA ALA I 3 -18.23 24.05 -23.31
C ALA I 3 -17.28 23.67 -22.17
N ARG I 4 -16.85 24.65 -21.38
CA ARG I 4 -15.94 24.38 -20.28
C ARG I 4 -16.59 23.43 -19.27
N ASP I 5 -17.83 23.73 -18.91
CA ASP I 5 -18.55 22.92 -17.95
C ASP I 5 -18.79 21.50 -18.44
N ALA I 6 -19.08 21.35 -19.73
CA ALA I 6 -19.34 20.03 -20.28
C ALA I 6 -18.12 19.12 -20.14
N ILE I 7 -16.98 19.58 -20.61
CA ILE I 7 -15.76 18.79 -20.53
C ILE I 7 -15.47 18.44 -19.08
N LEU I 8 -15.52 19.44 -18.23
CA LEU I 8 -15.21 19.25 -16.83
C LEU I 8 -16.00 18.09 -16.23
N ASP I 9 -17.31 18.10 -16.41
CA ASP I 9 -18.15 17.07 -15.83
C ASP I 9 -17.73 15.66 -16.24
N ALA I 10 -17.47 15.46 -17.52
CA ALA I 10 -17.09 14.14 -18.01
C ALA I 10 -15.66 13.74 -17.63
N LEU I 11 -14.70 14.60 -17.92
CA LEU I 11 -13.30 14.28 -17.63
C LEU I 11 -13.12 13.79 -16.20
N GLU I 12 -13.85 14.41 -15.27
CA GLU I 12 -13.78 14.05 -13.85
C GLU I 12 -14.27 12.62 -13.58
N ASN I 13 -14.96 12.02 -14.54
CA ASN I 13 -15.49 10.66 -14.38
C ASN I 13 -14.46 9.58 -14.71
N LEU I 14 -13.20 9.97 -14.91
CA LEU I 14 -12.15 9.00 -15.23
C LEU I 14 -11.40 8.59 -13.96
N SER I 15 -10.98 7.32 -13.91
CA SER I 15 -10.25 6.83 -12.75
C SER I 15 -8.84 7.42 -12.72
N GLY I 16 -8.24 7.41 -11.53
CA GLY I 16 -6.90 7.99 -11.35
C GLY I 16 -5.86 7.47 -12.34
N ASP I 17 -5.83 6.17 -12.59
CA ASP I 17 -4.82 5.61 -13.49
C ASP I 17 -5.01 6.06 -14.95
N GLU I 18 -6.22 5.95 -15.46
CA GLU I 18 -6.49 6.32 -16.84
C GLU I 18 -6.11 7.77 -17.07
N LEU I 19 -6.31 8.59 -16.05
CA LEU I 19 -5.99 10.00 -16.15
C LEU I 19 -4.54 10.17 -16.61
N LYS I 20 -3.62 9.45 -15.98
CA LYS I 20 -2.23 9.58 -16.36
C LYS I 20 -2.09 9.19 -17.82
N LYS I 21 -2.78 8.13 -18.21
CA LYS I 21 -2.69 7.67 -19.58
C LYS I 21 -3.16 8.73 -20.54
N PHE I 22 -4.22 9.43 -20.16
CA PHE I 22 -4.76 10.46 -21.02
C PHE I 22 -3.80 11.64 -21.15
N LYS I 23 -3.39 12.20 -20.02
CA LYS I 23 -2.49 13.35 -20.05
C LYS I 23 -1.22 13.05 -20.84
N MET I 24 -0.60 11.92 -20.53
CA MET I 24 0.62 11.53 -21.21
C MET I 24 0.42 11.36 -22.72
N LYS I 25 -0.67 10.71 -23.11
CA LYS I 25 -0.91 10.48 -24.54
C LYS I 25 -1.13 11.80 -25.27
N LEU I 26 -1.74 12.76 -24.58
CA LEU I 26 -2.02 14.05 -25.18
C LEU I 26 -0.75 14.70 -25.69
N LEU I 27 0.32 14.51 -24.95
CA LEU I 27 1.61 15.08 -25.32
C LEU I 27 2.08 14.54 -26.67
N THR I 28 1.72 13.30 -26.98
CA THR I 28 2.16 12.68 -28.23
C THR I 28 1.10 12.72 -29.34
N VAL I 29 -0.06 13.30 -29.07
CA VAL I 29 -1.11 13.35 -30.08
C VAL I 29 -0.83 14.44 -31.10
N GLN I 30 -1.23 14.18 -32.35
CA GLN I 30 -1.02 15.16 -33.43
C GLN I 30 -2.09 16.23 -33.39
N LEU I 31 -1.65 17.48 -33.53
CA LEU I 31 -2.55 18.62 -33.48
C LEU I 31 -2.56 19.38 -34.80
N ARG I 32 -3.64 20.11 -35.05
CA ARG I 32 -3.76 20.91 -36.26
C ARG I 32 -2.73 22.04 -36.24
N GLU I 33 -2.28 22.46 -37.42
CA GLU I 33 -1.28 23.52 -37.53
C GLU I 33 -1.83 24.88 -37.10
N GLY I 34 -0.96 25.71 -36.53
CA GLY I 34 -1.35 27.04 -36.07
C GLY I 34 -1.61 27.06 -34.57
N TYR I 35 -1.30 25.95 -33.91
CA TYR I 35 -1.50 25.84 -32.46
C TYR I 35 -0.22 25.44 -31.76
N GLY I 36 -0.13 25.75 -30.48
CA GLY I 36 1.06 25.42 -29.69
C GLY I 36 0.91 24.09 -28.95
N ARG I 37 1.97 23.69 -28.27
CA ARG I 37 1.97 22.45 -27.51
C ARG I 37 2.16 22.84 -26.05
N ILE I 38 1.56 22.07 -25.15
CA ILE I 38 1.62 22.40 -23.72
C ILE I 38 2.91 21.87 -23.08
N PRO I 39 3.60 22.72 -22.32
CA PRO I 39 4.87 22.33 -21.64
C PRO I 39 4.73 21.04 -20.85
N ARG I 40 5.71 20.17 -20.99
CA ARG I 40 5.67 18.88 -20.30
C ARG I 40 5.67 19.06 -18.77
N GLY I 41 6.52 19.94 -18.27
CA GLY I 41 6.63 20.14 -16.82
C GLY I 41 5.30 20.47 -16.14
N ALA I 42 4.53 21.38 -16.71
CA ALA I 42 3.26 21.78 -16.11
C ALA I 42 2.24 20.64 -16.12
N LEU I 43 2.17 19.93 -17.23
CA LEU I 43 1.21 18.85 -17.36
C LEU I 43 1.41 17.75 -16.32
N LEU I 44 2.65 17.43 -16.01
CA LEU I 44 2.94 16.35 -15.06
C LEU I 44 2.38 16.60 -13.67
N GLN I 45 2.34 17.85 -13.22
CA GLN I 45 1.84 18.14 -11.87
C GLN I 45 0.45 18.78 -11.86
N MET I 46 -0.16 18.93 -13.03
CA MET I 46 -1.48 19.56 -13.12
C MET I 46 -2.60 18.70 -12.51
N ASP I 47 -3.70 19.36 -12.18
CA ASP I 47 -4.88 18.71 -11.60
C ASP I 47 -5.98 18.58 -12.66
N ALA I 48 -6.95 17.71 -12.41
CA ALA I 48 -8.04 17.50 -13.35
C ALA I 48 -8.83 18.79 -13.60
N ILE I 49 -9.17 19.53 -12.56
CA ILE I 49 -9.91 20.77 -12.75
C ILE I 49 -9.06 21.80 -13.49
N ASP I 50 -7.83 21.97 -13.03
CA ASP I 50 -6.91 22.93 -13.63
C ASP I 50 -6.71 22.60 -15.10
N LEU I 51 -6.57 21.31 -15.39
CA LEU I 51 -6.36 20.86 -16.74
C LEU I 51 -7.50 21.34 -17.64
N THR I 52 -8.68 21.44 -17.08
CA THR I 52 -9.85 21.89 -17.83
C THR I 52 -9.66 23.31 -18.34
N ASP I 53 -9.35 24.22 -17.42
CA ASP I 53 -9.17 25.62 -17.80
C ASP I 53 -8.02 25.78 -18.78
N LYS I 54 -6.93 25.11 -18.52
CA LYS I 54 -5.76 25.19 -19.40
C LYS I 54 -6.07 24.65 -20.78
N LEU I 55 -6.75 23.50 -20.82
CA LEU I 55 -7.07 22.86 -22.09
C LEU I 55 -7.81 23.79 -23.04
N VAL I 56 -8.81 24.49 -22.54
CA VAL I 56 -9.58 25.38 -23.38
C VAL I 56 -8.81 26.65 -23.74
N SER I 57 -8.06 27.19 -22.80
CA SER I 57 -7.32 28.44 -23.06
C SER I 57 -6.42 28.35 -24.28
N TYR I 58 -5.85 27.18 -24.53
CA TYR I 58 -4.95 27.01 -25.68
C TYR I 58 -5.71 26.85 -26.99
N TYR I 59 -6.82 26.10 -26.96
CA TYR I 59 -7.59 25.87 -28.18
C TYR I 59 -8.98 26.44 -28.07
N LEU I 60 -9.51 26.92 -29.19
CA LEU I 60 -10.84 27.49 -29.20
C LEU I 60 -11.84 26.46 -28.69
N GLU I 61 -12.96 26.93 -28.15
CA GLU I 61 -13.97 26.03 -27.61
C GLU I 61 -14.46 25.04 -28.66
N SER I 62 -14.75 25.53 -29.86
CA SER I 62 -15.25 24.65 -30.91
C SER I 62 -14.25 23.54 -31.22
N TYR I 63 -13.07 23.93 -31.66
CA TYR I 63 -12.04 22.96 -32.00
C TYR I 63 -11.59 22.18 -30.77
N GLY I 64 -11.62 22.85 -29.62
CA GLY I 64 -11.20 22.21 -28.37
C GLY I 64 -12.03 20.97 -28.07
N LEU I 65 -13.34 21.07 -28.23
CA LEU I 65 -14.22 19.94 -27.95
C LEU I 65 -13.96 18.77 -28.90
N GLU I 66 -13.75 19.07 -30.17
CA GLU I 66 -13.50 18.01 -31.15
C GLU I 66 -12.19 17.28 -30.85
N LEU I 67 -11.18 18.04 -30.46
CA LEU I 67 -9.87 17.48 -30.18
C LEU I 67 -9.92 16.50 -28.99
N THR I 68 -10.71 16.84 -27.98
CA THR I 68 -10.80 15.97 -26.81
C THR I 68 -11.30 14.59 -27.20
N MET I 69 -12.40 14.55 -27.93
CA MET I 69 -12.98 13.27 -28.33
C MET I 69 -12.00 12.43 -29.09
N THR I 70 -11.22 13.07 -29.93
CA THR I 70 -10.25 12.35 -30.74
C THR I 70 -9.35 11.50 -29.85
N VAL I 71 -8.95 12.06 -28.70
CA VAL I 71 -8.09 11.34 -27.78
C VAL I 71 -8.85 10.29 -26.96
N LEU I 72 -10.08 10.60 -26.56
CA LEU I 72 -10.87 9.63 -25.79
C LEU I 72 -11.06 8.34 -26.55
N ARG I 73 -11.49 8.44 -27.79
CA ARG I 73 -11.66 7.22 -28.53
C ARG I 73 -10.34 6.51 -28.66
N ASP I 74 -9.27 7.27 -28.87
CA ASP I 74 -7.96 6.66 -29.10
C ASP I 74 -7.61 5.66 -27.97
N MET I 75 -7.92 6.03 -26.72
CA MET I 75 -7.65 5.15 -25.59
C MET I 75 -8.65 4.01 -25.60
N GLY I 76 -9.47 4.00 -26.64
CA GLY I 76 -10.51 2.99 -26.80
C GLY I 76 -11.86 3.68 -26.80
N LEU I 77 -12.86 3.05 -27.41
CA LEU I 77 -14.18 3.66 -27.45
C LEU I 77 -14.82 3.58 -26.08
N GLN I 78 -15.15 4.75 -25.54
CA GLN I 78 -15.77 4.81 -24.24
C GLN I 78 -17.19 5.33 -24.38
N GLU I 79 -18.11 4.80 -23.59
CA GLU I 79 -19.46 5.30 -23.66
C GLU I 79 -19.39 6.77 -23.37
N LEU I 80 -18.39 7.09 -22.55
CA LEU I 80 -18.12 8.45 -22.15
C LEU I 80 -17.79 9.33 -23.36
N ALA I 81 -17.00 8.80 -24.28
CA ALA I 81 -16.63 9.56 -25.46
C ALA I 81 -17.86 10.02 -26.22
N GLU I 82 -18.79 9.09 -26.45
CA GLU I 82 -20.01 9.44 -27.17
C GLU I 82 -20.89 10.34 -26.32
N GLN I 83 -20.99 10.04 -25.02
CA GLN I 83 -21.83 10.85 -24.15
C GLN I 83 -21.51 12.33 -24.31
N LEU I 84 -20.22 12.63 -24.42
CA LEU I 84 -19.79 14.00 -24.59
C LEU I 84 -20.25 14.55 -25.95
N GLN I 85 -20.18 13.71 -26.97
CA GLN I 85 -20.58 14.13 -28.31
C GLN I 85 -22.00 14.66 -28.33
N THR I 86 -22.87 14.05 -27.53
CA THR I 86 -24.26 14.50 -27.47
C THR I 86 -24.33 15.98 -27.18
N THR I 87 -23.36 16.49 -26.40
CA THR I 87 -23.33 17.90 -26.06
C THR I 87 -22.98 18.75 -27.28
N LYS I 88 -22.35 18.13 -28.27
CA LYS I 88 -21.97 18.86 -29.49
C LYS I 88 -23.19 19.51 -30.13
N GLU I 89 -24.28 18.75 -30.19
CA GLU I 89 -25.52 19.27 -30.75
C GLU I 89 -26.10 20.33 -29.83
N GLY J 1 -25.91 44.78 7.47
CA GLY J 1 -26.36 43.80 6.49
C GLY J 1 -25.80 42.42 6.80
N ARG J 2 -26.44 41.74 7.73
CA ARG J 2 -25.99 40.41 8.13
C ARG J 2 -25.67 39.54 6.92
N ALA J 3 -26.06 40.01 5.73
CA ALA J 3 -25.83 39.27 4.50
C ALA J 3 -24.36 38.84 4.37
N ARG J 4 -23.43 39.74 4.65
CA ARG J 4 -22.02 39.41 4.56
C ARG J 4 -21.66 38.28 5.52
N ASP J 5 -22.12 38.42 6.75
CA ASP J 5 -21.82 37.42 7.77
C ASP J 5 -22.43 36.06 7.46
N ALA J 6 -23.62 36.06 6.89
CA ALA J 6 -24.29 34.81 6.57
C ALA J 6 -23.49 34.00 5.56
N ILE J 7 -23.15 34.63 4.44
CA ILE J 7 -22.38 33.94 3.41
C ILE J 7 -21.07 33.43 3.98
N LEU J 8 -20.38 34.30 4.68
CA LEU J 8 -19.09 33.97 5.25
C LEU J 8 -19.14 32.67 6.05
N ASP J 9 -20.09 32.59 6.98
CA ASP J 9 -20.18 31.40 7.83
C ASP J 9 -20.33 30.11 7.04
N ALA J 10 -21.20 30.11 6.04
CA ALA J 10 -21.41 28.90 5.26
C ALA J 10 -20.27 28.58 4.28
N LEU J 11 -19.87 29.56 3.49
CA LEU J 11 -18.80 29.34 2.51
C LEU J 11 -17.58 28.69 3.15
N GLU J 12 -17.26 29.11 4.37
CA GLU J 12 -16.11 28.58 5.10
C GLU J 12 -16.26 27.07 5.44
N ASN J 13 -17.48 26.54 5.31
CA ASN J 13 -17.73 25.13 5.62
C ASN J 13 -17.42 24.21 4.44
N LEU J 14 -16.80 24.74 3.39
CA LEU J 14 -16.45 23.91 2.23
C LEU J 14 -15.01 23.41 2.33
N SER J 15 -14.78 22.19 1.83
CA SER J 15 -13.45 21.62 1.88
C SER J 15 -12.54 22.33 0.88
N GLY J 16 -11.23 22.21 1.09
CA GLY J 16 -10.25 22.88 0.25
C GLY J 16 -10.42 22.60 -1.25
N ASP J 17 -10.66 21.35 -1.62
CA ASP J 17 -10.79 21.02 -3.04
C ASP J 17 -12.04 21.63 -3.69
N GLU J 18 -13.19 21.47 -3.05
CA GLU J 18 -14.42 21.99 -3.61
C GLU J 18 -14.31 23.49 -3.82
N LEU J 19 -13.58 24.15 -2.94
CA LEU J 19 -13.39 25.58 -3.03
C LEU J 19 -12.86 25.94 -4.42
N LYS J 20 -11.85 25.23 -4.88
CA LYS J 20 -11.31 25.55 -6.19
C LYS J 20 -12.38 25.36 -7.23
N LYS J 21 -13.17 24.31 -7.07
CA LYS J 21 -14.22 24.03 -8.03
C LYS J 21 -15.22 25.17 -8.06
N PHE J 22 -15.52 25.71 -6.90
CA PHE J 22 -16.49 26.80 -6.83
C PHE J 22 -15.95 28.06 -7.49
N LYS J 23 -14.77 28.50 -7.05
CA LYS J 23 -14.19 29.73 -7.60
C LYS J 23 -14.06 29.64 -9.12
N MET J 24 -13.50 28.55 -9.60
CA MET J 24 -13.31 28.37 -11.03
C MET J 24 -14.64 28.38 -11.78
N LYS J 25 -15.63 27.69 -11.26
CA LYS J 25 -16.93 27.63 -11.96
C LYS J 25 -17.58 29.00 -12.02
N LEU J 26 -17.36 29.80 -10.98
CA LEU J 26 -17.94 31.13 -10.92
C LEU J 26 -17.54 31.96 -12.12
N LEU J 27 -16.31 31.78 -12.55
CA LEU J 27 -15.80 32.50 -13.71
C LEU J 27 -16.60 32.19 -14.97
N THR J 28 -17.13 30.97 -15.06
CA THR J 28 -17.88 30.56 -16.25
C THR J 28 -19.40 30.65 -16.06
N VAL J 29 -19.86 31.08 -14.90
CA VAL J 29 -21.30 31.16 -14.67
C VAL J 29 -21.89 32.40 -15.33
N GLN J 30 -23.14 32.27 -15.80
CA GLN J 30 -23.82 33.39 -16.46
C GLN J 30 -24.38 34.36 -15.42
N LEU J 31 -24.17 35.65 -15.67
CA LEU J 31 -24.62 36.69 -14.75
C LEU J 31 -25.64 37.61 -15.42
N ARG J 32 -26.45 38.27 -14.59
CA ARG J 32 -27.44 39.20 -15.10
C ARG J 32 -26.75 40.41 -15.73
N GLU J 33 -27.39 41.01 -16.73
CA GLU J 33 -26.82 42.17 -17.42
C GLU J 33 -26.74 43.40 -16.52
N GLY J 34 -25.72 44.23 -16.74
CA GLY J 34 -25.53 45.46 -15.95
C GLY J 34 -24.49 45.25 -14.85
N TYR J 35 -23.83 44.10 -14.88
CA TYR J 35 -22.82 43.77 -13.87
C TYR J 35 -21.50 43.40 -14.53
N GLY J 36 -20.41 43.55 -13.78
CA GLY J 36 -19.09 43.24 -14.30
C GLY J 36 -18.66 41.81 -13.94
N ARG J 37 -17.49 41.42 -14.43
CA ARG J 37 -16.93 40.10 -14.17
C ARG J 37 -15.66 40.30 -13.39
N ILE J 38 -15.35 39.37 -12.50
CA ILE J 38 -14.17 39.52 -11.65
C ILE J 38 -12.91 39.03 -12.36
N PRO J 39 -11.84 39.83 -12.33
CA PRO J 39 -10.54 39.47 -12.98
C PRO J 39 -10.06 38.09 -12.60
N ARG J 40 -9.62 37.33 -13.59
CA ARG J 40 -9.15 35.98 -13.35
C ARG J 40 -7.94 35.94 -12.40
N GLY J 41 -6.98 36.82 -12.64
CA GLY J 41 -5.76 36.84 -11.84
C GLY J 41 -6.01 36.96 -10.32
N ALA J 42 -6.88 37.86 -9.93
CA ALA J 42 -7.16 38.05 -8.51
C ALA J 42 -7.84 36.84 -7.87
N LEU J 43 -8.80 36.28 -8.59
CA LEU J 43 -9.55 35.14 -8.08
C LEU J 43 -8.65 33.93 -7.78
N LEU J 44 -7.66 33.68 -8.64
CA LEU J 44 -6.79 32.53 -8.46
C LEU J 44 -6.02 32.54 -7.15
N GLN J 45 -5.62 33.71 -6.67
CA GLN J 45 -4.84 33.78 -5.42
C GLN J 45 -5.65 34.29 -4.22
N MET J 46 -6.95 34.52 -4.42
CA MET J 46 -7.78 35.04 -3.32
C MET J 46 -8.02 34.01 -2.21
N ASP J 47 -8.40 34.52 -1.03
CA ASP J 47 -8.69 33.68 0.13
C ASP J 47 -10.20 33.59 0.35
N ALA J 48 -10.63 32.61 1.13
CA ALA J 48 -12.06 32.44 1.40
C ALA J 48 -12.68 33.67 2.06
N ILE J 49 -12.01 34.23 3.06
CA ILE J 49 -12.57 35.41 3.73
C ILE J 49 -12.57 36.60 2.78
N ASP J 50 -11.45 36.81 2.11
CA ASP J 50 -11.33 37.92 1.17
C ASP J 50 -12.38 37.82 0.08
N LEU J 51 -12.59 36.60 -0.40
CA LEU J 51 -13.56 36.35 -1.43
C LEU J 51 -14.94 36.84 -1.01
N THR J 52 -15.21 36.75 0.29
CA THR J 52 -16.50 37.19 0.82
C THR J 52 -16.70 38.68 0.59
N ASP J 53 -15.75 39.48 1.03
CA ASP J 53 -15.86 40.93 0.88
C ASP J 53 -15.95 41.32 -0.59
N LYS J 54 -15.11 40.72 -1.40
CA LYS J 54 -15.09 41.03 -2.82
C LYS J 54 -16.40 40.64 -3.49
N LEU J 55 -16.89 39.46 -3.16
CA LEU J 55 -18.13 38.96 -3.76
C LEU J 55 -19.29 39.93 -3.59
N VAL J 56 -19.47 40.46 -2.40
CA VAL J 56 -20.55 41.39 -2.16
C VAL J 56 -20.32 42.76 -2.79
N SER J 57 -19.09 43.24 -2.74
CA SER J 57 -18.78 44.57 -3.28
C SER J 57 -19.20 44.73 -4.73
N TYR J 58 -19.10 43.66 -5.51
CA TYR J 58 -19.47 43.72 -6.92
C TYR J 58 -20.99 43.66 -7.14
N TYR J 59 -21.68 42.83 -6.37
CA TYR J 59 -23.13 42.68 -6.53
C TYR J 59 -23.86 43.11 -5.26
N LEU J 60 -25.04 43.68 -5.44
CA LEU J 60 -25.83 44.12 -4.30
C LEU J 60 -26.09 42.94 -3.37
N GLU J 61 -26.31 43.24 -2.10
CA GLU J 61 -26.54 42.19 -1.11
C GLU J 61 -27.72 41.30 -1.50
N SER J 62 -28.82 41.91 -1.91
CA SER J 62 -30.00 41.14 -2.29
C SER J 62 -29.70 40.18 -3.43
N TYR J 63 -29.30 40.72 -4.56
CA TYR J 63 -29.00 39.91 -5.72
C TYR J 63 -27.78 39.02 -5.46
N GLY J 64 -26.85 39.52 -4.66
CA GLY J 64 -25.65 38.77 -4.34
C GLY J 64 -25.96 37.43 -3.70
N LEU J 65 -26.89 37.42 -2.74
CA LEU J 65 -27.27 36.19 -2.05
C LEU J 65 -27.91 35.19 -3.00
N GLU J 66 -28.78 35.66 -3.88
CA GLU J 66 -29.46 34.78 -4.83
C GLU J 66 -28.46 34.14 -5.78
N LEU J 67 -27.50 34.93 -6.24
CA LEU J 67 -26.50 34.44 -7.18
C LEU J 67 -25.65 33.32 -6.59
N THR J 68 -25.31 33.45 -5.32
CA THR J 68 -24.48 32.44 -4.68
C THR J 68 -25.15 31.08 -4.72
N MET J 69 -26.41 31.03 -4.30
CA MET J 69 -27.14 29.78 -4.27
C MET J 69 -27.19 29.13 -5.63
N THR J 70 -27.35 29.95 -6.64
CA THR J 70 -27.43 29.43 -7.99
C THR J 70 -26.22 28.55 -8.31
N VAL J 71 -25.04 29.00 -7.87
CA VAL J 71 -23.82 28.24 -8.10
C VAL J 71 -23.69 27.03 -7.17
N LEU J 72 -24.11 27.16 -5.91
CA LEU J 72 -24.02 26.04 -4.98
C LEU J 72 -24.80 24.85 -5.48
N ARG J 73 -26.04 25.06 -5.86
CA ARG J 73 -26.79 23.94 -6.35
C ARG J 73 -26.13 23.39 -7.59
N ASP J 74 -25.62 24.27 -8.43
CA ASP J 74 -25.01 23.80 -9.69
C ASP J 74 -23.97 22.70 -9.45
N MET J 75 -23.15 22.88 -8.41
CA MET J 75 -22.12 21.89 -8.09
C MET J 75 -22.79 20.66 -7.47
N GLY J 76 -24.11 20.72 -7.45
CA GLY J 76 -24.92 19.65 -6.88
C GLY J 76 -25.71 20.21 -5.71
N LEU J 77 -26.84 19.57 -5.38
CA LEU J 77 -27.64 20.06 -4.26
C LEU J 77 -26.95 19.75 -2.96
N GLN J 78 -26.67 20.79 -2.21
CA GLN J 78 -26.00 20.63 -0.92
C GLN J 78 -26.95 21.03 0.20
N GLU J 79 -26.92 20.32 1.31
CA GLU J 79 -27.76 20.69 2.41
C GLU J 79 -27.41 22.12 2.74
N LEU J 80 -26.15 22.42 2.49
CA LEU J 80 -25.59 23.74 2.72
C LEU J 80 -26.31 24.79 1.88
N ALA J 81 -26.60 24.46 0.63
CA ALA J 81 -27.27 25.40 -0.26
C ALA J 81 -28.59 25.83 0.34
N GLU J 82 -29.39 24.87 0.79
CA GLU J 82 -30.68 25.18 1.38
C GLU J 82 -30.50 25.89 2.72
N GLN J 83 -29.55 25.42 3.52
CA GLN J 83 -29.31 26.03 4.83
C GLN J 83 -29.18 27.53 4.70
N LEU J 84 -28.48 27.96 3.67
CA LEU J 84 -28.28 29.38 3.45
C LEU J 84 -29.60 30.05 3.08
N GLN J 85 -30.42 29.36 2.29
CA GLN J 85 -31.70 29.92 1.86
C GLN J 85 -32.55 30.33 3.05
N THR J 86 -32.48 29.53 4.12
CA THR J 86 -33.24 29.83 5.32
C THR J 86 -32.98 31.27 5.78
N THR J 87 -31.77 31.75 5.55
CA THR J 87 -31.40 33.10 5.95
C THR J 87 -32.11 34.13 5.08
N LYS J 88 -32.55 33.71 3.89
CA LYS J 88 -33.24 34.61 2.98
C LYS J 88 -34.46 35.23 3.67
N GLU J 89 -35.21 34.39 4.37
CA GLU J 89 -36.39 34.86 5.09
C GLU J 89 -35.96 35.73 6.26
N GLY K 1 -29.86 -13.12 20.13
CA GLY K 1 -30.71 -14.03 19.37
C GLY K 1 -30.08 -15.41 19.30
N ARG K 2 -30.25 -16.19 20.35
CA ARG K 2 -29.69 -17.54 20.41
C ARG K 2 -29.94 -18.29 19.11
N ALA K 3 -30.80 -17.74 18.25
CA ALA K 3 -31.14 -18.38 16.98
C ALA K 3 -29.88 -18.76 16.20
N ARG K 4 -28.92 -17.85 16.12
CA ARG K 4 -27.69 -18.14 15.39
C ARG K 4 -26.95 -19.33 16.00
N ASP K 5 -26.83 -19.30 17.32
CA ASP K 5 -26.12 -20.36 18.02
C ASP K 5 -26.82 -21.71 17.90
N ALA K 6 -28.15 -21.70 17.91
CA ALA K 6 -28.89 -22.95 17.81
C ALA K 6 -28.63 -23.65 16.48
N ILE K 7 -28.80 -22.93 15.39
CA ILE K 7 -28.57 -23.51 14.08
C ILE K 7 -27.13 -24.03 13.97
N LEU K 8 -26.20 -23.19 14.37
CA LEU K 8 -24.79 -23.54 14.29
C LEU K 8 -24.51 -24.89 14.93
N ASP K 9 -24.96 -25.08 16.16
CA ASP K 9 -24.69 -26.32 16.87
C ASP K 9 -25.17 -27.56 16.12
N ALA K 10 -26.39 -27.51 15.60
CA ALA K 10 -26.94 -28.66 14.89
C ALA K 10 -26.33 -28.86 13.49
N LEU K 11 -26.32 -27.81 12.68
CA LEU K 11 -25.79 -27.93 11.33
C LEU K 11 -24.42 -28.59 11.31
N GLU K 12 -23.59 -28.26 12.31
CA GLU K 12 -22.24 -28.82 12.41
C GLU K 12 -22.24 -30.34 12.65
N ASN K 13 -23.39 -30.90 13.03
CA ASN K 13 -23.50 -32.34 13.30
C ASN K 13 -23.75 -33.15 12.04
N LEU K 14 -23.65 -32.52 10.86
CA LEU K 14 -23.85 -33.25 9.60
C LEU K 14 -22.52 -33.72 9.03
N SER K 15 -22.53 -34.88 8.38
CA SER K 15 -21.32 -35.42 7.79
C SER K 15 -20.92 -34.62 6.55
N GLY K 16 -19.66 -34.71 6.17
CA GLY K 16 -19.14 -33.95 5.03
C GLY K 16 -19.96 -34.12 3.75
N ASP K 17 -20.34 -35.34 3.42
CA ASP K 17 -21.08 -35.57 2.18
C ASP K 17 -22.48 -34.95 2.19
N GLU K 18 -23.24 -35.18 3.25
CA GLU K 18 -24.59 -34.65 3.34
C GLU K 18 -24.56 -33.13 3.22
N LEU K 19 -23.51 -32.53 3.75
CA LEU K 19 -23.37 -31.09 3.70
C LEU K 19 -23.51 -30.61 2.25
N LYS K 20 -22.80 -31.26 1.34
CA LYS K 20 -22.87 -30.82 -0.05
C LYS K 20 -24.30 -30.96 -0.52
N LYS K 21 -24.95 -32.04 -0.13
CA LYS K 21 -26.32 -32.27 -0.55
C LYS K 21 -27.22 -31.17 -0.05
N PHE K 22 -26.99 -30.72 1.17
CA PHE K 22 -27.80 -29.67 1.74
C PHE K 22 -27.60 -28.35 1.02
N LYS K 23 -26.34 -27.91 0.94
CA LYS K 23 -26.05 -26.63 0.28
C LYS K 23 -26.60 -26.59 -1.13
N MET K 24 -26.32 -27.63 -1.90
CA MET K 24 -26.77 -27.70 -3.27
C MET K 24 -28.29 -27.66 -3.37
N LYS K 25 -28.98 -28.42 -2.53
CA LYS K 25 -30.44 -28.45 -2.60
C LYS K 25 -31.04 -27.10 -2.26
N LEU K 26 -30.38 -26.38 -1.35
CA LEU K 26 -30.87 -25.07 -0.93
C LEU K 26 -31.02 -24.14 -2.13
N LEU K 27 -30.11 -24.26 -3.06
CA LEU K 27 -30.14 -23.44 -4.26
C LEU K 27 -31.42 -23.67 -5.06
N THR K 28 -31.95 -24.89 -5.01
CA THR K 28 -33.14 -25.23 -5.78
C THR K 28 -34.43 -25.19 -4.95
N VAL K 29 -34.33 -24.87 -3.66
CA VAL K 29 -35.53 -24.85 -2.82
C VAL K 29 -36.33 -23.58 -3.06
N GLN K 30 -37.66 -23.70 -2.95
CA GLN K 30 -38.55 -22.55 -3.15
C GLN K 30 -38.59 -21.69 -1.90
N LEU K 31 -38.49 -20.38 -2.10
CA LEU K 31 -38.49 -19.42 -1.00
C LEU K 31 -39.69 -18.48 -1.08
N ARG K 32 -40.05 -17.92 0.07
CA ARG K 32 -41.16 -16.98 0.12
C ARG K 32 -40.80 -15.69 -0.64
N GLU K 33 -41.80 -15.04 -1.21
CA GLU K 33 -41.59 -13.81 -1.98
C GLU K 33 -41.11 -12.65 -1.11
N GLY K 34 -40.28 -11.78 -1.68
CA GLY K 34 -39.76 -10.62 -0.96
C GLY K 34 -38.35 -10.88 -0.45
N TYR K 35 -37.77 -12.01 -0.85
CA TYR K 35 -36.43 -12.38 -0.42
C TYR K 35 -35.53 -12.67 -1.62
N GLY K 36 -34.23 -12.54 -1.40
CA GLY K 36 -33.26 -12.78 -2.48
C GLY K 36 -32.74 -14.22 -2.46
N ARG K 37 -31.90 -14.53 -3.44
CA ARG K 37 -31.30 -15.86 -3.55
C ARG K 37 -29.81 -15.69 -3.39
N ILE K 38 -29.15 -16.67 -2.81
CA ILE K 38 -27.71 -16.55 -2.55
C ILE K 38 -26.89 -16.95 -3.78
N PRO K 39 -25.90 -16.13 -4.15
CA PRO K 39 -25.04 -16.40 -5.33
C PRO K 39 -24.45 -17.80 -5.30
N ARG K 40 -24.49 -18.46 -6.45
CA ARG K 40 -23.97 -19.83 -6.54
C ARG K 40 -22.48 -19.90 -6.23
N GLY K 41 -21.70 -18.98 -6.79
CA GLY K 41 -20.25 -18.98 -6.61
C GLY K 41 -19.82 -18.99 -5.13
N ALA K 42 -20.43 -18.14 -4.32
CA ALA K 42 -20.04 -18.06 -2.90
C ALA K 42 -20.40 -19.34 -2.15
N LEU K 43 -21.58 -19.88 -2.41
CA LEU K 43 -22.03 -21.07 -1.73
C LEU K 43 -21.11 -22.27 -1.95
N LEU K 44 -20.60 -22.42 -3.16
CA LEU K 44 -19.74 -23.57 -3.48
C LEU K 44 -18.49 -23.64 -2.64
N GLN K 45 -17.89 -22.49 -2.29
CA GLN K 45 -16.65 -22.50 -1.51
C GLN K 45 -16.85 -22.12 -0.04
N MET K 46 -18.10 -21.89 0.38
CA MET K 46 -18.37 -21.50 1.76
C MET K 46 -18.11 -22.62 2.78
N ASP K 47 -17.93 -22.20 4.04
CA ASP K 47 -17.70 -23.14 5.13
C ASP K 47 -18.96 -23.28 5.98
N ALA K 48 -19.00 -24.33 6.80
CA ALA K 48 -20.18 -24.58 7.64
C ALA K 48 -20.43 -23.42 8.61
N ILE K 49 -19.39 -22.91 9.26
CA ILE K 49 -19.59 -21.79 10.20
C ILE K 49 -20.00 -20.54 9.45
N ASP K 50 -19.28 -20.24 8.37
CA ASP K 50 -19.57 -19.06 7.56
C ASP K 50 -21.00 -19.11 7.04
N LEU K 51 -21.40 -20.29 6.60
CA LEU K 51 -22.73 -20.50 6.08
C LEU K 51 -23.78 -20.08 7.11
N THR K 52 -23.45 -20.27 8.38
CA THR K 52 -24.37 -19.91 9.44
C THR K 52 -24.65 -18.41 9.45
N ASP K 53 -23.60 -17.62 9.49
CA ASP K 53 -23.75 -16.18 9.54
C ASP K 53 -24.47 -15.67 8.28
N LYS K 54 -24.07 -16.18 7.14
CA LYS K 54 -24.67 -15.76 5.89
C LYS K 54 -26.14 -16.13 5.83
N LEU K 55 -26.46 -17.35 6.25
CA LEU K 55 -27.83 -17.84 6.20
C LEU K 55 -28.80 -16.91 6.94
N VAL K 56 -28.43 -16.48 8.12
CA VAL K 56 -29.30 -15.61 8.89
C VAL K 56 -29.34 -14.19 8.33
N SER K 57 -28.21 -13.68 7.88
CA SER K 57 -28.15 -12.30 7.37
C SER K 57 -29.18 -12.05 6.27
N TYR K 58 -29.43 -13.05 5.44
CA TYR K 58 -30.38 -12.88 4.34
C TYR K 58 -31.84 -12.96 4.81
N TYR K 59 -32.13 -13.88 5.73
CA TYR K 59 -33.50 -14.04 6.21
C TYR K 59 -33.61 -13.75 7.70
N LEU K 60 -34.74 -13.19 8.10
CA LEU K 60 -34.94 -12.86 9.50
C LEU K 60 -34.79 -14.11 10.35
N GLU K 61 -34.42 -13.93 11.61
CA GLU K 61 -34.22 -15.05 12.51
C GLU K 61 -35.45 -15.94 12.61
N SER K 62 -36.62 -15.33 12.76
CA SER K 62 -37.85 -16.11 12.88
C SER K 62 -38.08 -16.97 11.65
N TYR K 63 -38.22 -16.32 10.50
CA TYR K 63 -38.46 -17.04 9.27
C TYR K 63 -37.26 -17.91 8.90
N GLY K 64 -36.07 -17.44 9.26
CA GLY K 64 -34.85 -18.19 8.94
C GLY K 64 -34.87 -19.58 9.56
N LEU K 65 -35.28 -19.68 10.82
CA LEU K 65 -35.33 -20.98 11.49
C LEU K 65 -36.33 -21.93 10.85
N GLU K 66 -37.49 -21.40 10.48
CA GLU K 66 -38.52 -22.23 9.86
C GLU K 66 -38.05 -22.77 8.50
N LEU K 67 -37.37 -21.91 7.74
CA LEU K 67 -36.89 -22.30 6.42
C LEU K 67 -35.88 -23.44 6.49
N THR K 68 -35.02 -23.40 7.49
CA THR K 68 -34.00 -24.44 7.61
C THR K 68 -34.65 -25.81 7.76
N MET K 69 -35.59 -25.92 8.69
CA MET K 69 -36.24 -27.20 8.94
C MET K 69 -36.89 -27.73 7.68
N THR K 70 -37.47 -26.84 6.90
CA THR K 70 -38.14 -27.26 5.69
C THR K 70 -37.20 -28.08 4.81
N VAL K 71 -35.94 -27.64 4.72
CA VAL K 71 -34.94 -28.33 3.92
C VAL K 71 -34.43 -29.61 4.60
N LEU K 72 -34.26 -29.58 5.92
CA LEU K 72 -33.78 -30.77 6.63
C LEU K 72 -34.71 -31.95 6.42
N ARG K 73 -35.99 -31.74 6.63
CA ARG K 73 -36.89 -32.83 6.44
C ARG K 73 -36.84 -33.28 4.99
N ASP K 74 -36.74 -32.32 4.07
CA ASP K 74 -36.75 -32.66 2.65
C ASP K 74 -35.72 -33.75 2.32
N MET K 75 -34.52 -33.63 2.90
CA MET K 75 -33.47 -34.63 2.67
C MET K 75 -33.82 -35.91 3.41
N GLY K 76 -35.00 -35.89 4.02
CA GLY K 76 -35.48 -37.03 4.79
C GLY K 76 -35.67 -36.58 6.23
N LEU K 77 -36.55 -37.27 6.97
CA LEU K 77 -36.78 -36.89 8.35
C LEU K 77 -35.58 -37.28 9.20
N GLN K 78 -35.00 -36.30 9.84
CA GLN K 78 -33.84 -36.54 10.68
C GLN K 78 -34.21 -36.26 12.13
N GLU K 79 -33.69 -37.04 13.05
CA GLU K 79 -33.97 -36.79 14.44
C GLU K 79 -33.50 -35.37 14.71
N LEU K 80 -32.46 -35.02 13.95
CA LEU K 80 -31.86 -33.71 14.02
C LEU K 80 -32.85 -32.62 13.66
N ALA K 81 -33.67 -32.86 12.65
CA ALA K 81 -34.64 -31.87 12.22
C ALA K 81 -35.58 -31.52 13.37
N GLU K 82 -36.10 -32.54 14.04
CA GLU K 82 -37.00 -32.31 15.16
C GLU K 82 -36.25 -31.70 16.34
N GLN K 83 -35.04 -32.20 16.60
CA GLN K 83 -34.26 -31.70 17.72
C GLN K 83 -34.18 -30.19 17.67
N LEU K 84 -33.99 -29.65 16.47
CA LEU K 84 -33.90 -28.22 16.30
C LEU K 84 -35.24 -27.56 16.60
N GLN K 85 -36.33 -28.20 16.19
CA GLN K 85 -37.66 -27.66 16.42
C GLN K 85 -37.90 -27.37 17.89
N THR K 86 -37.37 -28.23 18.75
CA THR K 86 -37.54 -28.05 20.19
C THR K 86 -37.10 -26.66 20.60
N THR K 87 -36.09 -26.13 19.90
CA THR K 87 -35.58 -24.80 20.22
C THR K 87 -36.59 -23.72 19.82
N LYS K 88 -37.51 -24.06 18.92
CA LYS K 88 -38.52 -23.10 18.48
C LYS K 88 -39.31 -22.58 19.68
N GLU K 89 -39.68 -23.49 20.57
CA GLU K 89 -40.43 -23.11 21.76
C GLU K 89 -39.52 -22.31 22.70
N GLY L 1 -0.33 -4.22 33.95
CA GLY L 1 -1.49 -5.10 34.01
C GLY L 1 -1.23 -6.39 33.26
N ARG L 2 -0.55 -7.32 33.90
CA ARG L 2 -0.22 -8.60 33.29
C ARG L 2 -1.46 -9.20 32.60
N ALA L 3 -2.62 -8.61 32.85
CA ALA L 3 -3.86 -9.11 32.27
C ALA L 3 -3.74 -9.26 30.74
N ARG L 4 -3.17 -8.27 30.07
CA ARG L 4 -3.02 -8.35 28.62
C ARG L 4 -2.14 -9.53 28.24
N ASP L 5 -1.02 -9.67 28.92
CA ASP L 5 -0.08 -10.75 28.63
C ASP L 5 -0.68 -12.12 28.89
N ALA L 6 -1.48 -12.24 29.95
CA ALA L 6 -2.07 -13.52 30.29
C ALA L 6 -3.00 -14.02 29.17
N ILE L 7 -3.93 -13.17 28.77
CA ILE L 7 -4.86 -13.54 27.71
C ILE L 7 -4.09 -13.91 26.44
N LEU L 8 -3.16 -13.05 26.07
CA LEU L 8 -2.39 -13.26 24.87
C LEU L 8 -1.78 -14.65 24.82
N ASP L 9 -1.08 -15.04 25.87
CA ASP L 9 -0.42 -16.34 25.89
C ASP L 9 -1.37 -17.50 25.63
N ALA L 10 -2.53 -17.49 26.29
CA ALA L 10 -3.48 -18.59 26.12
C ALA L 10 -4.22 -18.54 24.78
N LEU L 11 -4.80 -17.40 24.45
CA LEU L 11 -5.56 -17.30 23.20
C LEU L 11 -4.77 -17.82 22.02
N GLU L 12 -3.47 -17.55 22.00
CA GLU L 12 -2.58 -17.98 20.92
C GLU L 12 -2.47 -19.52 20.84
N ASN L 13 -2.90 -20.23 21.88
CA ASN L 13 -2.83 -21.70 21.91
C ASN L 13 -4.02 -22.36 21.22
N LEU L 14 -4.86 -21.57 20.53
CA LEU L 14 -6.01 -22.14 19.83
C LEU L 14 -5.68 -22.40 18.37
N SER L 15 -6.25 -23.46 17.82
CA SER L 15 -6.02 -23.80 16.42
C SER L 15 -6.71 -22.81 15.50
N GLY L 16 -6.26 -22.74 14.26
CA GLY L 16 -6.79 -21.78 13.29
C GLY L 16 -8.31 -21.85 13.14
N ASP L 17 -8.87 -23.05 13.06
CA ASP L 17 -10.32 -23.18 12.87
C ASP L 17 -11.13 -22.69 14.07
N GLU L 18 -10.76 -23.15 15.26
CA GLU L 18 -11.49 -22.75 16.47
C GLU L 18 -11.50 -21.24 16.61
N LEU L 19 -10.41 -20.61 16.18
CA LEU L 19 -10.30 -19.17 16.26
C LEU L 19 -11.49 -18.52 15.59
N LYS L 20 -11.82 -18.97 14.38
CA LYS L 20 -12.94 -18.36 13.68
C LYS L 20 -14.18 -18.57 14.50
N LYS L 21 -14.33 -19.74 15.08
CA LYS L 21 -15.51 -20.04 15.88
C LYS L 21 -15.60 -19.10 17.05
N PHE L 22 -14.47 -18.81 17.66
CA PHE L 22 -14.46 -17.92 18.81
C PHE L 22 -14.84 -16.50 18.42
N LYS L 23 -14.13 -15.94 17.45
CA LYS L 23 -14.39 -14.56 17.03
C LYS L 23 -15.85 -14.38 16.62
N MET L 24 -16.34 -15.28 15.77
CA MET L 24 -17.71 -15.21 15.30
C MET L 24 -18.71 -15.29 16.44
N LYS L 25 -18.49 -16.22 17.37
CA LYS L 25 -19.44 -16.38 18.48
C LYS L 25 -19.46 -15.14 19.37
N LEU L 26 -18.32 -14.49 19.50
CA LEU L 26 -18.21 -13.30 20.34
C LEU L 26 -19.21 -12.24 19.88
N LEU L 27 -19.39 -12.16 18.59
CA LEU L 27 -20.32 -11.18 18.02
C LEU L 27 -21.74 -11.42 18.53
N THR L 28 -22.09 -12.68 18.78
CA THR L 28 -23.44 -13.02 19.21
C THR L 28 -23.57 -13.22 20.72
N VAL L 29 -22.48 -13.06 21.46
CA VAL L 29 -22.54 -13.25 22.91
C VAL L 29 -23.16 -12.05 23.60
N GLN L 30 -23.88 -12.30 24.70
CA GLN L 30 -24.51 -11.22 25.45
C GLN L 30 -23.51 -10.54 26.36
N LEU L 31 -23.55 -9.21 26.37
CA LEU L 31 -22.63 -8.41 27.17
C LEU L 31 -23.37 -7.58 28.21
N ARG L 32 -22.67 -7.21 29.26
CA ARG L 32 -23.25 -6.39 30.31
C ARG L 32 -23.57 -5.00 29.77
N GLU L 33 -24.59 -4.36 30.33
CA GLU L 33 -25.01 -3.03 29.88
C GLU L 33 -23.97 -1.96 30.20
N GLY L 34 -23.87 -0.95 29.34
CA GLY L 34 -22.93 0.15 29.53
C GLY L 34 -21.67 -0.05 28.70
N TYR L 35 -21.70 -1.05 27.82
CA TYR L 35 -20.55 -1.35 26.97
C TYR L 35 -20.97 -1.40 25.51
N GLY L 36 -20.00 -1.19 24.62
CA GLY L 36 -20.27 -1.19 23.19
C GLY L 36 -20.01 -2.55 22.56
N ARG L 37 -20.30 -2.66 21.27
CA ARG L 37 -20.09 -3.90 20.53
C ARG L 37 -19.05 -3.61 19.47
N ILE L 38 -18.23 -4.60 19.15
CA ILE L 38 -17.14 -4.40 18.19
C ILE L 38 -17.63 -4.55 16.75
N PRO L 39 -17.28 -3.60 15.88
CA PRO L 39 -17.71 -3.62 14.45
C PRO L 39 -17.40 -4.95 13.78
N ARG L 40 -18.37 -5.46 13.03
CA ARG L 40 -18.20 -6.74 12.36
C ARG L 40 -17.04 -6.72 11.36
N GLY L 41 -16.97 -5.66 10.56
CA GLY L 41 -15.93 -5.56 9.52
C GLY L 41 -14.50 -5.73 10.06
N ALA L 42 -14.18 -5.06 11.15
CA ALA L 42 -12.83 -5.14 11.71
C ALA L 42 -12.51 -6.53 12.24
N LEU L 43 -13.47 -7.13 12.93
CA LEU L 43 -13.26 -8.44 13.52
C LEU L 43 -12.94 -9.51 12.47
N LEU L 44 -13.59 -9.45 11.33
CA LEU L 44 -13.38 -10.46 10.27
C LEU L 44 -11.95 -10.53 9.77
N GLN L 45 -11.25 -9.39 9.70
CA GLN L 45 -9.87 -9.38 9.19
C GLN L 45 -8.82 -9.23 10.29
N MET L 46 -9.24 -9.17 11.54
CA MET L 46 -8.29 -8.99 12.64
C MET L 46 -7.38 -10.20 12.88
N ASP L 47 -6.26 -9.95 13.55
CA ASP L 47 -5.29 -10.99 13.88
C ASP L 47 -5.40 -11.37 15.35
N ALA L 48 -4.84 -12.51 15.71
CA ALA L 48 -4.89 -12.97 17.10
C ALA L 48 -4.22 -11.98 18.05
N ILE L 49 -3.05 -11.48 17.70
CA ILE L 49 -2.37 -10.52 18.59
C ILE L 49 -3.15 -9.21 18.66
N ASP L 50 -3.55 -8.72 17.50
CA ASP L 50 -4.31 -7.47 17.42
C ASP L 50 -5.59 -7.58 18.23
N LEU L 51 -6.24 -8.73 18.11
CA LEU L 51 -7.48 -8.98 18.81
C LEU L 51 -7.28 -8.80 20.31
N THR L 52 -6.09 -9.12 20.78
CA THR L 52 -5.79 -8.99 22.20
C THR L 52 -5.87 -7.55 22.66
N ASP L 53 -5.16 -6.67 21.97
CA ASP L 53 -5.15 -5.26 22.33
C ASP L 53 -6.55 -4.66 22.23
N LYS L 54 -7.23 -4.98 21.16
CA LYS L 54 -8.57 -4.46 20.94
C LYS L 54 -9.53 -4.94 22.02
N LEU L 55 -9.45 -6.24 22.32
CA LEU L 55 -10.35 -6.83 23.31
C LEU L 55 -10.32 -6.10 24.65
N VAL L 56 -9.13 -5.80 25.13
CA VAL L 56 -9.01 -5.13 26.41
C VAL L 56 -9.40 -3.65 26.32
N SER L 57 -9.04 -2.98 25.25
CA SER L 57 -9.34 -1.55 25.12
C SER L 57 -10.82 -1.25 25.29
N TYR L 58 -11.69 -2.15 24.84
CA TYR L 58 -13.13 -1.92 24.97
C TYR L 58 -13.66 -2.21 26.38
N TYR L 59 -13.14 -3.25 27.02
CA TYR L 59 -13.61 -3.61 28.36
C TYR L 59 -12.48 -3.53 29.37
N LEU L 60 -12.83 -3.13 30.59
CA LEU L 60 -11.82 -3.01 31.64
C LEU L 60 -11.12 -4.35 31.83
N GLU L 61 -9.89 -4.29 32.33
CA GLU L 61 -9.11 -5.52 32.52
C GLU L 61 -9.83 -6.51 33.42
N SER L 62 -10.39 -6.04 34.52
CA SER L 62 -11.08 -6.94 35.45
C SER L 62 -12.25 -7.64 34.76
N TYR L 63 -13.20 -6.87 34.29
CA TYR L 63 -14.36 -7.42 33.62
C TYR L 63 -13.96 -8.13 32.34
N GLY L 64 -12.93 -7.61 31.68
CA GLY L 64 -12.48 -8.19 30.42
C GLY L 64 -12.08 -9.65 30.59
N LEU L 65 -11.33 -9.95 31.65
CA LEU L 65 -10.89 -11.33 31.89
C LEU L 65 -12.07 -12.26 32.15
N GLU L 66 -13.04 -11.80 32.92
CA GLU L 66 -14.20 -12.63 33.24
C GLU L 66 -15.01 -12.94 31.98
N LEU L 67 -15.16 -11.93 31.12
CA LEU L 67 -15.93 -12.10 29.90
C LEU L 67 -15.32 -13.14 28.96
N THR L 68 -13.99 -13.15 28.88
CA THR L 68 -13.33 -14.10 28.01
C THR L 68 -13.67 -15.53 28.38
N MET L 69 -13.52 -15.86 29.66
CA MET L 69 -13.79 -17.20 30.12
C MET L 69 -15.20 -17.62 29.80
N THR L 70 -16.12 -16.70 29.93
CA THR L 70 -17.52 -17.01 29.67
C THR L 70 -17.68 -17.61 28.27
N VAL L 71 -16.95 -17.05 27.31
CA VAL L 71 -17.02 -17.54 25.93
C VAL L 71 -16.24 -18.84 25.74
N LEU L 72 -15.08 -18.98 26.40
CA LEU L 72 -14.30 -20.20 26.26
C LEU L 72 -15.08 -21.43 26.70
N ARG L 73 -15.68 -21.36 27.85
CA ARG L 73 -16.44 -22.49 28.28
C ARG L 73 -17.58 -22.74 27.31
N ASP L 74 -18.19 -21.66 26.83
CA ASP L 74 -19.35 -21.81 25.94
C ASP L 74 -19.03 -22.74 24.76
N MET L 75 -17.83 -22.60 24.19
CA MET L 75 -17.43 -23.45 23.07
C MET L 75 -17.12 -24.84 23.58
N GLY L 76 -17.36 -25.02 24.87
CA GLY L 76 -17.10 -26.29 25.55
C GLY L 76 -16.05 -26.06 26.62
N LEU L 77 -16.04 -26.91 27.64
CA LEU L 77 -15.07 -26.75 28.72
C LEU L 77 -13.68 -27.13 28.22
N GLN L 78 -12.77 -26.19 28.29
CA GLN L 78 -11.41 -26.44 27.85
C GLN L 78 -10.48 -26.38 29.03
N GLU L 79 -9.48 -27.24 29.06
CA GLU L 79 -8.53 -27.19 30.15
C GLU L 79 -7.96 -25.79 30.15
N LEU L 80 -7.91 -25.24 28.94
CA LEU L 80 -7.42 -23.90 28.71
C LEU L 80 -8.25 -22.87 29.45
N ALA L 81 -9.56 -23.05 29.44
CA ALA L 81 -10.45 -22.11 30.11
C ALA L 81 -10.09 -22.00 31.59
N GLU L 82 -9.93 -23.14 32.24
CA GLU L 82 -9.58 -23.15 33.65
C GLU L 82 -8.16 -22.63 33.85
N GLN L 83 -7.24 -23.06 32.99
CA GLN L 83 -5.85 -22.63 33.12
C GLN L 83 -5.76 -21.13 33.25
N LEU L 84 -6.57 -20.42 32.48
CA LEU L 84 -6.58 -18.98 32.52
C LEU L 84 -7.12 -18.49 33.86
N GLN L 85 -8.15 -19.17 34.37
CA GLN L 85 -8.76 -18.78 35.64
C GLN L 85 -7.71 -18.71 36.75
N THR L 86 -6.75 -19.64 36.72
CA THR L 86 -5.71 -19.66 37.73
C THR L 86 -5.04 -18.30 37.84
N THR L 87 -4.96 -17.59 36.72
CA THR L 87 -4.33 -16.27 36.71
C THR L 87 -5.20 -15.25 37.43
N LYS L 88 -6.50 -15.56 37.56
CA LYS L 88 -7.42 -14.65 38.24
C LYS L 88 -6.92 -14.36 39.66
N GLU L 89 -6.49 -15.41 40.34
CA GLU L 89 -5.97 -15.26 41.70
C GLU L 89 -4.64 -14.53 41.67
N GLY M 1 28.99 5.44 20.24
CA GLY M 1 28.28 4.46 21.06
C GLY M 1 27.78 3.30 20.21
N ARG M 2 28.67 2.37 19.91
CA ARG M 2 28.31 1.21 19.09
C ARG M 2 26.99 0.60 19.55
N ALA M 3 26.51 1.04 20.71
CA ALA M 3 25.26 0.51 21.26
C ALA M 3 24.12 0.56 20.23
N ARG M 4 23.99 1.68 19.54
CA ARG M 4 22.94 1.82 18.54
C ARG M 4 23.11 0.78 17.44
N ASP M 5 24.32 0.66 16.94
CA ASP M 5 24.62 -0.27 15.86
C ASP M 5 24.39 -1.73 16.28
N ALA M 6 24.74 -2.05 17.52
CA ALA M 6 24.57 -3.42 17.99
C ALA M 6 23.11 -3.85 17.98
N ILE M 7 22.25 -3.05 18.60
CA ILE M 7 20.85 -3.37 18.64
C ILE M 7 20.28 -3.49 17.23
N LEU M 8 20.60 -2.51 16.41
CA LEU M 8 20.11 -2.48 15.04
C LEU M 8 20.37 -3.79 14.32
N ASP M 9 21.62 -4.25 14.35
CA ASP M 9 21.98 -5.47 13.63
C ASP M 9 21.14 -6.67 14.05
N ALA M 10 20.96 -6.86 15.35
CA ALA M 10 20.19 -8.00 15.83
C ALA M 10 18.68 -7.86 15.62
N LEU M 11 18.11 -6.74 16.06
CA LEU M 11 16.68 -6.54 15.92
C LEU M 11 16.18 -6.83 14.51
N GLU M 12 16.99 -6.44 13.52
CA GLU M 12 16.64 -6.65 12.11
C GLU M 12 16.57 -8.14 11.73
N ASN M 13 17.11 -9.01 12.60
CA ASN M 13 17.10 -10.46 12.32
C ASN M 13 15.79 -11.13 12.75
N LEU M 14 14.78 -10.34 13.11
CA LEU M 14 13.49 -10.92 13.52
C LEU M 14 12.53 -10.96 12.33
N SER M 15 11.69 -11.98 12.30
CA SER M 15 10.72 -12.12 11.22
C SER M 15 9.62 -11.08 11.38
N GLY M 16 8.92 -10.80 10.29
CA GLY M 16 7.86 -9.79 10.28
C GLY M 16 6.82 -9.97 11.37
N ASP M 17 6.35 -11.21 11.59
CA ASP M 17 5.31 -11.44 12.59
C ASP M 17 5.79 -11.19 14.02
N GLU M 18 6.93 -11.75 14.38
CA GLU M 18 7.46 -11.59 15.72
C GLU M 18 7.65 -10.12 16.05
N LEU M 19 8.01 -9.35 15.03
CA LEU M 19 8.21 -7.93 15.21
C LEU M 19 6.97 -7.30 15.84
N LYS M 20 5.80 -7.62 15.32
CA LYS M 20 4.59 -7.04 15.88
C LYS M 20 4.46 -7.46 17.31
N LYS M 21 4.79 -8.71 17.59
CA LYS M 21 4.68 -9.22 18.95
C LYS M 21 5.59 -8.45 19.87
N PHE M 22 6.78 -8.14 19.39
CA PHE M 22 7.74 -7.41 20.21
C PHE M 22 7.26 -5.99 20.50
N LYS M 23 6.96 -5.25 19.44
CA LYS M 23 6.52 -3.86 19.61
C LYS M 23 5.32 -3.77 20.54
N MET M 24 4.32 -4.59 20.28
CA MET M 24 3.11 -4.58 21.08
C MET M 24 3.40 -4.90 22.54
N LYS M 25 4.22 -5.92 22.79
CA LYS M 25 4.51 -6.32 24.17
C LYS M 25 5.26 -5.22 24.92
N LEU M 26 6.09 -4.49 24.18
CA LEU M 26 6.88 -3.41 24.79
C LEU M 26 5.97 -2.39 25.46
N LEU M 27 4.83 -2.15 24.85
CA LEU M 27 3.86 -1.21 25.39
C LEU M 27 3.38 -1.65 26.77
N THR M 28 3.31 -2.95 26.99
CA THR M 28 2.81 -3.47 28.27
C THR M 28 3.92 -3.87 29.24
N VAL M 29 5.17 -3.71 28.85
CA VAL M 29 6.27 -4.10 29.73
C VAL M 29 6.51 -3.06 30.81
N GLN M 30 6.92 -3.52 32.00
CA GLN M 30 7.17 -2.62 33.12
C GLN M 30 8.54 -1.97 32.98
N LEU M 31 8.58 -0.67 33.22
CA LEU M 31 9.82 0.10 33.10
C LEU M 31 10.22 0.71 34.43
N ARG M 32 11.51 1.01 34.55
CA ARG M 32 12.03 1.62 35.77
C ARG M 32 11.47 3.04 35.92
N GLU M 33 11.32 3.51 37.15
CA GLU M 33 10.77 4.84 37.42
C GLU M 33 11.72 5.94 36.95
N GLY M 34 11.13 7.06 36.53
CA GLY M 34 11.92 8.21 36.07
C GLY M 34 12.00 8.25 34.54
N TYR M 35 11.25 7.36 33.89
CA TYR M 35 11.26 7.30 32.43
C TYR M 35 9.85 7.40 31.87
N GLY M 36 9.75 7.82 30.62
CA GLY M 36 8.44 7.98 29.98
C GLY M 36 8.04 6.73 29.19
N ARG M 37 6.84 6.77 28.63
CA ARG M 37 6.32 5.66 27.83
C ARG M 37 6.14 6.19 26.42
N ILE M 38 6.34 5.33 25.42
CA ILE M 38 6.25 5.77 24.03
C ILE M 38 4.80 5.76 23.53
N PRO M 39 4.38 6.83 22.89
CA PRO M 39 2.99 6.97 22.36
C PRO M 39 2.58 5.77 21.51
N ARG M 40 1.37 5.28 21.75
CA ARG M 40 0.89 4.12 21.02
C ARG M 40 0.80 4.37 19.51
N GLY M 41 0.26 5.53 19.14
CA GLY M 41 0.08 5.86 17.72
C GLY M 41 1.37 5.76 16.89
N ALA M 42 2.46 6.31 17.40
CA ALA M 42 3.72 6.29 16.66
C ALA M 42 4.27 4.87 16.50
N LEU M 43 4.20 4.11 17.58
CA LEU M 43 4.73 2.75 17.57
C LEU M 43 4.05 1.86 16.52
N LEU M 44 2.74 2.01 16.36
CA LEU M 44 2.00 1.17 15.42
C LEU M 44 2.48 1.30 13.98
N GLN M 45 2.89 2.51 13.55
CA GLN M 45 3.33 2.71 12.17
C GLN M 45 4.85 2.81 12.01
N MET M 46 5.58 2.66 13.10
CA MET M 46 7.05 2.80 13.05
C MET M 46 7.72 1.65 12.29
N ASP M 47 8.95 1.91 11.84
CA ASP M 47 9.75 0.93 11.11
C ASP M 47 10.84 0.36 12.01
N ALA M 48 11.41 -0.78 11.62
CA ALA M 48 12.46 -1.41 12.41
C ALA M 48 13.67 -0.50 12.62
N ILE M 49 14.13 0.17 11.56
CA ILE M 49 15.29 1.06 11.70
C ILE M 49 14.93 2.26 12.56
N ASP M 50 13.78 2.87 12.26
CA ASP M 50 13.33 4.04 13.00
C ASP M 50 13.18 3.70 14.48
N LEU M 51 12.63 2.53 14.73
CA LEU M 51 12.41 2.07 16.09
C LEU M 51 13.73 2.06 16.86
N THR M 52 14.82 1.80 16.15
CA THR M 52 16.13 1.76 16.78
C THR M 52 16.50 3.12 17.35
N ASP M 53 16.45 4.14 16.51
CA ASP M 53 16.80 5.48 16.93
C ASP M 53 15.91 5.96 18.06
N LYS M 54 14.61 5.73 17.92
CA LYS M 54 13.65 6.14 18.93
C LYS M 54 13.89 5.42 20.25
N LEU M 55 14.12 4.12 20.17
CA LEU M 55 14.32 3.32 21.38
C LEU M 55 15.44 3.86 22.25
N VAL M 56 16.56 4.22 21.65
CA VAL M 56 17.68 4.73 22.42
C VAL M 56 17.45 6.15 22.92
N SER M 57 16.84 6.99 22.09
CA SER M 57 16.62 8.39 22.47
C SER M 57 15.87 8.52 23.79
N TYR M 58 14.96 7.61 24.07
CA TYR M 58 14.18 7.69 25.31
C TYR M 58 14.97 7.17 26.52
N TYR M 59 15.73 6.10 26.34
CA TYR M 59 16.49 5.53 27.45
C TYR M 59 17.99 5.59 27.18
N LEU M 60 18.76 5.78 28.24
CA LEU M 60 20.20 5.85 28.10
C LEU M 60 20.72 4.58 27.45
N GLU M 61 21.87 4.68 26.79
CA GLU M 61 22.43 3.53 26.10
C GLU M 61 22.67 2.36 27.05
N SER M 62 23.21 2.62 28.22
CA SER M 62 23.48 1.55 29.18
C SER M 62 22.20 0.84 29.57
N TYR M 63 21.28 1.58 30.16
CA TYR M 63 20.02 1.00 30.60
C TYR M 63 19.20 0.52 29.40
N GLY M 64 19.34 1.22 28.29
CA GLY M 64 18.60 0.85 27.09
C GLY M 64 18.90 -0.57 26.64
N LEU M 65 20.18 -0.95 26.64
CA LEU M 65 20.57 -2.30 26.23
C LEU M 65 20.02 -3.36 27.16
N GLU M 66 20.06 -3.10 28.46
CA GLU M 66 19.56 -4.07 29.43
C GLU M 66 18.06 -4.28 29.27
N LEU M 67 17.34 -3.19 29.03
CA LEU M 67 15.88 -3.26 28.88
C LEU M 67 15.47 -4.11 27.68
N THR M 68 16.22 -3.99 26.59
CA THR M 68 15.88 -4.74 25.40
C THR M 68 15.90 -6.25 25.67
N MET M 69 16.99 -6.71 26.27
CA MET M 69 17.13 -8.13 26.54
C MET M 69 15.99 -8.64 27.40
N THR M 70 15.58 -7.83 28.35
CA THR M 70 14.51 -8.24 29.24
C THR M 70 13.28 -8.65 28.44
N VAL M 71 12.98 -7.91 27.38
CA VAL M 71 11.83 -8.21 26.54
C VAL M 71 12.09 -9.40 25.61
N LEU M 72 13.31 -9.52 25.07
CA LEU M 72 13.62 -10.63 24.17
C LEU M 72 13.43 -11.96 24.87
N ARG M 73 13.98 -12.11 26.05
CA ARG M 73 13.80 -13.36 26.72
C ARG M 73 12.33 -13.58 27.00
N ASP M 74 11.63 -12.52 27.36
CA ASP M 74 10.21 -12.65 27.71
C ASP M 74 9.43 -13.38 26.62
N MET M 75 9.71 -13.05 25.35
CA MET M 75 9.04 -13.71 24.23
C MET M 75 9.56 -15.12 24.08
N GLY M 76 10.43 -15.49 25.02
CA GLY M 76 11.06 -16.79 25.02
C GLY M 76 12.56 -16.62 24.87
N LEU M 77 13.33 -17.60 25.34
CA LEU M 77 14.78 -17.49 25.23
C LEU M 77 15.21 -17.67 23.80
N GLN M 78 15.87 -16.67 23.26
CA GLN M 78 16.34 -16.72 21.89
C GLN M 78 17.86 -16.74 21.88
N GLU M 79 18.44 -17.49 20.97
CA GLU M 79 19.88 -17.49 20.88
C GLU M 79 20.29 -16.07 20.65
N LEU M 80 19.40 -15.37 19.97
CA LEU M 80 19.58 -13.96 19.64
C LEU M 80 19.70 -13.12 20.91
N ALA M 81 18.89 -13.42 21.91
CA ALA M 81 18.93 -12.65 23.16
C ALA M 81 20.32 -12.71 23.76
N GLU M 82 20.87 -13.91 23.86
CA GLU M 82 22.21 -14.07 24.42
C GLU M 82 23.26 -13.45 23.51
N GLN M 83 23.11 -13.68 22.20
CA GLN M 83 24.08 -13.13 21.24
C GLN M 83 24.31 -11.66 21.49
N LEU M 84 23.25 -10.94 21.77
CA LEU M 84 23.34 -9.52 22.03
C LEU M 84 24.09 -9.27 23.33
N GLN M 85 23.83 -10.11 24.34
CA GLN M 85 24.49 -9.94 25.63
C GLN M 85 26.01 -9.93 25.49
N THR M 86 26.52 -10.74 24.57
CA THR M 86 27.96 -10.80 24.36
C THR M 86 28.52 -9.41 24.11
N THR M 87 27.72 -8.56 23.47
CA THR M 87 28.15 -7.20 23.18
C THR M 87 28.25 -6.36 24.46
N LYS M 88 27.55 -6.81 25.50
CA LYS M 88 27.57 -6.08 26.77
C LYS M 88 28.99 -5.93 27.28
N GLU M 89 29.75 -7.02 27.18
CA GLU M 89 31.15 -7.01 27.61
C GLU M 89 31.97 -6.15 26.66
N GLY N 1 36.50 19.41 -9.62
CA GLY N 1 36.67 18.27 -8.72
C GLY N 1 35.62 17.20 -9.01
N ARG N 2 35.88 16.39 -10.03
CA ARG N 2 34.96 15.33 -10.40
C ARG N 2 34.49 14.54 -9.18
N ALA N 3 35.14 14.78 -8.05
CA ALA N 3 34.78 14.07 -6.81
C ALA N 3 33.28 14.16 -6.53
N ARG N 4 32.71 15.35 -6.66
CA ARG N 4 31.29 15.52 -6.41
C ARG N 4 30.46 14.66 -7.35
N ASP N 5 30.80 14.71 -8.63
CA ASP N 5 30.08 13.95 -9.64
C ASP N 5 30.20 12.45 -9.43
N ALA N 6 31.37 12.00 -9.01
CA ALA N 6 31.58 10.56 -8.81
C ALA N 6 30.65 10.01 -7.73
N ILE N 7 30.67 10.65 -6.57
CA ILE N 7 29.82 10.20 -5.47
C ILE N 7 28.37 10.21 -5.89
N LEU N 8 27.95 11.31 -6.48
CA LEU N 8 26.57 11.48 -6.91
C LEU N 8 26.09 10.31 -7.74
N ASP N 9 26.85 9.96 -8.77
CA ASP N 9 26.44 8.89 -9.67
C ASP N 9 26.19 7.57 -8.93
N ALA N 10 27.11 7.20 -8.04
CA ALA N 10 26.97 5.93 -7.32
C ALA N 10 25.89 5.97 -6.23
N LEU N 11 25.94 6.96 -5.36
CA LEU N 11 24.98 7.06 -4.27
C LEU N 11 23.55 6.91 -4.78
N GLU N 12 23.27 7.50 -5.94
CA GLU N 12 21.93 7.45 -6.54
C GLU N 12 21.51 6.02 -6.93
N ASN N 13 22.48 5.10 -6.98
CA ASN N 13 22.19 3.70 -7.35
C ASN N 13 21.69 2.87 -6.16
N LEU N 14 21.41 3.50 -5.03
CA LEU N 14 20.92 2.77 -3.86
C LEU N 14 19.40 2.80 -3.81
N SER N 15 18.80 1.71 -3.32
CA SER N 15 17.35 1.64 -3.21
C SER N 15 16.85 2.55 -2.09
N GLY N 16 15.58 2.90 -2.15
CA GLY N 16 14.98 3.81 -1.17
C GLY N 16 15.21 3.38 0.28
N ASP N 17 15.03 2.10 0.58
CA ASP N 17 15.18 1.65 1.97
C ASP N 17 16.62 1.75 2.48
N GLU N 18 17.57 1.25 1.70
CA GLU N 18 18.96 1.27 2.11
C GLU N 18 19.40 2.70 2.38
N LEU N 19 18.87 3.63 1.61
CA LEU N 19 19.20 5.03 1.77
C LEU N 19 18.98 5.46 3.22
N LYS N 20 17.83 5.10 3.78
CA LYS N 20 17.57 5.50 5.15
C LYS N 20 18.61 4.88 6.05
N LYS N 21 18.97 3.64 5.77
CA LYS N 21 19.95 2.95 6.59
C LYS N 21 21.27 3.66 6.53
N PHE N 22 21.63 4.14 5.36
CA PHE N 22 22.90 4.84 5.20
C PHE N 22 22.91 6.16 5.96
N LYS N 23 21.93 7.01 5.68
CA LYS N 23 21.87 8.31 6.33
C LYS N 23 21.87 8.18 7.85
N MET N 24 21.02 7.31 8.35
CA MET N 24 20.92 7.10 9.79
C MET N 24 22.24 6.62 10.38
N LYS N 25 22.88 5.66 9.73
CA LYS N 25 24.13 5.11 10.26
C LYS N 25 25.23 6.16 10.29
N LEU N 26 25.20 7.06 9.30
CA LEU N 26 26.20 8.11 9.20
C LEU N 26 26.24 8.94 10.47
N LEU N 27 25.07 9.16 11.05
CA LEU N 27 24.97 9.94 12.27
C LEU N 27 25.75 9.28 13.42
N THR N 28 25.82 7.95 13.40
CA THR N 28 26.49 7.22 14.48
C THR N 28 27.91 6.80 14.12
N VAL N 29 28.38 7.12 12.92
CA VAL N 29 29.72 6.72 12.52
C VAL N 29 30.78 7.63 13.14
N GLN N 30 31.95 7.05 13.45
CA GLN N 30 33.02 7.81 14.05
C GLN N 30 33.79 8.60 12.99
N LEU N 31 34.07 9.86 13.29
CA LEU N 31 34.76 10.75 12.36
C LEU N 31 36.09 11.21 12.92
N ARG N 32 36.99 11.60 12.03
CA ARG N 32 38.30 12.09 12.43
C ARG N 32 38.14 13.42 13.18
N GLU N 33 39.06 13.70 14.11
CA GLU N 33 39.00 14.93 14.89
C GLU N 33 39.27 16.17 14.04
N GLY N 34 38.63 17.29 14.42
CA GLY N 34 38.80 18.54 13.69
C GLY N 34 37.65 18.79 12.72
N TYR N 35 36.64 17.94 12.79
CA TYR N 35 35.48 18.06 11.91
C TYR N 35 34.18 18.11 12.70
N GLY N 36 33.15 18.68 12.10
CA GLY N 36 31.86 18.80 12.77
C GLY N 36 30.93 17.65 12.43
N ARG N 37 29.75 17.65 13.04
CA ARG N 37 28.74 16.63 12.81
C ARG N 37 27.54 17.31 12.20
N ILE N 38 26.83 16.60 11.33
CA ILE N 38 25.70 17.21 10.63
C ILE N 38 24.42 17.14 11.47
N PRO N 39 23.71 18.25 11.59
CA PRO N 39 22.45 18.33 12.39
C PRO N 39 21.47 17.22 12.03
N ARG N 40 20.91 16.60 13.04
CA ARG N 40 19.96 15.50 12.81
C ARG N 40 18.73 15.95 12.03
N GLY N 41 18.17 17.09 12.40
CA GLY N 41 16.95 17.59 11.75
C GLY N 41 17.07 17.72 10.23
N ALA N 42 18.16 18.28 9.75
CA ALA N 42 18.34 18.47 8.31
C ALA N 42 18.49 17.14 7.57
N LEU N 43 19.25 16.24 8.15
CA LEU N 43 19.49 14.95 7.52
C LEU N 43 18.20 14.15 7.30
N LEU N 44 17.29 14.20 8.26
CA LEU N 44 16.05 13.43 8.16
C LEU N 44 15.20 13.80 6.95
N GLN N 45 15.19 15.07 6.55
CA GLN N 45 14.36 15.49 5.41
C GLN N 45 15.17 15.76 4.14
N MET N 46 16.47 15.53 4.17
CA MET N 46 17.33 15.79 3.01
C MET N 46 17.06 14.83 1.85
N ASP N 47 17.49 15.26 0.65
CA ASP N 47 17.34 14.45 -0.56
C ASP N 47 18.69 13.86 -0.96
N ALA N 48 18.66 12.85 -1.82
CA ALA N 48 19.90 12.21 -2.26
C ALA N 48 20.84 13.19 -2.96
N ILE N 49 20.32 14.02 -3.86
CA ILE N 49 21.18 14.98 -4.56
C ILE N 49 21.70 16.02 -3.57
N ASP N 50 20.80 16.57 -2.77
CA ASP N 50 21.17 17.59 -1.78
C ASP N 50 22.23 17.04 -0.84
N LEU N 51 22.04 15.81 -0.43
CA LEU N 51 22.97 15.15 0.48
C LEU N 51 24.37 15.17 -0.11
N THR N 52 24.46 15.09 -1.42
CA THR N 52 25.75 15.08 -2.09
C THR N 52 26.50 16.39 -1.85
N ASP N 53 25.85 17.51 -2.14
CA ASP N 53 26.48 18.81 -1.97
C ASP N 53 26.85 19.05 -0.51
N LYS N 54 25.93 18.73 0.38
CA LYS N 54 26.17 18.91 1.81
C LYS N 54 27.33 18.06 2.29
N LEU N 55 27.33 16.80 1.87
CA LEU N 55 28.37 15.87 2.30
C LEU N 55 29.78 16.39 2.03
N VAL N 56 30.00 16.90 0.84
CA VAL N 56 31.32 17.41 0.50
C VAL N 56 31.64 18.73 1.19
N SER N 57 30.66 19.62 1.31
CA SER N 57 30.89 20.93 1.91
C SER N 57 31.50 20.82 3.31
N TYR N 58 31.11 19.80 4.07
CA TYR N 58 31.62 19.64 5.42
C TYR N 58 33.04 19.04 5.45
N TYR N 59 33.30 18.08 4.56
CA TYR N 59 34.62 17.43 4.55
C TYR N 59 35.32 17.66 3.22
N LEU N 60 36.63 17.78 3.26
CA LEU N 60 37.41 18.00 2.05
C LEU N 60 37.14 16.87 1.07
N GLU N 61 37.32 17.16 -0.22
CA GLU N 61 37.06 16.17 -1.25
C GLU N 61 37.89 14.90 -1.03
N SER N 62 39.17 15.06 -0.74
CA SER N 62 40.03 13.91 -0.54
C SER N 62 39.53 13.03 0.61
N TYR N 63 39.48 13.60 1.79
CA TYR N 63 39.02 12.87 2.96
C TYR N 63 37.56 12.48 2.82
N GLY N 64 36.79 13.31 2.15
CA GLY N 64 35.37 13.05 1.97
C GLY N 64 35.12 11.72 1.25
N LEU N 65 35.89 11.47 0.18
CA LEU N 65 35.73 10.24 -0.58
C LEU N 65 36.08 9.01 0.25
N GLU N 66 37.15 9.10 1.04
CA GLU N 66 37.56 7.98 1.86
C GLU N 66 36.51 7.65 2.93
N LEU N 67 35.94 8.69 3.51
CA LEU N 67 34.94 8.52 4.55
C LEU N 67 33.69 7.80 4.03
N THR N 68 33.28 8.13 2.83
CA THR N 68 32.09 7.51 2.26
C THR N 68 32.25 6.00 2.18
N MET N 69 33.36 5.55 1.61
CA MET N 69 33.59 4.12 1.45
C MET N 69 33.55 3.41 2.78
N THR N 70 34.09 4.05 3.80
CA THR N 70 34.14 3.44 5.10
C THR N 70 32.73 3.02 5.54
N VAL N 71 31.74 3.86 5.25
CA VAL N 71 30.35 3.57 5.62
C VAL N 71 29.72 2.54 4.68
N LEU N 72 30.02 2.62 3.38
CA LEU N 72 29.45 1.67 2.42
C LEU N 72 29.82 0.23 2.80
N ARG N 73 31.07 -0.01 3.04
CA ARG N 73 31.43 -1.36 3.39
C ARG N 73 30.76 -1.74 4.69
N ASP N 74 30.67 -0.79 5.62
CA ASP N 74 30.08 -1.11 6.93
C ASP N 74 28.70 -1.76 6.78
N MET N 75 27.89 -1.24 5.86
CA MET N 75 26.55 -1.79 5.62
C MET N 75 26.69 -3.13 4.90
N GLY N 76 27.93 -3.54 4.72
CA GLY N 76 28.25 -4.78 4.02
C GLY N 76 29.05 -4.44 2.78
N LEU N 77 29.84 -5.39 2.30
CA LEU N 77 30.65 -5.14 1.11
C LEU N 77 29.76 -5.10 -0.11
N GLN N 78 29.79 -3.98 -0.80
CA GLN N 78 28.98 -3.82 -1.99
C GLN N 78 29.89 -3.69 -3.20
N GLU N 79 29.49 -4.26 -4.32
CA GLU N 79 30.30 -4.13 -5.51
C GLU N 79 30.44 -2.65 -5.76
N LEU N 80 29.39 -1.95 -5.34
CA LEU N 80 29.31 -0.51 -5.47
C LEU N 80 30.44 0.17 -4.69
N ALA N 81 30.71 -0.33 -3.49
CA ALA N 81 31.76 0.26 -2.67
C ALA N 81 33.09 0.26 -3.41
N GLU N 82 33.44 -0.89 -3.97
CA GLU N 82 34.69 -1.00 -4.71
C GLU N 82 34.63 -0.19 -5.99
N GLN N 83 33.50 -0.24 -6.69
CA GLN N 83 33.36 0.50 -7.94
C GLN N 83 33.78 1.95 -7.76
N LEU N 84 33.38 2.52 -6.64
CA LEU N 84 33.72 3.90 -6.35
C LEU N 84 35.22 4.04 -6.12
N GLN N 85 35.82 3.06 -5.45
CA GLN N 85 37.25 3.11 -5.17
C GLN N 85 38.05 3.28 -6.45
N THR N 86 37.60 2.64 -7.53
CA THR N 86 38.30 2.74 -8.79
C THR N 86 38.51 4.20 -9.18
N THR N 87 37.57 5.05 -8.80
CA THR N 87 37.67 6.47 -9.11
C THR N 87 38.78 7.13 -8.30
N LYS N 88 39.17 6.50 -7.19
CA LYS N 88 40.22 7.05 -6.33
C LYS N 88 41.50 7.25 -7.15
N GLU N 89 41.83 6.25 -7.96
CA GLU N 89 43.01 6.34 -8.81
C GLU N 89 42.80 7.39 -9.89
N GLY O 1 18.11 37.88 -31.16
CA GLY O 1 18.86 36.65 -30.95
C GLY O 1 17.95 35.53 -30.46
N ARG O 2 17.26 34.90 -31.39
CA ARG O 2 16.34 33.81 -31.05
C ARG O 2 16.98 32.83 -30.08
N ALA O 3 18.29 32.97 -29.87
CA ALA O 3 19.02 32.08 -28.97
C ALA O 3 18.33 31.99 -27.60
N ARG O 4 17.93 33.13 -27.04
CA ARG O 4 17.28 33.13 -25.74
C ARG O 4 15.99 32.33 -25.79
N ASP O 5 15.18 32.58 -26.81
CA ASP O 5 13.91 31.91 -26.96
C ASP O 5 14.07 30.40 -27.16
N ALA O 6 15.09 30.01 -27.91
CA ALA O 6 15.30 28.59 -28.17
C ALA O 6 15.57 27.81 -26.88
N ILE O 7 16.53 28.28 -26.11
CA ILE O 7 16.86 27.62 -24.86
C ILE O 7 15.64 27.55 -23.96
N LEU O 8 14.98 28.68 -23.81
CA LEU O 8 13.81 28.78 -22.95
C LEU O 8 12.80 27.69 -23.25
N ASP O 9 12.42 27.56 -24.51
CA ASP O 9 11.41 26.57 -24.89
C ASP O 9 11.78 25.15 -24.46
N ALA O 10 13.01 24.75 -24.71
CA ALA O 10 13.44 23.40 -24.37
C ALA O 10 13.64 23.19 -22.86
N LEU O 11 14.42 24.06 -22.23
CA LEU O 11 14.70 23.92 -20.81
C LEU O 11 13.43 23.71 -19.99
N GLU O 12 12.36 24.42 -20.38
CA GLU O 12 11.07 24.33 -19.70
C GLU O 12 10.44 22.93 -19.82
N ASN O 13 10.94 22.12 -20.75
CA ASN O 13 10.40 20.77 -20.96
C ASN O 13 10.99 19.73 -19.99
N LEU O 14 11.74 20.19 -18.99
CA LEU O 14 12.33 19.26 -18.02
C LEU O 14 11.45 19.15 -16.78
N SER O 15 11.42 17.95 -16.20
CA SER O 15 10.62 17.72 -15.00
C SER O 15 11.24 18.43 -13.80
N GLY O 16 10.44 18.68 -12.78
CA GLY O 16 10.90 19.38 -11.59
C GLY O 16 12.16 18.79 -10.95
N ASP O 17 12.23 17.47 -10.84
CA ASP O 17 13.39 16.85 -10.20
C ASP O 17 14.68 17.01 -11.01
N GLU O 18 14.62 16.70 -12.30
CA GLU O 18 15.80 16.80 -13.15
C GLU O 18 16.35 18.22 -13.11
N LEU O 19 15.46 19.19 -13.00
CA LEU O 19 15.86 20.58 -12.96
C LEU O 19 16.89 20.78 -11.85
N LYS O 20 16.63 20.26 -10.67
CA LYS O 20 17.57 20.44 -9.59
C LYS O 20 18.88 19.81 -9.97
N LYS O 21 18.81 18.65 -10.60
CA LYS O 21 20.02 17.95 -11.00
C LYS O 21 20.82 18.79 -11.97
N PHE O 22 20.13 19.44 -12.88
CA PHE O 22 20.82 20.27 -13.86
C PHE O 22 21.49 21.47 -13.22
N LYS O 23 20.71 22.26 -12.48
CA LYS O 23 21.26 23.45 -11.84
C LYS O 23 22.46 23.12 -10.96
N MET O 24 22.30 22.11 -10.11
CA MET O 24 23.37 21.71 -9.21
C MET O 24 24.61 21.27 -9.97
N LYS O 25 24.44 20.46 -11.02
CA LYS O 25 25.58 19.97 -11.77
C LYS O 25 26.33 21.11 -12.46
N LEU O 26 25.58 22.12 -12.88
CA LEU O 26 26.16 23.27 -13.57
C LEU O 26 27.24 23.91 -12.71
N LEU O 27 26.99 23.95 -11.41
CA LEU O 27 27.94 24.54 -10.48
C LEU O 27 29.28 23.81 -10.52
N THR O 28 29.25 22.52 -10.78
CA THR O 28 30.48 21.72 -10.79
C THR O 28 31.04 21.47 -12.19
N VAL O 29 30.39 22.00 -13.22
CA VAL O 29 30.87 21.78 -14.58
C VAL O 29 32.05 22.68 -14.90
N GLN O 30 32.97 22.18 -15.72
CA GLN O 30 34.14 22.95 -16.10
C GLN O 30 33.80 23.94 -17.22
N LEU O 31 34.28 25.17 -17.07
CA LEU O 31 34.00 26.23 -18.03
C LEU O 31 35.29 26.74 -18.67
N ARG O 32 35.16 27.32 -19.85
CA ARG O 32 36.29 27.87 -20.57
C ARG O 32 36.86 29.08 -19.79
N GLU O 33 38.15 29.30 -19.92
CA GLU O 33 38.81 30.41 -19.21
C GLU O 33 38.36 31.77 -19.74
N GLY O 34 38.32 32.76 -18.84
CA GLY O 34 37.92 34.11 -19.22
C GLY O 34 36.46 34.39 -18.85
N TYR O 35 35.85 33.44 -18.14
CA TYR O 35 34.46 33.57 -17.73
C TYR O 35 34.31 33.40 -16.23
N GLY O 36 33.22 33.94 -15.69
CA GLY O 36 32.97 33.86 -14.25
C GLY O 36 32.07 32.68 -13.90
N ARG O 37 31.85 32.49 -12.60
CA ARG O 37 31.00 31.41 -12.11
C ARG O 37 29.81 32.06 -11.42
N ILE O 38 28.65 31.42 -11.50
CA ILE O 38 27.44 32.01 -10.93
C ILE O 38 27.34 31.72 -9.43
N PRO O 39 27.05 32.73 -8.63
CA PRO O 39 26.92 32.58 -7.14
C PRO O 39 25.98 31.44 -6.76
N ARG O 40 26.40 30.63 -5.80
CA ARG O 40 25.60 29.51 -5.36
C ARG O 40 24.24 29.94 -4.79
N GLY O 41 24.26 30.96 -3.94
CA GLY O 41 23.03 31.43 -3.30
C GLY O 41 21.91 31.77 -4.29
N ALA O 42 22.22 32.50 -5.35
CA ALA O 42 21.19 32.89 -6.31
C ALA O 42 20.64 31.69 -7.07
N LEU O 43 21.51 30.79 -7.47
CA LEU O 43 21.10 29.62 -8.24
C LEU O 43 20.10 28.75 -7.48
N LEU O 44 20.30 28.59 -6.17
CA LEU O 44 19.42 27.73 -5.37
C LEU O 44 17.97 28.18 -5.38
N GLN O 45 17.71 29.48 -5.40
CA GLN O 45 16.33 29.97 -5.36
C GLN O 45 15.83 30.48 -6.72
N MET O 46 16.64 30.37 -7.76
CA MET O 46 16.24 30.86 -9.09
C MET O 46 15.12 30.04 -9.72
N ASP O 47 14.45 30.66 -10.70
CA ASP O 47 13.37 30.02 -11.43
C ASP O 47 13.83 29.61 -12.82
N ALA O 48 13.08 28.73 -13.48
CA ALA O 48 13.46 28.27 -14.82
C ALA O 48 13.53 29.42 -15.81
N ILE O 49 12.54 30.31 -15.81
CA ILE O 49 12.57 31.43 -16.76
C ILE O 49 13.71 32.37 -16.43
N ASP O 50 13.83 32.71 -15.15
CA ASP O 50 14.88 33.62 -14.70
C ASP O 50 16.26 33.07 -15.05
N LEU O 51 16.40 31.76 -14.85
CA LEU O 51 17.65 31.09 -15.14
C LEU O 51 18.04 31.31 -16.59
N THR O 52 17.04 31.41 -17.46
CA THR O 52 17.31 31.62 -18.88
C THR O 52 18.02 32.95 -19.12
N ASP O 53 17.45 34.02 -18.62
CA ASP O 53 18.03 35.34 -18.80
C ASP O 53 19.42 35.41 -18.19
N LYS O 54 19.56 34.89 -16.98
CA LYS O 54 20.83 34.92 -16.30
C LYS O 54 21.88 34.11 -17.05
N LEU O 55 21.49 32.92 -17.50
CA LEU O 55 22.42 32.04 -18.20
C LEU O 55 23.08 32.72 -19.40
N VAL O 56 22.30 33.41 -20.20
CA VAL O 56 22.87 34.07 -21.36
C VAL O 56 23.68 35.32 -21.00
N SER O 57 23.20 36.08 -20.03
CA SER O 57 23.90 37.32 -19.64
C SER O 57 25.36 37.09 -19.30
N TYR O 58 25.67 35.94 -18.70
CA TYR O 58 27.05 35.65 -18.32
C TYR O 58 27.90 35.18 -19.52
N TYR O 59 27.32 34.37 -20.40
CA TYR O 59 28.08 33.86 -21.54
C TYR O 59 27.46 34.33 -22.85
N LEU O 60 28.31 34.56 -23.84
CA LEU O 60 27.83 35.01 -25.14
C LEU O 60 26.83 34.00 -25.69
N GLU O 61 25.94 34.48 -26.55
CA GLU O 61 24.91 33.61 -27.11
C GLU O 61 25.52 32.41 -27.84
N SER O 62 26.55 32.65 -28.64
CA SER O 62 27.17 31.56 -29.38
C SER O 62 27.72 30.50 -28.44
N TYR O 63 28.67 30.90 -27.60
CA TYR O 63 29.27 29.97 -26.66
C TYR O 63 28.25 29.47 -25.66
N GLY O 64 27.29 30.32 -25.32
CA GLY O 64 26.27 29.95 -24.35
C GLY O 64 25.48 28.72 -24.79
N LEU O 65 25.10 28.68 -26.06
CA LEU O 65 24.33 27.54 -26.58
C LEU O 65 25.14 26.26 -26.55
N GLU O 66 26.41 26.33 -26.91
CA GLU O 66 27.26 25.15 -26.92
C GLU O 66 27.45 24.60 -25.50
N LEU O 67 27.62 25.49 -24.55
CA LEU O 67 27.83 25.09 -23.16
C LEU O 67 26.61 24.33 -22.60
N THR O 68 25.42 24.78 -22.96
CA THR O 68 24.22 24.14 -22.45
C THR O 68 24.18 22.67 -22.85
N MET O 69 24.38 22.41 -24.13
CA MET O 69 24.32 21.05 -24.64
C MET O 69 25.31 20.16 -23.92
N THR O 70 26.48 20.71 -23.64
CA THR O 70 27.51 19.93 -22.98
C THR O 70 26.98 19.33 -21.68
N VAL O 71 26.19 20.12 -20.94
CA VAL O 71 25.62 19.65 -19.68
C VAL O 71 24.44 18.70 -19.90
N LEU O 72 23.60 18.97 -20.90
CA LEU O 72 22.45 18.10 -21.17
C LEU O 72 22.89 16.68 -21.45
N ARG O 73 23.84 16.51 -22.34
CA ARG O 73 24.27 15.18 -22.62
C ARG O 73 24.86 14.58 -21.37
N ASP O 74 25.59 15.37 -20.60
CA ASP O 74 26.25 14.83 -19.41
C ASP O 74 25.27 14.08 -18.50
N MET O 75 24.06 14.64 -18.33
CA MET O 75 23.04 14.00 -17.50
C MET O 75 22.49 12.80 -18.24
N GLY O 76 23.08 12.54 -19.40
CA GLY O 76 22.65 11.44 -20.26
C GLY O 76 22.19 12.00 -21.58
N LEU O 77 22.23 11.19 -22.64
CA LEU O 77 21.80 11.68 -23.94
C LEU O 77 20.29 11.80 -23.97
N GLN O 78 19.82 13.01 -24.22
CA GLN O 78 18.40 13.25 -24.28
C GLN O 78 18.00 13.62 -25.69
N GLU O 79 16.83 13.17 -26.13
CA GLU O 79 16.39 13.53 -27.46
C GLU O 79 16.35 15.04 -27.49
N LEU O 80 16.08 15.57 -26.31
CA LEU O 80 16.02 17.01 -26.10
C LEU O 80 17.34 17.68 -26.42
N ALA O 81 18.44 17.05 -25.99
CA ALA O 81 19.75 17.62 -26.24
C ALA O 81 19.98 17.84 -27.73
N GLU O 82 19.69 16.81 -28.52
CA GLU O 82 19.86 16.91 -29.96
C GLU O 82 18.85 17.88 -30.55
N GLN O 83 17.61 17.82 -30.08
CA GLN O 83 16.57 18.70 -30.61
C GLN O 83 17.03 20.15 -30.60
N LEU O 84 17.71 20.53 -29.53
CA LEU O 84 18.22 21.88 -29.42
C LEU O 84 19.32 22.13 -30.44
N GLN O 85 20.16 21.12 -30.66
CA GLN O 85 21.26 21.26 -31.62
C GLN O 85 20.74 21.68 -32.99
N THR O 86 19.59 21.15 -33.38
CA THR O 86 19.02 21.48 -34.67
C THR O 86 18.91 22.99 -34.83
N THR O 87 18.69 23.69 -33.73
CA THR O 87 18.57 25.15 -33.78
C THR O 87 19.93 25.80 -34.07
N LYS O 88 21.00 25.06 -33.80
CA LYS O 88 22.34 25.58 -34.05
C LYS O 88 22.49 26.00 -35.50
N GLU O 89 22.00 25.16 -36.41
CA GLU O 89 22.06 25.47 -37.83
C GLU O 89 21.12 26.63 -38.15
N GLY A 1 -6.67 -15.69 -33.06
CA GLY A 1 -6.73 -16.78 -34.03
C GLY A 1 -7.34 -18.04 -33.39
N ARG A 2 -8.08 -18.78 -34.19
CA ARG A 2 -8.73 -20.00 -33.73
C ARG A 2 -7.70 -20.98 -33.16
N ALA A 3 -6.43 -20.77 -33.50
CA ALA A 3 -5.36 -21.66 -33.05
C ALA A 3 -5.41 -21.86 -31.52
N ARG A 4 -5.51 -20.78 -30.78
CA ARG A 4 -5.56 -20.89 -29.32
C ARG A 4 -6.77 -21.71 -28.89
N ASP A 5 -7.91 -21.40 -29.48
CA ASP A 5 -9.15 -22.09 -29.14
C ASP A 5 -9.12 -23.56 -29.50
N ALA A 6 -8.51 -23.90 -30.62
CA ALA A 6 -8.46 -25.29 -31.05
C ALA A 6 -7.67 -26.16 -30.07
N ILE A 7 -6.45 -25.74 -29.77
CA ILE A 7 -5.61 -26.49 -28.86
C ILE A 7 -6.31 -26.64 -27.51
N LEU A 8 -6.81 -25.54 -27.00
CA LEU A 8 -7.47 -25.56 -25.71
C LEU A 8 -8.52 -26.65 -25.63
N ASP A 9 -9.41 -26.67 -26.60
CA ASP A 9 -10.49 -27.65 -26.60
C ASP A 9 -9.96 -29.10 -26.56
N ALA A 10 -8.96 -29.39 -27.38
CA ALA A 10 -8.42 -30.75 -27.43
C ALA A 10 -7.56 -31.12 -26.22
N LEU A 11 -6.73 -30.19 -25.76
CA LEU A 11 -5.86 -30.46 -24.62
C LEU A 11 -6.65 -30.81 -23.36
N GLU A 12 -7.79 -30.14 -23.17
CA GLU A 12 -8.64 -30.34 -22.00
C GLU A 12 -9.27 -31.74 -21.94
N ASN A 13 -9.24 -32.49 -23.05
CA ASN A 13 -9.83 -33.84 -23.08
C ASN A 13 -8.88 -34.91 -22.54
N LEU A 14 -7.74 -34.50 -21.99
CA LEU A 14 -6.77 -35.46 -21.44
C LEU A 14 -7.06 -35.71 -19.96
N SER A 15 -6.78 -36.93 -19.51
CA SER A 15 -7.00 -37.26 -18.11
C SER A 15 -5.93 -36.58 -17.25
N GLY A 16 -6.18 -36.53 -15.94
CA GLY A 16 -5.26 -35.88 -15.02
C GLY A 16 -3.85 -36.48 -15.04
N ASP A 17 -3.74 -37.80 -15.13
CA ASP A 17 -2.42 -38.43 -15.11
C ASP A 17 -1.60 -38.17 -16.38
N GLU A 18 -2.21 -38.38 -17.54
CA GLU A 18 -1.50 -38.18 -18.79
C GLU A 18 -1.01 -36.76 -18.88
N LEU A 19 -1.79 -35.85 -18.32
CA LEU A 19 -1.41 -34.45 -18.32
C LEU A 19 -0.01 -34.30 -17.76
N LYS A 20 0.26 -34.99 -16.66
CA LYS A 20 1.57 -34.92 -16.04
C LYS A 20 2.61 -35.40 -17.01
N LYS A 21 2.26 -36.48 -17.71
CA LYS A 21 3.14 -37.11 -18.67
C LYS A 21 3.48 -36.15 -19.77
N PHE A 22 2.48 -35.39 -20.19
CA PHE A 22 2.63 -34.45 -21.27
C PHE A 22 3.59 -33.33 -20.90
N LYS A 23 3.32 -32.65 -19.78
CA LYS A 23 4.18 -31.55 -19.36
C LYS A 23 5.64 -31.99 -19.22
N MET A 24 5.85 -33.07 -18.49
CA MET A 24 7.19 -33.58 -18.25
C MET A 24 7.89 -33.93 -19.56
N LYS A 25 7.17 -34.55 -20.47
CA LYS A 25 7.77 -34.93 -21.76
C LYS A 25 8.23 -33.70 -22.52
N LEU A 26 7.41 -32.65 -22.47
CA LEU A 26 7.70 -31.41 -23.18
C LEU A 26 9.04 -30.82 -22.78
N LEU A 27 9.38 -30.94 -21.51
CA LEU A 27 10.63 -30.40 -21.01
C LEU A 27 11.85 -31.00 -21.72
N THR A 28 11.76 -32.27 -22.12
CA THR A 28 12.89 -32.95 -22.76
C THR A 28 12.71 -33.11 -24.27
N VAL A 29 11.66 -32.51 -24.83
CA VAL A 29 11.41 -32.64 -26.26
C VAL A 29 12.33 -31.75 -27.08
N GLN A 30 12.67 -32.21 -28.28
CA GLN A 30 13.54 -31.46 -29.18
C GLN A 30 12.78 -30.30 -29.81
N LEU A 31 13.41 -29.12 -29.83
CA LEU A 31 12.79 -27.93 -30.39
C LEU A 31 13.67 -27.30 -31.45
N ARG A 32 13.05 -26.54 -32.36
CA ARG A 32 13.78 -25.88 -33.42
C ARG A 32 14.63 -24.74 -32.83
N GLU A 33 15.80 -24.50 -33.41
CA GLU A 33 16.70 -23.46 -32.92
C GLU A 33 16.11 -22.06 -33.13
N GLY A 34 16.45 -21.14 -32.23
CA GLY A 34 15.96 -19.77 -32.29
C GLY A 34 14.80 -19.56 -31.33
N TYR A 35 14.48 -20.60 -30.57
CA TYR A 35 13.38 -20.54 -29.60
C TYR A 35 13.89 -20.84 -28.19
N GLY A 36 13.17 -20.36 -27.19
CA GLY A 36 13.55 -20.56 -25.82
C GLY A 36 12.89 -21.80 -25.21
N ARG A 37 13.25 -22.08 -23.97
CA ARG A 37 12.72 -23.22 -23.22
C ARG A 37 11.91 -22.70 -22.04
N ILE A 38 10.82 -23.37 -21.69
CA ILE A 38 9.97 -22.88 -20.61
C ILE A 38 10.53 -23.28 -19.24
N PRO A 39 10.65 -22.34 -18.32
CA PRO A 39 11.18 -22.61 -16.94
C PRO A 39 10.48 -23.78 -16.28
N ARG A 40 11.27 -24.65 -15.67
CA ARG A 40 10.73 -25.83 -15.00
C ARG A 40 9.76 -25.46 -13.87
N GLY A 41 10.15 -24.49 -13.05
CA GLY A 41 9.33 -24.10 -11.90
C GLY A 41 7.90 -23.73 -12.26
N ALA A 42 7.72 -22.93 -13.30
CA ALA A 42 6.38 -22.51 -13.69
C ALA A 42 5.54 -23.67 -14.21
N LEU A 43 6.16 -24.53 -15.01
CA LEU A 43 5.45 -25.65 -15.60
C LEU A 43 4.88 -26.61 -14.55
N LEU A 44 5.62 -26.85 -13.48
CA LEU A 44 5.18 -27.79 -12.45
C LEU A 44 3.87 -27.41 -11.79
N GLN A 45 3.62 -26.11 -11.59
CA GLN A 45 2.37 -25.68 -10.93
C GLN A 45 1.34 -25.08 -11.89
N MET A 46 1.63 -25.09 -13.19
CA MET A 46 0.71 -24.51 -14.18
C MET A 46 -0.58 -25.32 -14.33
N ASP A 47 -1.60 -24.65 -14.88
CA ASP A 47 -2.91 -25.26 -15.11
C ASP A 47 -3.11 -25.56 -16.60
N ALA A 48 -4.11 -26.40 -16.90
CA ALA A 48 -4.39 -26.77 -18.28
C ALA A 48 -4.77 -25.55 -19.14
N ILE A 49 -5.56 -24.63 -18.60
CA ILE A 49 -5.94 -23.46 -19.37
C ILE A 49 -4.76 -22.51 -19.52
N ASP A 50 -4.09 -22.24 -18.41
CA ASP A 50 -2.94 -21.34 -18.41
C ASP A 50 -1.86 -21.83 -19.37
N LEU A 51 -1.63 -23.12 -19.34
CA LEU A 51 -0.63 -23.74 -20.20
C LEU A 51 -0.92 -23.42 -21.65
N THR A 52 -2.19 -23.29 -21.99
CA THR A 52 -2.59 -22.98 -23.35
C THR A 52 -2.04 -21.62 -23.78
N ASP A 53 -2.31 -20.61 -22.99
CA ASP A 53 -1.87 -19.26 -23.31
C ASP A 53 -0.34 -19.19 -23.39
N LYS A 54 0.32 -19.78 -22.43
CA LYS A 54 1.78 -19.76 -22.39
C LYS A 54 2.38 -20.48 -23.58
N LEU A 55 1.84 -21.67 -23.88
CA LEU A 55 2.36 -22.48 -24.97
C LEU A 55 2.43 -21.69 -26.27
N VAL A 56 1.35 -20.99 -26.61
CA VAL A 56 1.35 -20.21 -27.82
C VAL A 56 2.26 -18.99 -27.69
N SER A 57 2.33 -18.43 -26.50
CA SER A 57 3.13 -17.23 -26.26
C SER A 57 4.59 -17.41 -26.68
N TYR A 58 5.17 -18.56 -26.39
CA TYR A 58 6.57 -18.81 -26.74
C TYR A 58 6.76 -19.15 -28.21
N TYR A 59 5.85 -19.93 -28.78
CA TYR A 59 5.98 -20.34 -30.17
C TYR A 59 4.87 -19.74 -31.03
N LEU A 60 5.18 -19.45 -32.27
CA LEU A 60 4.19 -18.88 -33.18
C LEU A 60 3.04 -19.86 -33.35
N GLU A 61 1.87 -19.33 -33.70
CA GLU A 61 0.70 -20.17 -33.87
C GLU A 61 0.93 -21.27 -34.90
N SER A 62 1.52 -20.92 -36.04
CA SER A 62 1.77 -21.90 -37.08
C SER A 62 2.73 -22.99 -36.61
N TYR A 63 3.93 -22.59 -36.21
CA TYR A 63 4.92 -23.54 -35.74
C TYR A 63 4.50 -24.16 -34.41
N GLY A 64 3.92 -23.35 -33.55
CA GLY A 64 3.49 -23.82 -32.23
C GLY A 64 2.45 -24.92 -32.35
N LEU A 65 1.50 -24.75 -33.25
CA LEU A 65 0.43 -25.74 -33.43
C LEU A 65 1.01 -27.08 -33.87
N GLU A 66 1.96 -27.06 -34.79
CA GLU A 66 2.57 -28.29 -35.28
C GLU A 66 3.39 -28.99 -34.19
N LEU A 67 4.06 -28.18 -33.36
CA LEU A 67 4.89 -28.73 -32.29
C LEU A 67 4.08 -29.58 -31.33
N THR A 68 2.84 -29.18 -31.09
CA THR A 68 1.99 -29.92 -30.17
C THR A 68 1.80 -31.35 -30.64
N MET A 69 1.42 -31.51 -31.91
CA MET A 69 1.16 -32.83 -32.46
C MET A 69 2.36 -33.74 -32.32
N THR A 70 3.53 -33.19 -32.55
CA THR A 70 4.75 -33.98 -32.47
C THR A 70 4.84 -34.68 -31.11
N VAL A 71 4.51 -33.95 -30.04
CA VAL A 71 4.57 -34.53 -28.70
C VAL A 71 3.39 -35.45 -28.43
N LEU A 72 2.20 -35.08 -28.90
CA LEU A 72 1.02 -35.91 -28.66
C LEU A 72 1.25 -37.33 -29.17
N ARG A 73 1.62 -37.46 -30.43
CA ARG A 73 1.82 -38.78 -30.94
C ARG A 73 2.90 -39.49 -30.16
N ASP A 74 3.96 -38.78 -29.82
CA ASP A 74 5.08 -39.40 -29.12
C ASP A 74 4.61 -40.21 -27.90
N MET A 75 3.66 -39.66 -27.15
CA MET A 75 3.11 -40.34 -25.97
C MET A 75 2.34 -41.57 -26.43
N GLY A 76 1.87 -41.51 -27.67
CA GLY A 76 1.11 -42.58 -28.26
C GLY A 76 0.14 -42.01 -29.29
N LEU A 77 -0.13 -42.74 -30.36
CA LEU A 77 -1.04 -42.25 -31.38
C LEU A 77 -2.45 -42.21 -30.81
N GLN A 78 -3.05 -41.04 -30.84
CA GLN A 78 -4.39 -40.88 -30.32
C GLN A 78 -5.27 -40.18 -31.33
N GLU A 79 -6.57 -40.33 -31.16
CA GLU A 79 -7.48 -39.67 -32.08
C GLU A 79 -7.23 -38.18 -32.01
N LEU A 80 -6.82 -37.72 -30.84
CA LEU A 80 -6.53 -36.30 -30.64
C LEU A 80 -5.50 -35.82 -31.64
N ALA A 81 -4.40 -36.56 -31.78
CA ALA A 81 -3.36 -36.17 -32.70
C ALA A 81 -3.95 -35.91 -34.08
N GLU A 82 -4.75 -36.85 -34.56
CA GLU A 82 -5.37 -36.70 -35.87
C GLU A 82 -6.48 -35.67 -35.82
N GLN A 83 -7.36 -35.77 -34.82
CA GLN A 83 -8.48 -34.83 -34.70
C GLN A 83 -7.99 -33.40 -34.77
N LEU A 84 -6.91 -33.12 -34.06
CA LEU A 84 -6.35 -31.79 -34.04
C LEU A 84 -5.81 -31.42 -35.43
N GLN A 85 -5.20 -32.39 -36.10
CA GLN A 85 -4.63 -32.15 -37.42
C GLN A 85 -5.70 -31.60 -38.37
N THR A 86 -6.91 -32.12 -38.25
CA THR A 86 -8.00 -31.67 -39.10
C THR A 86 -8.13 -30.15 -39.04
N THR A 87 -7.82 -29.60 -37.88
CA THR A 87 -7.89 -28.15 -37.69
C THR A 87 -6.87 -27.44 -38.59
N LYS A 88 -5.74 -28.10 -38.83
CA LYS A 88 -4.69 -27.49 -39.66
C LYS A 88 -5.27 -27.04 -41.00
N GLU A 89 -6.09 -27.89 -41.60
CA GLU A 89 -6.72 -27.54 -42.87
C GLU A 89 -7.73 -26.43 -42.67
N GLY B 1 -28.55 2.33 -16.47
CA GLY B 1 -29.40 1.37 -17.18
C GLY B 1 -29.33 0.00 -16.52
N ARG B 2 -30.46 -0.70 -16.52
CA ARG B 2 -30.53 -2.03 -15.92
C ARG B 2 -29.50 -2.97 -16.54
N ALA B 3 -29.00 -2.60 -17.71
CA ALA B 3 -28.03 -3.44 -18.41
C ALA B 3 -26.87 -3.84 -17.50
N ARG B 4 -26.28 -2.88 -16.81
CA ARG B 4 -25.17 -3.18 -15.92
C ARG B 4 -25.60 -4.15 -14.83
N ASP B 5 -26.76 -3.89 -14.24
CA ASP B 5 -27.27 -4.72 -13.17
C ASP B 5 -27.60 -6.13 -13.63
N ALA B 6 -28.13 -6.26 -14.83
CA ALA B 6 -28.51 -7.57 -15.33
C ALA B 6 -27.29 -8.47 -15.51
N ILE B 7 -26.29 -7.99 -16.22
CA ILE B 7 -25.09 -8.77 -16.45
C ILE B 7 -24.47 -9.18 -15.13
N LEU B 8 -24.30 -8.19 -14.26
CA LEU B 8 -23.68 -8.44 -12.97
C LEU B 8 -24.33 -9.62 -12.26
N ASP B 9 -25.64 -9.60 -12.14
CA ASP B 9 -26.34 -10.67 -11.44
C ASP B 9 -26.05 -12.05 -12.05
N ALA B 10 -26.10 -12.15 -13.37
CA ALA B 10 -25.88 -13.43 -14.04
C ALA B 10 -24.41 -13.86 -14.04
N LEU B 11 -23.50 -12.93 -14.28
CA LEU B 11 -22.08 -13.27 -14.33
C LEU B 11 -21.59 -13.86 -13.00
N GLU B 12 -22.09 -13.31 -11.90
CA GLU B 12 -21.69 -13.76 -10.55
C GLU B 12 -22.10 -15.21 -10.24
N ASN B 13 -22.99 -15.79 -11.05
CA ASN B 13 -23.44 -17.17 -10.80
C ASN B 13 -22.48 -18.22 -11.39
N LEU B 14 -21.33 -17.77 -11.90
CA LEU B 14 -20.37 -18.71 -12.47
C LEU B 14 -19.37 -19.17 -11.41
N SER B 15 -18.91 -20.41 -11.53
CA SER B 15 -17.94 -20.95 -10.58
C SER B 15 -16.58 -20.28 -10.80
N GLY B 16 -15.70 -20.42 -9.82
CA GLY B 16 -14.37 -19.82 -9.90
C GLY B 16 -13.56 -20.28 -11.11
N ASP B 17 -13.63 -21.56 -11.45
CA ASP B 17 -12.84 -22.07 -12.57
C ASP B 17 -13.34 -21.57 -13.93
N GLU B 18 -14.63 -21.68 -14.19
CA GLU B 18 -15.18 -21.25 -15.47
C GLU B 18 -14.88 -19.79 -15.69
N LEU B 19 -14.86 -19.04 -14.59
CA LEU B 19 -14.58 -17.62 -14.68
C LEU B 19 -13.27 -17.42 -15.43
N LYS B 20 -12.27 -18.22 -15.09
CA LYS B 20 -10.98 -18.10 -15.74
C LYS B 20 -11.14 -18.37 -17.21
N LYS B 21 -11.95 -19.37 -17.52
CA LYS B 21 -12.21 -19.79 -18.88
C LYS B 21 -12.84 -18.67 -19.66
N PHE B 22 -13.73 -17.96 -19.00
CA PHE B 22 -14.45 -16.87 -19.63
C PHE B 22 -13.52 -15.72 -20.00
N LYS B 23 -12.76 -15.23 -19.01
CA LYS B 23 -11.85 -14.11 -19.27
C LYS B 23 -10.88 -14.43 -20.40
N MET B 24 -10.22 -15.58 -20.28
CA MET B 24 -9.24 -15.98 -21.29
C MET B 24 -9.86 -16.10 -22.67
N LYS B 25 -11.06 -16.65 -22.74
CA LYS B 25 -11.72 -16.81 -24.03
C LYS B 25 -11.99 -15.45 -24.67
N LEU B 26 -12.41 -14.50 -23.84
CA LEU B 26 -12.73 -13.15 -24.29
C LEU B 26 -11.56 -12.49 -25.02
N LEU B 27 -10.36 -12.76 -24.56
CA LEU B 27 -9.17 -12.17 -25.16
C LEU B 27 -9.03 -12.55 -26.63
N THR B 28 -9.45 -13.76 -26.99
CA THR B 28 -9.30 -14.25 -28.37
C THR B 28 -10.63 -14.23 -29.15
N VAL B 29 -11.66 -13.66 -28.57
CA VAL B 29 -12.96 -13.62 -29.24
C VAL B 29 -13.01 -12.55 -30.32
N GLN B 30 -13.78 -12.82 -31.38
CA GLN B 30 -13.92 -11.88 -32.49
C GLN B 30 -14.83 -10.72 -32.09
N LEU B 31 -14.41 -9.51 -32.42
CA LEU B 31 -15.17 -8.31 -32.08
C LEU B 31 -15.45 -7.47 -33.31
N ARG B 32 -16.50 -6.66 -33.25
CA ARG B 32 -16.85 -5.80 -34.36
C ARG B 32 -15.82 -4.68 -34.51
N GLU B 33 -15.57 -4.25 -35.74
CA GLU B 33 -14.58 -3.20 -35.99
C GLU B 33 -15.03 -1.86 -35.43
N GLY B 34 -14.06 -1.04 -35.03
CA GLY B 34 -14.35 0.28 -34.47
C GLY B 34 -14.29 0.26 -32.95
N TYR B 35 -13.93 -0.90 -32.40
CA TYR B 35 -13.83 -1.05 -30.96
C TYR B 35 -12.41 -1.49 -30.56
N GLY B 36 -12.05 -1.21 -29.32
CA GLY B 36 -10.72 -1.57 -28.83
C GLY B 36 -10.71 -2.94 -28.14
N ARG B 37 -9.52 -3.33 -27.72
CA ARG B 37 -9.31 -4.60 -27.03
C ARG B 37 -8.84 -4.31 -25.61
N ILE B 38 -9.26 -5.13 -24.65
CA ILE B 38 -8.90 -4.86 -23.27
C ILE B 38 -7.50 -5.39 -22.94
N PRO B 39 -6.65 -4.56 -22.34
CA PRO B 39 -5.25 -4.95 -21.98
C PRO B 39 -5.20 -6.26 -21.21
N ARG B 40 -4.28 -7.13 -21.60
CA ARG B 40 -4.14 -8.43 -20.95
C ARG B 40 -3.81 -8.31 -19.46
N GLY B 41 -2.87 -7.43 -19.13
CA GLY B 41 -2.45 -7.27 -17.74
C GLY B 41 -3.60 -6.98 -16.77
N ALA B 42 -4.49 -6.07 -17.13
CA ALA B 42 -5.60 -5.72 -16.24
C ALA B 42 -6.57 -6.88 -16.07
N LEU B 43 -6.87 -7.56 -17.16
CA LEU B 43 -7.82 -8.66 -17.12
C LEU B 43 -7.38 -9.80 -16.19
N LEU B 44 -6.09 -10.11 -16.17
CA LEU B 44 -5.59 -11.21 -15.36
C LEU B 44 -5.86 -11.04 -13.87
N GLN B 45 -5.79 -9.81 -13.36
CA GLN B 45 -6.00 -9.58 -11.92
C GLN B 45 -7.36 -8.97 -11.59
N MET B 46 -8.21 -8.78 -12.60
CA MET B 46 -9.52 -8.16 -12.37
C MET B 46 -10.48 -9.05 -11.57
N ASP B 47 -11.49 -8.42 -10.99
CA ASP B 47 -12.51 -9.11 -10.19
C ASP B 47 -13.82 -9.24 -10.96
N ALA B 48 -14.71 -10.11 -10.48
CA ALA B 48 -15.99 -10.33 -11.15
C ALA B 48 -16.84 -9.04 -11.18
N ILE B 49 -16.85 -8.28 -10.09
CA ILE B 49 -17.63 -7.05 -10.07
C ILE B 49 -16.99 -5.98 -10.95
N ASP B 50 -15.69 -5.81 -10.77
CA ASP B 50 -14.95 -4.81 -11.53
C ASP B 50 -15.08 -5.06 -13.03
N LEU B 51 -14.97 -6.33 -13.40
CA LEU B 51 -15.07 -6.74 -14.78
C LEU B 51 -16.39 -6.25 -15.39
N THR B 52 -17.42 -6.20 -14.55
CA THR B 52 -18.72 -5.75 -15.02
C THR B 52 -18.67 -4.31 -15.50
N ASP B 53 -18.16 -3.43 -14.65
CA ASP B 53 -18.07 -2.01 -15.00
C ASP B 53 -17.20 -1.79 -16.22
N LYS B 54 -16.06 -2.45 -16.26
CA LYS B 54 -15.15 -2.30 -17.39
C LYS B 54 -15.76 -2.80 -18.68
N LEU B 55 -16.39 -3.98 -18.61
CA LEU B 55 -16.97 -4.59 -19.80
C LEU B 55 -17.92 -3.64 -20.51
N VAL B 56 -18.80 -3.01 -19.76
CA VAL B 56 -19.73 -2.08 -20.36
C VAL B 56 -19.01 -0.81 -20.81
N SER B 57 -18.00 -0.39 -20.07
CA SER B 57 -17.27 0.83 -20.39
C SER B 57 -16.72 0.84 -21.81
N TYR B 58 -16.19 -0.28 -22.27
CA TYR B 58 -15.63 -0.35 -23.62
C TYR B 58 -16.70 -0.48 -24.70
N TYR B 59 -17.73 -1.26 -24.44
CA TYR B 59 -18.78 -1.47 -25.43
C TYR B 59 -20.10 -0.87 -24.98
N LEU B 60 -20.89 -0.39 -25.93
CA LEU B 60 -22.17 0.20 -25.59
C LEU B 60 -23.06 -0.85 -24.95
N GLU B 61 -24.02 -0.39 -24.15
CA GLU B 61 -24.92 -1.30 -23.46
C GLU B 61 -25.64 -2.24 -24.42
N SER B 62 -26.16 -1.69 -25.51
CA SER B 62 -26.88 -2.50 -26.48
C SER B 62 -25.97 -3.55 -27.11
N TYR B 63 -24.92 -3.09 -27.76
CA TYR B 63 -23.98 -4.01 -28.41
C TYR B 63 -23.21 -4.82 -27.38
N GLY B 64 -22.85 -4.19 -26.28
CA GLY B 64 -22.10 -4.87 -25.24
C GLY B 64 -22.87 -6.03 -24.64
N LEU B 65 -24.16 -5.83 -24.40
CA LEU B 65 -24.99 -6.88 -23.84
C LEU B 65 -25.05 -8.11 -24.75
N GLU B 66 -25.21 -7.87 -26.04
CA GLU B 66 -25.27 -8.97 -27.01
C GLU B 66 -23.95 -9.72 -27.10
N LEU B 67 -22.85 -8.97 -27.02
CA LEU B 67 -21.52 -9.58 -27.12
C LEU B 67 -21.30 -10.61 -26.02
N THR B 68 -21.84 -10.37 -24.85
CA THR B 68 -21.66 -11.29 -23.75
C THR B 68 -22.23 -12.67 -24.09
N MET B 69 -23.47 -12.69 -24.58
CA MET B 69 -24.12 -13.94 -24.90
C MET B 69 -23.33 -14.75 -25.90
N THR B 70 -22.77 -14.06 -26.87
CA THR B 70 -22.00 -14.75 -27.90
C THR B 70 -20.91 -15.61 -27.28
N VAL B 71 -20.22 -15.06 -26.27
CA VAL B 71 -19.15 -15.79 -25.60
C VAL B 71 -19.70 -16.85 -24.65
N LEU B 72 -20.78 -16.53 -23.94
CA LEU B 72 -21.35 -17.49 -23.00
C LEU B 72 -21.68 -18.80 -23.69
N ARG B 73 -22.45 -18.74 -24.76
CA ARG B 73 -22.81 -19.96 -25.43
C ARG B 73 -21.57 -20.66 -25.91
N ASP B 74 -20.61 -19.90 -26.44
CA ASP B 74 -19.40 -20.52 -26.99
C ASP B 74 -18.77 -21.51 -26.02
N MET B 75 -18.73 -21.15 -24.74
CA MET B 75 -18.17 -22.03 -23.71
C MET B 75 -19.06 -23.25 -23.57
N GLY B 76 -20.32 -23.07 -23.92
CA GLY B 76 -21.30 -24.12 -23.84
C GLY B 76 -22.68 -23.51 -23.60
N LEU B 77 -23.73 -24.13 -24.14
CA LEU B 77 -25.06 -23.59 -23.96
C LEU B 77 -25.47 -23.75 -22.51
N GLN B 78 -25.80 -22.65 -21.87
CA GLN B 78 -26.20 -22.68 -20.48
C GLN B 78 -27.50 -21.94 -20.28
N GLU B 79 -28.17 -22.22 -19.18
CA GLU B 79 -29.41 -21.54 -18.90
C GLU B 79 -29.14 -20.05 -18.83
N LEU B 80 -27.93 -19.71 -18.39
CA LEU B 80 -27.53 -18.32 -18.28
C LEU B 80 -27.68 -17.61 -19.62
N ALA B 81 -27.15 -18.23 -20.68
CA ALA B 81 -27.24 -17.63 -21.99
C ALA B 81 -28.67 -17.25 -22.31
N GLU B 82 -29.58 -18.19 -22.11
CA GLU B 82 -30.99 -17.93 -22.38
C GLU B 82 -31.58 -17.00 -21.32
N GLN B 83 -31.33 -17.32 -20.04
CA GLN B 83 -31.87 -16.52 -18.95
C GLN B 83 -31.55 -15.04 -19.16
N LEU B 84 -30.32 -14.77 -19.54
CA LEU B 84 -29.91 -13.40 -19.78
C LEU B 84 -30.66 -12.81 -20.97
N GLN B 85 -30.86 -13.62 -22.01
CA GLN B 85 -31.55 -13.15 -23.20
C GLN B 85 -32.93 -12.60 -22.85
N THR B 86 -33.59 -13.23 -21.89
CA THR B 86 -34.91 -12.77 -21.47
C THR B 86 -34.86 -11.30 -21.11
N THR B 87 -33.72 -10.86 -20.57
CA THR B 87 -33.56 -9.47 -20.18
C THR B 87 -33.61 -8.57 -21.41
N LYS B 88 -33.15 -9.07 -22.55
CA LYS B 88 -33.13 -8.28 -23.77
C LYS B 88 -34.52 -7.70 -24.05
N GLU B 89 -35.54 -8.54 -23.89
CA GLU B 89 -36.91 -8.09 -24.10
C GLU B 89 -37.31 -7.11 -23.01
N GLY C 1 -27.72 15.99 13.42
CA GLY C 1 -28.84 15.06 13.53
C GLY C 1 -28.34 13.62 13.66
N ARG C 2 -29.06 12.82 14.44
CA ARG C 2 -28.69 11.43 14.65
C ARG C 2 -28.61 10.67 13.32
N ALA C 3 -29.22 11.23 12.29
CA ALA C 3 -29.23 10.59 10.98
C ALA C 3 -27.82 10.18 10.53
N ARG C 4 -26.86 11.10 10.63
CA ARG C 4 -25.50 10.78 10.23
C ARG C 4 -24.94 9.64 11.07
N ASP C 5 -25.16 9.72 12.37
CA ASP C 5 -24.65 8.71 13.29
C ASP C 5 -25.30 7.35 13.07
N ALA C 6 -26.59 7.33 12.75
CA ALA C 6 -27.27 6.07 12.55
C ALA C 6 -26.73 5.30 11.34
N ILE C 7 -26.66 5.97 10.21
CA ILE C 7 -26.15 5.34 9.00
C ILE C 7 -24.74 4.82 9.23
N LEU C 8 -23.90 5.70 9.77
CA LEU C 8 -22.52 5.35 10.02
C LEU C 8 -22.40 4.03 10.75
N ASP C 9 -23.10 3.90 11.87
CA ASP C 9 -23.02 2.69 12.67
C ASP C 9 -23.40 1.43 11.87
N ALA C 10 -24.48 1.51 11.11
CA ALA C 10 -24.95 0.35 10.34
C ALA C 10 -24.08 0.06 9.12
N LEU C 11 -23.67 1.10 8.40
CA LEU C 11 -22.86 0.89 7.20
C LEU C 11 -21.54 0.19 7.50
N GLU C 12 -20.95 0.53 8.64
CA GLU C 12 -19.65 -0.04 9.05
C GLU C 12 -19.73 -1.55 9.34
N ASN C 13 -20.94 -2.11 9.48
CA ASN C 13 -21.08 -3.54 9.76
C ASN C 13 -21.01 -4.41 8.51
N LEU C 14 -20.70 -3.80 7.36
CA LEU C 14 -20.62 -4.56 6.11
C LEU C 14 -19.19 -5.06 5.89
N SER C 15 -19.07 -6.23 5.25
CA SER C 15 -17.75 -6.79 4.98
C SER C 15 -17.08 -5.98 3.88
N GLY C 16 -15.77 -6.17 3.73
CA GLY C 16 -14.99 -5.44 2.74
C GLY C 16 -15.49 -5.65 1.30
N ASP C 17 -15.86 -6.88 0.96
CA ASP C 17 -16.30 -7.17 -0.41
C ASP C 17 -17.65 -6.54 -0.75
N GLU C 18 -18.65 -6.74 0.11
CA GLU C 18 -19.97 -6.20 -0.15
C GLU C 18 -19.90 -4.69 -0.29
N LEU C 19 -18.99 -4.09 0.45
CA LEU C 19 -18.81 -2.66 0.39
C LEU C 19 -18.60 -2.24 -1.06
N LYS C 20 -17.76 -2.98 -1.77
CA LYS C 20 -17.49 -2.66 -3.15
C LYS C 20 -18.77 -2.75 -3.94
N LYS C 21 -19.56 -3.77 -3.64
CA LYS C 21 -20.81 -4.03 -4.30
C LYS C 21 -21.76 -2.88 -4.10
N PHE C 22 -21.75 -2.34 -2.90
CA PHE C 22 -22.63 -1.26 -2.53
C PHE C 22 -22.29 0.01 -3.31
N LYS C 23 -21.03 0.45 -3.25
CA LYS C 23 -20.62 1.66 -3.95
C LYS C 23 -20.96 1.59 -5.44
N MET C 24 -20.52 0.50 -6.07
CA MET C 24 -20.74 0.32 -7.50
C MET C 24 -22.22 0.33 -7.83
N LYS C 25 -23.04 -0.31 -7.02
CA LYS C 25 -24.47 -0.36 -7.28
C LYS C 25 -25.07 1.04 -7.25
N LEU C 26 -24.61 1.83 -6.28
CA LEU C 26 -25.10 3.18 -6.09
C LEU C 26 -24.94 4.04 -7.34
N LEU C 27 -23.86 3.83 -8.06
CA LEU C 27 -23.59 4.60 -9.27
C LEU C 27 -24.69 4.43 -10.32
N THR C 28 -25.29 3.24 -10.37
CA THR C 28 -26.32 2.95 -11.37
C THR C 28 -27.74 2.96 -10.79
N VAL C 29 -27.89 3.35 -9.54
CA VAL C 29 -29.20 3.34 -8.91
C VAL C 29 -30.04 4.54 -9.35
N GLN C 30 -31.35 4.34 -9.41
CA GLN C 30 -32.27 5.41 -9.82
C GLN C 30 -32.45 6.41 -8.69
N LEU C 31 -32.39 7.69 -9.03
CA LEU C 31 -32.53 8.76 -8.05
C LEU C 31 -33.64 9.73 -8.42
N ARG C 32 -34.18 10.42 -7.43
CA ARG C 32 -35.24 11.39 -7.68
C ARG C 32 -34.67 12.60 -8.41
N GLU C 33 -35.47 13.20 -9.28
CA GLU C 33 -35.03 14.37 -10.05
C GLU C 33 -34.80 15.59 -9.15
N GLY C 34 -33.85 16.44 -9.56
CA GLY C 34 -33.51 17.64 -8.79
C GLY C 34 -32.26 17.42 -7.94
N TYR C 35 -31.67 16.24 -8.08
CA TYR C 35 -30.46 15.90 -7.33
C TYR C 35 -29.32 15.55 -8.27
N GLY C 36 -28.09 15.70 -7.79
CA GLY C 36 -26.93 15.40 -8.59
C GLY C 36 -26.44 13.96 -8.40
N ARG C 37 -25.40 13.63 -9.16
CA ARG C 37 -24.78 12.30 -9.11
C ARG C 37 -23.37 12.44 -8.59
N ILE C 38 -22.89 11.47 -7.81
CA ILE C 38 -21.55 11.59 -7.23
C ILE C 38 -20.48 11.16 -8.24
N PRO C 39 -19.45 11.97 -8.42
CA PRO C 39 -18.33 11.67 -9.37
C PRO C 39 -17.76 10.28 -9.16
N ARG C 40 -17.55 9.56 -10.25
CA ARG C 40 -17.02 8.20 -10.17
C ARG C 40 -15.63 8.16 -9.53
N GLY C 41 -14.75 9.07 -9.94
CA GLY C 41 -13.38 9.09 -9.42
C GLY C 41 -13.30 9.14 -7.89
N ALA C 42 -14.07 9.99 -7.27
CA ALA C 42 -14.03 10.12 -5.81
C ALA C 42 -14.54 8.87 -5.11
N LEU C 43 -15.61 8.31 -5.63
CA LEU C 43 -16.22 7.13 -5.03
C LEU C 43 -15.27 5.93 -4.99
N LEU C 44 -14.48 5.75 -6.05
CA LEU C 44 -13.58 4.59 -6.13
C LEU C 44 -12.56 4.54 -5.02
N GLN C 45 -12.05 5.70 -4.58
CA GLN C 45 -11.02 5.71 -3.52
C GLN C 45 -11.56 6.14 -2.15
N MET C 46 -12.86 6.39 -2.05
CA MET C 46 -13.45 6.85 -0.79
C MET C 46 -13.43 5.77 0.31
N ASP C 47 -13.57 6.23 1.56
CA ASP C 47 -13.57 5.34 2.72
C ASP C 47 -14.99 5.21 3.29
N ALA C 48 -15.18 4.19 4.14
CA ALA C 48 -16.50 3.95 4.73
C ALA C 48 -16.98 5.14 5.57
N ILE C 49 -16.08 5.75 6.34
CA ILE C 49 -16.48 6.89 7.16
C ILE C 49 -16.74 8.12 6.29
N ASP C 50 -15.80 8.39 5.40
CA ASP C 50 -15.90 9.54 4.51
C ASP C 50 -17.19 9.48 3.68
N LEU C 51 -17.48 8.28 3.19
CA LEU C 51 -18.67 8.06 2.39
C LEU C 51 -19.90 8.49 3.14
N THR C 52 -19.87 8.34 4.45
CA THR C 52 -21.01 8.72 5.28
C THR C 52 -21.28 10.21 5.17
N ASP C 53 -20.25 11.02 5.41
CA ASP C 53 -20.41 12.46 5.36
C ASP C 53 -20.86 12.92 3.97
N LYS C 54 -20.22 12.39 2.94
CA LYS C 54 -20.56 12.77 1.58
C LYS C 54 -21.97 12.38 1.22
N LEU C 55 -22.36 11.15 1.57
CA LEU C 55 -23.69 10.66 1.24
C LEU C 55 -24.77 11.60 1.71
N VAL C 56 -24.69 12.04 2.96
CA VAL C 56 -25.68 12.96 3.47
C VAL C 56 -25.55 14.34 2.84
N SER C 57 -24.32 14.74 2.53
CA SER C 57 -24.07 16.05 1.95
C SER C 57 -24.87 16.30 0.68
N TYR C 58 -24.97 15.30 -0.18
CA TYR C 58 -25.70 15.46 -1.44
C TYR C 58 -27.22 15.38 -1.26
N TYR C 59 -27.67 14.49 -0.40
CA TYR C 59 -29.10 14.31 -0.19
C TYR C 59 -29.51 14.71 1.21
N LEU C 60 -30.71 15.24 1.34
CA LEU C 60 -31.21 15.66 2.65
C LEU C 60 -31.28 14.46 3.58
N GLU C 61 -31.21 14.72 4.87
CA GLU C 61 -31.25 13.65 5.86
C GLU C 61 -32.49 12.79 5.70
N SER C 62 -33.64 13.42 5.55
CA SER C 62 -34.89 12.68 5.43
C SER C 62 -34.90 11.81 4.17
N TYR C 63 -34.74 12.45 3.02
CA TYR C 63 -34.75 11.72 1.76
C TYR C 63 -33.50 10.85 1.64
N GLY C 64 -32.37 11.36 2.10
CA GLY C 64 -31.12 10.62 2.01
C GLY C 64 -31.18 9.32 2.80
N LEU C 65 -31.76 9.37 3.99
CA LEU C 65 -31.86 8.18 4.84
C LEU C 65 -32.68 7.09 4.15
N GLU C 66 -33.79 7.48 3.54
CA GLU C 66 -34.65 6.51 2.86
C GLU C 66 -33.96 5.91 1.64
N LEU C 67 -33.19 6.73 0.93
CA LEU C 67 -32.50 6.28 -0.27
C LEU C 67 -31.54 5.13 0.04
N THR C 68 -30.93 5.17 1.21
CA THR C 68 -30.00 4.12 1.58
C THR C 68 -30.68 2.76 1.61
N MET C 69 -31.81 2.69 2.30
CA MET C 69 -32.53 1.43 2.44
C MET C 69 -32.87 0.85 1.09
N THR C 70 -33.28 1.70 0.18
CA THR C 70 -33.67 1.22 -1.15
C THR C 70 -32.55 0.41 -1.78
N VAL C 71 -31.30 0.87 -1.63
CA VAL C 71 -30.16 0.16 -2.19
C VAL C 71 -29.79 -1.07 -1.35
N LEU C 72 -29.86 -0.94 -0.03
CA LEU C 72 -29.51 -2.07 0.83
C LEU C 72 -30.33 -3.29 0.49
N ARG C 73 -31.64 -3.16 0.46
CA ARG C 73 -32.43 -4.31 0.16
C ARG C 73 -32.11 -4.83 -1.22
N ASP C 74 -31.91 -3.93 -2.17
CA ASP C 74 -31.65 -4.34 -3.55
C ASP C 74 -30.55 -5.40 -3.61
N MET C 75 -29.48 -5.20 -2.84
CA MET C 75 -28.37 -6.15 -2.81
C MET C 75 -28.85 -7.46 -2.20
N GLY C 76 -29.90 -7.35 -1.39
CA GLY C 76 -30.48 -8.50 -0.71
C GLY C 76 -31.09 -8.04 0.60
N LEU C 77 -32.18 -8.69 1.02
CA LEU C 77 -32.81 -8.29 2.27
C LEU C 77 -31.92 -8.68 3.41
N GLN C 78 -31.57 -7.71 4.23
CA GLN C 78 -30.70 -7.97 5.36
C GLN C 78 -31.30 -7.37 6.62
N GLU C 79 -30.84 -7.85 7.76
CA GLU C 79 -31.34 -7.35 9.01
C GLU C 79 -31.05 -5.86 9.06
N LEU C 80 -29.95 -5.47 8.43
CA LEU C 80 -29.55 -4.07 8.38
C LEU C 80 -30.67 -3.21 7.81
N ALA C 81 -31.22 -3.63 6.68
CA ALA C 81 -32.28 -2.87 6.06
C ALA C 81 -33.38 -2.59 7.07
N GLU C 82 -33.83 -3.62 7.76
CA GLU C 82 -34.88 -3.46 8.75
C GLU C 82 -34.35 -2.75 9.99
N GLN C 83 -33.20 -3.20 10.49
CA GLN C 83 -32.62 -2.60 11.69
C GLN C 83 -32.52 -1.09 11.54
N LEU C 84 -32.08 -0.65 10.39
CA LEU C 84 -31.93 0.76 10.14
C LEU C 84 -33.30 1.43 10.10
N GLN C 85 -34.29 0.75 9.53
CA GLN C 85 -35.63 1.31 9.43
C GLN C 85 -36.16 1.68 10.82
N THR C 86 -35.84 0.87 11.81
CA THR C 86 -36.29 1.14 13.17
C THR C 86 -35.89 2.56 13.58
N THR C 87 -34.75 3.02 13.06
CA THR C 87 -34.28 4.36 13.37
C THR C 87 -35.23 5.41 12.82
N LYS C 88 -35.88 5.10 11.71
CA LYS C 88 -36.81 6.05 11.09
C LYS C 88 -37.84 6.52 12.11
N GLU C 89 -38.38 5.59 12.88
CA GLU C 89 -39.36 5.92 13.91
C GLU C 89 -38.68 6.72 15.02
N GLY D 1 -2.93 25.59 32.69
CA GLY D 1 -3.57 24.54 33.48
C GLY D 1 -3.24 23.16 32.96
N ARG D 2 -3.10 22.20 33.87
CA ARG D 2 -2.77 20.83 33.49
C ARG D 2 -3.80 20.27 32.52
N ALA D 3 -4.97 20.91 32.47
CA ALA D 3 -6.05 20.45 31.58
C ALA D 3 -5.56 20.23 30.16
N ARG D 4 -4.85 21.21 29.61
CA ARG D 4 -4.36 21.06 28.24
C ARG D 4 -3.40 19.88 28.13
N ASP D 5 -2.50 19.77 29.10
CA ASP D 5 -1.52 18.69 29.10
C ASP D 5 -2.16 17.32 29.26
N ALA D 6 -3.19 17.24 30.07
CA ALA D 6 -3.85 15.95 30.31
C ALA D 6 -4.49 15.40 29.05
N ILE D 7 -5.33 16.22 28.41
CA ILE D 7 -6.00 15.79 27.20
C ILE D 7 -4.98 15.39 26.14
N LEU D 8 -4.00 16.25 25.93
CA LEU D 8 -2.99 16.00 24.94
C LEU D 8 -2.40 14.61 25.09
N ASP D 9 -1.95 14.28 26.29
CA ASP D 9 -1.33 12.98 26.52
C ASP D 9 -2.25 11.81 26.16
N ALA D 10 -3.51 11.90 26.57
CA ALA D 10 -4.46 10.81 26.29
C ALA D 10 -4.91 10.76 24.83
N LEU D 11 -5.18 11.91 24.24
CA LEU D 11 -5.65 11.94 22.85
C LEU D 11 -4.64 11.33 21.89
N GLU D 12 -3.35 11.57 22.15
CA GLU D 12 -2.27 11.07 21.29
C GLU D 12 -2.16 9.52 21.29
N ASN D 13 -2.82 8.86 22.24
CA ASN D 13 -2.75 7.39 22.31
C ASN D 13 -3.76 6.71 21.38
N LEU D 14 -4.43 7.48 20.54
CA LEU D 14 -5.41 6.91 19.61
C LEU D 14 -4.75 6.57 18.28
N SER D 15 -5.24 5.52 17.64
CA SER D 15 -4.68 5.12 16.34
C SER D 15 -5.10 6.12 15.27
N GLY D 16 -4.42 6.06 14.13
CA GLY D 16 -4.70 7.00 13.03
C GLY D 16 -6.15 6.92 12.53
N ASP D 17 -6.71 5.72 12.43
CA ASP D 17 -8.08 5.59 11.92
C ASP D 17 -9.14 6.13 12.88
N GLU D 18 -9.07 5.73 14.14
CA GLU D 18 -10.06 6.18 15.12
C GLU D 18 -10.05 7.69 15.20
N LEU D 19 -8.87 8.26 15.02
CA LEU D 19 -8.74 9.70 15.06
C LEU D 19 -9.74 10.33 14.09
N LYS D 20 -9.82 9.76 12.90
CA LYS D 20 -10.74 10.29 11.90
C LYS D 20 -12.15 10.19 12.43
N LYS D 21 -12.43 9.08 13.07
CA LYS D 21 -13.75 8.79 13.63
C LYS D 21 -14.11 9.82 14.66
N PHE D 22 -13.11 10.19 15.45
CA PHE D 22 -13.31 11.14 16.53
C PHE D 22 -13.65 12.52 16.00
N LYS D 23 -12.81 13.05 15.11
CA LYS D 23 -13.06 14.39 14.55
C LYS D 23 -14.43 14.48 13.91
N MET D 24 -14.73 13.53 13.02
CA MET D 24 -16.00 13.52 12.32
C MET D 24 -17.17 13.44 13.28
N LYS D 25 -17.06 12.62 14.31
CA LYS D 25 -18.14 12.49 15.27
C LYS D 25 -18.40 13.80 15.98
N LEU D 26 -17.32 14.50 16.31
CA LEU D 26 -17.40 15.76 17.03
C LEU D 26 -18.25 16.79 16.28
N LEU D 27 -18.17 16.78 14.97
CA LEU D 27 -18.92 17.72 14.15
C LEU D 27 -20.43 17.59 14.37
N THR D 28 -20.90 16.37 14.62
CA THR D 28 -22.34 16.13 14.79
C THR D 28 -22.75 15.93 16.26
N VAL D 29 -21.82 16.14 17.18
CA VAL D 29 -22.13 15.94 18.59
C VAL D 29 -22.92 17.11 19.16
N GLN D 30 -23.79 16.80 20.13
CA GLN D 30 -24.62 17.82 20.78
C GLN D 30 -23.78 18.65 21.75
N LEU D 31 -23.95 19.96 21.69
CA LEU D 31 -23.20 20.87 22.55
C LEU D 31 -24.12 21.78 23.34
N ARG D 32 -23.63 22.28 24.46
CA ARG D 32 -24.42 23.17 25.30
C ARG D 32 -24.59 24.52 24.60
N GLU D 33 -25.74 25.16 24.81
CA GLU D 33 -26.02 26.45 24.17
C GLU D 33 -25.11 27.55 24.70
N GLY D 34 -24.80 28.52 23.85
CA GLY D 34 -23.94 29.64 24.23
C GLY D 34 -22.52 29.43 23.71
N TYR D 35 -22.31 28.33 22.97
CA TYR D 35 -21.00 28.01 22.44
C TYR D 35 -21.07 27.89 20.91
N GLY D 36 -19.93 28.07 20.27
CA GLY D 36 -19.87 28.00 18.81
C GLY D 36 -19.50 26.59 18.33
N ARG D 37 -19.48 26.45 17.01
CA ARG D 37 -19.14 25.20 16.35
C ARG D 37 -17.85 25.39 15.56
N ILE D 38 -17.00 24.38 15.52
CA ILE D 38 -15.72 24.53 14.82
C ILE D 38 -15.87 24.33 13.31
N PRO D 39 -15.35 25.25 12.51
CA PRO D 39 -15.44 25.18 11.02
C PRO D 39 -14.99 23.82 10.48
N ARG D 40 -15.76 23.28 9.56
CA ARG D 40 -15.44 21.98 8.98
C ARG D 40 -14.09 21.98 8.26
N GLY D 41 -13.83 23.01 7.47
CA GLY D 41 -12.59 23.08 6.70
C GLY D 41 -11.33 22.94 7.54
N ALA D 42 -11.27 23.64 8.67
CA ALA D 42 -10.08 23.56 9.52
C ALA D 42 -9.90 22.19 10.15
N LEU D 43 -10.99 21.61 10.61
CA LEU D 43 -10.95 20.31 11.27
C LEU D 43 -10.39 19.21 10.35
N LEU D 44 -10.78 19.24 9.08
CA LEU D 44 -10.35 18.19 8.15
C LEU D 44 -8.83 18.08 7.99
N GLN D 45 -8.12 19.20 8.04
CA GLN D 45 -6.65 19.18 7.86
C GLN D 45 -5.88 19.37 9.16
N MET D 46 -6.58 19.48 10.29
CA MET D 46 -5.91 19.72 11.57
C MET D 46 -5.10 18.52 12.05
N ASP D 47 -4.17 18.79 12.97
CA ASP D 47 -3.29 17.77 13.54
C ASP D 47 -3.71 17.42 14.97
N ALA D 48 -3.22 16.30 15.49
CA ALA D 48 -3.57 15.86 16.83
C ALA D 48 -3.12 16.87 17.90
N ILE D 49 -1.94 17.46 17.74
CA ILE D 49 -1.47 18.44 18.72
C ILE D 49 -2.26 19.74 18.58
N ASP D 50 -2.37 20.22 17.35
CA ASP D 50 -3.09 21.46 17.08
C ASP D 50 -4.52 21.39 17.59
N LEU D 51 -5.15 20.25 17.34
CA LEU D 51 -6.52 20.03 17.76
C LEU D 51 -6.66 20.25 19.26
N THR D 52 -5.61 19.93 19.98
CA THR D 52 -5.63 20.10 21.42
C THR D 52 -5.80 21.55 21.81
N ASP D 53 -4.95 22.41 21.26
CA ASP D 53 -5.02 23.82 21.58
C ASP D 53 -6.36 24.43 21.17
N LYS D 54 -6.82 24.09 19.97
CA LYS D 54 -8.07 24.62 19.48
C LYS D 54 -9.24 24.16 20.33
N LEU D 55 -9.27 22.86 20.65
CA LEU D 55 -10.37 22.30 21.42
C LEU D 55 -10.61 23.07 22.70
N VAL D 56 -9.55 23.36 23.44
CA VAL D 56 -9.70 24.10 24.68
C VAL D 56 -10.05 25.55 24.40
N SER D 57 -9.52 26.10 23.31
CA SER D 57 -9.75 27.50 22.97
C SER D 57 -11.24 27.84 22.87
N TYR D 58 -12.03 26.96 22.29
CA TYR D 58 -13.46 27.22 22.12
C TYR D 58 -14.25 26.98 23.42
N TYR D 59 -13.89 25.94 24.16
CA TYR D 59 -14.62 25.61 25.38
C TYR D 59 -13.73 25.79 26.60
N LEU D 60 -14.33 26.18 27.72
CA LEU D 60 -13.58 26.38 28.94
C LEU D 60 -12.95 25.07 29.38
N GLU D 61 -11.87 25.16 30.13
CA GLU D 61 -11.17 23.96 30.58
C GLU D 61 -12.09 23.02 31.34
N SER D 62 -12.88 23.57 32.26
CA SER D 62 -13.79 22.74 33.05
C SER D 62 -14.82 22.05 32.18
N TYR D 63 -15.61 22.84 31.47
CA TYR D 63 -16.64 22.28 30.60
C TYR D 63 -16.02 21.55 29.42
N GLY D 64 -14.94 22.11 28.89
CA GLY D 64 -14.28 21.50 27.74
C GLY D 64 -13.76 20.11 28.06
N LEU D 65 -13.18 19.95 29.23
CA LEU D 65 -12.63 18.65 29.63
C LEU D 65 -13.73 17.59 29.70
N GLU D 66 -14.87 17.95 30.27
CA GLU D 66 -15.99 17.02 30.39
C GLU D 66 -16.56 16.64 29.03
N LEU D 67 -16.60 17.62 28.13
CA LEU D 67 -17.15 17.39 26.79
C LEU D 67 -16.39 16.30 26.05
N THR D 68 -15.08 16.23 26.27
CA THR D 68 -14.27 15.24 25.61
C THR D 68 -14.73 13.83 25.95
N MET D 69 -14.88 13.57 27.25
CA MET D 69 -15.28 12.25 27.70
C MET D 69 -16.59 11.82 27.08
N THR D 70 -17.52 12.74 26.98
CA THR D 70 -18.82 12.41 26.43
C THR D 70 -18.68 11.79 25.04
N VAL D 71 -17.78 12.34 24.22
CA VAL D 71 -17.56 11.82 22.88
C VAL D 71 -16.73 10.53 22.90
N LEU D 72 -15.73 10.47 23.78
CA LEU D 72 -14.88 9.28 23.84
C LEU D 72 -15.72 8.03 24.09
N ARG D 73 -16.53 8.05 25.13
CA ARG D 73 -17.31 6.88 25.40
C ARG D 73 -18.24 6.59 24.24
N ASP D 74 -18.81 7.62 23.66
CA ASP D 74 -19.77 7.42 22.56
C ASP D 74 -19.21 6.48 21.49
N MET D 75 -17.93 6.67 21.15
CA MET D 75 -17.28 5.82 20.15
C MET D 75 -17.16 4.40 20.68
N GLY D 76 -17.15 4.32 22.01
CA GLY D 76 -17.03 3.05 22.70
C GLY D 76 -16.34 3.26 24.04
N LEU D 77 -16.71 2.48 25.04
CA LEU D 77 -16.09 2.64 26.35
C LEU D 77 -14.65 2.18 26.28
N GLN D 78 -13.75 3.07 26.63
CA GLN D 78 -12.34 2.74 26.59
C GLN D 78 -11.67 3.11 27.90
N GLU D 79 -10.51 2.52 28.15
CA GLU D 79 -9.80 2.81 29.37
C GLU D 79 -9.51 4.30 29.39
N LEU D 80 -9.32 4.87 28.21
CA LEU D 80 -9.04 6.30 28.08
C LEU D 80 -10.14 7.12 28.75
N ALA D 81 -11.39 6.80 28.44
CA ALA D 81 -12.49 7.54 29.02
C ALA D 81 -12.35 7.59 30.53
N GLU D 82 -12.12 6.43 31.14
CA GLU D 82 -11.97 6.37 32.58
C GLU D 82 -10.63 6.95 33.01
N GLN D 83 -9.55 6.54 32.35
CA GLN D 83 -8.22 7.03 32.70
C GLN D 83 -8.20 8.54 32.76
N LEU D 84 -8.83 9.17 31.78
CA LEU D 84 -8.87 10.62 31.73
C LEU D 84 -9.70 11.17 32.89
N GLN D 85 -10.78 10.48 33.22
CA GLN D 85 -11.64 10.92 34.31
C GLN D 85 -10.86 11.06 35.61
N THR D 86 -9.91 10.15 35.83
CA THR D 86 -9.10 10.20 37.03
C THR D 86 -8.47 11.58 37.18
N THR D 87 -8.15 12.20 36.05
CA THR D 87 -7.55 13.53 36.05
C THR D 87 -8.52 14.56 36.65
N LYS D 88 -9.81 14.34 36.43
CA LYS D 88 -10.82 15.27 36.95
C LYS D 88 -10.61 15.51 38.44
N GLU D 89 -10.38 14.44 39.18
CA GLU D 89 -10.14 14.54 40.61
C GLU D 89 -8.81 15.24 40.87
N GLY E 1 27.91 34.78 26.00
CA GLY E 1 28.10 33.59 26.82
C GLY E 1 27.82 32.32 26.03
N ARG E 2 28.58 31.28 26.32
CA ARG E 2 28.41 30.00 25.63
C ARG E 2 26.98 29.48 25.78
N ALA E 3 26.27 30.01 26.77
CA ALA E 3 24.90 29.57 27.03
C ALA E 3 24.04 29.59 25.76
N ARG E 4 24.07 30.69 25.02
CA ARG E 4 23.29 30.78 23.80
C ARG E 4 23.72 29.70 22.81
N ASP E 5 25.02 29.55 22.64
CA ASP E 5 25.57 28.58 21.70
C ASP E 5 25.24 27.15 22.10
N ALA E 6 25.26 26.86 23.38
CA ALA E 6 24.99 25.50 23.84
C ALA E 6 23.56 25.07 23.52
N ILE E 7 22.59 25.88 23.93
CA ILE E 7 21.20 25.56 23.67
C ILE E 7 20.96 25.40 22.18
N LEU E 8 21.43 26.36 21.42
CA LEU E 8 21.24 26.34 19.98
C LEU E 8 21.66 25.00 19.40
N ASP E 9 22.86 24.56 19.69
CA ASP E 9 23.36 23.30 19.15
C ASP E 9 22.45 22.12 19.48
N ALA E 10 22.02 22.02 20.73
CA ALA E 10 21.18 20.90 21.16
C ALA E 10 19.74 21.00 20.63
N LEU E 11 19.16 22.19 20.67
CA LEU E 11 17.77 22.36 20.23
C LEU E 11 17.59 21.98 18.76
N GLU E 12 18.59 22.29 17.94
CA GLU E 12 18.55 22.01 16.49
C GLU E 12 18.53 20.51 16.18
N ASN E 13 18.86 19.65 17.15
CA ASN E 13 18.88 18.20 16.92
C ASN E 13 17.49 17.56 17.06
N LEU E 14 16.45 18.38 17.21
CA LEU E 14 15.09 17.85 17.34
C LEU E 14 14.42 17.75 15.98
N SER E 15 13.56 16.75 15.81
CA SER E 15 12.85 16.57 14.55
C SER E 15 11.81 17.66 14.39
N GLY E 16 11.30 17.82 13.17
CA GLY E 16 10.30 18.85 12.89
C GLY E 16 9.03 18.73 13.73
N ASP E 17 8.56 17.50 13.92
CA ASP E 17 7.31 17.31 14.68
C ASP E 17 7.46 17.62 16.17
N GLU E 18 8.48 17.06 16.80
CA GLU E 18 8.67 17.28 18.23
C GLU E 18 8.82 18.77 18.51
N LEU E 19 9.42 19.47 17.56
CA LEU E 19 9.61 20.90 17.70
C LEU E 19 8.26 21.55 18.00
N LYS E 20 7.24 21.13 17.28
CA LYS E 20 5.92 21.70 17.49
C LYS E 20 5.47 21.41 18.90
N LYS E 21 5.76 20.20 19.34
CA LYS E 21 5.39 19.73 20.66
C LYS E 21 6.05 20.57 21.71
N PHE E 22 7.30 20.92 21.46
CA PHE E 22 8.08 21.69 22.40
C PHE E 22 7.51 23.10 22.56
N LYS E 23 7.33 23.81 21.46
CA LYS E 23 6.81 25.18 21.53
C LYS E 23 5.47 25.23 22.25
N MET E 24 4.55 24.38 21.81
CA MET E 24 3.22 24.34 22.39
C MET E 24 3.27 24.04 23.88
N LYS E 25 4.12 23.11 24.27
CA LYS E 25 4.21 22.75 25.67
C LYS E 25 4.68 23.93 26.52
N LEU E 26 5.64 24.67 25.96
CA LEU E 26 6.22 25.82 26.64
C LEU E 26 5.15 26.85 27.02
N LEU E 27 4.17 27.01 26.17
CA LEU E 27 3.11 27.99 26.43
C LEU E 27 2.36 27.69 27.73
N THR E 28 2.22 26.41 28.07
CA THR E 28 1.47 26.02 29.27
C THR E 28 2.37 25.59 30.43
N VAL E 29 3.68 25.76 30.27
CA VAL E 29 4.60 25.35 31.33
C VAL E 29 4.63 26.35 32.47
N GLN E 30 4.87 25.84 33.68
CA GLN E 30 4.92 26.68 34.88
C GLN E 30 6.25 27.45 34.92
N LEU E 31 6.15 28.74 35.22
CA LEU E 31 7.34 29.60 35.27
C LEU E 31 7.45 30.30 36.61
N ARG E 32 8.67 30.69 36.98
CA ARG E 32 8.90 31.39 38.23
C ARG E 32 8.30 32.80 38.16
N GLU E 33 7.80 33.29 39.28
CA GLU E 33 7.19 34.62 39.33
C GLU E 33 8.23 35.72 39.09
N GLY E 34 7.77 36.83 38.48
CA GLY E 34 8.65 37.96 38.20
C GLY E 34 9.10 37.94 36.74
N TYR E 35 8.58 36.98 35.98
CA TYR E 35 8.93 36.85 34.57
C TYR E 35 7.68 36.93 33.70
N GLY E 36 7.86 37.30 32.45
CA GLY E 36 6.74 37.43 31.52
C GLY E 36 6.52 36.15 30.72
N ARG E 37 5.47 36.17 29.91
CA ARG E 37 5.10 35.05 29.05
C ARG E 37 5.26 35.47 27.59
N ILE E 38 5.68 34.56 26.74
CA ILE E 38 5.92 34.92 25.34
C ILE E 38 4.61 34.91 24.54
N PRO E 39 4.34 35.97 23.80
CA PRO E 39 3.10 36.08 22.96
C PRO E 39 2.89 34.86 22.08
N ARG E 40 1.65 34.38 22.06
CA ARG E 40 1.32 33.20 21.26
C ARG E 40 1.58 33.42 19.78
N GLY E 41 1.15 34.55 19.26
CA GLY E 41 1.29 34.85 17.83
C GLY E 41 2.73 34.70 17.31
N ALA E 42 3.69 35.26 18.03
CA ALA E 42 5.08 35.19 17.59
C ALA E 42 5.62 33.76 17.61
N LEU E 43 5.30 33.03 18.66
CA LEU E 43 5.78 31.66 18.81
C LEU E 43 5.33 30.74 17.67
N LEU E 44 4.10 30.91 17.21
CA LEU E 44 3.56 30.03 16.16
C LEU E 44 4.35 30.09 14.85
N GLN E 45 4.88 31.25 14.49
CA GLN E 45 5.62 31.39 13.23
C GLN E 45 7.14 31.48 13.42
N MET E 46 7.61 31.38 14.66
CA MET E 46 9.04 31.50 14.93
C MET E 46 9.86 30.32 14.38
N ASP E 47 11.17 30.57 14.23
CA ASP E 47 12.10 29.56 13.72
C ASP E 47 12.96 28.99 14.86
N ALA E 48 13.61 27.86 14.60
CA ALA E 48 14.46 27.21 15.60
C ALA E 48 15.61 28.11 16.04
N ILE E 49 16.24 28.83 15.10
CA ILE E 49 17.35 29.71 15.47
C ILE E 49 16.83 30.93 16.21
N ASP E 50 15.80 31.55 15.64
CA ASP E 50 15.22 32.75 16.24
C ASP E 50 14.74 32.48 17.66
N LEU E 51 14.11 31.34 17.83
CA LEU E 51 13.60 30.94 19.13
C LEU E 51 14.72 30.94 20.16
N THR E 52 15.92 30.62 19.72
CA THR E 52 17.06 30.59 20.61
C THR E 52 17.32 31.97 21.21
N ASP E 53 17.46 32.96 20.34
CA ASP E 53 17.72 34.32 20.80
C ASP E 53 16.63 34.84 21.70
N LYS E 54 15.39 34.62 21.30
CA LYS E 54 14.26 35.10 22.08
C LYS E 54 14.19 34.42 23.43
N LEU E 55 14.37 33.10 23.45
CA LEU E 55 14.29 32.33 24.68
C LEU E 55 15.21 32.91 25.76
N VAL E 56 16.44 33.19 25.41
CA VAL E 56 17.37 33.75 26.37
C VAL E 56 17.01 35.19 26.70
N SER E 57 16.49 35.92 25.72
CA SER E 57 16.14 37.32 25.92
C SER E 57 15.18 37.54 27.09
N TYR E 58 14.20 36.66 27.23
CA TYR E 58 13.22 36.81 28.31
C TYR E 58 13.75 36.34 29.66
N TYR E 59 14.51 35.24 29.66
CA TYR E 59 15.03 34.69 30.92
C TYR E 59 16.54 34.79 30.96
N LEU E 60 17.07 34.97 32.15
CA LEU E 60 18.51 35.08 32.32
C LEU E 60 19.17 33.78 31.88
N GLU E 61 20.44 33.88 31.49
CA GLU E 61 21.16 32.69 31.02
C GLU E 61 21.16 31.58 32.05
N SER E 62 21.43 31.92 33.31
CA SER E 62 21.47 30.92 34.36
C SER E 62 20.12 30.27 34.56
N TYR E 63 19.11 31.07 34.88
CA TYR E 63 17.78 30.54 35.10
C TYR E 63 17.17 30.02 33.79
N GLY E 64 17.43 30.74 32.71
CA GLY E 64 16.89 30.36 31.41
C GLY E 64 17.39 28.98 30.98
N LEU E 65 18.68 28.72 31.18
CA LEU E 65 19.26 27.44 30.79
C LEU E 65 18.60 26.29 31.55
N GLU E 66 18.37 26.47 32.84
CA GLU E 66 17.75 25.42 33.65
C GLU E 66 16.30 25.18 33.23
N LEU E 67 15.61 26.25 32.88
CA LEU E 67 14.20 26.16 32.49
C LEU E 67 14.03 25.25 31.28
N THR E 68 14.99 25.28 30.37
CA THR E 68 14.89 24.45 29.17
C THR E 68 14.83 22.97 29.53
N MET E 69 15.75 22.53 30.38
CA MET E 69 15.79 21.13 30.76
C MET E 69 14.50 20.67 31.36
N THR E 70 13.90 21.51 32.18
CA THR E 70 12.66 21.13 32.83
C THR E 70 11.61 20.72 31.80
N VAL E 71 11.53 21.45 30.68
CA VAL E 71 10.57 21.13 29.63
C VAL E 71 11.03 19.94 28.79
N LEU E 72 12.32 19.85 28.50
CA LEU E 72 12.83 18.75 27.70
C LEU E 72 12.46 17.40 28.31
N ARG E 73 12.79 17.22 29.57
CA ARG E 73 12.48 15.96 30.18
C ARG E 73 10.99 15.73 30.18
N ASP E 74 10.22 16.78 30.45
CA ASP E 74 8.76 16.63 30.51
C ASP E 74 8.21 15.90 29.29
N MET E 75 8.72 16.25 28.11
CA MET E 75 8.28 15.60 26.87
C MET E 75 8.71 14.15 26.88
N GLY E 76 9.76 13.88 27.64
CA GLY E 76 10.32 12.55 27.76
C GLY E 76 11.81 12.65 28.05
N LEU E 77 12.34 11.71 28.82
CA LEU E 77 13.76 11.76 29.13
C LEU E 77 14.55 11.45 27.87
N GLN E 78 15.43 12.36 27.50
CA GLN E 78 16.23 12.17 26.32
C GLN E 78 17.70 12.42 26.63
N GLU E 79 18.57 11.92 25.77
CA GLU E 79 19.98 12.11 25.97
C GLU E 79 20.25 13.60 25.99
N LEU E 80 19.45 14.34 25.22
CA LEU E 80 19.59 15.79 25.14
C LEU E 80 19.50 16.41 26.52
N ALA E 81 18.48 16.02 27.28
CA ALA E 81 18.31 16.58 28.61
C ALA E 81 19.60 16.44 29.41
N GLU E 82 20.16 15.23 29.42
CA GLU E 82 21.39 15.00 30.15
C GLU E 82 22.58 15.64 29.43
N GLN E 83 22.68 15.42 28.12
CA GLN E 83 23.78 15.98 27.35
C GLN E 83 23.92 17.46 27.61
N LEU E 84 22.80 18.15 27.61
CA LEU E 84 22.80 19.59 27.84
C LEU E 84 23.26 19.90 29.26
N GLN E 85 22.82 19.08 30.21
CA GLN E 85 23.18 19.29 31.61
C GLN E 85 24.70 19.33 31.77
N THR E 86 25.40 18.49 31.02
CA THR E 86 26.86 18.45 31.09
C THR E 86 27.42 19.85 30.89
N THR E 87 26.74 20.64 30.08
CA THR E 87 27.18 22.01 29.81
C THR E 87 27.12 22.86 31.07
N LYS E 88 26.15 22.55 31.95
CA LYS E 88 26.00 23.32 33.19
C LYS E 88 27.32 23.38 33.95
N GLU E 89 27.99 22.24 34.03
CA GLU E 89 29.28 22.18 34.72
C GLU E 89 30.33 22.95 33.93
N GLY F 1 26.54 -22.92 12.53
CA GLY F 1 27.06 -24.16 13.09
C GLY F 1 26.45 -25.37 12.40
N ARG F 2 27.25 -26.42 12.25
CA ARG F 2 26.79 -27.64 11.61
C ARG F 2 25.56 -28.21 12.32
N ALA F 3 25.35 -27.78 13.56
CA ALA F 3 24.22 -28.27 14.35
C ALA F 3 22.91 -28.18 13.59
N ARG F 4 22.63 -27.03 13.00
CA ARG F 4 21.39 -26.87 12.24
C ARG F 4 21.33 -27.86 11.08
N ASP F 5 22.44 -27.96 10.36
CA ASP F 5 22.51 -28.85 9.21
C ASP F 5 22.38 -30.31 9.59
N ALA F 6 22.95 -30.70 10.72
CA ALA F 6 22.89 -32.09 11.14
C ALA F 6 21.46 -32.53 11.44
N ILE F 7 20.78 -31.78 12.28
CA ILE F 7 19.41 -32.11 12.63
C ILE F 7 18.54 -32.18 11.39
N LEU F 8 18.64 -31.15 10.58
CA LEU F 8 17.85 -31.07 9.37
C LEU F 8 17.95 -32.35 8.55
N ASP F 9 19.16 -32.78 8.27
CA ASP F 9 19.36 -33.98 7.47
C ASP F 9 18.68 -35.21 8.07
N ALA F 10 18.83 -35.41 9.37
CA ALA F 10 18.25 -36.58 10.03
C ALA F 10 16.73 -36.48 10.20
N LEU F 11 16.24 -35.31 10.58
CA LEU F 11 14.80 -35.14 10.79
C LEU F 11 13.99 -35.42 9.52
N GLU F 12 14.54 -35.02 8.38
CA GLU F 12 13.86 -35.20 7.09
C GLU F 12 13.70 -36.67 6.68
N ASN F 13 14.41 -37.58 7.35
CA ASN F 13 14.31 -39.02 7.03
C ASN F 13 13.12 -39.70 7.70
N LEU F 14 12.26 -38.93 8.36
CA LEU F 14 11.10 -39.50 9.02
C LEU F 14 9.89 -39.52 8.08
N SER F 15 9.04 -40.52 8.23
CA SER F 15 7.85 -40.63 7.39
C SER F 15 6.85 -39.56 7.79
N GLY F 16 5.86 -39.31 6.93
CA GLY F 16 4.85 -38.30 7.18
C GLY F 16 4.07 -38.52 8.48
N ASP F 17 3.71 -39.77 8.77
CA ASP F 17 2.92 -40.04 9.96
C ASP F 17 3.70 -39.84 11.26
N GLU F 18 4.90 -40.43 11.35
CA GLU F 18 5.70 -40.30 12.56
C GLU F 18 5.96 -38.84 12.86
N LEU F 19 6.09 -38.05 11.80
CA LEU F 19 6.33 -36.63 11.95
C LEU F 19 5.26 -36.04 12.86
N LYS F 20 4.01 -36.42 12.62
CA LYS F 20 2.93 -35.91 13.44
C LYS F 20 3.14 -36.32 14.87
N LYS F 21 3.57 -37.55 15.06
CA LYS F 21 3.81 -38.12 16.36
C LYS F 21 4.87 -37.34 17.09
N PHE F 22 5.89 -36.94 16.34
CA PHE F 22 7.01 -36.21 16.90
C PHE F 22 6.59 -34.85 17.41
N LYS F 23 5.95 -34.05 16.54
CA LYS F 23 5.53 -32.71 16.93
C LYS F 23 4.63 -32.75 18.17
N MET F 24 3.60 -33.59 18.11
CA MET F 24 2.65 -33.70 19.21
C MET F 24 3.34 -34.11 20.51
N LYS F 25 4.27 -35.05 20.41
CA LYS F 25 4.97 -35.51 21.60
C LYS F 25 5.76 -34.38 22.24
N LEU F 26 6.39 -33.58 21.39
CA LEU F 26 7.22 -32.47 21.84
C LEU F 26 6.44 -31.49 22.72
N LEU F 27 5.18 -31.29 22.40
CA LEU F 27 4.35 -30.37 23.16
C LEU F 27 4.24 -30.77 24.63
N THR F 28 4.24 -32.08 24.90
CA THR F 28 4.08 -32.58 26.27
C THR F 28 5.40 -33.06 26.89
N VAL F 29 6.51 -32.86 26.19
CA VAL F 29 7.79 -33.32 26.70
C VAL F 29 8.33 -32.40 27.80
N GLN F 30 9.06 -33.00 28.74
CA GLN F 30 9.65 -32.24 29.86
C GLN F 30 10.85 -31.45 29.37
N LEU F 31 10.92 -30.18 29.78
CA LEU F 31 12.02 -29.30 29.38
C LEU F 31 12.71 -28.69 30.59
N ARG F 32 13.96 -28.30 30.42
CA ARG F 32 14.72 -27.69 31.49
C ARG F 32 14.16 -26.29 31.80
N GLU F 33 14.21 -25.90 33.07
CA GLU F 33 13.69 -24.58 33.47
C GLU F 33 14.52 -23.45 32.89
N GLY F 34 13.87 -22.32 32.63
CA GLY F 34 14.55 -21.14 32.08
C GLY F 34 14.32 -21.04 30.57
N TYR F 35 13.51 -21.96 30.05
CA TYR F 35 13.20 -21.97 28.62
C TYR F 35 11.70 -21.87 28.40
N GLY F 36 11.32 -21.39 27.21
CA GLY F 36 9.91 -21.23 26.88
C GLY F 36 9.35 -22.46 26.17
N ARG F 37 8.05 -22.40 25.89
CA ARG F 37 7.34 -23.46 25.20
C ARG F 37 6.85 -22.94 23.85
N ILE F 38 6.85 -23.78 22.83
CA ILE F 38 6.46 -23.31 21.50
C ILE F 38 4.93 -23.29 21.35
N PRO F 39 4.37 -22.18 20.88
CA PRO F 39 2.89 -22.04 20.68
C PRO F 39 2.31 -23.20 19.89
N ARG F 40 1.18 -23.72 20.36
CA ARG F 40 0.54 -24.84 19.71
C ARG F 40 0.12 -24.51 18.28
N GLY F 41 -0.49 -23.34 18.09
CA GLY F 41 -0.97 -22.94 16.76
C GLY F 41 0.09 -23.01 15.67
N ALA F 42 1.27 -22.49 15.93
CA ALA F 42 2.33 -22.49 14.93
C ALA F 42 2.82 -23.90 14.60
N LEU F 43 2.97 -24.72 15.63
CA LEU F 43 3.46 -26.07 15.46
C LEU F 43 2.55 -26.92 14.54
N LEU F 44 1.24 -26.76 14.69
CA LEU F 44 0.30 -27.57 13.90
C LEU F 44 0.45 -27.39 12.40
N GLN F 45 0.76 -26.19 11.94
CA GLN F 45 0.88 -25.95 10.49
C GLN F 45 2.34 -25.82 10.01
N MET F 46 3.30 -26.01 10.91
CA MET F 46 4.71 -25.87 10.54
C MET F 46 5.20 -26.99 9.60
N ASP F 47 6.31 -26.70 8.92
CA ASP F 47 6.92 -27.64 7.98
C ASP F 47 8.18 -28.27 8.58
N ALA F 48 8.64 -29.36 7.97
CA ALA F 48 9.83 -30.05 8.46
C ALA F 48 11.07 -29.15 8.42
N ILE F 49 11.24 -28.36 7.36
CA ILE F 49 12.41 -27.48 7.27
C ILE F 49 12.27 -26.32 8.26
N ASP F 50 11.11 -25.70 8.24
CA ASP F 50 10.84 -24.55 9.12
C ASP F 50 11.04 -24.94 10.59
N LEU F 51 10.53 -26.12 10.92
CA LEU F 51 10.63 -26.62 12.28
C LEU F 51 12.09 -26.66 12.73
N THR F 52 12.97 -26.92 11.78
CA THR F 52 14.40 -26.98 12.08
C THR F 52 14.90 -25.65 12.61
N ASP F 53 14.65 -24.59 11.85
CA ASP F 53 15.11 -23.27 12.24
C ASP F 53 14.51 -22.84 13.57
N LYS F 54 13.22 -23.06 13.73
CA LYS F 54 12.54 -22.67 14.96
C LYS F 54 13.07 -23.45 16.16
N LEU F 55 13.23 -24.76 15.98
CA LEU F 55 13.69 -25.62 17.07
C LEU F 55 14.98 -25.10 17.68
N VAL F 56 15.95 -24.76 16.85
CA VAL F 56 17.20 -24.25 17.36
C VAL F 56 17.03 -22.85 17.92
N SER F 57 16.15 -22.06 17.32
CA SER F 57 15.93 -20.68 17.76
C SER F 57 15.58 -20.58 19.24
N TYR F 58 14.75 -21.48 19.74
CA TYR F 58 14.33 -21.44 21.14
C TYR F 58 15.41 -22.00 22.08
N TYR F 59 16.06 -23.08 21.67
CA TYR F 59 17.08 -23.70 22.52
C TYR F 59 18.46 -23.57 21.91
N LEU F 60 19.46 -23.45 22.77
CA LEU F 60 20.84 -23.33 22.29
C LEU F 60 21.23 -24.57 21.51
N GLU F 61 22.19 -24.42 20.62
CA GLU F 61 22.63 -25.54 19.80
C GLU F 61 23.07 -26.73 20.64
N SER F 62 23.86 -26.46 21.67
CA SER F 62 24.36 -27.55 22.53
C SER F 62 23.21 -28.25 23.24
N TYR F 63 22.46 -27.50 24.03
CA TYR F 63 21.34 -28.08 24.76
C TYR F 63 20.23 -28.51 23.81
N GLY F 64 19.99 -27.71 22.78
CA GLY F 64 18.94 -28.01 21.82
C GLY F 64 19.19 -29.34 21.11
N LEU F 65 20.43 -29.57 20.73
CA LEU F 65 20.78 -30.81 20.02
C LEU F 65 20.50 -32.04 20.89
N GLU F 66 20.87 -31.95 22.16
CA GLU F 66 20.65 -33.07 23.08
C GLU F 66 19.16 -33.32 23.31
N LEU F 67 18.38 -32.24 23.39
CA LEU F 67 16.95 -32.34 23.64
C LEU F 67 16.26 -33.17 22.56
N THR F 68 16.73 -33.05 21.33
CA THR F 68 16.12 -33.78 20.23
C THR F 68 16.19 -35.29 20.47
N MET F 69 17.40 -35.76 20.79
CA MET F 69 17.60 -37.19 21.00
C MET F 69 16.68 -37.73 22.07
N THR F 70 16.51 -36.97 23.13
CA THR F 70 15.67 -37.41 24.22
C THR F 70 14.27 -37.79 23.72
N VAL F 71 13.72 -36.98 22.81
CA VAL F 71 12.41 -37.24 22.27
C VAL F 71 12.43 -38.36 21.22
N LEU F 72 13.48 -38.38 20.40
CA LEU F 72 13.57 -39.42 19.36
C LEU F 72 13.49 -40.81 19.98
N ARG F 73 14.34 -41.08 20.94
CA ARG F 73 14.31 -42.39 21.53
C ARG F 73 12.96 -42.66 22.16
N ASP F 74 12.40 -41.65 22.81
CA ASP F 74 11.12 -41.84 23.49
C ASP F 74 10.08 -42.49 22.58
N MET F 75 10.02 -42.04 21.33
CA MET F 75 9.08 -42.61 20.35
C MET F 75 9.46 -44.05 20.07
N GLY F 76 10.74 -44.34 20.27
CA GLY F 76 11.28 -45.66 20.03
C GLY F 76 12.75 -45.55 19.65
N LEU F 77 13.56 -46.53 20.04
CA LEU F 77 14.97 -46.47 19.69
C LEU F 77 15.13 -46.66 18.21
N GLN F 78 15.78 -45.71 17.57
CA GLN F 78 15.98 -45.79 16.14
C GLN F 78 17.43 -45.53 15.80
N GLU F 79 17.83 -45.94 14.62
CA GLU F 79 19.20 -45.72 14.20
C GLU F 79 19.46 -44.23 14.20
N LEU F 80 18.42 -43.46 13.93
CA LEU F 80 18.52 -42.01 13.90
C LEU F 80 19.04 -41.49 15.24
N ALA F 81 18.46 -41.96 16.32
CA ALA F 81 18.89 -41.51 17.64
C ALA F 81 20.38 -41.68 17.78
N GLU F 82 20.88 -42.86 17.45
CA GLU F 82 22.31 -43.12 17.55
C GLU F 82 23.07 -42.39 16.45
N GLN F 83 22.59 -42.51 15.21
CA GLN F 83 23.26 -41.87 14.08
C GLN F 83 23.50 -40.41 14.36
N LEU F 84 22.50 -39.74 14.91
CA LEU F 84 22.62 -38.34 15.22
C LEU F 84 23.65 -38.11 16.32
N GLN F 85 23.66 -39.02 17.30
CA GLN F 85 24.59 -38.90 18.42
C GLN F 85 26.04 -38.83 17.90
N THR F 86 26.33 -39.60 16.86
CA THR F 86 27.67 -39.59 16.30
C THR F 86 28.10 -38.18 15.97
N THR F 87 27.14 -37.34 15.60
CA THR F 87 27.43 -35.95 15.27
C THR F 87 27.94 -35.20 16.51
N LYS F 88 27.45 -35.59 17.68
CA LYS F 88 27.85 -34.92 18.92
C LYS F 88 29.37 -34.88 19.03
N GLU F 89 30.01 -36.02 18.73
CA GLU F 89 31.46 -36.09 18.78
C GLU F 89 32.06 -35.23 17.67
N GLY G 1 27.48 -7.74 -16.57
CA GLY G 1 28.18 -8.99 -16.84
C GLY G 1 27.20 -10.15 -16.96
N ARG G 2 27.52 -11.09 -17.83
CA ARG G 2 26.66 -12.25 -18.04
C ARG G 2 26.45 -13.02 -16.74
N ALA G 3 27.33 -12.77 -15.77
CA ALA G 3 27.24 -13.47 -14.49
C ALA G 3 25.83 -13.41 -13.89
N ARG G 4 25.25 -12.22 -13.84
CA ARG G 4 23.91 -12.07 -13.29
C ARG G 4 22.91 -12.89 -14.09
N ASP G 5 23.01 -12.80 -15.41
CA ASP G 5 22.10 -13.51 -16.29
C ASP G 5 22.24 -15.02 -16.19
N ALA G 6 23.47 -15.50 -16.03
CA ALA G 6 23.69 -16.93 -15.95
C ALA G 6 23.04 -17.54 -14.71
N ILE G 7 23.33 -16.97 -13.55
CA ILE G 7 22.76 -17.48 -12.32
C ILE G 7 21.24 -17.46 -12.39
N LEU G 8 20.70 -16.33 -12.79
CA LEU G 8 19.27 -16.16 -12.88
C LEU G 8 18.62 -17.30 -13.63
N ASP G 9 19.12 -17.57 -14.82
CA ASP G 9 18.55 -18.63 -15.65
C ASP G 9 18.53 -19.99 -14.95
N ALA G 10 19.66 -20.35 -14.32
CA ALA G 10 19.76 -21.64 -13.65
C ALA G 10 18.97 -21.71 -12.33
N LEU G 11 19.03 -20.65 -11.54
CA LEU G 11 18.33 -20.64 -10.26
C LEU G 11 16.82 -20.82 -10.41
N GLU G 12 16.27 -20.23 -11.47
CA GLU G 12 14.83 -20.29 -11.73
C GLU G 12 14.33 -21.70 -12.07
N ASN G 13 15.25 -22.63 -12.38
CA ASN G 13 14.86 -24.01 -12.72
C ASN G 13 14.64 -24.88 -11.48
N LEU G 14 14.66 -24.29 -10.30
CA LEU G 14 14.44 -25.05 -9.07
C LEU G 14 12.98 -25.05 -8.69
N SER G 15 12.52 -26.15 -8.08
CA SER G 15 11.13 -26.24 -7.67
C SER G 15 10.89 -25.33 -6.47
N GLY G 16 9.62 -25.07 -6.16
CA GLY G 16 9.25 -24.18 -5.07
C GLY G 16 9.79 -24.66 -3.71
N ASP G 17 9.74 -25.96 -3.45
CA ASP G 17 10.19 -26.47 -2.15
C ASP G 17 11.71 -26.37 -1.97
N GLU G 18 12.48 -26.85 -2.94
CA GLU G 18 13.93 -26.81 -2.83
C GLU G 18 14.39 -25.39 -2.63
N LEU G 19 13.68 -24.46 -3.25
CA LEU G 19 14.02 -23.06 -3.12
C LEU G 19 14.12 -22.70 -1.64
N LYS G 20 13.15 -23.16 -0.86
CA LYS G 20 13.16 -22.86 0.55
C LYS G 20 14.41 -23.43 1.18
N LYS G 21 14.75 -24.63 0.76
CA LYS G 21 15.90 -25.36 1.26
C LYS G 21 17.16 -24.58 0.97
N PHE G 22 17.21 -23.99 -0.21
CA PHE G 22 18.36 -23.25 -0.64
C PHE G 22 18.58 -22.01 0.21
N LYS G 23 17.54 -21.17 0.31
CA LYS G 23 17.67 -19.93 1.10
C LYS G 23 18.10 -20.22 2.53
N MET G 24 17.39 -21.14 3.17
CA MET G 24 17.67 -21.48 4.56
C MET G 24 19.08 -22.00 4.72
N LYS G 25 19.53 -22.83 3.79
CA LYS G 25 20.88 -23.38 3.88
C LYS G 25 21.93 -22.27 3.81
N LEU G 26 21.68 -21.31 2.94
CA LEU G 26 22.59 -20.19 2.72
C LEU G 26 22.86 -19.43 4.02
N LEU G 27 21.86 -19.30 4.84
CA LEU G 27 22.00 -18.58 6.10
C LEU G 27 23.07 -19.18 7.00
N THR G 28 23.22 -20.50 6.95
CA THR G 28 24.19 -21.20 7.81
C THR G 28 25.45 -21.64 7.07
N VAL G 29 25.59 -21.24 5.82
CA VAL G 29 26.76 -21.64 5.03
C VAL G 29 27.99 -20.84 5.41
N GLN G 30 29.15 -21.48 5.30
CA GLN G 30 30.43 -20.83 5.63
C GLN G 30 30.82 -19.87 4.51
N LEU G 31 31.25 -18.66 4.90
CA LEU G 31 31.64 -17.64 3.93
C LEU G 31 33.05 -17.14 4.20
N ARG G 32 33.70 -16.62 3.17
CA ARG G 32 35.05 -16.09 3.32
C ARG G 32 35.02 -14.81 4.15
N GLU G 33 36.07 -14.57 4.94
CA GLU G 33 36.14 -13.39 5.79
C GLU G 33 36.25 -12.11 4.96
N GLY G 34 35.70 -11.01 5.50
CA GLY G 34 35.74 -9.72 4.82
C GLY G 34 34.41 -9.44 4.12
N TYR G 35 33.46 -10.35 4.30
CA TYR G 35 32.13 -10.20 3.68
C TYR G 35 31.05 -10.21 4.75
N GLY G 36 29.90 -9.62 4.41
CA GLY G 36 28.79 -9.54 5.35
C GLY G 36 27.82 -10.71 5.17
N ARG G 37 26.81 -10.73 6.04
CA ARG G 37 25.77 -11.75 6.03
C ARG G 37 24.45 -11.10 5.69
N ILE G 38 23.59 -11.79 4.94
CA ILE G 38 22.33 -11.19 4.54
C ILE G 38 21.28 -11.29 5.65
N PRO G 39 20.62 -10.19 5.98
CA PRO G 39 19.57 -10.16 7.05
C PRO G 39 18.53 -11.25 6.86
N ARG G 40 18.19 -11.92 7.96
CA ARG G 40 17.23 -13.01 7.90
C ARG G 40 15.85 -12.52 7.43
N GLY G 41 15.39 -11.41 7.97
CA GLY G 41 14.07 -10.88 7.63
C GLY G 41 13.84 -10.71 6.12
N ALA G 42 14.81 -10.12 5.43
CA ALA G 42 14.65 -9.88 4.00
C ALA G 42 14.62 -11.18 3.20
N LEU G 43 15.49 -12.11 3.57
CA LEU G 43 15.57 -13.38 2.86
C LEU G 43 14.27 -14.17 2.91
N LEU G 44 13.59 -14.16 4.05
CA LEU G 44 12.35 -14.94 4.20
C LEU G 44 11.26 -14.55 3.22
N GLN G 45 11.15 -13.27 2.87
CA GLN G 45 10.08 -12.83 1.95
C GLN G 45 10.59 -12.51 0.55
N MET G 46 11.88 -12.72 0.29
CA MET G 46 12.46 -12.39 -1.01
C MET G 46 11.95 -13.32 -2.14
N ASP G 47 12.11 -12.85 -3.38
CA ASP G 47 11.68 -13.60 -4.56
C ASP G 47 12.90 -14.18 -5.30
N ALA G 48 12.65 -15.13 -6.19
CA ALA G 48 13.72 -15.77 -6.95
C ALA G 48 14.50 -14.76 -7.81
N ILE G 49 13.79 -13.82 -8.44
CA ILE G 49 14.48 -12.84 -9.27
C ILE G 49 15.23 -11.85 -8.40
N ASP G 50 14.55 -11.32 -7.40
CA ASP G 50 15.14 -10.35 -6.49
C ASP G 50 16.40 -10.90 -5.83
N LEU G 51 16.30 -12.16 -5.41
CA LEU G 51 17.41 -12.83 -4.76
C LEU G 51 18.64 -12.80 -5.65
N THR G 52 18.41 -12.83 -6.95
CA THR G 52 19.52 -12.81 -7.90
C THR G 52 20.31 -11.52 -7.78
N ASP G 53 19.61 -10.39 -7.87
CA ASP G 53 20.27 -9.10 -7.79
C ASP G 53 20.98 -8.91 -6.45
N LYS G 54 20.31 -9.26 -5.38
CA LYS G 54 20.89 -9.12 -4.05
C LYS G 54 22.12 -9.99 -3.88
N LEU G 55 22.01 -11.25 -4.31
CA LEU G 55 23.11 -12.20 -4.16
C LEU G 55 24.41 -11.64 -4.73
N VAL G 56 24.35 -11.11 -5.93
CA VAL G 56 25.55 -10.56 -6.54
C VAL G 56 25.97 -9.27 -5.85
N SER G 57 24.99 -8.50 -5.39
CA SER G 57 25.27 -7.21 -4.74
C SER G 57 26.24 -7.35 -3.57
N TYR G 58 26.07 -8.38 -2.76
CA TYR G 58 26.93 -8.57 -1.59
C TYR G 58 28.30 -9.14 -1.96
N TYR G 59 28.33 -10.09 -2.90
CA TYR G 59 29.59 -10.73 -3.28
C TYR G 59 29.96 -10.39 -4.71
N LEU G 60 31.25 -10.30 -4.97
CA LEU G 60 31.71 -9.98 -6.31
C LEU G 60 31.27 -11.06 -7.28
N GLU G 61 31.16 -10.71 -8.55
CA GLU G 61 30.72 -11.66 -9.56
C GLU G 61 31.60 -12.90 -9.58
N SER G 62 32.91 -12.71 -9.56
CA SER G 62 33.82 -13.84 -9.61
C SER G 62 33.66 -14.75 -8.39
N TYR G 63 33.86 -14.18 -7.20
CA TYR G 63 33.73 -14.95 -5.98
C TYR G 63 32.28 -15.35 -5.73
N GLY G 64 31.36 -14.45 -6.04
CA GLY G 64 29.95 -14.72 -5.83
C GLY G 64 29.47 -15.90 -6.65
N LEU G 65 29.90 -15.97 -7.90
CA LEU G 65 29.49 -17.06 -8.78
C LEU G 65 29.96 -18.41 -8.24
N GLU G 66 31.19 -18.48 -7.76
CA GLU G 66 31.73 -19.73 -7.21
C GLU G 66 31.00 -20.14 -5.93
N LEU G 67 30.63 -19.15 -5.12
CA LEU G 67 29.96 -19.41 -3.85
C LEU G 67 28.63 -20.14 -4.08
N THR G 68 27.96 -19.82 -5.17
CA THR G 68 26.68 -20.45 -5.45
C THR G 68 26.84 -21.96 -5.61
N MET G 69 27.80 -22.36 -6.43
CA MET G 69 28.01 -23.79 -6.68
C MET G 69 28.28 -24.55 -5.41
N THR G 70 29.05 -23.95 -4.53
CA THR G 70 29.38 -24.62 -3.28
C THR G 70 28.11 -25.05 -2.53
N VAL G 71 27.10 -24.17 -2.52
CA VAL G 71 25.85 -24.49 -1.85
C VAL G 71 24.98 -25.44 -2.67
N LEU G 72 24.97 -25.26 -3.99
CA LEU G 72 24.16 -26.13 -4.83
C LEU G 72 24.52 -27.59 -4.62
N ARG G 73 25.78 -27.92 -4.76
CA ARG G 73 26.16 -29.29 -4.59
C ARG G 73 25.82 -29.75 -3.19
N ASP G 74 26.05 -28.91 -2.21
CA ASP G 74 25.81 -29.31 -0.82
C ASP G 74 24.42 -29.92 -0.65
N MET G 75 23.41 -29.32 -1.29
CA MET G 75 22.04 -29.83 -1.21
C MET G 75 21.97 -31.18 -1.91
N GLY G 76 22.90 -31.37 -2.83
CA GLY G 76 22.97 -32.60 -3.61
C GLY G 76 23.57 -32.30 -4.97
N LEU G 77 24.31 -33.23 -5.54
CA LEU G 77 24.91 -33.00 -6.84
C LEU G 77 23.83 -32.98 -7.89
N GLN G 78 23.75 -31.89 -8.62
CA GLN G 78 22.74 -31.76 -9.64
C GLN G 78 23.37 -31.33 -10.96
N GLU G 79 22.66 -31.54 -12.04
CA GLU G 79 23.17 -31.14 -13.33
C GLU G 79 23.42 -29.64 -13.29
N LEU G 80 22.59 -28.94 -12.52
CA LEU G 80 22.72 -27.50 -12.39
C LEU G 80 24.11 -27.11 -11.93
N ALA G 81 24.59 -27.78 -10.90
CA ALA G 81 25.92 -27.48 -10.38
C ALA G 81 26.94 -27.52 -11.51
N GLU G 82 26.92 -28.60 -12.27
CA GLU G 82 27.85 -28.73 -13.38
C GLU G 82 27.48 -27.80 -14.52
N GLN G 83 26.19 -27.79 -14.90
CA GLN G 83 25.75 -26.94 -16.00
C GLN G 83 26.18 -25.51 -15.80
N LEU G 84 26.05 -25.03 -14.59
CA LEU G 84 26.44 -23.66 -14.27
C LEU G 84 27.95 -23.50 -14.39
N GLN G 85 28.69 -24.52 -13.96
CA GLN G 85 30.14 -24.47 -14.01
C GLN G 85 30.62 -24.20 -15.43
N THR G 86 29.93 -24.78 -16.41
CA THR G 86 30.31 -24.59 -17.80
C THR G 86 30.39 -23.10 -18.11
N THR G 87 29.54 -22.32 -17.45
CA THR G 87 29.53 -20.88 -17.67
C THR G 87 30.85 -20.25 -17.20
N LYS G 88 31.47 -20.85 -16.18
CA LYS G 88 32.73 -20.32 -15.65
C LYS G 88 33.74 -20.15 -16.77
N GLU G 89 33.84 -21.16 -17.64
CA GLU G 89 34.76 -21.11 -18.76
C GLU G 89 34.29 -20.06 -19.77
N GLY H 1 5.75 11.14 -32.39
CA GLY H 1 5.91 10.00 -33.29
C GLY H 1 5.16 8.78 -32.76
N ARG H 2 4.61 8.00 -33.69
CA ARG H 2 3.87 6.80 -33.31
C ARG H 2 4.74 5.84 -32.49
N ALA H 3 6.04 6.05 -32.56
CA ALA H 3 6.98 5.18 -31.83
C ALA H 3 6.59 5.04 -30.35
N ARG H 4 6.33 6.15 -29.69
CA ARG H 4 5.96 6.10 -28.29
C ARG H 4 4.68 5.30 -28.09
N ASP H 5 3.69 5.58 -28.94
CA ASP H 5 2.41 4.91 -28.86
C ASP H 5 2.51 3.41 -29.14
N ALA H 6 3.35 3.04 -30.08
CA ALA H 6 3.49 1.62 -30.43
C ALA H 6 4.03 0.80 -29.27
N ILE H 7 5.16 1.24 -28.72
CA ILE H 7 5.76 0.53 -27.60
C ILE H 7 4.78 0.42 -26.45
N LEU H 8 4.19 1.55 -26.10
CA LEU H 8 3.25 1.59 -24.99
C LEU H 8 2.21 0.50 -25.11
N ASP H 9 1.54 0.43 -26.26
CA ASP H 9 0.50 -0.55 -26.46
C ASP H 9 0.98 -1.99 -26.24
N ALA H 10 2.14 -2.32 -26.80
CA ALA H 10 2.67 -3.67 -26.68
C ALA H 10 3.23 -3.98 -25.27
N LEU H 11 3.94 -3.04 -24.68
CA LEU H 11 4.53 -3.26 -23.38
C LEU H 11 3.48 -3.56 -22.30
N GLU H 12 2.34 -2.88 -22.41
CA GLU H 12 1.24 -3.04 -21.44
C GLU H 12 0.60 -4.44 -21.48
N ASN H 13 0.89 -5.23 -22.51
CA ASN H 13 0.31 -6.58 -22.63
C ASN H 13 1.10 -7.62 -21.84
N LEU H 14 2.09 -7.19 -21.06
CA LEU H 14 2.89 -8.13 -20.27
C LEU H 14 2.29 -8.31 -18.88
N SER H 15 2.44 -9.51 -18.33
CA SER H 15 1.92 -9.79 -17.00
C SER H 15 2.77 -9.06 -15.95
N GLY H 16 2.23 -8.96 -14.74
CA GLY H 16 2.93 -8.27 -13.66
C GLY H 16 4.30 -8.86 -13.34
N ASP H 17 4.42 -10.18 -13.34
CA ASP H 17 5.69 -10.81 -13.00
C ASP H 17 6.77 -10.61 -14.07
N GLU H 18 6.44 -10.88 -15.32
CA GLU H 18 7.42 -10.72 -16.39
C GLU H 18 7.93 -9.30 -16.43
N LEU H 19 7.06 -8.37 -16.09
CA LEU H 19 7.43 -6.97 -16.08
C LEU H 19 8.67 -6.79 -15.21
N LYS H 20 8.67 -7.44 -14.05
CA LYS H 20 9.81 -7.33 -13.17
C LYS H 20 11.04 -7.87 -13.86
N LYS H 21 10.86 -8.97 -14.57
CA LYS H 21 11.92 -9.64 -15.28
C LYS H 21 12.51 -8.72 -16.32
N PHE H 22 11.63 -7.99 -16.98
CA PHE H 22 12.03 -7.09 -18.04
C PHE H 22 12.89 -5.95 -17.51
N LYS H 23 12.39 -5.23 -16.51
CA LYS H 23 13.14 -4.11 -15.95
C LYS H 23 14.52 -4.53 -15.48
N MET H 24 14.55 -5.59 -14.66
CA MET H 24 15.80 -6.09 -14.12
C MET H 24 16.77 -6.49 -15.21
N LYS H 25 16.26 -7.14 -16.25
CA LYS H 25 17.13 -7.58 -17.33
C LYS H 25 17.77 -6.38 -18.03
N LEU H 26 16.97 -5.34 -18.21
CA LEU H 26 17.41 -4.13 -18.88
C LEU H 26 18.63 -3.51 -18.21
N LEU H 27 18.69 -3.60 -16.91
CA LEU H 27 19.80 -3.03 -16.15
C LEU H 27 21.14 -3.64 -16.55
N THR H 28 21.13 -4.93 -16.90
CA THR H 28 22.38 -5.64 -17.25
C THR H 28 22.53 -5.86 -18.76
N VAL H 29 21.64 -5.29 -19.55
CA VAL H 29 21.71 -5.48 -21.01
C VAL H 29 22.80 -4.62 -21.63
N GLN H 30 23.40 -5.14 -22.70
CA GLN H 30 24.46 -4.43 -23.41
C GLN H 30 23.87 -3.29 -24.25
N LEU H 31 24.50 -2.12 -24.17
CA LEU H 31 24.03 -0.95 -24.90
C LEU H 31 25.13 -0.36 -25.78
N ARG H 32 24.73 0.35 -26.82
CA ARG H 32 25.69 0.97 -27.72
C ARG H 32 26.39 2.13 -27.00
N GLU H 33 27.66 2.36 -27.32
CA GLU H 33 28.44 3.42 -26.69
C GLU H 33 27.92 4.80 -27.07
N GLY H 34 28.06 5.76 -26.15
CA GLY H 34 27.61 7.13 -26.40
C GLY H 34 26.25 7.38 -25.72
N TYR H 35 25.77 6.37 -25.00
CA TYR H 35 24.49 6.48 -24.31
C TYR H 35 24.67 6.23 -22.82
N GLY H 36 23.73 6.76 -22.03
CA GLY H 36 23.79 6.61 -20.58
C GLY H 36 23.01 5.38 -20.10
N ARG H 37 23.08 5.16 -18.79
CA ARG H 37 22.38 4.06 -18.14
C ARG H 37 21.33 4.63 -17.19
N ILE H 38 20.20 3.97 -17.07
CA ILE H 38 19.13 4.51 -16.23
C ILE H 38 19.37 4.16 -14.75
N PRO H 39 19.27 5.14 -13.88
CA PRO H 39 19.48 4.93 -12.40
C PRO H 39 18.65 3.79 -11.86
N ARG H 40 19.27 2.95 -11.05
CA ARG H 40 18.58 1.80 -10.47
C ARG H 40 17.39 2.22 -9.60
N GLY H 41 17.59 3.22 -8.75
CA GLY H 41 16.54 3.66 -7.84
C GLY H 41 15.22 4.00 -8.54
N ALA H 42 15.29 4.76 -9.62
CA ALA H 42 14.08 5.17 -10.32
C ALA H 42 13.36 3.98 -10.97
N LEU H 43 14.14 3.10 -11.57
CA LEU H 43 13.58 1.95 -12.25
C LEU H 43 12.77 1.03 -11.32
N LEU H 44 13.26 0.84 -10.10
CA LEU H 44 12.60 -0.06 -9.15
C LEU H 44 11.16 0.35 -8.82
N GLN H 45 10.88 1.65 -8.74
CA GLN H 45 9.53 2.12 -8.40
C GLN H 45 8.74 2.66 -9.59
N MET H 46 9.32 2.60 -10.78
CA MET H 46 8.64 3.14 -11.97
C MET H 46 7.41 2.32 -12.39
N ASP H 47 6.56 2.97 -13.17
CA ASP H 47 5.32 2.34 -13.67
C ASP H 47 5.46 1.98 -15.15
N ALA H 48 4.54 1.13 -15.63
CA ALA H 48 4.57 0.69 -17.03
C ALA H 48 4.41 1.88 -18.00
N ILE H 49 3.53 2.82 -17.68
CA ILE H 49 3.34 3.96 -18.57
C ILE H 49 4.54 4.89 -18.49
N ASP H 50 4.93 5.22 -17.27
CA ASP H 50 6.06 6.13 -17.04
C ASP H 50 7.32 5.59 -17.72
N LEU H 51 7.54 4.30 -17.59
CA LEU H 51 8.70 3.65 -18.17
C LEU H 51 8.74 3.91 -19.66
N THR H 52 7.57 4.02 -20.28
CA THR H 52 7.50 4.27 -21.70
C THR H 52 8.14 5.61 -22.06
N ASP H 53 7.70 6.66 -21.39
CA ASP H 53 8.22 7.99 -21.66
C ASP H 53 9.72 8.07 -21.41
N LYS H 54 10.15 7.51 -20.29
CA LYS H 54 11.56 7.54 -19.93
C LYS H 54 12.41 6.76 -20.92
N LEU H 55 11.94 5.57 -21.29
CA LEU H 55 12.68 4.71 -22.20
C LEU H 55 13.05 5.44 -23.49
N VAL H 56 12.09 6.13 -24.07
CA VAL H 56 12.36 6.85 -25.30
C VAL H 56 13.23 8.08 -25.02
N SER H 57 13.03 8.70 -23.86
CA SER H 57 13.78 9.91 -23.50
C SER H 57 15.29 9.71 -23.58
N TYR H 58 15.78 8.56 -23.12
CA TYR H 58 17.22 8.30 -23.13
C TYR H 58 17.74 7.91 -24.51
N TYR H 59 16.97 7.10 -25.23
CA TYR H 59 17.41 6.63 -26.55
C TYR H 59 16.51 7.20 -27.64
N LEU H 60 17.10 7.43 -28.81
CA LEU H 60 16.34 7.96 -29.93
C LEU H 60 15.25 6.97 -30.33
N GLU H 61 14.19 7.49 -30.95
CA GLU H 61 13.09 6.64 -31.33
C GLU H 61 13.54 5.49 -32.23
N SER H 62 14.37 5.80 -33.22
CA SER H 62 14.84 4.77 -34.14
C SER H 62 15.66 3.71 -33.42
N TYR H 63 16.74 4.13 -32.78
CA TYR H 63 17.59 3.19 -32.06
C TYR H 63 16.89 2.64 -30.84
N GLY H 64 16.13 3.49 -30.16
CA GLY H 64 15.41 3.07 -28.96
C GLY H 64 14.41 1.95 -29.26
N LEU H 65 13.68 2.09 -30.37
CA LEU H 65 12.69 1.09 -30.73
C LEU H 65 13.33 -0.27 -30.97
N GLU H 66 14.47 -0.28 -31.66
CA GLU H 66 15.16 -1.54 -31.95
C GLU H 66 15.70 -2.17 -30.67
N LEU H 67 16.18 -1.34 -29.75
CA LEU H 67 16.75 -1.84 -28.49
C LEU H 67 15.73 -2.64 -27.70
N THR H 68 14.47 -2.24 -27.77
CA THR H 68 13.43 -2.95 -27.04
C THR H 68 13.34 -4.40 -27.47
N MET H 69 13.25 -4.61 -28.79
CA MET H 69 13.11 -5.95 -29.33
C MET H 69 14.25 -6.85 -28.88
N THR H 70 15.45 -6.31 -28.88
CA THR H 70 16.60 -7.10 -28.49
C THR H 70 16.38 -7.74 -27.11
N VAL H 71 15.83 -6.96 -26.18
CA VAL H 71 15.59 -7.48 -24.83
C VAL H 71 14.36 -8.39 -24.79
N LEU H 72 13.31 -8.05 -25.53
CA LEU H 72 12.11 -8.87 -25.54
C LEU H 72 12.42 -10.31 -25.92
N ARG H 73 13.08 -10.49 -27.05
CA ARG H 73 13.38 -11.83 -27.45
C ARG H 73 14.25 -12.50 -26.42
N ASP H 74 15.21 -11.77 -25.89
CA ASP H 74 16.14 -12.37 -24.92
C ASP H 74 15.39 -13.13 -23.81
N MET H 75 14.31 -12.54 -23.32
CA MET H 75 13.50 -13.18 -22.27
C MET H 75 12.85 -14.43 -22.83
N GLY H 76 12.67 -14.41 -24.15
CA GLY H 76 12.05 -15.52 -24.86
C GLY H 76 11.34 -14.99 -26.09
N LEU H 77 11.31 -15.78 -27.16
CA LEU H 77 10.65 -15.31 -28.37
C LEU H 77 9.16 -15.26 -28.14
N GLN H 78 8.59 -14.10 -28.36
CA GLN H 78 7.17 -13.92 -28.16
C GLN H 78 6.54 -13.26 -29.37
N GLU H 79 5.24 -13.39 -29.49
CA GLU H 79 4.55 -12.78 -30.60
C GLU H 79 4.80 -11.28 -30.55
N LEU H 80 4.94 -10.77 -29.34
CA LEU H 80 5.19 -9.36 -29.13
C LEU H 80 6.42 -8.91 -29.90
N ALA H 81 7.51 -9.66 -29.76
CA ALA H 81 8.74 -9.30 -30.45
C ALA H 81 8.47 -9.10 -31.93
N GLU H 82 7.79 -10.07 -32.53
CA GLU H 82 7.48 -9.97 -33.95
C GLU H 82 6.39 -8.94 -34.19
N GLN H 83 5.32 -9.00 -33.42
CA GLN H 83 4.21 -8.06 -33.60
C GLN H 83 4.71 -6.64 -33.61
N LEU H 84 5.61 -6.32 -32.69
CA LEU H 84 6.16 -4.99 -32.60
C LEU H 84 7.00 -4.68 -33.85
N GLN H 85 7.74 -5.68 -34.31
CA GLN H 85 8.60 -5.48 -35.49
C GLN H 85 7.77 -4.98 -36.68
N THR H 86 6.56 -5.50 -36.81
CA THR H 86 5.69 -5.08 -37.90
C THR H 86 5.56 -3.57 -37.93
N THR H 87 5.61 -2.95 -36.75
CA THR H 87 5.50 -1.51 -36.65
C THR H 87 6.70 -0.83 -37.31
N LYS H 88 7.86 -1.50 -37.28
CA LYS H 88 9.07 -0.94 -37.87
C LYS H 88 8.80 -0.54 -39.32
N GLU H 89 8.13 -1.41 -40.06
CA GLU H 89 7.81 -1.12 -41.45
C GLU H 89 6.79 0.01 -41.53
N GLY I 1 -19.02 29.92 -21.75
CA GLY I 1 -19.69 28.94 -22.58
C GLY I 1 -19.80 27.58 -21.88
N ARG I 2 -20.90 26.89 -22.10
CA ARG I 2 -21.12 25.60 -21.48
C ARG I 2 -19.99 24.62 -21.82
N ALA I 3 -19.23 24.95 -22.86
CA ALA I 3 -18.14 24.07 -23.30
C ALA I 3 -17.21 23.70 -22.14
N ARG I 4 -16.78 24.69 -21.37
CA ARG I 4 -15.90 24.42 -20.25
C ARG I 4 -16.58 23.49 -19.24
N ASP I 5 -17.83 23.79 -18.94
CA ASP I 5 -18.58 22.99 -17.97
C ASP I 5 -18.82 21.58 -18.44
N ALA I 6 -19.07 21.40 -19.73
CA ALA I 6 -19.34 20.07 -20.26
C ALA I 6 -18.13 19.15 -20.13
N ILE I 7 -16.99 19.61 -20.61
CA ILE I 7 -15.77 18.81 -20.53
C ILE I 7 -15.46 18.47 -19.09
N LEU I 8 -15.49 19.48 -18.25
CA LEU I 8 -15.17 19.28 -16.85
C LEU I 8 -15.96 18.13 -16.26
N ASP I 9 -17.27 18.15 -16.43
CA ASP I 9 -18.12 17.11 -15.87
C ASP I 9 -17.73 15.71 -16.34
N ALA I 10 -17.48 15.56 -17.64
CA ALA I 10 -17.13 14.25 -18.20
C ALA I 10 -15.70 13.82 -17.86
N LEU I 11 -14.75 14.74 -17.91
CA LEU I 11 -13.36 14.39 -17.64
C LEU I 11 -13.18 13.87 -16.21
N GLU I 12 -13.92 14.44 -15.27
CA GLU I 12 -13.82 14.05 -13.85
C GLU I 12 -14.31 12.62 -13.59
N ASN I 13 -15.01 12.01 -14.54
CA ASN I 13 -15.51 10.64 -14.36
C ASN I 13 -14.46 9.57 -14.68
N LEU I 14 -13.22 9.99 -14.93
CA LEU I 14 -12.15 9.03 -15.23
C LEU I 14 -11.43 8.60 -13.97
N SER I 15 -10.97 7.36 -13.93
CA SER I 15 -10.24 6.87 -12.78
C SER I 15 -8.86 7.51 -12.71
N GLY I 16 -8.22 7.40 -11.56
CA GLY I 16 -6.90 8.01 -11.35
C GLY I 16 -5.85 7.50 -12.34
N ASP I 17 -5.85 6.20 -12.63
CA ASP I 17 -4.83 5.66 -13.53
C ASP I 17 -5.00 6.10 -14.99
N GLU I 18 -6.22 5.97 -15.51
CA GLU I 18 -6.47 6.35 -16.90
C GLU I 18 -6.11 7.81 -17.11
N LEU I 19 -6.33 8.61 -16.07
CA LEU I 19 -6.02 10.01 -16.15
C LEU I 19 -4.56 10.18 -16.58
N LYS I 20 -3.68 9.40 -15.99
CA LYS I 20 -2.28 9.49 -16.35
C LYS I 20 -2.10 9.16 -17.81
N LYS I 21 -2.83 8.16 -18.26
CA LYS I 21 -2.79 7.68 -19.62
C LYS I 21 -3.21 8.77 -20.56
N PHE I 22 -4.22 9.51 -20.15
CA PHE I 22 -4.79 10.58 -20.96
C PHE I 22 -3.78 11.70 -21.16
N LYS I 23 -3.25 12.24 -20.05
CA LYS I 23 -2.29 13.34 -20.13
C LYS I 23 -1.10 12.98 -21.01
N MET I 24 -0.50 11.83 -20.71
CA MET I 24 0.68 11.39 -21.45
C MET I 24 0.38 11.22 -22.93
N LYS I 25 -0.79 10.66 -23.25
CA LYS I 25 -1.14 10.47 -24.65
C LYS I 25 -1.25 11.80 -25.38
N LEU I 26 -1.83 12.78 -24.69
CA LEU I 26 -2.03 14.11 -25.26
C LEU I 26 -0.72 14.73 -25.73
N LEU I 27 0.35 14.48 -25.00
CA LEU I 27 1.64 15.05 -25.35
C LEU I 27 2.12 14.60 -26.73
N THR I 28 1.77 13.38 -27.13
CA THR I 28 2.21 12.84 -28.43
C THR I 28 1.10 12.84 -29.48
N VAL I 29 -0.04 13.43 -29.17
CA VAL I 29 -1.16 13.44 -30.11
C VAL I 29 -0.95 14.48 -31.22
N GLN I 30 -1.46 14.16 -32.41
CA GLN I 30 -1.34 15.05 -33.56
C GLN I 30 -2.31 16.23 -33.41
N LEU I 31 -1.81 17.43 -33.69
CA LEU I 31 -2.61 18.65 -33.57
C LEU I 31 -2.60 19.44 -34.87
N ARG I 32 -3.64 20.24 -35.06
CA ARG I 32 -3.73 21.07 -36.26
C ARG I 32 -2.67 22.18 -36.22
N GLU I 33 -2.14 22.55 -37.38
CA GLU I 33 -1.11 23.59 -37.44
C GLU I 33 -1.67 24.96 -37.05
N GLY I 34 -0.80 25.80 -36.47
CA GLY I 34 -1.20 27.14 -36.05
C GLY I 34 -1.48 27.17 -34.54
N TYR I 35 -1.25 26.04 -33.88
CA TYR I 35 -1.48 25.94 -32.45
C TYR I 35 -0.20 25.51 -31.73
N GLY I 36 -0.11 25.84 -30.45
CA GLY I 36 1.06 25.50 -29.66
C GLY I 36 0.91 24.16 -28.94
N ARG I 37 1.97 23.77 -28.25
CA ARG I 37 2.01 22.54 -27.49
C ARG I 37 2.16 22.88 -26.01
N ILE I 38 1.52 22.11 -25.14
CA ILE I 38 1.58 22.42 -23.71
C ILE I 38 2.86 21.90 -23.06
N PRO I 39 3.56 22.75 -22.33
CA PRO I 39 4.84 22.36 -21.64
C PRO I 39 4.70 21.09 -20.84
N ARG I 40 5.68 20.21 -20.98
CA ARG I 40 5.66 18.94 -20.27
C ARG I 40 5.64 19.11 -18.75
N GLY I 41 6.49 20.00 -18.25
CA GLY I 41 6.60 20.22 -16.80
C GLY I 41 5.27 20.55 -16.13
N ALA I 42 4.49 21.44 -16.71
CA ALA I 42 3.22 21.83 -16.10
C ALA I 42 2.21 20.68 -16.11
N LEU I 43 2.16 19.95 -17.21
CA LEU I 43 1.22 18.86 -17.35
C LEU I 43 1.42 17.76 -16.30
N LEU I 44 2.67 17.45 -15.99
CA LEU I 44 2.98 16.38 -15.04
C LEU I 44 2.39 16.61 -13.65
N GLN I 45 2.35 17.85 -13.19
CA GLN I 45 1.82 18.14 -11.84
C GLN I 45 0.43 18.76 -11.85
N MET I 46 -0.17 18.92 -13.02
CA MET I 46 -1.50 19.55 -13.11
C MET I 46 -2.62 18.69 -12.52
N ASP I 47 -3.73 19.35 -12.21
CA ASP I 47 -4.90 18.69 -11.62
C ASP I 47 -6.01 18.54 -12.66
N ALA I 48 -7.00 17.69 -12.37
CA ALA I 48 -8.10 17.45 -13.28
C ALA I 48 -8.91 18.73 -13.55
N ILE I 49 -9.14 19.54 -12.52
CA ILE I 49 -9.91 20.77 -12.73
C ILE I 49 -9.07 21.80 -13.48
N ASP I 50 -7.84 21.98 -13.02
CA ASP I 50 -6.93 22.94 -13.64
C ASP I 50 -6.73 22.63 -15.12
N LEU I 51 -6.56 21.34 -15.40
CA LEU I 51 -6.35 20.90 -16.76
C LEU I 51 -7.49 21.36 -17.65
N THR I 52 -8.68 21.44 -17.08
CA THR I 52 -9.85 21.88 -17.84
C THR I 52 -9.67 23.29 -18.35
N ASP I 53 -9.35 24.21 -17.43
CA ASP I 53 -9.18 25.60 -17.81
C ASP I 53 -8.06 25.78 -18.82
N LYS I 54 -6.94 25.12 -18.58
CA LYS I 54 -5.80 25.23 -19.48
C LYS I 54 -6.11 24.67 -20.85
N LEU I 55 -6.75 23.50 -20.88
CA LEU I 55 -7.07 22.84 -22.15
C LEU I 55 -7.82 23.77 -23.08
N VAL I 56 -8.84 24.43 -22.58
CA VAL I 56 -9.61 25.34 -23.41
C VAL I 56 -8.79 26.60 -23.74
N SER I 57 -7.97 27.02 -22.80
CA SER I 57 -7.16 28.24 -22.99
C SER I 57 -6.32 28.19 -24.26
N TYR I 58 -5.71 27.05 -24.54
CA TYR I 58 -4.86 26.93 -25.72
C TYR I 58 -5.66 26.76 -27.02
N TYR I 59 -6.74 26.00 -26.96
CA TYR I 59 -7.54 25.75 -28.16
C TYR I 59 -8.92 26.37 -28.03
N LEU I 60 -9.48 26.81 -29.15
CA LEU I 60 -10.80 27.41 -29.13
C LEU I 60 -11.82 26.40 -28.65
N GLU I 61 -12.93 26.89 -28.12
CA GLU I 61 -13.96 26.00 -27.60
C GLU I 61 -14.46 25.03 -28.67
N SER I 62 -14.72 25.55 -29.86
CA SER I 62 -15.22 24.70 -30.95
C SER I 62 -14.20 23.62 -31.32
N TYR I 63 -13.02 24.05 -31.73
CA TYR I 63 -11.98 23.11 -32.12
C TYR I 63 -11.47 22.33 -30.92
N GLY I 64 -11.35 23.01 -29.78
CA GLY I 64 -10.85 22.37 -28.57
C GLY I 64 -11.75 21.23 -28.13
N LEU I 65 -13.06 21.44 -28.19
CA LEU I 65 -14.01 20.42 -27.78
C LEU I 65 -13.88 19.16 -28.64
N GLU I 66 -13.74 19.35 -29.94
CA GLU I 66 -13.61 18.21 -30.86
C GLU I 66 -12.30 17.46 -30.63
N LEU I 67 -11.24 18.19 -30.32
CA LEU I 67 -9.93 17.60 -30.10
C LEU I 67 -9.96 16.60 -28.95
N THR I 68 -10.75 16.89 -27.93
CA THR I 68 -10.83 16.00 -26.79
C THR I 68 -11.33 14.62 -27.20
N MET I 69 -12.42 14.58 -27.94
CA MET I 69 -13.00 13.32 -28.36
C MET I 69 -12.02 12.47 -29.12
N THR I 70 -11.25 13.11 -29.98
CA THR I 70 -10.28 12.38 -30.79
C THR I 70 -9.35 11.55 -29.90
N VAL I 71 -8.91 12.14 -28.78
CA VAL I 71 -8.02 11.43 -27.87
C VAL I 71 -8.78 10.41 -27.02
N LEU I 72 -9.99 10.76 -26.58
CA LEU I 72 -10.77 9.84 -25.75
C LEU I 72 -10.96 8.50 -26.46
N ARG I 73 -11.46 8.53 -27.66
CA ARG I 73 -11.67 7.28 -28.34
C ARG I 73 -10.36 6.56 -28.53
N ASP I 74 -9.30 7.30 -28.85
CA ASP I 74 -8.01 6.65 -29.11
C ASP I 74 -7.63 5.69 -27.97
N MET I 75 -7.86 6.11 -26.73
CA MET I 75 -7.55 5.27 -25.58
C MET I 75 -8.46 4.05 -25.57
N GLY I 76 -9.61 4.23 -26.22
CA GLY I 76 -10.61 3.18 -26.32
C GLY I 76 -11.99 3.80 -26.42
N LEU I 77 -12.89 3.17 -27.15
CA LEU I 77 -14.24 3.72 -27.29
C LEU I 77 -14.96 3.61 -25.96
N GLN I 78 -15.42 4.74 -25.46
CA GLN I 78 -16.11 4.76 -24.19
C GLN I 78 -17.42 5.51 -24.31
N GLU I 79 -18.31 5.28 -23.38
CA GLU I 79 -19.58 5.97 -23.41
C GLU I 79 -19.31 7.46 -23.34
N LEU I 80 -18.23 7.82 -22.65
CA LEU I 80 -17.85 9.21 -22.51
C LEU I 80 -17.68 9.86 -23.87
N ALA I 81 -16.95 9.21 -24.75
CA ALA I 81 -16.73 9.76 -26.08
C ALA I 81 -18.06 10.13 -26.73
N GLU I 82 -18.99 9.20 -26.71
CA GLU I 82 -20.30 9.46 -27.28
C GLU I 82 -21.10 10.41 -26.42
N GLN I 83 -21.14 10.15 -25.11
CA GLN I 83 -21.91 11.00 -24.19
C GLN I 83 -21.54 12.45 -24.38
N LEU I 84 -20.25 12.71 -24.50
CA LEU I 84 -19.78 14.07 -24.68
C LEU I 84 -20.23 14.62 -26.03
N GLN I 85 -20.21 13.77 -27.05
CA GLN I 85 -20.61 14.20 -28.38
C GLN I 85 -22.02 14.77 -28.36
N THR I 86 -22.89 14.17 -27.57
CA THR I 86 -24.27 14.64 -27.47
C THR I 86 -24.29 16.13 -27.16
N THR I 87 -23.30 16.58 -26.40
CA THR I 87 -23.20 17.99 -26.03
C THR I 87 -22.97 18.85 -27.27
N LYS I 88 -22.27 18.29 -28.25
CA LYS I 88 -21.98 19.05 -29.49
C LYS I 88 -23.26 19.61 -30.08
N GLU I 89 -24.31 18.78 -30.12
CA GLU I 89 -25.59 19.22 -30.65
C GLU I 89 -26.21 20.25 -29.71
N GLY J 1 -24.81 44.77 6.94
CA GLY J 1 -25.93 43.84 6.83
C GLY J 1 -25.49 42.41 7.13
N ARG J 2 -26.37 41.65 7.75
CA ARG J 2 -26.07 40.26 8.11
C ARG J 2 -25.71 39.45 6.87
N ALA J 3 -26.05 39.97 5.69
CA ALA J 3 -25.78 39.28 4.44
C ALA J 3 -24.31 38.84 4.34
N ARG J 4 -23.40 39.77 4.61
CA ARG J 4 -21.98 39.43 4.55
C ARG J 4 -21.64 38.32 5.54
N ASP J 5 -22.14 38.46 6.76
CA ASP J 5 -21.87 37.49 7.80
C ASP J 5 -22.46 36.12 7.49
N ALA J 6 -23.64 36.09 6.90
CA ALA J 6 -24.28 34.81 6.59
C ALA J 6 -23.48 34.01 5.58
N ILE J 7 -23.15 34.63 4.45
CA ILE J 7 -22.39 33.94 3.43
C ILE J 7 -21.08 33.44 3.99
N LEU J 8 -20.37 34.32 4.66
CA LEU J 8 -19.08 33.99 5.23
C LEU J 8 -19.15 32.70 6.03
N ASP J 9 -20.08 32.63 6.96
CA ASP J 9 -20.19 31.45 7.80
C ASP J 9 -20.40 30.16 7.00
N ALA J 10 -21.29 30.20 6.01
CA ALA J 10 -21.58 29.02 5.20
C ALA J 10 -20.45 28.67 4.21
N LEU J 11 -19.88 29.67 3.56
CA LEU J 11 -18.83 29.42 2.59
C LEU J 11 -17.62 28.73 3.21
N GLU J 12 -17.29 29.12 4.44
CA GLU J 12 -16.13 28.57 5.16
C GLU J 12 -16.28 27.07 5.48
N ASN J 13 -17.49 26.52 5.37
CA ASN J 13 -17.72 25.10 5.67
C ASN J 13 -17.38 24.19 4.48
N LEU J 14 -16.81 24.74 3.42
CA LEU J 14 -16.45 23.93 2.25
C LEU J 14 -15.01 23.42 2.38
N SER J 15 -14.78 22.23 1.84
CA SER J 15 -13.44 21.65 1.89
C SER J 15 -12.51 22.42 0.94
N GLY J 16 -11.21 22.22 1.10
CA GLY J 16 -10.22 22.91 0.28
C GLY J 16 -10.39 22.63 -1.22
N ASP J 17 -10.68 21.39 -1.59
CA ASP J 17 -10.80 21.05 -3.01
C ASP J 17 -12.04 21.67 -3.67
N GLU J 18 -13.20 21.50 -3.05
CA GLU J 18 -14.43 22.03 -3.62
C GLU J 18 -14.30 23.53 -3.81
N LEU J 19 -13.59 24.16 -2.90
CA LEU J 19 -13.38 25.59 -2.98
C LEU J 19 -12.84 25.95 -4.36
N LYS J 20 -11.87 25.18 -4.83
CA LYS J 20 -11.30 25.43 -6.13
C LYS J 20 -12.37 25.32 -7.18
N LYS J 21 -13.21 24.31 -7.02
CA LYS J 21 -14.29 24.02 -7.95
C LYS J 21 -15.24 25.19 -8.01
N PHE J 22 -15.49 25.78 -6.85
CA PHE J 22 -16.43 26.88 -6.74
C PHE J 22 -15.91 28.11 -7.47
N LYS J 23 -14.69 28.54 -7.15
CA LYS J 23 -14.12 29.73 -7.79
C LYS J 23 -14.11 29.60 -9.30
N MET J 24 -13.56 28.48 -9.78
CA MET J 24 -13.45 28.24 -11.21
C MET J 24 -14.82 28.24 -11.88
N LYS J 25 -15.80 27.62 -11.24
CA LYS J 25 -17.14 27.57 -11.82
C LYS J 25 -17.72 28.97 -11.97
N LEU J 26 -17.47 29.80 -10.97
CA LEU J 26 -17.99 31.17 -10.94
C LEU J 26 -17.54 31.97 -12.16
N LEU J 27 -16.32 31.73 -12.61
CA LEU J 27 -15.78 32.44 -13.75
C LEU J 27 -16.62 32.23 -15.01
N THR J 28 -17.20 31.05 -15.16
CA THR J 28 -17.98 30.72 -16.36
C THR J 28 -19.49 30.75 -16.12
N VAL J 29 -19.91 31.19 -14.93
CA VAL J 29 -21.33 31.22 -14.62
C VAL J 29 -22.04 32.40 -15.29
N GLN J 30 -23.31 32.20 -15.64
CA GLN J 30 -24.10 33.24 -16.28
C GLN J 30 -24.52 34.29 -15.26
N LEU J 31 -24.37 35.56 -15.64
CA LEU J 31 -24.71 36.67 -14.75
C LEU J 31 -25.70 37.63 -15.41
N ARG J 32 -26.45 38.35 -14.59
CA ARG J 32 -27.41 39.31 -15.11
C ARG J 32 -26.69 40.49 -15.74
N GLU J 33 -27.27 41.06 -16.79
CA GLU J 33 -26.64 42.19 -17.49
C GLU J 33 -26.61 43.44 -16.62
N GLY J 34 -25.58 44.27 -16.82
CA GLY J 34 -25.42 45.50 -16.05
C GLY J 34 -24.40 45.32 -14.94
N TYR J 35 -23.79 44.14 -14.89
CA TYR J 35 -22.80 43.82 -13.87
C TYR J 35 -21.47 43.44 -14.51
N GLY J 36 -20.38 43.60 -13.77
CA GLY J 36 -19.06 43.27 -14.28
C GLY J 36 -18.65 41.85 -13.93
N ARG J 37 -17.48 41.48 -14.41
CA ARG J 37 -16.89 40.15 -14.18
C ARG J 37 -15.63 40.31 -13.35
N ILE J 38 -15.36 39.38 -12.45
CA ILE J 38 -14.19 39.51 -11.59
C ILE J 38 -12.91 39.03 -12.31
N PRO J 39 -11.86 39.84 -12.29
CA PRO J 39 -10.56 39.49 -12.95
C PRO J 39 -10.07 38.11 -12.55
N ARG J 40 -9.62 37.36 -13.54
CA ARG J 40 -9.13 36.00 -13.29
C ARG J 40 -7.93 35.98 -12.35
N GLY J 41 -6.97 36.88 -12.58
CA GLY J 41 -5.75 36.91 -11.77
C GLY J 41 -6.02 37.02 -10.26
N ALA J 42 -6.90 37.91 -9.86
CA ALA J 42 -7.18 38.10 -8.45
C ALA J 42 -7.85 36.87 -7.83
N LEU J 43 -8.79 36.30 -8.56
CA LEU J 43 -9.53 35.14 -8.06
C LEU J 43 -8.63 33.94 -7.76
N LEU J 44 -7.63 33.71 -8.61
CA LEU J 44 -6.75 32.55 -8.44
C LEU J 44 -5.99 32.55 -7.11
N GLN J 45 -5.59 33.72 -6.62
CA GLN J 45 -4.82 33.78 -5.36
C GLN J 45 -5.65 34.27 -4.16
N MET J 46 -6.94 34.52 -4.37
CA MET J 46 -7.79 35.03 -3.29
C MET J 46 -8.04 34.00 -2.18
N ASP J 47 -8.44 34.51 -1.01
CA ASP J 47 -8.72 33.68 0.16
C ASP J 47 -10.23 33.56 0.39
N ALA J 48 -10.62 32.59 1.21
CA ALA J 48 -12.05 32.37 1.50
C ALA J 48 -12.68 33.58 2.17
N ILE J 49 -11.97 34.24 3.09
CA ILE J 49 -12.54 35.41 3.76
C ILE J 49 -12.58 36.59 2.80
N ASP J 50 -11.47 36.83 2.14
CA ASP J 50 -11.36 37.95 1.20
C ASP J 50 -12.42 37.84 0.11
N LEU J 51 -12.60 36.63 -0.39
CA LEU J 51 -13.58 36.37 -1.44
C LEU J 51 -14.95 36.84 -0.99
N THR J 52 -15.21 36.74 0.30
CA THR J 52 -16.50 37.16 0.83
C THR J 52 -16.73 38.64 0.60
N ASP J 53 -15.78 39.46 1.03
CA ASP J 53 -15.90 40.90 0.89
C ASP J 53 -16.02 41.31 -0.58
N LYS J 54 -15.18 40.73 -1.41
CA LYS J 54 -15.19 41.06 -2.83
C LYS J 54 -16.49 40.66 -3.49
N LEU J 55 -16.95 39.44 -3.18
CA LEU J 55 -18.18 38.93 -3.79
C LEU J 55 -19.34 39.90 -3.61
N VAL J 56 -19.53 40.39 -2.40
CA VAL J 56 -20.61 41.33 -2.16
C VAL J 56 -20.31 42.68 -2.81
N SER J 57 -19.04 43.06 -2.84
CA SER J 57 -18.65 44.36 -3.39
C SER J 57 -19.15 44.56 -4.83
N TYR J 58 -19.06 43.51 -5.65
CA TYR J 58 -19.49 43.63 -7.05
C TYR J 58 -21.00 43.56 -7.21
N TYR J 59 -21.65 42.69 -6.44
CA TYR J 59 -23.10 42.53 -6.56
C TYR J 59 -23.80 43.00 -5.29
N LEU J 60 -25.00 43.53 -5.47
CA LEU J 60 -25.77 44.01 -4.32
C LEU J 60 -26.07 42.85 -3.38
N GLU J 61 -26.28 43.16 -2.11
CA GLU J 61 -26.55 42.12 -1.13
C GLU J 61 -27.74 41.26 -1.52
N SER J 62 -28.83 41.89 -1.94
CA SER J 62 -30.02 41.14 -2.32
C SER J 62 -29.75 40.23 -3.52
N TYR J 63 -29.34 40.81 -4.63
CA TYR J 63 -29.06 40.03 -5.82
C TYR J 63 -27.83 39.15 -5.63
N GLY J 64 -26.83 39.69 -4.94
CA GLY J 64 -25.60 38.94 -4.71
C GLY J 64 -25.85 37.68 -3.91
N LEU J 65 -26.68 37.78 -2.88
CA LEU J 65 -26.98 36.62 -2.04
C LEU J 65 -27.64 35.50 -2.84
N GLU J 66 -28.59 35.87 -3.71
CA GLU J 66 -29.28 34.88 -4.53
C GLU J 66 -28.34 34.22 -5.53
N LEU J 67 -27.41 35.02 -6.08
CA LEU J 67 -26.47 34.51 -7.08
C LEU J 67 -25.63 33.37 -6.51
N THR J 68 -25.29 33.45 -5.23
CA THR J 68 -24.48 32.43 -4.62
C THR J 68 -25.16 31.07 -4.69
N MET J 69 -26.42 31.03 -4.27
CA MET J 69 -27.16 29.77 -4.25
C MET J 69 -27.20 29.13 -5.62
N THR J 70 -27.39 29.95 -6.64
CA THR J 70 -27.47 29.43 -7.99
C THR J 70 -26.24 28.57 -8.32
N VAL J 71 -25.06 29.05 -7.91
CA VAL J 71 -23.83 28.31 -8.17
C VAL J 71 -23.67 27.13 -7.23
N LEU J 72 -24.04 27.30 -5.95
CA LEU J 72 -23.90 26.21 -4.98
C LEU J 72 -24.63 24.97 -5.46
N ARG J 73 -25.89 25.10 -5.78
CA ARG J 73 -26.62 23.94 -6.22
C ARG J 73 -26.00 23.37 -7.47
N ASP J 74 -25.58 24.24 -8.38
CA ASP J 74 -25.02 23.75 -9.64
C ASP J 74 -23.93 22.70 -9.42
N MET J 75 -23.08 22.94 -8.43
CA MET J 75 -22.01 21.98 -8.11
C MET J 75 -22.63 20.70 -7.58
N GLY J 76 -23.82 20.84 -7.03
CA GLY J 76 -24.56 19.73 -6.46
C GLY J 76 -25.45 20.23 -5.34
N LEU J 77 -26.61 19.61 -5.15
CA LEU J 77 -27.51 20.05 -4.09
C LEU J 77 -26.90 19.70 -2.76
N GLN J 78 -26.73 20.72 -1.93
CA GLN J 78 -26.15 20.51 -0.62
C GLN J 78 -27.00 21.14 0.45
N GLU J 79 -26.82 20.71 1.68
CA GLU J 79 -27.58 21.28 2.77
C GLU J 79 -27.29 22.77 2.82
N LEU J 80 -26.07 23.13 2.44
CA LEU J 80 -25.66 24.53 2.43
C LEU J 80 -26.61 25.36 1.58
N ALA J 81 -26.90 24.90 0.38
CA ALA J 81 -27.79 25.63 -0.50
C ALA J 81 -29.09 25.96 0.22
N GLU J 82 -29.68 24.95 0.84
CA GLU J 82 -30.93 25.15 1.55
C GLU J 82 -30.69 25.92 2.85
N GLN J 83 -29.68 25.49 3.63
CA GLN J 83 -29.39 26.13 4.90
C GLN J 83 -29.23 27.63 4.71
N LEU J 84 -28.54 28.02 3.67
CA LEU J 84 -28.33 29.43 3.39
C LEU J 84 -29.65 30.10 3.03
N GLN J 85 -30.49 29.40 2.28
CA GLN J 85 -31.77 29.95 1.86
C GLN J 85 -32.58 30.38 3.07
N THR J 86 -32.51 29.61 4.15
CA THR J 86 -33.25 29.93 5.36
C THR J 86 -32.94 31.36 5.78
N THR J 87 -31.71 31.80 5.53
CA THR J 87 -31.30 33.16 5.88
C THR J 87 -32.11 34.19 5.09
N LYS J 88 -32.49 33.83 3.86
CA LYS J 88 -33.25 34.75 3.01
C LYS J 88 -34.47 35.27 3.76
N GLU J 89 -35.18 34.36 4.43
CA GLU J 89 -36.36 34.75 5.19
C GLU J 89 -35.95 35.59 6.39
N GLY K 1 -29.09 -13.05 19.17
CA GLY K 1 -30.16 -13.99 19.49
C GLY K 1 -29.63 -15.43 19.45
N ARG K 2 -30.17 -16.26 20.33
CA ARG K 2 -29.76 -17.66 20.40
C ARG K 2 -29.97 -18.36 19.06
N ALA K 3 -30.80 -17.77 18.21
CA ALA K 3 -31.10 -18.35 16.91
C ALA K 3 -29.83 -18.73 16.15
N ARG K 4 -28.89 -17.81 16.06
CA ARG K 4 -27.64 -18.11 15.35
C ARG K 4 -26.91 -19.27 16.00
N ASP K 5 -26.83 -19.25 17.33
CA ASP K 5 -26.14 -20.29 18.07
C ASP K 5 -26.81 -21.65 17.93
N ALA K 6 -28.13 -21.66 17.91
CA ALA K 6 -28.86 -22.92 17.82
C ALA K 6 -28.59 -23.63 16.49
N ILE K 7 -28.78 -22.92 15.39
CA ILE K 7 -28.56 -23.50 14.08
C ILE K 7 -27.13 -24.00 13.97
N LEU K 8 -26.19 -23.15 14.34
CA LEU K 8 -24.78 -23.49 14.25
C LEU K 8 -24.50 -24.85 14.89
N ASP K 9 -24.94 -25.02 16.12
CA ASP K 9 -24.69 -26.26 16.84
C ASP K 9 -25.23 -27.48 16.10
N ALA K 10 -26.46 -27.39 15.61
CA ALA K 10 -27.08 -28.52 14.91
C ALA K 10 -26.51 -28.75 13.52
N LEU K 11 -26.27 -27.69 12.76
CA LEU K 11 -25.76 -27.84 11.40
C LEU K 11 -24.40 -28.54 11.38
N GLU K 12 -23.56 -28.24 12.37
CA GLU K 12 -22.21 -28.82 12.45
C GLU K 12 -22.22 -30.34 12.69
N ASN K 13 -23.36 -30.90 13.07
CA ASN K 13 -23.45 -32.36 13.33
C ASN K 13 -23.67 -33.17 12.05
N LEU K 14 -23.62 -32.51 10.89
CA LEU K 14 -23.81 -33.21 9.61
C LEU K 14 -22.48 -33.70 9.06
N SER K 15 -22.50 -34.84 8.37
CA SER K 15 -21.29 -35.38 7.78
C SER K 15 -20.86 -34.52 6.59
N GLY K 16 -19.62 -34.69 6.15
CA GLY K 16 -19.09 -33.91 5.03
C GLY K 16 -19.89 -34.07 3.74
N ASP K 17 -20.33 -35.30 3.44
CA ASP K 17 -21.07 -35.53 2.19
C ASP K 17 -22.47 -34.90 2.19
N GLU K 18 -23.24 -35.14 3.24
CA GLU K 18 -24.59 -34.60 3.31
C GLU K 18 -24.54 -33.09 3.21
N LEU K 19 -23.49 -32.51 3.77
CA LEU K 19 -23.34 -31.07 3.73
C LEU K 19 -23.45 -30.60 2.28
N LYS K 20 -22.80 -31.31 1.38
CA LYS K 20 -22.84 -30.93 -0.01
C LYS K 20 -24.26 -30.99 -0.51
N LYS K 21 -24.96 -32.03 -0.08
CA LYS K 21 -26.34 -32.27 -0.46
C LYS K 21 -27.21 -31.13 0.00
N PHE K 22 -26.92 -30.64 1.19
CA PHE K 22 -27.71 -29.58 1.79
C PHE K 22 -27.55 -28.29 1.01
N LYS K 23 -26.31 -27.85 0.80
CA LYS K 23 -26.07 -26.59 0.08
C LYS K 23 -26.72 -26.61 -1.30
N MET K 24 -26.44 -27.67 -2.05
CA MET K 24 -26.98 -27.80 -3.40
C MET K 24 -28.50 -27.78 -3.41
N LYS K 25 -29.10 -28.47 -2.45
CA LYS K 25 -30.56 -28.52 -2.39
C LYS K 25 -31.14 -27.13 -2.17
N LEU K 26 -30.47 -26.37 -1.29
CA LEU K 26 -30.91 -25.03 -0.93
C LEU K 26 -31.03 -24.13 -2.16
N LEU K 27 -30.14 -24.30 -3.10
CA LEU K 27 -30.15 -23.48 -4.31
C LEU K 27 -31.46 -23.62 -5.10
N THR K 28 -32.05 -24.80 -5.07
CA THR K 28 -33.29 -25.06 -5.83
C THR K 28 -34.54 -25.09 -4.94
N VAL K 29 -34.39 -24.75 -3.67
CA VAL K 29 -35.53 -24.78 -2.76
C VAL K 29 -36.44 -23.58 -2.96
N GLN K 30 -37.74 -23.79 -2.74
CA GLN K 30 -38.74 -22.72 -2.88
C GLN K 30 -38.65 -21.76 -1.70
N LEU K 31 -38.67 -20.47 -1.99
CA LEU K 31 -38.57 -19.44 -0.95
C LEU K 31 -39.75 -18.47 -1.03
N ARG K 32 -40.05 -17.83 0.09
CA ARG K 32 -41.14 -16.86 0.12
C ARG K 32 -40.75 -15.61 -0.67
N GLU K 33 -41.72 -14.98 -1.31
CA GLU K 33 -41.46 -13.77 -2.12
C GLU K 33 -41.03 -12.60 -1.24
N GLY K 34 -40.19 -11.72 -1.82
CA GLY K 34 -39.70 -10.56 -1.09
C GLY K 34 -38.29 -10.80 -0.55
N TYR K 35 -37.74 -11.97 -0.88
CA TYR K 35 -36.40 -12.32 -0.43
C TYR K 35 -35.50 -12.62 -1.61
N GLY K 36 -34.20 -12.49 -1.40
CA GLY K 36 -33.24 -12.73 -2.46
C GLY K 36 -32.72 -14.18 -2.44
N ARG K 37 -31.88 -14.48 -3.42
CA ARG K 37 -31.27 -15.79 -3.58
C ARG K 37 -29.76 -15.66 -3.38
N ILE K 38 -29.13 -16.66 -2.77
CA ILE K 38 -27.70 -16.55 -2.50
C ILE K 38 -26.88 -16.94 -3.74
N PRO K 39 -25.92 -16.11 -4.11
CA PRO K 39 -25.04 -16.37 -5.30
C PRO K 39 -24.43 -17.76 -5.28
N ARG K 40 -24.48 -18.43 -6.42
CA ARG K 40 -23.94 -19.78 -6.51
C ARG K 40 -22.45 -19.84 -6.19
N GLY K 41 -21.68 -18.91 -6.76
CA GLY K 41 -20.22 -18.89 -6.56
C GLY K 41 -19.80 -18.92 -5.10
N ALA K 42 -20.42 -18.08 -4.27
CA ALA K 42 -20.05 -18.01 -2.86
C ALA K 42 -20.39 -19.30 -2.12
N LEU K 43 -21.55 -19.85 -2.40
CA LEU K 43 -22.01 -21.06 -1.73
C LEU K 43 -21.08 -22.25 -1.96
N LEU K 44 -20.56 -22.39 -3.17
CA LEU K 44 -19.70 -23.53 -3.50
C LEU K 44 -18.44 -23.62 -2.64
N GLN K 45 -17.85 -22.47 -2.28
CA GLN K 45 -16.61 -22.49 -1.49
C GLN K 45 -16.83 -22.11 -0.01
N MET K 46 -18.07 -21.89 0.39
CA MET K 46 -18.36 -21.49 1.77
C MET K 46 -18.11 -22.61 2.79
N ASP K 47 -17.95 -22.20 4.05
CA ASP K 47 -17.70 -23.13 5.16
C ASP K 47 -18.95 -23.30 6.02
N ALA K 48 -18.96 -24.35 6.84
CA ALA K 48 -20.11 -24.62 7.70
C ALA K 48 -20.38 -23.48 8.68
N ILE K 49 -19.34 -22.89 9.26
CA ILE K 49 -19.54 -21.79 10.19
C ILE K 49 -19.99 -20.53 9.45
N ASP K 50 -19.27 -20.22 8.38
CA ASP K 50 -19.57 -19.02 7.59
C ASP K 50 -21.01 -19.08 7.07
N LEU K 51 -21.39 -20.24 6.60
CA LEU K 51 -22.73 -20.45 6.07
C LEU K 51 -23.78 -20.05 7.11
N THR K 52 -23.45 -20.27 8.37
CA THR K 52 -24.36 -19.93 9.45
C THR K 52 -24.66 -18.43 9.46
N ASP K 53 -23.61 -17.63 9.49
CA ASP K 53 -23.77 -16.18 9.54
C ASP K 53 -24.52 -15.66 8.31
N LYS K 54 -24.12 -16.16 7.14
CA LYS K 54 -24.75 -15.72 5.91
C LYS K 54 -26.22 -16.10 5.86
N LEU K 55 -26.51 -17.35 6.23
CA LEU K 55 -27.88 -17.85 6.19
C LEU K 55 -28.84 -16.93 6.94
N VAL K 56 -28.47 -16.54 8.14
CA VAL K 56 -29.33 -15.65 8.90
C VAL K 56 -29.34 -14.25 8.31
N SER K 57 -28.20 -13.84 7.76
CA SER K 57 -28.09 -12.49 7.18
C SER K 57 -29.16 -12.20 6.13
N TYR K 58 -29.45 -13.16 5.28
CA TYR K 58 -30.44 -12.95 4.22
C TYR K 58 -31.88 -13.05 4.73
N TYR K 59 -32.14 -13.99 5.64
CA TYR K 59 -33.49 -14.18 6.16
C TYR K 59 -33.56 -13.83 7.63
N LEU K 60 -34.71 -13.33 8.05
CA LEU K 60 -34.89 -12.97 9.44
C LEU K 60 -34.76 -14.21 10.32
N GLU K 61 -34.40 -13.99 11.58
CA GLU K 61 -34.21 -15.11 12.50
C GLU K 61 -35.46 -15.98 12.59
N SER K 62 -36.62 -15.35 12.73
CA SER K 62 -37.87 -16.09 12.85
C SER K 62 -38.16 -16.90 11.60
N TYR K 63 -38.27 -16.22 10.47
CA TYR K 63 -38.54 -16.90 9.21
C TYR K 63 -37.36 -17.76 8.78
N GLY K 64 -36.15 -17.26 9.00
CA GLY K 64 -34.95 -17.97 8.61
C GLY K 64 -34.84 -19.31 9.33
N LEU K 65 -35.14 -19.31 10.63
CA LEU K 65 -35.04 -20.54 11.41
C LEU K 65 -36.00 -21.60 10.89
N GLU K 66 -37.22 -21.20 10.56
CA GLU K 66 -38.22 -22.15 10.05
C GLU K 66 -37.81 -22.69 8.68
N LEU K 67 -37.22 -21.84 7.85
CA LEU K 67 -36.81 -22.24 6.51
C LEU K 67 -35.82 -23.39 6.55
N THR K 68 -34.96 -23.40 7.56
CA THR K 68 -33.96 -24.45 7.67
C THR K 68 -34.62 -25.81 7.79
N MET K 69 -35.57 -25.92 8.71
CA MET K 69 -36.24 -27.19 8.96
C MET K 69 -36.88 -27.72 7.69
N THR K 70 -37.49 -26.84 6.93
CA THR K 70 -38.16 -27.26 5.71
C THR K 70 -37.20 -28.05 4.81
N VAL K 71 -35.96 -27.58 4.70
CA VAL K 71 -34.97 -28.25 3.86
C VAL K 71 -34.42 -29.51 4.55
N LEU K 72 -34.20 -29.44 5.86
CA LEU K 72 -33.67 -30.59 6.57
C LEU K 72 -34.54 -31.82 6.37
N ARG K 73 -35.82 -31.69 6.65
CA ARG K 73 -36.66 -32.83 6.48
C ARG K 73 -36.66 -33.29 5.05
N ASP K 74 -36.67 -32.34 4.11
CA ASP K 74 -36.73 -32.71 2.69
C ASP K 74 -35.66 -33.75 2.34
N MET K 75 -34.46 -33.57 2.86
CA MET K 75 -33.37 -34.52 2.61
C MET K 75 -33.70 -35.85 3.25
N GLY K 76 -34.54 -35.79 4.27
CA GLY K 76 -34.96 -36.96 5.01
C GLY K 76 -35.26 -36.57 6.45
N LEU K 77 -36.23 -37.23 7.07
CA LEU K 77 -36.56 -36.89 8.45
C LEU K 77 -35.44 -37.33 9.35
N GLN K 78 -34.91 -36.39 10.11
CA GLN K 78 -33.82 -36.68 11.00
C GLN K 78 -34.11 -36.15 12.39
N GLU K 79 -33.42 -36.66 13.37
CA GLU K 79 -33.62 -36.21 14.73
C GLU K 79 -33.32 -34.73 14.77
N LEU K 80 -32.39 -34.30 13.92
CA LEU K 80 -32.01 -32.90 13.86
C LEU K 80 -33.23 -32.03 13.58
N ALA K 81 -34.02 -32.41 12.59
CA ALA K 81 -35.19 -31.63 12.25
C ALA K 81 -36.05 -31.40 13.48
N GLU K 82 -36.33 -32.46 14.22
CA GLU K 82 -37.12 -32.35 15.42
C GLU K 82 -36.32 -31.68 16.54
N GLN K 83 -35.09 -32.14 16.76
CA GLN K 83 -34.26 -31.59 17.82
C GLN K 83 -34.20 -30.08 17.72
N LEU K 84 -34.02 -29.59 16.51
CA LEU K 84 -33.94 -28.16 16.28
C LEU K 84 -35.28 -27.50 16.59
N GLN K 85 -36.37 -28.17 16.22
CA GLN K 85 -37.70 -27.62 16.45
C GLN K 85 -37.91 -27.31 17.93
N THR K 86 -37.37 -28.16 18.80
CA THR K 86 -37.50 -27.95 20.23
C THR K 86 -37.02 -26.55 20.60
N THR K 87 -36.03 -26.06 19.86
CA THR K 87 -35.49 -24.72 20.11
C THR K 87 -36.56 -23.65 19.84
N LYS K 88 -37.43 -23.92 18.87
CA LYS K 88 -38.47 -22.96 18.53
C LYS K 88 -39.25 -22.54 19.77
N GLU K 89 -39.60 -23.51 20.60
CA GLU K 89 -40.33 -23.22 21.83
C GLU K 89 -39.42 -22.46 22.80
N GLY L 1 -0.63 -3.96 32.78
CA GLY L 1 -1.07 -5.03 33.66
C GLY L 1 -0.86 -6.39 33.01
N ARG L 2 -0.53 -7.38 33.83
CA ARG L 2 -0.29 -8.73 33.34
C ARG L 2 -1.52 -9.27 32.60
N ALA L 3 -2.66 -8.63 32.83
CA ALA L 3 -3.91 -9.07 32.20
C ALA L 3 -3.76 -9.24 30.69
N ARG L 4 -3.20 -8.23 30.03
CA ARG L 4 -3.02 -8.31 28.59
C ARG L 4 -2.12 -9.49 28.22
N ASP L 5 -1.03 -9.62 28.95
CA ASP L 5 -0.06 -10.69 28.68
C ASP L 5 -0.65 -12.08 28.93
N ALA L 6 -1.46 -12.20 29.96
CA ALA L 6 -2.04 -13.51 30.28
C ALA L 6 -2.97 -14.00 29.17
N ILE L 7 -3.92 -13.17 28.78
CA ILE L 7 -4.85 -13.56 27.73
C ILE L 7 -4.10 -13.90 26.45
N LEU L 8 -3.19 -13.03 26.07
CA LEU L 8 -2.42 -13.23 24.86
C LEU L 8 -1.81 -14.63 24.81
N ASP L 9 -1.10 -14.99 25.86
CA ASP L 9 -0.44 -16.29 25.91
C ASP L 9 -1.43 -17.45 25.71
N ALA L 10 -2.56 -17.41 26.40
CA ALA L 10 -3.55 -18.49 26.30
C ALA L 10 -4.31 -18.48 24.97
N LEU L 11 -4.71 -17.31 24.50
CA LEU L 11 -5.48 -17.23 23.27
C LEU L 11 -4.71 -17.79 22.07
N GLU L 12 -3.39 -17.55 22.05
CA GLU L 12 -2.54 -18.01 20.95
C GLU L 12 -2.43 -19.55 20.87
N ASN L 13 -2.85 -20.26 21.91
CA ASN L 13 -2.77 -21.74 21.91
C ASN L 13 -3.97 -22.39 21.20
N LEU L 14 -4.81 -21.58 20.56
CA LEU L 14 -5.97 -22.13 19.85
C LEU L 14 -5.63 -22.41 18.39
N SER L 15 -6.24 -23.45 17.83
CA SER L 15 -6.00 -23.79 16.43
C SER L 15 -6.64 -22.76 15.52
N GLY L 16 -6.24 -22.75 14.26
CA GLY L 16 -6.76 -21.79 13.30
C GLY L 16 -8.28 -21.85 13.13
N ASP L 17 -8.84 -23.05 13.11
CA ASP L 17 -10.29 -23.18 12.91
C ASP L 17 -11.11 -22.69 14.11
N GLU L 18 -10.76 -23.15 15.30
CA GLU L 18 -11.51 -22.74 16.50
C GLU L 18 -11.48 -21.23 16.63
N LEU L 19 -10.38 -20.64 16.22
CA LEU L 19 -10.24 -19.20 16.29
C LEU L 19 -11.43 -18.55 15.58
N LYS L 20 -11.78 -19.07 14.42
CA LYS L 20 -12.89 -18.51 13.69
C LYS L 20 -14.16 -18.64 14.51
N LYS L 21 -14.29 -19.78 15.16
CA LYS L 21 -15.44 -20.11 15.98
C LYS L 21 -15.56 -19.12 17.10
N PHE L 22 -14.41 -18.77 17.67
CA PHE L 22 -14.36 -17.87 18.80
C PHE L 22 -14.82 -16.47 18.41
N LYS L 23 -14.21 -15.90 17.37
CA LYS L 23 -14.57 -14.55 16.95
C LYS L 23 -16.06 -14.44 16.64
N MET L 24 -16.54 -15.36 15.81
CA MET L 24 -17.93 -15.36 15.40
C MET L 24 -18.86 -15.48 16.60
N LYS L 25 -18.52 -16.34 17.54
CA LYS L 25 -19.36 -16.52 18.72
C LYS L 25 -19.46 -15.24 19.52
N LEU L 26 -18.33 -14.55 19.63
CA LEU L 26 -18.25 -13.30 20.39
C LEU L 26 -19.25 -12.27 19.89
N LEU L 27 -19.46 -12.22 18.59
CA LEU L 27 -20.38 -11.26 18.01
C LEU L 27 -21.80 -11.41 18.55
N THR L 28 -22.20 -12.64 18.86
CA THR L 28 -23.56 -12.91 19.34
C THR L 28 -23.63 -13.17 20.84
N VAL L 29 -22.52 -12.99 21.54
CA VAL L 29 -22.50 -13.25 22.98
C VAL L 29 -23.15 -12.11 23.77
N GLN L 30 -23.77 -12.47 24.89
CA GLN L 30 -24.43 -11.49 25.74
C GLN L 30 -23.40 -10.69 26.53
N LEU L 31 -23.58 -9.36 26.56
CA LEU L 31 -22.65 -8.48 27.27
C LEU L 31 -23.38 -7.62 28.29
N ARG L 32 -22.66 -7.16 29.29
CA ARG L 32 -23.23 -6.30 30.32
C ARG L 32 -23.56 -4.93 29.73
N GLU L 33 -24.63 -4.31 30.21
CA GLU L 33 -25.05 -3.00 29.71
C GLU L 33 -24.04 -1.91 30.07
N GLY L 34 -23.94 -0.90 29.20
CA GLY L 34 -23.02 0.21 29.42
C GLY L 34 -21.74 0.02 28.60
N TYR L 35 -21.71 -1.03 27.80
CA TYR L 35 -20.56 -1.33 26.96
C TYR L 35 -20.96 -1.39 25.49
N GLY L 36 -19.99 -1.17 24.61
CA GLY L 36 -20.27 -1.18 23.17
C GLY L 36 -20.01 -2.55 22.57
N ARG L 37 -20.29 -2.65 21.27
CA ARG L 37 -20.10 -3.88 20.49
C ARG L 37 -19.02 -3.64 19.46
N ILE L 38 -18.21 -4.64 19.17
CA ILE L 38 -17.12 -4.44 18.22
C ILE L 38 -17.61 -4.58 16.77
N PRO L 39 -17.28 -3.63 15.91
CA PRO L 39 -17.70 -3.65 14.48
C PRO L 39 -17.38 -4.97 13.81
N ARG L 40 -18.33 -5.48 13.05
CA ARG L 40 -18.16 -6.76 12.37
C ARG L 40 -17.00 -6.73 11.37
N GLY L 41 -16.93 -5.66 10.58
CA GLY L 41 -15.89 -5.54 9.54
C GLY L 41 -14.47 -5.72 10.09
N ALA L 42 -14.15 -5.06 11.19
CA ALA L 42 -12.81 -5.14 11.75
C ALA L 42 -12.49 -6.55 12.27
N LEU L 43 -13.45 -7.15 12.94
CA LEU L 43 -13.26 -8.47 13.51
C LEU L 43 -12.93 -9.53 12.45
N LEU L 44 -13.58 -9.46 11.30
CA LEU L 44 -13.37 -10.47 10.26
C LEU L 44 -11.93 -10.55 9.76
N GLN L 45 -11.22 -9.42 9.69
CA GLN L 45 -9.84 -9.43 9.19
C GLN L 45 -8.79 -9.27 10.29
N MET L 46 -9.23 -9.22 11.54
CA MET L 46 -8.28 -9.03 12.66
C MET L 46 -7.38 -10.24 12.89
N ASP L 47 -6.27 -9.99 13.59
CA ASP L 47 -5.28 -11.02 13.90
C ASP L 47 -5.37 -11.43 15.37
N ALA L 48 -4.77 -12.57 15.72
CA ALA L 48 -4.81 -13.06 17.10
C ALA L 48 -4.14 -12.08 18.07
N ILE L 49 -3.02 -11.48 17.68
CA ILE L 49 -2.35 -10.53 18.57
C ILE L 49 -3.15 -9.25 18.66
N ASP L 50 -3.54 -8.72 17.51
CA ASP L 50 -4.29 -7.47 17.45
C ASP L 50 -5.58 -7.58 18.27
N LEU L 51 -6.25 -8.71 18.12
CA LEU L 51 -7.49 -8.97 18.83
C LEU L 51 -7.28 -8.81 20.32
N THR L 52 -6.09 -9.15 20.78
CA THR L 52 -5.79 -9.04 22.20
C THR L 52 -5.88 -7.59 22.68
N ASP L 53 -5.18 -6.71 21.98
CA ASP L 53 -5.17 -5.30 22.36
C ASP L 53 -6.57 -4.70 22.29
N LYS L 54 -7.28 -4.99 21.21
CA LYS L 54 -8.62 -4.46 21.03
C LYS L 54 -9.58 -4.97 22.11
N LEU L 55 -9.51 -6.27 22.37
CA LEU L 55 -10.41 -6.88 23.35
C LEU L 55 -10.36 -6.15 24.69
N VAL L 56 -9.16 -5.90 25.17
CA VAL L 56 -9.03 -5.20 26.44
C VAL L 56 -9.43 -3.74 26.31
N SER L 57 -9.16 -3.15 25.15
CA SER L 57 -9.48 -1.73 24.92
C SER L 57 -10.95 -1.41 25.18
N TYR L 58 -11.85 -2.27 24.75
CA TYR L 58 -13.28 -2.02 24.93
C TYR L 58 -13.75 -2.31 26.35
N TYR L 59 -13.24 -3.39 26.95
CA TYR L 59 -13.67 -3.76 28.30
C TYR L 59 -12.53 -3.63 29.29
N LEU L 60 -12.87 -3.28 30.52
CA LEU L 60 -11.86 -3.12 31.55
C LEU L 60 -11.15 -4.45 31.79
N GLU L 61 -9.92 -4.38 32.28
CA GLU L 61 -9.14 -5.58 32.51
C GLU L 61 -9.87 -6.56 33.43
N SER L 62 -10.42 -6.06 34.51
CA SER L 62 -11.13 -6.93 35.46
C SER L 62 -12.33 -7.59 34.81
N TYR L 63 -13.26 -6.78 34.33
CA TYR L 63 -14.47 -7.31 33.70
C TYR L 63 -14.13 -7.99 32.37
N GLY L 64 -13.19 -7.41 31.63
CA GLY L 64 -12.81 -7.96 30.34
C GLY L 64 -12.23 -9.36 30.48
N LEU L 65 -11.39 -9.56 31.49
CA LEU L 65 -10.76 -10.87 31.70
C LEU L 65 -11.82 -11.94 31.97
N GLU L 66 -12.80 -11.61 32.81
CA GLU L 66 -13.86 -12.56 33.14
C GLU L 66 -14.72 -12.89 31.92
N LEU L 67 -14.98 -11.88 31.10
CA LEU L 67 -15.81 -12.06 29.91
C LEU L 67 -15.23 -13.11 28.97
N THR L 68 -13.91 -13.18 28.89
CA THR L 68 -13.27 -14.13 28.01
C THR L 68 -13.63 -15.56 28.40
N MET L 69 -13.49 -15.87 29.69
CA MET L 69 -13.78 -17.22 30.16
C MET L 69 -15.19 -17.64 29.84
N THR L 70 -16.12 -16.72 29.99
CA THR L 70 -17.51 -17.04 29.72
C THR L 70 -17.68 -17.62 28.32
N VAL L 71 -17.00 -17.01 27.34
CA VAL L 71 -17.08 -17.49 25.97
C VAL L 71 -16.27 -18.76 25.75
N LEU L 72 -15.09 -18.84 26.36
CA LEU L 72 -14.26 -20.03 26.19
C LEU L 72 -15.01 -21.29 26.57
N ARG L 73 -15.56 -21.33 27.77
CA ARG L 73 -16.27 -22.51 28.17
C ARG L 73 -17.42 -22.77 27.23
N ASP L 74 -18.13 -21.71 26.84
CA ASP L 74 -19.30 -21.89 25.97
C ASP L 74 -18.98 -22.78 24.76
N MET L 75 -17.82 -22.56 24.15
CA MET L 75 -17.40 -23.36 23.00
C MET L 75 -17.17 -24.80 23.44
N GLY L 76 -16.86 -24.94 24.72
CA GLY L 76 -16.59 -26.24 25.32
C GLY L 76 -15.61 -26.06 26.47
N LEU L 77 -15.75 -26.89 27.51
CA LEU L 77 -14.85 -26.77 28.64
C LEU L 77 -13.47 -27.21 28.23
N GLN L 78 -12.50 -26.34 28.41
CA GLN L 78 -11.14 -26.64 28.03
C GLN L 78 -10.20 -26.32 29.18
N GLU L 79 -9.01 -26.90 29.13
CA GLU L 79 -8.04 -26.64 30.17
C GLU L 79 -7.76 -25.16 30.20
N LEU L 80 -7.84 -24.55 29.02
CA LEU L 80 -7.60 -23.11 28.89
C LEU L 80 -8.52 -22.33 29.81
N ALA L 81 -9.80 -22.65 29.78
CA ALA L 81 -10.75 -21.94 30.63
C ALA L 81 -10.27 -21.95 32.08
N GLU L 82 -9.92 -23.13 32.57
CA GLU L 82 -9.44 -23.25 33.93
C GLU L 82 -8.04 -22.66 34.07
N GLN L 83 -7.14 -23.03 33.17
CA GLN L 83 -5.77 -22.55 33.23
C GLN L 83 -5.73 -21.04 33.34
N LEU L 84 -6.56 -20.38 32.56
CA LEU L 84 -6.61 -18.94 32.58
C LEU L 84 -7.16 -18.44 33.92
N GLN L 85 -8.15 -19.15 34.45
CA GLN L 85 -8.75 -18.77 35.73
C GLN L 85 -7.68 -18.67 36.81
N THR L 86 -6.72 -19.57 36.78
CA THR L 86 -5.65 -19.56 37.77
C THR L 86 -5.00 -18.18 37.83
N THR L 87 -4.95 -17.51 36.68
CA THR L 87 -4.36 -16.18 36.61
C THR L 87 -5.17 -15.19 37.44
N LYS L 88 -6.48 -15.41 37.52
CA LYS L 88 -7.35 -14.51 38.28
C LYS L 88 -6.82 -14.33 39.70
N GLU L 89 -6.41 -15.42 40.32
CA GLU L 89 -5.87 -15.36 41.68
C GLU L 89 -4.51 -14.67 41.65
N GLY M 1 27.88 5.83 19.80
CA GLY M 1 28.26 4.61 20.50
C GLY M 1 27.80 3.37 19.75
N ARG M 2 28.61 2.32 19.82
CA ARG M 2 28.30 1.07 19.13
C ARG M 2 26.94 0.53 19.57
N ALA M 3 26.46 1.02 20.72
CA ALA M 3 25.19 0.55 21.25
C ALA M 3 24.07 0.61 20.20
N ARG M 4 23.93 1.74 19.52
CA ARG M 4 22.90 1.86 18.51
C ARG M 4 23.10 0.83 17.40
N ASP M 5 24.34 0.70 16.95
CA ASP M 5 24.66 -0.22 15.88
C ASP M 5 24.43 -1.67 16.27
N ALA M 6 24.74 -2.02 17.51
CA ALA M 6 24.58 -3.39 17.96
C ALA M 6 23.11 -3.83 17.95
N ILE M 7 22.27 -3.04 18.59
CA ILE M 7 20.85 -3.37 18.64
C ILE M 7 20.29 -3.47 17.23
N LEU M 8 20.57 -2.48 16.43
CA LEU M 8 20.08 -2.45 15.07
C LEU M 8 20.34 -3.76 14.34
N ASP M 9 21.59 -4.19 14.36
CA ASP M 9 21.95 -5.43 13.67
C ASP M 9 21.14 -6.64 14.14
N ALA M 10 21.00 -6.79 15.45
CA ALA M 10 20.27 -7.93 16.01
C ALA M 10 18.76 -7.82 15.82
N LEU M 11 18.21 -6.64 16.04
CA LEU M 11 16.76 -6.46 15.91
C LEU M 11 16.25 -6.79 14.51
N GLU M 12 17.04 -6.44 13.51
CA GLU M 12 16.68 -6.66 12.09
C GLU M 12 16.60 -8.16 11.72
N ASN M 13 17.13 -9.04 12.57
CA ASN M 13 17.10 -10.49 12.28
C ASN M 13 15.78 -11.14 12.70
N LEU M 14 14.80 -10.35 13.11
CA LEU M 14 13.51 -10.90 13.51
C LEU M 14 12.55 -10.95 12.33
N SER M 15 11.68 -11.95 12.32
CA SER M 15 10.71 -12.10 11.24
C SER M 15 9.64 -11.00 11.36
N GLY M 16 8.88 -10.81 10.30
CA GLY M 16 7.85 -9.77 10.28
C GLY M 16 6.79 -9.95 11.37
N ASP M 17 6.38 -11.18 11.62
CA ASP M 17 5.33 -11.42 12.62
C ASP M 17 5.81 -11.16 14.05
N GLU M 18 6.95 -11.74 14.42
CA GLU M 18 7.45 -11.56 15.78
C GLU M 18 7.65 -10.09 16.07
N LEU M 19 8.02 -9.35 15.05
CA LEU M 19 8.23 -7.93 15.21
C LEU M 19 6.98 -7.30 15.82
N LYS M 20 5.82 -7.70 15.32
CA LYS M 20 4.58 -7.16 15.85
C LYS M 20 4.46 -7.51 17.31
N LYS M 21 4.85 -8.74 17.62
CA LYS M 21 4.78 -9.27 18.97
C LYS M 21 5.65 -8.45 19.89
N PHE M 22 6.81 -8.08 19.38
CA PHE M 22 7.78 -7.33 20.15
C PHE M 22 7.26 -5.94 20.50
N LYS M 23 6.84 -5.19 19.48
CA LYS M 23 6.34 -3.83 19.72
C LYS M 23 5.20 -3.82 20.73
N MET M 24 4.20 -4.66 20.47
CA MET M 24 3.03 -4.74 21.32
C MET M 24 3.41 -5.11 22.76
N LYS M 25 4.32 -6.05 22.91
CA LYS M 25 4.74 -6.46 24.25
C LYS M 25 5.38 -5.29 25.00
N LEU M 26 6.18 -4.53 24.29
CA LEU M 26 6.89 -3.40 24.86
C LEU M 26 5.95 -2.39 25.51
N LEU M 27 4.79 -2.21 24.92
CA LEU M 27 3.82 -1.25 25.44
C LEU M 27 3.36 -1.61 26.86
N THR M 28 3.31 -2.90 27.17
CA THR M 28 2.85 -3.35 28.48
C THR M 28 3.99 -3.82 29.39
N VAL M 29 5.22 -3.62 28.96
CA VAL M 29 6.37 -4.07 29.76
C VAL M 29 6.65 -3.11 30.92
N GLN M 30 7.13 -3.67 32.03
CA GLN M 30 7.46 -2.87 33.21
C GLN M 30 8.75 -2.09 32.98
N LEU M 31 8.74 -0.81 33.35
CA LEU M 31 9.90 0.05 33.18
C LEU M 31 10.30 0.71 34.49
N ARG M 32 11.57 1.10 34.59
CA ARG M 32 12.06 1.75 35.79
C ARG M 32 11.47 3.16 35.90
N GLU M 33 11.22 3.60 37.13
CA GLU M 33 10.64 4.92 37.36
C GLU M 33 11.59 6.04 36.95
N GLY M 34 11.01 7.16 36.51
CA GLY M 34 11.81 8.31 36.08
C GLY M 34 11.91 8.35 34.56
N TYR M 35 11.24 7.43 33.89
CA TYR M 35 11.27 7.35 32.43
C TYR M 35 9.86 7.44 31.86
N GLY M 36 9.76 7.88 30.62
CA GLY M 36 8.46 8.02 29.98
C GLY M 36 8.07 6.77 29.20
N ARG M 37 6.87 6.81 28.63
CA ARG M 37 6.31 5.73 27.83
C ARG M 37 6.15 6.20 26.40
N ILE M 38 6.37 5.32 25.43
CA ILE M 38 6.30 5.75 24.04
C ILE M 38 4.84 5.75 23.53
N PRO M 39 4.41 6.84 22.91
CA PRO M 39 3.01 6.97 22.39
C PRO M 39 2.62 5.77 21.53
N ARG M 40 1.40 5.28 21.76
CA ARG M 40 0.91 4.13 21.02
C ARG M 40 0.83 4.41 19.51
N GLY M 41 0.30 5.57 19.14
CA GLY M 41 0.12 5.91 17.73
C GLY M 41 1.40 5.81 16.90
N ALA M 42 2.50 6.34 17.42
CA ALA M 42 3.76 6.30 16.67
C ALA M 42 4.30 4.88 16.52
N LEU M 43 4.21 4.11 17.58
CA LEU M 43 4.71 2.74 17.56
C LEU M 43 4.03 1.86 16.51
N LEU M 44 2.73 2.03 16.36
CA LEU M 44 1.97 1.19 15.41
C LEU M 44 2.46 1.30 13.97
N GLN M 45 2.88 2.50 13.54
CA GLN M 45 3.32 2.68 12.16
C GLN M 45 4.85 2.78 12.00
N MET M 46 5.58 2.64 13.10
CA MET M 46 7.04 2.77 13.06
C MET M 46 7.72 1.62 12.30
N ASP M 47 8.96 1.88 11.87
CA ASP M 47 9.76 0.91 11.13
C ASP M 47 10.85 0.30 12.02
N ALA M 48 11.43 -0.81 11.57
CA ALA M 48 12.48 -1.47 12.34
C ALA M 48 13.70 -0.58 12.55
N ILE M 49 14.09 0.17 11.53
CA ILE M 49 15.26 1.05 11.67
C ILE M 49 14.91 2.24 12.56
N ASP M 50 13.79 2.88 12.26
CA ASP M 50 13.34 4.04 13.01
C ASP M 50 13.20 3.71 14.50
N LEU M 51 12.63 2.54 14.75
CA LEU M 51 12.41 2.09 16.11
C LEU M 51 13.73 2.06 16.87
N THR M 52 14.80 1.78 16.16
CA THR M 52 16.12 1.73 16.78
C THR M 52 16.51 3.09 17.35
N ASP M 53 16.44 4.12 16.53
CA ASP M 53 16.80 5.45 16.96
C ASP M 53 15.92 5.93 18.11
N LYS M 54 14.63 5.72 17.98
CA LYS M 54 13.70 6.14 19.01
C LYS M 54 13.94 5.41 20.32
N LEU M 55 14.12 4.09 20.24
CA LEU M 55 14.32 3.28 21.43
C LEU M 55 15.45 3.83 22.30
N VAL M 56 16.58 4.13 21.69
CA VAL M 56 17.70 4.66 22.45
C VAL M 56 17.41 6.08 22.91
N SER M 57 16.69 6.84 22.10
CA SER M 57 16.38 8.24 22.42
C SER M 57 15.71 8.40 23.78
N TYR M 58 14.78 7.51 24.11
CA TYR M 58 14.07 7.61 25.38
C TYR M 58 14.89 7.08 26.56
N TYR M 59 15.62 6.00 26.35
CA TYR M 59 16.41 5.40 27.43
C TYR M 59 17.90 5.52 27.15
N LEU M 60 18.69 5.67 28.20
CA LEU M 60 20.13 5.78 28.05
C LEU M 60 20.67 4.50 27.42
N GLU M 61 21.82 4.62 26.76
CA GLU M 61 22.41 3.47 26.09
C GLU M 61 22.65 2.32 27.07
N SER M 62 23.20 2.62 28.24
CA SER M 62 23.48 1.58 29.21
C SER M 62 22.20 0.89 29.68
N TYR M 63 21.29 1.67 30.25
CA TYR M 63 20.03 1.12 30.72
C TYR M 63 19.15 0.66 29.57
N GLY M 64 19.16 1.42 28.49
CA GLY M 64 18.35 1.07 27.33
C GLY M 64 18.74 -0.27 26.74
N LEU M 65 20.05 -0.53 26.65
CA LEU M 65 20.53 -1.79 26.09
C LEU M 65 20.05 -2.98 26.92
N GLU M 66 20.13 -2.86 28.23
CA GLU M 66 19.70 -3.93 29.12
C GLU M 66 18.20 -4.18 29.02
N LEU M 67 17.44 -3.09 28.88
CA LEU M 67 15.98 -3.19 28.80
C LEU M 67 15.54 -4.06 27.63
N THR M 68 16.28 -3.98 26.53
CA THR M 68 15.92 -4.76 25.36
C THR M 68 15.94 -6.25 25.66
N MET M 69 17.03 -6.71 26.27
CA MET M 69 17.16 -8.14 26.56
C MET M 69 16.02 -8.63 27.42
N THR M 70 15.63 -7.84 28.39
CA THR M 70 14.56 -8.24 29.27
C THR M 70 13.31 -8.63 28.49
N VAL M 71 12.99 -7.85 27.44
CA VAL M 71 11.82 -8.15 26.63
C VAL M 71 12.07 -9.30 25.66
N LEU M 72 13.28 -9.36 25.09
CA LEU M 72 13.59 -10.43 24.14
C LEU M 72 13.37 -11.80 24.77
N ARG M 73 13.98 -12.03 25.91
CA ARG M 73 13.81 -13.31 26.52
C ARG M 73 12.35 -13.56 26.84
N ASP M 74 11.66 -12.53 27.32
CA ASP M 74 10.27 -12.70 27.70
C ASP M 74 9.45 -13.39 26.60
N MET M 75 9.68 -12.99 25.35
CA MET M 75 8.99 -13.59 24.22
C MET M 75 9.41 -15.04 24.07
N GLY M 76 10.60 -15.32 24.57
CA GLY M 76 11.18 -16.65 24.51
C GLY M 76 12.69 -16.55 24.46
N LEU M 77 13.39 -17.51 25.05
CA LEU M 77 14.84 -17.46 25.04
C LEU M 77 15.33 -17.71 23.64
N GLN M 78 16.11 -16.78 23.12
CA GLN M 78 16.62 -16.90 21.78
C GLN M 78 18.12 -16.66 21.76
N GLU M 79 18.78 -17.12 20.72
CA GLU M 79 20.20 -16.91 20.61
C GLU M 79 20.46 -15.42 20.63
N LEU M 80 19.51 -14.66 20.09
CA LEU M 80 19.63 -13.21 20.03
C LEU M 80 19.85 -12.64 21.42
N ALA M 81 19.03 -13.07 22.38
CA ALA M 81 19.15 -12.58 23.73
C ALA M 81 20.58 -12.73 24.22
N GLU M 82 21.13 -13.93 24.05
CA GLU M 82 22.50 -14.17 24.48
C GLU M 82 23.49 -13.48 23.54
N GLN M 83 23.30 -13.65 22.24
CA GLN M 83 24.21 -13.06 21.26
C GLN M 83 24.40 -11.57 21.54
N LEU M 84 23.29 -10.90 21.82
CA LEU M 84 23.36 -9.48 22.10
C LEU M 84 24.11 -9.22 23.40
N GLN M 85 23.90 -10.08 24.39
CA GLN M 85 24.56 -9.92 25.68
C GLN M 85 26.07 -9.87 25.51
N THR M 86 26.59 -10.67 24.58
CA THR M 86 28.03 -10.69 24.33
C THR M 86 28.53 -9.28 24.07
N THR M 87 27.69 -8.46 23.45
CA THR M 87 28.05 -7.09 23.15
C THR M 87 28.27 -6.29 24.43
N LYS M 88 27.52 -6.64 25.48
CA LYS M 88 27.64 -5.93 26.76
C LYS M 88 29.09 -5.89 27.21
N GLU M 89 29.79 -7.02 27.10
CA GLU M 89 31.19 -7.08 27.48
C GLU M 89 32.03 -6.28 26.50
N GLY N 1 35.51 19.75 -8.96
CA GLY N 1 36.24 18.49 -9.00
C GLY N 1 35.30 17.32 -9.29
N ARG N 2 35.80 16.35 -10.05
CA ARG N 2 35.00 15.18 -10.40
C ARG N 2 34.50 14.47 -9.14
N ALA N 3 35.12 14.75 -8.01
CA ALA N 3 34.75 14.10 -6.75
C ALA N 3 33.25 14.19 -6.49
N ARG N 4 32.69 15.39 -6.63
CA ARG N 4 31.26 15.56 -6.39
C ARG N 4 30.45 14.71 -7.36
N ASP N 5 30.84 14.75 -8.63
CA ASP N 5 30.14 14.00 -9.66
C ASP N 5 30.24 12.49 -9.47
N ALA N 6 31.39 12.02 -9.02
CA ALA N 6 31.58 10.59 -8.84
C ALA N 6 30.65 10.04 -7.75
N ILE N 7 30.69 10.65 -6.58
CA ILE N 7 29.85 10.20 -5.48
C ILE N 7 28.38 10.23 -5.90
N LEU N 8 27.97 11.34 -6.45
CA LEU N 8 26.59 11.51 -6.86
C LEU N 8 26.12 10.33 -7.70
N ASP N 9 26.86 10.01 -8.74
CA ASP N 9 26.47 8.93 -9.64
C ASP N 9 26.30 7.60 -8.90
N ALA N 10 27.24 7.27 -8.03
CA ALA N 10 27.18 6.00 -7.29
C ALA N 10 26.11 5.99 -6.19
N LEU N 11 26.00 7.08 -5.44
CA LEU N 11 25.04 7.14 -4.35
C LEU N 11 23.60 6.95 -4.84
N GLU N 12 23.30 7.51 -6.01
CA GLU N 12 21.95 7.44 -6.60
C GLU N 12 21.53 6.01 -6.97
N ASN N 13 22.49 5.08 -7.03
CA ASN N 13 22.17 3.68 -7.40
C ASN N 13 21.65 2.86 -6.21
N LEU N 14 21.43 3.51 -5.07
CA LEU N 14 20.93 2.79 -3.89
C LEU N 14 19.41 2.81 -3.85
N SER N 15 18.82 1.75 -3.33
CA SER N 15 17.37 1.67 -3.22
C SER N 15 16.88 2.62 -2.15
N GLY N 16 15.58 2.90 -2.15
CA GLY N 16 14.98 3.83 -1.19
C GLY N 16 15.20 3.41 0.27
N ASP N 17 15.08 2.13 0.56
CA ASP N 17 15.22 1.67 1.95
C ASP N 17 16.66 1.77 2.47
N GLU N 18 17.62 1.25 1.71
CA GLU N 18 19.00 1.29 2.13
C GLU N 18 19.44 2.73 2.38
N LEU N 19 18.88 3.63 1.58
CA LEU N 19 19.21 5.03 1.73
C LEU N 19 18.97 5.45 3.17
N LYS N 20 17.85 5.02 3.74
CA LYS N 20 17.55 5.37 5.11
C LYS N 20 18.61 4.82 6.02
N LYS N 21 19.03 3.61 5.73
CA LYS N 21 20.02 2.90 6.50
C LYS N 21 21.33 3.66 6.48
N PHE N 22 21.65 4.20 5.32
CA PHE N 22 22.88 4.92 5.12
C PHE N 22 22.91 6.20 5.95
N LYS N 23 21.89 7.04 5.79
CA LYS N 23 21.85 8.31 6.52
C LYS N 23 21.95 8.08 8.03
N MET N 24 21.10 7.20 8.53
CA MET N 24 21.06 6.90 9.96
C MET N 24 22.40 6.39 10.45
N LYS N 25 23.03 5.53 9.68
CA LYS N 25 24.32 4.97 10.10
C LYS N 25 25.37 6.07 10.22
N LEU N 26 25.33 7.00 9.26
CA LEU N 26 26.29 8.11 9.22
C LEU N 26 26.26 8.92 10.51
N LEU N 27 25.10 9.08 11.09
CA LEU N 27 24.97 9.87 12.31
C LEU N 27 25.81 9.29 13.47
N THR N 28 25.95 7.96 13.50
CA THR N 28 26.69 7.30 14.59
C THR N 28 28.08 6.83 14.15
N VAL N 29 28.50 7.18 12.95
CA VAL N 29 29.80 6.74 12.47
C VAL N 29 30.93 7.56 13.08
N GLN N 30 32.09 6.91 13.26
CA GLN N 30 33.26 7.57 13.83
C GLN N 30 33.91 8.48 12.80
N LEU N 31 34.26 9.69 13.22
CA LEU N 31 34.87 10.68 12.33
C LEU N 31 36.19 11.18 12.89
N ARG N 32 37.05 11.67 12.01
CA ARG N 32 38.34 12.20 12.43
C ARG N 32 38.14 13.51 13.19
N GLU N 33 38.99 13.77 14.18
CA GLU N 33 38.88 14.99 14.97
C GLU N 33 39.19 16.24 14.15
N GLY N 34 38.55 17.35 14.51
CA GLY N 34 38.76 18.61 13.80
C GLY N 34 37.62 18.87 12.81
N TYR N 35 36.63 17.97 12.81
CA TYR N 35 35.49 18.10 11.91
C TYR N 35 34.19 18.14 12.69
N GLY N 36 33.16 18.73 12.09
CA GLY N 36 31.87 18.83 12.76
C GLY N 36 30.95 17.66 12.41
N ARG N 37 29.77 17.68 13.04
CA ARG N 37 28.75 16.67 12.83
C ARG N 37 27.54 17.31 12.18
N ILE N 38 26.86 16.59 11.28
CA ILE N 38 25.73 17.19 10.59
C ILE N 38 24.45 17.12 11.43
N PRO N 39 23.75 18.24 11.57
CA PRO N 39 22.49 18.31 12.37
C PRO N 39 21.51 17.22 12.00
N ARG N 40 20.92 16.59 13.01
CA ARG N 40 19.98 15.51 12.78
C ARG N 40 18.75 15.97 11.99
N GLY N 41 18.20 17.12 12.37
CA GLY N 41 16.99 17.64 11.72
C GLY N 41 17.11 17.75 10.20
N ALA N 42 18.21 18.31 9.72
CA ALA N 42 18.39 18.48 8.29
C ALA N 42 18.52 17.15 7.55
N LEU N 43 19.26 16.24 8.14
CA LEU N 43 19.50 14.94 7.52
C LEU N 43 18.20 14.14 7.30
N LEU N 44 17.28 14.21 8.26
CA LEU N 44 16.04 13.44 8.17
C LEU N 44 15.19 13.80 6.94
N GLN N 45 15.18 15.06 6.53
CA GLN N 45 14.35 15.48 5.38
C GLN N 45 15.17 15.73 4.11
N MET N 46 16.48 15.50 4.17
CA MET N 46 17.33 15.76 3.00
C MET N 46 17.09 14.80 1.84
N ASP N 47 17.52 15.22 0.65
CA ASP N 47 17.37 14.43 -0.57
C ASP N 47 18.71 13.81 -0.99
N ALA N 48 18.65 12.83 -1.89
CA ALA N 48 19.86 12.15 -2.35
C ALA N 48 20.82 13.12 -3.05
N ILE N 49 20.29 14.03 -3.87
CA ILE N 49 21.16 14.99 -4.56
C ILE N 49 21.71 16.01 -3.58
N ASP N 50 20.81 16.58 -2.78
CA ASP N 50 21.20 17.59 -1.80
C ASP N 50 22.27 17.05 -0.86
N LEU N 51 22.07 15.81 -0.42
CA LEU N 51 22.99 15.17 0.48
C LEU N 51 24.40 15.16 -0.10
N THR N 52 24.47 15.07 -1.42
CA THR N 52 25.75 15.06 -2.10
C THR N 52 26.52 16.35 -1.85
N ASP N 53 25.87 17.47 -2.14
CA ASP N 53 26.51 18.77 -1.97
C ASP N 53 26.91 19.01 -0.51
N LYS N 54 26.01 18.70 0.39
CA LYS N 54 26.28 18.90 1.82
C LYS N 54 27.43 18.03 2.29
N LEU N 55 27.40 16.76 1.90
CA LEU N 55 28.43 15.81 2.33
C LEU N 55 29.83 16.33 2.05
N VAL N 56 30.04 16.82 0.83
CA VAL N 56 31.36 17.34 0.49
C VAL N 56 31.62 18.66 1.21
N SER N 57 30.58 19.45 1.40
CA SER N 57 30.73 20.76 2.04
C SER N 57 31.40 20.67 3.41
N TYR N 58 31.04 19.67 4.21
CA TYR N 58 31.62 19.53 5.54
C TYR N 58 33.03 18.93 5.52
N TYR N 59 33.26 17.95 4.65
CA TYR N 59 34.56 17.30 4.58
C TYR N 59 35.24 17.58 3.25
N LEU N 60 36.56 17.65 3.29
CA LEU N 60 37.32 17.91 2.07
C LEU N 60 37.09 16.79 1.08
N GLU N 61 37.28 17.10 -0.20
CA GLU N 61 37.06 16.11 -1.24
C GLU N 61 37.90 14.86 -1.03
N SER N 62 39.18 15.05 -0.72
CA SER N 62 40.07 13.91 -0.51
C SER N 62 39.62 13.06 0.68
N TYR N 63 39.56 13.67 1.85
CA TYR N 63 39.15 12.95 3.04
C TYR N 63 37.68 12.57 2.97
N GLY N 64 36.87 13.46 2.43
CA GLY N 64 35.44 13.20 2.33
C GLY N 64 35.13 11.99 1.47
N LEU N 65 35.84 11.87 0.36
CA LEU N 65 35.63 10.74 -0.55
C LEU N 65 35.93 9.41 0.13
N GLU N 66 37.03 9.37 0.89
CA GLU N 66 37.41 8.14 1.58
C GLU N 66 36.41 7.79 2.68
N LEU N 67 35.89 8.81 3.35
CA LEU N 67 34.94 8.59 4.44
C LEU N 67 33.70 7.85 3.95
N THR N 68 33.28 8.13 2.73
CA THR N 68 32.09 7.50 2.20
C THR N 68 32.27 5.98 2.14
N MET N 69 33.39 5.54 1.57
CA MET N 69 33.63 4.11 1.42
C MET N 69 33.59 3.40 2.75
N THR N 70 34.15 4.03 3.76
CA THR N 70 34.19 3.42 5.08
C THR N 70 32.79 3.02 5.53
N VAL N 71 31.81 3.90 5.29
CA VAL N 71 30.43 3.62 5.68
C VAL N 71 29.76 2.63 4.72
N LEU N 72 30.04 2.75 3.42
CA LEU N 72 29.43 1.85 2.44
C LEU N 72 29.72 0.40 2.79
N ARG N 73 30.99 0.06 2.95
CA ARG N 73 31.29 -1.30 3.26
C ARG N 73 30.65 -1.71 4.56
N ASP N 74 30.66 -0.82 5.54
CA ASP N 74 30.10 -1.16 6.86
C ASP N 74 28.69 -1.77 6.73
N MET N 75 27.88 -1.18 5.86
CA MET N 75 26.51 -1.68 5.65
C MET N 75 26.59 -3.06 5.01
N GLY N 76 27.69 -3.30 4.32
CA GLY N 76 27.92 -4.55 3.63
C GLY N 76 28.81 -4.31 2.42
N LEU N 77 29.65 -5.27 2.08
CA LEU N 77 30.54 -5.10 0.94
C LEU N 77 29.70 -5.12 -0.33
N GLN N 78 29.81 -4.05 -1.10
CA GLN N 78 29.06 -3.95 -2.33
C GLN N 78 29.97 -3.58 -3.48
N GLU N 79 29.52 -3.83 -4.69
CA GLU N 79 30.31 -3.49 -5.85
C GLU N 79 30.56 -1.99 -5.82
N LEU N 80 29.60 -1.26 -5.27
CA LEU N 80 29.70 0.18 -5.17
C LEU N 80 30.96 0.59 -4.44
N ALA N 81 31.20 -0.04 -3.29
CA ALA N 81 32.37 0.28 -2.50
C ALA N 81 33.62 0.19 -3.36
N GLU N 82 33.76 -0.91 -4.08
CA GLU N 82 34.91 -1.10 -4.94
C GLU N 82 34.82 -0.20 -6.17
N GLN N 83 33.65 -0.22 -6.83
CA GLN N 83 33.47 0.58 -8.04
C GLN N 83 33.88 2.02 -7.80
N LEU N 84 33.46 2.55 -6.66
CA LEU N 84 33.80 3.93 -6.32
C LEU N 84 35.30 4.08 -6.10
N GLN N 85 35.91 3.08 -5.48
CA GLN N 85 37.34 3.13 -5.21
C GLN N 85 38.13 3.34 -6.49
N THR N 86 37.67 2.71 -7.57
CA THR N 86 38.34 2.85 -8.86
C THR N 86 38.52 4.32 -9.20
N THR N 87 37.55 5.14 -8.78
CA THR N 87 37.60 6.57 -9.04
C THR N 87 38.79 7.21 -8.33
N LYS N 88 39.16 6.65 -7.16
CA LYS N 88 40.27 7.20 -6.39
C LYS N 88 41.52 7.31 -7.26
N GLU N 89 41.79 6.26 -8.04
CA GLU N 89 42.94 6.27 -8.93
C GLU N 89 42.73 7.29 -10.06
N GLY O 1 18.04 38.02 -29.93
CA GLY O 1 18.37 36.85 -30.74
C GLY O 1 17.52 35.66 -30.34
N ARG O 2 17.18 34.84 -31.33
CA ARG O 2 16.35 33.66 -31.09
C ARG O 2 17.00 32.74 -30.06
N ALA O 3 18.30 32.93 -29.84
CA ALA O 3 19.03 32.09 -28.89
C ALA O 3 18.33 32.01 -27.53
N ARG O 4 17.95 33.15 -26.99
CA ARG O 4 17.27 33.16 -25.70
C ARG O 4 15.96 32.38 -25.76
N ASP O 5 15.20 32.62 -26.82
CA ASP O 5 13.92 31.96 -27.00
C ASP O 5 14.06 30.45 -27.20
N ALA O 6 15.08 30.03 -27.91
CA ALA O 6 15.27 28.61 -28.16
C ALA O 6 15.54 27.84 -26.87
N ILE O 7 16.52 28.30 -26.10
CA ILE O 7 16.85 27.62 -24.86
C ILE O 7 15.64 27.57 -23.95
N LEU O 8 15.00 28.71 -23.79
CA LEU O 8 13.84 28.81 -22.92
C LEU O 8 12.83 27.71 -23.22
N ASP O 9 12.44 27.60 -24.48
CA ASP O 9 11.45 26.60 -24.87
C ASP O 9 11.86 25.18 -24.50
N ALA O 10 13.11 24.82 -24.77
CA ALA O 10 13.58 23.47 -24.47
C ALA O 10 13.81 23.22 -22.98
N LEU O 11 14.39 24.19 -22.28
CA LEU O 11 14.67 24.01 -20.86
C LEU O 11 13.39 23.76 -20.04
N GLU O 12 12.32 24.44 -20.42
CA GLU O 12 11.03 24.33 -19.72
C GLU O 12 10.40 22.93 -19.84
N ASN O 13 10.90 22.09 -20.76
CA ASN O 13 10.34 20.75 -20.94
C ASN O 13 10.93 19.73 -19.95
N LEU O 14 11.72 20.19 -19.00
CA LEU O 14 12.31 19.29 -18.02
C LEU O 14 11.42 19.16 -16.79
N SER O 15 11.43 17.98 -16.17
CA SER O 15 10.62 17.76 -14.98
C SER O 15 11.22 18.53 -13.80
N GLY O 16 10.44 18.68 -12.74
CA GLY O 16 10.88 19.42 -11.56
C GLY O 16 12.15 18.83 -10.92
N ASP O 17 12.24 17.51 -10.84
CA ASP O 17 13.40 16.89 -10.20
C ASP O 17 14.69 17.05 -11.01
N GLU O 18 14.65 16.73 -12.30
CA GLU O 18 15.85 16.84 -13.13
C GLU O 18 16.37 18.26 -13.11
N LEU O 19 15.45 19.20 -13.02
CA LEU O 19 15.83 20.60 -12.97
C LEU O 19 16.85 20.80 -11.86
N LYS O 20 16.59 20.21 -10.70
CA LYS O 20 17.50 20.34 -9.59
C LYS O 20 18.84 19.78 -9.97
N LYS O 21 18.81 18.65 -10.66
CA LYS O 21 20.00 17.95 -11.08
C LYS O 21 20.80 18.81 -12.01
N PHE O 22 20.11 19.53 -12.87
CA PHE O 22 20.75 20.38 -13.85
C PHE O 22 21.48 21.53 -13.19
N LYS O 23 20.78 22.29 -12.35
CA LYS O 23 21.40 23.44 -11.68
C LYS O 23 22.64 23.03 -10.89
N MET O 24 22.47 22.01 -10.05
CA MET O 24 23.57 21.53 -9.23
C MET O 24 24.75 21.07 -10.07
N LYS O 25 24.48 20.38 -11.16
CA LYS O 25 25.56 19.90 -12.01
C LYS O 25 26.35 21.07 -12.60
N LEU O 26 25.62 22.11 -12.98
CA LEU O 26 26.22 23.29 -13.60
C LEU O 26 27.27 23.93 -12.69
N LEU O 27 27.03 23.90 -11.40
CA LEU O 27 27.96 24.50 -10.45
C LEU O 27 29.35 23.85 -10.50
N THR O 28 29.40 22.55 -10.80
CA THR O 28 30.67 21.83 -10.84
C THR O 28 31.15 21.54 -12.27
N VAL O 29 30.48 22.09 -13.26
CA VAL O 29 30.86 21.83 -14.64
C VAL O 29 32.08 22.67 -15.04
N GLN O 30 32.90 22.10 -15.94
CA GLN O 30 34.09 22.78 -16.42
C GLN O 30 33.72 23.88 -17.41
N LEU O 31 34.32 25.05 -17.25
CA LEU O 31 34.04 26.19 -18.11
C LEU O 31 35.31 26.74 -18.74
N ARG O 32 35.17 27.41 -19.88
CA ARG O 32 36.31 27.99 -20.56
C ARG O 32 36.85 29.18 -19.74
N GLU O 33 38.16 29.38 -19.79
CA GLU O 33 38.80 30.47 -19.04
C GLU O 33 38.39 31.83 -19.58
N GLY O 34 38.34 32.83 -18.70
CA GLY O 34 37.97 34.18 -19.08
C GLY O 34 36.50 34.47 -18.74
N TYR O 35 35.86 33.49 -18.11
CA TYR O 35 34.46 33.63 -17.73
C TYR O 35 34.29 33.45 -16.22
N GLY O 36 33.21 34.02 -15.68
CA GLY O 36 32.95 33.91 -14.25
C GLY O 36 32.07 32.72 -13.91
N ARG O 37 31.84 32.56 -12.61
CA ARG O 37 31.01 31.48 -12.08
C ARG O 37 29.79 32.09 -11.42
N ILE O 38 28.63 31.44 -11.52
CA ILE O 38 27.41 32.02 -10.97
C ILE O 38 27.30 31.73 -9.46
N PRO O 39 27.04 32.75 -8.66
CA PRO O 39 26.91 32.60 -7.17
C PRO O 39 25.97 31.48 -6.78
N ARG O 40 26.38 30.68 -5.82
CA ARG O 40 25.57 29.55 -5.37
C ARG O 40 24.22 30.00 -4.81
N GLY O 41 24.24 31.04 -3.97
CA GLY O 41 23.01 31.51 -3.33
C GLY O 41 21.89 31.84 -4.32
N ALA O 42 22.21 32.56 -5.38
CA ALA O 42 21.18 32.94 -6.35
C ALA O 42 20.62 31.73 -7.10
N LEU O 43 21.50 30.82 -7.48
CA LEU O 43 21.08 29.64 -8.22
C LEU O 43 20.08 28.77 -7.45
N LEU O 44 20.28 28.62 -6.15
CA LEU O 44 19.41 27.76 -5.34
C LEU O 44 17.95 28.20 -5.35
N GLN O 45 17.68 29.50 -5.39
CA GLN O 45 16.29 29.98 -5.36
C GLN O 45 15.78 30.47 -6.72
N MET O 46 16.62 30.36 -7.76
CA MET O 46 16.23 30.86 -9.09
C MET O 46 15.11 30.03 -9.73
N ASP O 47 14.45 30.64 -10.73
CA ASP O 47 13.36 30.01 -11.46
C ASP O 47 13.81 29.58 -12.85
N ALA O 48 13.02 28.72 -13.49
CA ALA O 48 13.35 28.23 -14.82
C ALA O 48 13.42 29.36 -15.85
N ILE O 49 12.51 30.32 -15.77
CA ILE O 49 12.53 31.43 -16.73
C ILE O 49 13.68 32.36 -16.43
N ASP O 50 13.81 32.74 -15.16
CA ASP O 50 14.88 33.64 -14.72
C ASP O 50 16.25 33.08 -15.09
N LEU O 51 16.41 31.79 -14.85
CA LEU O 51 17.66 31.12 -15.14
C LEU O 51 18.04 31.32 -16.59
N THR O 52 17.04 31.40 -17.46
CA THR O 52 17.29 31.60 -18.87
C THR O 52 18.01 32.92 -19.13
N ASP O 53 17.44 33.99 -18.62
CA ASP O 53 18.04 35.31 -18.82
C ASP O 53 19.44 35.39 -18.24
N LYS O 54 19.60 34.88 -17.03
CA LYS O 54 20.89 34.92 -16.37
C LYS O 54 21.93 34.10 -17.11
N LEU O 55 21.54 32.89 -17.53
CA LEU O 55 22.45 32.00 -18.22
C LEU O 55 23.11 32.68 -19.42
N VAL O 56 22.31 33.34 -20.23
CA VAL O 56 22.86 34.01 -21.39
C VAL O 56 23.65 35.24 -20.97
N SER O 57 23.21 35.91 -19.92
CA SER O 57 23.87 37.13 -19.45
C SER O 57 25.36 36.92 -19.18
N TYR O 58 25.73 35.80 -18.57
CA TYR O 58 27.13 35.54 -18.26
C TYR O 58 27.93 35.07 -19.48
N TYR O 59 27.34 34.25 -20.32
CA TYR O 59 28.05 33.72 -21.48
C TYR O 59 27.43 34.25 -22.77
N LEU O 60 28.26 34.43 -23.78
CA LEU O 60 27.77 34.91 -25.06
C LEU O 60 26.79 33.93 -25.65
N GLU O 61 25.91 34.41 -26.51
CA GLU O 61 24.90 33.55 -27.11
C GLU O 61 25.52 32.36 -27.84
N SER O 62 26.56 32.62 -28.63
CA SER O 62 27.21 31.56 -29.37
C SER O 62 27.83 30.52 -28.44
N TYR O 63 28.75 30.97 -27.60
CA TYR O 63 29.41 30.07 -26.68
C TYR O 63 28.43 29.55 -25.62
N GLY O 64 27.56 30.43 -25.16
CA GLY O 64 26.60 30.07 -24.14
C GLY O 64 25.67 28.95 -24.60
N LEU O 65 25.21 29.04 -25.84
CA LEU O 65 24.31 28.03 -26.39
C LEU O 65 24.97 26.66 -26.42
N GLU O 66 26.23 26.62 -26.85
CA GLU O 66 26.95 25.35 -26.92
C GLU O 66 27.20 24.76 -25.53
N LEU O 67 27.46 25.63 -24.56
CA LEU O 67 27.73 25.19 -23.20
C LEU O 67 26.56 24.41 -22.62
N THR O 68 25.35 24.82 -22.98
CA THR O 68 24.17 24.15 -22.47
C THR O 68 24.15 22.68 -22.86
N MET O 69 24.36 22.42 -24.15
CA MET O 69 24.32 21.05 -24.65
C MET O 69 25.32 20.17 -23.93
N THR O 70 26.49 20.70 -23.68
CA THR O 70 27.52 19.92 -23.01
C THR O 70 27.01 19.35 -21.69
N VAL O 71 26.26 20.16 -20.93
CA VAL O 71 25.71 19.70 -19.66
C VAL O 71 24.50 18.80 -19.87
N LEU O 72 23.65 19.12 -20.83
CA LEU O 72 22.46 18.30 -21.07
C LEU O 72 22.84 16.85 -21.32
N ARG O 73 23.72 16.61 -22.26
CA ARG O 73 24.09 15.25 -22.54
C ARG O 73 24.71 14.62 -21.31
N ASP O 74 25.53 15.37 -20.60
CA ASP O 74 26.22 14.80 -19.43
C ASP O 74 25.24 14.10 -18.49
N MET O 75 24.07 14.71 -18.27
CA MET O 75 23.05 14.12 -17.40
C MET O 75 22.51 12.85 -18.05
N GLY O 76 22.63 12.81 -19.37
CA GLY O 76 22.17 11.68 -20.15
C GLY O 76 21.77 12.17 -21.54
N LEU O 77 21.95 11.34 -22.56
CA LEU O 77 21.59 11.74 -23.90
C LEU O 77 20.09 11.81 -24.01
N GLN O 78 19.59 12.97 -24.39
CA GLN O 78 18.17 13.16 -24.52
C GLN O 78 17.83 13.77 -25.86
N GLU O 79 16.59 13.64 -26.27
CA GLU O 79 16.17 14.21 -27.53
C GLU O 79 16.42 15.69 -27.48
N LEU O 80 16.29 16.26 -26.29
CA LEU O 80 16.51 17.69 -26.09
C LEU O 80 17.88 18.09 -26.58
N ALA O 81 18.91 17.35 -26.17
CA ALA O 81 20.27 17.67 -26.58
C ALA O 81 20.34 17.80 -28.09
N GLU O 82 19.79 16.82 -28.80
CA GLU O 82 19.81 16.86 -30.25
C GLU O 82 18.81 17.89 -30.77
N GLN O 83 17.59 17.86 -30.25
CA GLN O 83 16.56 18.80 -30.71
C GLN O 83 17.07 20.22 -30.66
N LEU O 84 17.74 20.56 -29.58
CA LEU O 84 18.28 21.91 -29.42
C LEU O 84 19.38 22.16 -30.45
N GLN O 85 20.20 21.15 -30.71
CA GLN O 85 21.29 21.28 -31.68
C GLN O 85 20.75 21.74 -33.03
N THR O 86 19.59 21.22 -33.41
CA THR O 86 19.00 21.59 -34.69
C THR O 86 18.89 23.10 -34.80
N THR O 87 18.69 23.76 -33.67
CA THR O 87 18.58 25.21 -33.65
C THR O 87 19.91 25.86 -34.06
N LYS O 88 21.02 25.19 -33.74
CA LYS O 88 22.34 25.73 -34.08
C LYS O 88 22.42 26.07 -35.56
N GLU O 89 21.91 25.16 -36.39
CA GLU O 89 21.91 25.40 -37.83
C GLU O 89 20.94 26.52 -38.17
N GLY A 1 -6.77 -15.43 -33.34
CA GLY A 1 -6.48 -16.66 -34.06
C GLY A 1 -7.19 -17.85 -33.40
N ARG A 2 -7.98 -18.57 -34.18
CA ARG A 2 -8.71 -19.72 -33.67
C ARG A 2 -7.73 -20.78 -33.16
N ALA A 3 -6.46 -20.66 -33.53
CA ALA A 3 -5.45 -21.62 -33.12
C ALA A 3 -5.47 -21.84 -31.60
N ARG A 4 -5.52 -20.76 -30.84
CA ARG A 4 -5.54 -20.89 -29.39
C ARG A 4 -6.75 -21.70 -28.94
N ASP A 5 -7.91 -21.37 -29.49
CA ASP A 5 -9.14 -22.05 -29.14
C ASP A 5 -9.10 -23.53 -29.51
N ALA A 6 -8.50 -23.85 -30.64
CA ALA A 6 -8.46 -25.25 -31.09
C ALA A 6 -7.66 -26.13 -30.11
N ILE A 7 -6.45 -25.72 -29.80
CA ILE A 7 -5.61 -26.48 -28.90
C ILE A 7 -6.31 -26.66 -27.55
N LEU A 8 -6.83 -25.57 -27.03
CA LEU A 8 -7.50 -25.60 -25.75
C LEU A 8 -8.52 -26.72 -25.66
N ASP A 9 -9.43 -26.77 -26.61
CA ASP A 9 -10.49 -27.78 -26.59
C ASP A 9 -9.93 -29.20 -26.55
N ALA A 10 -8.93 -29.48 -27.38
CA ALA A 10 -8.36 -30.82 -27.44
C ALA A 10 -7.51 -31.16 -26.21
N LEU A 11 -6.72 -30.21 -25.74
CA LEU A 11 -5.85 -30.47 -24.59
C LEU A 11 -6.64 -30.82 -23.34
N GLU A 12 -7.77 -30.14 -23.15
CA GLU A 12 -8.62 -30.35 -21.96
C GLU A 12 -9.25 -31.75 -21.90
N ASN A 13 -9.23 -32.49 -23.02
CA ASN A 13 -9.81 -33.84 -23.04
C ASN A 13 -8.86 -34.91 -22.52
N LEU A 14 -7.72 -34.50 -21.96
CA LEU A 14 -6.76 -35.47 -21.43
C LEU A 14 -7.02 -35.72 -19.94
N SER A 15 -6.76 -36.95 -19.49
CA SER A 15 -6.97 -37.28 -18.09
C SER A 15 -5.92 -36.60 -17.22
N GLY A 16 -6.17 -36.53 -15.93
CA GLY A 16 -5.25 -35.88 -15.00
C GLY A 16 -3.83 -36.47 -15.02
N ASP A 17 -3.72 -37.79 -15.09
CA ASP A 17 -2.41 -38.42 -15.07
C ASP A 17 -1.59 -38.15 -16.34
N GLU A 18 -2.19 -38.36 -17.51
CA GLU A 18 -1.48 -38.14 -18.77
C GLU A 18 -0.98 -36.71 -18.84
N LEU A 19 -1.75 -35.80 -18.27
CA LEU A 19 -1.36 -34.40 -18.28
C LEU A 19 0.05 -34.25 -17.72
N LYS A 20 0.32 -34.92 -16.61
CA LYS A 20 1.64 -34.84 -16.02
C LYS A 20 2.64 -35.36 -17.01
N LYS A 21 2.30 -36.46 -17.67
CA LYS A 21 3.20 -37.05 -18.63
C LYS A 21 3.47 -36.11 -19.77
N PHE A 22 2.45 -35.39 -20.19
CA PHE A 22 2.62 -34.47 -21.30
C PHE A 22 3.54 -33.32 -20.93
N LYS A 23 3.22 -32.61 -19.84
CA LYS A 23 4.03 -31.47 -19.43
C LYS A 23 5.48 -31.85 -19.20
N MET A 24 5.69 -32.91 -18.44
CA MET A 24 7.05 -33.36 -18.14
C MET A 24 7.81 -33.75 -19.40
N LYS A 25 7.15 -34.47 -20.29
CA LYS A 25 7.82 -34.91 -21.51
C LYS A 25 8.22 -33.72 -22.38
N LEU A 26 7.39 -32.68 -22.36
CA LEU A 26 7.64 -31.48 -23.14
C LEU A 26 9.00 -30.88 -22.81
N LEU A 27 9.36 -30.95 -21.55
CA LEU A 27 10.63 -30.40 -21.10
C LEU A 27 11.81 -31.09 -21.79
N THR A 28 11.67 -32.39 -22.08
CA THR A 28 12.76 -33.15 -22.69
C THR A 28 12.64 -33.25 -24.21
N VAL A 29 11.62 -32.61 -24.79
CA VAL A 29 11.45 -32.69 -26.24
C VAL A 29 12.40 -31.73 -26.96
N GLN A 30 12.82 -32.11 -28.16
CA GLN A 30 13.74 -31.28 -28.94
C GLN A 30 12.95 -30.21 -29.71
N LEU A 31 13.45 -28.98 -29.66
CA LEU A 31 12.81 -27.86 -30.32
C LEU A 31 13.68 -27.25 -31.41
N ARG A 32 13.05 -26.57 -32.35
CA ARG A 32 13.77 -25.91 -33.44
C ARG A 32 14.62 -24.77 -32.87
N GLU A 33 15.80 -24.56 -33.47
CA GLU A 33 16.70 -23.51 -32.99
C GLU A 33 16.11 -22.11 -33.21
N GLY A 34 16.44 -21.19 -32.31
CA GLY A 34 15.96 -19.81 -32.40
C GLY A 34 14.80 -19.58 -31.42
N TYR A 35 14.50 -20.59 -30.60
CA TYR A 35 13.42 -20.49 -29.63
C TYR A 35 13.93 -20.79 -28.22
N GLY A 36 13.16 -20.38 -27.22
CA GLY A 36 13.55 -20.60 -25.84
C GLY A 36 12.87 -21.84 -25.24
N ARG A 37 13.25 -22.13 -24.00
CA ARG A 37 12.71 -23.25 -23.25
C ARG A 37 11.91 -22.73 -22.06
N ILE A 38 10.82 -23.39 -21.71
CA ILE A 38 9.99 -22.88 -20.62
C ILE A 38 10.55 -23.28 -19.26
N PRO A 39 10.63 -22.34 -18.32
CA PRO A 39 11.17 -22.59 -16.95
C PRO A 39 10.52 -23.79 -16.28
N ARG A 40 11.35 -24.63 -15.67
CA ARG A 40 10.85 -25.83 -15.01
C ARG A 40 9.89 -25.50 -13.86
N GLY A 41 10.29 -24.56 -13.01
CA GLY A 41 9.47 -24.20 -11.85
C GLY A 41 8.03 -23.83 -12.20
N ALA A 42 7.86 -23.01 -13.22
CA ALA A 42 6.52 -22.56 -13.61
C ALA A 42 5.65 -23.72 -14.13
N LEU A 43 6.23 -24.53 -15.00
CA LEU A 43 5.49 -25.64 -15.60
C LEU A 43 4.90 -26.59 -14.55
N LEU A 44 5.64 -26.86 -13.50
CA LEU A 44 5.18 -27.81 -12.48
C LEU A 44 3.88 -27.41 -11.80
N GLN A 45 3.63 -26.11 -11.62
CA GLN A 45 2.41 -25.67 -10.93
C GLN A 45 1.34 -25.08 -11.86
N MET A 46 1.57 -25.10 -13.16
CA MET A 46 0.61 -24.52 -14.11
C MET A 46 -0.66 -25.36 -14.29
N ASP A 47 -1.69 -24.71 -14.79
CA ASP A 47 -2.99 -25.34 -15.05
C ASP A 47 -3.16 -25.59 -16.56
N ALA A 48 -4.12 -26.44 -16.90
CA ALA A 48 -4.36 -26.76 -18.30
C ALA A 48 -4.73 -25.52 -19.13
N ILE A 49 -5.61 -24.67 -18.62
CA ILE A 49 -6.01 -23.47 -19.36
C ILE A 49 -4.83 -22.52 -19.51
N ASP A 50 -4.14 -22.28 -18.40
CA ASP A 50 -3.00 -21.37 -18.39
C ASP A 50 -1.92 -21.84 -19.37
N LEU A 51 -1.68 -23.14 -19.35
CA LEU A 51 -0.68 -23.73 -20.23
C LEU A 51 -0.97 -23.40 -21.68
N THR A 52 -2.25 -23.34 -22.01
CA THR A 52 -2.65 -23.04 -23.37
C THR A 52 -2.14 -21.68 -23.82
N ASP A 53 -2.41 -20.66 -23.02
CA ASP A 53 -2.00 -19.31 -23.37
C ASP A 53 -0.49 -19.19 -23.49
N LYS A 54 0.23 -19.68 -22.49
CA LYS A 54 1.68 -19.58 -22.51
C LYS A 54 2.29 -20.40 -23.63
N LEU A 55 1.74 -21.58 -23.90
CA LEU A 55 2.28 -22.43 -24.95
C LEU A 55 2.39 -21.67 -26.26
N VAL A 56 1.32 -21.00 -26.63
CA VAL A 56 1.33 -20.23 -27.85
C VAL A 56 2.22 -19.01 -27.71
N SER A 57 2.27 -18.44 -26.52
CA SER A 57 3.07 -17.22 -26.28
C SER A 57 4.52 -17.39 -26.71
N TYR A 58 5.12 -18.53 -26.41
CA TYR A 58 6.51 -18.77 -26.75
C TYR A 58 6.71 -19.14 -28.22
N TYR A 59 5.79 -19.92 -28.77
CA TYR A 59 5.92 -20.37 -30.16
C TYR A 59 4.82 -19.76 -31.03
N LEU A 60 5.16 -19.47 -32.27
CA LEU A 60 4.17 -18.90 -33.19
C LEU A 60 3.02 -19.87 -33.38
N GLU A 61 1.86 -19.34 -33.74
CA GLU A 61 0.69 -20.17 -33.92
C GLU A 61 0.92 -21.27 -34.96
N SER A 62 1.55 -20.92 -36.07
CA SER A 62 1.80 -21.90 -37.12
C SER A 62 2.72 -23.01 -36.64
N TYR A 63 3.91 -22.64 -36.21
CA TYR A 63 4.89 -23.61 -35.74
C TYR A 63 4.46 -24.20 -34.40
N GLY A 64 3.89 -23.37 -33.54
CA GLY A 64 3.47 -23.83 -32.23
C GLY A 64 2.42 -24.93 -32.32
N LEU A 65 1.49 -24.78 -33.26
CA LEU A 65 0.43 -25.76 -33.44
C LEU A 65 1.00 -27.11 -33.87
N GLU A 66 1.95 -27.09 -34.79
CA GLU A 66 2.57 -28.32 -35.28
C GLU A 66 3.38 -29.03 -34.20
N LEU A 67 4.08 -28.24 -33.38
CA LEU A 67 4.91 -28.78 -32.32
C LEU A 67 4.09 -29.64 -31.35
N THR A 68 2.86 -29.24 -31.12
CA THR A 68 2.01 -29.97 -30.19
C THR A 68 1.79 -31.41 -30.66
N MET A 69 1.38 -31.56 -31.92
CA MET A 69 1.11 -32.89 -32.45
C MET A 69 2.31 -33.79 -32.33
N THR A 70 3.47 -33.24 -32.57
CA THR A 70 4.69 -34.03 -32.49
C THR A 70 4.79 -34.74 -31.13
N VAL A 71 4.41 -34.02 -30.07
CA VAL A 71 4.46 -34.60 -28.73
C VAL A 71 3.30 -35.56 -28.47
N LEU A 72 2.11 -35.26 -28.98
CA LEU A 72 0.96 -36.15 -28.77
C LEU A 72 1.22 -37.54 -29.34
N ARG A 73 1.78 -37.59 -30.54
CA ARG A 73 2.06 -38.87 -31.09
C ARG A 73 3.11 -39.58 -30.25
N ASP A 74 4.11 -38.83 -29.77
CA ASP A 74 5.19 -39.43 -28.98
C ASP A 74 4.67 -40.24 -27.80
N MET A 75 3.65 -39.71 -27.11
CA MET A 75 3.07 -40.40 -25.96
C MET A 75 2.23 -41.57 -26.47
N GLY A 76 2.28 -41.76 -27.78
CA GLY A 76 1.51 -42.80 -28.44
C GLY A 76 0.50 -42.16 -29.38
N LEU A 77 0.09 -42.90 -30.41
CA LEU A 77 -0.87 -42.33 -31.35
C LEU A 77 -2.23 -42.24 -30.71
N GLN A 78 -2.74 -41.02 -30.61
CA GLN A 78 -4.04 -40.79 -30.01
C GLN A 78 -4.99 -40.29 -31.08
N GLU A 79 -6.28 -40.53 -30.88
CA GLU A 79 -7.25 -40.05 -31.84
C GLU A 79 -7.16 -38.54 -31.89
N LEU A 80 -6.75 -37.95 -30.76
CA LEU A 80 -6.63 -36.51 -30.65
C LEU A 80 -5.67 -35.95 -31.70
N ALA A 81 -4.51 -36.58 -31.84
CA ALA A 81 -3.53 -36.11 -32.80
C ALA A 81 -4.19 -35.95 -34.17
N GLU A 82 -4.97 -36.94 -34.57
CA GLU A 82 -5.65 -36.87 -35.84
C GLU A 82 -6.74 -35.80 -35.82
N GLN A 83 -7.54 -35.80 -34.76
CA GLN A 83 -8.62 -34.82 -34.65
C GLN A 83 -8.09 -33.41 -34.73
N LEU A 84 -6.99 -33.16 -34.04
CA LEU A 84 -6.40 -31.83 -34.05
C LEU A 84 -5.85 -31.49 -35.42
N GLN A 85 -5.25 -32.47 -36.09
CA GLN A 85 -4.67 -32.22 -37.41
C GLN A 85 -5.72 -31.67 -38.36
N THR A 86 -6.95 -32.15 -38.24
CA THR A 86 -8.03 -31.68 -39.09
C THR A 86 -8.11 -30.17 -39.04
N THR A 87 -7.80 -29.60 -37.87
CA THR A 87 -7.83 -28.16 -37.70
C THR A 87 -6.77 -27.49 -38.58
N LYS A 88 -5.63 -28.16 -38.75
CA LYS A 88 -4.55 -27.61 -39.56
C LYS A 88 -5.06 -27.24 -40.95
N GLU A 89 -5.80 -28.16 -41.56
CA GLU A 89 -6.36 -27.91 -42.88
C GLU A 89 -7.40 -26.79 -42.80
N GLY B 1 -28.79 2.65 -16.53
CA GLY B 1 -29.24 1.55 -17.37
C GLY B 1 -29.20 0.23 -16.61
N ARG B 2 -30.34 -0.45 -16.55
CA ARG B 2 -30.43 -1.72 -15.86
C ARG B 2 -29.49 -2.75 -16.48
N ALA B 3 -29.01 -2.46 -17.68
CA ALA B 3 -28.11 -3.37 -18.38
C ALA B 3 -26.93 -3.79 -17.49
N ARG B 4 -26.30 -2.83 -16.83
CA ARG B 4 -25.18 -3.15 -15.97
C ARG B 4 -25.60 -4.13 -14.87
N ASP B 5 -26.72 -3.82 -14.24
CA ASP B 5 -27.24 -4.65 -13.17
C ASP B 5 -27.59 -6.06 -13.63
N ALA B 6 -28.12 -6.19 -14.84
CA ALA B 6 -28.51 -7.50 -15.35
C ALA B 6 -27.31 -8.42 -15.53
N ILE B 7 -26.30 -7.94 -16.24
CA ILE B 7 -25.10 -8.74 -16.46
C ILE B 7 -24.48 -9.16 -15.14
N LEU B 8 -24.34 -8.19 -14.26
CA LEU B 8 -23.72 -8.46 -12.97
C LEU B 8 -24.33 -9.67 -12.28
N ASP B 9 -25.65 -9.67 -12.14
CA ASP B 9 -26.32 -10.77 -11.46
C ASP B 9 -26.02 -12.13 -12.08
N ALA B 10 -26.08 -12.20 -13.40
CA ALA B 10 -25.84 -13.47 -14.09
C ALA B 10 -24.38 -13.89 -14.08
N LEU B 11 -23.48 -12.94 -14.27
CA LEU B 11 -22.04 -13.27 -14.31
C LEU B 11 -21.55 -13.85 -12.99
N GLU B 12 -22.06 -13.31 -11.89
CA GLU B 12 -21.65 -13.74 -10.54
C GLU B 12 -22.06 -15.19 -10.23
N ASN B 13 -22.96 -15.78 -11.03
CA ASN B 13 -23.40 -17.16 -10.78
C ASN B 13 -22.46 -18.20 -11.38
N LEU B 14 -21.31 -17.77 -11.89
CA LEU B 14 -20.34 -18.71 -12.46
C LEU B 14 -19.34 -19.17 -11.41
N SER B 15 -18.89 -20.42 -11.53
CA SER B 15 -17.93 -20.95 -10.58
C SER B 15 -16.56 -20.29 -10.79
N GLY B 16 -15.68 -20.43 -9.81
CA GLY B 16 -14.36 -19.82 -9.88
C GLY B 16 -13.55 -20.27 -11.09
N ASP B 17 -13.60 -21.55 -11.43
CA ASP B 17 -12.81 -22.06 -12.55
C ASP B 17 -13.31 -21.55 -13.91
N GLU B 18 -14.61 -21.66 -14.16
CA GLU B 18 -15.15 -21.21 -15.44
C GLU B 18 -14.84 -19.75 -15.66
N LEU B 19 -14.81 -18.99 -14.58
CA LEU B 19 -14.51 -17.58 -14.67
C LEU B 19 -13.20 -17.37 -15.43
N LYS B 20 -12.19 -18.15 -15.08
CA LYS B 20 -10.92 -18.03 -15.75
C LYS B 20 -11.12 -18.32 -17.22
N LYS B 21 -11.90 -19.35 -17.50
CA LYS B 21 -12.14 -19.74 -18.87
C LYS B 21 -12.82 -18.62 -19.63
N PHE B 22 -13.75 -17.96 -18.97
CA PHE B 22 -14.47 -16.88 -19.61
C PHE B 22 -13.56 -15.72 -19.95
N LYS B 23 -12.87 -15.19 -18.95
CA LYS B 23 -11.99 -14.04 -19.16
C LYS B 23 -10.95 -14.31 -20.22
N MET B 24 -10.26 -15.44 -20.10
CA MET B 24 -9.22 -15.80 -21.05
C MET B 24 -9.77 -15.95 -22.47
N LYS B 25 -10.92 -16.61 -22.59
CA LYS B 25 -11.50 -16.82 -23.91
C LYS B 25 -11.89 -15.49 -24.56
N LEU B 26 -12.32 -14.55 -23.74
CA LEU B 26 -12.72 -13.24 -24.23
C LEU B 26 -11.60 -12.56 -25.00
N LEU B 27 -10.39 -12.76 -24.55
CA LEU B 27 -9.23 -12.17 -25.20
C LEU B 27 -9.08 -12.65 -26.65
N THR B 28 -9.46 -13.91 -26.89
CA THR B 28 -9.33 -14.48 -28.24
C THR B 28 -10.61 -14.38 -29.07
N VAL B 29 -11.65 -13.77 -28.53
CA VAL B 29 -12.91 -13.67 -29.25
C VAL B 29 -12.85 -12.55 -30.28
N GLN B 30 -13.57 -12.73 -31.40
CA GLN B 30 -13.59 -11.72 -32.46
C GLN B 30 -14.62 -10.64 -32.13
N LEU B 31 -14.22 -9.38 -32.32
CA LEU B 31 -15.07 -8.24 -32.03
C LEU B 31 -15.37 -7.42 -33.27
N ARG B 32 -16.47 -6.69 -33.24
CA ARG B 32 -16.85 -5.83 -34.35
C ARG B 32 -15.83 -4.70 -34.52
N GLU B 33 -15.57 -4.30 -35.76
CA GLU B 33 -14.60 -3.24 -36.03
C GLU B 33 -15.06 -1.89 -35.48
N GLY B 34 -14.09 -1.07 -35.07
CA GLY B 34 -14.39 0.25 -34.52
C GLY B 34 -14.32 0.25 -33.00
N TYR B 35 -13.90 -0.88 -32.43
CA TYR B 35 -13.78 -1.02 -30.98
C TYR B 35 -12.38 -1.45 -30.59
N GLY B 36 -12.03 -1.24 -29.33
CA GLY B 36 -10.72 -1.61 -28.84
C GLY B 36 -10.72 -2.97 -28.13
N ARG B 37 -9.53 -3.38 -27.72
CA ARG B 37 -9.32 -4.65 -27.03
C ARG B 37 -8.83 -4.35 -25.62
N ILE B 38 -9.25 -5.15 -24.64
CA ILE B 38 -8.87 -4.87 -23.26
C ILE B 38 -7.47 -5.40 -22.94
N PRO B 39 -6.64 -4.57 -22.32
CA PRO B 39 -5.23 -4.96 -21.95
C PRO B 39 -5.17 -6.29 -21.22
N ARG B 40 -4.21 -7.12 -21.63
CA ARG B 40 -4.05 -8.44 -21.03
C ARG B 40 -3.71 -8.36 -19.55
N GLY B 41 -2.76 -7.51 -19.20
CA GLY B 41 -2.31 -7.38 -17.81
C GLY B 41 -3.46 -7.09 -16.83
N ALA B 42 -4.33 -6.16 -17.17
CA ALA B 42 -5.43 -5.79 -16.29
C ALA B 42 -6.42 -6.94 -16.09
N LEU B 43 -6.80 -7.57 -17.19
CA LEU B 43 -7.78 -8.66 -17.13
C LEU B 43 -7.37 -9.79 -16.19
N LEU B 44 -6.08 -10.13 -16.18
CA LEU B 44 -5.60 -11.24 -15.36
C LEU B 44 -5.85 -11.05 -13.87
N GLN B 45 -5.78 -9.82 -13.37
CA GLN B 45 -5.96 -9.58 -11.92
C GLN B 45 -7.33 -8.98 -11.55
N MET B 46 -8.22 -8.80 -12.52
CA MET B 46 -9.52 -8.20 -12.23
C MET B 46 -10.48 -9.12 -11.47
N ASP B 47 -11.48 -8.49 -10.85
CA ASP B 47 -12.50 -9.20 -10.09
C ASP B 47 -13.80 -9.26 -10.88
N ALA B 48 -14.71 -10.15 -10.47
CA ALA B 48 -15.98 -10.30 -11.17
C ALA B 48 -16.80 -9.00 -11.18
N ILE B 49 -16.89 -8.31 -10.05
CA ILE B 49 -17.66 -7.07 -10.01
C ILE B 49 -17.01 -6.00 -10.87
N ASP B 50 -15.70 -5.85 -10.72
CA ASP B 50 -14.96 -4.84 -11.48
C ASP B 50 -15.10 -5.08 -12.98
N LEU B 51 -15.00 -6.34 -13.36
CA LEU B 51 -15.11 -6.72 -14.75
C LEU B 51 -16.42 -6.24 -15.34
N THR B 52 -17.46 -6.24 -14.52
CA THR B 52 -18.77 -5.80 -14.98
C THR B 52 -18.74 -4.35 -15.44
N ASP B 53 -18.22 -3.48 -14.58
CA ASP B 53 -18.18 -2.07 -14.91
C ASP B 53 -17.35 -1.79 -16.16
N LYS B 54 -16.14 -2.34 -16.20
CA LYS B 54 -15.27 -2.11 -17.34
C LYS B 54 -15.82 -2.71 -18.62
N LEU B 55 -16.43 -3.90 -18.52
CA LEU B 55 -16.97 -4.56 -19.71
C LEU B 55 -17.91 -3.62 -20.45
N VAL B 56 -18.82 -3.00 -19.73
CA VAL B 56 -19.74 -2.08 -20.36
C VAL B 56 -19.03 -0.81 -20.79
N SER B 57 -18.02 -0.40 -20.03
CA SER B 57 -17.29 0.83 -20.32
C SER B 57 -16.75 0.86 -21.75
N TYR B 58 -16.20 -0.25 -22.21
CA TYR B 58 -15.64 -0.31 -23.56
C TYR B 58 -16.70 -0.48 -24.65
N TYR B 59 -17.73 -1.25 -24.37
CA TYR B 59 -18.77 -1.50 -25.37
C TYR B 59 -20.10 -0.88 -24.93
N LEU B 60 -20.87 -0.41 -25.89
CA LEU B 60 -22.16 0.20 -25.58
C LEU B 60 -23.07 -0.85 -24.94
N GLU B 61 -24.03 -0.38 -24.15
CA GLU B 61 -24.93 -1.29 -23.47
C GLU B 61 -25.66 -2.20 -24.44
N SER B 62 -26.14 -1.66 -25.55
CA SER B 62 -26.87 -2.47 -26.52
C SER B 62 -25.99 -3.55 -27.12
N TYR B 63 -24.90 -3.12 -27.75
CA TYR B 63 -23.98 -4.05 -28.39
C TYR B 63 -23.21 -4.86 -27.34
N GLY B 64 -22.83 -4.20 -26.25
CA GLY B 64 -22.07 -4.86 -25.20
C GLY B 64 -22.85 -6.03 -24.61
N LEU B 65 -24.14 -5.84 -24.41
CA LEU B 65 -24.98 -6.88 -23.83
C LEU B 65 -25.04 -8.11 -24.74
N GLU B 66 -25.19 -7.88 -26.04
CA GLU B 66 -25.26 -8.98 -27.01
C GLU B 66 -23.94 -9.74 -27.10
N LEU B 67 -22.84 -9.01 -27.04
CA LEU B 67 -21.52 -9.61 -27.15
C LEU B 67 -21.30 -10.66 -26.05
N THR B 68 -21.84 -10.40 -24.88
CA THR B 68 -21.66 -11.32 -23.77
C THR B 68 -22.24 -12.71 -24.10
N MET B 69 -23.49 -12.72 -24.55
CA MET B 69 -24.14 -13.99 -24.86
C MET B 69 -23.35 -14.80 -25.87
N THR B 70 -22.80 -14.11 -26.84
CA THR B 70 -22.04 -14.79 -27.87
C THR B 70 -20.95 -15.65 -27.25
N VAL B 71 -20.31 -15.13 -26.21
CA VAL B 71 -19.24 -15.86 -25.53
C VAL B 71 -19.79 -16.97 -24.61
N LEU B 72 -20.90 -16.70 -23.93
CA LEU B 72 -21.48 -17.71 -23.04
C LEU B 72 -21.85 -18.98 -23.80
N ARG B 73 -22.45 -18.82 -24.95
CA ARG B 73 -22.78 -20.00 -25.70
C ARG B 73 -21.50 -20.70 -26.13
N ASP B 74 -20.49 -19.94 -26.53
CA ASP B 74 -19.23 -20.53 -27.00
C ASP B 74 -18.66 -21.53 -26.00
N MET B 75 -18.71 -21.19 -24.71
CA MET B 75 -18.19 -22.10 -23.66
C MET B 75 -19.15 -23.25 -23.49
N GLY B 76 -20.18 -23.26 -24.34
CA GLY B 76 -21.21 -24.28 -24.29
C GLY B 76 -22.54 -23.61 -23.96
N LEU B 77 -23.65 -24.23 -24.36
CA LEU B 77 -24.94 -23.63 -24.08
C LEU B 77 -25.26 -23.75 -22.61
N GLN B 78 -25.43 -22.61 -21.96
CA GLN B 78 -25.74 -22.58 -20.55
C GLN B 78 -27.14 -22.03 -20.35
N GLU B 79 -27.79 -22.42 -19.27
CA GLU B 79 -29.11 -21.90 -19.00
C GLU B 79 -29.02 -20.39 -18.87
N LEU B 80 -27.85 -19.93 -18.43
CA LEU B 80 -27.61 -18.50 -18.24
C LEU B 80 -27.83 -17.73 -19.53
N ALA B 81 -27.27 -18.22 -20.63
CA ALA B 81 -27.42 -17.54 -21.90
C ALA B 81 -28.88 -17.26 -22.17
N GLU B 82 -29.72 -18.26 -21.95
CA GLU B 82 -31.14 -18.09 -22.17
C GLU B 82 -31.74 -17.13 -21.14
N GLN B 83 -31.39 -17.34 -19.87
CA GLN B 83 -31.90 -16.49 -18.81
C GLN B 83 -31.57 -15.04 -19.06
N LEU B 84 -30.35 -14.78 -19.47
CA LEU B 84 -29.92 -13.42 -19.74
C LEU B 84 -30.66 -12.85 -20.95
N GLN B 85 -30.87 -13.67 -21.97
CA GLN B 85 -31.55 -13.20 -23.17
C GLN B 85 -32.92 -12.63 -22.82
N THR B 86 -33.59 -13.23 -21.85
CA THR B 86 -34.91 -12.75 -21.44
C THR B 86 -34.83 -11.27 -21.12
N THR B 87 -33.70 -10.84 -20.58
CA THR B 87 -33.51 -9.44 -20.24
C THR B 87 -33.52 -8.57 -21.49
N LYS B 88 -32.99 -9.10 -22.59
CA LYS B 88 -32.95 -8.36 -23.84
C LYS B 88 -34.35 -7.86 -24.22
N GLU B 89 -35.32 -8.75 -24.14
CA GLU B 89 -36.70 -8.38 -24.44
C GLU B 89 -37.20 -7.38 -23.42
N GLY C 1 -27.90 16.26 13.65
CA GLY C 1 -28.89 15.23 13.34
C GLY C 1 -28.34 13.84 13.55
N ARG C 2 -29.01 13.06 14.39
CA ARG C 2 -28.58 11.70 14.67
C ARG C 2 -28.56 10.85 13.40
N ALA C 3 -29.20 11.35 12.35
CA ALA C 3 -29.26 10.62 11.08
C ALA C 3 -27.86 10.20 10.61
N ARG C 4 -26.91 11.11 10.66
CA ARG C 4 -25.55 10.79 10.23
C ARG C 4 -24.99 9.65 11.07
N ASP C 5 -25.16 9.75 12.37
CA ASP C 5 -24.65 8.74 13.29
C ASP C 5 -25.30 7.39 13.07
N ALA C 6 -26.59 7.37 12.76
CA ALA C 6 -27.30 6.11 12.56
C ALA C 6 -26.76 5.34 11.37
N ILE C 7 -26.68 6.00 10.21
CA ILE C 7 -26.18 5.34 9.01
C ILE C 7 -24.77 4.82 9.24
N LEU C 8 -23.94 5.66 9.80
CA LEU C 8 -22.55 5.29 10.04
C LEU C 8 -22.44 3.95 10.75
N ASP C 9 -23.12 3.80 11.88
CA ASP C 9 -23.04 2.56 12.64
C ASP C 9 -23.43 1.34 11.82
N ALA C 10 -24.52 1.43 11.07
CA ALA C 10 -24.98 0.30 10.27
C ALA C 10 -24.11 0.02 9.05
N LEU C 11 -23.66 1.06 8.38
CA LEU C 11 -22.85 0.88 7.18
C LEU C 11 -21.53 0.18 7.48
N GLU C 12 -20.93 0.52 8.63
CA GLU C 12 -19.64 -0.05 9.03
C GLU C 12 -19.71 -1.57 9.31
N ASN C 13 -20.92 -2.12 9.47
CA ASN C 13 -21.06 -3.56 9.75
C ASN C 13 -21.02 -4.41 8.49
N LEU C 14 -20.70 -3.81 7.34
CA LEU C 14 -20.61 -4.57 6.09
C LEU C 14 -19.19 -5.08 5.86
N SER C 15 -19.08 -6.24 5.24
CA SER C 15 -17.76 -6.81 4.95
C SER C 15 -17.08 -6.01 3.86
N GLY C 16 -15.77 -6.19 3.73
CA GLY C 16 -14.99 -5.46 2.74
C GLY C 16 -15.48 -5.67 1.30
N ASP C 17 -15.84 -6.90 0.94
CA ASP C 17 -16.28 -7.17 -0.43
C ASP C 17 -17.63 -6.53 -0.77
N GLU C 18 -18.63 -6.72 0.09
CA GLU C 18 -19.95 -6.16 -0.16
C GLU C 18 -19.86 -4.66 -0.32
N LEU C 19 -18.94 -4.05 0.42
CA LEU C 19 -18.77 -2.61 0.35
C LEU C 19 -18.57 -2.20 -1.10
N LYS C 20 -17.72 -2.92 -1.81
CA LYS C 20 -17.47 -2.58 -3.20
C LYS C 20 -18.77 -2.70 -3.95
N LYS C 21 -19.51 -3.75 -3.67
CA LYS C 21 -20.77 -3.97 -4.35
C LYS C 21 -21.73 -2.83 -4.09
N PHE C 22 -21.74 -2.35 -2.86
CA PHE C 22 -22.64 -1.27 -2.50
C PHE C 22 -22.30 0.01 -3.25
N LYS C 23 -21.05 0.46 -3.11
CA LYS C 23 -20.63 1.70 -3.75
C LYS C 23 -20.85 1.68 -5.26
N MET C 24 -20.39 0.60 -5.90
CA MET C 24 -20.53 0.48 -7.34
C MET C 24 -22.00 0.46 -7.77
N LYS C 25 -22.82 -0.27 -7.04
CA LYS C 25 -24.24 -0.35 -7.40
C LYS C 25 -24.92 1.00 -7.27
N LEU C 26 -24.47 1.79 -6.30
CA LEU C 26 -25.05 3.10 -6.06
C LEU C 26 -24.96 3.97 -7.30
N LEU C 27 -23.86 3.84 -8.03
CA LEU C 27 -23.65 4.61 -9.23
C LEU C 27 -24.73 4.34 -10.27
N THR C 28 -25.23 3.10 -10.33
CA THR C 28 -26.23 2.73 -11.32
C THR C 28 -27.66 2.81 -10.78
N VAL C 29 -27.84 3.25 -9.54
CA VAL C 29 -29.18 3.33 -8.97
C VAL C 29 -29.90 4.58 -9.45
N GLN C 30 -31.22 4.49 -9.59
CA GLN C 30 -32.03 5.62 -10.03
C GLN C 30 -32.34 6.55 -8.86
N LEU C 31 -32.19 7.85 -9.10
CA LEU C 31 -32.42 8.85 -8.07
C LEU C 31 -33.54 9.81 -8.45
N ARG C 32 -34.15 10.43 -7.44
CA ARG C 32 -35.22 11.38 -7.67
C ARG C 32 -34.67 12.61 -8.40
N GLU C 33 -35.48 13.20 -9.29
CA GLU C 33 -35.05 14.37 -10.05
C GLU C 33 -34.83 15.59 -9.15
N GLY C 34 -33.87 16.43 -9.54
CA GLY C 34 -33.56 17.63 -8.77
C GLY C 34 -32.30 17.44 -7.92
N TYR C 35 -31.66 16.29 -8.09
CA TYR C 35 -30.44 15.97 -7.34
C TYR C 35 -29.30 15.61 -8.29
N GLY C 36 -28.08 15.69 -7.77
CA GLY C 36 -26.91 15.39 -8.59
C GLY C 36 -26.41 13.95 -8.37
N ARG C 37 -25.39 13.59 -9.14
CA ARG C 37 -24.77 12.27 -9.09
C ARG C 37 -23.35 12.42 -8.58
N ILE C 38 -22.87 11.47 -7.80
CA ILE C 38 -21.52 11.59 -7.23
C ILE C 38 -20.45 11.16 -8.23
N PRO C 39 -19.41 11.96 -8.39
CA PRO C 39 -18.29 11.67 -9.34
C PRO C 39 -17.73 10.26 -9.17
N ARG C 40 -17.52 9.58 -10.29
CA ARG C 40 -17.01 8.22 -10.27
C ARG C 40 -15.62 8.14 -9.64
N GLY C 41 -14.72 9.02 -10.05
CA GLY C 41 -13.35 9.01 -9.56
C GLY C 41 -13.25 9.05 -8.03
N ALA C 42 -14.01 9.93 -7.40
CA ALA C 42 -13.95 10.07 -5.95
C ALA C 42 -14.45 8.82 -5.23
N LEU C 43 -15.59 8.30 -5.67
CA LEU C 43 -16.20 7.14 -5.04
C LEU C 43 -15.25 5.93 -4.99
N LEU C 44 -14.48 5.71 -6.05
CA LEU C 44 -13.60 4.55 -6.11
C LEU C 44 -12.54 4.52 -5.00
N GLN C 45 -12.06 5.68 -4.56
CA GLN C 45 -11.00 5.70 -3.53
C GLN C 45 -11.50 6.12 -2.14
N MET C 46 -12.81 6.33 -1.98
CA MET C 46 -13.34 6.78 -0.68
C MET C 46 -13.36 5.67 0.37
N ASP C 47 -13.44 6.12 1.64
CA ASP C 47 -13.50 5.22 2.79
C ASP C 47 -14.93 5.14 3.33
N ALA C 48 -15.19 4.13 4.16
CA ALA C 48 -16.52 3.96 4.72
C ALA C 48 -16.96 5.17 5.56
N ILE C 49 -16.08 5.69 6.41
CA ILE C 49 -16.45 6.83 7.23
C ILE C 49 -16.70 8.07 6.38
N ASP C 50 -15.77 8.32 5.46
CA ASP C 50 -15.87 9.48 4.57
C ASP C 50 -17.15 9.43 3.76
N LEU C 51 -17.46 8.24 3.26
CA LEU C 51 -18.65 8.04 2.45
C LEU C 51 -19.89 8.48 3.21
N THR C 52 -19.88 8.27 4.52
CA THR C 52 -21.01 8.64 5.36
C THR C 52 -21.29 10.13 5.28
N ASP C 53 -20.25 10.92 5.51
CA ASP C 53 -20.41 12.38 5.51
C ASP C 53 -20.88 12.89 4.15
N LYS C 54 -20.22 12.46 3.10
CA LYS C 54 -20.59 12.92 1.76
C LYS C 54 -21.96 12.45 1.34
N LEU C 55 -22.31 11.21 1.70
CA LEU C 55 -23.60 10.67 1.32
C LEU C 55 -24.72 11.60 1.76
N VAL C 56 -24.67 12.04 2.99
CA VAL C 56 -25.68 12.94 3.50
C VAL C 56 -25.53 14.32 2.88
N SER C 57 -24.29 14.71 2.60
CA SER C 57 -24.03 16.04 2.04
C SER C 57 -24.83 16.31 0.77
N TYR C 58 -24.92 15.32 -0.11
CA TYR C 58 -25.64 15.50 -1.37
C TYR C 58 -27.16 15.38 -1.21
N TYR C 59 -27.60 14.48 -0.34
CA TYR C 59 -29.05 14.28 -0.15
C TYR C 59 -29.47 14.70 1.25
N LEU C 60 -30.68 15.24 1.36
CA LEU C 60 -31.18 15.66 2.66
C LEU C 60 -31.27 14.46 3.59
N GLU C 61 -31.21 14.73 4.89
CA GLU C 61 -31.26 13.66 5.87
C GLU C 61 -32.52 12.81 5.74
N SER C 62 -33.66 13.46 5.54
CA SER C 62 -34.91 12.72 5.41
C SER C 62 -34.92 11.82 4.18
N TYR C 63 -34.73 12.42 3.01
CA TYR C 63 -34.71 11.67 1.77
C TYR C 63 -33.47 10.81 1.65
N GLY C 64 -32.34 11.35 2.11
CA GLY C 64 -31.08 10.62 2.03
C GLY C 64 -31.13 9.32 2.81
N LEU C 65 -31.75 9.36 3.98
CA LEU C 65 -31.85 8.17 4.83
C LEU C 65 -32.68 7.09 4.15
N GLU C 66 -33.79 7.48 3.53
CA GLU C 66 -34.65 6.51 2.85
C GLU C 66 -33.96 5.90 1.63
N LEU C 67 -33.21 6.72 0.91
CA LEU C 67 -32.52 6.25 -0.30
C LEU C 67 -31.57 5.09 0.02
N THR C 68 -30.95 5.14 1.18
CA THR C 68 -30.02 4.09 1.56
C THR C 68 -30.69 2.73 1.60
N MET C 69 -31.80 2.65 2.31
CA MET C 69 -32.51 1.38 2.45
C MET C 69 -32.88 0.80 1.12
N THR C 70 -33.28 1.65 0.21
CA THR C 70 -33.67 1.19 -1.11
C THR C 70 -32.56 0.36 -1.75
N VAL C 71 -31.31 0.79 -1.54
CA VAL C 71 -30.16 0.08 -2.09
C VAL C 71 -29.82 -1.18 -1.30
N LEU C 72 -29.95 -1.11 0.03
CA LEU C 72 -29.65 -2.29 0.86
C LEU C 72 -30.54 -3.47 0.50
N ARG C 73 -31.81 -3.22 0.32
CA ARG C 73 -32.66 -4.30 -0.05
C ARG C 73 -32.27 -4.83 -1.42
N ASP C 74 -31.92 -3.93 -2.34
CA ASP C 74 -31.56 -4.32 -3.70
C ASP C 74 -30.46 -5.40 -3.72
N MET C 75 -29.46 -5.24 -2.86
CA MET C 75 -28.37 -6.22 -2.79
C MET C 75 -28.87 -7.47 -2.10
N GLY C 76 -30.16 -7.46 -1.80
CA GLY C 76 -30.80 -8.57 -1.11
C GLY C 76 -31.31 -8.08 0.24
N LEU C 77 -32.33 -8.74 0.77
CA LEU C 77 -32.87 -8.31 2.06
C LEU C 77 -31.89 -8.65 3.17
N GLN C 78 -31.43 -7.62 3.86
CA GLN C 78 -30.49 -7.81 4.96
C GLN C 78 -31.16 -7.43 6.26
N GLU C 79 -30.72 -8.02 7.34
CA GLU C 79 -31.28 -7.67 8.62
C GLU C 79 -31.04 -6.19 8.87
N LEU C 80 -29.96 -5.68 8.29
CA LEU C 80 -29.60 -4.27 8.43
C LEU C 80 -30.71 -3.36 7.95
N ALA C 81 -31.27 -3.66 6.78
CA ALA C 81 -32.33 -2.83 6.24
C ALA C 81 -33.43 -2.65 7.28
N GLU C 82 -33.81 -3.75 7.93
CA GLU C 82 -34.84 -3.68 8.95
C GLU C 82 -34.33 -2.93 10.18
N GLN C 83 -33.12 -3.27 10.61
CA GLN C 83 -32.55 -2.63 11.79
C GLN C 83 -32.48 -1.12 11.61
N LEU C 84 -32.05 -0.70 10.44
CA LEU C 84 -31.94 0.72 10.16
C LEU C 84 -33.31 1.37 10.10
N GLN C 85 -34.29 0.68 9.54
CA GLN C 85 -35.63 1.24 9.43
C GLN C 85 -36.16 1.63 10.81
N THR C 86 -35.83 0.85 11.82
CA THR C 86 -36.28 1.14 13.18
C THR C 86 -35.91 2.57 13.54
N THR C 87 -34.76 3.02 13.03
CA THR C 87 -34.31 4.39 13.30
C THR C 87 -35.27 5.41 12.70
N LYS C 88 -35.85 5.07 11.55
CA LYS C 88 -36.78 5.98 10.88
C LYS C 88 -37.90 6.39 11.84
N GLU C 89 -38.47 5.41 12.52
CA GLU C 89 -39.54 5.69 13.48
C GLU C 89 -38.97 6.49 14.65
N GLY D 1 -2.86 25.84 32.99
CA GLY D 1 -3.76 24.78 33.44
C GLY D 1 -3.32 23.43 32.91
N ARG D 2 -3.12 22.49 33.82
CA ARG D 2 -2.69 21.15 33.44
C ARG D 2 -3.72 20.48 32.54
N ALA D 3 -4.91 21.05 32.49
CA ALA D 3 -5.99 20.49 31.67
C ALA D 3 -5.53 20.27 30.22
N ARG D 4 -4.87 21.25 29.64
CA ARG D 4 -4.39 21.11 28.27
C ARG D 4 -3.45 19.91 28.16
N ASP D 5 -2.51 19.84 29.08
CA ASP D 5 -1.53 18.77 29.08
C ASP D 5 -2.17 17.40 29.25
N ALA D 6 -3.19 17.31 30.08
CA ALA D 6 -3.84 16.02 30.33
C ALA D 6 -4.50 15.47 29.07
N ILE D 7 -5.32 16.27 28.43
CA ILE D 7 -6.00 15.83 27.22
C ILE D 7 -5.00 15.41 26.17
N LEU D 8 -3.99 16.25 25.97
CA LEU D 8 -2.98 15.98 24.96
C LEU D 8 -2.42 14.56 25.09
N ASP D 9 -1.96 14.22 26.28
CA ASP D 9 -1.36 12.90 26.49
C ASP D 9 -2.30 11.76 26.12
N ALA D 10 -3.56 11.85 26.55
CA ALA D 10 -4.52 10.80 26.26
C ALA D 10 -4.96 10.76 24.81
N LEU D 11 -5.18 11.91 24.21
CA LEU D 11 -5.65 11.96 22.82
C LEU D 11 -4.63 11.36 21.85
N GLU D 12 -3.34 11.59 22.12
CA GLU D 12 -2.26 11.09 21.27
C GLU D 12 -2.16 9.56 21.25
N ASN D 13 -2.80 8.88 22.21
CA ASN D 13 -2.73 7.42 22.28
C ASN D 13 -3.75 6.73 21.36
N LEU D 14 -4.43 7.50 20.51
CA LEU D 14 -5.41 6.93 19.59
C LEU D 14 -4.75 6.58 18.26
N SER D 15 -5.23 5.53 17.62
CA SER D 15 -4.67 5.12 16.33
C SER D 15 -5.09 6.12 15.24
N GLY D 16 -4.40 6.08 14.11
CA GLY D 16 -4.68 7.00 13.02
C GLY D 16 -6.12 6.94 12.51
N ASP D 17 -6.68 5.74 12.40
CA ASP D 17 -8.04 5.60 11.88
C ASP D 17 -9.10 6.16 12.85
N GLU D 18 -9.04 5.77 14.12
CA GLU D 18 -10.02 6.23 15.08
C GLU D 18 -10.02 7.74 15.16
N LEU D 19 -8.85 8.33 14.96
CA LEU D 19 -8.73 9.77 15.00
C LEU D 19 -9.73 10.39 14.04
N LYS D 20 -9.81 9.85 12.84
CA LYS D 20 -10.74 10.38 11.86
C LYS D 20 -12.14 10.25 12.42
N LYS D 21 -12.41 9.10 13.02
CA LYS D 21 -13.73 8.87 13.56
C LYS D 21 -14.05 9.87 14.64
N PHE D 22 -13.06 10.18 15.45
CA PHE D 22 -13.28 11.12 16.54
C PHE D 22 -13.60 12.51 16.03
N LYS D 23 -12.71 13.05 15.19
CA LYS D 23 -12.89 14.40 14.67
C LYS D 23 -14.23 14.55 13.93
N MET D 24 -14.51 13.63 13.03
CA MET D 24 -15.73 13.68 12.26
C MET D 24 -16.97 13.58 13.16
N LYS D 25 -16.93 12.68 14.13
CA LYS D 25 -18.08 12.52 15.02
C LYS D 25 -18.34 13.78 15.84
N LEU D 26 -17.25 14.47 16.19
CA LEU D 26 -17.35 15.68 16.97
C LEU D 26 -18.24 16.71 16.30
N LEU D 27 -18.15 16.77 14.97
CA LEU D 27 -18.94 17.72 14.21
C LEU D 27 -20.44 17.48 14.40
N THR D 28 -20.83 16.23 14.57
CA THR D 28 -22.25 15.89 14.71
C THR D 28 -22.70 15.78 16.18
N VAL D 29 -21.80 16.02 17.11
CA VAL D 29 -22.16 15.91 18.52
C VAL D 29 -22.92 17.15 19.00
N GLN D 30 -23.83 16.95 19.94
CA GLN D 30 -24.63 18.06 20.47
C GLN D 30 -23.85 18.79 21.56
N LEU D 31 -23.88 20.11 21.50
CA LEU D 31 -23.15 20.96 22.46
C LEU D 31 -24.10 21.84 23.25
N ARG D 32 -23.63 22.26 24.42
CA ARG D 32 -24.42 23.14 25.28
C ARG D 32 -24.61 24.50 24.59
N GLU D 33 -25.77 25.12 24.79
CA GLU D 33 -26.06 26.41 24.18
C GLU D 33 -25.16 27.52 24.73
N GLY D 34 -24.83 28.49 23.86
CA GLY D 34 -23.98 29.61 24.26
C GLY D 34 -22.56 29.41 23.74
N TYR D 35 -22.35 28.36 22.95
CA TYR D 35 -21.03 28.07 22.41
C TYR D 35 -21.10 27.94 20.89
N GLY D 36 -19.94 28.06 20.24
CA GLY D 36 -19.89 27.96 18.79
C GLY D 36 -19.49 26.56 18.31
N ARG D 37 -19.50 26.41 17.00
CA ARG D 37 -19.13 25.16 16.34
C ARG D 37 -17.86 25.37 15.54
N ILE D 38 -16.99 24.36 15.49
CA ILE D 38 -15.72 24.53 14.79
C ILE D 38 -15.87 24.34 13.28
N PRO D 39 -15.32 25.24 12.49
CA PRO D 39 -15.41 25.18 10.99
C PRO D 39 -15.01 23.82 10.45
N ARG D 40 -15.79 23.32 9.51
CA ARG D 40 -15.53 22.02 8.91
C ARG D 40 -14.19 21.97 8.18
N GLY D 41 -13.93 22.98 7.36
CA GLY D 41 -12.70 23.03 6.57
C GLY D 41 -11.43 22.89 7.40
N ALA D 42 -11.36 23.61 8.51
CA ALA D 42 -10.16 23.55 9.36
C ALA D 42 -9.96 22.18 10.00
N LEU D 43 -11.03 21.62 10.55
CA LEU D 43 -10.95 20.34 11.22
C LEU D 43 -10.40 19.23 10.34
N LEU D 44 -10.77 19.22 9.06
CA LEU D 44 -10.34 18.16 8.15
C LEU D 44 -8.82 18.08 7.98
N GLN D 45 -8.11 19.21 8.03
CA GLN D 45 -6.65 19.20 7.82
C GLN D 45 -5.84 19.38 9.12
N MET D 46 -6.50 19.46 10.27
CA MET D 46 -5.78 19.67 11.53
C MET D 46 -5.01 18.45 12.02
N ASP D 47 -4.05 18.71 12.90
CA ASP D 47 -3.21 17.67 13.49
C ASP D 47 -3.66 17.39 14.93
N ALA D 48 -3.20 16.27 15.48
CA ALA D 48 -3.58 15.90 16.84
C ALA D 48 -3.12 16.94 17.87
N ILE D 49 -1.89 17.42 17.76
CA ILE D 49 -1.40 18.42 18.72
C ILE D 49 -2.18 19.72 18.58
N ASP D 50 -2.33 20.18 17.34
CA ASP D 50 -3.04 21.43 17.06
C ASP D 50 -4.46 21.37 17.59
N LEU D 51 -5.11 20.23 17.35
CA LEU D 51 -6.48 20.03 17.78
C LEU D 51 -6.61 20.26 19.27
N THR D 52 -5.58 19.87 20.01
CA THR D 52 -5.59 20.03 21.45
C THR D 52 -5.74 21.49 21.86
N ASP D 53 -4.89 22.33 21.30
CA ASP D 53 -4.92 23.75 21.65
C ASP D 53 -6.26 24.40 21.28
N LYS D 54 -6.71 24.18 20.06
CA LYS D 54 -7.96 24.77 19.62
C LYS D 54 -9.16 24.22 20.38
N LEU D 55 -9.16 22.93 20.68
CA LEU D 55 -10.27 22.32 21.39
C LEU D 55 -10.56 23.08 22.68
N VAL D 56 -9.52 23.36 23.45
CA VAL D 56 -9.70 24.10 24.68
C VAL D 56 -10.03 25.56 24.40
N SER D 57 -9.48 26.10 23.32
CA SER D 57 -9.69 27.49 22.97
C SER D 57 -11.17 27.85 22.89
N TYR D 58 -11.97 26.99 22.28
CA TYR D 58 -13.40 27.26 22.13
C TYR D 58 -14.20 26.98 23.40
N TYR D 59 -13.84 25.94 24.13
CA TYR D 59 -14.57 25.59 25.34
C TYR D 59 -13.70 25.77 26.58
N LEU D 60 -14.32 26.18 27.68
CA LEU D 60 -13.58 26.39 28.91
C LEU D 60 -12.96 25.08 29.36
N GLU D 61 -11.89 25.17 30.13
CA GLU D 61 -11.19 23.99 30.60
C GLU D 61 -12.11 23.06 31.38
N SER D 62 -12.92 23.61 32.26
CA SER D 62 -13.82 22.79 33.05
C SER D 62 -14.84 22.06 32.18
N TYR D 63 -15.62 22.82 31.43
CA TYR D 63 -16.63 22.24 30.57
C TYR D 63 -16.01 21.53 29.38
N GLY D 64 -14.93 22.11 28.85
CA GLY D 64 -14.26 21.51 27.70
C GLY D 64 -13.74 20.11 28.01
N LEU D 65 -13.18 19.94 29.21
CA LEU D 65 -12.64 18.65 29.61
C LEU D 65 -13.73 17.59 29.69
N GLU D 66 -14.88 17.95 30.25
CA GLU D 66 -15.99 17.01 30.37
C GLU D 66 -16.57 16.63 29.01
N LEU D 67 -16.64 17.60 28.11
CA LEU D 67 -17.20 17.36 26.78
C LEU D 67 -16.43 16.27 26.05
N THR D 68 -15.13 16.21 26.26
CA THR D 68 -14.30 15.22 25.59
C THR D 68 -14.74 13.80 25.94
N MET D 69 -14.87 13.53 27.24
CA MET D 69 -15.25 12.19 27.68
C MET D 69 -16.56 11.76 27.09
N THR D 70 -17.48 12.69 26.98
CA THR D 70 -18.78 12.37 26.44
C THR D 70 -18.65 11.73 25.06
N VAL D 71 -17.71 12.25 24.26
CA VAL D 71 -17.47 11.72 22.92
C VAL D 71 -16.70 10.40 22.94
N LEU D 72 -15.72 10.27 23.84
CA LEU D 72 -14.93 9.04 23.92
C LEU D 72 -15.82 7.84 24.22
N ARG D 73 -16.73 8.00 25.16
CA ARG D 73 -17.59 6.90 25.45
C ARG D 73 -18.47 6.60 24.24
N ASP D 74 -18.93 7.63 23.54
CA ASP D 74 -19.82 7.45 22.40
C ASP D 74 -19.21 6.49 21.35
N MET D 75 -17.91 6.62 21.10
CA MET D 75 -17.24 5.75 20.14
C MET D 75 -17.05 4.38 20.76
N GLY D 76 -17.61 4.23 21.95
CA GLY D 76 -17.50 2.99 22.70
C GLY D 76 -16.73 3.25 23.98
N LEU D 77 -16.95 2.44 25.00
CA LEU D 77 -16.24 2.64 26.26
C LEU D 77 -14.79 2.25 26.11
N GLN D 78 -13.91 3.21 26.31
CA GLN D 78 -12.48 2.97 26.20
C GLN D 78 -11.84 3.12 27.56
N GLU D 79 -10.73 2.45 27.77
CA GLU D 79 -10.05 2.57 29.03
C GLU D 79 -9.64 4.02 29.22
N LEU D 80 -9.42 4.70 28.10
CA LEU D 80 -9.02 6.10 28.10
C LEU D 80 -10.03 6.96 28.84
N ALA D 81 -11.31 6.77 28.53
CA ALA D 81 -12.34 7.56 29.17
C ALA D 81 -12.18 7.50 30.68
N GLU D 82 -11.95 6.31 31.19
CA GLU D 82 -11.77 6.15 32.63
C GLU D 82 -10.46 6.77 33.07
N GLN D 83 -9.38 6.48 32.34
CA GLN D 83 -8.07 7.02 32.69
C GLN D 83 -8.11 8.54 32.75
N LEU D 84 -8.75 9.15 31.78
CA LEU D 84 -8.83 10.60 31.73
C LEU D 84 -9.68 11.12 32.89
N GLN D 85 -10.76 10.42 33.21
CA GLN D 85 -11.63 10.87 34.29
C GLN D 85 -10.85 11.03 35.58
N THR D 86 -9.89 10.14 35.81
CA THR D 86 -9.08 10.23 37.01
C THR D 86 -8.49 11.62 37.16
N THR D 87 -8.18 12.24 36.03
CA THR D 87 -7.62 13.59 36.03
C THR D 87 -8.63 14.59 36.58
N LYS D 88 -9.90 14.35 36.31
CA LYS D 88 -10.95 15.26 36.78
C LYS D 88 -10.86 15.43 38.29
N GLU D 89 -10.72 14.32 39.01
CA GLU D 89 -10.59 14.37 40.46
C GLU D 89 -9.29 15.07 40.83
N GLY E 1 28.20 34.96 26.16
CA GLY E 1 27.96 33.78 26.97
C GLY E 1 27.74 32.54 26.11
N ARG E 2 28.54 31.52 26.35
CA ARG E 2 28.43 30.27 25.58
C ARG E 2 27.05 29.64 25.76
N ALA E 3 26.32 30.11 26.77
CA ALA E 3 24.99 29.57 27.04
C ALA E 3 24.11 29.57 25.79
N ARG E 4 24.09 30.68 25.06
CA ARG E 4 23.29 30.76 23.85
C ARG E 4 23.70 29.69 22.85
N ASP E 5 25.01 29.57 22.66
CA ASP E 5 25.55 28.61 21.72
C ASP E 5 25.23 27.17 22.12
N ALA E 6 25.26 26.89 23.41
CA ALA E 6 25.00 25.53 23.87
C ALA E 6 23.57 25.08 23.56
N ILE E 7 22.60 25.89 23.96
CA ILE E 7 21.20 25.55 23.70
C ILE E 7 20.96 25.36 22.22
N LEU E 8 21.45 26.30 21.44
CA LEU E 8 21.26 26.26 20.00
C LEU E 8 21.63 24.90 19.41
N ASP E 9 22.84 24.44 19.71
CA ASP E 9 23.29 23.17 19.15
C ASP E 9 22.37 22.01 19.50
N ALA E 10 21.95 21.93 20.76
CA ALA E 10 21.09 20.83 21.20
C ALA E 10 19.67 20.95 20.68
N LEU E 11 19.11 22.15 20.67
CA LEU E 11 17.73 22.34 20.22
C LEU E 11 17.56 21.96 18.76
N GLU E 12 18.56 22.27 17.94
CA GLU E 12 18.50 21.99 16.49
C GLU E 12 18.49 20.49 16.17
N ASN E 13 18.83 19.64 17.14
CA ASN E 13 18.84 18.18 16.91
C ASN E 13 17.45 17.54 17.07
N LEU E 14 16.41 18.35 17.22
CA LEU E 14 15.06 17.81 17.35
C LEU E 14 14.39 17.71 15.99
N SER E 15 13.53 16.70 15.83
CA SER E 15 12.82 16.53 14.57
C SER E 15 11.76 17.62 14.40
N GLY E 16 11.28 17.79 13.18
CA GLY E 16 10.29 18.82 12.89
C GLY E 16 9.01 18.69 13.72
N ASP E 17 8.52 17.47 13.91
CA ASP E 17 7.28 17.29 14.67
C ASP E 17 7.42 17.61 16.16
N GLU E 18 8.46 17.06 16.80
CA GLU E 18 8.65 17.31 18.23
C GLU E 18 8.78 18.79 18.49
N LEU E 19 9.38 19.50 17.54
CA LEU E 19 9.55 20.93 17.68
C LEU E 19 8.21 21.58 18.00
N LYS E 20 7.18 21.19 17.27
CA LYS E 20 5.87 21.76 17.51
C LYS E 20 5.46 21.44 18.92
N LYS E 21 5.71 20.20 19.33
CA LYS E 21 5.33 19.77 20.65
C LYS E 21 6.04 20.59 21.70
N PHE E 22 7.30 20.89 21.45
CA PHE E 22 8.08 21.65 22.40
C PHE E 22 7.55 23.06 22.55
N LYS E 23 7.45 23.78 21.43
CA LYS E 23 6.99 25.17 21.48
C LYS E 23 5.61 25.29 22.12
N MET E 24 4.68 24.48 21.67
CA MET E 24 3.32 24.51 22.19
C MET E 24 3.29 24.19 23.68
N LYS E 25 4.04 23.18 24.09
CA LYS E 25 4.03 22.79 25.50
C LYS E 25 4.59 23.91 26.38
N LEU E 26 5.56 24.64 25.84
CA LEU E 26 6.19 25.73 26.57
C LEU E 26 5.16 26.76 27.02
N LEU E 27 4.18 26.99 26.18
CA LEU E 27 3.14 27.96 26.48
C LEU E 27 2.36 27.57 27.75
N THR E 28 2.20 26.27 27.98
CA THR E 28 1.43 25.79 29.13
C THR E 28 2.32 25.45 30.33
N VAL E 29 3.62 25.65 30.21
CA VAL E 29 4.51 25.32 31.32
C VAL E 29 4.49 26.40 32.39
N GLN E 30 4.68 26.00 33.65
CA GLN E 30 4.68 26.96 34.76
C GLN E 30 6.05 27.60 34.90
N LEU E 31 6.05 28.92 35.08
CA LEU E 31 7.29 29.69 35.20
C LEU E 31 7.40 30.38 36.56
N ARG E 32 8.62 30.69 36.95
CA ARG E 32 8.88 31.36 38.21
C ARG E 32 8.28 32.78 38.16
N GLU E 33 7.77 33.26 39.29
CA GLU E 33 7.17 34.59 39.35
C GLU E 33 8.21 35.69 39.13
N GLY E 34 7.77 36.80 38.51
CA GLY E 34 8.66 37.92 38.24
C GLY E 34 9.10 37.93 36.77
N TYR E 35 8.55 37.01 35.98
CA TYR E 35 8.89 36.90 34.57
C TYR E 35 7.64 36.97 33.71
N GLY E 36 7.84 37.28 32.43
CA GLY E 36 6.72 37.39 31.50
C GLY E 36 6.51 36.11 30.70
N ARG E 37 5.45 36.13 29.89
CA ARG E 37 5.08 35.01 29.03
C ARG E 37 5.23 35.43 27.58
N ILE E 38 5.66 34.52 26.72
CA ILE E 38 5.89 34.91 25.32
C ILE E 38 4.58 34.89 24.51
N PRO E 39 4.33 35.94 23.74
CA PRO E 39 3.09 36.07 22.91
C PRO E 39 2.83 34.84 22.07
N ARG E 40 1.59 34.39 22.06
CA ARG E 40 1.21 33.21 21.30
C ARG E 40 1.44 33.38 19.80
N GLY E 41 1.00 34.51 19.26
CA GLY E 41 1.12 34.77 17.83
C GLY E 41 2.55 34.63 17.30
N ALA E 42 3.51 35.20 18.00
CA ALA E 42 4.90 35.15 17.55
C ALA E 42 5.46 33.73 17.57
N LEU E 43 5.21 33.02 18.65
CA LEU E 43 5.74 31.66 18.80
C LEU E 43 5.31 30.73 17.66
N LEU E 44 4.07 30.86 17.20
CA LEU E 44 3.56 29.97 16.16
C LEU E 44 4.34 30.05 14.85
N GLN E 45 4.87 31.22 14.49
CA GLN E 45 5.58 31.36 13.22
C GLN E 45 7.12 31.45 13.37
N MET E 46 7.63 31.31 14.57
CA MET E 46 9.08 31.43 14.79
C MET E 46 9.87 30.22 14.28
N ASP E 47 11.17 30.46 14.09
CA ASP E 47 12.09 29.42 13.62
C ASP E 47 12.95 28.92 14.79
N ALA E 48 13.60 27.78 14.59
CA ALA E 48 14.43 27.20 15.64
C ALA E 48 15.58 28.13 16.04
N ILE E 49 16.27 28.73 15.08
CA ILE E 49 17.38 29.63 15.42
C ILE E 49 16.86 30.86 16.14
N ASP E 50 15.81 31.46 15.59
CA ASP E 50 15.23 32.67 16.17
C ASP E 50 14.77 32.42 17.60
N LEU E 51 14.14 31.28 17.80
CA LEU E 51 13.64 30.90 19.10
C LEU E 51 14.76 30.90 20.13
N THR E 52 15.94 30.53 19.69
CA THR E 52 17.10 30.48 20.59
C THR E 52 17.40 31.86 21.16
N ASP E 53 17.51 32.84 20.29
CA ASP E 53 17.83 34.20 20.73
C ASP E 53 16.77 34.76 21.67
N LYS E 54 15.52 34.66 21.27
CA LYS E 54 14.43 35.19 22.09
C LYS E 54 14.29 34.45 23.41
N LEU E 55 14.46 33.13 23.38
CA LEU E 55 14.32 32.34 24.60
C LEU E 55 15.21 32.89 25.71
N VAL E 56 16.46 33.16 25.38
CA VAL E 56 17.37 33.71 26.36
C VAL E 56 17.02 35.15 26.68
N SER E 57 16.53 35.88 25.68
CA SER E 57 16.18 37.29 25.86
C SER E 57 15.24 37.52 27.04
N TYR E 58 14.23 36.67 27.17
CA TYR E 58 13.26 36.84 28.25
C TYR E 58 13.78 36.32 29.60
N TYR E 59 14.53 35.23 29.58
CA TYR E 59 15.02 34.65 30.83
C TYR E 59 16.53 34.76 30.91
N LEU E 60 17.06 34.96 32.12
CA LEU E 60 18.50 35.07 32.29
C LEU E 60 19.16 33.77 31.88
N GLU E 61 20.43 33.86 31.49
CA GLU E 61 21.16 32.68 31.04
C GLU E 61 21.17 31.58 32.09
N SER E 62 21.40 31.95 33.34
CA SER E 62 21.45 30.94 34.40
C SER E 62 20.11 30.25 34.58
N TYR E 63 19.08 31.03 34.86
CA TYR E 63 17.75 30.48 35.06
C TYR E 63 17.15 29.99 33.74
N GLY E 64 17.40 30.72 32.68
CA GLY E 64 16.87 30.35 31.37
C GLY E 64 17.37 28.97 30.94
N LEU E 65 18.64 28.70 31.18
CA LEU E 65 19.23 27.42 30.80
C LEU E 65 18.57 26.26 31.55
N GLU E 66 18.34 26.45 32.84
CA GLU E 66 17.72 25.41 33.65
C GLU E 66 16.28 25.15 33.23
N LEU E 67 15.55 26.22 32.91
CA LEU E 67 14.15 26.12 32.52
C LEU E 67 13.98 25.19 31.31
N THR E 68 14.94 25.23 30.40
CA THR E 68 14.85 24.41 29.21
C THR E 68 14.79 22.93 29.55
N MET E 69 15.73 22.47 30.37
CA MET E 69 15.79 21.06 30.73
C MET E 69 14.50 20.60 31.34
N THR E 70 13.90 21.45 32.16
CA THR E 70 12.66 21.08 32.82
C THR E 70 11.62 20.65 31.80
N VAL E 71 11.58 21.34 30.66
CA VAL E 71 10.63 21.02 29.60
C VAL E 71 11.06 19.79 28.80
N LEU E 72 12.35 19.63 28.54
CA LEU E 72 12.83 18.48 27.78
C LEU E 72 12.48 17.17 28.48
N ARG E 73 12.67 17.12 29.77
CA ARG E 73 12.32 15.92 30.46
C ARG E 73 10.82 15.70 30.38
N ASP E 74 10.04 16.78 30.51
CA ASP E 74 8.59 16.66 30.49
C ASP E 74 8.07 15.91 29.25
N MET E 75 8.66 16.19 28.09
CA MET E 75 8.27 15.52 26.85
C MET E 75 8.80 14.10 26.86
N GLY E 76 9.41 13.74 27.99
CA GLY E 76 10.00 12.43 28.17
C GLY E 76 11.50 12.60 28.36
N LEU E 77 12.14 11.64 29.02
CA LEU E 77 13.57 11.73 29.23
C LEU E 77 14.31 11.50 27.93
N GLN E 78 15.05 12.51 27.51
CA GLN E 78 15.81 12.41 26.28
C GLN E 78 17.30 12.44 26.60
N GLU E 79 18.10 11.84 25.74
CA GLU E 79 19.52 11.85 25.97
C GLU E 79 20.00 13.29 25.98
N LEU E 80 19.27 14.13 25.24
CA LEU E 80 19.59 15.55 25.14
C LEU E 80 19.59 16.22 26.51
N ALA E 81 18.58 15.95 27.30
CA ALA E 81 18.50 16.56 28.62
C ALA E 81 19.79 16.32 29.38
N GLU E 82 20.28 15.09 29.33
CA GLU E 82 21.51 14.76 30.01
C GLU E 82 22.70 15.43 29.33
N GLN E 83 22.75 15.35 28.00
CA GLN E 83 23.84 15.94 27.26
C GLN E 83 23.95 17.43 27.54
N LEU E 84 22.82 18.10 27.57
CA LEU E 84 22.81 19.53 27.83
C LEU E 84 23.24 19.83 29.26
N GLN E 85 22.81 18.99 30.21
CA GLN E 85 23.16 19.20 31.60
C GLN E 85 24.67 19.27 31.78
N THR E 86 25.39 18.45 31.01
CA THR E 86 26.84 18.44 31.10
C THR E 86 27.38 19.86 30.93
N THR E 87 26.70 20.65 30.11
CA THR E 87 27.11 22.02 29.87
C THR E 87 26.99 22.85 31.15
N LYS E 88 25.98 22.54 31.96
CA LYS E 88 25.76 23.28 33.21
C LYS E 88 27.03 23.26 34.06
N GLU E 89 27.62 22.08 34.20
CA GLU E 89 28.86 21.95 34.97
C GLU E 89 29.98 22.71 34.26
N GLY F 1 26.89 -22.71 12.55
CA GLY F 1 27.00 -23.95 13.30
C GLY F 1 26.42 -25.13 12.52
N ARG F 2 27.24 -26.14 12.30
CA ARG F 2 26.80 -27.33 11.56
C ARG F 2 25.64 -28.01 12.28
N ALA F 3 25.41 -27.65 13.53
CA ALA F 3 24.33 -28.25 14.32
C ALA F 3 23.00 -28.17 13.57
N ARG F 4 22.68 -27.01 13.02
CA ARG F 4 21.43 -26.86 12.30
C ARG F 4 21.37 -27.84 11.13
N ASP F 5 22.45 -27.91 10.37
CA ASP F 5 22.51 -28.79 9.22
C ASP F 5 22.39 -30.25 9.60
N ALA F 6 22.98 -30.63 10.73
CA ALA F 6 22.93 -32.04 11.15
C ALA F 6 21.50 -32.49 11.45
N ILE F 7 20.81 -31.75 12.29
CA ILE F 7 19.45 -32.10 12.64
C ILE F 7 18.58 -32.19 11.40
N LEU F 8 18.69 -31.18 10.56
CA LEU F 8 17.88 -31.11 9.36
C LEU F 8 17.96 -32.42 8.56
N ASP F 9 19.17 -32.86 8.26
CA ASP F 9 19.33 -34.08 7.47
C ASP F 9 18.65 -35.29 8.09
N ALA F 10 18.82 -35.47 9.39
CA ALA F 10 18.23 -36.62 10.07
C ALA F 10 16.70 -36.50 10.24
N LEU F 11 16.22 -35.32 10.56
CA LEU F 11 14.79 -35.14 10.77
C LEU F 11 13.98 -35.41 9.50
N GLU F 12 14.53 -35.02 8.36
CA GLU F 12 13.85 -35.19 7.06
C GLU F 12 13.68 -36.67 6.67
N ASN F 13 14.41 -37.58 7.33
CA ASN F 13 14.31 -39.01 6.99
C ASN F 13 13.13 -39.70 7.68
N LEU F 14 12.26 -38.93 8.34
CA LEU F 14 11.10 -39.51 9.01
C LEU F 14 9.89 -39.53 8.07
N SER F 15 9.04 -40.54 8.21
CA SER F 15 7.86 -40.65 7.37
C SER F 15 6.85 -39.59 7.77
N GLY F 16 5.87 -39.34 6.90
CA GLY F 16 4.86 -38.31 7.15
C GLY F 16 4.08 -38.54 8.44
N ASP F 17 3.72 -39.78 8.73
CA ASP F 17 2.92 -40.06 9.92
C ASP F 17 3.70 -39.84 11.23
N GLU F 18 4.91 -40.41 11.31
CA GLU F 18 5.71 -40.27 12.53
C GLU F 18 5.95 -38.80 12.83
N LEU F 19 6.08 -38.01 11.77
CA LEU F 19 6.30 -36.59 11.94
C LEU F 19 5.24 -36.00 12.86
N LYS F 20 3.98 -36.36 12.62
CA LYS F 20 2.92 -35.85 13.44
C LYS F 20 3.16 -36.29 14.86
N LYS F 21 3.55 -37.55 15.02
CA LYS F 21 3.78 -38.08 16.34
C LYS F 21 4.89 -37.32 17.04
N PHE F 22 5.92 -36.98 16.29
CA PHE F 22 7.04 -36.27 16.87
C PHE F 22 6.64 -34.88 17.35
N LYS F 23 6.07 -34.08 16.44
CA LYS F 23 5.67 -32.72 16.80
C LYS F 23 4.72 -32.68 17.97
N MET F 24 3.67 -33.49 17.90
CA MET F 24 2.69 -33.53 18.97
C MET F 24 3.29 -33.97 20.29
N LYS F 25 4.14 -34.98 20.27
CA LYS F 25 4.75 -35.47 21.49
C LYS F 25 5.64 -34.41 22.13
N LEU F 26 6.29 -33.62 21.29
CA LEU F 26 7.18 -32.56 21.75
C LEU F 26 6.45 -31.60 22.69
N LEU F 27 5.21 -31.34 22.37
CA LEU F 27 4.41 -30.42 23.18
C LEU F 27 4.26 -30.92 24.62
N THR F 28 4.20 -32.25 24.79
CA THR F 28 4.01 -32.82 26.13
C THR F 28 5.33 -33.23 26.79
N VAL F 29 6.45 -32.99 26.14
CA VAL F 29 7.74 -33.37 26.71
C VAL F 29 8.20 -32.37 27.76
N GLN F 30 8.90 -32.86 28.78
CA GLN F 30 9.39 -31.99 29.86
C GLN F 30 10.69 -31.32 29.43
N LEU F 31 10.78 -30.02 29.70
CA LEU F 31 11.95 -29.23 29.34
C LEU F 31 12.64 -28.65 30.57
N ARG F 32 13.92 -28.34 30.41
CA ARG F 32 14.70 -27.74 31.49
C ARG F 32 14.16 -26.34 31.80
N GLU F 33 14.19 -25.96 33.08
CA GLU F 33 13.69 -24.66 33.51
C GLU F 33 14.53 -23.51 32.94
N GLY F 34 13.88 -22.38 32.66
CA GLY F 34 14.57 -21.21 32.12
C GLY F 34 14.33 -21.09 30.61
N TYR F 35 13.48 -21.96 30.07
CA TYR F 35 13.18 -21.95 28.65
C TYR F 35 11.68 -21.84 28.42
N GLY F 36 11.30 -21.44 27.22
CA GLY F 36 9.88 -21.30 26.88
C GLY F 36 9.34 -22.52 26.15
N ARG F 37 8.03 -22.47 25.89
CA ARG F 37 7.32 -23.54 25.18
C ARG F 37 6.82 -23.00 23.85
N ILE F 38 6.83 -23.82 22.82
CA ILE F 38 6.43 -23.33 21.49
C ILE F 38 4.91 -23.32 21.34
N PRO F 39 4.35 -22.22 20.84
CA PRO F 39 2.88 -22.07 20.64
C PRO F 39 2.27 -23.25 19.89
N ARG F 40 1.13 -23.72 20.39
CA ARG F 40 0.45 -24.85 19.78
C ARG F 40 0.01 -24.56 18.36
N GLY F 41 -0.62 -23.41 18.15
CA GLY F 41 -1.13 -23.05 16.83
C GLY F 41 -0.07 -23.10 15.72
N ALA F 42 1.10 -22.55 15.98
CA ALA F 42 2.15 -22.53 14.98
C ALA F 42 2.66 -23.94 14.63
N LEU F 43 2.91 -24.74 15.66
CA LEU F 43 3.44 -26.08 15.45
C LEU F 43 2.55 -26.93 14.54
N LEU F 44 1.23 -26.81 14.68
CA LEU F 44 0.31 -27.63 13.89
C LEU F 44 0.44 -27.43 12.39
N GLN F 45 0.77 -26.22 11.93
CA GLN F 45 0.86 -25.96 10.48
C GLN F 45 2.30 -25.85 9.96
N MET F 46 3.30 -26.06 10.81
CA MET F 46 4.70 -25.92 10.39
C MET F 46 5.17 -27.06 9.50
N ASP F 47 6.26 -26.78 8.77
CA ASP F 47 6.88 -27.75 7.87
C ASP F 47 8.16 -28.31 8.50
N ALA F 48 8.65 -29.41 7.94
CA ALA F 48 9.85 -30.05 8.48
C ALA F 48 11.07 -29.11 8.43
N ILE F 49 11.26 -28.43 7.31
CA ILE F 49 12.42 -27.52 7.20
C ILE F 49 12.28 -26.36 8.17
N ASP F 50 11.10 -25.75 8.18
CA ASP F 50 10.84 -24.60 9.06
C ASP F 50 11.04 -24.98 10.51
N LEU F 51 10.56 -26.16 10.87
CA LEU F 51 10.67 -26.65 12.23
C LEU F 51 12.13 -26.68 12.67
N THR F 52 13.00 -26.99 11.73
CA THR F 52 14.42 -27.06 12.03
C THR F 52 14.96 -25.73 12.52
N ASP F 53 14.69 -24.68 11.77
CA ASP F 53 15.19 -23.35 12.14
C ASP F 53 14.64 -22.89 13.48
N LYS F 54 13.33 -23.00 13.67
CA LYS F 54 12.71 -22.56 14.90
C LYS F 54 13.16 -23.40 16.09
N LEU F 55 13.29 -24.71 15.89
CA LEU F 55 13.69 -25.60 16.98
C LEU F 55 14.98 -25.09 17.63
N VAL F 56 15.96 -24.78 16.81
CA VAL F 56 17.21 -24.28 17.35
C VAL F 56 17.04 -22.87 17.90
N SER F 57 16.17 -22.09 17.28
CA SER F 57 15.96 -20.70 17.70
C SER F 57 15.62 -20.58 19.18
N TYR F 58 14.76 -21.47 19.67
CA TYR F 58 14.35 -21.42 21.08
C TYR F 58 15.40 -22.01 22.02
N TYR F 59 16.06 -23.08 21.59
CA TYR F 59 17.05 -23.73 22.45
C TYR F 59 18.45 -23.59 21.87
N LEU F 60 19.44 -23.47 22.75
CA LEU F 60 20.81 -23.34 22.29
C LEU F 60 21.22 -24.58 21.51
N GLU F 61 22.20 -24.42 20.64
CA GLU F 61 22.65 -25.53 19.82
C GLU F 61 23.11 -26.72 20.66
N SER F 62 23.87 -26.44 21.72
CA SER F 62 24.37 -27.52 22.56
C SER F 62 23.22 -28.26 23.25
N TYR F 63 22.43 -27.53 24.02
CA TYR F 63 21.32 -28.13 24.73
C TYR F 63 20.21 -28.54 23.77
N GLY F 64 19.97 -27.72 22.76
CA GLY F 64 18.92 -28.01 21.79
C GLY F 64 19.16 -29.34 21.07
N LEU F 65 20.42 -29.59 20.72
CA LEU F 65 20.77 -30.82 20.01
C LEU F 65 20.50 -32.06 20.88
N GLU F 66 20.85 -31.97 22.16
CA GLU F 66 20.64 -33.08 23.08
C GLU F 66 19.15 -33.35 23.31
N LEU F 67 18.38 -32.28 23.41
CA LEU F 67 16.95 -32.39 23.67
C LEU F 67 16.25 -33.23 22.58
N THR F 68 16.72 -33.10 21.35
CA THR F 68 16.11 -33.83 20.25
C THR F 68 16.20 -35.34 20.46
N MET F 69 17.40 -35.82 20.75
CA MET F 69 17.61 -37.25 20.94
C MET F 69 16.70 -37.80 22.02
N THR F 70 16.53 -37.03 23.08
CA THR F 70 15.69 -37.48 24.18
C THR F 70 14.30 -37.86 23.68
N VAL F 71 13.78 -37.09 22.73
CA VAL F 71 12.46 -37.35 22.17
C VAL F 71 12.48 -38.51 21.17
N LEU F 72 13.54 -38.61 20.35
CA LEU F 72 13.64 -39.69 19.37
C LEU F 72 13.60 -41.05 20.06
N ARG F 73 14.35 -41.19 21.12
CA ARG F 73 14.32 -42.45 21.80
C ARG F 73 12.94 -42.71 22.37
N ASP F 74 12.30 -41.67 22.89
CA ASP F 74 10.98 -41.83 23.51
C ASP F 74 9.97 -42.49 22.56
N MET F 75 10.00 -42.11 21.28
CA MET F 75 9.10 -42.70 20.30
C MET F 75 9.57 -44.10 19.96
N GLY F 76 10.61 -44.52 20.68
CA GLY F 76 11.21 -45.83 20.47
C GLY F 76 12.64 -45.64 20.00
N LEU F 77 13.50 -46.63 20.24
CA LEU F 77 14.88 -46.50 19.82
C LEU F 77 14.98 -46.62 18.32
N GLN F 78 15.48 -45.56 17.70
CA GLN F 78 15.62 -45.54 16.25
C GLN F 78 17.10 -45.50 15.90
N GLU F 79 17.44 -46.01 14.74
CA GLU F 79 18.83 -45.98 14.32
C GLU F 79 19.26 -44.52 14.24
N LEU F 80 18.29 -43.65 13.95
CA LEU F 80 18.55 -42.22 13.84
C LEU F 80 19.15 -41.66 15.11
N ALA F 81 18.58 -42.01 16.25
CA ALA F 81 19.09 -41.51 17.52
C ALA F 81 20.58 -41.77 17.62
N GLU F 82 20.99 -42.98 17.26
CA GLU F 82 22.40 -43.32 17.31
C GLU F 82 23.17 -42.57 16.24
N GLN F 83 22.64 -42.55 15.02
CA GLN F 83 23.30 -41.86 13.92
C GLN F 83 23.54 -40.41 14.25
N LEU F 84 22.53 -39.77 14.81
CA LEU F 84 22.63 -38.37 15.17
C LEU F 84 23.66 -38.17 16.29
N GLN F 85 23.67 -39.08 17.26
CA GLN F 85 24.59 -38.96 18.38
C GLN F 85 26.04 -38.87 17.88
N THR F 86 26.35 -39.60 16.82
CA THR F 86 27.69 -39.57 16.26
C THR F 86 28.12 -38.14 15.99
N THR F 87 27.14 -37.31 15.61
CA THR F 87 27.43 -35.91 15.33
C THR F 87 27.88 -35.18 16.59
N LYS F 88 27.32 -35.58 17.75
CA LYS F 88 27.68 -34.95 19.01
C LYS F 88 29.18 -34.99 19.22
N GLU F 89 29.77 -36.16 18.99
CA GLU F 89 31.21 -36.31 19.15
C GLU F 89 31.93 -35.48 18.08
N GLY G 1 27.71 -7.51 -16.80
CA GLY G 1 28.32 -8.82 -16.65
C GLY G 1 27.28 -9.93 -16.84
N ARG G 2 27.56 -10.83 -17.77
CA ARG G 2 26.64 -11.94 -18.04
C ARG G 2 26.47 -12.82 -16.80
N ALA G 3 27.34 -12.64 -15.82
CA ALA G 3 27.28 -13.44 -14.60
C ALA G 3 25.88 -13.38 -13.98
N ARG G 4 25.30 -12.20 -13.87
CA ARG G 4 23.97 -12.07 -13.29
C ARG G 4 22.97 -12.89 -14.09
N ASP G 5 23.01 -12.75 -15.40
CA ASP G 5 22.10 -13.46 -16.28
C ASP G 5 22.26 -14.97 -16.18
N ALA G 6 23.49 -15.44 -16.04
CA ALA G 6 23.73 -16.88 -15.97
C ALA G 6 23.07 -17.50 -14.73
N ILE G 7 23.35 -16.94 -13.57
CA ILE G 7 22.79 -17.48 -12.33
C ILE G 7 21.27 -17.47 -12.40
N LEU G 8 20.72 -16.35 -12.84
CA LEU G 8 19.28 -16.21 -12.91
C LEU G 8 18.63 -17.37 -13.64
N ASP G 9 19.11 -17.66 -14.83
CA ASP G 9 18.52 -18.75 -15.63
C ASP G 9 18.54 -20.08 -14.90
N ALA G 10 19.66 -20.42 -14.29
CA ALA G 10 19.78 -21.70 -13.59
C ALA G 10 18.99 -21.74 -12.29
N LEU G 11 19.01 -20.67 -11.52
CA LEU G 11 18.31 -20.65 -10.23
C LEU G 11 16.81 -20.83 -10.40
N GLU G 12 16.26 -20.23 -11.45
CA GLU G 12 14.81 -20.28 -11.72
C GLU G 12 14.32 -21.71 -12.04
N ASN G 13 15.23 -22.63 -12.36
CA ASN G 13 14.84 -24.00 -12.71
C ASN G 13 14.63 -24.88 -11.47
N LEU G 14 14.66 -24.29 -10.28
CA LEU G 14 14.45 -25.07 -9.05
C LEU G 14 12.98 -25.07 -8.66
N SER G 15 12.53 -26.17 -8.07
CA SER G 15 11.13 -26.26 -7.65
C SER G 15 10.88 -25.36 -6.45
N GLY G 16 9.62 -25.08 -6.16
CA GLY G 16 9.25 -24.20 -5.06
C GLY G 16 9.79 -24.67 -3.71
N ASP G 17 9.73 -25.97 -3.44
CA ASP G 17 10.19 -26.48 -2.14
C ASP G 17 11.70 -26.37 -1.95
N GLU G 18 12.47 -26.82 -2.93
CA GLU G 18 13.92 -26.77 -2.82
C GLU G 18 14.39 -25.34 -2.61
N LEU G 19 13.67 -24.41 -3.21
CA LEU G 19 14.01 -23.01 -3.07
C LEU G 19 14.13 -22.65 -1.60
N LYS G 20 13.15 -23.09 -0.81
CA LYS G 20 13.18 -22.79 0.60
C LYS G 20 14.42 -23.40 1.19
N LYS G 21 14.73 -24.61 0.78
CA LYS G 21 15.90 -25.30 1.31
C LYS G 21 17.15 -24.54 0.96
N PHE G 22 17.20 -24.01 -0.25
CA PHE G 22 18.38 -23.28 -0.67
C PHE G 22 18.59 -22.01 0.15
N LYS G 23 17.56 -21.16 0.18
CA LYS G 23 17.66 -19.90 0.90
C LYS G 23 18.03 -20.10 2.37
N MET G 24 17.29 -20.99 3.03
CA MET G 24 17.53 -21.26 4.43
C MET G 24 18.93 -21.81 4.68
N LYS G 25 19.37 -22.73 3.83
CA LYS G 25 20.70 -23.32 4.02
C LYS G 25 21.79 -22.27 3.85
N LEU G 26 21.55 -21.32 2.96
CA LEU G 26 22.52 -20.26 2.69
C LEU G 26 22.87 -19.50 3.97
N LEU G 27 21.88 -19.31 4.81
CA LEU G 27 22.07 -18.59 6.05
C LEU G 27 23.10 -19.29 6.95
N THR G 28 23.14 -20.62 6.90
CA THR G 28 24.04 -21.39 7.76
C THR G 28 25.35 -21.77 7.05
N VAL G 29 25.53 -21.33 5.81
CA VAL G 29 26.75 -21.67 5.08
C VAL G 29 27.90 -20.78 5.51
N GLN G 30 29.12 -21.34 5.48
CA GLN G 30 30.31 -20.57 5.86
C GLN G 30 30.80 -19.73 4.69
N LEU G 31 31.14 -18.48 4.98
CA LEU G 31 31.60 -17.54 3.96
C LEU G 31 33.02 -17.06 4.23
N ARG G 32 33.69 -16.62 3.18
CA ARG G 32 35.04 -16.10 3.30
C ARG G 32 35.04 -14.81 4.13
N GLU G 33 36.09 -14.62 4.92
CA GLU G 33 36.18 -13.42 5.78
C GLU G 33 36.30 -12.14 4.95
N GLY G 34 35.74 -11.05 5.48
CA GLY G 34 35.79 -9.76 4.79
C GLY G 34 34.47 -9.45 4.10
N TYR G 35 33.48 -10.32 4.31
CA TYR G 35 32.16 -10.15 3.70
C TYR G 35 31.07 -10.15 4.77
N GLY G 36 29.91 -9.64 4.42
CA GLY G 36 28.79 -9.57 5.35
C GLY G 36 27.81 -10.73 5.16
N ARG G 37 26.82 -10.77 6.03
CA ARG G 37 25.78 -11.79 6.01
C ARG G 37 24.44 -11.13 5.69
N ILE G 38 23.59 -11.81 4.94
CA ILE G 38 22.32 -11.19 4.55
C ILE G 38 21.27 -11.30 5.66
N PRO G 39 20.60 -10.20 5.98
CA PRO G 39 19.54 -10.16 7.04
C PRO G 39 18.52 -11.27 6.89
N ARG G 40 18.21 -11.91 8.01
CA ARG G 40 17.26 -13.02 8.01
C ARG G 40 15.86 -12.57 7.56
N GLY G 41 15.38 -11.47 8.10
CA GLY G 41 14.04 -10.98 7.78
C GLY G 41 13.80 -10.78 6.28
N ALA G 42 14.75 -10.17 5.59
CA ALA G 42 14.60 -9.93 4.16
C ALA G 42 14.56 -11.22 3.34
N LEU G 43 15.48 -12.12 3.63
CA LEU G 43 15.58 -13.37 2.90
C LEU G 43 14.27 -14.17 2.91
N LEU G 44 13.59 -14.19 4.06
CA LEU G 44 12.36 -14.98 4.19
C LEU G 44 11.26 -14.58 3.22
N GLN G 45 11.16 -13.29 2.87
CA GLN G 45 10.08 -12.83 1.98
C GLN G 45 10.55 -12.51 0.55
N MET G 46 11.82 -12.75 0.24
CA MET G 46 12.34 -12.42 -1.10
C MET G 46 11.86 -13.38 -2.18
N ASP G 47 11.96 -12.91 -3.43
CA ASP G 47 11.58 -13.69 -4.60
C ASP G 47 12.82 -14.21 -5.32
N ALA G 48 12.63 -15.19 -6.20
CA ALA G 48 13.75 -15.77 -6.93
C ALA G 48 14.50 -14.73 -7.78
N ILE G 49 13.76 -13.88 -8.50
CA ILE G 49 14.43 -12.87 -9.33
C ILE G 49 15.17 -11.87 -8.47
N ASP G 50 14.50 -11.37 -7.44
CA ASP G 50 15.08 -10.39 -6.53
C ASP G 50 16.35 -10.93 -5.88
N LEU G 51 16.27 -12.18 -5.47
CA LEU G 51 17.39 -12.84 -4.82
C LEU G 51 18.63 -12.79 -5.70
N THR G 52 18.41 -12.90 -7.01
CA THR G 52 19.50 -12.88 -7.97
C THR G 52 20.28 -11.58 -7.89
N ASP G 53 19.58 -10.47 -7.96
CA ASP G 53 20.22 -9.16 -7.93
C ASP G 53 20.99 -8.94 -6.62
N LYS G 54 20.33 -9.18 -5.51
CA LYS G 54 20.96 -8.97 -4.21
C LYS G 54 22.13 -9.92 -3.98
N LEU G 55 21.98 -11.17 -4.41
CA LEU G 55 23.05 -12.15 -4.21
C LEU G 55 24.37 -11.63 -4.76
N VAL G 56 24.34 -11.12 -5.97
CA VAL G 56 25.55 -10.58 -6.56
C VAL G 56 25.95 -9.28 -5.89
N SER G 57 24.96 -8.50 -5.45
CA SER G 57 25.24 -7.22 -4.82
C SER G 57 26.21 -7.33 -3.65
N TYR G 58 26.03 -8.35 -2.82
CA TYR G 58 26.91 -8.51 -1.65
C TYR G 58 28.26 -9.13 -2.00
N TYR G 59 28.28 -10.07 -2.94
CA TYR G 59 29.52 -10.74 -3.32
C TYR G 59 29.91 -10.40 -4.74
N LEU G 60 31.22 -10.30 -4.99
CA LEU G 60 31.70 -9.98 -6.32
C LEU G 60 31.27 -11.06 -7.30
N GLU G 61 31.17 -10.70 -8.57
CA GLU G 61 30.74 -11.65 -9.57
C GLU G 61 31.64 -12.89 -9.62
N SER G 62 32.94 -12.69 -9.54
CA SER G 62 33.87 -13.82 -9.60
C SER G 62 33.68 -14.74 -8.41
N TYR G 63 33.83 -14.20 -7.21
CA TYR G 63 33.70 -14.99 -6.00
C TYR G 63 32.24 -15.37 -5.75
N GLY G 64 31.33 -14.45 -6.05
CA GLY G 64 29.92 -14.70 -5.84
C GLY G 64 29.43 -15.89 -6.66
N LEU G 65 29.90 -15.97 -7.90
CA LEU G 65 29.49 -17.07 -8.78
C LEU G 65 29.95 -18.42 -8.25
N GLU G 66 31.18 -18.47 -7.75
CA GLU G 66 31.72 -19.72 -7.21
C GLU G 66 30.99 -20.15 -5.94
N LEU G 67 30.65 -19.18 -5.11
CA LEU G 67 29.98 -19.46 -3.84
C LEU G 67 28.66 -20.20 -4.08
N THR G 68 27.97 -19.86 -5.15
CA THR G 68 26.70 -20.49 -5.44
C THR G 68 26.85 -22.00 -5.61
N MET G 69 27.79 -22.41 -6.46
CA MET G 69 27.98 -23.83 -6.72
C MET G 69 28.26 -24.59 -5.45
N THR G 70 29.03 -23.99 -4.57
CA THR G 70 29.37 -24.66 -3.33
C THR G 70 28.11 -25.10 -2.59
N VAL G 71 27.08 -24.24 -2.63
CA VAL G 71 25.82 -24.56 -1.96
C VAL G 71 24.98 -25.57 -2.75
N LEU G 72 24.98 -25.46 -4.08
CA LEU G 72 24.20 -26.39 -4.91
C LEU G 72 24.65 -27.83 -4.69
N ARG G 73 25.95 -28.04 -4.65
CA ARG G 73 26.40 -29.38 -4.43
C ARG G 73 25.99 -29.83 -3.03
N ASP G 74 26.07 -28.93 -2.06
CA ASP G 74 25.75 -29.29 -0.67
C ASP G 74 24.35 -29.91 -0.55
N MET G 75 23.38 -29.37 -1.27
CA MET G 75 22.02 -29.89 -1.25
C MET G 75 21.97 -31.20 -2.03
N GLY G 76 23.15 -31.61 -2.49
CA GLY G 76 23.29 -32.81 -3.28
C GLY G 76 23.80 -32.43 -4.67
N LEU G 77 24.46 -33.36 -5.34
CA LEU G 77 24.98 -33.05 -6.67
C LEU G 77 23.83 -32.96 -7.66
N GLN G 78 23.70 -31.79 -8.25
CA GLN G 78 22.64 -31.57 -9.23
C GLN G 78 23.26 -31.34 -10.60
N GLU G 79 22.53 -31.66 -11.64
CA GLU G 79 23.04 -31.44 -12.97
C GLU G 79 23.31 -29.95 -13.14
N LEU G 80 22.54 -29.15 -12.42
CA LEU G 80 22.68 -27.70 -12.47
C LEU G 80 24.08 -27.26 -12.10
N ALA G 81 24.62 -27.81 -11.01
CA ALA G 81 25.95 -27.43 -10.59
C ALA G 81 26.93 -27.57 -11.75
N GLU G 82 26.83 -28.67 -12.47
CA GLU G 82 27.71 -28.89 -13.60
C GLU G 82 27.37 -27.93 -14.73
N GLN G 83 26.08 -27.80 -15.04
CA GLN G 83 25.65 -26.92 -16.12
C GLN G 83 26.13 -25.51 -15.88
N LEU G 84 26.00 -25.05 -14.65
CA LEU G 84 26.41 -23.70 -14.31
C LEU G 84 27.93 -23.55 -14.41
N GLN G 85 28.66 -24.58 -13.98
CA GLN G 85 30.12 -24.52 -14.04
C GLN G 85 30.60 -24.24 -15.45
N THR G 86 29.91 -24.79 -16.43
CA THR G 86 30.30 -24.57 -17.82
C THR G 86 30.40 -23.08 -18.10
N THR G 87 29.55 -22.30 -17.44
CA THR G 87 29.57 -20.86 -17.61
C THR G 87 30.89 -20.26 -17.10
N LYS G 88 31.44 -20.87 -16.04
CA LYS G 88 32.69 -20.37 -15.46
C LYS G 88 33.77 -20.31 -16.54
N GLU G 89 33.89 -21.37 -17.31
CA GLU G 89 34.87 -21.40 -18.39
C GLU G 89 34.51 -20.38 -19.45
N GLY H 1 5.73 11.40 -32.68
CA GLY H 1 6.16 10.13 -33.26
C GLY H 1 5.33 8.97 -32.73
N ARG H 2 4.72 8.22 -33.64
CA ARG H 2 3.89 7.09 -33.26
C ARG H 2 4.72 6.05 -32.50
N ALA H 3 6.04 6.17 -32.58
CA ALA H 3 6.93 5.22 -31.91
C ALA H 3 6.57 5.06 -30.43
N ARG H 4 6.35 6.17 -29.75
CA ARG H 4 6.00 6.10 -28.33
C ARG H 4 4.72 5.31 -28.14
N ASP H 5 3.72 5.62 -28.95
CA ASP H 5 2.43 4.94 -28.86
C ASP H 5 2.53 3.46 -29.15
N ALA H 6 3.38 3.09 -30.10
CA ALA H 6 3.51 1.67 -30.47
C ALA H 6 4.06 0.84 -29.31
N ILE H 7 5.18 1.26 -28.74
CA ILE H 7 5.78 0.53 -27.64
C ILE H 7 4.80 0.41 -26.49
N LEU H 8 4.18 1.52 -26.15
CA LEU H 8 3.24 1.55 -25.04
C LEU H 8 2.21 0.42 -25.14
N ASP H 9 1.54 0.34 -26.27
CA ASP H 9 0.50 -0.68 -26.44
C ASP H 9 1.02 -2.10 -26.22
N ALA H 10 2.18 -2.40 -26.79
CA ALA H 10 2.73 -3.75 -26.67
C ALA H 10 3.28 -4.03 -25.27
N LEU H 11 3.96 -3.06 -24.67
CA LEU H 11 4.55 -3.27 -23.35
C LEU H 11 3.48 -3.57 -22.29
N GLU H 12 2.34 -2.88 -22.39
CA GLU H 12 1.25 -3.05 -21.42
C GLU H 12 0.62 -4.45 -21.45
N ASN H 13 0.89 -5.23 -22.49
CA ASN H 13 0.31 -6.59 -22.60
C ASN H 13 1.11 -7.64 -21.82
N LEU H 14 2.09 -7.20 -21.05
CA LEU H 14 2.90 -8.14 -20.27
C LEU H 14 2.30 -8.33 -18.88
N SER H 15 2.45 -9.53 -18.33
CA SER H 15 1.93 -9.81 -16.99
C SER H 15 2.77 -9.09 -15.95
N GLY H 16 2.23 -8.98 -14.74
CA GLY H 16 2.92 -8.29 -13.65
C GLY H 16 4.29 -8.88 -13.33
N ASP H 17 4.41 -10.20 -13.32
CA ASP H 17 5.69 -10.82 -12.99
C ASP H 17 6.77 -10.60 -14.05
N GLU H 18 6.45 -10.86 -15.31
CA GLU H 18 7.42 -10.69 -16.38
C GLU H 18 7.94 -9.27 -16.40
N LEU H 19 7.07 -8.33 -16.05
CA LEU H 19 7.45 -6.94 -16.03
C LEU H 19 8.71 -6.77 -15.18
N LYS H 20 8.71 -7.38 -14.00
CA LYS H 20 9.86 -7.27 -13.15
C LYS H 20 11.06 -7.83 -13.85
N LYS H 21 10.86 -8.96 -14.52
CA LYS H 21 11.95 -9.60 -15.23
C LYS H 21 12.49 -8.69 -16.31
N PHE H 22 11.59 -8.00 -16.99
CA PHE H 22 12.01 -7.11 -18.07
C PHE H 22 12.84 -5.95 -17.54
N LYS H 23 12.29 -5.21 -16.60
CA LYS H 23 12.98 -4.05 -16.05
C LYS H 23 14.35 -4.41 -15.48
N MET H 24 14.38 -5.44 -14.65
CA MET H 24 15.63 -5.87 -14.03
C MET H 24 16.64 -6.32 -15.08
N LYS H 25 16.21 -7.08 -16.07
CA LYS H 25 17.12 -7.56 -17.09
C LYS H 25 17.72 -6.41 -17.89
N LEU H 26 16.92 -5.37 -18.09
CA LEU H 26 17.35 -4.20 -18.85
C LEU H 26 18.60 -3.59 -18.24
N LEU H 27 18.66 -3.60 -16.93
CA LEU H 27 19.81 -3.04 -16.23
C LEU H 27 21.11 -3.75 -16.60
N THR H 28 21.02 -5.06 -16.86
CA THR H 28 22.22 -5.84 -17.18
C THR H 28 22.45 -6.00 -18.69
N VAL H 29 21.60 -5.40 -19.51
CA VAL H 29 21.75 -5.53 -20.95
C VAL H 29 22.83 -4.59 -21.47
N GLN H 30 23.53 -5.03 -22.53
CA GLN H 30 24.59 -4.22 -23.12
C GLN H 30 24.01 -3.19 -24.09
N LEU H 31 24.51 -1.96 -23.99
CA LEU H 31 24.03 -0.87 -24.82
C LEU H 31 25.14 -0.30 -25.70
N ARG H 32 24.74 0.34 -26.79
CA ARG H 32 25.68 0.95 -27.70
C ARG H 32 26.40 2.12 -27.01
N GLU H 33 27.68 2.30 -27.32
CA GLU H 33 28.46 3.38 -26.71
C GLU H 33 27.94 4.76 -27.12
N GLY H 34 28.08 5.72 -26.19
CA GLY H 34 27.63 7.09 -26.44
C GLY H 34 26.28 7.36 -25.77
N TYR H 35 25.80 6.39 -24.99
CA TYR H 35 24.52 6.52 -24.30
C TYR H 35 24.70 6.28 -22.81
N GLY H 36 23.74 6.74 -22.02
CA GLY H 36 23.79 6.57 -20.57
C GLY H 36 22.99 5.36 -20.10
N ARG H 37 23.07 5.11 -18.79
CA ARG H 37 22.36 4.01 -18.14
C ARG H 37 21.33 4.59 -17.18
N ILE H 38 20.18 3.94 -17.06
CA ILE H 38 19.13 4.50 -16.21
C ILE H 38 19.36 4.15 -14.73
N PRO H 39 19.25 5.14 -13.85
CA PRO H 39 19.45 4.94 -12.38
C PRO H 39 18.66 3.76 -11.83
N ARG H 40 19.31 2.96 -11.01
CA ARG H 40 18.68 1.78 -10.42
C ARG H 40 17.49 2.15 -9.55
N GLY H 41 17.68 3.13 -8.67
CA GLY H 41 16.63 3.53 -7.73
C GLY H 41 15.31 3.89 -8.42
N ALA H 42 15.38 4.67 -9.48
CA ALA H 42 14.16 5.09 -10.18
C ALA H 42 13.43 3.93 -10.83
N LEU H 43 14.18 3.07 -11.52
CA LEU H 43 13.59 1.94 -12.23
C LEU H 43 12.77 1.03 -11.31
N LEU H 44 13.25 0.80 -10.09
CA LEU H 44 12.57 -0.11 -9.16
C LEU H 44 11.15 0.32 -8.82
N GLN H 45 10.88 1.63 -8.75
CA GLN H 45 9.53 2.11 -8.37
C GLN H 45 8.70 2.64 -9.54
N MET H 46 9.23 2.57 -10.77
CA MET H 46 8.51 3.10 -11.92
C MET H 46 7.31 2.25 -12.35
N ASP H 47 6.41 2.89 -13.11
CA ASP H 47 5.22 2.25 -13.62
C ASP H 47 5.39 1.94 -15.11
N ALA H 48 4.52 1.07 -15.64
CA ALA H 48 4.61 0.70 -17.05
C ALA H 48 4.44 1.90 -17.98
N ILE H 49 3.47 2.77 -17.70
CA ILE H 49 3.26 3.93 -18.58
C ILE H 49 4.45 4.88 -18.49
N ASP H 50 4.87 5.17 -17.26
CA ASP H 50 5.99 6.08 -17.04
C ASP H 50 7.25 5.57 -17.72
N LEU H 51 7.47 4.27 -17.60
CA LEU H 51 8.64 3.64 -18.20
C LEU H 51 8.69 3.91 -19.70
N THR H 52 7.52 3.96 -20.32
CA THR H 52 7.44 4.20 -21.74
C THR H 52 8.04 5.55 -22.11
N ASP H 53 7.60 6.59 -21.43
CA ASP H 53 8.09 7.94 -21.73
C ASP H 53 9.60 8.06 -21.52
N LYS H 54 10.07 7.61 -20.36
CA LYS H 54 11.49 7.70 -20.06
C LYS H 54 12.33 6.84 -20.98
N LEU H 55 11.85 5.64 -21.30
CA LEU H 55 12.61 4.75 -22.17
C LEU H 55 13.01 5.45 -23.46
N VAL H 56 12.06 6.12 -24.08
CA VAL H 56 12.35 6.84 -25.31
C VAL H 56 13.19 8.07 -25.03
N SER H 57 12.98 8.69 -23.88
CA SER H 57 13.71 9.90 -23.51
C SER H 57 15.22 9.72 -23.59
N TYR H 58 15.72 8.60 -23.11
CA TYR H 58 17.16 8.35 -23.12
C TYR H 58 17.68 7.91 -24.50
N TYR H 59 16.91 7.11 -25.21
CA TYR H 59 17.34 6.61 -26.51
C TYR H 59 16.47 7.17 -27.63
N LEU H 60 17.07 7.42 -28.78
CA LEU H 60 16.34 7.96 -29.91
C LEU H 60 15.26 6.97 -30.32
N GLU H 61 14.20 7.48 -30.95
CA GLU H 61 13.09 6.64 -31.36
C GLU H 61 13.55 5.50 -32.28
N SER H 62 14.41 5.81 -33.23
CA SER H 62 14.88 4.79 -34.16
C SER H 62 15.67 3.70 -33.43
N TYR H 63 16.74 4.10 -32.77
CA TYR H 63 17.57 3.15 -32.05
C TYR H 63 16.85 2.60 -30.82
N GLY H 64 16.11 3.47 -30.14
CA GLY H 64 15.40 3.06 -28.93
C GLY H 64 14.38 1.96 -29.23
N LEU H 65 13.70 2.07 -30.35
CA LEU H 65 12.70 1.08 -30.73
C LEU H 65 13.33 -0.29 -30.96
N GLU H 66 14.47 -0.29 -31.65
CA GLU H 66 15.18 -1.55 -31.93
C GLU H 66 15.71 -2.21 -30.66
N LEU H 67 16.21 -1.39 -29.75
CA LEU H 67 16.78 -1.89 -28.51
C LEU H 67 15.76 -2.71 -27.71
N THR H 68 14.50 -2.30 -27.78
CA THR H 68 13.47 -2.99 -27.04
C THR H 68 13.34 -4.45 -27.48
N MET H 69 13.23 -4.66 -28.79
CA MET H 69 13.07 -6.00 -29.32
C MET H 69 14.21 -6.90 -28.90
N THR H 70 15.40 -6.35 -28.89
CA THR H 70 16.56 -7.13 -28.50
C THR H 70 16.35 -7.78 -27.14
N VAL H 71 15.74 -7.03 -26.22
CA VAL H 71 15.48 -7.55 -24.88
C VAL H 71 14.29 -8.52 -24.84
N LEU H 72 13.25 -8.23 -25.63
CA LEU H 72 12.08 -9.11 -25.65
C LEU H 72 12.46 -10.52 -26.09
N ARG H 73 13.26 -10.62 -27.12
CA ARG H 73 13.65 -11.93 -27.54
C ARG H 73 14.48 -12.59 -26.45
N ASP H 74 15.35 -11.82 -25.80
CA ASP H 74 16.23 -12.38 -24.77
C ASP H 74 15.43 -13.14 -23.70
N MET H 75 14.30 -12.59 -23.28
CA MET H 75 13.47 -13.25 -22.27
C MET H 75 12.75 -14.43 -22.90
N GLY H 76 13.09 -14.67 -24.16
CA GLY H 76 12.49 -15.75 -24.93
C GLY H 76 11.72 -15.15 -26.10
N LEU H 77 11.55 -15.91 -27.16
CA LEU H 77 10.83 -15.40 -28.32
C LEU H 77 9.36 -15.27 -28.01
N GLN H 78 8.86 -14.05 -28.07
CA GLN H 78 7.45 -13.81 -27.80
C GLN H 78 6.76 -13.34 -29.07
N GLU H 79 5.47 -13.59 -29.17
CA GLU H 79 4.75 -13.15 -30.33
C GLU H 79 4.86 -11.63 -30.43
N LEU H 80 4.99 -11.01 -29.26
CA LEU H 80 5.10 -9.56 -29.17
C LEU H 80 6.28 -9.04 -30.00
N ALA H 81 7.43 -9.68 -29.85
CA ALA H 81 8.61 -9.24 -30.59
C ALA H 81 8.28 -9.14 -32.07
N GLU H 82 7.60 -10.14 -32.59
CA GLU H 82 7.24 -10.13 -34.00
C GLU H 82 6.18 -9.07 -34.26
N GLN H 83 5.15 -9.02 -33.41
CA GLN H 83 4.08 -8.05 -33.58
C GLN H 83 4.63 -6.63 -33.60
N LEU H 84 5.54 -6.35 -32.69
CA LEU H 84 6.13 -5.03 -32.62
C LEU H 84 6.98 -4.73 -33.85
N GLN H 85 7.71 -5.74 -34.32
CA GLN H 85 8.57 -5.54 -35.48
C GLN H 85 7.76 -5.03 -36.67
N THR H 86 6.53 -5.52 -36.81
CA THR H 86 5.68 -5.08 -37.91
C THR H 86 5.61 -3.56 -37.93
N THR H 87 5.65 -2.95 -36.75
CA THR H 87 5.60 -1.50 -36.65
C THR H 87 6.83 -0.87 -37.29
N LYS H 88 7.97 -1.55 -37.17
CA LYS H 88 9.22 -1.03 -37.74
C LYS H 88 9.03 -0.72 -39.22
N GLU H 89 8.44 -1.66 -39.94
CA GLU H 89 8.20 -1.47 -41.37
C GLU H 89 7.18 -0.35 -41.56
N GLY I 1 -19.25 30.22 -21.86
CA GLY I 1 -19.52 29.08 -22.75
C GLY I 1 -19.66 27.79 -21.94
N ARG I 2 -20.79 27.13 -22.12
CA ARG I 2 -21.04 25.87 -21.40
C ARG I 2 -20.00 24.82 -21.77
N ALA I 3 -19.25 25.07 -22.84
CA ALA I 3 -18.24 24.13 -23.29
C ALA I 3 -17.29 23.74 -22.14
N ARG I 4 -16.81 24.73 -21.40
CA ARG I 4 -15.91 24.43 -20.30
C ARG I 4 -16.58 23.51 -19.28
N ASP I 5 -17.81 23.84 -18.93
CA ASP I 5 -18.55 23.05 -17.96
C ASP I 5 -18.80 21.62 -18.44
N ALA I 6 -19.06 21.46 -19.74
CA ALA I 6 -19.34 20.12 -20.27
C ALA I 6 -18.14 19.19 -20.14
N ILE I 7 -16.99 19.64 -20.62
CA ILE I 7 -15.78 18.83 -20.55
C ILE I 7 -15.47 18.46 -19.10
N LEU I 8 -15.52 19.46 -18.24
CA LEU I 8 -15.21 19.25 -16.85
C LEU I 8 -15.97 18.07 -16.26
N ASP I 9 -17.29 18.08 -16.42
CA ASP I 9 -18.10 17.00 -15.85
C ASP I 9 -17.69 15.62 -16.35
N ALA I 10 -17.45 15.50 -17.65
CA ALA I 10 -17.08 14.20 -18.22
C ALA I 10 -15.65 13.78 -17.86
N LEU I 11 -14.72 14.71 -17.89
CA LEU I 11 -13.33 14.39 -17.61
C LEU I 11 -13.14 13.86 -16.18
N GLU I 12 -13.89 14.45 -15.23
CA GLU I 12 -13.79 14.07 -13.82
C GLU I 12 -14.27 12.62 -13.55
N ASN I 13 -14.98 12.01 -14.50
CA ASN I 13 -15.47 10.64 -14.32
C ASN I 13 -14.42 9.58 -14.65
N LEU I 14 -13.19 9.99 -14.90
CA LEU I 14 -12.13 9.03 -15.21
C LEU I 14 -11.40 8.61 -13.94
N SER I 15 -10.93 7.35 -13.91
CA SER I 15 -10.21 6.86 -12.75
C SER I 15 -8.84 7.50 -12.69
N GLY I 16 -8.20 7.41 -11.52
CA GLY I 16 -6.89 8.01 -11.32
C GLY I 16 -5.82 7.51 -12.30
N ASP I 17 -5.81 6.22 -12.59
CA ASP I 17 -4.80 5.66 -13.49
C ASP I 17 -4.97 6.12 -14.94
N GLU I 18 -6.19 6.00 -15.47
CA GLU I 18 -6.43 6.40 -16.86
C GLU I 18 -6.06 7.86 -17.06
N LEU I 19 -6.27 8.65 -16.03
CA LEU I 19 -5.94 10.06 -16.11
C LEU I 19 -4.50 10.23 -16.56
N LYS I 20 -3.60 9.46 -15.97
CA LYS I 20 -2.21 9.57 -16.35
C LYS I 20 -2.08 9.22 -17.79
N LYS I 21 -2.78 8.17 -18.21
CA LYS I 21 -2.72 7.74 -19.59
C LYS I 21 -3.20 8.82 -20.51
N PHE I 22 -4.24 9.51 -20.11
CA PHE I 22 -4.81 10.56 -20.94
C PHE I 22 -3.83 11.71 -21.11
N LYS I 23 -3.37 12.27 -20.00
CA LYS I 23 -2.46 13.42 -20.05
C LYS I 23 -1.20 13.10 -20.84
N MET I 24 -0.57 11.97 -20.53
CA MET I 24 0.65 11.59 -21.20
C MET I 24 0.42 11.37 -22.70
N LYS I 25 -0.67 10.72 -23.05
CA LYS I 25 -0.94 10.46 -24.46
C LYS I 25 -1.16 11.76 -25.23
N LEU I 26 -1.75 12.73 -24.56
CA LEU I 26 -2.03 14.02 -25.17
C LEU I 26 -0.76 14.66 -25.71
N LEU I 27 0.33 14.48 -24.99
CA LEU I 27 1.60 15.04 -25.39
C LEU I 27 2.05 14.51 -26.75
N THR I 28 1.73 13.25 -27.02
CA THR I 28 2.16 12.62 -28.28
C THR I 28 1.10 12.69 -29.38
N VAL I 29 -0.04 13.31 -29.10
CA VAL I 29 -1.10 13.39 -30.11
C VAL I 29 -0.80 14.48 -31.14
N GLN I 30 -1.24 14.24 -32.37
CA GLN I 30 -1.03 15.22 -33.45
C GLN I 30 -2.10 16.31 -33.40
N LEU I 31 -1.65 17.56 -33.54
CA LEU I 31 -2.54 18.70 -33.49
C LEU I 31 -2.54 19.48 -34.80
N ARG I 32 -3.61 20.22 -35.04
CA ARG I 32 -3.73 21.03 -36.24
C ARG I 32 -2.68 22.15 -36.22
N GLU I 33 -2.15 22.50 -37.39
CA GLU I 33 -1.13 23.54 -37.48
C GLU I 33 -1.69 24.92 -37.09
N GLY I 34 -0.83 25.75 -36.50
CA GLY I 34 -1.24 27.09 -36.10
C GLY I 34 -1.50 27.15 -34.59
N TYR I 35 -1.23 26.05 -33.90
CA TYR I 35 -1.45 25.97 -32.46
C TYR I 35 -0.17 25.55 -31.75
N GLY I 36 -0.11 25.81 -30.45
CA GLY I 36 1.07 25.46 -29.66
C GLY I 36 0.89 24.13 -28.92
N ARG I 37 1.96 23.72 -28.25
CA ARG I 37 2.00 22.50 -27.47
C ARG I 37 2.16 22.85 -26.01
N ILE I 38 1.53 22.08 -25.12
CA ILE I 38 1.59 22.41 -23.70
C ILE I 38 2.88 21.90 -23.05
N PRO I 39 3.56 22.74 -22.29
CA PRO I 39 4.85 22.38 -21.60
C PRO I 39 4.73 21.07 -20.83
N ARG I 40 5.75 20.23 -20.99
CA ARG I 40 5.76 18.93 -20.32
C ARG I 40 5.76 19.07 -18.79
N GLY I 41 6.63 19.94 -18.27
CA GLY I 41 6.75 20.12 -16.83
C GLY I 41 5.42 20.45 -16.14
N ALA I 42 4.66 21.36 -16.71
CA ALA I 42 3.39 21.76 -16.10
C ALA I 42 2.37 20.63 -16.08
N LEU I 43 2.22 19.95 -17.21
CA LEU I 43 1.26 18.87 -17.34
C LEU I 43 1.43 17.77 -16.29
N LEU I 44 2.69 17.43 -15.98
CA LEU I 44 2.96 16.36 -15.03
C LEU I 44 2.39 16.61 -13.63
N GLN I 45 2.35 17.86 -13.19
CA GLN I 45 1.85 18.16 -11.82
C GLN I 45 0.45 18.77 -11.79
N MET I 46 -0.20 18.91 -12.94
CA MET I 46 -1.53 19.52 -12.97
C MET I 46 -2.64 18.63 -12.41
N ASP I 47 -3.75 19.29 -12.06
CA ASP I 47 -4.92 18.61 -11.51
C ASP I 47 -6.02 18.52 -12.58
N ALA I 48 -7.00 17.65 -12.35
CA ALA I 48 -8.09 17.48 -13.30
C ALA I 48 -8.87 18.77 -13.54
N ILE I 49 -9.20 19.51 -12.48
CA ILE I 49 -9.94 20.75 -12.66
C ILE I 49 -9.11 21.78 -13.40
N ASP I 50 -7.86 21.94 -12.96
CA ASP I 50 -6.96 22.91 -13.57
C ASP I 50 -6.77 22.61 -15.06
N LEU I 51 -6.60 21.34 -15.36
CA LEU I 51 -6.40 20.90 -16.73
C LEU I 51 -7.54 21.37 -17.61
N THR I 52 -8.74 21.39 -17.05
CA THR I 52 -9.91 21.82 -17.80
C THR I 52 -9.78 23.25 -18.29
N ASP I 53 -9.44 24.15 -17.38
CA ASP I 53 -9.31 25.56 -17.74
C ASP I 53 -8.22 25.79 -18.78
N LYS I 54 -7.04 25.23 -18.55
CA LYS I 54 -5.93 25.41 -19.47
C LYS I 54 -6.19 24.75 -20.82
N LEU I 55 -6.82 23.58 -20.80
CA LEU I 55 -7.09 22.87 -22.05
C LEU I 55 -7.82 23.78 -23.03
N VAL I 56 -8.86 24.43 -22.55
CA VAL I 56 -9.62 25.33 -23.40
C VAL I 56 -8.82 26.58 -23.72
N SER I 57 -8.01 27.02 -22.77
CA SER I 57 -7.22 28.24 -22.94
C SER I 57 -6.37 28.21 -24.20
N TYR I 58 -5.75 27.08 -24.48
CA TYR I 58 -4.90 26.97 -25.67
C TYR I 58 -5.69 26.76 -26.96
N TYR I 59 -6.76 26.00 -26.89
CA TYR I 59 -7.56 25.72 -28.09
C TYR I 59 -8.94 26.34 -27.98
N LEU I 60 -9.47 26.79 -29.11
CA LEU I 60 -10.80 27.40 -29.11
C LEU I 60 -11.83 26.39 -28.65
N GLU I 61 -12.94 26.89 -28.12
CA GLU I 61 -13.98 26.01 -27.62
C GLU I 61 -14.49 25.05 -28.70
N SER I 62 -14.70 25.55 -29.90
CA SER I 62 -15.21 24.71 -30.98
C SER I 62 -14.22 23.60 -31.33
N TYR I 63 -13.01 24.01 -31.71
CA TYR I 63 -11.99 23.05 -32.08
C TYR I 63 -11.48 22.29 -30.87
N GLY I 64 -11.35 22.99 -29.75
CA GLY I 64 -10.84 22.36 -28.53
C GLY I 64 -11.75 21.21 -28.08
N LEU I 65 -13.05 21.42 -28.18
CA LEU I 65 -14.00 20.39 -27.77
C LEU I 65 -13.88 19.13 -28.62
N GLU I 66 -13.73 19.32 -29.93
CA GLU I 66 -13.60 18.18 -30.84
C GLU I 66 -12.30 17.42 -30.61
N LEU I 67 -11.22 18.15 -30.34
CA LEU I 67 -9.92 17.54 -30.12
C LEU I 67 -9.95 16.53 -28.97
N THR I 68 -10.75 16.83 -27.95
CA THR I 68 -10.83 15.95 -26.80
C THR I 68 -11.33 14.57 -27.19
N MET I 69 -12.44 14.53 -27.90
CA MET I 69 -13.03 13.25 -28.30
C MET I 69 -12.05 12.41 -29.08
N THR I 70 -11.28 13.06 -29.94
CA THR I 70 -10.32 12.34 -30.74
C THR I 70 -9.39 11.50 -29.86
N VAL I 71 -9.01 12.06 -28.72
CA VAL I 71 -8.12 11.36 -27.80
C VAL I 71 -8.87 10.29 -26.98
N LEU I 72 -10.11 10.57 -26.58
CA LEU I 72 -10.88 9.61 -25.80
C LEU I 72 -11.08 8.31 -26.58
N ARG I 73 -11.40 8.42 -27.84
CA ARG I 73 -11.58 7.22 -28.60
C ARG I 73 -10.24 6.50 -28.71
N ASP I 74 -9.16 7.24 -28.88
CA ASP I 74 -7.83 6.63 -29.05
C ASP I 74 -7.50 5.67 -27.91
N MET I 75 -7.83 6.05 -26.67
CA MET I 75 -7.57 5.20 -25.52
C MET I 75 -8.56 4.05 -25.51
N GLY I 76 -9.37 4.01 -26.57
CA GLY I 76 -10.40 3.00 -26.70
C GLY I 76 -11.76 3.68 -26.71
N LEU I 77 -12.75 3.05 -27.32
CA LEU I 77 -14.08 3.66 -27.36
C LEU I 77 -14.72 3.59 -26.00
N GLN I 78 -15.02 4.76 -25.45
CA GLN I 78 -15.63 4.85 -24.14
C GLN I 78 -17.03 5.41 -24.28
N GLU I 79 -17.90 5.06 -23.36
CA GLU I 79 -19.25 5.58 -23.41
C GLU I 79 -19.18 7.10 -23.32
N LEU I 80 -18.14 7.58 -22.64
CA LEU I 80 -17.93 9.02 -22.46
C LEU I 80 -17.85 9.74 -23.80
N ALA I 81 -17.06 9.19 -24.72
CA ALA I 81 -16.91 9.82 -26.02
C ALA I 81 -18.28 10.09 -26.63
N GLU I 82 -19.16 9.11 -26.55
CA GLU I 82 -20.50 9.28 -27.09
C GLU I 82 -21.29 10.26 -26.26
N GLN I 83 -21.23 10.10 -24.94
CA GLN I 83 -21.97 11.00 -24.04
C GLN I 83 -21.58 12.45 -24.28
N LEU I 84 -20.29 12.69 -24.41
CA LEU I 84 -19.80 14.03 -24.63
C LEU I 84 -20.24 14.56 -25.99
N GLN I 85 -20.23 13.70 -27.00
CA GLN I 85 -20.62 14.12 -28.35
C GLN I 85 -22.03 14.71 -28.33
N THR I 86 -22.90 14.14 -27.52
CA THR I 86 -24.27 14.64 -27.43
C THR I 86 -24.26 16.13 -27.15
N THR I 87 -23.27 16.59 -26.39
CA THR I 87 -23.14 18.00 -26.07
C THR I 87 -22.87 18.82 -27.33
N LYS I 88 -22.12 18.24 -28.27
CA LYS I 88 -21.79 18.93 -29.51
C LYS I 88 -23.06 19.42 -30.19
N GLU I 89 -24.04 18.53 -30.31
CA GLU I 89 -25.30 18.89 -30.92
C GLU I 89 -26.02 19.93 -30.07
N GLY J 1 -25.02 45.04 7.08
CA GLY J 1 -25.93 44.00 6.60
C GLY J 1 -25.44 42.62 6.99
N ARG J 2 -26.30 41.88 7.68
CA ARG J 2 -25.96 40.52 8.12
C ARG J 2 -25.66 39.63 6.92
N ALA J 3 -26.04 40.08 5.73
CA ALA J 3 -25.83 39.29 4.52
C ALA J 3 -24.36 38.85 4.40
N ARG J 4 -23.43 39.77 4.61
CA ARG J 4 -22.02 39.42 4.53
C ARG J 4 -21.68 38.32 5.51
N ASP J 5 -22.13 38.48 6.73
CA ASP J 5 -21.85 37.51 7.78
C ASP J 5 -22.45 36.14 7.48
N ALA J 6 -23.64 36.12 6.89
CA ALA J 6 -24.29 34.86 6.59
C ALA J 6 -23.50 34.03 5.57
N ILE J 7 -23.16 34.64 4.45
CA ILE J 7 -22.42 33.93 3.42
C ILE J 7 -21.10 33.41 3.97
N LEU J 8 -20.40 34.28 4.69
CA LEU J 8 -19.11 33.92 5.24
C LEU J 8 -19.17 32.61 6.00
N ASP J 9 -20.10 32.51 6.95
CA ASP J 9 -20.20 31.31 7.77
C ASP J 9 -20.41 30.04 6.94
N ALA J 10 -21.30 30.11 5.96
CA ALA J 10 -21.59 28.94 5.13
C ALA J 10 -20.46 28.61 4.15
N LEU J 11 -19.86 29.62 3.54
CA LEU J 11 -18.81 29.38 2.57
C LEU J 11 -17.59 28.70 3.19
N GLU J 12 -17.27 29.09 4.43
CA GLU J 12 -16.11 28.52 5.14
C GLU J 12 -16.25 27.03 5.45
N ASN J 13 -17.47 26.49 5.35
CA ASN J 13 -17.69 25.07 5.65
C ASN J 13 -17.37 24.15 4.47
N LEU J 14 -16.79 24.70 3.40
CA LEU J 14 -16.45 23.88 2.24
C LEU J 14 -15.02 23.37 2.36
N SER J 15 -14.78 22.18 1.82
CA SER J 15 -13.44 21.59 1.87
C SER J 15 -12.51 22.35 0.92
N GLY J 16 -11.22 22.17 1.10
CA GLY J 16 -10.23 22.86 0.27
C GLY J 16 -10.38 22.58 -1.23
N ASP J 17 -10.66 21.34 -1.60
CA ASP J 17 -10.79 21.00 -3.02
C ASP J 17 -12.02 21.63 -3.68
N GLU J 18 -13.19 21.47 -3.06
CA GLU J 18 -14.41 22.02 -3.63
C GLU J 18 -14.28 23.53 -3.82
N LEU J 19 -13.55 24.16 -2.93
CA LEU J 19 -13.34 25.59 -3.02
C LEU J 19 -12.81 25.94 -4.40
N LYS J 20 -11.84 25.19 -4.87
CA LYS J 20 -11.28 25.46 -6.18
C LYS J 20 -12.37 25.32 -7.20
N LYS J 21 -13.19 24.28 -7.05
CA LYS J 21 -14.25 24.04 -7.98
C LYS J 21 -15.23 25.18 -7.99
N PHE J 22 -15.51 25.72 -6.82
CA PHE J 22 -16.45 26.81 -6.72
C PHE J 22 -15.95 28.06 -7.42
N LYS J 23 -14.74 28.51 -7.03
CA LYS J 23 -14.18 29.73 -7.61
C LYS J 23 -14.06 29.63 -9.13
N MET J 24 -13.48 28.54 -9.60
CA MET J 24 -13.30 28.35 -11.03
C MET J 24 -14.63 28.32 -11.77
N LYS J 25 -15.61 27.62 -11.22
CA LYS J 25 -16.91 27.52 -11.89
C LYS J 25 -17.59 28.88 -11.98
N LEU J 26 -17.37 29.71 -10.96
CA LEU J 26 -17.96 31.03 -10.91
C LEU J 26 -17.58 31.85 -12.13
N LEU J 27 -16.36 31.67 -12.58
CA LEU J 27 -15.87 32.40 -13.74
C LEU J 27 -16.69 32.09 -15.00
N THR J 28 -17.18 30.85 -15.10
CA THR J 28 -17.94 30.43 -16.28
C THR J 28 -19.45 30.54 -16.08
N VAL J 29 -19.89 31.03 -14.93
CA VAL J 29 -21.32 31.14 -14.68
C VAL J 29 -21.91 32.37 -15.36
N GLN J 30 -23.17 32.27 -15.79
CA GLN J 30 -23.84 33.38 -16.45
C GLN J 30 -24.39 34.36 -15.42
N LEU J 31 -24.18 35.65 -15.67
CA LEU J 31 -24.63 36.70 -14.77
C LEU J 31 -25.62 37.63 -15.43
N ARG J 32 -26.43 38.29 -14.61
CA ARG J 32 -27.41 39.25 -15.11
C ARG J 32 -26.70 40.44 -15.75
N GLU J 33 -27.29 40.99 -16.82
CA GLU J 33 -26.69 42.12 -17.51
C GLU J 33 -26.67 43.37 -16.64
N GLY J 34 -25.63 44.20 -16.84
CA GLY J 34 -25.48 45.44 -16.07
C GLY J 34 -24.44 45.27 -14.96
N TYR J 35 -23.79 44.12 -14.93
CA TYR J 35 -22.78 43.83 -13.92
C TYR J 35 -21.47 43.44 -14.56
N GLY J 36 -20.39 43.53 -13.79
CA GLY J 36 -19.07 43.19 -14.30
C GLY J 36 -18.66 41.77 -13.93
N ARG J 37 -17.49 41.38 -14.43
CA ARG J 37 -16.91 40.06 -14.18
C ARG J 37 -15.63 40.23 -13.38
N ILE J 38 -15.35 39.30 -12.47
CA ILE J 38 -14.17 39.46 -11.62
C ILE J 38 -12.90 38.98 -12.33
N PRO J 39 -11.84 39.78 -12.28
CA PRO J 39 -10.54 39.44 -12.95
C PRO J 39 -10.05 38.04 -12.60
N ARG J 40 -9.60 37.31 -13.61
CA ARG J 40 -9.13 35.95 -13.43
C ARG J 40 -7.92 35.89 -12.49
N GLY J 41 -6.93 36.76 -12.73
CA GLY J 41 -5.70 36.76 -11.93
C GLY J 41 -5.95 36.87 -10.43
N ALA J 42 -6.82 37.78 -10.03
CA ALA J 42 -7.09 37.98 -8.61
C ALA J 42 -7.76 36.76 -7.96
N LEU J 43 -8.76 36.23 -8.63
CA LEU J 43 -9.52 35.10 -8.10
C LEU J 43 -8.63 33.90 -7.79
N LEU J 44 -7.64 33.63 -8.63
CA LEU J 44 -6.77 32.46 -8.44
C LEU J 44 -5.99 32.48 -7.13
N GLN J 45 -5.60 33.66 -6.64
CA GLN J 45 -4.82 33.73 -5.39
C GLN J 45 -5.61 34.21 -4.17
N MET J 46 -6.91 34.42 -4.32
CA MET J 46 -7.72 34.93 -3.20
C MET J 46 -7.98 33.87 -2.12
N ASP J 47 -8.35 34.37 -0.94
CA ASP J 47 -8.66 33.51 0.21
C ASP J 47 -10.18 33.46 0.42
N ALA J 48 -10.63 32.50 1.21
CA ALA J 48 -12.06 32.34 1.46
C ALA J 48 -12.66 33.58 2.13
N ILE J 49 -11.99 34.15 3.14
CA ILE J 49 -12.52 35.33 3.81
C ILE J 49 -12.56 36.52 2.86
N ASP J 50 -11.44 36.74 2.17
CA ASP J 50 -11.33 37.85 1.23
C ASP J 50 -12.39 37.77 0.16
N LEU J 51 -12.60 36.56 -0.35
CA LEU J 51 -13.59 36.33 -1.39
C LEU J 51 -14.95 36.81 -0.95
N THR J 52 -15.24 36.64 0.33
CA THR J 52 -16.53 37.05 0.88
C THR J 52 -16.76 38.54 0.69
N ASP J 53 -15.80 39.35 1.10
CA ASP J 53 -15.93 40.80 1.00
C ASP J 53 -16.09 41.25 -0.44
N LYS J 54 -15.21 40.78 -1.31
CA LYS J 54 -15.25 41.18 -2.71
C LYS J 54 -16.51 40.69 -3.40
N LEU J 55 -16.93 39.47 -3.09
CA LEU J 55 -18.12 38.91 -3.73
C LEU J 55 -19.30 39.87 -3.58
N VAL J 56 -19.52 40.35 -2.38
CA VAL J 56 -20.62 41.27 -2.16
C VAL J 56 -20.31 42.63 -2.79
N SER J 57 -19.04 43.01 -2.79
CA SER J 57 -18.64 44.31 -3.34
C SER J 57 -19.13 44.52 -4.76
N TYR J 58 -19.02 43.50 -5.60
CA TYR J 58 -19.45 43.62 -7.00
C TYR J 58 -20.97 43.51 -7.17
N TYR J 59 -21.61 42.65 -6.40
CA TYR J 59 -23.05 42.46 -6.52
C TYR J 59 -23.78 42.94 -5.28
N LEU J 60 -24.97 43.49 -5.46
CA LEU J 60 -25.75 43.96 -4.33
C LEU J 60 -26.06 42.81 -3.39
N GLU J 61 -26.30 43.13 -2.12
CA GLU J 61 -26.57 42.11 -1.13
C GLU J 61 -27.77 41.25 -1.52
N SER J 62 -28.84 41.88 -1.99
CA SER J 62 -30.04 41.16 -2.36
C SER J 62 -29.77 40.20 -3.52
N TYR J 63 -29.32 40.75 -4.64
CA TYR J 63 -29.04 39.95 -5.82
C TYR J 63 -27.81 39.08 -5.61
N GLY J 64 -26.81 39.64 -4.95
CA GLY J 64 -25.57 38.91 -4.70
C GLY J 64 -25.81 37.64 -3.90
N LEU J 65 -26.68 37.73 -2.90
CA LEU J 65 -26.97 36.58 -2.05
C LEU J 65 -27.64 35.46 -2.85
N GLU J 66 -28.57 35.82 -3.72
CA GLU J 66 -29.27 34.83 -4.54
C GLU J 66 -28.34 34.16 -5.54
N LEU J 67 -27.43 34.95 -6.12
CA LEU J 67 -26.50 34.44 -7.11
C LEU J 67 -25.65 33.29 -6.55
N THR J 68 -25.31 33.39 -5.27
CA THR J 68 -24.49 32.36 -4.65
C THR J 68 -25.18 30.99 -4.70
N MET J 69 -26.43 30.95 -4.25
CA MET J 69 -27.17 29.69 -4.22
C MET J 69 -27.22 29.05 -5.58
N THR J 70 -27.40 29.87 -6.60
CA THR J 70 -27.49 29.35 -7.95
C THR J 70 -26.28 28.49 -8.28
N VAL J 71 -25.10 28.93 -7.83
CA VAL J 71 -23.87 28.19 -8.07
C VAL J 71 -23.73 26.96 -7.16
N LEU J 72 -24.15 27.09 -5.90
CA LEU J 72 -24.05 25.96 -4.97
C LEU J 72 -24.84 24.76 -5.48
N ARG J 73 -26.04 25.01 -5.96
CA ARG J 73 -26.81 23.90 -6.45
C ARG J 73 -26.12 23.32 -7.68
N ASP J 74 -25.56 24.18 -8.53
CA ASP J 74 -24.91 23.72 -9.76
C ASP J 74 -23.85 22.64 -9.49
N MET J 75 -23.07 22.84 -8.43
CA MET J 75 -22.03 21.86 -8.07
C MET J 75 -22.68 20.64 -7.46
N GLY J 76 -24.00 20.67 -7.46
CA GLY J 76 -24.80 19.59 -6.88
C GLY J 76 -25.60 20.15 -5.72
N LEU J 77 -26.72 19.51 -5.39
CA LEU J 77 -27.52 19.99 -4.28
C LEU J 77 -26.83 19.70 -2.97
N GLN J 78 -26.52 20.75 -2.24
CA GLN J 78 -25.86 20.61 -0.96
C GLN J 78 -26.80 21.05 0.15
N GLU J 79 -26.61 20.52 1.34
CA GLU J 79 -27.45 20.92 2.45
C GLU J 79 -27.26 22.41 2.67
N LEU J 80 -26.06 22.89 2.34
CA LEU J 80 -25.72 24.30 2.49
C LEU J 80 -26.70 25.19 1.73
N ALA J 81 -26.98 24.85 0.48
CA ALA J 81 -27.89 25.65 -0.32
C ALA J 81 -29.18 25.88 0.44
N GLU J 82 -29.71 24.82 1.03
CA GLU J 82 -30.94 24.93 1.79
C GLU J 82 -30.71 25.73 3.06
N GLN J 83 -29.64 25.40 3.79
CA GLN J 83 -29.33 26.10 5.03
C GLN J 83 -29.21 27.59 4.80
N LEU J 84 -28.53 27.96 3.74
CA LEU J 84 -28.33 29.36 3.43
C LEU J 84 -29.66 30.02 3.05
N GLN J 85 -30.49 29.30 2.30
CA GLN J 85 -31.77 29.86 1.88
C GLN J 85 -32.59 30.31 3.08
N THR J 86 -32.50 29.57 4.18
CA THR J 86 -33.24 29.92 5.38
C THR J 86 -32.94 31.37 5.76
N THR J 87 -31.71 31.80 5.49
CA THR J 87 -31.31 33.16 5.81
C THR J 87 -32.10 34.16 4.96
N LYS J 88 -32.42 33.78 3.73
CA LYS J 88 -33.16 34.66 2.83
C LYS J 88 -34.46 35.11 3.49
N GLU J 89 -35.18 34.17 4.07
CA GLU J 89 -36.43 34.49 4.75
C GLU J 89 -36.14 35.34 5.99
N GLY K 1 -29.23 -12.78 19.43
CA GLY K 1 -30.27 -13.78 19.32
C GLY K 1 -29.67 -15.19 19.34
N ARG K 2 -30.15 -16.01 20.26
CA ARG K 2 -29.66 -17.38 20.40
C ARG K 2 -29.92 -18.17 19.12
N ALA K 3 -30.78 -17.64 18.26
CA ALA K 3 -31.13 -18.32 17.02
C ALA K 3 -29.87 -18.71 16.23
N ARG K 4 -28.93 -17.78 16.09
CA ARG K 4 -27.71 -18.08 15.36
C ARG K 4 -26.97 -19.25 16.00
N ASP K 5 -26.84 -19.20 17.31
CA ASP K 5 -26.15 -20.24 18.05
C ASP K 5 -26.83 -21.59 17.92
N ALA K 6 -28.15 -21.60 17.92
CA ALA K 6 -28.89 -22.86 17.83
C ALA K 6 -28.63 -23.58 16.51
N ILE K 7 -28.81 -22.88 15.40
CA ILE K 7 -28.59 -23.47 14.10
C ILE K 7 -27.17 -24.00 13.98
N LEU K 8 -26.22 -23.17 14.37
CA LEU K 8 -24.82 -23.54 14.27
C LEU K 8 -24.56 -24.90 14.89
N ASP K 9 -24.97 -25.10 16.13
CA ASP K 9 -24.72 -26.37 16.80
C ASP K 9 -25.28 -27.57 16.04
N ALA K 10 -26.50 -27.46 15.56
CA ALA K 10 -27.14 -28.56 14.85
C ALA K 10 -26.56 -28.78 13.45
N LEU K 11 -26.28 -27.71 12.73
CA LEU K 11 -25.76 -27.84 11.38
C LEU K 11 -24.40 -28.54 11.35
N GLU K 12 -23.56 -28.24 12.34
CA GLU K 12 -22.21 -28.81 12.42
C GLU K 12 -22.22 -30.34 12.65
N ASN K 13 -23.36 -30.90 13.04
CA ASN K 13 -23.44 -32.35 13.29
C ASN K 13 -23.68 -33.16 12.01
N LEU K 14 -23.62 -32.51 10.86
CA LEU K 14 -23.83 -33.22 9.59
C LEU K 14 -22.49 -33.70 9.03
N SER K 15 -22.52 -34.84 8.34
CA SER K 15 -21.30 -35.38 7.75
C SER K 15 -20.88 -34.54 6.56
N GLY K 16 -19.64 -34.69 6.14
CA GLY K 16 -19.10 -33.91 5.02
C GLY K 16 -19.90 -34.07 3.73
N ASP K 17 -20.33 -35.28 3.42
CA ASP K 17 -21.07 -35.51 2.17
C ASP K 17 -22.46 -34.88 2.16
N GLU K 18 -23.23 -35.11 3.22
CA GLU K 18 -24.58 -34.55 3.29
C GLU K 18 -24.53 -33.04 3.17
N LEU K 19 -23.48 -32.46 3.72
CA LEU K 19 -23.31 -31.02 3.67
C LEU K 19 -23.45 -30.54 2.23
N LYS K 20 -22.77 -31.22 1.31
CA LYS K 20 -22.85 -30.84 -0.07
C LYS K 20 -24.28 -30.93 -0.53
N LYS K 21 -24.95 -32.00 -0.12
CA LYS K 21 -26.33 -32.20 -0.52
C LYS K 21 -27.20 -31.08 0.01
N PHE K 22 -26.93 -30.65 1.21
CA PHE K 22 -27.72 -29.59 1.81
C PHE K 22 -27.56 -28.28 1.07
N LYS K 23 -26.32 -27.83 0.93
CA LYS K 23 -26.05 -26.56 0.26
C LYS K 23 -26.60 -26.52 -1.15
N MET K 24 -26.30 -27.57 -1.92
CA MET K 24 -26.76 -27.63 -3.29
C MET K 24 -28.28 -27.65 -3.38
N LYS K 25 -28.93 -28.42 -2.52
CA LYS K 25 -30.39 -28.50 -2.55
C LYS K 25 -31.03 -27.15 -2.23
N LEU K 26 -30.38 -26.41 -1.34
CA LEU K 26 -30.88 -25.11 -0.93
C LEU K 26 -31.07 -24.18 -2.13
N LEU K 27 -30.16 -24.29 -3.08
CA LEU K 27 -30.23 -23.45 -4.27
C LEU K 27 -31.51 -23.70 -5.06
N THR K 28 -32.01 -24.93 -5.04
CA THR K 28 -33.22 -25.28 -5.80
C THR K 28 -34.49 -25.23 -4.96
N VAL K 29 -34.38 -24.86 -3.69
CA VAL K 29 -35.55 -24.80 -2.83
C VAL K 29 -36.36 -23.54 -3.08
N GLN K 30 -37.69 -23.64 -2.91
CA GLN K 30 -38.56 -22.49 -3.13
C GLN K 30 -38.62 -21.62 -1.88
N LEU K 31 -38.51 -20.31 -2.10
CA LEU K 31 -38.51 -19.35 -1.00
C LEU K 31 -39.69 -18.40 -1.08
N ARG K 32 -40.05 -17.82 0.06
CA ARG K 32 -41.15 -16.87 0.13
C ARG K 32 -40.78 -15.60 -0.66
N GLU K 33 -41.77 -14.99 -1.31
CA GLU K 33 -41.53 -13.78 -2.10
C GLU K 33 -41.11 -12.61 -1.23
N GLY K 34 -40.26 -11.74 -1.79
CA GLY K 34 -39.78 -10.56 -1.07
C GLY K 34 -38.37 -10.78 -0.53
N TYR K 35 -37.77 -11.92 -0.89
CA TYR K 35 -36.42 -12.26 -0.44
C TYR K 35 -35.53 -12.56 -1.63
N GLY K 36 -34.22 -12.49 -1.40
CA GLY K 36 -33.26 -12.75 -2.47
C GLY K 36 -32.74 -14.19 -2.44
N ARG K 37 -31.91 -14.50 -3.42
CA ARG K 37 -31.29 -15.82 -3.56
C ARG K 37 -29.79 -15.68 -3.39
N ILE K 38 -29.14 -16.66 -2.78
CA ILE K 38 -27.71 -16.55 -2.52
C ILE K 38 -26.89 -16.93 -3.75
N PRO K 39 -25.90 -16.12 -4.11
CA PRO K 39 -25.02 -16.36 -5.29
C PRO K 39 -24.45 -17.76 -5.31
N ARG K 40 -24.50 -18.39 -6.47
CA ARG K 40 -24.00 -19.75 -6.62
C ARG K 40 -22.49 -19.85 -6.33
N GLY K 41 -21.72 -18.94 -6.90
CA GLY K 41 -20.27 -18.96 -6.73
C GLY K 41 -19.82 -18.98 -5.26
N ALA K 42 -20.43 -18.13 -4.44
CA ALA K 42 -20.04 -18.04 -3.04
C ALA K 42 -20.37 -19.32 -2.27
N LEU K 43 -21.58 -19.84 -2.47
CA LEU K 43 -22.02 -21.03 -1.77
C LEU K 43 -21.09 -22.23 -1.97
N LEU K 44 -20.58 -22.40 -3.18
CA LEU K 44 -19.72 -23.54 -3.49
C LEU K 44 -18.46 -23.61 -2.65
N GLN K 45 -17.88 -22.47 -2.28
CA GLN K 45 -16.62 -22.48 -1.51
C GLN K 45 -16.80 -22.12 -0.02
N MET K 46 -18.02 -21.92 0.43
CA MET K 46 -18.26 -21.54 1.83
C MET K 46 -18.04 -22.68 2.82
N ASP K 47 -17.85 -22.29 4.08
CA ASP K 47 -17.63 -23.24 5.18
C ASP K 47 -18.91 -23.35 6.02
N ALA K 48 -18.97 -24.39 6.85
CA ALA K 48 -20.15 -24.60 7.68
C ALA K 48 -20.39 -23.44 8.65
N ILE K 49 -19.34 -22.94 9.30
CA ILE K 49 -19.51 -21.83 10.24
C ILE K 49 -19.95 -20.57 9.50
N ASP K 50 -19.24 -20.26 8.42
CA ASP K 50 -19.54 -19.08 7.62
C ASP K 50 -20.98 -19.10 7.11
N LEU K 51 -21.39 -20.27 6.65
CA LEU K 51 -22.73 -20.45 6.12
C LEU K 51 -23.77 -20.05 7.16
N THR K 52 -23.46 -20.32 8.42
CA THR K 52 -24.38 -20.00 9.49
C THR K 52 -24.67 -18.50 9.56
N ASP K 53 -23.61 -17.71 9.58
CA ASP K 53 -23.76 -16.26 9.67
C ASP K 53 -24.52 -15.70 8.48
N LYS K 54 -24.12 -16.07 7.28
CA LYS K 54 -24.77 -15.56 6.08
C LYS K 54 -26.21 -16.04 5.96
N LEU K 55 -26.46 -17.28 6.33
CA LEU K 55 -27.82 -17.83 6.23
C LEU K 55 -28.81 -16.93 6.96
N VAL K 56 -28.47 -16.54 8.17
CA VAL K 56 -29.35 -15.66 8.93
C VAL K 56 -29.34 -14.26 8.34
N SER K 57 -28.19 -13.84 7.81
CA SER K 57 -28.06 -12.50 7.25
C SER K 57 -29.13 -12.18 6.21
N TYR K 58 -29.41 -13.14 5.33
CA TYR K 58 -30.41 -12.91 4.28
C TYR K 58 -31.85 -13.05 4.77
N TYR K 59 -32.08 -13.99 5.68
CA TYR K 59 -33.45 -14.21 6.18
C TYR K 59 -33.54 -13.86 7.65
N LEU K 60 -34.70 -13.34 8.05
CA LEU K 60 -34.89 -12.96 9.45
C LEU K 60 -34.77 -14.19 10.33
N GLU K 61 -34.43 -13.98 11.59
CA GLU K 61 -34.25 -15.10 12.51
C GLU K 61 -35.51 -15.95 12.62
N SER K 62 -36.67 -15.31 12.72
CA SER K 62 -37.91 -16.04 12.85
C SER K 62 -38.19 -16.90 11.61
N TYR K 63 -38.27 -16.24 10.47
CA TYR K 63 -38.54 -16.94 9.22
C TYR K 63 -37.34 -17.79 8.79
N GLY K 64 -36.14 -17.26 9.00
CA GLY K 64 -34.93 -17.97 8.61
C GLY K 64 -34.81 -19.31 9.33
N LEU K 65 -35.15 -19.32 10.62
CA LEU K 65 -35.06 -20.53 11.41
C LEU K 65 -36.02 -21.61 10.89
N GLU K 66 -37.24 -21.20 10.54
CA GLU K 66 -38.24 -22.14 10.04
C GLU K 66 -37.83 -22.71 8.67
N LEU K 67 -37.26 -21.85 7.83
CA LEU K 67 -36.86 -22.26 6.49
C LEU K 67 -35.87 -23.42 6.53
N THR K 68 -35.00 -23.42 7.53
CA THR K 68 -34.01 -24.47 7.64
C THR K 68 -34.65 -25.84 7.78
N MET K 69 -35.58 -25.96 8.72
CA MET K 69 -36.23 -27.24 8.97
C MET K 69 -36.90 -27.77 7.72
N THR K 70 -37.49 -26.88 6.96
CA THR K 70 -38.18 -27.30 5.75
C THR K 70 -37.22 -28.08 4.85
N VAL K 71 -35.96 -27.65 4.78
CA VAL K 71 -34.97 -28.33 3.96
C VAL K 71 -34.46 -29.62 4.61
N LEU K 72 -34.28 -29.61 5.93
CA LEU K 72 -33.80 -30.81 6.62
C LEU K 72 -34.75 -31.99 6.42
N ARG K 73 -36.03 -31.74 6.54
CA ARG K 73 -36.94 -32.82 6.34
C ARG K 73 -36.86 -33.28 4.88
N ASP K 74 -36.72 -32.34 3.95
CA ASP K 74 -36.69 -32.68 2.53
C ASP K 74 -35.62 -33.74 2.23
N MET K 75 -34.45 -33.61 2.84
CA MET K 75 -33.37 -34.58 2.62
C MET K 75 -33.70 -35.86 3.35
N GLY K 76 -34.89 -35.88 3.94
CA GLY K 76 -35.36 -37.02 4.71
C GLY K 76 -35.56 -36.59 6.15
N LEU K 77 -36.43 -37.28 6.88
CA LEU K 77 -36.67 -36.91 8.26
C LEU K 77 -35.47 -37.28 9.11
N GLN K 78 -34.87 -36.28 9.73
CA GLN K 78 -33.71 -36.50 10.57
C GLN K 78 -34.07 -36.18 12.01
N GLU K 79 -33.38 -36.80 12.94
CA GLU K 79 -33.64 -36.52 14.33
C GLU K 79 -33.36 -35.04 14.58
N LEU K 80 -32.44 -34.50 13.79
CA LEU K 80 -32.05 -33.09 13.90
C LEU K 80 -33.25 -32.17 13.72
N ALA K 81 -34.05 -32.43 12.69
CA ALA K 81 -35.21 -31.59 12.44
C ALA K 81 -36.05 -31.46 13.71
N GLU K 82 -36.26 -32.58 14.38
CA GLU K 82 -37.04 -32.56 15.60
C GLU K 82 -36.27 -31.87 16.71
N GLN K 83 -35.00 -32.21 16.86
CA GLN K 83 -34.17 -31.61 17.91
C GLN K 83 -34.15 -30.10 17.77
N LEU K 84 -33.99 -29.63 16.55
CA LEU K 84 -33.94 -28.20 16.30
C LEU K 84 -35.29 -27.55 16.59
N GLN K 85 -36.38 -28.23 16.23
CA GLN K 85 -37.70 -27.68 16.46
C GLN K 85 -37.91 -27.34 17.93
N THR K 86 -37.37 -28.18 18.80
CA THR K 86 -37.49 -27.94 20.24
C THR K 86 -37.05 -26.52 20.57
N THR K 87 -36.05 -26.03 19.84
CA THR K 87 -35.54 -24.69 20.06
C THR K 87 -36.62 -23.64 19.72
N LYS K 88 -37.45 -23.94 18.72
CA LYS K 88 -38.50 -23.01 18.33
C LYS K 88 -39.37 -22.65 19.52
N GLU K 89 -39.78 -23.66 20.27
CA GLU K 89 -40.60 -23.44 21.45
C GLU K 89 -39.79 -22.67 22.50
N GLY L 1 -0.47 -3.73 33.07
CA GLY L 1 -1.25 -4.82 33.67
C GLY L 1 -0.93 -6.15 33.00
N ARG L 2 -0.53 -7.12 33.80
CA ARG L 2 -0.19 -8.44 33.29
C ARG L 2 -1.40 -9.08 32.61
N ALA L 3 -2.59 -8.52 32.86
CA ALA L 3 -3.81 -9.05 32.28
C ALA L 3 -3.69 -9.22 30.76
N ARG L 4 -3.18 -8.21 30.08
CA ARG L 4 -3.03 -8.29 28.63
C ARG L 4 -2.14 -9.46 28.26
N ASP L 5 -1.02 -9.57 28.95
CA ASP L 5 -0.05 -10.63 28.68
C ASP L 5 -0.64 -12.02 28.93
N ALA L 6 -1.45 -12.14 29.97
CA ALA L 6 -2.03 -13.44 30.31
C ALA L 6 -2.96 -13.96 29.20
N ILE L 7 -3.90 -13.13 28.80
CA ILE L 7 -4.85 -13.53 27.76
C ILE L 7 -4.09 -13.90 26.48
N LEU L 8 -3.16 -13.06 26.10
CA LEU L 8 -2.40 -13.27 24.89
C LEU L 8 -1.82 -14.68 24.83
N ASP L 9 -1.11 -15.08 25.87
CA ASP L 9 -0.48 -16.39 25.88
C ASP L 9 -1.49 -17.52 25.68
N ALA L 10 -2.61 -17.46 26.38
CA ALA L 10 -3.61 -18.52 26.29
C ALA L 10 -4.38 -18.50 24.96
N LEU L 11 -4.72 -17.32 24.48
CA LEU L 11 -5.49 -17.22 23.23
C LEU L 11 -4.72 -17.78 22.04
N GLU L 12 -3.40 -17.54 22.02
CA GLU L 12 -2.55 -18.00 20.92
C GLU L 12 -2.45 -19.53 20.82
N ASN L 13 -2.85 -20.25 21.88
CA ASN L 13 -2.78 -21.71 21.87
C ASN L 13 -3.98 -22.38 21.16
N LEU L 14 -4.82 -21.57 20.53
CA LEU L 14 -5.99 -22.12 19.83
C LEU L 14 -5.64 -22.40 18.37
N SER L 15 -6.26 -23.44 17.81
CA SER L 15 -6.01 -23.79 16.42
C SER L 15 -6.66 -22.75 15.50
N GLY L 16 -6.24 -22.74 14.24
CA GLY L 16 -6.76 -21.78 13.27
C GLY L 16 -8.28 -21.83 13.10
N ASP L 17 -8.85 -23.03 13.07
CA ASP L 17 -10.30 -23.16 12.87
C ASP L 17 -11.12 -22.65 14.07
N GLU L 18 -10.76 -23.09 15.27
CA GLU L 18 -11.51 -22.68 16.45
C GLU L 18 -11.48 -21.16 16.58
N LEU L 19 -10.38 -20.56 16.17
CA LEU L 19 -10.26 -19.12 16.23
C LEU L 19 -11.46 -18.47 15.54
N LYS L 20 -11.80 -18.96 14.36
CA LYS L 20 -12.93 -18.40 13.65
C LYS L 20 -14.16 -18.57 14.50
N LYS L 21 -14.30 -19.74 15.10
CA LYS L 21 -15.46 -20.01 15.92
C LYS L 21 -15.53 -19.05 17.09
N PHE L 22 -14.38 -18.77 17.67
CA PHE L 22 -14.34 -17.88 18.81
C PHE L 22 -14.76 -16.46 18.44
N LYS L 23 -14.09 -15.89 17.44
CA LYS L 23 -14.39 -14.52 17.02
C LYS L 23 -15.84 -14.35 16.63
N MET L 24 -16.33 -15.25 15.77
CA MET L 24 -17.70 -15.17 15.30
C MET L 24 -18.69 -15.32 16.45
N LYS L 25 -18.44 -16.25 17.35
CA LYS L 25 -19.37 -16.46 18.47
C LYS L 25 -19.43 -15.23 19.37
N LEU L 26 -18.30 -14.55 19.50
CA LEU L 26 -18.21 -13.37 20.34
C LEU L 26 -19.22 -12.31 19.92
N LEU L 27 -19.43 -12.21 18.62
CA LEU L 27 -20.37 -11.23 18.09
C LEU L 27 -21.78 -11.48 18.60
N THR L 28 -22.14 -12.75 18.81
CA THR L 28 -23.49 -13.10 19.25
C THR L 28 -23.60 -13.28 20.77
N VAL L 29 -22.51 -13.06 21.49
CA VAL L 29 -22.54 -13.24 22.95
C VAL L 29 -23.17 -12.03 23.62
N GLN L 30 -23.85 -12.28 24.74
CA GLN L 30 -24.50 -11.19 25.49
C GLN L 30 -23.50 -10.50 26.40
N LEU L 31 -23.53 -9.17 26.39
CA LEU L 31 -22.62 -8.36 27.20
C LEU L 31 -23.36 -7.53 28.23
N ARG L 32 -22.65 -7.14 29.27
CA ARG L 32 -23.22 -6.30 30.31
C ARG L 32 -23.55 -4.92 29.75
N GLU L 33 -24.64 -4.32 30.23
CA GLU L 33 -25.06 -3.00 29.75
C GLU L 33 -24.05 -1.91 30.13
N GLY L 34 -23.94 -0.90 29.26
CA GLY L 34 -23.01 0.21 29.49
C GLY L 34 -21.74 0.05 28.66
N TYR L 35 -21.72 -0.98 27.80
CA TYR L 35 -20.56 -1.25 26.95
C TYR L 35 -20.96 -1.31 25.50
N GLY L 36 -19.98 -1.16 24.61
CA GLY L 36 -20.26 -1.18 23.18
C GLY L 36 -19.98 -2.56 22.56
N ARG L 37 -20.28 -2.66 21.28
CA ARG L 37 -20.08 -3.89 20.51
C ARG L 37 -19.02 -3.64 19.45
N ILE L 38 -18.19 -4.63 19.16
CA ILE L 38 -17.11 -4.42 18.21
C ILE L 38 -17.59 -4.55 16.76
N PRO L 39 -17.24 -3.62 15.90
CA PRO L 39 -17.66 -3.62 14.46
C PRO L 39 -17.39 -4.95 13.78
N ARG L 40 -18.37 -5.43 13.03
CA ARG L 40 -18.25 -6.70 12.33
C ARG L 40 -17.11 -6.70 11.32
N GLY L 41 -17.04 -5.66 10.51
CA GLY L 41 -16.02 -5.57 9.46
C GLY L 41 -14.59 -5.74 9.98
N ALA L 42 -14.27 -5.07 11.08
CA ALA L 42 -12.92 -5.14 11.62
C ALA L 42 -12.58 -6.53 12.15
N LEU L 43 -13.50 -7.12 12.89
CA LEU L 43 -13.27 -8.43 13.49
C LEU L 43 -12.93 -9.50 12.45
N LEU L 44 -13.58 -9.46 11.30
CA LEU L 44 -13.36 -10.47 10.27
C LEU L 44 -11.93 -10.54 9.76
N GLN L 45 -11.22 -9.41 9.69
CA GLN L 45 -9.85 -9.40 9.16
C GLN L 45 -8.76 -9.26 10.24
N MET L 46 -9.15 -9.24 11.51
CA MET L 46 -8.16 -9.06 12.59
C MET L 46 -7.30 -10.31 12.84
N ASP L 47 -6.16 -10.06 13.49
CA ASP L 47 -5.21 -11.13 13.84
C ASP L 47 -5.32 -11.46 15.33
N ALA L 48 -4.77 -12.60 15.71
CA ALA L 48 -4.82 -13.03 17.10
C ALA L 48 -4.15 -12.03 18.05
N ILE L 49 -2.97 -11.53 17.68
CA ILE L 49 -2.27 -10.57 18.55
C ILE L 49 -3.06 -9.27 18.64
N ASP L 50 -3.48 -8.77 17.49
CA ASP L 50 -4.23 -7.51 17.43
C ASP L 50 -5.51 -7.60 18.26
N LEU L 51 -6.19 -8.74 18.12
CA LEU L 51 -7.42 -8.96 18.85
C LEU L 51 -7.22 -8.80 20.33
N THR L 52 -6.05 -9.20 20.81
CA THR L 52 -5.73 -9.11 22.22
C THR L 52 -5.78 -7.67 22.71
N ASP L 53 -5.09 -6.79 22.01
CA ASP L 53 -5.04 -5.38 22.41
C ASP L 53 -6.42 -4.74 22.38
N LYS L 54 -7.14 -4.92 21.29
CA LYS L 54 -8.46 -4.31 21.17
C LYS L 54 -9.45 -4.90 22.16
N LEU L 55 -9.38 -6.21 22.38
CA LEU L 55 -10.31 -6.85 23.31
C LEU L 55 -10.30 -6.14 24.66
N VAL L 56 -9.12 -5.89 25.18
CA VAL L 56 -9.00 -5.20 26.45
C VAL L 56 -9.38 -3.74 26.32
N SER L 57 -9.09 -3.15 25.16
CA SER L 57 -9.39 -1.74 24.93
C SER L 57 -10.84 -1.39 25.19
N TYR L 58 -11.76 -2.24 24.75
CA TYR L 58 -13.19 -1.97 24.93
C TYR L 58 -13.68 -2.31 26.34
N TYR L 59 -13.16 -3.37 26.93
CA TYR L 59 -13.60 -3.78 28.26
C TYR L 59 -12.48 -3.64 29.27
N LEU L 60 -12.83 -3.28 30.50
CA LEU L 60 -11.83 -3.12 31.55
C LEU L 60 -11.12 -4.43 31.79
N GLU L 61 -9.90 -4.36 32.30
CA GLU L 61 -9.12 -5.56 32.54
C GLU L 61 -9.85 -6.54 33.48
N SER L 62 -10.44 -6.02 34.54
CA SER L 62 -11.13 -6.88 35.48
C SER L 62 -12.33 -7.58 34.83
N TYR L 63 -13.25 -6.79 34.31
CA TYR L 63 -14.43 -7.34 33.67
C TYR L 63 -14.08 -8.01 32.34
N GLY L 64 -13.16 -7.41 31.61
CA GLY L 64 -12.77 -7.95 30.32
C GLY L 64 -12.18 -9.35 30.45
N LEU L 65 -11.38 -9.56 31.48
CA LEU L 65 -10.76 -10.86 31.69
C LEU L 65 -11.81 -11.94 31.98
N GLU L 66 -12.80 -11.61 32.79
CA GLU L 66 -13.85 -12.55 33.13
C GLU L 66 -14.72 -12.90 31.92
N LEU L 67 -15.00 -11.89 31.10
CA LEU L 67 -15.83 -12.07 29.92
C LEU L 67 -15.26 -13.14 28.98
N THR L 68 -13.94 -13.19 28.89
CA THR L 68 -13.30 -14.15 28.02
C THR L 68 -13.64 -15.58 28.40
N MET L 69 -13.47 -15.91 29.68
CA MET L 69 -13.74 -17.26 30.15
C MET L 69 -15.16 -17.68 29.84
N THR L 70 -16.08 -16.76 29.99
CA THR L 70 -17.47 -17.07 29.73
C THR L 70 -17.65 -17.65 28.33
N VAL L 71 -16.91 -17.09 27.37
CA VAL L 71 -16.99 -17.57 25.99
C VAL L 71 -16.23 -18.88 25.79
N LEU L 72 -15.07 -19.03 26.43
CA LEU L 72 -14.29 -20.26 26.28
C LEU L 72 -15.09 -21.48 26.73
N ARG L 73 -15.77 -21.36 27.85
CA ARG L 73 -16.53 -22.49 28.28
C ARG L 73 -17.66 -22.75 27.28
N ASP L 74 -18.27 -21.68 26.76
CA ASP L 74 -19.39 -21.83 25.84
C ASP L 74 -19.04 -22.73 24.64
N MET L 75 -17.83 -22.58 24.11
CA MET L 75 -17.39 -23.41 22.98
C MET L 75 -17.08 -24.80 23.49
N GLY L 76 -17.34 -25.01 24.77
CA GLY L 76 -17.07 -26.28 25.43
C GLY L 76 -16.02 -26.06 26.51
N LEU L 77 -16.01 -26.91 27.52
CA LEU L 77 -15.05 -26.76 28.60
C LEU L 77 -13.66 -27.13 28.10
N GLN L 78 -12.77 -26.16 28.14
CA GLN L 78 -11.40 -26.39 27.70
C GLN L 78 -10.45 -26.29 28.88
N GLU L 79 -9.34 -26.97 28.81
CA GLU L 79 -8.38 -26.89 29.89
C GLU L 79 -7.94 -25.44 30.04
N LEU L 80 -7.97 -24.72 28.92
CA LEU L 80 -7.58 -23.32 28.90
C LEU L 80 -8.41 -22.50 29.88
N ALA L 81 -9.72 -22.69 29.86
CA ALA L 81 -10.58 -21.92 30.74
C ALA L 81 -10.08 -22.04 32.18
N GLU L 82 -9.75 -23.25 32.58
CA GLU L 82 -9.25 -23.47 33.93
C GLU L 82 -7.86 -22.86 34.09
N GLN L 83 -6.99 -23.10 33.12
CA GLN L 83 -5.63 -22.57 33.18
C GLN L 83 -5.65 -21.06 33.31
N LEU L 84 -6.49 -20.42 32.54
CA LEU L 84 -6.59 -18.97 32.57
C LEU L 84 -7.15 -18.49 33.91
N GLN L 85 -8.13 -19.22 34.44
CA GLN L 85 -8.73 -18.83 35.70
C GLN L 85 -7.67 -18.70 36.79
N THR L 86 -6.68 -19.59 36.76
CA THR L 86 -5.62 -19.55 37.75
C THR L 86 -5.01 -18.16 37.82
N THR L 87 -4.97 -17.49 36.67
CA THR L 87 -4.42 -16.14 36.60
C THR L 87 -5.28 -15.17 37.41
N LYS L 88 -6.59 -15.41 37.42
CA LYS L 88 -7.51 -14.53 38.16
C LYS L 88 -7.07 -14.41 39.61
N GLU L 89 -6.78 -15.55 40.23
CA GLU L 89 -6.32 -15.55 41.61
C GLU L 89 -4.97 -14.86 41.71
N GLY M 1 28.24 6.02 19.90
CA GLY M 1 28.18 4.80 20.71
C GLY M 1 27.78 3.61 19.85
N ARG M 2 28.61 2.57 19.87
CA ARG M 2 28.34 1.37 19.10
C ARG M 2 27.04 0.72 19.54
N ALA M 3 26.54 1.12 20.71
CA ALA M 3 25.31 0.56 21.24
C ALA M 3 24.18 0.61 20.22
N ARG M 4 24.00 1.74 19.56
CA ARG M 4 22.95 1.87 18.57
C ARG M 4 23.14 0.85 17.46
N ASP M 5 24.36 0.75 16.97
CA ASP M 5 24.68 -0.17 15.89
C ASP M 5 24.46 -1.63 16.30
N ALA M 6 24.78 -1.96 17.54
CA ALA M 6 24.63 -3.35 17.99
C ALA M 6 23.16 -3.80 17.98
N ILE M 7 22.31 -3.02 18.61
CA ILE M 7 20.89 -3.36 18.67
C ILE M 7 20.32 -3.49 17.26
N LEU M 8 20.63 -2.51 16.43
CA LEU M 8 20.12 -2.49 15.08
C LEU M 8 20.35 -3.83 14.36
N ASP M 9 21.59 -4.29 14.36
CA ASP M 9 21.92 -5.53 13.67
C ASP M 9 21.11 -6.71 14.17
N ALA M 10 20.97 -6.85 15.49
CA ALA M 10 20.24 -7.97 16.05
C ALA M 10 18.72 -7.84 15.87
N LEU M 11 18.18 -6.65 16.03
CA LEU M 11 16.74 -6.46 15.90
C LEU M 11 16.24 -6.79 14.50
N GLU M 12 17.03 -6.43 13.49
CA GLU M 12 16.67 -6.65 12.09
C GLU M 12 16.58 -8.14 11.71
N ASN M 13 17.12 -9.02 12.56
CA ASN M 13 17.10 -10.47 12.26
C ASN M 13 15.77 -11.13 12.69
N LEU M 14 14.79 -10.34 13.10
CA LEU M 14 13.51 -10.90 13.51
C LEU M 14 12.54 -10.95 12.33
N SER M 15 11.68 -11.96 12.32
CA SER M 15 10.71 -12.10 11.24
C SER M 15 9.64 -11.01 11.36
N GLY M 16 8.90 -10.80 10.28
CA GLY M 16 7.87 -9.77 10.26
C GLY M 16 6.81 -9.94 11.35
N ASP M 17 6.38 -11.17 11.59
CA ASP M 17 5.33 -11.41 12.60
C ASP M 17 5.80 -11.14 14.03
N GLU M 18 6.95 -11.70 14.40
CA GLU M 18 7.45 -11.51 15.76
C GLU M 18 7.64 -10.04 16.05
N LEU M 19 8.00 -9.29 15.02
CA LEU M 19 8.20 -7.86 15.19
C LEU M 19 6.96 -7.24 15.82
N LYS M 20 5.80 -7.61 15.32
CA LYS M 20 4.57 -7.06 15.86
C LYS M 20 4.48 -7.45 17.30
N LYS M 21 4.82 -8.69 17.60
CA LYS M 21 4.74 -9.18 18.96
C LYS M 21 5.67 -8.39 19.86
N PHE M 22 6.84 -8.08 19.34
CA PHE M 22 7.81 -7.34 20.13
C PHE M 22 7.33 -5.94 20.46
N LYS M 23 6.98 -5.18 19.42
CA LYS M 23 6.53 -3.81 19.63
C LYS M 23 5.34 -3.73 20.56
N MET M 24 4.32 -4.53 20.28
CA MET M 24 3.12 -4.53 21.10
C MET M 24 3.41 -4.92 22.54
N LYS M 25 4.24 -5.93 22.74
CA LYS M 25 4.55 -6.37 24.10
C LYS M 25 5.29 -5.28 24.87
N LEU M 26 6.11 -4.53 24.16
CA LEU M 26 6.89 -3.46 24.78
C LEU M 26 5.98 -2.46 25.49
N LEU M 27 4.83 -2.21 24.90
CA LEU M 27 3.88 -1.27 25.47
C LEU M 27 3.41 -1.70 26.85
N THR M 28 3.30 -3.02 27.06
CA THR M 28 2.82 -3.55 28.34
C THR M 28 3.94 -3.94 29.30
N VAL M 29 5.18 -3.71 28.90
CA VAL M 29 6.31 -4.08 29.77
C VAL M 29 6.52 -3.04 30.86
N GLN M 30 6.98 -3.49 32.03
CA GLN M 30 7.22 -2.58 33.14
C GLN M 30 8.59 -1.92 33.00
N LEU M 31 8.63 -0.62 33.24
CA LEU M 31 9.86 0.16 33.11
C LEU M 31 10.26 0.79 34.45
N ARG M 32 11.54 1.09 34.57
CA ARG M 32 12.07 1.73 35.77
C ARG M 32 11.48 3.14 35.91
N GLU M 33 11.22 3.56 37.14
CA GLU M 33 10.66 4.89 37.39
C GLU M 33 11.62 6.01 36.99
N GLY M 34 11.04 7.13 36.53
CA GLY M 34 11.84 8.29 36.11
C GLY M 34 11.96 8.35 34.59
N TYR M 35 11.25 7.45 33.91
CA TYR M 35 11.27 7.41 32.45
C TYR M 35 9.86 7.50 31.88
N GLY M 36 9.77 7.86 30.61
CA GLY M 36 8.46 8.00 29.97
C GLY M 36 8.08 6.74 29.17
N ARG M 37 6.88 6.78 28.62
CA ARG M 37 6.33 5.69 27.81
C ARG M 37 6.15 6.19 26.39
N ILE M 38 6.39 5.32 25.41
CA ILE M 38 6.29 5.75 24.02
C ILE M 38 4.85 5.76 23.52
N PRO M 39 4.42 6.84 22.87
CA PRO M 39 3.04 6.99 22.34
C PRO M 39 2.60 5.79 21.52
N ARG M 40 1.37 5.33 21.77
CA ARG M 40 0.84 4.17 21.07
C ARG M 40 0.73 4.40 19.56
N GLY M 41 0.18 5.55 19.18
CA GLY M 41 -0.01 5.87 17.76
C GLY M 41 1.26 5.76 16.93
N ALA M 42 2.35 6.31 17.43
CA ALA M 42 3.61 6.30 16.68
C ALA M 42 4.17 4.89 16.51
N LEU M 43 4.17 4.12 17.59
CA LEU M 43 4.71 2.78 17.56
C LEU M 43 4.05 1.89 16.51
N LEU M 44 2.74 2.01 16.35
CA LEU M 44 2.00 1.16 15.40
C LEU M 44 2.47 1.31 13.96
N GLN M 45 2.91 2.50 13.54
CA GLN M 45 3.32 2.71 12.14
C GLN M 45 4.84 2.80 11.95
N MET M 46 5.62 2.62 13.02
CA MET M 46 7.08 2.74 12.91
C MET M 46 7.74 1.57 12.19
N ASP M 47 8.97 1.82 11.72
CA ASP M 47 9.77 0.82 11.02
C ASP M 47 10.86 0.28 11.94
N ALA M 48 11.46 -0.84 11.56
CA ALA M 48 12.50 -1.46 12.38
C ALA M 48 13.70 -0.53 12.56
N ILE M 49 14.16 0.12 11.48
CA ILE M 49 15.31 1.01 11.61
C ILE M 49 14.97 2.21 12.48
N ASP M 50 13.82 2.82 12.20
CA ASP M 50 13.38 4.00 12.95
C ASP M 50 13.25 3.68 14.43
N LEU M 51 12.68 2.52 14.72
CA LEU M 51 12.48 2.09 16.08
C LEU M 51 13.80 2.07 16.84
N THR M 52 14.86 1.72 16.13
CA THR M 52 16.18 1.66 16.75
C THR M 52 16.60 3.01 17.30
N ASP M 53 16.52 4.03 16.47
CA ASP M 53 16.93 5.37 16.88
C ASP M 53 16.10 5.88 18.05
N LYS M 54 14.78 5.78 17.94
CA LYS M 54 13.91 6.27 18.99
C LYS M 54 14.06 5.47 20.28
N LEU M 55 14.23 4.16 20.15
CA LEU M 55 14.36 3.32 21.34
C LEU M 55 15.47 3.84 22.24
N VAL M 56 16.62 4.12 21.66
CA VAL M 56 17.72 4.64 22.45
C VAL M 56 17.45 6.08 22.89
N SER M 57 16.74 6.83 22.06
CA SER M 57 16.45 8.23 22.37
C SER M 57 15.78 8.41 23.73
N TYR M 58 14.84 7.54 24.05
CA TYR M 58 14.12 7.65 25.33
C TYR M 58 14.93 7.09 26.50
N TYR M 59 15.66 6.00 26.28
CA TYR M 59 16.43 5.38 27.36
C TYR M 59 17.92 5.50 27.10
N LEU M 60 18.69 5.65 28.17
CA LEU M 60 20.13 5.78 28.03
C LEU M 60 20.70 4.50 27.42
N GLU M 61 21.85 4.63 26.77
CA GLU M 61 22.45 3.48 26.12
C GLU M 61 22.70 2.33 27.09
N SER M 62 23.20 2.65 28.28
CA SER M 62 23.49 1.60 29.26
C SER M 62 22.22 0.88 29.70
N TYR M 63 21.28 1.65 30.24
CA TYR M 63 20.02 1.08 30.70
C TYR M 63 19.16 0.63 29.53
N GLY M 64 19.17 1.41 28.47
CA GLY M 64 18.35 1.08 27.30
C GLY M 64 18.74 -0.27 26.71
N LEU M 65 20.04 -0.54 26.65
CA LEU M 65 20.53 -1.80 26.09
C LEU M 65 20.06 -2.99 26.91
N GLU M 66 20.11 -2.86 28.24
CA GLU M 66 19.70 -3.94 29.12
C GLU M 66 18.19 -4.20 29.03
N LEU M 67 17.42 -3.12 28.91
CA LEU M 67 15.97 -3.22 28.83
C LEU M 67 15.53 -4.10 27.66
N THR M 68 16.26 -4.02 26.56
CA THR M 68 15.92 -4.79 25.38
C THR M 68 15.94 -6.29 25.67
N MET M 69 17.03 -6.76 26.24
CA MET M 69 17.18 -8.19 26.52
C MET M 69 16.05 -8.69 27.39
N THR M 70 15.65 -7.88 28.35
CA THR M 70 14.59 -8.28 29.25
C THR M 70 13.34 -8.69 28.45
N VAL M 71 13.06 -7.95 27.39
CA VAL M 71 11.89 -8.23 26.55
C VAL M 71 12.13 -9.43 25.63
N LEU M 72 13.34 -9.55 25.08
CA LEU M 72 13.64 -10.68 24.19
C LEU M 72 13.45 -12.02 24.89
N ARG M 73 13.93 -12.12 26.12
CA ARG M 73 13.75 -13.35 26.81
C ARG M 73 12.26 -13.58 27.06
N ASP M 74 11.53 -12.52 27.39
CA ASP M 74 10.10 -12.65 27.69
C ASP M 74 9.33 -13.35 26.57
N MET M 75 9.65 -13.02 25.31
CA MET M 75 8.99 -13.65 24.17
C MET M 75 9.52 -15.06 24.01
N GLY M 76 10.35 -15.46 24.96
CA GLY M 76 10.98 -16.77 24.94
C GLY M 76 12.48 -16.60 24.80
N LEU M 77 13.24 -17.57 25.27
CA LEU M 77 14.70 -17.46 25.17
C LEU M 77 15.12 -17.64 23.72
N GLN M 78 15.75 -16.61 23.19
CA GLN M 78 16.23 -16.65 21.81
C GLN M 78 17.75 -16.61 21.81
N GLU M 79 18.34 -17.17 20.76
CA GLU M 79 19.78 -17.15 20.68
C GLU M 79 20.24 -15.70 20.64
N LEU M 80 19.36 -14.85 20.10
CA LEU M 80 19.66 -13.42 20.01
C LEU M 80 19.96 -12.81 21.36
N ALA M 81 19.14 -13.12 22.36
CA ALA M 81 19.35 -12.57 23.68
C ALA M 81 20.78 -12.83 24.12
N GLU M 82 21.26 -14.05 23.91
CA GLU M 82 22.61 -14.39 24.28
C GLU M 82 23.61 -13.67 23.39
N GLN M 83 23.36 -13.71 22.08
CA GLN M 83 24.27 -13.06 21.14
C GLN M 83 24.44 -11.60 21.46
N LEU M 84 23.34 -10.94 21.76
CA LEU M 84 23.38 -9.52 22.08
C LEU M 84 24.11 -9.28 23.39
N GLN M 85 23.90 -10.15 24.37
CA GLN M 85 24.55 -9.99 25.66
C GLN M 85 26.06 -9.91 25.50
N THR M 86 26.60 -10.70 24.56
CA THR M 86 28.04 -10.69 24.33
C THR M 86 28.52 -9.26 24.10
N THR M 87 27.67 -8.45 23.48
CA THR M 87 28.02 -7.07 23.21
C THR M 87 28.19 -6.30 24.52
N LYS M 88 27.38 -6.64 25.53
CA LYS M 88 27.44 -5.97 26.82
C LYS M 88 28.87 -5.99 27.36
N GLU M 89 29.49 -7.17 27.32
CA GLU M 89 30.85 -7.32 27.80
C GLU M 89 31.79 -6.53 26.90
N GLY N 1 35.81 19.96 -9.12
CA GLY N 1 36.35 18.65 -8.78
C GLY N 1 35.37 17.54 -9.15
N ARG N 2 35.84 16.60 -9.96
CA ARG N 2 35.00 15.48 -10.39
C ARG N 2 34.53 14.66 -9.20
N ALA N 3 35.17 14.88 -8.04
CA ALA N 3 34.81 14.14 -6.84
C ALA N 3 33.31 14.22 -6.55
N ARG N 4 32.74 15.41 -6.63
CA ARG N 4 31.32 15.56 -6.38
C ARG N 4 30.51 14.72 -7.34
N ASP N 5 30.86 14.80 -8.61
CA ASP N 5 30.15 14.06 -9.65
C ASP N 5 30.26 12.55 -9.46
N ALA N 6 31.42 12.08 -9.02
CA ALA N 6 31.62 10.64 -8.84
C ALA N 6 30.69 10.07 -7.76
N ILE N 7 30.71 10.68 -6.59
CA ILE N 7 29.87 10.21 -5.50
C ILE N 7 28.42 10.22 -5.90
N LEU N 8 27.99 11.32 -6.49
CA LEU N 8 26.61 11.47 -6.90
C LEU N 8 26.13 10.27 -7.71
N ASP N 9 26.85 9.93 -8.75
CA ASP N 9 26.44 8.82 -9.61
C ASP N 9 26.28 7.51 -8.85
N ALA N 10 27.23 7.20 -7.99
CA ALA N 10 27.17 5.95 -7.24
C ALA N 10 26.10 5.96 -6.14
N LEU N 11 25.98 7.07 -5.44
CA LEU N 11 25.01 7.14 -4.34
C LEU N 11 23.57 6.96 -4.84
N GLU N 12 23.28 7.52 -6.01
CA GLU N 12 21.93 7.45 -6.59
C GLU N 12 21.50 6.02 -6.96
N ASN N 13 22.46 5.09 -7.03
CA ASN N 13 22.13 3.71 -7.40
C ASN N 13 21.64 2.87 -6.21
N LEU N 14 21.41 3.51 -5.07
CA LEU N 14 20.92 2.80 -3.89
C LEU N 14 19.39 2.81 -3.85
N SER N 15 18.81 1.74 -3.33
CA SER N 15 17.34 1.66 -3.22
C SER N 15 16.85 2.62 -2.15
N GLY N 16 15.55 2.90 -2.17
CA GLY N 16 14.96 3.84 -1.22
C GLY N 16 15.17 3.42 0.24
N ASP N 17 15.03 2.13 0.54
CA ASP N 17 15.18 1.69 1.93
C ASP N 17 16.62 1.79 2.45
N GLU N 18 17.59 1.29 1.69
CA GLU N 18 18.97 1.34 2.12
C GLU N 18 19.39 2.77 2.38
N LEU N 19 18.84 3.69 1.59
CA LEU N 19 19.16 5.09 1.75
C LEU N 19 18.94 5.51 3.19
N LYS N 20 17.81 5.11 3.76
CA LYS N 20 17.53 5.47 5.13
C LYS N 20 18.60 4.88 6.01
N LYS N 21 18.97 3.65 5.73
CA LYS N 21 19.98 2.98 6.53
C LYS N 21 21.29 3.71 6.44
N PHE N 22 21.62 4.20 5.27
CA PHE N 22 22.87 4.91 5.08
C PHE N 22 22.91 6.20 5.87
N LYS N 23 21.91 7.05 5.65
CA LYS N 23 21.88 8.35 6.32
C LYS N 23 21.89 8.20 7.84
N MET N 24 21.01 7.35 8.35
CA MET N 24 20.93 7.13 9.79
C MET N 24 22.23 6.59 10.36
N LYS N 25 22.84 5.64 9.67
CA LYS N 25 24.08 5.04 10.16
C LYS N 25 25.19 6.08 10.22
N LEU N 26 25.17 6.99 9.26
CA LEU N 26 26.19 8.03 9.18
C LEU N 26 26.25 8.84 10.47
N LEU N 27 25.10 9.07 11.06
CA LEU N 27 25.02 9.85 12.29
C LEU N 27 25.80 9.18 13.42
N THR N 28 25.83 7.84 13.43
CA THR N 28 26.52 7.10 14.49
C THR N 28 27.95 6.70 14.12
N VAL N 29 28.40 7.08 12.93
CA VAL N 29 29.75 6.70 12.52
C VAL N 29 30.79 7.61 13.15
N GLN N 30 31.98 7.05 13.42
CA GLN N 30 33.06 7.82 14.03
C GLN N 30 33.82 8.61 12.97
N LEU N 31 34.09 9.88 13.28
CA LEU N 31 34.78 10.76 12.36
C LEU N 31 36.11 11.25 12.92
N ARG N 32 37.00 11.65 12.03
CA ARG N 32 38.31 12.16 12.44
C ARG N 32 38.14 13.48 13.20
N GLU N 33 38.98 13.71 14.20
CA GLU N 33 38.90 14.94 15.00
C GLU N 33 39.21 16.18 14.17
N GLY N 34 38.57 17.29 14.51
CA GLY N 34 38.79 18.56 13.81
C GLY N 34 37.65 18.84 12.82
N TYR N 35 36.63 17.99 12.84
CA TYR N 35 35.48 18.14 11.95
C TYR N 35 34.19 18.18 12.73
N GLY N 36 33.14 18.70 12.11
CA GLY N 36 31.84 18.79 12.77
C GLY N 36 30.92 17.63 12.41
N ARG N 37 29.76 17.64 13.03
CA ARG N 37 28.72 16.62 12.81
C ARG N 37 27.51 17.27 12.18
N ILE N 38 26.84 16.57 11.29
CA ILE N 38 25.69 17.18 10.59
C ILE N 38 24.42 17.13 11.44
N PRO N 39 23.70 18.24 11.54
CA PRO N 39 22.45 18.33 12.34
C PRO N 39 21.47 17.20 12.02
N ARG N 40 20.90 16.62 13.06
CA ARG N 40 19.96 15.52 12.89
C ARG N 40 18.71 15.95 12.10
N GLY N 41 18.13 17.07 12.49
CA GLY N 41 16.91 17.56 11.85
C GLY N 41 17.01 17.68 10.33
N ALA N 42 18.11 18.26 9.85
CA ALA N 42 18.28 18.46 8.41
C ALA N 42 18.41 17.14 7.66
N LEU N 43 19.23 16.24 8.18
CA LEU N 43 19.47 14.96 7.54
C LEU N 43 18.18 14.16 7.30
N LEU N 44 17.26 14.20 8.25
CA LEU N 44 16.02 13.42 8.13
C LEU N 44 15.17 13.78 6.92
N GLN N 45 15.17 15.05 6.51
CA GLN N 45 14.33 15.49 5.38
C GLN N 45 15.12 15.74 4.08
N MET N 46 16.42 15.49 4.08
CA MET N 46 17.23 15.76 2.89
C MET N 46 17.00 14.75 1.76
N ASP N 47 17.38 15.18 0.55
CA ASP N 47 17.26 14.35 -0.65
C ASP N 47 18.63 13.80 -1.04
N ALA N 48 18.63 12.79 -1.91
CA ALA N 48 19.88 12.17 -2.35
C ALA N 48 20.81 13.17 -3.04
N ILE N 49 20.27 13.99 -3.94
CA ILE N 49 21.12 14.97 -4.64
C ILE N 49 21.67 16.00 -3.67
N ASP N 50 20.78 16.54 -2.83
CA ASP N 50 21.15 17.56 -1.87
C ASP N 50 22.23 17.04 -0.92
N LEU N 51 22.06 15.81 -0.49
CA LEU N 51 22.99 15.17 0.42
C LEU N 51 24.39 15.18 -0.17
N THR N 52 24.47 15.01 -1.48
CA THR N 52 25.75 14.99 -2.16
C THR N 52 26.52 16.29 -1.97
N ASP N 53 25.86 17.40 -2.23
CA ASP N 53 26.50 18.70 -2.11
C ASP N 53 26.95 18.98 -0.68
N LYS N 54 26.06 18.78 0.27
CA LYS N 54 26.39 19.04 1.67
C LYS N 54 27.45 18.10 2.19
N LEU N 55 27.39 16.83 1.79
CA LEU N 55 28.37 15.85 2.26
C LEU N 55 29.79 16.34 2.01
N VAL N 56 30.04 16.81 0.80
CA VAL N 56 31.36 17.32 0.47
C VAL N 56 31.61 18.65 1.17
N SER N 57 30.57 19.44 1.35
CA SER N 57 30.71 20.75 1.98
C SER N 57 31.38 20.69 3.33
N TYR N 58 31.01 19.71 4.15
CA TYR N 58 31.60 19.58 5.48
C TYR N 58 32.99 18.94 5.47
N TYR N 59 33.20 17.97 4.59
CA TYR N 59 34.49 17.28 4.54
C TYR N 59 35.20 17.56 3.23
N LEU N 60 36.53 17.65 3.28
CA LEU N 60 37.31 17.91 2.08
C LEU N 60 37.09 16.78 1.08
N GLU N 61 37.29 17.09 -0.19
CA GLU N 61 37.08 16.10 -1.24
C GLU N 61 37.94 14.86 -1.03
N SER N 62 39.20 15.07 -0.67
CA SER N 62 40.10 13.93 -0.47
C SER N 62 39.64 13.05 0.69
N TYR N 63 39.53 13.64 1.87
CA TYR N 63 39.10 12.90 3.04
C TYR N 63 37.63 12.54 2.96
N GLY N 64 36.82 13.45 2.43
CA GLY N 64 35.40 13.21 2.33
C GLY N 64 35.10 12.00 1.46
N LEU N 65 35.82 11.85 0.36
CA LEU N 65 35.62 10.74 -0.55
C LEU N 65 35.92 9.40 0.14
N GLU N 66 37.00 9.36 0.90
CA GLU N 66 37.40 8.13 1.60
C GLU N 66 36.40 7.76 2.69
N LEU N 67 35.88 8.77 3.39
CA LEU N 67 34.94 8.54 4.47
C LEU N 67 33.69 7.80 3.98
N THR N 68 33.28 8.09 2.76
CA THR N 68 32.09 7.46 2.22
C THR N 68 32.26 5.95 2.15
N MET N 69 33.35 5.50 1.54
CA MET N 69 33.59 4.07 1.39
C MET N 69 33.56 3.36 2.71
N THR N 70 34.12 3.98 3.72
CA THR N 70 34.16 3.37 5.04
C THR N 70 32.77 2.97 5.49
N VAL N 71 31.78 3.82 5.19
CA VAL N 71 30.39 3.54 5.57
C VAL N 71 29.74 2.50 4.64
N LEU N 72 30.05 2.56 3.34
CA LEU N 72 29.46 1.59 2.40
C LEU N 72 29.83 0.17 2.77
N ARG N 73 31.08 -0.05 3.10
CA ARG N 73 31.46 -1.38 3.48
C ARG N 73 30.74 -1.78 4.76
N ASP N 74 30.61 -0.83 5.70
CA ASP N 74 29.97 -1.13 6.98
C ASP N 74 28.58 -1.75 6.81
N MET N 75 27.81 -1.22 5.86
CA MET N 75 26.46 -1.75 5.61
C MET N 75 26.57 -3.07 4.88
N GLY N 76 27.82 -3.52 4.72
CA GLY N 76 28.12 -4.75 4.02
C GLY N 76 28.93 -4.43 2.78
N LEU N 77 29.72 -5.38 2.30
CA LEU N 77 30.52 -5.14 1.12
C LEU N 77 29.64 -5.08 -0.11
N GLN N 78 29.65 -3.94 -0.77
CA GLN N 78 28.85 -3.75 -1.96
C GLN N 78 29.77 -3.58 -3.16
N GLU N 79 29.28 -3.93 -4.33
CA GLU N 79 30.08 -3.77 -5.52
C GLU N 79 30.40 -2.30 -5.68
N LEU N 80 29.50 -1.46 -5.18
CA LEU N 80 29.66 -0.01 -5.25
C LEU N 80 30.96 0.44 -4.59
N ALA N 81 31.23 -0.07 -3.40
CA ALA N 81 32.44 0.32 -2.69
C ALA N 81 33.64 0.13 -3.59
N GLU N 82 33.70 -1.01 -4.28
CA GLU N 82 34.81 -1.28 -5.18
C GLU N 82 34.75 -0.36 -6.39
N GLN N 83 33.56 -0.24 -6.99
CA GLN N 83 33.39 0.60 -8.16
C GLN N 83 33.82 2.02 -7.87
N LEU N 84 33.42 2.53 -6.73
CA LEU N 84 33.77 3.89 -6.36
C LEU N 84 35.28 4.03 -6.12
N GLN N 85 35.88 3.01 -5.51
CA GLN N 85 37.31 3.06 -5.22
C GLN N 85 38.10 3.29 -6.50
N THR N 86 37.65 2.70 -7.59
CA THR N 86 38.33 2.86 -8.86
C THR N 86 38.52 4.34 -9.16
N THR N 87 37.56 5.15 -8.75
CA THR N 87 37.64 6.59 -8.97
C THR N 87 38.81 7.19 -8.20
N LYS N 88 39.09 6.63 -7.01
CA LYS N 88 40.19 7.14 -6.19
C LYS N 88 41.49 7.16 -7.00
N GLU N 89 41.77 6.06 -7.68
CA GLU N 89 42.97 5.98 -8.50
C GLU N 89 42.87 6.97 -9.66
N GLY O 1 18.09 38.27 -30.24
CA GLY O 1 18.62 36.98 -30.67
C GLY O 1 17.67 35.85 -30.28
N ARG O 2 17.27 35.07 -31.28
CA ARG O 2 16.37 33.95 -31.05
C ARG O 2 16.99 32.94 -30.09
N ALA O 3 18.30 33.05 -29.87
CA ALA O 3 19.00 32.13 -28.99
C ALA O 3 18.32 32.04 -27.62
N ARG O 4 17.97 33.17 -27.04
CA ARG O 4 17.31 33.15 -25.74
C ARG O 4 16.01 32.37 -25.80
N ASP O 5 15.22 32.65 -26.83
CA ASP O 5 13.94 31.99 -27.00
C ASP O 5 14.08 30.49 -27.21
N ALA O 6 15.11 30.08 -27.94
CA ALA O 6 15.30 28.66 -28.20
C ALA O 6 15.57 27.87 -26.92
N ILE O 7 16.54 28.31 -26.14
CA ILE O 7 16.87 27.63 -24.90
C ILE O 7 15.66 27.55 -23.98
N LEU O 8 14.99 28.67 -23.83
CA LEU O 8 13.83 28.75 -22.97
C LEU O 8 12.84 27.63 -23.26
N ASP O 9 12.43 27.50 -24.51
CA ASP O 9 11.44 26.48 -24.86
C ASP O 9 11.89 25.07 -24.48
N ALA O 10 13.14 24.74 -24.76
CA ALA O 10 13.64 23.39 -24.46
C ALA O 10 13.86 23.16 -22.97
N LEU O 11 14.39 24.16 -22.27
CA LEU O 11 14.67 24.00 -20.85
C LEU O 11 13.40 23.75 -20.04
N GLU O 12 12.31 24.43 -20.41
CA GLU O 12 11.03 24.32 -19.71
C GLU O 12 10.40 22.91 -19.83
N ASN O 13 10.89 22.09 -20.76
CA ASN O 13 10.33 20.74 -20.93
C ASN O 13 10.93 19.72 -19.96
N LEU O 14 11.72 20.18 -19.00
CA LEU O 14 12.32 19.27 -18.02
C LEU O 14 11.43 19.14 -16.79
N SER O 15 11.43 17.96 -16.18
CA SER O 15 10.63 17.73 -14.98
C SER O 15 11.22 18.49 -13.80
N GLY O 16 10.43 18.66 -12.75
CA GLY O 16 10.87 19.39 -11.57
C GLY O 16 12.13 18.81 -10.93
N ASP O 17 12.23 17.49 -10.85
CA ASP O 17 13.39 16.87 -10.20
C ASP O 17 14.68 17.04 -11.01
N GLU O 18 14.64 16.74 -12.30
CA GLU O 18 15.84 16.86 -13.12
C GLU O 18 16.37 18.29 -13.09
N LEU O 19 15.44 19.23 -12.98
CA LEU O 19 15.84 20.62 -12.92
C LEU O 19 16.87 20.83 -11.82
N LYS O 20 16.61 20.25 -10.65
CA LYS O 20 17.54 20.40 -9.57
C LYS O 20 18.86 19.81 -9.97
N LYS O 21 18.80 18.66 -10.63
CA LYS O 21 20.02 17.98 -11.05
C LYS O 21 20.78 18.85 -12.01
N PHE O 22 20.07 19.51 -12.90
CA PHE O 22 20.72 20.34 -13.89
C PHE O 22 21.43 21.53 -13.24
N LYS O 23 20.70 22.31 -12.46
CA LYS O 23 21.27 23.49 -11.83
C LYS O 23 22.47 23.14 -10.96
N MET O 24 22.30 22.15 -10.10
CA MET O 24 23.37 21.74 -9.20
C MET O 24 24.59 21.25 -9.98
N LYS O 25 24.37 20.45 -11.01
CA LYS O 25 25.50 19.92 -11.78
C LYS O 25 26.26 21.05 -12.47
N LEU O 26 25.54 22.07 -12.89
CA LEU O 26 26.15 23.20 -13.58
C LEU O 26 27.24 23.83 -12.73
N LEU O 27 27.02 23.88 -11.44
CA LEU O 27 27.98 24.47 -10.52
C LEU O 27 29.31 23.74 -10.57
N THR O 28 29.27 22.42 -10.79
CA THR O 28 30.51 21.62 -10.81
C THR O 28 31.06 21.39 -12.22
N VAL O 29 30.42 21.97 -13.22
CA VAL O 29 30.88 21.78 -14.60
C VAL O 29 32.07 22.69 -14.90
N GLN O 30 32.98 22.21 -15.76
CA GLN O 30 34.15 22.98 -16.13
C GLN O 30 33.81 23.98 -17.23
N LEU O 31 34.29 25.21 -17.07
CA LEU O 31 34.03 26.28 -18.03
C LEU O 31 35.30 26.80 -18.67
N ARG O 32 35.16 27.39 -19.85
CA ARG O 32 36.30 27.97 -20.56
C ARG O 32 36.85 29.15 -19.76
N GLU O 33 38.18 29.33 -19.79
CA GLU O 33 38.82 30.42 -19.07
C GLU O 33 38.42 31.79 -19.62
N GLY O 34 38.36 32.78 -18.73
CA GLY O 34 37.99 34.14 -19.12
C GLY O 34 36.53 34.44 -18.78
N TYR O 35 35.89 33.51 -18.10
CA TYR O 35 34.49 33.67 -17.71
C TYR O 35 34.33 33.48 -16.20
N GLY O 36 33.21 33.98 -15.67
CA GLY O 36 32.95 33.87 -14.25
C GLY O 36 32.04 32.69 -13.91
N ARG O 37 31.83 32.50 -12.62
CA ARG O 37 30.99 31.43 -12.09
C ARG O 37 29.78 32.05 -11.41
N ILE O 38 28.61 31.41 -11.52
CA ILE O 38 27.40 31.99 -10.95
C ILE O 38 27.30 31.71 -9.45
N PRO O 39 27.00 32.72 -8.65
CA PRO O 39 26.87 32.60 -7.16
C PRO O 39 25.97 31.45 -6.76
N ARG O 40 26.41 30.67 -5.78
CA ARG O 40 25.65 29.53 -5.31
C ARG O 40 24.30 29.93 -4.73
N GLY O 41 24.30 30.94 -3.87
CA GLY O 41 23.07 31.39 -3.21
C GLY O 41 21.95 31.73 -4.18
N ALA O 42 22.26 32.46 -5.24
CA ALA O 42 21.23 32.85 -6.20
C ALA O 42 20.65 31.67 -6.96
N LEU O 43 21.52 30.78 -7.43
CA LEU O 43 21.09 29.63 -8.20
C LEU O 43 20.07 28.76 -7.46
N LEU O 44 20.27 28.57 -6.15
CA LEU O 44 19.39 27.72 -5.37
C LEU O 44 17.93 28.16 -5.36
N GLN O 45 17.68 29.47 -5.41
CA GLN O 45 16.28 29.96 -5.35
C GLN O 45 15.74 30.46 -6.70
N MET O 46 16.52 30.33 -7.77
CA MET O 46 16.08 30.83 -9.08
C MET O 46 15.00 29.96 -9.73
N ASP O 47 14.30 30.57 -10.69
CA ASP O 47 13.23 29.91 -11.44
C ASP O 47 13.72 29.54 -12.84
N ALA O 48 12.99 28.65 -13.51
CA ALA O 48 13.38 28.22 -14.84
C ALA O 48 13.44 29.38 -15.84
N ILE O 49 12.45 30.26 -15.83
CA ILE O 49 12.45 31.40 -16.76
C ILE O 49 13.60 32.34 -16.45
N ASP O 50 13.74 32.68 -15.17
CA ASP O 50 14.80 33.59 -14.73
C ASP O 50 16.17 33.05 -15.10
N LEU O 51 16.35 31.76 -14.89
CA LEU O 51 17.61 31.11 -15.18
C LEU O 51 17.99 31.32 -16.64
N THR O 52 16.99 31.34 -17.50
CA THR O 52 17.23 31.53 -18.92
C THR O 52 17.92 32.85 -19.21
N ASP O 53 17.35 33.93 -18.68
CA ASP O 53 17.91 35.25 -18.91
C ASP O 53 19.34 35.37 -18.38
N LYS O 54 19.53 34.97 -17.14
CA LYS O 54 20.85 35.07 -16.53
C LYS O 54 21.87 34.17 -17.19
N LEU O 55 21.45 32.97 -17.58
CA LEU O 55 22.38 32.04 -18.22
C LEU O 55 23.06 32.69 -19.41
N VAL O 56 22.28 33.33 -20.26
CA VAL O 56 22.84 33.99 -21.41
C VAL O 56 23.62 35.23 -20.99
N SER O 57 23.17 35.89 -19.95
CA SER O 57 23.81 37.13 -19.48
C SER O 57 25.29 36.94 -19.22
N TYR O 58 25.66 35.83 -18.59
CA TYR O 58 27.07 35.58 -18.28
C TYR O 58 27.87 35.09 -19.47
N TYR O 59 27.27 34.25 -20.32
CA TYR O 59 27.98 33.71 -21.46
C TYR O 59 27.38 34.22 -22.77
N LEU O 60 28.23 34.42 -23.77
CA LEU O 60 27.77 34.90 -25.05
C LEU O 60 26.79 33.92 -25.66
N GLU O 61 25.91 34.40 -26.53
CA GLU O 61 24.91 33.55 -27.13
C GLU O 61 25.55 32.38 -27.88
N SER O 62 26.60 32.63 -28.63
CA SER O 62 27.25 31.58 -29.39
C SER O 62 27.85 30.52 -28.47
N TYR O 63 28.73 30.93 -27.60
CA TYR O 63 29.38 30.01 -26.67
C TYR O 63 28.40 29.52 -25.61
N GLY O 64 27.54 30.43 -25.15
CA GLY O 64 26.56 30.06 -24.12
C GLY O 64 25.64 28.95 -24.59
N LEU O 65 25.22 29.02 -25.84
CA LEU O 65 24.30 28.02 -26.39
C LEU O 65 24.97 26.64 -26.42
N GLU O 66 26.23 26.60 -26.84
CA GLU O 66 26.96 25.33 -26.92
C GLU O 66 27.19 24.73 -25.53
N LEU O 67 27.50 25.59 -24.56
CA LEU O 67 27.76 25.13 -23.20
C LEU O 67 26.58 24.35 -22.63
N THR O 68 25.37 24.76 -22.98
CA THR O 68 24.19 24.10 -22.47
C THR O 68 24.16 22.63 -22.87
N MET O 69 24.33 22.37 -24.17
CA MET O 69 24.28 21.00 -24.67
C MET O 69 25.27 20.12 -23.96
N THR O 70 26.45 20.65 -23.71
CA THR O 70 27.49 19.88 -23.05
C THR O 70 26.97 19.30 -21.73
N VAL O 71 26.17 20.08 -21.01
CA VAL O 71 25.61 19.63 -19.74
C VAL O 71 24.43 18.67 -19.93
N LEU O 72 23.59 18.92 -20.94
CA LEU O 72 22.44 18.05 -21.19
C LEU O 72 22.89 16.62 -21.47
N ARG O 73 23.91 16.48 -22.30
CA ARG O 73 24.37 15.15 -22.58
C ARG O 73 24.93 14.52 -21.31
N ASP O 74 25.64 15.32 -20.50
CA ASP O 74 26.26 14.80 -19.28
C ASP O 74 25.25 14.08 -18.38
N MET O 75 24.05 14.65 -18.25
CA MET O 75 23.00 14.05 -17.43
C MET O 75 22.43 12.84 -18.15
N GLY O 76 23.03 12.54 -19.29
CA GLY O 76 22.60 11.44 -20.14
C GLY O 76 22.14 12.00 -21.47
N LEU O 77 22.18 11.19 -22.52
CA LEU O 77 21.75 11.66 -23.83
C LEU O 77 20.24 11.80 -23.85
N GLN O 78 19.78 13.02 -24.07
CA GLN O 78 18.36 13.29 -24.12
C GLN O 78 17.97 13.70 -25.54
N GLU O 79 16.73 13.45 -25.91
CA GLU O 79 16.29 13.85 -27.22
C GLU O 79 16.43 15.35 -27.35
N LEU O 80 16.33 16.03 -26.20
CA LEU O 80 16.44 17.49 -26.15
C LEU O 80 17.77 17.96 -26.71
N ALA O 81 18.85 17.32 -26.29
CA ALA O 81 20.17 17.73 -26.76
C ALA O 81 20.18 17.77 -28.28
N GLU O 82 19.62 16.75 -28.90
CA GLU O 82 19.56 16.71 -30.35
C GLU O 82 18.61 17.76 -30.89
N GLN O 83 17.42 17.84 -30.29
CA GLN O 83 16.42 18.82 -30.73
C GLN O 83 16.99 20.23 -30.69
N LEU O 84 17.67 20.55 -29.60
CA LEU O 84 18.25 21.86 -29.45
C LEU O 84 19.36 22.10 -30.48
N GLN O 85 20.17 21.08 -30.73
CA GLN O 85 21.26 21.22 -31.69
C GLN O 85 20.74 21.69 -33.04
N THR O 86 19.57 21.21 -33.42
CA THR O 86 18.99 21.60 -34.70
C THR O 86 18.94 23.12 -34.81
N THR O 87 18.73 23.77 -33.67
CA THR O 87 18.67 25.23 -33.64
C THR O 87 20.02 25.83 -34.01
N LYS O 88 21.09 25.15 -33.61
CA LYS O 88 22.44 25.64 -33.91
C LYS O 88 22.60 25.89 -35.40
N GLU O 89 22.17 24.92 -36.21
CA GLU O 89 22.25 25.05 -37.66
C GLU O 89 21.32 26.17 -38.12
N GLY A 1 -7.23 -15.93 -34.41
CA GLY A 1 -6.51 -17.18 -34.64
C GLY A 1 -7.09 -18.30 -33.80
N ARG A 2 -8.12 -18.94 -34.32
CA ARG A 2 -8.78 -20.03 -33.60
C ARG A 2 -7.74 -21.04 -33.08
N ALA A 3 -6.49 -20.86 -33.46
CA ALA A 3 -5.43 -21.76 -33.03
C ALA A 3 -5.45 -21.95 -31.51
N ARG A 4 -5.55 -20.85 -30.78
CA ARG A 4 -5.58 -20.94 -29.32
C ARG A 4 -6.79 -21.77 -28.88
N ASP A 5 -7.93 -21.47 -29.47
CA ASP A 5 -9.16 -22.17 -29.11
C ASP A 5 -9.13 -23.64 -29.49
N ALA A 6 -8.53 -23.95 -30.62
CA ALA A 6 -8.47 -25.33 -31.08
C ALA A 6 -7.67 -26.19 -30.10
N ILE A 7 -6.46 -25.75 -29.79
CA ILE A 7 -5.61 -26.50 -28.87
C ILE A 7 -6.32 -26.66 -27.53
N LEU A 8 -6.84 -25.57 -27.01
CA LEU A 8 -7.50 -25.57 -25.73
C LEU A 8 -8.55 -26.66 -25.64
N ASP A 9 -9.45 -26.71 -26.61
CA ASP A 9 -10.52 -27.70 -26.59
C ASP A 9 -10.01 -29.14 -26.52
N ALA A 10 -9.01 -29.47 -27.32
CA ALA A 10 -8.48 -30.83 -27.34
C ALA A 10 -7.64 -31.17 -26.10
N LEU A 11 -6.71 -30.30 -25.75
CA LEU A 11 -5.84 -30.55 -24.61
C LEU A 11 -6.63 -30.88 -23.35
N GLU A 12 -7.76 -30.20 -23.17
CA GLU A 12 -8.61 -30.40 -21.98
C GLU A 12 -9.23 -31.80 -21.92
N ASN A 13 -9.20 -32.55 -23.02
CA ASN A 13 -9.79 -33.91 -23.04
C ASN A 13 -8.84 -34.98 -22.50
N LEU A 14 -7.73 -34.57 -21.90
CA LEU A 14 -6.76 -35.54 -21.34
C LEU A 14 -7.03 -35.80 -19.87
N SER A 15 -6.71 -37.02 -19.42
CA SER A 15 -6.91 -37.38 -18.02
C SER A 15 -5.89 -36.67 -17.14
N GLY A 16 -6.14 -36.65 -15.83
CA GLY A 16 -5.25 -35.97 -14.90
C GLY A 16 -3.83 -36.51 -14.94
N ASP A 17 -3.69 -37.83 -14.91
CA ASP A 17 -2.35 -38.44 -14.91
C ASP A 17 -1.62 -38.22 -16.23
N GLU A 18 -2.31 -38.45 -17.33
CA GLU A 18 -1.70 -38.30 -18.64
C GLU A 18 -1.16 -36.88 -18.80
N LEU A 19 -1.87 -35.93 -18.23
CA LEU A 19 -1.45 -34.55 -18.30
C LEU A 19 -0.03 -34.38 -17.75
N LYS A 20 0.25 -35.01 -16.63
CA LYS A 20 1.58 -34.88 -16.06
C LYS A 20 2.58 -35.38 -17.05
N LYS A 21 2.27 -36.49 -17.68
CA LYS A 21 3.19 -37.08 -18.63
C LYS A 21 3.48 -36.12 -19.75
N PHE A 22 2.45 -35.41 -20.18
CA PHE A 22 2.62 -34.46 -21.27
C PHE A 22 3.58 -33.34 -20.90
N LYS A 23 3.31 -32.68 -19.78
CA LYS A 23 4.17 -31.57 -19.35
C LYS A 23 5.62 -31.98 -19.23
N MET A 24 5.87 -33.06 -18.49
CA MET A 24 7.21 -33.54 -18.26
C MET A 24 7.90 -33.90 -19.57
N LYS A 25 7.18 -34.54 -20.47
CA LYS A 25 7.78 -34.92 -21.75
C LYS A 25 8.21 -33.69 -22.53
N LEU A 26 7.38 -32.65 -22.48
CA LEU A 26 7.66 -31.41 -23.20
C LEU A 26 9.00 -30.82 -22.80
N LEU A 27 9.33 -30.94 -21.53
CA LEU A 27 10.59 -30.40 -21.04
C LEU A 27 11.78 -31.05 -21.72
N THR A 28 11.65 -32.32 -22.09
CA THR A 28 12.77 -33.05 -22.72
C THR A 28 12.64 -33.17 -24.24
N VAL A 29 11.61 -32.56 -24.82
CA VAL A 29 11.42 -32.64 -26.26
C VAL A 29 12.37 -31.69 -26.99
N GLN A 30 12.81 -32.09 -28.17
CA GLN A 30 13.72 -31.27 -28.97
C GLN A 30 12.94 -30.21 -29.75
N LEU A 31 13.45 -28.98 -29.73
CA LEU A 31 12.81 -27.86 -30.41
C LEU A 31 13.73 -27.25 -31.46
N ARG A 32 13.13 -26.59 -32.44
CA ARG A 32 13.91 -25.93 -33.49
C ARG A 32 14.71 -24.78 -32.89
N GLU A 33 15.89 -24.51 -33.45
CA GLU A 33 16.74 -23.43 -32.95
C GLU A 33 16.12 -22.06 -33.17
N GLY A 34 16.43 -21.13 -32.28
CA GLY A 34 15.90 -19.76 -32.36
C GLY A 34 14.75 -19.55 -31.40
N TYR A 35 14.45 -20.57 -30.59
CA TYR A 35 13.37 -20.50 -29.63
C TYR A 35 13.87 -20.78 -28.22
N GLY A 36 13.11 -20.34 -27.23
CA GLY A 36 13.51 -20.55 -25.84
C GLY A 36 12.85 -21.79 -25.24
N ARG A 37 13.20 -22.07 -23.99
CA ARG A 37 12.67 -23.23 -23.27
C ARG A 37 11.90 -22.69 -22.09
N ILE A 38 10.83 -23.37 -21.70
CA ILE A 38 9.98 -22.88 -20.61
C ILE A 38 10.54 -23.28 -19.24
N PRO A 39 10.61 -22.34 -18.31
CA PRO A 39 11.14 -22.60 -16.93
C PRO A 39 10.52 -23.82 -16.27
N ARG A 40 11.37 -24.63 -15.66
CA ARG A 40 10.91 -25.85 -15.01
C ARG A 40 9.95 -25.56 -13.85
N GLY A 41 10.31 -24.63 -12.99
CA GLY A 41 9.49 -24.28 -11.83
C GLY A 41 8.06 -23.88 -12.18
N ALA A 42 7.91 -23.04 -13.19
CA ALA A 42 6.58 -22.57 -13.56
C ALA A 42 5.69 -23.71 -14.07
N LEU A 43 6.22 -24.50 -14.99
CA LEU A 43 5.46 -25.59 -15.58
C LEU A 43 4.88 -26.56 -14.54
N LEU A 44 5.66 -26.84 -13.49
CA LEU A 44 5.21 -27.80 -12.47
C LEU A 44 3.89 -27.41 -11.83
N GLN A 45 3.63 -26.12 -11.62
CA GLN A 45 2.40 -25.68 -10.95
C GLN A 45 1.35 -25.09 -11.90
N MET A 46 1.62 -25.10 -13.20
CA MET A 46 0.68 -24.52 -14.17
C MET A 46 -0.62 -25.32 -14.29
N ASP A 47 -1.64 -24.63 -14.81
CA ASP A 47 -2.95 -25.25 -15.04
C ASP A 47 -3.11 -25.53 -16.52
N ALA A 48 -4.06 -26.40 -16.87
CA ALA A 48 -4.29 -26.75 -18.26
C ALA A 48 -4.66 -25.52 -19.10
N ILE A 49 -5.57 -24.69 -18.61
CA ILE A 49 -5.96 -23.50 -19.37
C ILE A 49 -4.78 -22.55 -19.53
N ASP A 50 -4.13 -22.27 -18.40
CA ASP A 50 -2.98 -21.37 -18.40
C ASP A 50 -1.91 -21.84 -19.37
N LEU A 51 -1.67 -23.15 -19.34
CA LEU A 51 -0.67 -23.75 -20.20
C LEU A 51 -0.96 -23.44 -21.66
N THR A 52 -2.23 -23.32 -22.00
CA THR A 52 -2.64 -23.03 -23.36
C THR A 52 -2.11 -21.67 -23.82
N ASP A 53 -2.40 -20.64 -23.04
CA ASP A 53 -1.98 -19.29 -23.40
C ASP A 53 -0.46 -19.16 -23.51
N LYS A 54 0.24 -19.66 -22.51
CA LYS A 54 1.68 -19.56 -22.50
C LYS A 54 2.31 -20.36 -23.63
N LEU A 55 1.80 -21.55 -23.87
CA LEU A 55 2.35 -22.40 -24.92
C LEU A 55 2.41 -21.65 -26.24
N VAL A 56 1.35 -20.94 -26.58
CA VAL A 56 1.32 -20.19 -27.82
C VAL A 56 2.22 -18.96 -27.76
N SER A 57 2.24 -18.30 -26.61
CA SER A 57 3.03 -17.07 -26.47
C SER A 57 4.50 -17.29 -26.81
N TYR A 58 5.03 -18.46 -26.48
CA TYR A 58 6.44 -18.74 -26.76
C TYR A 58 6.69 -19.13 -28.23
N TYR A 59 5.77 -19.91 -28.80
CA TYR A 59 5.93 -20.36 -30.18
C TYR A 59 4.84 -19.79 -31.06
N LEU A 60 5.20 -19.41 -32.28
CA LEU A 60 4.22 -18.87 -33.21
C LEU A 60 3.07 -19.84 -33.38
N GLU A 61 1.91 -19.34 -33.76
CA GLU A 61 0.74 -20.18 -33.91
C GLU A 61 0.98 -21.30 -34.93
N SER A 62 1.53 -20.95 -36.08
CA SER A 62 1.77 -21.95 -37.12
C SER A 62 2.73 -23.04 -36.65
N TYR A 63 3.91 -22.63 -36.21
CA TYR A 63 4.90 -23.58 -35.73
C TYR A 63 4.49 -24.19 -34.40
N GLY A 64 3.90 -23.37 -33.54
CA GLY A 64 3.48 -23.84 -32.22
C GLY A 64 2.44 -24.94 -32.33
N LEU A 65 1.49 -24.78 -33.25
CA LEU A 65 0.43 -25.76 -33.42
C LEU A 65 0.98 -27.12 -33.82
N GLU A 66 1.91 -27.13 -34.76
CA GLU A 66 2.52 -28.38 -35.22
C GLU A 66 3.34 -29.05 -34.12
N LEU A 67 4.04 -28.24 -33.34
CA LEU A 67 4.89 -28.77 -32.28
C LEU A 67 4.08 -29.59 -31.28
N THR A 68 2.87 -29.15 -30.99
CA THR A 68 2.02 -29.87 -30.05
C THR A 68 1.75 -31.27 -30.56
N MET A 69 1.38 -31.35 -31.82
CA MET A 69 1.04 -32.61 -32.44
C MET A 69 2.20 -33.59 -32.35
N THR A 70 3.42 -33.09 -32.57
CA THR A 70 4.60 -33.94 -32.52
C THR A 70 4.69 -34.68 -31.18
N VAL A 71 4.38 -33.97 -30.09
CA VAL A 71 4.46 -34.56 -28.75
C VAL A 71 3.29 -35.51 -28.48
N LEU A 72 2.10 -35.20 -28.99
CA LEU A 72 0.96 -36.08 -28.75
C LEU A 72 1.22 -37.48 -29.30
N ARG A 73 1.70 -37.54 -30.53
CA ARG A 73 1.97 -38.85 -31.06
C ARG A 73 3.05 -39.52 -30.25
N ASP A 74 4.06 -38.75 -29.82
CA ASP A 74 5.17 -39.35 -29.09
C ASP A 74 4.69 -40.19 -27.90
N MET A 75 3.67 -39.68 -27.18
CA MET A 75 3.13 -40.41 -26.04
C MET A 75 2.30 -41.58 -26.56
N GLY A 76 2.34 -41.74 -27.87
CA GLY A 76 1.59 -42.79 -28.54
C GLY A 76 0.58 -42.15 -29.49
N LEU A 77 0.10 -42.90 -30.46
CA LEU A 77 -0.88 -42.35 -31.39
C LEU A 77 -2.22 -42.25 -30.72
N GLN A 78 -2.71 -41.02 -30.63
CA GLN A 78 -4.01 -40.77 -30.01
C GLN A 78 -4.98 -40.28 -31.08
N GLU A 79 -6.26 -40.52 -30.87
CA GLU A 79 -7.23 -40.06 -31.82
C GLU A 79 -7.17 -38.54 -31.85
N LEU A 80 -6.76 -37.95 -30.73
CA LEU A 80 -6.64 -36.51 -30.62
C LEU A 80 -5.69 -35.95 -31.66
N ALA A 81 -4.53 -36.58 -31.81
CA ALA A 81 -3.55 -36.10 -32.77
C ALA A 81 -4.20 -35.95 -34.14
N GLU A 82 -4.97 -36.94 -34.54
CA GLU A 82 -5.65 -36.87 -35.82
C GLU A 82 -6.72 -35.80 -35.80
N GLN A 83 -7.54 -35.78 -34.76
CA GLN A 83 -8.60 -34.80 -34.65
C GLN A 83 -8.05 -33.39 -34.74
N LEU A 84 -6.95 -33.16 -34.05
CA LEU A 84 -6.34 -31.85 -34.05
C LEU A 84 -5.79 -31.49 -35.43
N GLN A 85 -5.18 -32.47 -36.10
CA GLN A 85 -4.62 -32.22 -37.43
C GLN A 85 -5.68 -31.66 -38.37
N THR A 86 -6.90 -32.16 -38.25
CA THR A 86 -7.98 -31.70 -39.11
C THR A 86 -8.08 -30.18 -39.04
N THR A 87 -7.78 -29.63 -37.87
CA THR A 87 -7.83 -28.18 -37.68
C THR A 87 -6.81 -27.47 -38.59
N LYS A 88 -5.68 -28.13 -38.84
CA LYS A 88 -4.65 -27.55 -39.67
C LYS A 88 -5.23 -27.11 -41.01
N GLU A 89 -6.07 -27.96 -41.59
CA GLU A 89 -6.72 -27.63 -42.86
C GLU A 89 -7.71 -26.49 -42.67
N GLY B 1 -29.94 2.25 -16.90
CA GLY B 1 -29.74 1.12 -17.79
C GLY B 1 -29.48 -0.16 -17.00
N ARG B 2 -30.55 -0.82 -16.58
CA ARG B 2 -30.43 -2.04 -15.81
C ARG B 2 -29.44 -3.00 -16.46
N ALA B 3 -28.97 -2.66 -17.66
CA ALA B 3 -28.04 -3.52 -18.37
C ALA B 3 -26.85 -3.90 -17.48
N ARG B 4 -26.27 -2.92 -16.79
CA ARG B 4 -25.15 -3.21 -15.91
C ARG B 4 -25.57 -4.19 -14.82
N ASP B 5 -26.72 -3.91 -14.22
CA ASP B 5 -27.23 -4.76 -13.14
C ASP B 5 -27.57 -6.16 -13.63
N ALA B 6 -28.13 -6.27 -14.83
CA ALA B 6 -28.51 -7.57 -15.34
C ALA B 6 -27.29 -8.47 -15.52
N ILE B 7 -26.29 -7.98 -16.22
CA ILE B 7 -25.08 -8.76 -16.45
C ILE B 7 -24.45 -9.16 -15.13
N LEU B 8 -24.32 -8.19 -14.24
CA LEU B 8 -23.71 -8.42 -12.95
C LEU B 8 -24.33 -9.61 -12.24
N ASP B 9 -25.64 -9.61 -12.12
CA ASP B 9 -26.33 -10.69 -11.41
C ASP B 9 -26.03 -12.07 -11.98
N ALA B 10 -26.07 -12.20 -13.30
CA ALA B 10 -25.83 -13.49 -13.94
C ALA B 10 -24.36 -13.90 -13.91
N LEU B 11 -23.47 -13.00 -14.30
CA LEU B 11 -22.06 -13.33 -14.35
C LEU B 11 -21.55 -13.89 -13.01
N GLU B 12 -22.06 -13.34 -11.92
CA GLU B 12 -21.65 -13.77 -10.57
C GLU B 12 -22.05 -15.23 -10.24
N ASN B 13 -22.93 -15.82 -11.05
CA ASN B 13 -23.38 -17.20 -10.80
C ASN B 13 -22.43 -18.25 -11.39
N LEU B 14 -21.25 -17.83 -11.85
CA LEU B 14 -20.27 -18.76 -12.42
C LEU B 14 -19.28 -19.24 -11.36
N SER B 15 -18.78 -20.47 -11.54
CA SER B 15 -17.82 -21.04 -10.60
C SER B 15 -16.48 -20.34 -10.76
N GLY B 16 -15.59 -20.53 -9.78
CA GLY B 16 -14.28 -19.90 -9.82
C GLY B 16 -13.47 -20.31 -11.05
N ASP B 17 -13.41 -21.60 -11.34
CA ASP B 17 -12.64 -22.07 -12.49
C ASP B 17 -13.22 -21.61 -13.82
N GLU B 18 -14.52 -21.77 -13.97
CA GLU B 18 -15.18 -21.38 -15.21
C GLU B 18 -14.91 -19.93 -15.52
N LEU B 19 -14.84 -19.12 -14.47
CA LEU B 19 -14.57 -17.71 -14.63
C LEU B 19 -13.28 -17.48 -15.40
N LYS B 20 -12.24 -18.23 -15.05
CA LYS B 20 -10.97 -18.05 -15.72
C LYS B 20 -11.17 -18.32 -17.19
N LYS B 21 -11.93 -19.37 -17.49
CA LYS B 21 -12.13 -19.74 -18.87
C LYS B 21 -12.80 -18.63 -19.61
N PHE B 22 -13.73 -17.96 -18.96
CA PHE B 22 -14.45 -16.87 -19.60
C PHE B 22 -13.51 -15.73 -19.97
N LYS B 23 -12.75 -15.25 -18.98
CA LYS B 23 -11.84 -14.13 -19.23
C LYS B 23 -10.87 -14.42 -20.36
N MET B 24 -10.20 -15.56 -20.28
CA MET B 24 -9.22 -15.94 -21.29
C MET B 24 -9.85 -16.06 -22.66
N LYS B 25 -11.04 -16.64 -22.73
CA LYS B 25 -11.71 -16.80 -24.02
C LYS B 25 -12.00 -15.44 -24.65
N LEU B 26 -12.41 -14.49 -23.81
CA LEU B 26 -12.75 -13.15 -24.26
C LEU B 26 -11.59 -12.50 -24.99
N LEU B 27 -10.39 -12.75 -24.51
CA LEU B 27 -9.20 -12.17 -25.12
C LEU B 27 -9.05 -12.62 -26.58
N THR B 28 -9.48 -13.83 -26.89
CA THR B 28 -9.34 -14.37 -28.25
C THR B 28 -10.62 -14.30 -29.06
N VAL B 29 -11.68 -13.71 -28.51
CA VAL B 29 -12.94 -13.63 -29.24
C VAL B 29 -12.89 -12.51 -30.27
N GLN B 30 -13.58 -12.71 -31.40
CA GLN B 30 -13.62 -11.70 -32.46
C GLN B 30 -14.66 -10.63 -32.15
N LEU B 31 -14.26 -9.37 -32.35
CA LEU B 31 -15.14 -8.25 -32.09
C LEU B 31 -15.38 -7.42 -33.34
N ARG B 32 -16.49 -6.68 -33.37
CA ARG B 32 -16.81 -5.83 -34.50
C ARG B 32 -15.80 -4.70 -34.60
N GLU B 33 -15.51 -4.25 -35.83
CA GLU B 33 -14.54 -3.18 -36.04
C GLU B 33 -15.02 -1.85 -35.47
N GLY B 34 -14.08 -1.02 -35.04
CA GLY B 34 -14.40 0.29 -34.48
C GLY B 34 -14.33 0.27 -32.95
N TYR B 35 -13.92 -0.88 -32.40
CA TYR B 35 -13.82 -1.02 -30.96
C TYR B 35 -12.41 -1.44 -30.56
N GLY B 36 -12.07 -1.20 -29.29
CA GLY B 36 -10.74 -1.55 -28.80
C GLY B 36 -10.72 -2.91 -28.12
N ARG B 37 -9.54 -3.33 -27.70
CA ARG B 37 -9.36 -4.61 -27.01
C ARG B 37 -8.86 -4.30 -25.62
N ILE B 38 -9.24 -5.12 -24.65
CA ILE B 38 -8.87 -4.87 -23.26
C ILE B 38 -7.46 -5.39 -22.94
N PRO B 39 -6.63 -4.57 -22.30
CA PRO B 39 -5.23 -4.96 -21.93
C PRO B 39 -5.15 -6.30 -21.24
N ARG B 40 -4.19 -7.11 -21.65
CA ARG B 40 -4.01 -8.44 -21.09
C ARG B 40 -3.68 -8.39 -19.60
N GLY B 41 -2.72 -7.54 -19.23
CA GLY B 41 -2.28 -7.43 -17.84
C GLY B 41 -3.41 -7.11 -16.86
N ALA B 42 -4.26 -6.17 -17.22
CA ALA B 42 -5.35 -5.77 -16.32
C ALA B 42 -6.34 -6.91 -16.09
N LEU B 43 -6.79 -7.53 -17.18
CA LEU B 43 -7.78 -8.60 -17.10
C LEU B 43 -7.35 -9.74 -16.17
N LEU B 44 -6.07 -10.09 -16.20
CA LEU B 44 -5.58 -11.21 -15.38
C LEU B 44 -5.85 -11.03 -13.89
N GLN B 45 -5.77 -9.80 -13.38
CA GLN B 45 -5.98 -9.57 -11.94
C GLN B 45 -7.34 -8.96 -11.59
N MET B 46 -8.21 -8.77 -12.58
CA MET B 46 -9.52 -8.15 -12.33
C MET B 46 -10.45 -9.04 -11.50
N ASP B 47 -11.45 -8.40 -10.90
CA ASP B 47 -12.45 -9.08 -10.10
C ASP B 47 -13.74 -9.18 -10.90
N ALA B 48 -14.64 -10.08 -10.50
CA ALA B 48 -15.90 -10.27 -11.20
C ALA B 48 -16.73 -8.98 -11.22
N ILE B 49 -16.84 -8.30 -10.09
CA ILE B 49 -17.63 -7.07 -10.05
C ILE B 49 -16.99 -6.01 -10.93
N ASP B 50 -15.68 -5.82 -10.74
CA ASP B 50 -14.94 -4.82 -11.49
C ASP B 50 -15.08 -5.07 -12.99
N LEU B 51 -14.97 -6.34 -13.37
CA LEU B 51 -15.07 -6.73 -14.76
C LEU B 51 -16.39 -6.25 -15.36
N THR B 52 -17.43 -6.21 -14.53
CA THR B 52 -18.74 -5.78 -14.99
C THR B 52 -18.72 -4.34 -15.47
N ASP B 53 -18.22 -3.44 -14.63
CA ASP B 53 -18.19 -2.03 -14.96
C ASP B 53 -17.35 -1.75 -16.20
N LYS B 54 -16.15 -2.30 -16.23
CA LYS B 54 -15.25 -2.08 -17.35
C LYS B 54 -15.81 -2.66 -18.64
N LEU B 55 -16.37 -3.86 -18.56
CA LEU B 55 -16.91 -4.51 -19.74
C LEU B 55 -17.88 -3.58 -20.48
N VAL B 56 -18.76 -2.95 -19.73
CA VAL B 56 -19.72 -2.05 -20.34
C VAL B 56 -19.06 -0.75 -20.82
N SER B 57 -18.10 -0.24 -20.05
CA SER B 57 -17.45 1.02 -20.40
C SER B 57 -16.84 0.98 -21.80
N TYR B 58 -16.31 -0.16 -22.20
CA TYR B 58 -15.69 -0.29 -23.52
C TYR B 58 -16.72 -0.46 -24.65
N TYR B 59 -17.76 -1.24 -24.39
CA TYR B 59 -18.78 -1.48 -25.40
C TYR B 59 -20.12 -0.90 -24.98
N LEU B 60 -20.85 -0.34 -25.94
CA LEU B 60 -22.15 0.24 -25.64
C LEU B 60 -23.03 -0.81 -24.98
N GLU B 61 -24.01 -0.37 -24.21
CA GLU B 61 -24.89 -1.29 -23.51
C GLU B 61 -25.60 -2.23 -24.48
N SER B 62 -26.16 -1.70 -25.55
CA SER B 62 -26.89 -2.52 -26.50
C SER B 62 -25.98 -3.57 -27.14
N TYR B 63 -24.90 -3.12 -27.75
CA TYR B 63 -23.97 -4.03 -28.39
C TYR B 63 -23.19 -4.84 -27.37
N GLY B 64 -22.82 -4.20 -26.27
CA GLY B 64 -22.07 -4.87 -25.22
C GLY B 64 -22.84 -6.04 -24.62
N LEU B 65 -24.14 -5.84 -24.41
CA LEU B 65 -24.97 -6.89 -23.82
C LEU B 65 -25.02 -8.14 -24.69
N GLU B 66 -25.19 -7.93 -26.00
CA GLU B 66 -25.24 -9.05 -26.94
C GLU B 66 -23.91 -9.78 -27.03
N LEU B 67 -22.82 -9.02 -26.99
CA LEU B 67 -21.48 -9.60 -27.11
C LEU B 67 -21.23 -10.62 -26.00
N THR B 68 -21.72 -10.32 -24.81
CA THR B 68 -21.52 -11.24 -23.68
C THR B 68 -22.17 -12.58 -23.99
N MET B 69 -23.40 -12.52 -24.46
CA MET B 69 -24.15 -13.73 -24.75
C MET B 69 -23.42 -14.60 -25.76
N THR B 70 -22.83 -13.97 -26.77
CA THR B 70 -22.12 -14.71 -27.80
C THR B 70 -21.03 -15.60 -27.18
N VAL B 71 -20.32 -15.07 -26.18
CA VAL B 71 -19.26 -15.82 -25.53
C VAL B 71 -19.78 -16.91 -24.59
N LEU B 72 -20.89 -16.63 -23.91
CA LEU B 72 -21.45 -17.64 -23.00
C LEU B 72 -21.79 -18.91 -23.76
N ARG B 73 -22.48 -18.78 -24.87
CA ARG B 73 -22.80 -19.98 -25.60
C ARG B 73 -21.53 -20.65 -26.07
N ASP B 74 -20.56 -19.86 -26.49
CA ASP B 74 -19.32 -20.43 -27.01
C ASP B 74 -18.72 -21.47 -26.05
N MET B 75 -18.74 -21.16 -24.76
CA MET B 75 -18.21 -22.07 -23.74
C MET B 75 -19.16 -23.23 -23.59
N GLY B 76 -20.20 -23.22 -24.43
CA GLY B 76 -21.24 -24.23 -24.40
C GLY B 76 -22.56 -23.58 -24.06
N LEU B 77 -23.67 -24.23 -24.38
CA LEU B 77 -24.98 -23.65 -24.09
C LEU B 77 -25.26 -23.75 -22.61
N GLN B 78 -25.43 -22.61 -21.97
CA GLN B 78 -25.71 -22.55 -20.56
C GLN B 78 -27.12 -22.02 -20.34
N GLU B 79 -27.74 -22.40 -19.26
CA GLU B 79 -29.07 -21.90 -18.97
C GLU B 79 -28.99 -20.39 -18.83
N LEU B 80 -27.82 -19.92 -18.39
CA LEU B 80 -27.58 -18.50 -18.20
C LEU B 80 -27.80 -17.73 -19.49
N ALA B 81 -27.24 -18.23 -20.59
CA ALA B 81 -27.38 -17.54 -21.86
C ALA B 81 -28.85 -17.26 -22.14
N GLU B 82 -29.69 -18.26 -21.91
CA GLU B 82 -31.11 -18.09 -22.14
C GLU B 82 -31.71 -17.13 -21.13
N GLN B 83 -31.36 -17.33 -19.86
CA GLN B 83 -31.88 -16.46 -18.80
C GLN B 83 -31.55 -15.00 -19.08
N LEU B 84 -30.32 -14.77 -19.50
CA LEU B 84 -29.89 -13.41 -19.79
C LEU B 84 -30.63 -12.84 -20.99
N GLN B 85 -30.84 -13.66 -22.01
CA GLN B 85 -31.53 -13.19 -23.20
C GLN B 85 -32.90 -12.62 -22.85
N THR B 86 -33.57 -13.24 -21.90
CA THR B 86 -34.89 -12.77 -21.49
C THR B 86 -34.82 -11.28 -21.14
N THR B 87 -33.67 -10.86 -20.60
CA THR B 87 -33.49 -9.46 -20.23
C THR B 87 -33.55 -8.56 -21.45
N LYS B 88 -33.09 -9.08 -22.59
CA LYS B 88 -33.10 -8.29 -23.83
C LYS B 88 -34.49 -7.74 -24.11
N GLU B 89 -35.51 -8.58 -23.91
CA GLU B 89 -36.89 -8.15 -24.12
C GLU B 89 -37.29 -7.14 -23.05
N GLY C 1 -28.92 15.81 14.27
CA GLY C 1 -29.57 14.82 13.41
C GLY C 1 -28.83 13.49 13.47
N ARG C 2 -29.19 12.68 14.47
CA ARG C 2 -28.56 11.38 14.64
C ARG C 2 -28.53 10.60 13.32
N ALA C 3 -29.17 11.14 12.30
CA ALA C 3 -29.21 10.48 11.01
C ALA C 3 -27.81 10.10 10.55
N ARG C 4 -26.86 11.02 10.65
CA ARG C 4 -25.50 10.73 10.24
C ARG C 4 -24.94 9.58 11.06
N ASP C 5 -25.15 9.65 12.37
CA ASP C 5 -24.64 8.65 13.28
C ASP C 5 -25.30 7.29 13.05
N ALA C 6 -26.60 7.29 12.76
CA ALA C 6 -27.30 6.04 12.55
C ALA C 6 -26.75 5.28 11.34
N ILE C 7 -26.67 5.96 10.21
CA ILE C 7 -26.15 5.33 9.00
C ILE C 7 -24.74 4.81 9.24
N LEU C 8 -23.91 5.68 9.80
CA LEU C 8 -22.53 5.33 10.05
C LEU C 8 -22.41 4.00 10.79
N ASP C 9 -23.11 3.86 11.90
CA ASP C 9 -23.01 2.64 12.69
C ASP C 9 -23.36 1.39 11.90
N ALA C 10 -24.44 1.43 11.13
CA ALA C 10 -24.86 0.25 10.37
C ALA C 10 -23.96 -0.02 9.15
N LEU C 11 -23.69 1.00 8.36
CA LEU C 11 -22.88 0.81 7.16
C LEU C 11 -21.55 0.13 7.46
N GLU C 12 -20.95 0.48 8.61
CA GLU C 12 -19.66 -0.08 9.02
C GLU C 12 -19.71 -1.60 9.31
N ASN C 13 -20.93 -2.16 9.43
CA ASN C 13 -21.06 -3.60 9.72
C ASN C 13 -21.00 -4.47 8.45
N LEU C 14 -20.63 -3.87 7.31
CA LEU C 14 -20.53 -4.63 6.07
C LEU C 14 -19.12 -5.15 5.84
N SER C 15 -19.01 -6.29 5.15
CA SER C 15 -17.71 -6.89 4.87
C SER C 15 -16.99 -6.06 3.81
N GLY C 16 -15.69 -6.29 3.67
CA GLY C 16 -14.89 -5.54 2.70
C GLY C 16 -15.40 -5.70 1.27
N ASP C 17 -15.66 -6.94 0.85
CA ASP C 17 -16.12 -7.19 -0.51
C ASP C 17 -17.51 -6.60 -0.78
N GLU C 18 -18.42 -6.86 0.14
CA GLU C 18 -19.80 -6.38 -0.01
C GLU C 18 -19.81 -4.87 -0.19
N LEU C 19 -18.89 -4.21 0.50
CA LEU C 19 -18.78 -2.77 0.41
C LEU C 19 -18.59 -2.33 -1.03
N LYS C 20 -17.72 -3.01 -1.75
CA LYS C 20 -17.48 -2.62 -3.13
C LYS C 20 -18.77 -2.73 -3.89
N LYS C 21 -19.52 -3.78 -3.63
CA LYS C 21 -20.77 -3.99 -4.34
C LYS C 21 -21.70 -2.85 -4.08
N PHE C 22 -21.72 -2.37 -2.86
CA PHE C 22 -22.61 -1.27 -2.51
C PHE C 22 -22.27 -0.01 -3.29
N LYS C 23 -21.00 0.41 -3.23
CA LYS C 23 -20.59 1.64 -3.93
C LYS C 23 -20.92 1.58 -5.41
N MET C 24 -20.50 0.51 -6.07
CA MET C 24 -20.71 0.35 -7.49
C MET C 24 -22.20 0.36 -7.83
N LYS C 25 -23.00 -0.31 -7.03
CA LYS C 25 -24.44 -0.36 -7.30
C LYS C 25 -25.05 1.04 -7.23
N LEU C 26 -24.59 1.82 -6.25
CA LEU C 26 -25.08 3.17 -6.05
C LEU C 26 -24.93 4.02 -7.30
N LEU C 27 -23.83 3.82 -8.00
CA LEU C 27 -23.57 4.59 -9.21
C LEU C 27 -24.65 4.36 -10.26
N THR C 28 -25.22 3.15 -10.29
CA THR C 28 -26.23 2.81 -11.30
C THR C 28 -27.66 2.87 -10.76
N VAL C 29 -27.83 3.29 -9.51
CA VAL C 29 -29.17 3.34 -8.93
C VAL C 29 -29.90 4.59 -9.41
N GLN C 30 -31.23 4.48 -9.56
CA GLN C 30 -32.04 5.61 -10.01
C GLN C 30 -32.37 6.53 -8.85
N LEU C 31 -32.24 7.83 -9.08
CA LEU C 31 -32.50 8.84 -8.06
C LEU C 31 -33.61 9.80 -8.49
N ARG C 32 -34.25 10.42 -7.51
CA ARG C 32 -35.31 11.38 -7.80
C ARG C 32 -34.71 12.61 -8.49
N GLU C 33 -35.49 13.23 -9.37
CA GLU C 33 -35.03 14.41 -10.10
C GLU C 33 -34.80 15.60 -9.18
N GLY C 34 -33.84 16.45 -9.54
CA GLY C 34 -33.52 17.64 -8.74
C GLY C 34 -32.28 17.42 -7.90
N TYR C 35 -31.65 16.26 -8.07
CA TYR C 35 -30.44 15.93 -7.31
C TYR C 35 -29.29 15.59 -8.25
N GLY C 36 -28.08 15.70 -7.74
CA GLY C 36 -26.89 15.41 -8.55
C GLY C 36 -26.40 13.98 -8.36
N ARG C 37 -25.37 13.62 -9.12
CA ARG C 37 -24.79 12.28 -9.05
C ARG C 37 -23.37 12.45 -8.56
N ILE C 38 -22.86 11.47 -7.81
CA ILE C 38 -21.52 11.58 -7.24
C ILE C 38 -20.44 11.15 -8.25
N PRO C 39 -19.39 11.94 -8.38
CA PRO C 39 -18.27 11.66 -9.33
C PRO C 39 -17.73 10.23 -9.19
N ARG C 40 -17.53 9.59 -10.32
CA ARG C 40 -17.04 8.22 -10.33
C ARG C 40 -15.64 8.10 -9.70
N GLY C 41 -14.73 8.97 -10.10
CA GLY C 41 -13.35 8.93 -9.61
C GLY C 41 -13.25 9.01 -8.08
N ALA C 42 -14.00 9.91 -7.47
CA ALA C 42 -13.93 10.09 -6.03
C ALA C 42 -14.41 8.84 -5.28
N LEU C 43 -15.57 8.34 -5.67
CA LEU C 43 -16.16 7.18 -5.01
C LEU C 43 -15.22 5.97 -4.98
N LEU C 44 -14.48 5.75 -6.05
CA LEU C 44 -13.60 4.58 -6.13
C LEU C 44 -12.56 4.53 -5.00
N GLN C 45 -12.05 5.69 -4.57
CA GLN C 45 -11.03 5.70 -3.51
C GLN C 45 -11.55 6.13 -2.14
N MET C 46 -12.85 6.37 -2.02
CA MET C 46 -13.41 6.83 -0.74
C MET C 46 -13.36 5.75 0.35
N ASP C 47 -13.47 6.22 1.60
CA ASP C 47 -13.47 5.34 2.76
C ASP C 47 -14.90 5.22 3.29
N ALA C 48 -15.15 4.20 4.10
CA ALA C 48 -16.49 4.00 4.65
C ALA C 48 -16.95 5.19 5.48
N ILE C 49 -16.09 5.70 6.36
CA ILE C 49 -16.48 6.84 7.18
C ILE C 49 -16.72 8.06 6.32
N ASP C 50 -15.78 8.34 5.44
CA ASP C 50 -15.88 9.50 4.55
C ASP C 50 -17.15 9.44 3.73
N LEU C 51 -17.45 8.25 3.23
CA LEU C 51 -18.65 8.03 2.42
C LEU C 51 -19.89 8.47 3.18
N THR C 52 -19.87 8.30 4.50
CA THR C 52 -21.00 8.66 5.33
C THR C 52 -21.30 10.15 5.25
N ASP C 53 -20.28 10.97 5.50
CA ASP C 53 -20.45 12.41 5.49
C ASP C 53 -20.91 12.93 4.13
N LYS C 54 -20.24 12.50 3.08
CA LYS C 54 -20.58 12.95 1.74
C LYS C 54 -21.96 12.50 1.32
N LEU C 55 -22.30 11.25 1.64
CA LEU C 55 -23.60 10.72 1.25
C LEU C 55 -24.72 11.63 1.73
N VAL C 56 -24.64 12.08 2.96
CA VAL C 56 -25.66 12.97 3.49
C VAL C 56 -25.57 14.37 2.88
N SER C 57 -24.36 14.86 2.67
CA SER C 57 -24.17 16.21 2.13
C SER C 57 -24.92 16.41 0.82
N TYR C 58 -24.97 15.38 -0.01
CA TYR C 58 -25.64 15.50 -1.31
C TYR C 58 -27.17 15.37 -1.19
N TYR C 59 -27.63 14.49 -0.33
CA TYR C 59 -29.07 14.28 -0.16
C TYR C 59 -29.53 14.68 1.23
N LEU C 60 -30.70 15.29 1.32
CA LEU C 60 -31.22 15.70 2.61
C LEU C 60 -31.28 14.48 3.53
N GLU C 61 -31.26 14.74 4.84
CA GLU C 61 -31.28 13.65 5.81
C GLU C 61 -32.52 12.78 5.65
N SER C 62 -33.69 13.41 5.54
CA SER C 62 -34.92 12.65 5.42
C SER C 62 -34.93 11.78 4.16
N TYR C 63 -34.73 12.41 3.01
CA TYR C 63 -34.72 11.68 1.75
C TYR C 63 -33.48 10.82 1.62
N GLY C 64 -32.35 11.34 2.09
CA GLY C 64 -31.10 10.61 2.01
C GLY C 64 -31.14 9.30 2.80
N LEU C 65 -31.75 9.35 3.97
CA LEU C 65 -31.84 8.17 4.82
C LEU C 65 -32.62 7.05 4.14
N GLU C 66 -33.75 7.40 3.54
CA GLU C 66 -34.60 6.42 2.86
C GLU C 66 -33.88 5.83 1.63
N LEU C 67 -33.17 6.68 0.91
CA LEU C 67 -32.46 6.25 -0.29
C LEU C 67 -31.49 5.11 0.00
N THR C 68 -30.82 5.20 1.14
CA THR C 68 -29.86 4.17 1.52
C THR C 68 -30.55 2.82 1.64
N MET C 69 -31.67 2.83 2.34
CA MET C 69 -32.43 1.62 2.57
C MET C 69 -32.83 0.96 1.26
N THR C 70 -33.24 1.77 0.30
CA THR C 70 -33.66 1.24 -1.00
C THR C 70 -32.55 0.38 -1.63
N VAL C 71 -31.30 0.84 -1.51
CA VAL C 71 -30.18 0.11 -2.08
C VAL C 71 -29.81 -1.14 -1.27
N LEU C 72 -29.93 -1.07 0.05
CA LEU C 72 -29.59 -2.23 0.88
C LEU C 72 -30.47 -3.42 0.51
N ARG C 73 -31.76 -3.21 0.40
CA ARG C 73 -32.59 -4.31 0.04
C ARG C 73 -32.22 -4.81 -1.34
N ASP C 74 -31.92 -3.88 -2.24
CA ASP C 74 -31.62 -4.27 -3.62
C ASP C 74 -30.53 -5.35 -3.68
N MET C 75 -29.51 -5.21 -2.85
CA MET C 75 -28.43 -6.21 -2.81
C MET C 75 -28.94 -7.46 -2.13
N GLY C 76 -30.23 -7.43 -1.82
CA GLY C 76 -30.89 -8.54 -1.13
C GLY C 76 -31.40 -8.04 0.21
N LEU C 77 -32.36 -8.76 0.79
CA LEU C 77 -32.89 -8.34 2.08
C LEU C 77 -31.89 -8.66 3.18
N GLN C 78 -31.44 -7.63 3.86
CA GLN C 78 -30.49 -7.80 4.94
C GLN C 78 -31.14 -7.42 6.26
N GLU C 79 -30.67 -8.00 7.33
CA GLU C 79 -31.24 -7.67 8.63
C GLU C 79 -30.99 -6.20 8.89
N LEU C 80 -29.91 -5.69 8.29
CA LEU C 80 -29.54 -4.28 8.44
C LEU C 80 -30.66 -3.37 7.96
N ALA C 81 -31.22 -3.66 6.79
CA ALA C 81 -32.28 -2.84 6.25
C ALA C 81 -33.38 -2.66 7.29
N GLU C 82 -33.77 -3.75 7.93
CA GLU C 82 -34.80 -3.68 8.94
C GLU C 82 -34.30 -2.92 10.17
N GLN C 83 -33.10 -3.25 10.62
CA GLN C 83 -32.54 -2.59 11.80
C GLN C 83 -32.48 -1.09 11.58
N LEU C 84 -32.05 -0.68 10.40
CA LEU C 84 -31.95 0.73 10.09
C LEU C 84 -33.33 1.39 10.06
N GLN C 85 -34.31 0.70 9.48
CA GLN C 85 -35.65 1.25 9.40
C GLN C 85 -36.18 1.65 10.77
N THR C 86 -35.86 0.84 11.77
CA THR C 86 -36.30 1.13 13.13
C THR C 86 -35.91 2.56 13.51
N THR C 87 -34.77 3.01 13.00
CA THR C 87 -34.30 4.36 13.29
C THR C 87 -35.26 5.41 12.75
N LYS C 88 -35.91 5.09 11.63
CA LYS C 88 -36.85 6.02 11.02
C LYS C 88 -37.89 6.48 12.04
N GLU C 89 -38.39 5.53 12.83
CA GLU C 89 -39.38 5.85 13.86
C GLU C 89 -38.72 6.67 14.96
N GLY D 1 -3.02 25.22 34.09
CA GLY D 1 -4.14 24.30 33.93
C GLY D 1 -3.71 23.03 33.20
N ARG D 2 -3.19 22.08 33.95
CA ARG D 2 -2.73 20.83 33.37
C ARG D 2 -3.79 20.24 32.43
N ALA D 3 -4.96 20.85 32.42
CA ALA D 3 -6.05 20.36 31.57
C ALA D 3 -5.57 20.16 30.12
N ARG D 4 -4.87 21.16 29.58
CA ARG D 4 -4.38 21.04 28.22
C ARG D 4 -3.43 19.85 28.10
N ASP D 5 -2.52 19.73 29.06
CA ASP D 5 -1.54 18.65 29.05
C ASP D 5 -2.19 17.29 29.23
N ALA D 6 -3.22 17.22 30.07
CA ALA D 6 -3.87 15.94 30.32
C ALA D 6 -4.53 15.40 29.05
N ILE D 7 -5.34 16.22 28.41
CA ILE D 7 -6.01 15.81 27.19
C ILE D 7 -4.99 15.40 26.14
N LEU D 8 -4.00 16.25 25.96
CA LEU D 8 -2.98 16.00 24.96
C LEU D 8 -2.38 14.61 25.10
N ASP D 9 -1.93 14.26 26.29
CA ASP D 9 -1.31 12.97 26.51
C ASP D 9 -2.20 11.79 26.12
N ALA D 10 -3.47 11.84 26.52
CA ALA D 10 -4.39 10.74 26.21
C ALA D 10 -4.81 10.71 24.74
N LEU D 11 -5.23 11.84 24.21
CA LEU D 11 -5.69 11.89 22.82
C LEU D 11 -4.67 11.29 21.85
N GLU D 12 -3.38 11.54 22.12
CA GLU D 12 -2.30 11.05 21.27
C GLU D 12 -2.18 9.51 21.25
N ASN D 13 -2.84 8.83 22.19
CA ASN D 13 -2.78 7.36 22.25
C ASN D 13 -3.78 6.68 21.32
N LEU D 14 -4.42 7.44 20.44
CA LEU D 14 -5.39 6.86 19.50
C LEU D 14 -4.73 6.50 18.17
N SER D 15 -5.28 5.48 17.51
CA SER D 15 -4.74 5.05 16.23
C SER D 15 -5.08 6.06 15.14
N GLY D 16 -4.42 5.97 14.01
CA GLY D 16 -4.65 6.92 12.91
C GLY D 16 -6.11 6.90 12.43
N ASP D 17 -6.65 5.71 12.21
CA ASP D 17 -8.03 5.61 11.70
C ASP D 17 -9.06 6.08 12.74
N GLU D 18 -8.90 5.63 13.96
CA GLU D 18 -9.83 6.00 15.01
C GLU D 18 -9.90 7.51 15.15
N LEU D 19 -8.77 8.16 14.94
CA LEU D 19 -8.70 9.60 15.02
C LEU D 19 -9.72 10.24 14.07
N LYS D 20 -9.78 9.74 12.85
CA LYS D 20 -10.70 10.32 11.89
C LYS D 20 -12.10 10.21 12.44
N LYS D 21 -12.39 9.06 13.03
CA LYS D 21 -13.73 8.83 13.55
C LYS D 21 -14.05 9.85 14.62
N PHE D 22 -13.07 10.17 15.43
CA PHE D 22 -13.27 11.12 16.51
C PHE D 22 -13.62 12.50 15.97
N LYS D 23 -12.79 13.01 15.06
CA LYS D 23 -13.02 14.35 14.52
C LYS D 23 -14.41 14.46 13.87
N MET D 24 -14.71 13.52 12.99
CA MET D 24 -15.99 13.54 12.29
C MET D 24 -17.15 13.46 13.26
N LYS D 25 -17.04 12.62 14.27
CA LYS D 25 -18.13 12.47 15.24
C LYS D 25 -18.38 13.79 15.96
N LEU D 26 -17.29 14.48 16.29
CA LEU D 26 -17.37 15.75 17.02
C LEU D 26 -18.22 16.76 16.27
N LEU D 27 -18.12 16.75 14.96
CA LEU D 27 -18.87 17.69 14.14
C LEU D 27 -20.38 17.50 14.33
N THR D 28 -20.81 16.27 14.58
CA THR D 28 -22.24 15.97 14.72
C THR D 28 -22.68 15.83 16.18
N VAL D 29 -21.78 16.06 17.12
CA VAL D 29 -22.14 15.92 18.54
C VAL D 29 -22.90 17.15 19.01
N GLN D 30 -23.84 16.94 19.94
CA GLN D 30 -24.63 18.04 20.49
C GLN D 30 -23.87 18.77 21.59
N LEU D 31 -23.91 20.10 21.53
CA LEU D 31 -23.20 20.92 22.50
C LEU D 31 -24.17 21.83 23.27
N ARG D 32 -23.77 22.25 24.45
CA ARG D 32 -24.59 23.15 25.26
C ARG D 32 -24.71 24.50 24.56
N GLU D 33 -25.86 25.17 24.74
CA GLU D 33 -26.09 26.47 24.11
C GLU D 33 -25.16 27.55 24.67
N GLY D 34 -24.82 28.52 23.82
CA GLY D 34 -23.94 29.62 24.23
C GLY D 34 -22.52 29.41 23.71
N TYR D 35 -22.33 28.34 22.95
CA TYR D 35 -21.01 28.01 22.40
C TYR D 35 -21.07 27.92 20.88
N GLY D 36 -19.92 28.05 20.25
CA GLY D 36 -19.84 27.99 18.79
C GLY D 36 -19.47 26.59 18.31
N ARG D 37 -19.46 26.43 16.99
CA ARG D 37 -19.11 25.15 16.36
C ARG D 37 -17.85 25.38 15.55
N ILE D 38 -17.01 24.37 15.46
CA ILE D 38 -15.73 24.52 14.76
C ILE D 38 -15.88 24.32 13.26
N PRO D 39 -15.31 25.22 12.46
CA PRO D 39 -15.39 25.15 10.97
C PRO D 39 -15.03 23.79 10.42
N ARG D 40 -15.82 23.31 9.48
CA ARG D 40 -15.60 22.00 8.88
C ARG D 40 -14.26 21.93 8.14
N GLY D 41 -13.98 22.93 7.31
CA GLY D 41 -12.74 22.95 6.52
C GLY D 41 -11.47 22.85 7.36
N ALA D 42 -11.41 23.59 8.46
CA ALA D 42 -10.21 23.57 9.29
C ALA D 42 -9.97 22.20 9.92
N LEU D 43 -11.02 21.65 10.54
CA LEU D 43 -10.91 20.37 11.21
C LEU D 43 -10.37 19.26 10.31
N LEU D 44 -10.78 19.24 9.06
CA LEU D 44 -10.35 18.18 8.14
C LEU D 44 -8.83 18.07 7.99
N GLN D 45 -8.13 19.21 8.03
CA GLN D 45 -6.66 19.17 7.84
C GLN D 45 -5.88 19.37 9.14
N MET D 46 -6.56 19.48 10.28
CA MET D 46 -5.86 19.70 11.56
C MET D 46 -5.04 18.51 12.01
N ASP D 47 -4.08 18.80 12.90
CA ASP D 47 -3.21 17.77 13.47
C ASP D 47 -3.66 17.46 14.89
N ALA D 48 -3.24 16.33 15.42
CA ALA D 48 -3.63 15.93 16.77
C ALA D 48 -3.19 16.97 17.82
N ILE D 49 -1.95 17.43 17.73
CA ILE D 49 -1.48 18.41 18.71
C ILE D 49 -2.25 19.70 18.57
N ASP D 50 -2.35 20.19 17.34
CA ASP D 50 -3.06 21.43 17.05
C ASP D 50 -4.50 21.36 17.57
N LEU D 51 -5.13 20.23 17.33
CA LEU D 51 -6.50 20.02 17.74
C LEU D 51 -6.64 20.23 19.25
N THR D 52 -5.59 19.90 19.98
CA THR D 52 -5.62 20.04 21.43
C THR D 52 -5.78 21.50 21.85
N ASP D 53 -4.93 22.36 21.31
CA ASP D 53 -4.97 23.78 21.66
C ASP D 53 -6.30 24.43 21.29
N LYS D 54 -6.74 24.20 20.07
CA LYS D 54 -7.99 24.79 19.60
C LYS D 54 -9.18 24.27 20.37
N LEU D 55 -9.20 22.97 20.63
CA LEU D 55 -10.32 22.38 21.34
C LEU D 55 -10.58 23.12 22.66
N VAL D 56 -9.54 23.41 23.39
CA VAL D 56 -9.70 24.12 24.65
C VAL D 56 -10.05 25.58 24.43
N SER D 57 -9.45 26.21 23.42
CA SER D 57 -9.70 27.62 23.16
C SER D 57 -11.18 27.93 22.99
N TYR D 58 -11.93 27.02 22.38
CA TYR D 58 -13.36 27.24 22.15
C TYR D 58 -14.20 26.97 23.41
N TYR D 59 -13.84 25.93 24.16
CA TYR D 59 -14.61 25.58 25.35
C TYR D 59 -13.76 25.74 26.61
N LEU D 60 -14.38 26.23 27.67
CA LEU D 60 -13.65 26.43 28.92
C LEU D 60 -13.01 25.10 29.34
N GLU D 61 -11.96 25.18 30.13
CA GLU D 61 -11.26 23.98 30.57
C GLU D 61 -12.18 23.03 31.32
N SER D 62 -12.95 23.56 32.26
CA SER D 62 -13.85 22.71 33.05
C SER D 62 -14.88 22.02 32.17
N TYR D 63 -15.63 22.81 31.42
CA TYR D 63 -16.66 22.26 30.55
C TYR D 63 -16.05 21.53 29.36
N GLY D 64 -14.97 22.08 28.84
CA GLY D 64 -14.30 21.49 27.68
C GLY D 64 -13.77 20.10 28.00
N LEU D 65 -13.20 19.93 29.19
CA LEU D 65 -12.65 18.64 29.58
C LEU D 65 -13.72 17.56 29.63
N GLU D 66 -14.87 17.88 30.21
CA GLU D 66 -15.97 16.93 30.32
C GLU D 66 -16.54 16.57 28.94
N LEU D 67 -16.63 17.57 28.06
CA LEU D 67 -17.17 17.36 26.74
C LEU D 67 -16.39 16.28 25.97
N THR D 68 -15.08 16.29 26.14
CA THR D 68 -14.25 15.31 25.45
C THR D 68 -14.64 13.91 25.86
N MET D 69 -14.77 13.71 27.16
CA MET D 69 -15.11 12.41 27.71
C MET D 69 -16.42 11.90 27.14
N THR D 70 -17.40 12.79 27.01
CA THR D 70 -18.70 12.39 26.48
C THR D 70 -18.56 11.74 25.12
N VAL D 71 -17.69 12.28 24.27
CA VAL D 71 -17.49 11.74 22.94
C VAL D 71 -16.68 10.44 22.94
N LEU D 72 -15.70 10.32 23.84
CA LEU D 72 -14.90 9.10 23.89
C LEU D 72 -15.79 7.89 24.18
N ARG D 73 -16.64 7.99 25.16
CA ARG D 73 -17.49 6.88 25.44
C ARG D 73 -18.39 6.62 24.25
N ASP D 74 -18.88 7.66 23.61
CA ASP D 74 -19.80 7.49 22.48
C ASP D 74 -19.24 6.53 21.44
N MET D 75 -17.95 6.65 21.14
CA MET D 75 -17.31 5.75 20.17
C MET D 75 -17.14 4.39 20.79
N GLY D 76 -17.68 4.26 22.00
CA GLY D 76 -17.60 3.02 22.76
C GLY D 76 -16.81 3.28 24.04
N LEU D 77 -16.98 2.42 25.04
CA LEU D 77 -16.26 2.60 26.29
C LEU D 77 -14.81 2.23 26.11
N GLN D 78 -13.93 3.21 26.31
CA GLN D 78 -12.51 2.99 26.18
C GLN D 78 -11.86 3.13 27.54
N GLU D 79 -10.74 2.45 27.73
CA GLU D 79 -10.04 2.56 28.99
C GLU D 79 -9.61 4.00 29.18
N LEU D 80 -9.41 4.69 28.05
CA LEU D 80 -8.99 6.08 28.07
C LEU D 80 -10.01 6.95 28.79
N ALA D 81 -11.29 6.76 28.48
CA ALA D 81 -12.33 7.55 29.14
C ALA D 81 -12.16 7.49 30.64
N GLU D 82 -11.94 6.29 31.16
CA GLU D 82 -11.78 6.14 32.60
C GLU D 82 -10.47 6.77 33.05
N GLN D 83 -9.38 6.50 32.32
CA GLN D 83 -8.08 7.05 32.68
C GLN D 83 -8.14 8.56 32.73
N LEU D 84 -8.80 9.16 31.76
CA LEU D 84 -8.91 10.60 31.70
C LEU D 84 -9.75 11.14 32.87
N GLN D 85 -10.83 10.43 33.19
CA GLN D 85 -11.69 10.88 34.28
C GLN D 85 -10.90 11.04 35.57
N THR D 86 -9.96 10.14 35.80
CA THR D 86 -9.15 10.22 37.01
C THR D 86 -8.54 11.60 37.14
N THR D 87 -8.22 12.22 36.01
CA THR D 87 -7.64 13.56 36.01
C THR D 87 -8.61 14.57 36.61
N LYS D 88 -9.91 14.36 36.40
CA LYS D 88 -10.92 15.27 36.92
C LYS D 88 -10.72 15.49 38.42
N GLU D 89 -10.45 14.40 39.13
CA GLU D 89 -10.21 14.50 40.58
C GLU D 89 -8.90 15.23 40.84
N GLY E 1 28.96 34.21 26.83
CA GLY E 1 28.11 33.23 27.48
C GLY E 1 27.73 32.11 26.52
N ARG E 2 28.60 31.12 26.39
CA ARG E 2 28.35 30.00 25.50
C ARG E 2 26.94 29.44 25.69
N ALA E 3 26.24 29.94 26.70
CA ALA E 3 24.89 29.47 26.98
C ALA E 3 24.02 29.52 25.72
N ARG E 4 24.07 30.63 25.00
CA ARG E 4 23.27 30.74 23.78
C ARG E 4 23.69 29.67 22.79
N ASP E 5 25.00 29.51 22.62
CA ASP E 5 25.53 28.53 21.67
C ASP E 5 25.20 27.10 22.08
N ALA E 6 25.25 26.83 23.37
CA ALA E 6 24.99 25.47 23.85
C ALA E 6 23.55 25.05 23.53
N ILE E 7 22.59 25.87 23.92
CA ILE E 7 21.19 25.56 23.67
C ILE E 7 20.96 25.39 22.17
N LEU E 8 21.45 26.34 21.41
CA LEU E 8 21.28 26.32 19.97
C LEU E 8 21.67 24.98 19.37
N ASP E 9 22.87 24.53 19.67
CA ASP E 9 23.36 23.27 19.12
C ASP E 9 22.44 22.08 19.41
N ALA E 10 21.99 21.97 20.66
CA ALA E 10 21.15 20.84 21.04
C ALA E 10 19.72 20.96 20.49
N LEU E 11 19.09 22.11 20.68
CA LEU E 11 17.72 22.30 20.23
C LEU E 11 17.54 21.93 18.75
N GLU E 12 18.54 22.26 17.95
CA GLU E 12 18.50 21.98 16.50
C GLU E 12 18.47 20.48 16.17
N ASN E 13 18.79 19.63 17.14
CA ASN E 13 18.81 18.18 16.90
C ASN E 13 17.42 17.53 17.04
N LEU E 14 16.37 18.34 17.14
CA LEU E 14 15.01 17.80 17.27
C LEU E 14 14.33 17.69 15.90
N SER E 15 13.44 16.71 15.77
CA SER E 15 12.71 16.51 14.52
C SER E 15 11.69 17.62 14.31
N GLY E 16 11.19 17.74 13.10
CA GLY E 16 10.22 18.79 12.77
C GLY E 16 8.95 18.71 13.63
N ASP E 17 8.39 17.52 13.76
CA ASP E 17 7.16 17.35 14.54
C ASP E 17 7.38 17.59 16.03
N GLU E 18 8.43 17.00 16.57
CA GLU E 18 8.71 17.14 17.99
C GLU E 18 8.86 18.61 18.35
N LEU E 19 9.40 19.38 17.43
CA LEU E 19 9.59 20.80 17.65
C LEU E 19 8.25 21.46 17.98
N LYS E 20 7.22 21.13 17.23
CA LYS E 20 5.93 21.74 17.48
C LYS E 20 5.52 21.42 18.89
N LYS E 21 5.74 20.19 19.31
CA LYS E 21 5.34 19.78 20.64
C LYS E 21 6.04 20.60 21.67
N PHE E 22 7.31 20.90 21.43
CA PHE E 22 8.08 21.68 22.37
C PHE E 22 7.52 23.08 22.53
N LYS E 23 7.32 23.78 21.42
CA LYS E 23 6.81 25.15 21.49
C LYS E 23 5.48 25.22 22.22
N MET E 24 4.53 24.39 21.79
CA MET E 24 3.21 24.37 22.39
C MET E 24 3.26 24.07 23.88
N LYS E 25 4.09 23.11 24.25
CA LYS E 25 4.20 22.75 25.66
C LYS E 25 4.70 23.93 26.50
N LEU E 26 5.65 24.66 25.94
CA LEU E 26 6.24 25.80 26.62
C LEU E 26 5.19 26.83 27.00
N LEU E 27 4.21 27.00 26.14
CA LEU E 27 3.14 27.96 26.40
C LEU E 27 2.38 27.62 27.68
N THR E 28 2.25 26.32 27.97
CA THR E 28 1.49 25.89 29.14
C THR E 28 2.37 25.52 30.35
N VAL E 29 3.68 25.69 30.22
CA VAL E 29 4.57 25.34 31.32
C VAL E 29 4.56 26.42 32.40
N GLN E 30 4.73 26.00 33.65
CA GLN E 30 4.72 26.95 34.77
C GLN E 30 6.10 27.58 34.93
N LEU E 31 6.10 28.90 35.13
CA LEU E 31 7.34 29.66 35.28
C LEU E 31 7.40 30.37 36.63
N ARG E 32 8.61 30.67 37.07
CA ARG E 32 8.79 31.36 38.34
C ARG E 32 8.23 32.79 38.23
N GLU E 33 7.72 33.31 39.35
CA GLU E 33 7.15 34.66 39.36
C GLU E 33 8.21 35.72 39.12
N GLY E 34 7.79 36.83 38.50
CA GLY E 34 8.70 37.95 38.21
C GLY E 34 9.14 37.93 36.75
N TYR E 35 8.60 37.00 35.98
CA TYR E 35 8.93 36.87 34.57
C TYR E 35 7.69 36.97 33.69
N GLY E 36 7.89 37.30 32.42
CA GLY E 36 6.77 37.43 31.50
C GLY E 36 6.54 36.15 30.70
N ARG E 37 5.49 36.16 29.88
CA ARG E 37 5.15 35.02 29.04
C ARG E 37 5.28 35.48 27.61
N ILE E 38 5.66 34.55 26.73
CA ILE E 38 5.89 34.92 25.33
C ILE E 38 4.58 34.91 24.52
N PRO E 39 4.34 35.95 23.73
CA PRO E 39 3.10 36.07 22.91
C PRO E 39 2.82 34.83 22.09
N ARG E 40 1.57 34.41 22.09
CA ARG E 40 1.16 33.23 21.35
C ARG E 40 1.38 33.37 19.84
N GLY E 41 0.94 34.49 19.29
CA GLY E 41 1.06 34.73 17.84
C GLY E 41 2.49 34.63 17.32
N ALA E 42 3.43 35.22 18.03
CA ALA E 42 4.82 35.21 17.58
C ALA E 42 5.40 33.79 17.55
N LEU E 43 5.23 33.07 18.65
CA LEU E 43 5.77 31.72 18.78
C LEU E 43 5.33 30.80 17.65
N LEU E 44 4.07 30.91 17.23
CA LEU E 44 3.55 30.02 16.19
C LEU E 44 4.35 30.08 14.88
N GLN E 45 4.86 31.26 14.51
CA GLN E 45 5.60 31.38 13.24
C GLN E 45 7.12 31.48 13.41
N MET E 46 7.61 31.37 14.65
CA MET E 46 9.06 31.49 14.88
C MET E 46 9.86 30.32 14.31
N ASP E 47 11.16 30.57 14.14
CA ASP E 47 12.09 29.57 13.63
C ASP E 47 12.92 29.04 14.78
N ALA E 48 13.55 27.88 14.58
CA ALA E 48 14.37 27.28 15.64
C ALA E 48 15.52 28.19 16.06
N ILE E 49 16.23 28.78 15.10
CA ILE E 49 17.33 29.67 15.45
C ILE E 49 16.82 30.89 16.18
N ASP E 50 15.81 31.51 15.61
CA ASP E 50 15.21 32.72 16.19
C ASP E 50 14.75 32.45 17.61
N LEU E 51 14.12 31.31 17.80
CA LEU E 51 13.61 30.92 19.10
C LEU E 51 14.73 30.92 20.13
N THR E 52 15.93 30.59 19.69
CA THR E 52 17.07 30.54 20.59
C THR E 52 17.38 31.91 21.19
N ASP E 53 17.52 32.90 20.34
CA ASP E 53 17.84 34.26 20.79
C ASP E 53 16.77 34.82 21.71
N LYS E 54 15.53 34.72 21.31
CA LYS E 54 14.43 35.24 22.10
C LYS E 54 14.29 34.52 23.43
N LEU E 55 14.43 33.21 23.40
CA LEU E 55 14.28 32.42 24.62
C LEU E 55 15.19 32.96 25.71
N VAL E 56 16.43 33.24 25.37
CA VAL E 56 17.37 33.76 26.34
C VAL E 56 17.06 35.21 26.72
N SER E 57 16.65 36.01 25.75
CA SER E 57 16.36 37.43 26.01
C SER E 57 15.34 37.61 27.12
N TYR E 58 14.37 36.73 27.20
CA TYR E 58 13.33 36.83 28.24
C TYR E 58 13.80 36.33 29.61
N TYR E 59 14.56 35.24 29.61
CA TYR E 59 15.03 34.66 30.88
C TYR E 59 16.55 34.74 30.97
N LEU E 60 17.05 35.03 32.16
CA LEU E 60 18.49 35.11 32.35
C LEU E 60 19.14 33.81 31.90
N GLU E 61 20.41 33.88 31.54
CA GLU E 61 21.11 32.71 31.07
C GLU E 61 21.11 31.58 32.10
N SER E 62 21.42 31.90 33.34
CA SER E 62 21.47 30.89 34.39
C SER E 62 20.10 30.23 34.59
N TYR E 63 19.10 31.03 34.85
CA TYR E 63 17.76 30.51 35.07
C TYR E 63 17.15 30.01 33.77
N GLY E 64 17.41 30.72 32.68
CA GLY E 64 16.87 30.34 31.39
C GLY E 64 17.37 28.97 30.94
N LEU E 65 18.65 28.71 31.18
CA LEU E 65 19.23 27.43 30.77
C LEU E 65 18.57 26.25 31.49
N GLU E 66 18.34 26.40 32.79
CA GLU E 66 17.72 25.34 33.57
C GLU E 66 16.26 25.12 33.15
N LEU E 67 15.57 26.21 32.85
CA LEU E 67 14.16 26.14 32.46
C LEU E 67 13.98 25.25 31.23
N THR E 68 14.90 25.35 30.29
CA THR E 68 14.81 24.54 29.08
C THR E 68 14.83 23.07 29.42
N MET E 69 15.77 22.69 30.27
CA MET E 69 15.94 21.31 30.66
C MET E 69 14.67 20.76 31.28
N THR E 70 14.02 21.57 32.11
CA THR E 70 12.80 21.13 32.77
C THR E 70 11.75 20.67 31.75
N VAL E 71 11.64 21.39 30.64
CA VAL E 71 10.66 21.06 29.61
C VAL E 71 11.10 19.85 28.77
N LEU E 72 12.39 19.70 28.52
CA LEU E 72 12.86 18.56 27.72
C LEU E 72 12.49 17.25 28.41
N ARG E 73 12.76 17.15 29.69
CA ARG E 73 12.41 15.93 30.36
C ARG E 73 10.91 15.74 30.32
N ASP E 74 10.16 16.83 30.48
CA ASP E 74 8.70 16.72 30.53
C ASP E 74 8.16 15.96 29.31
N MET E 75 8.71 16.22 28.13
CA MET E 75 8.29 15.54 26.92
C MET E 75 8.80 14.11 26.95
N GLY E 76 9.43 13.78 28.06
CA GLY E 76 10.02 12.47 28.26
C GLY E 76 11.52 12.62 28.44
N LEU E 77 12.18 11.62 29.02
CA LEU E 77 13.61 11.71 29.22
C LEU E 77 14.34 11.51 27.91
N GLN E 78 15.07 12.51 27.50
CA GLN E 78 15.82 12.44 26.26
C GLN E 78 17.30 12.46 26.56
N GLU E 79 18.10 11.87 25.69
CA GLU E 79 19.52 11.88 25.91
C GLU E 79 20.00 13.32 25.90
N LEU E 80 19.27 14.16 25.17
CA LEU E 80 19.60 15.57 25.06
C LEU E 80 19.61 16.24 26.44
N ALA E 81 18.58 15.98 27.23
CA ALA E 81 18.51 16.58 28.55
C ALA E 81 19.80 16.33 29.31
N GLU E 82 20.28 15.11 29.27
CA GLU E 82 21.52 14.78 29.96
C GLU E 82 22.70 15.47 29.29
N GLN E 83 22.77 15.39 27.96
CA GLN E 83 23.86 16.00 27.23
C GLN E 83 23.95 17.48 27.53
N LEU E 84 22.81 18.14 27.57
CA LEU E 84 22.78 19.55 27.84
C LEU E 84 23.22 19.85 29.27
N GLN E 85 22.78 19.02 30.22
CA GLN E 85 23.14 19.24 31.61
C GLN E 85 24.65 19.30 31.78
N THR E 86 25.37 18.47 31.03
CA THR E 86 26.82 18.46 31.11
C THR E 86 27.37 19.87 30.92
N THR E 87 26.68 20.65 30.09
CA THR E 87 27.11 22.03 29.84
C THR E 87 27.05 22.86 31.12
N LYS E 88 26.09 22.55 31.98
CA LYS E 88 25.94 23.30 33.23
C LYS E 88 27.26 23.33 33.99
N GLU E 89 27.94 22.19 34.04
CA GLU E 89 29.23 22.12 34.72
C GLU E 89 30.27 22.92 33.95
N GLY F 1 27.86 -23.50 12.76
CA GLY F 1 27.37 -24.56 13.65
C GLY F 1 26.59 -25.61 12.86
N ARG F 2 27.32 -26.57 12.29
CA ARG F 2 26.70 -27.62 11.51
C ARG F 2 25.50 -28.23 12.25
N ALA F 3 25.31 -27.83 13.51
CA ALA F 3 24.21 -28.35 14.31
C ALA F 3 22.89 -28.24 13.55
N ARG F 4 22.62 -27.08 12.97
CA ARG F 4 21.38 -26.90 12.23
C ARG F 4 21.31 -27.88 11.08
N ASP F 5 22.41 -27.99 10.34
CA ASP F 5 22.48 -28.88 9.19
C ASP F 5 22.35 -30.35 9.59
N ALA F 6 22.96 -30.71 10.71
CA ALA F 6 22.91 -32.10 11.14
C ALA F 6 21.48 -32.55 11.45
N ILE F 7 20.79 -31.77 12.27
CA ILE F 7 19.42 -32.11 12.63
C ILE F 7 18.56 -32.17 11.38
N LEU F 8 18.67 -31.15 10.55
CA LEU F 8 17.89 -31.07 9.34
C LEU F 8 17.98 -32.36 8.53
N ASP F 9 19.19 -32.80 8.25
CA ASP F 9 19.37 -33.99 7.42
C ASP F 9 18.67 -35.22 7.99
N ALA F 10 18.80 -35.44 9.30
CA ALA F 10 18.19 -36.62 9.91
C ALA F 10 16.67 -36.49 10.06
N LEU F 11 16.20 -35.38 10.59
CA LEU F 11 14.77 -35.19 10.80
C LEU F 11 13.97 -35.45 9.53
N GLU F 12 14.52 -35.05 8.38
CA GLU F 12 13.84 -35.21 7.09
C GLU F 12 13.66 -36.69 6.68
N ASN F 13 14.36 -37.60 7.35
CA ASN F 13 14.27 -39.03 7.02
C ASN F 13 13.08 -39.73 7.69
N LEU F 14 12.18 -38.95 8.30
CA LEU F 14 11.01 -39.53 8.96
C LEU F 14 9.80 -39.56 8.03
N SER F 15 8.92 -40.55 8.22
CA SER F 15 7.73 -40.69 7.40
C SER F 15 6.74 -39.59 7.74
N GLY F 16 5.75 -39.38 6.88
CA GLY F 16 4.75 -38.35 7.09
C GLY F 16 3.99 -38.53 8.40
N ASP F 17 3.52 -39.74 8.67
CA ASP F 17 2.74 -39.99 9.88
C ASP F 17 3.59 -39.86 11.15
N GLU F 18 4.77 -40.46 11.13
CA GLU F 18 5.65 -40.42 12.29
C GLU F 18 5.94 -38.98 12.67
N LEU F 19 6.04 -38.13 11.66
CA LEU F 19 6.32 -36.72 11.89
C LEU F 19 5.26 -36.12 12.82
N LYS F 20 4.00 -36.42 12.58
CA LYS F 20 2.96 -35.87 13.41
C LYS F 20 3.20 -36.30 14.83
N LYS F 21 3.57 -37.56 15.00
CA LYS F 21 3.79 -38.08 16.33
C LYS F 21 4.87 -37.31 17.03
N PHE F 22 5.90 -36.96 16.29
CA PHE F 22 7.02 -36.23 16.86
C PHE F 22 6.58 -34.87 17.36
N LYS F 23 5.94 -34.08 16.49
CA LYS F 23 5.51 -32.73 16.89
C LYS F 23 4.63 -32.76 18.13
N MET F 24 3.59 -33.59 18.09
CA MET F 24 2.66 -33.68 19.20
C MET F 24 3.35 -34.09 20.49
N LYS F 25 4.26 -35.05 20.40
CA LYS F 25 4.96 -35.52 21.58
C LYS F 25 5.78 -34.39 22.21
N LEU F 26 6.40 -33.60 21.34
CA LEU F 26 7.24 -32.49 21.78
C LEU F 26 6.47 -31.52 22.68
N LEU F 27 5.21 -31.31 22.34
CA LEU F 27 4.38 -30.40 23.11
C LEU F 27 4.24 -30.86 24.56
N THR F 28 4.24 -32.17 24.78
CA THR F 28 4.06 -32.72 26.13
C THR F 28 5.37 -33.15 26.79
N VAL F 29 6.50 -32.93 26.13
CA VAL F 29 7.78 -33.34 26.69
C VAL F 29 8.25 -32.34 27.75
N GLN F 30 8.93 -32.84 28.77
CA GLN F 30 9.42 -31.98 29.85
C GLN F 30 10.74 -31.33 29.45
N LEU F 31 10.84 -30.03 29.73
CA LEU F 31 12.03 -29.25 29.38
C LEU F 31 12.67 -28.65 30.62
N ARG F 32 13.96 -28.35 30.52
CA ARG F 32 14.69 -27.74 31.63
C ARG F 32 14.14 -26.33 31.89
N GLU F 33 14.17 -25.90 33.15
CA GLU F 33 13.66 -24.58 33.52
C GLU F 33 14.53 -23.46 32.94
N GLY F 34 13.88 -22.33 32.64
CA GLY F 34 14.59 -21.17 32.07
C GLY F 34 14.36 -21.07 30.56
N TYR F 35 13.52 -21.96 30.04
CA TYR F 35 13.21 -21.96 28.62
C TYR F 35 11.71 -21.84 28.39
N GLY F 36 11.34 -21.41 27.19
CA GLY F 36 9.93 -21.24 26.84
C GLY F 36 9.36 -22.47 26.13
N ARG F 37 8.07 -22.42 25.85
CA ARG F 37 7.38 -23.51 25.17
C ARG F 37 6.89 -22.95 23.85
N ILE F 38 6.83 -23.78 22.83
CA ILE F 38 6.43 -23.32 21.49
C ILE F 38 4.91 -23.31 21.34
N PRO F 39 4.36 -22.21 20.82
CA PRO F 39 2.88 -22.06 20.63
C PRO F 39 2.26 -23.24 19.91
N ARG F 40 1.13 -23.69 20.42
CA ARG F 40 0.44 -24.84 19.85
C ARG F 40 -0.02 -24.57 18.41
N GLY F 41 -0.65 -23.43 18.19
CA GLY F 41 -1.18 -23.08 16.87
C GLY F 41 -0.11 -23.10 15.76
N ALA F 42 1.05 -22.54 16.03
CA ALA F 42 2.11 -22.49 15.03
C ALA F 42 2.60 -23.88 14.65
N LEU F 43 2.92 -24.67 15.65
CA LEU F 43 3.46 -26.01 15.42
C LEU F 43 2.56 -26.87 14.52
N LEU F 44 1.25 -26.76 14.70
CA LEU F 44 0.31 -27.58 13.92
C LEU F 44 0.46 -27.41 12.41
N GLN F 45 0.77 -26.20 11.94
CA GLN F 45 0.89 -25.95 10.50
C GLN F 45 2.33 -25.83 10.01
N MET F 46 3.32 -26.02 10.89
CA MET F 46 4.72 -25.88 10.48
C MET F 46 5.18 -26.97 9.53
N ASP F 47 6.28 -26.67 8.82
CA ASP F 47 6.89 -27.61 7.89
C ASP F 47 8.13 -28.21 8.52
N ALA F 48 8.60 -29.33 7.98
CA ALA F 48 9.79 -29.98 8.52
C ALA F 48 11.01 -29.07 8.47
N ILE F 49 11.25 -28.39 7.35
CA ILE F 49 12.41 -27.51 7.25
C ILE F 49 12.27 -26.35 8.23
N ASP F 50 11.11 -25.72 8.20
CA ASP F 50 10.84 -24.57 9.08
C ASP F 50 11.04 -24.95 10.53
N LEU F 51 10.54 -26.13 10.89
CA LEU F 51 10.65 -26.63 12.25
C LEU F 51 12.10 -26.68 12.69
N THR F 52 12.99 -26.94 11.74
CA THR F 52 14.41 -27.02 12.04
C THR F 52 14.95 -25.70 12.56
N ASP F 53 14.72 -24.64 11.81
CA ASP F 53 15.22 -23.32 12.19
C ASP F 53 14.67 -22.85 13.53
N LYS F 54 13.36 -22.96 13.69
CA LYS F 54 12.72 -22.51 14.92
C LYS F 54 13.17 -23.35 16.12
N LEU F 55 13.26 -24.65 15.93
CA LEU F 55 13.67 -25.52 17.03
C LEU F 55 14.97 -25.04 17.66
N VAL F 56 15.93 -24.69 16.83
CA VAL F 56 17.20 -24.24 17.33
C VAL F 56 17.10 -22.83 17.92
N SER F 57 16.31 -21.97 17.28
CA SER F 57 16.18 -20.59 17.76
C SER F 57 15.75 -20.51 19.21
N TYR F 58 14.89 -21.42 19.65
CA TYR F 58 14.42 -21.41 21.03
C TYR F 58 15.44 -22.01 22.02
N TYR F 59 16.11 -23.07 21.61
CA TYR F 59 17.07 -23.73 22.48
C TYR F 59 18.48 -23.62 21.92
N LEU F 60 19.46 -23.41 22.79
CA LEU F 60 20.84 -23.30 22.34
C LEU F 60 21.21 -24.55 21.56
N GLU F 61 22.21 -24.41 20.69
CA GLU F 61 22.63 -25.53 19.86
C GLU F 61 23.06 -26.73 20.70
N SER F 62 23.88 -26.49 21.71
CA SER F 62 24.37 -27.58 22.55
C SER F 62 23.23 -28.29 23.26
N TYR F 63 22.44 -27.53 24.01
CA TYR F 63 21.32 -28.11 24.74
C TYR F 63 20.20 -28.53 23.80
N GLY F 64 19.97 -27.73 22.77
CA GLY F 64 18.92 -28.03 21.81
C GLY F 64 19.16 -29.34 21.08
N LEU F 65 20.41 -29.59 20.72
CA LEU F 65 20.76 -30.82 20.00
C LEU F 65 20.45 -32.06 20.84
N GLU F 66 20.83 -32.02 22.11
CA GLU F 66 20.60 -33.16 23.01
C GLU F 66 19.10 -33.38 23.24
N LEU F 67 18.35 -32.28 23.36
CA LEU F 67 16.92 -32.38 23.62
C LEU F 67 16.21 -33.18 22.53
N THR F 68 16.64 -32.98 21.29
CA THR F 68 16.01 -33.69 20.18
C THR F 68 16.17 -35.19 20.36
N MET F 69 17.39 -35.60 20.67
CA MET F 69 17.70 -37.00 20.85
C MET F 69 16.82 -37.63 21.91
N THR F 70 16.60 -36.91 23.01
CA THR F 70 15.78 -37.42 24.10
C THR F 70 14.40 -37.84 23.60
N VAL F 71 13.82 -37.03 22.71
CA VAL F 71 12.49 -37.32 22.18
C VAL F 71 12.50 -38.45 21.15
N LEU F 72 13.56 -38.54 20.34
CA LEU F 72 13.63 -39.61 19.34
C LEU F 72 13.58 -40.97 20.02
N ARG F 73 14.38 -41.16 21.04
CA ARG F 73 14.35 -42.44 21.69
C ARG F 73 12.97 -42.66 22.29
N ASP F 74 12.38 -41.61 22.86
CA ASP F 74 11.08 -41.76 23.52
C ASP F 74 10.06 -42.45 22.60
N MET F 75 10.05 -42.08 21.33
CA MET F 75 9.13 -42.69 20.37
C MET F 75 9.60 -44.09 20.05
N GLY F 76 10.65 -44.49 20.76
CA GLY F 76 11.26 -45.80 20.58
C GLY F 76 12.68 -45.62 20.10
N LEU F 77 13.52 -46.64 20.26
CA LEU F 77 14.91 -46.52 19.83
C LEU F 77 14.98 -46.62 18.31
N GLN F 78 15.47 -45.56 17.71
CA GLN F 78 15.60 -45.52 16.26
C GLN F 78 17.07 -45.49 15.89
N GLU F 79 17.40 -45.98 14.71
CA GLU F 79 18.78 -45.96 14.29
C GLU F 79 19.22 -44.51 14.19
N LEU F 80 18.25 -43.64 13.92
CA LEU F 80 18.51 -42.21 13.80
C LEU F 80 19.12 -41.65 15.08
N ALA F 81 18.55 -41.99 16.21
CA ALA F 81 19.05 -41.49 17.47
C ALA F 81 20.55 -41.76 17.58
N GLU F 82 20.95 -42.97 17.23
CA GLU F 82 22.37 -43.32 17.28
C GLU F 82 23.14 -42.54 16.22
N GLN F 83 22.62 -42.52 15.01
CA GLN F 83 23.30 -41.83 13.92
C GLN F 83 23.52 -40.37 14.27
N LEU F 84 22.51 -39.75 14.85
CA LEU F 84 22.61 -38.36 15.22
C LEU F 84 23.64 -38.15 16.34
N GLN F 85 23.65 -39.07 17.30
CA GLN F 85 24.59 -38.95 18.42
C GLN F 85 26.02 -38.86 17.91
N THR F 86 26.33 -39.61 16.87
CA THR F 86 27.67 -39.59 16.31
C THR F 86 28.09 -38.15 16.01
N THR F 87 27.12 -37.33 15.62
CA THR F 87 27.41 -35.93 15.32
C THR F 87 27.91 -35.19 16.55
N LYS F 88 27.42 -35.59 17.72
CA LYS F 88 27.83 -34.94 18.98
C LYS F 88 29.36 -34.92 19.08
N GLU F 89 29.98 -36.04 18.75
CA GLU F 89 31.44 -36.14 18.79
C GLU F 89 32.05 -35.26 17.71
N GLY G 1 28.45 -8.23 -17.55
CA GLY G 1 28.79 -9.44 -16.80
C GLY G 1 27.64 -10.44 -16.82
N ARG G 2 27.59 -11.24 -17.87
CA ARG G 2 26.53 -12.24 -18.02
C ARG G 2 26.36 -13.04 -16.73
N ALA G 3 27.26 -12.83 -15.78
CA ALA G 3 27.20 -13.56 -14.50
C ALA G 3 25.80 -13.46 -13.89
N ARG G 4 25.24 -12.27 -13.85
CA ARG G 4 23.91 -12.10 -13.29
C ARG G 4 22.89 -12.93 -14.08
N ASP G 5 22.98 -12.84 -15.40
CA ASP G 5 22.07 -13.55 -16.27
C ASP G 5 22.23 -15.06 -16.16
N ALA G 6 23.46 -15.52 -16.03
CA ALA G 6 23.71 -16.96 -15.95
C ALA G 6 23.06 -17.56 -14.71
N ILE G 7 23.33 -16.98 -13.55
CA ILE G 7 22.75 -17.48 -12.32
C ILE G 7 21.24 -17.46 -12.39
N LEU G 8 20.71 -16.33 -12.82
CA LEU G 8 19.27 -16.16 -12.91
C LEU G 8 18.62 -17.30 -13.67
N ASP G 9 19.11 -17.59 -14.86
CA ASP G 9 18.51 -18.64 -15.67
C ASP G 9 18.47 -20.00 -14.97
N ALA G 10 19.57 -20.38 -14.33
CA ALA G 10 19.63 -21.68 -13.66
C ALA G 10 18.83 -21.72 -12.36
N LEU G 11 19.01 -20.73 -11.51
CA LEU G 11 18.32 -20.71 -10.22
C LEU G 11 16.81 -20.87 -10.39
N GLU G 12 16.26 -20.26 -11.44
CA GLU G 12 14.81 -20.31 -11.71
C GLU G 12 14.31 -21.73 -12.04
N ASN G 13 15.23 -22.66 -12.33
CA ASN G 13 14.82 -24.03 -12.68
C ASN G 13 14.60 -24.92 -11.44
N LEU G 14 14.56 -24.31 -10.25
CA LEU G 14 14.35 -25.09 -9.02
C LEU G 14 12.87 -25.11 -8.64
N SER G 15 12.45 -26.19 -7.98
CA SER G 15 11.06 -26.31 -7.55
C SER G 15 10.78 -25.36 -6.39
N GLY G 16 9.50 -25.15 -6.10
CA GLY G 16 9.12 -24.23 -5.03
C GLY G 16 9.68 -24.66 -3.66
N ASP G 17 9.55 -25.94 -3.33
CA ASP G 17 10.02 -26.42 -2.04
C ASP G 17 11.55 -26.38 -1.93
N GLU G 18 12.22 -26.87 -2.95
CA GLU G 18 13.67 -26.89 -2.95
C GLU G 18 14.22 -25.49 -2.73
N LEU G 19 13.53 -24.51 -3.29
CA LEU G 19 13.95 -23.13 -3.14
C LEU G 19 14.08 -22.76 -1.66
N LYS G 20 13.10 -23.15 -0.87
CA LYS G 20 13.15 -22.80 0.54
C LYS G 20 14.39 -23.40 1.13
N LYS G 21 14.70 -24.62 0.74
CA LYS G 21 15.86 -25.30 1.30
C LYS G 21 17.11 -24.53 0.97
N PHE G 22 17.16 -24.00 -0.24
CA PHE G 22 18.34 -23.26 -0.66
C PHE G 22 18.54 -22.02 0.20
N LYS G 23 17.50 -21.18 0.31
CA LYS G 23 17.62 -19.94 1.08
C LYS G 23 18.06 -20.21 2.51
N MET G 24 17.36 -21.12 3.18
CA MET G 24 17.66 -21.45 4.57
C MET G 24 19.08 -21.97 4.72
N LYS G 25 19.51 -22.82 3.81
CA LYS G 25 20.86 -23.36 3.88
C LYS G 25 21.90 -22.26 3.79
N LEU G 26 21.64 -21.30 2.91
CA LEU G 26 22.56 -20.19 2.68
C LEU G 26 22.84 -19.43 3.97
N LEU G 27 21.82 -19.30 4.79
CA LEU G 27 21.97 -18.58 6.05
C LEU G 27 23.01 -19.24 6.96
N THR G 28 23.12 -20.57 6.88
CA THR G 28 24.05 -21.30 7.75
C THR G 28 25.35 -21.69 7.04
N VAL G 29 25.52 -21.28 5.78
CA VAL G 29 26.73 -21.65 5.05
C VAL G 29 27.90 -20.76 5.48
N GLN G 30 29.11 -21.33 5.47
CA GLN G 30 30.30 -20.59 5.85
C GLN G 30 30.82 -19.76 4.68
N LEU G 31 31.16 -18.51 4.97
CA LEU G 31 31.65 -17.58 3.94
C LEU G 31 33.06 -17.09 4.27
N ARG G 32 33.78 -16.67 3.24
CA ARG G 32 35.13 -16.15 3.43
C ARG G 32 35.08 -14.84 4.23
N GLU G 33 36.11 -14.59 5.03
CA GLU G 33 36.16 -13.37 5.84
C GLU G 33 36.27 -12.12 4.99
N GLY G 34 35.72 -11.02 5.49
CA GLY G 34 35.75 -9.74 4.78
C GLY G 34 34.43 -9.46 4.09
N TYR G 35 33.45 -10.34 4.28
CA TYR G 35 32.14 -10.18 3.68
C TYR G 35 31.05 -10.17 4.75
N GLY G 36 29.89 -9.61 4.38
CA GLY G 36 28.78 -9.53 5.32
C GLY G 36 27.80 -10.70 5.15
N ARG G 37 26.80 -10.74 6.01
CA ARG G 37 25.78 -11.77 5.97
C ARG G 37 24.45 -11.10 5.67
N ILE G 38 23.58 -11.79 4.96
CA ILE G 38 22.30 -11.19 4.56
C ILE G 38 21.26 -11.29 5.67
N PRO G 39 20.56 -10.19 5.97
CA PRO G 39 19.52 -10.14 7.04
C PRO G 39 18.52 -11.28 6.91
N ARG G 40 18.21 -11.90 8.04
CA ARG G 40 17.27 -13.01 8.07
C ARG G 40 15.87 -12.60 7.61
N GLY G 41 15.37 -11.50 8.15
CA GLY G 41 14.02 -11.03 7.83
C GLY G 41 13.79 -10.80 6.32
N ALA G 42 14.74 -10.17 5.66
CA ALA G 42 14.59 -9.89 4.24
C ALA G 42 14.52 -11.16 3.40
N LEU G 43 15.47 -12.06 3.63
CA LEU G 43 15.55 -13.31 2.87
C LEU G 43 14.25 -14.11 2.90
N LEU G 44 13.59 -14.14 4.06
CA LEU G 44 12.36 -14.93 4.21
C LEU G 44 11.27 -14.55 3.21
N GLN G 45 11.16 -13.27 2.87
CA GLN G 45 10.09 -12.82 1.96
C GLN G 45 10.58 -12.49 0.54
N MET G 46 11.87 -12.71 0.27
CA MET G 46 12.42 -12.39 -1.06
C MET G 46 11.89 -13.30 -2.16
N ASP G 47 12.01 -12.81 -3.40
CA ASP G 47 11.59 -13.55 -4.58
C ASP G 47 12.83 -14.11 -5.27
N ALA G 48 12.62 -15.11 -6.14
CA ALA G 48 13.74 -15.72 -6.85
C ALA G 48 14.50 -14.69 -7.71
N ILE G 49 13.78 -13.86 -8.45
CA ILE G 49 14.47 -12.87 -9.29
C ILE G 49 15.21 -11.87 -8.42
N ASP G 50 14.52 -11.34 -7.42
CA ASP G 50 15.10 -10.36 -6.52
C ASP G 50 16.36 -10.91 -5.86
N LEU G 51 16.28 -12.16 -5.44
CA LEU G 51 17.39 -12.83 -4.79
C LEU G 51 18.62 -12.80 -5.69
N THR G 52 18.40 -12.85 -6.98
CA THR G 52 19.50 -12.84 -7.94
C THR G 52 20.30 -11.55 -7.86
N ASP G 53 19.62 -10.42 -7.94
CA ASP G 53 20.29 -9.13 -7.91
C ASP G 53 21.03 -8.90 -6.60
N LYS G 54 20.37 -9.15 -5.49
CA LYS G 54 20.97 -8.94 -4.19
C LYS G 54 22.15 -9.87 -3.95
N LEU G 55 22.00 -11.13 -4.35
CA LEU G 55 23.06 -12.10 -4.14
C LEU G 55 24.37 -11.60 -4.72
N VAL G 56 24.32 -11.05 -5.92
CA VAL G 56 25.53 -10.55 -6.55
C VAL G 56 26.00 -9.25 -5.89
N SER G 57 25.06 -8.39 -5.53
CA SER G 57 25.42 -7.09 -4.92
C SER G 57 26.32 -7.26 -3.70
N TYR G 58 26.10 -8.29 -2.91
CA TYR G 58 26.90 -8.51 -1.71
C TYR G 58 28.27 -9.13 -2.01
N TYR G 59 28.30 -10.07 -2.96
CA TYR G 59 29.56 -10.75 -3.30
C TYR G 59 29.96 -10.44 -4.73
N LEU G 60 31.26 -10.26 -4.94
CA LEU G 60 31.76 -9.97 -6.27
C LEU G 60 31.30 -11.05 -7.24
N GLU G 61 31.22 -10.71 -8.50
CA GLU G 61 30.76 -11.67 -9.50
C GLU G 61 31.63 -12.92 -9.54
N SER G 62 32.95 -12.74 -9.54
CA SER G 62 33.86 -13.89 -9.60
C SER G 62 33.69 -14.79 -8.38
N TYR G 63 33.84 -14.21 -7.20
CA TYR G 63 33.70 -14.98 -5.96
C TYR G 63 32.26 -15.38 -5.71
N GLY G 64 31.34 -14.47 -6.03
CA GLY G 64 29.93 -14.72 -5.81
C GLY G 64 29.43 -15.91 -6.64
N LEU G 65 29.89 -15.99 -7.88
CA LEU G 65 29.46 -17.07 -8.77
C LEU G 65 29.89 -18.43 -8.23
N GLU G 66 31.13 -18.54 -7.75
CA GLU G 66 31.63 -19.79 -7.20
C GLU G 66 30.89 -20.19 -5.92
N LEU G 67 30.59 -19.19 -5.09
CA LEU G 67 29.91 -19.45 -3.82
C LEU G 67 28.58 -20.16 -4.05
N THR G 68 27.87 -19.76 -5.09
CA THR G 68 26.58 -20.36 -5.37
C THR G 68 26.74 -21.86 -5.61
N MET G 69 27.71 -22.18 -6.44
CA MET G 69 27.97 -23.57 -6.80
C MET G 69 28.24 -24.42 -5.57
N THR G 70 29.01 -23.87 -4.64
CA THR G 70 29.34 -24.60 -3.42
C THR G 70 28.09 -25.06 -2.70
N VAL G 71 27.07 -24.20 -2.65
CA VAL G 71 25.83 -24.53 -1.97
C VAL G 71 24.96 -25.52 -2.76
N LEU G 72 24.96 -25.40 -4.09
CA LEU G 72 24.15 -26.31 -4.90
C LEU G 72 24.59 -27.76 -4.67
N ARG G 73 25.87 -28.01 -4.72
CA ARG G 73 26.31 -29.35 -4.50
C ARG G 73 25.94 -29.78 -3.10
N ASP G 74 26.07 -28.88 -2.14
CA ASP G 74 25.80 -29.24 -0.74
C ASP G 74 24.42 -29.89 -0.59
N MET G 75 23.42 -29.34 -1.28
CA MET G 75 22.06 -29.90 -1.23
C MET G 75 22.03 -31.20 -1.99
N GLY G 76 23.21 -31.59 -2.47
CA GLY G 76 23.37 -32.80 -3.25
C GLY G 76 23.88 -32.43 -4.64
N LEU G 77 24.46 -33.39 -5.35
CA LEU G 77 24.96 -33.09 -6.69
C LEU G 77 23.81 -32.97 -7.66
N GLN G 78 23.68 -31.80 -8.25
CA GLN G 78 22.62 -31.54 -9.21
C GLN G 78 23.22 -31.33 -10.58
N GLU G 79 22.47 -31.64 -11.62
CA GLU G 79 22.97 -31.43 -12.95
C GLU G 79 23.24 -29.94 -13.14
N LEU G 80 22.48 -29.14 -12.39
CA LEU G 80 22.62 -27.69 -12.46
C LEU G 80 24.02 -27.25 -12.09
N ALA G 81 24.55 -27.80 -11.01
CA ALA G 81 25.89 -27.42 -10.58
C ALA G 81 26.87 -27.55 -11.74
N GLU G 82 26.78 -28.67 -12.45
CA GLU G 82 27.66 -28.89 -13.58
C GLU G 82 27.34 -27.92 -14.71
N GLN G 83 26.06 -27.78 -15.02
CA GLN G 83 25.65 -26.89 -16.10
C GLN G 83 26.14 -25.48 -15.83
N LEU G 84 26.01 -25.04 -14.61
CA LEU G 84 26.43 -23.69 -14.24
C LEU G 84 27.95 -23.56 -14.35
N GLN G 85 28.68 -24.58 -13.93
CA GLN G 85 30.13 -24.53 -13.98
C GLN G 85 30.62 -24.24 -15.40
N THR G 86 29.94 -24.82 -16.38
CA THR G 86 30.32 -24.59 -17.77
C THR G 86 30.41 -23.10 -18.05
N THR G 87 29.56 -22.32 -17.39
CA THR G 87 29.55 -20.87 -17.58
C THR G 87 30.88 -20.27 -17.13
N LYS G 88 31.49 -20.86 -16.11
CA LYS G 88 32.76 -20.35 -15.59
C LYS G 88 33.78 -20.21 -16.72
N GLU G 89 33.82 -21.21 -17.59
CA GLU G 89 34.75 -21.19 -18.72
C GLU G 89 34.31 -20.11 -19.71
N GLY H 1 5.54 10.85 -33.80
CA GLY H 1 6.28 9.59 -33.81
C GLY H 1 5.52 8.51 -33.07
N ARG H 2 4.61 7.85 -33.78
CA ARG H 2 3.82 6.79 -33.19
C ARG H 2 4.69 5.81 -32.40
N ALA H 3 6.01 5.97 -32.50
CA ALA H 3 6.93 5.08 -31.81
C ALA H 3 6.57 4.97 -30.33
N ARG H 4 6.32 6.09 -29.67
CA ARG H 4 5.96 6.06 -28.27
C ARG H 4 4.67 5.26 -28.07
N ASP H 5 3.69 5.53 -28.91
CA ASP H 5 2.40 4.86 -28.82
C ASP H 5 2.51 3.37 -29.11
N ALA H 6 3.36 3.01 -30.07
CA ALA H 6 3.50 1.60 -30.44
C ALA H 6 4.05 0.78 -29.28
N ILE H 7 5.16 1.24 -28.71
CA ILE H 7 5.76 0.53 -27.59
C ILE H 7 4.78 0.42 -26.44
N LEU H 8 4.17 1.54 -26.11
CA LEU H 8 3.23 1.59 -25.01
C LEU H 8 2.19 0.50 -25.12
N ASP H 9 1.53 0.41 -26.26
CA ASP H 9 0.46 -0.58 -26.43
C ASP H 9 0.93 -2.01 -26.19
N ALA H 10 2.08 -2.37 -26.74
CA ALA H 10 2.59 -3.73 -26.57
C ALA H 10 3.13 -4.01 -25.18
N LEU H 11 3.96 -3.13 -24.66
CA LEU H 11 4.55 -3.34 -23.34
C LEU H 11 3.50 -3.61 -22.27
N GLU H 12 2.36 -2.93 -22.38
CA GLU H 12 1.27 -3.07 -21.41
C GLU H 12 0.63 -4.48 -21.42
N ASN H 13 0.90 -5.28 -22.45
CA ASN H 13 0.32 -6.62 -22.56
C ASN H 13 1.12 -7.67 -21.78
N LEU H 14 2.07 -7.24 -20.95
CA LEU H 14 2.87 -8.18 -20.16
C LEU H 14 2.28 -8.38 -18.77
N SER H 15 2.48 -9.57 -18.21
CA SER H 15 1.98 -9.88 -16.88
C SER H 15 2.76 -9.13 -15.83
N GLY H 16 2.23 -9.06 -14.61
CA GLY H 16 2.89 -8.34 -13.53
C GLY H 16 4.28 -8.89 -13.22
N ASP H 17 4.40 -10.19 -13.10
CA ASP H 17 5.70 -10.80 -12.78
C ASP H 17 6.71 -10.64 -13.91
N GLU H 18 6.29 -10.92 -15.13
CA GLU H 18 7.17 -10.82 -16.28
C GLU H 18 7.75 -9.42 -16.37
N LEU H 19 6.95 -8.44 -16.01
CA LEU H 19 7.37 -7.05 -16.04
C LEU H 19 8.64 -6.88 -15.20
N LYS H 20 8.66 -7.45 -14.01
CA LYS H 20 9.82 -7.28 -13.16
C LYS H 20 11.01 -7.84 -13.88
N LYS H 21 10.84 -8.98 -14.53
CA LYS H 21 11.94 -9.61 -15.22
C LYS H 21 12.48 -8.69 -16.29
N PHE H 22 11.59 -8.00 -16.96
CA PHE H 22 12.01 -7.10 -18.02
C PHE H 22 12.87 -5.96 -17.49
N LYS H 23 12.36 -5.26 -16.47
CA LYS H 23 13.11 -4.13 -15.92
C LYS H 23 14.50 -4.54 -15.45
N MET H 24 14.55 -5.59 -14.64
CA MET H 24 15.81 -6.06 -14.09
C MET H 24 16.78 -6.46 -15.19
N LYS H 25 16.28 -7.15 -16.21
CA LYS H 25 17.14 -7.58 -17.31
C LYS H 25 17.75 -6.38 -18.02
N LEU H 26 16.94 -5.34 -18.21
CA LEU H 26 17.38 -4.14 -18.89
C LEU H 26 18.60 -3.53 -18.22
N LEU H 27 18.64 -3.59 -16.91
CA LEU H 27 19.76 -3.03 -16.16
C LEU H 27 21.07 -3.70 -16.54
N THR H 28 21.02 -4.99 -16.88
CA THR H 28 22.24 -5.74 -17.20
C THR H 28 22.45 -5.93 -18.70
N VAL H 29 21.58 -5.34 -19.52
CA VAL H 29 21.73 -5.49 -20.97
C VAL H 29 22.81 -4.57 -21.50
N GLN H 30 23.51 -5.02 -22.55
CA GLN H 30 24.59 -4.22 -23.14
C GLN H 30 24.02 -3.21 -24.13
N LEU H 31 24.52 -1.98 -24.04
CA LEU H 31 24.06 -0.89 -24.89
C LEU H 31 25.19 -0.32 -25.74
N ARG H 32 24.83 0.30 -26.85
CA ARG H 32 25.83 0.91 -27.72
C ARG H 32 26.49 2.09 -27.01
N GLU H 33 27.76 2.33 -27.31
CA GLU H 33 28.50 3.43 -26.67
C GLU H 33 27.96 4.79 -27.08
N GLY H 34 28.07 5.76 -26.17
CA GLY H 34 27.58 7.11 -26.44
C GLY H 34 26.24 7.37 -25.76
N TYR H 35 25.77 6.38 -25.01
CA TYR H 35 24.49 6.50 -24.31
C TYR H 35 24.66 6.27 -22.82
N GLY H 36 23.70 6.76 -22.03
CA GLY H 36 23.77 6.62 -20.59
C GLY H 36 22.99 5.40 -20.10
N ARG H 37 23.05 5.16 -18.80
CA ARG H 37 22.35 4.05 -18.18
C ARG H 37 21.34 4.63 -17.21
N ILE H 38 20.20 3.96 -17.05
CA ILE H 38 19.14 4.49 -16.20
C ILE H 38 19.38 4.15 -14.72
N PRO H 39 19.23 5.13 -13.85
CA PRO H 39 19.45 4.94 -12.37
C PRO H 39 18.69 3.75 -11.82
N ARG H 40 19.36 2.96 -11.00
CA ARG H 40 18.75 1.77 -10.42
C ARG H 40 17.56 2.11 -9.53
N GLY H 41 17.73 3.09 -8.64
CA GLY H 41 16.67 3.47 -7.70
C GLY H 41 15.36 3.86 -8.38
N ALA H 42 15.45 4.66 -9.44
CA ALA H 42 14.24 5.12 -10.12
C ALA H 42 13.48 3.96 -10.76
N LEU H 43 14.20 3.13 -11.50
CA LEU H 43 13.58 2.01 -12.21
C LEU H 43 12.78 1.09 -11.29
N LEU H 44 13.29 0.84 -10.08
CA LEU H 44 12.62 -0.07 -9.15
C LEU H 44 11.18 0.35 -8.84
N GLN H 45 10.90 1.64 -8.75
CA GLN H 45 9.55 2.11 -8.39
C GLN H 45 8.76 2.65 -9.57
N MET H 46 9.31 2.59 -10.78
CA MET H 46 8.61 3.14 -11.96
C MET H 46 7.37 2.33 -12.34
N ASP H 47 6.50 2.99 -13.10
CA ASP H 47 5.26 2.38 -13.59
C ASP H 47 5.43 2.02 -15.06
N ALA H 48 4.58 1.14 -15.58
CA ALA H 48 4.68 0.73 -16.97
C ALA H 48 4.51 1.92 -17.92
N ILE H 49 3.52 2.78 -17.68
CA ILE H 49 3.32 3.92 -18.56
C ILE H 49 4.52 4.87 -18.48
N ASP H 50 4.90 5.19 -17.25
CA ASP H 50 6.03 6.10 -17.02
C ASP H 50 7.29 5.59 -17.71
N LEU H 51 7.51 4.28 -17.57
CA LEU H 51 8.66 3.64 -18.17
C LEU H 51 8.71 3.90 -19.67
N THR H 52 7.55 4.00 -20.28
CA THR H 52 7.47 4.24 -21.71
C THR H 52 8.09 5.57 -22.10
N ASP H 53 7.64 6.63 -21.45
CA ASP H 53 8.15 7.97 -21.76
C ASP H 53 9.64 8.09 -21.53
N LYS H 54 10.10 7.64 -20.38
CA LYS H 54 11.51 7.73 -20.04
C LYS H 54 12.37 6.89 -20.97
N LEU H 55 11.91 5.68 -21.27
CA LEU H 55 12.67 4.80 -22.14
C LEU H 55 13.04 5.49 -23.44
N VAL H 56 12.09 6.18 -24.03
CA VAL H 56 12.35 6.88 -25.27
C VAL H 56 13.22 8.11 -25.06
N SER H 57 12.99 8.83 -23.97
CA SER H 57 13.74 10.06 -23.70
C SER H 57 15.25 9.82 -23.71
N TYR H 58 15.68 8.67 -23.21
CA TYR H 58 17.11 8.37 -23.16
C TYR H 58 17.67 7.91 -24.51
N TYR H 59 16.91 7.12 -25.24
CA TYR H 59 17.37 6.61 -26.54
C TYR H 59 16.51 7.15 -27.66
N LEU H 60 17.14 7.47 -28.79
CA LEU H 60 16.40 7.98 -29.92
C LEU H 60 15.31 6.98 -30.30
N GLU H 61 14.27 7.48 -30.96
CA GLU H 61 13.15 6.63 -31.35
C GLU H 61 13.60 5.47 -32.23
N SER H 62 14.40 5.77 -33.24
CA SER H 62 14.86 4.73 -34.17
C SER H 62 15.68 3.66 -33.44
N TYR H 63 16.73 4.09 -32.76
CA TYR H 63 17.59 3.16 -32.03
C TYR H 63 16.88 2.61 -30.81
N GLY H 64 16.12 3.46 -30.14
CA GLY H 64 15.41 3.05 -28.93
C GLY H 64 14.40 1.94 -29.22
N LEU H 65 13.69 2.07 -30.34
CA LEU H 65 12.68 1.07 -30.70
C LEU H 65 13.31 -0.30 -30.91
N GLU H 66 14.43 -0.35 -31.62
CA GLU H 66 15.11 -1.62 -31.88
C GLU H 66 15.66 -2.24 -30.59
N LEU H 67 16.18 -1.40 -29.71
CA LEU H 67 16.75 -1.87 -28.45
C LEU H 67 15.73 -2.66 -27.64
N THR H 68 14.49 -2.20 -27.64
CA THR H 68 13.45 -2.88 -26.89
C THR H 68 13.28 -4.30 -27.39
N MET H 69 13.20 -4.44 -28.70
CA MET H 69 13.01 -5.73 -29.32
C MET H 69 14.11 -6.70 -28.94
N THR H 70 15.34 -6.21 -28.90
CA THR H 70 16.47 -7.06 -28.54
C THR H 70 16.26 -7.73 -27.19
N VAL H 71 15.71 -6.98 -26.23
CA VAL H 71 15.49 -7.51 -24.89
C VAL H 71 14.28 -8.45 -24.84
N LEU H 72 13.24 -8.16 -25.61
CA LEU H 72 12.06 -9.04 -25.60
C LEU H 72 12.44 -10.45 -26.03
N ARG H 73 13.16 -10.57 -27.11
CA ARG H 73 13.54 -11.89 -27.52
C ARG H 73 14.40 -12.54 -26.46
N ASP H 74 15.29 -11.75 -25.85
CA ASP H 74 16.21 -12.32 -24.85
C ASP H 74 15.45 -13.10 -23.78
N MET H 75 14.33 -12.57 -23.32
CA MET H 75 13.52 -13.25 -22.31
C MET H 75 12.82 -14.44 -22.94
N GLY H 76 13.15 -14.65 -24.20
CA GLY H 76 12.57 -15.73 -24.99
C GLY H 76 11.79 -15.14 -26.15
N LEU H 77 11.54 -15.93 -27.19
CA LEU H 77 10.81 -15.41 -28.34
C LEU H 77 9.34 -15.28 -27.99
N GLN H 78 8.85 -14.05 -28.06
CA GLN H 78 7.46 -13.78 -27.76
C GLN H 78 6.75 -13.33 -29.03
N GLU H 79 5.46 -13.56 -29.10
CA GLU H 79 4.72 -13.14 -30.26
C GLU H 79 4.81 -11.63 -30.36
N LEU H 80 4.96 -10.99 -29.19
CA LEU H 80 5.07 -9.54 -29.12
C LEU H 80 6.24 -9.03 -29.94
N ALA H 81 7.40 -9.67 -29.80
CA ALA H 81 8.57 -9.23 -30.54
C ALA H 81 8.24 -9.13 -32.02
N GLU H 82 7.57 -10.14 -32.55
CA GLU H 82 7.21 -10.13 -33.94
C GLU H 82 6.16 -9.06 -34.22
N GLN H 83 5.14 -8.99 -33.38
CA GLN H 83 4.09 -8.01 -33.56
C GLN H 83 4.65 -6.60 -33.57
N LEU H 84 5.57 -6.34 -32.67
CA LEU H 84 6.18 -5.03 -32.58
C LEU H 84 7.03 -4.74 -33.82
N GLN H 85 7.76 -5.74 -34.30
CA GLN H 85 8.61 -5.54 -35.46
C GLN H 85 7.80 -5.03 -36.65
N THR H 86 6.58 -5.53 -36.78
CA THR H 86 5.72 -5.10 -37.89
C THR H 86 5.62 -3.58 -37.90
N THR H 87 5.66 -2.97 -36.72
CA THR H 87 5.58 -1.52 -36.61
C THR H 87 6.77 -0.86 -37.30
N LYS H 88 7.93 -1.53 -37.25
CA LYS H 88 9.13 -0.98 -37.86
C LYS H 88 8.87 -0.60 -39.31
N GLU H 89 8.17 -1.47 -40.03
CA GLU H 89 7.83 -1.20 -41.43
C GLU H 89 6.84 -0.05 -41.50
N GLY I 1 -20.30 29.80 -22.48
CA GLY I 1 -19.91 28.64 -23.26
C GLY I 1 -19.85 27.39 -22.38
N ARG I 2 -20.99 26.75 -22.20
CA ARG I 2 -21.06 25.55 -21.37
C ARG I 2 -19.96 24.56 -21.74
N ALA I 3 -19.24 24.85 -22.82
CA ALA I 3 -18.17 23.97 -23.27
C ALA I 3 -17.21 23.63 -22.12
N ARG I 4 -16.80 24.63 -21.36
CA ARG I 4 -15.90 24.37 -20.24
C ARG I 4 -16.56 23.45 -19.24
N ASP I 5 -17.81 23.73 -18.92
CA ASP I 5 -18.56 22.94 -17.95
C ASP I 5 -18.79 21.52 -18.45
N ALA I 6 -19.07 21.37 -19.73
CA ALA I 6 -19.34 20.04 -20.28
C ALA I 6 -18.13 19.13 -20.14
N ILE I 7 -16.99 19.60 -20.62
CA ILE I 7 -15.77 18.81 -20.53
C ILE I 7 -15.46 18.46 -19.09
N LEU I 8 -15.51 19.47 -18.25
CA LEU I 8 -15.20 19.28 -16.84
C LEU I 8 -15.99 18.12 -16.24
N ASP I 9 -17.30 18.13 -16.41
CA ASP I 9 -18.13 17.08 -15.83
C ASP I 9 -17.73 15.68 -16.28
N ALA I 10 -17.48 15.50 -17.56
CA ALA I 10 -17.11 14.17 -18.08
C ALA I 10 -15.69 13.77 -17.71
N LEU I 11 -14.73 14.65 -17.93
CA LEU I 11 -13.33 14.32 -17.64
C LEU I 11 -13.14 13.81 -16.21
N GLU I 12 -13.88 14.40 -15.27
CA GLU I 12 -13.78 14.03 -13.85
C GLU I 12 -14.26 12.58 -13.58
N ASN I 13 -14.96 11.96 -14.53
CA ASN I 13 -15.46 10.59 -14.33
C ASN I 13 -14.41 9.51 -14.66
N LEU I 14 -13.15 9.92 -14.85
CA LEU I 14 -12.09 8.96 -15.16
C LEU I 14 -11.36 8.52 -13.88
N SER I 15 -10.85 7.29 -13.90
CA SER I 15 -10.12 6.76 -12.75
C SER I 15 -8.77 7.44 -12.63
N GLY I 16 -8.13 7.30 -11.48
CA GLY I 16 -6.83 7.92 -11.25
C GLY I 16 -5.77 7.47 -12.24
N ASP I 17 -5.67 6.17 -12.47
CA ASP I 17 -4.66 5.64 -13.39
C ASP I 17 -4.93 6.04 -14.84
N GLU I 18 -6.17 5.89 -15.27
CA GLU I 18 -6.53 6.22 -16.64
C GLU I 18 -6.18 7.67 -16.93
N LEU I 19 -6.33 8.51 -15.93
CA LEU I 19 -6.03 9.92 -16.08
C LEU I 19 -4.59 10.10 -16.56
N LYS I 20 -3.66 9.38 -15.95
CA LYS I 20 -2.27 9.53 -16.33
C LYS I 20 -2.15 9.20 -17.78
N LYS I 21 -2.82 8.14 -18.20
CA LYS I 21 -2.73 7.71 -19.59
C LYS I 21 -3.20 8.81 -20.51
N PHE I 22 -4.25 9.49 -20.11
CA PHE I 22 -4.79 10.56 -20.92
C PHE I 22 -3.78 11.68 -21.12
N LYS I 23 -3.24 12.21 -20.00
CA LYS I 23 -2.30 13.32 -20.09
C LYS I 23 -1.10 12.97 -20.97
N MET I 24 -0.48 11.83 -20.69
CA MET I 24 0.69 11.41 -21.44
C MET I 24 0.39 11.24 -22.91
N LYS I 25 -0.76 10.67 -23.22
CA LYS I 25 -1.12 10.45 -24.62
C LYS I 25 -1.26 11.80 -25.35
N LEU I 26 -1.84 12.77 -24.66
CA LEU I 26 -2.06 14.09 -25.23
C LEU I 26 -0.75 14.71 -25.70
N LEU I 27 0.31 14.47 -24.96
CA LEU I 27 1.61 15.03 -25.32
C LEU I 27 2.08 14.53 -26.68
N THR I 28 1.71 13.30 -27.03
CA THR I 28 2.15 12.70 -28.30
C THR I 28 1.08 12.75 -29.39
N VAL I 29 -0.06 13.36 -29.11
CA VAL I 29 -1.13 13.42 -30.10
C VAL I 29 -0.84 14.49 -31.14
N GLN I 30 -1.27 14.25 -32.38
CA GLN I 30 -1.05 15.21 -33.46
C GLN I 30 -2.12 16.30 -33.43
N LEU I 31 -1.69 17.55 -33.60
CA LEU I 31 -2.58 18.69 -33.58
C LEU I 31 -2.53 19.47 -34.88
N ARG I 32 -3.60 20.20 -35.18
CA ARG I 32 -3.65 21.00 -36.39
C ARG I 32 -2.62 22.14 -36.31
N GLU I 33 -2.08 22.52 -37.45
CA GLU I 33 -1.07 23.58 -37.49
C GLU I 33 -1.66 24.94 -37.09
N GLY I 34 -0.82 25.79 -36.49
CA GLY I 34 -1.24 27.12 -36.06
C GLY I 34 -1.52 27.16 -34.56
N TYR I 35 -1.25 26.03 -33.89
CA TYR I 35 -1.48 25.95 -32.45
C TYR I 35 -0.20 25.54 -31.73
N GLY I 36 -0.14 25.83 -30.44
CA GLY I 36 1.04 25.50 -29.65
C GLY I 36 0.89 24.17 -28.92
N ARG I 37 1.95 23.76 -28.23
CA ARG I 37 1.96 22.52 -27.48
C ARG I 37 2.13 22.87 -26.02
N ILE I 38 1.55 22.09 -25.13
CA ILE I 38 1.59 22.40 -23.71
C ILE I 38 2.89 21.89 -23.06
N PRO I 39 3.55 22.72 -22.28
CA PRO I 39 4.84 22.36 -21.59
C PRO I 39 4.75 21.04 -20.84
N ARG I 40 5.77 20.22 -21.02
CA ARG I 40 5.80 18.91 -20.37
C ARG I 40 5.81 19.02 -18.84
N GLY I 41 6.65 19.88 -18.30
CA GLY I 41 6.78 20.04 -16.85
C GLY I 41 5.46 20.40 -16.17
N ALA I 42 4.71 21.33 -16.74
CA ALA I 42 3.46 21.77 -16.13
C ALA I 42 2.43 20.64 -16.08
N LEU I 43 2.23 19.98 -17.21
CA LEU I 43 1.25 18.91 -17.31
C LEU I 43 1.45 17.81 -16.28
N LEU I 44 2.69 17.46 -16.01
CA LEU I 44 2.98 16.38 -15.06
C LEU I 44 2.38 16.61 -13.67
N GLN I 45 2.35 17.85 -13.20
CA GLN I 45 1.84 18.15 -11.85
C GLN I 45 0.44 18.76 -11.85
N MET I 46 -0.18 18.92 -13.00
CA MET I 46 -1.51 19.55 -13.07
C MET I 46 -2.61 18.70 -12.45
N ASP I 47 -3.71 19.36 -12.11
CA ASP I 47 -4.88 18.72 -11.52
C ASP I 47 -5.96 18.58 -12.59
N ALA I 48 -6.94 17.70 -12.35
CA ALA I 48 -8.00 17.49 -13.32
C ALA I 48 -8.79 18.78 -13.57
N ILE I 49 -9.16 19.50 -12.53
CA ILE I 49 -9.92 20.74 -12.71
C ILE I 49 -9.08 21.76 -13.46
N ASP I 50 -7.85 21.96 -12.99
CA ASP I 50 -6.94 22.92 -13.60
C ASP I 50 -6.75 22.61 -15.08
N LEU I 51 -6.58 21.34 -15.37
CA LEU I 51 -6.37 20.89 -16.74
C LEU I 51 -7.52 21.34 -17.64
N THR I 52 -8.71 21.42 -17.06
CA THR I 52 -9.88 21.83 -17.81
C THR I 52 -9.74 23.25 -18.33
N ASP I 53 -9.43 24.18 -17.43
CA ASP I 53 -9.31 25.58 -17.80
C ASP I 53 -8.21 25.82 -18.83
N LYS I 54 -7.04 25.25 -18.58
CA LYS I 54 -5.92 25.43 -19.48
C LYS I 54 -6.17 24.80 -20.83
N LEU I 55 -6.76 23.61 -20.84
CA LEU I 55 -7.02 22.91 -22.09
C LEU I 55 -7.80 23.81 -23.05
N VAL I 56 -8.81 24.48 -22.54
CA VAL I 56 -9.60 25.35 -23.39
C VAL I 56 -8.84 26.63 -23.75
N SER I 57 -8.08 27.17 -22.81
CA SER I 57 -7.34 28.41 -23.06
C SER I 57 -6.44 28.31 -24.29
N TYR I 58 -5.84 27.15 -24.51
CA TYR I 58 -4.95 26.97 -25.66
C TYR I 58 -5.70 26.76 -26.97
N TYR I 59 -6.79 26.01 -26.92
CA TYR I 59 -7.56 25.71 -28.13
C TYR I 59 -8.95 26.31 -28.04
N LEU I 60 -9.44 26.84 -29.16
CA LEU I 60 -10.77 27.43 -29.17
C LEU I 60 -11.78 26.40 -28.70
N GLU I 61 -12.91 26.88 -28.18
CA GLU I 61 -13.94 25.99 -27.67
C GLU I 61 -14.43 25.01 -28.73
N SER I 62 -14.72 25.51 -29.91
CA SER I 62 -15.22 24.65 -30.98
C SER I 62 -14.21 23.57 -31.36
N TYR I 63 -13.01 24.00 -31.72
CA TYR I 63 -11.97 23.06 -32.11
C TYR I 63 -11.45 22.28 -30.90
N GLY I 64 -11.33 22.97 -29.78
CA GLY I 64 -10.83 22.34 -28.56
C GLY I 64 -11.73 21.20 -28.10
N LEU I 65 -13.05 21.41 -28.19
CA LEU I 65 -13.99 20.38 -27.76
C LEU I 65 -13.86 19.11 -28.58
N GLU I 66 -13.73 19.26 -29.89
CA GLU I 66 -13.59 18.10 -30.78
C GLU I 66 -12.28 17.36 -30.55
N LEU I 67 -11.22 18.13 -30.30
CA LEU I 67 -9.90 17.54 -30.08
C LEU I 67 -9.91 16.56 -28.91
N THR I 68 -10.64 16.90 -27.86
CA THR I 68 -10.71 16.04 -26.70
C THR I 68 -11.29 14.68 -27.08
N MET I 69 -12.38 14.73 -27.82
CA MET I 69 -13.06 13.51 -28.23
C MET I 69 -12.14 12.60 -29.01
N THR I 70 -11.33 13.19 -29.89
CA THR I 70 -10.41 12.40 -30.71
C THR I 70 -9.50 11.55 -29.83
N VAL I 71 -9.03 12.11 -28.72
CA VAL I 71 -8.13 11.38 -27.81
C VAL I 71 -8.87 10.34 -26.98
N LEU I 72 -10.11 10.64 -26.57
CA LEU I 72 -10.86 9.67 -25.77
C LEU I 72 -11.04 8.36 -26.54
N ARG I 73 -11.47 8.45 -27.78
CA ARG I 73 -11.63 7.24 -28.52
C ARG I 73 -10.29 6.54 -28.66
N ASP I 74 -9.23 7.31 -28.88
CA ASP I 74 -7.91 6.71 -29.11
C ASP I 74 -7.56 5.72 -27.99
N MET I 75 -7.86 6.08 -26.74
CA MET I 75 -7.58 5.21 -25.61
C MET I 75 -8.56 4.05 -25.62
N GLY I 76 -9.38 4.03 -26.66
CA GLY I 76 -10.41 3.02 -26.83
C GLY I 76 -11.77 3.71 -26.83
N LEU I 77 -12.79 3.03 -27.36
CA LEU I 77 -14.11 3.62 -27.39
C LEU I 77 -14.73 3.59 -26.01
N GLN I 78 -15.02 4.75 -25.48
CA GLN I 78 -15.61 4.87 -24.16
C GLN I 78 -17.02 5.41 -24.28
N GLU I 79 -17.88 5.07 -23.34
CA GLU I 79 -19.23 5.58 -23.39
C GLU I 79 -19.17 7.10 -23.28
N LEU I 80 -18.11 7.57 -22.62
CA LEU I 80 -17.92 9.01 -22.43
C LEU I 80 -17.84 9.73 -23.77
N ALA I 81 -17.05 9.19 -24.69
CA ALA I 81 -16.90 9.82 -25.99
C ALA I 81 -18.27 10.09 -26.60
N GLU I 82 -19.14 9.10 -26.53
CA GLU I 82 -20.48 9.27 -27.08
C GLU I 82 -21.27 10.27 -26.25
N GLN I 83 -21.22 10.12 -24.93
CA GLN I 83 -21.95 11.02 -24.06
C GLN I 83 -21.55 12.47 -24.31
N LEU I 84 -20.26 12.69 -24.46
CA LEU I 84 -19.75 14.03 -24.68
C LEU I 84 -20.21 14.55 -26.04
N GLN I 85 -20.20 13.69 -27.06
CA GLN I 85 -20.59 14.12 -28.39
C GLN I 85 -22.00 14.71 -28.38
N THR I 86 -22.88 14.13 -27.57
CA THR I 86 -24.24 14.62 -27.48
C THR I 86 -24.24 16.11 -27.19
N THR I 87 -23.25 16.56 -26.42
CA THR I 87 -23.13 17.97 -26.07
C THR I 87 -22.91 18.82 -27.32
N LYS I 88 -22.22 18.27 -28.30
CA LYS I 88 -21.93 19.00 -29.54
C LYS I 88 -23.22 19.54 -30.14
N GLU I 89 -24.26 18.71 -30.14
CA GLU I 89 -25.56 19.13 -30.67
C GLU I 89 -26.17 20.18 -29.75
N GLY J 1 -26.14 44.63 7.48
CA GLY J 1 -26.59 43.61 6.54
C GLY J 1 -25.92 42.27 6.82
N ARG J 2 -26.49 41.51 7.74
CA ARG J 2 -25.94 40.22 8.11
C ARG J 2 -25.61 39.39 6.87
N ALA J 3 -26.01 39.89 5.70
CA ALA J 3 -25.76 39.17 4.46
C ALA J 3 -24.29 38.76 4.34
N ARG J 4 -23.39 39.69 4.61
CA ARG J 4 -21.97 39.37 4.54
C ARG J 4 -21.61 38.27 5.51
N ASP J 5 -22.11 38.40 6.73
CA ASP J 5 -21.84 37.41 7.78
C ASP J 5 -22.44 36.06 7.46
N ALA J 6 -23.63 36.05 6.88
CA ALA J 6 -24.29 34.79 6.57
C ALA J 6 -23.50 33.98 5.56
N ILE J 7 -23.15 34.61 4.44
CA ILE J 7 -22.39 33.93 3.42
C ILE J 7 -21.07 33.42 3.98
N LEU J 8 -20.37 34.30 4.67
CA LEU J 8 -19.10 33.97 5.24
C LEU J 8 -19.15 32.68 6.04
N ASP J 9 -20.08 32.58 6.97
CA ASP J 9 -20.18 31.40 7.81
C ASP J 9 -20.35 30.10 7.02
N ALA J 10 -21.23 30.12 6.02
CA ALA J 10 -21.48 28.92 5.24
C ALA J 10 -20.34 28.59 4.27
N LEU J 11 -19.89 29.57 3.51
CA LEU J 11 -18.83 29.34 2.53
C LEU J 11 -17.61 28.66 3.16
N GLU J 12 -17.28 29.06 4.39
CA GLU J 12 -16.12 28.52 5.10
C GLU J 12 -16.25 27.02 5.43
N ASN J 13 -17.47 26.46 5.31
CA ASN J 13 -17.68 25.03 5.62
C ASN J 13 -17.35 24.11 4.43
N LEU J 14 -16.73 24.66 3.39
CA LEU J 14 -16.37 23.84 2.22
C LEU J 14 -14.94 23.30 2.34
N SER J 15 -14.70 22.14 1.74
CA SER J 15 -13.37 21.53 1.77
C SER J 15 -12.41 22.32 0.87
N GLY J 16 -11.12 22.08 1.04
CA GLY J 16 -10.12 22.79 0.25
C GLY J 16 -10.29 22.56 -1.25
N ASP J 17 -10.46 21.31 -1.66
CA ASP J 17 -10.61 21.01 -3.10
C ASP J 17 -11.90 21.58 -3.67
N GLU J 18 -13.00 21.37 -2.99
CA GLU J 18 -14.29 21.83 -3.46
C GLU J 18 -14.24 23.34 -3.69
N LEU J 19 -13.50 24.03 -2.84
CA LEU J 19 -13.37 25.47 -2.96
C LEU J 19 -12.85 25.84 -4.35
N LYS J 20 -11.84 25.13 -4.83
CA LYS J 20 -11.30 25.45 -6.13
C LYS J 20 -12.38 25.32 -7.16
N LYS J 21 -13.18 24.28 -7.02
CA LYS J 21 -14.24 24.05 -7.99
C LYS J 21 -15.21 25.20 -8.00
N PHE J 22 -15.49 25.73 -6.83
CA PHE J 22 -16.42 26.84 -6.74
C PHE J 22 -15.90 28.07 -7.47
N LYS J 23 -14.67 28.48 -7.15
CA LYS J 23 -14.11 29.68 -7.78
C LYS J 23 -14.09 29.56 -9.30
N MET J 24 -13.55 28.46 -9.79
CA MET J 24 -13.44 28.25 -11.23
C MET J 24 -14.81 28.25 -11.89
N LYS J 25 -15.78 27.61 -11.26
CA LYS J 25 -17.12 27.55 -11.84
C LYS J 25 -17.71 28.95 -11.96
N LEU J 26 -17.47 29.77 -10.94
CA LEU J 26 -18.00 31.13 -10.91
C LEU J 26 -17.55 31.93 -12.14
N LEU J 27 -16.32 31.70 -12.57
CA LEU J 27 -15.79 32.40 -13.71
C LEU J 27 -16.61 32.14 -14.98
N THR J 28 -17.17 30.93 -15.08
CA THR J 28 -17.94 30.55 -16.27
C THR J 28 -19.45 30.64 -16.07
N VAL J 29 -19.89 31.10 -14.91
CA VAL J 29 -21.33 31.19 -14.65
C VAL J 29 -21.92 32.42 -15.33
N GLN J 30 -23.18 32.30 -15.77
CA GLN J 30 -23.86 33.41 -16.44
C GLN J 30 -24.43 34.38 -15.42
N LEU J 31 -24.23 35.67 -15.66
CA LEU J 31 -24.71 36.72 -14.77
C LEU J 31 -25.68 37.65 -15.48
N ARG J 32 -26.52 38.32 -14.70
CA ARG J 32 -27.47 39.27 -15.26
C ARG J 32 -26.73 40.46 -15.84
N GLU J 33 -27.28 41.06 -16.91
CA GLU J 33 -26.64 42.20 -17.56
C GLU J 33 -26.63 43.43 -16.65
N GLY J 34 -25.60 44.26 -16.82
CA GLY J 34 -25.46 45.48 -16.03
C GLY J 34 -24.43 45.30 -14.92
N TYR J 35 -23.79 44.13 -14.89
CA TYR J 35 -22.78 43.83 -13.87
C TYR J 35 -21.46 43.46 -14.52
N GLY J 36 -20.38 43.58 -13.75
CA GLY J 36 -19.06 43.26 -14.25
C GLY J 36 -18.64 41.82 -13.90
N ARG J 37 -17.48 41.43 -14.40
CA ARG J 37 -16.93 40.11 -14.14
C ARG J 37 -15.65 40.30 -13.36
N ILE J 38 -15.34 39.34 -12.48
CA ILE J 38 -14.16 39.48 -11.63
C ILE J 38 -12.90 39.00 -12.34
N PRO J 39 -11.82 39.78 -12.27
CA PRO J 39 -10.52 39.45 -12.93
C PRO J 39 -10.05 38.05 -12.61
N ARG J 40 -9.60 37.34 -13.64
CA ARG J 40 -9.13 35.98 -13.49
C ARG J 40 -7.92 35.89 -12.56
N GLY J 41 -6.93 36.74 -12.78
CA GLY J 41 -5.70 36.72 -11.98
C GLY J 41 -5.93 36.87 -10.49
N ALA J 42 -6.80 37.80 -10.09
CA ALA J 42 -7.05 38.03 -8.68
C ALA J 42 -7.70 36.82 -8.01
N LEU J 43 -8.75 36.30 -8.63
CA LEU J 43 -9.49 35.17 -8.07
C LEU J 43 -8.60 33.96 -7.77
N LEU J 44 -7.63 33.69 -8.65
CA LEU J 44 -6.77 32.52 -8.47
C LEU J 44 -6.02 32.52 -7.14
N GLN J 45 -5.60 33.69 -6.65
CA GLN J 45 -4.83 33.75 -5.40
C GLN J 45 -5.65 34.23 -4.19
N MET J 46 -6.94 34.48 -4.37
CA MET J 46 -7.76 34.99 -3.27
C MET J 46 -7.98 33.96 -2.16
N ASP J 47 -8.35 34.48 -0.99
CA ASP J 47 -8.62 33.66 0.18
C ASP J 47 -10.14 33.56 0.38
N ALA J 48 -10.58 32.57 1.15
CA ALA J 48 -12.01 32.40 1.38
C ALA J 48 -12.63 33.63 2.05
N ILE J 49 -11.98 34.18 3.08
CA ILE J 49 -12.54 35.35 3.75
C ILE J 49 -12.57 36.54 2.80
N ASP J 50 -11.45 36.78 2.14
CA ASP J 50 -11.33 37.89 1.21
C ASP J 50 -12.40 37.81 0.12
N LEU J 51 -12.59 36.59 -0.38
CA LEU J 51 -13.56 36.35 -1.42
C LEU J 51 -14.94 36.81 -0.98
N THR J 52 -15.21 36.70 0.31
CA THR J 52 -16.50 37.09 0.85
C THR J 52 -16.76 38.59 0.65
N ASP J 53 -15.82 39.40 1.09
CA ASP J 53 -15.97 40.85 0.97
C ASP J 53 -16.11 41.31 -0.47
N LYS J 54 -15.22 40.84 -1.32
CA LYS J 54 -15.24 41.23 -2.72
C LYS J 54 -16.50 40.76 -3.42
N LEU J 55 -16.91 39.52 -3.14
CA LEU J 55 -18.10 38.98 -3.79
C LEU J 55 -19.28 39.91 -3.62
N VAL J 56 -19.47 40.42 -2.42
CA VAL J 56 -20.58 41.33 -2.16
C VAL J 56 -20.34 42.69 -2.79
N SER J 57 -19.11 43.17 -2.74
CA SER J 57 -18.80 44.50 -3.28
C SER J 57 -19.23 44.65 -4.74
N TYR J 58 -19.09 43.59 -5.52
CA TYR J 58 -19.47 43.65 -6.93
C TYR J 58 -20.98 43.53 -7.15
N TYR J 59 -21.64 42.68 -6.38
CA TYR J 59 -23.08 42.48 -6.54
C TYR J 59 -23.83 42.94 -5.30
N LEU J 60 -24.98 43.56 -5.50
CA LEU J 60 -25.77 44.02 -4.37
C LEU J 60 -26.06 42.86 -3.44
N GLU J 61 -26.32 43.16 -2.18
CA GLU J 61 -26.57 42.12 -1.19
C GLU J 61 -27.76 41.24 -1.59
N SER J 62 -28.86 41.86 -1.98
CA SER J 62 -30.05 41.11 -2.35
C SER J 62 -29.78 40.18 -3.54
N TYR J 63 -29.33 40.76 -4.64
CA TYR J 63 -29.04 39.99 -5.84
C TYR J 63 -27.80 39.11 -5.65
N GLY J 64 -26.81 39.65 -4.96
CA GLY J 64 -25.57 38.91 -4.73
C GLY J 64 -25.82 37.64 -3.91
N LEU J 65 -26.67 37.74 -2.91
CA LEU J 65 -26.96 36.59 -2.05
C LEU J 65 -27.58 35.45 -2.85
N GLU J 66 -28.54 35.78 -3.71
CA GLU J 66 -29.22 34.76 -4.51
C GLU J 66 -28.26 34.13 -5.52
N LEU J 67 -27.39 34.94 -6.10
CA LEU J 67 -26.45 34.45 -7.10
C LEU J 67 -25.57 33.34 -6.54
N THR J 68 -25.18 33.48 -5.29
CA THR J 68 -24.33 32.46 -4.66
C THR J 68 -25.05 31.12 -4.65
N MET J 69 -26.29 31.16 -4.22
CA MET J 69 -27.09 29.95 -4.11
C MET J 69 -27.20 29.24 -5.45
N THR J 70 -27.38 30.01 -6.52
CA THR J 70 -27.49 29.43 -7.85
C THR J 70 -26.30 28.54 -8.18
N VAL J 71 -25.09 29.00 -7.80
CA VAL J 71 -23.88 28.24 -8.07
C VAL J 71 -23.71 27.04 -7.14
N LEU J 72 -24.12 27.16 -5.89
CA LEU J 72 -23.99 26.04 -4.96
C LEU J 72 -24.77 24.83 -5.47
N ARG J 73 -26.01 25.04 -5.86
CA ARG J 73 -26.76 23.93 -6.36
C ARG J 73 -26.09 23.37 -7.61
N ASP J 74 -25.59 24.26 -8.46
CA ASP J 74 -24.98 23.82 -9.72
C ASP J 74 -23.93 22.73 -9.49
N MET J 75 -23.11 22.90 -8.45
CA MET J 75 -22.08 21.90 -8.13
C MET J 75 -22.75 20.68 -7.53
N GLY J 76 -24.07 20.72 -7.52
CA GLY J 76 -24.88 19.65 -6.96
C GLY J 76 -25.67 20.20 -5.78
N LEU J 77 -26.75 19.51 -5.39
CA LEU J 77 -27.54 19.98 -4.28
C LEU J 77 -26.83 19.71 -2.98
N GLN J 78 -26.53 20.77 -2.25
CA GLN J 78 -25.84 20.65 -0.98
C GLN J 78 -26.77 21.08 0.14
N GLU J 79 -26.56 20.54 1.33
CA GLU J 79 -27.39 20.93 2.43
C GLU J 79 -27.20 22.41 2.68
N LEU J 80 -26.00 22.90 2.32
CA LEU J 80 -25.67 24.31 2.49
C LEU J 80 -26.65 25.20 1.74
N ALA J 81 -26.92 24.86 0.49
CA ALA J 81 -27.83 25.66 -0.31
C ALA J 81 -29.13 25.89 0.44
N GLU J 82 -29.66 24.82 1.03
CA GLU J 82 -30.89 24.93 1.78
C GLU J 82 -30.68 25.74 3.05
N GLN J 83 -29.61 25.43 3.77
CA GLN J 83 -29.32 26.15 5.01
C GLN J 83 -29.19 27.64 4.76
N LEU J 84 -28.52 27.99 3.69
CA LEU J 84 -28.33 29.39 3.36
C LEU J 84 -29.66 30.04 2.99
N GLN J 85 -30.49 29.33 2.24
CA GLN J 85 -31.78 29.88 1.83
C GLN J 85 -32.58 30.34 3.03
N THR J 86 -32.51 29.58 4.11
CA THR J 86 -33.25 29.93 5.32
C THR J 86 -32.94 31.36 5.72
N THR J 87 -31.70 31.79 5.46
CA THR J 87 -31.29 33.15 5.79
C THR J 87 -32.11 34.18 5.01
N LYS J 88 -32.49 33.81 3.78
CA LYS J 88 -33.26 34.73 2.94
C LYS J 88 -34.49 35.22 3.69
N GLU J 89 -35.16 34.31 4.38
CA GLU J 89 -36.35 34.68 5.15
C GLU J 89 -35.95 35.54 6.33
N GLY K 1 -30.08 -13.24 20.25
CA GLY K 1 -30.91 -14.20 19.51
C GLY K 1 -30.18 -15.54 19.37
N ARG K 2 -30.31 -16.39 20.37
CA ARG K 2 -29.66 -17.69 20.37
C ARG K 2 -29.91 -18.41 19.03
N ALA K 3 -30.78 -17.83 18.20
CA ALA K 3 -31.11 -18.44 16.92
C ALA K 3 -29.84 -18.80 16.14
N ARG K 4 -28.90 -17.87 16.06
CA ARG K 4 -27.66 -18.13 15.36
C ARG K 4 -26.93 -19.31 15.99
N ASP K 5 -26.84 -19.29 17.31
CA ASP K 5 -26.15 -20.34 18.04
C ASP K 5 -26.84 -21.68 17.91
N ALA K 6 -28.17 -21.68 17.92
CA ALA K 6 -28.90 -22.93 17.82
C ALA K 6 -28.64 -23.64 16.49
N ILE K 7 -28.81 -22.91 15.40
CA ILE K 7 -28.58 -23.49 14.08
C ILE K 7 -27.15 -24.00 13.97
N LEU K 8 -26.21 -23.16 14.36
CA LEU K 8 -24.82 -23.50 14.29
C LEU K 8 -24.53 -24.86 14.93
N ASP K 9 -24.96 -25.05 16.16
CA ASP K 9 -24.69 -26.29 16.87
C ASP K 9 -25.20 -27.52 16.12
N ALA K 10 -26.43 -27.46 15.61
CA ALA K 10 -27.01 -28.60 14.91
C ALA K 10 -26.41 -28.82 13.52
N LEU K 11 -26.32 -27.77 12.73
CA LEU K 11 -25.80 -27.90 11.37
C LEU K 11 -24.44 -28.58 11.35
N GLU K 12 -23.60 -28.28 12.33
CA GLU K 12 -22.25 -28.84 12.42
C GLU K 12 -22.24 -30.36 12.64
N ASN K 13 -23.39 -30.95 13.03
CA ASN K 13 -23.46 -32.39 13.27
C ASN K 13 -23.69 -33.21 11.99
N LEU K 14 -23.57 -32.58 10.83
CA LEU K 14 -23.78 -33.28 9.56
C LEU K 14 -22.44 -33.78 9.00
N SER K 15 -22.50 -34.89 8.27
CA SER K 15 -21.29 -35.46 7.66
C SER K 15 -20.82 -34.58 6.51
N GLY K 16 -19.59 -34.81 6.07
CA GLY K 16 -19.02 -34.00 4.98
C GLY K 16 -19.84 -34.12 3.69
N ASP K 17 -20.19 -35.34 3.30
CA ASP K 17 -20.94 -35.54 2.06
C ASP K 17 -22.36 -34.96 2.14
N GLU K 18 -23.05 -35.25 3.23
CA GLU K 18 -24.41 -34.78 3.40
C GLU K 18 -24.46 -33.27 3.29
N LEU K 19 -23.41 -32.62 3.79
CA LEU K 19 -23.33 -31.18 3.74
C LEU K 19 -23.47 -30.67 2.30
N LYS K 20 -22.78 -31.32 1.38
CA LYS K 20 -22.86 -30.89 0.00
C LYS K 20 -24.28 -30.97 -0.45
N LYS K 21 -24.96 -32.04 -0.07
CA LYS K 21 -26.32 -32.23 -0.50
C LYS K 21 -27.19 -31.10 0.01
N PHE K 22 -26.93 -30.68 1.22
CA PHE K 22 -27.71 -29.60 1.80
C PHE K 22 -27.55 -28.30 1.03
N LYS K 23 -26.31 -27.88 0.81
CA LYS K 23 -26.06 -26.62 0.09
C LYS K 23 -26.71 -26.62 -1.29
N MET K 24 -26.45 -27.67 -2.05
CA MET K 24 -26.98 -27.77 -3.40
C MET K 24 -28.51 -27.75 -3.40
N LYS K 25 -29.11 -28.47 -2.47
CA LYS K 25 -30.57 -28.51 -2.39
C LYS K 25 -31.14 -27.13 -2.14
N LEU K 26 -30.48 -26.38 -1.27
CA LEU K 26 -30.91 -25.04 -0.90
C LEU K 26 -31.04 -24.14 -2.12
N LEU K 27 -30.13 -24.31 -3.06
CA LEU K 27 -30.14 -23.49 -4.26
C LEU K 27 -31.44 -23.68 -5.06
N THR K 28 -31.99 -24.90 -5.00
CA THR K 28 -33.21 -25.21 -5.77
C THR K 28 -34.48 -25.17 -4.93
N VAL K 29 -34.37 -24.82 -3.65
CA VAL K 29 -35.55 -24.79 -2.78
C VAL K 29 -36.37 -23.53 -3.04
N GLN K 30 -37.69 -23.65 -2.90
CA GLN K 30 -38.58 -22.51 -3.11
C GLN K 30 -38.65 -21.64 -1.85
N LEU K 31 -38.57 -20.32 -2.07
CA LEU K 31 -38.59 -19.36 -0.97
C LEU K 31 -39.76 -18.40 -1.10
N ARG K 32 -40.17 -17.82 0.02
CA ARG K 32 -41.27 -16.86 0.01
C ARG K 32 -40.84 -15.60 -0.74
N GLU K 33 -41.80 -14.95 -1.40
CA GLU K 33 -41.50 -13.74 -2.17
C GLU K 33 -41.08 -12.59 -1.27
N GLY K 34 -40.22 -11.71 -1.80
CA GLY K 34 -39.74 -10.56 -1.05
C GLY K 34 -38.32 -10.79 -0.52
N TYR K 35 -37.75 -11.94 -0.86
CA TYR K 35 -36.41 -12.30 -0.42
C TYR K 35 -35.50 -12.57 -1.60
N GLY K 36 -34.19 -12.49 -1.38
CA GLY K 36 -33.22 -12.73 -2.43
C GLY K 36 -32.72 -14.17 -2.42
N ARG K 37 -31.87 -14.49 -3.40
CA ARG K 37 -31.29 -15.81 -3.52
C ARG K 37 -29.79 -15.66 -3.36
N ILE K 38 -29.14 -16.66 -2.79
CA ILE K 38 -27.71 -16.56 -2.53
C ILE K 38 -26.88 -16.95 -3.76
N PRO K 39 -25.89 -16.14 -4.09
CA PRO K 39 -25.01 -16.38 -5.28
C PRO K 39 -24.45 -17.80 -5.33
N ARG K 40 -24.50 -18.40 -6.50
CA ARG K 40 -24.03 -19.77 -6.67
C ARG K 40 -22.53 -19.89 -6.38
N GLY K 41 -21.73 -19.00 -6.94
CA GLY K 41 -20.27 -19.05 -6.77
C GLY K 41 -19.84 -19.03 -5.30
N ALA K 42 -20.44 -18.16 -4.50
CA ALA K 42 -20.04 -18.04 -3.11
C ALA K 42 -20.34 -19.32 -2.32
N LEU K 43 -21.56 -19.82 -2.46
CA LEU K 43 -21.99 -21.00 -1.74
C LEU K 43 -21.06 -22.21 -1.95
N LEU K 44 -20.59 -22.38 -3.18
CA LEU K 44 -19.74 -23.53 -3.49
C LEU K 44 -18.48 -23.62 -2.63
N GLN K 45 -17.88 -22.47 -2.27
CA GLN K 45 -16.64 -22.49 -1.48
C GLN K 45 -16.84 -22.12 -0.01
N MET K 46 -18.09 -21.90 0.41
CA MET K 46 -18.34 -21.50 1.80
C MET K 46 -18.05 -22.62 2.81
N ASP K 47 -17.88 -22.20 4.06
CA ASP K 47 -17.62 -23.12 5.16
C ASP K 47 -18.89 -23.27 6.00
N ALA K 48 -18.96 -24.34 6.80
CA ALA K 48 -20.15 -24.56 7.61
C ALA K 48 -20.40 -23.41 8.58
N ILE K 49 -19.37 -22.92 9.27
CA ILE K 49 -19.56 -21.83 10.21
C ILE K 49 -20.00 -20.57 9.47
N ASP K 50 -19.27 -20.25 8.40
CA ASP K 50 -19.56 -19.06 7.61
C ASP K 50 -21.00 -19.10 7.10
N LEU K 51 -21.40 -20.27 6.63
CA LEU K 51 -22.73 -20.46 6.10
C LEU K 51 -23.78 -20.07 7.14
N THR K 52 -23.46 -20.29 8.40
CA THR K 52 -24.38 -19.97 9.48
C THR K 52 -24.69 -18.48 9.54
N ASP K 53 -23.64 -17.67 9.58
CA ASP K 53 -23.81 -16.22 9.67
C ASP K 53 -24.57 -15.66 8.46
N LYS K 54 -24.14 -16.04 7.28
CA LYS K 54 -24.77 -15.54 6.06
C LYS K 54 -26.21 -15.99 5.94
N LEU K 55 -26.47 -17.25 6.28
CA LEU K 55 -27.82 -17.78 6.18
C LEU K 55 -28.81 -16.89 6.92
N VAL K 56 -28.45 -16.48 8.13
CA VAL K 56 -29.32 -15.64 8.91
C VAL K 56 -29.37 -14.21 8.36
N SER K 57 -28.24 -13.70 7.91
CA SER K 57 -28.18 -12.33 7.39
C SER K 57 -29.21 -12.08 6.28
N TYR K 58 -29.43 -13.08 5.44
CA TYR K 58 -30.39 -12.92 4.34
C TYR K 58 -31.85 -13.05 4.79
N TYR K 59 -32.11 -13.98 5.70
CA TYR K 59 -33.48 -14.21 6.17
C TYR K 59 -33.61 -13.88 7.65
N LEU K 60 -34.73 -13.28 8.02
CA LEU K 60 -34.94 -12.92 9.42
C LEU K 60 -34.80 -14.17 10.28
N GLU K 61 -34.48 -13.96 11.55
CA GLU K 61 -34.28 -15.09 12.45
C GLU K 61 -35.53 -15.97 12.54
N SER K 62 -36.69 -15.34 12.72
CA SER K 62 -37.93 -16.10 12.85
C SER K 62 -38.22 -16.92 11.59
N TYR K 63 -38.28 -16.25 10.45
CA TYR K 63 -38.55 -16.92 9.20
C TYR K 63 -37.37 -17.77 8.76
N GLY K 64 -36.16 -17.26 8.98
CA GLY K 64 -34.96 -17.98 8.59
C GLY K 64 -34.83 -19.31 9.33
N LEU K 65 -35.16 -19.33 10.60
CA LEU K 65 -35.05 -20.54 11.40
C LEU K 65 -35.98 -21.63 10.87
N GLU K 66 -37.21 -21.26 10.55
CA GLU K 66 -38.18 -22.23 10.03
C GLU K 66 -37.77 -22.76 8.66
N LEU K 67 -37.22 -21.88 7.83
CA LEU K 67 -36.82 -22.26 6.48
C LEU K 67 -35.80 -23.39 6.51
N THR K 68 -34.89 -23.35 7.47
CA THR K 68 -33.87 -24.38 7.57
C THR K 68 -34.52 -25.74 7.80
N MET K 69 -35.45 -25.77 8.73
CA MET K 69 -36.14 -27.01 9.07
C MET K 69 -36.82 -27.61 7.86
N THR K 70 -37.44 -26.77 7.05
CA THR K 70 -38.13 -27.25 5.86
C THR K 70 -37.21 -28.07 4.97
N VAL K 71 -35.96 -27.61 4.82
CA VAL K 71 -34.99 -28.30 3.97
C VAL K 71 -34.45 -29.57 4.64
N LEU K 72 -34.27 -29.56 5.96
CA LEU K 72 -33.75 -30.75 6.63
C LEU K 72 -34.69 -31.94 6.42
N ARG K 73 -35.97 -31.73 6.62
CA ARG K 73 -36.87 -32.82 6.41
C ARG K 73 -36.82 -33.25 4.96
N ASP K 74 -36.73 -32.29 4.04
CA ASP K 74 -36.74 -32.62 2.62
C ASP K 74 -35.70 -33.70 2.29
N MET K 75 -34.51 -33.58 2.86
CA MET K 75 -33.45 -34.57 2.63
C MET K 75 -33.80 -35.86 3.35
N GLY K 76 -34.99 -35.84 3.95
CA GLY K 76 -35.48 -36.98 4.71
C GLY K 76 -35.67 -36.55 6.16
N LEU K 77 -36.48 -37.30 6.90
CA LEU K 77 -36.70 -36.94 8.31
C LEU K 77 -35.48 -37.29 9.13
N GLN K 78 -34.89 -36.28 9.74
CA GLN K 78 -33.72 -36.49 10.57
C GLN K 78 -34.06 -36.17 12.01
N GLU K 79 -33.36 -36.78 12.93
CA GLU K 79 -33.62 -36.51 14.33
C GLU K 79 -33.32 -35.05 14.58
N LEU K 80 -32.41 -34.50 13.79
CA LEU K 80 -32.02 -33.10 13.90
C LEU K 80 -33.21 -32.18 13.73
N ALA K 81 -34.01 -32.43 12.70
CA ALA K 81 -35.18 -31.59 12.45
C ALA K 81 -36.00 -31.46 13.71
N GLU K 82 -36.24 -32.58 14.37
CA GLU K 82 -37.03 -32.57 15.59
C GLU K 82 -36.26 -31.85 16.71
N GLN K 83 -34.99 -32.18 16.87
CA GLN K 83 -34.17 -31.56 17.90
C GLN K 83 -34.17 -30.06 17.75
N LEU K 84 -34.02 -29.60 16.53
CA LEU K 84 -33.99 -28.18 16.26
C LEU K 84 -35.33 -27.53 16.55
N GLN K 85 -36.41 -28.21 16.19
CA GLN K 85 -37.75 -27.66 16.43
C GLN K 85 -37.94 -27.32 17.90
N THR K 86 -37.41 -28.16 18.77
CA THR K 86 -37.54 -27.93 20.20
C THR K 86 -37.08 -26.52 20.54
N THR K 87 -36.08 -26.04 19.81
CA THR K 87 -35.55 -24.69 20.03
C THR K 87 -36.62 -23.64 19.77
N LYS K 88 -37.50 -23.92 18.81
CA LYS K 88 -38.56 -22.96 18.48
C LYS K 88 -39.34 -22.56 19.72
N GLU K 89 -39.65 -23.54 20.56
CA GLU K 89 -40.38 -23.27 21.79
C GLU K 89 -39.49 -22.49 22.75
N GLY L 1 -0.38 -4.38 34.14
CA GLY L 1 -1.50 -5.30 34.21
C GLY L 1 -1.25 -6.53 33.35
N ARG L 2 -0.57 -7.52 33.92
CA ARG L 2 -0.25 -8.74 33.21
C ARG L 2 -1.49 -9.29 32.51
N ALA L 3 -2.64 -8.70 32.77
CA ALA L 3 -3.89 -9.17 32.18
C ALA L 3 -3.76 -9.30 30.66
N ARG L 4 -3.19 -8.28 30.01
CA ARG L 4 -3.02 -8.34 28.57
C ARG L 4 -2.13 -9.51 28.19
N ASP L 5 -1.02 -9.66 28.92
CA ASP L 5 -0.08 -10.73 28.64
C ASP L 5 -0.67 -12.10 28.91
N ALA L 6 -1.46 -12.22 29.95
CA ALA L 6 -2.06 -13.52 30.29
C ALA L 6 -2.98 -14.01 29.19
N ILE L 7 -3.91 -13.16 28.78
CA ILE L 7 -4.85 -13.55 27.73
C ILE L 7 -4.09 -13.90 26.46
N LEU L 8 -3.16 -13.03 26.08
CA LEU L 8 -2.39 -13.23 24.88
C LEU L 8 -1.78 -14.62 24.82
N ASP L 9 -1.08 -15.01 25.87
CA ASP L 9 -0.42 -16.31 25.89
C ASP L 9 -1.38 -17.48 25.66
N ALA L 10 -2.52 -17.46 26.33
CA ALA L 10 -3.49 -18.55 26.19
C ALA L 10 -4.23 -18.53 24.86
N LEU L 11 -4.76 -17.38 24.48
CA LEU L 11 -5.52 -17.28 23.24
C LEU L 11 -4.74 -17.83 22.05
N GLU L 12 -3.44 -17.58 22.03
CA GLU L 12 -2.57 -18.03 20.92
C GLU L 12 -2.46 -19.56 20.82
N ASN L 13 -2.89 -20.28 21.86
CA ASN L 13 -2.80 -21.75 21.85
C ASN L 13 -4.00 -22.41 21.14
N LEU L 14 -4.82 -21.61 20.45
CA LEU L 14 -5.98 -22.17 19.74
C LEU L 14 -5.65 -22.47 18.29
N SER L 15 -6.31 -23.47 17.72
CA SER L 15 -6.09 -23.85 16.33
C SER L 15 -6.67 -22.79 15.40
N GLY L 16 -6.27 -22.83 14.13
CA GLY L 16 -6.75 -21.85 13.16
C GLY L 16 -8.27 -21.87 13.01
N ASP L 17 -8.86 -23.05 12.88
CA ASP L 17 -10.31 -23.15 12.70
C ASP L 17 -11.08 -22.72 13.95
N GLU L 18 -10.65 -23.22 15.10
CA GLU L 18 -11.32 -22.90 16.34
C GLU L 18 -11.36 -21.39 16.55
N LEU L 19 -10.30 -20.73 16.12
CA LEU L 19 -10.22 -19.28 16.24
C LEU L 19 -11.42 -18.62 15.57
N LYS L 20 -11.76 -19.07 14.38
CA LYS L 20 -12.87 -18.47 13.68
C LYS L 20 -14.11 -18.62 14.53
N LYS L 21 -14.27 -19.79 15.12
CA LYS L 21 -15.45 -20.05 15.92
C LYS L 21 -15.52 -19.08 17.07
N PHE L 22 -14.38 -18.79 17.65
CA PHE L 22 -14.33 -17.88 18.79
C PHE L 22 -14.80 -16.48 18.40
N LYS L 23 -14.19 -15.92 17.34
CA LYS L 23 -14.54 -14.57 16.92
C LYS L 23 -16.04 -14.45 16.61
N MET L 24 -16.53 -15.35 15.79
CA MET L 24 -17.93 -15.32 15.39
C MET L 24 -18.86 -15.44 16.60
N LYS L 25 -18.52 -16.33 17.52
CA LYS L 25 -19.36 -16.52 18.70
C LYS L 25 -19.43 -15.23 19.52
N LEU L 26 -18.30 -14.55 19.63
CA LEU L 26 -18.21 -13.32 20.39
C LEU L 26 -19.21 -12.28 19.90
N LEU L 27 -19.40 -12.24 18.61
CA LEU L 27 -20.33 -11.28 18.02
C LEU L 27 -21.76 -11.48 18.53
N THR L 28 -22.11 -12.74 18.82
CA THR L 28 -23.48 -13.04 19.27
C THR L 28 -23.57 -13.25 20.79
N VAL L 29 -22.48 -13.05 21.51
CA VAL L 29 -22.52 -13.24 22.96
C VAL L 29 -23.15 -12.05 23.65
N GLN L 30 -23.84 -12.31 24.76
CA GLN L 30 -24.50 -11.23 25.51
C GLN L 30 -23.51 -10.54 26.44
N LEU L 31 -23.56 -9.21 26.45
CA LEU L 31 -22.66 -8.41 27.27
C LEU L 31 -23.42 -7.55 28.26
N ARG L 32 -22.77 -7.16 29.35
CA ARG L 32 -23.38 -6.32 30.35
C ARG L 32 -23.67 -4.93 29.75
N GLU L 33 -24.73 -4.29 30.22
CA GLU L 33 -25.11 -2.96 29.71
C GLU L 33 -24.07 -1.91 30.09
N GLY L 34 -23.94 -0.89 29.23
CA GLY L 34 -22.99 0.20 29.46
C GLY L 34 -21.72 0.02 28.64
N TYR L 35 -21.70 -1.02 27.81
CA TYR L 35 -20.55 -1.30 26.96
C TYR L 35 -20.95 -1.34 25.49
N GLY L 36 -19.96 -1.16 24.62
CA GLY L 36 -20.23 -1.18 23.18
C GLY L 36 -19.97 -2.55 22.57
N ARG L 37 -20.26 -2.66 21.27
CA ARG L 37 -20.06 -3.90 20.53
C ARG L 37 -19.02 -3.63 19.48
N ILE L 38 -18.21 -4.64 19.15
CA ILE L 38 -17.13 -4.44 18.19
C ILE L 38 -17.62 -4.58 16.74
N PRO L 39 -17.24 -3.65 15.88
CA PRO L 39 -17.66 -3.66 14.44
C PRO L 39 -17.43 -4.99 13.77
N ARG L 40 -18.42 -5.45 13.01
CA ARG L 40 -18.33 -6.73 12.33
C ARG L 40 -17.20 -6.75 11.30
N GLY L 41 -17.11 -5.72 10.48
CA GLY L 41 -16.09 -5.66 9.43
C GLY L 41 -14.66 -5.78 9.95
N ALA L 42 -14.35 -5.08 11.04
CA ALA L 42 -13.00 -5.12 11.58
C ALA L 42 -12.62 -6.51 12.09
N LEU L 43 -13.49 -7.09 12.88
CA LEU L 43 -13.24 -8.40 13.47
C LEU L 43 -12.91 -9.47 12.44
N LEU L 44 -13.60 -9.44 11.30
CA LEU L 44 -13.39 -10.46 10.26
C LEU L 44 -11.94 -10.54 9.78
N GLN L 45 -11.25 -9.42 9.70
CA GLN L 45 -9.86 -9.42 9.19
C GLN L 45 -8.80 -9.27 10.28
N MET L 46 -9.21 -9.21 11.54
CA MET L 46 -8.24 -9.03 12.64
C MET L 46 -7.33 -10.23 12.84
N ASP L 47 -6.20 -9.97 13.50
CA ASP L 47 -5.23 -11.00 13.82
C ASP L 47 -5.34 -11.38 15.30
N ALA L 48 -4.81 -12.53 15.67
CA ALA L 48 -4.89 -12.98 17.05
C ALA L 48 -4.22 -11.99 18.02
N ILE L 49 -3.03 -11.51 17.68
CA ILE L 49 -2.35 -10.57 18.56
C ILE L 49 -3.14 -9.27 18.64
N ASP L 50 -3.52 -8.74 17.49
CA ASP L 50 -4.27 -7.49 17.43
C ASP L 50 -5.55 -7.59 18.25
N LEU L 51 -6.22 -8.72 18.11
CA LEU L 51 -7.46 -8.96 18.82
C LEU L 51 -7.26 -8.81 20.32
N THR L 52 -6.08 -9.17 20.79
CA THR L 52 -5.76 -9.08 22.20
C THR L 52 -5.83 -7.64 22.70
N ASP L 53 -5.13 -6.75 22.03
CA ASP L 53 -5.09 -5.35 22.44
C ASP L 53 -6.46 -4.70 22.40
N LYS L 54 -7.17 -4.88 21.30
CA LYS L 54 -8.49 -4.29 21.15
C LYS L 54 -9.48 -4.85 22.15
N LEU L 55 -9.43 -6.16 22.36
CA LEU L 55 -10.37 -6.80 23.28
C LEU L 55 -10.34 -6.11 24.64
N VAL L 56 -9.15 -5.84 25.13
CA VAL L 56 -9.01 -5.18 26.43
C VAL L 56 -9.41 -3.71 26.35
N SER L 57 -9.06 -3.04 25.26
CA SER L 57 -9.36 -1.61 25.12
C SER L 57 -10.85 -1.31 25.31
N TYR L 58 -11.70 -2.21 24.83
CA TYR L 58 -13.14 -1.99 24.96
C TYR L 58 -13.68 -2.32 26.35
N TYR L 59 -13.17 -3.38 26.96
CA TYR L 59 -13.64 -3.79 28.29
C TYR L 59 -12.54 -3.67 29.32
N LEU L 60 -12.89 -3.23 30.51
CA LEU L 60 -11.90 -3.08 31.57
C LEU L 60 -11.18 -4.41 31.78
N GLU L 61 -9.98 -4.35 32.31
CA GLU L 61 -9.20 -5.56 32.53
C GLU L 61 -9.92 -6.55 33.43
N SER L 62 -10.46 -6.07 34.54
CA SER L 62 -11.15 -6.94 35.48
C SER L 62 -12.36 -7.61 34.83
N TYR L 63 -13.26 -6.81 34.31
CA TYR L 63 -14.46 -7.34 33.67
C TYR L 63 -14.13 -8.00 32.34
N GLY L 64 -13.20 -7.42 31.61
CA GLY L 64 -12.81 -7.96 30.32
C GLY L 64 -12.22 -9.36 30.44
N LEU L 65 -11.39 -9.58 31.47
CA LEU L 65 -10.77 -10.88 31.67
C LEU L 65 -11.80 -11.97 31.92
N GLU L 66 -12.79 -11.67 32.76
CA GLU L 66 -13.83 -12.65 33.07
C GLU L 66 -14.70 -12.95 31.84
N LEU L 67 -14.98 -11.92 31.05
CA LEU L 67 -15.82 -12.09 29.87
C LEU L 67 -15.23 -13.11 28.91
N THR L 68 -13.91 -13.11 28.77
CA THR L 68 -13.26 -14.05 27.88
C THR L 68 -13.55 -15.48 28.31
N MET L 69 -13.38 -15.72 29.60
CA MET L 69 -13.59 -17.05 30.16
C MET L 69 -14.99 -17.55 29.88
N THR L 70 -15.97 -16.67 30.02
CA THR L 70 -17.36 -17.05 29.77
C THR L 70 -17.54 -17.65 28.38
N VAL L 71 -16.88 -17.06 27.39
CA VAL L 71 -16.98 -17.55 26.01
C VAL L 71 -16.20 -18.84 25.78
N LEU L 72 -15.04 -18.99 26.43
CA LEU L 72 -14.25 -20.20 26.25
C LEU L 72 -15.05 -21.43 26.68
N ARG L 73 -15.66 -21.37 27.84
CA ARG L 73 -16.43 -22.51 28.26
C ARG L 73 -17.57 -22.73 27.28
N ASP L 74 -18.19 -21.66 26.82
CA ASP L 74 -19.34 -21.80 25.93
C ASP L 74 -19.03 -22.72 24.75
N MET L 75 -17.83 -22.57 24.17
CA MET L 75 -17.44 -23.42 23.04
C MET L 75 -17.13 -24.82 23.55
N GLY L 76 -17.38 -24.99 24.85
CA GLY L 76 -17.12 -26.26 25.52
C GLY L 76 -16.08 -26.04 26.60
N LEU L 77 -16.01 -26.95 27.56
CA LEU L 77 -15.02 -26.80 28.63
C LEU L 77 -13.65 -27.15 28.11
N GLN L 78 -12.75 -26.17 28.15
CA GLN L 78 -11.39 -26.37 27.70
C GLN L 78 -10.45 -26.29 28.87
N GLU L 79 -9.32 -26.96 28.78
CA GLU L 79 -8.36 -26.88 29.86
C GLU L 79 -7.90 -25.45 30.00
N LEU L 80 -7.95 -24.73 28.88
CA LEU L 80 -7.55 -23.32 28.86
C LEU L 80 -8.37 -22.50 29.84
N ALA L 81 -9.68 -22.68 29.82
CA ALA L 81 -10.55 -21.93 30.71
C ALA L 81 -10.05 -22.05 32.14
N GLU L 82 -9.72 -23.26 32.55
CA GLU L 82 -9.23 -23.47 33.90
C GLU L 82 -7.86 -22.85 34.07
N GLN L 83 -6.97 -23.08 33.10
CA GLN L 83 -5.62 -22.53 33.19
C GLN L 83 -5.66 -21.02 33.31
N LEU L 84 -6.53 -20.39 32.54
CA LEU L 84 -6.64 -18.95 32.56
C LEU L 84 -7.20 -18.48 33.91
N GLN L 85 -8.18 -19.20 34.44
CA GLN L 85 -8.77 -18.80 35.71
C GLN L 85 -7.71 -18.69 36.79
N THR L 86 -6.74 -19.58 36.77
CA THR L 86 -5.67 -19.55 37.76
C THR L 86 -5.05 -18.16 37.81
N THR L 87 -5.00 -17.49 36.66
CA THR L 87 -4.43 -16.16 36.59
C THR L 87 -5.24 -15.17 37.43
N LYS L 88 -6.55 -15.40 37.51
CA LYS L 88 -7.42 -14.51 38.28
C LYS L 88 -6.88 -14.35 39.70
N GLU L 89 -6.45 -15.46 40.30
CA GLU L 89 -5.90 -15.42 41.65
C GLU L 89 -4.56 -14.69 41.64
N GLY M 1 29.11 5.23 20.37
CA GLY M 1 28.43 4.21 21.16
C GLY M 1 27.84 3.14 20.25
N ARG M 2 28.66 2.16 19.91
CA ARG M 2 28.23 1.07 19.04
C ARG M 2 26.89 0.49 19.51
N ALA M 3 26.43 0.94 20.67
CA ALA M 3 25.17 0.45 21.23
C ALA M 3 24.05 0.53 20.19
N ARG M 4 23.93 1.67 19.52
CA ARG M 4 22.89 1.82 18.51
C ARG M 4 23.08 0.80 17.41
N ASP M 5 24.31 0.66 16.95
CA ASP M 5 24.63 -0.28 15.88
C ASP M 5 24.41 -1.72 16.29
N ALA M 6 24.75 -2.05 17.52
CA ALA M 6 24.58 -3.42 17.99
C ALA M 6 23.12 -3.85 17.98
N ILE M 7 22.27 -3.05 18.61
CA ILE M 7 20.86 -3.37 18.65
C ILE M 7 20.29 -3.49 17.24
N LEU M 8 20.60 -2.49 16.42
CA LEU M 8 20.11 -2.46 15.06
C LEU M 8 20.37 -3.78 14.34
N ASP M 9 21.61 -4.23 14.36
CA ASP M 9 21.97 -5.45 13.64
C ASP M 9 21.14 -6.67 14.09
N ALA M 10 20.97 -6.83 15.39
CA ALA M 10 20.23 -7.98 15.90
C ALA M 10 18.72 -7.86 15.70
N LEU M 11 18.15 -6.72 16.06
CA LEU M 11 16.72 -6.53 15.94
C LEU M 11 16.21 -6.84 14.53
N GLU M 12 17.02 -6.47 13.52
CA GLU M 12 16.64 -6.69 12.11
C GLU M 12 16.55 -8.18 11.73
N ASN M 13 17.07 -9.07 12.58
CA ASN M 13 17.04 -10.51 12.28
C ASN M 13 15.73 -11.17 12.69
N LEU M 14 14.72 -10.37 13.05
CA LEU M 14 13.42 -10.93 13.46
C LEU M 14 12.46 -11.00 12.28
N SER M 15 11.55 -11.99 12.31
CA SER M 15 10.58 -12.15 11.24
C SER M 15 9.54 -11.03 11.31
N GLY M 16 8.77 -10.88 10.24
CA GLY M 16 7.76 -9.83 10.18
C GLY M 16 6.71 -9.95 11.30
N ASP M 17 6.20 -11.16 11.48
CA ASP M 17 5.16 -11.36 12.51
C ASP M 17 5.71 -11.18 13.93
N GLU M 18 6.85 -11.78 14.20
CA GLU M 18 7.44 -11.70 15.52
C GLU M 18 7.66 -10.24 15.90
N LEU M 19 7.99 -9.43 14.92
CA LEU M 19 8.21 -8.02 15.14
C LEU M 19 6.99 -7.39 15.79
N LYS M 20 5.81 -7.70 15.28
CA LYS M 20 4.61 -7.11 15.83
C LYS M 20 4.52 -7.49 17.28
N LYS M 21 4.83 -8.73 17.59
CA LYS M 21 4.73 -9.21 18.95
C LYS M 21 5.64 -8.41 19.84
N PHE M 22 6.82 -8.10 19.34
CA PHE M 22 7.78 -7.34 20.12
C PHE M 22 7.26 -5.95 20.46
N LYS M 23 6.83 -5.21 19.45
CA LYS M 23 6.34 -3.84 19.68
C LYS M 23 5.20 -3.82 20.69
N MET M 24 4.20 -4.65 20.45
CA MET M 24 3.03 -4.70 21.32
C MET M 24 3.41 -5.06 22.74
N LYS M 25 4.31 -6.02 22.90
CA LYS M 25 4.72 -6.45 24.23
C LYS M 25 5.38 -5.29 24.98
N LEU M 26 6.19 -4.53 24.25
CA LEU M 26 6.92 -3.41 24.83
C LEU M 26 5.98 -2.42 25.48
N LEU M 27 4.83 -2.21 24.87
CA LEU M 27 3.85 -1.28 25.39
C LEU M 27 3.38 -1.68 26.79
N THR M 28 3.33 -2.99 27.05
CA THR M 28 2.84 -3.47 28.35
C THR M 28 3.96 -3.88 29.30
N VAL M 29 5.21 -3.69 28.90
CA VAL M 29 6.33 -4.06 29.76
C VAL M 29 6.54 -3.03 30.85
N GLN M 30 6.98 -3.50 32.03
CA GLN M 30 7.23 -2.60 33.16
C GLN M 30 8.61 -1.95 33.04
N LEU M 31 8.65 -0.65 33.29
CA LEU M 31 9.89 0.12 33.18
C LEU M 31 10.24 0.77 34.52
N ARG M 32 11.52 1.06 34.70
CA ARG M 32 11.98 1.72 35.92
C ARG M 32 11.41 3.13 36.00
N GLU M 33 11.16 3.60 37.22
CA GLU M 33 10.59 4.95 37.40
C GLU M 33 11.57 6.04 36.99
N GLY M 34 11.03 7.16 36.52
CA GLY M 34 11.85 8.30 36.08
C GLY M 34 11.96 8.35 34.56
N TYR M 35 11.26 7.43 33.89
CA TYR M 35 11.27 7.37 32.43
C TYR M 35 9.87 7.49 31.87
N GLY M 36 9.78 7.87 30.59
CA GLY M 36 8.49 8.02 29.94
C GLY M 36 8.09 6.77 29.17
N ARG M 37 6.89 6.80 28.61
CA ARG M 37 6.36 5.70 27.82
C ARG M 37 6.18 6.20 26.40
N ILE M 38 6.35 5.32 25.43
CA ILE M 38 6.27 5.74 24.02
C ILE M 38 4.82 5.75 23.53
N PRO M 39 4.41 6.82 22.86
CA PRO M 39 3.02 6.97 22.32
C PRO M 39 2.57 5.75 21.54
N ARG M 40 1.35 5.32 21.80
CA ARG M 40 0.78 4.16 21.13
C ARG M 40 0.67 4.36 19.61
N GLY M 41 0.12 5.51 19.21
CA GLY M 41 -0.10 5.80 17.79
C GLY M 41 1.19 5.73 16.95
N ALA M 42 2.26 6.31 17.47
CA ALA M 42 3.52 6.33 16.71
C ALA M 42 4.09 4.93 16.51
N LEU M 43 4.15 4.16 17.58
CA LEU M 43 4.71 2.82 17.54
C LEU M 43 4.04 1.93 16.49
N LEU M 44 2.72 2.04 16.37
CA LEU M 44 1.99 1.20 15.42
C LEU M 44 2.48 1.31 13.99
N GLN M 45 2.90 2.49 13.56
CA GLN M 45 3.33 2.69 12.17
C GLN M 45 4.85 2.79 12.00
N MET M 46 5.60 2.64 13.08
CA MET M 46 7.07 2.76 13.01
C MET M 46 7.73 1.63 12.23
N ASP M 47 8.95 1.91 11.78
CA ASP M 47 9.75 0.93 11.03
C ASP M 47 10.82 0.36 11.96
N ALA M 48 11.39 -0.78 11.57
CA ALA M 48 12.41 -1.41 12.40
C ALA M 48 13.62 -0.50 12.60
N ILE M 49 14.11 0.13 11.53
CA ILE M 49 15.27 1.01 11.66
C ILE M 49 14.92 2.21 12.54
N ASP M 50 13.80 2.84 12.23
CA ASP M 50 13.35 4.01 12.98
C ASP M 50 13.22 3.69 14.46
N LEU M 51 12.64 2.53 14.73
CA LEU M 51 12.44 2.08 16.10
C LEU M 51 13.75 2.05 16.86
N THR M 52 14.82 1.75 16.14
CA THR M 52 16.15 1.68 16.76
C THR M 52 16.57 3.03 17.34
N ASP M 53 16.51 4.06 16.52
CA ASP M 53 16.93 5.39 16.94
C ASP M 53 16.09 5.91 18.10
N LYS M 54 14.78 5.81 17.98
CA LYS M 54 13.89 6.29 19.02
C LYS M 54 14.04 5.52 20.30
N LEU M 55 14.17 4.21 20.20
CA LEU M 55 14.31 3.37 21.38
C LEU M 55 15.44 3.87 22.28
N VAL M 56 16.56 4.18 21.67
CA VAL M 56 17.69 4.67 22.44
C VAL M 56 17.47 6.10 22.93
N SER M 57 16.85 6.94 22.11
CA SER M 57 16.63 8.34 22.48
C SER M 57 15.88 8.47 23.80
N TYR M 58 14.95 7.57 24.07
CA TYR M 58 14.17 7.63 25.30
C TYR M 58 14.93 7.08 26.51
N TYR M 59 15.68 5.99 26.31
CA TYR M 59 16.42 5.37 27.40
C TYR M 59 17.92 5.47 27.16
N LEU M 60 18.66 5.71 28.23
CA LEU M 60 20.10 5.80 28.10
C LEU M 60 20.65 4.53 27.46
N GLU M 61 21.81 4.63 26.84
CA GLU M 61 22.39 3.48 26.18
C GLU M 61 22.61 2.31 27.13
N SER M 62 23.20 2.59 28.29
CA SER M 62 23.47 1.54 29.26
C SER M 62 22.20 0.85 29.73
N TYR M 63 21.26 1.64 30.24
CA TYR M 63 20.00 1.09 30.73
C TYR M 63 19.12 0.63 29.57
N GLY M 64 19.14 1.39 28.48
CA GLY M 64 18.32 1.06 27.32
C GLY M 64 18.72 -0.29 26.72
N LEU M 65 20.02 -0.55 26.65
CA LEU M 65 20.50 -1.80 26.08
C LEU M 65 20.01 -3.00 26.88
N GLU M 66 20.09 -2.92 28.20
CA GLU M 66 19.64 -4.02 29.06
C GLU M 66 18.14 -4.24 28.96
N LEU M 67 17.39 -3.14 28.87
CA LEU M 67 15.93 -3.23 28.80
C LEU M 67 15.48 -4.06 27.61
N THR M 68 16.17 -3.91 26.49
CA THR M 68 15.81 -4.67 25.30
C THR M 68 15.92 -6.16 25.56
N MET M 69 17.03 -6.55 26.16
CA MET M 69 17.28 -7.95 26.45
C MET M 69 16.17 -8.54 27.31
N THR M 70 15.73 -7.77 28.30
CA THR M 70 14.68 -8.24 29.19
C THR M 70 13.44 -8.68 28.41
N VAL M 71 13.08 -7.91 27.38
CA VAL M 71 11.90 -8.22 26.58
C VAL M 71 12.14 -9.38 25.62
N LEU M 72 13.35 -9.51 25.07
CA LEU M 72 13.63 -10.61 24.16
C LEU M 72 13.43 -11.95 24.85
N ARG M 73 13.97 -12.10 26.03
CA ARG M 73 13.77 -13.35 26.71
C ARG M 73 12.30 -13.55 27.00
N ASP M 74 11.62 -12.48 27.37
CA ASP M 74 10.19 -12.61 27.72
C ASP M 74 9.40 -13.34 26.63
N MET M 75 9.68 -13.01 25.37
CA MET M 75 9.00 -13.66 24.26
C MET M 75 9.51 -15.07 24.11
N GLY M 76 10.38 -15.44 25.05
CA GLY M 76 10.99 -16.75 25.05
C GLY M 76 12.50 -16.59 24.91
N LEU M 77 13.26 -17.61 25.29
CA LEU M 77 14.71 -17.51 25.17
C LEU M 77 15.12 -17.65 23.72
N GLN M 78 15.75 -16.63 23.20
CA GLN M 78 16.21 -16.63 21.83
C GLN M 78 17.72 -16.61 21.80
N GLU M 79 18.30 -17.15 20.75
CA GLU M 79 19.74 -17.15 20.64
C GLU M 79 20.20 -15.70 20.59
N LEU M 80 19.32 -14.84 20.07
CA LEU M 80 19.62 -13.42 19.95
C LEU M 80 19.94 -12.81 21.32
N ALA M 81 19.11 -13.11 22.31
CA ALA M 81 19.32 -12.56 23.64
C ALA M 81 20.75 -12.82 24.09
N GLU M 82 21.22 -14.05 23.88
CA GLU M 82 22.58 -14.39 24.27
C GLU M 82 23.58 -13.66 23.39
N GLN M 83 23.35 -13.68 22.07
CA GLN M 83 24.25 -13.03 21.14
C GLN M 83 24.42 -11.56 21.48
N LEU M 84 23.30 -10.92 21.80
CA LEU M 84 23.32 -9.51 22.13
C LEU M 84 24.07 -9.27 23.43
N GLN M 85 23.86 -10.14 24.42
CA GLN M 85 24.52 -9.97 25.70
C GLN M 85 26.03 -9.91 25.53
N THR M 86 26.56 -10.70 24.61
CA THR M 86 28.00 -10.70 24.37
C THR M 86 28.48 -9.28 24.12
N THR M 87 27.63 -8.47 23.50
CA THR M 87 27.99 -7.08 23.21
C THR M 87 28.21 -6.30 24.51
N LYS M 88 27.47 -6.65 25.55
CA LYS M 88 27.60 -5.95 26.83
C LYS M 88 29.05 -5.93 27.28
N GLU M 89 29.73 -7.07 27.13
CA GLU M 89 31.13 -7.16 27.51
C GLU M 89 31.98 -6.32 26.57
N GLY N 1 36.65 19.20 -9.67
CA GLY N 1 36.81 18.02 -8.81
C GLY N 1 35.68 17.04 -9.05
N ARG N 2 35.85 16.19 -10.05
CA ARG N 2 34.85 15.19 -10.39
C ARG N 2 34.39 14.43 -9.14
N ALA N 3 35.05 14.68 -8.02
CA ALA N 3 34.70 14.01 -6.77
C ALA N 3 33.20 14.13 -6.48
N ARG N 4 32.65 15.33 -6.62
CA ARG N 4 31.23 15.52 -6.38
C ARG N 4 30.42 14.66 -7.34
N ASP N 5 30.79 14.70 -8.61
CA ASP N 5 30.09 13.95 -9.63
C ASP N 5 30.20 12.45 -9.44
N ALA N 6 31.37 12.00 -9.01
CA ALA N 6 31.58 10.56 -8.82
C ALA N 6 30.66 10.02 -7.74
N ILE N 7 30.68 10.64 -6.57
CA ILE N 7 29.83 10.20 -5.48
C ILE N 7 28.37 10.22 -5.89
N LEU N 8 27.96 11.32 -6.47
CA LEU N 8 26.59 11.49 -6.88
C LEU N 8 26.10 10.32 -7.72
N ASP N 9 26.85 9.98 -8.76
CA ASP N 9 26.43 8.90 -9.65
C ASP N 9 26.22 7.57 -8.91
N ALA N 10 27.15 7.21 -8.03
CA ALA N 10 27.05 5.94 -7.32
C ALA N 10 25.97 5.96 -6.22
N LEU N 11 25.97 6.99 -5.40
CA LEU N 11 25.00 7.06 -4.30
C LEU N 11 23.57 6.90 -4.79
N GLU N 12 23.28 7.47 -5.97
CA GLU N 12 21.93 7.40 -6.55
C GLU N 12 21.49 5.97 -6.92
N ASN N 13 22.44 5.03 -6.96
CA ASN N 13 22.11 3.65 -7.34
C ASN N 13 21.60 2.81 -6.15
N LEU N 14 21.32 3.47 -5.02
CA LEU N 14 20.82 2.74 -3.84
C LEU N 14 19.29 2.74 -3.80
N SER N 15 18.72 1.69 -3.21
CA SER N 15 17.27 1.58 -3.10
C SER N 15 16.76 2.58 -2.07
N GLY N 16 15.45 2.82 -2.08
CA GLY N 16 14.84 3.77 -1.15
C GLY N 16 15.08 3.40 0.30
N ASP N 17 14.85 2.13 0.65
CA ASP N 17 15.03 1.71 2.04
C ASP N 17 16.49 1.75 2.49
N GLU N 18 17.37 1.22 1.65
CA GLU N 18 18.78 1.19 1.98
C GLU N 18 19.30 2.59 2.26
N LEU N 19 18.75 3.55 1.54
CA LEU N 19 19.13 4.93 1.72
C LEU N 19 18.93 5.37 3.16
N LYS N 20 17.80 5.02 3.74
CA LYS N 20 17.54 5.42 5.10
C LYS N 20 18.62 4.84 5.99
N LYS N 21 18.98 3.61 5.73
CA LYS N 21 19.98 2.95 6.55
C LYS N 21 21.29 3.70 6.47
N PHE N 22 21.61 4.18 5.30
CA PHE N 22 22.86 4.91 5.12
C PHE N 22 22.88 6.18 5.94
N LYS N 23 21.86 7.02 5.79
CA LYS N 23 21.80 8.29 6.52
C LYS N 23 21.91 8.08 8.02
N MET N 24 21.07 7.20 8.56
CA MET N 24 21.05 6.93 9.98
C MET N 24 22.39 6.42 10.47
N LYS N 25 23.01 5.53 9.71
CA LYS N 25 24.30 4.97 10.11
C LYS N 25 25.35 6.07 10.21
N LEU N 26 25.30 7.00 9.26
CA LEU N 26 26.27 8.09 9.20
C LEU N 26 26.26 8.91 10.48
N LEU N 27 25.09 9.08 11.05
CA LEU N 27 24.95 9.85 12.28
C LEU N 27 25.76 9.23 13.42
N THR N 28 25.87 7.90 13.43
CA THR N 28 26.57 7.20 14.51
C THR N 28 27.98 6.77 14.12
N VAL N 29 28.44 7.13 12.93
CA VAL N 29 29.78 6.74 12.49
C VAL N 29 30.84 7.63 13.13
N GLN N 30 32.01 7.06 13.41
CA GLN N 30 33.09 7.82 14.03
C GLN N 30 33.87 8.60 12.97
N LEU N 31 34.16 9.86 13.28
CA LEU N 31 34.87 10.74 12.36
C LEU N 31 36.17 11.24 12.97
N ARG N 32 37.11 11.62 12.11
CA ARG N 32 38.39 12.14 12.58
C ARG N 32 38.18 13.48 13.29
N GLU N 33 39.00 13.77 14.29
CA GLU N 33 38.89 15.02 15.05
C GLU N 33 39.21 16.23 14.19
N GLY N 34 38.55 17.36 14.51
CA GLY N 34 38.77 18.61 13.77
C GLY N 34 37.63 18.86 12.79
N TYR N 35 36.63 17.99 12.81
CA TYR N 35 35.49 18.12 11.91
C TYR N 35 34.18 18.18 12.70
N GLY N 36 33.15 18.72 12.08
CA GLY N 36 31.85 18.84 12.73
C GLY N 36 30.93 17.68 12.40
N ARG N 37 29.75 17.68 13.01
CA ARG N 37 28.75 16.64 12.79
C ARG N 37 27.55 17.31 12.17
N ILE N 38 26.83 16.59 11.31
CA ILE N 38 25.70 17.17 10.61
C ILE N 38 24.42 17.12 11.46
N PRO N 39 23.69 18.23 11.54
CA PRO N 39 22.43 18.31 12.35
C PRO N 39 21.47 17.18 12.06
N ARG N 40 20.91 16.61 13.11
CA ARG N 40 19.98 15.50 12.98
C ARG N 40 18.72 15.89 12.19
N GLY N 41 18.13 17.03 12.56
CA GLY N 41 16.89 17.48 11.93
C GLY N 41 17.01 17.64 10.41
N ALA N 42 18.09 18.24 9.95
CA ALA N 42 18.26 18.47 8.52
C ALA N 42 18.36 17.16 7.74
N LEU N 43 19.23 16.27 8.21
CA LEU N 43 19.46 15.00 7.53
C LEU N 43 18.17 14.20 7.32
N LEU N 44 17.28 14.21 8.29
CA LEU N 44 16.04 13.43 8.19
C LEU N 44 15.20 13.78 6.96
N GLN N 45 15.18 15.05 6.56
CA GLN N 45 14.35 15.45 5.41
C GLN N 45 15.15 15.72 4.12
N MET N 46 16.46 15.49 4.16
CA MET N 46 17.30 15.76 2.98
C MET N 46 17.02 14.80 1.82
N ASP N 47 17.43 15.24 0.63
CA ASP N 47 17.27 14.46 -0.59
C ASP N 47 18.63 13.87 -0.97
N ALA N 48 18.61 12.83 -1.83
CA ALA N 48 19.85 12.19 -2.24
C ALA N 48 20.79 13.18 -2.94
N ILE N 49 20.27 13.98 -3.87
CA ILE N 49 21.13 14.94 -4.56
C ILE N 49 21.67 15.97 -3.59
N ASP N 50 20.78 16.54 -2.79
CA ASP N 50 21.16 17.56 -1.82
C ASP N 50 22.23 17.04 -0.88
N LEU N 51 22.04 15.80 -0.44
CA LEU N 51 22.97 15.16 0.47
C LEU N 51 24.37 15.15 -0.13
N THR N 52 24.45 15.05 -1.44
CA THR N 52 25.73 15.01 -2.12
C THR N 52 26.51 16.30 -1.91
N ASP N 53 25.88 17.42 -2.20
CA ASP N 53 26.54 18.71 -2.07
C ASP N 53 26.97 19.00 -0.64
N LYS N 54 26.07 18.80 0.31
CA LYS N 54 26.37 19.06 1.70
C LYS N 54 27.46 18.14 2.23
N LEU N 55 27.38 16.87 1.87
CA LEU N 55 28.37 15.90 2.34
C LEU N 55 29.78 16.38 2.05
N VAL N 56 30.01 16.87 0.85
CA VAL N 56 31.32 17.36 0.48
C VAL N 56 31.66 18.67 1.17
N SER N 57 30.66 19.56 1.30
CA SER N 57 30.90 20.87 1.91
C SER N 57 31.50 20.76 3.31
N TYR N 58 31.09 19.75 4.06
CA TYR N 58 31.60 19.58 5.43
C TYR N 58 32.99 18.94 5.46
N TYR N 59 33.23 17.96 4.59
CA TYR N 59 34.52 17.28 4.57
C TYR N 59 35.24 17.53 3.25
N LEU N 60 36.56 17.69 3.33
CA LEU N 60 37.34 17.93 2.13
C LEU N 60 37.09 16.81 1.13
N GLU N 61 37.31 17.10 -0.15
CA GLU N 61 37.08 16.10 -1.18
C GLU N 61 37.92 14.85 -0.96
N SER N 62 39.20 15.01 -0.68
CA SER N 62 40.09 13.87 -0.49
C SER N 62 39.64 13.02 0.70
N TYR N 63 39.52 13.65 1.86
CA TYR N 63 39.11 12.93 3.06
C TYR N 63 37.64 12.55 3.00
N GLY N 64 36.83 13.44 2.45
CA GLY N 64 35.40 13.20 2.35
C GLY N 64 35.09 11.99 1.48
N LEU N 65 35.82 11.85 0.38
CA LEU N 65 35.59 10.73 -0.53
C LEU N 65 35.86 9.39 0.15
N GLU N 66 36.95 9.31 0.89
CA GLU N 66 37.32 8.08 1.58
C GLU N 66 36.31 7.73 2.68
N LEU N 67 35.84 8.76 3.38
CA LEU N 67 34.89 8.56 4.47
C LEU N 67 33.64 7.85 3.99
N THR N 68 33.18 8.20 2.81
CA THR N 68 31.98 7.59 2.26
C THR N 68 32.17 6.09 2.12
N MET N 69 33.30 5.72 1.54
CA MET N 69 33.61 4.32 1.30
C MET N 69 33.60 3.53 2.59
N THR N 70 34.14 4.11 3.65
CA THR N 70 34.19 3.43 4.94
C THR N 70 32.80 3.00 5.39
N VAL N 71 31.80 3.87 5.17
CA VAL N 71 30.44 3.56 5.58
C VAL N 71 29.76 2.55 4.64
N LEU N 72 30.05 2.61 3.35
CA LEU N 72 29.44 1.67 2.41
C LEU N 72 29.80 0.23 2.79
N ARG N 73 31.06 -0.01 3.04
CA ARG N 73 31.42 -1.36 3.40
C ARG N 73 30.74 -1.73 4.70
N ASP N 74 30.67 -0.78 5.64
CA ASP N 74 30.09 -1.08 6.95
C ASP N 74 28.70 -1.72 6.82
N MET N 75 27.88 -1.21 5.89
CA MET N 75 26.55 -1.76 5.67
C MET N 75 26.68 -3.09 4.96
N GLY N 76 27.93 -3.51 4.78
CA GLY N 76 28.24 -4.75 4.09
C GLY N 76 29.04 -4.43 2.85
N LEU N 77 29.77 -5.41 2.31
CA LEU N 77 30.56 -5.18 1.12
C LEU N 77 29.65 -5.09 -0.09
N GLN N 78 29.67 -3.94 -0.74
CA GLN N 78 28.85 -3.73 -1.92
C GLN N 78 29.76 -3.58 -3.13
N GLU N 79 29.25 -3.93 -4.30
CA GLU N 79 30.05 -3.76 -5.49
C GLU N 79 30.36 -2.29 -5.67
N LEU N 80 29.45 -1.46 -5.15
CA LEU N 80 29.62 0.00 -5.24
C LEU N 80 30.92 0.44 -4.58
N ALA N 81 31.18 -0.06 -3.40
CA ALA N 81 32.40 0.32 -2.69
C ALA N 81 33.60 0.14 -3.59
N GLU N 82 33.66 -1.00 -4.26
CA GLU N 82 34.78 -1.27 -5.16
C GLU N 82 34.73 -0.35 -6.37
N GLN N 83 33.54 -0.22 -6.96
CA GLN N 83 33.39 0.63 -8.13
C GLN N 83 33.83 2.05 -7.83
N LEU N 84 33.43 2.54 -6.68
CA LEU N 84 33.78 3.90 -6.28
C LEU N 84 35.28 4.03 -6.06
N GLN N 85 35.88 3.02 -5.43
CA GLN N 85 37.32 3.07 -5.16
C GLN N 85 38.11 3.30 -6.45
N THR N 86 37.65 2.69 -7.54
CA THR N 86 38.34 2.85 -8.81
C THR N 86 38.51 4.32 -9.12
N THR N 87 37.54 5.13 -8.71
CA THR N 87 37.60 6.56 -8.95
C THR N 87 38.80 7.19 -8.24
N LYS N 88 39.16 6.64 -7.08
CA LYS N 88 40.28 7.17 -6.31
C LYS N 88 41.53 7.25 -7.19
N GLU N 89 41.77 6.22 -7.98
CA GLU N 89 42.92 6.20 -8.88
C GLU N 89 42.72 7.23 -9.98
N GLY O 1 18.17 37.68 -31.37
CA GLY O 1 18.88 36.42 -31.16
C GLY O 1 17.94 35.37 -30.56
N ARG O 2 17.22 34.68 -31.43
CA ARG O 2 16.29 33.65 -30.99
C ARG O 2 16.96 32.70 -29.99
N ALA O 3 18.26 32.86 -29.80
CA ALA O 3 18.99 31.99 -28.89
C ALA O 3 18.31 31.93 -27.52
N ARG O 4 17.93 33.09 -26.99
CA ARG O 4 17.27 33.12 -25.70
C ARG O 4 15.97 32.33 -25.75
N ASP O 5 15.20 32.58 -26.81
CA ASP O 5 13.91 31.91 -26.97
C ASP O 5 14.08 30.41 -27.18
N ALA O 6 15.09 30.00 -27.92
CA ALA O 6 15.29 28.58 -28.18
C ALA O 6 15.57 27.82 -26.89
N ILE O 7 16.53 28.27 -26.12
CA ILE O 7 16.86 27.61 -24.86
C ILE O 7 15.64 27.56 -23.96
N LEU O 8 14.99 28.69 -23.81
CA LEU O 8 13.84 28.80 -22.95
C LEU O 8 12.82 27.71 -23.24
N ASP O 9 12.42 27.58 -24.50
CA ASP O 9 11.42 26.59 -24.88
C ASP O 9 11.81 25.16 -24.47
N ALA O 10 13.05 24.77 -24.74
CA ALA O 10 13.49 23.42 -24.42
C ALA O 10 13.70 23.19 -22.92
N LEU O 11 14.40 24.09 -22.26
CA LEU O 11 14.68 23.94 -20.84
C LEU O 11 13.41 23.71 -20.03
N GLU O 12 12.34 24.40 -20.40
CA GLU O 12 11.05 24.29 -19.71
C GLU O 12 10.41 22.90 -19.80
N ASN O 13 10.90 22.05 -20.72
CA ASN O 13 10.34 20.70 -20.89
C ASN O 13 10.93 19.68 -19.91
N LEU O 14 11.67 20.15 -18.92
CA LEU O 14 12.27 19.23 -17.92
C LEU O 14 11.38 19.09 -16.70
N SER O 15 11.43 17.92 -16.06
CA SER O 15 10.64 17.67 -14.87
C SER O 15 11.19 18.47 -13.69
N GLY O 16 10.39 18.59 -12.63
CA GLY O 16 10.81 19.35 -11.45
C GLY O 16 12.09 18.81 -10.83
N ASP O 17 12.16 17.50 -10.64
CA ASP O 17 13.35 16.90 -10.01
C ASP O 17 14.59 17.02 -10.89
N GLU O 18 14.44 16.69 -12.16
CA GLU O 18 15.56 16.73 -13.08
C GLU O 18 16.16 18.13 -13.10
N LEU O 19 15.30 19.13 -12.97
CA LEU O 19 15.76 20.51 -12.95
C LEU O 19 16.80 20.72 -11.86
N LYS O 20 16.55 20.19 -10.68
CA LYS O 20 17.49 20.38 -9.60
C LYS O 20 18.82 19.80 -10.00
N LYS O 21 18.77 18.64 -10.63
CA LYS O 21 19.99 17.98 -11.03
C LYS O 21 20.77 18.84 -11.98
N PHE O 22 20.06 19.51 -12.88
CA PHE O 22 20.71 20.35 -13.85
C PHE O 22 21.45 21.51 -13.19
N LYS O 23 20.74 22.26 -12.33
CA LYS O 23 21.35 23.41 -11.67
C LYS O 23 22.61 23.01 -10.89
N MET O 24 22.46 22.00 -10.05
CA MET O 24 23.57 21.54 -9.22
C MET O 24 24.74 21.09 -10.06
N LYS O 25 24.47 20.37 -11.14
CA LYS O 25 25.55 19.89 -12.00
C LYS O 25 26.33 21.06 -12.60
N LEU O 26 25.59 22.08 -12.99
CA LEU O 26 26.19 23.26 -13.62
C LEU O 26 27.23 23.89 -12.72
N LEU O 27 26.98 23.88 -11.42
CA LEU O 27 27.91 24.47 -10.48
C LEU O 27 29.27 23.77 -10.52
N THR O 28 29.28 22.47 -10.80
CA THR O 28 30.51 21.69 -10.82
C THR O 28 31.06 21.46 -12.24
N VAL O 29 30.41 22.01 -13.25
CA VAL O 29 30.87 21.80 -14.62
C VAL O 29 32.06 22.69 -14.94
N GLN O 30 32.97 22.19 -15.78
CA GLN O 30 34.16 22.96 -16.15
C GLN O 30 33.83 23.94 -17.27
N LEU O 31 34.31 25.17 -17.13
CA LEU O 31 34.07 26.22 -18.11
C LEU O 31 35.37 26.75 -18.69
N ARG O 32 35.28 27.33 -19.88
CA ARG O 32 36.46 27.90 -20.53
C ARG O 32 36.96 29.11 -19.73
N GLU O 33 38.27 29.33 -19.75
CA GLU O 33 38.86 30.44 -19.01
C GLU O 33 38.45 31.79 -19.59
N GLY O 34 38.36 32.80 -18.71
CA GLY O 34 37.96 34.14 -19.13
C GLY O 34 36.51 34.43 -18.79
N TYR O 35 35.87 33.48 -18.12
CA TYR O 35 34.46 33.62 -17.72
C TYR O 35 34.31 33.47 -16.22
N GLY O 36 33.20 33.99 -15.69
CA GLY O 36 32.94 33.91 -14.27
C GLY O 36 32.05 32.71 -13.92
N ARG O 37 31.82 32.52 -12.62
CA ARG O 37 30.98 31.44 -12.13
C ARG O 37 29.79 32.07 -11.45
N ILE O 38 28.64 31.42 -11.51
CA ILE O 38 27.42 31.99 -10.94
C ILE O 38 27.31 31.70 -9.43
N PRO O 39 27.00 32.71 -8.64
CA PRO O 39 26.87 32.59 -7.16
C PRO O 39 25.99 31.42 -6.75
N ARG O 40 26.46 30.66 -5.77
CA ARG O 40 25.72 29.50 -5.29
C ARG O 40 24.36 29.88 -4.69
N GLY O 41 24.35 30.89 -3.84
CA GLY O 41 23.11 31.32 -3.17
C GLY O 41 21.99 31.69 -4.14
N ALA O 42 22.31 32.44 -5.19
CA ALA O 42 21.30 32.87 -6.13
C ALA O 42 20.68 31.69 -6.88
N LEU O 43 21.53 30.83 -7.42
CA LEU O 43 21.08 29.69 -8.19
C LEU O 43 20.08 28.81 -7.43
N LEU O 44 20.31 28.62 -6.15
CA LEU O 44 19.43 27.75 -5.35
C LEU O 44 17.96 28.18 -5.37
N GLN O 45 17.70 29.49 -5.41
CA GLN O 45 16.31 29.97 -5.37
C GLN O 45 15.79 30.46 -6.73
N MET O 46 16.61 30.35 -7.78
CA MET O 46 16.19 30.85 -9.10
C MET O 46 15.06 30.03 -9.72
N ASP O 47 14.38 30.67 -10.67
CA ASP O 47 13.29 30.04 -11.40
C ASP O 47 13.77 29.62 -12.79
N ALA O 48 13.04 28.72 -13.45
CA ALA O 48 13.44 28.26 -14.77
C ALA O 48 13.51 29.41 -15.78
N ILE O 49 12.50 30.28 -15.79
CA ILE O 49 12.52 31.39 -16.74
C ILE O 49 13.68 32.33 -16.43
N ASP O 50 13.79 32.71 -15.16
CA ASP O 50 14.84 33.62 -14.72
C ASP O 50 16.21 33.06 -15.09
N LEU O 51 16.39 31.78 -14.87
CA LEU O 51 17.64 31.10 -15.15
C LEU O 51 18.02 31.29 -16.62
N THR O 52 17.03 31.37 -17.47
CA THR O 52 17.26 31.55 -18.89
C THR O 52 17.97 32.86 -19.19
N ASP O 53 17.41 33.96 -18.70
CA ASP O 53 17.99 35.27 -18.94
C ASP O 53 19.40 35.40 -18.38
N LYS O 54 19.58 35.00 -17.15
CA LYS O 54 20.88 35.10 -16.51
C LYS O 54 21.92 34.22 -17.19
N LEU O 55 21.51 33.00 -17.54
CA LEU O 55 22.44 32.07 -18.17
C LEU O 55 23.09 32.71 -19.38
N VAL O 56 22.31 33.38 -20.20
CA VAL O 56 22.85 34.02 -21.39
C VAL O 56 23.66 35.26 -21.03
N SER O 57 23.21 36.02 -20.05
CA SER O 57 23.89 37.26 -19.67
C SER O 57 25.37 37.02 -19.32
N TYR O 58 25.66 35.89 -18.70
CA TYR O 58 27.05 35.58 -18.31
C TYR O 58 27.89 35.07 -19.49
N TYR O 59 27.29 34.25 -20.35
CA TYR O 59 28.02 33.69 -21.48
C TYR O 59 27.44 34.17 -22.79
N LEU O 60 28.31 34.45 -23.76
CA LEU O 60 27.84 34.91 -25.06
C LEU O 60 26.85 33.91 -25.63
N GLU O 61 25.99 34.39 -26.52
CA GLU O 61 24.97 33.52 -27.11
C GLU O 61 25.60 32.33 -27.83
N SER O 62 26.61 32.57 -28.65
CA SER O 62 27.25 31.50 -29.39
C SER O 62 27.87 30.46 -28.46
N TYR O 63 28.75 30.91 -27.59
CA TYR O 63 29.40 30.01 -26.66
C TYR O 63 28.44 29.51 -25.60
N GLY O 64 27.56 30.39 -25.15
CA GLY O 64 26.60 30.03 -24.12
C GLY O 64 25.66 28.93 -24.57
N LEU O 65 25.22 29.00 -25.83
CA LEU O 65 24.31 28.01 -26.37
C LEU O 65 24.93 26.62 -26.38
N GLU O 66 26.19 26.53 -26.82
CA GLU O 66 26.89 25.25 -26.87
C GLU O 66 27.13 24.68 -25.48
N LEU O 67 27.45 25.56 -24.53
CA LEU O 67 27.73 25.12 -23.17
C LEU O 67 26.54 24.38 -22.56
N THR O 68 25.34 24.85 -22.86
CA THR O 68 24.15 24.20 -22.33
C THR O 68 24.08 22.76 -22.80
N MET O 69 24.29 22.58 -24.10
CA MET O 69 24.22 21.25 -24.70
C MET O 69 25.20 20.30 -24.03
N THR O 70 26.39 20.79 -23.74
CA THR O 70 27.40 19.95 -23.11
C THR O 70 26.89 19.33 -21.81
N VAL O 71 26.15 20.13 -21.02
CA VAL O 71 25.62 19.64 -19.76
C VAL O 71 24.42 18.71 -19.94
N LEU O 72 23.58 18.97 -20.93
CA LEU O 72 22.42 18.11 -21.15
C LEU O 72 22.86 16.68 -21.43
N ARG O 73 23.81 16.51 -22.32
CA ARG O 73 24.25 15.17 -22.58
C ARG O 73 24.85 14.57 -21.32
N ASP O 74 25.59 15.37 -20.56
CA ASP O 74 26.25 14.85 -19.37
C ASP O 74 25.27 14.11 -18.45
N MET O 75 24.07 14.67 -18.28
CA MET O 75 23.05 14.04 -17.45
C MET O 75 22.51 12.82 -18.18
N GLY O 76 23.10 12.55 -19.33
CA GLY O 76 22.69 11.45 -20.18
C GLY O 76 22.21 12.00 -21.50
N LEU O 77 22.18 11.17 -22.54
CA LEU O 77 21.73 11.63 -23.83
C LEU O 77 20.22 11.79 -23.84
N GLN O 78 19.78 13.01 -24.07
CA GLN O 78 18.36 13.31 -24.09
C GLN O 78 17.95 13.70 -25.50
N GLU O 79 16.71 13.47 -25.85
CA GLU O 79 16.25 13.86 -27.17
C GLU O 79 16.37 15.36 -27.29
N LEU O 80 16.28 16.04 -26.15
CA LEU O 80 16.38 17.50 -26.10
C LEU O 80 17.72 17.96 -26.68
N ALA O 81 18.80 17.34 -26.24
CA ALA O 81 20.12 17.73 -26.72
C ALA O 81 20.13 17.77 -28.24
N GLU O 82 19.58 16.75 -28.87
CA GLU O 82 19.53 16.70 -30.32
C GLU O 82 18.59 17.77 -30.86
N GLN O 83 17.40 17.87 -30.26
CA GLN O 83 16.42 18.85 -30.71
C GLN O 83 17.01 20.26 -30.66
N LEU O 84 17.71 20.55 -29.58
CA LEU O 84 18.30 21.86 -29.42
C LEU O 84 19.41 22.10 -30.44
N GLN O 85 20.21 21.07 -30.71
CA GLN O 85 21.30 21.22 -31.67
C GLN O 85 20.78 21.68 -33.01
N THR O 86 19.61 21.18 -33.40
CA THR O 86 19.03 21.57 -34.68
C THR O 86 18.96 23.09 -34.77
N THR O 87 18.74 23.74 -33.64
CA THR O 87 18.66 25.20 -33.61
C THR O 87 19.99 25.82 -34.03
N LYS O 88 21.09 25.16 -33.71
CA LYS O 88 22.40 25.67 -34.06
C LYS O 88 22.48 25.99 -35.54
N GLU O 89 21.94 25.10 -36.37
CA GLU O 89 21.93 25.31 -37.80
C GLU O 89 20.99 26.45 -38.16
#